data_6JRR
#
_entry.id   6JRR
#
_cell.length_a   1
_cell.length_b   1
_cell.length_c   1
_cell.angle_alpha   90
_cell.angle_beta   90
_cell.angle_gamma   90
#
_symmetry.space_group_name_H-M   'P 1'
#
loop_
_entity.id
_entity.type
_entity.pdbx_description
1 polymer RyR2
2 polymer 'Peptidyl-prolyl cis-trans isomerase FKBP1B'
3 non-polymer 'ZINC ION'
4 non-polymer 'CALCIUM ION'
5 non-polymer "ADENOSINE-5'-TRIPHOSPHATE"
6 non-polymer CAFFEINE
#
loop_
_entity_poly.entity_id
_entity_poly.type
_entity_poly.pdbx_seq_one_letter_code
_entity_poly.pdbx_strand_id
1 'polypeptide(L)'
;MADGGEGEDEIQFLRTDDEVVLQCTATIHKEQQKLCLAAEGFGNRLCFLESTSNSKNVPPDLSICTFVLEQSLSVRALQE
MLANTVEKSEGQVDVEKWKFMMKTAQGGGHRTLLYGHAILLRHSYSGMYLCCLSTSRSSTDKLAFDVGLQEDTTGEACWW
TIHPASKQRSEGEKVRVGDDLILVSVSSERYLHLSYGNVSLHVDAAFQQTLWSVAPISSGSEAAQGYLIGGDVLRLLHGH
MDECLTVPSGEHGEEQRRTVHYEGGAVSVHARSLWRLETLRVAWSGSHIRWGQPFRLRHVTTGKYLSLMEDKSLLLMDKE
KADVKSTAFTFRSSKEKLDVGVRKEVDGMGTSEIKYGDSVCFIQHIGTGLWLTYQSVDVKSVRMGSIQRKAIMHHEGHMD
DGLNLSRSQHEESRTARVIRSTVFLFNRFIRGLDALSKKAKASTVDLPIESVSLSLQDLIGYFHPPDEHLEHEDKQNRLR
ALKNRQNLFQEEGMINLVLECIDRLHVYSSAAHFADVAGREAGESWKSILNSLYELLAALIRGNRKNCAQFSGSLDWLIS
RLERLEASSGILEVLHCVLVESPEALNIIKEGHIKSIISLLDKHGRNHKVLDVLCSLCVCHGVAVRSNQHLICDNLLPGR
DLLLQTRLVNHVSSMRPNIFLGVSEGSAQYKKWYYELMVDHTEPFVTAEATHLRVGWASTEGYSPYPGGGEEWGGNGVGD
DLFSYGFDGLHLWSGCIARTVSSPNQHLLRTDDVISCCLDLSAPSISFRINGQPVQGMFENFNIDGLFFPVVSFSAGIKV
RFLLGGRHGEFKFLPPPGYAPCYEAVLPKEKLKVEHSREYKQERTYTRDLLGPTVSLTQAAFTPIPVDTSQIVLPPHLER
IREKLAENIHELWVMNKIELGWQYGPVRDDNKRQHPCLVEFSKLPEQERNYNLQMSLETLKTLLALGCHVGISDEHAEEK
VKKMKLPKNYQLTSGYKPAPMDLSFIKLTPSQEAMVDKLAENAHNVWARDRIRQGWTYGIQQDVKNRRNPRLVPYALLDD
RTKKSNKDSLREAVRTLLGYGYNLEAPDQDHAARAEVCSGTGERFRIFRAEKTYAVKAGRWYFEFEAVTAGDMRVGWSRP
GCQPDQELGSDERAFAFDGFKAQRWHQGNEHYGRSWQAGDVVGCMVDMTEHTMMFTLNGEILLDDSGSELAFKDFDVGDG
FIPVCSLGVAQVGRMNFGKDVSTLKYFTICGLQEGYEPFAVNTNRDITMWLSKRLPQFLQVPSSHEHIEVTRIDGTIDSS
PCLKVTQKSFGSQNSSTDIMFYRLSMPIECAEVFSKTSAGGIPGASLFGPKNDLEDYDADSDFEVLMKTAHGHLVPDRVD
KDKEATKPEFNNHKDYAQEKPSRLKQRFLLRRTKPDYSTSHSARLTEDVLADDRDDYDYLMQTSTYYYSVRIFPGQEPAN
VWVGWITSDFHQYDTAFDLDRVRTVTVTLGDEKGKVHESIKRSNCYMVCAGESMSPGQGRNNNGLEIGCVVDAASGLLTF
TANGKDLSTYYQVEPSTKLFPAVFAQATSPNVFQFELGRIKNVMPLSAGLFKSEHKNPVPQCPPRLHVQFLSHVLWSRMP
NQFLKVDVSRISERQGWLVQCLEPLQFMSLHIPEENRSVDILELTEQEELLKFHYHTLRLYSAVCALGNHRVAHALCSHV
DEPQLLYAIENKYMPGLLRAGYYDLLIDIHLSSYATARLMMNNEFIVPMTEETKSITLFPDENKKHGLPGIGLSTSLRPR
MQFSSPSFVSINNECYQYSPEFPLDILKAKTIQMLTEAVQEGSLHARDPVGGTTEFLFVPLIKLFYTLLIMGIFHNEDLK
HILQLIEPSVFKEAAGPEEESDTLEKEPCASEDSRLEGPAEEESKGGKRPKEGLLQMKLPEPVKLQMCLLLQYLCDCQVR
HRIEAIVAFSDDFVAKLQDNQRFRYNEVMQALNMSAALTARKTKEFRSPPQEQINMLLNFKDDKSECPCPEEIRDQLLDF
HEDLMTHCGIELDEDGSLDGNSDLTIRGRLLSLVEKVTYLKKKQAEKLVESDSKKSSTLQQLISETMVRWAQESVIEDPE
LVRAMFVLLHRQYDGIGGLVRALPKTYTINGVSVEDTINLLASLGQIRSLLSVRMGKEEEKLMIRGLGDIMNNKVFYQHP
NLMRALGMHETVMEVMVNVLGGGESKEITFPKMVANCCRFLCYFCRISRQNQKAMFDHLSYLLENSSVGLASPAMRGSTP
LDVAAASVMDNNELALALREPDLEKVVRYLAGCGLQSCQMLVSKGYPDIGWNPVEGERYLDFLRFAVFCNGESVEENANV
VVRLLIRRPECFGPALRGEGGNGLLAAMEEAIKIAEDPSRDGPSPTSGSSKMPDTEGEEDDTIHMGNAIMTFYAALIDLL
GRCAPEMHLIHAAKGEAIRIRSILRSLIPLGDLVGVISIAFQMPTIAKDGNVVEPDMSAGFCPDHKAAMVLFLDRVYGIE
VQDFLLHLLEVGFLPDLRAAASLDTAALSATDMALALNRYLCTAVLPLLTRCAPLFAGTEHHASLIDSLLHTVYRLSKGC
SLTKAQRDSIEVCLLSICGQLRPSMMQHLLRRLVFDVPLLNEHAKMPLKLLTNHYERCWKYYCLPGGWGNFGAASEEELH
LSRKLFWGIFDALSQKKYEQELFKLALPCLSAVAGALPPDYMESNYVSMMEKQSSMDSEGNFNPQPVDTSNITIPEKLEY
FINKYAEHSHDKWSMDKLANGWIYGEIYSDSSKVQPLMKPYKLLSEKEKEIYRWPIKESLKTMLAWGWRIERTREGDSMA
LYNRTRRISQTSQVSVDAAHGYSPRAIDMSNVTLSRDLHAMAEMMAENYHNIWAKKKKLELESKGGGNHPLLVPYDTLTA
KEKAKDREKAQDILKFLQINGYAVSRGFKDLELDTPSIEKRFAYSFLQQLIRYVDEAHQYILEFDGGSRSKGEHFPYEQE
IKFFAKVVLPLIDQYFKNHRLYFLSAASRPLCSGGHASNKEKEMVTSLFCKLGVLVRHRISLFGNDATSIVNCLHILGQT
LDARTVMKTGLESVKSALRAFLDNAAEDLEKTMENLKQGQFTHTRNQPKGVTQIINYTTVALLPMLSSLFEHIGQHQFGE
DLILEDVQVSCYRILTSLYALGTSKSIYVERQRSALGECLAAFAGAFPVAFLETHLDKHNIYSIYNTKSSRERAALNLPT
NVEDVCPNIPSLEKLMEEIVDLAESGIRYTQMPHVMEVVLPMLCSYMSRWWEHGPENNPGRAEMCCTALNSEHMNTLLGN
ILKIIYNNLGIDEGAWMKRLAVFSQPIINKVKPQLLKTHFLPLMEKLKKKAAMVVSEEDHLKSEVRGDMSEAELLILDEF
TTLARDLYAFYPLLIRFVDYNRAKWLKEPNPEAEDLFRMVAEVFIYWSKSHNFKREEQNFVVQNEINNMSFLITDTKSKM
SKAAVSDQERKKMKRKGDRYSMQTSLIVAALKRLLPIGLNICAPGDQELIALAKNRFSLKDTEDEVRDIIRSNIHLQGKL
EDPAIRWQMALYKDLPNRTEDTSDPEKTVERVLDIANVLFHLEQKSTCMRRRYYSLVEHPQRSKKAVWHKLLSKQRKRAV
VACFRMAPLYNLPRHRAVNLFLQGYEKSWIETEEHYFEDKLIEDLAKPGAVPPEEDEGTKRVDPLHQLILLFSRTALTEK
CKLEEDFLYMAYADIMAKSCHDEEDDDGEEEVKSFEEKEMEKQKLLYQQARLHDRGAAEMVLQTISASKGETGPMVAATL
KLGIAILNGGNSTVQQKMLEYLKEKKDVGFFQSLAGLMQSCSVLDLNAFERQNKAEGLGMVTEEGSGEKVLQDDEFTCDL
FRFLQLLCEGHNSDFQNYLRTQTGNNTTVNIIISTVDYLLRVQESISDFYWYYSGKDVIDEQGQRNFSKAIQVAKQVFNT
LTEYIQGPCTGNQQSLAHSRLWDAVVGFLHVFAHMQMKLSQDSSQIELLKELMDLQKDMVVMLLSMLEGNVVNGTIGKQM
VDMLVESSNNVEMILKFFDMFLKLKDLTSSDTFKEYDPDGKGVISKRDFHKAMESHKHYTQSETEFLLSCAETDENETLD
YEEFVKRFHEPAKDIGFNVAVLLTNLSEHMPNDTRLQTFLELAESVLNYFQPFLGRIEIMGSAKRIERVYFEISESSRTQ
WEKPQVKESKRQFIFDVVNEGGEKEKMELFVNFCEDTIFEMQLAAQISESDLNERSANKEESEKEKPEEQGPRMGFFSLV
TVRSALLALRYNVLTLMRMLSLKSLKKQMKKVKKMTVRDMVTAFFTSYWSVFMTLLHFAASVSRGFSRIIGGLLLGGSLV
EGAKKIKVAELLANMPDPTQDEVRGDGDEGERKVLEGTLPSEDLTDLKELTEESDLLSDIFGLDLKREGGQYKLIPHNPN
AGLSDLMSSPAPIPEVQEKFQEQKAKEEEKEEKEENKSEPEKAEGEDGEKEEKAKEDKGKQKLRQLHTHRYGEPEVPESA
FWKKIIAYQQKLLNYFARNFYNMRMLALFVAFAINFILLFYKVSTSSVVEGKELPTRSSSENANFGSLDSSSPRIIAVHY
VLEESSGYMEPTLRILAILHTVISFFCIIGYYCLKVPLVIFKREKEVARKLEFDGLYITEQPSEDDIKGQWDRLVINTQS
FPNNYWDKFVKRKVMDKYGEFYGRDRISELLGMDKAALDFSDAREKKKPKKDSSLSAVLNSIDVKYQMWKLGVVFTDNSF
LYLAWYMTMSVLGHYNNFFFAAHLLDIAMGFKTLRTILSSVTHNGKQLVLTVGLLAVVVYLYTVVAFNFFRKFYNKSEDG
DTPDMKCDDMLTCYMFHMYVGVRAGGGIGDEIEDPAGDEYEIYRIIFDITFFFFVIVILLAIIQGLIIDAFGELRDQQEQ
VKEDMETKCFICGIGNDYFDTVPHGFETHTLQEHNLANYLFFLMYLINKDETEHTGQESYVWKMYQERCWEFFPAGDCFR
KQYEDQLN
;
A,C,E,G
2 'polypeptide(L)'
;MGVEIETISPGDGRTFPKKGQTCVVHYTGMLQNGKKFDSSRDRNKPFKFRIGKQEVIKGFEEGAAQMSLGQRAKLTCTPD
VAYGATGHPGVIPPNATLIFDVELLNLE
;
B,D,F,H
#
# COMPACT_ATOMS: atom_id res chain seq x y z
N GLN A 12 -21.95 27.10 -6.92
CA GLN A 12 -23.09 26.40 -7.50
C GLN A 12 -24.27 27.35 -7.75
N PHE A 13 -24.86 27.89 -6.69
CA PHE A 13 -25.96 28.84 -6.81
C PHE A 13 -25.54 30.20 -6.28
N LEU A 14 -26.46 31.15 -6.37
CA LEU A 14 -26.25 32.50 -5.89
C LEU A 14 -27.26 32.84 -4.81
N ARG A 15 -26.80 33.45 -3.74
CA ARG A 15 -27.62 33.75 -2.59
C ARG A 15 -27.61 35.24 -2.31
N THR A 16 -28.43 35.67 -1.37
CA THR A 16 -28.33 37.03 -0.91
C THR A 16 -27.10 37.20 -0.06
N ASP A 17 -26.67 38.45 0.08
CA ASP A 17 -25.43 38.85 0.76
C ASP A 17 -24.21 38.15 0.19
N ASP A 18 -24.22 37.95 -1.11
CA ASP A 18 -23.08 37.41 -1.84
C ASP A 18 -22.38 38.56 -2.54
N GLU A 19 -21.23 38.25 -3.12
CA GLU A 19 -20.49 39.24 -3.90
C GLU A 19 -20.39 38.74 -5.33
N VAL A 20 -20.93 39.51 -6.26
CA VAL A 20 -20.93 39.13 -7.67
C VAL A 20 -20.42 40.30 -8.48
N VAL A 21 -20.21 40.06 -9.77
CA VAL A 21 -19.92 41.10 -10.74
C VAL A 21 -20.94 40.99 -11.86
N LEU A 22 -21.09 42.07 -12.61
CA LEU A 22 -21.90 42.07 -13.80
C LEU A 22 -21.01 42.34 -15.01
N GLN A 23 -21.12 41.48 -16.01
CA GLN A 23 -20.10 41.47 -17.04
C GLN A 23 -20.74 41.09 -18.37
N CYS A 24 -20.65 41.99 -19.34
CA CYS A 24 -21.15 41.71 -20.68
C CYS A 24 -19.98 41.69 -21.64
N THR A 25 -19.98 40.69 -22.52
CA THR A 25 -18.90 40.53 -23.48
C THR A 25 -19.39 40.99 -24.83
N ALA A 26 -18.81 42.08 -25.33
CA ALA A 26 -19.08 42.57 -26.67
C ALA A 26 -17.93 42.17 -27.59
N THR A 27 -18.13 42.42 -28.88
CA THR A 27 -17.11 42.14 -29.87
C THR A 27 -16.92 43.40 -30.72
N ILE A 28 -15.74 44.00 -30.59
CA ILE A 28 -15.40 45.12 -31.47
C ILE A 28 -14.32 44.69 -32.47
N HIS A 29 -14.77 44.35 -33.68
CA HIS A 29 -13.93 43.98 -34.82
C HIS A 29 -13.05 42.77 -34.50
N LYS A 30 -13.76 41.66 -34.22
CA LYS A 30 -13.17 40.36 -33.90
C LYS A 30 -12.21 40.44 -32.71
N GLU A 31 -12.64 41.17 -31.69
CA GLU A 31 -11.89 41.28 -30.44
C GLU A 31 -12.88 41.10 -29.30
N GLN A 32 -12.83 39.94 -28.66
CA GLN A 32 -13.78 39.58 -27.60
C GLN A 32 -13.47 40.42 -26.37
N GLN A 33 -14.18 41.53 -26.24
CA GLN A 33 -13.98 42.45 -25.13
C GLN A 33 -14.98 42.11 -24.03
N LYS A 34 -14.48 41.64 -22.89
CA LYS A 34 -15.32 41.30 -21.75
C LYS A 34 -15.45 42.52 -20.83
N LEU A 35 -16.36 43.42 -21.20
CA LEU A 35 -16.55 44.61 -20.40
C LEU A 35 -17.29 44.26 -19.11
N CYS A 36 -17.02 45.04 -18.07
CA CYS A 36 -17.67 44.84 -16.79
C CYS A 36 -18.31 46.15 -16.37
N LEU A 37 -19.36 46.06 -15.55
CA LEU A 37 -20.08 47.25 -15.14
C LEU A 37 -19.40 47.91 -13.94
N ALA A 38 -19.17 49.21 -14.03
CA ALA A 38 -18.43 49.89 -12.97
C ALA A 38 -19.07 51.25 -12.69
N ALA A 39 -19.60 51.42 -11.50
CA ALA A 39 -20.04 52.73 -11.04
C ALA A 39 -18.99 53.32 -10.13
N GLU A 40 -18.98 54.64 -10.04
CA GLU A 40 -17.94 55.32 -9.27
C GLU A 40 -18.43 55.78 -7.89
N GLY A 41 -19.44 56.64 -7.86
CA GLY A 41 -19.86 57.22 -6.60
C GLY A 41 -18.94 58.31 -6.10
N PHE A 42 -19.40 59.04 -5.07
CA PHE A 42 -18.69 60.17 -4.45
C PHE A 42 -18.30 61.21 -5.48
N GLY A 43 -19.25 61.56 -6.35
CA GLY A 43 -19.03 62.58 -7.34
C GLY A 43 -19.44 62.15 -8.73
N ASN A 44 -20.05 60.99 -8.85
CA ASN A 44 -20.38 60.47 -10.17
C ASN A 44 -21.61 59.58 -10.09
N ARG A 45 -22.71 60.08 -10.62
CA ARG A 45 -23.99 59.39 -10.58
C ARG A 45 -24.23 58.56 -11.83
N LEU A 46 -23.18 58.26 -12.59
CA LEU A 46 -23.35 57.51 -13.83
C LEU A 46 -22.34 56.38 -13.87
N CYS A 47 -22.74 55.28 -14.50
CA CYS A 47 -21.93 54.08 -14.59
C CYS A 47 -21.15 54.10 -15.89
N PHE A 48 -20.15 53.23 -15.98
CA PHE A 48 -19.39 53.09 -17.21
C PHE A 48 -18.89 51.66 -17.32
N LEU A 49 -17.94 51.46 -18.23
CA LEU A 49 -17.42 50.15 -18.55
C LEU A 49 -15.98 50.01 -18.07
N GLU A 50 -15.64 48.80 -17.66
CA GLU A 50 -14.31 48.49 -17.18
C GLU A 50 -13.76 47.36 -18.03
N SER A 51 -12.54 47.53 -18.53
CA SER A 51 -11.92 46.54 -19.38
C SER A 51 -11.38 45.40 -18.53
N THR A 52 -11.61 44.17 -18.96
CA THR A 52 -11.16 42.97 -18.27
C THR A 52 -10.44 42.03 -19.24
N SER A 53 -10.55 42.28 -20.54
CA SER A 53 -9.92 41.45 -21.55
C SER A 53 -8.40 41.61 -21.54
N ASN A 54 -7.92 42.85 -21.57
CA ASN A 54 -6.49 43.13 -21.57
C ASN A 54 -5.93 43.20 -20.15
N SER A 55 -6.14 42.15 -19.37
CA SER A 55 -5.71 42.14 -17.98
C SER A 55 -4.25 41.78 -17.80
N LYS A 56 -3.51 41.54 -18.88
CA LYS A 56 -2.13 41.09 -18.75
C LYS A 56 -1.14 42.25 -18.73
N ASN A 57 -1.55 43.42 -19.16
CA ASN A 57 -0.71 44.61 -19.09
C ASN A 57 -1.36 45.77 -18.39
N VAL A 58 -2.68 45.92 -18.47
CA VAL A 58 -3.40 46.91 -17.68
C VAL A 58 -4.42 46.19 -16.80
N PRO A 59 -4.14 46.07 -15.51
CA PRO A 59 -5.07 45.40 -14.60
C PRO A 59 -6.33 46.21 -14.42
N PRO A 60 -7.48 45.55 -14.26
CA PRO A 60 -8.73 46.28 -14.06
C PRO A 60 -8.79 46.81 -12.64
N ASP A 61 -9.64 47.80 -12.45
CA ASP A 61 -9.99 48.18 -11.09
C ASP A 61 -11.09 47.26 -10.60
N LEU A 62 -10.90 46.70 -9.42
CA LEU A 62 -11.85 45.73 -8.93
C LEU A 62 -12.80 46.30 -7.90
N SER A 63 -12.40 47.35 -7.19
CA SER A 63 -13.22 47.87 -6.10
C SER A 63 -14.45 48.62 -6.60
N ILE A 64 -14.53 48.95 -7.89
CA ILE A 64 -15.64 49.72 -8.39
C ILE A 64 -16.58 48.88 -9.25
N CYS A 65 -16.37 47.57 -9.30
CA CYS A 65 -17.22 46.74 -10.13
C CYS A 65 -17.84 45.55 -9.41
N THR A 66 -17.52 45.33 -8.14
CA THR A 66 -18.16 44.27 -7.38
C THR A 66 -19.44 44.79 -6.75
N PHE A 67 -20.43 43.93 -6.65
CA PHE A 67 -21.72 44.29 -6.08
C PHE A 67 -22.09 43.34 -4.96
N VAL A 68 -23.20 43.65 -4.30
CA VAL A 68 -23.76 42.83 -3.23
C VAL A 68 -25.25 42.76 -3.45
N LEU A 69 -25.81 41.56 -3.38
CA LEU A 69 -27.26 41.38 -3.45
C LEU A 69 -27.80 41.55 -2.04
N GLU A 70 -28.76 42.45 -1.87
CA GLU A 70 -29.24 42.72 -0.52
C GLU A 70 -30.48 41.90 -0.20
N GLN A 71 -31.55 42.07 -0.97
CA GLN A 71 -32.78 41.35 -0.74
C GLN A 71 -33.29 40.81 -2.07
N SER A 72 -34.26 39.91 -1.98
CA SER A 72 -34.84 39.30 -3.17
C SER A 72 -36.25 38.86 -2.83
N LEU A 73 -37.23 39.66 -3.21
CA LEU A 73 -38.62 39.35 -2.96
C LEU A 73 -39.29 38.87 -4.23
N SER A 74 -40.47 38.31 -4.09
CA SER A 74 -41.33 38.20 -5.25
C SER A 74 -42.10 39.49 -5.42
N VAL A 75 -42.82 39.60 -6.53
CA VAL A 75 -43.51 40.84 -6.87
C VAL A 75 -44.67 41.10 -5.93
N ARG A 76 -45.19 40.05 -5.30
CA ARG A 76 -46.28 40.19 -4.36
C ARG A 76 -45.80 40.92 -3.10
N ALA A 77 -44.65 40.52 -2.58
CA ALA A 77 -44.11 41.14 -1.38
C ALA A 77 -43.54 42.51 -1.65
N LEU A 78 -43.03 42.74 -2.85
CA LEU A 78 -42.54 44.06 -3.19
C LEU A 78 -43.69 45.05 -3.33
N GLN A 79 -44.76 44.65 -4.02
CA GLN A 79 -45.92 45.52 -4.14
C GLN A 79 -46.62 45.71 -2.80
N GLU A 80 -46.44 44.78 -1.86
CA GLU A 80 -46.92 45.01 -0.51
C GLU A 80 -46.04 46.03 0.21
N MET A 81 -44.73 45.77 0.27
CA MET A 81 -43.82 46.56 1.10
C MET A 81 -43.67 47.98 0.57
N LEU A 82 -43.80 48.15 -0.74
CA LEU A 82 -43.88 49.47 -1.32
C LEU A 82 -45.17 50.20 -0.96
N ALA A 83 -46.24 49.45 -0.68
CA ALA A 83 -47.53 50.05 -0.38
C ALA A 83 -47.65 50.53 1.07
N ASN A 84 -46.57 50.52 1.83
CA ASN A 84 -46.58 51.03 3.19
C ASN A 84 -46.73 52.55 3.21
N GLY A 109 -31.40 35.02 7.41
CA GLY A 109 -30.59 34.02 6.76
C GLY A 109 -30.21 34.37 5.33
N HIS A 110 -29.80 33.36 4.57
CA HIS A 110 -29.29 33.55 3.22
C HIS A 110 -30.20 32.80 2.26
N ARG A 111 -31.26 33.47 1.81
CA ARG A 111 -32.17 32.90 0.83
C ARG A 111 -31.46 32.71 -0.52
N THR A 112 -32.11 31.98 -1.40
CA THR A 112 -31.56 31.73 -2.72
C THR A 112 -32.45 32.38 -3.77
N LEU A 113 -31.88 32.69 -4.92
CA LEU A 113 -32.57 33.51 -5.91
C LEU A 113 -33.27 32.64 -6.95
N LEU A 114 -34.42 33.13 -7.41
CA LEU A 114 -35.23 32.46 -8.41
C LEU A 114 -35.58 33.44 -9.51
N TYR A 115 -35.63 32.94 -10.74
CA TYR A 115 -35.77 33.79 -11.92
C TYR A 115 -37.15 34.42 -11.98
N GLY A 116 -37.28 35.63 -11.47
CA GLY A 116 -38.57 36.24 -11.35
C GLY A 116 -38.63 37.08 -10.09
N HIS A 117 -37.57 36.99 -9.30
CA HIS A 117 -37.46 37.83 -8.12
C HIS A 117 -36.90 39.19 -8.48
N ALA A 118 -37.45 40.21 -7.85
CA ALA A 118 -36.98 41.57 -7.98
C ALA A 118 -35.91 41.84 -6.94
N ILE A 119 -34.66 41.92 -7.39
CA ILE A 119 -33.52 41.94 -6.47
C ILE A 119 -33.08 43.38 -6.26
N LEU A 120 -32.25 43.56 -5.26
CA LEU A 120 -31.67 44.87 -4.94
C LEU A 120 -30.17 44.72 -4.98
N LEU A 121 -29.55 45.17 -6.06
CA LEU A 121 -28.11 45.24 -6.12
C LEU A 121 -27.64 46.41 -5.28
N ARG A 122 -26.39 46.38 -4.85
CA ARG A 122 -25.78 47.55 -4.26
C ARG A 122 -24.29 47.53 -4.53
N HIS A 123 -23.71 48.72 -4.52
CA HIS A 123 -22.29 48.86 -4.76
C HIS A 123 -21.53 48.41 -3.52
N SER A 124 -20.68 47.40 -3.70
CA SER A 124 -20.04 46.72 -2.59
C SER A 124 -19.04 47.59 -1.87
N TYR A 125 -18.57 48.65 -2.51
CA TYR A 125 -17.67 49.58 -1.82
C TYR A 125 -18.43 50.81 -1.34
N SER A 126 -19.08 51.51 -2.25
CA SER A 126 -19.61 52.84 -1.96
C SER A 126 -20.80 52.81 -1.04
N GLY A 127 -21.58 51.74 -1.07
CA GLY A 127 -22.73 51.65 -0.20
C GLY A 127 -24.00 52.22 -0.76
N MET A 128 -24.05 52.52 -2.05
CA MET A 128 -25.26 53.03 -2.67
C MET A 128 -25.97 51.91 -3.41
N TYR A 129 -27.24 52.14 -3.73
CA TYR A 129 -28.03 51.14 -4.43
C TYR A 129 -28.16 51.52 -5.90
N LEU A 130 -27.92 50.54 -6.77
CA LEU A 130 -27.94 50.76 -8.21
C LEU A 130 -29.37 50.89 -8.70
N CYS A 131 -29.61 51.81 -9.64
CA CYS A 131 -30.97 52.07 -10.09
C CYS A 131 -30.94 52.73 -11.46
N CYS A 132 -32.14 52.96 -11.98
CA CYS A 132 -32.35 53.70 -13.21
C CYS A 132 -32.74 55.13 -12.87
N LEU A 133 -32.30 56.06 -13.71
CA LEU A 133 -32.48 57.49 -13.50
C LEU A 133 -33.29 58.06 -14.65
N SER A 134 -33.86 59.24 -14.43
CA SER A 134 -34.69 59.88 -15.43
C SER A 134 -33.92 60.89 -16.27
N THR A 135 -32.59 60.80 -16.33
CA THR A 135 -31.79 61.69 -17.14
C THR A 135 -31.68 61.13 -18.55
N SER A 136 -30.84 61.77 -19.37
CA SER A 136 -30.70 61.36 -20.76
C SER A 136 -29.29 61.63 -21.24
N ARG A 137 -28.90 60.91 -22.29
CA ARG A 137 -27.70 61.23 -23.07
C ARG A 137 -27.99 61.09 -24.56
N LYS A 142 -32.45 59.22 -28.79
CA LYS A 142 -32.92 57.89 -28.42
C LYS A 142 -33.97 57.97 -27.32
N LEU A 143 -34.60 56.84 -27.02
CA LEU A 143 -35.63 56.78 -25.99
C LEU A 143 -35.19 55.87 -24.84
N ALA A 144 -33.94 56.05 -24.41
CA ALA A 144 -33.38 55.26 -23.32
C ALA A 144 -33.33 56.08 -22.04
N PHE A 145 -32.94 55.44 -20.96
CA PHE A 145 -32.70 56.08 -19.68
C PHE A 145 -31.33 55.70 -19.17
N ASP A 146 -30.74 56.57 -18.38
CA ASP A 146 -29.40 56.35 -17.87
C ASP A 146 -29.45 55.61 -16.54
N VAL A 147 -28.31 55.06 -16.14
CA VAL A 147 -28.26 54.15 -15.01
C VAL A 147 -27.16 54.59 -14.05
N GLY A 148 -27.50 54.68 -12.76
CA GLY A 148 -26.51 55.14 -11.80
C GLY A 148 -26.90 54.76 -10.39
N LEU A 149 -26.16 55.29 -9.44
CA LEU A 149 -26.44 54.94 -8.06
C LEU A 149 -27.35 55.97 -7.42
N GLN A 150 -28.02 55.55 -6.35
CA GLN A 150 -28.76 56.47 -5.52
C GLN A 150 -28.74 55.91 -4.11
N GLU A 151 -28.96 56.78 -3.14
CA GLU A 151 -28.80 56.40 -1.74
C GLU A 151 -30.08 55.78 -1.19
N ASP A 152 -31.22 56.36 -1.54
CA ASP A 152 -32.50 55.91 -1.03
C ASP A 152 -32.90 54.59 -1.68
N THR A 153 -33.61 53.77 -0.92
CA THR A 153 -34.03 52.46 -1.39
C THR A 153 -35.51 52.36 -1.69
N THR A 154 -36.29 53.40 -1.41
CA THR A 154 -37.71 53.33 -1.67
C THR A 154 -37.99 53.57 -3.15
N GLY A 155 -39.24 53.42 -3.53
CA GLY A 155 -39.64 53.51 -4.92
C GLY A 155 -39.22 52.29 -5.72
N GLU A 156 -39.71 52.24 -6.94
CA GLU A 156 -39.39 51.11 -7.82
C GLU A 156 -38.05 51.26 -8.51
N ALA A 157 -37.26 52.29 -8.17
CA ALA A 157 -36.12 52.63 -8.98
C ALA A 157 -34.99 51.62 -8.84
N CYS A 158 -34.69 51.17 -7.62
CA CYS A 158 -33.54 50.30 -7.38
C CYS A 158 -33.91 48.84 -7.32
N TRP A 159 -34.90 48.41 -8.09
CA TRP A 159 -35.34 47.02 -8.08
C TRP A 159 -35.27 46.45 -9.48
N TRP A 160 -34.75 45.24 -9.59
CA TRP A 160 -34.53 44.61 -10.89
C TRP A 160 -34.96 43.16 -10.81
N THR A 161 -35.87 42.77 -11.71
CA THR A 161 -36.25 41.37 -11.81
C THR A 161 -35.33 40.67 -12.79
N ILE A 162 -34.85 39.51 -12.40
CA ILE A 162 -34.02 38.72 -13.28
C ILE A 162 -34.91 38.04 -14.30
N HIS A 163 -34.39 37.83 -15.50
CA HIS A 163 -35.07 37.08 -16.51
C HIS A 163 -34.07 36.07 -17.06
N PRO A 164 -34.49 34.82 -17.24
CA PRO A 164 -33.62 33.84 -17.89
C PRO A 164 -33.52 34.12 -19.38
N ALA A 165 -32.38 33.76 -19.94
CA ALA A 165 -32.12 33.97 -21.35
C ALA A 165 -31.86 32.67 -22.05
N SER A 166 -32.69 31.67 -21.75
CA SER A 166 -32.58 30.37 -22.40
C SER A 166 -33.93 29.68 -22.34
N LYS A 167 -34.13 28.75 -23.25
CA LYS A 167 -35.13 27.73 -22.99
C LYS A 167 -34.59 26.62 -22.11
N GLN A 168 -33.26 26.57 -21.93
CA GLN A 168 -32.60 25.54 -21.13
C GLN A 168 -32.89 25.69 -19.65
N ARG A 169 -33.22 26.89 -19.18
CA ARG A 169 -33.73 27.09 -17.84
C ARG A 169 -34.90 28.06 -17.95
N SER A 170 -35.81 27.98 -16.99
CA SER A 170 -37.07 28.68 -17.18
C SER A 170 -37.48 29.33 -15.88
N GLU A 171 -38.74 29.76 -15.81
CA GLU A 171 -39.24 30.57 -14.72
C GLU A 171 -39.27 29.78 -13.42
N GLY A 172 -39.05 30.48 -12.31
CA GLY A 172 -39.29 29.93 -11.00
C GLY A 172 -38.14 29.12 -10.43
N GLU A 173 -37.31 28.56 -11.29
CA GLU A 173 -36.32 27.61 -10.81
C GLU A 173 -35.10 28.34 -10.26
N LYS A 174 -34.10 27.57 -9.85
CA LYS A 174 -32.99 28.10 -9.09
C LYS A 174 -31.92 28.69 -9.99
N VAL A 175 -31.29 29.77 -9.52
CA VAL A 175 -30.20 30.39 -10.25
C VAL A 175 -28.97 29.50 -10.16
N ARG A 176 -28.07 29.61 -11.13
CA ARG A 176 -26.80 28.92 -11.06
C ARG A 176 -25.69 29.83 -11.53
N VAL A 177 -24.47 29.40 -11.27
CA VAL A 177 -23.29 30.20 -11.55
C VAL A 177 -23.04 30.26 -13.05
N GLY A 178 -22.87 31.47 -13.56
CA GLY A 178 -22.50 31.64 -14.94
C GLY A 178 -23.64 31.63 -15.93
N ASP A 179 -24.88 31.71 -15.45
CA ASP A 179 -26.01 31.72 -16.35
C ASP A 179 -26.15 33.10 -16.99
N ASP A 180 -26.04 33.14 -18.32
CA ASP A 180 -26.24 34.39 -19.03
C ASP A 180 -27.70 34.78 -18.97
N LEU A 181 -27.97 35.94 -18.37
CA LEU A 181 -29.32 36.32 -17.99
C LEU A 181 -29.61 37.73 -18.49
N ILE A 182 -30.81 38.20 -18.21
CA ILE A 182 -31.27 39.55 -18.55
C ILE A 182 -31.73 40.17 -17.24
N LEU A 183 -31.58 41.49 -17.13
CA LEU A 183 -32.15 42.21 -16.00
C LEU A 183 -33.27 43.11 -16.52
N VAL A 184 -34.28 43.33 -15.69
CA VAL A 184 -35.42 44.14 -16.08
C VAL A 184 -35.68 45.14 -14.98
N SER A 185 -35.77 46.42 -15.35
CA SER A 185 -36.14 47.45 -14.42
C SER A 185 -37.59 47.28 -13.97
N VAL A 186 -37.80 47.43 -12.68
CA VAL A 186 -39.16 47.45 -12.15
C VAL A 186 -39.83 48.77 -12.46
N SER A 187 -39.09 49.87 -12.30
CA SER A 187 -39.66 51.19 -12.54
C SER A 187 -39.80 51.48 -14.02
N SER A 188 -38.68 51.51 -14.73
CA SER A 188 -38.69 51.99 -16.11
C SER A 188 -39.22 50.96 -17.09
N GLU A 189 -39.41 49.72 -16.64
CA GLU A 189 -39.84 48.59 -17.46
C GLU A 189 -38.93 48.38 -18.67
N ARG A 190 -37.64 48.58 -18.48
CA ARG A 190 -36.68 48.53 -19.57
C ARG A 190 -35.56 47.57 -19.21
N TYR A 191 -34.72 47.27 -20.20
CA TYR A 191 -33.67 46.28 -20.08
C TYR A 191 -32.34 46.98 -19.91
N LEU A 192 -31.45 46.36 -19.15
CA LEU A 192 -30.18 46.99 -18.82
C LEU A 192 -29.23 46.78 -19.99
N HIS A 193 -29.32 47.68 -20.96
CA HIS A 193 -28.72 47.49 -22.27
C HIS A 193 -27.33 48.11 -22.36
N LEU A 194 -26.45 47.43 -23.10
CA LEU A 194 -25.16 47.95 -23.50
C LEU A 194 -25.29 48.53 -24.90
N SER A 195 -25.03 49.82 -25.05
CA SER A 195 -25.15 50.46 -26.35
C SER A 195 -23.79 51.01 -26.78
N TYR A 196 -23.71 51.36 -28.06
CA TYR A 196 -22.47 51.87 -28.64
C TYR A 196 -22.53 53.38 -28.80
N LEU A 201 -19.65 54.82 -25.27
CA LEU A 201 -20.07 53.45 -24.98
C LEU A 201 -21.02 53.43 -23.80
N HIS A 202 -22.26 53.84 -24.05
CA HIS A 202 -23.26 53.99 -23.00
C HIS A 202 -23.66 52.62 -22.48
N VAL A 203 -23.77 52.51 -21.16
CA VAL A 203 -24.61 51.51 -20.53
C VAL A 203 -25.86 52.27 -20.10
N ASP A 204 -27.03 51.82 -20.54
CA ASP A 204 -28.24 52.60 -20.32
C ASP A 204 -29.46 51.69 -20.38
N ALA A 205 -30.58 52.21 -19.90
CA ALA A 205 -31.80 51.41 -19.79
C ALA A 205 -32.61 51.60 -21.07
N ALA A 206 -32.65 50.56 -21.91
CA ALA A 206 -33.24 50.70 -23.22
C ALA A 206 -34.37 49.69 -23.42
N PHE A 207 -34.99 49.78 -24.58
CA PHE A 207 -36.07 48.87 -24.94
C PHE A 207 -35.51 47.57 -25.52
N GLN A 208 -34.20 47.55 -25.80
CA GLN A 208 -33.57 46.37 -26.35
C GLN A 208 -32.81 45.65 -25.25
N GLN A 209 -32.52 44.38 -25.47
CA GLN A 209 -31.96 43.54 -24.42
C GLN A 209 -30.52 43.15 -24.75
N THR A 210 -29.76 42.81 -23.71
CA THR A 210 -28.42 42.32 -23.87
C THR A 210 -28.09 41.40 -22.70
N LEU A 211 -27.04 40.62 -22.84
CA LEU A 211 -26.74 39.59 -21.86
C LEU A 211 -25.93 40.17 -20.71
N TRP A 212 -25.99 39.49 -19.57
CA TRP A 212 -25.23 39.91 -18.40
C TRP A 212 -24.76 38.65 -17.68
N SER A 213 -23.56 38.21 -17.98
CA SER A 213 -22.97 37.10 -17.25
C SER A 213 -22.54 37.56 -15.87
N VAL A 214 -22.79 36.74 -14.87
CA VAL A 214 -22.34 37.03 -13.52
C VAL A 214 -21.22 36.09 -13.17
N ALA A 215 -20.56 36.36 -12.06
CA ALA A 215 -19.50 35.50 -11.58
C ALA A 215 -19.41 35.66 -10.07
N PRO A 216 -19.21 34.59 -9.32
CA PRO A 216 -19.11 34.72 -7.86
C PRO A 216 -17.80 35.38 -7.49
N ILE A 217 -17.81 36.08 -6.37
CA ILE A 217 -16.60 36.67 -5.81
C ILE A 217 -16.30 36.12 -4.43
N SER A 218 -17.23 36.26 -3.50
CA SER A 218 -16.95 35.91 -2.11
C SER A 218 -18.16 35.20 -1.53
N SER A 219 -18.17 35.12 -0.19
CA SER A 219 -19.29 34.60 0.57
C SER A 219 -19.23 35.11 2.01
N ALA A 224 -15.09 33.25 6.62
CA ALA A 224 -14.13 32.68 7.56
C ALA A 224 -13.35 33.79 8.24
N GLN A 225 -13.55 33.93 9.55
CA GLN A 225 -13.02 35.06 10.29
C GLN A 225 -11.54 34.85 10.60
N GLY A 226 -10.75 35.90 10.38
CA GLY A 226 -9.36 35.90 10.77
C GLY A 226 -8.39 35.46 9.70
N TYR A 227 -8.83 35.33 8.46
CA TYR A 227 -7.97 34.83 7.42
C TYR A 227 -7.95 35.79 6.24
N LEU A 228 -7.08 35.50 5.27
CA LEU A 228 -6.87 36.41 4.16
C LEU A 228 -7.85 36.12 3.02
N ILE A 229 -8.45 37.20 2.52
CA ILE A 229 -9.38 37.14 1.40
C ILE A 229 -8.90 38.13 0.35
N GLY A 230 -8.85 37.68 -0.90
CA GLY A 230 -8.42 38.52 -2.00
C GLY A 230 -9.28 39.73 -2.20
N GLY A 231 -8.73 40.89 -1.86
CA GLY A 231 -9.47 42.13 -1.87
C GLY A 231 -9.27 42.97 -0.64
N ASP A 232 -8.43 42.53 0.29
CA ASP A 232 -8.26 43.20 1.55
C ASP A 232 -7.46 44.49 1.42
N VAL A 233 -7.43 45.23 2.51
CA VAL A 233 -6.59 46.40 2.67
C VAL A 233 -5.83 46.21 3.97
N LEU A 234 -4.51 46.15 3.87
CA LEU A 234 -3.70 45.75 5.02
C LEU A 234 -2.38 46.49 5.04
N ARG A 235 -1.81 46.57 6.22
CA ARG A 235 -0.45 47.04 6.43
C ARG A 235 0.48 45.84 6.44
N LEU A 236 1.79 46.11 6.38
CA LEU A 236 2.79 45.04 6.31
C LEU A 236 3.76 45.23 7.47
N LEU A 237 3.43 44.59 8.60
CA LEU A 237 4.14 44.81 9.85
C LEU A 237 5.51 44.15 9.84
N HIS A 238 6.47 44.79 10.52
CA HIS A 238 7.86 44.32 10.61
C HIS A 238 8.27 43.96 12.04
N GLY A 239 7.93 44.78 13.02
CA GLY A 239 8.28 44.48 14.39
C GLY A 239 7.52 45.32 15.39
N GLU A 243 6.32 49.49 13.22
CA GLU A 243 7.33 49.29 12.19
C GLU A 243 6.70 48.55 11.01
N CYS A 244 6.56 49.25 9.88
CA CYS A 244 5.80 48.70 8.76
C CYS A 244 6.27 49.32 7.46
N LEU A 245 5.79 48.75 6.36
CA LEU A 245 6.16 49.21 5.03
C LEU A 245 5.49 50.54 4.74
N THR A 246 6.21 51.44 4.07
CA THR A 246 5.76 52.82 3.95
C THR A 246 6.23 53.38 2.61
N VAL A 247 5.53 54.40 2.15
CA VAL A 247 5.88 55.24 1.02
C VAL A 247 5.86 56.65 1.58
N PRO A 248 6.79 57.54 1.26
CA PRO A 248 6.96 58.75 2.08
C PRO A 248 5.87 59.78 1.83
N SER A 249 6.03 60.93 2.50
CA SER A 249 5.02 61.98 2.50
C SER A 249 5.01 62.71 1.16
N GLY A 250 4.04 63.60 1.00
CA GLY A 250 3.80 64.23 -0.28
C GLY A 250 4.73 65.38 -0.60
N GLU A 251 4.18 66.37 -1.32
CA GLU A 251 4.86 67.60 -1.74
C GLU A 251 6.12 67.30 -2.55
N HIS A 252 5.92 66.61 -3.66
CA HIS A 252 7.00 66.36 -4.61
C HIS A 252 6.54 66.59 -6.04
N GLU A 255 9.87 63.38 -6.52
CA GLU A 255 9.92 61.92 -6.53
C GLU A 255 8.68 61.33 -7.15
N GLN A 256 7.54 61.99 -6.87
CA GLN A 256 6.20 61.40 -6.88
C GLN A 256 6.13 60.16 -5.98
N ARG A 257 6.87 60.21 -4.86
CA ARG A 257 6.89 59.22 -3.78
C ARG A 257 7.22 57.80 -4.24
N ARG A 258 7.92 57.62 -5.35
CA ARG A 258 8.04 56.31 -5.95
C ARG A 258 9.04 55.39 -5.25
N THR A 259 9.67 55.86 -4.18
CA THR A 259 10.53 55.02 -3.36
C THR A 259 9.71 54.28 -2.32
N VAL A 260 10.32 53.25 -1.72
CA VAL A 260 9.66 52.37 -0.76
C VAL A 260 10.57 52.22 0.44
N HIS A 261 10.03 52.44 1.64
CA HIS A 261 10.81 52.35 2.86
C HIS A 261 10.18 51.41 3.86
N TYR A 262 10.92 51.12 4.92
CA TYR A 262 10.37 50.55 6.15
C TYR A 262 10.50 51.60 7.22
N GLU A 263 9.47 51.74 8.05
CA GLU A 263 9.50 52.84 9.00
C GLU A 263 8.89 52.38 10.31
N GLY A 264 8.82 53.30 11.26
CA GLY A 264 8.15 53.09 12.52
C GLY A 264 7.42 54.34 12.97
N GLY A 265 6.65 54.18 14.06
CA GLY A 265 5.97 55.31 14.66
C GLY A 265 4.53 55.49 14.24
N ALA A 266 4.07 56.74 14.21
CA ALA A 266 2.67 57.06 13.93
C ALA A 266 2.31 56.88 12.47
N VAL A 267 3.28 56.69 11.57
CA VAL A 267 2.97 56.44 10.17
C VAL A 267 2.43 55.04 9.98
N SER A 268 2.49 54.20 11.02
CA SER A 268 1.75 52.95 11.02
C SER A 268 0.26 53.18 10.90
N VAL A 269 -0.27 54.21 11.59
CA VAL A 269 -1.72 54.40 11.64
C VAL A 269 -2.21 55.19 10.44
N HIS A 270 -1.36 56.05 9.87
CA HIS A 270 -1.81 57.03 8.89
C HIS A 270 -2.12 56.38 7.55
N ALA A 271 -2.59 57.20 6.62
CA ALA A 271 -3.21 56.71 5.40
C ALA A 271 -2.21 56.35 4.31
N ARG A 272 -0.91 56.46 4.57
CA ARG A 272 0.06 56.14 3.53
C ARG A 272 0.24 54.63 3.39
N SER A 273 0.24 53.91 4.48
CA SER A 273 0.71 52.53 4.49
C SER A 273 -0.43 51.54 4.18
N LEU A 274 -1.14 51.77 3.08
CA LEU A 274 -2.31 50.96 2.77
C LEU A 274 -2.14 50.26 1.44
N TRP A 275 -2.35 48.95 1.42
CA TRP A 275 -2.04 48.11 0.28
C TRP A 275 -3.22 47.20 -0.03
N ARG A 276 -3.62 47.15 -1.28
CA ARG A 276 -4.74 46.34 -1.72
C ARG A 276 -4.24 45.22 -2.61
N LEU A 277 -4.66 44.00 -2.34
CA LEU A 277 -4.25 42.84 -3.13
C LEU A 277 -5.23 42.66 -4.28
N GLU A 278 -4.72 42.36 -5.45
CA GLU A 278 -5.58 42.07 -6.60
C GLU A 278 -5.05 40.81 -7.28
N THR A 279 -5.79 39.73 -7.16
CA THR A 279 -5.34 38.44 -7.69
C THR A 279 -5.55 38.43 -9.21
N LEU A 280 -4.85 37.53 -9.90
CA LEU A 280 -4.88 37.50 -11.35
C LEU A 280 -6.17 36.95 -11.93
N ARG A 281 -6.99 36.29 -11.12
CA ARG A 281 -8.23 35.72 -11.62
C ARG A 281 -9.32 36.78 -11.69
N VAL A 282 -10.26 36.60 -12.60
CA VAL A 282 -11.43 37.48 -12.65
C VAL A 282 -12.52 36.95 -11.75
N ALA A 283 -13.06 35.78 -12.05
CA ALA A 283 -14.03 35.15 -11.19
C ALA A 283 -13.32 34.56 -9.97
N TRP A 284 -14.03 34.55 -8.85
CA TRP A 284 -13.52 34.12 -7.54
C TRP A 284 -12.27 34.89 -7.13
N SER A 285 -12.24 36.17 -7.44
CA SER A 285 -11.12 37.00 -7.00
C SER A 285 -11.23 37.35 -5.54
N GLY A 286 -12.39 37.12 -4.92
CA GLY A 286 -12.53 37.29 -3.50
C GLY A 286 -12.54 35.98 -2.76
N SER A 287 -11.71 35.04 -3.20
CA SER A 287 -11.57 33.78 -2.49
C SER A 287 -10.59 33.94 -1.34
N HIS A 288 -10.24 32.83 -0.70
CA HIS A 288 -9.14 32.85 0.25
C HIS A 288 -7.83 33.05 -0.47
N ILE A 289 -6.79 33.37 0.28
CA ILE A 289 -5.46 33.57 -0.29
C ILE A 289 -4.55 32.47 0.25
N ARG A 290 -4.09 31.60 -0.64
CA ARG A 290 -3.18 30.53 -0.30
C ARG A 290 -1.87 30.73 -1.05
N TRP A 291 -0.84 30.00 -0.63
CA TRP A 291 0.50 30.20 -1.15
C TRP A 291 0.60 29.73 -2.59
N GLY A 292 1.34 30.48 -3.38
CA GLY A 292 1.60 30.12 -4.75
C GLY A 292 0.76 30.84 -5.77
N GLN A 293 -0.34 31.45 -5.37
CA GLN A 293 -1.02 32.20 -6.42
C GLN A 293 -0.51 33.63 -6.46
N PRO A 294 -0.32 34.20 -7.64
CA PRO A 294 0.25 35.55 -7.72
C PRO A 294 -0.83 36.61 -7.55
N PHE A 295 -0.37 37.82 -7.23
CA PHE A 295 -1.25 38.94 -6.96
C PHE A 295 -0.49 40.24 -7.13
N ARG A 296 -1.15 41.22 -7.74
CA ARG A 296 -0.61 42.57 -7.73
C ARG A 296 -0.87 43.21 -6.38
N LEU A 297 0.05 44.11 -5.98
CA LEU A 297 -0.15 44.96 -4.82
C LEU A 297 -0.34 46.38 -5.32
N ARG A 298 -1.43 47.01 -4.91
CA ARG A 298 -1.74 48.37 -5.29
C ARG A 298 -1.57 49.28 -4.09
N HIS A 299 -0.87 50.38 -4.28
CA HIS A 299 -0.87 51.41 -3.27
C HIS A 299 -2.19 52.14 -3.33
N VAL A 300 -2.88 52.21 -2.19
CA VAL A 300 -4.26 52.66 -2.18
C VAL A 300 -4.35 54.18 -2.21
N THR A 301 -3.51 54.84 -1.43
CA THR A 301 -3.53 56.29 -1.31
C THR A 301 -3.08 56.97 -2.60
N THR A 302 -2.23 56.30 -3.39
CA THR A 302 -1.71 56.90 -4.60
C THR A 302 -2.25 56.29 -5.88
N GLY A 303 -2.63 55.03 -5.87
CA GLY A 303 -3.13 54.42 -7.07
C GLY A 303 -2.07 53.97 -8.04
N LYS A 304 -0.84 53.76 -7.59
CA LYS A 304 0.22 53.26 -8.43
C LYS A 304 0.64 51.87 -7.96
N TYR A 305 1.06 51.04 -8.91
CA TYR A 305 1.32 49.63 -8.67
C TYR A 305 2.76 49.42 -8.23
N LEU A 306 2.93 48.56 -7.23
CA LEU A 306 4.24 48.23 -6.67
C LEU A 306 4.96 47.27 -7.61
N SER A 307 5.86 47.81 -8.43
CA SER A 307 6.48 47.07 -9.51
C SER A 307 7.96 46.90 -9.25
N LEU A 308 8.46 45.69 -9.48
CA LEU A 308 9.89 45.42 -9.45
C LEU A 308 10.43 45.35 -10.86
N MET A 309 11.46 46.13 -11.14
CA MET A 309 12.34 45.92 -12.29
C MET A 309 13.69 45.65 -11.66
N GLU A 310 14.14 44.39 -11.73
CA GLU A 310 15.31 43.95 -10.97
C GLU A 310 16.60 44.61 -11.43
N ASP A 311 16.64 45.06 -12.68
CA ASP A 311 17.77 45.87 -13.13
C ASP A 311 17.65 47.29 -12.59
N LYS A 312 16.47 47.91 -12.75
CA LYS A 312 16.37 49.34 -12.55
C LYS A 312 16.14 49.68 -11.08
N SER A 313 14.96 49.32 -10.54
CA SER A 313 14.61 49.53 -9.13
C SER A 313 13.28 48.88 -8.74
N LEU A 314 12.93 49.00 -7.48
CA LEU A 314 11.60 48.70 -6.99
C LEU A 314 10.82 50.00 -6.88
N LEU A 315 9.89 50.22 -7.81
CA LEU A 315 9.23 51.51 -7.93
C LEU A 315 7.71 51.33 -7.94
N LEU A 316 7.03 52.41 -8.28
CA LEU A 316 5.58 52.43 -8.40
C LEU A 316 5.26 52.93 -9.80
N MET A 317 4.71 52.06 -10.64
CA MET A 317 4.30 52.51 -11.96
C MET A 317 2.83 52.20 -12.20
N ASP A 318 2.30 52.82 -13.25
CA ASP A 318 0.86 52.98 -13.42
C ASP A 318 0.19 51.70 -13.87
N LYS A 319 -1.12 51.79 -14.15
CA LYS A 319 -1.89 50.64 -14.59
C LYS A 319 -1.39 50.14 -15.94
N GLU A 320 -1.08 51.06 -16.84
CA GLU A 320 -0.70 50.72 -18.20
C GLU A 320 0.75 50.25 -18.31
N LYS A 321 1.45 50.13 -17.19
CA LYS A 321 2.79 49.59 -17.14
C LYS A 321 2.92 48.38 -16.21
N ALA A 322 1.80 47.86 -15.70
CA ALA A 322 1.84 46.79 -14.71
C ALA A 322 1.78 45.45 -15.44
N ASP A 323 2.95 44.85 -15.65
CA ASP A 323 3.06 43.61 -16.40
C ASP A 323 2.92 42.45 -15.42
N VAL A 324 2.46 41.30 -15.93
CA VAL A 324 2.11 40.17 -15.07
C VAL A 324 3.37 39.48 -14.53
N LYS A 325 4.48 39.59 -15.25
CA LYS A 325 5.74 39.06 -14.72
C LYS A 325 6.56 40.12 -14.01
N SER A 326 6.13 41.38 -14.07
CA SER A 326 6.94 42.45 -13.49
C SER A 326 6.70 42.62 -12.01
N THR A 327 5.46 42.45 -11.56
CA THR A 327 5.07 42.84 -10.23
C THR A 327 4.24 41.81 -9.48
N ALA A 328 3.79 40.74 -10.13
CA ALA A 328 2.97 39.75 -9.43
C ALA A 328 3.85 38.92 -8.52
N PHE A 329 3.97 39.34 -7.26
CA PHE A 329 4.78 38.66 -6.27
C PHE A 329 3.94 37.59 -5.60
N THR A 330 4.61 36.74 -4.82
CA THR A 330 3.94 35.76 -3.98
C THR A 330 4.73 35.61 -2.70
N PHE A 331 4.04 35.29 -1.61
CA PHE A 331 4.69 35.03 -0.34
C PHE A 331 4.92 33.54 -0.25
N ARG A 332 5.95 33.15 0.47
CA ARG A 332 6.20 31.75 0.81
C ARG A 332 6.43 31.61 2.31
N SER A 333 5.97 30.49 2.86
CA SER A 333 6.16 30.21 4.28
C SER A 333 7.64 30.02 4.59
N SER A 334 8.35 29.26 3.77
CA SER A 334 9.80 29.17 3.87
C SER A 334 10.42 30.27 3.03
N LYS A 335 11.75 30.39 3.06
CA LYS A 335 12.45 31.37 2.25
C LYS A 335 13.28 30.69 1.17
N GLU A 336 12.78 29.58 0.64
CA GLU A 336 13.43 28.92 -0.47
C GLU A 336 12.75 29.35 -1.77
N ARG A 343 -0.91 24.63 -4.84
CA ARG A 343 -1.96 24.60 -5.85
C ARG A 343 -1.87 25.80 -6.77
N LYS A 344 -2.73 25.82 -7.78
CA LYS A 344 -2.75 26.88 -8.78
C LYS A 344 -4.08 27.60 -8.85
N GLU A 345 -5.20 26.86 -8.92
CA GLU A 345 -6.51 27.47 -9.00
C GLU A 345 -7.55 26.48 -8.48
N VAL A 346 -8.34 26.92 -7.51
CA VAL A 346 -9.46 26.16 -6.99
C VAL A 346 -10.71 27.00 -7.15
N ASP A 347 -11.75 26.43 -7.77
CA ASP A 347 -12.99 27.17 -8.03
C ASP A 347 -13.88 27.11 -6.80
N GLY A 348 -13.64 28.08 -5.91
CA GLY A 348 -14.43 28.20 -4.71
C GLY A 348 -13.85 29.32 -3.90
N MET A 349 -14.33 29.48 -2.67
CA MET A 349 -13.69 30.46 -1.79
C MET A 349 -12.58 29.83 -0.97
N GLY A 350 -12.27 28.55 -1.21
CA GLY A 350 -11.10 27.92 -0.66
C GLY A 350 -11.23 27.61 0.82
N THR A 351 -10.09 27.35 1.45
CA THR A 351 -10.05 27.18 2.89
C THR A 351 -9.08 28.15 3.54
N SER A 352 -9.07 28.12 4.86
CA SER A 352 -8.36 29.12 5.67
C SER A 352 -6.87 28.83 5.67
N GLU A 353 -6.09 29.74 5.08
CA GLU A 353 -4.65 29.55 4.98
C GLU A 353 -3.87 30.37 6.01
N ILE A 354 -4.00 31.70 5.96
CA ILE A 354 -3.09 32.61 6.66
C ILE A 354 -3.85 33.38 7.71
N LYS A 355 -3.56 33.12 8.97
CA LYS A 355 -4.07 33.99 10.01
C LYS A 355 -3.16 35.21 10.09
N TYR A 356 -3.62 36.27 10.76
CA TYR A 356 -3.04 37.60 10.58
C TYR A 356 -1.81 37.84 11.44
N GLY A 357 -1.92 37.62 12.75
CA GLY A 357 -0.79 37.88 13.63
C GLY A 357 0.27 36.79 13.64
N ASP A 358 -0.12 35.55 13.34
CA ASP A 358 0.80 34.42 13.33
C ASP A 358 1.13 34.05 11.87
N SER A 359 2.07 34.81 11.31
CA SER A 359 2.41 34.66 9.90
C SER A 359 3.80 35.21 9.68
N VAL A 360 4.56 34.54 8.82
CA VAL A 360 5.84 35.05 8.34
C VAL A 360 5.80 34.96 6.81
N CYS A 361 5.39 36.05 6.19
CA CYS A 361 5.20 36.10 4.75
C CYS A 361 6.48 36.62 4.12
N PHE A 362 7.17 35.75 3.41
CA PHE A 362 8.42 36.09 2.74
C PHE A 362 8.11 36.39 1.28
N ILE A 363 8.42 37.60 0.85
CA ILE A 363 8.01 38.06 -0.47
C ILE A 363 9.01 37.60 -1.51
N GLN A 364 8.50 37.14 -2.65
CA GLN A 364 9.35 36.56 -3.68
C GLN A 364 8.69 36.76 -5.03
N HIS A 365 9.47 37.19 -6.01
CA HIS A 365 8.93 37.43 -7.33
C HIS A 365 8.71 36.13 -8.09
N ILE A 366 7.99 36.23 -9.21
CA ILE A 366 7.85 35.11 -10.16
C ILE A 366 8.99 35.11 -11.18
N GLY A 367 9.26 36.25 -11.83
CA GLY A 367 10.27 36.28 -12.87
C GLY A 367 11.70 36.19 -12.38
N THR A 368 11.98 36.76 -11.21
CA THR A 368 13.34 36.72 -10.66
C THR A 368 13.48 35.79 -9.47
N GLY A 369 12.49 35.74 -8.59
CA GLY A 369 12.59 34.88 -7.43
C GLY A 369 13.45 35.41 -6.32
N LEU A 370 13.70 36.71 -6.27
CA LEU A 370 14.53 37.32 -5.25
C LEU A 370 13.76 37.44 -3.94
N TRP A 371 14.32 38.17 -2.99
CA TRP A 371 13.73 38.35 -1.67
C TRP A 371 13.88 39.80 -1.24
N LEU A 372 12.76 40.49 -1.09
CA LEU A 372 12.76 41.89 -0.70
C LEU A 372 13.22 42.04 0.73
N THR A 373 14.47 42.46 0.93
CA THR A 373 14.93 42.75 2.27
C THR A 373 15.29 44.22 2.38
N TYR A 374 15.30 44.69 3.62
CA TYR A 374 15.66 46.05 3.90
C TYR A 374 17.15 46.25 3.71
N GLN A 375 17.51 47.43 3.22
CA GLN A 375 18.90 47.84 3.12
C GLN A 375 19.35 48.42 4.46
N SER A 376 20.51 49.08 4.43
CA SER A 376 21.08 49.62 5.65
C SER A 376 21.34 51.12 5.49
N SER A 386 14.80 60.28 9.70
CA SER A 386 13.89 59.21 9.31
C SER A 386 14.53 57.85 9.50
N ILE A 387 13.71 56.81 9.42
CA ILE A 387 14.19 55.43 9.39
C ILE A 387 14.04 54.96 7.96
N GLN A 388 15.17 54.79 7.26
CA GLN A 388 15.17 54.63 5.82
C GLN A 388 15.78 53.30 5.39
N ARG A 389 15.36 52.21 6.02
CA ARG A 389 15.78 50.86 5.62
C ARG A 389 15.04 50.53 4.32
N LYS A 390 15.60 50.99 3.22
CA LYS A 390 14.94 50.92 1.92
C LYS A 390 14.90 49.48 1.42
N ALA A 391 13.74 49.05 0.95
CA ALA A 391 13.58 47.67 0.49
C ALA A 391 14.21 47.48 -0.87
N ILE A 392 15.05 46.44 -0.98
CA ILE A 392 15.70 46.04 -2.22
C ILE A 392 15.66 44.52 -2.28
N MET A 393 15.33 44.00 -3.48
CA MET A 393 15.32 42.57 -3.71
C MET A 393 16.76 42.02 -3.71
N HIS A 394 17.11 41.30 -2.66
CA HIS A 394 18.39 40.63 -2.47
C HIS A 394 18.23 39.17 -2.90
N HIS A 395 19.35 38.45 -3.01
CA HIS A 395 19.27 37.04 -3.40
C HIS A 395 19.05 36.12 -2.22
N GLU A 396 19.45 36.52 -1.01
CA GLU A 396 19.18 35.71 0.18
C GLU A 396 18.30 36.44 1.19
N GLY A 397 18.63 37.67 1.56
CA GLY A 397 17.94 38.36 2.62
C GLY A 397 18.33 37.83 3.99
N HIS A 398 17.93 38.58 4.99
CA HIS A 398 18.20 38.25 6.38
C HIS A 398 16.99 37.52 6.95
N MET A 399 16.99 37.33 8.26
CA MET A 399 15.90 36.63 8.93
C MET A 399 14.76 37.54 9.36
N ASP A 400 14.57 38.67 8.69
CA ASP A 400 13.50 39.60 9.06
C ASP A 400 12.56 39.88 7.88
N ASP A 401 12.61 39.05 6.85
CA ASP A 401 11.69 39.18 5.72
C ASP A 401 10.40 38.41 5.94
N GLY A 402 10.18 37.84 7.12
CA GLY A 402 8.90 37.29 7.47
C GLY A 402 8.00 38.38 8.01
N LEU A 403 7.52 39.24 7.11
CA LEU A 403 6.71 40.37 7.51
C LEU A 403 5.33 39.89 7.94
N ASN A 404 4.95 40.27 9.16
CA ASN A 404 3.63 39.93 9.66
C ASN A 404 2.58 40.83 9.02
N LEU A 405 1.32 40.51 9.25
CA LEU A 405 0.24 41.20 8.57
C LEU A 405 -0.76 41.78 9.55
N SER A 406 -1.49 42.78 9.07
CA SER A 406 -2.52 43.45 9.85
C SER A 406 -3.54 44.03 8.86
N ARG A 407 -4.70 43.40 8.77
CA ARG A 407 -5.78 43.92 7.94
C ARG A 407 -6.35 45.18 8.56
N SER A 408 -6.94 46.02 7.73
CA SER A 408 -7.55 47.24 8.22
C SER A 408 -9.06 47.06 8.29
N GLN A 409 -9.75 48.11 8.72
CA GLN A 409 -11.19 48.10 8.85
C GLN A 409 -11.81 48.85 7.69
N HIS A 410 -13.13 48.75 7.57
CA HIS A 410 -13.82 49.22 6.38
C HIS A 410 -13.82 50.72 6.26
N GLU A 411 -13.89 51.43 7.38
CA GLU A 411 -13.92 52.89 7.32
C GLU A 411 -12.58 53.48 6.92
N GLU A 412 -11.47 52.83 7.27
CA GLU A 412 -10.17 53.33 6.87
C GLU A 412 -9.99 53.20 5.38
N SER A 413 -10.36 52.05 4.81
CA SER A 413 -10.28 51.87 3.37
C SER A 413 -11.26 52.78 2.63
N ARG A 414 -12.41 53.06 3.25
CA ARG A 414 -13.38 53.97 2.66
C ARG A 414 -12.82 55.39 2.58
N THR A 415 -12.15 55.84 3.64
CA THR A 415 -11.45 57.12 3.57
C THR A 415 -10.33 57.06 2.55
N ALA A 416 -9.66 55.91 2.47
CA ALA A 416 -8.45 55.81 1.67
C ALA A 416 -8.75 55.95 0.20
N ARG A 417 -9.81 55.30 -0.27
CA ARG A 417 -10.15 55.41 -1.68
C ARG A 417 -10.66 56.80 -2.02
N VAL A 418 -11.44 57.41 -1.13
CA VAL A 418 -12.01 58.71 -1.44
C VAL A 418 -10.97 59.81 -1.38
N ILE A 419 -9.87 59.61 -0.64
CA ILE A 419 -8.78 60.57 -0.64
C ILE A 419 -8.20 60.71 -2.04
N ARG A 420 -7.85 59.58 -2.65
CA ARG A 420 -7.24 59.61 -3.97
C ARG A 420 -8.25 60.01 -5.02
N SER A 421 -9.52 59.63 -4.83
CA SER A 421 -10.54 60.01 -5.78
C SER A 421 -10.77 61.52 -5.79
N THR A 422 -10.61 62.17 -4.65
CA THR A 422 -10.72 63.62 -4.64
C THR A 422 -9.43 64.29 -5.08
N VAL A 423 -8.28 63.67 -4.80
CA VAL A 423 -6.99 64.21 -5.21
C VAL A 423 -6.90 64.31 -6.72
N PHE A 424 -7.31 63.24 -7.39
CA PHE A 424 -7.20 63.22 -8.84
C PHE A 424 -8.21 64.13 -9.52
N LEU A 425 -9.23 64.59 -8.80
CA LEU A 425 -10.11 65.57 -9.39
C LEU A 425 -9.67 66.99 -9.08
N PHE A 426 -9.13 67.19 -7.87
CA PHE A 426 -8.62 68.50 -7.51
C PHE A 426 -7.42 68.89 -8.37
N ASN A 427 -6.59 67.91 -8.72
CA ASN A 427 -5.43 68.25 -9.55
C ASN A 427 -5.86 68.56 -10.98
N ARG A 428 -6.90 67.89 -11.48
CA ARG A 428 -7.48 68.25 -12.77
C ARG A 428 -8.07 69.65 -12.75
N PHE A 429 -8.75 70.02 -11.66
CA PHE A 429 -9.23 71.36 -11.45
C PHE A 429 -8.11 72.40 -11.42
N ILE A 430 -7.01 72.08 -10.74
CA ILE A 430 -5.89 73.01 -10.63
C ILE A 430 -5.25 73.24 -11.99
N ARG A 431 -5.04 72.17 -12.75
CA ARG A 431 -4.36 72.33 -14.03
C ARG A 431 -5.29 72.94 -15.07
N GLY A 432 -6.59 72.71 -14.96
CA GLY A 432 -7.52 73.38 -15.85
C GLY A 432 -7.68 74.84 -15.51
N LEU A 433 -7.45 75.20 -14.26
CA LEU A 433 -7.46 76.59 -13.90
C LEU A 433 -6.17 77.31 -14.27
N ASP A 434 -5.04 76.62 -14.19
CA ASP A 434 -3.78 77.22 -14.59
C ASP A 434 -3.60 77.27 -16.10
N ALA A 435 -4.33 76.43 -16.83
CA ALA A 435 -4.28 76.51 -18.29
C ALA A 435 -4.90 77.81 -18.79
N LEU A 436 -6.00 78.23 -18.18
CA LEU A 436 -6.63 79.50 -18.49
C LEU A 436 -5.96 80.67 -17.82
N SER A 437 -4.87 80.44 -17.09
CA SER A 437 -4.07 81.55 -16.57
C SER A 437 -3.11 82.10 -17.61
N LYS A 438 -3.10 81.53 -18.81
CA LYS A 438 -2.32 82.05 -19.93
C LYS A 438 -3.05 83.24 -20.55
N LYS A 439 -2.60 83.67 -21.73
CA LYS A 439 -3.27 84.75 -22.44
C LYS A 439 -4.63 84.30 -22.93
N ALA A 440 -4.66 83.28 -23.78
CA ALA A 440 -5.92 82.77 -24.30
C ALA A 440 -5.72 81.31 -24.70
N LYS A 441 -6.14 80.38 -23.84
CA LYS A 441 -6.24 78.98 -24.23
C LYS A 441 -7.53 78.71 -25.01
N ALA A 442 -8.67 79.04 -24.41
CA ALA A 442 -9.98 79.18 -25.04
C ALA A 442 -10.53 77.91 -25.66
N SER A 443 -9.84 76.78 -25.52
CA SER A 443 -10.30 75.51 -26.04
C SER A 443 -10.04 74.34 -25.11
N THR A 444 -9.48 74.60 -23.93
CA THR A 444 -9.07 73.54 -23.03
C THR A 444 -10.31 72.86 -22.46
N VAL A 445 -10.43 71.56 -22.73
CA VAL A 445 -11.58 70.79 -22.30
C VAL A 445 -11.37 70.21 -20.91
N ASP A 446 -10.11 70.14 -20.45
CA ASP A 446 -9.81 69.59 -19.13
C ASP A 446 -10.18 70.60 -18.05
N LEU A 447 -11.49 70.77 -17.87
CA LEU A 447 -12.03 71.66 -16.85
C LEU A 447 -13.39 71.12 -16.43
N PRO A 448 -13.41 70.20 -15.47
CA PRO A 448 -14.69 69.67 -14.99
C PRO A 448 -15.33 70.63 -14.00
N ILE A 449 -16.64 70.76 -14.10
CA ILE A 449 -17.36 71.66 -13.20
C ILE A 449 -18.44 70.88 -12.48
N GLU A 450 -19.32 70.24 -13.24
CA GLU A 450 -20.41 69.49 -12.63
C GLU A 450 -19.92 68.22 -11.96
N SER A 451 -18.71 67.77 -12.28
CA SER A 451 -18.13 66.66 -11.55
C SER A 451 -17.41 67.12 -10.29
N VAL A 452 -17.07 68.40 -10.20
CA VAL A 452 -16.41 68.93 -9.02
C VAL A 452 -17.39 69.55 -8.06
N SER A 453 -18.30 70.37 -8.58
CA SER A 453 -19.33 71.00 -7.75
C SER A 453 -20.27 69.97 -7.15
N LEU A 454 -20.40 68.80 -7.75
CA LEU A 454 -21.10 67.71 -7.09
C LEU A 454 -20.26 67.14 -5.96
N SER A 455 -18.96 66.97 -6.20
CA SER A 455 -18.09 66.29 -5.25
C SER A 455 -17.90 67.07 -3.97
N LEU A 456 -18.01 68.39 -4.01
CA LEU A 456 -17.88 69.17 -2.79
C LEU A 456 -19.03 68.92 -1.83
N GLN A 457 -20.23 68.75 -2.34
CA GLN A 457 -21.33 68.44 -1.44
C GLN A 457 -21.21 67.03 -0.88
N ASP A 458 -20.61 66.12 -1.65
CA ASP A 458 -20.38 64.78 -1.11
C ASP A 458 -19.34 64.80 -0.01
N LEU A 459 -18.31 65.64 -0.15
CA LEU A 459 -17.34 65.73 0.94
C LEU A 459 -17.87 66.47 2.15
N ILE A 460 -18.71 67.48 1.94
CA ILE A 460 -19.37 68.17 3.05
C ILE A 460 -20.24 67.18 3.81
N GLY A 461 -21.06 66.42 3.09
CA GLY A 461 -21.88 65.40 3.72
C GLY A 461 -21.09 64.26 4.32
N TYR A 462 -19.88 64.03 3.82
CA TYR A 462 -19.03 63.01 4.43
C TYR A 462 -18.44 63.47 5.73
N PHE A 463 -18.10 64.74 5.84
CA PHE A 463 -17.49 65.25 7.07
C PHE A 463 -18.51 65.90 7.98
N HIS A 464 -19.74 65.45 7.92
CA HIS A 464 -20.80 66.15 8.61
C HIS A 464 -20.79 65.81 10.09
N PRO A 465 -20.98 66.79 10.98
CA PRO A 465 -21.01 66.47 12.40
C PRO A 465 -22.34 65.81 12.75
N PRO A 466 -22.35 64.92 13.74
CA PRO A 466 -23.62 64.29 14.12
C PRO A 466 -24.50 65.27 14.86
N ASP A 467 -25.80 65.01 14.81
CA ASP A 467 -26.77 65.95 15.33
C ASP A 467 -26.88 65.84 16.85
N GLU A 468 -27.93 66.46 17.39
CA GLU A 468 -28.20 66.28 18.80
C GLU A 468 -29.12 65.09 19.03
N HIS A 469 -30.12 64.92 18.18
CA HIS A 469 -31.16 63.92 18.43
C HIS A 469 -30.64 62.53 18.14
N LEU A 470 -29.83 62.01 19.05
CA LEU A 470 -29.16 60.76 18.81
C LEU A 470 -28.83 60.13 20.16
N GLU A 471 -28.79 58.81 20.17
CA GLU A 471 -28.49 58.07 21.38
C GLU A 471 -27.02 58.17 21.72
N HIS A 472 -26.71 58.11 23.01
CA HIS A 472 -25.35 58.38 23.44
C HIS A 472 -24.43 57.18 23.30
N GLU A 473 -24.91 56.06 22.79
CA GLU A 473 -24.00 54.98 22.48
C GLU A 473 -23.55 55.01 21.03
N ASP A 474 -24.24 55.76 20.18
CA ASP A 474 -23.82 55.89 18.79
C ASP A 474 -23.33 57.27 18.45
N LYS A 475 -23.70 58.27 19.27
CA LYS A 475 -23.15 59.60 19.09
C LYS A 475 -21.65 59.60 19.29
N GLN A 476 -21.17 58.84 20.28
CA GLN A 476 -19.73 58.66 20.46
C GLN A 476 -19.09 57.95 19.28
N ASN A 477 -19.77 56.96 18.70
CA ASN A 477 -19.23 56.27 17.55
C ASN A 477 -19.10 57.18 16.35
N ARG A 478 -20.13 57.97 16.07
CA ARG A 478 -20.06 58.86 14.92
C ARG A 478 -19.07 59.99 15.16
N LEU A 479 -18.95 60.47 16.40
CA LEU A 479 -17.95 61.49 16.71
C LEU A 479 -16.54 60.97 16.53
N ARG A 480 -16.28 59.76 16.99
CA ARG A 480 -14.97 59.14 16.84
C ARG A 480 -14.64 58.89 15.38
N ALA A 481 -15.63 58.42 14.61
CA ALA A 481 -15.40 58.22 13.19
C ALA A 481 -15.15 59.52 12.46
N LEU A 482 -15.83 60.60 12.84
CA LEU A 482 -15.57 61.90 12.23
C LEU A 482 -14.16 62.39 12.53
N LYS A 483 -13.70 62.23 13.76
CA LYS A 483 -12.34 62.63 14.09
C LYS A 483 -11.30 61.78 13.36
N ASN A 484 -11.57 60.50 13.18
CA ASN A 484 -10.66 59.66 12.41
C ASN A 484 -10.58 60.12 10.96
N ARG A 485 -11.73 60.47 10.37
CA ARG A 485 -11.72 60.96 8.99
C ARG A 485 -10.98 62.28 8.87
N GLN A 486 -11.14 63.17 9.86
CA GLN A 486 -10.41 64.44 9.85
C GLN A 486 -8.92 64.24 9.96
N ASN A 487 -8.46 63.30 10.79
CA ASN A 487 -7.03 63.09 10.90
C ASN A 487 -6.42 62.44 9.66
N LEU A 488 -7.11 61.46 9.09
CA LEU A 488 -6.63 60.87 7.85
C LEU A 488 -6.65 61.83 6.68
N PHE A 489 -7.55 62.81 6.68
CA PHE A 489 -7.45 63.85 5.66
C PHE A 489 -6.38 64.87 6.00
N GLN A 490 -6.03 65.02 7.28
CA GLN A 490 -4.96 65.94 7.64
C GLN A 490 -3.62 65.44 7.16
N GLU A 491 -3.37 64.13 7.35
CA GLU A 491 -2.02 63.61 7.17
C GLU A 491 -1.58 63.63 5.71
N GLU A 492 -2.52 63.66 4.79
CA GLU A 492 -2.10 63.76 3.40
C GLU A 492 -2.12 65.19 2.90
N GLY A 493 -2.50 66.14 3.74
CA GLY A 493 -2.37 67.53 3.37
C GLY A 493 -3.46 68.06 2.49
N MET A 494 -4.67 67.52 2.61
CA MET A 494 -5.79 67.98 1.79
C MET A 494 -6.21 69.40 2.14
N ILE A 495 -5.89 69.84 3.36
CA ILE A 495 -6.05 71.23 3.73
C ILE A 495 -5.27 72.12 2.77
N ASN A 496 -4.01 71.78 2.51
CA ASN A 496 -3.22 72.53 1.55
C ASN A 496 -3.76 72.36 0.14
N LEU A 497 -4.31 71.19 -0.16
CA LEU A 497 -4.82 70.91 -1.49
C LEU A 497 -6.08 71.69 -1.79
N VAL A 498 -6.80 72.15 -0.76
CA VAL A 498 -7.91 73.05 -1.03
C VAL A 498 -7.48 74.50 -0.87
N LEU A 499 -6.42 74.74 -0.08
CA LEU A 499 -5.87 76.08 0.05
C LEU A 499 -5.31 76.56 -1.28
N GLU A 500 -4.77 75.65 -2.08
CA GLU A 500 -4.28 76.04 -3.39
C GLU A 500 -5.42 76.43 -4.33
N CYS A 501 -6.55 75.75 -4.26
CA CYS A 501 -7.69 76.16 -5.08
C CYS A 501 -8.25 77.48 -4.62
N ILE A 502 -8.18 77.76 -3.32
CA ILE A 502 -8.57 79.08 -2.84
C ILE A 502 -7.60 80.15 -3.34
N ASP A 503 -6.30 79.83 -3.38
CA ASP A 503 -5.31 80.72 -3.96
C ASP A 503 -5.62 81.02 -5.42
N ARG A 504 -5.97 79.99 -6.18
CA ARG A 504 -6.18 80.17 -7.60
C ARG A 504 -7.47 80.93 -7.89
N LEU A 505 -8.55 80.59 -7.21
CA LEU A 505 -9.85 81.06 -7.65
C LEU A 505 -10.13 82.51 -7.28
N HIS A 506 -9.35 83.10 -6.38
CA HIS A 506 -9.62 84.46 -5.96
C HIS A 506 -8.90 85.47 -6.84
N VAL A 507 -9.21 85.40 -8.13
CA VAL A 507 -8.69 86.31 -9.12
C VAL A 507 -9.73 87.34 -9.54
N TYR A 508 -10.90 86.89 -9.94
CA TYR A 508 -11.88 87.74 -10.58
C TYR A 508 -12.88 88.24 -9.56
N SER A 509 -13.93 88.89 -10.07
CA SER A 509 -15.10 89.17 -9.25
C SER A 509 -16.38 89.04 -10.05
N SER A 510 -16.29 88.51 -11.28
CA SER A 510 -17.37 88.46 -12.28
C SER A 510 -18.18 89.75 -12.46
N VAL A 517 -13.72 86.19 -16.16
CA VAL A 517 -13.21 84.96 -15.59
C VAL A 517 -12.62 84.13 -16.74
N ALA A 518 -13.51 83.47 -17.46
CA ALA A 518 -13.18 82.51 -18.48
C ALA A 518 -14.33 82.54 -19.48
N GLY A 519 -14.52 81.42 -20.18
CA GLY A 519 -15.77 81.20 -20.86
C GLY A 519 -16.87 81.28 -19.82
N ARG A 520 -17.61 82.38 -19.88
CA ARG A 520 -18.43 82.86 -18.77
C ARG A 520 -19.86 82.32 -18.84
N GLU A 521 -20.04 81.10 -19.35
CA GLU A 521 -21.32 80.44 -19.18
C GLU A 521 -21.17 79.13 -18.41
N ALA A 522 -20.12 78.36 -18.71
CA ALA A 522 -19.83 77.16 -17.94
C ALA A 522 -19.36 77.51 -16.54
N GLY A 523 -18.50 78.53 -16.41
CA GLY A 523 -18.10 79.05 -15.12
C GLY A 523 -19.03 80.14 -14.62
N GLU A 524 -20.33 79.86 -14.68
CA GLU A 524 -21.32 80.75 -14.10
C GLU A 524 -21.46 80.51 -12.60
N SER A 525 -21.16 79.31 -12.12
CA SER A 525 -21.37 78.92 -10.74
C SER A 525 -20.16 79.15 -9.87
N TRP A 526 -19.26 80.05 -10.29
CA TRP A 526 -17.97 80.20 -9.63
C TRP A 526 -18.10 80.71 -8.21
N LYS A 527 -19.06 81.61 -7.96
CA LYS A 527 -19.34 82.01 -6.59
C LYS A 527 -19.86 80.82 -5.78
N SER A 528 -20.80 80.06 -6.35
CA SER A 528 -21.41 78.98 -5.60
C SER A 528 -20.47 77.81 -5.44
N ILE A 529 -19.43 77.72 -6.25
CA ILE A 529 -18.36 76.80 -5.94
C ILE A 529 -17.53 77.35 -4.78
N LEU A 530 -17.16 78.62 -4.87
CA LEU A 530 -16.20 79.20 -3.93
C LEU A 530 -16.76 79.26 -2.52
N ASN A 531 -18.00 79.69 -2.39
CA ASN A 531 -18.68 79.67 -1.11
C ASN A 531 -18.83 78.24 -0.59
N SER A 532 -18.99 77.28 -1.49
CA SER A 532 -19.01 75.90 -1.05
C SER A 532 -17.62 75.37 -0.77
N LEU A 533 -16.59 76.06 -1.24
CA LEU A 533 -15.23 75.61 -0.99
C LEU A 533 -14.81 75.90 0.44
N TYR A 534 -14.98 77.15 0.87
CA TYR A 534 -14.64 77.57 2.22
C TYR A 534 -15.35 76.75 3.26
N GLU A 535 -16.59 76.36 2.96
CA GLU A 535 -17.38 75.50 3.82
C GLU A 535 -16.68 74.18 4.09
N LEU A 536 -16.06 73.60 3.08
CA LEU A 536 -15.28 72.38 3.27
C LEU A 536 -14.12 72.63 4.21
N LEU A 537 -13.49 73.80 4.09
CA LEU A 537 -12.41 74.17 4.98
C LEU A 537 -12.90 74.31 6.41
N ALA A 538 -14.17 74.66 6.59
CA ALA A 538 -14.67 74.74 7.95
C ALA A 538 -14.93 73.37 8.53
N ALA A 539 -15.08 72.35 7.70
CA ALA A 539 -15.41 71.04 8.26
C ALA A 539 -14.16 70.25 8.63
N LEU A 540 -13.04 70.51 7.97
CA LEU A 540 -11.85 69.74 8.28
C LEU A 540 -11.17 70.16 9.56
N ILE A 541 -11.49 71.32 10.11
CA ILE A 541 -10.70 71.84 11.21
C ILE A 541 -11.58 71.95 12.45
N ARG A 542 -12.83 71.53 12.35
CA ARG A 542 -13.79 71.86 13.39
C ARG A 542 -13.53 71.13 14.70
N GLY A 543 -13.21 69.85 14.64
CA GLY A 543 -13.00 69.12 15.88
C GLY A 543 -11.56 69.11 16.34
N ASN A 544 -10.64 68.75 15.45
CA ASN A 544 -9.27 68.43 15.82
C ASN A 544 -8.46 69.67 16.15
N ARG A 545 -8.02 69.74 17.40
CA ARG A 545 -7.00 70.70 17.80
C ARG A 545 -5.68 70.40 17.10
N LYS A 546 -5.44 69.12 16.79
CA LYS A 546 -4.29 68.73 15.99
C LYS A 546 -4.37 69.32 14.60
N ASN A 547 -5.57 69.36 14.01
CA ASN A 547 -5.73 70.10 12.77
C ASN A 547 -5.49 71.58 12.94
N CYS A 548 -5.94 72.14 14.05
CA CYS A 548 -5.87 73.58 14.22
C CYS A 548 -4.44 74.05 14.40
N ALA A 549 -3.59 73.21 14.99
CA ALA A 549 -2.18 73.58 15.13
C ALA A 549 -1.47 73.64 13.79
N GLN A 550 -1.85 72.80 12.85
CA GLN A 550 -1.24 72.84 11.52
C GLN A 550 -1.79 73.95 10.66
N PHE A 551 -2.86 74.58 11.09
CA PHE A 551 -3.43 75.73 10.38
C PHE A 551 -3.05 77.02 11.10
N SER A 552 -1.95 76.98 11.85
CA SER A 552 -1.51 78.18 12.57
C SER A 552 -0.95 79.22 11.62
N GLY A 553 -0.03 78.82 10.75
CA GLY A 553 0.77 79.76 10.01
C GLY A 553 0.05 80.53 8.93
N SER A 554 -1.01 79.95 8.36
CA SER A 554 -1.61 80.60 7.22
C SER A 554 -2.78 81.50 7.56
N LEU A 555 -2.93 81.89 8.83
CA LEU A 555 -4.06 82.73 9.20
C LEU A 555 -3.93 84.14 8.65
N ASP A 556 -2.69 84.63 8.56
CA ASP A 556 -2.43 85.98 8.06
C ASP A 556 -2.89 86.16 6.63
N TRP A 557 -2.71 85.15 5.81
CA TRP A 557 -3.21 85.18 4.44
C TRP A 557 -4.74 85.14 4.41
N LEU A 558 -5.36 84.46 5.36
CA LEU A 558 -6.82 84.43 5.42
C LEU A 558 -7.37 85.80 5.75
N ILE A 559 -6.79 86.47 6.74
CA ILE A 559 -7.26 87.81 7.05
C ILE A 559 -6.83 88.80 5.97
N SER A 560 -5.83 88.46 5.17
CA SER A 560 -5.58 89.24 3.96
C SER A 560 -6.73 89.12 2.98
N ARG A 561 -7.21 87.89 2.76
CA ARG A 561 -8.38 87.68 1.90
C ARG A 561 -9.69 88.11 2.54
N LEU A 562 -9.67 88.50 3.82
CA LEU A 562 -10.90 88.92 4.49
C LEU A 562 -11.50 90.19 3.89
N GLU A 563 -10.71 90.98 3.17
CA GLU A 563 -11.21 92.15 2.49
C GLU A 563 -11.75 91.84 1.09
N ARG A 564 -11.95 90.57 0.76
CA ARG A 564 -12.47 90.27 -0.57
C ARG A 564 -13.96 90.56 -0.64
N LEU A 565 -14.67 90.37 0.48
CA LEU A 565 -16.04 90.82 0.69
C LEU A 565 -17.04 90.20 -0.27
N GLU A 566 -16.69 89.11 -0.88
CA GLU A 566 -17.59 88.32 -1.71
C GLU A 566 -17.78 86.93 -1.16
N ALA A 567 -16.77 86.40 -0.47
CA ALA A 567 -16.86 85.14 0.25
C ALA A 567 -16.38 85.31 1.68
N SER A 568 -16.70 86.47 2.28
CA SER A 568 -16.30 86.74 3.65
C SER A 568 -17.05 85.89 4.65
N SER A 569 -18.23 85.39 4.29
CA SER A 569 -18.96 84.49 5.17
C SER A 569 -18.20 83.20 5.41
N GLY A 570 -17.49 82.70 4.42
CA GLY A 570 -16.71 81.51 4.62
C GLY A 570 -15.49 81.80 5.47
N ILE A 571 -14.87 82.95 5.24
CA ILE A 571 -13.63 83.27 5.93
C ILE A 571 -13.90 83.53 7.40
N LEU A 572 -15.02 84.17 7.72
CA LEU A 572 -15.32 84.46 9.10
C LEU A 572 -15.68 83.19 9.85
N GLU A 573 -16.39 82.28 9.19
CA GLU A 573 -16.68 80.99 9.78
C GLU A 573 -15.43 80.16 10.01
N VAL A 574 -14.50 80.15 9.06
CA VAL A 574 -13.27 79.38 9.21
C VAL A 574 -12.43 79.94 10.35
N LEU A 575 -12.33 81.26 10.43
CA LEU A 575 -11.54 81.88 11.49
C LEU A 575 -12.17 81.66 12.85
N HIS A 576 -13.49 81.76 12.95
CA HIS A 576 -14.15 81.52 14.22
C HIS A 576 -14.08 80.06 14.62
N CYS A 577 -14.02 79.17 13.65
CA CYS A 577 -13.93 77.75 13.92
C CYS A 577 -12.49 77.31 14.09
N VAL A 578 -11.55 78.23 13.93
CA VAL A 578 -10.16 78.03 14.32
C VAL A 578 -9.87 78.56 15.72
N LEU A 579 -10.32 79.77 16.03
CA LEU A 579 -9.86 80.45 17.24
C LEU A 579 -10.31 79.79 18.54
N VAL A 580 -11.38 79.01 18.52
CA VAL A 580 -11.84 78.41 19.78
C VAL A 580 -11.15 77.08 20.05
N GLU A 581 -10.46 76.53 19.05
CA GLU A 581 -10.03 75.13 19.11
C GLU A 581 -8.56 74.95 19.40
N SER A 582 -7.72 75.94 19.10
CA SER A 582 -6.34 75.88 19.55
C SER A 582 -5.95 77.16 20.27
N PRO A 583 -5.25 77.05 21.40
CA PRO A 583 -4.66 78.24 22.01
C PRO A 583 -3.40 78.70 21.32
N GLU A 584 -2.73 77.81 20.59
CA GLU A 584 -1.52 78.19 19.88
C GLU A 584 -1.83 79.15 18.74
N ALA A 585 -2.99 78.96 18.10
CA ALA A 585 -3.40 79.86 17.03
C ALA A 585 -3.87 81.21 17.53
N LEU A 586 -3.92 81.41 18.84
CA LEU A 586 -4.24 82.72 19.36
C LEU A 586 -2.99 83.56 19.55
N ASN A 587 -1.81 82.95 19.48
CA ASN A 587 -0.59 83.68 19.72
C ASN A 587 -0.06 84.39 18.48
N ILE A 588 -0.38 83.86 17.29
CA ILE A 588 0.09 84.48 16.06
C ILE A 588 -0.56 85.85 15.85
N ILE A 589 -1.84 85.96 16.20
CA ILE A 589 -2.66 87.03 15.66
C ILE A 589 -2.35 88.35 16.36
N LYS A 590 -2.05 89.36 15.55
CA LYS A 590 -1.51 90.63 16.02
C LYS A 590 -2.48 91.78 15.74
N GLU A 591 -2.00 92.98 16.04
CA GLU A 591 -2.83 94.17 16.06
C GLU A 591 -3.33 94.53 14.67
N GLY A 592 -2.51 94.30 13.65
CA GLY A 592 -2.93 94.53 12.27
C GLY A 592 -4.05 93.63 11.82
N HIS A 593 -4.18 92.45 12.40
CA HIS A 593 -5.31 91.59 12.09
C HIS A 593 -6.57 92.06 12.80
N ILE A 594 -6.46 92.43 14.07
CA ILE A 594 -7.61 92.85 14.84
C ILE A 594 -8.20 94.13 14.26
N LYS A 595 -7.34 95.03 13.78
CA LYS A 595 -7.88 96.23 13.15
C LYS A 595 -8.57 95.95 11.83
N SER A 596 -8.15 94.91 11.11
CA SER A 596 -8.88 94.56 9.90
C SER A 596 -10.23 93.92 10.22
N ILE A 597 -10.26 93.10 11.28
CA ILE A 597 -11.52 92.53 11.75
C ILE A 597 -12.46 93.63 12.20
N ILE A 598 -11.91 94.66 12.85
CA ILE A 598 -12.68 95.83 13.25
C ILE A 598 -13.23 96.55 12.04
N SER A 599 -12.38 96.79 11.03
CA SER A 599 -12.79 97.54 9.85
C SER A 599 -13.85 96.81 9.03
N LEU A 600 -13.88 95.48 9.09
CA LEU A 600 -14.99 94.77 8.48
C LEU A 600 -16.32 95.13 9.13
N LEU A 601 -16.30 95.44 10.42
CA LEU A 601 -17.54 95.72 11.12
C LEU A 601 -18.07 97.11 10.79
N ASP A 602 -17.23 98.02 10.31
CA ASP A 602 -17.79 99.27 9.83
C ASP A 602 -18.16 99.19 8.36
N LYS A 603 -17.45 98.38 7.59
CA LYS A 603 -17.83 98.25 6.19
C LYS A 603 -19.11 97.44 6.02
N HIS A 604 -19.45 96.59 6.98
CA HIS A 604 -20.51 95.62 6.76
C HIS A 604 -21.66 95.67 7.74
N GLY A 605 -21.90 96.81 8.38
CA GLY A 605 -23.12 96.97 9.13
C GLY A 605 -23.17 96.27 10.46
N ARG A 606 -24.05 95.28 10.58
CA ARG A 606 -24.32 94.60 11.84
C ARG A 606 -24.20 93.11 11.58
N ASN A 607 -23.02 92.57 11.82
CA ASN A 607 -22.79 91.14 11.66
C ASN A 607 -22.38 90.57 13.00
N HIS A 608 -23.30 89.86 13.64
CA HIS A 608 -23.06 89.35 14.97
C HIS A 608 -21.99 88.27 15.02
N LYS A 609 -21.66 87.64 13.89
CA LYS A 609 -20.56 86.68 13.91
C LYS A 609 -19.22 87.35 14.10
N VAL A 610 -19.11 88.62 13.75
CA VAL A 610 -17.90 89.37 14.09
C VAL A 610 -17.76 89.47 15.59
N LEU A 611 -18.85 89.73 16.29
CA LEU A 611 -18.75 89.75 17.73
C LEU A 611 -18.66 88.36 18.34
N ASP A 612 -19.09 87.33 17.65
CA ASP A 612 -18.81 85.99 18.12
C ASP A 612 -17.34 85.64 17.94
N VAL A 613 -16.68 86.24 16.95
CA VAL A 613 -15.23 86.11 16.86
C VAL A 613 -14.56 86.85 17.99
N LEU A 614 -14.89 88.13 18.15
CA LEU A 614 -14.20 88.96 19.13
C LEU A 614 -14.49 88.57 20.56
N CYS A 615 -15.62 87.91 20.82
CA CYS A 615 -15.87 87.37 22.14
C CYS A 615 -14.96 86.19 22.45
N SER A 616 -14.44 85.55 21.42
CA SER A 616 -13.53 84.43 21.60
C SER A 616 -12.08 84.83 21.40
N LEU A 617 -11.84 86.00 20.83
CA LEU A 617 -10.48 86.49 20.69
C LEU A 617 -9.90 86.97 21.99
N CYS A 618 -10.73 87.33 22.95
CA CYS A 618 -10.26 87.88 24.20
C CYS A 618 -10.36 86.93 25.36
N VAL A 619 -10.94 85.75 25.17
CA VAL A 619 -10.92 84.68 26.16
C VAL A 619 -10.76 83.37 25.40
N CYS A 620 -9.73 82.61 25.73
CA CYS A 620 -9.46 81.31 25.15
C CYS A 620 -10.32 80.24 25.81
N HIS A 621 -9.86 79.00 25.79
CA HIS A 621 -10.48 77.94 26.57
C HIS A 621 -10.67 78.34 28.02
N GLY A 622 -9.59 78.63 28.73
CA GLY A 622 -9.77 79.05 30.10
C GLY A 622 -9.16 80.39 30.40
N VAL A 623 -8.16 80.75 29.63
CA VAL A 623 -7.28 81.82 29.99
C VAL A 623 -7.71 83.10 29.29
N ALA A 624 -7.13 84.22 29.72
CA ALA A 624 -7.53 85.54 29.27
C ALA A 624 -6.33 86.24 28.65
N VAL A 625 -6.38 86.46 27.35
CA VAL A 625 -5.23 87.04 26.66
C VAL A 625 -5.24 88.55 26.74
N ARG A 626 -4.69 89.08 27.83
CA ARG A 626 -4.89 90.49 28.19
C ARG A 626 -4.11 91.46 27.33
N SER A 627 -3.43 91.01 26.28
CA SER A 627 -2.96 91.95 25.28
C SER A 627 -4.03 92.23 24.25
N ASN A 628 -4.98 91.30 24.08
CA ASN A 628 -6.06 91.54 23.15
C ASN A 628 -7.18 92.34 23.81
N GLN A 629 -7.29 92.25 25.12
CA GLN A 629 -8.38 92.95 25.79
C GLN A 629 -8.13 94.44 25.86
N HIS A 630 -6.88 94.86 26.05
CA HIS A 630 -6.60 96.28 25.94
C HIS A 630 -6.79 96.77 24.54
N LEU A 631 -6.50 95.92 23.55
CA LEU A 631 -6.56 96.31 22.16
C LEU A 631 -8.00 96.52 21.69
N ILE A 632 -8.89 95.60 22.05
CA ILE A 632 -10.29 95.72 21.70
C ILE A 632 -10.91 96.92 22.36
N CYS A 633 -10.59 97.15 23.63
CA CYS A 633 -11.08 98.31 24.33
C CYS A 633 -10.51 99.60 23.76
N ASP A 634 -9.33 99.55 23.17
CA ASP A 634 -8.77 100.75 22.58
C ASP A 634 -9.41 101.10 21.25
N ASN A 635 -9.69 100.12 20.40
CA ASN A 635 -10.18 100.43 19.06
C ASN A 635 -11.70 100.56 18.99
N LEU A 636 -12.42 99.51 19.33
CA LEU A 636 -13.85 99.47 19.06
C LEU A 636 -14.67 100.38 19.97
N LEU A 637 -14.26 100.56 21.21
CA LEU A 637 -15.03 101.36 22.16
C LEU A 637 -15.16 102.84 21.84
N PRO A 638 -14.11 103.67 21.85
CA PRO A 638 -14.32 105.10 22.06
C PRO A 638 -14.88 105.86 20.88
N GLY A 639 -15.08 105.19 19.74
CA GLY A 639 -15.63 105.89 18.59
C GLY A 639 -17.12 106.14 18.71
N ARG A 640 -17.81 105.30 19.49
CA ARG A 640 -19.28 105.29 19.62
C ARG A 640 -19.98 105.22 18.27
N ASP A 641 -19.39 104.47 17.33
CA ASP A 641 -19.90 104.52 15.96
C ASP A 641 -20.33 103.16 15.44
N LEU A 642 -19.60 102.12 15.75
CA LEU A 642 -19.96 100.79 15.28
C LEU A 642 -21.00 100.15 16.18
N LEU A 643 -21.23 100.72 17.35
CA LEU A 643 -22.00 100.04 18.39
C LEU A 643 -23.20 100.86 18.79
N LEU A 644 -24.20 100.17 19.32
CA LEU A 644 -25.46 100.82 19.65
C LEU A 644 -25.36 101.48 21.00
N GLN A 645 -25.07 102.77 21.01
CA GLN A 645 -24.93 103.51 22.26
C GLN A 645 -26.29 103.71 22.92
N THR A 646 -26.30 103.60 24.25
CA THR A 646 -27.53 103.65 25.03
C THR A 646 -27.41 104.66 26.16
N ARG A 647 -28.56 105.06 26.71
CA ARG A 647 -28.67 106.13 27.68
C ARG A 647 -30.04 106.04 28.33
N LEU A 648 -30.30 106.86 29.34
CA LEU A 648 -31.68 106.99 29.82
C LEU A 648 -32.02 108.47 29.92
N VAL A 649 -33.22 108.83 29.48
CA VAL A 649 -33.69 110.20 29.50
C VAL A 649 -35.01 110.26 30.25
N ASN A 650 -35.45 111.46 30.57
CA ASN A 650 -36.71 111.63 31.28
C ASN A 650 -37.87 111.55 30.30
N HIS A 651 -39.03 111.13 30.78
CA HIS A 651 -40.24 111.21 29.95
C HIS A 651 -40.63 112.65 29.73
N VAL A 652 -40.78 113.02 28.48
CA VAL A 652 -41.16 114.37 28.09
C VAL A 652 -42.67 114.42 27.91
N SER A 653 -43.26 115.55 28.26
CA SER A 653 -44.67 115.79 27.98
C SER A 653 -44.93 117.28 27.92
N SER A 654 -45.91 117.65 27.10
CA SER A 654 -46.25 119.03 26.79
C SER A 654 -47.75 119.21 26.98
N MET A 655 -48.20 120.45 27.12
CA MET A 655 -49.61 120.68 27.37
C MET A 655 -50.15 121.81 26.51
N ARG A 656 -51.39 121.64 26.04
CA ARG A 656 -52.03 122.64 25.20
C ARG A 656 -53.31 123.11 25.87
N PRO A 657 -53.54 124.41 25.92
CA PRO A 657 -54.80 124.93 26.47
C PRO A 657 -55.90 125.14 25.42
N ASN A 658 -56.03 124.19 24.50
CA ASN A 658 -57.14 124.06 23.54
C ASN A 658 -57.42 125.26 22.64
N ILE A 659 -56.52 126.25 22.62
CA ILE A 659 -56.75 127.47 21.86
C ILE A 659 -56.07 127.33 20.51
N PHE A 660 -56.72 127.84 19.47
CA PHE A 660 -56.21 127.74 18.11
C PHE A 660 -56.06 129.14 17.54
N LEU A 661 -54.97 129.37 16.79
CA LEU A 661 -54.68 130.70 16.27
C LEU A 661 -53.86 130.59 15.00
N GLY A 662 -54.42 131.05 13.89
CA GLY A 662 -53.72 131.06 12.62
C GLY A 662 -53.30 132.44 12.17
N LYS A 671 -53.42 142.03 17.30
CA LYS A 671 -52.71 141.14 16.39
C LYS A 671 -51.51 140.47 17.07
N LYS A 672 -50.73 141.26 17.81
CA LYS A 672 -49.50 140.75 18.40
C LYS A 672 -49.83 139.86 19.59
N TRP A 673 -50.02 138.56 19.33
CA TRP A 673 -50.45 137.62 20.36
C TRP A 673 -49.35 137.38 21.39
N TYR A 674 -49.78 137.21 22.64
CA TYR A 674 -48.88 137.46 23.77
C TYR A 674 -49.46 136.79 25.01
N TYR A 675 -48.73 135.81 25.56
CA TYR A 675 -49.17 135.12 26.76
C TYR A 675 -48.00 134.89 27.70
N GLU A 676 -48.32 134.73 28.98
CA GLU A 676 -47.32 134.76 30.03
C GLU A 676 -47.27 133.43 30.77
N LEU A 677 -46.25 133.31 31.60
CA LEU A 677 -46.13 132.18 32.50
C LEU A 677 -45.63 132.65 33.85
N MET A 678 -45.72 131.75 34.82
CA MET A 678 -45.09 131.99 36.12
C MET A 678 -44.59 130.65 36.63
N VAL A 679 -43.28 130.55 36.81
CA VAL A 679 -42.69 129.31 37.27
C VAL A 679 -42.44 129.43 38.77
N ASP A 680 -42.86 128.41 39.52
CA ASP A 680 -42.86 128.52 40.97
C ASP A 680 -42.16 127.37 41.68
N HIS A 681 -41.78 126.30 40.99
CA HIS A 681 -41.03 125.23 41.63
C HIS A 681 -40.13 124.58 40.60
N THR A 682 -38.86 124.39 40.96
CA THR A 682 -37.83 124.23 39.94
C THR A 682 -37.27 122.82 39.84
N GLU A 683 -36.73 122.26 40.96
CA GLU A 683 -36.01 120.99 41.03
C GLU A 683 -34.95 120.90 39.94
N PRO A 684 -33.79 121.53 40.09
CA PRO A 684 -32.77 121.41 39.03
C PRO A 684 -32.25 119.99 38.84
N PHE A 685 -32.29 119.17 39.87
CA PHE A 685 -31.81 117.78 39.78
C PHE A 685 -32.71 116.91 40.64
N VAL A 686 -33.74 116.30 40.03
CA VAL A 686 -34.32 115.12 40.68
C VAL A 686 -34.33 113.98 39.66
N THR A 687 -33.13 113.41 39.49
CA THR A 687 -32.72 112.30 38.64
C THR A 687 -31.22 112.20 38.84
N ALA A 688 -30.56 111.31 38.11
CA ALA A 688 -29.13 111.49 37.93
C ALA A 688 -28.82 112.31 36.68
N GLU A 689 -29.54 113.42 36.51
CA GLU A 689 -29.46 114.28 35.34
C GLU A 689 -30.32 115.50 35.58
N ALA A 690 -30.11 116.52 34.74
CA ALA A 690 -30.84 117.78 34.88
C ALA A 690 -32.16 117.71 34.13
N THR A 691 -33.12 118.47 34.63
CA THR A 691 -34.49 118.44 34.13
C THR A 691 -34.68 119.50 33.06
N HIS A 692 -35.81 119.46 32.38
CA HIS A 692 -36.09 120.42 31.32
C HIS A 692 -37.43 121.10 31.56
N LEU A 693 -37.53 122.33 31.04
CA LEU A 693 -38.72 123.15 31.16
C LEU A 693 -38.67 124.18 30.03
N ARG A 694 -39.43 123.95 28.98
CA ARG A 694 -39.37 124.77 27.77
C ARG A 694 -40.75 125.32 27.42
N VAL A 695 -40.80 126.62 27.11
CA VAL A 695 -42.03 127.29 26.71
C VAL A 695 -41.93 127.62 25.22
N GLY A 696 -43.07 127.82 24.56
CA GLY A 696 -43.04 128.24 23.17
C GLY A 696 -44.38 128.03 22.49
N TRP A 697 -44.31 127.90 21.17
CA TRP A 697 -45.48 127.73 20.30
C TRP A 697 -45.25 126.57 19.35
N ALA A 698 -46.34 126.06 18.79
CA ALA A 698 -46.23 125.02 17.77
C ALA A 698 -47.42 125.08 16.81
N SER A 699 -47.25 124.45 15.66
CA SER A 699 -48.27 124.37 14.62
C SER A 699 -48.97 123.04 14.65
N THR A 700 -50.06 122.94 13.87
CA THR A 700 -50.92 121.77 13.91
C THR A 700 -50.82 120.86 12.71
N GLU A 701 -50.48 121.38 11.53
CA GLU A 701 -50.43 120.57 10.32
C GLU A 701 -49.03 119.96 10.23
N GLY A 702 -48.87 118.79 10.83
CA GLY A 702 -47.61 118.07 10.83
C GLY A 702 -47.09 117.74 12.22
N TYR A 703 -46.28 116.67 12.31
CA TYR A 703 -45.52 116.29 13.50
C TYR A 703 -46.44 116.02 14.70
N SER A 704 -47.07 114.85 14.66
CA SER A 704 -47.72 114.30 15.84
C SER A 704 -46.71 114.18 16.99
N PRO A 705 -47.01 114.69 18.18
CA PRO A 705 -45.98 114.83 19.23
C PRO A 705 -45.77 113.57 20.08
N TYR A 706 -44.99 112.62 19.57
CA TYR A 706 -44.81 111.36 20.27
C TYR A 706 -43.68 111.48 21.29
N PRO A 707 -43.81 110.86 22.46
CA PRO A 707 -42.77 111.00 23.49
C PRO A 707 -41.57 110.10 23.29
N GLY A 708 -40.44 110.67 22.83
CA GLY A 708 -39.16 110.01 22.85
C GLY A 708 -38.89 109.00 21.74
N GLY A 709 -39.90 108.30 21.24
CA GLY A 709 -39.65 107.19 20.35
C GLY A 709 -39.31 107.55 18.92
N GLY A 710 -39.48 108.82 18.58
CA GLY A 710 -39.28 109.28 17.22
C GLY A 710 -37.96 110.00 17.04
N GLU A 711 -38.01 111.32 17.11
CA GLU A 711 -36.82 112.16 17.12
C GLU A 711 -36.08 112.03 18.45
N GLU A 712 -34.98 112.77 18.61
CA GLU A 712 -34.15 112.69 19.81
C GLU A 712 -34.87 113.30 21.00
N TRP A 713 -35.20 112.45 21.98
CA TRP A 713 -35.60 112.77 23.34
C TRP A 713 -36.96 113.46 23.50
N GLY A 714 -37.61 113.84 22.41
CA GLY A 714 -38.90 114.52 22.50
C GLY A 714 -38.76 115.91 23.10
N GLY A 715 -39.90 116.42 23.59
CA GLY A 715 -39.88 117.67 24.30
C GLY A 715 -40.52 118.82 23.55
N ASN A 716 -39.73 119.85 23.26
CA ASN A 716 -40.23 121.03 22.58
C ASN A 716 -39.06 121.79 21.97
N GLY A 717 -39.34 122.51 20.89
CA GLY A 717 -38.26 123.08 20.12
C GLY A 717 -37.51 122.07 19.29
N VAL A 718 -38.11 120.90 19.06
CA VAL A 718 -37.39 119.78 18.47
C VAL A 718 -37.66 119.61 16.98
N GLY A 719 -38.85 119.95 16.51
CA GLY A 719 -39.16 119.90 15.10
C GLY A 719 -39.05 121.29 14.51
N ASP A 720 -39.21 121.35 13.19
CA ASP A 720 -39.22 122.65 12.55
C ASP A 720 -40.53 123.38 12.79
N ASP A 721 -41.61 122.66 13.06
CA ASP A 721 -42.91 123.27 13.31
C ASP A 721 -43.05 123.81 14.73
N LEU A 722 -42.02 123.67 15.56
CA LEU A 722 -42.08 124.06 16.96
C LEU A 722 -41.03 125.13 17.21
N PHE A 723 -41.39 126.15 17.98
CA PHE A 723 -40.45 127.21 18.31
C PHE A 723 -40.50 127.44 19.81
N SER A 724 -39.40 127.14 20.48
CA SER A 724 -39.39 127.10 21.93
C SER A 724 -38.13 127.76 22.47
N TYR A 725 -38.13 127.94 23.79
CA TYR A 725 -37.22 128.85 24.46
C TYR A 725 -37.38 128.61 25.95
N GLY A 726 -36.32 128.88 26.69
CA GLY A 726 -36.39 128.81 28.13
C GLY A 726 -35.52 127.74 28.72
N PHE A 727 -34.62 128.14 29.61
CA PHE A 727 -33.59 127.28 30.17
C PHE A 727 -33.05 128.03 31.38
N ASP A 728 -32.21 127.37 32.16
CA ASP A 728 -31.29 128.09 33.03
C ASP A 728 -30.23 128.72 32.14
N GLY A 729 -30.27 130.05 32.01
CA GLY A 729 -29.55 130.61 30.87
C GLY A 729 -30.32 130.33 29.60
N LEU A 730 -31.36 131.12 29.35
CA LEU A 730 -32.61 130.67 28.76
C LEU A 730 -32.59 130.26 27.29
N HIS A 731 -31.40 130.04 26.71
CA HIS A 731 -31.20 130.01 25.26
C HIS A 731 -32.05 128.96 24.55
N LEU A 732 -32.43 129.27 23.31
CA LEU A 732 -33.63 128.78 22.66
C LEU A 732 -33.47 127.36 22.12
N TRP A 733 -34.50 126.90 21.42
CA TRP A 733 -34.47 125.64 20.68
C TRP A 733 -35.34 125.75 19.45
N SER A 734 -34.85 125.17 18.35
CA SER A 734 -35.57 125.12 17.09
C SER A 734 -34.94 124.01 16.28
N GLY A 735 -35.72 122.98 15.96
CA GLY A 735 -35.18 121.86 15.20
C GLY A 735 -34.18 121.05 15.99
N CYS A 736 -34.42 120.89 17.30
CA CYS A 736 -33.62 120.18 18.31
C CYS A 736 -32.12 120.49 18.24
N ILE A 737 -31.75 121.70 17.82
CA ILE A 737 -30.39 122.18 17.97
C ILE A 737 -30.46 123.53 18.66
N ALA A 738 -29.86 123.63 19.83
CA ALA A 738 -29.93 124.84 20.63
C ALA A 738 -28.93 125.85 20.12
N ARG A 739 -29.36 127.08 19.95
CA ARG A 739 -28.44 128.19 19.74
C ARG A 739 -28.35 129.00 21.02
N THR A 740 -27.44 129.97 21.04
CA THR A 740 -26.91 130.47 22.30
C THR A 740 -27.24 131.94 22.51
N VAL A 741 -28.52 132.29 22.40
CA VAL A 741 -28.95 133.66 22.65
C VAL A 741 -28.79 133.98 24.14
N SER A 742 -28.60 135.25 24.45
CA SER A 742 -28.30 135.70 25.80
C SER A 742 -29.28 136.76 26.30
N SER A 743 -29.07 137.16 27.55
CA SER A 743 -29.94 138.03 28.32
C SER A 743 -29.09 138.63 29.44
N PRO A 744 -29.39 139.83 29.94
CA PRO A 744 -28.47 140.42 30.92
C PRO A 744 -28.73 140.00 32.37
N ASN A 745 -29.07 138.73 32.59
CA ASN A 745 -28.97 138.13 33.91
C ASN A 745 -28.45 136.69 33.88
N GLN A 746 -28.64 135.98 32.76
CA GLN A 746 -28.33 134.56 32.61
C GLN A 746 -28.93 133.72 33.73
N HIS A 747 -30.26 133.70 33.75
CA HIS A 747 -31.01 133.21 34.89
C HIS A 747 -31.61 131.85 34.61
N LEU A 748 -32.20 131.27 35.65
CA LEU A 748 -32.98 130.04 35.54
C LEU A 748 -34.42 130.40 35.25
N LEU A 749 -35.19 129.45 34.74
CA LEU A 749 -36.63 129.46 34.92
C LEU A 749 -36.87 129.11 36.39
N ARG A 750 -36.76 130.14 37.24
CA ARG A 750 -36.60 129.94 38.67
C ARG A 750 -37.98 129.97 39.31
N THR A 751 -38.04 130.09 40.63
CA THR A 751 -39.30 130.11 41.35
C THR A 751 -39.95 131.47 41.39
N ASP A 752 -39.36 132.48 40.74
CA ASP A 752 -39.77 133.87 40.92
C ASP A 752 -39.76 134.64 39.61
N ASP A 753 -40.18 134.02 38.51
CA ASP A 753 -39.98 134.65 37.22
C ASP A 753 -41.26 134.65 36.40
N VAL A 754 -41.34 135.60 35.47
CA VAL A 754 -42.45 135.74 34.55
C VAL A 754 -41.92 135.82 33.13
N ILE A 755 -42.34 134.87 32.29
CA ILE A 755 -41.88 134.78 30.92
C ILE A 755 -42.90 135.46 30.04
N SER A 756 -42.44 136.30 29.13
CA SER A 756 -43.31 136.97 28.17
C SER A 756 -43.00 136.41 26.79
N CYS A 757 -43.89 135.56 26.29
CA CYS A 757 -43.80 135.07 24.93
C CYS A 757 -44.54 136.03 24.00
N CYS A 758 -44.09 136.13 22.76
CA CYS A 758 -44.79 136.98 21.80
C CYS A 758 -44.85 136.27 20.46
N LEU A 759 -45.95 136.50 19.75
CA LEU A 759 -46.16 135.98 18.40
C LEU A 759 -46.99 136.98 17.64
N ASP A 760 -46.66 137.20 16.37
CA ASP A 760 -47.25 138.29 15.60
C ASP A 760 -48.19 137.78 14.52
N LEU A 761 -49.38 138.36 14.49
CA LEU A 761 -50.33 138.15 13.40
C LEU A 761 -49.94 139.04 12.23
N SER A 762 -50.01 138.47 11.01
CA SER A 762 -49.62 139.12 9.74
C SER A 762 -48.17 139.61 9.76
N ALA A 763 -47.32 138.89 10.50
CA ALA A 763 -45.89 139.19 10.60
C ALA A 763 -45.17 137.94 11.10
N PRO A 764 -44.10 137.52 10.45
CA PRO A 764 -43.42 136.28 10.85
C PRO A 764 -42.34 136.52 11.91
N SER A 765 -42.74 137.05 13.05
CA SER A 765 -41.77 137.50 14.05
C SER A 765 -42.16 136.97 15.42
N ILE A 766 -41.22 136.26 16.04
CA ILE A 766 -41.37 135.75 17.39
C ILE A 766 -40.17 136.19 18.21
N SER A 767 -40.42 136.87 19.33
CA SER A 767 -39.37 137.35 20.22
C SER A 767 -39.88 137.18 21.66
N PHE A 768 -38.98 136.85 22.58
CA PHE A 768 -39.42 136.58 23.94
C PHE A 768 -38.95 137.66 24.89
N ARG A 769 -39.39 137.54 26.15
CA ARG A 769 -39.02 138.48 27.20
C ARG A 769 -39.16 137.79 28.54
N ILE A 770 -38.20 138.07 29.43
CA ILE A 770 -38.25 137.61 30.81
C ILE A 770 -38.29 138.84 31.72
N ASN A 771 -39.32 138.91 32.57
CA ASN A 771 -39.57 140.02 33.49
C ASN A 771 -39.69 141.37 32.77
N GLY A 772 -40.11 141.35 31.52
CA GLY A 772 -40.12 142.54 30.70
C GLY A 772 -38.84 142.80 29.92
N GLN A 773 -37.74 142.14 30.27
CA GLN A 773 -36.48 142.47 29.62
C GLN A 773 -36.38 141.78 28.27
N PRO A 774 -35.94 142.50 27.24
CA PRO A 774 -35.82 141.89 25.90
C PRO A 774 -34.61 140.97 25.83
N VAL A 775 -34.80 139.83 25.19
CA VAL A 775 -33.79 138.80 25.15
C VAL A 775 -33.27 138.56 23.73
N GLN A 776 -33.69 139.40 22.78
CA GLN A 776 -33.35 139.30 21.35
C GLN A 776 -33.82 137.96 20.78
N GLY A 777 -35.14 137.80 20.76
CA GLY A 777 -35.76 136.67 20.09
C GLY A 777 -35.73 136.82 18.58
N MET A 778 -35.33 135.76 17.89
CA MET A 778 -34.87 135.87 16.52
C MET A 778 -35.65 134.99 15.54
N PHE A 779 -36.73 134.38 15.99
CA PHE A 779 -37.47 133.43 15.17
C PHE A 779 -38.19 134.16 14.04
N GLU A 780 -37.62 134.11 12.84
CA GLU A 780 -38.12 134.92 11.74
C GLU A 780 -38.35 134.08 10.50
N ASN A 781 -39.44 134.40 9.80
CA ASN A 781 -39.69 134.02 8.41
C ASN A 781 -39.80 132.50 8.23
N PHE A 782 -40.49 131.86 9.16
CA PHE A 782 -40.76 130.44 9.03
C PHE A 782 -42.06 130.26 8.26
N ASN A 783 -42.47 129.01 8.10
CA ASN A 783 -43.69 128.74 7.34
C ASN A 783 -44.93 129.14 8.10
N ILE A 784 -45.92 129.59 7.35
CA ILE A 784 -47.24 129.90 7.88
C ILE A 784 -48.18 128.91 7.22
N ASP A 785 -48.38 127.77 7.88
CA ASP A 785 -49.35 126.77 7.46
C ASP A 785 -50.06 126.28 8.70
N GLY A 786 -51.38 126.21 8.62
CA GLY A 786 -52.14 125.81 9.79
C GLY A 786 -52.13 126.92 10.82
N LEU A 787 -52.20 126.53 12.08
CA LEU A 787 -52.43 127.46 13.17
C LEU A 787 -51.22 127.46 14.08
N PHE A 788 -51.37 128.12 15.22
CA PHE A 788 -50.37 128.10 16.27
C PHE A 788 -51.06 127.96 17.60
N PHE A 789 -50.35 127.39 18.58
CA PHE A 789 -50.90 127.22 19.92
C PHE A 789 -49.77 127.04 20.91
N PRO A 790 -49.95 127.48 22.15
CA PRO A 790 -48.90 127.33 23.17
C PRO A 790 -48.81 125.91 23.68
N VAL A 791 -47.61 125.51 24.08
CA VAL A 791 -47.28 124.10 24.19
C VAL A 791 -46.59 123.71 25.48
N VAL A 792 -46.23 124.63 26.37
CA VAL A 792 -45.09 124.60 27.30
C VAL A 792 -44.77 123.24 27.93
N SER A 793 -43.52 122.81 27.81
CA SER A 793 -43.12 121.44 28.12
C SER A 793 -42.33 121.39 29.42
N PHE A 794 -42.25 120.20 30.00
CA PHE A 794 -41.69 120.02 31.32
C PHE A 794 -41.45 118.54 31.59
N SER A 795 -40.37 118.25 32.34
CA SER A 795 -40.20 116.91 32.93
C SER A 795 -39.40 117.04 34.22
N ALA A 796 -40.11 117.17 35.33
CA ALA A 796 -39.54 117.28 36.67
C ALA A 796 -40.68 117.18 37.68
N GLY A 797 -40.39 117.59 38.90
CA GLY A 797 -41.46 117.95 39.79
C GLY A 797 -41.91 119.39 39.69
N ILE A 798 -42.23 119.86 38.49
CA ILE A 798 -42.42 121.29 38.24
C ILE A 798 -43.91 121.59 38.19
N LYS A 799 -44.34 122.59 38.97
CA LYS A 799 -45.66 123.20 38.85
C LYS A 799 -45.50 124.62 38.34
N VAL A 800 -46.29 124.97 37.33
CA VAL A 800 -46.23 126.29 36.70
C VAL A 800 -47.63 126.81 36.45
N ARG A 801 -47.74 128.12 36.33
CA ARG A 801 -49.02 128.81 36.23
C ARG A 801 -49.12 129.51 34.88
N PHE A 802 -50.19 129.19 34.15
CA PHE A 802 -50.59 129.97 32.99
C PHE A 802 -51.13 131.31 33.46
N LEU A 803 -50.80 132.38 32.75
CA LEU A 803 -51.34 133.70 33.06
C LEU A 803 -52.18 134.14 31.89
N LEU A 804 -53.47 133.79 31.92
CA LEU A 804 -54.39 134.15 30.85
C LEU A 804 -55.74 134.67 31.30
N GLY A 805 -56.20 134.33 32.51
CA GLY A 805 -57.57 134.60 32.87
C GLY A 805 -58.52 133.57 32.29
N GLU A 810 -57.74 136.96 35.22
CA GLU A 810 -56.89 136.38 36.25
C GLU A 810 -55.42 136.50 35.89
N PHE A 811 -55.06 137.54 35.14
CA PHE A 811 -53.67 137.86 34.90
C PHE A 811 -53.00 138.27 36.21
N LYS A 812 -51.67 138.18 36.24
CA LYS A 812 -50.93 138.57 37.45
C LYS A 812 -50.02 139.77 37.21
N PHE A 813 -49.14 139.70 36.21
CA PHE A 813 -48.37 140.87 35.81
C PHE A 813 -48.11 140.81 34.33
N LEU A 814 -48.61 141.79 33.60
CA LEU A 814 -48.22 141.89 32.20
C LEU A 814 -48.36 143.33 31.73
N PRO A 815 -47.38 143.84 31.00
CA PRO A 815 -47.68 144.81 29.95
C PRO A 815 -48.32 144.08 28.80
N PRO A 816 -49.00 144.77 27.88
CA PRO A 816 -49.60 144.08 26.73
C PRO A 816 -48.77 144.15 25.46
N PRO A 817 -47.48 144.51 25.52
CA PRO A 817 -46.89 145.42 24.53
C PRO A 817 -46.90 144.87 23.10
N GLY A 818 -46.97 145.81 22.15
CA GLY A 818 -47.59 145.47 20.89
C GLY A 818 -49.09 145.52 21.11
N TYR A 819 -49.82 144.64 20.43
CA TYR A 819 -51.26 144.55 20.67
C TYR A 819 -51.77 143.17 20.25
N ALA A 820 -51.87 142.24 21.23
CA ALA A 820 -52.98 141.32 21.44
C ALA A 820 -52.79 140.54 22.74
N PRO A 821 -53.79 140.45 23.59
CA PRO A 821 -53.79 139.44 24.65
C PRO A 821 -54.58 138.21 24.23
N CYS A 822 -54.15 137.05 24.76
CA CYS A 822 -54.80 135.81 24.36
C CYS A 822 -56.09 135.55 25.13
N TYR A 823 -56.52 136.47 26.00
CA TYR A 823 -57.85 136.41 26.58
C TYR A 823 -58.92 136.85 25.59
N GLU A 824 -58.54 137.34 24.42
CA GLU A 824 -59.50 137.77 23.41
C GLU A 824 -59.53 136.85 22.20
N ALA A 825 -58.60 135.90 22.09
CA ALA A 825 -58.69 134.87 21.07
C ALA A 825 -59.71 133.80 21.43
N VAL A 826 -60.19 133.83 22.67
CA VAL A 826 -61.10 132.85 23.23
C VAL A 826 -62.47 133.54 23.30
N LEU A 827 -62.68 134.51 22.38
CA LEU A 827 -63.88 135.35 22.44
C LEU A 827 -65.18 134.61 22.13
N PRO A 828 -65.37 133.95 20.92
CA PRO A 828 -66.75 133.56 20.53
C PRO A 828 -67.47 132.54 21.39
N LYS A 829 -66.96 131.31 21.50
CA LYS A 829 -67.66 130.29 22.27
C LYS A 829 -66.74 129.41 23.12
N GLU A 830 -65.45 129.35 22.83
CA GLU A 830 -64.55 128.40 23.46
C GLU A 830 -64.19 128.83 24.87
N LYS A 831 -63.75 127.85 25.66
CA LYS A 831 -63.34 128.02 27.05
C LYS A 831 -61.87 127.60 27.22
N LEU A 832 -61.32 127.91 28.38
CA LEU A 832 -59.89 127.77 28.66
C LEU A 832 -59.66 126.47 29.44
N LYS A 833 -59.72 125.35 28.72
CA LYS A 833 -59.46 124.03 29.28
C LYS A 833 -58.15 123.53 28.70
N VAL A 834 -57.46 122.65 29.43
CA VAL A 834 -56.10 122.28 29.08
C VAL A 834 -56.03 120.78 28.78
N GLU A 835 -55.21 120.42 27.80
CA GLU A 835 -55.02 119.04 27.39
C GLU A 835 -53.52 118.75 27.24
N HIS A 836 -53.20 117.56 26.72
CA HIS A 836 -51.86 116.99 26.81
C HIS A 836 -51.22 116.79 25.45
N SER A 837 -51.34 117.79 24.56
CA SER A 837 -50.73 117.79 23.22
C SER A 837 -51.22 116.61 22.38
N ARG A 838 -52.53 116.66 22.10
CA ARG A 838 -53.26 115.89 21.10
C ARG A 838 -53.46 114.41 21.46
N GLU A 839 -52.83 113.94 22.53
CA GLU A 839 -53.34 112.88 23.41
C GLU A 839 -53.59 111.55 22.68
N TYR A 840 -52.51 110.93 22.22
CA TYR A 840 -52.64 109.54 21.82
C TYR A 840 -52.79 108.60 23.01
N LYS A 841 -52.44 109.07 24.21
CA LYS A 841 -52.68 108.40 25.47
C LYS A 841 -53.78 109.12 26.22
N GLN A 842 -54.22 108.50 27.32
CA GLN A 842 -54.79 109.20 28.47
C GLN A 842 -54.65 108.25 29.65
N GLU A 843 -53.81 108.61 30.62
CA GLU A 843 -53.42 107.66 31.65
C GLU A 843 -54.58 107.37 32.60
N ARG A 844 -55.06 106.13 32.60
CA ARG A 844 -56.15 105.70 33.46
C ARG A 844 -55.97 104.24 33.82
N THR A 845 -56.96 103.72 34.54
CA THR A 845 -56.87 102.36 35.03
C THR A 845 -57.26 101.33 33.97
N TYR A 846 -58.52 101.33 33.54
CA TYR A 846 -59.01 100.24 32.70
C TYR A 846 -58.56 100.41 31.26
N THR A 847 -59.04 101.45 30.59
CA THR A 847 -58.79 101.62 29.17
C THR A 847 -58.52 103.08 28.87
N ARG A 848 -57.29 103.37 28.47
CA ARG A 848 -57.01 104.58 27.71
C ARG A 848 -57.78 104.48 26.42
N ASP A 849 -58.79 105.33 26.23
CA ASP A 849 -59.61 105.21 25.05
C ASP A 849 -58.87 105.71 23.81
N LEU A 850 -58.88 104.86 22.79
CA LEU A 850 -58.15 105.09 21.55
C LEU A 850 -58.88 106.12 20.70
N LEU A 851 -58.35 106.40 19.52
CA LEU A 851 -58.83 107.58 18.82
C LEU A 851 -58.64 107.41 17.31
N GLY A 852 -59.34 108.25 16.55
CA GLY A 852 -59.05 108.47 15.15
C GLY A 852 -58.28 109.76 14.99
N PRO A 853 -57.64 109.96 13.83
CA PRO A 853 -56.60 111.01 13.71
C PRO A 853 -57.01 112.46 13.93
N THR A 854 -57.78 113.04 13.00
CA THR A 854 -58.02 114.49 12.95
C THR A 854 -58.99 114.79 11.83
N VAL A 855 -59.60 115.98 11.92
CA VAL A 855 -60.46 116.53 10.88
C VAL A 855 -60.17 118.03 10.79
N SER A 856 -59.43 118.43 9.75
CA SER A 856 -59.01 119.82 9.62
C SER A 856 -59.04 120.29 8.17
N ALA A 861 -58.99 131.46 13.07
CA ALA A 861 -59.35 131.90 11.73
C ALA A 861 -60.37 133.03 11.79
N PHE A 862 -60.05 134.18 11.18
CA PHE A 862 -60.98 135.31 11.13
C PHE A 862 -61.16 135.85 9.71
N THR A 863 -60.86 135.06 8.68
CA THR A 863 -60.97 135.51 7.29
C THR A 863 -61.71 134.46 6.48
N PRO A 864 -63.03 134.50 6.43
CA PRO A 864 -63.77 133.71 5.44
C PRO A 864 -63.94 134.51 4.16
N ILE A 865 -64.68 133.93 3.23
CA ILE A 865 -64.90 134.50 1.90
C ILE A 865 -66.37 134.88 1.81
N PRO A 866 -66.74 135.92 1.05
CA PRO A 866 -68.17 136.16 0.78
C PRO A 866 -68.64 135.40 -0.45
N VAL A 867 -69.93 135.09 -0.46
CA VAL A 867 -70.53 134.29 -1.52
C VAL A 867 -71.04 135.20 -2.64
N ASP A 868 -70.59 134.91 -3.86
CA ASP A 868 -70.84 135.76 -5.00
C ASP A 868 -72.03 135.24 -5.79
N THR A 869 -72.73 136.15 -6.47
CA THR A 869 -73.75 135.80 -7.46
C THR A 869 -73.68 136.72 -8.68
N SER A 870 -72.51 137.33 -8.91
CA SER A 870 -72.42 138.51 -9.77
C SER A 870 -72.59 138.18 -11.25
N GLN A 871 -71.95 137.11 -11.71
CA GLN A 871 -71.99 136.80 -13.15
C GLN A 871 -73.15 135.86 -13.48
N ILE A 872 -74.34 136.24 -13.03
CA ILE A 872 -75.60 135.69 -13.49
C ILE A 872 -76.43 136.90 -13.91
N VAL A 873 -76.64 137.05 -15.21
CA VAL A 873 -77.26 138.27 -15.73
C VAL A 873 -78.77 138.19 -15.51
N LEU A 874 -79.36 139.32 -15.12
CA LEU A 874 -80.79 139.34 -14.83
C LEU A 874 -81.59 139.64 -16.10
N PRO A 875 -82.57 138.81 -16.40
CA PRO A 875 -83.43 139.06 -17.57
C PRO A 875 -84.29 140.29 -17.35
N PRO A 876 -84.66 141.00 -18.44
CA PRO A 876 -85.39 142.26 -18.27
C PRO A 876 -86.83 142.09 -17.82
N HIS A 877 -87.51 141.01 -18.24
CA HIS A 877 -88.84 140.74 -17.71
C HIS A 877 -88.76 140.33 -16.24
N LEU A 878 -87.69 139.64 -15.85
CA LEU A 878 -87.41 139.42 -14.43
C LEU A 878 -86.89 140.68 -13.76
N GLU A 879 -86.30 141.62 -14.53
CA GLU A 879 -85.86 142.89 -13.94
C GLU A 879 -87.04 143.77 -13.54
N ARG A 880 -88.09 143.80 -14.36
CA ARG A 880 -89.30 144.53 -13.98
C ARG A 880 -90.00 143.89 -12.79
N ILE A 881 -90.01 142.56 -12.76
CA ILE A 881 -90.50 141.80 -11.61
C ILE A 881 -89.72 142.16 -10.35
N ARG A 882 -88.39 142.16 -10.45
CA ARG A 882 -87.53 142.41 -9.30
C ARG A 882 -87.62 143.86 -8.85
N GLU A 883 -87.87 144.78 -9.79
CA GLU A 883 -88.05 146.17 -9.40
C GLU A 883 -89.39 146.43 -8.74
N LYS A 884 -90.47 145.80 -9.20
CA LYS A 884 -91.74 145.88 -8.50
C LYS A 884 -91.64 145.25 -7.11
N LEU A 885 -91.02 144.07 -7.01
CA LEU A 885 -90.85 143.41 -5.72
C LEU A 885 -89.89 144.15 -4.81
N ALA A 886 -88.90 144.85 -5.35
CA ALA A 886 -88.04 145.69 -4.53
C ALA A 886 -88.74 146.97 -4.09
N GLU A 887 -89.69 147.47 -4.90
CA GLU A 887 -90.58 148.52 -4.41
C GLU A 887 -91.44 148.03 -3.25
N ASN A 888 -92.00 146.84 -3.36
CA ASN A 888 -92.83 146.30 -2.30
C ASN A 888 -92.02 145.68 -1.16
N ILE A 889 -90.70 145.64 -1.28
CA ILE A 889 -89.81 145.41 -0.15
C ILE A 889 -89.40 146.72 0.51
N HIS A 890 -89.29 147.79 -0.28
CA HIS A 890 -88.94 149.07 0.31
C HIS A 890 -90.08 149.69 1.09
N GLU A 891 -91.33 149.34 0.80
CA GLU A 891 -92.41 149.77 1.68
C GLU A 891 -92.31 149.11 3.05
N LEU A 892 -91.81 147.88 3.12
CA LEU A 892 -91.45 147.28 4.40
C LEU A 892 -90.24 147.95 5.03
N TRP A 893 -89.26 148.35 4.22
CA TRP A 893 -88.10 149.05 4.76
C TRP A 893 -88.43 150.46 5.24
N VAL A 894 -89.54 151.03 4.78
CA VAL A 894 -90.09 152.24 5.39
C VAL A 894 -90.88 151.88 6.64
N MET A 895 -91.69 150.82 6.56
CA MET A 895 -92.68 150.52 7.59
C MET A 895 -92.04 150.03 8.88
N ASN A 896 -90.88 149.38 8.79
CA ASN A 896 -90.18 149.00 10.01
C ASN A 896 -89.39 150.16 10.63
N LYS A 897 -89.31 151.30 9.95
CA LYS A 897 -88.71 152.49 10.51
C LYS A 897 -89.72 153.55 10.92
N ILE A 898 -90.97 153.44 10.41
CA ILE A 898 -92.03 154.37 10.77
C ILE A 898 -92.78 153.94 12.02
N GLU A 899 -92.54 152.72 12.52
CA GLU A 899 -93.16 152.25 13.75
C GLU A 899 -92.40 152.70 15.00
N LEU A 900 -91.08 152.84 14.91
CA LEU A 900 -90.25 153.14 16.06
C LEU A 900 -90.09 154.63 16.30
N GLY A 901 -90.53 155.48 15.35
CA GLY A 901 -90.53 156.91 15.53
C GLY A 901 -89.36 157.66 14.91
N TRP A 902 -88.95 157.28 13.71
CA TRP A 902 -87.91 157.98 12.96
C TRP A 902 -88.52 158.48 11.66
N GLN A 903 -88.58 159.80 11.51
CA GLN A 903 -89.40 160.46 10.50
C GLN A 903 -88.58 160.80 9.26
N TYR A 904 -89.28 161.31 8.24
CA TYR A 904 -88.63 161.75 7.02
C TYR A 904 -88.03 163.14 7.19
N GLY A 905 -86.91 163.38 6.53
CA GLY A 905 -86.30 164.69 6.49
C GLY A 905 -85.36 164.81 5.32
N PRO A 906 -84.77 166.00 5.15
CA PRO A 906 -83.69 166.12 4.15
C PRO A 906 -82.33 165.67 4.68
N VAL A 907 -82.08 165.88 5.97
CA VAL A 907 -80.78 165.59 6.56
C VAL A 907 -80.71 164.14 6.98
N ARG A 908 -79.50 163.60 7.03
CA ARG A 908 -79.28 162.20 7.38
C ARG A 908 -78.79 162.09 8.82
N ASP A 909 -79.74 162.11 9.74
CA ASP A 909 -79.46 161.92 11.17
C ASP A 909 -80.30 160.74 11.65
N ASP A 910 -79.73 159.54 11.52
CA ASP A 910 -80.44 158.32 11.91
C ASP A 910 -80.64 158.22 13.42
N ASN A 911 -79.71 158.78 14.20
CA ASN A 911 -79.89 158.85 15.64
C ASN A 911 -80.84 159.96 16.06
N LYS A 912 -81.08 160.95 15.20
CA LYS A 912 -81.98 162.06 15.51
C LYS A 912 -83.23 162.00 14.64
N ARG A 913 -83.65 160.78 14.28
CA ARG A 913 -84.95 160.47 13.67
C ARG A 913 -85.13 161.13 12.30
N GLN A 914 -84.02 161.47 11.64
CA GLN A 914 -84.04 162.09 10.33
C GLN A 914 -83.56 161.08 9.30
N HIS A 915 -84.36 160.86 8.27
CA HIS A 915 -84.14 159.70 7.43
C HIS A 915 -84.73 159.95 6.04
N PRO A 916 -83.91 160.29 5.03
CA PRO A 916 -84.46 160.60 3.70
C PRO A 916 -84.71 159.39 2.83
N CYS A 917 -84.64 158.19 3.40
CA CYS A 917 -84.81 156.95 2.67
C CYS A 917 -86.19 156.36 2.89
N LEU A 918 -87.15 157.21 3.26
CA LEU A 918 -88.53 156.78 3.42
C LEU A 918 -89.34 156.93 2.13
N VAL A 919 -88.75 157.49 1.09
CA VAL A 919 -89.29 157.44 -0.26
C VAL A 919 -88.91 156.08 -0.85
N GLU A 920 -89.78 155.51 -1.70
CA GLU A 920 -89.73 154.09 -2.04
C GLU A 920 -88.53 153.78 -2.97
N PHE A 921 -88.48 152.54 -3.47
CA PHE A 921 -87.25 151.94 -4.02
C PHE A 921 -86.82 152.60 -5.33
N SER A 922 -87.70 152.61 -6.33
CA SER A 922 -87.35 153.16 -7.63
C SER A 922 -87.26 154.68 -7.63
N LYS A 923 -87.96 155.33 -6.71
CA LYS A 923 -88.06 156.78 -6.71
C LYS A 923 -86.87 157.45 -6.03
N LEU A 924 -86.19 156.72 -5.13
CA LEU A 924 -84.96 157.19 -4.52
C LEU A 924 -83.75 156.76 -5.35
N PRO A 925 -82.77 157.64 -5.50
CA PRO A 925 -81.60 157.30 -6.34
C PRO A 925 -80.61 156.41 -5.61
N GLU A 926 -79.50 156.10 -6.27
CA GLU A 926 -78.42 155.33 -5.64
C GLU A 926 -77.39 156.26 -5.00
N GLN A 927 -77.88 157.22 -4.23
CA GLN A 927 -77.06 158.07 -3.38
C GLN A 927 -77.62 158.08 -1.97
N GLU A 928 -78.92 157.80 -1.82
CA GLU A 928 -79.56 157.62 -0.51
C GLU A 928 -79.91 156.18 -0.20
N ARG A 929 -80.70 155.51 -1.06
CA ARG A 929 -81.20 154.17 -0.79
C ARG A 929 -80.36 153.07 -1.41
N ASN A 930 -79.09 153.37 -1.72
CA ASN A 930 -78.24 152.42 -2.45
C ASN A 930 -77.97 151.14 -1.67
N TYR A 931 -77.97 151.23 -0.33
CA TYR A 931 -77.80 150.09 0.54
C TYR A 931 -78.97 149.11 0.49
N ASN A 932 -80.14 149.55 0.02
CA ASN A 932 -81.29 148.67 -0.12
C ASN A 932 -81.53 148.24 -1.57
N LEU A 933 -80.98 148.95 -2.54
CA LEU A 933 -81.16 148.61 -3.96
C LEU A 933 -80.08 147.64 -4.43
N GLN A 934 -78.82 147.94 -4.11
CA GLN A 934 -77.73 147.05 -4.47
C GLN A 934 -77.72 145.77 -3.65
N MET A 935 -78.37 145.79 -2.49
CA MET A 935 -78.63 144.55 -1.75
C MET A 935 -79.71 143.73 -2.45
N SER A 936 -80.78 144.39 -2.91
CA SER A 936 -81.89 143.67 -3.53
C SER A 936 -81.50 143.06 -4.87
N LEU A 937 -80.61 143.72 -5.63
CA LEU A 937 -80.18 143.16 -6.90
C LEU A 937 -79.43 141.85 -6.72
N GLU A 938 -78.48 141.80 -5.77
CA GLU A 938 -77.75 140.57 -5.53
C GLU A 938 -78.60 139.53 -4.82
N THR A 939 -79.52 139.94 -3.96
CA THR A 939 -80.42 138.99 -3.32
C THR A 939 -81.35 138.32 -4.31
N LEU A 940 -81.86 139.06 -5.30
CA LEU A 940 -82.70 138.48 -6.33
C LEU A 940 -81.92 137.74 -7.40
N LYS A 941 -80.65 138.10 -7.63
CA LYS A 941 -79.75 137.22 -8.37
C LYS A 941 -79.61 135.88 -7.64
N THR A 942 -79.48 135.93 -6.32
CA THR A 942 -79.39 134.75 -5.46
C THR A 942 -80.72 134.03 -5.28
N LEU A 943 -81.83 134.63 -5.71
CA LEU A 943 -83.13 134.01 -5.51
C LEU A 943 -83.34 132.82 -6.43
N LEU A 944 -82.73 132.83 -7.61
CA LEU A 944 -82.83 131.74 -8.57
C LEU A 944 -81.46 131.18 -8.95
N ALA A 945 -80.49 131.30 -8.03
CA ALA A 945 -79.15 130.77 -8.25
C ALA A 945 -78.82 129.55 -7.41
N LEU A 946 -79.50 129.35 -6.28
CA LEU A 946 -79.20 128.25 -5.37
C LEU A 946 -80.07 127.03 -5.59
N GLY A 947 -80.52 126.80 -6.81
CA GLY A 947 -81.38 125.67 -7.13
C GLY A 947 -82.86 125.93 -6.90
N CYS A 948 -83.19 126.86 -6.02
CA CYS A 948 -84.57 127.27 -5.74
C CYS A 948 -85.10 128.21 -6.83
N HIS A 949 -85.28 127.67 -8.03
CA HIS A 949 -85.56 128.47 -9.21
C HIS A 949 -87.01 128.91 -9.22
N VAL A 950 -87.24 130.17 -9.57
CA VAL A 950 -88.57 130.70 -9.85
C VAL A 950 -88.46 131.68 -11.03
N GLY A 951 -89.02 131.29 -12.16
CA GLY A 951 -89.04 132.15 -13.33
C GLY A 951 -90.26 133.05 -13.34
N ILE A 952 -90.77 133.26 -14.56
CA ILE A 952 -92.01 134.01 -14.76
C ILE A 952 -93.19 133.03 -14.74
N SER A 953 -93.79 132.85 -13.56
CA SER A 953 -94.98 132.01 -13.41
C SER A 953 -96.17 132.75 -12.81
N ASP A 954 -96.03 134.04 -12.50
CA ASP A 954 -97.06 134.82 -11.81
C ASP A 954 -96.98 136.26 -12.31
N GLU A 955 -97.60 137.17 -11.57
CA GLU A 955 -97.58 138.59 -11.89
C GLU A 955 -97.11 139.37 -10.66
N HIS A 956 -96.07 140.19 -10.85
CA HIS A 956 -95.60 141.05 -9.77
C HIS A 956 -96.36 142.37 -9.79
N ALA A 957 -96.71 142.85 -8.59
CA ALA A 957 -97.48 144.09 -8.46
C ALA A 957 -97.21 144.76 -7.11
N TYR A 970 -102.22 145.66 10.87
CA TYR A 970 -101.73 146.82 10.12
C TYR A 970 -101.65 148.07 10.99
N GLN A 971 -100.43 148.51 11.25
CA GLN A 971 -100.17 149.50 12.28
C GLN A 971 -100.53 150.90 11.84
N LEU A 972 -100.55 151.82 12.81
CA LEU A 972 -100.81 153.23 12.53
C LEU A 972 -99.50 153.95 12.20
N THR A 973 -99.56 154.78 11.18
CA THR A 973 -98.42 155.47 10.61
C THR A 973 -98.59 156.98 10.78
N SER A 974 -97.71 157.75 10.15
CA SER A 974 -97.73 159.20 10.25
C SER A 974 -98.47 159.85 9.09
N GLY A 975 -98.99 159.05 8.16
CA GLY A 975 -99.67 159.59 7.00
C GLY A 975 -99.44 158.80 5.72
N TYR A 976 -98.33 158.07 5.66
CA TYR A 976 -98.03 157.22 4.52
C TYR A 976 -98.06 155.77 5.00
N LYS A 977 -99.20 155.10 4.79
CA LYS A 977 -99.33 153.68 5.10
C LYS A 977 -99.29 152.91 3.80
N PRO A 978 -98.16 152.30 3.44
CA PRO A 978 -98.04 151.66 2.13
C PRO A 978 -98.56 150.23 2.13
N ALA A 979 -99.43 149.92 1.17
CA ALA A 979 -99.95 148.56 0.99
C ALA A 979 -100.07 148.27 -0.49
N PRO A 980 -98.98 147.81 -1.12
CA PRO A 980 -99.09 147.34 -2.50
C PRO A 980 -99.69 145.94 -2.60
N MET A 981 -99.35 145.05 -1.67
CA MET A 981 -99.76 143.65 -1.74
C MET A 981 -100.02 143.09 -0.35
N ASP A 982 -100.13 141.77 -0.29
CA ASP A 982 -100.44 141.02 0.93
C ASP A 982 -99.20 140.30 1.41
N LEU A 983 -99.18 139.95 2.69
CA LEU A 983 -98.09 139.17 3.27
C LEU A 983 -98.57 137.90 3.98
N SER A 984 -99.76 137.92 4.57
CA SER A 984 -100.27 136.82 5.36
C SER A 984 -101.21 135.90 4.57
N PHE A 985 -100.99 135.74 3.27
CA PHE A 985 -101.74 134.77 2.49
C PHE A 985 -100.95 133.48 2.31
N ILE A 986 -99.66 133.60 1.98
CA ILE A 986 -98.78 132.46 1.74
C ILE A 986 -97.56 132.62 2.65
N LYS A 987 -97.29 131.60 3.46
CA LYS A 987 -96.02 131.50 4.17
C LYS A 987 -95.08 130.59 3.38
N LEU A 988 -93.80 130.66 3.69
CA LEU A 988 -92.79 130.14 2.77
C LEU A 988 -92.27 128.77 3.20
N THR A 989 -91.37 128.24 2.38
CA THR A 989 -90.85 126.89 2.43
C THR A 989 -89.53 126.85 3.17
N PRO A 990 -88.90 125.67 3.27
CA PRO A 990 -87.65 125.56 4.05
C PRO A 990 -86.44 126.25 3.41
N SER A 991 -86.25 126.14 2.09
CA SER A 991 -85.01 126.65 1.49
C SER A 991 -85.04 128.14 1.23
N GLN A 992 -86.12 128.84 1.58
CA GLN A 992 -86.12 130.30 1.57
C GLN A 992 -85.60 130.85 2.89
N GLU A 993 -86.09 130.31 4.00
CA GLU A 993 -85.54 130.70 5.30
C GLU A 993 -84.18 130.08 5.53
N ALA A 994 -83.81 129.06 4.75
CA ALA A 994 -82.44 128.57 4.77
C ALA A 994 -81.51 129.41 3.90
N MET A 995 -81.98 129.92 2.76
CA MET A 995 -81.18 130.81 1.94
C MET A 995 -81.07 132.20 2.55
N VAL A 996 -81.99 132.57 3.44
CA VAL A 996 -81.87 133.81 4.19
C VAL A 996 -80.65 133.77 5.11
N ASP A 997 -80.24 132.59 5.57
CA ASP A 997 -79.00 132.43 6.32
C ASP A 997 -77.78 132.72 5.47
N LYS A 998 -77.74 132.23 4.23
CA LYS A 998 -76.66 132.56 3.32
C LYS A 998 -76.66 134.04 2.97
N LEU A 999 -77.84 134.66 2.89
CA LEU A 999 -77.92 136.09 2.63
C LEU A 999 -77.38 136.90 3.80
N ALA A 1000 -77.71 136.46 5.03
CA ALA A 1000 -77.15 137.11 6.21
C ALA A 1000 -75.65 136.90 6.31
N GLU A 1001 -75.16 135.71 5.92
CA GLU A 1001 -73.73 135.48 5.87
C GLU A 1001 -73.06 136.32 4.81
N ASN A 1002 -73.72 136.52 3.67
CA ASN A 1002 -73.19 137.34 2.59
C ASN A 1002 -73.10 138.79 3.01
N ALA A 1003 -74.16 139.31 3.62
CA ALA A 1003 -74.18 140.69 4.10
C ALA A 1003 -73.16 140.90 5.21
N HIS A 1004 -73.08 139.95 6.15
CA HIS A 1004 -72.08 140.02 7.20
C HIS A 1004 -70.67 139.90 6.65
N ASN A 1005 -70.49 139.17 5.56
CA ASN A 1005 -69.15 138.98 5.03
C ASN A 1005 -68.69 140.19 4.23
N VAL A 1006 -69.60 140.83 3.51
CA VAL A 1006 -69.19 142.05 2.83
C VAL A 1006 -69.07 143.20 3.82
N TRP A 1007 -69.83 143.17 4.91
CA TRP A 1007 -69.67 144.18 5.96
C TRP A 1007 -68.37 143.96 6.73
N ALA A 1008 -68.01 142.71 6.97
CA ALA A 1008 -66.72 142.38 7.57
C ALA A 1008 -65.58 142.69 6.64
N ARG A 1009 -65.77 142.53 5.32
CA ARG A 1009 -64.84 143.07 4.34
C ARG A 1009 -64.69 144.58 4.49
N ASP A 1010 -65.80 145.28 4.74
CA ASP A 1010 -65.73 146.68 5.10
C ASP A 1010 -65.26 146.91 6.54
N ARG A 1011 -65.16 145.86 7.34
CA ARG A 1011 -64.62 145.97 8.70
C ARG A 1011 -63.27 145.29 8.86
N ILE A 1012 -62.61 144.92 7.75
CA ILE A 1012 -61.30 144.27 7.81
C ILE A 1012 -60.26 145.24 8.38
N ARG A 1013 -60.09 146.38 7.72
CA ARG A 1013 -58.99 147.28 8.03
C ARG A 1013 -59.21 148.03 9.35
N GLN A 1014 -60.38 148.60 9.56
CA GLN A 1014 -60.70 149.26 10.81
C GLN A 1014 -60.89 148.20 11.90
N ARG A 1027 -58.33 150.40 12.94
CA ARG A 1027 -58.16 149.42 14.01
C ARG A 1027 -59.36 149.43 14.95
N ARG A 1028 -59.11 148.95 16.18
CA ARG A 1028 -60.03 148.93 17.33
C ARG A 1028 -61.44 148.45 16.99
N ASN A 1029 -61.53 147.48 16.10
CA ASN A 1029 -62.82 146.89 15.75
C ASN A 1029 -63.00 145.56 16.45
N PRO A 1030 -64.02 145.41 17.31
CA PRO A 1030 -64.28 144.10 17.91
C PRO A 1030 -65.05 143.13 17.02
N ARG A 1031 -65.16 143.41 15.72
CA ARG A 1031 -65.88 142.55 14.79
C ARG A 1031 -64.94 141.64 14.00
N LEU A 1032 -63.77 141.33 14.57
CA LEU A 1032 -62.74 140.57 13.85
C LEU A 1032 -62.85 139.07 14.09
N VAL A 1033 -64.06 138.54 13.90
CA VAL A 1033 -64.34 137.10 13.94
C VAL A 1033 -65.42 136.79 12.91
N PRO A 1034 -65.37 135.57 12.30
CA PRO A 1034 -66.27 135.28 11.17
C PRO A 1034 -67.75 135.15 11.52
N TYR A 1035 -68.56 134.83 10.50
CA TYR A 1035 -70.00 134.72 10.66
C TYR A 1035 -70.39 133.55 11.57
N ALA A 1036 -69.71 132.41 11.43
CA ALA A 1036 -70.09 131.22 12.16
C ALA A 1036 -69.66 131.25 13.62
N LEU A 1037 -69.08 132.34 14.11
CA LEU A 1037 -68.72 132.40 15.51
C LEU A 1037 -69.09 133.74 16.16
N LEU A 1038 -69.28 134.80 15.37
CA LEU A 1038 -69.75 136.05 15.94
C LEU A 1038 -71.22 135.89 16.33
N ASP A 1039 -71.71 136.77 17.22
CA ASP A 1039 -73.05 136.68 17.80
C ASP A 1039 -74.11 136.83 16.72
N ASP A 1040 -74.95 135.81 16.56
CA ASP A 1040 -75.86 135.70 15.44
C ASP A 1040 -77.28 136.16 15.76
N ARG A 1041 -77.48 136.92 16.83
CA ARG A 1041 -78.81 137.38 17.18
C ARG A 1041 -79.17 138.75 16.62
N THR A 1042 -78.20 139.68 16.52
CA THR A 1042 -78.46 140.95 15.86
C THR A 1042 -78.48 140.81 14.34
N LYS A 1043 -77.95 139.72 13.82
CA LYS A 1043 -78.07 139.40 12.41
C LYS A 1043 -79.41 138.77 12.06
N LYS A 1044 -80.25 138.47 13.05
CA LYS A 1044 -81.55 137.89 12.76
C LYS A 1044 -82.58 138.91 12.30
N SER A 1045 -82.32 140.21 12.52
CA SER A 1045 -83.18 141.24 11.93
C SER A 1045 -82.99 141.34 10.42
N ASN A 1046 -81.75 141.20 9.95
CA ASN A 1046 -81.49 141.09 8.53
C ASN A 1046 -81.94 139.75 7.95
N LYS A 1047 -82.13 138.75 8.82
CA LYS A 1047 -82.79 137.52 8.39
C LYS A 1047 -84.28 137.73 8.26
N ASP A 1048 -84.88 138.50 9.18
CA ASP A 1048 -86.30 138.83 9.10
C ASP A 1048 -86.61 139.70 7.89
N SER A 1049 -85.72 140.62 7.54
CA SER A 1049 -85.94 141.48 6.38
C SER A 1049 -85.86 140.69 5.07
N LEU A 1050 -84.88 139.78 4.95
CA LEU A 1050 -84.82 138.89 3.81
C LEU A 1050 -85.98 137.90 3.75
N ARG A 1051 -86.43 137.40 4.90
CA ARG A 1051 -87.55 136.48 4.93
C ARG A 1051 -88.88 137.18 4.62
N GLU A 1052 -89.05 138.43 5.04
CA GLU A 1052 -90.24 139.19 4.65
C GLU A 1052 -90.15 139.68 3.22
N ALA A 1053 -88.94 139.86 2.68
CA ALA A 1053 -88.77 140.08 1.26
C ALA A 1053 -89.23 138.86 0.47
N VAL A 1054 -88.90 137.66 0.97
CA VAL A 1054 -89.40 136.43 0.37
C VAL A 1054 -90.90 136.28 0.55
N ARG A 1055 -91.46 136.78 1.67
CA ARG A 1055 -92.91 136.83 1.85
C ARG A 1055 -93.58 137.72 0.81
N THR A 1056 -92.99 138.89 0.52
CA THR A 1056 -93.41 139.72 -0.59
C THR A 1056 -93.24 139.03 -1.94
N LEU A 1057 -92.15 138.26 -2.12
CA LEU A 1057 -91.92 137.51 -3.35
C LEU A 1057 -93.01 136.48 -3.61
N LEU A 1058 -93.36 135.70 -2.59
CA LEU A 1058 -94.42 134.72 -2.77
C LEU A 1058 -95.80 135.35 -2.74
N GLY A 1059 -95.93 136.58 -2.23
CA GLY A 1059 -97.12 137.35 -2.52
C GLY A 1059 -97.22 137.70 -3.99
N TYR A 1060 -96.10 138.14 -4.59
CA TYR A 1060 -95.99 138.33 -6.02
C TYR A 1060 -95.99 137.01 -6.79
N GLY A 1061 -95.74 135.89 -6.12
CA GLY A 1061 -95.85 134.58 -6.74
C GLY A 1061 -94.56 134.00 -7.24
N TYR A 1062 -93.51 134.02 -6.41
CA TYR A 1062 -92.20 133.45 -6.77
C TYR A 1062 -91.68 132.68 -5.56
N ASN A 1063 -92.04 131.40 -5.48
CA ASN A 1063 -91.71 130.52 -4.38
C ASN A 1063 -90.24 130.11 -4.44
N LEU A 1064 -89.73 129.60 -3.32
CA LEU A 1064 -88.37 129.12 -3.22
C LEU A 1064 -88.35 127.70 -2.66
N GLU A 1065 -87.84 126.76 -3.45
CA GLU A 1065 -87.68 125.37 -3.04
C GLU A 1065 -86.45 124.83 -3.74
N ALA A 1066 -85.40 124.56 -2.97
CA ALA A 1066 -84.17 123.99 -3.54
C ALA A 1066 -84.37 122.55 -3.96
N ARG A 1084 -54.97 108.21 8.10
CA ARG A 1084 -56.34 108.04 7.65
C ARG A 1084 -57.14 107.21 8.63
N PHE A 1085 -56.88 105.90 8.69
CA PHE A 1085 -57.59 105.01 9.60
C PHE A 1085 -56.57 104.12 10.30
N ARG A 1086 -56.38 104.37 11.60
CA ARG A 1086 -55.29 103.78 12.37
C ARG A 1086 -55.64 102.36 12.82
N ILE A 1087 -54.61 101.53 13.01
CA ILE A 1087 -54.77 100.12 13.34
C ILE A 1087 -54.07 99.86 14.66
N PHE A 1088 -54.70 99.08 15.54
CA PHE A 1088 -54.31 98.95 16.93
C PHE A 1088 -54.23 97.48 17.27
N ARG A 1089 -53.21 97.07 18.02
CA ARG A 1089 -53.07 95.68 18.41
C ARG A 1089 -52.21 95.57 19.65
N ALA A 1090 -52.30 94.40 20.29
CA ALA A 1090 -51.46 94.08 21.43
C ALA A 1090 -50.16 93.46 20.95
N GLU A 1091 -49.42 92.86 21.88
CA GLU A 1091 -48.04 92.46 21.62
C GLU A 1091 -47.97 91.20 20.75
N LYS A 1092 -46.88 91.08 20.01
CA LYS A 1092 -46.69 89.95 19.11
C LYS A 1092 -46.40 88.66 19.85
N THR A 1093 -45.80 88.74 21.03
CA THR A 1093 -45.36 87.55 21.71
C THR A 1093 -46.50 86.81 22.41
N TYR A 1094 -47.69 87.38 22.49
CA TYR A 1094 -48.80 86.70 23.14
C TYR A 1094 -49.66 85.93 22.17
N ALA A 1095 -49.10 85.49 21.05
CA ALA A 1095 -49.86 84.85 19.99
C ALA A 1095 -50.38 83.50 20.44
N VAL A 1096 -51.65 83.46 20.84
CA VAL A 1096 -52.22 82.25 21.40
C VAL A 1096 -52.44 81.23 20.30
N LYS A 1097 -51.97 80.00 20.53
CA LYS A 1097 -52.12 78.94 19.55
C LYS A 1097 -52.96 77.78 20.01
N ALA A 1098 -53.42 77.76 21.26
CA ALA A 1098 -54.26 76.69 21.77
C ALA A 1098 -55.21 77.26 22.81
N GLY A 1099 -56.37 76.65 22.92
CA GLY A 1099 -57.30 76.97 23.97
C GLY A 1099 -58.57 77.60 23.46
N ARG A 1100 -59.29 78.22 24.40
CA ARG A 1100 -60.61 78.79 24.17
C ARG A 1100 -60.64 80.17 24.79
N TRP A 1101 -60.66 81.22 23.97
CA TRP A 1101 -60.35 82.55 24.46
C TRP A 1101 -61.39 83.56 24.00
N TYR A 1102 -61.42 84.69 24.72
CA TYR A 1102 -62.42 85.73 24.50
C TYR A 1102 -61.86 87.06 24.98
N PHE A 1103 -62.20 88.13 24.26
CA PHE A 1103 -61.93 89.48 24.73
C PHE A 1103 -63.04 90.41 24.26
N GLU A 1104 -63.17 91.57 24.92
CA GLU A 1104 -64.30 92.44 24.64
C GLU A 1104 -63.85 93.83 24.21
N PHE A 1105 -64.74 94.49 23.48
CA PHE A 1105 -64.48 95.80 22.90
C PHE A 1105 -65.76 96.61 22.93
N GLU A 1106 -65.63 97.91 23.16
CA GLU A 1106 -66.76 98.83 23.19
C GLU A 1106 -66.64 99.80 22.02
N ALA A 1107 -67.69 99.89 21.22
CA ALA A 1107 -67.77 100.85 20.14
C ALA A 1107 -68.58 102.06 20.58
N VAL A 1108 -68.00 103.25 20.42
CA VAL A 1108 -68.59 104.44 21.04
C VAL A 1108 -69.15 105.39 19.99
N THR A 1109 -68.30 105.94 19.15
CA THR A 1109 -68.72 107.01 18.25
C THR A 1109 -68.66 106.54 16.79
N ALA A 1110 -68.99 107.46 15.88
CA ALA A 1110 -69.55 107.15 14.58
C ALA A 1110 -68.51 106.62 13.59
N GLY A 1111 -68.73 105.40 13.10
CA GLY A 1111 -68.06 104.95 11.89
C GLY A 1111 -67.53 103.53 11.92
N ASP A 1112 -66.43 103.31 11.20
CA ASP A 1112 -65.77 102.02 11.08
C ASP A 1112 -65.18 101.61 12.41
N MET A 1113 -65.68 100.49 12.94
CA MET A 1113 -65.07 99.78 14.05
C MET A 1113 -64.84 98.36 13.55
N ARG A 1114 -63.60 98.07 13.17
CA ARG A 1114 -63.24 96.79 12.55
C ARG A 1114 -62.47 95.95 13.55
N VAL A 1115 -63.14 94.98 14.15
CA VAL A 1115 -62.58 94.24 15.29
C VAL A 1115 -62.35 92.81 14.87
N GLY A 1116 -61.20 92.26 15.22
CA GLY A 1116 -60.96 90.87 14.90
C GLY A 1116 -59.68 90.32 15.49
N TRP A 1117 -59.22 89.23 14.89
CA TRP A 1117 -58.04 88.52 15.32
C TRP A 1117 -57.10 88.43 14.14
N SER A 1118 -55.82 88.72 14.36
CA SER A 1118 -54.91 88.75 13.24
C SER A 1118 -53.68 87.90 13.51
N ARG A 1119 -53.08 87.42 12.43
CA ARG A 1119 -51.74 86.88 12.49
C ARG A 1119 -50.77 88.00 12.86
N PRO A 1120 -49.69 87.67 13.58
CA PRO A 1120 -48.72 88.71 13.93
C PRO A 1120 -47.96 89.25 12.74
N GLY A 1121 -47.94 88.54 11.63
CA GLY A 1121 -47.37 89.04 10.39
C GLY A 1121 -48.25 90.00 9.63
N CYS A 1122 -49.32 90.53 10.24
CA CYS A 1122 -50.12 91.55 9.59
C CYS A 1122 -49.35 92.85 9.52
N GLN A 1123 -49.69 93.66 8.53
CA GLN A 1123 -49.03 94.94 8.37
C GLN A 1123 -50.02 96.04 8.73
N PRO A 1124 -49.73 96.87 9.73
CA PRO A 1124 -50.47 98.13 9.87
C PRO A 1124 -50.06 99.16 8.84
N ASP A 1125 -49.03 98.87 8.02
CA ASP A 1125 -48.65 99.74 6.91
C ASP A 1125 -49.81 99.94 5.93
N GLN A 1126 -50.52 98.87 5.61
CA GLN A 1126 -51.75 98.91 4.84
C GLN A 1126 -52.93 99.06 5.78
N GLU A 1127 -54.14 98.81 5.29
CA GLU A 1127 -55.32 98.77 6.12
C GLU A 1127 -56.04 97.43 5.97
N LEU A 1128 -57.02 97.22 6.84
CA LEU A 1128 -57.33 95.89 7.34
C LEU A 1128 -58.42 95.21 6.55
N GLY A 1129 -58.36 93.88 6.54
CA GLY A 1129 -59.46 93.05 6.08
C GLY A 1129 -59.19 92.47 4.73
N SER A 1130 -58.46 93.21 3.90
CA SER A 1130 -58.12 92.80 2.56
C SER A 1130 -56.81 92.04 2.53
N ASP A 1131 -56.74 90.97 3.30
CA ASP A 1131 -55.53 90.18 3.44
C ASP A 1131 -55.93 88.84 4.04
N GLU A 1132 -54.94 87.95 4.14
CA GLU A 1132 -55.13 86.66 4.81
C GLU A 1132 -54.68 86.68 6.25
N ARG A 1133 -53.95 87.71 6.67
CA ARG A 1133 -53.46 87.75 8.05
C ARG A 1133 -54.56 88.17 9.00
N ALA A 1134 -55.46 89.04 8.56
CA ALA A 1134 -56.51 89.52 9.43
C ALA A 1134 -57.79 88.72 9.23
N PHE A 1135 -58.51 88.49 10.33
CA PHE A 1135 -59.81 87.81 10.35
C PHE A 1135 -60.68 88.72 11.18
N ALA A 1136 -61.51 89.56 10.56
CA ALA A 1136 -62.22 90.55 11.36
C ALA A 1136 -63.65 90.76 10.88
N PHE A 1137 -64.37 91.56 11.65
CA PHE A 1137 -65.75 91.90 11.38
C PHE A 1137 -65.92 93.40 11.59
N ASP A 1138 -66.63 94.05 10.67
CA ASP A 1138 -66.94 95.46 10.79
C ASP A 1138 -68.23 95.60 11.59
N GLY A 1139 -68.15 96.19 12.78
CA GLY A 1139 -69.35 96.48 13.53
C GLY A 1139 -70.27 97.45 12.82
N PHE A 1140 -69.71 98.32 12.00
CA PHE A 1140 -70.45 99.15 11.06
C PHE A 1140 -70.77 98.34 9.81
N LYS A 1141 -71.92 98.62 9.22
CA LYS A 1141 -72.41 98.07 7.95
C LYS A 1141 -72.68 96.56 7.97
N ALA A 1142 -72.49 95.90 9.13
CA ALA A 1142 -72.87 94.52 9.39
C ALA A 1142 -72.26 93.53 8.41
N GLN A 1143 -70.96 93.62 8.15
CA GLN A 1143 -70.31 92.67 7.26
C GLN A 1143 -68.95 92.25 7.83
N ARG A 1144 -68.50 91.09 7.39
CA ARG A 1144 -67.23 90.52 7.84
C ARG A 1144 -66.14 90.79 6.80
N TRP A 1145 -64.91 90.41 7.15
CA TRP A 1145 -63.73 90.89 6.43
C TRP A 1145 -62.60 89.87 6.56
N HIS A 1146 -62.41 89.08 5.50
CA HIS A 1146 -61.16 88.36 5.26
C HIS A 1146 -61.13 88.01 3.78
N GLN A 1147 -60.28 88.71 3.03
CA GLN A 1147 -60.15 88.61 1.57
C GLN A 1147 -61.49 88.80 0.85
N GLY A 1148 -62.31 89.71 1.38
CA GLY A 1148 -63.62 89.95 0.81
C GLY A 1148 -64.68 90.46 1.77
N ASN A 1149 -65.95 90.30 1.40
CA ASN A 1149 -67.07 90.83 2.18
C ASN A 1149 -68.28 89.92 2.07
N GLU A 1150 -69.05 89.87 3.15
CA GLU A 1150 -70.35 89.24 3.19
C GLU A 1150 -71.09 89.82 4.40
N HIS A 1151 -72.38 90.08 4.23
CA HIS A 1151 -73.20 90.63 5.31
C HIS A 1151 -73.28 89.67 6.49
N TYR A 1152 -73.27 90.23 7.69
CA TYR A 1152 -73.20 89.43 8.90
C TYR A 1152 -73.74 90.26 10.05
N GLY A 1153 -74.86 89.84 10.63
CA GLY A 1153 -75.31 90.45 11.88
C GLY A 1153 -75.90 91.83 11.68
N ARG A 1154 -75.74 92.67 12.69
CA ARG A 1154 -76.34 94.00 12.72
C ARG A 1154 -75.28 95.08 12.77
N SER A 1155 -75.70 96.33 12.91
CA SER A 1155 -74.77 97.43 13.10
C SER A 1155 -74.38 97.53 14.56
N TRP A 1156 -73.37 98.35 14.83
CA TRP A 1156 -73.04 98.65 16.21
C TRP A 1156 -73.97 99.76 16.73
N GLN A 1157 -74.02 99.88 18.05
CA GLN A 1157 -74.79 100.91 18.71
C GLN A 1157 -73.90 101.66 19.67
N ALA A 1158 -74.24 102.92 19.91
CA ALA A 1158 -73.39 103.80 20.71
C ALA A 1158 -73.48 103.38 22.18
N GLY A 1159 -72.53 102.56 22.60
CA GLY A 1159 -72.57 101.99 23.94
C GLY A 1159 -72.71 100.49 23.91
N ASP A 1160 -72.22 99.88 22.84
CA ASP A 1160 -72.21 98.43 22.74
C ASP A 1160 -70.96 97.85 23.40
N VAL A 1161 -71.01 96.54 23.62
CA VAL A 1161 -69.86 95.75 24.07
C VAL A 1161 -69.80 94.54 23.15
N VAL A 1162 -68.87 94.54 22.20
CA VAL A 1162 -68.96 93.59 21.12
C VAL A 1162 -68.44 92.22 21.54
N GLY A 1163 -67.14 92.11 21.83
CA GLY A 1163 -66.59 90.83 22.23
C GLY A 1163 -66.36 89.84 21.11
N CYS A 1164 -65.37 88.96 21.29
CA CYS A 1164 -64.90 88.05 20.25
C CYS A 1164 -64.37 86.79 20.94
N MET A 1165 -64.78 85.62 20.43
CA MET A 1165 -64.37 84.33 20.99
C MET A 1165 -63.72 83.48 19.91
N VAL A 1166 -62.67 82.75 20.30
CA VAL A 1166 -61.88 81.93 19.39
C VAL A 1166 -61.65 80.57 20.01
N ASP A 1167 -62.03 79.52 19.29
CA ASP A 1167 -61.52 78.18 19.55
C ASP A 1167 -60.24 78.05 18.75
N MET A 1168 -59.23 77.42 19.33
CA MET A 1168 -57.98 77.24 18.61
C MET A 1168 -57.70 75.80 18.23
N THR A 1169 -57.99 74.86 19.13
CA THR A 1169 -57.94 73.45 18.78
C THR A 1169 -58.98 73.13 17.71
N GLU A 1170 -60.18 73.64 17.90
CA GLU A 1170 -61.13 73.71 16.82
C GLU A 1170 -60.81 74.91 15.94
N HIS A 1171 -61.11 74.81 14.66
CA HIS A 1171 -60.75 75.84 13.70
C HIS A 1171 -61.89 76.85 13.52
N THR A 1172 -62.42 77.36 14.64
CA THR A 1172 -63.63 78.18 14.60
C THR A 1172 -63.42 79.49 15.36
N MET A 1173 -64.31 80.44 15.09
CA MET A 1173 -64.19 81.80 15.59
C MET A 1173 -65.56 82.45 15.50
N MET A 1174 -66.07 82.93 16.64
CA MET A 1174 -67.44 83.43 16.72
C MET A 1174 -67.47 84.77 17.43
N PHE A 1175 -68.22 85.72 16.88
CA PHE A 1175 -68.27 87.07 17.42
C PHE A 1175 -69.66 87.34 17.99
N THR A 1176 -69.71 88.07 19.10
CA THR A 1176 -70.94 88.32 19.82
C THR A 1176 -71.29 89.81 19.81
N LEU A 1177 -72.41 90.14 20.45
CA LEU A 1177 -72.79 91.53 20.70
C LEU A 1177 -73.73 91.56 21.89
N ASN A 1178 -73.23 92.05 23.04
CA ASN A 1178 -74.01 92.24 24.27
C ASN A 1178 -74.66 90.95 24.75
N GLY A 1179 -73.96 89.83 24.56
CA GLY A 1179 -74.52 88.53 24.82
C GLY A 1179 -75.20 87.89 23.63
N GLU A 1180 -75.74 88.70 22.72
CA GLU A 1180 -76.34 88.16 21.51
C GLU A 1180 -75.23 87.76 20.56
N ILE A 1181 -75.11 86.45 20.34
CA ILE A 1181 -74.16 85.91 19.38
C ILE A 1181 -74.59 86.32 17.97
N LEU A 1182 -73.77 87.13 17.31
CA LEU A 1182 -74.12 87.69 16.02
C LEU A 1182 -74.15 86.62 14.94
N LEU A 1183 -75.10 86.79 14.02
CA LEU A 1183 -75.56 85.72 13.15
C LEU A 1183 -75.33 86.08 11.69
N ASP A 1184 -75.01 85.07 10.89
CA ASP A 1184 -74.90 85.22 9.46
C ASP A 1184 -76.23 84.85 8.79
N ASP A 1185 -76.38 85.23 7.53
CA ASP A 1185 -77.58 84.86 6.79
C ASP A 1185 -77.56 83.39 6.36
N SER A 1186 -76.44 82.69 6.59
CA SER A 1186 -76.34 81.25 6.39
C SER A 1186 -76.85 80.45 7.58
N GLY A 1187 -77.45 81.10 8.56
CA GLY A 1187 -77.95 80.41 9.74
C GLY A 1187 -76.87 79.89 10.65
N SER A 1188 -75.69 80.50 10.64
CA SER A 1188 -74.58 80.12 11.51
C SER A 1188 -74.07 81.36 12.22
N GLU A 1189 -73.90 81.27 13.53
CA GLU A 1189 -73.42 82.41 14.30
C GLU A 1189 -71.90 82.46 14.36
N LEU A 1190 -71.23 81.39 13.96
CA LEU A 1190 -69.77 81.32 13.93
C LEU A 1190 -69.27 82.23 12.83
N ALA A 1191 -68.63 83.34 13.22
CA ALA A 1191 -68.27 84.39 12.28
C ALA A 1191 -67.20 83.94 11.30
N PHE A 1192 -66.21 83.19 11.77
CA PHE A 1192 -65.17 82.68 10.91
C PHE A 1192 -64.84 81.24 11.27
N LYS A 1193 -64.63 80.42 10.26
CA LYS A 1193 -64.48 79.00 10.46
C LYS A 1193 -63.36 78.49 9.57
N ASP A 1194 -62.75 77.37 10.02
CA ASP A 1194 -61.85 76.55 9.22
C ASP A 1194 -60.58 77.32 8.82
N PHE A 1195 -60.08 78.13 9.73
CA PHE A 1195 -58.85 78.87 9.47
C PHE A 1195 -57.65 77.96 9.61
N ASP A 1196 -56.46 78.50 9.36
CA ASP A 1196 -55.22 77.78 9.53
C ASP A 1196 -54.68 78.07 10.91
N VAL A 1197 -54.29 77.01 11.62
CA VAL A 1197 -53.72 77.16 12.95
C VAL A 1197 -52.21 77.35 12.78
N GLY A 1198 -51.84 78.58 12.47
CA GLY A 1198 -50.45 78.87 12.16
C GLY A 1198 -49.70 79.43 13.35
N ASP A 1199 -49.26 80.67 13.24
CA ASP A 1199 -48.40 81.29 14.23
C ASP A 1199 -49.18 81.99 15.32
N GLY A 1200 -50.42 81.60 15.54
CA GLY A 1200 -51.22 82.21 16.59
C GLY A 1200 -51.94 83.45 16.12
N PHE A 1201 -52.71 84.03 17.04
CA PHE A 1201 -53.58 85.14 16.69
C PHE A 1201 -53.64 86.13 17.84
N ILE A 1202 -53.57 87.41 17.50
CA ILE A 1202 -53.55 88.48 18.49
C ILE A 1202 -54.80 89.34 18.28
N PRO A 1203 -55.33 89.99 19.32
CA PRO A 1203 -56.48 90.87 19.14
C PRO A 1203 -56.11 92.14 18.41
N VAL A 1204 -56.94 92.55 17.47
CA VAL A 1204 -56.67 93.74 16.68
C VAL A 1204 -57.97 94.52 16.49
N CYS A 1205 -57.86 95.84 16.51
CA CYS A 1205 -59.01 96.68 16.20
C CYS A 1205 -58.55 97.83 15.33
N SER A 1206 -59.35 98.18 14.34
CA SER A 1206 -59.07 99.34 13.51
C SER A 1206 -60.05 100.45 13.84
N LEU A 1207 -59.55 101.68 13.88
CA LEU A 1207 -60.39 102.82 14.10
C LEU A 1207 -60.40 103.69 12.85
N GLY A 1208 -61.42 104.53 12.75
CA GLY A 1208 -61.62 105.33 11.54
C GLY A 1208 -61.16 106.76 11.68
N VAL A 1209 -62.07 107.73 11.54
CA VAL A 1209 -61.71 109.14 11.47
C VAL A 1209 -61.94 109.86 12.77
N ALA A 1210 -63.16 109.79 13.32
CA ALA A 1210 -63.48 110.44 14.58
C ALA A 1210 -64.14 109.45 15.51
N GLN A 1211 -63.61 108.23 15.53
CA GLN A 1211 -64.12 107.14 16.33
C GLN A 1211 -63.32 107.04 17.62
N VAL A 1212 -64.01 106.62 18.69
CA VAL A 1212 -63.35 106.36 19.96
C VAL A 1212 -63.53 104.89 20.28
N GLY A 1213 -62.41 104.19 20.46
CA GLY A 1213 -62.44 102.78 20.78
C GLY A 1213 -62.11 102.54 22.25
N ARG A 1214 -62.45 101.33 22.71
CA ARG A 1214 -62.23 100.97 24.10
C ARG A 1214 -62.08 99.46 24.15
N MET A 1215 -60.85 98.98 24.29
CA MET A 1215 -60.59 97.56 24.44
C MET A 1215 -60.39 97.22 25.90
N ASN A 1216 -60.49 95.93 26.22
CA ASN A 1216 -60.18 95.44 27.56
C ASN A 1216 -59.59 94.05 27.43
N PHE A 1217 -58.30 93.92 27.72
CA PHE A 1217 -57.57 92.66 27.58
C PHE A 1217 -57.63 91.85 28.87
N GLY A 1218 -58.84 91.55 29.32
CA GLY A 1218 -58.92 90.84 30.58
C GLY A 1218 -58.60 91.76 31.75
N LYS A 1219 -58.54 91.14 32.93
CA LYS A 1219 -58.29 91.74 34.24
C LYS A 1219 -59.34 92.78 34.61
N ASP A 1220 -60.48 92.71 33.93
CA ASP A 1220 -61.63 93.58 34.11
C ASP A 1220 -62.87 92.72 34.20
N VAL A 1221 -62.81 91.68 35.04
CA VAL A 1221 -63.91 90.72 35.14
C VAL A 1221 -65.14 91.39 35.74
N SER A 1222 -64.94 92.33 36.67
CA SER A 1222 -66.03 93.18 37.12
C SER A 1222 -66.56 94.07 36.01
N THR A 1223 -65.69 94.54 35.12
CA THR A 1223 -66.09 95.33 33.97
C THR A 1223 -66.42 94.42 32.77
N LEU A 1224 -66.16 93.12 32.90
CA LEU A 1224 -66.64 92.15 31.91
C LEU A 1224 -68.15 92.03 32.07
N LYS A 1225 -68.87 92.69 31.16
CA LYS A 1225 -70.31 92.82 31.27
C LYS A 1225 -71.06 91.56 30.84
N TYR A 1226 -70.71 91.00 29.71
CA TYR A 1226 -71.47 89.88 29.18
C TYR A 1226 -70.67 88.60 29.21
N PHE A 1227 -69.65 88.50 30.06
CA PHE A 1227 -68.86 87.30 30.13
C PHE A 1227 -69.57 86.20 30.90
N THR A 1228 -70.59 86.56 31.68
CA THR A 1228 -71.40 85.56 32.36
C THR A 1228 -72.29 84.81 31.38
N ILE A 1229 -73.16 85.52 30.68
CA ILE A 1229 -74.20 84.91 29.86
C ILE A 1229 -73.63 84.24 28.62
N CYS A 1230 -72.46 84.67 28.16
CA CYS A 1230 -71.69 83.95 27.17
C CYS A 1230 -70.22 84.05 27.52
N GLY A 1231 -69.49 82.95 27.38
CA GLY A 1231 -68.17 82.92 27.98
C GLY A 1231 -67.86 81.75 28.88
N LEU A 1232 -67.82 82.02 30.21
CA LEU A 1232 -67.33 81.09 31.24
C LEU A 1232 -67.84 79.66 31.14
N GLN A 1233 -69.15 79.48 31.29
CA GLN A 1233 -69.72 78.14 31.21
C GLN A 1233 -69.73 77.60 29.79
N GLU A 1234 -69.50 78.45 28.79
CA GLU A 1234 -69.42 78.03 27.41
C GLU A 1234 -68.02 77.59 27.02
N GLY A 1235 -67.12 77.47 27.99
CA GLY A 1235 -65.77 77.05 27.70
C GLY A 1235 -64.98 78.13 26.98
N TYR A 1236 -64.67 79.21 27.68
CA TYR A 1236 -63.83 80.28 27.15
C TYR A 1236 -63.04 80.90 28.30
N GLU A 1237 -62.16 81.84 27.94
CA GLU A 1237 -61.31 82.50 28.90
C GLU A 1237 -61.01 83.92 28.47
N PRO A 1238 -60.84 84.84 29.42
CA PRO A 1238 -60.35 86.17 29.06
C PRO A 1238 -58.83 86.18 29.00
N PHE A 1239 -58.21 87.35 28.88
CA PHE A 1239 -56.77 87.47 29.02
C PHE A 1239 -56.34 87.74 30.47
N ALA A 1240 -57.16 87.34 31.44
CA ALA A 1240 -56.88 87.56 32.85
C ALA A 1240 -56.34 86.32 33.54
N VAL A 1241 -56.12 85.25 32.79
CA VAL A 1241 -55.91 83.95 33.42
C VAL A 1241 -54.52 83.84 34.01
N ASN A 1242 -53.63 84.72 33.61
CA ASN A 1242 -52.28 84.68 34.14
C ASN A 1242 -51.66 86.03 34.46
N THR A 1243 -52.08 87.10 33.82
CA THR A 1243 -51.18 88.23 33.65
C THR A 1243 -51.25 89.17 34.85
N ASN A 1244 -50.06 89.45 35.40
CA ASN A 1244 -49.92 90.50 36.39
C ASN A 1244 -49.30 91.78 35.82
N ARG A 1245 -48.86 91.75 34.57
CA ARG A 1245 -48.47 92.97 33.89
C ARG A 1245 -49.69 93.58 33.26
N ASP A 1246 -49.47 94.65 32.49
CA ASP A 1246 -50.42 95.10 31.49
C ASP A 1246 -49.79 94.72 30.17
N ILE A 1247 -50.56 94.09 29.29
CA ILE A 1247 -50.04 93.72 27.99
C ILE A 1247 -49.90 94.98 27.15
N THR A 1248 -48.74 95.14 26.51
CA THR A 1248 -48.44 96.36 25.77
C THR A 1248 -49.30 96.44 24.51
N MET A 1249 -49.59 97.66 24.08
CA MET A 1249 -50.32 97.86 22.84
C MET A 1249 -49.44 98.50 21.79
N TRP A 1250 -49.66 98.09 20.54
CA TRP A 1250 -48.84 98.51 19.42
C TRP A 1250 -49.71 99.18 18.35
N LEU A 1251 -49.94 100.46 18.51
CA LEU A 1251 -50.65 101.22 17.51
C LEU A 1251 -49.73 101.52 16.35
N SER A 1252 -50.33 101.85 15.21
CA SER A 1252 -49.56 102.25 14.04
C SER A 1252 -49.23 103.73 14.10
N LYS A 1253 -48.10 104.09 13.51
CA LYS A 1253 -47.61 105.45 13.63
C LYS A 1253 -48.31 106.39 12.67
N ARG A 1254 -48.28 107.67 13.02
CA ARG A 1254 -48.65 108.74 12.11
C ARG A 1254 -47.44 109.28 11.37
N LEU A 1255 -46.34 109.52 12.07
CA LEU A 1255 -45.13 110.03 11.45
C LEU A 1255 -44.42 108.93 10.69
N PRO A 1256 -44.05 109.14 9.43
CA PRO A 1256 -43.35 108.11 8.68
C PRO A 1256 -41.86 108.17 8.91
N GLN A 1257 -41.20 107.03 8.69
CA GLN A 1257 -39.77 106.93 8.91
C GLN A 1257 -39.15 106.08 7.81
N PHE A 1258 -37.94 106.44 7.40
CA PHE A 1258 -37.38 105.78 6.24
C PHE A 1258 -36.84 104.41 6.59
N LEU A 1259 -36.69 103.58 5.57
CA LEU A 1259 -36.60 102.15 5.78
C LEU A 1259 -35.80 101.55 4.63
N GLN A 1260 -35.34 100.33 4.83
CA GLN A 1260 -34.59 99.60 3.81
C GLN A 1260 -35.53 99.19 2.67
N VAL A 1261 -34.97 98.62 1.61
CA VAL A 1261 -35.82 98.24 0.50
C VAL A 1261 -35.83 96.74 0.28
N PRO A 1262 -36.87 96.04 0.70
CA PRO A 1262 -37.03 94.63 0.37
C PRO A 1262 -37.63 94.45 -1.01
N SER A 1263 -38.01 93.23 -1.36
CA SER A 1263 -38.71 92.96 -2.61
C SER A 1263 -40.21 93.19 -2.51
N SER A 1264 -40.68 93.96 -1.52
CA SER A 1264 -42.11 94.16 -1.30
C SER A 1264 -42.58 95.42 -2.02
N HIS A 1265 -42.46 95.37 -3.34
CA HIS A 1265 -43.18 96.25 -4.24
C HIS A 1265 -43.64 95.38 -5.39
N GLU A 1266 -44.50 95.93 -6.24
CA GLU A 1266 -44.75 95.30 -7.53
C GLU A 1266 -43.45 95.18 -8.31
N HIS A 1267 -42.73 96.30 -8.44
CA HIS A 1267 -41.44 96.32 -9.13
C HIS A 1267 -40.67 97.53 -8.59
N ILE A 1268 -39.75 97.28 -7.65
CA ILE A 1268 -38.71 98.22 -7.22
C ILE A 1268 -37.45 97.39 -7.05
N GLU A 1269 -36.36 97.81 -7.68
CA GLU A 1269 -35.15 97.00 -7.65
C GLU A 1269 -33.93 97.91 -7.73
N VAL A 1270 -33.27 98.11 -6.58
CA VAL A 1270 -31.98 98.76 -6.60
C VAL A 1270 -30.91 97.70 -6.84
N THR A 1271 -29.83 98.07 -7.53
CA THR A 1271 -28.79 97.13 -7.91
C THR A 1271 -27.43 97.70 -7.54
N ARG A 1272 -26.69 96.93 -6.74
CA ARG A 1272 -25.28 97.23 -6.49
C ARG A 1272 -24.52 96.87 -7.76
N ILE A 1273 -24.02 97.87 -8.47
CA ILE A 1273 -23.25 97.63 -9.68
C ILE A 1273 -21.93 98.39 -9.59
N ASP A 1274 -21.05 98.10 -10.55
CA ASP A 1274 -19.76 98.74 -10.62
C ASP A 1274 -19.46 99.29 -12.01
N VAL A 1285 -19.98 106.34 -11.83
CA VAL A 1285 -19.37 105.02 -11.66
C VAL A 1285 -19.80 104.43 -10.31
N THR A 1286 -19.84 103.10 -10.24
CA THR A 1286 -20.30 102.33 -9.07
C THR A 1286 -21.72 102.76 -8.66
N GLN A 1287 -22.66 102.47 -9.54
CA GLN A 1287 -23.95 103.14 -9.55
C GLN A 1287 -25.02 102.34 -8.80
N LYS A 1288 -26.27 102.78 -8.92
CA LYS A 1288 -27.40 102.14 -8.24
C LYS A 1288 -28.66 102.35 -9.09
N SER A 1289 -29.03 101.35 -9.87
CA SER A 1289 -30.12 101.46 -10.83
C SER A 1289 -31.48 101.24 -10.14
N PHE A 1290 -32.54 101.19 -10.94
CA PHE A 1290 -33.89 101.29 -10.41
C PHE A 1290 -34.87 100.57 -11.34
N GLY A 1291 -36.15 100.73 -11.03
CA GLY A 1291 -37.24 100.38 -11.94
C GLY A 1291 -38.59 100.56 -11.28
N SER A 1292 -39.53 101.22 -11.96
CA SER A 1292 -40.85 101.46 -11.38
C SER A 1292 -41.96 101.43 -12.43
N GLN A 1293 -41.98 100.44 -13.32
CA GLN A 1293 -43.06 100.36 -14.31
C GLN A 1293 -44.20 99.51 -13.75
N ASN A 1294 -45.20 100.18 -13.17
CA ASN A 1294 -46.21 99.51 -12.36
C ASN A 1294 -47.54 100.25 -12.49
N SER A 1295 -48.42 99.99 -11.53
CA SER A 1295 -49.74 100.59 -11.45
C SER A 1295 -49.75 101.86 -10.62
N SER A 1296 -48.79 102.05 -9.71
CA SER A 1296 -48.78 103.19 -8.81
C SER A 1296 -47.34 103.73 -8.77
N THR A 1297 -47.14 104.90 -9.34
CA THR A 1297 -45.85 105.56 -9.41
C THR A 1297 -45.94 106.97 -8.85
N ASP A 1298 -46.56 107.10 -7.69
CA ASP A 1298 -46.93 108.42 -7.21
C ASP A 1298 -45.73 109.17 -6.64
N ILE A 1299 -45.19 108.71 -5.52
CA ILE A 1299 -44.17 109.43 -4.77
C ILE A 1299 -43.23 108.41 -4.15
N MET A 1300 -41.92 108.58 -4.37
CA MET A 1300 -40.92 107.65 -3.86
C MET A 1300 -39.74 108.47 -3.34
N PHE A 1301 -39.77 108.83 -2.07
CA PHE A 1301 -38.68 109.60 -1.46
C PHE A 1301 -37.50 108.67 -1.22
N TYR A 1302 -36.31 109.06 -1.66
CA TYR A 1302 -35.13 108.21 -1.57
C TYR A 1302 -34.01 108.92 -0.83
N ARG A 1303 -33.21 108.17 -0.07
CA ARG A 1303 -32.03 108.69 0.57
C ARG A 1303 -30.99 107.60 0.73
N LEU A 1304 -29.74 108.01 0.90
CA LEU A 1304 -28.71 107.06 1.20
C LEU A 1304 -28.72 106.72 2.68
N SER A 1305 -27.96 105.69 3.04
CA SER A 1305 -28.00 105.20 4.41
C SER A 1305 -27.29 106.16 5.35
N MET A 1306 -25.99 106.31 5.20
CA MET A 1306 -25.35 107.08 6.25
C MET A 1306 -25.16 108.53 5.84
N PRO A 1307 -25.23 109.45 6.78
CA PRO A 1307 -25.03 110.86 6.45
C PRO A 1307 -23.60 111.33 6.61
N ILE A 1308 -23.36 112.60 6.27
CA ILE A 1308 -22.07 113.26 6.48
C ILE A 1308 -22.27 114.41 7.45
N GLU A 1309 -21.32 114.56 8.36
CA GLU A 1309 -21.33 115.58 9.41
C GLU A 1309 -20.47 116.77 9.00
N CYS A 1310 -20.23 117.67 9.95
CA CYS A 1310 -19.34 118.80 9.73
C CYS A 1310 -18.28 118.91 10.82
N THR A 1425 -16.08 118.41 0.64
CA THR A 1425 -14.81 118.40 -0.04
C THR A 1425 -14.97 117.48 -1.25
N TYR A 1426 -15.97 116.61 -1.19
CA TYR A 1426 -16.23 115.65 -2.24
C TYR A 1426 -17.68 115.76 -2.69
N TYR A 1427 -17.99 115.09 -3.79
CA TYR A 1427 -19.23 115.30 -4.53
C TYR A 1427 -19.92 113.96 -4.80
N TYR A 1428 -20.96 113.99 -5.61
CA TYR A 1428 -21.99 112.96 -5.62
C TYR A 1428 -22.84 113.08 -6.86
N SER A 1429 -23.02 112.00 -7.62
CA SER A 1429 -23.62 112.09 -8.95
C SER A 1429 -25.03 111.50 -8.99
N VAL A 1430 -25.81 111.96 -9.97
CA VAL A 1430 -27.08 111.36 -10.34
C VAL A 1430 -27.28 111.58 -11.83
N ARG A 1431 -28.05 110.72 -12.48
CA ARG A 1431 -28.23 110.76 -13.94
C ARG A 1431 -29.63 110.30 -14.32
N ILE A 1432 -30.52 111.25 -14.54
CA ILE A 1432 -31.94 110.99 -14.72
C ILE A 1432 -32.24 111.00 -16.22
N PHE A 1433 -33.11 110.08 -16.67
CA PHE A 1433 -33.62 110.20 -18.03
C PHE A 1433 -34.85 111.10 -18.21
N PRO A 1434 -35.94 110.97 -17.41
CA PRO A 1434 -37.00 111.95 -17.70
C PRO A 1434 -36.82 113.27 -16.96
N ASN A 1440 -38.62 118.68 -12.41
CA ASN A 1440 -39.62 117.63 -12.32
C ASN A 1440 -39.28 116.55 -11.29
N VAL A 1441 -37.99 116.22 -11.16
CA VAL A 1441 -37.50 115.19 -10.23
C VAL A 1441 -36.29 115.75 -9.49
N TRP A 1442 -36.33 115.71 -8.16
CA TRP A 1442 -35.42 116.52 -7.35
C TRP A 1442 -34.24 115.74 -6.82
N VAL A 1443 -33.27 116.48 -6.29
CA VAL A 1443 -32.14 115.95 -5.51
C VAL A 1443 -31.92 116.92 -4.37
N GLY A 1444 -31.26 116.46 -3.29
CA GLY A 1444 -30.87 117.36 -2.23
C GLY A 1444 -30.25 116.65 -1.04
N TRP A 1445 -30.35 117.32 0.11
CA TRP A 1445 -29.78 116.85 1.37
C TRP A 1445 -30.84 116.92 2.46
N ILE A 1446 -31.12 115.79 3.06
CA ILE A 1446 -32.10 115.70 4.14
C ILE A 1446 -31.37 115.71 5.47
N THR A 1447 -31.68 116.70 6.31
CA THR A 1447 -31.32 116.62 7.71
C THR A 1447 -32.34 115.71 8.38
N SER A 1448 -31.85 114.85 9.28
CA SER A 1448 -32.54 113.64 9.74
C SER A 1448 -33.94 113.90 10.31
N ASP A 1449 -34.19 115.08 10.86
CA ASP A 1449 -35.54 115.45 11.26
C ASP A 1449 -36.30 115.82 10.00
N PHE A 1450 -36.91 114.82 9.36
CA PHE A 1450 -37.75 115.05 8.19
C PHE A 1450 -38.74 113.90 8.09
N HIS A 1451 -40.02 114.20 8.26
CA HIS A 1451 -41.09 113.22 8.10
C HIS A 1451 -42.29 113.84 7.42
N GLN A 1452 -42.06 114.86 6.60
CA GLN A 1452 -43.13 115.59 5.93
C GLN A 1452 -43.34 114.99 4.55
N TYR A 1453 -44.17 113.97 4.49
CA TYR A 1453 -44.53 113.33 3.22
C TYR A 1453 -45.49 114.26 2.49
N ASP A 1454 -45.00 114.92 1.44
CA ASP A 1454 -45.77 115.95 0.75
C ASP A 1454 -45.44 115.92 -0.72
N THR A 1455 -46.44 116.21 -1.55
CA THR A 1455 -46.30 116.17 -3.00
C THR A 1455 -46.08 117.56 -3.58
N ALA A 1456 -45.05 118.26 -3.10
CA ALA A 1456 -44.86 119.66 -3.45
C ALA A 1456 -43.43 120.08 -3.17
N PHE A 1457 -43.23 121.39 -3.08
CA PHE A 1457 -42.00 122.00 -2.55
C PHE A 1457 -42.39 122.89 -1.36
N ASP A 1458 -41.80 122.61 -0.19
CA ASP A 1458 -41.93 123.42 1.03
C ASP A 1458 -40.67 123.19 1.88
N LEU A 1459 -40.76 123.54 3.17
CA LEU A 1459 -39.71 123.18 4.14
C LEU A 1459 -39.54 121.69 4.28
N VAL A 1465 -34.16 125.70 8.77
CA VAL A 1465 -34.24 126.62 9.88
C VAL A 1465 -33.81 128.02 9.46
N THR A 1466 -34.50 129.04 9.96
CA THR A 1466 -34.27 130.44 9.64
C THR A 1466 -34.32 131.30 10.91
N VAL A 1467 -33.16 131.51 11.50
CA VAL A 1467 -32.99 132.34 12.68
C VAL A 1467 -31.98 133.43 12.34
N THR A 1468 -32.21 134.63 12.84
CA THR A 1468 -31.29 135.74 12.63
C THR A 1468 -30.27 135.81 13.76
N LEU A 1469 -29.17 136.51 13.48
CA LEU A 1469 -28.11 136.73 14.47
C LEU A 1469 -28.58 137.64 15.59
N GLY A 1470 -28.20 137.30 16.80
CA GLY A 1470 -28.46 138.15 17.94
C GLY A 1470 -27.17 138.58 18.61
N ASP A 1471 -26.90 139.88 18.64
CA ASP A 1471 -25.69 140.42 19.26
C ASP A 1471 -26.02 141.31 20.46
N GLU A 1472 -27.12 140.97 21.15
CA GLU A 1472 -27.57 141.50 22.44
C GLU A 1472 -28.04 142.95 22.38
N LYS A 1473 -27.87 143.61 21.22
CA LYS A 1473 -28.31 144.97 21.02
C LYS A 1473 -29.28 145.09 19.86
N GLY A 1474 -29.85 143.97 19.41
CA GLY A 1474 -30.53 143.93 18.13
C GLY A 1474 -29.48 144.07 17.04
N LYS A 1475 -29.69 145.01 16.13
CA LYS A 1475 -28.64 145.67 15.36
C LYS A 1475 -27.94 144.80 14.31
N VAL A 1476 -28.17 143.49 14.30
CA VAL A 1476 -27.61 142.68 13.22
C VAL A 1476 -28.73 142.06 12.39
N HIS A 1477 -29.51 141.14 12.99
CA HIS A 1477 -30.77 140.62 12.44
C HIS A 1477 -30.63 140.01 11.05
N GLU A 1478 -29.45 139.45 10.74
CA GLU A 1478 -29.25 139.02 9.35
C GLU A 1478 -29.65 137.56 9.11
N SER A 1479 -28.89 136.63 9.69
CA SER A 1479 -29.02 135.19 9.44
C SER A 1479 -28.07 134.42 10.33
N ILE A 1480 -28.44 133.19 10.67
CA ILE A 1480 -27.48 132.15 10.98
C ILE A 1480 -27.73 130.90 10.15
N LYS A 1481 -28.92 130.77 9.58
CA LYS A 1481 -29.34 129.46 9.11
C LYS A 1481 -30.25 129.55 7.89
N ARG A 1482 -30.13 128.52 7.04
CA ARG A 1482 -31.06 128.24 5.94
C ARG A 1482 -31.74 126.88 6.07
N SER A 1483 -30.96 125.80 6.20
CA SER A 1483 -31.36 124.45 5.80
C SER A 1483 -32.38 123.84 6.76
N ASN A 1484 -33.06 122.80 6.26
CA ASN A 1484 -34.03 122.06 7.08
C ASN A 1484 -34.21 120.63 6.57
N TYR A 1486 -34.20 120.29 3.39
CA TYR A 1486 -34.37 119.59 2.12
C TYR A 1486 -34.11 120.53 0.95
N MET A 1487 -33.17 120.16 0.10
CA MET A 1487 -32.71 121.00 -1.00
C MET A 1487 -33.40 120.59 -2.29
N VAL A 1488 -33.53 121.56 -3.21
CA VAL A 1488 -34.35 121.41 -4.41
C VAL A 1488 -33.52 121.79 -5.63
N CYS A 1489 -33.52 120.90 -6.63
CA CYS A 1489 -32.99 121.19 -7.96
C CYS A 1489 -33.99 120.67 -8.97
N ALA A 1490 -33.59 120.58 -10.23
CA ALA A 1490 -34.46 120.07 -11.27
C ALA A 1490 -33.70 119.16 -12.24
N ASN A 1502 -32.17 112.66 -22.01
CA ASN A 1502 -30.86 112.02 -21.98
C ASN A 1502 -30.32 111.92 -20.56
N ASN A 1503 -29.25 112.67 -20.29
CA ASN A 1503 -28.51 112.58 -19.04
C ASN A 1503 -28.55 113.94 -18.33
N GLY A 1504 -29.14 113.97 -17.14
CA GLY A 1504 -29.00 115.12 -16.28
C GLY A 1504 -28.01 114.82 -15.18
N LEU A 1505 -26.79 115.36 -15.28
CA LEU A 1505 -25.73 115.04 -14.33
C LEU A 1505 -25.67 116.07 -13.21
N GLU A 1506 -26.74 116.14 -12.43
CA GLU A 1506 -26.76 117.02 -11.28
C GLU A 1506 -25.88 116.47 -10.17
N ILE A 1507 -25.07 117.34 -9.58
CA ILE A 1507 -24.09 116.89 -8.59
C ILE A 1507 -24.08 117.87 -7.41
N GLY A 1508 -24.34 117.34 -6.21
CA GLY A 1508 -24.32 118.08 -4.97
C GLY A 1508 -22.97 118.18 -4.29
N CYS A 1509 -22.11 119.11 -4.70
CA CYS A 1509 -20.84 119.30 -4.02
C CYS A 1509 -21.04 119.97 -2.67
N VAL A 1510 -20.37 119.44 -1.64
CA VAL A 1510 -20.44 119.97 -0.27
C VAL A 1510 -19.02 120.16 0.26
N VAL A 1511 -18.88 121.16 1.15
CA VAL A 1511 -17.67 121.39 1.98
C VAL A 1511 -16.38 121.54 1.18
N GLY A 1516 -17.00 122.86 5.95
CA GLY A 1516 -17.30 123.72 4.81
C GLY A 1516 -18.77 124.02 4.66
N LEU A 1517 -19.24 124.11 3.41
CA LEU A 1517 -20.59 124.60 3.14
C LEU A 1517 -21.20 123.76 2.02
N LEU A 1518 -22.29 124.27 1.43
CA LEU A 1518 -23.10 123.53 0.47
C LEU A 1518 -23.28 124.29 -0.83
N THR A 1519 -23.00 123.61 -1.95
CA THR A 1519 -23.10 124.14 -3.30
C THR A 1519 -23.86 123.17 -4.19
N PHE A 1520 -23.97 123.52 -5.47
CA PHE A 1520 -24.62 122.68 -6.47
C PHE A 1520 -24.01 122.90 -7.83
N THR A 1521 -24.10 121.88 -8.69
CA THR A 1521 -23.82 121.98 -10.11
C THR A 1521 -25.02 121.46 -10.88
N ALA A 1522 -25.02 121.72 -12.20
CA ALA A 1522 -26.00 121.09 -13.09
C ALA A 1522 -25.32 120.93 -14.45
N ASN A 1523 -24.73 119.76 -14.67
CA ASN A 1523 -23.99 119.39 -15.88
C ASN A 1523 -22.87 120.37 -16.20
N GLY A 1524 -22.14 120.82 -15.18
CA GLY A 1524 -21.10 121.81 -15.32
C GLY A 1524 -21.54 123.20 -14.91
N LYS A 1525 -22.81 123.52 -15.09
CA LYS A 1525 -23.35 124.83 -14.76
C LYS A 1525 -23.84 124.83 -13.33
N ASP A 1526 -23.12 125.51 -12.44
CA ASP A 1526 -23.57 125.68 -11.07
C ASP A 1526 -24.80 126.58 -11.05
N LEU A 1527 -25.88 126.10 -10.46
CA LEU A 1527 -27.10 126.88 -10.34
C LEU A 1527 -26.99 127.84 -9.15
N SER A 1528 -28.11 128.43 -8.77
CA SER A 1528 -28.15 129.29 -7.61
C SER A 1528 -28.51 128.47 -6.37
N THR A 1529 -28.89 129.19 -5.30
CA THR A 1529 -29.28 128.64 -4.00
C THR A 1529 -28.15 127.82 -3.36
N TYR A 1530 -27.04 128.49 -3.08
CA TYR A 1530 -25.95 127.89 -2.32
C TYR A 1530 -26.23 128.10 -0.85
N TYR A 1531 -26.83 127.09 -0.19
CA TYR A 1531 -27.20 127.18 1.22
C TYR A 1531 -25.94 126.96 2.05
N GLN A 1532 -25.22 128.05 2.29
CA GLN A 1532 -23.92 127.98 2.96
C GLN A 1532 -24.07 128.14 4.46
N VAL A 1533 -24.96 127.35 5.05
CA VAL A 1533 -25.21 127.46 6.48
C VAL A 1533 -25.52 126.10 7.09
N GLU A 1534 -24.52 125.52 7.76
CA GLU A 1534 -24.70 124.37 8.65
C GLU A 1534 -23.53 124.36 9.62
N PRO A 1535 -23.75 124.64 10.92
CA PRO A 1535 -22.62 124.69 11.86
C PRO A 1535 -21.93 123.36 12.12
N SER A 1536 -22.64 122.36 12.64
CA SER A 1536 -22.07 121.01 12.77
C SER A 1536 -23.13 119.95 12.54
N THR A 1537 -23.98 120.14 11.54
CA THR A 1537 -25.13 119.29 11.33
C THR A 1537 -24.76 118.05 10.55
N LYS A 1538 -25.69 117.11 10.49
CA LYS A 1538 -25.52 115.90 9.70
C LYS A 1538 -26.38 115.97 8.45
N LEU A 1539 -25.84 115.51 7.33
CA LEU A 1539 -26.45 115.72 6.02
C LEU A 1539 -26.63 114.39 5.33
N PHE A 1540 -27.87 113.97 5.20
CA PHE A 1540 -28.21 112.81 4.40
C PHE A 1540 -28.16 113.18 2.93
N PRO A 1541 -27.44 112.45 2.09
CA PRO A 1541 -27.65 112.59 0.64
C PRO A 1541 -28.97 111.95 0.25
N ALA A 1542 -29.76 112.65 -0.57
CA ALA A 1542 -31.14 112.21 -0.72
C ALA A 1542 -31.74 112.70 -2.03
N VAL A 1543 -32.85 112.07 -2.41
CA VAL A 1543 -33.54 112.32 -3.67
C VAL A 1543 -35.05 112.23 -3.42
N PHE A 1544 -35.78 113.27 -3.78
CA PHE A 1544 -37.23 113.20 -3.86
C PHE A 1544 -37.58 112.98 -5.33
N ALA A 1545 -38.61 112.16 -5.60
CA ALA A 1545 -38.87 111.81 -6.99
C ALA A 1545 -40.31 111.37 -7.18
N GLN A 1546 -40.74 111.49 -8.44
CA GLN A 1546 -41.69 110.59 -9.06
C GLN A 1546 -40.94 109.84 -10.13
N ALA A 1547 -41.43 108.66 -10.52
CA ALA A 1547 -40.81 107.88 -11.57
C ALA A 1547 -41.80 107.73 -12.72
N THR A 1548 -41.41 108.23 -13.90
CA THR A 1548 -42.21 108.08 -15.11
C THR A 1548 -41.83 106.83 -15.89
N SER A 1549 -40.64 106.79 -16.34
CA SER A 1549 -39.91 105.80 -17.10
C SER A 1549 -39.01 104.99 -16.16
N PRO A 1550 -38.68 103.74 -16.46
CA PRO A 1550 -37.79 102.98 -15.58
C PRO A 1550 -36.34 103.40 -15.74
N ASN A 1551 -35.49 102.77 -14.92
CA ASN A 1551 -34.04 102.99 -14.86
C ASN A 1551 -33.70 104.46 -14.58
N VAL A 1552 -34.27 104.95 -13.48
CA VAL A 1552 -34.36 106.38 -13.27
C VAL A 1552 -33.11 106.98 -12.61
N PHE A 1553 -32.47 106.30 -11.66
CA PHE A 1553 -31.30 106.88 -11.00
C PHE A 1553 -30.07 105.99 -11.13
N GLN A 1554 -28.93 106.65 -11.01
CA GLN A 1554 -27.62 106.04 -10.82
C GLN A 1554 -26.86 106.95 -9.87
N PHE A 1555 -26.04 106.38 -9.00
CA PHE A 1555 -25.27 107.19 -8.07
C PHE A 1555 -23.76 107.04 -8.35
N GLU A 1556 -22.96 107.65 -7.48
CA GLU A 1556 -21.52 107.39 -7.46
C GLU A 1556 -21.22 106.21 -6.55
N ALA A 1568 -9.93 117.26 -8.76
CA ALA A 1568 -10.85 116.88 -7.71
C ALA A 1568 -10.81 115.37 -7.45
N GLY A 1569 -10.88 114.98 -6.18
CA GLY A 1569 -10.92 113.58 -5.80
C GLY A 1569 -12.33 113.02 -5.81
N LEU A 1570 -12.51 111.92 -5.09
CA LEU A 1570 -13.82 111.27 -5.08
C LEU A 1570 -14.29 110.90 -3.67
N PHE A 1571 -15.50 110.34 -3.58
CA PHE A 1571 -16.46 110.71 -2.53
C PHE A 1571 -16.27 109.97 -1.20
N LYS A 1572 -16.38 108.64 -1.22
CA LYS A 1572 -16.63 107.80 -0.05
C LYS A 1572 -15.55 107.86 1.01
N SER A 1573 -14.39 108.41 0.69
CA SER A 1573 -13.35 108.66 1.68
C SER A 1573 -13.82 109.60 2.77
N GLU A 1574 -14.67 110.55 2.43
CA GLU A 1574 -15.11 111.53 3.41
C GLU A 1574 -16.22 110.99 4.31
N HIS A 1575 -16.51 109.69 4.21
CA HIS A 1575 -17.68 109.08 4.82
C HIS A 1575 -17.34 108.09 5.91
N LYS A 1576 -16.51 107.10 5.60
CA LYS A 1576 -16.17 106.07 6.57
C LYS A 1576 -14.93 106.46 7.34
N ASN A 1577 -14.40 105.53 8.10
CA ASN A 1577 -13.28 105.83 8.97
C ASN A 1577 -11.93 105.81 8.23
N PRO A 1578 -11.64 104.89 7.30
CA PRO A 1578 -10.43 105.10 6.46
C PRO A 1578 -10.61 106.28 5.51
N VAL A 1579 -9.78 107.30 5.68
CA VAL A 1579 -9.96 108.52 4.90
C VAL A 1579 -8.77 109.00 4.05
N PRO A 1580 -7.86 108.15 3.49
CA PRO A 1580 -7.27 108.54 2.20
C PRO A 1580 -8.18 108.22 1.03
N GLN A 1581 -8.43 106.91 0.84
CA GLN A 1581 -9.53 106.25 0.12
C GLN A 1581 -10.04 106.98 -1.12
N CYS A 1582 -9.13 107.50 -1.92
CA CYS A 1582 -9.47 108.29 -3.10
C CYS A 1582 -10.22 107.52 -4.19
N PRO A 1583 -9.95 106.24 -4.47
CA PRO A 1583 -10.90 105.48 -5.29
C PRO A 1583 -12.16 105.15 -4.50
N PRO A 1584 -13.32 105.59 -4.95
CA PRO A 1584 -14.55 105.27 -4.23
C PRO A 1584 -14.93 103.82 -4.40
N ARG A 1585 -15.56 103.28 -3.37
CA ARG A 1585 -15.84 101.84 -3.34
C ARG A 1585 -17.09 101.56 -2.53
N LEU A 1586 -18.06 100.90 -3.16
CA LEU A 1586 -19.29 100.59 -2.45
C LEU A 1586 -19.09 99.46 -1.45
N HIS A 1587 -19.88 99.51 -0.40
CA HIS A 1587 -19.88 98.50 0.63
C HIS A 1587 -21.30 98.06 0.86
N VAL A 1588 -21.46 96.93 1.54
CA VAL A 1588 -22.79 96.41 1.75
C VAL A 1588 -23.55 97.25 2.78
N GLN A 1589 -22.85 98.06 3.58
CA GLN A 1589 -23.53 98.90 4.54
C GLN A 1589 -24.30 100.04 3.88
N PHE A 1590 -23.93 100.40 2.65
CA PHE A 1590 -24.73 101.36 1.91
C PHE A 1590 -26.08 100.78 1.55
N LEU A 1591 -27.12 101.56 1.73
CA LEU A 1591 -28.46 101.16 1.38
C LEU A 1591 -29.08 102.25 0.52
N SER A 1592 -30.36 102.07 0.24
CA SER A 1592 -31.09 102.97 -0.65
C SER A 1592 -32.43 103.31 -0.03
N HIS A 1593 -32.41 103.81 1.22
CA HIS A 1593 -33.60 103.89 2.06
C HIS A 1593 -34.70 104.72 1.41
N VAL A 1594 -35.93 104.31 1.68
CA VAL A 1594 -37.14 104.93 1.15
C VAL A 1594 -38.02 105.33 2.33
N LEU A 1595 -38.55 106.55 2.29
CA LEU A 1595 -39.42 107.01 3.36
C LEU A 1595 -40.73 106.26 3.30
N TRP A 1596 -41.00 105.44 4.29
CA TRP A 1596 -42.21 104.65 4.31
C TRP A 1596 -43.03 104.95 5.55
N SER A 1597 -44.29 104.55 5.49
CA SER A 1597 -45.32 105.25 6.23
C SER A 1597 -45.45 104.75 7.66
N ARG A 1598 -45.73 103.46 7.84
CA ARG A 1598 -46.24 102.98 9.11
C ARG A 1598 -45.45 101.80 9.63
N MET A 1599 -44.99 101.91 10.87
CA MET A 1599 -44.42 100.86 11.69
C MET A 1599 -44.96 101.04 13.10
N PRO A 1600 -45.29 99.97 13.79
CA PRO A 1600 -45.94 100.11 15.10
C PRO A 1600 -45.03 100.70 16.17
N ASN A 1601 -45.66 101.20 17.22
CA ASN A 1601 -44.96 101.83 18.34
C ASN A 1601 -45.43 101.27 19.65
N GLN A 1602 -44.53 101.22 20.63
CA GLN A 1602 -44.93 100.77 21.94
C GLN A 1602 -45.74 101.86 22.63
N PHE A 1603 -46.42 101.47 23.69
CA PHE A 1603 -47.44 102.33 24.24
C PHE A 1603 -46.96 103.21 25.38
N LEU A 1604 -45.71 103.06 25.83
CA LEU A 1604 -45.12 103.85 26.92
C LEU A 1604 -45.94 103.68 28.21
N LYS A 1605 -45.84 102.45 28.73
CA LYS A 1605 -46.88 101.80 29.52
C LYS A 1605 -47.32 102.61 30.74
N VAL A 1606 -46.40 103.27 31.43
CA VAL A 1606 -46.75 104.18 32.50
C VAL A 1606 -46.28 105.56 32.07
N ASP A 1607 -47.20 106.53 32.01
CA ASP A 1607 -46.86 107.78 31.36
C ASP A 1607 -46.46 108.88 32.33
N VAL A 1608 -47.40 109.46 33.06
CA VAL A 1608 -47.15 110.61 33.93
C VAL A 1608 -48.29 110.66 34.95
N SER A 1609 -48.05 111.41 36.02
CA SER A 1609 -49.11 111.71 36.99
C SER A 1609 -49.22 113.22 37.14
N ARG A 1610 -49.28 113.91 36.01
CA ARG A 1610 -49.55 115.34 35.94
C ARG A 1610 -50.90 115.68 36.59
N ILE A 1611 -50.98 116.86 37.19
CA ILE A 1611 -52.21 117.38 37.78
C ILE A 1611 -52.36 118.86 37.43
N SER A 1612 -53.61 119.35 37.39
CA SER A 1612 -53.92 120.68 36.87
C SER A 1612 -54.78 121.47 37.87
N GLU A 1613 -54.93 122.77 37.60
CA GLU A 1613 -55.78 123.69 38.37
C GLU A 1613 -56.46 124.70 37.44
N ARG A 1614 -57.33 125.54 38.02
CA ARG A 1614 -58.15 126.49 37.28
C ARG A 1614 -57.94 127.95 37.64
N GLN A 1615 -57.69 128.30 38.91
CA GLN A 1615 -57.47 129.70 39.29
C GLN A 1615 -55.97 130.03 39.25
N GLY A 1616 -55.51 130.42 38.08
CA GLY A 1616 -54.10 130.60 37.83
C GLY A 1616 -53.46 129.45 37.09
N TRP A 1617 -54.16 128.31 36.97
CA TRP A 1617 -53.79 127.15 36.17
C TRP A 1617 -52.43 126.58 36.60
N LEU A 1618 -52.42 126.10 37.83
CA LEU A 1618 -51.28 125.35 38.36
C LEU A 1618 -51.30 123.97 37.70
N VAL A 1619 -50.45 123.81 36.68
CA VAL A 1619 -50.20 122.48 36.13
C VAL A 1619 -48.91 121.94 36.74
N GLN A 1620 -48.95 120.68 37.16
CA GLN A 1620 -48.09 120.22 38.24
C GLN A 1620 -47.75 118.76 38.05
N CYS A 1621 -46.50 118.39 38.30
CA CYS A 1621 -46.07 117.00 38.30
C CYS A 1621 -44.88 116.83 39.24
N LEU A 1622 -44.87 115.72 39.97
CA LEU A 1622 -43.84 115.51 40.99
C LEU A 1622 -43.25 114.11 41.03
N GLU A 1623 -43.72 113.18 40.20
CA GLU A 1623 -43.29 111.78 40.27
C GLU A 1623 -42.51 111.44 39.01
N PRO A 1624 -41.18 111.44 39.06
CA PRO A 1624 -40.39 111.36 37.81
C PRO A 1624 -40.38 109.96 37.24
N LEU A 1625 -40.42 109.86 35.92
CA LEU A 1625 -40.27 108.62 35.18
C LEU A 1625 -39.16 108.80 34.15
N GLN A 1626 -38.35 107.77 33.97
CA GLN A 1626 -37.19 107.83 33.10
C GLN A 1626 -37.26 106.73 32.04
N PHE A 1627 -36.76 107.07 30.86
CA PHE A 1627 -36.67 106.14 29.75
C PHE A 1627 -35.55 105.13 29.95
N MET A 1628 -35.32 104.36 28.90
CA MET A 1628 -34.07 103.65 28.64
C MET A 1628 -33.99 103.57 27.12
N SER A 1629 -33.28 104.51 26.53
CA SER A 1629 -33.24 104.58 25.08
C SER A 1629 -31.86 104.21 24.58
N LEU A 1630 -31.78 103.99 23.30
CA LEU A 1630 -30.51 103.79 22.64
C LEU A 1630 -30.64 104.43 21.27
N HIS A 1631 -29.62 105.18 20.86
CA HIS A 1631 -29.73 105.82 19.56
C HIS A 1631 -28.72 105.20 18.64
N ILE A 1632 -29.22 104.76 17.49
CA ILE A 1632 -28.34 104.21 16.46
C ILE A 1632 -27.47 105.33 15.92
N PRO A 1633 -26.18 105.16 15.78
CA PRO A 1633 -25.35 106.31 15.44
C PRO A 1633 -25.27 106.60 13.95
N GLU A 1634 -25.40 105.57 13.12
CA GLU A 1634 -25.18 105.74 11.69
C GLU A 1634 -26.48 105.95 10.91
N GLU A 1635 -27.62 105.82 11.55
CA GLU A 1635 -28.93 106.09 10.96
C GLU A 1635 -29.73 106.92 11.93
N ASN A 1636 -29.13 108.02 12.36
CA ASN A 1636 -29.32 108.69 13.65
C ASN A 1636 -30.77 108.88 14.06
N ARG A 1637 -31.15 108.16 15.11
CA ARG A 1637 -32.47 108.21 15.74
C ARG A 1637 -32.40 107.45 17.04
N SER A 1638 -33.25 107.81 17.98
CA SER A 1638 -33.28 107.20 19.30
C SER A 1638 -34.51 106.33 19.44
N VAL A 1639 -34.31 105.05 19.70
CA VAL A 1639 -35.39 104.10 19.93
C VAL A 1639 -35.41 103.77 21.41
N ASP A 1640 -36.60 103.67 21.98
CA ASP A 1640 -36.70 103.12 23.31
C ASP A 1640 -36.42 101.63 23.27
N ILE A 1641 -35.80 101.13 24.35
CA ILE A 1641 -35.15 99.82 24.27
C ILE A 1641 -36.18 98.70 24.29
N LEU A 1642 -37.41 99.01 24.68
CA LEU A 1642 -38.42 97.97 24.78
C LEU A 1642 -38.86 97.53 23.41
N GLU A 1643 -38.79 98.43 22.43
CA GLU A 1643 -39.26 98.11 21.09
C GLU A 1643 -38.31 97.21 20.32
N LEU A 1644 -37.25 96.74 20.95
CA LEU A 1644 -36.48 95.64 20.42
C LEU A 1644 -37.22 94.31 20.55
N THR A 1645 -38.36 94.27 21.23
CA THR A 1645 -39.08 93.02 21.49
C THR A 1645 -39.47 92.29 20.21
N GLU A 1646 -39.77 93.03 19.16
CA GLU A 1646 -40.16 92.43 17.89
C GLU A 1646 -39.11 92.61 16.81
N GLN A 1647 -38.16 93.50 16.98
CA GLN A 1647 -37.17 93.80 15.96
C GLN A 1647 -35.96 92.92 16.22
N GLU A 1648 -35.79 91.88 15.42
CA GLU A 1648 -34.92 90.79 15.81
C GLU A 1648 -33.44 91.09 15.62
N GLU A 1649 -33.05 91.75 14.54
CA GLU A 1649 -31.64 91.93 14.26
C GLU A 1649 -31.02 92.94 15.19
N LEU A 1650 -31.74 94.01 15.45
CA LEU A 1650 -31.30 95.00 16.42
C LEU A 1650 -31.40 94.49 17.84
N LEU A 1651 -32.10 93.38 18.07
CA LEU A 1651 -32.04 92.70 19.36
C LEU A 1651 -30.78 91.86 19.47
N LYS A 1652 -30.55 91.00 18.48
CA LYS A 1652 -29.49 90.03 18.57
C LYS A 1652 -28.12 90.68 18.57
N PHE A 1653 -27.95 91.75 17.78
CA PHE A 1653 -26.66 92.41 17.78
C PHE A 1653 -26.38 93.14 19.08
N HIS A 1654 -27.38 93.75 19.70
CA HIS A 1654 -27.12 94.36 20.98
C HIS A 1654 -26.93 93.34 22.08
N TYR A 1655 -27.55 92.17 21.98
CA TYR A 1655 -27.29 91.11 22.95
C TYR A 1655 -25.86 90.62 22.84
N HIS A 1656 -25.39 90.39 21.63
CA HIS A 1656 -24.02 89.97 21.45
C HIS A 1656 -23.02 91.06 21.83
N THR A 1657 -23.39 92.33 21.71
CA THR A 1657 -22.53 93.37 22.22
C THR A 1657 -22.49 93.37 23.73
N LEU A 1658 -23.62 93.05 24.37
CA LEU A 1658 -23.60 92.93 25.81
C LEU A 1658 -22.79 91.74 26.26
N ARG A 1659 -22.67 90.72 25.43
CA ARG A 1659 -21.75 89.65 25.78
C ARG A 1659 -20.30 90.13 25.72
N LEU A 1660 -19.94 90.86 24.68
CA LEU A 1660 -18.57 91.32 24.50
C LEU A 1660 -18.15 92.31 25.55
N TYR A 1661 -19.07 93.15 26.03
CA TYR A 1661 -18.76 94.02 27.16
C TYR A 1661 -18.41 93.22 28.41
N SER A 1662 -18.88 92.00 28.55
CA SER A 1662 -18.46 91.17 29.66
C SER A 1662 -17.20 90.40 29.37
N ALA A 1663 -17.07 89.86 28.16
CA ALA A 1663 -15.94 89.00 27.86
C ALA A 1663 -14.64 89.78 27.80
N VAL A 1664 -14.69 91.03 27.36
CA VAL A 1664 -13.51 91.87 27.38
C VAL A 1664 -13.08 92.17 28.80
N CYS A 1665 -14.03 92.55 29.65
CA CYS A 1665 -13.70 92.83 31.04
C CYS A 1665 -13.95 91.55 31.84
N ALA A 1666 -13.05 90.60 31.69
CA ALA A 1666 -13.17 89.32 32.35
C ALA A 1666 -11.87 89.00 33.07
N LEU A 1667 -12.00 88.30 34.19
CA LEU A 1667 -10.89 87.80 35.01
C LEU A 1667 -9.99 88.93 35.50
N GLY A 1668 -10.57 90.10 35.70
CA GLY A 1668 -9.95 91.10 36.54
C GLY A 1668 -9.22 92.23 35.87
N ASN A 1669 -9.62 92.63 34.67
CA ASN A 1669 -8.97 93.77 34.02
C ASN A 1669 -9.44 95.04 34.70
N HIS A 1670 -8.71 95.48 35.69
CA HIS A 1670 -9.18 96.60 36.48
C HIS A 1670 -8.90 97.95 35.84
N ARG A 1671 -8.62 98.02 34.54
CA ARG A 1671 -8.71 99.31 33.88
C ARG A 1671 -9.78 99.30 32.81
N VAL A 1672 -10.03 98.14 32.21
CA VAL A 1672 -11.13 98.05 31.26
C VAL A 1672 -12.46 98.15 31.98
N ALA A 1673 -12.52 97.73 33.25
CA ALA A 1673 -13.71 97.95 34.04
C ALA A 1673 -13.93 99.42 34.32
N HIS A 1674 -12.88 100.17 34.58
CA HIS A 1674 -13.04 101.59 34.74
C HIS A 1674 -13.35 102.29 33.43
N ALA A 1675 -13.00 101.67 32.31
CA ALA A 1675 -13.47 102.22 31.04
C ALA A 1675 -14.96 101.97 30.85
N LEU A 1676 -15.41 100.76 31.13
CA LEU A 1676 -16.81 100.45 30.88
C LEU A 1676 -17.76 101.01 31.91
N CYS A 1677 -17.26 101.46 33.06
CA CYS A 1677 -18.17 102.13 33.98
C CYS A 1677 -18.54 103.52 33.48
N SER A 1678 -17.74 104.09 32.58
CA SER A 1678 -18.12 105.33 31.92
C SER A 1678 -18.99 105.10 30.70
N HIS A 1679 -19.28 103.86 30.38
CA HIS A 1679 -19.90 103.54 29.12
C HIS A 1679 -21.27 102.90 29.28
N VAL A 1680 -21.51 102.24 30.42
CA VAL A 1680 -22.76 101.56 30.70
C VAL A 1680 -23.43 102.27 31.87
N ASP A 1681 -22.60 102.83 32.77
CA ASP A 1681 -23.01 103.92 33.66
C ASP A 1681 -24.13 103.57 34.65
N GLU A 1682 -23.74 103.03 35.78
CA GLU A 1682 -24.46 102.32 36.84
C GLU A 1682 -25.96 102.60 37.09
N PRO A 1683 -26.47 103.84 37.14
CA PRO A 1683 -27.92 104.01 37.33
C PRO A 1683 -28.74 103.50 36.17
N GLN A 1684 -28.13 103.29 35.01
CA GLN A 1684 -28.76 102.52 33.96
C GLN A 1684 -28.99 101.07 34.38
N LEU A 1685 -27.99 100.44 34.99
CA LEU A 1685 -28.08 99.04 35.36
C LEU A 1685 -29.16 98.80 36.41
N LEU A 1686 -29.26 99.71 37.38
CA LEU A 1686 -30.35 99.64 38.35
C LEU A 1686 -31.72 99.82 37.72
N TYR A 1687 -31.80 100.47 36.57
CA TYR A 1687 -33.06 100.40 35.85
C TYR A 1687 -33.23 99.04 35.21
N ALA A 1688 -32.16 98.52 34.60
CA ALA A 1688 -32.26 97.31 33.79
C ALA A 1688 -32.49 96.07 34.62
N ILE A 1689 -32.07 96.10 35.88
CA ILE A 1689 -32.49 95.05 36.81
C ILE A 1689 -33.99 95.14 37.05
N GLU A 1690 -34.48 96.34 37.31
CA GLU A 1690 -35.80 96.51 37.91
C GLU A 1690 -36.93 96.40 36.92
N ASN A 1691 -36.76 96.89 35.69
CA ASN A 1691 -37.86 97.02 34.75
C ASN A 1691 -38.37 95.66 34.32
N LYS A 1692 -39.62 95.39 34.63
CA LYS A 1692 -40.19 94.07 34.48
C LYS A 1692 -40.74 93.83 33.09
N TYR A 1693 -40.25 94.55 32.10
CA TYR A 1693 -40.74 94.43 30.74
C TYR A 1693 -39.66 94.09 29.75
N MET A 1694 -38.38 94.19 30.13
CA MET A 1694 -37.27 94.05 29.21
C MET A 1694 -37.23 92.64 28.64
N PRO A 1695 -36.68 92.45 27.43
CA PRO A 1695 -36.80 91.14 26.79
C PRO A 1695 -35.99 90.05 27.46
N GLY A 1696 -36.08 88.83 26.94
CA GLY A 1696 -35.52 87.70 27.66
C GLY A 1696 -33.99 87.70 27.65
N LEU A 1697 -33.40 87.90 26.48
CA LEU A 1697 -31.95 87.89 26.39
C LEU A 1697 -31.35 89.11 27.07
N LEU A 1698 -31.95 90.26 26.84
CA LEU A 1698 -31.40 91.51 27.33
C LEU A 1698 -31.52 91.66 28.83
N ARG A 1699 -32.27 90.80 29.50
CA ARG A 1699 -32.23 90.85 30.95
C ARG A 1699 -30.98 90.16 31.47
N ALA A 1700 -30.73 88.95 30.96
CA ALA A 1700 -29.56 88.19 31.34
C ALA A 1700 -28.28 88.87 30.94
N GLY A 1701 -28.30 89.59 29.82
CA GLY A 1701 -27.13 90.35 29.41
C GLY A 1701 -26.75 91.42 30.41
N TYR A 1702 -27.72 92.15 30.93
CA TYR A 1702 -27.40 93.21 31.87
C TYR A 1702 -27.07 92.69 33.25
N TYR A 1703 -27.66 91.56 33.65
CA TYR A 1703 -27.26 90.96 34.91
C TYR A 1703 -25.83 90.44 34.85
N ASP A 1704 -25.48 89.74 33.78
CA ASP A 1704 -24.11 89.26 33.63
C ASP A 1704 -23.13 90.40 33.47
N LEU A 1705 -23.53 91.49 32.85
CA LEU A 1705 -22.63 92.64 32.78
C LEU A 1705 -22.42 93.26 34.14
N LEU A 1706 -23.47 93.33 34.97
CA LEU A 1706 -23.31 93.86 36.32
C LEU A 1706 -22.36 93.02 37.14
N ILE A 1707 -22.52 91.71 37.06
CA ILE A 1707 -21.66 90.80 37.82
C ILE A 1707 -20.22 90.89 37.31
N ASP A 1708 -20.04 90.92 36.00
CA ASP A 1708 -18.69 90.92 35.46
C ASP A 1708 -18.01 92.26 35.53
N ILE A 1709 -18.70 93.34 35.80
CA ILE A 1709 -18.06 94.62 36.07
C ILE A 1709 -17.72 94.75 37.54
N HIS A 1710 -18.74 94.66 38.41
CA HIS A 1710 -18.47 95.04 39.79
C HIS A 1710 -18.21 93.88 40.72
N LEU A 1711 -18.73 92.70 40.43
CA LEU A 1711 -18.74 91.66 41.45
C LEU A 1711 -17.90 90.43 41.13
N SER A 1712 -17.58 90.19 39.87
CA SER A 1712 -16.83 88.97 39.58
C SER A 1712 -15.34 89.14 39.74
N SER A 1713 -14.88 90.25 40.28
CA SER A 1713 -13.46 90.36 40.60
C SER A 1713 -13.21 89.81 41.99
N TYR A 1714 -14.06 90.18 42.93
CA TYR A 1714 -13.86 89.81 44.32
C TYR A 1714 -14.41 88.43 44.63
N ALA A 1715 -15.44 88.00 43.89
CA ALA A 1715 -16.07 86.73 44.17
C ALA A 1715 -15.15 85.55 43.90
N THR A 1716 -14.39 85.62 42.81
CA THR A 1716 -13.39 84.58 42.60
C THR A 1716 -12.28 84.66 43.62
N ALA A 1717 -11.96 85.88 44.08
CA ALA A 1717 -10.96 86.03 45.13
C ALA A 1717 -11.44 85.51 46.46
N ARG A 1718 -12.72 85.25 46.60
CA ARG A 1718 -13.19 84.58 47.80
C ARG A 1718 -13.43 83.09 47.58
N LEU A 1719 -13.73 82.67 46.36
CA LEU A 1719 -13.74 81.24 46.10
C LEU A 1719 -12.38 80.65 45.82
N MET A 1720 -11.31 81.43 45.92
CA MET A 1720 -10.01 80.80 46.04
C MET A 1720 -9.73 80.42 47.49
N MET A 1721 -10.16 81.27 48.43
CA MET A 1721 -9.89 81.06 49.84
C MET A 1721 -11.05 80.45 50.58
N ASN A 1722 -11.75 79.52 49.96
CA ASN A 1722 -12.86 78.87 50.62
C ASN A 1722 -12.50 77.57 51.29
N ASN A 1723 -11.25 77.13 51.19
CA ASN A 1723 -10.84 75.85 51.76
C ASN A 1723 -9.53 75.98 52.51
N GLU A 1724 -9.32 77.11 53.17
CA GLU A 1724 -8.05 77.31 53.88
C GLU A 1724 -8.23 77.50 55.37
N PHE A 1725 -9.30 78.16 55.80
CA PHE A 1725 -9.89 77.95 57.12
C PHE A 1725 -9.03 78.41 58.28
N ILE A 1726 -7.98 79.20 58.04
CA ILE A 1726 -7.12 79.58 59.15
C ILE A 1726 -7.83 80.63 59.99
N VAL A 1727 -7.48 80.70 61.27
CA VAL A 1727 -8.24 81.50 62.21
C VAL A 1727 -7.33 81.96 63.34
N PRO A 1728 -7.38 83.22 63.73
CA PRO A 1728 -6.62 83.65 64.91
C PRO A 1728 -7.17 83.02 66.17
N MET A 1729 -6.35 83.07 67.22
CA MET A 1729 -6.71 82.40 68.47
C MET A 1729 -7.01 83.38 69.59
N THR A 1730 -7.38 84.62 69.26
CA THR A 1730 -7.56 85.62 70.30
C THR A 1730 -8.92 85.43 70.98
N GLU A 1731 -9.30 86.40 71.83
CA GLU A 1731 -10.33 86.18 72.83
C GLU A 1731 -11.73 86.08 72.22
N GLU A 1732 -12.01 86.86 71.17
CA GLU A 1732 -13.31 86.73 70.52
C GLU A 1732 -13.43 85.42 69.76
N THR A 1733 -12.31 84.84 69.35
CA THR A 1733 -12.34 83.56 68.67
C THR A 1733 -12.68 82.42 69.61
N LYS A 1734 -12.21 82.50 70.86
CA LYS A 1734 -12.57 81.53 71.88
C LYS A 1734 -14.02 81.68 72.34
N SER A 1735 -14.66 82.81 72.02
CA SER A 1735 -15.93 83.16 72.61
C SER A 1735 -17.12 82.51 71.91
N ILE A 1736 -16.89 81.57 71.01
CA ILE A 1736 -17.99 80.90 70.35
C ILE A 1736 -18.67 79.98 71.33
N THR A 1737 -20.00 80.00 71.33
CA THR A 1737 -20.79 79.07 72.13
C THR A 1737 -20.93 77.70 71.48
N LEU A 1738 -20.56 77.62 70.20
CA LEU A 1738 -20.38 76.44 69.35
C LEU A 1738 -21.68 75.79 68.92
N PHE A 1739 -22.76 75.97 69.69
CA PHE A 1739 -24.03 75.27 69.55
C PHE A 1739 -25.11 75.98 70.37
N PRO A 1740 -25.74 77.03 69.85
CA PRO A 1740 -26.78 77.71 70.63
C PRO A 1740 -28.04 76.85 70.77
N ASP A 1741 -28.29 76.38 71.98
CA ASP A 1741 -29.42 75.48 72.25
C ASP A 1741 -30.69 76.27 72.55
N PRO A 1749 -26.68 78.53 60.04
CA PRO A 1749 -26.38 79.09 58.72
C PRO A 1749 -26.33 80.61 58.74
N GLY A 1750 -27.27 81.25 59.41
CA GLY A 1750 -27.22 82.69 59.60
C GLY A 1750 -26.23 83.03 60.68
N ILE A 1751 -24.95 82.92 60.34
CA ILE A 1751 -23.90 82.54 61.28
C ILE A 1751 -23.55 83.70 62.20
N GLY A 1752 -23.40 83.37 63.49
CA GLY A 1752 -23.23 84.36 64.53
C GLY A 1752 -21.96 85.18 64.49
N LEU A 1753 -20.82 84.61 64.88
CA LEU A 1753 -19.65 85.46 65.05
C LEU A 1753 -18.70 85.34 63.86
N SER A 1754 -18.21 84.14 63.58
CA SER A 1754 -17.48 83.78 62.35
C SER A 1754 -16.20 84.61 62.16
N THR A 1755 -15.21 84.33 63.00
CA THR A 1755 -13.98 85.11 63.06
C THR A 1755 -12.85 84.58 62.20
N SER A 1756 -13.14 84.00 61.04
CA SER A 1756 -12.08 83.44 60.21
C SER A 1756 -11.32 84.53 59.48
N LEU A 1757 -10.41 84.14 58.60
CA LEU A 1757 -9.48 85.09 58.02
C LEU A 1757 -9.63 85.23 56.52
N ARG A 1758 -10.88 85.40 56.08
CA ARG A 1758 -11.24 85.60 54.69
C ARG A 1758 -10.57 86.85 54.10
N PRO A 1759 -10.39 86.91 52.76
CA PRO A 1759 -9.70 88.06 52.15
C PRO A 1759 -10.42 89.39 52.26
N ARG A 1760 -9.83 90.42 51.67
CA ARG A 1760 -10.21 91.80 51.88
C ARG A 1760 -10.57 92.47 50.56
N MET A 1761 -11.72 93.18 50.55
CA MET A 1761 -12.19 93.87 49.36
C MET A 1761 -11.97 95.37 49.45
N GLN A 1762 -11.46 95.94 48.36
CA GLN A 1762 -11.31 97.39 48.21
C GLN A 1762 -11.95 97.79 46.90
N PHE A 1763 -12.68 98.88 46.91
CA PHE A 1763 -13.31 99.39 45.71
C PHE A 1763 -12.85 100.82 45.44
N SER A 1764 -12.75 101.16 44.15
CA SER A 1764 -12.24 102.46 43.74
C SER A 1764 -13.32 103.23 42.98
N SER A 1765 -13.30 104.54 43.16
CA SER A 1765 -14.23 105.41 42.47
C SER A 1765 -13.78 105.62 41.03
N PRO A 1766 -14.61 105.39 40.05
CA PRO A 1766 -14.21 105.59 38.65
C PRO A 1766 -14.48 107.00 38.14
N SER A 1767 -13.69 107.95 38.60
CA SER A 1767 -13.79 109.33 38.15
C SER A 1767 -12.92 109.51 36.91
N PHE A 1768 -12.71 110.76 36.52
CA PHE A 1768 -11.80 111.04 35.42
C PHE A 1768 -10.89 112.21 35.77
N VAL A 1769 -9.79 111.85 36.42
CA VAL A 1769 -8.67 112.71 36.76
C VAL A 1769 -7.41 111.98 36.37
N SER A 1770 -6.25 112.63 36.52
CA SER A 1770 -4.99 112.09 36.02
C SER A 1770 -4.16 111.40 37.11
N ILE A 1771 -4.83 110.84 38.12
CA ILE A 1771 -4.17 110.06 39.15
C ILE A 1771 -4.57 108.61 38.93
N ASN A 1772 -4.81 108.26 37.67
CA ASN A 1772 -5.49 107.02 37.31
C ASN A 1772 -4.62 105.79 37.50
N ASN A 1773 -3.29 105.96 37.56
CA ASN A 1773 -2.41 104.81 37.73
C ASN A 1773 -2.60 104.16 39.09
N GLU A 1774 -2.85 104.95 40.13
CA GLU A 1774 -3.22 104.40 41.41
C GLU A 1774 -4.68 103.96 41.42
N CYS A 1775 -5.50 104.55 40.55
CA CYS A 1775 -6.92 104.24 40.54
C CYS A 1775 -7.18 102.86 39.98
N TYR A 1776 -6.75 102.63 38.73
CA TYR A 1776 -7.12 101.42 38.00
C TYR A 1776 -6.38 100.20 38.53
N GLN A 1777 -6.70 99.79 39.75
CA GLN A 1777 -6.05 98.64 40.34
C GLN A 1777 -6.97 97.69 41.07
N TYR A 1778 -8.20 98.08 41.42
CA TYR A 1778 -9.07 97.18 42.19
C TYR A 1778 -10.34 96.79 41.46
N SER A 1779 -11.28 97.71 41.24
CA SER A 1779 -12.60 97.53 40.65
C SER A 1779 -13.32 98.86 40.63
N PRO A 1780 -14.39 99.02 39.87
CA PRO A 1780 -15.29 100.15 40.10
C PRO A 1780 -16.26 99.81 41.22
N GLU A 1781 -16.87 100.84 41.77
CA GLU A 1781 -17.72 100.69 42.93
C GLU A 1781 -19.11 101.17 42.59
N PHE A 1782 -20.12 100.46 43.07
CA PHE A 1782 -21.47 100.99 43.00
C PHE A 1782 -22.22 100.43 44.19
N PRO A 1783 -23.18 101.17 44.76
CA PRO A 1783 -23.54 100.99 46.17
C PRO A 1783 -24.24 99.67 46.45
N LEU A 1784 -23.66 98.90 47.36
CA LEU A 1784 -24.17 97.57 47.64
C LEU A 1784 -25.40 97.63 48.53
N ASP A 1785 -25.50 98.68 49.35
CA ASP A 1785 -26.57 98.76 50.34
C ASP A 1785 -27.94 98.95 49.69
N ILE A 1786 -27.99 99.64 48.55
CA ILE A 1786 -29.24 99.72 47.81
C ILE A 1786 -29.56 98.38 47.17
N LEU A 1787 -28.56 97.79 46.53
CA LEU A 1787 -28.77 96.60 45.71
C LEU A 1787 -29.17 95.41 46.55
N LYS A 1788 -28.64 95.31 47.77
CA LYS A 1788 -28.93 94.13 48.58
C LYS A 1788 -30.29 94.21 49.22
N ALA A 1789 -30.96 95.36 49.18
CA ALA A 1789 -32.38 95.37 49.49
C ALA A 1789 -33.22 95.22 48.23
N LYS A 1790 -32.69 95.71 47.11
CA LYS A 1790 -33.40 95.60 45.84
C LYS A 1790 -33.59 94.15 45.44
N THR A 1791 -32.57 93.33 45.65
CA THR A 1791 -32.69 91.94 45.24
C THR A 1791 -33.57 91.12 46.17
N ILE A 1792 -33.67 91.49 47.44
CA ILE A 1792 -34.58 90.78 48.33
C ILE A 1792 -36.01 91.13 47.99
N GLN A 1793 -36.25 92.42 47.72
CA GLN A 1793 -37.56 92.86 47.23
C GLN A 1793 -37.92 92.16 45.93
N MET A 1794 -36.96 92.03 45.02
CA MET A 1794 -37.19 91.38 43.75
C MET A 1794 -37.44 89.89 43.91
N LEU A 1795 -36.77 89.24 44.87
CA LEU A 1795 -36.99 87.82 45.10
C LEU A 1795 -38.36 87.54 45.70
N THR A 1796 -38.78 88.35 46.68
CA THR A 1796 -40.11 88.16 47.24
C THR A 1796 -41.20 88.38 46.22
N GLU A 1797 -41.09 89.49 45.46
CA GLU A 1797 -41.98 89.75 44.33
C GLU A 1797 -41.92 88.64 43.29
N ALA A 1798 -40.77 88.01 43.12
CA ALA A 1798 -40.62 86.92 42.18
C ALA A 1798 -41.38 85.69 42.62
N VAL A 1799 -41.05 85.16 43.79
CA VAL A 1799 -41.56 83.84 44.17
C VAL A 1799 -43.06 83.92 44.49
N GLN A 1800 -43.49 84.98 45.19
CA GLN A 1800 -44.87 85.01 45.64
C GLN A 1800 -45.84 85.31 44.50
N GLU A 1801 -45.37 85.94 43.44
CA GLU A 1801 -46.22 86.13 42.28
C GLU A 1801 -46.15 84.91 41.37
N GLY A 1802 -44.95 84.52 40.94
CA GLY A 1802 -44.82 83.48 39.94
C GLY A 1802 -45.13 82.08 40.44
N SER A 1803 -45.38 81.93 41.74
CA SER A 1803 -45.80 80.66 42.31
C SER A 1803 -47.15 80.17 41.80
N LEU A 1804 -48.03 81.06 41.35
CA LEU A 1804 -49.36 80.63 40.96
C LEU A 1804 -49.47 80.32 39.47
N HIS A 1805 -48.35 80.09 38.79
CA HIS A 1805 -48.27 79.65 37.40
C HIS A 1805 -48.94 80.64 36.44
N ALA A 1806 -48.37 81.84 36.39
CA ALA A 1806 -48.66 82.69 35.26
C ALA A 1806 -47.97 82.13 34.02
N ARG A 1807 -48.51 82.48 32.86
CA ARG A 1807 -47.84 82.24 31.59
C ARG A 1807 -47.08 83.47 31.14
N ASP A 1808 -47.00 84.48 32.01
CA ASP A 1808 -46.36 85.75 31.76
C ASP A 1808 -44.84 85.80 31.74
N PRO A 1809 -44.13 85.07 32.61
CA PRO A 1809 -43.08 85.68 33.44
C PRO A 1809 -41.97 86.37 32.66
N VAL A 1810 -41.39 87.37 33.32
CA VAL A 1810 -40.81 88.60 32.77
C VAL A 1810 -40.03 88.42 31.49
N GLY A 1811 -39.13 87.45 31.45
CA GLY A 1811 -38.39 87.24 30.23
C GLY A 1811 -39.10 86.42 29.18
N GLY A 1812 -40.40 86.22 29.30
CA GLY A 1812 -41.12 85.34 28.39
C GLY A 1812 -41.27 83.94 28.91
N THR A 1813 -40.18 83.29 29.22
CA THR A 1813 -40.19 81.97 29.83
C THR A 1813 -39.56 82.11 31.22
N THR A 1814 -39.80 81.14 32.09
CA THR A 1814 -39.38 81.28 33.48
C THR A 1814 -37.89 81.11 33.69
N GLU A 1815 -37.15 80.74 32.65
CA GLU A 1815 -35.69 80.71 32.78
C GLU A 1815 -35.13 82.10 32.95
N PHE A 1816 -35.51 83.03 32.07
CA PHE A 1816 -35.00 84.39 32.20
C PHE A 1816 -35.62 85.13 33.37
N LEU A 1817 -36.69 84.60 33.94
CA LEU A 1817 -37.19 85.16 35.18
C LEU A 1817 -36.26 84.85 36.33
N PHE A 1818 -35.84 83.60 36.47
CA PHE A 1818 -35.19 83.15 37.68
C PHE A 1818 -33.67 83.06 37.59
N VAL A 1819 -33.14 82.53 36.49
CA VAL A 1819 -31.72 82.23 36.31
C VAL A 1819 -30.83 83.46 36.55
N PRO A 1820 -31.00 84.60 35.89
CA PRO A 1820 -30.16 85.74 36.25
C PRO A 1820 -30.71 86.56 37.40
N LEU A 1821 -31.62 86.01 38.17
CA LEU A 1821 -31.91 86.58 39.47
C LEU A 1821 -31.24 85.79 40.57
N ILE A 1822 -31.32 84.46 40.51
CA ILE A 1822 -30.62 83.63 41.47
C ILE A 1822 -29.12 83.71 41.26
N LYS A 1823 -28.67 84.00 40.03
CA LYS A 1823 -27.23 84.18 39.83
C LYS A 1823 -26.70 85.38 40.58
N LEU A 1824 -27.38 86.51 40.49
CA LEU A 1824 -26.97 87.66 41.28
C LEU A 1824 -27.16 87.40 42.76
N PHE A 1825 -28.19 86.65 43.13
CA PHE A 1825 -28.40 86.36 44.54
C PHE A 1825 -27.29 85.50 45.09
N TYR A 1826 -26.81 84.56 44.30
CA TYR A 1826 -25.72 83.68 44.69
C TYR A 1826 -24.43 84.46 44.83
N THR A 1827 -24.12 85.28 43.84
CA THR A 1827 -22.87 86.01 43.88
C THR A 1827 -22.90 87.13 44.90
N LEU A 1828 -24.07 87.61 45.27
CA LEU A 1828 -24.12 88.53 46.39
C LEU A 1828 -24.06 87.82 47.72
N LEU A 1829 -24.50 86.57 47.78
CA LEU A 1829 -24.43 85.82 49.02
C LEU A 1829 -22.99 85.50 49.39
N ILE A 1830 -22.18 85.18 48.38
CA ILE A 1830 -20.78 84.80 48.61
C ILE A 1830 -19.99 85.97 49.14
N MET A 1831 -20.27 87.16 48.64
CA MET A 1831 -19.39 88.31 48.83
C MET A 1831 -19.45 88.91 50.22
N GLY A 1832 -19.99 88.23 51.23
CA GLY A 1832 -19.80 88.71 52.58
C GLY A 1832 -20.80 89.74 53.04
N ILE A 1833 -21.90 89.89 52.33
CA ILE A 1833 -23.02 90.70 52.79
C ILE A 1833 -24.21 89.77 52.87
N PHE A 1834 -25.40 90.31 53.16
CA PHE A 1834 -26.56 89.60 53.71
C PHE A 1834 -26.22 88.98 55.07
N HIS A 1835 -26.07 89.85 56.06
CA HIS A 1835 -25.82 89.43 57.44
C HIS A 1835 -27.04 88.79 58.09
N ASN A 1836 -26.94 88.56 59.41
CA ASN A 1836 -27.92 87.86 60.22
C ASN A 1836 -29.32 88.43 60.08
N GLU A 1837 -29.44 89.75 60.21
CA GLU A 1837 -30.70 90.46 60.13
C GLU A 1837 -31.37 90.32 58.77
N ASP A 1838 -30.60 90.08 57.72
CA ASP A 1838 -31.19 89.84 56.41
C ASP A 1838 -31.24 88.38 56.02
N LEU A 1839 -30.30 87.55 56.50
CA LEU A 1839 -30.36 86.12 56.23
C LEU A 1839 -31.55 85.47 56.89
N LYS A 1840 -31.96 86.01 58.05
CA LYS A 1840 -33.23 85.60 58.65
C LYS A 1840 -34.39 85.88 57.72
N HIS A 1841 -34.33 87.00 56.98
CA HIS A 1841 -35.36 87.28 56.00
C HIS A 1841 -35.22 86.40 54.77
N ILE A 1842 -33.98 86.01 54.46
CA ILE A 1842 -33.67 85.28 53.23
C ILE A 1842 -34.14 83.84 53.30
N LEU A 1843 -33.92 83.17 54.44
CA LEU A 1843 -34.29 81.76 54.55
C LEU A 1843 -35.78 81.52 54.44
N GLN A 1844 -36.61 82.53 54.66
CA GLN A 1844 -38.04 82.39 54.50
C GLN A 1844 -38.46 82.14 53.07
N LEU A 1845 -37.66 82.59 52.10
CA LEU A 1845 -38.02 82.37 50.71
C LEU A 1845 -37.76 80.95 50.25
N ILE A 1846 -36.97 80.18 50.99
CA ILE A 1846 -36.60 78.83 50.57
C ILE A 1846 -37.18 77.78 51.48
N GLU A 1847 -37.03 77.96 52.80
CA GLU A 1847 -37.26 76.91 53.78
C GLU A 1847 -38.71 76.54 54.05
N PRO A 1848 -39.67 77.48 54.03
CA PRO A 1848 -40.41 77.82 55.27
C PRO A 1848 -40.58 76.67 56.26
N SER A 1849 -40.01 76.88 57.45
CA SER A 1849 -39.82 75.86 58.47
C SER A 1849 -39.23 76.52 59.70
N GLY A 1893 -42.63 78.21 49.07
CA GLY A 1893 -41.21 77.99 49.21
C GLY A 1893 -40.55 77.70 47.89
N LEU A 1894 -39.41 78.37 47.63
CA LEU A 1894 -38.79 78.32 46.31
C LEU A 1894 -38.18 76.95 46.05
N LEU A 1895 -37.69 76.29 47.09
CA LEU A 1895 -37.13 74.96 46.96
C LEU A 1895 -38.20 73.92 46.67
N GLN A 1896 -39.46 74.21 46.96
CA GLN A 1896 -40.54 73.23 46.93
C GLN A 1896 -41.40 73.36 45.69
N MET A 1897 -41.11 74.31 44.82
CA MET A 1897 -41.98 74.61 43.70
C MET A 1897 -41.71 73.68 42.54
N LYS A 1898 -42.26 74.01 41.38
CA LYS A 1898 -42.01 73.31 40.13
C LYS A 1898 -41.07 74.15 39.27
N LEU A 1899 -39.90 73.61 38.96
CA LEU A 1899 -38.84 74.40 38.36
C LEU A 1899 -38.23 73.65 37.19
N PRO A 1900 -37.76 74.33 36.16
CA PRO A 1900 -37.01 73.65 35.10
C PRO A 1900 -35.59 73.29 35.48
N GLU A 1901 -34.82 72.79 34.51
CA GLU A 1901 -33.48 72.28 34.83
C GLU A 1901 -32.47 73.38 35.14
N PRO A 1902 -32.22 74.38 34.28
CA PRO A 1902 -31.15 75.32 34.59
C PRO A 1902 -31.49 76.36 35.65
N VAL A 1903 -32.58 76.21 36.39
CA VAL A 1903 -32.77 77.06 37.56
C VAL A 1903 -32.44 76.25 38.81
N LYS A 1904 -32.78 74.96 38.81
CA LYS A 1904 -32.38 74.14 39.94
C LYS A 1904 -30.90 73.82 39.89
N LEU A 1905 -30.26 73.90 38.72
CA LEU A 1905 -28.81 73.90 38.68
C LEU A 1905 -28.23 75.04 39.48
N GLN A 1906 -28.81 76.22 39.38
CA GLN A 1906 -28.35 77.35 40.18
C GLN A 1906 -28.72 77.17 41.63
N MET A 1907 -29.83 76.49 41.91
CA MET A 1907 -30.22 76.35 43.30
C MET A 1907 -29.33 75.34 44.02
N CYS A 1908 -28.74 74.40 43.29
CA CYS A 1908 -27.80 73.48 43.91
C CYS A 1908 -26.56 74.22 44.40
N LEU A 1909 -26.04 75.14 43.61
CA LEU A 1909 -24.96 75.98 44.09
C LEU A 1909 -25.41 77.00 45.12
N LEU A 1910 -26.69 77.30 45.16
CA LEU A 1910 -27.17 78.09 46.28
C LEU A 1910 -27.17 77.28 47.57
N LEU A 1911 -27.50 75.99 47.47
CA LEU A 1911 -27.56 75.16 48.67
C LEU A 1911 -26.17 74.76 49.14
N GLN A 1912 -25.23 74.62 48.22
CA GLN A 1912 -23.91 74.15 48.58
C GLN A 1912 -23.17 75.14 49.46
N TYR A 1913 -23.32 76.44 49.20
CA TYR A 1913 -22.72 77.41 50.11
C TYR A 1913 -23.39 77.40 51.47
N LEU A 1914 -24.68 77.10 51.53
CA LEU A 1914 -25.35 77.01 52.82
C LEU A 1914 -24.82 75.83 53.62
N CYS A 1915 -24.63 74.70 52.95
CA CYS A 1915 -24.05 73.54 53.62
C CYS A 1915 -22.60 73.80 54.00
N ASP A 1916 -21.89 74.53 53.17
CA ASP A 1916 -20.49 74.86 53.40
C ASP A 1916 -20.31 75.91 54.47
N CYS A 1917 -21.34 76.65 54.82
CA CYS A 1917 -21.20 77.60 55.91
C CYS A 1917 -21.09 76.90 57.26
N GLN A 1918 -21.73 75.74 57.41
CA GLN A 1918 -21.64 75.02 58.67
C GLN A 1918 -20.25 74.45 58.89
N VAL A 1919 -19.51 74.17 57.81
CA VAL A 1919 -18.16 73.66 57.99
C VAL A 1919 -17.24 74.76 58.50
N ARG A 1920 -17.35 75.96 57.95
CA ARG A 1920 -16.64 77.10 58.49
C ARG A 1920 -17.06 77.42 59.91
N HIS A 1921 -18.31 77.18 60.26
CA HIS A 1921 -18.71 77.33 61.65
C HIS A 1921 -18.07 76.28 62.54
N ARG A 1922 -18.02 75.05 62.07
CA ARG A 1922 -17.64 73.94 62.92
C ARG A 1922 -16.13 73.92 63.14
N ILE A 1923 -15.36 74.40 62.17
CA ILE A 1923 -13.92 74.46 62.37
C ILE A 1923 -13.57 75.51 63.41
N GLU A 1924 -14.19 76.68 63.33
CA GLU A 1924 -14.04 77.70 64.36
C GLU A 1924 -14.57 77.22 65.70
N ALA A 1925 -15.57 76.35 65.69
CA ALA A 1925 -16.06 75.72 66.91
C ALA A 1925 -14.99 74.85 67.56
N ILE A 1926 -14.31 74.02 66.76
CA ILE A 1926 -13.27 73.15 67.29
C ILE A 1926 -12.10 73.96 67.82
N VAL A 1927 -11.74 75.05 67.15
CA VAL A 1927 -10.63 75.86 67.66
C VAL A 1927 -11.02 76.59 68.93
N ALA A 1928 -12.28 77.07 69.00
CA ALA A 1928 -12.75 77.74 70.21
C ALA A 1928 -12.85 76.79 71.40
N PHE A 1929 -13.05 75.50 71.14
CA PHE A 1929 -12.94 74.52 72.22
C PHE A 1929 -11.48 74.22 72.58
N SER A 1930 -10.64 74.06 71.57
CA SER A 1930 -9.31 73.53 71.77
C SER A 1930 -8.31 74.58 72.17
N ASP A 1931 -8.73 75.83 72.33
CA ASP A 1931 -7.80 76.70 73.04
C ASP A 1931 -7.72 76.32 74.51
N ASP A 1932 -8.83 76.43 75.24
CA ASP A 1932 -8.78 76.10 76.66
C ASP A 1932 -8.67 74.62 76.93
N PHE A 1933 -9.06 73.74 75.98
CA PHE A 1933 -8.82 72.32 76.22
C PHE A 1933 -7.33 72.00 76.19
N VAL A 1934 -6.56 72.65 75.32
CA VAL A 1934 -5.13 72.40 75.40
C VAL A 1934 -4.52 73.20 76.54
N ALA A 1935 -5.20 74.25 77.00
CA ALA A 1935 -4.71 74.97 78.18
C ALA A 1935 -4.79 74.13 79.44
N LYS A 1936 -5.82 73.31 79.60
CA LYS A 1936 -5.90 72.38 80.72
C LYS A 1936 -5.13 71.08 80.48
N LEU A 1937 -4.20 71.07 79.53
CA LEU A 1937 -3.41 69.89 79.19
C LEU A 1937 -1.93 70.18 79.01
N GLN A 1938 -1.54 71.39 78.62
CA GLN A 1938 -0.15 71.64 78.25
C GLN A 1938 0.76 71.72 79.46
N ASP A 1939 0.22 72.12 80.62
CA ASP A 1939 0.99 72.27 81.84
C ASP A 1939 0.73 71.14 82.81
N ASN A 1940 -0.51 70.63 82.82
CA ASN A 1940 -0.97 69.69 83.81
C ASN A 1940 -0.23 68.36 83.73
N GLN A 1941 -0.14 67.78 82.54
CA GLN A 1941 0.71 66.60 82.35
C GLN A 1941 2.17 66.94 82.57
N ARG A 1942 2.61 68.12 82.12
CA ARG A 1942 3.98 68.54 82.38
C ARG A 1942 4.22 68.80 83.86
N PHE A 1943 3.17 69.15 84.62
CA PHE A 1943 3.34 69.29 86.06
C PHE A 1943 3.60 67.93 86.71
N ARG A 1944 2.93 66.89 86.20
CA ARG A 1944 3.19 65.55 86.69
C ARG A 1944 4.59 65.08 86.30
N TYR A 1945 5.03 65.48 85.11
CA TYR A 1945 6.43 65.28 84.72
C TYR A 1945 7.39 65.94 85.71
N ASN A 1946 7.11 67.20 86.07
CA ASN A 1946 8.06 67.95 86.88
C ASN A 1946 8.08 67.44 88.32
N GLU A 1947 6.93 67.00 88.83
CA GLU A 1947 6.93 66.44 90.18
C GLU A 1947 7.55 65.04 90.21
N VAL A 1948 7.41 64.28 89.12
CA VAL A 1948 7.97 62.93 89.13
C VAL A 1948 9.45 62.95 88.74
N MET A 1949 9.95 64.09 88.25
CA MET A 1949 11.36 64.19 87.92
C MET A 1949 12.27 64.10 89.14
N GLN A 1950 11.80 64.56 90.30
CA GLN A 1950 12.52 64.38 91.55
C GLN A 1950 12.08 63.14 92.30
N ALA A 1951 10.77 62.84 92.34
CA ALA A 1951 10.26 61.73 93.13
C ALA A 1951 10.61 60.37 92.56
N LEU A 1952 11.01 60.30 91.30
CA LEU A 1952 11.46 59.05 90.70
C LEU A 1952 12.84 59.22 90.06
N GLU A 1991 12.49 54.75 81.74
CA GLU A 1991 11.10 54.52 81.37
C GLU A 1991 10.27 55.80 81.48
N GLU A 1992 10.47 56.52 82.58
CA GLU A 1992 9.64 57.69 82.88
C GLU A 1992 9.91 58.81 81.89
N ILE A 1993 11.14 59.31 81.85
CA ILE A 1993 11.51 60.32 80.86
C ILE A 1993 11.72 59.71 79.49
N ARG A 1994 11.81 58.38 79.39
CA ARG A 1994 12.02 57.73 78.10
C ARG A 1994 10.78 57.87 77.21
N ASP A 1995 9.60 57.98 77.83
CA ASP A 1995 8.38 58.21 77.07
C ASP A 1995 8.04 59.68 76.95
N GLN A 1996 8.46 60.50 77.91
CA GLN A 1996 8.23 61.94 77.87
C GLN A 1996 9.47 62.69 77.38
N LEU A 1997 10.28 62.02 76.57
CA LEU A 1997 11.41 62.66 75.90
C LEU A 1997 11.45 62.28 74.43
N LEU A 1998 10.29 62.01 73.84
CA LEU A 1998 10.20 61.65 72.43
C LEU A 1998 9.98 62.91 71.60
N ASP A 1999 9.65 62.74 70.32
CA ASP A 1999 9.32 63.90 69.49
C ASP A 1999 7.96 64.44 69.86
N PHE A 2000 7.65 65.64 69.36
CA PHE A 2000 6.46 66.35 69.82
C PHE A 2000 5.18 65.70 69.30
N HIS A 2001 5.17 65.31 68.02
CA HIS A 2001 3.95 64.80 67.40
C HIS A 2001 3.59 63.43 67.92
N GLU A 2002 4.59 62.57 68.14
CA GLU A 2002 4.36 61.25 68.70
C GLU A 2002 3.89 61.34 70.14
N ASP A 2003 4.40 62.32 70.89
CA ASP A 2003 3.93 62.55 72.25
C ASP A 2003 2.50 63.07 72.29
N LEU A 2004 2.14 63.96 71.36
CA LEU A 2004 0.76 64.44 71.28
C LEU A 2004 -0.19 63.32 70.91
N MET A 2005 0.19 62.48 69.94
CA MET A 2005 -0.63 61.34 69.58
C MET A 2005 -0.71 60.31 70.70
N THR A 2006 0.36 60.15 71.49
CA THR A 2006 0.30 59.22 72.62
C THR A 2006 -0.61 59.74 73.71
N HIS A 2007 -0.59 61.05 73.97
CA HIS A 2007 -1.47 61.62 74.97
C HIS A 2007 -2.92 61.63 74.51
N CYS A 2008 -3.15 61.72 73.20
CA CYS A 2008 -4.51 61.84 72.68
C CYS A 2008 -5.18 60.51 72.39
N GLY A 2009 -4.45 59.52 71.85
CA GLY A 2009 -5.06 58.27 71.45
C GLY A 2009 -5.38 57.33 72.57
N ILE A 2010 -4.93 57.64 73.78
CA ILE A 2010 -5.27 56.82 74.93
C ILE A 2010 -6.60 57.20 75.55
N GLU A 2011 -7.14 58.37 75.24
CA GLU A 2011 -8.41 58.82 75.80
C GLU A 2011 -9.60 58.00 75.30
N LEU A 2012 -9.42 57.26 74.21
CA LEU A 2012 -10.41 56.26 73.79
C LEU A 2012 -9.61 55.02 73.43
N ASP A 2013 -10.00 53.88 73.99
CA ASP A 2013 -9.32 52.62 73.72
C ASP A 2013 -10.31 51.47 73.74
N LEU A 2024 -6.96 59.74 83.13
CA LEU A 2024 -6.95 61.08 83.69
C LEU A 2024 -8.36 61.56 83.96
N THR A 2025 -8.47 62.84 84.33
CA THR A 2025 -9.75 63.50 84.47
C THR A 2025 -10.06 64.41 83.28
N ILE A 2026 -9.08 64.65 82.41
CA ILE A 2026 -9.26 65.53 81.26
C ILE A 2026 -9.99 64.75 80.18
N ARG A 2027 -9.84 63.43 80.20
CA ARG A 2027 -10.42 62.58 79.17
C ARG A 2027 -11.94 62.48 79.27
N GLY A 2028 -12.55 63.00 80.34
CA GLY A 2028 -13.99 63.19 80.36
C GLY A 2028 -14.46 64.37 79.53
N ARG A 2029 -13.57 65.33 79.25
CA ARG A 2029 -13.98 66.50 78.47
C ARG A 2029 -14.10 66.17 76.99
N LEU A 2030 -13.16 65.41 76.43
CA LEU A 2030 -13.25 65.01 75.02
C LEU A 2030 -14.44 64.10 74.78
N LEU A 2031 -14.74 63.21 75.72
CA LEU A 2031 -15.87 62.32 75.51
C LEU A 2031 -17.19 63.05 75.68
N SER A 2032 -17.17 64.25 76.27
CA SER A 2032 -18.33 65.12 76.17
C SER A 2032 -18.27 65.93 74.88
N LEU A 2033 -17.07 66.13 74.34
CA LEU A 2033 -16.94 66.94 73.13
C LEU A 2033 -17.43 66.21 71.90
N VAL A 2034 -16.87 65.02 71.61
CA VAL A 2034 -17.13 64.34 70.35
C VAL A 2034 -18.59 63.90 70.25
N GLU A 2035 -19.24 63.67 71.38
CA GLU A 2035 -20.68 63.49 71.34
C GLU A 2035 -21.41 64.78 70.99
N LYS A 2036 -20.83 65.94 71.28
CA LYS A 2036 -21.48 67.21 70.95
C LYS A 2036 -21.10 67.74 69.58
N VAL A 2037 -20.19 67.09 68.87
CA VAL A 2037 -19.79 67.52 67.53
C VAL A 2037 -20.37 66.49 66.59
N THR A 2038 -21.57 66.03 66.91
CA THR A 2038 -22.35 65.32 65.90
C THR A 2038 -22.67 66.23 64.73
N TYR A 2039 -23.50 67.25 64.96
CA TYR A 2039 -23.91 68.16 63.88
C TYR A 2039 -24.06 69.58 64.42
N THR A 2058 -33.71 70.07 61.02
CA THR A 2058 -32.45 70.54 60.46
C THR A 2058 -32.48 70.47 58.96
N LEU A 2059 -31.63 71.28 58.31
CA LEU A 2059 -31.60 71.32 56.86
C LEU A 2059 -31.02 70.05 56.25
N GLN A 2060 -30.26 69.28 57.03
CA GLN A 2060 -29.76 68.00 56.57
C GLN A 2060 -30.88 67.02 56.27
N GLN A 2061 -32.05 67.19 56.89
CA GLN A 2061 -33.25 66.49 56.45
C GLN A 2061 -33.65 66.93 55.05
N LEU A 2062 -33.89 68.23 54.87
CA LEU A 2062 -34.60 68.69 53.69
C LEU A 2062 -33.75 68.71 52.45
N ILE A 2063 -32.44 68.92 52.59
CA ILE A 2063 -31.54 68.80 51.43
C ILE A 2063 -31.61 67.40 50.86
N SER A 2064 -31.21 66.41 51.66
CA SER A 2064 -31.24 64.99 51.32
C SER A 2064 -32.62 64.48 50.95
N GLU A 2065 -33.68 65.15 51.36
CA GLU A 2065 -35.00 64.79 50.85
C GLU A 2065 -35.22 65.37 49.47
N THR A 2066 -34.90 66.64 49.28
CA THR A 2066 -35.22 67.31 48.03
C THR A 2066 -34.37 66.84 46.87
N MET A 2067 -33.11 66.48 47.13
CA MET A 2067 -32.26 66.00 46.04
C MET A 2067 -32.77 64.72 45.44
N VAL A 2068 -33.25 63.80 46.26
CA VAL A 2068 -33.82 62.59 45.70
C VAL A 2068 -35.23 62.85 45.19
N ARG A 2069 -35.94 63.83 45.76
CA ARG A 2069 -37.28 64.13 45.28
C ARG A 2069 -37.24 64.72 43.87
N TRP A 2070 -36.18 65.45 43.56
CA TRP A 2070 -36.03 65.95 42.20
C TRP A 2070 -35.79 64.81 41.22
N ALA A 2071 -34.98 63.84 41.60
CA ALA A 2071 -34.65 62.77 40.68
C ALA A 2071 -35.76 61.75 40.55
N GLN A 2072 -36.66 61.67 41.53
CA GLN A 2072 -37.69 60.65 41.48
C GLN A 2072 -38.73 60.93 40.39
N GLU A 2073 -39.01 62.20 40.15
CA GLU A 2073 -40.18 62.53 39.36
C GLU A 2073 -39.94 62.58 37.87
N SER A 2074 -38.73 62.88 37.41
CA SER A 2074 -38.51 63.05 35.98
C SER A 2074 -37.11 62.61 35.61
N VAL A 2075 -36.96 62.15 34.37
CA VAL A 2075 -35.64 61.89 33.82
C VAL A 2075 -34.92 63.22 33.69
N ILE A 2076 -33.66 63.27 34.08
CA ILE A 2076 -32.93 64.51 34.19
C ILE A 2076 -31.80 64.50 33.17
N GLU A 2077 -31.86 65.40 32.21
CA GLU A 2077 -30.75 65.66 31.30
C GLU A 2077 -29.91 66.78 31.88
N ASP A 2078 -28.99 67.32 31.07
CA ASP A 2078 -27.99 68.32 31.45
C ASP A 2078 -27.17 67.76 32.60
N PRO A 2079 -26.27 66.83 32.32
CA PRO A 2079 -25.66 66.00 33.38
C PRO A 2079 -24.80 66.74 34.37
N GLU A 2080 -24.59 68.05 34.22
CA GLU A 2080 -24.08 68.82 35.34
C GLU A 2080 -25.07 68.89 36.48
N LEU A 2081 -26.37 68.81 36.17
CA LEU A 2081 -27.38 68.81 37.20
C LEU A 2081 -27.33 67.54 38.03
N VAL A 2082 -27.15 66.39 37.37
CA VAL A 2082 -27.09 65.11 38.08
C VAL A 2082 -25.88 65.06 39.00
N ARG A 2083 -24.73 65.51 38.51
CA ARG A 2083 -23.51 65.51 39.30
C ARG A 2083 -23.60 66.48 40.45
N ALA A 2084 -24.12 67.68 40.22
CA ALA A 2084 -24.28 68.62 41.32
C ALA A 2084 -25.37 68.20 42.28
N MET A 2085 -26.28 67.34 41.86
CA MET A 2085 -27.24 66.81 42.81
C MET A 2085 -26.59 65.77 43.71
N PHE A 2086 -25.86 64.84 43.13
CA PHE A 2086 -25.39 63.71 43.91
C PHE A 2086 -24.21 64.04 44.78
N VAL A 2087 -23.39 65.02 44.40
CA VAL A 2087 -22.35 65.49 45.32
C VAL A 2087 -22.98 66.11 46.55
N LEU A 2088 -24.02 66.91 46.35
CA LEU A 2088 -24.75 67.49 47.46
C LEU A 2088 -25.49 66.46 48.28
N LEU A 2089 -25.92 65.37 47.66
CA LEU A 2089 -26.57 64.31 48.42
C LEU A 2089 -25.58 63.58 49.29
N HIS A 2090 -24.41 63.29 48.73
CA HIS A 2090 -23.41 62.51 49.45
C HIS A 2090 -22.78 63.31 50.57
N ARG A 2091 -22.72 64.64 50.44
CA ARG A 2091 -22.18 65.42 51.54
C ARG A 2091 -23.11 65.44 52.75
N GLN A 2092 -24.39 65.17 52.56
CA GLN A 2092 -25.27 65.07 53.72
C GLN A 2092 -25.00 63.81 54.53
N TYR A 2093 -24.80 62.68 53.87
CA TYR A 2093 -24.62 61.44 54.60
C TYR A 2093 -23.19 61.17 54.98
N ASP A 2094 -22.26 62.02 54.63
CA ASP A 2094 -20.87 61.87 55.05
C ASP A 2094 -20.41 63.21 55.59
N GLY A 2095 -20.73 63.48 56.85
CA GLY A 2095 -20.36 64.75 57.42
C GLY A 2095 -18.96 64.67 57.95
N ILE A 2096 -18.63 63.52 58.51
CA ILE A 2096 -17.32 63.32 59.11
C ILE A 2096 -16.26 63.21 58.03
N GLY A 2097 -16.64 62.73 56.85
CA GLY A 2097 -15.70 62.78 55.73
C GLY A 2097 -15.40 64.19 55.26
N GLY A 2098 -16.41 65.06 55.27
CA GLY A 2098 -16.17 66.46 54.99
C GLY A 2098 -15.29 67.10 56.03
N LEU A 2099 -15.48 66.74 57.30
CA LEU A 2099 -14.59 67.26 58.32
C LEU A 2099 -13.21 66.63 58.27
N VAL A 2100 -13.09 65.45 57.66
CA VAL A 2100 -11.77 64.89 57.38
C VAL A 2100 -11.06 65.75 56.36
N ARG A 2101 -11.71 66.04 55.23
CA ARG A 2101 -11.04 66.75 54.16
C ARG A 2101 -11.01 68.26 54.37
N ALA A 2102 -11.19 68.73 55.60
CA ALA A 2102 -11.02 70.13 55.95
C ALA A 2102 -10.01 70.35 57.07
N LEU A 2103 -9.70 69.33 57.85
CA LEU A 2103 -8.76 69.49 58.95
C LEU A 2103 -7.29 69.60 58.55
N PRO A 2104 -6.78 68.93 57.49
CA PRO A 2104 -5.43 69.30 57.04
C PRO A 2104 -5.42 70.51 56.13
N LYS A 2105 -6.16 71.53 56.49
CA LYS A 2105 -5.96 72.86 55.94
C LYS A 2105 -6.02 73.93 57.01
N THR A 2106 -6.62 73.67 58.17
CA THR A 2106 -6.75 74.68 59.20
C THR A 2106 -5.42 74.92 59.90
N TYR A 2107 -5.39 76.01 60.64
CA TYR A 2107 -4.19 76.54 61.28
C TYR A 2107 -4.62 77.66 62.20
N THR A 2108 -3.92 77.81 63.31
CA THR A 2108 -4.21 78.87 64.25
C THR A 2108 -2.99 79.75 64.42
N ILE A 2109 -3.21 81.06 64.52
CA ILE A 2109 -2.12 82.01 64.67
C ILE A 2109 -2.43 82.94 65.83
N ASN A 2110 -1.37 83.37 66.49
CA ASN A 2110 -1.45 84.29 67.60
C ASN A 2110 -1.82 85.68 67.07
N GLY A 2111 -2.38 86.50 67.96
CA GLY A 2111 -3.00 87.76 67.54
C GLY A 2111 -2.02 88.78 67.02
N VAL A 2112 -0.80 88.79 67.55
CA VAL A 2112 0.21 89.76 67.12
C VAL A 2112 0.66 89.52 65.68
N SER A 2113 0.34 88.38 65.10
CA SER A 2113 0.59 88.10 63.71
C SER A 2113 -0.68 88.04 62.87
N VAL A 2114 -1.73 88.76 63.27
CA VAL A 2114 -2.90 88.83 62.40
C VAL A 2114 -2.62 89.73 61.21
N GLU A 2115 -2.00 90.88 61.46
CA GLU A 2115 -2.01 91.97 60.49
C GLU A 2115 -1.12 91.68 59.29
N ASP A 2116 -0.09 90.86 59.46
CA ASP A 2116 0.84 90.61 58.37
C ASP A 2116 0.43 89.46 57.48
N THR A 2117 -0.20 88.42 58.04
CA THR A 2117 -0.57 87.28 57.21
C THR A 2117 -1.70 87.62 56.25
N ILE A 2118 -2.53 88.60 56.59
CA ILE A 2118 -3.48 89.14 55.62
C ILE A 2118 -2.72 89.74 54.46
N ASN A 2119 -1.67 90.51 54.75
CA ASN A 2119 -0.79 91.00 53.71
C ASN A 2119 0.00 89.89 53.05
N LEU A 2120 0.06 88.72 53.68
CA LEU A 2120 0.53 87.55 52.95
C LEU A 2120 -0.59 87.01 52.06
N LEU A 2121 -1.78 86.82 52.65
CA LEU A 2121 -2.89 86.20 51.94
C LEU A 2121 -3.32 87.04 50.76
N ALA A 2122 -3.41 88.36 50.96
CA ALA A 2122 -3.74 89.26 49.86
C ALA A 2122 -2.61 89.33 48.85
N SER A 2123 -1.38 89.06 49.28
CA SER A 2123 -0.34 88.96 48.27
C SER A 2123 -0.17 87.55 47.78
N LEU A 2124 -0.94 86.60 48.29
CA LEU A 2124 -0.89 85.27 47.73
C LEU A 2124 -1.86 85.13 46.57
N GLY A 2125 -3.05 85.69 46.73
CA GLY A 2125 -4.07 85.58 45.69
C GLY A 2125 -3.67 86.26 44.40
N GLN A 2126 -2.87 87.32 44.50
CA GLN A 2126 -2.34 87.97 43.30
C GLN A 2126 -1.45 87.02 42.51
N ILE A 2127 -0.78 86.09 43.20
CA ILE A 2127 -0.14 84.99 42.50
C ILE A 2127 -1.18 84.12 41.83
N ARG A 2128 -2.17 83.67 42.61
CA ARG A 2128 -3.10 82.65 42.13
C ARG A 2128 -3.98 83.19 41.02
N SER A 2129 -4.44 84.43 41.16
CA SER A 2129 -5.21 85.06 40.10
C SER A 2129 -4.37 85.35 38.86
N LEU A 2130 -3.05 85.41 39.00
CA LEU A 2130 -2.20 85.52 37.82
C LEU A 2130 -1.92 84.17 37.18
N LEU A 2131 -2.61 83.13 37.62
CA LEU A 2131 -2.37 81.80 37.07
C LEU A 2131 -2.85 81.67 35.63
N SER A 2132 -3.77 82.53 35.20
CA SER A 2132 -4.42 82.41 33.90
C SER A 2132 -4.27 83.71 33.12
N VAL A 2133 -3.22 83.78 32.30
CA VAL A 2133 -3.03 84.84 31.31
C VAL A 2133 -2.47 84.25 30.01
N GLU A 2138 5.39 89.83 28.95
CA GLU A 2138 5.31 91.06 29.71
C GLU A 2138 4.34 90.87 30.86
N GLU A 2139 3.66 89.74 30.84
CA GLU A 2139 2.69 89.41 31.88
C GLU A 2139 3.33 88.97 33.19
N GLU A 2140 4.66 89.02 33.28
CA GLU A 2140 5.39 88.38 34.35
C GLU A 2140 5.90 89.35 35.40
N LYS A 2141 5.87 90.66 35.16
CA LYS A 2141 6.39 91.61 36.14
C LYS A 2141 5.54 91.65 37.40
N LEU A 2142 4.27 91.30 37.30
CA LEU A 2142 3.45 91.20 38.49
C LEU A 2142 3.89 90.03 39.37
N MET A 2143 4.22 88.90 38.75
CA MET A 2143 4.56 87.69 39.49
C MET A 2143 5.88 87.85 40.22
N ILE A 2144 6.84 88.53 39.59
CA ILE A 2144 8.15 88.67 40.19
C ILE A 2144 8.10 89.58 41.41
N ARG A 2145 7.31 90.65 41.32
CA ARG A 2145 7.09 91.50 42.50
C ARG A 2145 6.28 90.77 43.56
N GLY A 2146 5.34 89.90 43.15
CA GLY A 2146 4.57 89.16 44.13
C GLY A 2146 5.41 88.18 44.91
N LEU A 2147 6.26 87.44 44.21
CA LEU A 2147 7.17 86.52 44.87
C LEU A 2147 8.19 87.26 45.71
N GLY A 2148 8.60 88.46 45.27
CA GLY A 2148 9.46 89.28 46.10
C GLY A 2148 8.78 89.75 47.37
N ASP A 2149 7.49 90.03 47.31
CA ASP A 2149 6.79 90.43 48.53
C ASP A 2149 6.48 89.24 49.42
N ILE A 2150 6.40 88.04 48.86
CA ILE A 2150 6.15 86.88 49.68
C ILE A 2150 7.43 86.41 50.37
N MET A 2151 8.55 86.39 49.64
CA MET A 2151 9.80 85.89 50.19
C MET A 2151 10.32 86.75 51.33
N ASN A 2152 10.13 88.05 51.25
CA ASN A 2152 10.61 88.96 52.28
C ASN A 2152 9.64 89.12 53.42
N ASN A 2153 8.62 88.26 53.50
CA ASN A 2153 7.61 88.46 54.52
C ASN A 2153 8.10 87.95 55.86
N LYS A 2154 7.54 88.52 56.92
CA LYS A 2154 7.89 88.09 58.27
C LYS A 2154 7.46 86.66 58.51
N VAL A 2155 6.17 86.36 58.34
CA VAL A 2155 5.70 84.98 58.48
C VAL A 2155 5.80 84.36 57.10
N PHE A 2156 7.01 84.03 56.74
CA PHE A 2156 7.27 82.98 55.77
C PHE A 2156 8.35 82.03 56.25
N TYR A 2157 9.27 82.49 57.08
CA TYR A 2157 10.11 81.59 57.84
C TYR A 2157 9.32 80.91 58.93
N GLN A 2158 8.46 81.67 59.61
CA GLN A 2158 8.02 81.33 60.95
C GLN A 2158 7.11 80.12 61.03
N HIS A 2159 6.27 79.86 60.03
CA HIS A 2159 5.41 78.67 60.06
C HIS A 2159 5.35 78.02 58.70
N PRO A 2160 6.37 77.23 58.34
CA PRO A 2160 6.38 76.59 57.01
C PRO A 2160 5.35 75.49 56.84
N ASN A 2161 4.68 75.07 57.91
CA ASN A 2161 3.54 74.18 57.74
C ASN A 2161 2.40 74.89 57.01
N LEU A 2162 2.24 76.20 57.25
CA LEU A 2162 1.23 76.97 56.55
C LEU A 2162 1.48 76.98 55.06
N MET A 2163 2.68 77.33 54.66
CA MET A 2163 2.98 77.41 53.25
C MET A 2163 3.08 76.05 52.62
N ARG A 2164 3.31 75.00 53.40
CA ARG A 2164 3.20 73.66 52.86
C ARG A 2164 1.75 73.27 52.66
N ALA A 2165 0.84 73.81 53.47
CA ALA A 2165 -0.56 73.43 53.41
C ALA A 2165 -1.39 74.28 52.46
N LEU A 2166 -0.95 75.50 52.16
CA LEU A 2166 -1.69 76.32 51.21
C LEU A 2166 -1.39 75.94 49.77
N GLY A 2167 -0.55 74.94 49.54
CA GLY A 2167 -0.24 74.51 48.20
C GLY A 2167 0.69 75.40 47.45
N MET A 2168 1.31 76.38 48.12
CA MET A 2168 2.03 77.39 47.36
C MET A 2168 3.40 76.93 46.90
N HIS A 2169 3.78 75.69 47.16
CA HIS A 2169 4.82 75.12 46.32
C HIS A 2169 4.27 74.66 45.00
N GLU A 2170 3.06 74.11 44.98
CA GLU A 2170 2.49 73.65 43.73
C GLU A 2170 2.01 74.79 42.84
N THR A 2171 1.67 75.93 43.44
CA THR A 2171 1.26 77.11 42.68
C THR A 2171 2.38 77.59 41.77
N VAL A 2172 3.56 77.83 42.36
CA VAL A 2172 4.69 78.31 41.60
C VAL A 2172 5.19 77.27 40.63
N MET A 2173 5.09 76.00 41.03
CA MET A 2173 5.43 74.90 40.15
C MET A 2173 4.56 74.89 38.90
N GLU A 2174 3.26 75.11 39.09
CA GLU A 2174 2.35 75.18 37.96
C GLU A 2174 2.60 76.40 37.08
N VAL A 2175 2.98 77.53 37.68
CA VAL A 2175 3.30 78.71 36.88
C VAL A 2175 4.52 78.46 36.00
N MET A 2176 5.56 77.86 36.57
CA MET A 2176 6.76 77.56 35.80
C MET A 2176 6.48 76.53 34.72
N VAL A 2177 5.65 75.53 35.02
CA VAL A 2177 5.29 74.53 34.02
C VAL A 2177 4.51 75.16 32.89
N ASN A 2178 3.67 76.14 33.21
CA ASN A 2178 2.97 76.91 32.17
C ASN A 2178 3.97 77.69 31.32
N VAL A 2179 5.06 78.15 31.91
CA VAL A 2179 6.05 78.88 31.12
C VAL A 2179 6.80 77.95 30.18
N LEU A 2180 7.30 76.83 30.70
CA LEU A 2180 8.13 75.90 29.94
C LEU A 2180 7.21 75.07 29.04
N GLY A 2181 6.91 75.62 27.88
CA GLY A 2181 5.98 74.98 26.96
C GLY A 2181 6.49 73.71 26.33
N PRO A 2191 11.87 84.07 29.89
CA PRO A 2191 13.24 83.71 30.23
C PRO A 2191 13.65 84.15 31.62
N LYS A 2192 13.39 85.40 31.97
CA LYS A 2192 13.71 85.87 33.31
C LYS A 2192 12.64 85.51 34.32
N MET A 2193 11.58 84.83 33.90
CA MET A 2193 10.57 84.35 34.82
C MET A 2193 11.01 83.08 35.54
N VAL A 2194 11.64 82.16 34.81
CA VAL A 2194 12.06 80.89 35.39
C VAL A 2194 13.15 81.10 36.43
N ALA A 2195 14.00 82.10 36.19
CA ALA A 2195 15.14 82.34 37.08
C ALA A 2195 14.70 82.94 38.40
N ASN A 2196 13.73 83.84 38.40
CA ASN A 2196 13.23 84.34 39.66
C ASN A 2196 12.08 83.49 40.17
N CYS A 2197 11.72 82.45 39.44
CA CYS A 2197 10.84 81.43 39.97
C CYS A 2197 11.60 80.44 40.84
N CYS A 2198 12.59 79.75 40.26
CA CYS A 2198 13.24 78.64 40.94
C CYS A 2198 14.04 79.06 42.15
N ARG A 2199 14.46 80.33 42.21
CA ARG A 2199 15.09 80.82 43.41
C ARG A 2199 14.13 80.82 44.59
N PHE A 2200 12.84 81.01 44.34
CA PHE A 2200 11.89 80.89 45.43
C PHE A 2200 11.77 79.45 45.91
N LEU A 2201 11.83 78.50 45.00
CA LEU A 2201 11.72 77.11 45.43
C LEU A 2201 12.99 76.64 46.13
N CYS A 2202 14.15 77.12 45.70
CA CYS A 2202 15.39 76.83 46.43
C CYS A 2202 15.40 77.50 47.78
N TYR A 2203 14.71 78.63 47.91
CA TYR A 2203 14.45 79.17 49.23
C TYR A 2203 13.46 78.31 50.00
N PHE A 2204 12.62 77.57 49.28
CA PHE A 2204 11.54 76.86 49.96
C PHE A 2204 12.02 75.57 50.60
N CYS A 2205 13.06 74.95 50.06
CA CYS A 2205 13.52 73.71 50.66
C CYS A 2205 14.32 73.94 51.93
N ARG A 2206 15.13 74.98 51.98
CA ARG A 2206 16.08 75.14 53.05
C ARG A 2206 15.50 75.76 54.31
N ILE A 2207 14.18 75.70 54.51
CA ILE A 2207 13.64 76.25 55.75
C ILE A 2207 13.15 75.14 56.67
N SER A 2208 12.84 73.96 56.14
CA SER A 2208 12.38 72.87 56.97
C SER A 2208 12.72 71.54 56.33
N ARG A 2209 12.59 70.49 57.13
CA ARG A 2209 12.90 69.15 56.67
C ARG A 2209 11.73 68.54 55.92
N GLN A 2210 10.56 68.52 56.57
CA GLN A 2210 9.35 68.01 55.95
C GLN A 2210 8.95 68.84 54.75
N ASN A 2211 9.29 70.12 54.75
CA ASN A 2211 9.01 70.97 53.60
C ASN A 2211 9.82 70.54 52.39
N GLN A 2212 11.08 70.20 52.63
CA GLN A 2212 11.92 69.65 51.58
C GLN A 2212 11.40 68.31 51.09
N LYS A 2213 10.88 67.50 52.01
CA LYS A 2213 10.27 66.24 51.60
C LYS A 2213 9.05 66.48 50.73
N ALA A 2214 8.29 67.52 51.03
CA ALA A 2214 7.13 67.86 50.21
C ALA A 2214 7.56 68.36 48.84
N MET A 2215 8.67 69.08 48.79
CA MET A 2215 9.17 69.61 47.52
C MET A 2215 9.73 68.50 46.65
N PHE A 2216 10.17 67.39 47.25
CA PHE A 2216 10.89 66.34 46.56
C PHE A 2216 10.11 65.73 45.40
N ASP A 2217 8.79 65.66 45.51
CA ASP A 2217 8.05 64.65 44.78
C ASP A 2217 7.84 64.96 43.30
N HIS A 2218 8.31 66.10 42.81
CA HIS A 2218 8.19 66.41 41.39
C HIS A 2218 9.50 66.22 40.65
N LEU A 2219 10.46 65.53 41.28
CA LEU A 2219 11.82 65.45 40.75
C LEU A 2219 11.88 64.75 39.40
N SER A 2220 11.00 63.77 39.20
CA SER A 2220 11.02 62.95 37.99
C SER A 2220 10.72 63.77 36.75
N TYR A 2221 9.75 64.67 36.84
CA TYR A 2221 9.58 65.62 35.75
C TYR A 2221 10.66 66.69 35.80
N LEU A 2222 11.01 67.12 37.01
CA LEU A 2222 11.82 68.31 37.21
C LEU A 2222 13.22 68.18 36.63
N LEU A 2223 13.71 66.96 36.48
CA LEU A 2223 15.01 66.76 35.87
C LEU A 2223 15.03 66.99 34.37
N GLU A 2224 13.89 66.90 33.69
CA GLU A 2224 13.87 66.97 32.23
C GLU A 2224 13.95 68.37 31.69
N ASN A 2225 14.26 69.36 32.51
CA ASN A 2225 14.17 70.75 32.08
C ASN A 2225 15.47 71.50 32.30
N SER A 2226 16.59 70.94 31.85
CA SER A 2226 17.86 71.66 31.88
C SER A 2226 17.86 72.78 30.84
N SER A 2227 17.77 74.01 31.31
CA SER A 2227 17.85 75.18 30.44
C SER A 2227 19.29 75.68 30.29
N VAL A 2228 19.92 76.11 31.38
CA VAL A 2228 21.34 76.48 31.35
C VAL A 2228 22.19 75.56 32.23
N THR A 2239 17.89 78.87 38.62
CA THR A 2239 18.10 77.84 37.62
C THR A 2239 17.17 76.67 37.89
N PRO A 2240 16.69 75.99 36.85
CA PRO A 2240 15.71 74.92 37.05
C PRO A 2240 16.30 73.60 37.53
N LEU A 2241 17.61 73.45 37.52
CA LEU A 2241 18.25 72.25 38.06
C LEU A 2241 18.62 72.41 39.53
N ASP A 2242 18.76 73.65 40.00
CA ASP A 2242 19.11 73.90 41.39
C ASP A 2242 18.05 73.39 42.34
N VAL A 2243 16.80 73.40 41.92
CA VAL A 2243 15.75 72.92 42.80
C VAL A 2243 15.75 71.40 42.85
N ALA A 2244 16.31 70.75 41.82
CA ALA A 2244 16.53 69.32 41.94
C ALA A 2244 17.67 69.04 42.90
N ALA A 2245 18.63 69.96 42.99
CA ALA A 2245 19.74 69.77 43.92
C ALA A 2245 19.29 69.96 45.35
N ALA A 2246 18.76 71.14 45.67
CA ALA A 2246 18.42 71.47 47.05
C ALA A 2246 17.19 70.74 47.56
N SER A 2247 16.55 69.92 46.74
CA SER A 2247 15.56 68.98 47.22
C SER A 2247 16.18 67.77 47.88
N VAL A 2248 17.38 67.37 47.47
CA VAL A 2248 18.08 66.22 48.06
C VAL A 2248 19.38 66.63 48.73
N MET A 2249 19.49 67.86 49.21
CA MET A 2249 20.79 68.39 49.59
C MET A 2249 21.31 67.76 50.87
N ASP A 2250 20.47 67.66 51.86
CA ASP A 2250 20.94 67.35 53.20
C ASP A 2250 20.39 66.08 53.81
N ASN A 2251 19.08 65.81 53.66
CA ASN A 2251 18.46 64.73 54.40
C ASN A 2251 18.85 63.38 53.85
N ASN A 2252 19.29 62.50 54.74
CA ASN A 2252 19.78 61.20 54.33
C ASN A 2252 18.66 60.28 53.88
N GLU A 2253 17.46 60.43 54.45
CA GLU A 2253 16.35 59.58 54.06
C GLU A 2253 15.95 59.85 52.62
N LEU A 2254 15.91 61.13 52.25
CA LEU A 2254 15.66 61.48 50.87
C LEU A 2254 16.86 61.19 49.99
N ALA A 2255 18.05 61.17 50.58
CA ALA A 2255 19.23 60.77 49.82
C ALA A 2255 19.19 59.30 49.48
N LEU A 2256 18.56 58.49 50.33
CA LEU A 2256 18.41 57.07 50.07
C LEU A 2256 17.19 56.75 49.25
N ALA A 2257 16.18 57.62 49.27
CA ALA A 2257 14.88 57.25 48.72
C ALA A 2257 14.89 57.26 47.20
N LEU A 2258 15.67 58.13 46.57
CA LEU A 2258 15.58 58.23 45.13
C LEU A 2258 16.28 57.05 44.47
N ARG A 2259 15.83 56.72 43.27
CA ARG A 2259 16.19 55.47 42.63
C ARG A 2259 17.06 55.72 41.42
N GLU A 2260 17.44 54.61 40.79
CA GLU A 2260 18.32 54.64 39.63
C GLU A 2260 17.78 55.25 38.31
N PRO A 2261 16.48 55.20 37.95
CA PRO A 2261 16.11 55.87 36.70
C PRO A 2261 16.15 57.37 36.79
N ASP A 2262 16.01 57.92 38.01
CA ASP A 2262 16.21 59.35 38.20
C ASP A 2262 17.64 59.75 37.91
N LEU A 2263 18.59 58.90 38.25
CA LEU A 2263 19.98 59.21 38.00
C LEU A 2263 20.42 58.85 36.60
N GLU A 2264 19.74 57.90 35.95
CA GLU A 2264 20.19 57.45 34.64
C GLU A 2264 20.00 58.53 33.60
N LYS A 2265 18.95 59.34 33.70
CA LYS A 2265 18.78 60.39 32.72
C LYS A 2265 19.72 61.56 32.96
N VAL A 2266 20.30 61.66 34.15
CA VAL A 2266 21.33 62.67 34.37
C VAL A 2266 22.58 62.31 33.59
N VAL A 2267 23.05 61.06 33.69
CA VAL A 2267 24.22 60.69 32.92
C VAL A 2267 23.88 60.49 31.45
N ARG A 2268 22.60 60.35 31.10
CA ARG A 2268 22.19 60.48 29.72
C ARG A 2268 22.47 61.89 29.20
N TYR A 2269 22.10 62.90 29.99
CA TYR A 2269 22.41 64.28 29.64
C TYR A 2269 23.91 64.51 29.60
N LEU A 2270 24.65 63.84 30.47
CA LEU A 2270 26.11 63.93 30.42
C LEU A 2270 26.68 63.32 29.15
N ALA A 2271 26.11 62.19 28.72
CA ALA A 2271 26.46 61.62 27.42
C ALA A 2271 26.10 62.57 26.30
N GLY A 2272 25.05 63.36 26.49
CA GLY A 2272 24.75 64.46 25.58
C GLY A 2272 25.83 65.52 25.53
N CYS A 2273 26.63 65.67 26.58
CA CYS A 2273 27.76 66.59 26.55
C CYS A 2273 28.98 65.98 25.87
N GLY A 2274 28.80 65.51 24.64
CA GLY A 2274 29.87 64.88 23.91
C GLY A 2274 30.30 65.70 22.70
N LEU A 2275 30.39 67.01 22.86
CA LEU A 2275 30.95 67.84 21.81
C LEU A 2275 32.46 67.84 21.93
N PRO A 2293 32.77 70.17 26.82
CA PRO A 2293 31.85 71.29 26.76
C PRO A 2293 31.75 72.08 28.05
N VAL A 2294 30.55 72.61 28.29
CA VAL A 2294 30.34 73.58 29.34
C VAL A 2294 29.21 73.19 30.29
N GLU A 2295 28.24 72.40 29.84
CA GLU A 2295 27.12 72.05 30.69
C GLU A 2295 27.45 70.95 31.69
N GLY A 2296 28.66 70.38 31.64
CA GLY A 2296 29.01 69.37 32.60
C GLY A 2296 29.34 69.87 33.99
N GLU A 2297 29.64 71.16 34.13
CA GLU A 2297 30.00 71.71 35.43
C GLU A 2297 28.81 71.85 36.35
N ARG A 2298 27.59 71.79 35.81
CA ARG A 2298 26.37 71.84 36.61
C ARG A 2298 25.78 70.47 36.87
N TYR A 2299 25.77 69.59 35.85
CA TYR A 2299 25.19 68.24 35.98
C TYR A 2299 25.88 67.44 37.06
N LEU A 2300 27.21 67.45 37.05
CA LEU A 2300 28.00 66.83 38.11
C LEU A 2300 27.74 67.50 39.44
N ASP A 2301 27.47 68.80 39.42
CA ASP A 2301 27.07 69.51 40.62
C ASP A 2301 25.74 69.02 41.16
N PHE A 2302 24.92 68.37 40.34
CA PHE A 2302 23.81 67.64 40.91
C PHE A 2302 24.27 66.36 41.59
N LEU A 2303 25.10 65.56 40.90
CA LEU A 2303 25.37 64.20 41.35
C LEU A 2303 26.22 64.13 42.60
N ARG A 2304 26.93 65.20 42.94
CA ARG A 2304 27.66 65.21 44.20
C ARG A 2304 26.73 65.22 45.38
N PHE A 2305 25.55 65.81 45.23
CA PHE A 2305 24.57 65.76 46.30
C PHE A 2305 23.85 64.42 46.35
N ALA A 2306 24.00 63.59 45.33
CA ALA A 2306 23.30 62.32 45.28
C ALA A 2306 24.03 61.21 46.01
N VAL A 2307 25.33 61.33 46.24
CA VAL A 2307 26.10 60.22 46.80
C VAL A 2307 26.79 60.55 48.11
N PHE A 2308 26.81 61.80 48.57
CA PHE A 2308 27.56 62.11 49.78
C PHE A 2308 26.67 62.63 50.91
N CYS A 2309 26.08 63.80 50.75
CA CYS A 2309 24.94 64.32 51.50
C CYS A 2309 25.11 64.55 53.00
N ASN A 2310 26.15 64.00 53.64
CA ASN A 2310 26.46 64.43 55.00
C ASN A 2310 27.94 64.52 55.32
N GLY A 2311 28.80 63.80 54.63
CA GLY A 2311 30.15 63.61 55.10
C GLY A 2311 30.58 62.19 54.88
N GLU A 2312 29.63 61.30 54.55
CA GLU A 2312 29.96 59.91 54.32
C GLU A 2312 29.24 59.43 53.06
N SER A 2313 29.96 58.69 52.24
CA SER A 2313 29.42 58.27 50.97
C SER A 2313 28.42 57.14 51.15
N VAL A 2314 27.20 57.37 50.67
CA VAL A 2314 26.13 56.38 50.72
C VAL A 2314 26.44 55.27 49.72
N GLU A 2315 26.80 54.10 50.25
CA GLU A 2315 27.17 52.92 49.46
C GLU A 2315 26.38 52.65 48.19
N GLU A 2316 25.09 52.34 48.33
CA GLU A 2316 24.23 52.02 47.18
C GLU A 2316 24.32 53.03 46.05
N ASN A 2317 24.01 54.29 46.38
CA ASN A 2317 24.05 55.37 45.42
C ASN A 2317 25.41 55.43 44.75
N ALA A 2318 26.46 55.42 45.56
CA ALA A 2318 27.84 55.44 45.06
C ALA A 2318 28.04 54.38 43.99
N ASN A 2319 27.79 53.13 44.34
CA ASN A 2319 27.93 52.03 43.40
C ASN A 2319 27.16 52.24 42.10
N VAL A 2320 25.87 52.55 42.21
CA VAL A 2320 25.10 52.69 40.98
C VAL A 2320 25.61 53.83 40.09
N VAL A 2321 25.93 54.98 40.70
CA VAL A 2321 26.39 56.10 39.89
C VAL A 2321 27.75 55.79 39.25
N VAL A 2322 28.60 55.08 39.98
CA VAL A 2322 29.90 54.72 39.45
C VAL A 2322 29.71 53.85 38.23
N ARG A 2323 28.84 52.85 38.32
CA ARG A 2323 28.60 51.99 37.17
C ARG A 2323 28.04 52.77 35.97
N LEU A 2324 27.13 53.69 36.27
CA LEU A 2324 26.52 54.51 35.23
C LEU A 2324 27.61 55.33 34.52
N LEU A 2325 28.51 55.91 35.29
CA LEU A 2325 29.60 56.70 34.77
C LEU A 2325 30.50 55.85 33.89
N ILE A 2326 30.77 54.63 34.36
CA ILE A 2326 31.58 53.67 33.62
C ILE A 2326 30.98 53.52 32.23
N ARG A 2327 29.68 53.23 32.15
CA ARG A 2327 29.09 53.13 30.81
C ARG A 2327 29.12 54.53 30.17
N ARG A 2328 30.19 54.85 29.46
CA ARG A 2328 30.33 56.17 28.90
C ARG A 2328 31.81 56.51 28.89
N PRO A 2329 32.27 57.31 27.92
CA PRO A 2329 33.71 57.58 27.84
C PRO A 2329 34.24 58.45 28.97
N GLU A 2330 33.61 59.60 29.18
CA GLU A 2330 34.06 60.61 30.12
C GLU A 2330 33.95 60.17 31.57
N GLY A 2343 45.50 61.09 27.30
CA GLY A 2343 46.32 61.70 28.33
C GLY A 2343 45.55 62.68 29.20
N LEU A 2344 45.01 62.18 30.31
CA LEU A 2344 44.26 63.01 31.24
C LEU A 2344 45.14 63.84 32.15
N LEU A 2345 46.45 63.61 32.15
CA LEU A 2345 47.36 64.57 32.76
C LEU A 2345 47.77 65.64 31.76
N ALA A 2346 47.50 65.41 30.48
CA ALA A 2346 47.85 66.37 29.45
C ALA A 2346 46.79 67.43 29.25
N ALA A 2347 45.53 67.12 29.58
CA ALA A 2347 44.44 68.06 29.33
C ALA A 2347 44.46 69.25 30.28
N MET A 2348 44.72 69.02 31.56
CA MET A 2348 44.75 70.10 32.53
C MET A 2348 45.98 70.99 32.35
N GLU A 2349 47.03 70.46 31.71
CA GLU A 2349 48.20 71.27 31.41
C GLU A 2349 48.06 72.02 30.09
N GLU A 2350 47.59 71.34 29.03
CA GLU A 2350 47.49 71.96 27.71
C GLU A 2350 46.43 73.04 27.66
N ALA A 2351 45.39 72.93 28.47
CA ALA A 2351 44.39 73.98 28.50
C ALA A 2351 44.77 75.12 29.44
N ILE A 2352 45.83 74.94 30.24
CA ILE A 2352 46.19 75.94 31.24
C ILE A 2352 46.70 77.20 30.58
N LYS A 2353 47.34 77.09 29.41
CA LYS A 2353 47.75 78.26 28.68
C LYS A 2353 46.59 78.91 27.95
N ILE A 2354 45.70 78.11 27.38
CA ILE A 2354 44.55 78.64 26.67
C ILE A 2354 43.47 79.05 27.66
N GLY A 2386 36.51 80.92 29.33
CA GLY A 2386 37.43 79.94 28.81
C GLY A 2386 37.99 79.04 29.89
N ASN A 2387 37.19 78.84 30.93
CA ASN A 2387 37.56 78.06 32.11
C ASN A 2387 36.73 76.78 32.15
N ALA A 2388 36.46 76.19 30.99
CA ALA A 2388 35.50 75.10 30.91
C ALA A 2388 36.11 73.77 31.34
N ILE A 2389 37.11 73.29 30.61
CA ILE A 2389 37.61 71.93 30.80
C ILE A 2389 38.44 71.79 32.07
N MET A 2390 39.16 72.83 32.46
CA MET A 2390 39.89 72.79 33.72
C MET A 2390 38.98 72.81 34.94
N THR A 2391 37.74 73.27 34.80
CA THR A 2391 36.77 73.15 35.88
C THR A 2391 35.97 71.87 35.79
N PHE A 2392 35.68 71.42 34.56
CA PHE A 2392 34.90 70.21 34.35
C PHE A 2392 35.65 68.98 34.84
N TYR A 2393 36.95 68.90 34.54
CA TYR A 2393 37.73 67.76 35.00
C TYR A 2393 37.95 67.76 36.51
N ALA A 2394 38.10 68.93 37.12
CA ALA A 2394 38.17 69.00 38.58
C ALA A 2394 36.85 68.64 39.24
N ALA A 2395 35.72 68.97 38.62
CA ALA A 2395 34.45 68.53 39.15
C ALA A 2395 34.26 67.03 38.97
N LEU A 2396 34.77 66.45 37.88
CA LEU A 2396 34.72 65.00 37.71
C LEU A 2396 35.57 64.30 38.76
N ILE A 2397 36.72 64.88 39.09
CA ILE A 2397 37.56 64.35 40.15
C ILE A 2397 36.85 64.43 41.49
N ASP A 2398 36.15 65.53 41.75
CA ASP A 2398 35.39 65.67 42.99
C ASP A 2398 34.25 64.66 43.08
N LEU A 2399 33.56 64.41 41.97
CA LEU A 2399 32.48 63.43 41.99
C LEU A 2399 33.01 62.02 42.18
N LEU A 2400 34.03 61.65 41.41
CA LEU A 2400 34.60 60.31 41.53
C LEU A 2400 35.32 60.09 42.84
N GLY A 2401 35.71 61.17 43.53
CA GLY A 2401 36.31 61.00 44.83
C GLY A 2401 35.28 60.99 45.94
N ARG A 2402 34.12 61.60 45.70
CA ARG A 2402 33.08 61.54 46.72
C ARG A 2402 32.50 60.14 46.84
N CYS A 2403 32.44 59.39 45.75
CA CYS A 2403 31.88 58.03 45.78
C CYS A 2403 32.95 57.00 46.11
N ALA A 2404 33.65 57.22 47.20
CA ALA A 2404 34.58 56.26 47.75
C ALA A 2404 33.83 55.07 48.31
N PRO A 2405 34.48 53.93 48.50
CA PRO A 2405 33.82 52.84 49.20
C PRO A 2405 33.50 53.18 50.65
N GLU A 2406 34.49 53.58 51.41
CA GLU A 2406 34.30 53.88 52.82
C GLU A 2406 35.48 54.71 53.29
N MET A 2407 35.61 54.84 54.60
CA MET A 2407 36.77 55.48 55.22
C MET A 2407 37.32 54.62 56.35
N HIS A 2408 36.76 53.44 56.53
CA HIS A 2408 37.13 52.58 57.64
C HIS A 2408 37.21 51.14 57.15
N LEU A 2409 37.23 50.17 58.09
CA LEU A 2409 37.33 48.76 57.75
C LEU A 2409 36.14 48.21 56.96
N ILE A 2410 35.10 49.02 56.74
CA ILE A 2410 34.12 48.72 55.70
C ILE A 2410 34.81 48.66 54.35
N HIS A 2411 35.77 49.55 54.12
CA HIS A 2411 36.58 49.46 52.91
C HIS A 2411 37.52 48.28 52.98
N ALA A 2412 37.97 47.93 54.18
CA ALA A 2412 38.88 46.79 54.31
C ALA A 2412 38.11 45.47 54.37
N ALA A 2413 37.32 45.27 55.43
CA ALA A 2413 36.82 43.94 55.76
C ALA A 2413 35.42 43.73 55.18
N LYS A 2414 35.31 43.87 53.88
CA LYS A 2414 34.08 43.59 53.15
C LYS A 2414 34.42 43.29 51.70
N GLY A 2415 33.42 42.86 50.94
CA GLY A 2415 33.62 42.50 49.56
C GLY A 2415 32.89 43.43 48.62
N GLU A 2416 33.50 43.68 47.45
CA GLU A 2416 32.96 44.47 46.33
C GLU A 2416 32.70 45.93 46.69
N ALA A 2417 33.18 46.37 47.85
CA ALA A 2417 33.56 47.75 48.01
C ALA A 2417 34.94 47.99 47.45
N ILE A 2418 35.70 46.92 47.25
CA ILE A 2418 37.04 47.02 46.69
C ILE A 2418 37.00 47.07 45.17
N ARG A 2419 35.91 46.67 44.55
CA ARG A 2419 35.86 46.58 43.10
C ARG A 2419 35.87 47.97 42.48
N ILE A 2420 35.05 48.88 43.03
CA ILE A 2420 35.07 50.26 42.58
C ILE A 2420 36.40 50.92 42.86
N ARG A 2421 37.03 50.56 43.99
CA ARG A 2421 38.34 51.09 44.33
C ARG A 2421 39.39 50.63 43.33
N SER A 2422 39.26 49.41 42.84
CA SER A 2422 40.16 48.93 41.81
C SER A 2422 39.90 49.62 40.48
N ILE A 2423 38.63 49.88 40.16
CA ILE A 2423 38.30 50.51 38.89
C ILE A 2423 38.79 51.95 38.85
N LEU A 2424 38.71 52.64 39.98
CA LEU A 2424 39.20 54.01 40.10
C LEU A 2424 40.69 54.14 39.84
N ARG A 2425 41.49 53.18 40.27
CA ARG A 2425 42.91 53.21 39.99
C ARG A 2425 43.27 52.50 38.71
N SER A 2426 42.37 51.69 38.17
CA SER A 2426 42.63 50.94 36.94
C SER A 2426 42.39 51.73 35.68
N LEU A 2427 41.30 52.49 35.62
CA LEU A 2427 41.14 53.33 34.44
C LEU A 2427 41.84 54.67 34.62
N ILE A 2428 42.07 55.08 35.86
CA ILE A 2428 42.76 56.34 36.16
C ILE A 2428 43.93 56.06 37.08
N PRO A 2429 45.14 55.87 36.54
CA PRO A 2429 46.34 56.02 37.36
C PRO A 2429 46.60 57.50 37.59
N LEU A 2430 47.40 57.81 38.61
CA LEU A 2430 47.36 59.15 39.20
C LEU A 2430 47.84 60.26 38.27
N GLY A 2431 49.13 60.29 37.93
CA GLY A 2431 49.75 61.43 37.26
C GLY A 2431 49.45 62.78 37.90
N ASP A 2432 49.33 62.82 39.23
CA ASP A 2432 48.63 63.89 39.90
C ASP A 2432 49.44 65.17 40.04
N LEU A 2433 50.70 65.18 39.60
CA LEU A 2433 51.53 66.38 39.69
C LEU A 2433 51.02 67.51 38.81
N VAL A 2434 50.21 67.20 37.80
CA VAL A 2434 49.59 68.23 36.98
C VAL A 2434 48.51 68.93 37.78
N GLY A 2435 48.02 68.32 38.84
CA GLY A 2435 47.03 68.95 39.68
C GLY A 2435 47.54 69.34 41.05
N VAL A 2436 48.43 68.55 41.63
CA VAL A 2436 48.83 68.80 43.00
C VAL A 2436 49.96 69.82 43.03
N ILE A 2437 50.60 70.08 41.90
CA ILE A 2437 51.71 71.03 41.85
C ILE A 2437 51.40 72.24 40.97
N SER A 2438 51.16 72.04 39.68
CA SER A 2438 51.38 73.11 38.72
C SER A 2438 50.25 74.14 38.63
N ILE A 2439 49.20 74.04 39.45
CA ILE A 2439 48.02 74.87 39.23
C ILE A 2439 47.95 76.05 40.20
N ALA A 2440 48.61 75.98 41.36
CA ALA A 2440 48.45 77.00 42.39
C ALA A 2440 49.72 77.79 42.64
N PHE A 2441 50.42 78.19 41.59
CA PHE A 2441 51.72 78.83 41.79
C PHE A 2441 51.82 80.18 41.08
N GLN A 2442 50.83 81.04 41.31
CA GLN A 2442 50.86 82.40 40.77
C GLN A 2442 50.61 83.43 41.86
N PHE A 2461 39.95 78.05 39.78
CA PHE A 2461 41.12 77.70 38.99
C PHE A 2461 42.24 77.19 39.88
N CYS A 2462 42.96 78.13 40.49
CA CYS A 2462 44.20 77.79 41.17
C CYS A 2462 43.99 77.02 42.47
N PRO A 2463 43.18 77.49 43.48
CA PRO A 2463 43.11 76.70 44.71
C PRO A 2463 42.21 75.48 44.66
N ASP A 2464 41.12 75.56 43.89
CA ASP A 2464 40.05 74.58 44.04
C ASP A 2464 40.33 73.30 43.26
N HIS A 2465 40.97 73.41 42.10
CA HIS A 2465 41.24 72.23 41.29
C HIS A 2465 42.18 71.27 42.00
N LYS A 2466 43.17 71.82 42.71
CA LYS A 2466 44.03 71.01 43.54
C LYS A 2466 43.28 70.49 44.76
N ALA A 2467 42.28 71.25 45.23
CA ALA A 2467 41.48 70.81 46.36
C ALA A 2467 40.57 69.65 46.01
N ALA A 2468 40.28 69.44 44.73
CA ALA A 2468 39.57 68.23 44.34
C ALA A 2468 40.53 67.05 44.22
N MET A 2469 41.73 67.29 43.69
CA MET A 2469 42.69 66.22 43.47
C MET A 2469 43.22 65.65 44.78
N VAL A 2470 43.36 66.48 45.81
CA VAL A 2470 43.80 65.97 47.10
C VAL A 2470 42.74 65.05 47.70
N LEU A 2471 41.47 65.32 47.41
CA LEU A 2471 40.43 64.43 47.89
C LEU A 2471 40.43 63.12 47.13
N PHE A 2472 40.65 63.17 45.81
CA PHE A 2472 40.67 61.93 45.04
C PHE A 2472 41.85 61.06 45.43
N LEU A 2473 42.98 61.66 45.75
CA LEU A 2473 44.13 60.88 46.22
C LEU A 2473 43.92 60.42 47.65
N ASP A 2474 43.21 61.21 48.45
CA ASP A 2474 43.01 60.89 49.85
C ASP A 2474 42.06 59.73 50.05
N ARG A 2475 40.97 59.69 49.30
CA ARG A 2475 39.96 58.67 49.52
C ARG A 2475 40.38 57.34 48.92
N VAL A 2476 41.07 57.37 47.79
CA VAL A 2476 41.39 56.13 47.09
C VAL A 2476 42.80 55.62 47.43
N TYR A 2477 43.79 56.51 47.51
CA TYR A 2477 45.15 56.04 47.77
C TYR A 2477 45.56 56.29 49.20
N VAL A 2481 54.01 53.01 52.14
CA VAL A 2481 53.15 54.16 51.92
C VAL A 2481 53.75 55.36 52.64
N GLN A 2482 54.69 55.12 53.55
CA GLN A 2482 55.35 56.18 54.29
C GLN A 2482 56.38 56.93 53.45
N ASP A 2483 56.74 56.41 52.29
CA ASP A 2483 57.57 57.20 51.39
C ASP A 2483 56.77 58.28 50.67
N PHE A 2484 55.48 58.04 50.43
CA PHE A 2484 54.70 58.98 49.64
C PHE A 2484 54.36 60.25 50.41
N LEU A 2485 54.40 60.22 51.74
CA LEU A 2485 54.17 61.43 52.52
C LEU A 2485 55.25 62.47 52.28
N LEU A 2486 56.47 62.02 52.02
CA LEU A 2486 57.54 62.94 51.70
C LEU A 2486 57.60 63.24 50.21
N HIS A 2487 56.85 62.50 49.40
CA HIS A 2487 56.92 62.63 47.95
C HIS A 2487 56.28 63.94 47.50
N LEU A 2488 55.07 64.21 47.98
CA LEU A 2488 54.34 65.41 47.59
C LEU A 2488 54.58 66.57 48.54
N LEU A 2489 55.46 66.41 49.51
CA LEU A 2489 55.67 67.46 50.50
C LEU A 2489 56.45 68.60 49.89
N GLU A 2490 56.20 69.82 50.40
CA GLU A 2490 56.68 71.10 49.90
C GLU A 2490 56.27 71.36 48.46
N VAL A 2491 55.18 70.74 48.01
CA VAL A 2491 54.57 71.06 46.71
C VAL A 2491 53.35 71.90 47.01
N GLY A 2492 53.45 73.21 46.76
CA GLY A 2492 52.40 74.15 47.03
C GLY A 2492 52.56 74.91 48.32
N PHE A 2493 52.96 74.23 49.39
CA PHE A 2493 53.16 74.89 50.68
C PHE A 2493 54.33 75.86 50.68
N LEU A 2494 55.25 75.74 49.71
CA LEU A 2494 56.29 76.76 49.56
C LEU A 2494 55.70 78.08 49.10
N PRO A 2495 54.67 78.11 48.27
CA PRO A 2495 54.06 79.39 47.87
C PRO A 2495 53.20 80.04 48.95
N ASP A 2496 52.89 79.30 50.02
CA ASP A 2496 51.96 79.77 51.03
C ASP A 2496 52.52 80.97 51.79
N LEU A 2497 53.68 80.80 52.43
CA LEU A 2497 54.30 81.87 53.18
C LEU A 2497 54.80 83.00 52.27
N ARG A 2498 55.04 82.71 50.99
CA ARG A 2498 55.39 83.76 50.05
C ARG A 2498 54.20 84.66 49.75
N ALA A 2499 53.11 84.09 49.25
CA ALA A 2499 51.93 84.86 48.87
C ALA A 2499 51.08 85.29 50.06
N ALA A 2500 51.44 84.86 51.28
CA ALA A 2500 50.71 85.29 52.46
C ALA A 2500 50.98 86.75 52.83
N ALA A 2501 51.99 87.37 52.23
CA ALA A 2501 52.44 88.70 52.62
C ALA A 2501 51.68 89.83 51.94
N SER A 2502 50.57 89.53 51.25
CA SER A 2502 49.75 90.55 50.59
C SER A 2502 48.27 90.26 50.87
N LEU A 2503 47.94 90.04 52.13
CA LEU A 2503 46.60 89.64 52.53
C LEU A 2503 45.59 90.78 52.38
N THR A 2511 45.48 89.01 47.08
CA THR A 2511 44.39 88.74 48.00
C THR A 2511 43.46 87.64 47.50
N ASP A 2512 43.03 87.73 46.24
CA ASP A 2512 42.03 86.80 45.72
C ASP A 2512 42.59 85.39 45.57
N MET A 2513 43.82 85.26 45.07
CA MET A 2513 44.51 83.99 45.11
C MET A 2513 45.18 83.73 46.45
N ALA A 2514 45.21 84.73 47.33
CA ALA A 2514 45.62 84.52 48.70
C ALA A 2514 44.47 84.12 49.59
N LEU A 2515 43.30 83.84 49.02
CA LEU A 2515 42.29 83.09 49.72
C LEU A 2515 42.36 81.60 49.40
N ALA A 2516 43.43 81.18 48.74
CA ALA A 2516 43.79 79.77 48.69
C ALA A 2516 44.12 79.23 50.08
N LEU A 2517 44.74 80.07 50.92
CA LEU A 2517 45.17 79.59 52.23
C LEU A 2517 44.02 79.48 53.22
N ASN A 2518 43.07 80.42 53.16
CA ASN A 2518 41.88 80.29 54.00
C ASN A 2518 41.02 79.13 53.53
N ARG A 2519 41.10 78.81 52.24
CA ARG A 2519 40.50 77.59 51.74
C ARG A 2519 41.25 76.36 52.24
N TYR A 2520 42.56 76.44 52.33
CA TYR A 2520 43.40 75.26 52.54
C TYR A 2520 43.67 74.99 54.00
N LEU A 2521 43.16 75.87 54.88
CA LEU A 2521 43.20 75.71 56.33
C LEU A 2521 42.57 74.41 56.83
N CYS A 2522 41.83 73.69 55.99
CA CYS A 2522 41.36 72.36 56.32
C CYS A 2522 41.97 71.26 55.47
N THR A 2523 42.19 71.50 54.17
CA THR A 2523 42.57 70.41 53.29
C THR A 2523 44.07 70.21 53.18
N ALA A 2524 44.88 71.11 53.74
CA ALA A 2524 46.29 70.76 53.95
C ALA A 2524 46.53 70.23 55.35
N VAL A 2525 45.57 70.44 56.25
CA VAL A 2525 45.66 69.96 57.62
C VAL A 2525 45.21 68.51 57.72
N LEU A 2526 44.14 68.16 57.02
CA LEU A 2526 43.66 66.78 57.00
C LEU A 2526 44.66 65.72 56.55
N PRO A 2527 45.76 66.02 55.82
CA PRO A 2527 46.85 65.04 55.73
C PRO A 2527 47.77 64.94 56.94
N LEU A 2528 47.31 65.40 58.11
CA LEU A 2528 47.89 64.96 59.39
C LEU A 2528 47.98 63.45 59.49
N LEU A 2529 46.97 62.74 59.00
CA LEU A 2529 46.95 61.29 59.01
C LEU A 2529 47.91 60.69 57.97
N LEU A 2535 65.66 62.35 58.68
CA LEU A 2535 65.05 63.58 58.19
C LEU A 2535 65.59 63.94 56.80
N PHE A 2536 64.71 63.93 55.81
CA PHE A 2536 65.09 64.16 54.42
C PHE A 2536 64.59 65.49 53.89
N ALA A 2537 63.29 65.74 53.96
CA ALA A 2537 62.72 67.01 53.54
C ALA A 2537 61.78 67.60 54.59
N GLY A 2538 61.47 66.86 55.65
CA GLY A 2538 60.55 67.32 56.68
C GLY A 2538 61.01 68.56 57.41
N THR A 2539 62.32 68.75 57.54
CA THR A 2539 62.88 69.98 58.09
C THR A 2539 62.50 71.21 57.28
N GLU A 2540 62.25 71.03 55.98
CA GLU A 2540 61.72 72.12 55.17
C GLU A 2540 60.31 72.50 55.60
N HIS A 2541 59.45 71.52 55.90
CA HIS A 2541 58.03 71.79 56.13
C HIS A 2541 57.82 72.60 57.39
N HIS A 2542 58.44 72.17 58.50
CA HIS A 2542 58.47 72.97 59.72
C HIS A 2542 59.19 74.29 59.52
N ALA A 2543 60.08 74.36 58.53
CA ALA A 2543 60.57 75.66 58.10
C ALA A 2543 59.46 76.47 57.45
N SER A 2544 58.77 75.91 56.46
CA SER A 2544 57.85 76.69 55.65
C SER A 2544 56.53 76.95 56.36
N LEU A 2545 55.87 75.88 56.83
CA LEU A 2545 54.51 75.98 57.36
C LEU A 2545 54.43 76.78 58.65
N ILE A 2546 55.42 76.67 59.53
CA ILE A 2546 55.48 77.54 60.69
C ILE A 2546 55.69 78.98 60.24
N ASP A 2547 56.48 79.19 59.19
CA ASP A 2547 56.61 80.51 58.59
C ASP A 2547 55.31 80.96 57.92
N SER A 2548 54.40 80.03 57.62
CA SER A 2548 53.04 80.42 57.30
C SER A 2548 52.21 80.66 58.56
N LEU A 2549 52.40 79.81 59.58
CA LEU A 2549 51.60 79.91 60.80
C LEU A 2549 51.94 81.18 61.57
N LEU A 2550 53.23 81.55 61.57
CA LEU A 2550 53.66 82.81 62.17
C LEU A 2550 53.13 84.02 61.40
N HIS A 2551 52.57 83.83 60.19
CA HIS A 2551 51.86 84.89 59.50
C HIS A 2551 50.59 85.32 60.24
N THR A 2552 50.06 84.49 61.14
CA THR A 2552 48.87 84.84 61.92
C THR A 2552 49.13 84.76 63.42
N VAL A 2553 50.37 84.49 63.82
CA VAL A 2553 50.68 84.35 65.24
C VAL A 2553 50.80 85.72 65.89
N LYS A 2558 39.18 82.02 59.04
CA LYS A 2558 40.57 82.43 59.06
C LYS A 2558 41.07 82.64 60.49
N GLY A 2559 40.34 83.47 61.24
CA GLY A 2559 40.76 83.80 62.59
C GLY A 2559 40.63 82.64 63.56
N CYS A 2560 39.41 82.14 63.74
CA CYS A 2560 39.22 80.93 64.53
C CYS A 2560 39.57 79.68 63.75
N SER A 2561 39.74 79.80 62.44
CA SER A 2561 40.20 78.68 61.63
C SER A 2561 41.70 78.46 61.71
N LEU A 2562 42.42 79.33 62.42
CA LEU A 2562 43.84 79.11 62.66
C LEU A 2562 44.10 78.00 63.66
N THR A 2563 43.07 77.60 64.41
CA THR A 2563 43.22 76.48 65.34
C THR A 2563 43.46 75.16 64.61
N LYS A 2564 42.98 75.06 63.36
CA LYS A 2564 43.32 73.91 62.53
C LYS A 2564 44.79 73.89 62.16
N ALA A 2565 45.35 75.03 61.76
CA ALA A 2565 46.78 75.10 61.48
C ALA A 2565 47.64 74.94 62.73
N GLN A 2566 47.09 75.22 63.91
CA GLN A 2566 47.83 74.98 65.15
C GLN A 2566 48.02 73.50 65.43
N ARG A 2567 46.93 72.73 65.40
CA ARG A 2567 47.02 71.28 65.55
C ARG A 2567 47.69 70.62 64.34
N ASP A 2568 47.74 71.30 63.19
CA ASP A 2568 48.47 70.79 62.05
C ASP A 2568 49.98 70.78 62.26
N SER A 2569 50.49 71.59 63.17
CA SER A 2569 51.92 71.59 63.50
C SER A 2569 52.22 70.89 64.81
N ILE A 2570 51.34 71.03 65.80
CA ILE A 2570 51.56 70.40 67.10
C ILE A 2570 51.48 68.88 66.99
N GLU A 2571 50.69 68.37 66.05
CA GLU A 2571 50.66 66.94 65.81
C GLU A 2571 51.63 66.49 64.73
N VAL A 2572 52.10 67.39 63.88
CA VAL A 2572 53.13 67.03 62.91
C VAL A 2572 54.48 66.86 63.59
N CYS A 2573 54.73 67.63 64.65
CA CYS A 2573 55.98 67.46 65.39
C CYS A 2573 55.95 66.20 66.24
N LEU A 2574 54.77 65.77 66.68
CA LEU A 2574 54.62 64.69 67.64
C LEU A 2574 55.00 63.32 67.08
N LEU A 2575 55.02 63.14 65.76
CA LEU A 2575 55.46 61.89 65.16
C LEU A 2575 56.90 61.96 64.69
N SER A 2576 57.75 62.69 65.41
CA SER A 2576 59.15 62.86 65.06
C SER A 2576 59.95 61.55 65.13
N PRO A 2583 64.02 62.98 63.22
CA PRO A 2583 64.02 63.01 64.69
C PRO A 2583 65.09 63.94 65.25
N SER A 2584 66.10 64.24 64.44
CA SER A 2584 67.15 65.16 64.86
C SER A 2584 66.82 66.60 64.46
N MET A 2585 66.38 66.78 63.20
CA MET A 2585 65.92 68.09 62.76
C MET A 2585 64.67 68.54 63.49
N MET A 2586 63.76 67.63 63.80
CA MET A 2586 62.63 67.96 64.65
C MET A 2586 63.07 68.21 66.09
N GLN A 2587 64.17 67.58 66.52
CA GLN A 2587 64.71 67.88 67.84
C GLN A 2587 65.27 69.29 67.90
N HIS A 2588 65.89 69.76 66.81
CA HIS A 2588 66.26 71.16 66.72
C HIS A 2588 65.06 72.07 66.55
N LEU A 2589 63.98 71.56 65.95
CA LEU A 2589 62.72 72.28 65.85
C LEU A 2589 61.94 72.29 67.16
N LEU A 2590 62.36 71.51 68.15
CA LEU A 2590 61.71 71.54 69.46
C LEU A 2590 62.04 72.82 70.23
N ARG A 2591 63.05 73.56 69.77
CA ARG A 2591 63.36 74.87 70.29
C ARG A 2591 63.28 75.96 69.22
N ARG A 2592 62.52 75.73 68.16
CA ARG A 2592 62.46 76.67 67.04
C ARG A 2592 61.78 77.98 67.44
N LEU A 2593 60.64 77.88 68.12
CA LEU A 2593 59.89 79.06 68.53
C LEU A 2593 60.53 79.78 69.71
N VAL A 2594 61.61 79.23 70.30
CA VAL A 2594 62.35 79.95 71.33
C VAL A 2594 63.01 81.18 70.74
N PHE A 2595 63.39 81.12 69.46
CA PHE A 2595 63.81 82.30 68.72
C PHE A 2595 62.69 83.31 68.52
N ASP A 2596 61.43 82.88 68.65
CA ASP A 2596 60.30 83.79 68.65
C ASP A 2596 59.63 83.91 70.01
N VAL A 2597 59.98 83.07 70.98
CA VAL A 2597 59.50 83.25 72.34
C VAL A 2597 60.22 84.46 72.92
N PRO A 2598 61.49 84.66 72.55
CA PRO A 2598 62.13 85.95 72.85
C PRO A 2598 61.53 87.09 72.05
N LEU A 2599 60.92 86.80 70.90
CA LEU A 2599 60.24 87.79 70.08
C LEU A 2599 58.75 87.82 70.38
N LEU A 2600 58.33 87.06 71.40
CA LEU A 2600 56.92 87.05 71.77
C LEU A 2600 56.57 88.33 72.53
N ASN A 2601 57.19 88.53 73.68
CA ASN A 2601 56.91 89.70 74.50
C ASN A 2601 58.19 90.24 75.15
N LYS A 2605 50.80 87.81 68.48
CA LYS A 2605 49.99 88.18 69.65
C LYS A 2605 50.05 87.10 70.70
N MET A 2606 48.92 86.83 71.35
CA MET A 2606 48.80 85.75 72.33
C MET A 2606 48.94 84.40 71.62
N PRO A 2607 48.60 84.35 70.33
CA PRO A 2607 48.85 83.11 69.57
C PRO A 2607 50.32 82.83 69.37
N LEU A 2608 51.18 83.86 69.40
CA LEU A 2608 52.61 83.62 69.35
C LEU A 2608 53.11 82.92 70.61
N LYS A 2609 52.47 83.18 71.76
CA LYS A 2609 52.81 82.46 72.97
C LYS A 2609 52.14 81.10 73.02
N LEU A 2610 50.95 80.97 72.41
CA LEU A 2610 50.31 79.67 72.30
C LEU A 2610 51.08 78.73 71.38
N LEU A 2611 51.72 79.26 70.35
CA LEU A 2611 52.60 78.46 69.49
C LEU A 2611 53.85 78.04 70.24
N THR A 2612 54.25 78.80 71.26
CA THR A 2612 55.33 78.35 72.13
C THR A 2612 54.84 77.26 73.07
N ASN A 2613 53.69 77.45 73.69
CA ASN A 2613 53.15 76.52 74.67
C ASN A 2613 52.76 75.17 74.09
N HIS A 2614 52.23 75.13 72.87
CA HIS A 2614 51.79 73.89 72.25
C HIS A 2614 52.97 72.96 71.91
N TYR A 2615 54.09 73.52 71.49
CA TYR A 2615 55.30 72.75 71.28
C TYR A 2615 56.15 72.66 72.53
N GLU A 2616 55.82 73.42 73.57
CA GLU A 2616 56.60 73.39 74.81
C GLU A 2616 56.47 72.05 75.52
N ARG A 2617 55.25 71.51 75.60
CA ARG A 2617 55.06 70.23 76.24
C ARG A 2617 55.66 69.09 75.43
N CYS A 2618 55.60 69.18 74.11
CA CYS A 2618 56.15 68.13 73.26
C CYS A 2618 57.63 68.32 72.98
N TRP A 2619 58.25 69.39 73.51
CA TRP A 2619 59.67 69.61 73.34
C TRP A 2619 60.53 68.54 74.00
N LYS A 2620 60.10 67.99 75.14
CA LYS A 2620 60.94 67.08 75.89
C LYS A 2620 60.98 65.68 75.32
N TYR A 2621 60.07 65.33 74.40
CA TYR A 2621 60.06 63.99 73.84
C TYR A 2621 61.29 63.75 72.96
N TYR A 2622 61.80 64.81 72.33
CA TYR A 2622 62.96 64.68 71.47
C TYR A 2622 64.25 64.45 72.25
N CYS A 2623 64.51 65.22 73.30
CA CYS A 2623 65.70 65.04 74.12
C CYS A 2623 65.52 64.01 75.23
N LEU A 2624 64.33 63.42 75.35
CA LEU A 2624 64.17 62.20 76.13
C LEU A 2624 64.68 61.00 75.32
N PRO A 2625 64.50 61.03 73.99
CA PRO A 2625 65.02 59.92 73.17
C PRO A 2625 66.53 59.90 73.04
N GLY A 2626 67.15 61.04 72.73
CA GLY A 2626 68.58 61.11 72.60
C GLY A 2626 69.23 61.77 73.80
N GLY A 2627 68.72 61.48 74.99
CA GLY A 2627 69.28 62.04 76.21
C GLY A 2627 68.44 61.79 77.44
N ALA A 2634 73.48 71.65 72.80
CA ALA A 2634 74.03 72.88 72.26
C ALA A 2634 73.20 74.06 72.69
N SER A 2635 71.89 74.01 72.39
CA SER A 2635 70.97 75.07 72.74
C SER A 2635 70.13 74.72 73.96
N GLU A 2636 70.57 73.74 74.76
CA GLU A 2636 69.93 73.50 76.05
C GLU A 2636 70.18 74.66 77.00
N GLU A 2637 71.34 75.30 76.89
CA GLU A 2637 71.57 76.57 77.58
C GLU A 2637 70.72 77.69 76.99
N GLU A 2638 70.43 77.66 75.69
CA GLU A 2638 69.47 78.60 75.12
C GLU A 2638 68.06 78.33 75.58
N LEU A 2639 67.73 77.08 75.90
CA LEU A 2639 66.46 76.79 76.54
C LEU A 2639 66.38 77.41 77.93
N HIS A 2640 67.50 77.40 78.67
CA HIS A 2640 67.59 78.16 79.91
C HIS A 2640 67.50 79.66 79.67
N LEU A 2641 68.03 80.14 78.54
CA LEU A 2641 67.94 81.56 78.20
C LEU A 2641 66.50 81.96 77.89
N SER A 2642 65.74 81.09 77.27
CA SER A 2642 64.32 81.32 77.06
C SER A 2642 63.51 81.15 78.34
N ARG A 2643 63.94 80.25 79.22
CA ARG A 2643 63.29 80.10 80.53
C ARG A 2643 63.51 81.32 81.40
N LYS A 2644 64.68 81.95 81.28
CA LYS A 2644 64.95 83.18 82.01
C LYS A 2644 64.14 84.35 81.48
N LEU A 2645 63.98 84.46 80.17
CA LEU A 2645 63.09 85.45 79.60
C LEU A 2645 61.63 85.15 79.93
N PHE A 2646 61.30 83.87 80.15
CA PHE A 2646 59.97 83.51 80.62
C PHE A 2646 59.83 83.76 82.12
N TRP A 2647 60.91 83.61 82.88
CA TRP A 2647 60.86 83.90 84.31
C TRP A 2647 60.74 85.39 84.57
N GLY A 2648 61.44 86.22 83.78
CA GLY A 2648 61.25 87.65 83.86
C GLY A 2648 59.97 88.12 83.19
N ILE A 2649 59.50 87.38 82.18
CA ILE A 2649 58.25 87.69 81.52
C ILE A 2649 57.04 87.21 82.30
N PHE A 2650 57.22 86.28 83.23
CA PHE A 2650 56.14 85.91 84.13
C PHE A 2650 55.82 87.02 85.13
N ASP A 2651 56.81 87.86 85.47
CA ASP A 2651 56.56 89.03 86.29
C ASP A 2651 55.88 90.16 85.52
N ALA A 2652 55.94 90.13 84.19
CA ALA A 2652 55.29 91.13 83.36
C ALA A 2652 53.77 91.02 83.40
N LEU A 2653 53.22 89.83 83.52
CA LEU A 2653 51.78 89.63 83.55
C LEU A 2653 51.24 89.69 84.98
N TYR A 2658 44.00 84.42 83.10
CA TYR A 2658 44.12 83.74 81.81
C TYR A 2658 45.27 84.29 81.00
N GLU A 2659 45.97 85.28 81.57
CA GLU A 2659 47.14 85.85 80.90
C GLU A 2659 48.30 84.89 80.88
N GLN A 2660 48.43 84.06 81.92
CA GLN A 2660 49.45 83.03 81.96
C GLN A 2660 48.90 81.63 81.76
N GLU A 2661 47.66 81.51 81.26
CA GLU A 2661 47.06 80.19 81.04
C GLU A 2661 47.72 79.47 79.88
N LEU A 2662 48.30 80.21 78.93
CA LEU A 2662 49.19 79.62 77.95
C LEU A 2662 50.65 79.89 78.28
N PHE A 2663 50.94 80.88 79.14
CA PHE A 2663 52.32 81.16 79.49
C PHE A 2663 52.81 80.26 80.61
N LYS A 2664 52.18 80.34 81.80
CA LYS A 2664 52.69 79.63 82.97
C LYS A 2664 52.46 78.13 82.91
N LEU A 2665 51.62 77.66 81.98
CA LEU A 2665 51.55 76.23 81.70
C LEU A 2665 52.86 75.73 81.13
N ALA A 2666 53.55 76.56 80.34
CA ALA A 2666 54.84 76.18 79.80
C ALA A 2666 55.97 76.44 80.78
N LEU A 2667 55.77 77.37 81.74
CA LEU A 2667 56.80 77.78 82.69
C LEU A 2667 57.15 76.65 83.63
N PRO A 2668 56.16 76.01 84.27
CA PRO A 2668 56.46 74.78 85.01
C PRO A 2668 56.87 73.64 84.09
N CYS A 2669 56.44 73.67 82.82
CA CYS A 2669 56.84 72.68 81.84
C CYS A 2669 58.27 72.89 81.35
N LEU A 2670 58.90 74.01 81.69
CA LEU A 2670 60.33 74.16 81.45
C LEU A 2670 61.13 73.23 82.36
N SER A 2671 60.58 72.87 83.53
CA SER A 2671 61.12 71.75 84.29
C SER A 2671 60.95 70.43 83.57
N ALA A 2672 59.92 70.32 82.71
CA ALA A 2672 59.86 69.23 81.75
C ALA A 2672 60.93 69.36 80.67
N VAL A 2673 61.24 70.60 80.25
CA VAL A 2673 62.34 70.83 79.33
C VAL A 2673 63.68 70.59 80.04
N ALA A 2674 63.70 70.68 81.37
CA ALA A 2674 64.83 70.24 82.16
C ALA A 2674 64.65 68.83 82.73
N GLY A 2675 63.69 68.06 82.22
CA GLY A 2675 63.39 66.76 82.80
C GLY A 2675 63.70 65.57 81.91
N ALA A 2676 64.21 65.83 80.70
CA ALA A 2676 64.38 64.79 79.71
C ALA A 2676 65.80 64.69 79.16
N LEU A 2677 66.46 65.82 78.95
CA LEU A 2677 67.84 65.83 78.48
C LEU A 2677 68.76 65.39 79.62
N PRO A 2678 68.42 65.74 80.88
CA PRO A 2678 69.07 65.47 82.17
C PRO A 2678 68.11 65.70 83.35
N ASN A 2701 59.16 86.57 65.51
CA ASN A 2701 59.79 86.83 64.22
C ASN A 2701 61.27 86.48 64.28
N PHE A 2702 61.89 86.33 63.11
CA PHE A 2702 63.33 86.14 63.04
C PHE A 2702 63.85 87.08 61.94
N ASN A 2703 64.12 88.32 62.34
CA ASN A 2703 64.71 89.29 61.43
C ASN A 2703 66.19 88.95 61.27
N PRO A 2704 66.70 88.84 60.06
CA PRO A 2704 68.14 88.55 59.90
C PRO A 2704 68.99 89.73 60.33
N GLN A 2705 70.00 89.44 61.17
CA GLN A 2705 70.76 90.44 61.91
C GLN A 2705 72.14 90.60 61.29
N PRO A 2706 72.36 91.60 60.43
CA PRO A 2706 73.63 91.69 59.71
C PRO A 2706 74.74 92.25 60.59
N VAL A 2707 75.97 92.08 60.10
CA VAL A 2707 77.16 92.63 60.73
C VAL A 2707 77.85 93.56 59.74
N ASP A 2708 78.59 94.53 60.29
CA ASP A 2708 79.40 95.41 59.46
C ASP A 2708 80.78 94.83 59.25
N THR A 2709 81.09 94.47 58.02
CA THR A 2709 82.36 93.85 57.67
C THR A 2709 83.34 94.88 57.12
N SER A 2710 82.93 95.69 56.14
CA SER A 2710 83.83 96.52 55.35
C SER A 2710 84.13 97.87 55.99
N ASN A 2711 84.07 97.96 57.32
CA ASN A 2711 84.46 99.18 58.01
C ASN A 2711 85.80 99.07 58.75
N ILE A 2712 86.38 97.87 58.82
CA ILE A 2712 87.64 97.63 59.51
C ILE A 2712 88.75 97.50 58.47
N THR A 2713 89.95 97.97 58.83
CA THR A 2713 91.10 97.92 57.93
C THR A 2713 91.80 96.56 58.07
N ILE A 2714 92.31 96.07 56.94
CA ILE A 2714 93.01 94.78 56.84
C ILE A 2714 94.29 94.83 57.66
N PRO A 2715 94.55 93.85 58.53
CA PRO A 2715 95.79 93.87 59.31
C PRO A 2715 97.00 93.56 58.45
N GLU A 2716 98.07 94.33 58.69
CA GLU A 2716 99.32 94.12 57.98
C GLU A 2716 100.13 92.97 58.57
N LYS A 2717 99.84 92.62 59.83
CA LYS A 2717 100.50 91.47 60.44
C LYS A 2717 99.96 90.16 59.89
N LEU A 2718 98.73 90.16 59.37
CA LEU A 2718 98.14 88.99 58.76
C LEU A 2718 98.29 88.95 57.25
N GLU A 2719 99.07 89.87 56.67
CA GLU A 2719 99.23 89.91 55.22
C GLU A 2719 100.08 88.75 54.69
N TYR A 2720 101.04 88.26 55.48
CA TYR A 2720 101.68 87.00 55.14
C TYR A 2720 100.73 85.82 55.20
N PHE A 2721 99.74 85.86 56.10
CA PHE A 2721 98.75 84.79 56.19
C PHE A 2721 97.79 84.78 55.01
N ILE A 2722 97.37 85.96 54.52
CA ILE A 2722 96.40 86.03 53.44
C ILE A 2722 96.96 85.46 52.13
N ASN A 2723 98.18 85.83 51.78
CA ASN A 2723 98.82 85.33 50.57
C ASN A 2723 99.09 83.83 50.64
N LYS A 2724 99.62 83.34 51.77
CA LYS A 2724 99.89 81.92 51.93
C LYS A 2724 98.62 81.08 52.00
N TYR A 2725 97.56 81.61 52.62
CA TYR A 2725 96.29 80.88 52.61
C TYR A 2725 95.63 80.89 51.24
N ALA A 2726 95.80 81.97 50.46
CA ALA A 2726 95.25 81.95 49.10
C ALA A 2726 96.00 80.97 48.22
N GLU A 2727 97.32 80.87 48.42
CA GLU A 2727 98.11 79.84 47.73
C GLU A 2727 97.67 78.44 48.14
N HIS A 2728 97.54 78.19 49.44
CA HIS A 2728 97.11 76.88 49.94
C HIS A 2728 95.65 76.58 49.59
N SER A 2729 94.83 77.60 49.40
CA SER A 2729 93.46 77.39 48.94
C SER A 2729 93.43 77.00 47.46
N HIS A 2730 94.33 77.59 46.67
CA HIS A 2730 94.56 77.07 45.31
C HIS A 2730 95.06 75.63 45.31
N ASP A 2731 95.98 75.28 46.22
CA ASP A 2731 96.46 73.89 46.28
C ASP A 2731 95.36 72.92 46.70
N LYS A 2732 94.55 73.30 47.69
CA LYS A 2732 93.42 72.47 48.11
C LYS A 2732 92.37 72.33 47.03
N TRP A 2733 91.92 73.44 46.46
CA TRP A 2733 90.92 73.49 45.40
C TRP A 2733 91.35 72.72 44.16
N SER A 2734 92.62 72.79 43.76
CA SER A 2734 93.10 72.00 42.64
C SER A 2734 93.43 70.56 43.02
N MET A 2735 93.64 70.26 44.31
CA MET A 2735 93.81 68.87 44.72
C MET A 2735 92.47 68.15 44.80
N ASP A 2736 91.37 68.92 44.82
CA ASP A 2736 90.06 68.37 44.52
C ASP A 2736 89.85 68.19 43.01
N LYS A 2737 90.76 68.74 42.19
CA LYS A 2737 90.72 68.58 40.75
C LYS A 2737 91.91 67.83 40.20
N LEU A 2738 92.85 67.38 41.05
CA LEU A 2738 94.01 66.64 40.56
C LEU A 2738 93.85 65.14 40.68
N ALA A 2739 92.75 64.66 41.27
CA ALA A 2739 92.39 63.25 41.11
C ALA A 2739 91.73 63.01 39.76
N ASN A 2740 91.39 64.08 39.04
CA ASN A 2740 90.72 64.04 37.75
C ASN A 2740 91.53 64.70 36.65
N GLY A 2741 92.23 65.79 36.94
CA GLY A 2741 93.10 66.44 35.98
C GLY A 2741 92.51 67.62 35.22
N TRP A 2742 91.98 68.61 35.94
CA TRP A 2742 91.45 69.80 35.28
C TRP A 2742 92.55 70.81 34.97
N ILE A 2743 92.56 71.31 33.73
CA ILE A 2743 93.64 72.15 33.23
C ILE A 2743 93.04 73.42 32.64
N TYR A 2744 93.86 74.47 32.59
CA TYR A 2744 93.45 75.75 32.00
C TYR A 2744 93.29 75.61 30.49
N GLY A 2745 92.29 76.31 29.96
CA GLY A 2745 92.07 76.30 28.53
C GLY A 2745 91.67 77.64 27.94
N GLU A 2746 91.70 77.74 26.62
CA GLU A 2746 91.39 78.97 25.91
C GLU A 2746 89.93 79.08 25.53
N ILE A 2747 89.32 78.01 25.06
CA ILE A 2747 87.90 77.98 24.76
C ILE A 2747 87.16 77.36 25.94
N TYR A 2748 86.18 78.08 26.48
CA TYR A 2748 85.45 77.63 27.64
C TYR A 2748 84.29 76.72 27.28
N SER A 2749 84.58 75.53 26.75
CA SER A 2749 83.57 74.53 26.41
C SER A 2749 83.78 73.37 27.37
N ASP A 2750 82.92 73.31 28.40
CA ASP A 2750 83.13 72.40 29.52
C ASP A 2750 82.82 70.94 29.19
N SER A 2751 82.27 70.64 28.01
CA SER A 2751 82.00 69.26 27.64
C SER A 2751 83.28 68.49 27.36
N SER A 2752 84.38 69.19 27.08
CA SER A 2752 85.69 68.59 26.91
C SER A 2752 86.48 68.53 28.22
N LYS A 2753 85.83 68.86 29.35
CA LYS A 2753 86.39 68.82 30.71
C LYS A 2753 87.65 69.69 30.83
N VAL A 2754 87.56 70.91 30.35
CA VAL A 2754 88.63 71.91 30.45
C VAL A 2754 88.02 73.16 31.06
N GLN A 2755 88.78 73.84 31.91
CA GLN A 2755 88.16 74.99 32.57
C GLN A 2755 88.96 76.26 32.35
N PRO A 2756 88.30 77.42 32.29
CA PRO A 2756 89.03 78.69 32.19
C PRO A 2756 89.44 79.27 33.54
N LEU A 2757 89.47 78.47 34.60
CA LEU A 2757 89.84 78.97 35.92
C LEU A 2757 91.11 78.33 36.47
N MET A 2758 91.65 77.29 35.82
CA MET A 2758 92.78 76.52 36.37
C MET A 2758 94.12 77.23 36.20
N LYS A 2759 94.20 78.48 36.63
CA LYS A 2759 95.37 79.32 36.56
C LYS A 2759 96.25 79.11 37.80
N PRO A 2760 97.57 78.92 37.60
CA PRO A 2760 98.48 78.73 38.74
C PRO A 2760 98.56 79.94 39.66
N TYR A 2761 98.94 79.73 40.92
CA TYR A 2761 99.01 80.84 41.86
C TYR A 2761 100.23 81.71 41.65
N LYS A 2762 101.33 81.16 41.15
CA LYS A 2762 102.58 81.91 40.99
C LYS A 2762 102.56 82.89 39.81
N LEU A 2763 101.48 82.95 39.04
CA LEU A 2763 101.35 83.83 37.90
C LEU A 2763 100.08 84.67 37.98
N LEU A 2764 99.80 85.24 39.13
CA LEU A 2764 98.64 86.11 39.27
C LEU A 2764 99.03 87.57 39.04
N SER A 2765 98.15 88.28 38.35
CA SER A 2765 98.21 89.73 38.21
C SER A 2765 97.52 90.37 39.39
N GLU A 2766 97.37 91.69 39.34
CA GLU A 2766 96.62 92.37 40.39
C GLU A 2766 95.11 92.40 40.12
N LYS A 2767 94.64 91.68 39.10
CA LYS A 2767 93.21 91.61 38.79
C LYS A 2767 92.65 90.20 38.90
N GLU A 2768 93.42 89.17 38.57
CA GLU A 2768 92.99 87.80 38.74
C GLU A 2768 93.19 87.28 40.16
N LYS A 2769 93.64 88.13 41.08
CA LYS A 2769 93.70 87.75 42.49
C LYS A 2769 92.35 87.94 43.17
N GLU A 2770 91.39 88.57 42.47
CA GLU A 2770 90.04 88.78 43.00
C GLU A 2770 89.31 87.48 43.27
N ILE A 2771 89.60 86.42 42.52
CA ILE A 2771 89.06 85.11 42.83
C ILE A 2771 89.63 84.59 44.15
N TYR A 2772 90.91 84.89 44.42
CA TYR A 2772 91.62 84.41 45.60
C TYR A 2772 91.55 85.38 46.79
N ARG A 2773 91.26 86.66 46.55
CA ARG A 2773 91.28 87.62 47.66
C ARG A 2773 89.92 87.79 48.32
N TRP A 2774 88.90 88.10 47.52
CA TRP A 2774 87.58 88.53 47.98
C TRP A 2774 86.80 87.51 48.82
N PRO A 2775 86.92 86.18 48.62
CA PRO A 2775 86.37 85.26 49.64
C PRO A 2775 87.12 85.28 50.95
N ILE A 2776 88.43 85.54 50.94
CA ILE A 2776 89.26 85.30 52.12
C ILE A 2776 89.33 86.53 53.02
N LYS A 2777 89.31 87.73 52.43
CA LYS A 2777 89.36 88.96 53.22
C LYS A 2777 88.08 89.17 54.03
N GLU A 2778 86.96 88.55 53.64
CA GLU A 2778 85.76 88.56 54.47
C GLU A 2778 85.87 87.62 55.66
N SER A 2779 86.87 86.73 55.66
CA SER A 2779 87.15 85.86 56.78
C SER A 2779 87.80 86.57 57.96
N LEU A 2780 88.23 87.81 57.79
CA LEU A 2780 88.86 88.52 58.89
C LEU A 2780 88.05 89.73 59.33
N LYS A 2781 87.25 90.30 58.42
CA LYS A 2781 86.51 91.53 58.71
C LYS A 2781 85.36 91.30 59.68
N THR A 2782 84.85 90.07 59.76
CA THR A 2782 83.86 89.67 60.76
C THR A 2782 84.44 88.81 61.86
N MET A 2783 85.68 88.33 61.69
CA MET A 2783 86.33 87.52 62.72
C MET A 2783 86.70 88.37 63.94
N LEU A 2784 87.25 89.56 63.70
CA LEU A 2784 87.62 90.49 64.76
C LEU A 2784 86.48 91.43 65.14
N ALA A 2785 85.25 91.13 64.74
CA ALA A 2785 84.13 92.02 65.00
C ALA A 2785 83.63 91.94 66.43
N TRP A 2786 83.75 90.78 67.09
CA TRP A 2786 83.27 90.61 68.45
C TRP A 2786 84.35 90.94 69.48
N GLY A 2787 85.44 91.57 69.05
CA GLY A 2787 86.54 91.90 69.93
C GLY A 2787 87.56 90.81 70.15
N TRP A 2788 87.28 89.59 69.71
CA TRP A 2788 88.20 88.47 69.88
C TRP A 2788 89.37 88.61 68.91
N ARG A 2789 90.56 88.74 69.46
CA ARG A 2789 91.77 88.96 68.69
C ARG A 2789 92.46 87.62 68.41
N ILE A 2790 93.55 87.70 67.63
CA ILE A 2790 94.32 86.53 67.21
C ILE A 2790 95.73 86.71 67.76
N GLU A 2791 96.20 85.74 68.53
CA GLU A 2791 97.50 85.81 69.19
C GLU A 2791 98.46 84.82 68.53
N ARG A 2792 99.64 84.64 69.13
CA ARG A 2792 100.67 83.79 68.54
C ARG A 2792 100.99 82.59 69.41
N THR A 2793 101.43 81.52 68.76
CA THR A 2793 101.80 80.27 69.43
C THR A 2793 103.25 79.93 69.07
N ARG A 2794 103.64 78.70 69.40
CA ARG A 2794 104.89 78.13 68.92
C ARG A 2794 104.81 77.85 67.41
N GLU A 2795 105.95 77.51 66.83
CA GLU A 2795 106.07 77.42 65.39
C GLU A 2795 105.37 76.18 64.83
N GLY A 2796 104.83 76.32 63.63
CA GLY A 2796 104.19 75.21 62.95
C GLY A 2796 104.22 75.42 61.45
N ASP A 2797 104.47 74.33 60.72
CA ASP A 2797 104.65 74.40 59.28
C ASP A 2797 103.32 74.46 58.55
N ALA A 2818 99.90 58.28 37.48
CA ALA A 2818 100.44 59.56 37.93
C ALA A 2818 100.55 60.55 36.78
N ALA A 2819 100.17 61.79 37.04
CA ALA A 2819 100.14 62.83 36.01
C ALA A 2819 100.94 64.02 36.53
N HIS A 2820 100.94 65.10 35.75
CA HIS A 2820 101.71 66.31 36.08
C HIS A 2820 100.77 67.51 36.04
N GLY A 2821 101.38 68.69 36.09
CA GLY A 2821 100.65 69.94 36.09
C GLY A 2821 101.18 70.89 37.14
N TYR A 2822 100.30 71.56 37.90
CA TYR A 2822 100.70 72.27 39.10
C TYR A 2822 100.45 71.36 40.29
N SER A 2823 101.47 70.55 40.59
CA SER A 2823 101.38 69.49 41.60
C SER A 2823 101.83 70.03 42.95
N PRO A 2824 100.95 70.14 43.93
CA PRO A 2824 101.36 70.70 45.22
C PRO A 2824 101.88 69.64 46.19
N ARG A 2825 102.85 70.07 46.99
CA ARG A 2825 103.28 69.30 48.16
C ARG A 2825 102.54 69.78 49.41
N ALA A 2826 101.22 69.75 49.31
CA ALA A 2826 100.31 70.29 50.31
C ALA A 2826 99.26 69.27 50.69
N ILE A 2827 98.40 69.65 51.63
CA ILE A 2827 97.35 68.78 52.15
C ILE A 2827 96.00 69.45 51.91
N ASP A 2828 94.94 68.75 52.30
CA ASP A 2828 93.58 69.24 52.24
C ASP A 2828 93.18 69.88 53.57
N MET A 2829 91.88 70.10 53.74
CA MET A 2829 91.33 70.72 54.94
C MET A 2829 90.26 69.85 55.58
N SER A 2830 90.52 68.55 55.68
CA SER A 2830 89.60 67.63 56.33
C SER A 2830 90.32 66.60 57.19
N ASN A 2831 91.65 66.70 57.31
CA ASN A 2831 92.43 65.70 58.03
C ASN A 2831 93.03 66.20 59.34
N VAL A 2832 92.61 67.36 59.86
CA VAL A 2832 93.04 67.84 61.18
C VAL A 2832 91.77 68.06 62.02
N THR A 2833 91.91 68.00 63.34
CA THR A 2833 90.79 68.19 64.25
C THR A 2833 90.79 69.62 64.81
N LEU A 2834 89.62 70.07 65.27
CA LEU A 2834 89.45 71.42 65.78
C LEU A 2834 89.74 71.47 67.29
N SER A 2835 89.91 72.69 67.81
CA SER A 2835 90.34 72.89 69.19
C SER A 2835 89.23 73.49 70.05
N ARG A 2836 89.47 73.54 71.36
CA ARG A 2836 88.38 73.81 72.30
C ARG A 2836 88.13 75.31 72.48
N ASP A 2837 89.09 76.16 72.16
CA ASP A 2837 88.83 77.59 72.17
C ASP A 2837 88.35 78.05 70.80
N LEU A 2838 88.24 77.11 69.85
CA LEU A 2838 87.94 77.42 68.45
C LEU A 2838 86.49 77.16 68.08
N HIS A 2839 85.82 76.18 68.69
CA HIS A 2839 84.57 75.67 68.14
C HIS A 2839 83.41 76.64 68.33
N ALA A 2840 83.40 77.38 69.44
CA ALA A 2840 82.33 78.36 69.66
C ALA A 2840 82.47 79.53 68.71
N MET A 2841 83.69 79.97 68.43
CA MET A 2841 83.95 80.91 67.35
C MET A 2841 83.53 80.35 65.99
N ALA A 2842 83.77 79.05 65.77
CA ALA A 2842 83.47 78.44 64.48
C ALA A 2842 81.97 78.42 64.22
N GLU A 2843 81.18 78.02 65.22
CA GLU A 2843 79.74 77.97 65.02
C GLU A 2843 79.10 79.36 65.12
N MET A 2844 79.71 80.29 65.86
CA MET A 2844 79.25 81.67 65.84
C MET A 2844 79.50 82.33 64.48
N MET A 2845 80.65 82.02 63.86
CA MET A 2845 80.92 82.52 62.51
C MET A 2845 80.05 81.82 61.48
N ALA A 2846 79.66 80.57 61.72
CA ALA A 2846 78.73 79.89 60.83
C ALA A 2846 77.34 80.52 60.88
N GLU A 2847 76.85 80.83 62.08
CA GLU A 2847 75.59 81.56 62.21
C GLU A 2847 75.70 82.96 61.60
N ASN A 2848 76.87 83.60 61.75
CA ASN A 2848 77.10 84.92 61.17
C ASN A 2848 77.09 84.87 59.64
N TYR A 2849 77.65 83.81 59.05
CA TYR A 2849 77.56 83.63 57.61
C TYR A 2849 76.15 83.34 57.14
N HIS A 2850 75.38 82.57 57.92
CA HIS A 2850 73.96 82.37 57.66
C HIS A 2850 73.16 83.67 57.73
N ASN A 2851 73.59 84.62 58.57
CA ASN A 2851 72.89 85.89 58.72
C ASN A 2851 73.40 87.01 57.82
N ILE A 2852 74.57 86.86 57.19
CA ILE A 2852 75.01 87.83 56.18
C ILE A 2852 74.59 87.38 54.78
N TRP A 2853 74.54 86.06 54.53
CA TRP A 2853 74.00 85.59 53.25
C TRP A 2853 72.49 85.73 53.19
N ALA A 2854 71.82 85.83 54.35
CA ALA A 2854 70.41 86.17 54.38
C ALA A 2854 70.16 87.60 53.96
N LYS A 2855 71.13 88.49 54.17
CA LYS A 2855 71.02 89.83 53.60
C LYS A 2855 71.55 89.88 52.18
N LYS A 2856 72.42 88.94 51.82
CA LYS A 2856 72.83 88.82 50.43
C LYS A 2856 71.71 88.27 49.56
N LYS A 2857 70.86 87.40 50.12
CA LYS A 2857 69.70 86.96 49.36
C LYS A 2857 68.59 88.00 49.34
N LYS A 2858 68.66 88.98 50.25
CA LYS A 2858 67.81 90.17 50.16
C LYS A 2858 68.40 91.22 49.23
N LEU A 2859 69.53 90.91 48.58
CA LEU A 2859 70.21 91.87 47.70
C LEU A 2859 70.07 91.51 46.24
N GLU A 2860 69.85 90.25 45.90
CA GLU A 2860 69.90 89.81 44.51
C GLU A 2860 68.54 89.76 43.82
N LEU A 2861 67.56 89.05 44.38
CA LEU A 2861 66.30 88.82 43.68
C LEU A 2861 65.09 89.16 44.55
N GLU A 2862 65.09 90.34 45.17
CA GLU A 2862 63.88 90.89 45.76
C GLU A 2862 63.68 92.36 45.45
N SER A 2863 64.68 93.02 44.85
CA SER A 2863 64.55 94.41 44.43
C SER A 2863 64.45 94.57 42.92
N LYS A 2864 64.49 93.47 42.17
CA LYS A 2864 64.44 93.53 40.72
C LYS A 2864 63.03 93.36 40.17
N GLY A 2865 62.13 92.71 40.91
CA GLY A 2865 60.80 92.47 40.41
C GLY A 2865 60.21 91.13 40.76
N GLY A 2866 60.96 90.30 41.49
CA GLY A 2866 60.51 88.99 41.89
C GLY A 2866 59.49 89.02 43.01
N GLY A 2867 59.43 87.91 43.74
CA GLY A 2867 58.54 87.82 44.88
C GLY A 2867 59.29 87.66 46.19
N ASN A 2868 58.57 87.30 47.25
CA ASN A 2868 59.23 87.04 48.53
C ASN A 2868 59.93 85.69 48.47
N HIS A 2869 60.87 85.49 49.39
CA HIS A 2869 61.59 84.24 49.44
C HIS A 2869 61.47 83.62 50.83
N PRO A 2870 61.14 82.32 50.92
CA PRO A 2870 60.72 81.75 52.20
C PRO A 2870 61.85 81.41 53.18
N LEU A 2871 63.04 81.97 53.01
CA LEU A 2871 64.18 81.70 53.89
C LEU A 2871 64.22 82.62 55.10
N LEU A 2872 63.07 83.17 55.50
CA LEU A 2872 62.95 84.05 56.64
C LEU A 2872 62.57 83.29 57.91
N VAL A 2873 62.96 82.03 58.00
CA VAL A 2873 62.59 81.11 59.09
C VAL A 2873 63.55 81.40 60.24
N PRO A 2874 63.19 81.11 61.50
CA PRO A 2874 64.20 80.99 62.55
C PRO A 2874 65.29 79.98 62.22
N TYR A 2875 66.42 80.16 62.90
CA TYR A 2875 67.71 79.61 62.50
C TYR A 2875 67.77 78.09 62.61
N ASP A 2876 67.14 77.51 63.64
CA ASP A 2876 67.39 76.13 64.03
C ASP A 2876 66.50 75.12 63.32
N THR A 2877 66.03 75.44 62.12
CA THR A 2877 65.13 74.56 61.38
C THR A 2877 65.47 74.45 59.90
N LEU A 2878 66.20 75.41 59.34
CA LEU A 2878 66.45 75.44 57.90
C LEU A 2878 67.47 74.38 57.51
N THR A 2879 67.26 73.80 56.33
CA THR A 2879 68.08 72.69 55.84
C THR A 2879 69.49 73.15 55.49
N ALA A 2880 70.42 72.19 55.47
CA ALA A 2880 71.84 72.49 55.42
C ALA A 2880 72.47 72.29 54.04
N LYS A 2881 71.69 71.91 53.02
CA LYS A 2881 72.27 71.78 51.69
C LYS A 2881 72.53 73.15 51.06
N GLU A 2882 71.83 74.19 51.53
CA GLU A 2882 72.18 75.55 51.17
C GLU A 2882 73.26 76.13 52.08
N LYS A 2883 73.63 75.41 53.15
CA LYS A 2883 74.67 75.84 54.08
C LYS A 2883 76.01 75.15 53.80
N ALA A 2884 76.12 74.45 52.67
CA ALA A 2884 77.33 73.71 52.36
C ALA A 2884 78.53 74.62 52.08
N LYS A 2885 78.32 75.72 51.36
CA LYS A 2885 79.39 76.70 51.17
C LYS A 2885 79.51 77.67 52.32
N ASP A 2886 78.67 77.54 53.34
CA ASP A 2886 78.62 78.48 54.44
C ASP A 2886 79.25 77.95 55.73
N ARG A 2887 79.00 76.69 56.09
CA ARG A 2887 79.59 76.17 57.32
C ARG A 2887 80.92 75.47 57.06
N GLU A 2888 81.15 75.01 55.83
CA GLU A 2888 82.43 74.38 55.50
C GLU A 2888 83.46 75.39 55.02
N LYS A 2889 83.11 76.68 54.99
CA LYS A 2889 84.08 77.75 54.91
C LYS A 2889 84.42 78.30 56.28
N ALA A 2890 83.63 77.99 57.31
CA ALA A 2890 83.83 78.50 58.66
C ALA A 2890 84.77 77.64 59.48
N GLN A 2891 85.21 76.49 58.95
CA GLN A 2891 86.10 75.61 59.69
C GLN A 2891 87.53 75.59 59.17
N ASP A 2892 87.73 75.85 57.87
CA ASP A 2892 89.08 75.86 57.33
C ASP A 2892 89.80 77.19 57.56
N ILE A 2893 89.04 78.28 57.68
CA ILE A 2893 89.63 79.60 57.88
C ILE A 2893 90.29 79.71 59.25
N LEU A 2894 89.81 78.94 60.23
CA LEU A 2894 90.51 78.80 61.51
C LEU A 2894 91.43 77.59 61.54
N LYS A 2895 91.33 76.71 60.54
CA LYS A 2895 92.28 75.59 60.45
C LYS A 2895 93.64 76.05 59.94
N PHE A 2896 93.66 76.97 58.97
CA PHE A 2896 94.96 77.46 58.51
C PHE A 2896 95.62 78.37 59.54
N LEU A 2897 94.85 78.92 60.48
CA LEU A 2897 95.45 79.56 61.65
C LEU A 2897 96.16 78.55 62.54
N GLN A 2898 95.75 77.28 62.55
CA GLN A 2898 96.46 76.27 63.32
C GLN A 2898 97.63 75.67 62.54
N ILE A 2899 97.51 75.60 61.21
CA ILE A 2899 98.63 75.12 60.39
C ILE A 2899 99.75 76.16 60.37
N ASN A 2900 99.39 77.44 60.28
CA ASN A 2900 100.38 78.50 60.42
C ASN A 2900 100.72 78.79 61.87
N GLY A 2901 99.89 78.35 62.82
CA GLY A 2901 100.20 78.54 64.22
C GLY A 2901 99.76 79.87 64.79
N TYR A 2902 98.47 80.19 64.66
CA TYR A 2902 97.87 81.38 65.24
C TYR A 2902 96.95 80.97 66.38
N ALA A 2903 97.08 81.64 67.52
CA ALA A 2903 96.27 81.37 68.71
C ALA A 2903 94.88 81.98 68.52
N VAL A 2904 93.88 81.13 68.68
CA VAL A 2904 92.49 81.57 68.76
C VAL A 2904 92.09 81.61 70.24
N SER A 2905 91.42 82.68 70.66
CA SER A 2905 91.06 82.87 72.06
C SER A 2905 89.80 83.72 72.19
N ARG A 2906 88.84 83.21 72.96
CA ARG A 2906 87.61 83.94 73.26
C ARG A 2906 87.76 84.91 74.42
N GLY A 2907 88.94 85.00 75.01
CA GLY A 2907 89.20 85.93 76.10
C GLY A 2907 90.67 86.20 76.31
N TYR A 2982 71.28 74.29 83.87
CA TYR A 2982 72.45 73.43 84.01
C TYR A 2982 73.45 74.03 84.98
N PHE A 2983 74.64 74.39 84.48
CA PHE A 2983 75.65 75.05 85.31
C PHE A 2983 75.21 76.45 85.68
N LEU A 2984 74.59 77.16 84.73
CA LEU A 2984 74.02 78.47 85.03
C LEU A 2984 72.85 78.37 85.99
N SER A 2985 72.17 77.23 86.04
CA SER A 2985 71.20 77.01 87.10
C SER A 2985 71.89 76.89 88.46
N ALA A 2986 73.07 76.28 88.53
CA ALA A 2986 73.79 76.20 89.79
C ALA A 2986 74.36 77.55 90.21
N ALA A 2987 74.67 78.42 89.24
CA ALA A 2987 75.16 79.76 89.56
C ALA A 2987 74.00 80.72 89.84
N SER A 2988 72.80 80.41 89.37
CA SER A 2988 71.65 81.28 89.56
C SER A 2988 70.64 80.74 90.56
N ARG A 2989 70.92 79.60 91.19
CA ARG A 2989 70.07 79.05 92.24
C ARG A 2989 70.02 79.99 93.43
N PRO A 2990 71.14 80.61 93.80
CA PRO A 2990 71.08 81.67 94.81
C PRO A 2990 70.34 82.91 94.30
N LEU A 2991 70.47 83.25 93.01
CA LEU A 2991 69.69 84.33 92.44
C LEU A 2991 68.19 83.99 92.37
N CYS A 2992 67.85 82.72 92.13
CA CYS A 2992 66.45 82.31 92.16
C CYS A 2992 65.90 82.36 93.58
N SER A 2993 66.71 81.93 94.56
CA SER A 2993 66.30 82.04 95.95
C SER A 2993 66.15 83.49 96.39
N GLY A 2994 67.02 84.38 95.91
CA GLY A 2994 66.90 85.79 96.19
C GLY A 2994 65.75 86.48 95.48
N GLY A 2995 65.37 86.00 94.30
CA GLY A 2995 64.20 86.50 93.62
C GLY A 2995 62.93 86.08 94.33
N HIS A 2996 62.90 84.82 94.80
CA HIS A 2996 61.78 84.35 95.59
C HIS A 2996 61.69 85.06 96.93
N ALA A 2997 62.83 85.37 97.54
CA ALA A 2997 62.84 86.10 98.81
C ALA A 2997 62.37 87.54 98.62
N SER A 2998 62.75 88.17 97.52
CA SER A 2998 62.39 89.57 97.31
C SER A 2998 60.92 89.72 96.88
N ASN A 2999 60.42 88.80 96.06
CA ASN A 2999 59.04 88.91 95.58
C ASN A 2999 58.04 88.11 96.41
N LYS A 3000 58.50 87.36 97.41
CA LYS A 3000 57.60 86.58 98.25
C LYS A 3000 57.11 87.34 99.47
N GLU A 3001 57.66 88.54 99.74
CA GLU A 3001 57.14 89.34 100.84
C GLU A 3001 55.91 90.13 100.42
N LYS A 3002 55.83 90.53 99.15
CA LYS A 3002 54.70 91.27 98.62
C LYS A 3002 53.70 90.36 97.89
N GLU A 3003 53.67 89.07 98.22
CA GLU A 3003 52.67 88.18 97.65
C GLU A 3003 51.29 88.42 98.24
N MET A 3004 51.23 89.00 99.45
CA MET A 3004 49.95 89.34 100.06
C MET A 3004 49.24 90.46 99.31
N VAL A 3005 50.00 91.33 98.65
CA VAL A 3005 49.42 92.41 97.86
C VAL A 3005 49.74 92.17 96.38
N PHE A 3009 49.86 90.66 91.36
CA PHE A 3009 49.35 89.40 91.87
C PHE A 3009 50.35 88.27 91.65
N CYS A 3010 51.43 88.29 92.42
CA CYS A 3010 52.50 87.32 92.29
C CYS A 3010 52.43 86.20 93.30
N LYS A 3011 51.31 86.07 94.04
CA LYS A 3011 51.19 85.01 95.02
C LYS A 3011 51.09 83.64 94.35
N LEU A 3012 50.51 83.58 93.15
CA LEU A 3012 50.50 82.34 92.39
C LEU A 3012 51.86 82.06 91.77
N GLY A 3013 52.64 83.11 91.48
CA GLY A 3013 53.99 82.93 90.98
C GLY A 3013 54.94 82.30 91.96
N VAL A 3014 54.71 82.51 93.27
CA VAL A 3014 55.51 81.84 94.29
C VAL A 3014 55.24 80.34 94.30
N LEU A 3015 53.97 79.95 94.19
CA LEU A 3015 53.61 78.55 94.07
C LEU A 3015 54.07 77.95 92.76
N VAL A 3016 54.11 78.75 91.69
CA VAL A 3016 54.66 78.28 90.41
C VAL A 3016 56.16 78.04 90.51
N ARG A 3017 56.89 78.91 91.22
CA ARG A 3017 58.31 78.73 91.41
C ARG A 3017 58.63 77.59 92.38
N HIS A 3018 57.75 77.31 93.34
CA HIS A 3018 57.94 76.16 94.21
C HIS A 3018 57.62 74.86 93.49
N ARG A 3019 56.60 74.87 92.62
CA ARG A 3019 56.23 73.69 91.86
C ARG A 3019 57.17 73.40 90.70
N ILE A 3020 57.71 74.44 90.05
CA ILE A 3020 58.69 74.21 89.00
C ILE A 3020 60.01 73.75 89.57
N SER A 3021 60.29 74.09 90.83
CA SER A 3021 61.47 73.57 91.51
C SER A 3021 61.22 72.22 92.17
N LEU A 3022 59.98 71.73 92.18
CA LEU A 3022 59.68 70.46 92.83
C LEU A 3022 60.32 69.29 92.08
N PHE A 3023 60.22 69.28 90.75
CA PHE A 3023 61.02 68.36 89.96
C PHE A 3023 62.38 68.96 89.59
N GLY A 3024 62.55 70.27 89.77
CA GLY A 3024 63.80 70.91 89.43
C GLY A 3024 64.93 70.55 90.38
N ASN A 3025 64.65 70.54 91.69
CA ASN A 3025 65.63 70.06 92.66
C ASN A 3025 65.62 68.55 92.79
N ASP A 3026 64.62 67.89 92.21
CA ASP A 3026 64.56 66.43 92.20
C ASP A 3026 65.50 65.82 91.17
N ALA A 3027 66.10 66.63 90.30
CA ALA A 3027 67.19 66.20 89.44
C ALA A 3027 68.48 66.95 89.73
N THR A 3028 68.57 67.64 90.86
CA THR A 3028 69.79 68.36 91.23
C THR A 3028 70.04 68.29 92.73
N LEU A 3034 73.27 71.93 99.85
CA LEU A 3034 72.25 72.57 100.68
C LEU A 3034 72.47 74.08 100.74
N HIS A 3035 73.50 74.55 100.04
CA HIS A 3035 73.80 75.97 99.99
C HIS A 3035 72.71 76.74 99.24
N ILE A 3036 72.10 76.10 98.24
CA ILE A 3036 70.93 76.69 97.59
C ILE A 3036 69.66 76.37 98.34
N LEU A 3037 69.63 75.30 99.12
CA LEU A 3037 68.44 74.95 99.88
C LEU A 3037 68.34 75.74 101.18
N GLY A 3038 69.49 76.16 101.71
CA GLY A 3038 69.51 76.91 102.96
C GLY A 3038 68.90 78.30 102.87
N GLN A 3039 69.09 78.99 101.76
CA GLN A 3039 68.45 80.29 101.58
C GLN A 3039 66.97 80.15 101.25
N THR A 3040 66.61 79.14 100.46
CA THR A 3040 65.21 78.95 100.07
C THR A 3040 64.37 78.40 101.21
N LEU A 3041 64.98 77.73 102.17
CA LEU A 3041 64.22 77.26 103.33
C LEU A 3041 63.86 78.41 104.27
N ASP A 3042 64.56 79.54 104.16
CA ASP A 3042 64.26 80.71 104.98
C ASP A 3042 63.49 81.78 104.23
N ALA A 3043 63.58 81.82 102.90
CA ALA A 3043 62.81 82.80 102.13
C ALA A 3043 61.31 82.56 102.27
N ARG A 3044 60.89 81.29 102.21
CA ARG A 3044 59.49 80.95 102.42
C ARG A 3044 59.03 81.20 103.85
N THR A 3045 59.93 81.10 104.82
CA THR A 3045 59.59 81.48 106.19
C THR A 3045 59.41 82.98 106.32
N VAL A 3046 60.20 83.76 105.56
CA VAL A 3046 59.99 85.21 105.53
C VAL A 3046 58.65 85.55 104.88
N MET A 3047 58.28 84.80 103.84
CA MET A 3047 56.97 84.96 103.21
C MET A 3047 55.83 84.61 104.16
N LYS A 3048 55.97 83.52 104.92
CA LYS A 3048 54.98 83.13 105.91
C LYS A 3048 54.94 84.09 107.09
N THR A 3049 56.02 84.84 107.33
CA THR A 3049 56.07 85.83 108.39
C THR A 3049 55.56 87.20 107.97
N GLY A 3050 55.57 87.52 106.67
CA GLY A 3050 55.20 88.85 106.23
C GLY A 3050 53.74 89.23 106.42
N LEU A 3051 52.82 88.28 106.28
CA LEU A 3051 51.39 88.55 106.45
C LEU A 3051 50.74 87.42 107.25
N GLU A 3052 51.36 87.05 108.38
CA GLU A 3052 50.98 85.87 109.15
C GLU A 3052 49.68 86.01 109.91
N SER A 3053 49.02 87.17 109.88
CA SER A 3053 47.74 87.34 110.55
C SER A 3053 46.62 86.53 109.92
N VAL A 3054 46.63 86.38 108.59
CA VAL A 3054 45.70 85.50 107.90
C VAL A 3054 46.37 84.20 107.47
N LYS A 3055 47.69 84.13 107.54
CA LYS A 3055 48.42 82.91 107.26
C LYS A 3055 48.71 82.19 108.57
N PHE A 3061 46.37 87.55 97.79
CA PHE A 3061 46.20 87.08 99.16
C PHE A 3061 45.34 85.84 99.22
N LEU A 3062 45.15 85.20 98.06
CA LEU A 3062 44.41 83.95 97.98
C LEU A 3062 45.29 82.80 97.51
N ASP A 3063 46.26 83.08 96.65
CA ASP A 3063 47.17 82.05 96.17
C ASP A 3063 48.41 81.90 97.04
N ASN A 3064 48.60 82.79 98.02
CA ASN A 3064 49.67 82.65 99.00
C ASN A 3064 49.23 81.90 100.25
N ALA A 3065 47.97 81.50 100.34
CA ALA A 3065 47.45 80.85 101.52
C ALA A 3065 47.13 79.38 101.32
N ALA A 3066 46.46 79.02 100.22
CA ALA A 3066 46.10 77.65 99.93
C ALA A 3066 47.24 76.88 99.28
N GLU A 3067 48.36 77.53 98.98
CA GLU A 3067 49.54 76.89 98.42
C GLU A 3067 50.51 76.44 99.49
N ASP A 3068 50.07 76.32 100.74
CA ASP A 3068 50.97 75.95 101.83
C ASP A 3068 51.32 74.47 101.76
N LEU A 3069 50.36 73.63 101.39
CA LEU A 3069 50.62 72.21 101.18
C LEU A 3069 51.47 71.96 99.95
N GLU A 3070 51.52 72.90 99.01
CA GLU A 3070 52.48 72.85 97.92
C GLU A 3070 53.87 73.28 98.36
N LYS A 3071 53.94 74.30 99.22
CA LYS A 3071 55.23 74.79 99.72
C LYS A 3071 55.91 73.76 100.61
N THR A 3072 55.16 73.09 101.48
CA THR A 3072 55.76 72.07 102.35
C THR A 3072 56.16 70.81 101.60
N MET A 3073 55.36 70.37 100.63
CA MET A 3073 55.75 69.23 99.83
C MET A 3073 56.96 69.54 98.96
N GLU A 3074 57.05 70.76 98.41
CA GLU A 3074 58.24 71.14 97.68
C GLU A 3074 59.44 71.30 98.60
N ASN A 3075 59.21 71.70 99.86
CA ASN A 3075 60.29 71.72 100.85
C ASN A 3075 60.75 70.32 101.23
N LEU A 3076 59.85 69.34 101.24
CA LEU A 3076 60.26 67.96 101.47
C LEU A 3076 61.00 67.38 100.28
N LYS A 3077 60.56 67.74 99.06
CA LYS A 3077 61.25 67.30 97.85
C LYS A 3077 62.62 67.95 97.71
N GLN A 3078 62.78 69.17 98.20
CA GLN A 3078 64.10 69.79 98.28
C GLN A 3078 64.89 69.30 99.49
N GLY A 3079 64.20 68.73 100.48
CA GLY A 3079 64.90 68.22 101.65
C GLY A 3079 65.43 66.81 101.48
N GLN A 3080 64.67 65.94 100.81
CA GLN A 3080 65.11 64.57 100.59
C GLN A 3080 66.02 64.42 99.37
N PHE A 3081 66.09 65.43 98.51
CA PHE A 3081 66.97 65.43 97.35
C PHE A 3081 68.10 66.44 97.52
N THR A 3082 68.42 66.78 98.76
CA THR A 3082 69.50 67.73 99.03
C THR A 3082 70.83 67.00 99.21
N THR A 3098 75.42 73.75 109.34
CA THR A 3098 76.07 73.69 110.65
C THR A 3098 76.20 75.08 111.25
N THR A 3099 76.23 76.09 110.37
CA THR A 3099 76.22 77.47 110.80
C THR A 3099 75.00 78.24 110.30
N VAL A 3100 74.60 78.04 109.04
CA VAL A 3100 73.38 78.65 108.51
C VAL A 3100 72.19 77.72 108.56
N ALA A 3101 72.26 76.64 109.35
CA ALA A 3101 71.24 75.61 109.28
C ALA A 3101 70.66 75.17 110.62
N LEU A 3102 71.15 75.70 111.74
CA LEU A 3102 70.68 75.20 113.02
C LEU A 3102 69.36 75.86 113.44
N LEU A 3103 69.40 77.16 113.70
CA LEU A 3103 68.24 77.89 114.23
C LEU A 3103 67.21 78.15 113.14
N PRO A 3104 67.67 78.39 111.90
CA PRO A 3104 66.73 78.72 110.82
C PRO A 3104 65.87 77.55 110.36
N MET A 3105 66.24 76.32 110.68
CA MET A 3105 65.53 75.15 110.18
C MET A 3105 64.20 74.90 110.88
N LEU A 3106 63.96 75.52 112.04
CA LEU A 3106 62.72 75.35 112.77
C LEU A 3106 61.73 76.48 112.54
N SER A 3107 62.18 77.62 112.01
CA SER A 3107 61.32 78.80 111.92
C SER A 3107 60.30 78.67 110.79
N SER A 3108 60.61 77.91 109.74
CA SER A 3108 59.64 77.68 108.67
C SER A 3108 58.53 76.75 109.13
N LEU A 3109 58.89 75.68 109.84
CA LEU A 3109 57.89 74.77 110.37
C LEU A 3109 57.05 75.43 111.47
N PHE A 3110 57.67 76.34 112.24
CA PHE A 3110 56.89 77.07 113.24
C PHE A 3110 55.97 78.11 112.60
N GLU A 3111 56.43 78.76 111.52
CA GLU A 3111 55.56 79.69 110.79
C GLU A 3111 54.40 78.97 110.12
N HIS A 3112 54.61 77.71 109.73
CA HIS A 3112 53.47 76.87 109.37
C HIS A 3112 52.58 76.60 110.58
N ILE A 3113 53.17 76.09 111.66
CA ILE A 3113 52.42 75.58 112.81
C ILE A 3113 51.68 76.64 113.62
N GLY A 3114 51.94 77.92 113.37
CA GLY A 3114 51.26 79.00 114.04
C GLY A 3114 49.75 79.08 113.87
N GLN A 3115 49.20 78.49 112.82
CA GLN A 3115 47.76 78.47 112.59
C GLN A 3115 47.29 77.08 112.17
N HIS A 3116 47.72 76.06 112.91
CA HIS A 3116 47.31 74.68 112.64
C HIS A 3116 45.97 74.32 113.28
N GLN A 3117 45.49 75.11 114.23
CA GLN A 3117 44.20 74.89 114.88
C GLN A 3117 43.45 76.21 115.03
N PHE A 3118 43.45 77.02 113.96
CA PHE A 3118 42.79 78.32 113.99
C PHE A 3118 41.82 78.47 112.82
N LEU A 3124 42.44 75.34 108.36
CA LEU A 3124 43.22 75.49 109.57
C LEU A 3124 44.22 74.34 109.73
N GLU A 3125 43.75 73.10 109.56
CA GLU A 3125 44.62 71.95 109.76
C GLU A 3125 45.56 71.70 108.58
N ASP A 3126 45.41 72.46 107.49
CA ASP A 3126 46.35 72.39 106.37
C ASP A 3126 47.75 72.81 106.78
N VAL A 3127 47.86 73.72 107.75
CA VAL A 3127 49.16 74.05 108.34
C VAL A 3127 49.72 72.85 109.10
N GLN A 3128 48.88 72.05 109.74
CA GLN A 3128 49.34 70.84 110.41
C GLN A 3128 49.77 69.77 109.42
N VAL A 3129 49.07 69.65 108.29
CA VAL A 3129 49.51 68.72 107.25
C VAL A 3129 50.83 69.18 106.64
N SER A 3130 51.02 70.50 106.54
CA SER A 3130 52.31 71.05 106.11
C SER A 3130 53.43 70.72 107.10
N CYS A 3131 53.15 70.86 108.40
CA CYS A 3131 54.16 70.54 109.42
C CYS A 3131 54.47 69.05 109.45
N TYR A 3132 53.46 68.19 109.26
CA TYR A 3132 53.69 66.76 109.22
C TYR A 3132 54.51 66.35 108.01
N ARG A 3133 54.21 66.91 106.83
CA ARG A 3133 54.96 66.57 105.63
C ARG A 3133 56.36 67.18 105.63
N ILE A 3134 56.60 68.24 106.40
CA ILE A 3134 57.94 68.77 106.53
C ILE A 3134 58.74 68.07 107.63
N LEU A 3135 58.06 67.43 108.60
CA LEU A 3135 58.78 66.79 109.71
C LEU A 3135 59.38 65.46 109.29
N THR A 3136 58.69 64.71 108.42
CA THR A 3136 59.23 63.43 107.94
C THR A 3136 60.39 63.62 106.97
N SER A 3137 60.47 64.77 106.30
CA SER A 3137 61.63 65.08 105.48
C SER A 3137 62.88 65.25 106.31
N LEU A 3138 62.74 65.75 107.54
CA LEU A 3138 63.86 65.80 108.48
C LEU A 3138 64.37 64.43 108.88
N TYR A 3139 63.46 63.47 109.13
CA TYR A 3139 63.87 62.10 109.45
C TYR A 3139 64.49 61.40 108.25
N ALA A 3140 63.98 61.68 107.05
CA ALA A 3140 64.57 61.10 105.84
C ALA A 3140 65.93 61.71 105.53
N LEU A 3141 66.11 63.01 105.79
CA LEU A 3141 67.41 63.65 105.58
C LEU A 3141 68.42 63.20 106.62
N GLY A 3142 67.99 63.02 107.88
CA GLY A 3142 68.86 62.44 108.88
C GLY A 3142 69.15 60.98 108.66
N THR A 3143 68.29 60.28 107.91
CA THR A 3143 68.59 58.91 107.51
C THR A 3143 69.71 58.87 106.49
N SER A 3144 69.76 59.83 105.57
CA SER A 3144 70.79 59.88 104.55
C SER A 3144 71.02 61.31 104.07
N VAL A 3149 67.76 70.39 118.05
CA VAL A 3149 66.49 70.27 118.73
C VAL A 3149 66.59 70.89 120.12
N GLU A 3150 66.74 72.21 120.17
CA GLU A 3150 66.80 72.89 121.46
C GLU A 3150 65.46 73.50 121.84
N ARG A 3151 64.92 74.38 120.99
CA ARG A 3151 63.64 75.02 121.25
C ARG A 3151 62.48 74.41 120.48
N GLN A 3152 62.73 73.42 119.61
CA GLN A 3152 61.69 72.94 118.70
C GLN A 3152 60.79 71.89 119.34
N ARG A 3153 61.33 71.05 120.22
CA ARG A 3153 60.61 69.87 120.69
C ARG A 3153 59.49 70.17 121.68
N SER A 3154 59.76 71.01 122.67
CA SER A 3154 58.77 71.30 123.70
C SER A 3154 57.59 72.11 123.19
N ALA A 3155 57.80 72.97 122.19
CA ALA A 3155 56.71 73.72 121.60
C ALA A 3155 55.74 72.80 120.87
N LEU A 3156 56.27 71.82 120.14
CA LEU A 3156 55.43 70.84 119.47
C LEU A 3156 54.73 69.92 120.46
N GLY A 3157 55.42 69.53 121.54
CA GLY A 3157 54.78 68.71 122.57
C GLY A 3157 53.65 69.45 123.27
N GLU A 3158 53.83 70.74 123.56
CA GLU A 3158 52.78 71.54 124.17
C GLU A 3158 51.62 71.80 123.21
N CYS A 3159 51.91 72.06 121.93
CA CYS A 3159 50.86 72.29 120.95
C CYS A 3159 50.11 71.02 120.60
N LEU A 3160 50.71 69.84 120.86
CA LEU A 3160 49.98 68.60 120.72
C LEU A 3160 49.20 68.26 121.99
N ALA A 3161 49.71 68.66 123.16
CA ALA A 3161 49.04 68.34 124.41
C ALA A 3161 47.82 69.23 124.67
N ALA A 3162 47.89 70.51 124.34
CA ALA A 3162 46.78 71.41 124.64
C ALA A 3162 45.64 71.30 123.63
N PHE A 3163 45.83 70.60 122.52
CA PHE A 3163 44.82 70.49 121.47
C PHE A 3163 44.78 69.09 120.88
N ALA A 3164 44.91 68.06 121.72
CA ALA A 3164 44.80 66.69 121.22
C ALA A 3164 43.35 66.32 120.94
N GLY A 3165 42.41 67.10 121.45
CA GLY A 3165 41.00 66.88 121.21
C GLY A 3165 40.31 68.16 120.77
N ALA A 3166 41.00 68.96 119.96
CA ALA A 3166 40.55 70.30 119.55
C ALA A 3166 39.28 70.28 118.72
N ALA A 3170 38.37 67.55 114.50
CA ALA A 3170 39.24 66.42 114.78
C ALA A 3170 40.70 66.77 114.51
N PHE A 3171 41.48 66.97 115.57
CA PHE A 3171 42.87 67.36 115.47
C PHE A 3171 43.85 66.20 115.68
N LEU A 3172 43.50 64.99 115.22
CA LEU A 3172 44.46 63.90 115.22
C LEU A 3172 45.52 64.10 114.14
N GLU A 3173 45.22 64.90 113.12
CA GLU A 3173 46.21 65.27 112.11
C GLU A 3173 47.32 66.12 112.72
N THR A 3174 46.95 67.16 113.46
CA THR A 3174 47.93 67.94 114.21
C THR A 3174 48.60 67.14 115.30
N HIS A 3175 47.92 66.13 115.86
CA HIS A 3175 48.53 65.23 116.82
C HIS A 3175 49.66 64.40 116.19
N LEU A 3176 49.43 63.78 115.04
CA LEU A 3176 50.49 63.06 114.35
C LEU A 3176 51.54 64.00 113.76
N ASP A 3177 51.18 65.26 113.53
CA ASP A 3177 52.13 66.24 113.03
C ASP A 3177 53.09 66.74 114.10
N LYS A 3178 52.59 66.91 115.33
CA LYS A 3178 53.41 67.45 116.41
C LYS A 3178 53.99 66.39 117.33
N HIS A 3179 53.52 65.14 117.25
CA HIS A 3179 54.18 64.05 117.94
C HIS A 3179 55.43 63.56 117.22
N ASN A 3180 55.49 63.73 115.89
CA ASN A 3180 56.67 63.45 115.09
C ASN A 3180 57.63 64.63 115.01
N ILE A 3181 57.52 65.59 115.94
CA ILE A 3181 58.45 66.71 116.02
C ILE A 3181 59.10 66.71 117.40
N TYR A 3182 58.77 65.71 118.22
CA TYR A 3182 59.34 65.53 119.55
C TYR A 3182 60.21 64.27 119.65
N SER A 3183 60.95 63.94 118.59
CA SER A 3183 61.80 62.75 118.60
C SER A 3183 63.20 63.09 118.15
N PRO A 3608 11.14 69.00 76.94
CA PRO A 3608 10.08 69.97 76.74
C PRO A 3608 8.87 69.33 76.09
N LEU A 3609 7.67 69.59 76.60
CA LEU A 3609 6.45 69.05 76.01
C LEU A 3609 5.37 70.13 75.99
N TYR A 3610 5.38 70.91 74.90
CA TYR A 3610 4.38 71.91 74.50
C TYR A 3610 3.83 72.78 75.62
N ASN A 3611 4.69 73.11 76.57
CA ASN A 3611 4.36 74.18 77.50
C ASN A 3611 4.99 75.49 77.04
N LEU A 3612 6.10 75.38 76.30
CA LEU A 3612 6.81 76.58 75.88
C LEU A 3612 6.12 77.29 74.71
N PRO A 3613 5.73 76.62 73.58
CA PRO A 3613 4.97 77.37 72.57
C PRO A 3613 3.47 77.25 72.75
N ARG A 3614 2.71 78.25 72.28
CA ARG A 3614 1.28 78.26 72.54
C ARG A 3614 0.46 77.85 71.32
N HIS A 3615 0.65 78.53 70.19
CA HIS A 3615 -0.14 78.21 69.01
C HIS A 3615 0.27 76.88 68.42
N ARG A 3616 1.53 76.48 68.61
CA ARG A 3616 1.96 75.20 68.09
C ARG A 3616 1.37 74.05 68.88
N ALA A 3617 1.02 74.28 70.15
CA ALA A 3617 0.36 73.26 70.94
C ALA A 3617 -1.00 72.94 70.38
N VAL A 3618 -1.83 73.96 70.16
CA VAL A 3618 -3.18 73.73 69.66
C VAL A 3618 -3.14 73.26 68.21
N ASN A 3619 -2.13 73.70 67.45
CA ASN A 3619 -1.93 73.20 66.10
C ASN A 3619 -1.62 71.70 66.09
N LEU A 3620 -0.72 71.26 66.96
CA LEU A 3620 -0.38 69.85 66.99
C LEU A 3620 -1.50 69.02 67.59
N PHE A 3621 -2.31 69.64 68.44
CA PHE A 3621 -3.50 68.95 68.94
C PHE A 3621 -4.49 68.71 67.83
N LEU A 3622 -4.63 69.67 66.92
CA LEU A 3622 -5.49 69.48 65.76
C LEU A 3622 -4.97 68.35 64.88
N GLN A 3623 -3.65 68.33 64.68
CA GLN A 3623 -3.07 67.26 63.87
C GLN A 3623 -3.12 65.91 64.54
N GLY A 3624 -3.27 65.87 65.86
CA GLY A 3624 -3.48 64.59 66.51
C GLY A 3624 -4.93 64.18 66.47
N TYR A 3625 -5.81 65.16 66.67
CA TYR A 3625 -7.24 64.90 66.77
C TYR A 3625 -7.80 64.42 65.46
N GLU A 3626 -7.24 64.89 64.35
CA GLU A 3626 -7.68 64.32 63.08
C GLU A 3626 -7.23 62.87 62.92
N LYS A 3627 -6.07 62.51 63.47
CA LYS A 3627 -5.54 61.18 63.23
C LYS A 3627 -6.18 60.12 64.11
N SER A 3628 -6.48 60.43 65.37
CA SER A 3628 -6.95 59.38 66.25
C SER A 3628 -8.45 59.35 66.35
N TRP A 3629 -9.03 60.50 66.63
CA TRP A 3629 -10.39 60.58 67.16
C TRP A 3629 -11.46 60.59 66.10
N ILE A 3630 -11.16 61.06 64.90
CA ILE A 3630 -12.16 61.35 63.89
C ILE A 3630 -12.62 60.07 63.19
N GLU A 3631 -11.70 59.15 62.94
CA GLU A 3631 -12.04 57.92 62.23
C GLU A 3631 -12.89 57.01 63.10
N THR A 3632 -14.20 57.17 62.97
CA THR A 3632 -15.20 56.45 63.74
C THR A 3632 -16.05 55.63 62.78
N GLU A 3633 -17.14 55.08 63.32
CA GLU A 3633 -17.99 54.16 62.59
C GLU A 3633 -19.46 54.45 62.87
N GLU A 3634 -19.88 55.69 62.64
CA GLU A 3634 -21.30 55.96 62.46
C GLU A 3634 -21.78 55.46 61.10
N HIS A 3635 -20.86 55.19 60.19
CA HIS A 3635 -21.15 54.91 58.80
C HIS A 3635 -21.74 53.54 58.63
N TYR A 3636 -23.02 53.39 58.96
CA TYR A 3636 -23.76 52.19 58.61
C TYR A 3636 -24.98 52.52 57.78
N PHE A 3637 -25.00 53.70 57.18
CA PHE A 3637 -26.00 54.17 56.24
C PHE A 3637 -25.96 53.47 54.89
N GLU A 3638 -24.98 52.61 54.66
CA GLU A 3638 -24.63 52.21 53.31
C GLU A 3638 -25.61 51.26 52.67
N ASP A 3639 -26.63 50.78 53.39
CA ASP A 3639 -27.74 50.15 52.70
C ASP A 3639 -29.02 50.94 52.79
N LYS A 3640 -29.17 51.75 53.84
CA LYS A 3640 -30.26 52.71 53.94
C LYS A 3640 -30.30 53.63 52.72
N LEU A 3641 -29.13 54.12 52.32
CA LEU A 3641 -29.06 55.04 51.20
C LEU A 3641 -29.36 54.34 49.89
N ILE A 3642 -28.80 53.15 49.67
CA ILE A 3642 -29.03 52.49 48.39
C ILE A 3642 -30.44 51.96 48.30
N GLU A 3643 -31.07 51.66 49.43
CA GLU A 3643 -32.47 51.30 49.33
C GLU A 3643 -33.34 52.53 49.08
N ASP A 3644 -32.97 53.67 49.67
CA ASP A 3644 -33.67 54.91 49.39
C ASP A 3644 -33.59 55.31 47.93
N LEU A 3645 -32.46 55.08 47.28
CA LEU A 3645 -32.33 55.50 45.89
C LEU A 3645 -33.11 54.60 44.95
N ALA A 3646 -33.39 53.36 45.32
CA ALA A 3646 -34.17 52.54 44.41
C ALA A 3646 -35.65 52.55 44.74
N LYS A 3647 -36.23 53.75 44.90
CA LYS A 3647 -37.62 53.90 45.30
C LYS A 3647 -38.40 54.67 44.24
N PRO A 3648 -39.07 54.00 43.32
CA PRO A 3648 -39.82 54.68 42.25
C PRO A 3648 -41.02 55.44 42.77
N ARG A 3661 -40.90 55.98 34.02
CA ARG A 3661 -39.84 56.80 34.60
C ARG A 3661 -38.54 56.03 34.73
N VAL A 3662 -37.63 56.57 35.53
CA VAL A 3662 -36.30 56.01 35.75
C VAL A 3662 -35.97 56.20 37.22
N ASP A 3663 -35.46 55.13 37.86
CA ASP A 3663 -35.12 55.15 39.27
C ASP A 3663 -34.03 56.19 39.55
N PRO A 3664 -34.00 56.75 40.76
CA PRO A 3664 -32.91 57.65 41.13
C PRO A 3664 -31.56 56.99 41.08
N LEU A 3665 -31.46 55.74 41.48
CA LEU A 3665 -30.22 55.02 41.29
C LEU A 3665 -29.95 54.74 39.83
N HIS A 3666 -30.99 54.60 39.01
CA HIS A 3666 -30.78 54.12 37.65
C HIS A 3666 -30.10 55.14 36.77
N GLN A 3667 -30.33 56.42 37.01
CA GLN A 3667 -29.66 57.43 36.21
C GLN A 3667 -28.33 57.82 36.80
N LEU A 3668 -28.05 57.40 38.03
CA LEU A 3668 -26.71 57.58 38.57
C LEU A 3668 -25.72 56.68 37.87
N ILE A 3669 -26.15 55.49 37.49
CA ILE A 3669 -25.26 54.64 36.71
C ILE A 3669 -25.29 55.05 35.25
N LEU A 3670 -26.38 55.69 34.82
CA LEU A 3670 -26.39 56.25 33.48
C LEU A 3670 -25.50 57.48 33.37
N LEU A 3671 -25.11 58.08 34.49
CA LEU A 3671 -24.10 59.12 34.42
C LEU A 3671 -22.72 58.51 34.25
N PHE A 3672 -22.38 57.49 35.03
CA PHE A 3672 -21.06 56.93 34.99
C PHE A 3672 -20.79 56.12 33.74
N SER A 3673 -21.82 55.57 33.12
CA SER A 3673 -21.61 54.81 31.89
C SER A 3673 -21.39 55.73 30.71
N ARG A 3674 -21.91 56.96 30.79
CA ARG A 3674 -21.61 57.94 29.75
C ARG A 3674 -20.20 58.49 29.91
N THR A 3675 -19.84 58.85 31.13
CA THR A 3675 -18.55 59.46 31.40
C THR A 3675 -17.41 58.50 31.15
N ALA A 3676 -17.64 57.21 31.33
CA ALA A 3676 -16.63 56.24 30.95
C ALA A 3676 -16.52 56.06 29.45
N LEU A 3677 -17.47 56.56 28.68
CA LEU A 3677 -17.50 56.27 27.25
C LEU A 3677 -16.95 57.40 26.39
N THR A 3678 -17.00 58.64 26.85
CA THR A 3678 -16.42 59.73 26.07
C THR A 3678 -14.91 59.63 26.16
N GLU A 3679 -14.26 59.38 25.03
CA GLU A 3679 -12.84 59.08 25.02
C GLU A 3679 -12.02 60.33 25.34
N LYS A 3680 -11.17 60.23 26.36
CA LYS A 3680 -10.34 61.35 26.79
C LYS A 3680 -8.89 60.92 26.96
N CYS A 3681 -8.53 59.76 26.42
CA CYS A 3681 -7.21 59.13 26.32
C CYS A 3681 -6.55 58.79 27.66
N LYS A 3682 -7.16 59.19 28.78
CA LYS A 3682 -6.72 58.79 30.11
C LYS A 3682 -7.89 59.04 31.05
N LEU A 3683 -7.73 58.68 32.32
CA LEU A 3683 -8.78 58.85 33.30
C LEU A 3683 -8.31 59.74 34.42
N GLU A 3684 -9.25 60.49 34.97
CA GLU A 3684 -9.00 61.45 36.03
C GLU A 3684 -9.28 60.82 37.39
N GLU A 3685 -9.30 61.65 38.43
CA GLU A 3685 -9.68 61.14 39.74
C GLU A 3685 -11.19 61.03 39.89
N ASP A 3686 -11.91 62.15 39.73
CA ASP A 3686 -13.37 62.23 39.71
C ASP A 3686 -13.95 61.71 41.03
N PHE A 3687 -13.70 62.47 42.09
CA PHE A 3687 -13.99 62.00 43.44
C PHE A 3687 -15.48 61.92 43.77
N LEU A 3688 -16.38 62.10 42.81
CA LEU A 3688 -17.71 61.53 42.97
C LEU A 3688 -17.65 60.02 42.90
N TYR A 3689 -16.90 59.50 41.92
CA TYR A 3689 -16.88 58.07 41.63
C TYR A 3689 -16.34 57.26 42.79
N MET A 3690 -15.34 57.77 43.47
CA MET A 3690 -14.81 57.07 44.64
C MET A 3690 -15.64 57.27 45.88
N ALA A 3691 -16.85 57.80 45.77
CA ALA A 3691 -17.80 57.76 46.86
C ALA A 3691 -19.11 57.12 46.46
N TYR A 3692 -19.28 56.75 45.20
CA TYR A 3692 -20.44 55.99 44.80
C TYR A 3692 -20.09 54.70 44.10
N ALA A 3693 -18.81 54.41 43.90
CA ALA A 3693 -18.39 53.04 43.65
C ALA A 3693 -17.75 52.46 44.89
N ASP A 3694 -17.99 53.07 46.02
CA ASP A 3694 -17.65 52.51 47.31
C ASP A 3694 -18.85 52.39 48.22
N ILE A 3695 -19.74 53.38 48.22
CA ILE A 3695 -21.00 53.25 48.94
C ILE A 3695 -21.85 52.18 48.30
N MET A 3696 -21.72 51.97 46.99
CA MET A 3696 -22.34 50.83 46.36
C MET A 3696 -21.77 49.50 46.83
N ALA A 3697 -20.46 49.39 47.01
CA ALA A 3697 -19.89 48.12 47.42
C ALA A 3697 -19.77 47.96 48.93
N LYS A 3698 -20.35 48.85 49.70
CA LYS A 3698 -20.53 48.57 51.11
C LYS A 3698 -21.91 48.03 51.38
N SER A 3699 -22.68 47.74 50.34
CA SER A 3699 -24.01 47.19 50.49
C SER A 3699 -24.09 45.76 49.97
N CYS A 3700 -23.07 44.95 50.20
CA CYS A 3700 -23.07 43.57 49.77
C CYS A 3700 -22.33 42.69 50.76
N SER A 3714 -28.33 26.00 61.29
CA SER A 3714 -27.34 26.60 60.42
C SER A 3714 -27.42 26.02 59.02
N PHE A 3715 -28.63 25.70 58.62
CA PHE A 3715 -28.92 25.53 57.20
C PHE A 3715 -30.03 26.45 56.74
N GLU A 3716 -30.93 26.82 57.64
CA GLU A 3716 -31.88 27.88 57.33
C GLU A 3716 -31.15 29.20 57.19
N GLU A 3717 -30.22 29.51 58.10
CA GLU A 3717 -29.53 30.78 58.04
C GLU A 3717 -28.33 30.74 57.11
N LYS A 3718 -27.93 29.56 56.64
CA LYS A 3718 -26.95 29.51 55.58
C LYS A 3718 -27.58 29.45 54.21
N GLU A 3719 -28.88 29.69 54.12
CA GLU A 3719 -29.57 29.90 52.86
C GLU A 3719 -30.54 31.04 52.91
N MET A 3720 -30.82 31.57 54.09
CA MET A 3720 -31.56 32.83 54.13
C MET A 3720 -30.65 33.97 53.74
N GLU A 3721 -29.38 33.93 54.13
CA GLU A 3721 -28.49 35.02 53.77
C GLU A 3721 -27.99 34.88 52.34
N LYS A 3722 -28.00 33.68 51.79
CA LYS A 3722 -27.63 33.53 50.38
C LYS A 3722 -28.66 34.17 49.49
N GLN A 3723 -29.93 34.09 49.86
CA GLN A 3723 -30.94 34.83 49.12
C GLN A 3723 -30.91 36.30 49.46
N LYS A 3724 -30.39 36.66 50.63
CA LYS A 3724 -30.24 38.08 50.90
C LYS A 3724 -29.10 38.68 50.11
N LEU A 3725 -28.05 37.90 49.84
CA LEU A 3725 -26.96 38.44 49.06
C LEU A 3725 -27.32 38.51 47.58
N LEU A 3726 -28.02 37.50 47.07
CA LEU A 3726 -28.44 37.54 45.68
C LEU A 3726 -29.55 38.55 45.43
N TYR A 3727 -30.14 39.10 46.47
CA TYR A 3727 -31.03 40.23 46.28
C TYR A 3727 -30.26 41.53 46.32
N GLN A 3728 -29.18 41.59 47.08
CA GLN A 3728 -28.39 42.81 47.12
C GLN A 3728 -27.43 42.93 45.95
N GLN A 3729 -27.48 42.03 44.99
CA GLN A 3729 -26.81 42.26 43.73
C GLN A 3729 -27.78 42.34 42.58
N ALA A 3730 -29.03 41.93 42.77
CA ALA A 3730 -30.05 42.26 41.79
C ALA A 3730 -30.52 43.69 41.95
N ARG A 3731 -30.21 44.32 43.06
CA ARG A 3731 -30.47 45.73 43.22
C ARG A 3731 -29.57 46.54 42.32
N LEU A 3732 -28.39 46.03 42.00
CA LEU A 3732 -27.46 46.77 41.16
C LEU A 3732 -27.38 46.22 39.74
N HIS A 3733 -27.27 44.90 39.58
CA HIS A 3733 -27.03 44.42 38.23
C HIS A 3733 -28.27 44.40 37.35
N ASP A 3734 -29.42 44.82 37.86
CA ASP A 3734 -30.53 45.22 37.01
C ASP A 3734 -30.27 46.56 36.35
N ARG A 3735 -29.53 47.43 37.00
CA ARG A 3735 -29.45 48.84 36.67
C ARG A 3735 -28.21 49.13 35.86
N GLY A 3736 -27.77 48.16 35.07
CA GLY A 3736 -26.61 48.32 34.24
C GLY A 3736 -25.30 48.42 34.98
N ALA A 3737 -25.27 48.13 36.28
CA ALA A 3737 -24.05 48.28 37.07
C ALA A 3737 -23.03 47.21 36.79
N ALA A 3738 -23.32 46.27 35.91
CA ALA A 3738 -22.30 45.40 35.36
C ALA A 3738 -21.64 46.01 34.13
N GLU A 3739 -21.92 47.27 33.83
CA GLU A 3739 -21.24 47.94 32.75
C GLU A 3739 -20.30 49.03 33.21
N MET A 3740 -20.69 49.81 34.22
CA MET A 3740 -19.78 50.80 34.74
C MET A 3740 -18.62 50.19 35.52
N VAL A 3741 -18.64 48.89 35.76
CA VAL A 3741 -17.45 48.19 36.20
C VAL A 3741 -16.68 47.66 35.01
N LEU A 3742 -17.37 47.25 33.97
CA LEU A 3742 -16.68 46.69 32.83
C LEU A 3742 -16.28 47.76 31.82
N GLN A 3743 -16.78 48.98 31.96
CA GLN A 3743 -16.29 50.01 31.06
C GLN A 3743 -15.12 50.80 31.65
N THR A 3744 -15.18 51.19 32.93
CA THR A 3744 -14.11 51.99 33.50
C THR A 3744 -12.83 51.23 33.73
N ILE A 3745 -12.80 49.94 33.43
CA ILE A 3745 -11.53 49.26 33.28
C ILE A 3745 -11.05 49.39 31.85
N SER A 3746 -11.97 49.39 30.89
CA SER A 3746 -11.56 49.40 29.50
C SER A 3746 -11.19 50.80 29.04
N ALA A 3747 -11.51 51.82 29.82
CA ALA A 3747 -11.17 53.18 29.40
C ALA A 3747 -9.77 53.57 29.85
N SER A 3748 -9.50 53.48 31.15
CA SER A 3748 -8.14 53.70 31.61
C SER A 3748 -7.31 52.47 31.28
N LYS A 3749 -6.28 52.64 30.46
CA LYS A 3749 -5.61 51.49 29.87
C LYS A 3749 -4.77 50.75 30.89
N GLY A 3750 -3.72 51.39 31.40
CA GLY A 3750 -2.82 50.67 32.25
C GLY A 3750 -2.56 51.40 33.53
N GLU A 3751 -3.30 52.47 33.72
CA GLU A 3751 -3.06 53.35 34.85
C GLU A 3751 -3.59 52.70 36.11
N THR A 3752 -2.75 52.64 37.13
CA THR A 3752 -3.09 51.97 38.37
C THR A 3752 -3.58 52.93 39.41
N GLY A 3753 -4.33 53.95 39.02
CA GLY A 3753 -4.74 54.96 39.94
C GLY A 3753 -5.81 54.48 40.89
N PRO A 3754 -6.19 55.33 41.83
CA PRO A 3754 -7.32 55.01 42.70
C PRO A 3754 -8.66 55.19 42.03
N MET A 3755 -8.71 55.49 40.74
CA MET A 3755 -9.95 55.34 40.00
C MET A 3755 -10.26 53.87 39.76
N VAL A 3756 -9.30 53.12 39.23
CA VAL A 3756 -9.44 51.68 39.03
C VAL A 3756 -9.54 50.95 40.35
N ALA A 3757 -8.75 51.34 41.34
CA ALA A 3757 -8.75 50.64 42.62
C ALA A 3757 -9.98 50.87 43.47
N ALA A 3758 -11.03 51.51 42.95
CA ALA A 3758 -12.33 51.48 43.59
C ALA A 3758 -13.43 50.98 42.69
N THR A 3759 -13.11 50.47 41.51
CA THR A 3759 -14.09 49.67 40.79
C THR A 3759 -13.87 48.20 41.03
N LEU A 3760 -12.63 47.79 41.28
CA LEU A 3760 -12.39 46.40 41.61
C LEU A 3760 -12.99 46.04 42.94
N LYS A 3761 -13.08 46.97 43.88
CA LYS A 3761 -13.88 46.70 45.06
C LYS A 3761 -15.36 46.66 44.76
N LEU A 3762 -15.82 47.25 43.66
CA LEU A 3762 -17.18 47.05 43.24
C LEU A 3762 -17.35 45.80 42.42
N GLY A 3763 -16.42 45.51 41.52
CA GLY A 3763 -16.54 44.33 40.70
C GLY A 3763 -16.41 43.04 41.48
N ILE A 3764 -15.76 43.09 42.64
CA ILE A 3764 -15.70 41.95 43.53
C ILE A 3764 -16.95 41.84 44.37
N ALA A 3765 -17.45 42.96 44.88
CA ALA A 3765 -18.61 42.88 45.75
C ALA A 3765 -19.90 42.67 44.99
N ILE A 3766 -19.88 42.59 43.67
CA ILE A 3766 -21.02 42.15 42.90
C ILE A 3766 -20.91 40.67 42.56
N LEU A 3767 -19.75 40.20 42.17
CA LEU A 3767 -19.61 38.80 41.83
C LEU A 3767 -19.39 37.89 43.04
N ASN A 3768 -19.68 38.36 44.26
CA ASN A 3768 -19.08 37.80 45.47
C ASN A 3768 -19.55 36.39 45.75
N GLY A 3769 -20.68 36.01 45.20
CA GLY A 3769 -21.14 34.67 45.44
C GLY A 3769 -20.62 33.72 44.38
N GLY A 3770 -19.86 34.24 43.44
CA GLY A 3770 -19.64 33.48 42.24
C GLY A 3770 -20.95 33.47 41.49
N ASN A 3771 -21.44 34.66 41.15
CA ASN A 3771 -22.76 34.81 40.61
C ASN A 3771 -22.83 34.26 39.20
N SER A 3772 -24.04 34.07 38.69
CA SER A 3772 -24.19 33.47 37.39
C SER A 3772 -25.04 34.25 36.41
N THR A 3773 -25.88 35.18 36.87
CA THR A 3773 -26.47 36.10 35.92
C THR A 3773 -25.44 37.15 35.52
N VAL A 3774 -24.69 37.65 36.51
CA VAL A 3774 -23.80 38.76 36.25
C VAL A 3774 -22.61 38.30 35.44
N GLN A 3775 -22.19 37.06 35.60
CA GLN A 3775 -21.16 36.52 34.74
C GLN A 3775 -21.64 36.34 33.31
N GLN A 3776 -22.94 36.29 33.10
CA GLN A 3776 -23.46 36.16 31.75
C GLN A 3776 -23.65 37.51 31.09
N LYS A 3777 -24.02 38.53 31.86
CA LYS A 3777 -24.13 39.86 31.28
C LYS A 3777 -22.78 40.39 30.84
N MET A 3778 -21.71 40.08 31.58
CA MET A 3778 -20.39 40.57 31.18
C MET A 3778 -19.89 39.86 29.94
N LEU A 3779 -20.25 38.60 29.76
CA LEU A 3779 -19.79 37.92 28.55
C LEU A 3779 -20.58 38.35 27.34
N GLU A 3780 -21.88 38.53 27.48
CA GLU A 3780 -22.67 38.92 26.32
C GLU A 3780 -22.39 40.35 25.92
N TYR A 3781 -21.98 41.18 26.88
CA TYR A 3781 -21.60 42.55 26.55
C TYR A 3781 -20.28 42.59 25.81
N LEU A 3782 -19.39 41.65 26.09
CA LEU A 3782 -18.11 41.62 25.42
C LEU A 3782 -18.14 40.84 24.12
N LYS A 3783 -19.31 40.65 23.53
CA LYS A 3783 -19.40 40.00 22.24
C LYS A 3783 -20.29 40.73 21.25
N GLU A 3784 -21.27 41.51 21.72
CA GLU A 3784 -22.05 42.34 20.81
C GLU A 3784 -21.60 43.79 20.81
N LYS A 3785 -20.78 44.20 21.76
CA LYS A 3785 -20.24 45.55 21.83
C LYS A 3785 -18.73 45.45 21.95
N LYS A 3786 -18.15 44.70 21.03
CA LYS A 3786 -16.81 44.11 21.08
C LYS A 3786 -15.68 45.04 21.53
N ASP A 3787 -15.06 44.71 22.64
CA ASP A 3787 -14.00 45.51 23.23
C ASP A 3787 -12.69 44.74 23.13
N VAL A 3788 -11.73 45.30 22.39
CA VAL A 3788 -10.37 44.87 22.57
C VAL A 3788 -9.78 45.61 23.75
N GLY A 3789 -10.29 46.82 24.00
CA GLY A 3789 -9.71 47.71 25.00
C GLY A 3789 -9.88 47.26 26.43
N PHE A 3790 -10.73 46.26 26.68
CA PHE A 3790 -10.77 45.67 28.01
C PHE A 3790 -9.59 44.73 28.21
N PHE A 3791 -9.42 43.78 27.31
CA PHE A 3791 -8.37 42.80 27.48
C PHE A 3791 -6.99 43.38 27.22
N GLN A 3792 -6.91 44.47 26.47
CA GLN A 3792 -5.65 45.20 26.46
C GLN A 3792 -5.40 45.84 27.80
N SER A 3793 -6.46 46.24 28.48
CA SER A 3793 -6.27 46.90 29.76
C SER A 3793 -5.95 45.90 30.85
N LEU A 3794 -6.48 44.68 30.76
CA LEU A 3794 -6.24 43.72 31.82
C LEU A 3794 -4.81 43.20 31.80
N ALA A 3795 -4.25 42.99 30.62
CA ALA A 3795 -2.83 42.73 30.56
C ALA A 3795 -2.05 43.95 30.99
N GLY A 3796 -2.54 45.14 30.63
CA GLY A 3796 -1.89 46.36 31.06
C GLY A 3796 -2.03 46.62 32.53
N LEU A 3797 -3.15 46.22 33.12
CA LEU A 3797 -3.24 46.28 34.56
C LEU A 3797 -2.29 45.31 35.21
N MET A 3798 -2.24 44.08 34.70
CA MET A 3798 -1.43 43.03 35.30
C MET A 3798 0.05 43.20 35.06
N GLN A 3799 0.45 44.25 34.33
CA GLN A 3799 1.83 44.36 33.87
C GLN A 3799 2.77 44.63 35.02
N SER A 3800 2.53 45.71 35.75
CA SER A 3800 3.47 46.00 36.83
C SER A 3800 2.99 45.50 38.18
N CYS A 3801 2.03 46.24 38.75
CA CYS A 3801 1.26 46.02 39.97
C CYS A 3801 2.06 45.93 41.26
N SER A 3802 3.24 45.34 41.20
CA SER A 3802 3.90 44.75 42.36
C SER A 3802 5.13 43.96 42.00
N VAL A 3803 6.01 43.77 42.97
CA VAL A 3803 6.78 42.58 43.33
C VAL A 3803 7.40 43.03 44.65
N LEU A 3804 7.41 42.19 45.66
CA LEU A 3804 8.16 42.55 46.86
C LEU A 3804 9.65 42.48 46.56
N ASP A 3805 10.29 43.63 46.45
CA ASP A 3805 11.71 43.72 46.12
C ASP A 3805 12.50 44.22 47.32
N LEU A 3806 13.53 43.48 47.71
CA LEU A 3806 14.22 43.78 48.95
C LEU A 3806 15.23 44.91 48.82
N ASN A 3807 15.49 45.40 47.60
CA ASN A 3807 16.37 46.54 47.45
C ASN A 3807 15.79 47.77 48.12
N ALA A 3808 14.49 47.97 47.98
CA ALA A 3808 13.80 49.00 48.74
C ALA A 3808 13.71 48.67 50.21
N PHE A 3809 13.77 47.38 50.55
CA PHE A 3809 13.73 47.00 51.96
C PHE A 3809 15.03 47.32 52.65
N GLU A 3810 16.15 47.16 51.95
CA GLU A 3810 17.45 47.36 52.59
C GLU A 3810 17.70 48.84 52.85
N ARG A 3811 17.21 49.72 51.99
CA ARG A 3811 17.26 51.13 52.31
C ARG A 3811 16.32 51.44 53.46
N GLN A 3812 15.16 50.81 53.48
CA GLN A 3812 14.26 50.92 54.62
C GLN A 3812 14.86 50.26 55.85
N ASN A 3813 15.72 49.26 55.65
CA ASN A 3813 16.42 48.66 56.77
C ASN A 3813 17.42 49.64 57.38
N LYS A 3814 18.16 50.35 56.53
CA LYS A 3814 19.29 51.12 57.01
C LYS A 3814 18.86 52.47 57.59
N ALA A 3815 17.91 53.14 56.96
CA ALA A 3815 17.49 54.46 57.42
C ALA A 3815 16.74 54.36 58.73
N GLU A 3816 15.89 53.35 58.89
CA GLU A 3816 15.16 53.17 60.12
C GLU A 3816 16.04 52.66 61.25
N GLY A 3817 17.29 52.30 60.97
CA GLY A 3817 18.24 52.03 62.04
C GLY A 3817 18.58 53.25 62.85
N LEU A 3818 18.53 54.43 62.23
CA LEU A 3818 18.79 55.67 62.95
C LEU A 3818 17.70 56.71 62.73
N GLY A 3819 16.67 56.39 61.97
CA GLY A 3819 15.60 57.35 61.71
C GLY A 3819 14.32 56.68 61.27
N GLY A 3827 6.23 51.40 55.75
CA GLY A 3827 5.18 50.52 55.24
C GLY A 3827 4.93 50.72 53.76
N GLU A 3828 5.73 51.59 53.17
CA GLU A 3828 5.65 51.92 51.75
C GLU A 3828 6.57 51.07 50.90
N LYS A 3829 6.97 49.91 51.40
CA LYS A 3829 7.75 48.98 50.58
C LYS A 3829 6.88 47.86 50.04
N VAL A 3830 5.87 47.45 50.81
CA VAL A 3830 5.33 46.09 50.69
C VAL A 3830 4.56 45.93 49.38
N LEU A 3831 5.29 45.38 48.41
CA LEU A 3831 4.81 45.05 47.08
C LEU A 3831 4.23 46.25 46.32
N GLN A 3832 4.48 47.48 46.79
CA GLN A 3832 3.86 48.72 46.27
C GLN A 3832 2.33 48.59 46.22
N ASP A 3833 1.72 48.62 47.42
CA ASP A 3833 0.27 48.52 47.61
C ASP A 3833 -0.26 47.19 47.09
N ASP A 3834 0.05 46.14 47.87
CA ASP A 3834 -0.44 44.79 47.65
C ASP A 3834 -1.95 44.70 47.56
N GLU A 3835 -2.67 45.54 48.30
CA GLU A 3835 -4.11 45.48 48.42
C GLU A 3835 -4.81 45.73 47.10
N PHE A 3836 -4.16 46.40 46.16
CA PHE A 3836 -4.67 46.44 44.81
C PHE A 3836 -4.43 45.12 44.09
N THR A 3837 -3.38 44.39 44.45
CA THR A 3837 -3.05 43.23 43.64
C THR A 3837 -3.86 42.00 44.03
N CYS A 3838 -4.17 41.87 45.32
CA CYS A 3838 -5.13 40.86 45.72
C CYS A 3838 -6.47 41.12 45.08
N ASP A 3839 -6.90 42.38 45.05
CA ASP A 3839 -8.24 42.67 44.57
C ASP A 3839 -8.29 42.72 43.06
N LEU A 3840 -7.19 42.50 42.38
CA LEU A 3840 -7.32 42.28 40.95
C LEU A 3840 -7.58 40.82 40.64
N PHE A 3841 -6.74 39.93 41.16
CA PHE A 3841 -6.87 38.53 40.81
C PHE A 3841 -8.08 37.89 41.44
N ARG A 3842 -8.50 38.38 42.61
CA ARG A 3842 -9.74 37.95 43.18
C ARG A 3842 -10.91 38.43 42.33
N PHE A 3843 -10.77 39.55 41.63
CA PHE A 3843 -11.77 39.86 40.62
C PHE A 3843 -11.64 38.95 39.42
N LEU A 3844 -10.45 38.53 39.07
CA LEU A 3844 -10.33 37.68 37.90
C LEU A 3844 -10.79 36.27 38.18
N GLN A 3845 -10.72 35.83 39.43
CA GLN A 3845 -11.23 34.51 39.76
C GLN A 3845 -12.74 34.50 39.72
N LEU A 3846 -13.37 35.53 40.26
CA LEU A 3846 -14.83 35.58 40.38
C LEU A 3846 -15.52 35.75 39.05
N LEU A 3847 -14.80 35.88 37.97
CA LEU A 3847 -15.38 35.76 36.66
C LEU A 3847 -15.55 34.32 36.21
N CYS A 3848 -14.98 33.36 36.92
CA CYS A 3848 -15.02 31.98 36.47
C CYS A 3848 -15.53 31.02 37.53
N GLU A 3849 -15.99 31.52 38.68
CA GLU A 3849 -16.52 30.61 39.68
C GLU A 3849 -17.85 30.07 39.25
N GLY A 3850 -18.11 28.82 39.57
CA GLY A 3850 -19.24 28.13 39.00
C GLY A 3850 -18.92 27.46 37.69
N HIS A 3851 -17.66 27.52 37.26
CA HIS A 3851 -17.15 26.85 36.06
C HIS A 3851 -17.92 27.25 34.80
N ASN A 3852 -17.80 28.53 34.47
CA ASN A 3852 -18.29 29.01 33.19
C ASN A 3852 -17.38 28.50 32.08
N SER A 3853 -17.77 27.40 31.45
CA SER A 3853 -16.88 26.77 30.46
C SER A 3853 -16.78 27.56 29.18
N ASP A 3854 -17.57 28.60 29.02
CA ASP A 3854 -17.31 29.57 27.97
C ASP A 3854 -16.36 30.67 28.42
N PHE A 3855 -16.50 31.14 29.66
CA PHE A 3855 -15.79 32.34 30.04
C PHE A 3855 -14.36 32.07 30.46
N GLN A 3856 -14.01 30.82 30.71
CA GLN A 3856 -12.60 30.47 30.78
C GLN A 3856 -12.02 30.26 29.40
N ASN A 3857 -12.87 30.02 28.41
CA ASN A 3857 -12.42 29.93 27.05
C ASN A 3857 -12.61 31.22 26.28
N TYR A 3858 -13.04 32.27 26.95
CA TYR A 3858 -12.99 33.58 26.34
C TYR A 3858 -11.74 34.33 26.75
N LEU A 3859 -11.07 33.89 27.80
CA LEU A 3859 -9.85 34.57 28.21
C LEU A 3859 -8.62 33.99 27.56
N ARG A 3860 -8.76 32.97 26.73
CA ARG A 3860 -7.59 32.36 26.13
C ARG A 3860 -7.47 32.73 24.65
N THR A 3861 -8.51 32.43 23.87
CA THR A 3861 -8.48 32.72 22.45
C THR A 3861 -9.14 34.02 22.10
N GLN A 3862 -10.26 34.33 22.76
CA GLN A 3862 -10.97 35.61 22.66
C GLN A 3862 -11.42 35.86 21.22
N THR A 3863 -12.30 34.97 20.77
CA THR A 3863 -12.41 34.68 19.34
C THR A 3863 -13.17 35.74 18.56
N GLY A 3864 -13.85 36.67 19.21
CA GLY A 3864 -14.60 37.64 18.47
C GLY A 3864 -13.73 38.71 17.86
N ASN A 3865 -12.80 39.22 18.65
CA ASN A 3865 -12.06 40.43 18.30
C ASN A 3865 -11.01 40.15 17.24
N ASN A 3866 -10.31 41.22 16.86
CA ASN A 3866 -9.24 41.10 15.86
C ASN A 3866 -7.96 40.58 16.50
N THR A 3867 -7.44 41.33 17.46
CA THR A 3867 -6.26 40.91 18.20
C THR A 3867 -6.69 40.22 19.48
N THR A 3868 -5.84 39.33 19.97
CA THR A 3868 -6.16 38.47 21.10
C THR A 3868 -5.15 38.69 22.22
N VAL A 3869 -5.65 38.80 23.44
CA VAL A 3869 -4.81 38.83 24.62
C VAL A 3869 -4.98 37.50 25.32
N ASN A 3870 -3.89 36.89 25.74
CA ASN A 3870 -3.94 35.60 26.41
C ASN A 3870 -3.65 35.81 27.88
N ILE A 3871 -4.71 35.96 28.67
CA ILE A 3871 -4.54 36.31 30.08
C ILE A 3871 -4.01 35.12 30.87
N ILE A 3872 -4.39 33.91 30.47
CA ILE A 3872 -3.99 32.70 31.18
C ILE A 3872 -2.48 32.52 31.16
N ILE A 3873 -1.86 32.70 29.99
CA ILE A 3873 -0.41 32.67 29.98
C ILE A 3873 0.13 33.90 30.65
N SER A 3874 -0.59 35.01 30.58
CA SER A 3874 -0.04 36.23 31.15
C SER A 3874 -0.26 36.27 32.65
N THR A 3875 -1.23 35.52 33.16
CA THR A 3875 -1.33 35.48 34.62
C THR A 3875 -0.38 34.47 35.25
N VAL A 3876 0.20 33.57 34.47
CA VAL A 3876 1.31 32.78 34.98
C VAL A 3876 2.50 33.68 35.22
N ASP A 3877 2.73 34.62 34.32
CA ASP A 3877 3.92 35.44 34.38
C ASP A 3877 3.91 36.42 35.53
N TYR A 3878 2.75 36.75 36.08
CA TYR A 3878 2.78 37.53 37.31
C TYR A 3878 3.21 36.66 38.47
N LEU A 3879 2.75 35.41 38.49
CA LEU A 3879 3.12 34.50 39.56
C LEU A 3879 4.61 34.26 39.59
N LEU A 3880 5.20 34.02 38.42
CA LEU A 3880 6.62 33.75 38.30
C LEU A 3880 7.45 34.91 38.81
N ARG A 3881 6.98 36.14 38.63
CA ARG A 3881 7.66 37.28 39.23
C ARG A 3881 7.48 37.34 40.74
N VAL A 3882 6.41 36.80 41.28
CA VAL A 3882 6.30 36.76 42.74
C VAL A 3882 7.10 35.60 43.29
N GLN A 3883 7.41 34.60 42.45
CA GLN A 3883 8.22 33.49 42.88
C GLN A 3883 9.63 33.93 43.24
N GLU A 3884 10.27 34.68 42.34
CA GLU A 3884 11.62 35.17 42.58
C GLU A 3884 11.68 36.13 43.73
N SER A 3885 10.59 36.83 44.03
CA SER A 3885 10.60 37.76 45.13
C SER A 3885 10.72 37.05 46.46
N ILE A 3886 9.73 36.22 46.78
CA ILE A 3886 9.71 35.56 48.09
C ILE A 3886 10.76 34.47 48.22
N SER A 3887 11.35 34.03 47.11
CA SER A 3887 12.58 33.26 47.23
C SER A 3887 13.70 34.13 47.75
N ASP A 3888 13.95 35.26 47.09
CA ASP A 3888 15.09 36.10 47.43
C ASP A 3888 14.94 36.77 48.77
N PHE A 3889 13.72 37.04 49.21
CA PHE A 3889 13.56 37.61 50.53
C PHE A 3889 13.80 36.58 51.61
N TYR A 3890 13.70 35.30 51.26
CA TYR A 3890 14.19 34.29 52.20
C TYR A 3890 15.71 34.29 52.22
N TRP A 3891 16.36 34.45 51.05
CA TRP A 3891 17.81 34.31 50.95
C TRP A 3891 18.52 35.36 51.76
N TYR A 3892 17.90 36.54 51.90
CA TYR A 3892 18.40 37.56 52.81
C TYR A 3892 18.43 37.06 54.24
N TYR A 3893 17.53 36.15 54.60
CA TYR A 3893 17.41 35.68 55.96
C TYR A 3893 18.10 34.34 56.17
N SER A 3894 19.03 33.96 55.32
CA SER A 3894 19.65 32.64 55.42
C SER A 3894 20.55 32.47 56.63
N GLY A 3895 21.05 33.55 57.21
CA GLY A 3895 21.98 33.40 58.30
C GLY A 3895 21.56 34.08 59.59
N LYS A 3896 20.79 35.17 59.47
CA LYS A 3896 20.41 35.91 60.67
C LYS A 3896 19.41 35.12 61.49
N ASP A 3897 18.39 34.57 60.83
CA ASP A 3897 17.51 33.50 61.28
C ASP A 3897 16.60 33.88 62.44
N VAL A 3898 16.72 35.09 62.99
CA VAL A 3898 15.74 35.64 63.90
C VAL A 3898 14.94 36.65 63.10
N ILE A 3899 13.74 36.25 62.67
CA ILE A 3899 12.92 37.09 61.83
C ILE A 3899 12.40 38.26 62.64
N ASP A 3900 12.78 39.46 62.26
CA ASP A 3900 12.36 40.67 62.94
C ASP A 3900 10.89 40.95 62.71
N GLU A 3901 10.34 41.87 63.50
CA GLU A 3901 8.92 42.17 63.39
C GLU A 3901 8.60 42.90 62.09
N GLN A 3902 9.51 43.74 61.62
CA GLN A 3902 9.32 44.39 60.34
C GLN A 3902 9.48 43.43 59.17
N GLY A 3903 10.03 42.24 59.40
CA GLY A 3903 10.04 41.23 58.35
C GLY A 3903 8.81 40.37 58.33
N GLN A 3904 8.26 40.03 59.51
CA GLN A 3904 7.05 39.23 59.58
C GLN A 3904 5.87 39.96 58.98
N ARG A 3905 5.73 41.24 59.29
CA ARG A 3905 4.65 42.03 58.74
C ARG A 3905 4.85 42.26 57.24
N ASN A 3906 6.08 42.15 56.76
CA ASN A 3906 6.30 42.30 55.34
C ASN A 3906 6.35 40.98 54.60
N PHE A 3907 6.54 39.87 55.31
CA PHE A 3907 6.51 38.59 54.63
C PHE A 3907 5.11 38.07 54.46
N SER A 3908 4.22 38.35 55.41
CA SER A 3908 2.88 37.79 55.36
C SER A 3908 2.07 38.38 54.23
N LYS A 3909 2.21 39.68 53.98
CA LYS A 3909 1.52 40.27 52.84
C LYS A 3909 2.12 39.83 51.52
N ALA A 3910 3.36 39.35 51.53
CA ALA A 3910 3.89 38.74 50.33
C ALA A 3910 3.37 37.34 50.12
N ILE A 3911 2.75 36.75 51.14
CA ILE A 3911 2.19 35.42 50.97
C ILE A 3911 0.75 35.50 50.53
N GLN A 3912 -0.02 36.44 51.08
CA GLN A 3912 -1.43 36.53 50.78
C GLN A 3912 -1.69 36.98 49.36
N VAL A 3913 -0.69 37.51 48.68
CA VAL A 3913 -0.79 37.67 47.23
C VAL A 3913 -0.48 36.35 46.55
N ALA A 3914 0.50 35.62 47.06
CA ALA A 3914 0.85 34.36 46.43
C ALA A 3914 -0.24 33.32 46.64
N LYS A 3915 -0.91 33.35 47.79
CA LYS A 3915 -2.04 32.45 47.98
C LYS A 3915 -3.21 32.84 47.09
N GLN A 3916 -3.43 34.14 46.93
CA GLN A 3916 -4.55 34.62 46.14
C GLN A 3916 -4.36 34.37 44.67
N VAL A 3917 -3.12 34.48 44.18
CA VAL A 3917 -2.90 34.22 42.76
C VAL A 3917 -3.00 32.73 42.46
N PHE A 3918 -2.80 31.85 43.43
CA PHE A 3918 -2.99 30.44 43.13
C PHE A 3918 -4.44 30.08 43.04
N ASN A 3919 -5.30 30.75 43.81
CA ASN A 3919 -6.73 30.49 43.70
C ASN A 3919 -7.25 30.89 42.33
N THR A 3920 -6.80 32.01 41.80
CA THR A 3920 -7.25 32.29 40.44
C THR A 3920 -6.45 31.55 39.40
N LEU A 3921 -5.47 30.76 39.76
CA LEU A 3921 -4.98 29.78 38.80
C LEU A 3921 -5.79 28.50 38.83
N THR A 3922 -6.44 28.21 39.96
CA THR A 3922 -7.31 27.04 39.99
C THR A 3922 -8.46 27.20 39.03
N GLU A 3923 -9.23 28.29 39.19
CA GLU A 3923 -10.52 28.38 38.52
C GLU A 3923 -10.43 28.53 37.01
N TYR A 3924 -9.24 28.69 36.46
CA TYR A 3924 -9.13 28.54 35.02
C TYR A 3924 -9.04 27.08 34.63
N ILE A 3925 -8.79 26.18 35.56
CA ILE A 3925 -8.52 24.80 35.25
C ILE A 3925 -9.62 23.88 35.74
N GLN A 3926 -10.23 24.19 36.91
CA GLN A 3926 -10.95 23.22 37.73
C GLN A 3926 -12.09 22.57 36.99
N GLY A 3927 -13.03 23.37 36.49
CA GLY A 3927 -13.94 22.86 35.49
C GLY A 3927 -13.09 22.43 34.33
N PRO A 3928 -12.97 21.13 34.10
CA PRO A 3928 -11.81 20.60 33.37
C PRO A 3928 -11.82 20.94 31.89
N CYS A 3929 -11.63 22.22 31.58
CA CYS A 3929 -11.58 22.68 30.20
C CYS A 3929 -10.19 22.42 29.68
N THR A 3930 -10.07 21.42 28.81
CA THR A 3930 -8.77 20.87 28.49
C THR A 3930 -7.93 21.80 27.63
N GLY A 3931 -8.57 22.72 26.90
CA GLY A 3931 -7.80 23.70 26.15
C GLY A 3931 -7.09 24.68 27.06
N ASN A 3932 -7.69 24.98 28.19
CA ASN A 3932 -7.06 25.87 29.14
C ASN A 3932 -5.89 25.22 29.85
N GLN A 3933 -5.91 23.91 30.02
CA GLN A 3933 -4.80 23.27 30.70
C GLN A 3933 -3.78 22.69 29.74
N GLN A 3934 -4.05 22.78 28.44
CA GLN A 3934 -2.97 22.55 27.49
C GLN A 3934 -1.96 23.69 27.53
N SER A 3935 -2.45 24.92 27.32
CA SER A 3935 -1.58 26.08 27.21
C SER A 3935 -0.89 26.39 28.52
N LEU A 3936 -1.53 26.13 29.64
CA LEU A 3936 -0.88 26.40 30.91
C LEU A 3936 0.14 25.33 31.24
N ALA A 3937 0.09 24.19 30.56
CA ALA A 3937 1.10 23.15 30.77
C ALA A 3937 2.41 23.48 30.08
N HIS A 3938 2.36 24.07 28.90
CA HIS A 3938 3.55 24.42 28.14
C HIS A 3938 4.24 25.67 28.68
N SER A 3939 3.59 26.44 29.52
CA SER A 3939 4.14 27.69 30.03
C SER A 3939 5.20 27.42 31.08
N ARG A 3940 5.65 28.47 31.75
CA ARG A 3940 6.71 28.33 32.74
C ARG A 3940 6.16 28.18 34.14
N LEU A 3941 5.02 27.51 34.27
CA LEU A 3941 4.48 27.23 35.60
C LEU A 3941 5.41 26.29 36.36
N TRP A 3942 6.00 25.34 35.65
CA TRP A 3942 6.82 24.33 36.29
C TRP A 3942 8.07 24.92 36.90
N ASP A 3943 8.61 25.95 36.28
CA ASP A 3943 9.75 26.62 36.91
C ASP A 3943 9.30 27.48 38.08
N ALA A 3944 8.03 27.87 38.11
CA ALA A 3944 7.56 28.62 39.26
C ALA A 3944 7.39 27.71 40.46
N VAL A 3945 6.74 26.56 40.26
CA VAL A 3945 6.42 25.68 41.37
C VAL A 3945 7.66 25.00 41.94
N VAL A 3946 8.77 24.94 41.18
CA VAL A 3946 10.01 24.40 41.71
C VAL A 3946 10.53 25.29 42.82
N GLY A 3947 10.60 26.60 42.56
CA GLY A 3947 11.13 27.50 43.55
C GLY A 3947 10.21 27.71 44.73
N PHE A 3948 8.91 27.49 44.53
CA PHE A 3948 8.02 27.53 45.67
C PHE A 3948 8.28 26.38 46.61
N LEU A 3949 8.65 25.21 46.08
CA LEU A 3949 9.09 24.12 46.93
C LEU A 3949 10.39 24.47 47.62
N HIS A 3950 11.22 25.28 46.97
CA HIS A 3950 12.52 25.61 47.51
C HIS A 3950 12.42 26.48 48.73
N VAL A 3951 11.32 27.22 48.87
CA VAL A 3951 11.10 27.93 50.12
C VAL A 3951 10.67 26.95 51.20
N PHE A 3952 9.82 26.00 50.83
CA PHE A 3952 9.17 25.16 51.82
C PHE A 3952 10.10 24.14 52.43
N ALA A 3953 11.16 23.78 51.72
CA ALA A 3953 12.11 22.81 52.24
C ALA A 3953 12.85 23.38 53.45
N HIS A 3954 13.10 24.68 53.45
CA HIS A 3954 13.91 25.23 54.52
C HIS A 3954 13.10 26.10 55.47
N MET A 3955 12.12 26.84 54.96
CA MET A 3955 11.39 27.76 55.81
C MET A 3955 10.48 27.03 56.77
N GLN A 3956 10.05 25.82 56.43
CA GLN A 3956 9.30 25.03 57.39
C GLN A 3956 10.19 24.54 58.51
N MET A 3957 11.48 24.37 58.24
CA MET A 3957 12.41 23.96 59.27
C MET A 3957 12.71 25.10 60.23
N LYS A 3958 13.30 26.17 59.71
CA LYS A 3958 13.92 27.16 60.59
C LYS A 3958 12.90 28.06 61.27
N LEU A 3959 11.69 28.16 60.73
CA LEU A 3959 10.68 28.92 61.44
C LEU A 3959 9.99 28.08 62.49
N SER A 3960 10.22 26.78 62.51
CA SER A 3960 9.66 25.93 63.56
C SER A 3960 10.65 25.79 64.70
N GLN A 3961 11.19 26.91 65.18
CA GLN A 3961 12.24 26.87 66.18
C GLN A 3961 11.88 27.75 67.36
N ASP A 3962 11.09 28.78 67.15
CA ASP A 3962 10.69 29.67 68.23
C ASP A 3962 9.19 29.84 68.23
N SER A 3963 8.69 30.41 69.34
CA SER A 3963 7.28 30.74 69.47
C SER A 3963 6.90 31.99 68.71
N SER A 3964 7.86 32.73 68.20
CA SER A 3964 7.57 33.98 67.51
C SER A 3964 7.20 33.79 66.06
N GLN A 3965 7.19 32.55 65.55
CA GLN A 3965 6.86 32.32 64.16
C GLN A 3965 5.62 31.47 63.96
N ILE A 3966 4.97 31.02 65.05
CA ILE A 3966 3.80 30.17 64.89
C ILE A 3966 2.64 30.93 64.30
N GLU A 3967 2.58 32.24 64.51
CA GLU A 3967 1.59 33.02 63.80
C GLU A 3967 1.95 33.15 62.33
N LEU A 3968 3.23 33.05 62.01
CA LEU A 3968 3.61 33.07 60.60
C LEU A 3968 3.48 31.69 59.98
N LEU A 3969 3.78 30.64 60.75
CA LEU A 3969 3.94 29.32 60.16
C LEU A 3969 2.62 28.75 59.69
N LYS A 3970 1.52 29.22 60.25
CA LYS A 3970 0.21 28.77 59.77
C LYS A 3970 -0.05 29.27 58.36
N GLU A 3971 0.28 30.54 58.08
CA GLU A 3971 0.07 31.02 56.71
C GLU A 3971 1.09 30.43 55.75
N LEU A 3972 2.26 30.08 56.25
CA LEU A 3972 3.24 29.45 55.37
C LEU A 3972 2.77 28.09 54.91
N MET A 3973 2.08 27.35 55.79
CA MET A 3973 1.52 26.08 55.39
C MET A 3973 0.33 26.28 54.47
N ASP A 3974 -0.43 27.36 54.67
CA ASP A 3974 -1.64 27.54 53.88
C ASP A 3974 -1.34 27.87 52.44
N LEU A 3975 -0.16 28.42 52.17
CA LEU A 3975 0.26 28.51 50.78
C LEU A 3975 0.59 27.14 50.23
N GLN A 3976 1.24 26.31 51.04
CA GLN A 3976 1.62 24.97 50.61
C GLN A 3976 0.39 24.13 50.34
N LYS A 3977 -0.66 24.34 51.12
CA LYS A 3977 -1.91 23.62 50.87
C LYS A 3977 -2.55 24.09 49.59
N ASP A 3978 -2.47 25.38 49.29
CA ASP A 3978 -3.11 25.89 48.09
C ASP A 3978 -2.29 25.69 46.85
N MET A 3979 -1.03 25.32 46.98
CA MET A 3979 -0.24 25.04 45.79
C MET A 3979 -0.61 23.71 45.19
N VAL A 3980 -0.70 22.68 46.04
CA VAL A 3980 -0.99 21.35 45.52
C VAL A 3980 -2.41 21.23 45.03
N VAL A 3981 -3.31 22.07 45.52
CA VAL A 3981 -4.71 22.03 45.12
C VAL A 3981 -4.86 22.39 43.65
N MET A 3982 -4.06 23.33 43.15
CA MET A 3982 -4.16 23.64 41.73
C MET A 3982 -3.49 22.56 40.89
N LEU A 3983 -2.35 22.03 41.34
CA LEU A 3983 -1.75 21.03 40.49
C LEU A 3983 -2.45 19.69 40.60
N LEU A 3984 -3.22 19.48 41.66
CA LEU A 3984 -4.19 18.40 41.63
C LEU A 3984 -5.21 18.63 40.54
N SER A 3985 -5.62 19.88 40.33
CA SER A 3985 -6.58 20.18 39.30
C SER A 3985 -5.98 20.12 37.92
N MET A 3986 -4.65 20.08 37.81
CA MET A 3986 -4.06 19.74 36.53
C MET A 3986 -4.30 18.29 36.16
N LEU A 3987 -4.38 17.41 37.16
CA LEU A 3987 -4.37 15.98 36.91
C LEU A 3987 -5.75 15.38 36.68
N GLU A 3988 -6.79 16.18 36.54
CA GLU A 3988 -8.10 15.59 36.34
C GLU A 3988 -8.47 15.45 34.89
N GLY A 3989 -7.50 15.13 34.05
CA GLY A 3989 -7.77 14.75 32.68
C GLY A 3989 -6.78 13.74 32.17
N ASN A 3990 -6.06 13.09 33.07
CA ASN A 3990 -5.07 12.08 32.71
C ASN A 3990 -5.74 10.88 32.06
N VAL A 3991 -4.93 9.99 31.49
CA VAL A 3991 -5.53 8.74 31.07
C VAL A 3991 -4.94 7.57 31.85
N VAL A 3992 -3.75 7.12 31.52
CA VAL A 3992 -2.94 6.32 32.43
C VAL A 3992 -1.51 6.82 32.31
N ASN A 3993 -0.98 6.83 31.09
CA ASN A 3993 0.24 7.53 30.77
C ASN A 3993 -0.11 8.82 30.03
N GLY A 3994 -0.78 9.70 30.76
CA GLY A 3994 -1.05 11.03 30.23
C GLY A 3994 0.20 11.87 30.20
N THR A 3995 0.20 12.86 29.32
CA THR A 3995 1.37 13.71 29.19
C THR A 3995 1.52 14.61 30.40
N ILE A 3996 0.41 15.09 30.95
CA ILE A 3996 0.43 16.09 32.00
C ILE A 3996 0.95 15.57 33.32
N GLY A 3997 0.62 14.34 33.68
CA GLY A 3997 1.12 13.81 34.92
C GLY A 3997 2.58 13.48 34.84
N LYS A 3998 3.02 13.13 33.63
CA LYS A 3998 4.42 12.76 33.39
C LYS A 3998 5.36 13.92 33.68
N GLN A 3999 4.92 15.13 33.32
CA GLN A 3999 5.70 16.30 33.68
C GLN A 3999 5.63 16.58 35.17
N MET A 4000 4.57 16.14 35.85
CA MET A 4000 4.53 16.32 37.28
C MET A 4000 5.41 15.33 38.01
N VAL A 4001 5.74 14.20 37.38
CA VAL A 4001 6.85 13.40 37.88
C VAL A 4001 8.14 14.17 37.72
N ASP A 4002 8.28 14.87 36.58
CA ASP A 4002 9.55 15.48 36.20
C ASP A 4002 9.91 16.60 37.15
N MET A 4003 8.98 17.50 37.44
CA MET A 4003 9.31 18.53 38.43
C MET A 4003 9.44 17.97 39.83
N LEU A 4004 8.90 16.79 40.09
CA LEU A 4004 9.21 16.09 41.32
C LEU A 4004 10.48 15.26 41.19
N VAL A 4005 10.98 15.08 39.98
CA VAL A 4005 12.33 14.55 39.80
C VAL A 4005 13.34 15.69 39.76
N GLU A 4006 13.05 16.73 38.98
CA GLU A 4006 13.98 17.85 38.81
C GLU A 4006 14.08 18.71 40.06
N SER A 4007 13.25 18.48 41.06
CA SER A 4007 13.47 19.09 42.36
C SER A 4007 13.39 18.02 43.44
N SER A 4008 14.07 16.88 43.21
CA SER A 4008 13.96 15.73 44.10
C SER A 4008 14.40 16.06 45.51
N ASN A 4009 15.56 16.70 45.65
CA ASN A 4009 16.20 16.82 46.95
C ASN A 4009 15.48 17.77 47.89
N ASN A 4010 14.50 18.51 47.41
CA ASN A 4010 13.73 19.42 48.25
C ASN A 4010 12.37 18.87 48.64
N VAL A 4011 12.01 17.68 48.18
CA VAL A 4011 10.74 17.11 48.61
C VAL A 4011 10.94 16.27 49.86
N GLU A 4012 12.15 15.78 50.08
CA GLU A 4012 12.27 14.90 51.22
C GLU A 4012 12.38 15.63 52.54
N MET A 4013 12.65 16.92 52.54
CA MET A 4013 12.57 17.64 53.80
C MET A 4013 11.13 17.81 54.24
N ILE A 4014 10.23 18.09 53.29
CA ILE A 4014 8.85 18.31 53.67
C ILE A 4014 8.14 17.00 53.92
N LEU A 4015 8.57 15.91 53.29
CA LEU A 4015 8.03 14.61 53.65
C LEU A 4015 8.49 14.20 55.04
N LYS A 4016 9.77 14.44 55.35
CA LYS A 4016 10.26 14.05 56.65
C LYS A 4016 9.79 14.99 57.74
N PHE A 4017 9.43 16.23 57.38
CA PHE A 4017 8.97 17.16 58.41
C PHE A 4017 7.59 16.75 58.93
N PHE A 4018 6.78 16.13 58.08
CA PHE A 4018 5.49 15.67 58.56
C PHE A 4018 5.65 14.45 59.46
N ASP A 4019 6.67 13.63 59.21
CA ASP A 4019 6.88 12.46 60.04
C ASP A 4019 7.35 12.82 61.43
N MET A 4020 7.90 14.02 61.59
CA MET A 4020 8.22 14.49 62.94
C MET A 4020 6.93 14.73 63.73
N PHE A 4021 5.90 15.24 63.08
CA PHE A 4021 4.70 15.63 63.80
C PHE A 4021 3.55 14.66 63.60
N LEU A 4022 3.70 13.62 62.79
CA LEU A 4022 2.65 12.62 62.64
C LEU A 4022 2.86 11.41 63.53
N LYS A 4023 4.11 11.02 63.79
CA LYS A 4023 4.38 10.05 64.83
C LYS A 4023 4.12 10.62 66.21
N LEU A 4024 4.01 11.93 66.33
CA LEU A 4024 3.85 12.61 67.60
C LEU A 4024 2.54 12.26 68.28
N LYS A 4025 1.49 11.93 67.53
CA LYS A 4025 0.17 11.84 68.14
C LYS A 4025 0.02 10.57 68.95
N ASP A 4026 0.59 9.45 68.47
CA ASP A 4026 0.43 8.21 69.19
C ASP A 4026 1.58 7.90 70.13
N LEU A 4027 2.78 8.41 69.84
CA LEU A 4027 3.89 8.21 70.75
C LEU A 4027 3.74 9.07 72.00
N THR A 4028 2.90 10.10 71.94
CA THR A 4028 2.45 10.71 73.18
C THR A 4028 1.21 10.03 73.73
N SER A 4029 0.54 9.18 72.95
CA SER A 4029 -0.65 8.50 73.42
C SER A 4029 -0.38 7.09 73.93
N SER A 4030 0.82 6.56 73.69
CA SER A 4030 1.15 5.20 74.05
C SER A 4030 1.24 5.06 75.56
N ASP A 4031 0.85 3.89 76.06
CA ASP A 4031 0.85 3.62 77.49
C ASP A 4031 2.25 3.57 78.07
N THR A 4032 3.26 3.34 77.24
CA THR A 4032 4.64 3.46 77.68
C THR A 4032 4.99 4.89 78.05
N PHE A 4033 4.40 5.88 77.38
CA PHE A 4033 4.72 7.29 77.63
C PHE A 4033 3.70 8.00 78.51
N LYS A 4034 2.45 7.54 78.51
CA LYS A 4034 1.44 8.18 79.36
C LYS A 4034 1.71 7.94 80.83
N GLU A 4035 2.22 6.75 81.16
CA GLU A 4035 2.67 6.44 82.50
C GLU A 4035 4.15 6.13 82.49
N TYR A 4036 4.91 6.87 81.69
CA TYR A 4036 6.36 6.74 81.68
C TYR A 4036 6.92 7.16 83.03
N ASP A 4037 6.93 8.45 83.27
CA ASP A 4037 6.94 8.96 84.63
C ASP A 4037 5.54 9.05 85.26
N PRO A 4038 4.56 9.81 84.68
CA PRO A 4038 3.51 10.36 85.55
C PRO A 4038 2.30 9.46 85.74
N ASP A 4039 1.38 9.89 86.59
CA ASP A 4039 0.03 9.34 86.56
C ASP A 4039 -0.77 9.97 85.43
N GLY A 4040 -0.96 11.28 85.49
CA GLY A 4040 -1.23 12.13 84.36
C GLY A 4040 -1.35 13.55 84.87
N LYS A 4041 -0.57 14.48 84.31
CA LYS A 4041 -0.71 15.89 84.66
C LYS A 4041 -0.64 16.82 83.46
N GLY A 4042 0.02 16.45 82.38
CA GLY A 4042 0.29 17.36 81.29
C GLY A 4042 1.73 17.80 81.15
N VAL A 4043 2.63 17.32 82.01
CA VAL A 4043 4.04 17.67 81.96
C VAL A 4043 4.83 16.51 82.55
N ILE A 4044 5.93 16.11 81.92
CA ILE A 4044 6.67 14.96 82.44
C ILE A 4044 8.10 15.35 82.82
N SER A 4045 8.93 15.68 81.83
CA SER A 4045 10.30 16.19 81.97
C SER A 4045 10.81 16.40 80.57
N LYS A 4046 12.03 16.95 80.49
CA LYS A 4046 12.79 16.97 79.25
C LYS A 4046 13.67 15.74 79.09
N ARG A 4047 14.17 15.20 80.20
CA ARG A 4047 15.07 14.06 80.15
C ARG A 4047 14.32 12.74 80.04
N ASP A 4048 13.23 12.57 80.79
CA ASP A 4048 12.36 11.42 80.56
C ASP A 4048 11.63 11.52 79.24
N PHE A 4049 11.54 12.72 78.67
CA PHE A 4049 11.18 12.82 77.26
C PHE A 4049 12.31 12.29 76.39
N HIS A 4050 13.56 12.52 76.77
CA HIS A 4050 14.68 12.33 75.85
C HIS A 4050 14.94 10.87 75.56
N LYS A 4051 14.96 10.04 76.60
CA LYS A 4051 15.14 8.62 76.34
C LYS A 4051 13.86 7.94 75.89
N ALA A 4052 12.71 8.61 76.05
CA ALA A 4052 11.44 8.04 75.61
C ALA A 4052 11.42 7.85 74.10
N MET A 4053 11.84 8.85 73.34
CA MET A 4053 11.99 8.64 71.90
C MET A 4053 13.18 7.76 71.58
N GLU A 4054 14.11 7.60 72.52
CA GLU A 4054 15.19 6.65 72.32
C GLU A 4054 14.78 5.25 72.73
N SER A 4055 13.78 5.12 73.62
CA SER A 4055 13.26 3.80 73.96
C SER A 4055 12.08 3.38 73.10
N HIS A 4056 11.28 4.33 72.60
CA HIS A 4056 10.19 3.97 71.70
C HIS A 4056 10.70 3.62 70.31
N LYS A 4057 11.89 4.10 69.95
CA LYS A 4057 12.68 3.61 68.81
C LYS A 4057 11.95 3.88 67.48
N HIS A 4058 11.35 5.05 67.39
CA HIS A 4058 10.76 5.47 66.13
C HIS A 4058 11.56 6.55 65.44
N TYR A 4059 12.04 7.54 66.17
CA TYR A 4059 12.87 8.59 65.61
C TYR A 4059 14.33 8.22 65.79
N THR A 4060 15.17 8.63 64.85
CA THR A 4060 16.60 8.53 65.09
C THR A 4060 17.06 9.67 65.97
N GLN A 4061 18.32 9.60 66.40
CA GLN A 4061 18.86 10.55 67.36
C GLN A 4061 18.96 11.96 66.80
N SER A 4062 19.23 12.09 65.49
CA SER A 4062 19.40 13.41 64.91
C SER A 4062 18.07 14.15 64.79
N GLU A 4063 16.97 13.40 64.70
CA GLU A 4063 15.66 14.01 64.56
C GLU A 4063 14.93 14.15 65.88
N THR A 4064 15.39 13.47 66.93
CA THR A 4064 14.87 13.76 68.25
C THR A 4064 15.20 15.17 68.71
N GLU A 4065 16.36 15.69 68.31
CA GLU A 4065 16.72 17.05 68.71
C GLU A 4065 15.94 18.09 67.91
N PHE A 4066 15.44 17.72 66.73
CA PHE A 4066 14.55 18.63 66.04
C PHE A 4066 13.21 18.69 66.74
N LEU A 4067 12.76 17.57 67.30
CA LEU A 4067 11.65 17.63 68.25
C LEU A 4067 12.04 18.43 69.48
N LEU A 4068 13.30 18.38 69.87
CA LEU A 4068 13.79 19.02 71.08
C LEU A 4068 14.39 20.38 70.79
N SER A 4069 13.79 21.13 69.87
CA SER A 4069 14.19 22.51 69.64
C SER A 4069 13.95 23.32 70.90
N CYS A 4070 12.69 23.57 71.22
CA CYS A 4070 12.28 23.93 72.58
C CYS A 4070 11.08 23.06 72.90
N ALA A 4071 10.27 22.82 71.88
CA ALA A 4071 9.00 22.12 71.93
C ALA A 4071 8.07 22.72 72.98
N THR A 4078 11.51 20.65 80.76
CA THR A 4078 10.24 19.94 80.61
C THR A 4078 9.44 20.50 79.43
N LEU A 4079 8.37 19.80 79.06
CA LEU A 4079 7.52 20.15 77.92
C LEU A 4079 6.07 20.29 78.34
N ASP A 4080 5.17 20.33 77.37
CA ASP A 4080 3.73 20.39 77.63
C ASP A 4080 3.06 19.26 76.88
N TYR A 4081 2.68 18.21 77.61
CA TYR A 4081 2.17 16.95 77.06
C TYR A 4081 0.89 17.11 76.26
N GLU A 4082 0.07 18.12 76.53
CA GLU A 4082 -1.21 18.26 75.85
C GLU A 4082 -1.29 19.51 74.98
N GLU A 4083 -0.37 20.45 75.14
CA GLU A 4083 -0.34 21.63 74.29
C GLU A 4083 0.56 21.46 73.09
N PHE A 4084 1.70 20.80 73.27
CA PHE A 4084 2.65 20.63 72.18
C PHE A 4084 2.08 19.71 71.11
N VAL A 4085 1.20 18.79 71.49
CA VAL A 4085 0.49 18.02 70.49
C VAL A 4085 -0.57 18.88 69.80
N LYS A 4086 -1.20 19.78 70.54
CA LYS A 4086 -2.26 20.60 69.99
C LYS A 4086 -1.67 21.71 69.11
N ARG A 4087 -0.44 22.11 69.45
CA ARG A 4087 0.25 23.10 68.63
C ARG A 4087 0.74 22.49 67.33
N PHE A 4088 1.41 21.34 67.41
CA PHE A 4088 2.23 20.90 66.30
C PHE A 4088 1.48 19.98 65.35
N HIS A 4089 0.62 19.11 65.89
CA HIS A 4089 0.07 18.03 65.08
C HIS A 4089 -1.04 18.51 64.15
N GLU A 4090 -1.84 19.47 64.62
CA GLU A 4090 -3.02 19.93 63.87
C GLU A 4090 -2.70 20.59 62.53
N PRO A 4091 -1.73 21.51 62.41
CA PRO A 4091 -1.42 21.98 61.05
C PRO A 4091 -0.46 21.07 60.32
N ALA A 4092 -0.15 19.90 60.87
CA ALA A 4092 0.70 18.96 60.15
C ALA A 4092 -0.14 18.04 59.28
N LYS A 4093 -1.36 17.72 59.72
CA LYS A 4093 -2.08 16.64 59.05
C LYS A 4093 -2.84 17.15 57.83
N ASP A 4094 -3.69 18.15 58.01
CA ASP A 4094 -4.58 18.55 56.93
C ASP A 4094 -3.82 19.28 55.83
N ILE A 4095 -2.69 19.87 56.17
CA ILE A 4095 -1.79 20.34 55.13
C ILE A 4095 -1.09 19.15 54.50
N GLY A 4096 -0.71 18.16 55.32
CA GLY A 4096 -0.08 16.98 54.77
C GLY A 4096 -1.01 16.02 54.09
N PHE A 4097 -2.32 16.29 54.16
CA PHE A 4097 -3.31 15.45 53.50
C PHE A 4097 -3.09 15.42 52.01
N ASN A 4098 -3.15 16.60 51.39
CA ASN A 4098 -3.14 16.68 49.94
C ASN A 4098 -1.80 16.28 49.36
N VAL A 4099 -0.74 16.29 50.17
CA VAL A 4099 0.52 15.70 49.76
C VAL A 4099 0.35 14.21 49.55
N ALA A 4100 -0.38 13.55 50.45
CA ALA A 4100 -0.57 12.12 50.34
C ALA A 4100 -1.47 11.75 49.18
N VAL A 4101 -2.47 12.59 48.90
CA VAL A 4101 -3.34 12.33 47.77
C VAL A 4101 -2.59 12.52 46.47
N LEU A 4102 -1.70 13.51 46.43
CA LEU A 4102 -0.95 13.80 45.23
C LEU A 4102 0.05 12.69 44.93
N LEU A 4103 0.72 12.18 45.96
CA LEU A 4103 1.60 11.05 45.77
C LEU A 4103 0.82 9.81 45.39
N THR A 4104 -0.41 9.68 45.89
CA THR A 4104 -1.24 8.57 45.48
C THR A 4104 -1.68 8.73 44.04
N ASN A 4105 -2.11 9.93 43.67
CA ASN A 4105 -2.79 10.15 42.40
C ASN A 4105 -1.90 9.96 41.19
N LEU A 4106 -0.59 9.87 41.38
CA LEU A 4106 0.29 9.50 40.30
C LEU A 4106 0.59 8.02 40.31
N SER A 4107 0.66 7.43 41.49
CA SER A 4107 0.90 6.00 41.58
C SER A 4107 -0.26 5.21 41.02
N GLU A 4108 -1.47 5.67 41.25
CA GLU A 4108 -2.64 5.03 40.67
C GLU A 4108 -2.73 5.34 39.19
N HIS A 4109 -2.46 6.58 38.80
CA HIS A 4109 -2.64 6.94 37.41
C HIS A 4109 -1.49 6.44 36.56
N MET A 4110 -0.26 6.75 36.94
CA MET A 4110 0.86 6.34 36.10
C MET A 4110 1.70 5.27 36.79
N PRO A 4111 1.59 4.01 36.39
CA PRO A 4111 2.56 3.01 36.83
C PRO A 4111 3.73 2.96 35.88
N ASN A 4112 4.63 1.98 36.07
CA ASN A 4112 5.84 1.76 35.24
C ASN A 4112 6.76 2.97 35.27
N ASP A 4113 6.94 3.52 36.46
CA ASP A 4113 7.80 4.68 36.65
C ASP A 4113 8.73 4.40 37.82
N THR A 4114 9.98 4.07 37.52
CA THR A 4114 10.92 3.72 38.58
C THR A 4114 11.34 4.93 39.38
N ARG A 4115 11.20 6.13 38.81
CA ARG A 4115 11.54 7.34 39.53
C ARG A 4115 10.59 7.59 40.68
N LEU A 4116 9.34 7.18 40.52
CA LEU A 4116 8.36 7.49 41.53
C LEU A 4116 8.41 6.50 42.69
N GLN A 4117 8.96 5.31 42.47
CA GLN A 4117 8.88 4.26 43.48
C GLN A 4117 9.77 4.57 44.68
N THR A 4118 11.03 4.88 44.44
CA THR A 4118 11.90 5.36 45.50
C THR A 4118 11.45 6.69 46.04
N PHE A 4119 10.73 7.45 45.23
CA PHE A 4119 10.14 8.67 45.71
C PHE A 4119 8.97 8.39 46.64
N LEU A 4120 8.20 7.35 46.32
CA LEU A 4120 7.05 7.00 47.13
C LEU A 4120 7.46 6.37 48.43
N GLU A 4121 8.48 5.51 48.40
CA GLU A 4121 8.78 4.63 49.51
C GLU A 4121 9.35 5.35 50.72
N LEU A 4122 9.79 6.59 50.60
CA LEU A 4122 10.30 7.26 51.77
C LEU A 4122 9.20 8.00 52.52
N ALA A 4123 7.99 8.00 51.98
CA ALA A 4123 6.85 8.65 52.60
C ALA A 4123 5.93 7.67 53.31
N GLU A 4124 6.47 6.53 53.76
CA GLU A 4124 5.63 5.45 54.21
C GLU A 4124 5.05 5.66 55.60
N SER A 4125 5.53 6.62 56.35
CA SER A 4125 4.82 6.95 57.57
C SER A 4125 3.66 7.88 57.32
N VAL A 4126 3.55 8.47 56.13
CA VAL A 4126 2.45 9.35 55.78
C VAL A 4126 1.34 8.59 55.08
N LEU A 4127 1.67 7.88 54.00
CA LEU A 4127 0.66 7.10 53.28
C LEU A 4127 0.05 6.00 54.13
N ASN A 4128 0.81 5.44 55.06
CA ASN A 4128 0.24 4.53 56.02
C ASN A 4128 -0.15 5.22 57.31
N TYR A 4129 -0.29 6.54 57.30
CA TYR A 4129 -1.08 7.20 58.31
C TYR A 4129 -2.45 7.59 57.79
N PHE A 4130 -2.55 7.90 56.50
CA PHE A 4130 -3.77 8.47 55.98
C PHE A 4130 -4.67 7.47 55.29
N GLN A 4131 -4.24 6.23 55.11
CA GLN A 4131 -5.12 5.24 54.54
C GLN A 4131 -6.37 4.90 55.34
N PRO A 4132 -6.43 5.14 56.65
CA PRO A 4132 -7.75 5.26 57.27
C PRO A 4132 -8.62 6.36 56.70
N PHE A 4133 -8.05 7.41 56.11
CA PHE A 4133 -8.83 8.59 55.75
C PHE A 4133 -9.03 8.80 54.26
N LEU A 4134 -8.46 7.97 53.41
CA LEU A 4134 -8.34 8.28 51.99
C LEU A 4134 -9.39 7.50 51.21
N GLY A 4135 -10.61 8.01 51.16
CA GLY A 4135 -11.68 7.30 50.50
C GLY A 4135 -11.66 7.51 49.00
N ARG A 4136 -11.67 6.39 48.27
CA ARG A 4136 -11.59 6.40 46.82
C ARG A 4136 -12.88 5.83 46.26
N ILE A 4137 -13.46 6.49 45.28
CA ILE A 4137 -14.59 5.92 44.55
C ILE A 4137 -14.21 5.90 43.08
N GLU A 4138 -15.13 5.51 42.21
CA GLU A 4138 -14.94 5.65 40.78
C GLU A 4138 -16.25 6.09 40.17
N ILE A 4139 -16.21 7.05 39.24
CA ILE A 4139 -17.41 7.55 38.60
C ILE A 4139 -17.17 7.70 37.12
N MET A 4140 -18.25 7.87 36.37
CA MET A 4140 -18.16 8.08 34.92
C MET A 4140 -18.22 9.57 34.66
N GLY A 4141 -17.05 10.21 34.73
CA GLY A 4141 -16.98 11.66 34.81
C GLY A 4141 -17.05 12.47 33.54
N SER A 4142 -18.25 12.61 32.97
CA SER A 4142 -18.61 13.64 31.99
C SER A 4142 -17.87 13.57 30.66
N ALA A 4143 -17.00 12.61 30.48
CA ALA A 4143 -16.22 12.50 29.25
C ALA A 4143 -16.43 11.15 28.59
N LYS A 4144 -17.45 10.42 29.04
CA LYS A 4144 -17.74 9.05 28.62
C LYS A 4144 -16.56 8.12 28.85
N ARG A 4145 -15.87 8.33 29.97
CA ARG A 4145 -14.75 7.50 30.37
C ARG A 4145 -14.52 7.69 31.85
N ILE A 4146 -14.15 6.62 32.53
CA ILE A 4146 -14.29 6.52 33.98
C ILE A 4146 -12.98 6.88 34.65
N GLU A 4147 -13.05 7.73 35.66
CA GLU A 4147 -11.88 8.25 36.34
C GLU A 4147 -12.04 8.13 37.85
N ARG A 4148 -10.93 7.96 38.55
CA ARG A 4148 -10.99 7.92 40.00
C ARG A 4148 -11.35 9.28 40.58
N VAL A 4149 -11.68 9.27 41.87
CA VAL A 4149 -12.03 10.43 42.66
C VAL A 4149 -11.47 10.18 44.06
N TYR A 4150 -10.85 11.17 44.67
CA TYR A 4150 -10.26 10.98 45.98
C TYR A 4150 -10.79 12.06 46.89
N PHE A 4151 -11.01 11.74 48.16
CA PHE A 4151 -11.54 12.75 49.05
C PHE A 4151 -11.10 12.47 50.47
N GLU A 4152 -11.79 13.09 51.41
CA GLU A 4152 -11.43 13.07 52.82
C GLU A 4152 -12.56 12.46 53.63
N ILE A 4153 -12.26 11.39 54.33
CA ILE A 4153 -13.21 10.73 55.22
C ILE A 4153 -12.93 11.20 56.63
N SER A 4154 -13.92 11.81 57.27
CA SER A 4154 -13.72 12.34 58.60
C SER A 4154 -13.64 11.18 59.59
N GLU A 4155 -13.19 11.46 60.81
CA GLU A 4155 -13.05 10.40 61.79
C GLU A 4155 -14.23 10.30 62.71
N SER A 4156 -15.00 11.37 62.86
CA SER A 4156 -16.28 11.25 63.53
C SER A 4156 -17.33 10.55 62.70
N SER A 4157 -17.04 10.24 61.44
CA SER A 4157 -17.97 9.49 60.62
C SER A 4157 -17.46 8.13 60.22
N ARG A 4158 -16.20 7.81 60.49
CA ARG A 4158 -15.76 6.44 60.33
C ARG A 4158 -16.16 5.61 61.52
N THR A 4159 -16.25 6.22 62.69
CA THR A 4159 -16.73 5.55 63.88
C THR A 4159 -18.20 5.74 64.12
N GLN A 4160 -18.96 6.06 63.08
CA GLN A 4160 -20.41 5.92 63.17
C GLN A 4160 -20.96 5.18 61.98
N TRP A 4161 -20.15 4.36 61.35
CA TRP A 4161 -20.63 3.26 60.54
C TRP A 4161 -20.44 1.96 61.27
N GLU A 4162 -20.03 2.04 62.53
CA GLU A 4162 -20.28 1.11 63.61
C GLU A 4162 -21.58 1.56 64.26
N LYS A 4163 -21.77 1.24 65.56
CA LYS A 4163 -22.91 1.71 66.36
C LYS A 4163 -24.21 1.13 65.82
N PRO A 4164 -24.55 -0.08 66.22
CA PRO A 4164 -25.38 -0.98 65.41
C PRO A 4164 -26.80 -0.55 65.07
N GLN A 4165 -27.22 0.67 65.41
CA GLN A 4165 -28.41 1.21 64.77
C GLN A 4165 -28.22 1.29 63.27
N VAL A 4166 -27.01 1.61 62.83
CA VAL A 4166 -26.70 1.69 61.40
C VAL A 4166 -26.48 0.33 60.78
N LYS A 4167 -25.73 -0.54 61.43
CA LYS A 4167 -25.46 -1.86 60.88
C LYS A 4167 -26.71 -2.72 60.83
N GLU A 4168 -27.71 -2.40 61.65
CA GLU A 4168 -28.99 -3.06 61.46
C GLU A 4168 -29.68 -2.51 60.23
N SER A 4169 -29.51 -1.22 59.95
CA SER A 4169 -30.15 -0.65 58.78
C SER A 4169 -29.45 -1.03 57.50
N LYS A 4170 -28.17 -1.38 57.56
CA LYS A 4170 -27.49 -1.85 56.37
C LYS A 4170 -28.00 -3.22 55.96
N ARG A 4171 -28.02 -4.16 56.91
CA ARG A 4171 -28.35 -5.54 56.58
C ARG A 4171 -29.81 -5.72 56.25
N GLN A 4172 -30.67 -4.81 56.68
CA GLN A 4172 -32.03 -4.83 56.15
C GLN A 4172 -32.06 -4.30 54.73
N PHE A 4173 -31.27 -3.26 54.43
CA PHE A 4173 -31.34 -2.71 53.09
C PHE A 4173 -30.68 -3.61 52.07
N ILE A 4174 -29.52 -4.19 52.40
CA ILE A 4174 -28.81 -5.07 51.48
C ILE A 4174 -29.66 -6.27 51.11
N PHE A 4175 -30.38 -6.82 52.08
CA PHE A 4175 -31.28 -7.91 51.77
C PHE A 4175 -32.52 -7.42 51.04
N ASP A 4176 -32.84 -6.14 51.14
CA ASP A 4176 -34.05 -5.66 50.50
C ASP A 4176 -33.87 -5.55 48.98
N VAL A 4177 -32.84 -4.87 48.53
CA VAL A 4177 -32.74 -4.50 47.12
C VAL A 4177 -32.30 -5.67 46.27
N VAL A 4178 -31.32 -6.46 46.71
CA VAL A 4178 -30.76 -7.49 45.84
C VAL A 4178 -31.65 -8.70 45.76
N ASN A 4179 -32.67 -8.78 46.61
CA ASN A 4179 -33.67 -9.82 46.51
C ASN A 4179 -34.69 -9.50 45.42
N GLU A 4180 -35.40 -8.38 45.58
CA GLU A 4180 -36.41 -7.94 44.65
C GLU A 4180 -36.25 -6.45 44.39
N GLY A 4181 -36.58 -6.04 43.17
CA GLY A 4181 -36.34 -4.68 42.74
C GLY A 4181 -35.39 -4.63 41.56
N GLY A 4182 -35.93 -4.31 40.39
CA GLY A 4182 -35.20 -4.44 39.14
C GLY A 4182 -34.14 -3.38 38.97
N GLU A 4183 -33.45 -3.47 37.84
CA GLU A 4183 -32.31 -2.60 37.58
C GLU A 4183 -32.71 -1.15 37.39
N LYS A 4184 -33.92 -0.88 36.86
CA LYS A 4184 -34.33 0.49 36.57
C LYS A 4184 -34.47 1.33 37.84
N GLU A 4185 -34.62 0.72 39.01
CA GLU A 4185 -34.46 1.45 40.25
C GLU A 4185 -33.50 0.76 41.20
N LYS A 4186 -32.40 0.18 40.71
CA LYS A 4186 -31.44 -0.36 41.66
C LYS A 4186 -30.66 0.74 42.32
N MET A 4187 -30.01 1.60 41.54
CA MET A 4187 -29.19 2.67 42.12
C MET A 4187 -30.06 3.75 42.74
N GLU A 4188 -31.27 3.94 42.23
CA GLU A 4188 -32.17 4.91 42.82
C GLU A 4188 -32.62 4.46 44.20
N LEU A 4189 -32.59 3.16 44.45
CA LEU A 4189 -32.73 2.67 45.81
C LEU A 4189 -31.43 2.72 46.58
N PHE A 4190 -30.30 2.94 45.92
CA PHE A 4190 -29.09 3.09 46.71
C PHE A 4190 -29.01 4.49 47.29
N VAL A 4191 -29.24 5.53 46.48
CA VAL A 4191 -29.12 6.89 46.99
C VAL A 4191 -30.25 7.19 47.94
N ASN A 4192 -31.39 6.53 47.78
CA ASN A 4192 -32.44 6.65 48.76
C ASN A 4192 -32.11 5.92 50.05
N PHE A 4193 -31.08 5.07 50.05
CA PHE A 4193 -30.57 4.55 51.31
C PHE A 4193 -29.50 5.45 51.89
N CYS A 4194 -28.66 6.04 51.05
CA CYS A 4194 -27.61 6.90 51.58
C CYS A 4194 -28.17 8.20 52.12
N GLU A 4195 -29.32 8.65 51.63
CA GLU A 4195 -29.92 9.86 52.17
C GLU A 4195 -30.39 9.65 53.59
N ASP A 4196 -30.91 8.47 53.90
CA ASP A 4196 -31.40 8.24 55.25
C ASP A 4196 -30.27 7.94 56.20
N THR A 4197 -29.25 7.23 55.73
CA THR A 4197 -28.19 6.79 56.62
C THR A 4197 -27.31 7.93 57.06
N ILE A 4198 -27.36 9.05 56.35
CA ILE A 4198 -26.74 10.26 56.87
C ILE A 4198 -27.54 10.81 58.03
N PHE A 4199 -28.86 10.71 57.97
CA PHE A 4199 -29.67 11.18 59.08
C PHE A 4199 -29.50 10.30 60.31
N GLU A 4200 -29.16 9.02 60.13
CA GLU A 4200 -28.84 8.22 61.29
C GLU A 4200 -27.49 8.61 61.87
N MET A 4201 -26.53 8.92 61.03
CA MET A 4201 -25.22 9.26 61.56
C MET A 4201 -25.17 10.66 62.14
N GLN A 4202 -26.20 11.48 61.91
CA GLN A 4202 -26.34 12.67 62.72
C GLN A 4202 -27.08 12.39 64.01
N LEU A 4203 -28.00 11.43 63.96
CA LEU A 4203 -28.71 11.07 65.17
C LEU A 4203 -27.81 10.32 66.12
N ALA A 4204 -26.82 9.62 65.59
CA ALA A 4204 -25.89 8.91 66.45
C ALA A 4204 -24.89 9.83 67.13
N ALA A 4205 -24.72 11.05 66.62
CA ALA A 4205 -23.78 11.94 67.28
C ALA A 4205 -24.36 12.53 68.55
N GLN A 4206 -25.64 12.87 68.54
CA GLN A 4206 -26.26 13.44 69.72
C GLN A 4206 -26.77 12.38 70.67
N ILE A 4207 -26.21 11.19 70.64
CA ILE A 4207 -26.59 10.09 71.50
C ILE A 4207 -25.35 9.58 72.20
N ALA A 4487 -34.28 19.71 80.34
CA ALA A 4487 -33.09 20.08 81.10
C ALA A 4487 -32.20 18.88 81.36
N TYR A 4488 -32.37 18.28 82.54
CA TYR A 4488 -31.75 16.99 82.83
C TYR A 4488 -32.52 15.87 82.15
N GLN A 4489 -33.76 16.14 81.75
CA GLN A 4489 -34.60 15.19 81.05
C GLN A 4489 -34.01 14.79 79.71
N GLN A 4490 -33.32 15.72 79.04
CA GLN A 4490 -32.70 15.40 77.77
C GLN A 4490 -31.50 14.48 77.95
N LYS A 4491 -30.85 14.58 79.11
CA LYS A 4491 -29.74 13.68 79.40
C LYS A 4491 -30.24 12.26 79.62
N LEU A 4492 -31.40 12.13 80.28
CA LEU A 4492 -31.97 10.83 80.54
C LEU A 4492 -32.45 10.17 79.25
N LEU A 4493 -33.12 10.94 78.42
CA LEU A 4493 -33.75 10.42 77.22
C LEU A 4493 -32.74 9.90 76.21
N ASN A 4494 -31.50 10.38 76.28
CA ASN A 4494 -30.45 9.80 75.45
C ASN A 4494 -29.78 8.62 76.11
N TYR A 4495 -30.07 8.34 77.37
CA TYR A 4495 -29.59 7.08 77.90
C TYR A 4495 -30.45 5.92 77.44
N PHE A 4496 -31.73 6.18 77.18
CA PHE A 4496 -32.63 5.11 76.82
C PHE A 4496 -32.54 4.77 75.34
N ALA A 4497 -32.41 5.77 74.48
CA ALA A 4497 -32.27 5.47 73.06
C ALA A 4497 -30.91 4.88 72.75
N ARG A 4498 -29.91 5.17 73.57
CA ARG A 4498 -28.63 4.51 73.41
C ARG A 4498 -28.74 3.04 73.79
N ASN A 4499 -29.19 2.77 75.00
CA ASN A 4499 -29.36 1.41 75.47
C ASN A 4499 -30.78 0.97 75.14
N PHE A 4500 -30.96 0.56 73.90
CA PHE A 4500 -32.21 -0.09 73.50
C PHE A 4500 -31.99 -1.56 73.24
N TYR A 4501 -31.05 -1.90 72.37
CA TYR A 4501 -30.75 -3.29 72.09
C TYR A 4501 -30.13 -3.97 73.30
N ASN A 4502 -29.49 -3.21 74.17
CA ASN A 4502 -28.99 -3.74 75.42
C ASN A 4502 -30.01 -3.66 76.54
N MET A 4503 -31.24 -3.29 76.24
CA MET A 4503 -32.30 -3.29 77.23
C MET A 4503 -33.45 -4.18 76.84
N ARG A 4504 -33.73 -4.33 75.55
CA ARG A 4504 -34.68 -5.34 75.14
C ARG A 4504 -34.17 -6.74 75.35
N MET A 4505 -32.86 -6.93 75.33
CA MET A 4505 -32.31 -8.20 75.77
C MET A 4505 -32.57 -8.46 77.24
N LEU A 4506 -32.53 -7.43 78.07
CA LEU A 4506 -32.85 -7.61 79.47
C LEU A 4506 -34.33 -7.84 79.71
N ALA A 4507 -35.18 -7.36 78.81
CA ALA A 4507 -36.60 -7.60 78.99
C ALA A 4507 -37.00 -9.01 78.62
N LEU A 4508 -36.07 -9.80 78.09
CA LEU A 4508 -36.32 -11.21 77.85
C LEU A 4508 -35.86 -12.08 79.01
N PHE A 4509 -34.67 -11.79 79.55
CA PHE A 4509 -34.13 -12.60 80.63
C PHE A 4509 -34.94 -12.49 81.90
N VAL A 4510 -35.67 -11.40 82.08
CA VAL A 4510 -36.64 -11.36 83.16
C VAL A 4510 -37.80 -12.28 82.84
N ALA A 4511 -38.25 -12.30 81.59
CA ALA A 4511 -39.41 -13.10 81.23
C ALA A 4511 -39.15 -14.59 81.25
N PHE A 4512 -37.89 -15.03 81.25
CA PHE A 4512 -37.65 -16.41 81.64
C PHE A 4512 -37.85 -16.60 83.13
N ALA A 4513 -37.34 -15.67 83.93
CA ALA A 4513 -37.39 -15.86 85.37
C ALA A 4513 -38.79 -15.72 85.94
N ILE A 4514 -39.71 -15.09 85.22
CA ILE A 4514 -41.11 -15.25 85.61
C ILE A 4514 -41.59 -16.63 85.24
N ASN A 4515 -41.42 -17.02 83.98
CA ASN A 4515 -41.94 -18.29 83.50
C ASN A 4515 -41.07 -19.47 83.89
N PHE A 4516 -40.07 -19.28 84.73
CA PHE A 4516 -39.50 -20.41 85.43
C PHE A 4516 -40.09 -20.54 86.81
N ILE A 4517 -40.31 -19.43 87.49
CA ILE A 4517 -40.93 -19.46 88.80
C ILE A 4517 -42.38 -19.87 88.67
N LEU A 4518 -43.06 -19.43 87.63
CA LEU A 4518 -44.46 -19.73 87.40
C LEU A 4518 -44.70 -21.20 87.10
N LEU A 4519 -43.67 -21.97 86.85
CA LEU A 4519 -43.83 -23.39 86.59
C LEU A 4519 -44.22 -24.18 87.83
N PHE A 4520 -44.13 -23.59 89.02
CA PHE A 4520 -44.27 -24.29 90.29
C PHE A 4520 -45.67 -24.20 90.89
N TYR A 4521 -46.67 -23.79 90.13
CA TYR A 4521 -48.01 -23.62 90.67
C TYR A 4521 -48.68 -24.97 90.90
N LYS A 4522 -49.75 -24.94 91.68
CA LYS A 4522 -50.49 -26.15 92.02
C LYS A 4522 -51.88 -25.73 92.47
N VAL A 4523 -52.88 -26.54 92.20
CA VAL A 4523 -54.23 -26.22 92.60
C VAL A 4523 -54.57 -26.93 93.90
N VAL A 4558 -58.30 -23.16 94.75
CA VAL A 4558 -57.80 -22.03 93.96
C VAL A 4558 -56.29 -22.11 93.85
N HIS A 4559 -55.72 -21.36 92.92
CA HIS A 4559 -54.31 -21.51 92.54
C HIS A 4559 -53.44 -20.81 93.56
N TYR A 4560 -52.81 -21.57 94.44
CA TYR A 4560 -51.80 -21.04 95.33
C TYR A 4560 -50.45 -21.61 94.95
N VAL A 4561 -49.43 -20.80 95.07
CA VAL A 4561 -48.08 -21.26 94.78
C VAL A 4561 -47.62 -22.12 95.94
N LEU A 4562 -46.70 -23.02 95.68
CA LEU A 4562 -45.99 -23.70 96.75
C LEU A 4562 -44.55 -23.21 96.74
N GLU A 4563 -43.73 -23.82 97.57
CA GLU A 4563 -42.29 -23.59 97.55
C GLU A 4563 -41.59 -24.94 97.45
N GLU A 4564 -40.40 -24.91 96.88
CA GLU A 4564 -39.51 -26.04 96.96
C GLU A 4564 -38.11 -25.66 97.44
N SER A 4565 -37.65 -24.45 97.14
CA SER A 4565 -36.31 -24.06 97.59
C SER A 4565 -36.35 -23.47 98.99
N SER A 4566 -37.10 -22.38 99.19
CA SER A 4566 -37.08 -21.67 100.45
C SER A 4566 -38.38 -20.90 100.60
N GLY A 4567 -38.50 -20.17 101.72
CA GLY A 4567 -39.71 -19.39 101.95
C GLY A 4567 -39.82 -18.18 101.06
N TYR A 4568 -38.70 -17.65 100.58
CA TYR A 4568 -38.68 -16.37 99.87
C TYR A 4568 -38.76 -16.61 98.35
N MET A 4569 -39.86 -17.21 97.93
CA MET A 4569 -40.04 -17.48 96.52
C MET A 4569 -41.14 -16.64 95.88
N GLU A 4570 -42.35 -16.70 96.40
CA GLU A 4570 -43.41 -15.86 95.87
C GLU A 4570 -43.24 -14.34 96.04
N PRO A 4571 -42.47 -13.78 96.99
CA PRO A 4571 -42.22 -12.35 96.86
C PRO A 4571 -41.31 -12.00 95.71
N THR A 4572 -40.32 -12.85 95.42
CA THR A 4572 -39.42 -12.64 94.30
C THR A 4572 -40.11 -12.70 92.95
N LEU A 4573 -41.24 -13.39 92.85
CA LEU A 4573 -42.08 -13.21 91.69
C LEU A 4573 -42.73 -11.84 91.67
N ARG A 4574 -43.21 -11.38 92.82
CA ARG A 4574 -43.87 -10.08 92.88
C ARG A 4574 -42.88 -8.94 92.66
N ILE A 4575 -41.61 -9.17 92.97
CA ILE A 4575 -40.59 -8.17 92.66
C ILE A 4575 -40.29 -8.18 91.17
N LEU A 4576 -40.03 -9.36 90.61
CA LEU A 4576 -39.66 -9.46 89.20
C LEU A 4576 -40.82 -9.23 88.26
N ALA A 4577 -42.06 -9.19 88.74
CA ALA A 4577 -43.15 -8.84 87.86
C ALA A 4577 -43.30 -7.34 87.71
N ILE A 4578 -43.25 -6.61 88.81
CA ILE A 4578 -43.35 -5.16 88.72
C ILE A 4578 -42.08 -4.57 88.11
N LEU A 4579 -40.96 -5.29 88.16
CA LEU A 4579 -39.78 -4.85 87.44
C LEU A 4579 -39.95 -4.99 85.94
N HIS A 4580 -40.72 -5.97 85.49
CA HIS A 4580 -40.83 -6.24 84.07
C HIS A 4580 -41.70 -5.20 83.37
N THR A 4581 -42.68 -4.65 84.07
CA THR A 4581 -43.43 -3.55 83.49
C THR A 4581 -42.56 -2.31 83.37
N VAL A 4582 -41.62 -2.13 84.29
CA VAL A 4582 -40.73 -0.98 84.25
C VAL A 4582 -39.79 -1.07 83.04
N ILE A 4583 -39.18 -2.24 82.82
CA ILE A 4583 -38.27 -2.39 81.70
C ILE A 4583 -39.02 -2.33 80.39
N SER A 4584 -40.18 -2.97 80.31
CA SER A 4584 -40.96 -2.88 79.08
C SER A 4584 -41.59 -1.53 78.87
N PHE A 4585 -41.60 -0.67 79.88
CA PHE A 4585 -41.91 0.72 79.60
C PHE A 4585 -40.67 1.50 79.21
N PHE A 4586 -39.49 1.01 79.58
CA PHE A 4586 -38.29 1.68 79.14
C PHE A 4586 -37.76 1.11 77.84
N CYS A 4587 -38.59 0.43 77.07
CA CYS A 4587 -38.22 -0.03 75.75
C CYS A 4587 -39.20 0.41 74.70
N ILE A 4588 -40.22 1.20 75.06
CA ILE A 4588 -40.91 2.00 74.08
C ILE A 4588 -40.65 3.48 74.30
N ILE A 4589 -40.08 3.87 75.43
CA ILE A 4589 -39.47 5.19 75.49
C ILE A 4589 -38.19 5.20 74.69
N GLY A 4590 -37.33 4.21 74.91
CA GLY A 4590 -36.07 4.16 74.19
C GLY A 4590 -36.24 3.87 72.72
N TYR A 4591 -37.33 3.24 72.33
CA TYR A 4591 -37.62 3.12 70.92
C TYR A 4591 -38.12 4.43 70.35
N TYR A 4592 -38.70 5.28 71.18
CA TYR A 4592 -39.30 6.50 70.64
C TYR A 4592 -38.27 7.52 70.21
N CYS A 4593 -37.02 7.38 70.64
CA CYS A 4593 -36.00 8.35 70.30
C CYS A 4593 -34.83 7.71 69.56
N LEU A 4594 -35.02 6.55 68.98
CA LEU A 4594 -33.96 5.89 68.26
C LEU A 4594 -34.39 5.51 66.85
N LYS A 4595 -35.62 5.08 66.68
CA LYS A 4595 -36.08 4.66 65.37
C LYS A 4595 -37.26 5.46 64.87
N VAL A 4596 -38.04 6.05 65.76
CA VAL A 4596 -39.19 6.84 65.35
C VAL A 4596 -38.78 8.14 64.67
N PRO A 4597 -37.70 8.84 65.06
CA PRO A 4597 -37.23 9.92 64.20
C PRO A 4597 -36.79 9.49 62.81
N LEU A 4598 -36.41 8.24 62.60
CA LEU A 4598 -36.06 7.85 61.24
C LEU A 4598 -37.29 7.59 60.39
N VAL A 4599 -38.29 6.88 60.93
CA VAL A 4599 -39.47 6.57 60.13
C VAL A 4599 -40.33 7.80 59.95
N ILE A 4600 -40.13 8.84 60.75
CA ILE A 4600 -40.67 10.14 60.43
C ILE A 4600 -40.00 10.69 59.18
N PHE A 4601 -38.68 10.55 59.09
CA PHE A 4601 -37.92 11.14 58.00
C PHE A 4601 -38.25 10.50 56.66
N LYS A 4602 -38.40 9.18 56.63
CA LYS A 4602 -38.72 8.54 55.37
C LYS A 4602 -40.16 8.78 54.98
N ARG A 4603 -40.99 9.25 55.90
CA ARG A 4603 -42.34 9.65 55.57
C ARG A 4603 -42.39 11.08 55.06
N GLU A 4604 -41.66 11.99 55.69
CA GLU A 4604 -41.65 13.37 55.26
C GLU A 4604 -40.95 13.58 53.93
N LYS A 4605 -39.94 12.77 53.63
CA LYS A 4605 -39.33 12.86 52.31
C LYS A 4605 -40.31 12.42 51.25
N GLU A 4606 -41.07 11.37 51.53
CA GLU A 4606 -41.93 10.82 50.49
C GLU A 4606 -43.16 11.68 50.26
N VAL A 4607 -43.46 12.62 51.15
CA VAL A 4607 -44.50 13.57 50.84
C VAL A 4607 -43.90 14.83 50.23
N ALA A 4608 -42.70 15.23 50.67
CA ALA A 4608 -42.12 16.45 50.15
C ALA A 4608 -41.58 16.25 48.75
N ARG A 4609 -41.15 15.05 48.44
CA ARG A 4609 -40.73 14.78 47.08
C ARG A 4609 -41.87 14.29 46.21
N LYS A 4610 -43.10 14.39 46.67
CA LYS A 4610 -44.22 14.01 45.83
C LYS A 4610 -45.05 15.22 45.43
N LEU A 4611 -45.28 16.15 46.36
CA LEU A 4611 -46.02 17.32 45.96
C LEU A 4611 -45.15 18.32 45.22
N GLU A 4612 -43.83 18.17 45.27
CA GLU A 4612 -42.96 19.14 44.64
C GLU A 4612 -42.54 18.72 43.24
N PHE A 4613 -41.83 17.60 43.12
CA PHE A 4613 -41.36 17.19 41.81
C PHE A 4613 -42.48 16.61 40.97
N ASP A 4614 -43.57 16.17 41.59
CA ASP A 4614 -44.68 15.62 40.85
C ASP A 4614 -45.99 16.35 41.10
N GLY A 4615 -46.32 16.63 42.34
CA GLY A 4615 -47.55 17.32 42.63
C GLY A 4615 -48.67 16.33 42.78
N LEU A 4616 -49.30 16.25 43.95
CA LEU A 4616 -50.51 15.46 44.05
C LEU A 4616 -51.59 16.24 44.77
N TYR A 4617 -51.21 17.12 45.69
CA TYR A 4617 -52.19 17.93 46.37
C TYR A 4617 -52.58 19.16 45.57
N ILE A 4618 -52.06 19.31 44.37
CA ILE A 4618 -52.42 20.39 43.46
C ILE A 4618 -53.10 19.84 42.22
N THR A 4619 -52.66 18.67 41.76
CA THR A 4619 -53.05 18.14 40.46
C THR A 4619 -53.69 16.75 40.52
N GLU A 4620 -53.17 15.84 41.36
CA GLU A 4620 -53.64 14.47 41.29
C GLU A 4620 -54.83 14.20 42.21
N GLN A 4621 -54.76 14.68 43.47
CA GLN A 4621 -55.76 14.46 44.51
C GLN A 4621 -56.06 12.98 44.72
N PRO A 4622 -55.22 12.25 45.45
CA PRO A 4622 -55.29 10.78 45.46
C PRO A 4622 -56.59 10.26 46.07
N SER A 4623 -56.97 9.07 45.61
CA SER A 4623 -58.35 8.59 45.73
C SER A 4623 -58.62 8.05 47.14
N GLU A 4624 -59.75 7.33 47.28
CA GLU A 4624 -60.07 6.67 48.54
C GLU A 4624 -59.16 5.47 48.78
N ASP A 4625 -58.67 4.84 47.73
CA ASP A 4625 -57.57 3.90 47.87
C ASP A 4625 -56.30 4.71 48.14
N ASP A 4626 -55.25 4.02 48.62
CA ASP A 4626 -54.03 4.62 49.15
C ASP A 4626 -54.38 5.55 50.32
N ILE A 4627 -54.82 4.90 51.41
CA ILE A 4627 -55.20 5.58 52.66
C ILE A 4627 -54.08 6.46 53.18
N LYS A 4628 -52.84 5.98 53.13
CA LYS A 4628 -51.73 6.74 53.69
C LYS A 4628 -51.42 7.96 52.85
N GLY A 4629 -51.92 8.01 51.61
CA GLY A 4629 -51.92 9.25 50.89
C GLY A 4629 -52.86 10.23 51.56
N GLN A 4630 -54.04 9.75 51.95
CA GLN A 4630 -55.08 10.63 52.45
C GLN A 4630 -54.76 11.14 53.84
N TRP A 4631 -54.00 10.39 54.62
CA TRP A 4631 -53.65 10.85 55.95
C TRP A 4631 -52.59 11.94 55.90
N ASP A 4632 -51.81 11.98 54.84
CA ASP A 4632 -50.75 12.97 54.70
C ASP A 4632 -51.28 14.36 54.40
N ARG A 4633 -52.57 14.48 54.06
CA ARG A 4633 -53.18 15.76 53.79
C ARG A 4633 -53.25 16.67 55.00
N LEU A 4634 -53.06 16.13 56.20
CA LEU A 4634 -53.21 16.92 57.40
C LEU A 4634 -51.91 17.59 57.84
N VAL A 4635 -50.81 17.37 57.13
CA VAL A 4635 -49.53 17.86 57.65
C VAL A 4635 -49.06 19.07 56.86
N ILE A 4636 -49.57 19.25 55.64
CA ILE A 4636 -49.05 20.33 54.82
C ILE A 4636 -49.55 21.69 55.26
N ASN A 4637 -50.66 21.75 55.98
CA ASN A 4637 -51.12 23.02 56.53
C ASN A 4637 -50.35 23.44 57.76
N THR A 4638 -49.56 22.57 58.35
CA THR A 4638 -48.88 22.90 59.57
C THR A 4638 -47.71 23.82 59.30
N GLN A 4639 -47.24 24.47 60.35
CA GLN A 4639 -46.16 25.44 60.19
C GLN A 4639 -44.82 24.73 60.06
N SER A 4640 -44.42 23.99 61.09
CA SER A 4640 -43.12 23.32 61.09
C SER A 4640 -43.27 21.98 60.40
N PHE A 4641 -43.48 22.02 59.08
CA PHE A 4641 -43.70 20.77 58.36
C PHE A 4641 -42.42 19.97 58.16
N PRO A 4642 -41.39 20.46 57.46
CA PRO A 4642 -40.26 19.54 57.29
C PRO A 4642 -39.36 19.64 58.51
N ASN A 4643 -39.73 18.92 59.57
CA ASN A 4643 -38.97 19.03 60.80
C ASN A 4643 -37.72 18.16 60.80
N ASN A 4644 -37.68 17.12 59.96
CA ASN A 4644 -36.50 16.28 59.91
C ASN A 4644 -35.89 16.20 58.52
N TYR A 4645 -36.56 16.75 57.52
CA TYR A 4645 -36.16 16.56 56.13
C TYR A 4645 -35.10 17.59 55.67
N TRP A 4646 -34.48 18.33 56.59
CA TRP A 4646 -33.38 19.28 56.36
C TRP A 4646 -33.58 20.32 55.25
N ASP A 4647 -34.78 20.49 54.74
CA ASP A 4647 -35.03 21.17 53.48
C ASP A 4647 -36.14 22.18 53.64
N LYS A 4648 -35.97 23.08 54.60
CA LYS A 4648 -36.99 23.94 55.14
C LYS A 4648 -37.61 24.93 54.15
N PHE A 4649 -37.22 24.93 52.87
CA PHE A 4649 -37.81 25.79 51.86
C PHE A 4649 -38.62 25.01 50.84
N VAL A 4650 -39.23 23.90 51.25
CA VAL A 4650 -40.03 23.16 50.30
C VAL A 4650 -41.40 23.80 50.15
N LYS A 4651 -41.80 24.66 51.06
CA LYS A 4651 -43.06 25.36 50.88
C LYS A 4651 -42.98 26.39 49.77
N ARG A 4652 -41.88 27.14 49.70
CA ARG A 4652 -41.76 28.17 48.69
C ARG A 4652 -41.46 27.62 47.32
N LYS A 4653 -40.88 26.42 47.24
CA LYS A 4653 -40.53 25.87 45.94
C LYS A 4653 -41.75 25.47 45.14
N VAL A 4654 -42.85 25.14 45.80
CA VAL A 4654 -44.05 24.75 45.06
C VAL A 4654 -44.78 25.98 44.55
N MET A 4655 -44.80 27.05 45.36
CA MET A 4655 -45.38 28.33 44.96
C MET A 4655 -44.71 28.90 43.73
N ASP A 4656 -43.38 28.82 43.67
CA ASP A 4656 -42.69 29.28 42.48
C ASP A 4656 -42.85 28.31 41.33
N LYS A 4657 -43.35 27.11 41.59
CA LYS A 4657 -43.51 26.16 40.51
C LYS A 4657 -44.95 26.08 40.03
N TYR A 4658 -45.93 26.28 40.93
CA TYR A 4658 -47.32 26.09 40.56
C TYR A 4658 -48.21 27.27 40.90
N GLY A 4659 -47.63 28.42 41.24
CA GLY A 4659 -48.41 29.59 41.61
C GLY A 4659 -48.87 30.46 40.46
N GLU A 4660 -48.74 30.00 39.22
CA GLU A 4660 -49.13 30.75 38.04
C GLU A 4660 -50.17 30.02 37.20
N PHE A 4661 -50.09 28.68 37.12
CA PHE A 4661 -51.19 27.92 36.57
C PHE A 4661 -52.41 28.00 37.46
N TYR A 4662 -52.18 28.09 38.76
CA TYR A 4662 -53.23 28.20 39.75
C TYR A 4662 -52.90 29.39 40.63
N GLY A 4663 -53.79 29.67 41.58
CA GLY A 4663 -53.72 30.90 42.33
C GLY A 4663 -52.55 30.94 43.30
N ARG A 4664 -51.92 32.10 43.40
CA ARG A 4664 -50.99 32.35 44.48
C ARG A 4664 -51.69 32.55 45.80
N ASP A 4665 -53.01 32.69 45.80
CA ASP A 4665 -53.71 32.75 47.08
C ASP A 4665 -54.22 31.39 47.52
N ARG A 4666 -54.58 30.49 46.60
CA ARG A 4666 -55.05 29.16 47.01
C ARG A 4666 -53.91 28.33 47.59
N ILE A 4667 -52.69 28.52 47.11
CA ILE A 4667 -51.56 27.79 47.66
C ILE A 4667 -51.20 28.32 49.04
N SER A 4668 -51.24 29.63 49.22
CA SER A 4668 -50.94 30.20 50.53
C SER A 4668 -52.02 29.91 51.56
N GLU A 4669 -53.23 29.56 51.11
CA GLU A 4669 -54.21 29.01 52.03
C GLU A 4669 -53.93 27.55 52.31
N LEU A 4670 -53.50 26.81 51.29
CA LEU A 4670 -53.23 25.40 51.45
C LEU A 4670 -51.98 25.16 52.28
N LEU A 4671 -50.91 25.88 51.98
CA LEU A 4671 -49.65 25.62 52.66
C LEU A 4671 -49.46 26.56 53.85
N GLY A 4672 -49.41 27.87 53.60
CA GLY A 4672 -49.20 28.84 54.66
C GLY A 4672 -47.99 29.73 54.45
N ASN A 4700 -43.55 25.84 76.09
CA ASN A 4700 -44.80 26.39 76.59
C ASN A 4700 -45.94 26.13 75.60
N SER A 4701 -45.73 26.50 74.34
CA SER A 4701 -46.72 26.36 73.29
C SER A 4701 -46.13 25.48 72.20
N ILE A 4702 -46.95 24.56 71.68
CA ILE A 4702 -46.50 23.58 70.70
C ILE A 4702 -47.47 23.52 69.52
N ASP A 4703 -47.02 22.97 68.40
CA ASP A 4703 -47.88 22.75 67.24
C ASP A 4703 -48.74 21.53 67.52
N VAL A 4704 -50.05 21.67 67.34
CA VAL A 4704 -50.94 20.58 67.70
C VAL A 4704 -51.32 19.74 66.48
N LYS A 4705 -51.35 20.34 65.29
CA LYS A 4705 -51.73 19.57 64.11
C LYS A 4705 -50.61 18.65 63.67
N TYR A 4706 -49.37 19.02 63.96
CA TYR A 4706 -48.27 18.13 63.64
C TYR A 4706 -48.21 16.98 64.63
N GLN A 4707 -48.45 17.28 65.91
CA GLN A 4707 -48.35 16.24 66.92
C GLN A 4707 -49.47 15.23 66.80
N MET A 4708 -50.64 15.65 66.31
CA MET A 4708 -51.67 14.69 66.00
C MET A 4708 -51.29 13.86 64.79
N TRP A 4709 -50.46 14.41 63.91
CA TRP A 4709 -50.06 13.66 62.74
C TRP A 4709 -48.87 12.78 63.03
N LYS A 4710 -48.02 13.16 63.98
CA LYS A 4710 -46.87 12.35 64.29
C LYS A 4710 -47.28 11.04 64.94
N LEU A 4711 -48.22 11.08 65.88
CA LEU A 4711 -48.74 9.83 66.44
C LEU A 4711 -49.55 9.03 65.44
N GLY A 4712 -50.09 9.68 64.40
CA GLY A 4712 -50.86 8.95 63.42
C GLY A 4712 -50.01 8.09 62.53
N VAL A 4713 -48.71 8.35 62.47
CA VAL A 4713 -47.83 7.54 61.64
C VAL A 4713 -47.02 6.57 62.48
N VAL A 4714 -46.96 6.76 63.79
CA VAL A 4714 -46.30 5.78 64.63
C VAL A 4714 -47.16 4.54 64.77
N PHE A 4715 -48.45 4.72 65.01
CA PHE A 4715 -49.29 3.59 65.38
C PHE A 4715 -49.58 2.66 64.22
N THR A 4716 -49.46 3.14 63.00
CA THR A 4716 -49.56 2.22 61.88
C THR A 4716 -48.21 1.62 61.50
N ASP A 4717 -47.12 2.13 62.05
CA ASP A 4717 -45.82 1.53 61.80
C ASP A 4717 -45.75 0.18 62.50
N ASN A 4718 -45.34 -0.82 61.73
CA ASN A 4718 -45.57 -2.20 62.11
C ASN A 4718 -44.69 -2.62 63.29
N SER A 4719 -43.45 -2.16 63.32
CA SER A 4719 -42.58 -2.60 64.40
C SER A 4719 -42.90 -1.94 65.71
N PHE A 4720 -43.65 -0.85 65.71
CA PHE A 4720 -43.98 -0.22 66.98
C PHE A 4720 -45.07 -0.95 67.71
N LEU A 4721 -46.02 -1.53 66.97
CA LEU A 4721 -47.17 -2.14 67.61
C LEU A 4721 -46.79 -3.36 68.41
N TYR A 4722 -45.82 -4.14 67.93
CA TYR A 4722 -45.33 -5.25 68.71
C TYR A 4722 -44.66 -4.78 69.98
N LEU A 4723 -44.02 -3.62 69.96
CA LEU A 4723 -43.51 -3.08 71.21
C LEU A 4723 -44.62 -2.54 72.09
N ALA A 4724 -45.78 -2.28 71.55
CA ALA A 4724 -46.89 -1.92 72.42
C ALA A 4724 -47.54 -3.14 73.03
N TRP A 4725 -47.81 -4.15 72.20
CA TRP A 4725 -48.45 -5.36 72.69
C TRP A 4725 -47.55 -6.11 73.64
N TYR A 4726 -46.23 -5.99 73.49
CA TYR A 4726 -45.34 -6.54 74.47
C TYR A 4726 -45.40 -5.78 75.77
N MET A 4727 -45.85 -4.54 75.75
CA MET A 4727 -46.02 -3.80 76.99
C MET A 4727 -47.41 -3.95 77.56
N THR A 4728 -48.44 -4.00 76.72
CA THR A 4728 -49.79 -4.04 77.26
C THR A 4728 -50.15 -5.37 77.86
N MET A 4729 -49.35 -6.41 77.67
CA MET A 4729 -49.56 -7.60 78.47
C MET A 4729 -48.93 -7.45 79.84
N SER A 4730 -47.89 -6.62 79.97
CA SER A 4730 -47.26 -6.42 81.27
C SER A 4730 -48.18 -5.72 82.25
N VAL A 4731 -48.99 -4.78 81.76
CA VAL A 4731 -50.03 -4.19 82.61
C VAL A 4731 -51.07 -5.24 82.95
N LEU A 4732 -51.43 -6.07 81.97
CA LEU A 4732 -52.34 -7.17 82.25
C LEU A 4732 -51.66 -8.30 82.99
N GLY A 4733 -50.35 -8.25 83.17
CA GLY A 4733 -49.66 -9.31 83.88
C GLY A 4733 -49.83 -9.27 85.38
N HIS A 4734 -50.35 -8.19 85.93
CA HIS A 4734 -50.63 -8.15 87.35
C HIS A 4734 -52.06 -8.51 87.68
N TYR A 4735 -52.97 -8.38 86.72
CA TYR A 4735 -54.32 -8.89 86.93
C TYR A 4735 -54.33 -10.41 86.94
N ASN A 4736 -53.36 -11.04 86.28
CA ASN A 4736 -53.15 -12.47 86.39
C ASN A 4736 -51.71 -12.78 86.05
N ASN A 4737 -51.07 -13.64 86.85
CA ASN A 4737 -49.66 -13.91 86.67
C ASN A 4737 -49.34 -14.68 85.41
N PHE A 4738 -50.30 -15.42 84.87
CA PHE A 4738 -50.03 -16.24 83.70
C PHE A 4738 -49.81 -15.42 82.44
N PHE A 4739 -50.13 -14.14 82.42
CA PHE A 4739 -49.93 -13.37 81.21
C PHE A 4739 -48.49 -13.01 80.96
N PHE A 4740 -47.56 -13.34 81.86
CA PHE A 4740 -46.16 -13.26 81.50
C PHE A 4740 -45.68 -14.49 80.78
N ALA A 4741 -46.57 -15.39 80.41
CA ALA A 4741 -46.24 -16.51 79.56
C ALA A 4741 -46.60 -16.26 78.11
N ALA A 4742 -47.13 -15.08 77.81
CA ALA A 4742 -47.23 -14.66 76.43
C ALA A 4742 -46.06 -13.78 76.03
N HIS A 4743 -45.14 -13.54 76.94
CA HIS A 4743 -43.93 -12.81 76.61
C HIS A 4743 -42.83 -13.74 76.15
N LEU A 4744 -43.08 -15.03 76.10
CA LEU A 4744 -42.07 -15.91 75.59
C LEU A 4744 -42.01 -15.90 74.08
N LEU A 4745 -42.99 -15.31 73.42
CA LEU A 4745 -42.95 -15.20 71.99
C LEU A 4745 -42.04 -14.10 71.51
N ASP A 4746 -41.27 -13.48 72.38
CA ASP A 4746 -40.16 -12.67 71.93
C ASP A 4746 -38.96 -13.51 71.53
N ILE A 4747 -39.03 -14.82 71.76
CA ILE A 4747 -38.12 -15.73 71.08
C ILE A 4747 -38.37 -15.72 69.59
N ALA A 4748 -39.63 -15.56 69.18
CA ALA A 4748 -39.96 -15.60 67.75
C ALA A 4748 -39.47 -14.36 67.03
N MET A 4749 -39.88 -13.18 67.48
CA MET A 4749 -39.43 -11.93 66.86
C MET A 4749 -37.95 -11.67 67.10
N GLY A 4750 -37.32 -12.37 68.03
CA GLY A 4750 -35.99 -12.00 68.45
C GLY A 4750 -34.83 -12.76 67.88
N PHE A 4751 -35.07 -13.81 67.10
CA PHE A 4751 -33.97 -14.57 66.52
C PHE A 4751 -34.06 -14.51 65.02
N LYS A 4752 -33.26 -15.33 64.36
CA LYS A 4752 -33.29 -15.34 62.91
C LYS A 4752 -33.92 -16.60 62.35
N THR A 4753 -33.42 -17.77 62.71
CA THR A 4753 -34.00 -19.00 62.21
C THR A 4753 -35.27 -19.41 62.94
N LEU A 4754 -35.79 -18.56 63.81
CA LEU A 4754 -37.15 -18.69 64.31
C LEU A 4754 -38.05 -17.59 63.81
N ARG A 4755 -37.48 -16.47 63.36
CA ARG A 4755 -38.29 -15.50 62.65
C ARG A 4755 -38.72 -16.04 61.31
N THR A 4756 -37.91 -16.92 60.72
CA THR A 4756 -38.22 -17.50 59.42
C THR A 4756 -39.36 -18.50 59.51
N ILE A 4757 -39.45 -19.24 60.63
CA ILE A 4757 -40.56 -20.17 60.82
C ILE A 4757 -41.87 -19.43 60.88
N LEU A 4758 -41.94 -18.41 61.72
CA LEU A 4758 -43.12 -17.56 61.89
C LEU A 4758 -43.55 -16.89 60.61
N SER A 4759 -42.61 -16.52 59.75
CA SER A 4759 -42.96 -15.88 58.49
C SER A 4759 -43.33 -16.88 57.42
N SER A 4760 -43.00 -18.15 57.61
CA SER A 4760 -43.26 -19.11 56.56
C SER A 4760 -44.72 -19.53 56.53
N VAL A 4761 -45.45 -19.29 57.61
CA VAL A 4761 -46.86 -19.62 57.60
C VAL A 4761 -47.63 -18.71 56.67
N THR A 4762 -47.33 -17.43 56.66
CA THR A 4762 -48.05 -16.50 55.81
C THR A 4762 -47.30 -16.08 54.56
N HIS A 4763 -46.11 -16.62 54.31
CA HIS A 4763 -45.39 -16.30 53.08
C HIS A 4763 -46.11 -16.90 51.88
N ASN A 4764 -46.52 -18.14 52.00
CA ASN A 4764 -47.26 -18.81 50.96
C ASN A 4764 -48.74 -18.85 51.29
N GLY A 4765 -49.16 -17.95 52.19
CA GLY A 4765 -50.43 -18.07 52.89
C GLY A 4765 -51.66 -17.98 52.02
N LYS A 4766 -51.56 -17.41 50.82
CA LYS A 4766 -52.75 -17.24 50.02
C LYS A 4766 -53.21 -18.57 49.45
N GLN A 4767 -52.30 -19.46 49.13
CA GLN A 4767 -52.70 -20.80 48.74
C GLN A 4767 -53.08 -21.64 49.95
N LEU A 4768 -52.86 -21.16 51.15
CA LEU A 4768 -53.18 -21.96 52.31
C LEU A 4768 -54.64 -21.89 52.68
N VAL A 4769 -55.24 -20.70 52.61
CA VAL A 4769 -56.66 -20.61 52.93
C VAL A 4769 -57.49 -21.26 51.85
N LEU A 4770 -57.07 -21.17 50.60
CA LEU A 4770 -57.84 -21.83 49.57
C LEU A 4770 -57.84 -23.30 49.63
N THR A 4771 -56.77 -23.93 50.10
CA THR A 4771 -56.81 -25.40 50.43
C THR A 4771 -57.50 -25.90 51.63
N VAL A 4772 -57.33 -25.24 52.78
CA VAL A 4772 -58.19 -25.52 53.92
C VAL A 4772 -59.64 -25.21 53.56
N GLY A 4773 -59.87 -24.21 52.72
CA GLY A 4773 -61.16 -24.04 52.11
C GLY A 4773 -61.60 -25.17 51.21
N LEU A 4774 -60.69 -26.02 50.75
CA LEU A 4774 -61.14 -27.23 50.07
C LEU A 4774 -61.26 -28.39 51.03
N LEU A 4775 -60.42 -28.44 52.07
CA LEU A 4775 -60.51 -29.52 53.03
C LEU A 4775 -61.78 -29.42 53.85
N ALA A 4776 -62.22 -28.21 54.16
CA ALA A 4776 -63.45 -28.08 54.91
C ALA A 4776 -64.68 -28.32 54.08
N VAL A 4777 -64.56 -28.47 52.77
CA VAL A 4777 -65.70 -28.76 51.92
C VAL A 4777 -65.79 -30.24 51.59
N VAL A 4778 -64.64 -30.90 51.38
CA VAL A 4778 -64.64 -32.34 51.13
C VAL A 4778 -65.12 -33.11 52.35
N VAL A 4779 -64.69 -32.70 53.54
CA VAL A 4779 -65.17 -33.33 54.75
C VAL A 4779 -66.65 -33.02 54.95
N TYR A 4780 -67.10 -31.85 54.53
CA TYR A 4780 -68.54 -31.59 54.54
C TYR A 4780 -69.25 -32.46 53.53
N LEU A 4781 -68.68 -32.63 52.34
CA LEU A 4781 -69.31 -33.46 51.34
C LEU A 4781 -69.32 -34.93 51.72
N TYR A 4782 -68.41 -35.35 52.59
CA TYR A 4782 -68.52 -36.67 53.18
C TYR A 4782 -69.37 -36.68 54.43
N THR A 4783 -69.99 -35.57 54.80
CA THR A 4783 -70.92 -35.63 55.91
C THR A 4783 -72.34 -35.76 55.40
N VAL A 4784 -72.62 -35.20 54.23
CA VAL A 4784 -73.94 -35.33 53.64
C VAL A 4784 -74.20 -36.78 53.25
N VAL A 4785 -73.19 -37.47 52.74
CA VAL A 4785 -73.36 -38.87 52.39
C VAL A 4785 -73.53 -39.72 53.64
N ALA A 4786 -72.71 -39.46 54.66
CA ALA A 4786 -72.80 -40.26 55.88
C ALA A 4786 -74.07 -39.98 56.65
N PHE A 4787 -74.62 -38.77 56.54
CA PHE A 4787 -75.87 -38.50 57.20
C PHE A 4787 -77.04 -39.10 56.46
N ASN A 4788 -76.97 -39.17 55.15
CA ASN A 4788 -78.14 -39.59 54.39
C ASN A 4788 -78.15 -41.08 54.12
N PHE A 4789 -77.15 -41.82 54.57
CA PHE A 4789 -77.11 -43.27 54.39
C PHE A 4789 -76.77 -44.02 55.66
N PHE A 4790 -75.91 -43.47 56.53
CA PHE A 4790 -75.22 -44.28 57.52
C PHE A 4790 -75.35 -43.79 58.96
N ARG A 4791 -76.56 -43.50 59.44
CA ARG A 4791 -76.69 -43.07 60.83
C ARG A 4791 -76.36 -44.20 61.79
N LYS A 4792 -76.65 -45.44 61.40
CA LYS A 4792 -76.72 -46.57 62.31
C LYS A 4792 -75.36 -47.06 62.77
N PHE A 4793 -74.28 -46.54 62.23
CA PHE A 4793 -72.94 -46.95 62.64
C PHE A 4793 -72.33 -46.04 63.67
N TYR A 4794 -72.91 -44.87 63.92
CA TYR A 4794 -72.21 -43.80 64.60
C TYR A 4794 -72.57 -43.82 66.09
N ASN A 4795 -72.02 -44.80 66.79
CA ASN A 4795 -72.29 -45.00 68.20
C ASN A 4795 -71.02 -44.74 69.00
N LYS A 4796 -70.99 -43.62 69.71
CA LYS A 4796 -69.92 -43.33 70.65
C LYS A 4796 -70.26 -43.80 72.04
N SER A 4797 -71.04 -44.86 72.14
CA SER A 4797 -71.68 -45.30 73.36
C SER A 4797 -70.95 -46.49 73.96
N GLU A 4798 -71.57 -47.11 74.95
CA GLU A 4798 -71.04 -48.30 75.58
C GLU A 4798 -72.11 -49.40 75.54
N ASP A 4799 -72.08 -50.18 74.45
CA ASP A 4799 -72.69 -51.50 74.32
C ASP A 4799 -74.21 -51.49 74.44
N GLY A 4800 -74.88 -50.41 74.07
CA GLY A 4800 -76.32 -50.42 73.88
C GLY A 4800 -77.17 -50.27 75.13
N ASP A 4801 -76.75 -50.84 76.26
CA ASP A 4801 -77.50 -50.66 77.50
C ASP A 4801 -77.38 -49.23 77.98
N THR A 4802 -76.25 -48.59 77.67
CA THR A 4802 -76.11 -47.17 77.81
C THR A 4802 -77.12 -46.47 76.90
N PRO A 4803 -77.72 -45.36 77.34
CA PRO A 4803 -78.69 -44.66 76.48
C PRO A 4803 -77.98 -44.00 75.32
N ASP A 4804 -77.83 -44.80 74.26
CA ASP A 4804 -76.74 -44.71 73.29
C ASP A 4804 -76.57 -43.32 72.68
N MET A 4805 -75.31 -42.94 72.49
CA MET A 4805 -74.96 -41.67 71.89
C MET A 4805 -74.93 -41.83 70.36
N LYS A 4806 -75.51 -40.88 69.67
CA LYS A 4806 -75.57 -40.95 68.22
C LYS A 4806 -74.82 -39.77 67.62
N CYS A 4807 -74.80 -39.74 66.30
CA CYS A 4807 -74.31 -38.61 65.53
C CYS A 4807 -75.24 -38.34 64.35
N ASP A 4808 -76.54 -38.46 64.59
CA ASP A 4808 -77.55 -38.14 63.57
C ASP A 4808 -78.10 -36.73 63.76
N ASP A 4809 -77.20 -35.76 63.81
CA ASP A 4809 -77.59 -34.36 63.77
C ASP A 4809 -76.50 -33.66 62.98
N MET A 4810 -76.93 -32.88 61.97
CA MET A 4810 -76.07 -32.53 60.84
C MET A 4810 -74.83 -31.77 61.29
N LEU A 4811 -75.03 -30.71 62.06
CA LEU A 4811 -73.91 -29.96 62.59
C LEU A 4811 -73.09 -30.79 63.56
N THR A 4812 -73.72 -31.65 64.34
CA THR A 4812 -72.95 -32.51 65.22
C THR A 4812 -72.31 -33.67 64.51
N CYS A 4813 -72.86 -34.10 63.38
CA CYS A 4813 -72.14 -35.10 62.59
C CYS A 4813 -70.99 -34.44 61.85
N TYR A 4814 -71.12 -33.15 61.55
CA TYR A 4814 -70.06 -32.41 60.89
C TYR A 4814 -68.86 -32.25 61.80
N MET A 4815 -69.07 -31.76 63.01
CA MET A 4815 -67.97 -31.64 63.95
C MET A 4815 -67.50 -32.98 64.47
N PHE A 4816 -68.22 -34.07 64.19
CA PHE A 4816 -67.63 -35.36 64.47
C PHE A 4816 -66.54 -35.70 63.48
N HIS A 4817 -66.73 -35.40 62.20
CA HIS A 4817 -65.70 -35.70 61.23
C HIS A 4817 -64.50 -34.78 61.32
N MET A 4818 -64.72 -33.50 61.55
CA MET A 4818 -63.61 -32.57 61.62
C MET A 4818 -62.74 -32.77 62.86
N TYR A 4819 -63.30 -33.33 63.91
CA TYR A 4819 -62.53 -33.47 65.14
C TYR A 4819 -61.92 -34.85 65.26
N VAL A 4820 -62.54 -35.86 64.67
CA VAL A 4820 -62.08 -37.24 64.82
C VAL A 4820 -61.60 -37.81 63.49
N GLY A 4821 -62.25 -37.46 62.39
CA GLY A 4821 -61.87 -38.09 61.14
C GLY A 4821 -60.59 -37.55 60.54
N VAL A 4822 -60.34 -36.26 60.66
CA VAL A 4822 -59.12 -35.69 60.12
C VAL A 4822 -57.93 -36.02 61.01
N ARG A 4823 -58.01 -35.68 62.28
CA ARG A 4823 -56.90 -35.89 63.21
C ARG A 4823 -56.49 -37.33 63.52
N ALA A 4824 -57.19 -38.31 62.97
CA ALA A 4824 -56.82 -39.68 63.25
C ALA A 4824 -55.69 -40.07 62.33
N GLY A 4825 -55.35 -41.36 62.34
CA GLY A 4825 -54.28 -41.84 61.49
C GLY A 4825 -54.80 -42.73 60.39
N GLY A 4826 -56.06 -43.13 60.51
CA GLY A 4826 -56.62 -44.03 59.54
C GLY A 4826 -57.90 -43.52 58.94
N GLY A 4827 -58.17 -42.23 59.12
CA GLY A 4827 -59.35 -41.69 58.52
C GLY A 4827 -60.56 -41.76 59.40
N ILE A 4828 -61.58 -42.48 58.97
CA ILE A 4828 -62.83 -42.57 59.72
C ILE A 4828 -63.17 -43.98 60.11
N GLY A 4829 -62.42 -44.97 59.65
CA GLY A 4829 -62.64 -46.32 60.11
C GLY A 4829 -62.25 -46.61 61.54
N ASP A 4830 -61.83 -45.61 62.31
CA ASP A 4830 -61.52 -45.85 63.70
C ASP A 4830 -62.76 -45.69 64.59
N GLU A 4831 -63.35 -44.49 64.60
CA GLU A 4831 -64.54 -44.25 65.41
C GLU A 4831 -65.81 -44.48 64.60
N ILE A 4832 -65.90 -45.68 64.03
CA ILE A 4832 -67.07 -46.21 63.36
C ILE A 4832 -67.09 -47.70 63.65
N GLU A 4833 -68.27 -48.22 63.98
CA GLU A 4833 -68.42 -49.64 64.27
C GLU A 4833 -68.04 -50.48 63.06
N ASP A 4834 -67.47 -51.65 63.32
CA ASP A 4834 -66.88 -52.48 62.28
C ASP A 4834 -67.96 -53.08 61.39
N PRO A 4835 -68.03 -52.70 60.14
CA PRO A 4835 -69.07 -53.23 59.26
C PRO A 4835 -68.74 -54.60 58.69
N ALA A 4836 -69.38 -55.65 59.20
CA ALA A 4836 -69.12 -56.97 58.65
C ALA A 4836 -70.38 -57.61 58.07
N GLY A 4837 -71.42 -57.77 58.86
CA GLY A 4837 -72.60 -58.46 58.39
C GLY A 4837 -73.69 -57.50 57.98
N ASP A 4838 -73.45 -56.72 56.94
CA ASP A 4838 -74.40 -55.67 56.62
C ASP A 4838 -74.68 -55.66 55.12
N GLU A 4839 -75.85 -55.12 54.78
CA GLU A 4839 -76.23 -54.98 53.38
C GLU A 4839 -75.39 -53.95 52.66
N TYR A 4840 -74.88 -52.97 53.38
CA TYR A 4840 -74.06 -51.93 52.80
C TYR A 4840 -72.58 -52.17 53.04
N GLU A 4841 -72.12 -53.42 52.97
CA GLU A 4841 -70.73 -53.69 53.30
C GLU A 4841 -69.78 -53.08 52.28
N ILE A 4842 -69.91 -53.45 51.02
CA ILE A 4842 -69.01 -52.94 49.99
C ILE A 4842 -69.27 -51.48 49.72
N TYR A 4843 -70.51 -51.02 49.91
CA TYR A 4843 -70.79 -49.60 49.80
C TYR A 4843 -70.26 -48.80 50.98
N ARG A 4844 -69.66 -49.44 51.98
CA ARG A 4844 -69.09 -48.66 53.07
C ARG A 4844 -67.59 -48.82 53.17
N ILE A 4845 -67.03 -49.86 52.56
CA ILE A 4845 -65.58 -49.90 52.42
C ILE A 4845 -65.13 -48.77 51.53
N ILE A 4846 -65.85 -48.55 50.43
CA ILE A 4846 -65.59 -47.44 49.50
C ILE A 4846 -65.74 -46.10 50.20
N PHE A 4847 -66.63 -46.00 51.18
CA PHE A 4847 -66.75 -44.74 51.90
C PHE A 4847 -65.57 -44.50 52.81
N ASP A 4848 -64.91 -45.55 53.27
CA ASP A 4848 -63.77 -45.28 54.11
C ASP A 4848 -62.48 -45.18 53.32
N ILE A 4849 -62.28 -46.08 52.36
CA ILE A 4849 -60.99 -46.16 51.70
C ILE A 4849 -60.78 -44.98 50.76
N THR A 4850 -61.82 -44.24 50.38
CA THR A 4850 -61.53 -42.98 49.73
C THR A 4850 -61.17 -41.94 50.76
N PHE A 4851 -61.89 -41.87 51.89
CA PHE A 4851 -61.64 -40.88 52.94
C PHE A 4851 -60.19 -40.89 53.39
N PHE A 4852 -59.61 -42.06 53.49
CA PHE A 4852 -58.20 -42.11 53.82
C PHE A 4852 -57.35 -41.70 52.63
N PHE A 4853 -57.79 -42.02 51.43
CA PHE A 4853 -57.01 -41.78 50.23
C PHE A 4853 -57.45 -40.50 49.51
N PHE A 4854 -58.11 -39.60 50.21
CA PHE A 4854 -58.46 -38.37 49.55
C PHE A 4854 -58.33 -37.19 50.49
N VAL A 4855 -58.21 -37.42 51.79
CA VAL A 4855 -58.18 -36.33 52.75
C VAL A 4855 -56.91 -36.41 53.59
N ILE A 4856 -56.57 -37.61 54.07
CA ILE A 4856 -55.40 -37.70 54.93
C ILE A 4856 -54.14 -37.92 54.10
N VAL A 4857 -54.21 -38.73 53.06
CA VAL A 4857 -53.03 -38.97 52.25
C VAL A 4857 -52.74 -37.76 51.37
N ILE A 4858 -53.72 -37.30 50.59
CA ILE A 4858 -53.46 -36.20 49.67
C ILE A 4858 -53.58 -34.85 50.38
N LEU A 4859 -54.77 -34.53 50.85
CA LEU A 4859 -55.08 -33.15 51.23
C LEU A 4859 -54.40 -32.73 52.52
N LEU A 4860 -53.95 -33.68 53.32
CA LEU A 4860 -53.18 -33.27 54.47
C LEU A 4860 -51.71 -33.57 54.23
N ALA A 4861 -51.32 -33.75 52.97
CA ALA A 4861 -49.91 -33.63 52.64
C ALA A 4861 -49.62 -32.27 52.07
N ILE A 4862 -50.48 -31.81 51.15
CA ILE A 4862 -50.23 -30.52 50.55
C ILE A 4862 -50.78 -29.39 51.39
N ILE A 4863 -51.19 -29.66 52.62
CA ILE A 4863 -51.29 -28.60 53.61
C ILE A 4863 -49.99 -28.46 54.36
N GLN A 4864 -49.38 -29.55 54.79
CA GLN A 4864 -48.05 -29.55 55.34
C GLN A 4864 -47.04 -29.16 54.28
N GLY A 4865 -47.31 -29.50 53.03
CA GLY A 4865 -46.42 -29.18 51.92
C GLY A 4865 -46.28 -27.70 51.64
N LEU A 4866 -47.35 -26.93 51.84
CA LEU A 4866 -47.26 -25.50 51.56
C LEU A 4866 -46.63 -24.75 52.71
N ILE A 4867 -46.38 -25.42 53.82
CA ILE A 4867 -45.69 -24.75 54.92
C ILE A 4867 -44.22 -25.10 54.89
N ILE A 4868 -43.89 -26.36 54.64
CA ILE A 4868 -42.49 -26.75 54.63
C ILE A 4868 -41.79 -26.25 53.39
N ASP A 4869 -42.46 -26.24 52.24
CA ASP A 4869 -41.81 -25.67 51.07
C ASP A 4869 -41.81 -24.15 51.11
N ALA A 4870 -42.59 -23.56 51.99
CA ALA A 4870 -42.40 -22.14 52.23
C ALA A 4870 -41.12 -21.92 53.02
N PHE A 4871 -40.92 -22.72 54.06
CA PHE A 4871 -39.69 -22.61 54.84
C PHE A 4871 -38.51 -23.15 54.05
N GLY A 4872 -38.77 -24.05 53.11
CA GLY A 4872 -37.68 -24.58 52.31
C GLY A 4872 -37.24 -23.62 51.23
N GLU A 4873 -38.09 -22.63 50.93
CA GLU A 4873 -37.77 -21.64 49.92
C GLU A 4873 -37.25 -20.36 50.56
N LEU A 4874 -37.85 -19.99 51.69
CA LEU A 4874 -37.50 -18.73 52.32
C LEU A 4874 -36.15 -18.80 53.00
N ARG A 4875 -35.70 -20.01 53.32
CA ARG A 4875 -34.37 -20.16 53.87
C ARG A 4875 -33.34 -20.23 52.76
N ASP A 4876 -33.80 -20.19 51.52
CA ASP A 4876 -32.87 -20.22 50.39
C ASP A 4876 -32.62 -18.81 49.86
N GLN A 4877 -33.66 -17.97 49.87
CA GLN A 4877 -33.52 -16.58 49.46
C GLN A 4877 -32.56 -15.83 50.36
N GLN A 4878 -32.50 -16.21 51.63
CA GLN A 4878 -31.54 -15.62 52.54
C GLN A 4878 -30.19 -16.31 52.43
N GLU A 4879 -30.09 -17.32 51.57
CA GLU A 4879 -28.79 -17.89 51.29
C GLU A 4879 -28.27 -17.40 49.96
N GLN A 4880 -29.17 -17.02 49.06
CA GLN A 4880 -28.72 -16.50 47.78
C GLN A 4880 -28.12 -15.11 47.93
N VAL A 4881 -28.73 -14.29 48.79
CA VAL A 4881 -28.20 -12.96 49.07
C VAL A 4881 -26.83 -13.06 49.74
N LYS A 4882 -26.63 -14.08 50.56
CA LYS A 4882 -25.30 -14.36 51.09
C LYS A 4882 -24.32 -14.77 50.01
N GLU A 4883 -24.81 -15.26 48.88
CA GLU A 4883 -23.96 -15.66 47.78
C GLU A 4883 -23.91 -14.62 46.68
N ASP A 4884 -25.05 -14.01 46.34
CA ASP A 4884 -25.11 -13.04 45.25
C ASP A 4884 -24.34 -11.77 45.56
N MET A 4885 -24.00 -11.54 46.81
CA MET A 4885 -23.11 -10.45 47.12
C MET A 4885 -21.67 -10.90 47.24
N GLU A 4886 -21.39 -12.19 47.25
CA GLU A 4886 -19.99 -12.61 47.37
C GLU A 4886 -19.46 -13.22 46.10
N THR A 4887 -20.23 -13.20 45.04
CA THR A 4887 -19.72 -13.56 43.73
C THR A 4887 -20.11 -12.53 42.70
N LYS A 4888 -20.44 -11.33 43.15
CA LYS A 4888 -20.71 -10.24 42.24
C LYS A 4888 -20.28 -8.97 42.95
N CYS A 4889 -19.92 -7.97 42.16
CA CYS A 4889 -19.72 -6.64 42.71
C CYS A 4889 -21.07 -5.98 42.81
N PHE A 4890 -21.27 -5.18 43.84
CA PHE A 4890 -22.59 -4.61 44.02
C PHE A 4890 -22.86 -3.54 42.98
N ILE A 4891 -21.93 -2.60 42.77
CA ILE A 4891 -22.19 -1.41 41.98
C ILE A 4891 -21.74 -1.59 40.54
N CYS A 4892 -20.65 -2.31 40.32
CA CYS A 4892 -20.29 -2.68 38.95
C CYS A 4892 -21.20 -3.77 38.42
N GLY A 4893 -21.37 -4.85 39.18
CA GLY A 4893 -22.08 -6.01 38.70
C GLY A 4893 -21.23 -6.78 37.72
N ILE A 4894 -20.04 -7.19 38.15
CA ILE A 4894 -19.05 -7.74 37.25
C ILE A 4894 -18.86 -9.23 37.47
N GLY A 4895 -18.56 -9.63 38.70
CA GLY A 4895 -18.35 -11.03 38.91
C GLY A 4895 -17.03 -11.32 39.59
N ASN A 4896 -16.92 -12.48 40.19
CA ASN A 4896 -15.71 -12.89 40.87
C ASN A 4896 -14.69 -13.46 39.91
N ASP A 4897 -15.11 -13.91 38.73
CA ASP A 4897 -14.20 -14.52 37.79
C ASP A 4897 -13.27 -13.50 37.14
N TYR A 4898 -13.82 -12.42 36.62
CA TYR A 4898 -13.00 -11.41 35.96
C TYR A 4898 -12.09 -10.68 36.93
N PHE A 4899 -12.60 -10.34 38.10
CA PHE A 4899 -11.82 -9.61 39.06
C PHE A 4899 -10.90 -10.47 39.87
N ASP A 4900 -10.89 -11.78 39.68
CA ASP A 4900 -9.94 -12.47 40.52
C ASP A 4900 -8.58 -12.41 39.86
N THR A 4901 -8.29 -13.27 38.87
CA THR A 4901 -7.25 -13.18 37.83
C THR A 4901 -5.87 -12.65 38.21
N VAL A 4902 -5.64 -12.40 39.50
CA VAL A 4902 -4.43 -11.92 40.15
C VAL A 4902 -4.54 -12.60 41.50
N PRO A 4903 -3.48 -12.71 42.28
CA PRO A 4903 -3.65 -13.15 43.66
C PRO A 4903 -4.44 -12.13 44.45
N HIS A 4904 -5.46 -12.62 45.16
CA HIS A 4904 -6.20 -11.88 46.17
C HIS A 4904 -6.94 -10.69 45.55
N GLY A 4905 -7.78 -11.01 44.56
CA GLY A 4905 -8.25 -10.05 43.59
C GLY A 4905 -9.62 -9.44 43.74
N PHE A 4906 -10.61 -10.20 44.21
CA PHE A 4906 -11.90 -9.58 44.44
C PHE A 4906 -11.89 -8.76 45.71
N GLU A 4907 -11.04 -9.11 46.65
CA GLU A 4907 -11.03 -8.43 47.94
C GLU A 4907 -10.63 -6.97 47.80
N THR A 4908 -9.66 -6.67 46.96
CA THR A 4908 -9.24 -5.28 46.85
C THR A 4908 -10.17 -4.49 45.97
N HIS A 4909 -10.92 -5.13 45.09
CA HIS A 4909 -11.87 -4.37 44.28
C HIS A 4909 -13.00 -3.87 45.14
N THR A 4910 -13.35 -4.57 46.19
CA THR A 4910 -14.42 -4.11 47.05
C THR A 4910 -13.93 -3.50 48.34
N LEU A 4911 -12.63 -3.40 48.55
CA LEU A 4911 -12.14 -2.70 49.73
C LEU A 4911 -11.41 -1.42 49.38
N GLN A 4912 -11.11 -1.21 48.11
CA GLN A 4912 -10.62 0.08 47.69
C GLN A 4912 -11.46 0.71 46.60
N GLU A 4913 -11.74 -0.01 45.54
CA GLU A 4913 -12.21 0.65 44.33
C GLU A 4913 -13.68 1.01 44.38
N HIS A 4914 -14.54 0.21 45.01
CA HIS A 4914 -15.89 0.68 45.21
C HIS A 4914 -16.27 0.81 46.68
N ASN A 4915 -16.35 -0.29 47.43
CA ASN A 4915 -16.60 -0.31 48.87
C ASN A 4915 -17.75 0.58 49.28
N LEU A 4916 -18.99 0.20 48.98
CA LEU A 4916 -20.17 1.07 48.98
C LEU A 4916 -20.37 1.99 50.18
N ALA A 4917 -19.67 1.73 51.29
CA ALA A 4917 -19.56 2.72 52.35
C ALA A 4917 -18.95 4.02 51.84
N ASN A 4918 -17.93 3.93 50.99
CA ASN A 4918 -17.26 5.13 50.48
C ASN A 4918 -18.18 5.99 49.65
N TYR A 4919 -19.08 5.37 48.89
CA TYR A 4919 -20.06 6.13 48.16
C TYR A 4919 -21.08 6.80 49.06
N LEU A 4920 -21.13 6.41 50.33
CA LEU A 4920 -21.95 7.14 51.28
C LEU A 4920 -21.14 8.19 51.99
N PHE A 4921 -19.86 7.92 52.24
CA PHE A 4921 -19.01 8.97 52.80
C PHE A 4921 -18.79 10.10 51.82
N PHE A 4922 -18.69 9.78 50.53
CA PHE A 4922 -18.54 10.79 49.50
C PHE A 4922 -19.72 11.71 49.46
N LEU A 4923 -20.92 11.18 49.63
CA LEU A 4923 -22.06 12.07 49.59
C LEU A 4923 -22.28 12.70 50.96
N MET A 4924 -21.59 12.23 51.98
CA MET A 4924 -21.52 13.00 53.21
C MET A 4924 -20.50 14.11 53.11
N TYR A 4925 -19.51 13.95 52.24
CA TYR A 4925 -18.44 14.93 52.15
C TYR A 4925 -18.83 16.12 51.31
N LEU A 4926 -19.70 15.90 50.32
CA LEU A 4926 -20.21 17.00 49.51
C LEU A 4926 -21.03 17.98 50.31
N ILE A 4927 -21.66 17.56 51.40
CA ILE A 4927 -22.51 18.47 52.13
C ILE A 4927 -21.70 19.48 52.92
N ASN A 4928 -20.60 19.06 53.50
CA ASN A 4928 -19.81 19.99 54.29
C ASN A 4928 -18.91 20.89 53.45
N LYS A 4929 -18.72 20.57 52.18
CA LYS A 4929 -18.01 21.47 51.29
C LYS A 4929 -18.88 22.66 50.94
N ASP A 4930 -18.29 23.84 50.89
CA ASP A 4930 -19.02 24.99 50.39
C ASP A 4930 -19.22 24.86 48.88
N GLU A 4931 -20.27 25.51 48.38
CA GLU A 4931 -20.59 25.40 46.97
C GLU A 4931 -19.58 26.08 46.06
N THR A 4932 -18.80 27.01 46.59
CA THR A 4932 -17.73 27.60 45.80
C THR A 4932 -16.51 26.72 45.76
N GLU A 4933 -16.40 25.78 46.69
CA GLU A 4933 -15.22 24.99 46.93
C GLU A 4933 -15.19 23.71 46.11
N HIS A 4934 -16.20 23.46 45.30
CA HIS A 4934 -16.33 22.18 44.63
C HIS A 4934 -15.33 22.10 43.50
N THR A 4935 -14.60 21.01 43.42
CA THR A 4935 -13.61 20.84 42.37
C THR A 4935 -14.25 20.38 41.09
N GLY A 4936 -13.46 19.79 40.20
CA GLY A 4936 -13.95 19.42 38.89
C GLY A 4936 -15.00 18.33 38.94
N GLN A 4937 -14.68 17.22 39.59
CA GLN A 4937 -15.66 16.15 39.75
C GLN A 4937 -16.78 16.55 40.67
N GLU A 4938 -16.45 17.13 41.80
CA GLU A 4938 -17.38 17.31 42.90
C GLU A 4938 -18.39 18.41 42.66
N SER A 4939 -18.50 18.90 41.44
CA SER A 4939 -19.62 19.71 41.01
C SER A 4939 -20.15 19.26 39.68
N TYR A 4940 -19.64 18.17 39.14
CA TYR A 4940 -20.37 17.46 38.11
C TYR A 4940 -21.22 16.37 38.72
N VAL A 4941 -20.74 15.78 39.81
CA VAL A 4941 -21.55 14.87 40.60
C VAL A 4941 -22.69 15.60 41.27
N TRP A 4942 -22.34 16.62 42.06
CA TRP A 4942 -23.32 17.30 42.89
C TRP A 4942 -24.37 18.01 42.08
N LYS A 4943 -24.05 18.43 40.87
CA LYS A 4943 -25.11 18.92 40.01
C LYS A 4943 -25.99 17.79 39.54
N MET A 4944 -25.42 16.64 39.22
CA MET A 4944 -26.22 15.51 38.77
C MET A 4944 -27.07 14.93 39.89
N TYR A 4945 -26.66 15.14 41.12
CA TYR A 4945 -27.45 14.65 42.25
C TYR A 4945 -28.70 15.47 42.42
N GLN A 4946 -28.70 16.72 42.00
CA GLN A 4946 -29.91 17.50 42.14
C GLN A 4946 -30.93 17.12 41.07
N GLU A 4947 -30.50 17.01 39.82
CA GLU A 4947 -31.40 16.59 38.78
C GLU A 4947 -31.75 15.11 38.85
N ARG A 4948 -30.97 14.33 39.60
CA ARG A 4948 -31.23 12.91 39.88
C ARG A 4948 -31.29 12.10 38.59
N CYS A 4949 -30.14 12.00 37.92
CA CYS A 4949 -30.05 11.12 36.77
C CYS A 4949 -29.39 9.77 37.07
N TRP A 4950 -28.42 9.74 37.99
CA TRP A 4950 -27.66 8.55 38.37
C TRP A 4950 -27.01 7.84 37.21
N GLU A 4951 -26.55 8.57 36.21
CA GLU A 4951 -25.77 7.95 35.18
C GLU A 4951 -24.30 7.87 35.55
N PHE A 4952 -23.92 8.42 36.70
CA PHE A 4952 -22.53 8.51 37.04
C PHE A 4952 -22.02 7.36 37.88
N PHE A 4953 -22.89 6.52 38.42
CA PHE A 4953 -22.43 5.27 38.98
C PHE A 4953 -21.89 4.40 37.85
N PRO A 4954 -20.78 3.73 38.05
CA PRO A 4954 -20.17 2.99 36.96
C PRO A 4954 -21.00 1.79 36.57
N ALA A 4955 -21.66 1.86 35.42
CA ALA A 4955 -22.60 0.81 35.05
C ALA A 4955 -21.92 -0.50 34.70
N GLY A 4956 -21.13 -0.52 33.63
CA GLY A 4956 -20.59 -1.79 33.20
C GLY A 4956 -19.12 -2.01 33.51
N ASP A 4957 -18.28 -1.05 33.19
CA ASP A 4957 -16.84 -1.22 33.35
C ASP A 4957 -16.37 -0.45 34.57
N CYS A 4958 -15.20 -0.80 35.07
CA CYS A 4958 -14.74 -0.15 36.29
C CYS A 4958 -13.50 0.69 36.10
N PHE A 4959 -12.32 0.09 36.07
CA PHE A 4959 -11.12 0.85 35.76
C PHE A 4959 -10.23 -0.05 34.93
N ARG A 4960 -10.14 -1.29 35.37
CA ARG A 4960 -9.31 -2.27 34.68
C ARG A 4960 -10.00 -2.83 33.47
N LYS A 4961 -11.30 -2.62 33.33
CA LYS A 4961 -12.00 -3.03 32.13
C LYS A 4961 -11.92 -1.99 31.04
N GLN A 4962 -11.07 -0.99 31.17
CA GLN A 4962 -10.72 -0.16 30.03
C GLN A 4962 -9.24 0.15 29.92
N TYR A 4963 -8.44 -0.13 30.94
CA TYR A 4963 -7.01 0.11 30.89
C TYR A 4963 -6.24 -1.20 31.02
N GLU A 4964 -4.93 -1.10 31.15
CA GLU A 4964 -4.06 -2.25 31.27
C GLU A 4964 -2.59 -1.83 31.21
N GLY B 2 -8.82 131.39 29.74
CA GLY B 2 -8.28 130.63 28.62
C GLY B 2 -9.17 129.47 28.25
N VAL B 3 -10.20 129.25 29.05
CA VAL B 3 -11.17 128.19 28.79
C VAL B 3 -12.55 128.81 28.82
N GLU B 4 -13.47 128.21 28.07
CA GLU B 4 -14.79 128.78 27.88
C GLU B 4 -15.68 128.50 29.08
N ILE B 5 -16.02 129.56 29.80
CA ILE B 5 -16.79 129.50 31.03
C ILE B 5 -18.13 130.15 30.78
N GLU B 6 -19.16 129.35 30.63
CA GLU B 6 -20.52 129.81 30.45
C GLU B 6 -21.21 129.70 31.79
N THR B 7 -21.64 130.81 32.36
CA THR B 7 -22.42 130.73 33.57
C THR B 7 -23.83 130.24 33.25
N ILE B 8 -24.34 129.33 34.07
CA ILE B 8 -25.66 128.80 33.80
C ILE B 8 -26.58 129.38 34.85
N SER B 9 -26.34 129.03 36.10
CA SER B 9 -27.01 129.63 37.23
C SER B 9 -26.05 130.56 37.96
N PRO B 10 -26.54 131.66 38.51
CA PRO B 10 -25.66 132.54 39.29
C PRO B 10 -25.49 132.06 40.72
N GLY B 11 -24.25 132.14 41.18
CA GLY B 11 -23.95 131.79 42.55
C GLY B 11 -24.00 132.99 43.45
N ASP B 12 -22.85 133.41 43.96
CA ASP B 12 -22.75 134.70 44.64
C ASP B 12 -21.75 135.63 43.99
N GLY B 13 -20.88 135.14 43.11
CA GLY B 13 -20.01 135.99 42.33
C GLY B 13 -18.72 136.40 43.02
N ARG B 14 -18.81 136.69 44.32
CA ARG B 14 -17.72 137.31 45.06
C ARG B 14 -16.72 136.32 45.63
N THR B 15 -17.17 135.14 46.06
CA THR B 15 -16.33 134.20 46.78
C THR B 15 -15.83 133.15 45.81
N PHE B 16 -14.72 133.43 45.16
CA PHE B 16 -14.10 132.37 44.39
C PHE B 16 -13.04 131.68 45.24
N PRO B 17 -12.92 130.36 45.12
CA PRO B 17 -12.13 129.57 46.09
C PRO B 17 -10.64 129.82 45.94
N LYS B 18 -9.94 129.74 47.06
CA LYS B 18 -8.50 129.93 47.09
C LYS B 18 -7.78 128.58 47.00
N LYS B 19 -6.54 128.64 46.51
CA LYS B 19 -5.70 127.45 46.44
C LYS B 19 -5.34 127.00 47.84
N GLY B 20 -5.27 125.69 48.04
CA GLY B 20 -5.14 125.13 49.35
C GLY B 20 -6.45 124.74 50.01
N GLN B 21 -7.55 124.79 49.28
CA GLN B 21 -8.84 124.34 49.78
C GLN B 21 -9.32 123.18 48.92
N THR B 22 -9.93 122.18 49.55
CA THR B 22 -10.57 121.13 48.80
C THR B 22 -11.91 121.65 48.32
N CYS B 23 -12.28 121.29 47.10
CA CYS B 23 -13.51 121.79 46.48
C CYS B 23 -14.44 120.61 46.22
N VAL B 24 -15.70 120.78 46.59
CA VAL B 24 -16.73 119.77 46.34
C VAL B 24 -17.50 120.19 45.10
N VAL B 25 -17.62 119.28 44.13
CA VAL B 25 -18.30 119.63 42.89
C VAL B 25 -19.12 118.44 42.39
N HIS B 26 -20.34 118.71 41.93
CA HIS B 26 -21.05 117.74 41.11
C HIS B 26 -20.86 118.10 39.66
N TYR B 27 -20.36 117.16 38.88
CA TYR B 27 -20.02 117.46 37.51
C TYR B 27 -20.53 116.37 36.59
N THR B 28 -21.10 116.78 35.47
CA THR B 28 -21.59 115.86 34.45
C THR B 28 -20.93 116.23 33.14
N GLY B 29 -20.09 115.35 32.62
CA GLY B 29 -19.38 115.68 31.39
C GLY B 29 -19.83 114.88 30.19
N MET B 30 -19.91 115.55 29.05
CA MET B 30 -20.24 114.92 27.79
C MET B 30 -19.21 115.31 26.74
N LEU B 31 -19.33 114.72 25.56
CA LEU B 31 -18.43 115.02 24.46
C LEU B 31 -18.96 116.21 23.67
N GLN B 32 -18.31 116.51 22.55
CA GLN B 32 -18.79 117.55 21.66
C GLN B 32 -20.06 117.12 20.94
N ASN B 33 -20.23 115.84 20.71
CA ASN B 33 -21.40 115.35 20.00
C ASN B 33 -22.65 115.35 20.84
N GLY B 34 -22.53 115.56 22.15
CA GLY B 34 -23.66 115.45 23.04
C GLY B 34 -23.76 114.11 23.74
N LYS B 35 -22.83 113.20 23.49
CA LYS B 35 -22.86 111.90 24.15
C LYS B 35 -22.23 111.98 25.52
N LYS B 36 -22.97 111.56 26.53
CA LYS B 36 -22.58 111.74 27.92
C LYS B 36 -21.65 110.63 28.34
N PHE B 37 -20.40 110.99 28.65
CA PHE B 37 -19.40 109.99 29.01
C PHE B 37 -19.13 109.91 30.50
N ASP B 38 -19.47 110.92 31.29
CA ASP B 38 -19.21 110.80 32.71
C ASP B 38 -20.25 111.59 33.48
N SER B 39 -20.56 111.12 34.69
CA SER B 39 -21.42 111.87 35.57
C SER B 39 -20.86 111.83 36.97
N SER B 40 -21.41 112.68 37.83
CA SER B 40 -21.26 112.52 39.26
C SER B 40 -22.60 112.35 39.94
N ARG B 41 -23.69 112.71 39.26
CA ARG B 41 -25.00 112.41 39.79
C ARG B 41 -25.33 110.93 39.66
N ASP B 42 -24.59 110.21 38.83
CA ASP B 42 -24.95 108.82 38.51
C ASP B 42 -24.74 107.93 39.73
N ARG B 43 -23.74 108.23 40.52
CA ARG B 43 -23.38 107.38 41.64
C ARG B 43 -23.72 108.02 42.97
N ASN B 44 -24.36 109.19 42.94
CA ASN B 44 -24.78 109.94 44.12
C ASN B 44 -23.60 110.29 45.03
N LYS B 45 -22.47 110.56 44.41
CA LYS B 45 -21.26 110.89 45.15
C LYS B 45 -20.75 112.23 44.67
N PRO B 46 -20.66 113.22 45.54
CA PRO B 46 -20.04 114.48 45.15
C PRO B 46 -18.54 114.30 45.02
N PHE B 47 -17.99 114.81 43.93
CA PHE B 47 -16.56 114.73 43.71
C PHE B 47 -15.83 115.68 44.66
N LYS B 48 -14.59 115.34 44.96
CA LYS B 48 -13.73 116.18 45.78
C LYS B 48 -12.35 116.28 45.14
N PHE B 49 -11.75 117.47 45.19
CA PHE B 49 -10.41 117.65 44.65
C PHE B 49 -9.76 118.87 45.27
N ARG B 50 -8.43 118.89 45.19
CA ARG B 50 -7.60 119.94 45.77
C ARG B 50 -6.91 120.71 44.65
N ILE B 51 -6.90 122.04 44.77
CA ILE B 51 -6.39 122.91 43.73
C ILE B 51 -4.86 122.83 43.70
N GLY B 52 -4.31 122.73 42.49
CA GLY B 52 -2.88 122.85 42.29
C GLY B 52 -2.07 121.60 42.54
N LYS B 53 -2.67 120.58 43.13
CA LYS B 53 -1.93 119.37 43.49
C LYS B 53 -1.74 118.44 42.30
N GLN B 54 -2.22 118.83 41.11
CA GLN B 54 -1.97 118.17 39.83
C GLN B 54 -2.51 116.74 39.81
N GLU B 55 -3.79 116.62 40.14
CA GLU B 55 -4.53 115.39 39.93
C GLU B 55 -5.56 115.50 38.83
N VAL B 56 -6.21 116.64 38.70
CA VAL B 56 -7.27 116.83 37.72
C VAL B 56 -6.67 117.43 36.47
N ILE B 57 -7.39 117.32 35.35
CA ILE B 57 -6.95 117.97 34.12
C ILE B 57 -7.03 119.47 34.28
N LYS B 58 -6.23 120.17 33.48
CA LYS B 58 -5.92 121.57 33.76
C LYS B 58 -7.11 122.48 33.47
N GLY B 59 -7.89 122.15 32.45
CA GLY B 59 -9.02 123.00 32.11
C GLY B 59 -10.10 122.92 33.17
N PHE B 60 -10.24 121.76 33.80
CA PHE B 60 -11.21 121.59 34.88
C PHE B 60 -10.84 122.45 36.08
N GLU B 61 -9.57 122.42 36.49
CA GLU B 61 -9.13 123.21 37.62
C GLU B 61 -9.19 124.70 37.32
N GLU B 62 -8.83 125.09 36.09
CA GLU B 62 -8.87 126.49 35.70
C GLU B 62 -10.31 126.99 35.69
N GLY B 63 -11.23 126.25 35.09
CA GLY B 63 -12.63 126.64 35.08
C GLY B 63 -13.29 126.58 36.43
N ALA B 64 -12.80 125.73 37.33
CA ALA B 64 -13.33 125.74 38.68
C ALA B 64 -12.74 126.88 39.51
N ALA B 65 -11.58 127.39 39.14
CA ALA B 65 -10.96 128.46 39.89
C ALA B 65 -11.67 129.80 39.68
N GLN B 66 -12.40 129.94 38.57
CA GLN B 66 -13.13 131.18 38.34
C GLN B 66 -14.54 131.14 38.91
N MET B 67 -15.00 129.99 39.37
CA MET B 67 -16.38 129.83 39.78
C MET B 67 -16.58 130.33 41.20
N SER B 68 -17.77 130.13 41.75
CA SER B 68 -18.08 130.59 43.09
C SER B 68 -19.12 129.66 43.71
N LEU B 69 -19.53 129.99 44.94
CA LEU B 69 -20.46 129.16 45.69
C LEU B 69 -21.87 129.34 45.15
N GLY B 70 -22.49 128.22 44.76
CA GLY B 70 -23.75 128.22 44.07
C GLY B 70 -23.64 128.30 42.56
N GLN B 71 -22.51 128.75 42.04
CA GLN B 71 -22.37 129.00 40.62
C GLN B 71 -22.10 127.71 39.85
N ARG B 72 -22.89 127.46 38.81
CA ARG B 72 -22.68 126.31 37.95
C ARG B 72 -22.33 126.78 36.55
N ALA B 73 -21.52 125.97 35.86
CA ALA B 73 -20.92 126.45 34.62
C ALA B 73 -20.77 125.35 33.60
N LYS B 74 -20.81 125.76 32.35
CA LYS B 74 -20.62 124.89 31.20
C LYS B 74 -19.18 125.10 30.71
N LEU B 75 -18.26 124.35 31.31
CA LEU B 75 -16.85 124.44 30.94
C LEU B 75 -16.65 123.76 29.60
N THR B 76 -16.09 124.46 28.63
CA THR B 76 -15.84 123.83 27.33
C THR B 76 -14.35 123.78 27.08
N CYS B 77 -13.74 122.63 27.36
CA CYS B 77 -12.30 122.53 27.32
C CYS B 77 -11.79 122.20 25.92
N THR B 78 -10.83 122.97 25.48
CA THR B 78 -10.14 122.78 24.20
C THR B 78 -9.21 121.58 24.30
N PRO B 79 -9.14 120.71 23.27
CA PRO B 79 -8.45 119.42 23.41
C PRO B 79 -6.96 119.50 23.71
N ASP B 80 -6.32 120.65 23.55
CA ASP B 80 -4.93 120.75 23.98
C ASP B 80 -4.81 120.80 25.49
N VAL B 81 -5.85 121.28 26.18
CA VAL B 81 -5.83 121.29 27.64
C VAL B 81 -6.47 120.01 28.16
N ALA B 82 -7.20 119.31 27.31
CA ALA B 82 -7.78 118.00 27.60
C ALA B 82 -6.76 116.89 27.45
N TYR B 83 -7.24 115.66 27.27
CA TYR B 83 -6.37 114.50 27.14
C TYR B 83 -5.46 114.54 25.90
N GLY B 84 -5.75 115.41 24.94
CA GLY B 84 -4.77 115.70 23.92
C GLY B 84 -4.74 114.73 22.77
N ALA B 85 -3.55 114.60 22.20
CA ALA B 85 -3.37 113.77 21.01
C ALA B 85 -3.49 112.30 21.31
N THR B 86 -3.13 111.90 22.53
CA THR B 86 -3.32 110.50 22.91
C THR B 86 -4.77 110.20 23.27
N GLY B 87 -5.50 111.20 23.74
CA GLY B 87 -6.82 110.93 24.26
C GLY B 87 -6.72 110.13 25.55
N HIS B 88 -7.78 109.39 25.86
CA HIS B 88 -7.76 108.45 26.97
C HIS B 88 -7.98 107.07 26.35
N PRO B 89 -7.31 106.06 26.83
CA PRO B 89 -7.48 104.73 26.24
C PRO B 89 -8.83 104.11 26.53
N GLY B 90 -9.84 104.47 25.75
CA GLY B 90 -11.09 103.74 25.80
C GLY B 90 -12.33 104.59 25.92
N VAL B 91 -12.26 105.70 26.65
CA VAL B 91 -13.44 106.49 26.97
C VAL B 91 -13.48 107.78 26.15
N ILE B 92 -12.32 108.29 25.74
CA ILE B 92 -12.22 109.55 25.02
C ILE B 92 -11.53 109.29 23.69
N PRO B 93 -12.16 109.60 22.56
CA PRO B 93 -11.47 109.51 21.28
C PRO B 93 -10.40 110.56 21.18
N PRO B 94 -9.39 110.38 20.32
CA PRO B 94 -8.29 111.36 20.26
C PRO B 94 -8.75 112.70 19.70
N ASN B 95 -8.33 113.77 20.38
CA ASN B 95 -8.51 115.16 19.97
C ASN B 95 -9.99 115.53 19.83
N ALA B 96 -10.67 115.59 20.98
CA ALA B 96 -12.06 116.05 21.01
C ALA B 96 -12.25 117.00 22.18
N THR B 97 -13.11 117.99 21.97
CA THR B 97 -13.44 118.92 23.04
C THR B 97 -14.38 118.27 24.03
N LEU B 98 -14.26 118.66 25.29
CA LEU B 98 -15.07 118.12 26.36
C LEU B 98 -15.98 119.21 26.90
N ILE B 99 -17.22 118.86 27.22
CA ILE B 99 -18.23 119.81 27.63
C ILE B 99 -18.72 119.38 29.00
N PHE B 100 -18.31 120.08 30.04
CA PHE B 100 -18.73 119.74 31.38
C PHE B 100 -19.81 120.71 31.85
N ASP B 101 -20.78 120.17 32.58
CA ASP B 101 -21.69 120.97 33.37
C ASP B 101 -21.24 120.70 34.79
N VAL B 102 -20.46 121.59 35.33
CA VAL B 102 -20.02 121.46 36.71
C VAL B 102 -20.86 122.36 37.58
N GLU B 103 -20.86 122.05 38.87
CA GLU B 103 -21.63 122.85 39.83
C GLU B 103 -20.93 122.69 41.17
N LEU B 104 -20.39 123.78 41.69
CA LEU B 104 -19.63 123.69 42.92
C LEU B 104 -20.57 123.79 44.12
N LEU B 105 -20.24 123.06 45.18
CA LEU B 105 -21.09 123.04 46.36
C LEU B 105 -20.42 123.61 47.60
N ASN B 106 -19.28 123.07 48.01
CA ASN B 106 -18.71 123.40 49.31
C ASN B 106 -17.20 123.47 49.18
N LEU B 107 -16.58 124.14 50.14
CA LEU B 107 -15.17 124.48 50.04
C LEU B 107 -14.47 124.06 51.32
N GLU B 108 -13.24 124.54 51.48
CA GLU B 108 -12.49 124.35 52.70
C GLU B 108 -11.78 125.64 53.12
N GLN C 12 -12.46 -16.36 -29.00
CA GLN C 12 -12.00 -17.72 -28.77
C GLN C 12 -12.55 -18.68 -29.83
N PHE C 13 -13.87 -18.89 -29.84
CA PHE C 13 -14.51 -19.75 -30.83
C PHE C 13 -15.42 -18.93 -31.72
N LEU C 14 -16.04 -19.62 -32.69
CA LEU C 14 -16.97 -19.01 -33.62
C LEU C 14 -18.34 -19.66 -33.49
N ARG C 15 -19.37 -18.85 -33.47
CA ARG C 15 -20.73 -19.31 -33.25
C ARG C 15 -21.60 -18.90 -34.42
N THR C 16 -22.83 -19.38 -34.42
CA THR C 16 -23.79 -18.88 -35.40
C THR C 16 -24.22 -17.48 -35.00
N ASP C 17 -24.75 -16.76 -35.99
CA ASP C 17 -25.13 -15.35 -35.90
C ASP C 17 -23.97 -14.48 -35.45
N ASP C 18 -22.78 -14.82 -35.90
CA ASP C 18 -21.60 -14.02 -35.67
C ASP C 18 -21.29 -13.25 -36.94
N GLU C 19 -20.31 -12.35 -36.84
CA GLU C 19 -19.86 -11.60 -38.01
C GLU C 19 -18.39 -11.93 -38.25
N VAL C 20 -18.10 -12.49 -39.42
CA VAL C 20 -16.74 -12.88 -39.77
C VAL C 20 -16.40 -12.31 -41.13
N VAL C 21 -15.14 -12.46 -41.52
CA VAL C 21 -14.68 -12.17 -42.86
C VAL C 21 -13.99 -13.40 -43.40
N LEU C 22 -13.87 -13.47 -44.71
CA LEU C 22 -13.08 -14.50 -45.36
C LEU C 22 -11.92 -13.86 -46.08
N GLN C 23 -10.73 -14.38 -45.83
CA GLN C 23 -9.54 -13.64 -46.22
C GLN C 23 -8.44 -14.64 -46.58
N CYS C 24 -7.98 -14.57 -47.82
CA CYS C 24 -6.87 -15.39 -48.26
C CYS C 24 -5.69 -14.50 -48.60
N THR C 25 -4.51 -14.91 -48.15
CA THR C 25 -3.31 -14.14 -48.36
C THR C 25 -2.50 -14.80 -49.46
N ALA C 26 -2.38 -14.12 -50.59
CA ALA C 26 -1.54 -14.57 -51.69
C ALA C 26 -0.24 -13.77 -51.68
N THR C 27 0.70 -14.19 -52.52
CA THR C 27 1.97 -13.49 -52.68
C THR C 27 2.19 -13.23 -54.16
N ILE C 28 2.18 -11.94 -54.52
CA ILE C 28 2.54 -11.56 -55.87
C ILE C 28 3.89 -10.86 -55.88
N HIS C 29 4.94 -11.63 -56.20
CA HIS C 29 6.32 -11.17 -56.35
C HIS C 29 6.84 -10.53 -55.05
N LYS C 30 6.86 -11.37 -54.02
CA LYS C 30 7.34 -11.03 -52.67
C LYS C 30 6.57 -9.85 -52.09
N GLU C 31 5.26 -9.86 -52.28
CA GLU C 31 4.38 -8.86 -51.71
C GLU C 31 3.20 -9.58 -51.10
N GLN C 32 3.16 -9.65 -49.77
CA GLN C 32 2.15 -10.40 -49.05
C GLN C 32 0.83 -9.64 -49.16
N GLN C 33 0.02 -10.05 -50.13
CA GLN C 33 -1.27 -9.41 -50.38
C GLN C 33 -2.35 -10.19 -49.65
N LYS C 34 -2.97 -9.55 -48.65
CA LYS C 34 -4.04 -10.19 -47.89
C LYS C 34 -5.39 -9.83 -48.52
N LEU C 35 -5.74 -10.58 -49.57
CA LEU C 35 -6.99 -10.32 -50.24
C LEU C 35 -8.16 -10.82 -49.39
N CYS C 36 -9.30 -10.16 -49.54
CA CYS C 36 -10.50 -10.53 -48.82
C CYS C 36 -11.62 -10.76 -49.82
N LEU C 37 -12.58 -11.60 -49.44
CA LEU C 37 -13.67 -11.93 -50.35
C LEU C 37 -14.77 -10.87 -50.29
N ALA C 38 -15.19 -10.38 -51.45
CA ALA C 38 -16.16 -9.29 -51.47
C ALA C 38 -17.18 -9.53 -52.58
N ALA C 39 -18.43 -9.74 -52.21
CA ALA C 39 -19.51 -9.77 -53.17
C ALA C 39 -20.23 -8.44 -53.15
N GLU C 40 -20.88 -8.11 -54.27
CA GLU C 40 -21.52 -6.81 -54.39
C GLU C 40 -23.02 -6.85 -54.18
N GLY C 41 -23.74 -7.62 -55.01
CA GLY C 41 -25.18 -7.62 -54.95
C GLY C 41 -25.81 -6.38 -55.57
N PHE C 42 -27.14 -6.43 -55.76
CA PHE C 42 -27.94 -5.37 -56.38
C PHE C 42 -27.40 -5.00 -57.76
N GLY C 43 -27.10 -6.02 -58.56
CA GLY C 43 -26.64 -5.80 -59.90
C GLY C 43 -25.39 -6.59 -60.24
N ASN C 44 -24.96 -7.46 -59.33
CA ASN C 44 -23.72 -8.18 -59.55
C ASN C 44 -23.78 -9.52 -58.85
N ARG C 45 -23.86 -10.58 -59.63
CA ARG C 45 -23.98 -11.94 -59.13
C ARG C 45 -22.63 -12.62 -59.03
N LEU C 46 -21.54 -11.86 -59.03
CA LEU C 46 -20.22 -12.46 -58.98
C LEU C 46 -19.38 -11.76 -57.92
N CYS C 47 -18.49 -12.52 -57.31
CA CYS C 47 -17.65 -12.04 -56.23
C CYS C 47 -16.31 -11.59 -56.79
N PHE C 48 -15.57 -10.85 -55.98
CA PHE C 48 -14.23 -10.43 -56.38
C PHE C 48 -13.37 -10.29 -55.14
N LEU C 49 -12.23 -9.65 -55.31
CA LEU C 49 -11.23 -9.51 -54.27
C LEU C 49 -11.15 -8.07 -53.79
N GLU C 50 -10.86 -7.92 -52.50
CA GLU C 50 -10.74 -6.62 -51.88
C GLU C 50 -9.36 -6.54 -51.25
N SER C 51 -8.65 -5.46 -51.53
CA SER C 51 -7.31 -5.27 -51.01
C SER C 51 -7.38 -4.82 -49.56
N THR C 52 -6.55 -5.41 -48.71
CA THR C 52 -6.47 -5.10 -47.29
C THR C 52 -5.03 -4.84 -46.86
N SER C 53 -4.07 -5.17 -47.72
CA SER C 53 -2.66 -4.97 -47.42
C SER C 53 -2.28 -3.50 -47.42
N ASN C 54 -2.65 -2.77 -48.46
CA ASN C 54 -2.35 -1.35 -48.58
C ASN C 54 -3.41 -0.49 -47.91
N SER C 55 -3.69 -0.76 -46.63
CA SER C 55 -4.73 -0.04 -45.92
C SER C 55 -4.29 1.30 -45.39
N LYS C 56 -3.05 1.71 -45.63
CA LYS C 56 -2.55 2.96 -45.04
C LYS C 56 -2.78 4.16 -45.95
N ASN C 57 -3.05 3.94 -47.22
CA ASN C 57 -3.36 5.01 -48.15
C ASN C 57 -4.66 4.81 -48.89
N VAL C 58 -5.05 3.57 -49.18
CA VAL C 58 -6.36 3.28 -49.73
C VAL C 58 -7.10 2.34 -48.77
N PRO C 59 -8.07 2.87 -48.02
CA PRO C 59 -8.83 2.05 -47.08
C PRO C 59 -9.71 1.06 -47.83
N PRO C 60 -9.90 -0.14 -47.28
CA PRO C 60 -10.77 -1.12 -47.94
C PRO C 60 -12.22 -0.75 -47.73
N ASP C 61 -13.07 -1.29 -48.58
CA ASP C 61 -14.49 -1.24 -48.29
C ASP C 61 -14.84 -2.38 -47.35
N LEU C 62 -15.54 -2.05 -46.28
CA LEU C 62 -15.82 -3.08 -45.29
C LEU C 62 -17.23 -3.62 -45.39
N SER C 63 -18.17 -2.85 -45.92
CA SER C 63 -19.56 -3.27 -45.94
C SER C 63 -19.83 -4.38 -46.94
N ILE C 64 -18.90 -4.67 -47.85
CA ILE C 64 -19.13 -5.67 -48.86
C ILE C 64 -18.33 -6.93 -48.63
N CYS C 65 -17.66 -7.04 -47.49
CA CYS C 65 -16.84 -8.22 -47.24
C CYS C 65 -17.13 -8.91 -45.92
N THR C 66 -18.01 -8.37 -45.09
CA THR C 66 -18.38 -9.05 -43.87
C THR C 66 -19.54 -10.00 -44.13
N PHE C 67 -19.54 -11.11 -43.42
CA PHE C 67 -20.57 -12.13 -43.59
C PHE C 67 -21.21 -12.45 -42.25
N VAL C 68 -22.25 -13.28 -42.31
CA VAL C 68 -22.97 -13.77 -41.14
C VAL C 68 -23.19 -15.25 -41.31
N LEU C 69 -22.89 -16.03 -40.29
CA LEU C 69 -23.19 -17.46 -40.30
C LEU C 69 -24.63 -17.63 -39.82
N GLU C 70 -25.45 -18.29 -40.62
CA GLU C 70 -26.86 -18.39 -40.24
C GLU C 70 -27.15 -19.68 -39.49
N GLN C 71 -26.89 -20.83 -40.11
CA GLN C 71 -27.14 -22.11 -39.48
C GLN C 71 -25.93 -23.00 -39.69
N SER C 72 -25.90 -24.11 -38.95
CA SER C 72 -24.80 -25.05 -39.05
C SER C 72 -25.32 -26.42 -38.62
N LEU C 73 -25.64 -27.25 -39.60
CA LEU C 73 -26.14 -28.59 -39.34
C LEU C 73 -25.05 -29.61 -39.59
N SER C 74 -25.28 -30.82 -39.14
CA SER C 74 -24.51 -31.92 -39.68
C SER C 74 -25.15 -32.41 -40.96
N VAL C 75 -24.46 -33.31 -41.65
CA VAL C 75 -24.92 -33.77 -42.96
C VAL C 75 -26.18 -34.60 -42.85
N ARG C 76 -26.41 -35.19 -41.68
CA ARG C 76 -27.61 -35.98 -41.46
C ARG C 76 -28.85 -35.09 -41.45
N ALA C 77 -28.77 -33.96 -40.74
CA ALA C 77 -29.90 -33.05 -40.64
C ALA C 77 -30.09 -32.27 -41.93
N LEU C 78 -29.01 -32.00 -42.65
CA LEU C 78 -29.16 -31.31 -43.93
C LEU C 78 -29.81 -32.22 -44.96
N GLN C 79 -29.37 -33.48 -45.05
CA GLN C 79 -30.00 -34.41 -45.96
C GLN C 79 -31.42 -34.74 -45.56
N GLU C 80 -31.76 -34.56 -44.29
CA GLU C 80 -33.15 -34.67 -43.88
C GLU C 80 -33.95 -33.45 -44.34
N MET C 81 -33.49 -32.24 -43.97
CA MET C 81 -34.27 -31.03 -44.18
C MET C 81 -34.39 -30.69 -45.65
N LEU C 82 -33.39 -31.06 -46.44
CA LEU C 82 -33.49 -30.97 -47.88
C LEU C 82 -34.50 -31.96 -48.45
N ALA C 83 -34.74 -33.08 -47.77
CA ALA C 83 -35.64 -34.10 -48.27
C ALA C 83 -37.11 -33.79 -48.00
N ASN C 84 -37.43 -32.60 -47.53
CA ASN C 84 -38.82 -32.20 -47.33
C ASN C 84 -39.53 -32.00 -48.66
N GLY C 109 -30.90 -20.40 -29.93
CA GLY C 109 -29.67 -19.99 -29.29
C GLY C 109 -28.50 -19.87 -30.24
N HIS C 110 -27.29 -19.88 -29.69
CA HIS C 110 -26.07 -19.65 -30.46
C HIS C 110 -25.21 -20.89 -30.34
N ARG C 111 -25.43 -21.85 -31.25
CA ARG C 111 -24.62 -23.05 -31.30
C ARG C 111 -23.18 -22.73 -31.71
N THR C 112 -22.31 -23.69 -31.55
CA THR C 112 -20.91 -23.52 -31.92
C THR C 112 -20.58 -24.46 -33.07
N LEU C 113 -19.56 -24.10 -33.85
CA LEU C 113 -19.28 -24.79 -35.09
C LEU C 113 -18.22 -25.88 -34.91
N LEU C 114 -18.40 -26.96 -35.65
CA LEU C 114 -17.50 -28.10 -35.62
C LEU C 114 -17.10 -28.46 -37.03
N TYR C 115 -15.84 -28.88 -37.19
CA TYR C 115 -15.25 -29.10 -38.51
C TYR C 115 -15.89 -30.28 -39.21
N GLY C 116 -16.89 -30.02 -40.04
CA GLY C 116 -17.64 -31.10 -40.64
C GLY C 116 -19.09 -30.68 -40.77
N HIS C 117 -19.40 -29.52 -40.21
CA HIS C 117 -20.73 -28.98 -40.37
C HIS C 117 -20.86 -28.21 -41.68
N ALA C 118 -22.01 -28.37 -42.32
CA ALA C 118 -22.34 -27.64 -43.54
C ALA C 118 -23.02 -26.34 -43.16
N ILE C 119 -22.30 -25.24 -43.34
CA ILE C 119 -22.75 -23.95 -42.81
C ILE C 119 -23.41 -23.16 -43.93
N LEU C 120 -24.10 -22.11 -43.53
CA LEU C 120 -24.77 -21.21 -44.46
C LEU C 120 -24.21 -19.82 -44.22
N LEU C 121 -23.31 -19.37 -45.06
CA LEU C 121 -22.86 -18.00 -45.02
C LEU C 121 -23.94 -17.11 -45.61
N ARG C 122 -23.92 -15.84 -45.25
CA ARG C 122 -24.74 -14.86 -45.93
C ARG C 122 -24.07 -13.51 -45.91
N HIS C 123 -24.42 -12.70 -46.89
CA HIS C 123 -23.85 -11.37 -47.00
C HIS C 123 -24.47 -10.47 -45.94
N SER C 124 -23.63 -9.93 -45.06
CA SER C 124 -24.09 -9.23 -43.88
C SER C 124 -24.78 -7.92 -44.20
N TYR C 125 -24.56 -7.38 -45.39
CA TYR C 125 -25.27 -6.18 -45.79
C TYR C 125 -26.44 -6.52 -46.70
N SER C 126 -26.17 -7.18 -47.81
CA SER C 126 -27.15 -7.32 -48.89
C SER C 126 -28.29 -8.25 -48.53
N GLY C 127 -28.02 -9.24 -47.67
CA GLY C 127 -29.06 -10.16 -47.29
C GLY C 127 -29.21 -11.37 -48.17
N MET C 128 -28.26 -11.63 -49.06
CA MET C 128 -28.32 -12.81 -49.91
C MET C 128 -27.42 -13.89 -49.35
N TYR C 129 -27.63 -15.12 -49.82
CA TYR C 129 -26.83 -16.24 -49.36
C TYR C 129 -25.78 -16.60 -50.41
N LEU C 130 -24.55 -16.79 -49.94
CA LEU C 130 -23.44 -17.08 -50.83
C LEU C 130 -23.50 -18.51 -51.31
N CYS C 131 -23.17 -18.75 -52.58
CA CYS C 131 -23.30 -20.08 -53.15
C CYS C 131 -22.42 -20.21 -54.37
N CYS C 132 -22.43 -21.41 -54.94
CA CYS C 132 -21.78 -21.72 -56.19
C CYS C 132 -22.80 -21.70 -57.32
N LEU C 133 -22.36 -21.25 -58.50
CA LEU C 133 -23.21 -21.06 -59.65
C LEU C 133 -22.73 -21.97 -60.78
N SER C 134 -23.60 -22.19 -61.75
CA SER C 134 -23.27 -23.05 -62.88
C SER C 134 -22.77 -22.29 -64.09
N THR C 135 -22.28 -21.07 -63.91
CA THR C 135 -21.74 -20.28 -65.00
C THR C 135 -20.26 -20.61 -65.18
N SER C 136 -19.59 -19.85 -66.05
CA SER C 136 -18.19 -20.12 -66.34
C SER C 136 -17.47 -18.82 -66.69
N ARG C 137 -16.16 -18.84 -66.52
CA ARG C 137 -15.28 -17.82 -67.06
C ARG C 137 -14.04 -18.45 -67.67
N LYS C 142 -10.97 -24.04 -68.49
CA LYS C 142 -10.85 -24.70 -67.20
C LYS C 142 -12.14 -25.44 -66.84
N LEU C 143 -12.08 -26.20 -65.75
CA LEU C 143 -13.25 -26.97 -65.30
C LEU C 143 -13.70 -26.50 -63.93
N ALA C 144 -13.76 -25.18 -63.75
CA ALA C 144 -14.18 -24.59 -62.50
C ALA C 144 -15.60 -24.08 -62.59
N PHE C 145 -16.12 -23.61 -61.47
CA PHE C 145 -17.42 -22.96 -61.41
C PHE C 145 -17.28 -21.63 -60.69
N ASP C 146 -18.15 -20.69 -61.02
CA ASP C 146 -18.09 -19.35 -60.46
C ASP C 146 -18.90 -19.28 -59.18
N VAL C 147 -18.67 -18.23 -58.41
CA VAL C 147 -19.21 -18.13 -57.07
C VAL C 147 -19.89 -16.78 -56.90
N GLY C 148 -21.13 -16.80 -56.39
CA GLY C 148 -21.85 -15.54 -56.23
C GLY C 148 -23.00 -15.68 -55.27
N LEU C 149 -23.82 -14.65 -55.21
CA LEU C 149 -24.92 -14.68 -54.27
C LEU C 149 -26.18 -15.18 -54.95
N GLN C 150 -27.11 -15.68 -54.12
CA GLN C 150 -28.44 -15.99 -54.59
C GLN C 150 -29.39 -15.79 -53.43
N GLU C 151 -30.66 -15.59 -53.75
CA GLU C 151 -31.63 -15.22 -52.73
C GLU C 151 -32.22 -16.44 -52.05
N ASP C 152 -32.51 -17.47 -52.82
CA ASP C 152 -33.13 -18.67 -52.31
C ASP C 152 -32.13 -19.49 -51.50
N THR C 153 -32.63 -20.18 -50.49
CA THR C 153 -31.79 -20.97 -49.61
C THR C 153 -31.93 -22.47 -49.80
N THR C 154 -32.85 -22.91 -50.65
CA THR C 154 -33.02 -24.34 -50.84
C THR C 154 -31.95 -24.88 -51.79
N GLY C 155 -31.95 -26.19 -51.96
CA GLY C 155 -30.93 -26.84 -52.73
C GLY C 155 -29.60 -26.90 -52.01
N GLU C 156 -28.67 -27.64 -52.60
CA GLU C 156 -27.34 -27.79 -52.00
C GLU C 156 -26.42 -26.63 -52.35
N ALA C 157 -26.92 -25.58 -53.00
CA ALA C 157 -26.04 -24.59 -53.58
C ALA C 157 -25.38 -23.71 -52.53
N CYS C 158 -26.13 -23.26 -51.53
CA CYS C 158 -25.61 -22.31 -50.55
C CYS C 158 -25.14 -22.97 -49.28
N TRP C 159 -24.60 -24.18 -49.35
CA TRP C 159 -24.13 -24.90 -48.18
C TRP C 159 -22.67 -25.27 -48.35
N TRP C 160 -21.90 -25.07 -47.30
CA TRP C 160 -20.46 -25.29 -47.35
C TRP C 160 -20.02 -26.01 -46.09
N THR C 161 -19.37 -27.15 -46.26
CA THR C 161 -18.78 -27.85 -45.13
C THR C 161 -17.37 -27.35 -44.89
N ILE C 162 -17.06 -27.06 -43.65
CA ILE C 162 -15.71 -26.64 -43.31
C ILE C 162 -14.82 -27.86 -43.28
N HIS C 163 -13.56 -27.67 -43.63
CA HIS C 163 -12.56 -28.72 -43.51
C HIS C 163 -11.36 -28.12 -42.80
N PRO C 164 -10.80 -28.82 -41.84
CA PRO C 164 -9.55 -28.36 -41.22
C PRO C 164 -8.38 -28.54 -42.16
N ALA C 165 -7.41 -27.66 -42.01
CA ALA C 165 -6.23 -27.68 -42.85
C ALA C 165 -4.99 -27.87 -42.02
N SER C 166 -5.05 -28.82 -41.08
CA SER C 166 -3.91 -29.14 -40.25
C SER C 166 -4.07 -30.56 -39.74
N LYS C 167 -2.95 -31.16 -39.38
CA LYS C 167 -3.02 -32.28 -38.46
C LYS C 167 -3.13 -31.81 -37.02
N GLN C 168 -2.86 -30.54 -36.77
CA GLN C 168 -2.90 -29.96 -35.42
C GLN C 168 -4.31 -29.86 -34.87
N ARG C 169 -5.32 -29.81 -35.72
CA ARG C 169 -6.71 -29.95 -35.31
C ARG C 169 -7.38 -30.87 -36.31
N SER C 170 -8.44 -31.54 -35.87
CA SER C 170 -8.95 -32.63 -36.69
C SER C 170 -10.47 -32.59 -36.67
N GLU C 171 -11.09 -33.67 -37.13
CA GLU C 171 -12.52 -33.73 -37.36
C GLU C 171 -13.29 -33.64 -36.04
N GLY C 172 -14.46 -33.03 -36.11
CA GLY C 172 -15.42 -33.08 -35.03
C GLY C 172 -15.21 -32.06 -33.94
N GLU C 173 -13.98 -31.58 -33.79
CA GLU C 173 -13.68 -30.75 -32.64
C GLU C 173 -14.10 -29.30 -32.89
N LYS C 174 -13.81 -28.43 -31.93
CA LYS C 174 -14.36 -27.10 -31.93
C LYS C 174 -13.52 -26.14 -32.77
N VAL C 175 -14.20 -25.21 -33.44
CA VAL C 175 -13.52 -24.19 -34.23
C VAL C 175 -12.85 -23.20 -33.29
N ARG C 176 -11.81 -22.54 -33.77
CA ARG C 176 -11.18 -21.47 -33.02
C ARG C 176 -10.85 -20.31 -33.94
N VAL C 177 -10.51 -19.20 -33.32
CA VAL C 177 -10.28 -17.96 -34.05
C VAL C 177 -8.95 -18.05 -34.79
N GLY C 178 -8.99 -17.73 -36.08
CA GLY C 178 -7.78 -17.64 -36.85
C GLY C 178 -7.28 -18.93 -37.43
N ASP C 179 -8.09 -20.00 -37.37
CA ASP C 179 -7.67 -21.27 -37.92
C ASP C 179 -7.77 -21.23 -39.44
N ASP C 180 -6.62 -21.41 -40.11
CA ASP C 180 -6.62 -21.48 -41.55
C ASP C 180 -7.28 -22.77 -42.00
N LEU C 181 -8.37 -22.64 -42.75
CA LEU C 181 -9.26 -23.76 -43.03
C LEU C 181 -9.54 -23.81 -44.53
N ILE C 182 -10.34 -24.81 -44.91
CA ILE C 182 -10.77 -25.02 -46.29
C ILE C 182 -12.29 -25.01 -46.26
N LEU C 183 -12.92 -24.57 -47.34
CA LEU C 183 -14.36 -24.69 -47.49
C LEU C 183 -14.64 -25.67 -48.61
N VAL C 184 -15.74 -26.40 -48.51
CA VAL C 184 -16.10 -27.38 -49.51
C VAL C 184 -17.56 -27.17 -49.88
N SER C 185 -17.82 -27.05 -51.17
CA SER C 185 -19.18 -26.97 -51.67
C SER C 185 -19.91 -28.28 -51.44
N VAL C 186 -21.14 -28.17 -50.97
CA VAL C 186 -22.00 -29.34 -50.86
C VAL C 186 -22.52 -29.75 -52.23
N SER C 187 -22.90 -28.77 -53.04
CA SER C 187 -23.45 -29.07 -54.36
C SER C 187 -22.35 -29.46 -55.34
N SER C 188 -21.43 -28.55 -55.61
CA SER C 188 -20.47 -28.76 -56.67
C SER C 188 -19.35 -29.71 -56.29
N GLU C 189 -19.24 -30.07 -55.01
CA GLU C 189 -18.19 -30.91 -54.46
C GLU C 189 -16.80 -30.36 -54.77
N ARG C 190 -16.66 -29.04 -54.74
CA ARG C 190 -15.43 -28.38 -55.12
C ARG C 190 -14.98 -27.45 -54.01
N TYR C 191 -13.76 -26.94 -54.14
CA TYR C 191 -13.11 -26.14 -53.13
C TYR C 191 -13.16 -24.68 -53.53
N LEU C 192 -13.27 -23.81 -52.55
CA LEU C 192 -13.45 -22.39 -52.82
C LEU C 192 -12.08 -21.79 -53.11
N HIS C 193 -11.66 -21.89 -54.36
CA HIS C 193 -10.29 -21.64 -54.77
C HIS C 193 -10.07 -20.21 -55.23
N LEU C 194 -8.89 -19.70 -54.91
CA LEU C 194 -8.39 -18.44 -55.44
C LEU C 194 -7.48 -18.74 -56.63
N SER C 195 -7.85 -18.25 -57.80
CA SER C 195 -7.05 -18.51 -58.99
C SER C 195 -6.52 -17.19 -59.55
N TYR C 196 -5.56 -17.30 -60.46
CA TYR C 196 -4.92 -16.16 -61.07
C TYR C 196 -5.45 -15.92 -62.47
N LEU C 201 -8.21 -12.07 -61.77
CA LEU C 201 -7.99 -12.71 -60.48
C LEU C 201 -9.27 -13.36 -59.97
N HIS C 202 -9.61 -14.50 -60.57
CA HIS C 202 -10.86 -15.20 -60.30
C HIS C 202 -10.83 -15.75 -58.88
N VAL C 203 -11.93 -15.59 -58.17
CA VAL C 203 -12.29 -16.48 -57.07
C VAL C 203 -13.36 -17.40 -57.64
N ASP C 204 -13.14 -18.71 -57.57
CA ASP C 204 -14.03 -19.63 -58.25
C ASP C 204 -13.95 -21.01 -57.61
N ALA C 205 -14.91 -21.85 -57.92
CA ALA C 205 -15.03 -23.16 -57.30
C ALA C 205 -14.26 -24.17 -58.14
N ALA C 206 -13.12 -24.62 -57.64
CA ALA C 206 -12.24 -25.44 -58.45
C ALA C 206 -11.97 -26.78 -57.77
N PHE C 207 -11.20 -27.61 -58.46
CA PHE C 207 -10.83 -28.92 -57.92
C PHE C 207 -9.60 -28.80 -57.03
N GLN C 208 -8.97 -27.63 -57.02
CA GLN C 208 -7.80 -27.42 -56.19
C GLN C 208 -8.19 -26.60 -54.98
N GLN C 209 -7.37 -26.66 -53.94
CA GLN C 209 -7.72 -26.07 -52.66
C GLN C 209 -6.84 -24.87 -52.35
N THR C 210 -7.36 -24.00 -51.47
CA THR C 210 -6.60 -22.87 -51.00
C THR C 210 -7.10 -22.50 -49.61
N LEU C 211 -6.33 -21.71 -48.89
CA LEU C 211 -6.63 -21.44 -47.50
C LEU C 211 -7.60 -20.29 -47.37
N TRP C 212 -8.30 -20.24 -46.24
CA TRP C 212 -9.24 -19.17 -45.97
C TRP C 212 -9.17 -18.84 -44.49
N SER C 213 -8.36 -17.86 -44.13
CA SER C 213 -8.33 -17.39 -42.77
C SER C 213 -9.58 -16.57 -42.47
N VAL C 214 -10.14 -16.77 -41.29
CA VAL C 214 -11.28 -15.98 -40.86
C VAL C 214 -10.83 -15.05 -39.77
N ALA C 215 -11.69 -14.12 -39.42
CA ALA C 215 -11.41 -13.19 -38.33
C ALA C 215 -12.75 -12.74 -37.75
N PRO C 216 -12.84 -12.61 -36.44
CA PRO C 216 -14.11 -12.17 -35.84
C PRO C 216 -14.33 -10.70 -36.12
N ILE C 217 -15.59 -10.30 -36.19
CA ILE C 217 -15.96 -8.90 -36.33
C ILE C 217 -16.80 -8.43 -35.16
N SER C 218 -17.93 -9.08 -34.92
CA SER C 218 -18.87 -8.59 -33.93
C SER C 218 -19.43 -9.75 -33.14
N SER C 219 -20.52 -9.49 -32.43
CA SER C 219 -21.28 -10.51 -31.71
C SER C 219 -22.71 -10.02 -31.46
N ALA C 224 -24.58 -5.48 -27.24
CA ALA C 224 -24.84 -4.48 -26.22
C ALA C 224 -25.67 -3.34 -26.79
N GLN C 225 -26.91 -3.22 -26.31
CA GLN C 225 -27.86 -2.29 -26.89
C GLN C 225 -27.59 -0.87 -26.42
N GLY C 226 -27.63 0.06 -27.36
CA GLY C 226 -27.55 1.47 -27.04
C GLY C 226 -26.15 2.05 -27.09
N TYR C 227 -25.17 1.33 -27.60
CA TYR C 227 -23.81 1.82 -27.59
C TYR C 227 -23.22 1.78 -28.99
N LEU C 228 -22.02 2.34 -29.12
CA LEU C 228 -21.40 2.48 -30.43
C LEU C 228 -20.61 1.25 -30.81
N ILE C 229 -20.82 0.79 -32.05
CA ILE C 229 -20.13 -0.35 -32.62
C ILE C 229 -19.52 0.09 -33.94
N GLY C 230 -18.25 -0.22 -34.14
CA GLY C 230 -17.55 0.12 -35.36
C GLY C 230 -18.16 -0.48 -36.60
N GLY C 231 -18.79 0.38 -37.39
CA GLY C 231 -19.54 -0.05 -38.56
C GLY C 231 -20.89 0.60 -38.67
N ASP C 232 -21.24 1.51 -37.77
CA ASP C 232 -22.56 2.10 -37.73
C ASP C 232 -22.76 3.11 -38.85
N VAL C 233 -24.00 3.54 -38.98
CA VAL C 233 -24.39 4.64 -39.84
C VAL C 233 -25.18 5.60 -38.98
N LEU C 234 -24.68 6.84 -38.85
CA LEU C 234 -25.24 7.76 -37.88
C LEU C 234 -25.17 9.18 -38.40
N ARG C 235 -26.05 10.00 -37.84
CA ARG C 235 -26.03 11.44 -38.03
C ARG C 235 -25.23 12.06 -36.89
N LEU C 236 -24.91 13.35 -37.03
CA LEU C 236 -24.09 14.05 -36.05
C LEU C 236 -24.86 15.27 -35.56
N LEU C 237 -25.64 15.06 -34.49
CA LEU C 237 -26.59 16.06 -34.02
C LEU C 237 -25.88 17.21 -33.32
N HIS C 238 -26.44 18.42 -33.46
CA HIS C 238 -25.92 19.65 -32.89
C HIS C 238 -26.84 20.28 -31.84
N GLY C 239 -28.13 20.36 -32.12
CA GLY C 239 -29.07 20.92 -31.17
C GLY C 239 -30.51 20.61 -31.51
N GLU C 243 -30.83 19.92 -36.29
CA GLU C 243 -29.57 20.61 -36.51
C GLU C 243 -28.43 19.59 -36.49
N CYS C 244 -27.81 19.35 -37.66
CA CYS C 244 -26.86 18.26 -37.79
C CYS C 244 -25.88 18.56 -38.90
N LEU C 245 -24.84 17.73 -38.98
CA LEU C 245 -23.80 17.89 -39.98
C LEU C 245 -24.33 17.49 -41.34
N THR C 246 -23.94 18.22 -42.38
CA THR C 246 -24.57 18.09 -43.68
C THR C 246 -23.53 18.35 -44.77
N VAL C 247 -23.80 17.81 -45.95
CA VAL C 247 -23.09 18.07 -47.19
C VAL C 247 -24.19 18.49 -48.15
N PRO C 248 -24.02 19.50 -49.01
CA PRO C 248 -25.20 20.11 -49.65
C PRO C 248 -25.76 19.25 -50.77
N SER C 249 -26.77 19.81 -51.44
CA SER C 249 -27.53 19.08 -52.45
C SER C 249 -26.72 18.94 -53.72
N GLY C 250 -27.25 18.19 -54.68
CA GLY C 250 -26.51 17.81 -55.86
C GLY C 250 -26.46 18.87 -56.93
N GLU C 251 -26.45 18.41 -58.19
CA GLU C 251 -26.42 19.23 -59.40
C GLU C 251 -25.22 20.19 -59.40
N HIS C 252 -24.04 19.60 -59.36
CA HIS C 252 -22.79 20.36 -59.49
C HIS C 252 -21.83 19.66 -60.42
N GLU C 255 -19.03 22.00 -57.54
CA GLU C 255 -18.37 21.73 -56.26
C GLU C 255 -17.96 20.28 -56.16
N GLN C 256 -18.82 19.41 -56.71
CA GLN C 256 -18.96 18.00 -56.32
C GLN C 256 -19.21 17.86 -54.82
N ARG C 257 -19.95 18.82 -54.26
CA ARG C 257 -20.44 18.85 -52.87
C ARG C 257 -19.33 18.75 -51.82
N ARG C 258 -18.10 19.14 -52.14
CA ARG C 258 -16.98 18.82 -51.26
C ARG C 258 -16.89 19.72 -50.04
N THR C 259 -17.81 20.66 -49.87
CA THR C 259 -17.89 21.47 -48.67
C THR C 259 -18.69 20.76 -47.60
N VAL C 260 -18.57 21.25 -46.36
CA VAL C 260 -19.19 20.64 -45.20
C VAL C 260 -19.89 21.73 -44.40
N HIS C 261 -21.16 21.53 -44.06
CA HIS C 261 -21.94 22.52 -43.34
C HIS C 261 -22.55 21.93 -42.09
N TYR C 262 -23.11 22.81 -41.26
CA TYR C 262 -24.06 22.44 -40.24
C TYR C 262 -25.40 23.02 -40.62
N GLU C 263 -26.47 22.27 -40.43
CA GLU C 263 -27.75 22.75 -40.94
C GLU C 263 -28.84 22.36 -39.97
N GLY C 264 -30.09 22.71 -40.33
CA GLY C 264 -31.25 22.30 -39.60
C GLY C 264 -32.40 22.00 -40.54
N GLY C 265 -33.47 21.46 -39.96
CA GLY C 265 -34.69 21.19 -40.71
C GLY C 265 -34.83 19.77 -41.22
N ALA C 266 -35.50 19.61 -42.36
CA ALA C 266 -35.81 18.30 -42.89
C ALA C 266 -34.60 17.58 -43.48
N VAL C 267 -33.46 18.26 -43.65
CA VAL C 267 -32.26 17.60 -44.13
C VAL C 267 -31.65 16.74 -43.04
N SER C 268 -32.14 16.84 -41.81
CA SER C 268 -31.83 15.86 -40.79
C SER C 268 -32.28 14.46 -41.19
N VAL C 269 -33.46 14.35 -41.80
CA VAL C 269 -34.03 13.03 -42.08
C VAL C 269 -33.49 12.47 -43.39
N HIS C 270 -33.13 13.33 -44.33
CA HIS C 270 -32.86 12.92 -45.70
C HIS C 270 -31.53 12.18 -45.80
N ALA C 271 -31.24 11.70 -47.00
CA ALA C 271 -30.17 10.74 -47.22
C ALA C 271 -28.80 11.37 -47.34
N ARG C 272 -28.68 12.68 -47.19
CA ARG C 272 -27.36 13.30 -47.31
C ARG C 272 -26.53 13.12 -46.06
N SER C 273 -27.15 13.20 -44.89
CA SER C 273 -26.41 13.33 -43.64
C SER C 273 -26.06 11.97 -43.04
N LEU C 274 -25.44 11.10 -43.83
CA LEU C 274 -25.17 9.74 -43.37
C LEU C 274 -23.69 9.45 -43.39
N TRP C 275 -23.16 8.95 -42.27
CA TRP C 275 -21.74 8.80 -42.05
C TRP C 275 -21.44 7.43 -41.51
N ARG C 276 -20.47 6.76 -42.11
CA ARG C 276 -20.08 5.41 -41.71
C ARG C 276 -18.69 5.44 -41.13
N LEU C 277 -18.51 4.83 -39.96
CA LEU C 277 -17.21 4.79 -39.29
C LEU C 277 -16.46 3.56 -39.77
N GLU C 278 -15.18 3.72 -40.03
CA GLU C 278 -14.32 2.59 -40.41
C GLU C 278 -13.05 2.66 -39.58
N THR C 279 -12.90 1.74 -38.64
CA THR C 279 -11.75 1.77 -37.74
C THR C 279 -10.53 1.23 -38.47
N LEU C 280 -9.34 1.54 -37.95
CA LEU C 280 -8.10 1.19 -38.62
C LEU C 280 -7.76 -0.29 -38.54
N ARG C 281 -8.40 -1.03 -37.64
CA ARG C 281 -8.09 -2.45 -37.51
C ARG C 281 -8.84 -3.26 -38.56
N VAL C 282 -8.26 -4.40 -38.93
CA VAL C 282 -8.94 -5.32 -39.83
C VAL C 282 -9.81 -6.28 -39.04
N ALA C 283 -9.21 -7.11 -38.21
CA ALA C 283 -9.96 -7.99 -37.34
C ALA C 283 -10.52 -7.18 -36.18
N TRP C 284 -11.69 -7.60 -35.69
CA TRP C 284 -12.45 -6.93 -34.64
C TRP C 284 -12.77 -5.47 -35.00
N SER C 285 -13.04 -5.23 -36.28
CA SER C 285 -13.45 -3.89 -36.68
C SER C 285 -14.88 -3.59 -36.30
N GLY C 286 -15.64 -4.61 -35.90
CA GLY C 286 -16.97 -4.39 -35.39
C GLY C 286 -17.03 -4.53 -33.88
N SER C 287 -16.01 -4.04 -33.20
CA SER C 287 -16.02 -4.03 -31.75
C SER C 287 -16.77 -2.81 -31.25
N HIS C 288 -16.72 -2.58 -29.94
CA HIS C 288 -17.21 -1.32 -29.40
C HIS C 288 -16.29 -0.19 -29.80
N ILE C 289 -16.76 1.03 -29.62
CA ILE C 289 -15.96 2.21 -29.94
C ILE C 289 -15.67 2.95 -28.64
N ARG C 290 -14.40 3.00 -28.27
CA ARG C 290 -13.95 3.70 -27.09
C ARG C 290 -13.01 4.82 -27.51
N TRP C 291 -12.75 5.73 -26.56
CA TRP C 291 -11.99 6.93 -26.86
C TRP C 291 -10.53 6.60 -27.14
N GLY C 292 -9.97 7.31 -28.10
CA GLY C 292 -8.56 7.16 -28.42
C GLY C 292 -8.26 6.29 -29.61
N GLN C 293 -9.20 5.48 -30.06
CA GLN C 293 -8.83 4.77 -31.27
C GLN C 293 -9.27 5.56 -32.50
N PRO C 294 -8.46 5.61 -33.54
CA PRO C 294 -8.80 6.42 -34.70
C PRO C 294 -9.73 5.68 -35.65
N PHE C 295 -10.39 6.45 -36.51
CA PHE C 295 -11.37 5.93 -37.45
C PHE C 295 -11.56 6.90 -38.59
N ARG C 296 -11.67 6.35 -39.80
CA ARG C 296 -12.10 7.17 -40.92
C ARG C 296 -13.60 7.37 -40.86
N LEU C 297 -14.05 8.52 -41.36
CA LEU C 297 -15.47 8.78 -41.57
C LEU C 297 -15.71 8.80 -43.07
N ARG C 298 -16.67 8.00 -43.52
CA ARG C 298 -17.03 7.92 -44.92
C ARG C 298 -18.40 8.55 -45.12
N HIS C 299 -18.49 9.42 -46.11
CA HIS C 299 -19.81 9.87 -46.53
C HIS C 299 -20.47 8.76 -47.31
N VAL C 300 -21.68 8.38 -46.89
CA VAL C 300 -22.29 7.17 -47.41
C VAL C 300 -22.95 7.41 -48.76
N THR C 301 -23.65 8.53 -48.88
CA THR C 301 -24.39 8.86 -50.10
C THR C 301 -23.45 9.15 -51.26
N THR C 302 -22.24 9.63 -50.98
CA THR C 302 -21.31 9.99 -52.03
C THR C 302 -20.12 9.06 -52.16
N GLY C 303 -19.70 8.42 -51.10
CA GLY C 303 -18.56 7.54 -51.18
C GLY C 303 -17.22 8.24 -51.17
N LYS C 304 -17.15 9.46 -50.64
CA LYS C 304 -15.89 10.17 -50.51
C LYS C 304 -15.57 10.37 -49.03
N TYR C 305 -14.27 10.37 -48.73
CA TYR C 305 -13.79 10.36 -47.36
C TYR C 305 -13.64 11.77 -46.83
N LEU C 306 -14.06 11.97 -45.58
CA LEU C 306 -14.01 13.26 -44.90
C LEU C 306 -12.57 13.53 -44.45
N SER C 307 -11.85 14.31 -45.24
CA SER C 307 -10.42 14.51 -45.05
C SER C 307 -10.12 15.93 -44.64
N LEU C 308 -9.26 16.09 -43.65
CA LEU C 308 -8.73 17.39 -43.25
C LEU C 308 -7.33 17.58 -43.83
N MET C 309 -7.13 18.66 -44.55
CA MET C 309 -5.80 19.20 -44.84
C MET C 309 -5.82 20.56 -44.16
N GLU C 310 -5.08 20.70 -43.06
CA GLU C 310 -5.18 21.87 -42.20
C GLU C 310 -4.70 23.14 -42.89
N ASP C 311 -3.81 23.01 -43.86
CA ASP C 311 -3.45 24.16 -44.69
C ASP C 311 -4.55 24.48 -45.69
N LYS C 312 -5.03 23.47 -46.41
CA LYS C 312 -5.87 23.74 -47.56
C LYS C 312 -7.33 23.91 -47.19
N SER C 313 -7.98 22.83 -46.72
CA SER C 313 -9.38 22.85 -46.26
C SER C 313 -9.81 21.54 -45.63
N LEU C 314 -11.06 21.52 -45.16
CA LEU C 314 -11.74 20.29 -44.79
C LEU C 314 -12.63 19.86 -45.94
N LEU C 315 -12.22 18.83 -46.66
CA LEU C 315 -12.86 18.45 -47.91
C LEU C 315 -13.23 16.97 -47.90
N LEU C 316 -13.62 16.48 -49.07
CA LEU C 316 -13.96 15.08 -49.28
C LEU C 316 -13.08 14.58 -50.41
N MET C 317 -12.16 13.68 -50.11
CA MET C 317 -11.35 13.10 -51.16
C MET C 317 -11.45 11.58 -51.15
N ASP C 318 -10.99 10.98 -52.24
CA ASP C 318 -11.35 9.62 -52.59
C ASP C 318 -10.61 8.59 -51.75
N LYS C 319 -10.80 7.31 -52.09
CA LYS C 319 -10.16 6.22 -51.36
C LYS C 319 -8.64 6.28 -51.53
N GLU C 320 -8.19 6.59 -52.74
CA GLU C 320 -6.77 6.58 -53.06
C GLU C 320 -6.04 7.82 -52.57
N LYS C 321 -6.73 8.71 -51.86
CA LYS C 321 -6.13 9.88 -51.24
C LYS C 321 -6.36 9.93 -49.73
N ALA C 322 -6.91 8.87 -49.13
CA ALA C 322 -7.27 8.88 -47.72
C ALA C 322 -6.09 8.37 -46.90
N ASP C 323 -5.30 9.30 -46.38
CA ASP C 323 -4.10 8.97 -45.64
C ASP C 323 -4.45 8.80 -44.17
N VAL C 324 -3.67 7.99 -43.46
CA VAL C 324 -4.00 7.60 -42.09
C VAL C 324 -3.79 8.75 -41.11
N LYS C 325 -2.90 9.69 -41.45
CA LYS C 325 -2.73 10.87 -40.62
C LYS C 325 -3.55 12.04 -41.12
N SER C 326 -4.18 11.90 -42.29
CA SER C 326 -4.89 13.04 -42.88
C SER C 326 -6.30 13.17 -42.34
N THR C 327 -6.97 12.06 -42.09
CA THR C 327 -8.40 12.07 -41.83
C THR C 327 -8.83 11.21 -40.64
N ALA C 328 -7.95 10.41 -40.06
CA ALA C 328 -8.36 9.57 -38.94
C ALA C 328 -8.51 10.42 -37.70
N PHE C 329 -9.72 10.91 -37.46
CA PHE C 329 -10.03 11.74 -36.31
C PHE C 329 -10.39 10.86 -35.12
N THR C 330 -10.48 11.48 -33.95
CA THR C 330 -10.97 10.80 -32.76
C THR C 330 -11.75 11.81 -31.94
N PHE C 331 -12.74 11.32 -31.21
CA PHE C 331 -13.52 12.16 -30.31
C PHE C 331 -12.88 12.07 -28.94
N ARG C 332 -13.02 13.13 -28.16
CA ARG C 332 -12.62 13.12 -26.75
C ARG C 332 -13.76 13.64 -25.90
N SER C 333 -13.89 13.08 -24.70
CA SER C 333 -14.91 13.52 -23.75
C SER C 333 -14.66 14.94 -23.30
N SER C 334 -13.41 15.27 -22.96
CA SER C 334 -13.02 16.64 -22.70
C SER C 334 -12.61 17.29 -24.02
N LYS C 335 -12.28 18.58 -23.98
CA LYS C 335 -11.82 19.30 -25.15
C LYS C 335 -10.35 19.69 -25.00
N GLU C 336 -9.57 18.85 -24.34
CA GLU C 336 -8.14 19.08 -24.23
C GLU C 336 -7.42 18.24 -25.28
N ARG C 343 -6.86 3.54 -23.90
CA ARG C 343 -6.30 2.31 -24.45
C ARG C 343 -6.02 2.47 -25.93
N LYS C 344 -5.42 1.43 -26.52
CA LYS C 344 -5.04 1.43 -27.92
C LYS C 344 -5.69 0.30 -28.71
N GLU C 345 -5.63 -0.93 -28.20
CA GLU C 345 -6.23 -2.07 -28.89
C GLU C 345 -6.55 -3.16 -27.87
N VAL C 346 -7.81 -3.59 -27.86
CA VAL C 346 -8.25 -4.72 -27.05
C VAL C 346 -8.86 -5.76 -27.98
N ASP C 347 -8.39 -7.00 -27.88
CA ASP C 347 -8.86 -8.07 -28.76
C ASP C 347 -10.15 -8.66 -28.21
N GLY C 348 -11.25 -8.02 -28.61
CA GLY C 348 -12.56 -8.47 -28.20
C GLY C 348 -13.57 -7.49 -28.74
N MET C 349 -14.83 -7.63 -28.34
CA MET C 349 -15.81 -6.63 -28.71
C MET C 349 -15.90 -5.52 -27.67
N GLY C 350 -15.04 -5.57 -26.65
CA GLY C 350 -14.89 -4.47 -25.71
C GLY C 350 -16.05 -4.35 -24.75
N THR C 351 -16.13 -3.18 -24.12
CA THR C 351 -17.27 -2.87 -23.27
C THR C 351 -17.95 -1.58 -23.73
N SER C 352 -19.06 -1.28 -23.06
CA SER C 352 -19.97 -0.21 -23.47
C SER C 352 -19.39 1.14 -23.09
N GLU C 353 -19.05 1.95 -24.09
CA GLU C 353 -18.46 3.26 -23.84
C GLU C 353 -19.45 4.40 -24.00
N ILE C 354 -20.03 4.57 -25.19
CA ILE C 354 -20.74 5.78 -25.56
C ILE C 354 -22.20 5.46 -25.81
N LYS C 355 -23.07 5.96 -24.94
CA LYS C 355 -24.48 5.90 -25.25
C LYS C 355 -24.81 7.05 -26.20
N TYR C 356 -25.97 7.00 -26.84
CA TYR C 356 -26.22 7.82 -28.05
C TYR C 356 -26.69 9.23 -27.72
N GLY C 357 -27.74 9.36 -26.92
CA GLY C 357 -28.27 10.69 -26.61
C GLY C 357 -27.49 11.45 -25.57
N ASP C 358 -26.81 10.73 -24.66
CA ASP C 358 -26.03 11.36 -23.59
C ASP C 358 -24.54 11.27 -23.93
N SER C 359 -24.11 12.20 -24.78
CA SER C 359 -22.74 12.18 -25.29
C SER C 359 -22.37 13.57 -25.75
N VAL C 360 -21.13 13.96 -25.51
CA VAL C 360 -20.56 15.18 -26.07
C VAL C 360 -19.24 14.79 -26.72
N CYS C 361 -19.30 14.50 -28.01
CA CYS C 361 -18.15 14.01 -28.76
C CYS C 361 -17.47 15.20 -29.40
N PHE C 362 -16.27 15.51 -28.91
CA PHE C 362 -15.49 16.62 -29.42
C PHE C 362 -14.46 16.07 -30.40
N ILE C 363 -14.53 16.54 -31.64
CA ILE C 363 -13.74 15.95 -32.72
C ILE C 363 -12.35 16.58 -32.71
N GLN C 364 -11.33 15.75 -32.90
CA GLN C 364 -9.95 16.19 -32.81
C GLN C 364 -9.10 15.31 -33.70
N HIS C 365 -8.21 15.93 -34.47
CA HIS C 365 -7.36 15.18 -35.36
C HIS C 365 -6.20 14.51 -34.61
N ILE C 366 -5.51 13.60 -35.30
CA ILE C 366 -4.28 13.02 -34.80
C ILE C 366 -3.07 13.88 -35.17
N GLY C 367 -2.92 14.23 -36.45
CA GLY C 367 -1.75 14.97 -36.88
C GLY C 367 -1.70 16.41 -36.44
N THR C 368 -2.85 17.08 -36.35
CA THR C 368 -2.90 18.47 -35.93
C THR C 368 -3.46 18.66 -34.54
N GLY C 369 -4.48 17.91 -34.15
CA GLY C 369 -5.06 18.06 -32.84
C GLY C 369 -5.98 19.25 -32.69
N LEU C 370 -6.52 19.78 -33.79
CA LEU C 370 -7.39 20.92 -33.75
C LEU C 370 -8.79 20.51 -33.29
N TRP C 371 -9.75 21.42 -33.44
CA TRP C 371 -11.12 21.19 -33.00
C TRP C 371 -12.07 21.76 -34.05
N LEU C 372 -12.83 20.87 -34.69
CA LEU C 372 -13.77 21.27 -35.73
C LEU C 372 -14.92 22.06 -35.13
N THR C 373 -14.90 23.38 -35.28
CA THR C 373 -16.02 24.17 -34.85
C THR C 373 -16.66 24.86 -36.05
N TYR C 374 -17.91 25.26 -35.86
CA TYR C 374 -18.63 25.97 -36.89
C TYR C 374 -18.12 27.39 -37.02
N GLN C 375 -18.10 27.87 -38.25
CA GLN C 375 -17.77 29.26 -38.52
C GLN C 375 -19.01 30.12 -38.35
N SER C 376 -18.94 31.36 -38.82
CA SER C 376 -20.04 32.28 -38.67
C SER C 376 -20.47 32.83 -40.03
N SER C 386 -29.99 29.58 -46.62
CA SER C 386 -29.46 28.40 -45.95
C SER C 386 -28.84 28.74 -44.60
N ILE C 387 -28.57 27.72 -43.81
CA ILE C 387 -27.81 27.86 -42.58
C ILE C 387 -26.42 27.30 -42.88
N GLN C 388 -25.42 28.17 -42.95
CA GLN C 388 -24.12 27.83 -43.50
C GLN C 388 -22.99 28.02 -42.50
N ARG C 389 -23.19 27.52 -41.27
CA ARG C 389 -22.13 27.52 -40.26
C ARG C 389 -21.11 26.46 -40.65
N LYS C 390 -20.20 26.85 -41.53
CA LYS C 390 -19.26 25.92 -42.15
C LYS C 390 -18.23 25.45 -41.13
N ALA C 391 -17.99 24.15 -41.09
CA ALA C 391 -17.06 23.59 -40.13
C ALA C 391 -15.63 23.85 -40.55
N ILE C 392 -14.84 24.39 -39.62
CA ILE C 392 -13.42 24.64 -39.81
C ILE C 392 -12.70 24.26 -38.51
N MET C 393 -11.57 23.57 -38.66
CA MET C 393 -10.74 23.19 -37.52
C MET C 393 -10.08 24.42 -36.91
N HIS C 394 -10.55 24.83 -35.74
CA HIS C 394 -10.03 25.94 -34.95
C HIS C 394 -9.09 25.37 -33.90
N HIS C 395 -8.35 26.25 -33.22
CA HIS C 395 -7.44 25.77 -32.19
C HIS C 395 -8.10 25.62 -30.84
N GLU C 396 -9.18 26.35 -30.57
CA GLU C 396 -9.93 26.19 -29.32
C GLU C 396 -11.36 25.73 -29.55
N GLY C 397 -12.10 26.40 -30.42
CA GLY C 397 -13.51 26.14 -30.57
C GLY C 397 -14.33 26.69 -29.42
N HIS C 398 -15.63 26.71 -29.63
CA HIS C 398 -16.58 27.19 -28.65
C HIS C 398 -17.11 26.01 -27.85
N MET C 399 -18.15 26.25 -27.06
CA MET C 399 -18.73 25.21 -26.22
C MET C 399 -19.84 24.43 -26.92
N ASP C 400 -19.82 24.35 -28.25
CA ASP C 400 -20.84 23.62 -28.99
C ASP C 400 -20.25 22.52 -29.88
N ASP C 401 -18.99 22.16 -29.65
CA ASP C 401 -18.37 21.07 -30.38
C ASP C 401 -18.62 19.72 -29.73
N GLY C 402 -19.43 19.65 -28.68
CA GLY C 402 -19.88 18.39 -28.15
C GLY C 402 -21.07 17.89 -28.93
N LEU C 403 -20.83 17.43 -30.16
CA LEU C 403 -21.90 17.00 -31.02
C LEU C 403 -22.49 15.69 -30.53
N ASN C 404 -23.79 15.68 -30.31
CA ASN C 404 -24.46 14.46 -29.89
C ASN C 404 -24.62 13.52 -31.09
N LEU C 405 -25.05 12.30 -30.81
CA LEU C 405 -25.10 11.28 -31.85
C LEU C 405 -26.48 10.67 -31.96
N SER C 406 -26.73 10.10 -33.14
CA SER C 406 -27.99 9.43 -33.45
C SER C 406 -27.71 8.39 -34.52
N ARG C 407 -27.71 7.12 -34.12
CA ARG C 407 -27.54 6.03 -35.08
C ARG C 407 -28.79 5.90 -35.92
N SER C 408 -28.62 5.34 -37.12
CA SER C 408 -29.76 5.14 -38.00
C SER C 408 -30.19 3.68 -37.95
N GLN C 409 -31.22 3.36 -38.72
CA GLN C 409 -31.76 2.02 -38.79
C GLN C 409 -31.27 1.34 -40.06
N HIS C 410 -31.53 0.04 -40.14
CA HIS C 410 -30.93 -0.79 -41.19
C HIS C 410 -31.47 -0.47 -42.57
N GLU C 411 -32.76 -0.14 -42.66
CA GLU C 411 -33.35 0.14 -43.95
C GLU C 411 -32.87 1.46 -44.54
N GLU C 412 -32.56 2.44 -43.70
CA GLU C 412 -32.04 3.71 -44.20
C GLU C 412 -30.66 3.52 -44.79
N SER C 413 -29.79 2.78 -44.10
CA SER C 413 -28.47 2.50 -44.63
C SER C 413 -28.52 1.61 -45.86
N ARG C 414 -29.51 0.72 -45.91
CA ARG C 414 -29.69 -0.13 -47.08
C ARG C 414 -30.08 0.69 -48.31
N THR C 415 -30.98 1.66 -48.13
CA THR C 415 -31.26 2.60 -49.21
C THR C 415 -30.04 3.43 -49.55
N ALA C 416 -29.26 3.79 -48.53
CA ALA C 416 -28.18 4.74 -48.70
C ALA C 416 -27.08 4.16 -49.56
N ARG C 417 -26.72 2.90 -49.32
CA ARG C 417 -25.67 2.30 -50.12
C ARG C 417 -26.14 2.04 -51.54
N VAL C 418 -27.39 1.63 -51.71
CA VAL C 418 -27.86 1.31 -53.06
C VAL C 418 -28.09 2.56 -53.89
N ILE C 419 -28.29 3.72 -53.26
CA ILE C 419 -28.38 4.97 -54.00
C ILE C 419 -27.08 5.24 -54.73
N ARG C 420 -25.97 5.18 -54.01
CA ARG C 420 -24.68 5.48 -54.61
C ARG C 420 -24.25 4.37 -55.56
N SER C 421 -24.64 3.14 -55.24
CA SER C 421 -24.30 2.04 -56.13
C SER C 421 -25.02 2.15 -57.47
N THR C 422 -26.22 2.70 -57.48
CA THR C 422 -26.88 2.92 -58.76
C THR C 422 -26.42 4.20 -59.43
N VAL C 423 -26.05 5.21 -58.64
CA VAL C 423 -25.55 6.47 -59.20
C VAL C 423 -24.28 6.24 -59.99
N PHE C 424 -23.36 5.46 -59.42
CA PHE C 424 -22.09 5.25 -60.09
C PHE C 424 -22.22 4.34 -61.30
N LEU C 425 -23.33 3.63 -61.45
CA LEU C 425 -23.51 2.87 -62.67
C LEU C 425 -24.27 3.68 -63.72
N PHE C 426 -25.22 4.50 -63.27
CA PHE C 426 -25.93 5.37 -64.20
C PHE C 426 -25.02 6.40 -64.83
N ASN C 427 -24.05 6.89 -64.07
CA ASN C 427 -23.15 7.88 -64.65
C ASN C 427 -22.19 7.23 -65.66
N ARG C 428 -21.79 5.98 -65.41
CA ARG C 428 -21.02 5.23 -66.39
C ARG C 428 -21.83 4.98 -67.65
N PHE C 429 -23.11 4.66 -67.51
CA PHE C 429 -24.02 4.55 -68.64
C PHE C 429 -24.17 5.84 -69.42
N ILE C 430 -24.27 6.97 -68.72
CA ILE C 430 -24.44 8.26 -69.38
C ILE C 430 -23.19 8.63 -70.16
N ARG C 431 -22.01 8.42 -69.57
CA ARG C 431 -20.79 8.81 -70.27
C ARG C 431 -20.44 7.83 -71.39
N GLY C 432 -20.83 6.57 -71.25
CA GLY C 432 -20.65 5.64 -72.34
C GLY C 432 -21.62 5.89 -73.47
N LEU C 433 -22.77 6.47 -73.17
CA LEU C 433 -23.68 6.85 -74.22
C LEU C 433 -23.30 8.15 -74.89
N ASP C 434 -22.72 9.09 -74.16
CA ASP C 434 -22.27 10.33 -74.76
C ASP C 434 -20.95 10.17 -75.50
N ALA C 435 -20.18 9.13 -75.18
CA ALA C 435 -18.96 8.88 -75.95
C ALA C 435 -19.29 8.46 -77.38
N LEU C 436 -20.32 7.65 -77.55
CA LEU C 436 -20.79 7.25 -78.87
C LEU C 436 -21.66 8.32 -79.52
N SER C 437 -21.86 9.46 -78.85
CA SER C 437 -22.54 10.58 -79.49
C SER C 437 -21.62 11.38 -80.39
N LYS C 438 -20.34 11.00 -80.48
CA LYS C 438 -19.39 11.60 -81.39
C LYS C 438 -19.60 11.04 -82.79
N LYS C 439 -18.64 11.30 -83.69
CA LYS C 439 -18.71 10.75 -85.04
C LYS C 439 -18.51 9.24 -85.00
N ALA C 440 -17.34 8.80 -84.53
CA ALA C 440 -17.06 7.37 -84.44
C ALA C 440 -16.03 7.15 -83.34
N LYS C 441 -16.48 6.74 -82.16
CA LYS C 441 -15.57 6.25 -81.12
C LYS C 441 -15.18 4.79 -81.39
N ALA C 442 -16.18 3.91 -81.48
CA ALA C 442 -16.10 2.56 -82.04
C ALA C 442 -15.18 1.62 -81.27
N SER C 443 -14.60 2.05 -80.16
CA SER C 443 -13.73 1.23 -79.34
C SER C 443 -13.95 1.43 -77.86
N THR C 444 -14.90 2.27 -77.46
CA THR C 444 -15.08 2.62 -76.06
C THR C 444 -15.64 1.42 -75.31
N VAL C 445 -14.88 0.96 -74.33
CA VAL C 445 -15.25 -0.22 -73.55
C VAL C 445 -16.12 0.17 -72.36
N ASP C 446 -16.11 1.44 -71.95
CA ASP C 446 -16.90 1.91 -70.82
C ASP C 446 -18.37 2.02 -71.22
N LEU C 447 -18.98 0.84 -71.40
CA LEU C 447 -20.40 0.76 -71.74
C LEU C 447 -20.93 -0.56 -71.19
N PRO C 448 -21.35 -0.57 -69.93
CA PRO C 448 -21.91 -1.80 -69.36
C PRO C 448 -23.36 -1.97 -69.78
N ILE C 449 -23.72 -3.22 -70.06
CA ILE C 449 -25.09 -3.50 -70.48
C ILE C 449 -25.70 -4.53 -69.56
N GLU C 450 -25.04 -5.68 -69.44
CA GLU C 450 -25.55 -6.76 -68.60
C GLU C 450 -25.42 -6.42 -67.12
N SER C 451 -24.58 -5.44 -66.78
CA SER C 451 -24.56 -4.97 -65.40
C SER C 451 -25.61 -3.91 -65.13
N VAL C 452 -26.15 -3.28 -66.17
CA VAL C 452 -27.18 -2.27 -66.01
C VAL C 452 -28.56 -2.85 -66.19
N SER C 453 -28.75 -3.65 -67.24
CA SER C 453 -30.03 -4.31 -67.48
C SER C 453 -30.38 -5.30 -66.38
N LEU C 454 -29.39 -5.81 -65.66
CA LEU C 454 -29.69 -6.57 -64.46
C LEU C 454 -30.15 -5.65 -63.35
N SER C 455 -29.48 -4.51 -63.19
CA SER C 455 -29.74 -3.63 -62.06
C SER C 455 -31.11 -2.98 -62.10
N LEU C 456 -31.68 -2.81 -63.29
CA LEU C 456 -33.01 -2.24 -63.38
C LEU C 456 -34.06 -3.17 -62.80
N GLN C 457 -33.92 -4.47 -63.01
CA GLN C 457 -34.88 -5.38 -62.41
C GLN C 457 -34.70 -5.45 -60.90
N ASP C 458 -33.48 -5.25 -60.42
CA ASP C 458 -33.29 -5.22 -58.97
C ASP C 458 -33.91 -3.97 -58.37
N LEU C 459 -33.86 -2.85 -59.06
CA LEU C 459 -34.53 -1.67 -58.54
C LEU C 459 -36.04 -1.74 -58.65
N ILE C 460 -36.55 -2.35 -59.72
CA ILE C 460 -37.99 -2.58 -59.84
C ILE C 460 -38.47 -3.47 -58.70
N GLY C 461 -37.77 -4.57 -58.45
CA GLY C 461 -38.11 -5.43 -57.34
C GLY C 461 -37.89 -4.80 -55.98
N TYR C 462 -37.00 -3.81 -55.91
CA TYR C 462 -36.81 -3.12 -54.65
C TYR C 462 -37.95 -2.15 -54.37
N PHE C 463 -38.50 -1.52 -55.40
CA PHE C 463 -39.57 -0.57 -55.20
C PHE C 463 -40.94 -1.18 -55.42
N HIS C 464 -41.05 -2.47 -55.17
CA HIS C 464 -42.26 -3.17 -55.55
C HIS C 464 -43.37 -2.90 -54.55
N PRO C 465 -44.61 -2.66 -54.98
CA PRO C 465 -45.68 -2.46 -54.03
C PRO C 465 -46.09 -3.79 -53.41
N PRO C 466 -46.56 -3.77 -52.16
CA PRO C 466 -46.98 -5.03 -51.55
C PRO C 466 -48.29 -5.49 -52.13
N ASP C 467 -48.53 -6.79 -52.05
CA ASP C 467 -49.67 -7.38 -52.72
C ASP C 467 -50.95 -7.18 -51.92
N GLU C 468 -51.99 -7.92 -52.29
CA GLU C 468 -53.19 -7.91 -51.47
C GLU C 468 -53.15 -8.99 -50.41
N HIS C 469 -52.65 -10.17 -50.76
CA HIS C 469 -52.74 -11.31 -49.88
C HIS C 469 -51.73 -11.20 -48.74
N LEU C 470 -52.04 -10.34 -47.78
CA LEU C 470 -51.09 -10.04 -46.73
C LEU C 470 -51.86 -9.57 -45.52
N GLU C 471 -51.30 -9.82 -44.35
CA GLU C 471 -51.90 -9.44 -43.10
C GLU C 471 -51.79 -7.94 -42.88
N HIS C 472 -52.78 -7.37 -42.19
CA HIS C 472 -52.86 -5.92 -42.09
C HIS C 472 -51.94 -5.35 -41.03
N GLU C 473 -51.17 -6.16 -40.34
CA GLU C 473 -50.16 -5.62 -39.46
C GLU C 473 -48.80 -5.50 -40.13
N ASP C 474 -48.61 -6.17 -41.27
CA ASP C 474 -47.36 -6.06 -42.00
C ASP C 474 -47.53 -5.36 -43.32
N LYS C 475 -48.76 -5.30 -43.84
CA LYS C 475 -49.03 -4.53 -45.03
C LYS C 475 -48.75 -3.06 -44.80
N GLN C 476 -49.11 -2.55 -43.61
CA GLN C 476 -48.76 -1.18 -43.25
C GLN C 476 -47.26 -0.99 -43.12
N ASN C 477 -46.55 -1.99 -42.61
CA ASN C 477 -45.10 -1.88 -42.50
C ASN C 477 -44.44 -1.82 -43.86
N ARG C 478 -44.85 -2.69 -44.78
CA ARG C 478 -44.25 -2.68 -46.10
C ARG C 478 -44.64 -1.44 -46.88
N LEU C 479 -45.87 -0.94 -46.70
CA LEU C 479 -46.27 0.30 -47.34
C LEU C 479 -45.47 1.49 -46.85
N ARG C 480 -45.26 1.57 -45.54
CA ARG C 480 -44.47 2.64 -44.95
C ARG C 480 -43.02 2.57 -45.40
N ALA C 481 -42.45 1.37 -45.46
CA ALA C 481 -41.09 1.22 -45.93
C ALA C 481 -40.96 1.59 -47.41
N LEU C 482 -41.96 1.27 -48.22
CA LEU C 482 -41.93 1.66 -49.63
C LEU C 482 -41.97 3.17 -49.78
N LYS C 483 -42.81 3.85 -49.00
CA LYS C 483 -42.85 5.30 -49.08
C LYS C 483 -41.56 5.94 -48.58
N ASN C 484 -40.93 5.36 -47.57
CA ASN C 484 -39.65 5.86 -47.14
C ASN C 484 -38.59 5.72 -48.22
N ARG C 485 -38.58 4.58 -48.92
CA ARG C 485 -37.62 4.40 -50.00
C ARG C 485 -37.86 5.37 -51.15
N GLN C 486 -39.14 5.63 -51.46
CA GLN C 486 -39.46 6.60 -52.50
C GLN C 486 -39.02 8.01 -52.15
N ASN C 487 -39.18 8.41 -50.89
CA ASN C 487 -38.76 9.75 -50.51
C ASN C 487 -37.25 9.90 -50.48
N LEU C 488 -36.54 8.90 -49.96
CA LEU C 488 -35.08 8.97 -49.99
C LEU C 488 -34.52 8.89 -51.39
N PHE C 489 -35.21 8.25 -52.33
CA PHE C 489 -34.76 8.36 -53.72
C PHE C 489 -35.17 9.67 -54.35
N GLN C 490 -36.22 10.32 -53.83
CA GLN C 490 -36.61 11.62 -54.37
C GLN C 490 -35.58 12.68 -54.03
N GLU C 491 -35.11 12.67 -52.79
CA GLU C 491 -34.32 13.79 -52.28
C GLU C 491 -32.96 13.89 -52.96
N GLU C 492 -32.46 12.80 -53.51
CA GLU C 492 -31.20 12.92 -54.23
C GLU C 492 -31.41 13.10 -55.72
N GLY C 493 -32.64 13.14 -56.18
CA GLY C 493 -32.90 13.49 -57.56
C GLY C 493 -32.70 12.38 -58.55
N MET C 494 -32.93 11.13 -58.13
CA MET C 494 -32.77 9.99 -59.03
C MET C 494 -33.81 9.98 -60.13
N ILE C 495 -34.94 10.67 -59.91
CA ILE C 495 -35.90 10.90 -60.96
C ILE C 495 -35.25 11.62 -62.12
N ASN C 496 -34.50 12.68 -61.84
CA ASN C 496 -33.77 13.39 -62.88
C ASN C 496 -32.65 12.53 -63.45
N LEU C 497 -32.07 11.68 -62.62
CA LEU C 497 -30.97 10.84 -63.07
C LEU C 497 -31.43 9.74 -64.01
N VAL C 498 -32.72 9.40 -63.98
CA VAL C 498 -33.21 8.48 -65.00
C VAL C 498 -33.85 9.24 -66.15
N LEU C 499 -34.31 10.47 -65.88
CA LEU C 499 -34.83 11.32 -66.94
C LEU C 499 -33.75 11.67 -67.94
N GLU C 500 -32.52 11.80 -67.48
CA GLU C 500 -31.42 12.07 -68.40
C GLU C 500 -31.13 10.87 -69.30
N CYS C 501 -31.23 9.65 -68.78
CA CYS C 501 -31.06 8.48 -69.63
C CYS C 501 -32.19 8.35 -70.62
N ILE C 502 -33.39 8.77 -70.23
CA ILE C 502 -34.48 8.78 -71.20
C ILE C 502 -34.24 9.84 -72.28
N ASP C 503 -33.68 10.99 -71.89
CA ASP C 503 -33.28 12.00 -72.87
C ASP C 503 -32.26 11.45 -73.85
N ARG C 504 -31.27 10.72 -73.34
CA ARG C 504 -30.21 10.25 -74.20
C ARG C 504 -30.67 9.12 -75.12
N LEU C 505 -31.42 8.17 -74.60
CA LEU C 505 -31.64 6.95 -75.34
C LEU C 505 -32.67 7.09 -76.45
N HIS C 506 -33.45 8.16 -76.47
CA HIS C 506 -34.50 8.29 -77.48
C HIS C 506 -33.97 9.01 -78.71
N VAL C 507 -32.93 8.41 -79.30
CA VAL C 507 -32.33 8.90 -80.53
C VAL C 507 -32.72 8.04 -81.72
N TYR C 508 -32.55 6.74 -81.62
CA TYR C 508 -32.66 5.85 -82.76
C TYR C 508 -34.05 5.24 -82.82
N SER C 509 -34.21 4.27 -83.71
CA SER C 509 -35.38 3.40 -83.67
C SER C 509 -35.02 1.98 -84.06
N SER C 510 -33.73 1.68 -84.18
CA SER C 510 -33.18 0.42 -84.71
C SER C 510 -33.82 -0.10 -86.00
N VAL C 517 -27.80 2.52 -84.25
CA VAL C 517 -27.59 2.87 -82.86
C VAL C 517 -26.09 2.99 -82.64
N ALA C 518 -25.45 1.84 -82.48
CA ALA C 518 -24.06 1.70 -82.10
C ALA C 518 -23.58 0.40 -82.71
N GLY C 519 -22.55 -0.18 -82.10
CA GLY C 519 -22.26 -1.57 -82.33
C GLY C 519 -23.49 -2.37 -82.01
N ARG C 520 -24.16 -2.83 -83.07
CA ARG C 520 -25.54 -3.27 -83.03
C ARG C 520 -25.68 -4.76 -82.72
N GLU C 521 -24.78 -5.31 -81.92
CA GLU C 521 -25.02 -6.63 -81.37
C GLU C 521 -25.05 -6.61 -79.85
N ALA C 522 -24.15 -5.85 -79.23
CA ALA C 522 -24.19 -5.66 -77.79
C ALA C 522 -25.40 -4.83 -77.37
N GLY C 523 -25.69 -3.76 -78.12
CA GLY C 523 -26.89 -2.98 -77.93
C GLY C 523 -28.07 -3.52 -78.72
N GLU C 524 -28.29 -4.82 -78.62
CA GLU C 524 -29.47 -5.44 -79.21
C GLU C 524 -30.68 -5.29 -78.31
N SER C 525 -30.47 -5.17 -77.00
CA SER C 525 -31.54 -5.15 -76.02
C SER C 525 -32.02 -3.75 -75.69
N TRP C 526 -31.78 -2.80 -76.59
CA TRP C 526 -32.02 -1.39 -76.29
C TRP C 526 -33.49 -1.09 -76.08
N LYS C 527 -34.37 -1.75 -76.82
CA LYS C 527 -35.80 -1.62 -76.53
C LYS C 527 -36.13 -2.19 -75.17
N SER C 528 -35.59 -3.38 -74.86
CA SER C 528 -35.95 -4.04 -73.61
C SER C 528 -35.29 -3.37 -72.42
N ILE C 529 -34.25 -2.58 -72.65
CA ILE C 529 -33.80 -1.69 -71.59
C ILE C 529 -34.77 -0.54 -71.44
N LEU C 530 -35.15 0.08 -72.56
CA LEU C 530 -35.90 1.33 -72.52
C LEU C 530 -37.28 1.13 -71.96
N ASN C 531 -37.97 0.06 -72.39
CA ASN C 531 -39.24 -0.30 -71.81
C ASN C 531 -39.11 -0.64 -70.33
N SER C 532 -37.98 -1.21 -69.93
CA SER C 532 -37.76 -1.44 -68.52
C SER C 532 -37.35 -0.17 -67.80
N LEU C 533 -36.94 0.86 -68.53
CA LEU C 533 -36.55 2.10 -67.89
C LEU C 533 -37.76 2.88 -67.41
N TYR C 534 -38.72 3.08 -68.32
CA TYR C 534 -39.95 3.81 -68.02
C TYR C 534 -40.70 3.18 -66.86
N GLU C 535 -40.64 1.85 -66.78
CA GLU C 535 -41.23 1.10 -65.69
C GLU C 535 -40.68 1.53 -64.34
N LEU C 536 -39.38 1.77 -64.26
CA LEU C 536 -38.78 2.28 -63.04
C LEU C 536 -39.34 3.66 -62.70
N LEU C 537 -39.55 4.48 -63.72
CA LEU C 537 -40.15 5.78 -63.51
C LEU C 537 -41.58 5.67 -63.00
N ALA C 538 -42.26 4.58 -63.33
CA ALA C 538 -43.60 4.42 -62.80
C ALA C 538 -43.57 4.00 -61.35
N ALA C 539 -42.47 3.45 -60.87
CA ALA C 539 -42.47 2.97 -59.49
C ALA C 539 -42.07 4.05 -58.51
N LEU C 540 -41.30 5.03 -58.95
CA LEU C 540 -40.86 6.06 -58.02
C LEU C 540 -41.93 7.08 -57.70
N ILE C 541 -42.99 7.16 -58.50
CA ILE C 541 -43.92 8.27 -58.34
C ILE C 541 -45.28 7.74 -57.92
N ARG C 542 -45.39 6.43 -57.72
CA ARG C 542 -46.71 5.82 -57.60
C ARG C 542 -47.42 6.20 -56.32
N GLY C 543 -46.73 6.20 -55.19
CA GLY C 543 -47.39 6.52 -53.95
C GLY C 543 -47.35 7.98 -53.59
N ASN C 544 -46.16 8.57 -53.61
CA ASN C 544 -45.93 9.89 -53.02
C ASN C 544 -46.51 10.99 -53.88
N ARG C 545 -47.46 11.72 -53.30
CA ARG C 545 -47.91 12.99 -53.85
C ARG C 545 -46.79 14.02 -53.79
N LYS C 546 -45.91 13.90 -52.80
CA LYS C 546 -44.71 14.72 -52.74
C LYS C 546 -43.81 14.47 -53.93
N ASN C 547 -43.69 13.21 -54.37
CA ASN C 547 -43.00 12.94 -55.62
C ASN C 547 -43.71 13.53 -56.81
N CYS C 548 -45.03 13.48 -56.80
CA CYS C 548 -45.78 13.91 -57.97
C CYS C 548 -45.71 15.41 -58.17
N ALA C 549 -45.59 16.17 -57.08
CA ALA C 549 -45.46 17.61 -57.19
C ALA C 549 -44.14 18.00 -57.83
N GLN C 550 -43.07 17.25 -57.58
CA GLN C 550 -41.78 17.54 -58.19
C GLN C 550 -41.70 17.08 -59.62
N PHE C 551 -42.67 16.29 -60.07
CA PHE C 551 -42.73 15.86 -61.46
C PHE C 551 -43.78 16.66 -62.21
N SER C 552 -44.07 17.86 -61.72
CA SER C 552 -45.07 18.70 -62.37
C SER C 552 -44.56 19.25 -63.68
N GLY C 553 -43.37 19.84 -63.67
CA GLY C 553 -42.91 20.66 -64.78
C GLY C 553 -42.53 19.89 -66.02
N SER C 554 -42.13 18.64 -65.90
CA SER C 554 -41.60 17.97 -67.06
C SER C 554 -42.64 17.13 -67.79
N LEU C 555 -43.94 17.35 -67.54
CA LEU C 555 -44.96 16.54 -68.20
C LEU C 555 -45.06 16.87 -69.68
N ASP C 556 -44.82 18.13 -70.05
CA ASP C 556 -44.91 18.56 -71.43
C ASP C 556 -43.91 17.85 -72.31
N TRP C 557 -42.71 17.60 -71.80
CA TRP C 557 -41.73 16.84 -72.54
C TRP C 557 -42.14 15.37 -72.66
N LEU C 558 -42.83 14.85 -71.66
CA LEU C 558 -43.30 13.47 -71.76
C LEU C 558 -44.36 13.32 -72.84
N ILE C 559 -45.32 14.24 -72.90
CA ILE C 559 -46.29 14.16 -73.96
C ILE C 559 -45.68 14.55 -75.30
N SER C 560 -44.54 15.24 -75.30
CA SER C 560 -43.78 15.39 -76.54
C SER C 560 -43.24 14.04 -77.00
N ARG C 561 -42.68 13.27 -76.08
CA ARG C 561 -42.19 11.94 -76.42
C ARG C 561 -43.31 10.92 -76.60
N LEU C 562 -44.57 11.31 -76.34
CA LEU C 562 -45.69 10.38 -76.50
C LEU C 562 -45.91 9.96 -77.94
N GLU C 563 -45.40 10.73 -78.90
CA GLU C 563 -45.47 10.35 -80.30
C GLU C 563 -44.32 9.47 -80.75
N ARG C 564 -43.54 8.92 -79.81
CA ARG C 564 -42.44 8.06 -80.23
C ARG C 564 -42.95 6.71 -80.66
N LEU C 565 -44.03 6.24 -80.03
CA LEU C 565 -44.83 5.08 -80.44
C LEU C 565 -44.04 3.78 -80.45
N GLU C 566 -42.93 3.73 -79.76
CA GLU C 566 -42.15 2.52 -79.56
C GLU C 566 -42.08 2.15 -78.09
N ALA C 567 -42.14 3.15 -77.20
CA ALA C 567 -42.22 2.95 -75.77
C ALA C 567 -43.38 3.76 -75.20
N SER C 568 -44.48 3.84 -75.95
CA SER C 568 -45.65 4.58 -75.49
C SER C 568 -46.36 3.90 -74.34
N SER C 569 -46.18 2.60 -74.18
CA SER C 569 -46.75 1.90 -73.04
C SER C 569 -46.17 2.38 -71.73
N GLY C 570 -44.90 2.73 -71.70
CA GLY C 570 -44.32 3.25 -70.49
C GLY C 570 -44.80 4.66 -70.23
N ILE C 571 -44.91 5.45 -71.29
CA ILE C 571 -45.29 6.85 -71.13
C ILE C 571 -46.71 6.98 -70.67
N LEU C 572 -47.59 6.13 -71.18
CA LEU C 572 -48.99 6.21 -70.79
C LEU C 572 -49.19 5.76 -69.36
N GLU C 573 -48.44 4.74 -68.96
CA GLU C 573 -48.46 4.31 -67.57
C GLU C 573 -47.93 5.36 -66.62
N VAL C 574 -46.84 6.02 -66.98
CA VAL C 574 -46.26 7.06 -66.12
C VAL C 574 -47.22 8.23 -65.98
N LEU C 575 -47.84 8.64 -67.09
CA LEU C 575 -48.77 9.76 -67.05
C LEU C 575 -50.02 9.41 -66.26
N HIS C 576 -50.54 8.20 -66.43
CA HIS C 576 -51.72 7.80 -65.66
C HIS C 576 -51.40 7.63 -64.20
N CYS C 577 -50.17 7.28 -63.88
CA CYS C 577 -49.75 7.11 -62.50
C CYS C 577 -49.28 8.43 -61.91
N VAL C 578 -49.27 9.48 -62.71
CA VAL C 578 -49.09 10.84 -62.21
C VAL C 578 -50.42 11.55 -61.97
N LEU C 579 -51.35 11.45 -62.92
CA LEU C 579 -52.52 12.32 -62.90
C LEU C 579 -53.48 12.03 -61.74
N VAL C 580 -53.44 10.84 -61.16
CA VAL C 580 -54.39 10.54 -60.08
C VAL C 580 -53.84 10.96 -58.73
N GLU C 581 -52.55 11.27 -58.65
CA GLU C 581 -51.86 11.37 -57.38
C GLU C 581 -51.59 12.80 -56.94
N SER C 582 -51.52 13.75 -57.88
CA SER C 582 -51.45 15.15 -57.47
C SER C 582 -52.51 15.96 -58.21
N PRO C 583 -53.20 16.86 -57.51
CA PRO C 583 -54.07 17.81 -58.20
C PRO C 583 -53.31 18.95 -58.82
N GLU C 584 -52.10 19.24 -58.33
CA GLU C 584 -51.30 20.32 -58.89
C GLU C 584 -50.84 19.98 -60.29
N ALA C 585 -50.57 18.69 -60.55
CA ALA C 585 -50.16 18.26 -61.88
C ALA C 585 -51.31 18.23 -62.86
N LEU C 586 -52.53 18.52 -62.41
CA LEU C 586 -53.64 18.62 -63.34
C LEU C 586 -53.78 20.04 -63.88
N ASN C 587 -53.11 21.01 -63.25
CA ASN C 587 -53.26 22.39 -63.67
C ASN C 587 -52.36 22.76 -64.83
N ILE C 588 -51.22 22.08 -64.98
CA ILE C 588 -50.31 22.39 -66.07
C ILE C 588 -50.91 22.03 -67.41
N ILE C 589 -51.63 20.92 -67.46
CA ILE C 589 -51.89 20.25 -68.73
C ILE C 589 -52.96 20.99 -69.52
N LYS C 590 -52.62 21.34 -70.76
CA LYS C 590 -53.41 22.23 -71.61
C LYS C 590 -53.96 21.50 -72.82
N GLU C 591 -54.59 22.30 -73.68
CA GLU C 591 -55.38 21.77 -74.79
C GLU C 591 -54.50 21.05 -75.81
N GLY C 592 -53.28 21.56 -76.02
CA GLY C 592 -52.35 20.92 -76.92
C GLY C 592 -51.91 19.54 -76.47
N HIS C 593 -51.92 19.30 -75.16
CA HIS C 593 -51.63 17.96 -74.66
C HIS C 593 -52.81 17.02 -74.85
N ILE C 594 -54.02 17.50 -74.56
CA ILE C 594 -55.21 16.67 -74.66
C ILE C 594 -55.44 16.27 -76.11
N LYS C 595 -55.16 17.16 -77.05
CA LYS C 595 -55.32 16.79 -78.45
C LYS C 595 -54.27 15.78 -78.90
N SER C 596 -53.08 15.78 -78.30
CA SER C 596 -52.12 14.73 -78.64
C SER C 596 -52.53 13.40 -78.05
N ILE C 597 -53.08 13.41 -76.84
CA ILE C 597 -53.60 12.20 -76.22
C ILE C 597 -54.76 11.65 -77.06
N ILE C 598 -55.58 12.55 -77.59
CA ILE C 598 -56.66 12.16 -78.49
C ILE C 598 -56.11 11.53 -79.77
N SER C 599 -55.11 12.17 -80.36
CA SER C 599 -54.54 11.68 -81.63
C SER C 599 -53.84 10.33 -81.49
N LEU C 600 -53.33 10.02 -80.30
CA LEU C 600 -52.84 8.67 -80.06
C LEU C 600 -53.95 7.65 -80.19
N LEU C 601 -55.17 8.02 -79.84
CA LEU C 601 -56.26 7.05 -79.87
C LEU C 601 -56.74 6.78 -81.29
N ASP C 602 -56.48 7.67 -82.23
CA ASP C 602 -56.78 7.31 -83.60
C ASP C 602 -55.61 6.62 -84.27
N LYS C 603 -54.39 6.95 -83.86
CA LYS C 603 -53.25 6.25 -84.46
C LYS C 603 -53.14 4.82 -83.95
N HIS C 604 -53.70 4.51 -82.78
CA HIS C 604 -53.40 3.24 -82.14
C HIS C 604 -54.60 2.37 -81.83
N GLY C 605 -55.70 2.53 -82.54
CA GLY C 605 -56.78 1.59 -82.43
C GLY C 605 -57.62 1.68 -81.18
N ARG C 606 -57.55 0.65 -80.35
CA ARG C 606 -58.41 0.52 -79.18
C ARG C 606 -57.51 0.25 -77.98
N ASN C 607 -57.13 1.30 -77.28
CA ASN C 607 -56.30 1.17 -76.10
C ASN C 607 -57.06 1.73 -74.92
N HIS C 608 -57.57 0.84 -74.08
CA HIS C 608 -58.41 1.24 -72.97
C HIS C 608 -57.66 2.04 -71.90
N LYS C 609 -56.34 1.96 -71.86
CA LYS C 609 -55.60 2.79 -70.92
C LYS C 609 -55.65 4.25 -71.29
N VAL C 610 -55.88 4.57 -72.56
CA VAL C 610 -56.13 5.95 -72.93
C VAL C 610 -57.41 6.45 -72.29
N LEU C 611 -58.45 5.62 -72.29
CA LEU C 611 -59.65 6.04 -71.59
C LEU C 611 -59.53 5.96 -70.09
N ASP C 612 -58.63 5.16 -69.56
CA ASP C 612 -58.37 5.23 -68.14
C ASP C 612 -57.62 6.51 -67.78
N VAL C 613 -56.84 7.06 -68.72
CA VAL C 613 -56.27 8.38 -68.51
C VAL C 613 -57.36 9.43 -68.56
N LEU C 614 -58.15 9.44 -69.62
CA LEU C 614 -59.13 10.50 -69.82
C LEU C 614 -60.26 10.45 -68.82
N CYS C 615 -60.53 9.29 -68.23
CA CYS C 615 -61.50 9.23 -67.14
C CYS C 615 -60.98 9.89 -65.89
N SER C 616 -59.67 10.01 -65.76
CA SER C 616 -59.05 10.68 -64.63
C SER C 616 -58.63 12.08 -64.95
N LEU C 617 -58.59 12.46 -66.21
CA LEU C 617 -58.27 13.82 -66.57
C LEU C 617 -59.41 14.77 -66.32
N CYS C 618 -60.63 14.26 -66.25
CA CYS C 618 -61.79 15.12 -66.10
C CYS C 618 -62.39 15.07 -64.71
N VAL C 619 -61.90 14.21 -63.83
CA VAL C 619 -62.26 14.21 -62.42
C VAL C 619 -61.00 13.91 -61.62
N CYS C 620 -60.64 14.79 -60.71
CA CYS C 620 -59.50 14.63 -59.82
C CYS C 620 -59.87 13.72 -58.66
N HIS C 621 -59.16 13.89 -57.54
CA HIS C 621 -59.56 13.23 -56.29
C HIS C 621 -61.02 13.46 -55.96
N GLY C 622 -61.42 14.69 -55.79
CA GLY C 622 -62.82 14.91 -55.51
C GLY C 622 -63.47 15.88 -56.47
N VAL C 623 -62.67 16.73 -57.08
CA VAL C 623 -63.19 17.89 -57.75
C VAL C 623 -63.28 17.61 -59.24
N ALA C 624 -63.95 18.49 -59.95
CA ALA C 624 -64.26 18.31 -61.37
C ALA C 624 -63.69 19.47 -62.16
N VAL C 625 -62.68 19.19 -62.97
CA VAL C 625 -62.01 20.25 -63.71
C VAL C 625 -62.75 20.60 -65.00
N ARG C 626 -63.73 21.48 -64.89
CA ARG C 626 -64.70 21.67 -65.96
C ARG C 626 -64.16 22.45 -67.16
N SER C 627 -62.88 22.76 -67.20
CA SER C 627 -62.29 23.20 -68.45
C SER C 627 -61.85 22.01 -69.28
N ASN C 628 -61.59 20.87 -68.64
CA ASN C 628 -61.24 19.68 -69.40
C ASN C 628 -62.47 18.95 -69.88
N GLN C 629 -63.59 19.11 -69.19
CA GLN C 629 -64.78 18.38 -69.57
C GLN C 629 -65.41 18.96 -70.82
N HIS C 630 -65.38 20.28 -70.98
CA HIS C 630 -65.83 20.85 -72.25
C HIS C 630 -64.90 20.46 -73.36
N LEU C 631 -63.61 20.33 -73.07
CA LEU C 631 -62.60 20.05 -74.09
C LEU C 631 -62.72 18.63 -74.62
N ILE C 632 -62.90 17.66 -73.72
CA ILE C 632 -63.07 16.26 -74.13
C ILE C 632 -64.35 16.11 -74.93
N CYS C 633 -65.43 16.73 -74.48
CA CYS C 633 -66.68 16.69 -75.22
C CYS C 633 -66.58 17.39 -76.56
N ASP C 634 -65.70 18.37 -76.68
CA ASP C 634 -65.56 19.03 -77.97
C ASP C 634 -64.76 18.21 -78.97
N ASN C 635 -63.70 17.53 -78.54
CA ASN C 635 -62.85 16.84 -79.50
C ASN C 635 -63.30 15.42 -79.80
N LEU C 636 -63.34 14.56 -78.77
CA LEU C 636 -63.53 13.13 -78.99
C LEU C 636 -64.94 12.77 -79.43
N LEU C 637 -65.95 13.48 -78.95
CA LEU C 637 -67.33 13.13 -79.27
C LEU C 637 -67.75 13.26 -80.73
N PRO C 638 -67.80 14.44 -81.35
CA PRO C 638 -68.66 14.61 -82.52
C PRO C 638 -68.16 13.98 -83.80
N GLY C 639 -66.96 13.40 -83.78
CA GLY C 639 -66.45 12.77 -84.99
C GLY C 639 -67.11 11.44 -85.29
N ARG C 640 -67.61 10.77 -84.25
CA ARG C 640 -68.17 9.40 -84.32
C ARG C 640 -67.19 8.43 -84.97
N ASP C 641 -65.89 8.60 -84.71
CA ASP C 641 -64.90 7.83 -85.45
C ASP C 641 -63.99 7.01 -84.55
N LEU C 642 -63.59 7.54 -83.42
CA LEU C 642 -62.73 6.80 -82.53
C LEU C 642 -63.51 5.87 -81.63
N LEU C 643 -64.83 6.04 -81.58
CA LEU C 643 -65.64 5.38 -80.57
C LEU C 643 -66.70 4.51 -81.20
N LEU C 644 -67.15 3.52 -80.45
CA LEU C 644 -68.09 2.55 -80.97
C LEU C 644 -69.50 3.09 -80.88
N GLN C 645 -69.98 3.66 -81.97
CA GLN C 645 -71.31 4.23 -82.02
C GLN C 645 -72.37 3.13 -82.00
N THR C 646 -73.45 3.38 -81.28
CA THR C 646 -74.51 2.41 -81.05
C THR C 646 -75.88 3.00 -81.39
N ARG C 647 -76.85 2.11 -81.58
CA ARG C 647 -78.18 2.46 -82.05
C ARG C 647 -79.10 1.27 -81.79
N LEU C 648 -80.40 1.43 -82.05
CA LEU C 648 -81.27 0.27 -82.06
C LEU C 648 -82.10 0.29 -83.33
N VAL C 649 -82.25 -0.87 -83.96
CA VAL C 649 -83.00 -1.01 -85.20
C VAL C 649 -84.06 -2.08 -85.02
N ASN C 650 -84.99 -2.16 -85.95
CA ASN C 650 -86.03 -3.17 -85.87
C ASN C 650 -85.50 -4.50 -86.39
N HIS C 651 -86.09 -5.60 -85.90
CA HIS C 651 -85.78 -6.90 -86.47
C HIS C 651 -86.33 -7.01 -87.88
N VAL C 652 -85.46 -7.34 -88.81
CA VAL C 652 -85.85 -7.50 -90.21
C VAL C 652 -86.16 -8.96 -90.48
N SER C 653 -87.13 -9.19 -91.35
CA SER C 653 -87.42 -10.53 -91.82
C SER C 653 -88.09 -10.46 -93.18
N SER C 654 -87.85 -11.49 -93.99
CA SER C 654 -88.30 -11.58 -95.37
C SER C 654 -88.97 -12.92 -95.58
N MET C 655 -89.76 -13.05 -96.64
CA MET C 655 -90.52 -14.27 -96.85
C MET C 655 -90.43 -14.73 -98.29
N ARG C 656 -90.32 -16.04 -98.49
CA ARG C 656 -90.23 -16.62 -99.81
C ARG C 656 -91.39 -17.58 -100.02
N PRO C 657 -92.07 -17.51 -101.16
CA PRO C 657 -93.13 -18.47 -101.47
C PRO C 657 -92.66 -19.69 -102.25
N ASN C 658 -91.50 -20.23 -101.88
CA ASN C 658 -90.98 -21.52 -102.32
C ASN C 658 -90.82 -21.71 -103.84
N ILE C 659 -90.95 -20.65 -104.62
CA ILE C 659 -90.91 -20.76 -106.07
C ILE C 659 -89.48 -20.45 -106.54
N PHE C 660 -89.02 -21.19 -107.54
CA PHE C 660 -87.67 -21.02 -108.06
C PHE C 660 -87.75 -20.69 -109.54
N LEU C 661 -86.90 -19.78 -109.99
CA LEU C 661 -86.94 -19.33 -111.38
C LEU C 661 -85.56 -18.85 -111.82
N GLY C 662 -84.98 -19.53 -112.80
CA GLY C 662 -83.70 -19.14 -113.36
C GLY C 662 -83.80 -18.53 -114.73
N LYS C 671 -92.36 -15.39 -120.65
CA LYS C 671 -90.98 -15.12 -120.25
C LYS C 671 -90.91 -13.96 -119.24
N LYS C 672 -91.65 -12.89 -119.49
CA LYS C 672 -91.55 -11.70 -118.65
C LYS C 672 -92.28 -11.95 -117.33
N TRP C 673 -91.56 -12.47 -116.35
CA TRP C 673 -92.15 -12.86 -115.07
C TRP C 673 -92.60 -11.64 -114.28
N TYR C 674 -93.70 -11.80 -113.56
CA TYR C 674 -94.51 -10.66 -113.15
C TYR C 674 -95.44 -11.08 -112.03
N TYR C 675 -95.27 -10.49 -110.85
CA TYR C 675 -96.13 -10.79 -109.71
C TYR C 675 -96.47 -9.52 -108.94
N GLU C 676 -97.58 -9.58 -108.23
CA GLU C 676 -98.19 -8.39 -107.66
C GLU C 676 -98.22 -8.47 -106.15
N LEU C 677 -98.59 -7.34 -105.53
CA LEU C 677 -98.81 -7.27 -104.11
C LEU C 677 -100.02 -6.41 -103.83
N MET C 678 -100.48 -6.47 -102.58
CA MET C 678 -101.49 -5.54 -102.12
C MET C 678 -101.19 -5.25 -100.65
N VAL C 679 -100.91 -3.99 -100.35
CA VAL C 679 -100.59 -3.59 -98.99
C VAL C 679 -101.83 -3.00 -98.36
N ASP C 680 -102.16 -3.46 -97.15
CA ASP C 680 -103.44 -3.12 -96.55
C ASP C 680 -103.34 -2.54 -95.14
N HIS C 681 -102.16 -2.57 -94.51
CA HIS C 681 -102.04 -1.96 -93.20
C HIS C 681 -100.60 -1.48 -93.03
N THR C 682 -100.45 -0.24 -92.59
CA THR C 682 -99.20 0.48 -92.84
C THR C 682 -98.33 0.68 -91.60
N GLU C 683 -98.87 1.31 -90.53
CA GLU C 683 -98.17 1.72 -89.32
C GLU C 683 -96.89 2.47 -89.66
N PRO C 684 -96.93 3.75 -90.04
CA PRO C 684 -95.68 4.47 -90.34
C PRO C 684 -94.75 4.60 -89.15
N PHE C 685 -95.27 4.60 -87.94
CA PHE C 685 -94.46 4.72 -86.73
C PHE C 685 -95.07 3.87 -85.63
N VAL C 686 -94.61 2.63 -85.49
CA VAL C 686 -94.82 1.97 -84.21
C VAL C 686 -93.46 1.48 -83.69
N THR C 687 -92.71 2.45 -83.17
CA THR C 687 -91.38 2.41 -82.57
C THR C 687 -91.06 3.85 -82.24
N ALA C 688 -89.86 4.10 -81.77
CA ALA C 688 -89.35 5.48 -81.87
C ALA C 688 -88.56 5.67 -83.16
N GLU C 689 -89.11 5.20 -84.27
CA GLU C 689 -88.46 5.21 -85.59
C GLU C 689 -89.46 4.72 -86.62
N ALA C 690 -89.12 4.95 -87.88
CA ALA C 690 -89.99 4.57 -88.98
C ALA C 690 -89.73 3.14 -89.39
N THR C 691 -90.77 2.49 -89.92
CA THR C 691 -90.75 1.09 -90.26
C THR C 691 -90.36 0.91 -91.72
N HIS C 692 -90.09 -0.34 -92.10
CA HIS C 692 -89.70 -0.62 -93.47
C HIS C 692 -90.60 -1.68 -94.08
N LEU C 693 -90.71 -1.63 -95.41
CA LEU C 693 -91.53 -2.55 -96.19
C LEU C 693 -91.01 -2.51 -97.62
N ARG C 694 -90.24 -3.53 -97.99
CA ARG C 694 -89.56 -3.55 -99.28
C ARG C 694 -89.91 -4.81 -100.05
N VAL C 695 -90.22 -4.66 -101.34
CA VAL C 695 -90.55 -5.75 -102.25
C VAL C 695 -89.40 -5.91 -103.23
N GLY C 696 -89.26 -7.09 -103.82
CA GLY C 696 -88.24 -7.28 -104.85
C GLY C 696 -87.98 -8.75 -105.10
N TRP C 697 -86.79 -9.02 -105.63
CA TRP C 697 -86.32 -10.34 -106.00
C TRP C 697 -84.94 -10.60 -105.42
N ALA C 698 -84.57 -11.88 -105.34
CA ALA C 698 -83.21 -12.23 -104.93
C ALA C 698 -82.79 -13.54 -105.55
N SER C 699 -81.48 -13.79 -105.52
CA SER C 699 -80.88 -15.00 -106.05
C SER C 699 -80.53 -15.97 -104.93
N THR C 700 -80.14 -17.18 -105.32
CA THR C 700 -79.94 -18.25 -104.36
C THR C 700 -78.49 -18.63 -104.13
N GLU C 701 -77.61 -18.44 -105.12
CA GLU C 701 -76.21 -18.84 -104.98
C GLU C 701 -75.44 -17.68 -104.38
N GLY C 702 -75.41 -17.65 -103.04
CA GLY C 702 -74.72 -16.61 -102.31
C GLY C 702 -75.59 -15.89 -101.31
N TYR C 703 -74.96 -15.33 -100.26
CA TYR C 703 -75.58 -14.42 -99.28
C TYR C 703 -76.76 -15.09 -98.55
N SER C 704 -76.40 -15.96 -97.61
CA SER C 704 -77.37 -16.44 -96.62
C SER C 704 -77.99 -15.26 -95.87
N PRO C 705 -79.32 -15.17 -95.77
CA PRO C 705 -79.96 -13.94 -95.29
C PRO C 705 -80.07 -13.81 -93.78
N TYR C 706 -79.00 -13.40 -93.12
CA TYR C 706 -78.99 -13.36 -91.66
C TYR C 706 -79.56 -12.04 -91.18
N PRO C 707 -80.33 -12.02 -90.08
CA PRO C 707 -80.96 -10.78 -89.62
C PRO C 707 -80.03 -9.88 -88.82
N GLY C 708 -79.57 -8.79 -89.43
CA GLY C 708 -78.90 -7.72 -88.73
C GLY C 708 -77.45 -7.92 -88.35
N GLY C 709 -77.01 -9.15 -88.09
CA GLY C 709 -75.70 -9.37 -87.50
C GLY C 709 -74.54 -9.28 -88.47
N GLY C 710 -74.85 -9.24 -89.76
CA GLY C 710 -73.83 -9.24 -90.80
C GLY C 710 -73.60 -7.88 -91.39
N GLU C 711 -74.25 -7.60 -92.51
CA GLU C 711 -74.26 -6.28 -93.14
C GLU C 711 -75.13 -5.31 -92.31
N GLU C 712 -75.24 -4.07 -92.79
CA GLU C 712 -75.97 -3.03 -92.06
C GLU C 712 -77.47 -3.32 -92.09
N TRP C 713 -78.02 -3.61 -90.91
CA TRP C 713 -79.45 -3.62 -90.57
C TRP C 713 -80.30 -4.71 -91.22
N GLY C 714 -79.72 -5.49 -92.15
CA GLY C 714 -80.48 -6.54 -92.81
C GLY C 714 -81.56 -5.98 -93.72
N GLY C 715 -82.53 -6.83 -94.03
CA GLY C 715 -83.68 -6.38 -94.78
C GLY C 715 -83.73 -6.90 -96.20
N ASN C 716 -83.69 -5.99 -97.17
CA ASN C 716 -83.78 -6.36 -98.58
C ASN C 716 -83.24 -5.21 -99.42
N GLY C 717 -82.71 -5.54 -100.60
CA GLY C 717 -81.98 -4.56 -101.37
C GLY C 717 -80.62 -4.27 -100.81
N VAL C 718 -80.09 -5.14 -99.95
CA VAL C 718 -78.89 -4.83 -99.20
C VAL C 718 -77.64 -5.46 -99.77
N GLY C 719 -77.73 -6.62 -100.42
CA GLY C 719 -76.61 -7.24 -101.08
C GLY C 719 -76.68 -6.95 -102.57
N ASP C 720 -75.63 -7.39 -103.26
CA ASP C 720 -75.65 -7.25 -104.70
C ASP C 720 -76.57 -8.28 -105.34
N ASP C 721 -76.81 -9.41 -104.68
CA ASP C 721 -77.67 -10.44 -105.22
C ASP C 721 -79.15 -10.15 -105.03
N LEU C 722 -79.49 -9.02 -104.40
CA LEU C 722 -80.87 -8.68 -104.08
C LEU C 722 -81.24 -7.39 -104.80
N PHE C 723 -82.44 -7.33 -105.35
CA PHE C 723 -82.89 -6.13 -106.04
C PHE C 723 -84.28 -5.79 -105.53
N SER C 724 -84.40 -4.66 -104.84
CA SER C 724 -85.61 -4.35 -104.11
C SER C 724 -85.98 -2.89 -104.32
N TYR C 725 -87.17 -2.56 -103.84
CA TYR C 725 -87.87 -1.35 -104.22
C TYR C 725 -89.08 -1.22 -103.32
N GLY C 726 -89.51 0.02 -103.10
CA GLY C 726 -90.72 0.25 -102.36
C GLY C 726 -90.50 0.97 -101.05
N PHE C 727 -91.15 2.11 -100.91
CA PHE C 727 -90.95 3.02 -99.79
C PHE C 727 -92.14 3.98 -99.81
N ASP C 728 -92.27 4.81 -98.79
CA ASP C 728 -93.04 6.02 -98.91
C ASP C 728 -92.25 6.98 -99.79
N GLY C 729 -92.71 7.20 -101.02
CA GLY C 729 -91.77 7.76 -101.98
C GLY C 729 -90.81 6.68 -102.41
N LEU C 730 -91.25 5.82 -103.32
CA LEU C 730 -90.92 4.39 -103.34
C LEU C 730 -89.50 3.99 -103.67
N HIS C 731 -88.55 4.94 -103.65
CA HIS C 731 -87.24 4.82 -104.30
C HIS C 731 -86.44 3.62 -103.80
N LEU C 732 -85.64 3.06 -104.71
CA LEU C 732 -85.23 1.65 -104.69
C LEU C 732 -84.11 1.37 -103.70
N TRP C 733 -83.62 0.13 -103.72
CA TRP C 733 -82.44 -0.28 -102.98
C TRP C 733 -81.70 -1.36 -103.75
N SER C 734 -80.38 -1.26 -103.72
CA SER C 734 -79.50 -2.23 -104.34
C SER C 734 -78.13 -2.06 -103.71
N GLY C 735 -77.64 -3.09 -103.03
CA GLY C 735 -76.36 -2.99 -102.37
C GLY C 735 -76.37 -2.05 -101.19
N CYS C 736 -77.49 -2.02 -100.45
CA CYS C 736 -77.79 -1.19 -99.27
C CYS C 736 -77.44 0.28 -99.43
N ILE C 737 -77.49 0.81 -100.65
CA ILE C 737 -77.42 2.24 -100.87
C ILE C 737 -78.60 2.61 -101.73
N ALA C 738 -79.46 3.47 -101.21
CA ALA C 738 -80.69 3.84 -101.88
C ALA C 738 -80.39 4.92 -102.92
N ARG C 739 -80.91 4.73 -104.13
CA ARG C 739 -80.95 5.81 -105.10
C ARG C 739 -82.35 6.36 -105.18
N THR C 740 -82.52 7.43 -105.94
CA THR C 740 -83.65 8.34 -105.71
C THR C 740 -84.56 8.39 -106.94
N VAL C 741 -85.00 7.23 -107.42
CA VAL C 741 -85.94 7.17 -108.52
C VAL C 741 -87.30 7.74 -108.08
N SER C 742 -88.06 8.27 -109.02
CA SER C 742 -89.32 8.95 -108.74
C SER C 742 -90.48 8.37 -109.52
N SER C 743 -91.66 8.93 -109.25
CA SER C 743 -92.96 8.47 -109.72
C SER C 743 -93.91 9.65 -109.63
N PRO C 744 -94.95 9.75 -110.47
CA PRO C 744 -95.76 10.96 -110.42
C PRO C 744 -96.89 10.95 -109.39
N ASN C 745 -96.63 10.39 -108.21
CA ASN C 745 -97.46 10.65 -107.04
C ASN C 745 -96.66 10.81 -105.76
N GLN C 746 -95.45 10.22 -105.69
CA GLN C 746 -94.60 10.18 -104.49
C GLN C 746 -95.38 9.66 -103.28
N HIS C 747 -95.78 8.41 -103.37
CA HIS C 747 -96.76 7.83 -102.46
C HIS C 747 -96.11 6.89 -101.46
N LEU C 748 -96.93 6.44 -100.52
CA LEU C 748 -96.53 5.41 -99.57
C LEU C 748 -96.87 4.05 -100.15
N LEU C 749 -96.25 2.99 -99.64
CA LEU C 749 -96.84 1.66 -99.69
C LEU C 749 -98.02 1.70 -98.72
N ARG C 750 -99.14 2.22 -99.19
CA ARG C 750 -100.22 2.63 -98.32
C ARG C 750 -101.20 1.47 -98.16
N THR C 751 -102.39 1.74 -97.63
CA THR C 751 -103.38 0.70 -97.42
C THR C 751 -104.21 0.39 -98.67
N ASP C 752 -103.92 1.04 -99.80
CA ASP C 752 -104.79 1.00 -100.97
C ASP C 752 -104.01 0.90 -102.26
N ASP C 753 -102.94 0.11 -102.29
CA ASP C 753 -102.06 0.15 -103.44
C ASP C 753 -101.74 -1.25 -103.96
N VAL C 754 -101.39 -1.31 -105.24
CA VAL C 754 -101.00 -2.55 -105.89
C VAL C 754 -99.67 -2.34 -106.60
N ILE C 755 -98.67 -3.12 -106.21
CA ILE C 755 -97.33 -3.01 -106.74
C ILE C 755 -97.17 -4.03 -107.86
N SER C 756 -96.63 -3.60 -108.98
CA SER C 756 -96.36 -4.50 -110.10
C SER C 756 -94.86 -4.63 -110.24
N CYS C 757 -94.33 -5.78 -109.82
CA CYS C 757 -92.93 -6.09 -110.04
C CYS C 757 -92.79 -6.79 -111.39
N CYS C 758 -91.64 -6.62 -112.04
CA CYS C 758 -91.40 -7.32 -113.29
C CYS C 758 -89.97 -7.83 -113.33
N LEU C 759 -89.80 -8.98 -113.98
CA LEU C 759 -88.49 -9.58 -114.18
C LEU C 759 -88.53 -10.32 -115.50
N ASP C 760 -87.44 -10.24 -116.26
CA ASP C 760 -87.45 -10.72 -117.63
C ASP C 760 -86.58 -11.98 -117.80
N LEU C 761 -87.16 -12.99 -118.43
CA LEU C 761 -86.43 -14.16 -118.85
C LEU C 761 -85.70 -13.86 -120.16
N SER C 762 -84.44 -14.33 -120.25
CA SER C 762 -83.54 -14.10 -121.39
C SER C 762 -83.32 -12.61 -121.67
N ALA C 763 -83.38 -11.79 -120.62
CA ALA C 763 -83.17 -10.35 -120.69
C ALA C 763 -82.84 -9.84 -119.29
N PRO C 764 -81.78 -9.05 -119.14
CA PRO C 764 -81.39 -8.58 -117.80
C PRO C 764 -82.06 -7.27 -117.41
N SER C 765 -83.39 -7.28 -117.37
CA SER C 765 -84.14 -6.05 -117.18
C SER C 765 -85.19 -6.22 -116.10
N ILE C 766 -85.13 -5.34 -115.10
CA ILE C 766 -86.10 -5.32 -114.01
C ILE C 766 -86.63 -3.90 -113.89
N SER C 767 -87.94 -3.73 -113.98
CA SER C 767 -88.60 -2.43 -113.87
C SER C 767 -89.90 -2.64 -113.08
N PHE C 768 -90.28 -1.65 -112.28
CA PHE C 768 -91.44 -1.84 -111.44
C PHE C 768 -92.58 -0.93 -111.88
N ARG C 769 -93.73 -1.10 -111.22
CA ARG C 769 -94.91 -0.31 -111.49
C ARG C 769 -95.81 -0.29 -110.26
N ILE C 770 -96.39 0.87 -109.99
CA ILE C 770 -97.37 1.03 -108.92
C ILE C 770 -98.68 1.46 -109.57
N ASN C 771 -99.75 0.69 -109.32
CA ASN C 771 -101.10 0.90 -109.87
C ASN C 771 -101.11 0.94 -111.40
N GLY C 772 -100.15 0.26 -112.03
CA GLY C 772 -99.97 0.33 -113.47
C GLY C 772 -99.05 1.43 -113.94
N GLN C 773 -98.73 2.40 -113.10
CA GLN C 773 -97.95 3.52 -113.59
C GLN C 773 -96.46 3.17 -113.62
N PRO C 774 -95.76 3.52 -114.70
CA PRO C 774 -94.34 3.20 -114.78
C PRO C 774 -93.51 4.13 -113.93
N VAL C 775 -92.52 3.56 -113.24
CA VAL C 775 -91.75 4.29 -112.26
C VAL C 775 -90.28 4.41 -112.68
N GLN C 776 -89.96 3.98 -113.91
CA GLN C 776 -88.60 3.96 -114.48
C GLN C 776 -87.67 3.09 -113.63
N GLY C 777 -87.99 1.80 -113.61
CA GLY C 777 -87.11 0.82 -113.02
C GLY C 777 -85.89 0.54 -113.86
N MET C 778 -84.71 0.54 -113.23
CA MET C 778 -83.45 0.69 -113.94
C MET C 778 -82.49 -0.45 -113.71
N PHE C 779 -82.93 -1.53 -113.06
CA PHE C 779 -82.03 -2.62 -112.69
C PHE C 779 -81.61 -3.39 -113.94
N GLU C 780 -80.40 -3.12 -114.41
CA GLU C 780 -79.97 -3.66 -115.69
C GLU C 780 -78.62 -4.35 -115.57
N ASN C 781 -78.49 -5.47 -116.29
CA ASN C 781 -77.22 -6.09 -116.65
C ASN C 781 -76.43 -6.57 -115.43
N PHE C 782 -77.15 -7.15 -114.48
CA PHE C 782 -76.51 -7.76 -113.33
C PHE C 782 -76.16 -9.19 -113.66
N ASN C 783 -75.60 -9.91 -112.68
CA ASN C 783 -75.21 -11.29 -112.92
C ASN C 783 -76.40 -12.22 -113.02
N ILE C 784 -76.26 -13.22 -113.87
CA ILE C 784 -77.23 -14.29 -114.02
C ILE C 784 -76.52 -15.56 -113.54
N ASP C 785 -76.65 -15.84 -112.26
CA ASP C 785 -76.14 -17.07 -111.67
C ASP C 785 -77.20 -17.59 -110.72
N GLY C 786 -77.50 -18.88 -110.81
CA GLY C 786 -78.55 -19.43 -109.97
C GLY C 786 -79.90 -18.95 -110.45
N LEU C 787 -80.82 -18.82 -109.51
CA LEU C 787 -82.21 -18.59 -109.83
C LEU C 787 -82.63 -17.24 -109.27
N PHE C 788 -83.93 -16.98 -109.31
CA PHE C 788 -84.51 -15.80 -108.71
C PHE C 788 -85.80 -16.20 -108.00
N PHE C 789 -86.17 -15.43 -106.98
CA PHE C 789 -87.39 -15.70 -106.24
C PHE C 789 -87.82 -14.44 -105.50
N PRO C 790 -89.13 -14.24 -105.31
CA PRO C 790 -89.60 -13.05 -104.60
C PRO C 790 -89.40 -13.18 -103.10
N VAL C 791 -89.20 -12.02 -102.46
CA VAL C 791 -88.58 -12.01 -101.14
C VAL C 791 -89.31 -11.14 -100.11
N VAL C 792 -90.37 -10.40 -100.47
CA VAL C 792 -90.78 -9.12 -99.88
C VAL C 792 -90.64 -8.98 -98.36
N SER C 793 -89.98 -7.91 -97.92
CA SER C 793 -89.53 -7.77 -96.55
C SER C 793 -90.37 -6.75 -95.81
N PHE C 794 -90.32 -6.82 -94.48
CA PHE C 794 -91.21 -6.02 -93.64
C PHE C 794 -90.72 -6.06 -92.20
N SER C 795 -90.91 -4.94 -91.48
CA SER C 795 -90.77 -4.94 -90.03
C SER C 795 -91.69 -3.87 -89.44
N ALA C 796 -92.89 -4.28 -89.09
CA ALA C 796 -93.91 -3.42 -88.49
C ALA C 796 -95.06 -4.29 -88.03
N GLY C 797 -96.19 -3.65 -87.78
CA GLY C 797 -97.43 -4.39 -87.76
C GLY C 797 -98.11 -4.51 -89.11
N ILE C 798 -97.38 -4.98 -90.13
CA ILE C 798 -97.85 -4.91 -91.51
C ILE C 798 -98.39 -6.27 -91.93
N LYS C 799 -99.61 -6.28 -92.47
CA LYS C 799 -100.16 -7.41 -93.19
C LYS C 799 -100.30 -7.06 -94.66
N VAL C 800 -99.83 -7.96 -95.52
CA VAL C 800 -99.85 -7.75 -96.96
C VAL C 800 -100.28 -9.03 -97.67
N ARG C 801 -100.78 -8.86 -98.88
CA ARG C 801 -101.38 -9.94 -99.65
C ARG C 801 -100.57 -10.19 -100.91
N PHE C 802 -100.13 -11.43 -101.09
CA PHE C 802 -99.60 -11.90 -102.36
C PHE C 802 -100.75 -12.02 -103.35
N LEU C 803 -100.51 -11.63 -104.60
CA LEU C 803 -101.51 -11.76 -105.64
C LEU C 803 -100.95 -12.73 -106.68
N LEU C 804 -101.22 -14.02 -106.47
CA LEU C 804 -100.73 -15.05 -107.38
C LEU C 804 -101.76 -16.12 -107.73
N GLY C 805 -102.76 -16.36 -106.91
CA GLY C 805 -103.60 -17.53 -107.11
C GLY C 805 -102.95 -18.79 -106.58
N GLU C 810 -106.67 -16.66 -108.05
CA GLU C 810 -107.04 -15.73 -106.98
C GLU C 810 -106.35 -14.40 -107.12
N PHE C 811 -106.05 -13.99 -108.35
CA PHE C 811 -105.57 -12.65 -108.61
C PHE C 811 -106.66 -11.64 -108.30
N LYS C 812 -106.26 -10.38 -108.06
CA LYS C 812 -107.23 -9.33 -107.75
C LYS C 812 -107.27 -8.26 -108.83
N PHE C 813 -106.13 -7.65 -109.18
CA PHE C 813 -106.08 -6.75 -110.32
C PHE C 813 -104.70 -6.83 -110.95
N LEU C 814 -104.66 -7.27 -112.20
CA LEU C 814 -103.40 -7.19 -112.93
C LEU C 814 -103.67 -7.10 -114.42
N PRO C 815 -102.97 -6.22 -115.13
CA PRO C 815 -102.59 -6.51 -116.49
C PRO C 815 -101.49 -7.55 -116.48
N PRO C 816 -101.21 -8.23 -117.58
CA PRO C 816 -100.12 -9.22 -117.58
C PRO C 816 -98.82 -8.70 -118.17
N PRO C 817 -98.64 -7.37 -118.34
CA PRO C 817 -98.00 -6.83 -119.56
C PRO C 817 -96.56 -7.28 -119.76
N GLY C 818 -96.19 -7.34 -121.04
CA GLY C 818 -95.16 -8.30 -121.41
C GLY C 818 -95.81 -9.65 -121.48
N TYR C 819 -95.07 -10.69 -121.11
CA TYR C 819 -95.66 -12.03 -121.04
C TYR C 819 -94.86 -12.90 -120.09
N ALA C 820 -95.31 -12.99 -118.82
CA ALA C 820 -95.44 -14.21 -118.01
C ALA C 820 -96.14 -13.91 -116.70
N PRO C 821 -97.13 -14.70 -116.31
CA PRO C 821 -97.58 -14.68 -114.91
C PRO C 821 -96.94 -15.80 -114.11
N CYS C 822 -96.74 -15.53 -112.82
CA CYS C 822 -96.07 -16.51 -111.97
C CYS C 822 -96.99 -17.63 -111.50
N TYR C 823 -98.27 -17.63 -111.92
CA TYR C 823 -99.12 -18.78 -111.72
C TYR C 823 -98.80 -19.92 -112.68
N GLU C 824 -97.90 -19.71 -113.63
CA GLU C 824 -97.52 -20.74 -114.57
C GLU C 824 -96.09 -21.24 -114.36
N ALA C 825 -95.31 -20.60 -113.50
CA ALA C 825 -94.02 -21.14 -113.09
C ALA C 825 -94.17 -22.27 -112.08
N VAL C 826 -95.38 -22.45 -111.55
CA VAL C 826 -95.70 -23.41 -110.51
C VAL C 826 -96.47 -24.53 -111.22
N LEU C 827 -96.17 -24.72 -112.51
CA LEU C 827 -96.95 -25.65 -113.33
C LEU C 827 -96.76 -27.12 -112.96
N PRO C 828 -95.50 -27.72 -112.98
CA PRO C 828 -95.41 -29.20 -112.95
C PRO C 828 -95.92 -29.92 -111.70
N LYS C 829 -95.32 -29.69 -110.54
CA LYS C 829 -95.74 -30.41 -109.35
C LYS C 829 -95.80 -29.55 -108.09
N GLU C 830 -95.15 -28.40 -108.05
CA GLU C 830 -94.99 -27.61 -106.84
C GLU C 830 -96.29 -26.86 -106.50
N LYS C 831 -96.39 -26.48 -105.23
CA LYS C 831 -97.53 -25.75 -104.67
C LYS C 831 -97.05 -24.41 -104.11
N LEU C 832 -98.01 -23.56 -103.75
CA LEU C 832 -97.75 -22.18 -103.37
C LEU C 832 -97.78 -22.07 -101.85
N LYS C 833 -96.70 -22.53 -101.21
CA LYS C 833 -96.52 -22.46 -99.77
C LYS C 833 -95.42 -21.45 -99.49
N VAL C 834 -95.45 -20.84 -98.31
CA VAL C 834 -94.59 -19.70 -98.02
C VAL C 834 -93.67 -20.03 -96.85
N GLU C 835 -92.43 -19.55 -96.93
CA GLU C 835 -91.42 -19.77 -95.91
C GLU C 835 -90.72 -18.45 -95.59
N HIS C 836 -89.67 -18.51 -94.76
CA HIS C 836 -89.10 -17.35 -94.10
C HIS C 836 -87.65 -17.09 -94.52
N SER C 837 -87.37 -17.18 -95.83
CA SER C 837 -86.06 -16.91 -96.42
C SER C 837 -84.97 -17.81 -95.83
N ARG C 838 -85.15 -19.10 -96.12
CA ARG C 838 -84.17 -20.19 -96.01
C ARG C 838 -83.91 -20.63 -94.56
N GLU C 839 -84.43 -19.90 -93.57
CA GLU C 839 -84.86 -20.43 -92.27
C GLU C 839 -83.74 -21.12 -91.50
N TYR C 840 -82.76 -20.32 -91.06
CA TYR C 840 -81.85 -20.84 -90.05
C TYR C 840 -82.50 -20.93 -88.68
N LYS C 841 -83.62 -20.23 -88.49
CA LYS C 841 -84.47 -20.32 -87.32
C LYS C 841 -85.76 -21.05 -87.68
N GLN C 842 -86.55 -21.37 -86.67
CA GLN C 842 -88.01 -21.50 -86.77
C GLN C 842 -88.55 -21.31 -85.36
N GLU C 843 -89.28 -20.22 -85.14
CA GLU C 843 -89.62 -19.84 -83.78
C GLU C 843 -90.66 -20.79 -83.18
N ARG C 844 -90.27 -21.52 -82.15
CA ARG C 844 -91.13 -22.46 -81.46
C ARG C 844 -90.76 -22.53 -80.00
N THR C 845 -91.42 -23.43 -79.29
CA THR C 845 -91.23 -23.54 -77.85
C THR C 845 -89.99 -24.37 -77.50
N TYR C 846 -90.01 -25.67 -77.82
CA TYR C 846 -88.97 -26.56 -77.33
C TYR C 846 -87.68 -26.41 -78.11
N THR C 847 -87.71 -26.78 -79.39
CA THR C 847 -86.50 -26.81 -80.19
C THR C 847 -86.80 -26.31 -81.58
N ARG C 848 -86.23 -25.16 -81.92
CA ARG C 848 -86.02 -24.80 -83.30
C ARG C 848 -85.10 -25.84 -83.92
N ASP C 849 -85.62 -26.64 -84.84
CA ASP C 849 -84.80 -27.72 -85.38
C ASP C 849 -83.75 -27.17 -86.33
N LEU C 850 -82.52 -27.59 -86.09
CA LEU C 850 -81.34 -27.13 -86.80
C LEU C 850 -81.29 -27.78 -88.18
N LEU C 851 -80.25 -27.47 -88.94
CA LEU C 851 -80.30 -27.83 -90.36
C LEU C 851 -78.90 -28.02 -90.91
N GLY C 852 -78.82 -28.65 -92.07
CA GLY C 852 -77.64 -28.65 -92.90
C GLY C 852 -77.83 -27.67 -94.03
N PRO C 853 -76.75 -27.27 -94.71
CA PRO C 853 -76.79 -26.08 -95.58
C PRO C 853 -77.72 -26.10 -96.79
N THR C 854 -77.43 -26.91 -97.81
CA THR C 854 -78.08 -26.82 -99.11
C THR C 854 -77.55 -27.93 -100.01
N VAL C 855 -78.32 -28.22 -101.06
CA VAL C 855 -77.93 -29.15 -102.13
C VAL C 855 -78.42 -28.56 -103.45
N SER C 856 -77.50 -27.99 -104.22
CA SER C 856 -77.86 -27.31 -105.46
C SER C 856 -76.84 -27.56 -106.56
N ALA C 861 -85.83 -23.95 -113.97
CA ALA C 861 -84.99 -24.49 -115.03
C ALA C 861 -85.85 -25.20 -116.08
N PHE C 862 -85.73 -24.78 -117.34
CA PHE C 862 -86.45 -25.42 -118.45
C PHE C 862 -85.54 -25.79 -119.61
N THR C 863 -84.23 -25.90 -119.39
CA THR C 863 -83.28 -26.21 -120.46
C THR C 863 -82.36 -27.32 -119.99
N PRO C 864 -82.73 -28.58 -120.17
CA PRO C 864 -81.76 -29.67 -120.03
C PRO C 864 -81.07 -29.95 -121.37
N ILE C 865 -80.25 -30.98 -121.37
CA ILE C 865 -79.43 -31.36 -122.51
C ILE C 865 -79.96 -32.70 -123.03
N PRO C 866 -79.88 -32.99 -124.33
CA PRO C 866 -80.18 -34.34 -124.80
C PRO C 866 -78.95 -35.23 -124.78
N VAL C 867 -79.19 -36.52 -124.64
CA VAL C 867 -78.12 -37.51 -124.49
C VAL C 867 -77.73 -38.04 -125.86
N ASP C 868 -76.43 -37.96 -126.16
CA ASP C 868 -75.90 -38.25 -127.48
C ASP C 868 -75.36 -39.66 -127.51
N THR C 869 -75.38 -40.29 -128.69
CA THR C 869 -74.70 -41.54 -128.95
C THR C 869 -74.04 -41.54 -130.34
N SER C 870 -73.76 -40.35 -130.87
CA SER C 870 -73.52 -40.20 -132.30
C SER C 870 -72.17 -40.75 -132.73
N GLN C 871 -71.11 -40.48 -131.97
CA GLN C 871 -69.78 -40.92 -132.38
C GLN C 871 -69.43 -42.30 -131.83
N ILE C 872 -70.34 -43.24 -132.05
CA ILE C 872 -70.08 -44.67 -131.91
C ILE C 872 -70.50 -45.27 -133.24
N VAL C 873 -69.52 -45.72 -134.03
CA VAL C 873 -69.80 -46.17 -135.39
C VAL C 873 -70.40 -47.56 -135.36
N LEU C 874 -71.40 -47.79 -136.20
CA LEU C 874 -72.09 -49.07 -136.23
C LEU C 874 -71.38 -50.04 -137.17
N PRO C 875 -71.05 -51.25 -136.67
CA PRO C 875 -70.42 -52.24 -137.53
C PRO C 875 -71.39 -52.75 -138.59
N PRO C 876 -70.90 -53.18 -139.75
CA PRO C 876 -71.80 -53.57 -140.85
C PRO C 876 -72.54 -54.87 -140.61
N HIS C 877 -71.92 -55.84 -139.94
CA HIS C 877 -72.65 -57.05 -139.56
C HIS C 877 -73.69 -56.74 -138.50
N LEU C 878 -73.40 -55.80 -137.60
CA LEU C 878 -74.43 -55.26 -136.72
C LEU C 878 -75.39 -54.33 -137.45
N GLU C 879 -74.98 -53.75 -138.58
CA GLU C 879 -75.89 -52.91 -139.35
C GLU C 879 -76.96 -53.74 -140.04
N ARG C 880 -76.60 -54.92 -140.56
CA ARG C 880 -77.61 -55.81 -141.14
C ARG C 880 -78.54 -56.36 -140.06
N ILE C 881 -78.00 -56.67 -138.89
CA ILE C 881 -78.79 -57.05 -137.72
C ILE C 881 -79.78 -55.94 -137.37
N ARG C 882 -79.29 -54.69 -137.29
CA ARG C 882 -80.13 -53.58 -136.88
C ARG C 882 -81.16 -53.24 -137.94
N GLU C 883 -80.85 -53.48 -139.21
CA GLU C 883 -81.83 -53.26 -140.26
C GLU C 883 -82.91 -54.32 -140.30
N LYS C 884 -82.55 -55.59 -140.06
CA LYS C 884 -83.58 -56.63 -139.91
C LYS C 884 -84.45 -56.37 -138.69
N LEU C 885 -83.84 -56.02 -137.55
CA LEU C 885 -84.60 -55.72 -136.34
C LEU C 885 -85.42 -54.44 -136.46
N ALA C 886 -84.96 -53.45 -137.25
CA ALA C 886 -85.76 -52.27 -137.51
C ALA C 886 -86.89 -52.56 -138.47
N GLU C 887 -86.72 -53.52 -139.39
CA GLU C 887 -87.85 -54.04 -140.16
C GLU C 887 -88.88 -54.70 -139.25
N ASN C 888 -88.44 -55.53 -138.32
CA ASN C 888 -89.35 -56.20 -137.41
C ASN C 888 -89.81 -55.31 -136.25
N ILE C 889 -89.29 -54.10 -136.15
CA ILE C 889 -89.89 -53.05 -135.33
C ILE C 889 -90.89 -52.23 -136.12
N HIS C 890 -90.66 -52.07 -137.42
CA HIS C 890 -91.61 -51.31 -138.22
C HIS C 890 -92.88 -52.09 -138.49
N GLU C 891 -92.85 -53.41 -138.45
CA GLU C 891 -94.11 -54.15 -138.50
C GLU C 891 -94.97 -53.90 -137.26
N LEU C 892 -94.34 -53.69 -136.10
CA LEU C 892 -95.05 -53.19 -134.93
C LEU C 892 -95.52 -51.75 -135.11
N TRP C 893 -94.71 -50.92 -135.75
CA TRP C 893 -95.12 -49.53 -136.00
C TRP C 893 -96.26 -49.43 -137.03
N VAL C 894 -96.44 -50.46 -137.86
CA VAL C 894 -97.65 -50.58 -138.66
C VAL C 894 -98.79 -51.12 -137.82
N MET C 895 -98.50 -52.14 -137.01
CA MET C 895 -99.55 -52.93 -136.35
C MET C 895 -100.24 -52.14 -135.24
N ASN C 896 -99.53 -51.20 -134.62
CA ASN C 896 -100.19 -50.35 -133.63
C ASN C 896 -100.98 -49.22 -134.28
N LYS C 897 -100.88 -49.04 -135.59
CA LYS C 897 -101.69 -48.06 -136.31
C LYS C 897 -102.80 -48.72 -137.12
N ILE C 898 -102.70 -50.03 -137.39
CA ILE C 898 -103.72 -50.76 -138.13
C ILE C 898 -104.82 -51.28 -137.21
N GLU C 899 -104.64 -51.21 -135.90
CA GLU C 899 -105.67 -51.63 -134.96
C GLU C 899 -106.70 -50.55 -134.68
N LEU C 900 -106.29 -49.28 -134.72
CA LEU C 900 -107.15 -48.16 -134.36
C LEU C 900 -107.96 -47.63 -135.53
N GLY C 901 -107.65 -48.06 -136.76
CA GLY C 901 -108.42 -47.72 -137.93
C GLY C 901 -107.87 -46.58 -138.77
N TRP C 902 -106.55 -46.54 -138.96
CA TRP C 902 -105.92 -45.56 -139.85
C TRP C 902 -105.20 -46.31 -140.97
N GLN C 903 -105.67 -46.11 -142.20
CA GLN C 903 -105.34 -46.97 -143.33
C GLN C 903 -104.20 -46.39 -144.15
N TYR C 904 -103.76 -47.16 -145.15
CA TYR C 904 -102.72 -46.72 -146.06
C TYR C 904 -103.29 -45.80 -147.13
N GLY C 905 -102.49 -44.83 -147.56
CA GLY C 905 -102.85 -43.98 -148.66
C GLY C 905 -101.62 -43.31 -149.24
N PRO C 906 -101.81 -42.52 -150.30
CA PRO C 906 -100.71 -41.69 -150.78
C PRO C 906 -100.56 -40.39 -150.01
N VAL C 907 -101.66 -39.81 -149.55
CA VAL C 907 -101.65 -38.51 -148.90
C VAL C 907 -101.36 -38.68 -147.42
N ARG C 908 -100.80 -37.63 -146.82
CA ARG C 908 -100.42 -37.66 -145.41
C ARG C 908 -101.45 -36.89 -144.58
N ASP C 909 -102.53 -37.59 -144.24
CA ASP C 909 -103.58 -37.06 -143.37
C ASP C 909 -103.72 -38.01 -142.18
N ASP C 910 -102.92 -37.77 -141.14
CA ASP C 910 -102.94 -38.63 -139.96
C ASP C 910 -104.23 -38.49 -139.17
N ASN C 911 -104.87 -37.32 -139.21
CA ASN C 911 -106.17 -37.15 -138.59
C ASN C 911 -107.29 -37.72 -139.44
N LYS C 912 -107.06 -37.92 -140.74
CA LYS C 912 -108.08 -38.46 -141.64
C LYS C 912 -107.70 -39.85 -142.11
N ARG C 913 -106.98 -40.60 -141.27
CA ARG C 913 -106.71 -42.04 -141.42
C ARG C 913 -105.89 -42.36 -142.67
N GLN C 914 -105.14 -41.38 -143.17
CA GLN C 914 -104.31 -41.55 -144.35
C GLN C 914 -102.85 -41.54 -143.91
N HIS C 915 -102.12 -42.59 -144.28
CA HIS C 915 -100.83 -42.82 -143.66
C HIS C 915 -99.94 -43.64 -144.58
N PRO C 916 -98.98 -43.01 -145.29
CA PRO C 916 -98.16 -43.74 -146.25
C PRO C 916 -96.96 -44.46 -145.63
N CYS C 917 -96.91 -44.52 -144.31
CA CYS C 917 -95.79 -45.12 -143.60
C CYS C 917 -96.15 -46.51 -143.09
N LEU C 918 -97.11 -47.15 -143.75
CA LEU C 918 -97.47 -48.52 -143.42
C LEU C 918 -96.69 -49.53 -144.25
N VAL C 919 -95.87 -49.09 -145.19
CA VAL C 919 -94.86 -49.92 -145.83
C VAL C 919 -93.66 -49.99 -144.89
N GLU C 920 -92.95 -51.12 -144.88
CA GLU C 920 -92.02 -51.47 -143.81
C GLU C 920 -90.74 -50.60 -143.87
N PHE C 921 -89.76 -50.94 -143.02
CA PHE C 921 -88.67 -50.03 -142.65
C PHE C 921 -87.72 -49.76 -143.81
N SER C 922 -87.13 -50.82 -144.39
CA SER C 922 -86.15 -50.64 -145.44
C SER C 922 -86.79 -50.21 -146.76
N LYS C 923 -88.07 -50.53 -146.96
CA LYS C 923 -88.73 -50.32 -148.23
C LYS C 923 -89.23 -48.89 -148.38
N LEU C 924 -89.49 -48.20 -147.26
CA LEU C 924 -89.84 -46.79 -147.25
C LEU C 924 -88.58 -45.93 -147.16
N PRO C 925 -88.54 -44.83 -147.92
CA PRO C 925 -87.34 -43.98 -147.92
C PRO C 925 -87.26 -43.08 -146.70
N GLU C 926 -86.25 -42.23 -146.64
CA GLU C 926 -86.13 -41.24 -145.57
C GLU C 926 -86.76 -39.91 -145.96
N GLN C 927 -87.98 -40.00 -146.49
CA GLN C 927 -88.83 -38.85 -146.75
C GLN C 927 -90.20 -39.07 -146.13
N GLU C 928 -90.59 -40.34 -145.93
CA GLU C 928 -91.81 -40.69 -145.22
C GLU C 928 -91.55 -41.27 -143.84
N ARG C 929 -90.78 -42.36 -143.74
CA ARG C 929 -90.57 -43.08 -142.49
C ARG C 929 -89.31 -42.65 -141.75
N ASN C 930 -88.79 -41.45 -142.03
CA ASN C 930 -87.51 -41.01 -141.48
C ASN C 930 -87.55 -40.88 -139.96
N TYR C 931 -88.72 -40.55 -139.40
CA TYR C 931 -88.92 -40.45 -137.96
C TYR C 931 -88.79 -41.79 -137.25
N ASN C 932 -88.95 -42.91 -137.97
CA ASN C 932 -88.77 -44.23 -137.38
C ASN C 932 -87.44 -44.87 -137.71
N LEU C 933 -86.75 -44.40 -138.75
CA LEU C 933 -85.45 -44.97 -139.14
C LEU C 933 -84.30 -44.26 -138.43
N GLN C 934 -84.34 -42.93 -138.41
CA GLN C 934 -83.31 -42.17 -137.72
C GLN C 934 -83.45 -42.27 -136.21
N MET C 935 -84.65 -42.62 -135.71
CA MET C 935 -84.81 -42.98 -134.31
C MET C 935 -84.19 -44.35 -134.03
N SER C 936 -84.40 -45.32 -134.93
CA SER C 936 -83.89 -46.66 -134.70
C SER C 936 -82.38 -46.73 -134.77
N LEU C 937 -81.75 -45.91 -135.62
CA LEU C 937 -80.29 -45.89 -135.71
C LEU C 937 -79.66 -45.43 -134.40
N GLU C 938 -80.16 -44.34 -133.82
CA GLU C 938 -79.61 -43.86 -132.56
C GLU C 938 -80.00 -44.74 -131.39
N THR C 939 -81.20 -45.34 -131.43
CA THR C 939 -81.60 -46.26 -130.37
C THR C 939 -80.74 -47.51 -130.35
N LEU C 940 -80.38 -48.05 -131.52
CA LEU C 940 -79.50 -49.20 -131.58
C LEU C 940 -78.03 -48.87 -131.37
N LYS C 941 -77.61 -47.63 -131.68
CA LYS C 941 -76.34 -47.13 -131.17
C LYS C 941 -76.33 -47.14 -129.66
N THR C 942 -77.44 -46.71 -129.05
CA THR C 942 -77.63 -46.69 -127.60
C THR C 942 -77.87 -48.08 -127.01
N LEU C 943 -78.10 -49.10 -127.85
CA LEU C 943 -78.38 -50.42 -127.31
C LEU C 943 -77.15 -51.09 -126.75
N LEU C 944 -75.96 -50.76 -127.27
CA LEU C 944 -74.70 -51.32 -126.77
C LEU C 944 -73.74 -50.22 -126.34
N ALA C 945 -74.27 -49.08 -125.91
CA ALA C 945 -73.45 -47.97 -125.45
C ALA C 945 -73.55 -47.74 -123.95
N LEU C 946 -74.62 -48.17 -123.28
CA LEU C 946 -74.84 -47.93 -121.86
C LEU C 946 -74.38 -49.09 -120.99
N GLY C 947 -73.36 -49.83 -121.41
CA GLY C 947 -72.87 -50.96 -120.66
C GLY C 947 -73.61 -52.26 -120.90
N CYS C 948 -74.88 -52.17 -121.33
CA CYS C 948 -75.69 -53.33 -121.69
C CYS C 948 -75.33 -53.86 -123.07
N HIS C 949 -74.13 -54.42 -123.19
CA HIS C 949 -73.56 -54.77 -124.48
C HIS C 949 -74.18 -56.07 -125.00
N VAL C 950 -74.49 -56.08 -126.30
CA VAL C 950 -74.89 -57.29 -127.01
C VAL C 950 -74.29 -57.22 -128.42
N GLY C 951 -73.31 -58.09 -128.68
CA GLY C 951 -72.71 -58.18 -129.98
C GLY C 951 -73.45 -59.14 -130.89
N ILE C 952 -72.66 -59.85 -131.71
CA ILE C 952 -73.18 -60.90 -132.57
C ILE C 952 -73.13 -62.24 -131.81
N SER C 953 -74.23 -62.58 -131.15
CA SER C 953 -74.35 -63.86 -130.46
C SER C 953 -75.54 -64.69 -130.93
N ASP C 954 -76.33 -64.20 -131.89
CA ASP C 954 -77.55 -64.87 -132.34
C ASP C 954 -77.73 -64.58 -133.82
N GLU C 955 -78.94 -64.81 -134.32
CA GLU C 955 -79.28 -64.54 -135.71
C GLU C 955 -80.51 -63.65 -135.77
N HIS C 956 -80.41 -62.53 -136.47
CA HIS C 956 -81.56 -61.65 -136.66
C HIS C 956 -82.34 -62.08 -137.89
N ALA C 957 -83.67 -62.03 -137.78
CA ALA C 957 -84.55 -62.46 -138.86
C ALA C 957 -85.90 -61.77 -138.79
N TYR C 970 -103.07 -62.34 -131.42
CA TYR C 970 -102.78 -61.79 -132.74
C TYR C 970 -104.05 -61.25 -133.40
N GLN C 971 -104.09 -59.93 -133.56
CA GLN C 971 -105.33 -59.23 -133.91
C GLN C 971 -105.67 -59.36 -135.38
N LEU C 972 -106.90 -58.96 -135.72
CA LEU C 972 -107.34 -58.96 -137.11
C LEU C 972 -106.99 -57.63 -137.77
N THR C 973 -106.50 -57.73 -139.00
CA THR C 973 -105.98 -56.60 -139.76
C THR C 973 -106.83 -56.41 -141.01
N SER C 974 -106.36 -55.54 -141.91
CA SER C 974 -107.08 -55.21 -143.12
C SER C 974 -106.59 -56.03 -144.32
N GLY C 975 -105.62 -56.91 -144.11
CA GLY C 975 -105.07 -57.69 -145.20
C GLY C 975 -103.57 -57.93 -145.10
N TYR C 976 -102.87 -57.05 -144.40
CA TYR C 976 -101.44 -57.20 -144.16
C TYR C 976 -101.22 -57.45 -142.67
N LYS C 977 -101.11 -58.72 -142.29
CA LYS C 977 -100.78 -59.10 -140.91
C LYS C 977 -99.33 -59.51 -140.86
N PRO C 978 -98.43 -58.66 -140.39
CA PRO C 978 -96.99 -58.98 -140.46
C PRO C 978 -96.54 -59.79 -139.25
N ALA C 979 -95.85 -60.90 -139.52
CA ALA C 979 -95.27 -61.73 -138.46
C ALA C 979 -93.91 -62.24 -138.94
N PRO C 980 -92.85 -61.44 -138.74
CA PRO C 980 -91.51 -61.96 -139.00
C PRO C 980 -91.00 -62.86 -137.88
N MET C 981 -91.30 -62.53 -136.62
CA MET C 981 -90.74 -63.24 -135.47
C MET C 981 -91.77 -63.31 -134.34
N ASP C 982 -91.27 -63.69 -133.17
CA ASP C 982 -92.08 -63.88 -131.97
C ASP C 982 -91.80 -62.76 -130.97
N LEU C 983 -92.74 -62.54 -130.06
CA LEU C 983 -92.56 -61.55 -129.00
C LEU C 983 -92.76 -62.12 -127.61
N SER C 984 -93.62 -63.12 -127.46
CA SER C 984 -93.98 -63.68 -126.15
C SER C 984 -93.18 -64.94 -125.82
N PHE C 985 -91.94 -65.04 -126.28
CA PHE C 985 -91.08 -66.15 -125.88
C PHE C 985 -90.14 -65.73 -124.76
N ILE C 986 -89.51 -64.56 -124.91
CA ILE C 986 -88.56 -64.03 -123.95
C ILE C 986 -89.03 -62.63 -123.54
N LYS C 987 -89.20 -62.42 -122.24
CA LYS C 987 -89.38 -61.08 -121.69
C LYS C 987 -88.03 -60.56 -121.19
N LEU C 988 -87.94 -59.25 -120.98
CA LEU C 988 -86.64 -58.63 -120.87
C LEU C 988 -86.24 -58.34 -119.42
N THR C 989 -85.05 -57.78 -119.27
CA THR C 989 -84.34 -57.58 -118.02
C THR C 989 -84.57 -56.17 -117.50
N PRO C 990 -83.95 -55.80 -116.37
CA PRO C 990 -84.18 -54.47 -115.80
C PRO C 990 -83.57 -53.32 -116.58
N SER C 991 -82.36 -53.45 -117.11
CA SER C 991 -81.70 -52.30 -117.72
C SER C 991 -82.14 -52.04 -119.15
N GLN C 992 -83.07 -52.84 -119.69
CA GLN C 992 -83.69 -52.53 -120.97
C GLN C 992 -84.88 -51.61 -120.77
N GLU C 993 -85.75 -51.95 -119.81
CA GLU C 993 -86.86 -51.06 -119.48
C GLU C 993 -86.37 -49.84 -118.70
N ALA C 994 -85.17 -49.90 -118.14
CA ALA C 994 -84.54 -48.70 -117.59
C ALA C 994 -83.89 -47.82 -118.66
N MET C 995 -83.29 -48.42 -119.69
CA MET C 995 -82.74 -47.63 -120.79
C MET C 995 -83.83 -47.07 -121.70
N VAL C 996 -85.02 -47.68 -121.68
CA VAL C 996 -86.17 -47.12 -122.38
C VAL C 996 -86.56 -45.76 -121.80
N ASP C 997 -86.32 -45.55 -120.51
CA ASP C 997 -86.51 -44.24 -119.89
C ASP C 997 -85.55 -43.19 -120.44
N LYS C 998 -84.28 -43.55 -120.60
CA LYS C 998 -83.32 -42.64 -121.24
C LYS C 998 -83.67 -42.40 -122.69
N LEU C 999 -84.22 -43.40 -123.38
CA LEU C 999 -84.64 -43.20 -124.76
C LEU C 999 -85.84 -42.26 -124.85
N ALA C 1000 -86.78 -42.40 -123.92
CA ALA C 1000 -87.90 -41.47 -123.86
C ALA C 1000 -87.44 -40.06 -123.50
N GLU C 1001 -86.45 -39.95 -122.61
CA GLU C 1001 -85.87 -38.65 -122.28
C GLU C 1001 -85.14 -38.05 -123.47
N ASN C 1002 -84.46 -38.90 -124.25
CA ASN C 1002 -83.73 -38.44 -125.43
C ASN C 1002 -84.69 -37.94 -126.50
N ALA C 1003 -85.75 -38.71 -126.76
CA ALA C 1003 -86.76 -38.30 -127.73
C ALA C 1003 -87.50 -37.06 -127.28
N HIS C 1004 -87.86 -36.99 -125.99
CA HIS C 1004 -88.49 -35.79 -125.46
C HIS C 1004 -87.55 -34.60 -125.49
N ASN C 1005 -86.25 -34.83 -125.36
CA ASN C 1005 -85.32 -33.70 -125.32
C ASN C 1005 -85.03 -33.18 -126.72
N VAL C 1006 -84.96 -34.07 -127.71
CA VAL C 1006 -84.78 -33.55 -129.07
C VAL C 1006 -86.10 -32.96 -129.58
N TRP C 1007 -87.24 -33.45 -129.10
CA TRP C 1007 -88.51 -32.84 -129.47
C TRP C 1007 -88.69 -31.50 -128.78
N ALA C 1008 -88.24 -31.38 -127.55
CA ALA C 1008 -88.22 -30.09 -126.86
C ALA C 1008 -87.22 -29.13 -127.47
N ARG C 1009 -86.09 -29.64 -127.98
CA ARG C 1009 -85.21 -28.86 -128.83
C ARG C 1009 -85.95 -28.36 -130.06
N ASP C 1010 -86.80 -29.19 -130.65
CA ASP C 1010 -87.69 -28.74 -131.70
C ASP C 1010 -88.87 -27.92 -131.17
N ARG C 1011 -89.07 -27.89 -129.85
CA ARG C 1011 -90.10 -27.05 -129.26
C ARG C 1011 -89.54 -25.88 -128.47
N ILE C 1012 -88.25 -25.59 -128.60
CA ILE C 1012 -87.63 -24.47 -127.88
C ILE C 1012 -88.22 -23.15 -128.36
N ARG C 1013 -88.11 -22.87 -129.66
CA ARG C 1013 -88.44 -21.55 -130.20
C ARG C 1013 -89.94 -21.30 -130.24
N GLN C 1014 -90.71 -22.25 -130.75
CA GLN C 1014 -92.16 -22.12 -130.75
C GLN C 1014 -92.68 -22.30 -129.33
N ARG C 1027 -93.75 -19.15 -130.51
CA ARG C 1027 -94.18 -18.97 -129.13
C ARG C 1027 -95.34 -19.90 -128.79
N ARG C 1028 -96.11 -19.50 -127.76
CA ARG C 1028 -97.37 -20.12 -127.27
C ARG C 1028 -97.29 -21.65 -127.16
N ASN C 1029 -96.13 -22.15 -126.74
CA ASN C 1029 -95.96 -23.58 -126.52
C ASN C 1029 -96.04 -23.89 -125.03
N PRO C 1030 -96.99 -24.70 -124.59
CA PRO C 1030 -97.03 -25.11 -123.17
C PRO C 1030 -96.07 -26.24 -122.83
N ARG C 1031 -95.13 -26.57 -123.70
CA ARG C 1031 -94.17 -27.66 -123.47
C ARG C 1031 -92.83 -27.13 -122.96
N LEU C 1032 -92.82 -25.97 -122.32
CA LEU C 1032 -91.58 -25.31 -121.90
C LEU C 1032 -91.17 -25.70 -120.48
N VAL C 1033 -91.13 -27.01 -120.23
CA VAL C 1033 -90.63 -27.58 -118.98
C VAL C 1033 -89.95 -28.91 -119.30
N PRO C 1034 -88.88 -29.27 -118.52
CA PRO C 1034 -88.06 -30.44 -118.89
C PRO C 1034 -88.74 -31.79 -118.75
N TYR C 1035 -87.98 -32.86 -119.03
CA TYR C 1035 -88.51 -34.22 -118.98
C TYR C 1035 -88.88 -34.64 -117.57
N ALA C 1036 -88.06 -34.29 -116.59
CA ALA C 1036 -88.28 -34.75 -115.22
C ALA C 1036 -89.41 -34.01 -114.51
N LEU C 1037 -90.12 -33.11 -115.18
CA LEU C 1037 -91.24 -32.44 -114.53
C LEU C 1037 -92.47 -32.36 -115.41
N LEU C 1038 -92.33 -32.47 -116.73
CA LEU C 1038 -93.49 -32.51 -117.60
C LEU C 1038 -94.19 -33.87 -117.41
N ASP C 1039 -95.48 -33.93 -117.79
CA ASP C 1039 -96.33 -35.09 -117.55
C ASP C 1039 -95.80 -36.30 -118.31
N ASP C 1040 -95.47 -37.36 -117.57
CA ASP C 1040 -94.74 -38.51 -118.11
C ASP C 1040 -95.64 -39.68 -118.49
N ARG C 1041 -96.94 -39.46 -118.65
CA ARG C 1041 -97.84 -40.55 -119.00
C ARG C 1041 -98.06 -40.70 -120.51
N THR C 1042 -98.09 -39.60 -121.27
CA THR C 1042 -98.16 -39.71 -122.72
C THR C 1042 -96.82 -40.10 -123.33
N LYS C 1043 -95.73 -39.96 -122.58
CA LYS C 1043 -94.43 -40.46 -122.98
C LYS C 1043 -94.26 -41.95 -122.73
N LYS C 1044 -95.23 -42.59 -122.07
CA LYS C 1044 -95.12 -44.02 -121.81
C LYS C 1044 -95.48 -44.87 -123.03
N SER C 1045 -96.14 -44.29 -124.03
CA SER C 1045 -96.36 -45.01 -125.29
C SER C 1045 -95.07 -45.15 -126.08
N ASN C 1046 -94.23 -44.10 -126.08
CA ASN C 1046 -92.89 -44.19 -126.64
C ASN C 1046 -91.96 -45.03 -125.78
N LYS C 1047 -92.32 -45.26 -124.51
CA LYS C 1047 -91.62 -46.24 -123.69
C LYS C 1047 -92.05 -47.65 -124.08
N ASP C 1048 -93.34 -47.84 -124.37
CA ASP C 1048 -93.84 -49.12 -124.83
C ASP C 1048 -93.28 -49.50 -126.20
N SER C 1049 -93.11 -48.52 -127.09
CA SER C 1049 -92.56 -48.80 -128.42
C SER C 1049 -91.09 -49.19 -128.34
N LEU C 1050 -90.31 -48.50 -127.51
CA LEU C 1050 -88.92 -48.88 -127.29
C LEU C 1050 -88.79 -50.22 -126.55
N ARG C 1051 -89.69 -50.50 -125.60
CA ARG C 1051 -89.65 -51.77 -124.89
C ARG C 1051 -90.08 -52.94 -125.78
N GLU C 1052 -91.05 -52.72 -126.68
CA GLU C 1052 -91.40 -53.77 -127.63
C GLU C 1052 -90.36 -53.90 -128.75
N ALA C 1053 -89.63 -52.82 -129.04
CA ALA C 1053 -88.45 -52.94 -129.91
C ALA C 1053 -87.40 -53.82 -129.26
N VAL C 1054 -87.19 -53.66 -127.94
CA VAL C 1054 -86.31 -54.54 -127.21
C VAL C 1054 -86.85 -55.96 -127.12
N ARG C 1055 -88.17 -56.13 -127.08
CA ARG C 1055 -88.79 -57.46 -127.17
C ARG C 1055 -88.49 -58.12 -128.50
N THR C 1056 -88.58 -57.36 -129.61
CA THR C 1056 -88.12 -57.83 -130.91
C THR C 1056 -86.62 -58.12 -130.93
N LEU C 1057 -85.82 -57.30 -130.24
CA LEU C 1057 -84.37 -57.51 -130.15
C LEU C 1057 -84.03 -58.83 -129.48
N LEU C 1058 -84.65 -59.11 -128.34
CA LEU C 1058 -84.40 -60.37 -127.66
C LEU C 1058 -85.12 -61.55 -128.33
N GLY C 1059 -86.11 -61.28 -129.17
CA GLY C 1059 -86.56 -62.31 -130.11
C GLY C 1059 -85.49 -62.64 -131.12
N TYR C 1060 -84.85 -61.62 -131.68
CA TYR C 1060 -83.67 -61.80 -132.52
C TYR C 1060 -82.44 -62.25 -131.74
N GLY C 1061 -82.46 -62.11 -130.42
CA GLY C 1061 -81.40 -62.65 -129.59
C GLY C 1061 -80.33 -61.65 -129.20
N TYR C 1062 -80.73 -60.47 -128.73
CA TYR C 1062 -79.79 -59.43 -128.28
C TYR C 1062 -80.33 -58.85 -126.97
N ASN C 1063 -79.95 -59.46 -125.86
CA ASN C 1063 -80.41 -59.09 -124.53
C ASN C 1063 -79.73 -57.81 -124.06
N LEU C 1064 -80.31 -57.19 -123.03
CA LEU C 1064 -79.77 -55.98 -122.44
C LEU C 1064 -79.64 -56.15 -120.93
N GLU C 1065 -78.41 -56.05 -120.44
CA GLU C 1065 -78.10 -56.11 -119.01
C GLU C 1065 -76.91 -55.22 -118.76
N ALA C 1066 -77.12 -54.10 -118.07
CA ALA C 1066 -76.03 -53.19 -117.73
C ALA C 1066 -75.10 -53.81 -116.69
N ARG C 1084 -70.32 -26.38 -95.68
CA ARG C 1084 -70.27 -27.82 -95.87
C ARG C 1084 -70.99 -28.56 -94.75
N PHE C 1085 -70.39 -28.58 -93.55
CA PHE C 1085 -70.99 -29.26 -92.41
C PHE C 1085 -70.90 -28.33 -91.21
N ARG C 1086 -72.04 -27.80 -90.77
CA ARG C 1086 -72.12 -26.72 -89.79
C ARG C 1086 -72.00 -27.28 -88.37
N ILE C 1087 -71.48 -26.44 -87.47
CA ILE C 1087 -71.21 -26.84 -86.08
C ILE C 1087 -72.00 -25.93 -85.16
N PHE C 1088 -72.59 -26.52 -84.12
CA PHE C 1088 -73.61 -25.87 -83.31
C PHE C 1088 -73.23 -26.05 -81.85
N ARG C 1089 -73.38 -24.99 -81.04
CA ARG C 1089 -73.07 -25.09 -79.62
C ARG C 1089 -73.82 -24.02 -78.85
N ALA C 1090 -73.88 -24.21 -77.54
CA ALA C 1090 -74.46 -23.25 -76.64
C ALA C 1090 -73.39 -22.25 -76.20
N GLU C 1091 -73.70 -21.48 -75.16
CA GLU C 1091 -72.89 -20.31 -74.81
C GLU C 1091 -71.60 -20.72 -74.13
N LYS C 1092 -70.58 -19.87 -74.27
CA LYS C 1092 -69.26 -20.15 -73.70
C LYS C 1092 -69.25 -19.98 -72.20
N THR C 1093 -70.10 -19.14 -71.65
CA THR C 1093 -70.05 -18.84 -70.23
C THR C 1093 -70.65 -19.92 -69.36
N TYR C 1094 -71.32 -20.92 -69.93
CA TYR C 1094 -71.91 -21.98 -69.13
C TYR C 1094 -71.01 -23.18 -69.00
N ALA C 1095 -69.70 -22.99 -69.09
CA ALA C 1095 -68.76 -24.10 -69.12
C ALA C 1095 -68.70 -24.79 -67.77
N VAL C 1096 -69.41 -25.91 -67.66
CA VAL C 1096 -69.53 -26.60 -66.39
C VAL C 1096 -68.22 -27.27 -66.04
N LYS C 1097 -67.74 -27.05 -64.82
CA LYS C 1097 -66.49 -27.65 -64.38
C LYS C 1097 -66.62 -28.61 -63.22
N ALA C 1098 -67.82 -28.76 -62.65
CA ALA C 1098 -68.04 -29.69 -61.56
C ALA C 1098 -69.45 -30.23 -61.63
N GLY C 1099 -69.62 -31.44 -61.16
CA GLY C 1099 -70.94 -32.02 -61.02
C GLY C 1099 -71.17 -33.21 -61.93
N ARG C 1100 -72.44 -33.54 -62.09
CA ARG C 1100 -72.88 -34.73 -62.82
C ARG C 1100 -74.03 -34.30 -63.73
N TRP C 1101 -73.79 -34.27 -65.04
CA TRP C 1101 -74.69 -33.58 -65.94
C TRP C 1101 -75.06 -34.44 -67.14
N TYR C 1102 -76.17 -34.06 -67.78
CA TYR C 1102 -76.72 -34.83 -68.89
C TYR C 1102 -77.54 -33.89 -69.77
N PHE C 1103 -77.50 -34.14 -71.09
CA PHE C 1103 -78.41 -33.47 -72.00
C PHE C 1103 -78.74 -34.43 -73.15
N GLU C 1104 -79.83 -34.16 -73.86
CA GLU C 1104 -80.32 -35.10 -74.86
C GLU C 1104 -80.42 -34.45 -76.23
N PHE C 1105 -80.35 -35.31 -77.24
CA PHE C 1105 -80.35 -34.91 -78.64
C PHE C 1105 -81.12 -35.93 -79.45
N GLU C 1106 -81.84 -35.47 -80.46
CA GLU C 1106 -82.60 -36.33 -81.35
C GLU C 1106 -81.99 -36.26 -82.74
N ALA C 1107 -81.66 -37.42 -83.31
CA ALA C 1107 -81.18 -37.51 -84.68
C ALA C 1107 -82.33 -37.91 -85.60
N VAL C 1108 -82.53 -37.14 -86.65
CA VAL C 1108 -83.75 -37.29 -87.45
C VAL C 1108 -83.44 -37.86 -88.84
N THR C 1109 -82.71 -37.11 -89.65
CA THR C 1109 -82.53 -37.48 -91.04
C THR C 1109 -81.07 -37.85 -91.33
N ALA C 1110 -80.80 -38.15 -92.59
CA ALA C 1110 -79.72 -39.05 -92.99
C ALA C 1110 -78.35 -38.38 -92.90
N GLY C 1111 -77.46 -38.98 -92.11
CA GLY C 1111 -76.05 -38.71 -92.23
C GLY C 1111 -75.28 -38.52 -90.93
N ASP C 1112 -74.26 -37.67 -90.98
CA ASP C 1112 -73.39 -37.37 -89.85
C ASP C 1112 -74.17 -36.60 -88.79
N MET C 1113 -74.29 -37.20 -87.62
CA MET C 1113 -74.74 -36.53 -86.41
C MET C 1113 -73.63 -36.74 -85.38
N ARG C 1114 -72.81 -35.72 -85.19
CA ARG C 1114 -71.61 -35.80 -84.35
C ARG C 1114 -71.87 -35.03 -83.06
N VAL C 1115 -72.16 -35.74 -81.98
CA VAL C 1115 -72.64 -35.13 -80.76
C VAL C 1115 -71.59 -35.33 -79.67
N GLY C 1116 -71.31 -34.27 -78.91
CA GLY C 1116 -70.36 -34.42 -77.83
C GLY C 1116 -70.24 -33.20 -76.95
N TRP C 1117 -69.12 -33.14 -76.26
CA TRP C 1117 -68.82 -32.08 -75.31
C TRP C 1117 -67.50 -31.46 -75.72
N SER C 1118 -67.44 -30.14 -75.74
CA SER C 1118 -66.21 -29.52 -76.22
C SER C 1118 -65.72 -28.48 -75.24
N ARG C 1119 -64.41 -28.25 -75.28
CA ARG C 1119 -63.82 -27.09 -74.66
C ARG C 1119 -64.33 -25.84 -75.36
N PRO C 1120 -64.47 -24.72 -74.64
CA PRO C 1120 -64.94 -23.49 -75.28
C PRO C 1120 -63.93 -22.90 -76.25
N GLY C 1121 -62.66 -23.30 -76.17
CA GLY C 1121 -61.67 -22.93 -77.15
C GLY C 1121 -61.70 -23.72 -78.43
N CYS C 1122 -62.76 -24.47 -78.69
CA CYS C 1122 -62.90 -25.16 -79.96
C CYS C 1122 -63.17 -24.15 -81.07
N GLN C 1123 -62.78 -24.50 -82.28
CA GLN C 1123 -63.02 -23.64 -83.41
C GLN C 1123 -64.09 -24.25 -84.29
N PRO C 1124 -65.21 -23.58 -84.51
CA PRO C 1124 -66.09 -23.96 -85.62
C PRO C 1124 -65.55 -23.56 -86.97
N ASP C 1125 -64.42 -22.85 -87.02
CA ASP C 1125 -63.74 -22.53 -88.27
C ASP C 1125 -63.34 -23.80 -89.02
N GLN C 1126 -62.80 -24.78 -88.30
CA GLN C 1126 -62.54 -26.11 -88.83
C GLN C 1126 -63.77 -27.00 -88.61
N GLU C 1127 -63.59 -28.30 -88.74
CA GLU C 1127 -64.65 -29.25 -88.41
C GLU C 1127 -64.15 -30.27 -87.39
N LEU C 1128 -65.09 -31.06 -86.88
CA LEU C 1128 -65.04 -31.53 -85.50
C LEU C 1128 -64.38 -32.90 -85.39
N GLY C 1129 -63.79 -33.14 -84.22
CA GLY C 1129 -63.37 -34.46 -83.82
C GLY C 1129 -61.88 -34.64 -83.95
N SER C 1130 -61.29 -33.96 -84.91
CA SER C 1130 -59.85 -34.03 -85.17
C SER C 1130 -59.11 -32.96 -84.40
N ASP C 1131 -59.29 -32.96 -83.09
CA ASP C 1131 -58.70 -31.96 -82.21
C ASP C 1131 -58.73 -32.50 -80.80
N GLU C 1132 -58.15 -31.74 -79.88
CA GLU C 1132 -58.21 -32.05 -78.46
C GLU C 1132 -59.31 -31.30 -77.73
N ARG C 1133 -59.90 -30.29 -78.37
CA ARG C 1133 -60.93 -29.51 -77.70
C ARG C 1133 -62.27 -30.24 -77.71
N ALA C 1134 -62.54 -31.01 -78.76
CA ALA C 1134 -63.80 -31.71 -78.86
C ALA C 1134 -63.66 -33.14 -78.39
N PHE C 1135 -64.72 -33.64 -77.72
CA PHE C 1135 -64.82 -35.01 -77.25
C PHE C 1135 -66.19 -35.47 -77.72
N ALA C 1136 -66.27 -36.19 -78.83
CA ALA C 1136 -67.60 -36.47 -79.37
C ALA C 1136 -67.71 -37.89 -79.91
N PHE C 1137 -68.93 -38.23 -80.30
CA PHE C 1137 -69.25 -39.53 -80.87
C PHE C 1137 -70.12 -39.31 -82.08
N ASP C 1138 -69.85 -40.04 -83.16
CA ASP C 1138 -70.66 -39.99 -84.36
C ASP C 1138 -71.77 -41.02 -84.22
N GLY C 1139 -73.02 -40.54 -84.16
CA GLY C 1139 -74.15 -41.44 -84.17
C GLY C 1139 -74.24 -42.26 -85.43
N PHE C 1140 -73.75 -41.73 -86.54
CA PHE C 1140 -73.53 -42.45 -87.79
C PHE C 1140 -72.22 -43.21 -87.70
N LYS C 1141 -72.18 -44.38 -88.35
CA LYS C 1141 -71.00 -45.24 -88.51
C LYS C 1141 -70.46 -45.82 -87.21
N ALA C 1142 -71.09 -45.53 -86.06
CA ALA C 1142 -70.83 -46.15 -84.76
C ALA C 1142 -69.38 -46.01 -84.31
N GLN C 1143 -68.81 -44.80 -84.40
CA GLN C 1143 -67.45 -44.58 -83.94
C GLN C 1143 -67.35 -43.28 -83.16
N ARG C 1144 -66.33 -43.20 -82.32
CA ARG C 1144 -66.08 -42.02 -81.50
C ARG C 1144 -65.00 -41.15 -82.12
N TRP C 1145 -64.75 -39.99 -81.51
CA TRP C 1145 -64.01 -38.92 -82.16
C TRP C 1145 -63.33 -38.05 -81.10
N HIS C 1146 -62.03 -38.29 -80.90
CA HIS C 1146 -61.14 -37.31 -80.27
C HIS C 1146 -59.72 -37.68 -80.68
N GLN C 1147 -59.13 -36.89 -81.57
CA GLN C 1147 -57.81 -37.11 -82.17
C GLN C 1147 -57.69 -38.50 -82.80
N GLY C 1148 -58.78 -38.95 -83.42
CA GLY C 1148 -58.78 -40.28 -84.03
C GLY C 1148 -60.14 -40.95 -84.11
N ASN C 1149 -60.13 -42.28 -84.27
CA ASN C 1149 -61.36 -43.04 -84.46
C ASN C 1149 -61.24 -44.42 -83.83
N GLU C 1150 -62.37 -44.92 -83.33
CA GLU C 1150 -62.52 -46.30 -82.88
C GLU C 1150 -64.00 -46.60 -82.88
N HIS C 1151 -64.38 -47.80 -83.31
CA HIS C 1151 -65.77 -48.22 -83.35
C HIS C 1151 -66.38 -48.25 -81.96
N TYR C 1152 -67.65 -47.85 -81.88
CA TYR C 1152 -68.30 -47.69 -80.58
C TYR C 1152 -69.80 -47.76 -80.81
N GLY C 1153 -70.45 -48.79 -80.26
CA GLY C 1153 -71.90 -48.81 -80.25
C GLY C 1153 -72.51 -49.12 -81.60
N ARG C 1154 -73.69 -48.54 -81.84
CA ARG C 1154 -74.47 -48.82 -83.04
C ARG C 1154 -74.66 -47.56 -83.86
N SER C 1155 -75.45 -47.65 -84.92
CA SER C 1155 -75.82 -46.48 -85.70
C SER C 1155 -76.99 -45.76 -85.05
N TRP C 1156 -77.26 -44.56 -85.56
CA TRP C 1156 -78.47 -43.88 -85.12
C TRP C 1156 -79.67 -44.40 -85.92
N GLN C 1157 -80.86 -44.12 -85.40
CA GLN C 1157 -82.11 -44.49 -86.05
C GLN C 1157 -82.98 -43.25 -86.17
N ALA C 1158 -83.82 -43.24 -87.19
CA ALA C 1158 -84.63 -42.08 -87.49
C ALA C 1158 -85.72 -41.92 -86.44
N GLY C 1159 -85.44 -41.11 -85.42
CA GLY C 1159 -86.34 -40.98 -84.30
C GLY C 1159 -85.71 -41.45 -83.01
N ASP C 1160 -84.39 -41.37 -82.95
CA ASP C 1160 -83.67 -41.70 -81.72
C ASP C 1160 -83.61 -40.50 -80.78
N VAL C 1161 -83.24 -40.78 -79.54
CA VAL C 1161 -82.93 -39.77 -78.54
C VAL C 1161 -81.61 -40.18 -77.92
N VAL C 1162 -80.53 -39.51 -78.28
CA VAL C 1162 -79.21 -40.04 -77.98
C VAL C 1162 -78.83 -39.76 -76.53
N GLY C 1163 -78.63 -38.49 -76.18
CA GLY C 1163 -78.26 -38.15 -74.83
C GLY C 1163 -76.81 -38.41 -74.46
N CYS C 1164 -76.28 -37.62 -73.52
CA CYS C 1164 -74.86 -37.60 -73.18
C CYS C 1164 -74.74 -37.24 -71.70
N MET C 1165 -73.92 -37.98 -70.96
CA MET C 1165 -73.73 -37.77 -69.53
C MET C 1165 -72.24 -37.57 -69.24
N VAL C 1166 -71.94 -36.66 -68.32
CA VAL C 1166 -70.57 -36.29 -67.97
C VAL C 1166 -70.45 -36.23 -66.46
N ASP C 1167 -69.49 -36.98 -65.93
CA ASP C 1167 -68.97 -36.75 -64.59
C ASP C 1167 -67.85 -35.73 -64.73
N MET C 1168 -67.77 -34.79 -63.81
CA MET C 1168 -66.70 -33.79 -63.89
C MET C 1168 -65.67 -33.93 -62.78
N THR C 1169 -66.11 -34.22 -61.56
CA THR C 1169 -65.19 -34.56 -60.49
C THR C 1169 -64.46 -35.85 -60.83
N GLU C 1170 -65.21 -36.84 -61.28
CA GLU C 1170 -64.59 -37.98 -61.95
C GLU C 1170 -64.28 -37.59 -63.39
N HIS C 1171 -63.23 -38.18 -63.94
CA HIS C 1171 -62.75 -37.82 -65.27
C HIS C 1171 -63.39 -38.72 -66.34
N THR C 1172 -64.71 -38.86 -66.31
CA THR C 1172 -65.40 -39.83 -67.15
C THR C 1172 -66.55 -39.18 -67.90
N MET C 1173 -67.00 -39.88 -68.95
CA MET C 1173 -67.98 -39.34 -69.89
C MET C 1173 -68.60 -40.52 -70.62
N MET C 1174 -69.92 -40.65 -70.54
CA MET C 1174 -70.61 -41.83 -71.08
C MET C 1174 -71.81 -41.39 -71.91
N PHE C 1175 -71.99 -42.02 -73.06
CA PHE C 1175 -73.06 -41.65 -73.99
C PHE C 1175 -74.05 -42.78 -74.09
N THR C 1176 -75.33 -42.42 -74.19
CA THR C 1176 -76.43 -43.39 -74.18
C THR C 1176 -77.17 -43.38 -75.52
N LEU C 1177 -78.19 -44.23 -75.60
CA LEU C 1177 -79.12 -44.22 -76.73
C LEU C 1177 -80.42 -44.85 -76.27
N ASN C 1178 -81.46 -44.02 -76.11
CA ASN C 1178 -82.82 -44.43 -75.76
C ASN C 1178 -82.86 -45.24 -74.46
N GLY C 1179 -82.01 -44.87 -73.51
CA GLY C 1179 -81.83 -45.62 -72.30
C GLY C 1179 -80.74 -46.68 -72.38
N GLU C 1180 -80.49 -47.22 -73.57
CA GLU C 1180 -79.40 -48.17 -73.73
C GLU C 1180 -78.09 -47.41 -73.72
N ILE C 1181 -77.30 -47.65 -72.68
CA ILE C 1181 -75.96 -47.07 -72.59
C ILE C 1181 -75.08 -47.69 -73.66
N LEU C 1182 -74.61 -46.87 -74.60
CA LEU C 1182 -73.87 -47.37 -75.74
C LEU C 1182 -72.50 -47.89 -75.32
N LEU C 1183 -72.07 -48.95 -76.00
CA LEU C 1183 -71.01 -49.82 -75.53
C LEU C 1183 -69.86 -49.85 -76.52
N ASP C 1184 -68.65 -49.94 -75.98
CA ASP C 1184 -67.46 -50.12 -76.80
C ASP C 1184 -67.13 -51.61 -76.91
N ASP C 1185 -66.26 -51.96 -77.86
CA ASP C 1185 -65.84 -53.34 -78.01
C ASP C 1185 -64.83 -53.74 -76.92
N SER C 1186 -64.39 -52.78 -76.10
CA SER C 1186 -63.56 -53.04 -74.94
C SER C 1186 -64.37 -53.44 -73.72
N GLY C 1187 -65.67 -53.66 -73.87
CA GLY C 1187 -66.52 -54.02 -72.74
C GLY C 1187 -66.75 -52.91 -71.75
N SER C 1188 -66.66 -51.65 -72.18
CA SER C 1188 -66.89 -50.50 -71.33
C SER C 1188 -67.87 -49.58 -72.04
N GLU C 1189 -68.91 -49.15 -71.30
CA GLU C 1189 -69.90 -48.27 -71.90
C GLU C 1189 -69.54 -46.80 -71.76
N LEU C 1190 -68.52 -46.49 -70.96
CA LEU C 1190 -68.03 -45.13 -70.78
C LEU C 1190 -67.33 -44.69 -72.06
N ALA C 1191 -67.96 -43.75 -72.77
CA ALA C 1191 -67.51 -43.39 -74.11
C ALA C 1191 -66.15 -42.69 -74.09
N PHE C 1192 -65.94 -41.81 -73.11
CA PHE C 1192 -64.68 -41.12 -72.98
C PHE C 1192 -64.27 -41.04 -71.52
N LYS C 1193 -62.98 -41.25 -71.28
CA LYS C 1193 -62.49 -41.37 -69.92
C LYS C 1193 -61.18 -40.62 -69.79
N ASP C 1194 -60.89 -40.20 -68.55
CA ASP C 1194 -59.58 -39.70 -68.13
C ASP C 1194 -59.20 -38.42 -68.88
N PHE C 1195 -60.18 -37.55 -69.11
CA PHE C 1195 -59.91 -36.29 -69.77
C PHE C 1195 -59.27 -35.31 -68.79
N ASP C 1196 -58.94 -34.13 -69.27
CA ASP C 1196 -58.39 -33.07 -68.45
C ASP C 1196 -59.53 -32.19 -67.99
N VAL C 1197 -59.56 -31.88 -66.70
CA VAL C 1197 -60.58 -31.03 -66.13
C VAL C 1197 -60.08 -29.59 -66.24
N GLY C 1198 -60.23 -29.02 -67.43
CA GLY C 1198 -59.68 -27.71 -67.70
C GLY C 1198 -60.71 -26.62 -67.55
N ASP C 1199 -61.02 -25.94 -68.65
CA ASP C 1199 -61.88 -24.77 -68.63
C ASP C 1199 -63.34 -25.11 -68.79
N GLY C 1200 -63.73 -26.33 -68.46
CA GLY C 1200 -65.13 -26.71 -68.57
C GLY C 1200 -65.48 -27.23 -69.93
N PHE C 1201 -66.74 -27.63 -70.08
CA PHE C 1201 -67.19 -28.29 -71.30
C PHE C 1201 -68.61 -27.87 -71.62
N ILE C 1202 -68.86 -27.59 -72.89
CA ILE C 1202 -70.16 -27.13 -73.35
C ILE C 1202 -70.72 -28.16 -74.32
N PRO C 1203 -72.05 -28.28 -74.44
CA PRO C 1203 -72.63 -29.24 -75.39
C PRO C 1203 -72.45 -28.75 -76.81
N VAL C 1204 -72.06 -29.67 -77.71
CA VAL C 1204 -71.84 -29.32 -79.09
C VAL C 1204 -72.40 -30.42 -79.99
N CYS C 1205 -72.96 -30.02 -81.13
CA CYS C 1205 -73.41 -30.99 -82.10
C CYS C 1205 -73.03 -30.49 -83.48
N SER C 1206 -72.59 -31.40 -84.34
CA SER C 1206 -72.30 -31.06 -85.72
C SER C 1206 -73.36 -31.67 -86.62
N LEU C 1207 -73.76 -30.92 -87.63
CA LEU C 1207 -74.70 -31.41 -88.61
C LEU C 1207 -74.02 -31.51 -89.96
N GLY C 1208 -74.60 -32.31 -90.84
CA GLY C 1208 -73.99 -32.58 -92.13
C GLY C 1208 -74.59 -31.80 -93.27
N VAL C 1209 -75.16 -32.48 -94.27
CA VAL C 1209 -75.60 -31.84 -95.51
C VAL C 1209 -77.10 -31.61 -95.53
N ALA C 1210 -77.89 -32.67 -95.32
CA ALA C 1210 -79.33 -32.55 -95.32
C ALA C 1210 -79.89 -33.19 -94.06
N GLN C 1211 -79.23 -32.94 -92.94
CA GLN C 1211 -79.59 -33.50 -91.65
C GLN C 1211 -80.40 -32.48 -90.87
N VAL C 1212 -81.32 -32.98 -90.06
CA VAL C 1212 -82.10 -32.14 -89.16
C VAL C 1212 -81.79 -32.56 -87.74
N GLY C 1213 -81.30 -31.62 -86.93
CA GLY C 1213 -80.97 -31.88 -85.56
C GLY C 1213 -82.01 -31.31 -84.61
N ARG C 1214 -81.99 -31.80 -83.38
CA ARG C 1214 -82.94 -31.36 -82.37
C ARG C 1214 -82.29 -31.53 -81.01
N MET C 1215 -81.83 -30.44 -80.41
CA MET C 1215 -81.26 -30.47 -79.08
C MET C 1215 -82.30 -30.04 -78.06
N ASN C 1216 -82.04 -30.35 -76.79
CA ASN C 1216 -82.87 -29.87 -75.70
C ASN C 1216 -81.98 -29.65 -74.48
N PHE C 1217 -81.79 -28.38 -74.11
CA PHE C 1217 -80.89 -28.00 -73.02
C PHE C 1217 -81.66 -27.96 -71.70
N GLY C 1218 -82.28 -29.07 -71.33
CA GLY C 1218 -83.06 -29.03 -70.12
C GLY C 1218 -84.36 -28.26 -70.33
N LYS C 1219 -85.07 -28.07 -69.22
CA LYS C 1219 -86.37 -27.41 -69.09
C LYS C 1219 -87.45 -28.09 -69.93
N ASP C 1220 -87.18 -29.35 -70.29
CA ASP C 1220 -88.06 -30.20 -71.08
C ASP C 1220 -88.13 -31.56 -70.39
N VAL C 1221 -88.37 -31.54 -69.07
CA VAL C 1221 -88.39 -32.78 -68.29
C VAL C 1221 -89.55 -33.66 -68.70
N SER C 1222 -90.69 -33.06 -69.06
CA SER C 1222 -91.77 -33.81 -69.69
C SER C 1222 -91.36 -34.37 -71.04
N THR C 1223 -90.55 -33.63 -71.80
CA THR C 1223 -90.03 -34.09 -73.08
C THR C 1223 -88.72 -34.86 -72.89
N LEU C 1224 -88.18 -34.89 -71.67
CA LEU C 1224 -87.08 -35.77 -71.33
C LEU C 1224 -87.61 -37.20 -71.29
N LYS C 1225 -87.33 -37.94 -72.38
CA LYS C 1225 -87.92 -39.25 -72.56
C LYS C 1225 -87.24 -40.33 -71.75
N TYR C 1226 -85.91 -40.38 -71.76
CA TYR C 1226 -85.21 -41.47 -71.11
C TYR C 1226 -84.44 -40.99 -69.90
N PHE C 1227 -84.81 -39.85 -69.32
CA PHE C 1227 -84.12 -39.34 -68.16
C PHE C 1227 -84.50 -40.10 -66.90
N THR C 1228 -85.63 -40.81 -66.94
CA THR C 1228 -86.01 -41.64 -65.82
C THR C 1228 -85.13 -42.87 -65.70
N ILE C 1229 -85.10 -43.70 -66.74
CA ILE C 1229 -84.45 -45.01 -66.70
C ILE C 1229 -82.93 -44.90 -66.65
N CYS C 1230 -82.38 -43.78 -67.14
CA CYS C 1230 -80.98 -43.44 -66.92
C CYS C 1230 -80.90 -41.94 -66.70
N GLY C 1231 -80.09 -41.52 -65.73
CA GLY C 1231 -80.18 -40.13 -65.30
C GLY C 1231 -80.36 -39.91 -63.82
N LEU C 1232 -81.58 -39.53 -63.41
CA LEU C 1232 -81.92 -39.03 -62.07
C LEU C 1232 -81.36 -39.85 -60.92
N GLN C 1233 -81.79 -41.11 -60.80
CA GLN C 1233 -81.31 -41.96 -59.72
C GLN C 1233 -79.88 -42.40 -59.93
N GLU C 1234 -79.33 -42.22 -61.13
CA GLU C 1234 -77.94 -42.54 -61.42
C GLU C 1234 -77.01 -41.39 -61.10
N GLY C 1235 -77.52 -40.35 -60.44
CA GLY C 1235 -76.68 -39.22 -60.09
C GLY C 1235 -76.29 -38.39 -61.30
N TYR C 1236 -77.27 -37.70 -61.88
CA TYR C 1236 -77.03 -36.79 -62.98
C TYR C 1236 -78.04 -35.65 -62.92
N GLU C 1237 -77.88 -34.69 -63.83
CA GLU C 1237 -78.73 -33.51 -63.86
C GLU C 1237 -78.89 -33.00 -65.29
N PRO C 1238 -80.04 -32.43 -65.62
CA PRO C 1238 -80.17 -31.74 -66.90
C PRO C 1238 -79.66 -30.32 -66.79
N PHE C 1239 -79.89 -29.51 -67.82
CA PHE C 1239 -79.64 -28.07 -67.73
C PHE C 1239 -80.85 -27.29 -67.23
N ALA C 1240 -81.74 -27.93 -66.49
CA ALA C 1240 -82.96 -27.31 -65.97
C ALA C 1240 -82.84 -26.92 -64.53
N VAL C 1241 -81.67 -27.12 -63.92
CA VAL C 1241 -81.58 -27.07 -62.46
C VAL C 1241 -81.62 -25.64 -61.95
N ASN C 1242 -81.39 -24.68 -62.84
CA ASN C 1242 -81.42 -23.29 -62.42
C ASN C 1242 -82.09 -22.34 -63.39
N THR C 1243 -82.14 -22.65 -64.67
CA THR C 1243 -82.22 -21.58 -65.65
C THR C 1243 -83.66 -21.16 -65.91
N ASN C 1244 -83.89 -19.86 -65.79
CA ASN C 1244 -85.16 -19.26 -66.21
C ASN C 1244 -85.04 -18.53 -67.53
N ARG C 1245 -83.84 -18.39 -68.07
CA ARG C 1245 -83.68 -17.89 -69.43
C ARG C 1245 -83.76 -19.07 -70.39
N ASP C 1246 -83.51 -18.78 -71.65
CA ASP C 1246 -83.14 -19.80 -72.61
C ASP C 1246 -81.65 -19.59 -72.86
N ILE C 1247 -80.88 -20.65 -72.79
CA ILE C 1247 -79.45 -20.52 -73.04
C ILE C 1247 -79.24 -20.29 -74.53
N THR C 1248 -78.43 -19.30 -74.88
CA THR C 1248 -78.24 -18.92 -76.27
C THR C 1248 -77.46 -19.98 -77.01
N MET C 1249 -77.70 -20.08 -78.32
CA MET C 1249 -76.96 -21.01 -79.15
C MET C 1249 -76.08 -20.26 -80.14
N TRP C 1250 -74.91 -20.84 -80.39
CA TRP C 1250 -73.89 -20.22 -81.23
C TRP C 1250 -73.53 -21.14 -82.40
N LEU C 1251 -74.30 -21.03 -83.46
CA LEU C 1251 -73.98 -21.77 -84.67
C LEU C 1251 -72.86 -21.07 -85.41
N SER C 1252 -72.21 -21.82 -86.29
CA SER C 1252 -71.16 -21.27 -87.13
C SER C 1252 -71.76 -20.61 -88.37
N LYS C 1253 -71.07 -19.58 -88.86
CA LYS C 1253 -71.62 -18.79 -89.94
C LYS C 1253 -71.43 -19.46 -91.28
N ARG C 1254 -72.27 -19.07 -92.23
CA ARG C 1254 -72.06 -19.38 -93.64
C ARG C 1254 -71.31 -18.27 -94.36
N LEU C 1255 -71.68 -17.03 -94.12
CA LEU C 1255 -71.02 -15.90 -94.75
C LEU C 1255 -69.67 -15.64 -94.09
N PRO C 1256 -68.59 -15.53 -94.85
CA PRO C 1256 -67.28 -15.26 -94.25
C PRO C 1256 -67.06 -13.77 -94.04
N GLN C 1257 -66.19 -13.44 -93.10
CA GLN C 1257 -65.90 -12.05 -92.77
C GLN C 1257 -64.42 -11.91 -92.50
N PHE C 1258 -63.86 -10.77 -92.88
CA PHE C 1258 -62.42 -10.64 -92.83
C PHE C 1258 -61.96 -10.35 -91.40
N LEU C 1259 -60.69 -10.63 -91.16
CA LEU C 1259 -60.22 -10.81 -89.80
C LEU C 1259 -58.75 -10.43 -89.75
N GLN C 1260 -58.24 -10.22 -88.54
CA GLN C 1260 -56.84 -9.90 -88.33
C GLN C 1260 -55.98 -11.13 -88.60
N VAL C 1261 -54.66 -10.96 -88.56
CA VAL C 1261 -53.80 -12.11 -88.84
C VAL C 1261 -52.96 -12.50 -87.63
N PRO C 1262 -53.34 -13.54 -86.92
CA PRO C 1262 -52.48 -14.07 -85.87
C PRO C 1262 -51.41 -15.00 -86.43
N SER C 1263 -50.70 -15.71 -85.56
CA SER C 1263 -49.73 -16.71 -85.98
C SER C 1263 -50.37 -18.06 -86.28
N SER C 1264 -51.67 -18.11 -86.51
CA SER C 1264 -52.39 -19.38 -86.72
C SER C 1264 -52.46 -19.69 -88.22
N HIS C 1265 -51.28 -19.89 -88.78
CA HIS C 1265 -51.12 -20.57 -90.06
C HIS C 1265 -49.90 -21.46 -89.88
N GLU C 1266 -49.68 -22.35 -90.85
CA GLU C 1266 -48.38 -23.01 -90.94
C GLU C 1266 -47.27 -21.98 -91.10
N HIS C 1267 -47.43 -21.07 -92.07
CA HIS C 1267 -46.47 -19.99 -92.29
C HIS C 1267 -47.22 -18.87 -93.02
N ILE C 1268 -47.63 -17.85 -92.27
CA ILE C 1268 -48.10 -16.57 -92.79
C ILE C 1268 -47.51 -15.51 -91.87
N GLU C 1269 -46.83 -14.52 -92.43
CA GLU C 1269 -46.14 -13.54 -91.60
C GLU C 1269 -46.10 -12.20 -92.32
N VAL C 1270 -46.96 -11.28 -91.89
CA VAL C 1270 -46.84 -9.90 -92.34
C VAL C 1270 -45.86 -9.18 -91.43
N THR C 1271 -45.13 -8.23 -91.99
CA THR C 1271 -44.07 -7.53 -91.25
C THR C 1271 -44.22 -6.04 -91.44
N ARG C 1272 -44.35 -5.31 -90.33
CA ARG C 1272 -44.27 -3.86 -90.32
C ARG C 1272 -42.81 -3.49 -90.55
N ILE C 1273 -42.49 -2.95 -91.72
CA ILE C 1273 -41.13 -2.55 -92.02
C ILE C 1273 -41.13 -1.11 -92.52
N ASP C 1274 -39.93 -0.55 -92.64
CA ASP C 1274 -39.77 0.81 -93.12
C ASP C 1274 -38.73 0.90 -94.23
N VAL C 1285 -42.09 2.02 -100.35
CA VAL C 1285 -41.48 2.33 -99.06
C VAL C 1285 -42.51 2.10 -97.95
N THR C 1286 -42.00 1.78 -96.74
CA THR C 1286 -42.80 1.43 -95.56
C THR C 1286 -43.76 0.28 -95.87
N GLN C 1287 -43.17 -0.89 -96.12
CA GLN C 1287 -43.83 -1.96 -96.83
C GLN C 1287 -44.45 -2.99 -95.88
N LYS C 1288 -44.91 -4.11 -96.43
CA LYS C 1288 -45.54 -5.18 -95.66
C LYS C 1288 -45.30 -6.51 -96.36
N SER C 1289 -44.30 -7.26 -95.89
CA SER C 1289 -43.87 -8.49 -96.55
C SER C 1289 -44.76 -9.66 -96.16
N PHE C 1290 -44.39 -10.85 -96.59
CA PHE C 1290 -45.27 -12.01 -96.55
C PHE C 1290 -44.47 -13.30 -96.45
N GLY C 1291 -45.19 -14.41 -96.57
CA GLY C 1291 -44.58 -15.72 -96.80
C GLY C 1291 -45.63 -16.81 -96.77
N SER C 1292 -45.62 -17.71 -97.75
CA SER C 1292 -46.61 -18.78 -97.80
C SER C 1292 -46.04 -20.09 -98.37
N GLN C 1293 -44.86 -20.51 -97.95
CA GLN C 1293 -44.31 -21.78 -98.44
C GLN C 1293 -44.76 -22.92 -97.54
N ASN C 1294 -45.84 -23.60 -97.94
CA ASN C 1294 -46.54 -24.53 -97.07
C ASN C 1294 -47.14 -25.65 -97.90
N SER C 1295 -48.10 -26.34 -97.29
CA SER C 1295 -48.83 -27.43 -97.90
C SER C 1295 -50.10 -26.98 -98.61
N SER C 1296 -50.66 -25.83 -98.25
CA SER C 1296 -51.92 -25.36 -98.81
C SER C 1296 -51.76 -23.87 -99.13
N THR C 1297 -51.71 -23.56 -100.42
CA THR C 1297 -51.55 -22.18 -100.91
C THR C 1297 -52.67 -21.84 -101.87
N ASP C 1298 -53.91 -22.15 -101.49
CA ASP C 1298 -54.99 -22.09 -102.45
C ASP C 1298 -55.44 -20.66 -102.73
N ILE C 1299 -56.03 -20.01 -101.74
CA ILE C 1299 -56.68 -18.71 -101.91
C ILE C 1299 -56.48 -17.90 -100.63
N MET C 1300 -55.98 -16.68 -100.76
CA MET C 1300 -55.71 -15.82 -99.61
C MET C 1300 -56.15 -14.41 -99.97
N PHE C 1301 -57.40 -14.07 -99.68
CA PHE C 1301 -57.92 -12.73 -99.97
C PHE C 1301 -57.38 -11.76 -98.93
N TYR C 1302 -56.81 -10.65 -99.36
CA TYR C 1302 -56.17 -9.69 -98.47
C TYR C 1302 -56.76 -8.30 -98.64
N ARG C 1303 -56.83 -7.55 -97.55
CA ARG C 1303 -57.26 -6.16 -97.59
C ARG C 1303 -56.61 -5.38 -96.46
N LEU C 1304 -56.57 -4.07 -96.62
CA LEU C 1304 -56.09 -3.24 -95.55
C LEU C 1304 -57.21 -3.00 -94.54
N SER C 1305 -56.84 -2.42 -93.40
CA SER C 1305 -57.81 -2.26 -92.32
C SER C 1305 -58.81 -1.16 -92.64
N MET C 1306 -58.35 0.06 -92.73
CA MET C 1306 -59.39 1.08 -92.84
C MET C 1306 -59.61 1.48 -94.28
N PRO C 1307 -60.84 1.84 -94.64
CA PRO C 1307 -61.11 2.25 -96.02
C PRO C 1307 -61.03 3.75 -96.22
N ILE C 1308 -61.21 4.20 -97.46
CA ILE C 1308 -61.29 5.61 -97.82
C ILE C 1308 -62.67 5.90 -98.38
N GLU C 1309 -63.24 7.03 -97.99
CA GLU C 1309 -64.56 7.47 -98.38
C GLU C 1309 -64.47 8.46 -99.54
N CYS C 1310 -65.59 9.10 -99.85
CA CYS C 1310 -65.64 10.16 -100.85
C CYS C 1310 -66.29 11.43 -100.32
N THR C 1425 -56.78 11.15 -104.56
CA THR C 1425 -55.81 12.20 -104.77
C THR C 1425 -54.43 11.59 -104.56
N TYR C 1426 -54.41 10.46 -103.85
CA TYR C 1426 -53.17 9.75 -103.54
C TYR C 1426 -53.27 8.30 -104.00
N TYR C 1427 -52.13 7.63 -103.96
CA TYR C 1427 -51.97 6.33 -104.61
C TYR C 1427 -51.37 5.32 -103.63
N TYR C 1428 -50.99 4.15 -104.15
CA TYR C 1428 -50.86 2.95 -103.33
C TYR C 1428 -50.11 1.88 -104.12
N SER C 1429 -49.04 1.31 -103.55
CA SER C 1429 -48.14 0.47 -104.32
C SER C 1429 -48.26 -1.00 -103.96
N VAL C 1430 -47.87 -1.87 -104.90
CA VAL C 1430 -47.67 -3.30 -104.68
C VAL C 1430 -46.56 -3.76 -105.60
N ARG C 1431 -45.85 -4.83 -105.23
CA ARG C 1431 -44.70 -5.31 -105.98
C ARG C 1431 -44.60 -6.82 -105.89
N ILE C 1432 -45.08 -7.51 -106.92
CA ILE C 1432 -45.25 -8.96 -106.90
C ILE C 1432 -44.07 -9.57 -107.65
N PHE C 1433 -43.54 -10.69 -107.15
CA PHE C 1433 -42.58 -11.45 -107.95
C PHE C 1433 -43.19 -12.46 -108.94
N PRO C 1434 -44.15 -13.34 -108.55
CA PRO C 1434 -44.64 -14.19 -109.64
C PRO C 1434 -45.79 -13.57 -110.42
N ASN C 1440 -52.54 -13.07 -113.12
CA ASN C 1440 -52.46 -14.25 -112.26
C ASN C 1440 -52.77 -13.93 -110.79
N VAL C 1441 -52.35 -12.75 -110.32
CA VAL C 1441 -52.54 -12.31 -108.93
C VAL C 1441 -53.06 -10.87 -108.96
N TRP C 1442 -54.18 -10.62 -108.29
CA TRP C 1442 -54.94 -9.41 -108.53
C TRP C 1442 -54.70 -8.34 -107.47
N VAL C 1443 -55.19 -7.13 -107.77
CA VAL C 1443 -55.28 -6.02 -106.84
C VAL C 1443 -56.61 -5.32 -107.11
N GLY C 1444 -57.12 -4.56 -106.15
CA GLY C 1444 -58.30 -3.76 -106.38
C GLY C 1444 -58.82 -3.07 -105.13
N TRP C 1445 -60.12 -2.76 -105.18
CA TRP C 1445 -60.81 -2.04 -104.12
C TRP C 1445 -62.08 -2.79 -103.76
N ILE C 1446 -62.19 -3.18 -102.50
CA ILE C 1446 -63.36 -3.89 -101.99
C ILE C 1446 -64.28 -2.90 -101.30
N THR C 1447 -65.51 -2.79 -101.79
CA THR C 1447 -66.56 -2.16 -101.02
C THR C 1447 -67.04 -3.18 -100.00
N SER C 1448 -67.29 -2.70 -98.77
CA SER C 1448 -67.36 -3.52 -97.57
C SER C 1448 -68.37 -4.67 -97.64
N ASP C 1449 -69.43 -4.53 -98.43
CA ASP C 1449 -70.33 -5.64 -98.69
C ASP C 1449 -69.65 -6.56 -99.69
N PHE C 1450 -68.85 -7.49 -99.18
CA PHE C 1450 -68.22 -8.50 -100.02
C PHE C 1450 -67.92 -9.72 -99.16
N HIS C 1451 -68.57 -10.83 -99.45
CA HIS C 1451 -68.34 -12.09 -98.77
C HIS C 1451 -68.39 -13.26 -99.74
N GLN C 1452 -68.07 -12.99 -101.00
CA GLN C 1452 -68.13 -13.99 -102.06
C GLN C 1452 -66.77 -14.63 -102.22
N TYR C 1453 -66.52 -15.67 -101.44
CA TYR C 1453 -65.28 -16.41 -101.52
C TYR C 1453 -65.34 -17.28 -102.77
N ASP C 1454 -64.59 -16.91 -103.81
CA ASP C 1454 -64.69 -17.56 -105.10
C ASP C 1454 -63.31 -17.58 -105.76
N THR C 1455 -63.04 -18.65 -106.50
CA THR C 1455 -61.74 -18.84 -107.14
C THR C 1455 -61.79 -18.46 -108.62
N ALA C 1456 -62.19 -17.21 -108.90
CA ALA C 1456 -62.46 -16.81 -110.27
C ALA C 1456 -62.44 -15.29 -110.37
N PHE C 1457 -63.03 -14.79 -111.46
CA PHE C 1457 -63.38 -13.37 -111.61
C PHE C 1457 -64.89 -13.28 -111.86
N ASP C 1458 -65.58 -12.53 -111.01
CA ASP C 1458 -67.01 -12.19 -111.14
C ASP C 1458 -67.26 -10.87 -110.41
N LEU C 1459 -68.54 -10.58 -110.11
CA LEU C 1459 -68.88 -9.45 -109.24
C LEU C 1459 -68.31 -9.60 -107.84
N VAL C 1465 -72.25 -2.59 -108.70
CA VAL C 1465 -73.62 -2.23 -108.99
C VAL C 1465 -73.74 -1.59 -110.37
N THR C 1466 -74.82 -1.93 -111.08
CA THR C 1466 -75.08 -1.46 -112.44
C THR C 1466 -76.54 -1.04 -112.59
N VAL C 1467 -76.79 0.24 -112.39
CA VAL C 1467 -78.11 0.84 -112.52
C VAL C 1467 -77.99 1.96 -113.54
N THR C 1468 -79.00 2.14 -114.38
CA THR C 1468 -79.03 3.21 -115.35
C THR C 1468 -79.72 4.44 -114.78
N LEU C 1469 -79.46 5.58 -115.43
CA LEU C 1469 -80.07 6.85 -115.05
C LEU C 1469 -81.55 6.85 -115.36
N GLY C 1470 -82.33 7.41 -114.43
CA GLY C 1470 -83.74 7.61 -114.66
C GLY C 1470 -84.11 9.07 -114.60
N ASP C 1471 -84.63 9.62 -115.69
CA ASP C 1471 -85.02 11.02 -115.75
C ASP C 1471 -86.52 11.17 -115.98
N GLU C 1472 -87.29 10.21 -115.46
CA GLU C 1472 -88.76 10.19 -115.34
C GLU C 1472 -89.47 10.05 -116.69
N LYS C 1473 -88.72 10.10 -117.79
CA LYS C 1473 -89.29 9.95 -119.13
C LYS C 1473 -88.63 8.78 -119.87
N GLY C 1474 -87.93 7.89 -119.17
CA GLY C 1474 -87.03 6.97 -119.82
C GLY C 1474 -85.86 7.75 -120.35
N LYS C 1475 -85.55 7.56 -121.63
CA LYS C 1475 -84.86 8.54 -122.48
C LYS C 1475 -83.39 8.77 -122.15
N VAL C 1476 -82.88 8.25 -121.03
CA VAL C 1476 -81.45 8.37 -120.79
C VAL C 1476 -80.80 6.98 -120.75
N HIS C 1477 -81.15 6.18 -119.73
CA HIS C 1477 -80.84 4.74 -119.66
C HIS C 1477 -79.34 4.43 -119.78
N GLU C 1478 -78.48 5.35 -119.33
CA GLU C 1478 -77.06 5.14 -119.60
C GLU C 1478 -76.34 4.39 -118.48
N SER C 1479 -76.21 5.03 -117.31
CA SER C 1479 -75.40 4.52 -116.20
C SER C 1479 -75.55 5.46 -115.01
N ILE C 1480 -75.41 4.91 -113.80
CA ILE C 1480 -74.94 5.66 -112.65
C ILE C 1480 -73.76 4.97 -111.99
N LYS C 1481 -73.57 3.68 -112.26
CA LYS C 1481 -72.74 2.89 -111.39
C LYS C 1481 -72.01 1.77 -112.12
N ARG C 1482 -70.79 1.47 -111.63
CA ARG C 1482 -70.03 0.28 -111.99
C ARG C 1482 -69.75 -0.63 -110.80
N SER C 1483 -69.15 -0.11 -109.73
CA SER C 1483 -68.35 -0.87 -108.77
C SER C 1483 -69.20 -1.78 -107.87
N ASN C 1484 -68.54 -2.76 -107.27
CA ASN C 1484 -69.19 -3.65 -106.33
C ASN C 1484 -68.20 -4.26 -105.33
N TYR C 1486 -65.34 -5.04 -106.56
CA TYR C 1486 -64.01 -5.63 -106.57
C TYR C 1486 -63.35 -5.44 -107.93
N MET C 1487 -62.18 -4.80 -107.93
CA MET C 1487 -61.48 -4.42 -109.14
C MET C 1487 -60.40 -5.46 -109.47
N VAL C 1488 -60.09 -5.58 -110.76
CA VAL C 1488 -59.25 -6.65 -111.29
C VAL C 1488 -58.13 -6.05 -112.12
N CYS C 1489 -56.89 -6.45 -111.83
CA CYS C 1489 -55.73 -6.18 -112.67
C CYS C 1489 -54.94 -7.49 -112.79
N ALA C 1490 -53.71 -7.39 -113.29
CA ALA C 1490 -52.86 -8.57 -113.40
C ALA C 1490 -51.42 -8.26 -113.01
N ASN C 1502 -39.85 -10.41 -111.86
CA ASN C 1502 -39.20 -9.31 -111.18
C ASN C 1502 -40.20 -8.50 -110.35
N ASN C 1503 -40.44 -7.26 -110.78
CA ASN C 1503 -41.25 -6.30 -110.04
C ASN C 1503 -42.44 -5.88 -110.88
N GLY C 1504 -43.64 -6.17 -110.40
CA GLY C 1504 -44.83 -5.59 -110.99
C GLY C 1504 -45.33 -4.46 -110.10
N LEU C 1505 -45.12 -3.23 -110.51
CA LEU C 1505 -45.48 -2.07 -109.67
C LEU C 1505 -46.85 -1.53 -110.04
N GLU C 1506 -47.87 -2.36 -109.82
CA GLU C 1506 -49.25 -1.94 -110.04
C GLU C 1506 -49.67 -0.97 -108.94
N ILE C 1507 -50.31 0.13 -109.35
CA ILE C 1507 -50.66 1.17 -108.40
C ILE C 1507 -52.09 1.64 -108.68
N GLY C 1508 -52.96 1.55 -107.67
CA GLY C 1508 -54.33 2.01 -107.72
C GLY C 1508 -54.55 3.47 -107.36
N CYS C 1509 -54.34 4.39 -108.29
CA CYS C 1509 -54.62 5.80 -108.01
C CYS C 1509 -56.12 6.05 -107.96
N VAL C 1510 -56.57 6.81 -106.95
CA VAL C 1510 -57.97 7.16 -106.76
C VAL C 1510 -58.09 8.66 -106.54
N VAL C 1511 -59.24 9.22 -106.97
CA VAL C 1511 -59.67 10.59 -106.67
C VAL C 1511 -58.67 11.69 -107.06
N GLY C 1516 -63.48 12.43 -105.98
CA GLY C 1516 -62.98 12.10 -107.30
C GLY C 1516 -63.43 10.74 -107.79
N LEU C 1517 -62.55 10.03 -108.50
CA LEU C 1517 -62.93 8.79 -109.18
C LEU C 1517 -61.81 7.77 -109.04
N LEU C 1518 -61.84 6.73 -109.87
CA LEU C 1518 -60.95 5.58 -109.76
C LEU C 1518 -60.22 5.29 -111.07
N THR C 1519 -58.90 5.17 -110.97
CA THR C 1519 -58.01 4.89 -112.10
C THR C 1519 -57.07 3.75 -111.75
N PHE C 1520 -56.16 3.45 -112.68
CA PHE C 1520 -55.14 2.41 -112.47
C PHE C 1520 -53.88 2.74 -113.27
N THR C 1521 -52.75 2.24 -112.79
CA THR C 1521 -51.50 2.22 -113.54
C THR C 1521 -50.97 0.78 -113.56
N ALA C 1522 -49.98 0.56 -114.42
CA ALA C 1522 -49.24 -0.71 -114.39
C ALA C 1522 -47.80 -0.40 -114.85
N ASN C 1523 -46.93 -0.14 -113.87
CA ASN C 1523 -45.52 0.20 -114.06
C ASN C 1523 -45.34 1.41 -114.96
N GLY C 1524 -46.19 2.43 -114.80
CA GLY C 1524 -46.19 3.61 -115.63
C GLY C 1524 -47.27 3.60 -116.70
N LYS C 1525 -47.64 2.41 -117.17
CA LYS C 1525 -48.65 2.27 -118.21
C LYS C 1525 -50.02 2.12 -117.57
N ASP C 1526 -50.84 3.14 -117.67
CA ASP C 1526 -52.22 3.06 -117.20
C ASP C 1526 -52.99 2.09 -118.09
N LEU C 1527 -53.61 1.09 -117.49
CA LEU C 1527 -54.41 0.14 -118.23
C LEU C 1527 -55.81 0.72 -118.48
N SER C 1528 -56.72 -0.13 -118.92
CA SER C 1528 -58.09 0.28 -119.13
C SER C 1528 -58.90 0.03 -117.85
N THR C 1529 -60.23 0.07 -118.00
CA THR C 1529 -61.22 -0.14 -116.93
C THR C 1529 -61.07 0.89 -115.81
N TYR C 1530 -61.25 2.15 -116.16
CA TYR C 1530 -61.31 3.23 -115.17
C TYR C 1530 -62.75 3.34 -114.66
N TYR C 1531 -63.04 2.70 -113.53
CA TYR C 1531 -64.39 2.68 -112.97
C TYR C 1531 -64.63 4.01 -112.26
N GLN C 1532 -65.09 4.97 -113.04
CA GLN C 1532 -65.24 6.35 -112.54
C GLN C 1532 -66.63 6.57 -111.97
N VAL C 1533 -67.05 5.67 -111.08
CA VAL C 1533 -68.39 5.77 -110.51
C VAL C 1533 -68.41 5.33 -109.05
N GLU C 1534 -68.43 6.29 -108.14
CA GLU C 1534 -68.75 6.07 -106.73
C GLU C 1534 -69.21 7.39 -106.14
N PRO C 1535 -70.49 7.52 -105.79
CA PRO C 1535 -70.98 8.81 -105.27
C PRO C 1535 -70.41 9.23 -103.93
N SER C 1536 -70.64 8.45 -102.87
CA SER C 1536 -69.99 8.73 -101.58
C SER C 1536 -69.65 7.43 -100.87
N THR C 1537 -69.14 6.45 -101.59
CA THR C 1537 -68.94 5.12 -101.04
C THR C 1537 -67.62 5.03 -100.30
N LYS C 1538 -67.44 3.92 -99.60
CA LYS C 1538 -66.20 3.64 -98.90
C LYS C 1538 -65.43 2.55 -99.64
N LEU C 1539 -64.12 2.72 -99.73
CA LEU C 1539 -63.28 1.90 -100.59
C LEU C 1539 -62.16 1.27 -99.78
N PHE C 1540 -62.25 -0.02 -99.58
CA PHE C 1540 -61.16 -0.77 -98.99
C PHE C 1540 -60.06 -0.97 -100.01
N PRO C 1541 -58.80 -0.64 -99.72
CA PRO C 1541 -57.70 -1.13 -100.55
C PRO C 1541 -57.49 -2.61 -100.30
N ALA C 1542 -57.34 -3.38 -101.37
CA ALA C 1542 -57.43 -4.83 -101.18
C ALA C 1542 -56.71 -5.58 -102.30
N VAL C 1543 -56.44 -6.85 -102.03
CA VAL C 1543 -55.69 -7.74 -102.92
C VAL C 1543 -56.31 -9.13 -102.86
N PHE C 1544 -56.68 -9.68 -104.00
CA PHE C 1544 -57.01 -11.09 -104.12
C PHE C 1544 -55.78 -11.80 -104.66
N ALA C 1545 -55.50 -13.01 -104.17
CA ALA C 1545 -54.25 -13.64 -104.55
C ALA C 1545 -54.31 -15.15 -104.40
N GLN C 1546 -53.44 -15.82 -105.14
CA GLN C 1546 -52.80 -17.05 -104.74
C GLN C 1546 -51.32 -16.74 -104.53
N ALA C 1547 -50.64 -17.55 -103.74
CA ALA C 1547 -49.22 -17.38 -103.49
C ALA C 1547 -48.47 -18.59 -104.02
N THR C 1548 -47.57 -18.37 -104.98
CA THR C 1548 -46.73 -19.43 -105.50
C THR C 1548 -45.40 -19.52 -104.75
N SER C 1549 -44.65 -18.50 -104.81
CA SER C 1549 -43.35 -18.19 -104.24
C SER C 1549 -43.53 -17.32 -103.00
N PRO C 1550 -42.63 -17.35 -102.03
CA PRO C 1550 -42.79 -16.47 -100.86
C PRO C 1550 -42.40 -15.04 -101.16
N ASN C 1551 -42.58 -14.19 -100.14
CA ASN C 1551 -42.27 -12.76 -100.19
C ASN C 1551 -43.05 -12.05 -101.29
N VAL C 1552 -44.37 -12.24 -101.26
CA VAL C 1552 -45.20 -11.95 -102.40
C VAL C 1552 -45.64 -10.49 -102.50
N PHE C 1553 -45.97 -9.82 -101.39
CA PHE C 1553 -46.42 -8.44 -101.48
C PHE C 1553 -45.58 -7.49 -100.65
N GLN C 1554 -45.61 -6.23 -101.05
CA GLN C 1554 -45.11 -5.08 -100.31
C GLN C 1554 -46.08 -3.95 -100.59
N PHE C 1555 -46.33 -3.11 -99.59
CA PHE C 1555 -47.25 -1.99 -99.78
C PHE C 1555 -46.50 -0.65 -99.64
N GLU C 1556 -47.25 0.44 -99.69
CA GLU C 1556 -46.73 1.75 -99.32
C GLU C 1556 -46.90 1.98 -97.83
N ALA C 1568 -46.44 14.66 -107.49
CA ALA C 1568 -47.45 13.92 -106.74
C ALA C 1568 -47.00 13.69 -105.30
N GLY C 1569 -47.92 13.82 -104.34
CA GLY C 1569 -47.65 13.56 -102.95
C GLY C 1569 -47.82 12.10 -102.60
N LEU C 1570 -48.01 11.83 -101.30
CA LEU C 1570 -48.14 10.45 -100.85
C LEU C 1570 -49.31 10.24 -99.90
N PHE C 1571 -49.51 8.98 -99.48
CA PHE C 1571 -50.84 8.38 -99.38
C PHE C 1571 -51.60 8.69 -98.09
N LYS C 1572 -51.04 8.29 -96.95
CA LYS C 1572 -51.75 8.12 -95.68
C LYS C 1572 -52.35 9.40 -95.12
N SER C 1573 -51.96 10.56 -95.66
CA SER C 1573 -52.60 11.81 -95.30
C SER C 1573 -54.07 11.82 -95.63
N GLU C 1574 -54.45 11.15 -96.71
CA GLU C 1574 -55.84 11.15 -97.14
C GLU C 1574 -56.70 10.18 -96.34
N HIS C 1575 -56.15 9.60 -95.28
CA HIS C 1575 -56.76 8.48 -94.57
C HIS C 1575 -57.14 8.82 -93.14
N LYS C 1576 -56.20 9.34 -92.34
CA LYS C 1576 -56.48 9.64 -90.95
C LYS C 1576 -56.93 11.08 -90.81
N ASN C 1577 -57.02 11.54 -89.58
CA ASN C 1577 -57.54 12.87 -89.34
C ASN C 1577 -56.51 13.98 -89.54
N PRO C 1578 -55.22 13.85 -89.16
CA PRO C 1578 -54.24 14.86 -89.63
C PRO C 1578 -54.00 14.73 -91.13
N VAL C 1579 -54.34 15.78 -91.86
CA VAL C 1579 -54.26 15.71 -93.32
C VAL C 1579 -53.40 16.76 -94.04
N PRO C 1580 -52.27 17.32 -93.48
CA PRO C 1580 -51.18 17.68 -94.37
C PRO C 1580 -50.31 16.48 -94.75
N GLN C 1581 -49.66 15.91 -93.71
CA GLN C 1581 -49.09 14.56 -93.58
C GLN C 1581 -48.50 13.97 -94.86
N CYS C 1582 -47.77 14.77 -95.62
CA CYS C 1582 -47.22 14.35 -96.90
C CYS C 1582 -46.18 13.23 -96.81
N PRO C 1583 -45.30 13.15 -95.81
CA PRO C 1583 -44.56 11.88 -95.63
C PRO C 1583 -45.48 10.80 -95.08
N PRO C 1584 -45.63 9.70 -95.78
CA PRO C 1584 -46.48 8.61 -95.28
C PRO C 1584 -45.80 7.90 -94.12
N ARG C 1585 -46.64 7.40 -93.21
CA ARG C 1585 -46.12 6.83 -91.98
C ARG C 1585 -47.06 5.76 -91.46
N LEU C 1586 -46.53 4.55 -91.27
CA LEU C 1586 -47.37 3.47 -90.78
C LEU C 1586 -47.67 3.62 -89.30
N HIS C 1587 -48.83 3.12 -88.91
CA HIS C 1587 -49.25 3.13 -87.52
C HIS C 1587 -49.68 1.73 -87.18
N VAL C 1588 -49.82 1.49 -85.87
CA VAL C 1588 -50.17 0.15 -85.45
C VAL C 1588 -51.62 -0.17 -85.76
N GLN C 1589 -52.45 0.86 -86.01
CA GLN C 1589 -53.84 0.61 -86.35
C GLN C 1589 -54.00 -0.02 -87.72
N PHE C 1590 -53.01 0.14 -88.59
CA PHE C 1590 -53.04 -0.57 -89.87
C PHE C 1590 -52.87 -2.05 -89.66
N LEU C 1591 -53.69 -2.83 -90.34
CA LEU C 1591 -53.61 -4.26 -90.29
C LEU C 1591 -53.54 -4.81 -91.71
N SER C 1592 -53.60 -6.13 -91.81
CA SER C 1592 -53.47 -6.81 -93.08
C SER C 1592 -54.54 -7.87 -93.21
N HIS C 1593 -55.80 -7.48 -93.04
CA HIS C 1593 -56.91 -8.39 -92.82
C HIS C 1593 -57.06 -9.40 -93.95
N VAL C 1594 -57.47 -10.61 -93.58
CA VAL C 1594 -57.65 -11.72 -94.49
C VAL C 1594 -59.08 -12.22 -94.37
N LEU C 1595 -59.74 -12.47 -95.49
CA LEU C 1595 -61.11 -12.94 -95.47
C LEU C 1595 -61.12 -14.37 -94.96
N TRP C 1596 -61.71 -14.58 -93.79
CA TRP C 1596 -61.73 -15.91 -93.21
C TRP C 1596 -63.16 -16.34 -92.96
N SER C 1597 -63.31 -17.65 -92.74
CA SER C 1597 -64.56 -18.30 -93.10
C SER C 1597 -65.59 -18.22 -92.00
N ARG C 1598 -65.27 -18.72 -90.81
CA ARG C 1598 -66.30 -19.05 -89.82
C ARG C 1598 -65.99 -18.43 -88.46
N MET C 1599 -66.95 -17.69 -87.93
CA MET C 1599 -67.01 -17.21 -86.57
C MET C 1599 -68.45 -17.37 -86.11
N PRO C 1600 -68.68 -17.77 -84.86
CA PRO C 1600 -70.05 -18.06 -84.42
C PRO C 1600 -70.94 -16.83 -84.34
N ASN C 1601 -72.24 -17.08 -84.33
CA ASN C 1601 -73.25 -16.03 -84.29
C ASN C 1601 -74.27 -16.32 -83.20
N GLN C 1602 -74.80 -15.25 -82.61
CA GLN C 1602 -75.85 -15.44 -81.62
C GLN C 1602 -77.15 -15.82 -82.31
N PHE C 1603 -78.08 -16.31 -81.54
CA PHE C 1603 -79.23 -16.97 -82.13
C PHE C 1603 -80.44 -16.07 -82.30
N LEU C 1604 -80.38 -14.82 -81.83
CA LEU C 1604 -81.47 -13.85 -81.95
C LEU C 1604 -82.73 -14.38 -81.26
N LYS C 1605 -82.61 -14.43 -79.93
CA LYS C 1605 -83.32 -15.39 -79.07
C LYS C 1605 -84.84 -15.36 -79.24
N VAL C 1606 -85.42 -14.19 -79.41
CA VAL C 1606 -86.84 -14.09 -79.73
C VAL C 1606 -86.94 -13.44 -81.09
N ASP C 1607 -87.58 -14.10 -82.05
CA ASP C 1607 -87.46 -13.64 -83.42
C ASP C 1607 -88.65 -12.80 -83.87
N VAL C 1608 -89.80 -13.41 -84.12
CA VAL C 1608 -90.97 -12.73 -84.68
C VAL C 1608 -92.19 -13.56 -84.35
N SER C 1609 -93.37 -12.94 -84.47
CA SER C 1609 -94.63 -13.66 -84.36
C SER C 1609 -95.45 -13.40 -85.62
N ARG C 1610 -94.81 -13.55 -86.77
CA ARG C 1610 -95.45 -13.51 -88.07
C ARG C 1610 -96.55 -14.57 -88.18
N ILE C 1611 -97.59 -14.25 -88.94
CA ILE C 1611 -98.69 -15.18 -89.23
C ILE C 1611 -99.08 -15.06 -90.70
N SER C 1612 -99.63 -16.14 -91.25
CA SER C 1612 -99.87 -16.26 -92.69
C SER C 1612 -101.30 -16.69 -92.99
N GLU C 1613 -101.69 -16.59 -94.27
CA GLU C 1613 -103.00 -17.04 -94.77
C GLU C 1613 -102.85 -17.66 -96.16
N ARG C 1614 -103.97 -18.17 -96.70
CA ARG C 1614 -103.99 -18.89 -97.96
C ARG C 1614 -104.88 -18.30 -99.05
N GLN C 1615 -106.03 -17.70 -98.72
CA GLN C 1615 -106.89 -17.10 -99.74
C GLN C 1615 -106.56 -15.62 -99.90
N GLY C 1616 -105.59 -15.35 -100.77
CA GLY C 1616 -105.04 -14.02 -100.91
C GLY C 1616 -103.72 -13.83 -100.20
N TRP C 1617 -103.34 -14.78 -99.33
CA TRP C 1617 -102.04 -14.86 -98.67
C TRP C 1617 -101.75 -13.61 -97.84
N LEU C 1618 -102.59 -13.43 -96.83
CA LEU C 1618 -102.36 -12.40 -95.82
C LEU C 1618 -101.21 -12.85 -94.93
N VAL C 1619 -100.02 -12.33 -95.19
CA VAL C 1619 -98.90 -12.50 -94.28
C VAL C 1619 -98.81 -11.26 -93.40
N GLN C 1620 -98.62 -11.48 -92.10
CA GLN C 1620 -99.09 -10.52 -91.11
C GLN C 1620 -98.19 -10.57 -89.88
N CYS C 1621 -97.87 -9.41 -89.32
CA CYS C 1621 -97.14 -9.31 -88.07
C CYS C 1621 -97.50 -8.01 -87.37
N LEU C 1622 -97.64 -8.09 -86.05
CA LEU C 1622 -98.11 -6.94 -85.28
C LEU C 1622 -97.35 -6.67 -83.99
N GLU C 1623 -96.38 -7.51 -83.61
CA GLU C 1623 -95.71 -7.40 -82.31
C GLU C 1623 -94.26 -7.00 -82.54
N PRO C 1624 -93.90 -5.72 -82.40
CA PRO C 1624 -92.57 -5.28 -82.86
C PRO C 1624 -91.47 -5.70 -81.90
N LEU C 1625 -90.32 -6.06 -82.47
CA LEU C 1625 -89.11 -6.34 -81.71
C LEU C 1625 -87.98 -5.49 -82.26
N GLN C 1626 -87.14 -4.98 -81.36
CA GLN C 1626 -86.07 -4.06 -81.73
C GLN C 1626 -84.71 -4.60 -81.30
N PHE C 1627 -83.71 -4.31 -82.10
CA PHE C 1627 -82.33 -4.67 -81.82
C PHE C 1627 -81.73 -3.80 -80.75
N MET C 1628 -80.43 -3.99 -80.55
CA MET C 1628 -79.54 -3.01 -79.93
C MET C 1628 -78.19 -3.29 -80.58
N SER C 1629 -77.87 -2.55 -81.62
CA SER C 1629 -76.67 -2.80 -82.38
C SER C 1629 -75.67 -1.69 -82.15
N LEU C 1630 -74.45 -1.95 -82.58
CA LEU C 1630 -73.42 -0.93 -82.60
C LEU C 1630 -72.58 -1.21 -83.82
N HIS C 1631 -72.26 -0.17 -84.58
CA HIS C 1631 -71.47 -0.42 -85.77
C HIS C 1631 -70.10 0.19 -85.57
N ILE C 1632 -69.08 -0.62 -85.80
CA ILE C 1632 -67.71 -0.15 -85.72
C ILE C 1632 -67.49 0.82 -86.88
N PRO C 1633 -66.91 1.97 -86.68
CA PRO C 1633 -66.86 2.95 -87.77
C PRO C 1633 -65.70 2.74 -88.73
N GLU C 1634 -64.58 2.22 -88.24
CA GLU C 1634 -63.38 2.13 -89.05
C GLU C 1634 -63.20 0.79 -89.72
N GLU C 1635 -64.03 -0.19 -89.41
CA GLU C 1635 -64.03 -1.49 -90.05
C GLU C 1635 -65.45 -1.87 -90.38
N ASN C 1636 -66.12 -0.95 -91.09
CA ASN C 1636 -67.56 -0.70 -91.07
C ASN C 1636 -68.42 -1.94 -91.17
N ARG C 1637 -69.12 -2.24 -90.08
CA ARG C 1637 -70.07 -3.32 -89.95
C ARG C 1637 -70.82 -3.15 -88.65
N SER C 1638 -72.04 -3.67 -88.59
CA SER C 1638 -72.90 -3.54 -87.43
C SER C 1638 -73.02 -4.88 -86.72
N VAL C 1639 -72.62 -4.91 -85.46
CA VAL C 1639 -72.72 -6.09 -84.62
C VAL C 1639 -73.85 -5.86 -83.63
N ASP C 1640 -74.65 -6.89 -83.38
CA ASP C 1640 -75.57 -6.81 -82.26
C ASP C 1640 -74.81 -6.88 -80.95
N ILE C 1641 -75.31 -6.16 -79.95
CA ILE C 1641 -74.48 -5.86 -78.78
C ILE C 1641 -74.32 -7.07 -77.89
N LEU C 1642 -75.15 -8.09 -78.09
CA LEU C 1642 -75.10 -9.25 -77.22
C LEU C 1642 -73.86 -10.08 -77.53
N GLU C 1643 -73.40 -10.03 -78.78
CA GLU C 1643 -72.27 -10.84 -79.18
C GLU C 1643 -70.95 -10.31 -78.69
N LEU C 1644 -70.96 -9.26 -77.87
CA LEU C 1644 -69.80 -8.90 -77.09
C LEU C 1644 -69.54 -9.86 -75.94
N THR C 1645 -70.46 -10.81 -75.68
CA THR C 1645 -70.35 -11.71 -74.54
C THR C 1645 -69.06 -12.52 -74.54
N GLU C 1646 -68.58 -12.89 -75.72
CA GLU C 1646 -67.35 -13.66 -75.84
C GLU C 1646 -66.19 -12.87 -76.43
N GLN C 1647 -66.45 -11.72 -77.02
CA GLN C 1647 -65.41 -10.95 -77.68
C GLN C 1647 -64.89 -9.92 -76.69
N GLU C 1648 -63.70 -10.18 -76.15
CA GLU C 1648 -63.31 -9.51 -74.92
C GLU C 1648 -62.83 -8.08 -75.14
N GLU C 1649 -62.08 -7.80 -76.20
CA GLU C 1649 -61.50 -6.48 -76.35
C GLU C 1649 -62.54 -5.46 -76.74
N LEU C 1650 -63.44 -5.85 -77.61
CA LEU C 1650 -64.56 -5.01 -77.98
C LEU C 1650 -65.58 -4.90 -76.86
N LEU C 1651 -65.51 -5.76 -75.84
CA LEU C 1651 -66.29 -5.56 -74.62
C LEU C 1651 -65.64 -4.54 -73.72
N LYS C 1652 -64.36 -4.73 -73.43
CA LYS C 1652 -63.69 -3.90 -72.44
C LYS C 1652 -63.57 -2.47 -72.88
N PHE C 1653 -63.31 -2.24 -74.17
CA PHE C 1653 -63.21 -0.87 -74.63
C PHE C 1653 -64.54 -0.15 -74.63
N HIS C 1654 -65.63 -0.82 -74.95
CA HIS C 1654 -66.92 -0.17 -74.84
C HIS C 1654 -67.35 0.04 -73.41
N TYR C 1655 -66.94 -0.85 -72.49
CA TYR C 1655 -67.22 -0.62 -71.08
C TYR C 1655 -66.50 0.61 -70.57
N HIS C 1656 -65.22 0.73 -70.91
CA HIS C 1656 -64.48 1.91 -70.50
C HIS C 1656 -64.98 3.18 -71.17
N THR C 1657 -65.53 3.08 -72.37
CA THR C 1657 -66.16 4.25 -72.96
C THR C 1657 -67.44 4.62 -72.23
N LEU C 1658 -68.17 3.61 -71.76
CA LEU C 1658 -69.34 3.93 -70.96
C LEU C 1658 -68.97 4.53 -69.63
N ARG C 1659 -67.78 4.24 -69.13
CA ARG C 1659 -67.34 4.95 -67.93
C ARG C 1659 -67.06 6.42 -68.25
N LEU C 1660 -66.38 6.69 -69.36
CA LEU C 1660 -66.01 8.05 -69.72
C LEU C 1660 -67.23 8.91 -70.04
N TYR C 1661 -68.27 8.33 -70.62
CA TYR C 1661 -69.51 9.07 -70.81
C TYR C 1661 -70.13 9.50 -69.49
N SER C 1662 -69.85 8.81 -68.40
CA SER C 1662 -70.31 9.26 -67.11
C SER C 1662 -69.35 10.23 -66.45
N ALA C 1663 -68.06 9.96 -66.55
CA ALA C 1663 -67.07 10.78 -65.84
C ALA C 1663 -66.98 12.17 -66.43
N VAL C 1664 -67.17 12.30 -67.74
CA VAL C 1664 -67.19 13.63 -68.36
C VAL C 1664 -68.41 14.40 -67.89
N CYS C 1665 -69.58 13.78 -67.90
CA CYS C 1665 -70.78 14.46 -67.44
C CYS C 1665 -70.98 14.11 -65.97
N ALA C 1666 -70.17 14.73 -65.13
CA ALA C 1666 -70.21 14.48 -63.70
C ALA C 1666 -70.29 15.80 -62.97
N LEU C 1667 -70.98 15.77 -61.83
CA LEU C 1667 -71.13 16.90 -60.90
C LEU C 1667 -71.76 18.12 -61.57
N GLY C 1668 -72.62 17.86 -62.54
CA GLY C 1668 -73.58 18.85 -62.96
C GLY C 1668 -73.29 19.66 -64.20
N ASN C 1669 -72.56 19.10 -65.17
CA ASN C 1669 -72.30 19.83 -66.41
C ASN C 1669 -73.56 19.81 -67.24
N HIS C 1670 -74.39 20.82 -67.07
CA HIS C 1670 -75.68 20.79 -67.72
C HIS C 1670 -75.65 21.22 -69.18
N ARG C 1671 -74.50 21.21 -69.84
CA ARG C 1671 -74.51 21.27 -71.29
C ARG C 1671 -73.91 20.00 -71.89
N VAL C 1672 -72.98 19.38 -71.18
CA VAL C 1672 -72.46 18.11 -71.67
C VAL C 1672 -73.52 17.03 -71.53
N ALA C 1673 -74.43 17.17 -70.57
CA ALA C 1673 -75.56 16.25 -70.48
C ALA C 1673 -76.50 16.42 -71.66
N HIS C 1674 -76.72 17.66 -72.08
CA HIS C 1674 -77.53 17.86 -73.28
C HIS C 1674 -76.81 17.43 -74.54
N ALA C 1675 -75.49 17.37 -74.51
CA ALA C 1675 -74.79 16.77 -75.62
C ALA C 1675 -74.96 15.26 -75.64
N LEU C 1676 -74.81 14.62 -74.49
CA LEU C 1676 -74.88 13.17 -74.47
C LEU C 1676 -76.28 12.62 -74.56
N CYS C 1677 -77.31 13.44 -74.35
CA CYS C 1677 -78.65 12.93 -74.58
C CYS C 1677 -78.94 12.77 -76.07
N SER C 1678 -78.19 13.46 -76.92
CA SER C 1678 -78.28 13.23 -78.35
C SER C 1678 -77.41 12.08 -78.81
N HIS C 1679 -76.68 11.47 -77.91
CA HIS C 1679 -75.65 10.53 -78.30
C HIS C 1679 -75.93 9.12 -77.78
N VAL C 1680 -76.68 9.00 -76.69
CA VAL C 1680 -77.00 7.72 -76.08
C VAL C 1680 -78.50 7.51 -76.20
N ASP C 1681 -79.26 8.61 -76.19
CA ASP C 1681 -80.61 8.66 -76.74
C ASP C 1681 -81.63 7.75 -76.07
N GLU C 1682 -82.25 8.24 -75.01
CA GLU C 1682 -83.05 7.62 -73.95
C GLU C 1682 -83.83 6.33 -74.21
N PRO C 1683 -84.57 6.13 -75.33
CA PRO C 1683 -85.23 4.83 -75.52
C PRO C 1683 -84.27 3.68 -75.70
N GLN C 1684 -83.01 3.96 -76.02
CA GLN C 1684 -81.98 2.95 -75.90
C GLN C 1684 -81.77 2.51 -74.46
N LEU C 1685 -81.71 3.46 -73.53
CA LEU C 1685 -81.45 3.14 -72.13
C LEU C 1685 -82.56 2.30 -71.53
N LEU C 1686 -83.82 2.61 -71.87
CA LEU C 1686 -84.93 1.78 -71.43
C LEU C 1686 -84.88 0.37 -72.02
N TYR C 1687 -84.21 0.19 -73.14
CA TYR C 1687 -83.95 -1.17 -73.55
C TYR C 1687 -82.86 -1.78 -72.68
N ALA C 1688 -81.80 -1.02 -72.42
CA ALA C 1688 -80.62 -1.57 -71.77
C ALA C 1688 -80.86 -1.87 -70.30
N ILE C 1689 -81.81 -1.20 -69.69
CA ILE C 1689 -82.28 -1.61 -68.37
C ILE C 1689 -82.96 -2.96 -68.46
N GLU C 1690 -83.85 -3.11 -69.44
CA GLU C 1690 -84.83 -4.18 -69.42
C GLU C 1690 -84.28 -5.51 -69.91
N ASN C 1691 -83.40 -5.51 -70.90
CA ASN C 1691 -82.99 -6.73 -71.57
C ASN C 1691 -82.18 -7.61 -70.64
N LYS C 1692 -82.70 -8.79 -70.36
CA LYS C 1692 -82.17 -9.66 -69.33
C LYS C 1692 -81.05 -10.55 -69.84
N TYR C 1693 -80.38 -10.13 -70.91
CA TYR C 1693 -79.31 -10.93 -71.49
C TYR C 1693 -78.00 -10.19 -71.57
N MET C 1694 -77.98 -8.88 -71.36
CA MET C 1694 -76.80 -8.05 -71.58
C MET C 1694 -75.71 -8.46 -70.61
N PRO C 1695 -74.43 -8.24 -70.98
CA PRO C 1695 -73.35 -8.80 -70.15
C PRO C 1695 -73.21 -8.12 -68.80
N GLY C 1696 -72.27 -8.58 -67.99
CA GLY C 1696 -72.20 -8.14 -66.61
C GLY C 1696 -71.74 -6.71 -66.48
N LEU C 1697 -70.66 -6.34 -67.15
CA LEU C 1697 -70.15 -4.99 -67.04
C LEU C 1697 -71.07 -4.01 -67.73
N LEU C 1698 -71.56 -4.36 -68.91
CA LEU C 1698 -72.36 -3.46 -69.71
C LEU C 1698 -73.73 -3.21 -69.13
N ARG C 1699 -74.15 -3.96 -68.13
CA ARG C 1699 -75.40 -3.59 -67.48
C ARG C 1699 -75.16 -2.45 -66.51
N ALA C 1700 -74.13 -2.60 -65.68
CA ALA C 1700 -73.77 -1.56 -64.72
C ALA C 1700 -73.34 -0.28 -65.40
N GLY C 1701 -72.71 -0.39 -66.57
CA GLY C 1701 -72.34 0.80 -67.31
C GLY C 1701 -73.55 1.62 -67.73
N TYR C 1702 -74.60 0.96 -68.21
CA TYR C 1702 -75.75 1.72 -68.66
C TYR C 1702 -76.60 2.21 -67.51
N TYR C 1703 -76.63 1.49 -66.39
CA TYR C 1703 -77.32 2.03 -65.21
C TYR C 1703 -76.61 3.25 -64.66
N ASP C 1704 -75.29 3.20 -64.53
CA ASP C 1704 -74.55 4.35 -64.06
C ASP C 1704 -74.61 5.51 -65.04
N LEU C 1705 -74.67 5.23 -66.33
CA LEU C 1705 -74.84 6.33 -67.28
C LEU C 1705 -76.22 6.97 -67.15
N LEU C 1706 -77.26 6.16 -66.90
CA LEU C 1706 -78.59 6.73 -66.71
C LEU C 1706 -78.64 7.63 -65.51
N ILE C 1707 -78.05 7.18 -64.40
CA ILE C 1707 -78.04 7.96 -63.18
C ILE C 1707 -77.21 9.23 -63.35
N ASP C 1708 -76.06 9.12 -64.00
CA ASP C 1708 -75.19 10.28 -64.13
C ASP C 1708 -75.63 11.24 -65.21
N ILE C 1709 -76.54 10.87 -66.09
CA ILE C 1709 -77.13 11.84 -67.02
C ILE C 1709 -78.34 12.50 -66.40
N HIS C 1710 -79.34 11.72 -65.99
CA HIS C 1710 -80.60 12.36 -65.65
C HIS C 1710 -80.80 12.55 -64.16
N LEU C 1711 -80.21 11.74 -63.31
CA LEU C 1711 -80.63 11.72 -61.91
C LEU C 1711 -79.58 12.17 -60.92
N SER C 1712 -78.30 12.15 -61.27
CA SER C 1712 -77.30 12.52 -60.28
C SER C 1712 -77.06 14.01 -60.22
N SER C 1713 -77.86 14.82 -60.89
CA SER C 1713 -77.77 16.25 -60.70
C SER C 1713 -78.63 16.68 -59.52
N TYR C 1714 -79.84 16.17 -59.48
CA TYR C 1714 -80.81 16.58 -58.47
C TYR C 1714 -80.63 15.81 -57.17
N ALA C 1715 -80.12 14.58 -57.24
CA ALA C 1715 -80.00 13.76 -56.05
C ALA C 1715 -78.97 14.31 -55.08
N THR C 1716 -77.86 14.81 -55.58
CA THR C 1716 -76.92 15.48 -54.70
C THR C 1716 -77.49 16.79 -54.17
N ALA C 1717 -78.32 17.46 -54.98
CA ALA C 1717 -78.98 18.68 -54.53
C ALA C 1717 -80.02 18.40 -53.46
N ARG C 1718 -80.42 17.15 -53.29
CA ARG C 1718 -81.28 16.82 -52.18
C ARG C 1718 -80.53 16.22 -51.01
N LEU C 1719 -79.39 15.57 -51.25
CA LEU C 1719 -78.55 15.18 -50.13
C LEU C 1719 -77.66 16.29 -49.62
N MET C 1720 -77.75 17.50 -50.15
CA MET C 1720 -77.20 18.62 -49.42
C MET C 1720 -78.19 19.12 -48.38
N MET C 1721 -79.47 19.11 -48.70
CA MET C 1721 -80.51 19.63 -47.83
C MET C 1721 -81.22 18.55 -47.05
N ASN C 1722 -80.49 17.55 -46.59
CA ASN C 1722 -81.10 16.48 -45.82
C ASN C 1722 -81.00 16.70 -44.32
N ASN C 1723 -80.35 17.77 -43.87
CA ASN C 1723 -80.17 18.00 -42.45
C ASN C 1723 -80.47 19.43 -42.08
N GLU C 1724 -81.45 20.04 -42.74
CA GLU C 1724 -81.75 21.43 -42.44
C GLU C 1724 -83.16 21.64 -41.91
N PHE C 1725 -84.13 20.87 -42.38
CA PHE C 1725 -85.34 20.54 -41.62
C PHE C 1725 -86.27 21.73 -41.39
N ILE C 1726 -86.09 22.85 -42.11
CA ILE C 1726 -86.95 23.99 -41.82
C ILE C 1726 -88.33 23.73 -42.41
N VAL C 1727 -89.33 24.38 -41.82
CA VAL C 1727 -90.71 24.02 -42.14
C VAL C 1727 -91.59 25.25 -41.91
N PRO C 1728 -92.49 25.57 -42.83
CA PRO C 1728 -93.44 26.64 -42.58
C PRO C 1728 -94.42 26.26 -41.47
N MET C 1729 -95.07 27.28 -40.93
CA MET C 1729 -95.96 27.06 -39.79
C MET C 1729 -97.43 27.24 -40.13
N THR C 1730 -97.80 27.10 -41.40
CA THR C 1730 -99.17 27.37 -41.80
C THR C 1730 -100.07 26.19 -41.44
N GLU C 1731 -101.32 26.24 -41.90
CA GLU C 1731 -102.40 25.43 -41.33
C GLU C 1731 -102.24 23.94 -41.68
N GLU C 1732 -101.77 23.62 -42.87
CA GLU C 1732 -101.56 22.22 -43.19
C GLU C 1732 -100.38 21.64 -42.43
N THR C 1733 -99.44 22.48 -42.00
CA THR C 1733 -98.32 22.01 -41.22
C THR C 1733 -98.72 21.66 -39.81
N LYS C 1734 -99.69 22.40 -39.24
CA LYS C 1734 -100.24 22.05 -37.94
C LYS C 1734 -101.12 20.83 -37.98
N SER C 1735 -101.54 20.40 -39.17
CA SER C 1735 -102.57 19.39 -39.31
C SER C 1735 -102.06 17.97 -39.19
N ILE C 1736 -100.81 17.78 -38.79
CA ILE C 1736 -100.29 16.44 -38.62
C ILE C 1736 -100.92 15.80 -37.40
N THR C 1737 -101.32 14.53 -37.54
CA THR C 1737 -101.84 13.75 -36.43
C THR C 1737 -100.74 13.19 -35.56
N LEU C 1738 -99.50 13.24 -36.06
CA LEU C 1738 -98.22 12.96 -35.42
C LEU C 1738 -97.95 11.48 -35.17
N PHE C 1739 -99.01 10.67 -35.08
CA PHE C 1739 -98.97 9.27 -34.64
C PHE C 1739 -100.29 8.59 -34.97
N PRO C 1740 -100.50 8.12 -36.19
CA PRO C 1740 -101.76 7.44 -36.50
C PRO C 1740 -101.89 6.10 -35.80
N ASP C 1741 -102.80 6.01 -34.84
CA ASP C 1741 -102.97 4.80 -34.04
C ASP C 1741 -103.94 3.83 -34.69
N PRO C 1749 -93.10 5.38 -42.30
CA PRO C 1749 -92.13 5.50 -43.37
C PRO C 1749 -92.78 5.89 -44.69
N GLY C 1750 -93.92 5.29 -45.02
CA GLY C 1750 -94.69 5.69 -46.18
C GLY C 1750 -95.47 6.95 -45.87
N ILE C 1751 -94.73 8.06 -45.81
CA ILE C 1751 -95.05 9.17 -44.93
C ILE C 1751 -96.24 9.97 -45.47
N GLY C 1752 -97.15 10.32 -44.56
CA GLY C 1752 -98.41 10.93 -44.91
C GLY C 1752 -98.36 12.32 -45.53
N LEU C 1753 -98.10 13.35 -44.74
CA LEU C 1753 -98.26 14.69 -45.29
C LEU C 1753 -96.92 15.31 -45.67
N SER C 1754 -96.00 15.45 -44.71
CA SER C 1754 -94.59 15.79 -44.91
C SER C 1754 -94.40 17.14 -45.61
N THR C 1755 -94.69 18.22 -44.87
CA THR C 1755 -94.72 19.57 -45.42
C THR C 1755 -93.40 20.32 -45.26
N SER C 1756 -92.26 19.66 -45.34
CA SER C 1756 -91.00 20.37 -45.14
C SER C 1756 -90.63 21.17 -46.38
N LEU C 1757 -89.43 21.75 -46.37
CA LEU C 1757 -89.08 22.73 -47.39
C LEU C 1757 -87.90 22.27 -48.24
N ARG C 1758 -87.98 21.03 -48.72
CA ARG C 1758 -86.99 20.43 -49.60
C ARG C 1758 -86.84 21.21 -50.89
N PRO C 1759 -85.68 21.09 -51.58
CA PRO C 1759 -85.46 21.87 -52.81
C PRO C 1759 -86.34 21.51 -53.99
N ARG C 1760 -86.10 22.17 -55.11
CA ARG C 1760 -86.99 22.15 -56.26
C ARG C 1760 -86.28 21.67 -57.51
N MET C 1761 -86.91 20.75 -58.23
CA MET C 1761 -86.34 20.19 -59.45
C MET C 1761 -87.01 20.75 -60.69
N GLN C 1762 -86.18 21.11 -61.67
CA GLN C 1762 -86.64 21.55 -62.99
C GLN C 1762 -85.88 20.74 -64.03
N PHE C 1763 -86.58 20.29 -65.05
CA PHE C 1763 -85.96 19.53 -66.13
C PHE C 1763 -86.22 20.23 -67.46
N SER C 1764 -85.26 20.11 -68.36
CA SER C 1764 -85.31 20.79 -69.64
C SER C 1764 -85.33 19.78 -70.78
N SER C 1765 -86.04 20.12 -71.84
CA SER C 1765 -86.10 19.27 -73.01
C SER C 1765 -84.84 19.44 -73.84
N PRO C 1766 -84.17 18.38 -74.19
CA PRO C 1766 -82.94 18.49 -75.00
C PRO C 1766 -83.19 18.43 -76.51
N SER C 1767 -83.77 19.50 -77.03
CA SER C 1767 -84.01 19.61 -78.46
C SER C 1767 -82.78 20.19 -79.13
N PHE C 1768 -82.92 20.59 -80.39
CA PHE C 1768 -81.83 21.28 -81.09
C PHE C 1768 -82.38 22.47 -81.85
N VAL C 1769 -82.43 23.59 -81.13
CA VAL C 1769 -82.77 24.91 -81.62
C VAL C 1769 -81.73 25.87 -81.04
N SER C 1770 -81.81 27.14 -81.42
CA SER C 1770 -80.78 28.11 -81.08
C SER C 1770 -81.15 28.97 -79.89
N ILE C 1771 -81.97 28.45 -78.97
CA ILE C 1771 -82.30 29.13 -77.73
C ILE C 1771 -81.61 28.38 -76.61
N ASN C 1772 -80.45 27.80 -76.94
CA ASN C 1772 -79.81 26.80 -76.09
C ASN C 1772 -79.17 27.40 -74.85
N ASN C 1773 -78.91 28.70 -74.83
CA ASN C 1773 -78.28 29.32 -73.67
C ASN C 1773 -79.21 29.30 -72.47
N GLU C 1774 -80.51 29.46 -72.70
CA GLU C 1774 -81.48 29.27 -71.62
C GLU C 1774 -81.73 27.79 -71.37
N CYS C 1775 -81.50 26.96 -72.37
CA CYS C 1775 -81.79 25.53 -72.24
C CYS C 1775 -80.78 24.85 -71.34
N TYR C 1776 -79.50 24.94 -71.69
CA TYR C 1776 -78.46 24.16 -71.02
C TYR C 1776 -78.16 24.71 -69.63
N GLN C 1777 -79.11 24.58 -68.71
CA GLN C 1777 -78.90 25.08 -67.37
C GLN C 1777 -79.40 24.14 -66.27
N TYR C 1778 -80.24 23.15 -66.55
CA TYR C 1778 -80.76 22.30 -65.48
C TYR C 1778 -80.34 20.83 -65.61
N SER C 1779 -80.84 20.10 -66.61
CA SER C 1779 -80.65 18.67 -66.85
C SER C 1779 -81.43 18.28 -68.08
N PRO C 1780 -81.18 17.13 -68.70
CA PRO C 1780 -82.14 16.59 -69.65
C PRO C 1780 -83.22 15.82 -68.91
N GLU C 1781 -84.32 15.60 -69.62
CA GLU C 1781 -85.50 15.02 -69.00
C GLU C 1781 -85.84 13.73 -69.71
N PHE C 1782 -86.24 12.72 -68.95
CA PHE C 1782 -86.81 11.53 -69.57
C PHE C 1782 -87.81 10.96 -68.58
N PRO C 1783 -88.90 10.34 -69.06
CA PRO C 1783 -90.12 10.28 -68.24
C PRO C 1783 -90.00 9.37 -67.03
N LEU C 1784 -90.25 9.96 -65.87
CA LEU C 1784 -90.09 9.24 -64.62
C LEU C 1784 -91.23 8.28 -64.35
N ASP C 1785 -92.41 8.60 -64.88
CA ASP C 1785 -93.61 7.83 -64.59
C ASP C 1785 -93.54 6.42 -65.18
N ILE C 1786 -92.89 6.27 -66.33
CA ILE C 1786 -92.66 4.93 -66.89
C ILE C 1786 -91.64 4.20 -66.05
N LEU C 1787 -90.54 4.87 -65.74
CA LEU C 1787 -89.39 4.23 -65.12
C LEU C 1787 -89.71 3.77 -63.71
N LYS C 1788 -90.54 4.51 -63.00
CA LYS C 1788 -90.80 4.17 -61.61
C LYS C 1788 -91.80 3.03 -61.49
N ALA C 1789 -92.46 2.64 -62.58
CA ALA C 1789 -93.16 1.36 -62.57
C ALA C 1789 -92.27 0.26 -63.11
N LYS C 1790 -91.37 0.61 -64.04
CA LYS C 1790 -90.45 -0.36 -64.61
C LYS C 1790 -89.54 -0.94 -63.56
N THR C 1791 -89.05 -0.12 -62.64
CA THR C 1791 -88.14 -0.62 -61.63
C THR C 1791 -88.84 -1.43 -60.56
N ILE C 1792 -90.10 -1.17 -60.28
CA ILE C 1792 -90.82 -2.00 -59.32
C ILE C 1792 -91.12 -3.36 -59.92
N GLN C 1793 -91.52 -3.36 -61.20
CA GLN C 1793 -91.68 -4.60 -61.94
C GLN C 1793 -90.38 -5.40 -61.99
N MET C 1794 -89.28 -4.70 -62.22
CA MET C 1794 -87.98 -5.36 -62.28
C MET C 1794 -87.56 -5.89 -60.92
N LEU C 1795 -87.88 -5.18 -59.83
CA LEU C 1795 -87.52 -5.66 -58.50
C LEU C 1795 -88.32 -6.88 -58.10
N THR C 1796 -89.63 -6.90 -58.38
CA THR C 1796 -90.43 -8.07 -58.06
C THR C 1796 -89.96 -9.28 -58.85
N GLU C 1797 -89.78 -9.10 -60.16
CA GLU C 1797 -89.20 -10.14 -61.01
C GLU C 1797 -87.82 -10.56 -60.54
N ALA C 1798 -87.06 -9.64 -59.96
CA ALA C 1798 -85.74 -9.96 -59.45
C ALA C 1798 -85.80 -10.86 -58.23
N VAL C 1799 -86.47 -10.39 -57.18
CA VAL C 1799 -86.38 -11.09 -55.90
C VAL C 1799 -87.12 -12.41 -55.95
N GLN C 1800 -88.31 -12.45 -56.57
CA GLN C 1800 -89.12 -13.65 -56.51
C GLN C 1800 -88.57 -14.75 -57.41
N GLU C 1801 -87.80 -14.39 -58.43
CA GLU C 1801 -87.15 -15.43 -59.22
C GLU C 1801 -85.83 -15.82 -58.60
N GLY C 1802 -84.95 -14.87 -58.35
CA GLY C 1802 -83.61 -15.19 -57.90
C GLY C 1802 -83.50 -15.70 -56.47
N SER C 1803 -84.62 -15.68 -55.74
CA SER C 1803 -84.68 -16.22 -54.40
C SER C 1803 -84.44 -17.73 -54.33
N LEU C 1804 -84.71 -18.47 -55.41
CA LEU C 1804 -84.59 -19.92 -55.36
C LEU C 1804 -83.21 -20.42 -55.80
N HIS C 1805 -82.21 -19.55 -55.82
CA HIS C 1805 -80.80 -19.88 -56.10
C HIS C 1805 -80.62 -20.50 -57.48
N ALA C 1806 -80.93 -19.72 -58.49
CA ALA C 1806 -80.43 -20.05 -59.80
C ALA C 1806 -78.93 -19.79 -59.85
N ARG C 1807 -78.25 -20.48 -60.75
CA ARG C 1807 -76.87 -20.19 -61.09
C ARG C 1807 -76.80 -19.28 -62.32
N ASP C 1808 -77.94 -18.79 -62.77
CA ASP C 1808 -78.09 -17.97 -63.96
C ASP C 1808 -77.65 -16.52 -63.86
N PRO C 1809 -77.85 -15.81 -62.74
CA PRO C 1809 -78.51 -14.49 -62.78
C PRO C 1809 -77.81 -13.46 -63.65
N VAL C 1810 -78.63 -12.55 -64.15
CA VAL C 1810 -78.53 -11.83 -65.43
C VAL C 1810 -77.12 -11.41 -65.83
N GLY C 1811 -76.41 -10.79 -64.91
CA GLY C 1811 -75.05 -10.40 -65.24
C GLY C 1811 -74.02 -11.50 -65.09
N GLY C 1812 -74.42 -12.74 -64.99
CA GLY C 1812 -73.47 -13.82 -64.73
C GLY C 1812 -73.36 -14.17 -63.26
N THR C 1813 -73.01 -13.19 -62.45
CA THR C 1813 -72.97 -13.37 -61.00
C THR C 1813 -74.01 -12.44 -60.41
N THR C 1814 -74.41 -12.69 -59.16
CA THR C 1814 -75.53 -11.96 -58.58
C THR C 1814 -75.19 -10.53 -58.19
N GLU C 1815 -73.92 -10.12 -58.29
CA GLU C 1815 -73.58 -8.74 -58.06
C GLU C 1815 -74.16 -7.84 -59.15
N PHE C 1816 -73.93 -8.19 -60.42
CA PHE C 1816 -74.47 -7.38 -61.49
C PHE C 1816 -75.98 -7.55 -61.64
N LEU C 1817 -76.55 -8.55 -61.01
CA LEU C 1817 -78.00 -8.63 -60.95
C LEU C 1817 -78.57 -7.56 -60.04
N PHE C 1818 -78.02 -7.42 -58.84
CA PHE C 1818 -78.65 -6.62 -57.82
C PHE C 1818 -78.08 -5.22 -57.63
N VAL C 1819 -76.76 -5.08 -57.64
CA VAL C 1819 -76.05 -3.84 -57.35
C VAL C 1819 -76.52 -2.68 -58.21
N PRO C 1820 -76.50 -2.73 -59.54
CA PRO C 1820 -77.06 -1.59 -60.29
C PRO C 1820 -78.56 -1.68 -60.51
N LEU C 1821 -79.25 -2.50 -59.75
CA LEU C 1821 -80.69 -2.35 -59.65
C LEU C 1821 -81.08 -1.65 -58.36
N ILE C 1822 -80.47 -2.04 -57.25
CA ILE C 1822 -80.71 -1.34 -56.00
C ILE C 1822 -80.12 0.05 -56.02
N LYS C 1823 -79.06 0.28 -56.82
CA LYS C 1823 -78.53 1.63 -56.94
C LYS C 1823 -79.53 2.57 -57.58
N LEU C 1824 -80.16 2.16 -58.67
CA LEU C 1824 -81.21 2.98 -59.26
C LEU C 1824 -82.40 3.07 -58.35
N PHE C 1825 -82.70 2.01 -57.60
CA PHE C 1825 -83.84 2.06 -56.71
C PHE C 1825 -83.61 3.04 -55.58
N TYR C 1826 -82.38 3.11 -55.10
CA TYR C 1826 -82.01 4.04 -54.04
C TYR C 1826 -82.07 5.46 -54.54
N THR C 1827 -81.49 5.73 -55.71
CA THR C 1827 -81.47 7.09 -56.20
C THR C 1827 -82.84 7.52 -56.70
N LEU C 1828 -83.71 6.60 -57.04
CA LEU C 1828 -85.07 7.01 -57.31
C LEU C 1828 -85.89 7.20 -56.05
N LEU C 1829 -85.52 6.52 -54.98
CA LEU C 1829 -86.22 6.70 -53.72
C LEU C 1829 -85.96 8.08 -53.13
N ILE C 1830 -84.73 8.55 -53.25
CA ILE C 1830 -84.33 9.83 -52.68
C ILE C 1830 -85.06 10.97 -53.39
N MET C 1831 -85.25 10.86 -54.69
CA MET C 1831 -85.63 11.99 -55.51
C MET C 1831 -87.10 12.38 -55.38
N GLY C 1832 -87.82 11.94 -54.35
CA GLY C 1832 -89.12 12.52 -54.10
C GLY C 1832 -90.25 11.90 -54.87
N ILE C 1833 -90.04 10.73 -55.46
CA ILE C 1833 -91.12 9.96 -56.04
C ILE C 1833 -91.14 8.64 -55.30
N PHE C 1834 -91.98 7.68 -55.74
CA PHE C 1834 -92.48 6.55 -54.96
C PHE C 1834 -93.27 7.04 -53.74
N HIS C 1835 -94.45 7.59 -54.02
CA HIS C 1835 -95.35 8.03 -52.97
C HIS C 1835 -96.01 6.88 -52.20
N ASN C 1836 -96.99 7.22 -51.36
CA ASN C 1836 -97.67 6.30 -50.46
C ASN C 1836 -98.22 5.08 -51.15
N GLU C 1837 -98.94 5.29 -52.25
CA GLU C 1837 -99.56 4.23 -53.04
C GLU C 1837 -98.54 3.26 -53.63
N ASP C 1838 -97.30 3.70 -53.84
CA ASP C 1838 -96.28 2.81 -54.33
C ASP C 1838 -95.33 2.34 -53.22
N LEU C 1839 -95.09 3.17 -52.20
CA LEU C 1839 -94.25 2.73 -51.08
C LEU C 1839 -94.89 1.59 -50.30
N LYS C 1840 -96.23 1.58 -50.25
CA LYS C 1840 -96.94 0.43 -49.73
C LYS C 1840 -96.62 -0.83 -50.54
N HIS C 1841 -96.46 -0.69 -51.85
CA HIS C 1841 -96.06 -1.83 -52.65
C HIS C 1841 -94.59 -2.14 -52.47
N ILE C 1842 -93.78 -1.13 -52.17
CA ILE C 1842 -92.34 -1.26 -52.09
C ILE C 1842 -91.91 -2.02 -50.83
N LEU C 1843 -92.52 -1.70 -49.69
CA LEU C 1843 -92.11 -2.34 -48.44
C LEU C 1843 -92.36 -3.84 -48.41
N GLN C 1844 -93.25 -4.35 -49.27
CA GLN C 1844 -93.47 -5.78 -49.35
C GLN C 1844 -92.26 -6.54 -49.87
N LEU C 1845 -91.40 -5.91 -50.65
CA LEU C 1845 -90.22 -6.59 -51.15
C LEU C 1845 -89.14 -6.77 -50.10
N ILE C 1846 -89.20 -6.02 -49.02
CA ILE C 1846 -88.15 -6.06 -48.01
C ILE C 1846 -88.65 -6.65 -46.70
N GLU C 1847 -89.80 -6.19 -46.22
CA GLU C 1847 -90.25 -6.41 -44.85
C GLU C 1847 -90.74 -7.82 -44.52
N PRO C 1848 -91.44 -8.52 -45.45
CA PRO C 1848 -92.84 -8.88 -45.21
C PRO C 1848 -93.25 -9.07 -43.76
N SER C 1849 -94.18 -8.22 -43.32
CA SER C 1849 -94.54 -8.04 -41.92
C SER C 1849 -95.70 -7.06 -41.85
N GLY C 1893 -88.41 -12.27 -48.73
CA GLY C 1893 -88.01 -10.93 -48.34
C GLY C 1893 -86.55 -10.67 -48.67
N LEU C 1894 -86.29 -9.50 -49.26
CA LEU C 1894 -84.97 -9.20 -49.79
C LEU C 1894 -83.97 -9.00 -48.67
N LEU C 1895 -84.42 -8.44 -47.56
CA LEU C 1895 -83.57 -8.23 -46.40
C LEU C 1895 -83.19 -9.54 -45.72
N GLN C 1896 -83.94 -10.61 -45.95
CA GLN C 1896 -83.82 -11.86 -45.22
C GLN C 1896 -83.07 -12.92 -46.00
N MET C 1897 -82.65 -12.62 -47.22
CA MET C 1897 -82.10 -13.64 -48.10
C MET C 1897 -80.61 -13.85 -47.81
N LYS C 1898 -79.94 -14.54 -48.71
CA LYS C 1898 -78.51 -14.74 -48.68
C LYS C 1898 -77.86 -13.86 -49.73
N LEU C 1899 -77.01 -12.93 -49.30
CA LEU C 1899 -76.52 -11.88 -50.19
C LEU C 1899 -75.01 -11.72 -50.03
N PRO C 1900 -74.30 -11.36 -51.07
CA PRO C 1900 -72.88 -11.04 -50.91
C PRO C 1900 -72.62 -9.68 -50.29
N GLU C 1901 -71.35 -9.27 -50.25
CA GLU C 1901 -71.00 -8.04 -49.53
C GLU C 1901 -71.43 -6.77 -50.24
N PRO C 1902 -71.06 -6.51 -51.51
CA PRO C 1902 -71.42 -5.21 -52.08
C PRO C 1902 -72.86 -5.06 -52.51
N VAL C 1903 -73.76 -5.97 -52.13
CA VAL C 1903 -75.17 -5.71 -52.32
C VAL C 1903 -75.80 -5.31 -50.99
N LYS C 1904 -75.33 -5.91 -49.89
CA LYS C 1904 -75.82 -5.46 -48.60
C LYS C 1904 -75.20 -4.13 -48.20
N LEU C 1905 -74.05 -3.77 -48.78
CA LEU C 1905 -73.57 -2.39 -48.66
C LEU C 1905 -74.59 -1.41 -49.22
N GLN C 1906 -75.17 -1.72 -50.36
CA GLN C 1906 -76.21 -0.87 -50.92
C GLN C 1906 -77.47 -0.93 -50.09
N MET C 1907 -77.75 -2.07 -49.48
CA MET C 1907 -78.98 -2.17 -48.72
C MET C 1907 -78.89 -1.39 -47.42
N CYS C 1908 -77.68 -1.21 -46.89
CA CYS C 1908 -77.53 -0.37 -45.71
C CYS C 1908 -77.91 1.08 -45.99
N LEU C 1909 -77.48 1.60 -47.14
CA LEU C 1909 -77.91 2.93 -47.54
C LEU C 1909 -79.37 2.95 -47.97
N LEU C 1910 -79.93 1.80 -48.34
CA LEU C 1910 -81.38 1.77 -48.54
C LEU C 1910 -82.11 1.88 -47.21
N LEU C 1911 -81.57 1.26 -46.16
CA LEU C 1911 -82.22 1.27 -44.86
C LEU C 1911 -82.05 2.61 -44.16
N GLN C 1912 -80.92 3.28 -44.41
CA GLN C 1912 -80.64 4.51 -43.69
C GLN C 1912 -81.60 5.62 -44.07
N TYR C 1913 -81.98 5.71 -45.34
CA TYR C 1913 -82.99 6.70 -45.69
C TYR C 1913 -84.34 6.36 -45.09
N LEU C 1914 -84.64 5.07 -44.94
CA LEU C 1914 -85.91 4.70 -44.30
C LEU C 1914 -85.91 5.12 -42.84
N CYS C 1915 -84.80 4.91 -42.15
CA CYS C 1915 -84.69 5.34 -40.76
C CYS C 1915 -84.69 6.86 -40.67
N ASP C 1916 -84.10 7.52 -41.64
CA ASP C 1916 -84.01 8.97 -41.68
C ASP C 1916 -85.31 9.62 -42.07
N CYS C 1917 -86.25 8.88 -42.65
CA CYS C 1917 -87.55 9.46 -42.94
C CYS C 1917 -88.36 9.71 -41.68
N GLN C 1918 -88.17 8.88 -40.66
CA GLN C 1918 -88.90 9.08 -39.41
C GLN C 1918 -88.43 10.33 -38.69
N VAL C 1919 -87.17 10.73 -38.88
CA VAL C 1919 -86.69 11.93 -38.22
C VAL C 1919 -87.32 13.17 -38.85
N ARG C 1920 -87.41 13.21 -40.17
CA ARG C 1920 -88.16 14.26 -40.86
C ARG C 1920 -89.62 14.25 -40.49
N HIS C 1921 -90.20 13.08 -40.23
CA HIS C 1921 -91.56 13.03 -39.73
C HIS C 1921 -91.67 13.61 -38.33
N ARG C 1922 -90.72 13.28 -37.47
CA ARG C 1922 -90.85 13.58 -36.06
C ARG C 1922 -90.58 15.06 -35.80
N ILE C 1923 -89.73 15.68 -36.61
CA ILE C 1923 -89.49 17.11 -36.43
C ILE C 1923 -90.72 17.91 -36.82
N GLU C 1924 -91.35 17.56 -37.94
CA GLU C 1924 -92.62 18.15 -38.32
C GLU C 1924 -93.72 17.83 -37.32
N ALA C 1925 -93.63 16.69 -36.65
CA ALA C 1925 -94.53 16.36 -35.55
C ALA C 1925 -94.39 17.33 -34.39
N ILE C 1926 -93.15 17.61 -33.98
CA ILE C 1926 -92.90 18.53 -32.87
C ILE C 1926 -93.37 19.93 -33.22
N VAL C 1927 -93.15 20.37 -34.47
CA VAL C 1927 -93.61 21.71 -34.82
C VAL C 1927 -95.13 21.78 -34.89
N ALA C 1928 -95.77 20.72 -35.39
CA ALA C 1928 -97.23 20.68 -35.44
C ALA C 1928 -97.85 20.64 -34.04
N PHE C 1929 -97.14 20.11 -33.07
CA PHE C 1929 -97.60 20.23 -31.70
C PHE C 1929 -97.34 21.63 -31.12
N SER C 1930 -96.15 22.17 -31.39
CA SER C 1930 -95.69 23.36 -30.71
C SER C 1930 -96.19 24.63 -31.34
N ASP C 1931 -97.00 24.54 -32.38
CA ASP C 1931 -97.69 25.78 -32.72
C ASP C 1931 -98.76 26.10 -31.68
N ASP C 1932 -99.76 25.23 -31.52
CA ASP C 1932 -100.80 25.52 -30.56
C ASP C 1932 -100.36 25.35 -29.11
N PHE C 1933 -99.30 24.57 -28.84
CA PHE C 1933 -98.80 24.55 -27.47
C PHE C 1933 -98.20 25.88 -27.06
N VAL C 1934 -97.51 26.56 -27.97
CA VAL C 1934 -97.03 27.88 -27.58
C VAL C 1934 -98.16 28.88 -27.69
N ALA C 1935 -99.23 28.58 -28.45
CA ALA C 1935 -100.39 29.47 -28.47
C ALA C 1935 -101.13 29.49 -27.14
N LYS C 1936 -101.21 28.36 -26.44
CA LYS C 1936 -101.79 28.33 -25.09
C LYS C 1936 -100.78 28.72 -24.01
N LEU C 1937 -99.69 29.37 -24.37
CA LEU C 1937 -98.65 29.80 -23.43
C LEU C 1937 -98.18 31.23 -23.62
N GLN C 1938 -98.26 31.78 -24.84
CA GLN C 1938 -97.64 33.07 -25.10
C GLN C 1938 -98.43 34.22 -24.51
N ASP C 1939 -99.74 34.05 -24.35
CA ASP C 1939 -100.62 35.09 -23.82
C ASP C 1939 -101.02 34.81 -22.39
N ASN C 1940 -101.18 33.53 -22.07
CA ASN C 1940 -101.76 33.08 -20.80
C ASN C 1940 -100.89 33.48 -19.62
N GLN C 1941 -99.60 33.17 -19.68
CA GLN C 1941 -98.67 33.67 -18.66
C GLN C 1941 -98.58 35.19 -18.72
N ARG C 1942 -98.58 35.76 -19.92
CA ARG C 1942 -98.57 37.22 -20.04
C ARG C 1942 -99.86 37.83 -19.53
N PHE C 1943 -100.96 37.09 -19.56
CA PHE C 1943 -102.20 37.60 -18.98
C PHE C 1943 -102.09 37.67 -17.47
N ARG C 1944 -101.41 36.71 -16.86
CA ARG C 1944 -101.16 36.76 -15.43
C ARG C 1944 -100.21 37.90 -15.09
N TYR C 1945 -99.24 38.15 -15.96
CA TYR C 1945 -98.41 39.35 -15.84
C TYR C 1945 -99.25 40.62 -15.86
N ASN C 1946 -100.18 40.71 -16.81
CA ASN C 1946 -100.91 41.96 -16.99
C ASN C 1946 -101.90 42.19 -15.86
N GLU C 1947 -102.48 41.11 -15.32
CA GLU C 1947 -103.39 41.28 -14.19
C GLU C 1947 -102.63 41.55 -12.91
N VAL C 1948 -101.41 41.02 -12.77
CA VAL C 1948 -100.67 41.26 -11.53
C VAL C 1948 -99.91 42.58 -11.60
N MET C 1949 -99.83 43.20 -12.78
CA MET C 1949 -99.17 44.49 -12.90
C MET C 1949 -99.90 45.61 -12.16
N GLN C 1950 -101.23 45.52 -12.05
CA GLN C 1950 -101.99 46.44 -11.22
C GLN C 1950 -102.22 45.90 -9.81
N ALA C 1951 -102.52 44.61 -9.66
CA ALA C 1951 -102.87 44.05 -8.36
C ALA C 1951 -101.68 43.96 -7.42
N LEU C 1952 -100.46 44.04 -7.92
CA LEU C 1952 -99.27 44.06 -7.07
C LEU C 1952 -98.39 45.27 -7.41
N GLU C 1991 -89.49 42.10 -7.51
CA GLU C 1991 -89.49 40.65 -7.61
C GLU C 1991 -90.38 40.17 -8.75
N GLU C 1992 -91.57 40.77 -8.85
CA GLU C 1992 -92.58 40.30 -9.80
C GLU C 1992 -92.16 40.58 -11.23
N ILE C 1993 -91.96 41.85 -11.57
CA ILE C 1993 -91.45 42.21 -12.89
C ILE C 1993 -89.95 41.97 -12.99
N ARG C 1994 -89.27 41.75 -11.87
CA ARG C 1994 -87.82 41.50 -11.90
C ARG C 1994 -87.50 40.16 -12.56
N ASP C 1995 -88.42 39.21 -12.47
CA ASP C 1995 -88.24 37.93 -13.15
C ASP C 1995 -88.88 37.92 -14.53
N GLN C 1996 -89.94 38.70 -14.75
CA GLN C 1996 -90.60 38.80 -16.04
C GLN C 1996 -90.13 40.04 -16.81
N LEU C 1997 -88.91 40.47 -16.54
CA LEU C 1997 -88.29 41.54 -17.32
C LEU C 1997 -86.86 41.16 -17.68
N LEU C 1998 -86.59 39.87 -17.83
CA LEU C 1998 -85.25 39.40 -18.20
C LEU C 1998 -85.17 39.29 -19.72
N ASP C 1999 -84.10 38.66 -20.23
CA ASP C 1999 -83.99 38.42 -21.65
C ASP C 1999 -84.96 37.32 -22.08
N PHE C 2000 -85.15 37.18 -23.39
CA PHE C 2000 -86.20 36.31 -23.90
C PHE C 2000 -85.86 34.84 -23.70
N HIS C 2001 -84.61 34.46 -23.98
CA HIS C 2001 -84.22 33.05 -23.94
C HIS C 2001 -84.18 32.52 -22.53
N GLU C 2002 -83.68 33.32 -21.58
CA GLU C 2002 -83.66 32.93 -20.18
C GLU C 2002 -85.07 32.83 -19.62
N ASP C 2003 -85.98 33.70 -20.06
CA ASP C 2003 -87.37 33.61 -19.65
C ASP C 2003 -88.06 32.37 -20.22
N LEU C 2004 -87.77 32.02 -21.48
CA LEU C 2004 -88.31 30.80 -22.06
C LEU C 2004 -87.79 29.56 -21.35
N MET C 2005 -86.50 29.52 -21.05
CA MET C 2005 -85.94 28.41 -20.30
C MET C 2005 -86.47 28.36 -18.87
N THR C 2006 -86.75 29.50 -18.26
CA THR C 2006 -87.33 29.50 -16.91
C THR C 2006 -88.76 28.99 -16.93
N HIS C 2007 -89.53 29.36 -17.93
CA HIS C 2007 -90.90 28.87 -18.04
C HIS C 2007 -90.94 27.39 -18.41
N CYS C 2008 -89.94 26.91 -19.13
CA CYS C 2008 -89.95 25.53 -19.61
C CYS C 2008 -89.32 24.54 -18.65
N GLY C 2009 -88.22 24.89 -17.98
CA GLY C 2009 -87.52 23.94 -17.15
C GLY C 2009 -88.16 23.68 -15.80
N ILE C 2010 -89.20 24.43 -15.46
CA ILE C 2010 -89.92 24.19 -14.22
C ILE C 2010 -91.01 23.14 -14.38
N GLU C 2011 -91.41 22.81 -15.61
CA GLU C 2011 -92.46 21.84 -15.85
C GLU C 2011 -92.04 20.42 -15.48
N LEU C 2012 -90.74 20.18 -15.34
CA LEU C 2012 -90.24 18.94 -14.76
C LEU C 2012 -89.16 19.34 -13.77
N ASP C 2013 -89.26 18.84 -12.54
CA ASP C 2013 -88.28 19.14 -11.51
C ASP C 2013 -88.09 17.96 -10.58
N LEU C 2024 -98.65 25.04 -13.00
CA LEU C 2024 -99.71 25.47 -13.90
C LEU C 2024 -100.57 24.30 -14.33
N THR C 2025 -101.47 24.57 -15.27
CA THR C 2025 -102.26 23.53 -15.91
C THR C 2025 -101.74 23.17 -17.29
N ILE C 2026 -100.82 23.96 -17.83
CA ILE C 2026 -100.27 23.73 -19.16
C ILE C 2026 -99.24 22.62 -19.07
N ARG C 2027 -98.63 22.49 -17.90
CA ARG C 2027 -97.57 21.51 -17.70
C ARG C 2027 -98.06 20.07 -17.71
N GLY C 2028 -99.37 19.85 -17.71
CA GLY C 2028 -99.90 18.52 -17.99
C GLY C 2028 -99.86 18.16 -19.46
N ARG C 2029 -99.77 19.15 -20.36
CA ARG C 2029 -99.72 18.85 -21.78
C ARG C 2029 -98.37 18.33 -22.22
N LEU C 2030 -97.28 18.93 -21.72
CA LEU C 2030 -95.94 18.45 -22.07
C LEU C 2030 -95.68 17.06 -21.50
N LEU C 2031 -96.19 16.79 -20.30
CA LEU C 2031 -95.97 15.48 -19.73
C LEU C 2031 -96.82 14.41 -20.40
N SER C 2032 -97.84 14.83 -21.16
CA SER C 2032 -98.47 13.89 -22.08
C SER C 2032 -97.71 13.85 -23.40
N LEU C 2033 -96.99 14.92 -23.72
CA LEU C 2033 -96.27 14.95 -24.99
C LEU C 2033 -95.05 14.05 -24.99
N VAL C 2034 -94.13 14.26 -24.06
CA VAL C 2034 -92.84 13.58 -24.08
C VAL C 2034 -92.99 12.08 -23.87
N GLU C 2035 -94.05 11.66 -23.20
CA GLU C 2035 -94.37 10.24 -23.19
C GLU C 2035 -94.86 9.75 -24.55
N LYS C 2036 -95.44 10.62 -25.37
CA LYS C 2036 -95.89 10.21 -26.69
C LYS C 2036 -94.85 10.40 -27.78
N VAL C 2037 -93.68 10.96 -27.47
CA VAL C 2037 -92.62 11.14 -28.45
C VAL C 2037 -91.55 10.15 -28.06
N THR C 2038 -91.97 8.97 -27.61
CA THR C 2038 -91.05 7.86 -27.55
C THR C 2038 -90.54 7.50 -28.94
N TYR C 2039 -91.43 6.99 -29.78
CA TYR C 2039 -91.03 6.56 -31.13
C TYR C 2039 -92.15 6.84 -32.12
N THR C 2058 -92.36 -2.96 -35.08
CA THR C 2058 -91.71 -1.78 -35.64
C THR C 2058 -90.41 -2.15 -36.30
N LEU C 2059 -89.96 -1.33 -37.25
CA LEU C 2059 -88.74 -1.60 -37.96
C LEU C 2059 -87.50 -1.46 -37.10
N GLN C 2060 -87.59 -0.73 -35.99
CA GLN C 2060 -86.50 -0.65 -35.03
C GLN C 2060 -86.15 -1.99 -34.43
N GLN C 2061 -87.10 -2.93 -34.39
CA GLN C 2061 -86.78 -4.32 -34.10
C GLN C 2061 -85.91 -4.92 -35.20
N LEU C 2062 -86.39 -4.89 -36.43
CA LEU C 2062 -85.81 -5.74 -37.47
C LEU C 2062 -84.50 -5.19 -38.00
N ILE C 2063 -84.31 -3.88 -37.99
CA ILE C 2063 -83.02 -3.30 -38.36
C ILE C 2063 -81.94 -3.80 -37.42
N SER C 2064 -82.07 -3.46 -36.13
CA SER C 2064 -81.17 -3.89 -35.06
C SER C 2064 -81.05 -5.39 -34.91
N GLU C 2065 -82.01 -6.16 -35.41
CA GLU C 2065 -81.82 -7.60 -35.45
C GLU C 2065 -80.96 -8.00 -36.65
N THR C 2066 -81.25 -7.46 -37.83
CA THR C 2066 -80.57 -7.88 -39.03
C THR C 2066 -79.13 -7.42 -39.10
N MET C 2067 -78.82 -6.25 -38.54
CA MET C 2067 -77.44 -5.79 -38.56
C MET C 2067 -76.52 -6.70 -37.77
N VAL C 2068 -76.95 -7.18 -36.62
CA VAL C 2068 -76.12 -8.11 -35.89
C VAL C 2068 -76.22 -9.50 -36.50
N ARG C 2069 -77.35 -9.83 -37.14
CA ARG C 2069 -77.47 -11.15 -37.76
C ARG C 2069 -76.53 -11.29 -38.94
N TRP C 2070 -76.26 -10.19 -39.63
CA TRP C 2070 -75.27 -10.25 -40.70
C TRP C 2070 -73.88 -10.48 -40.17
N ALA C 2071 -73.54 -9.84 -39.05
CA ALA C 2071 -72.19 -9.97 -38.53
C ALA C 2071 -71.98 -11.28 -37.81
N GLN C 2072 -73.03 -11.93 -37.35
CA GLN C 2072 -72.86 -13.17 -36.58
C GLN C 2072 -72.37 -14.31 -37.44
N GLU C 2073 -72.80 -14.36 -38.70
CA GLU C 2073 -72.63 -15.58 -39.47
C GLU C 2073 -71.30 -15.66 -40.21
N SER C 2074 -70.68 -14.54 -40.56
CA SER C 2074 -69.47 -14.62 -41.38
C SER C 2074 -68.55 -13.46 -41.05
N VAL C 2075 -67.26 -13.69 -41.22
CA VAL C 2075 -66.28 -12.62 -41.13
C VAL C 2075 -66.52 -11.67 -42.29
N ILE C 2076 -66.51 -10.37 -42.03
CA ILE C 2076 -66.91 -9.37 -43.00
C ILE C 2076 -65.71 -8.53 -43.37
N GLU C 2077 -65.30 -8.62 -44.63
CA GLU C 2077 -64.31 -7.70 -45.17
C GLU C 2077 -65.04 -6.52 -45.80
N ASP C 2078 -64.31 -5.71 -46.59
CA ASP C 2078 -64.78 -4.46 -47.18
C ASP C 2078 -65.26 -3.55 -46.06
N PRO C 2079 -64.34 -2.96 -45.30
CA PRO C 2079 -64.70 -2.34 -44.02
C PRO C 2079 -65.61 -1.13 -44.11
N GLU C 2080 -65.98 -0.67 -45.29
CA GLU C 2080 -67.11 0.23 -45.39
C GLU C 2080 -68.41 -0.45 -45.01
N LEU C 2081 -68.49 -1.76 -45.20
CA LEU C 2081 -69.68 -2.49 -44.80
C LEU C 2081 -69.82 -2.54 -43.29
N VAL C 2082 -68.70 -2.77 -42.58
CA VAL C 2082 -68.73 -2.84 -41.13
C VAL C 2082 -69.13 -1.50 -40.53
N ARG C 2083 -68.56 -0.42 -41.05
CA ARG C 2083 -68.87 0.91 -40.55
C ARG C 2083 -70.30 1.30 -40.85
N ALA C 2084 -70.79 1.02 -42.06
CA ALA C 2084 -72.17 1.32 -42.37
C ALA C 2084 -73.13 0.40 -41.64
N MET C 2085 -72.68 -0.75 -41.19
CA MET C 2085 -73.53 -1.56 -40.35
C MET C 2085 -73.66 -0.98 -38.96
N PHE C 2086 -72.54 -0.62 -38.35
CA PHE C 2086 -72.58 -0.26 -36.95
C PHE C 2086 -73.11 1.13 -36.71
N VAL C 2087 -72.96 2.05 -37.67
CA VAL C 2087 -73.63 3.35 -37.54
C VAL C 2087 -75.14 3.16 -37.56
N LEU C 2088 -75.63 2.30 -38.44
CA LEU C 2088 -77.04 1.98 -38.49
C LEU C 2088 -77.51 1.23 -37.26
N LEU C 2089 -76.65 0.44 -36.65
CA LEU C 2089 -77.01 -0.24 -35.43
C LEU C 2089 -77.14 0.74 -34.28
N HIS C 2090 -76.19 1.66 -34.18
CA HIS C 2090 -76.17 2.58 -33.07
C HIS C 2090 -77.28 3.61 -33.18
N ARG C 2091 -77.72 3.94 -34.39
CA ARG C 2091 -78.84 4.87 -34.49
C ARG C 2091 -80.15 4.26 -34.02
N GLN C 2092 -80.25 2.93 -33.98
CA GLN C 2092 -81.45 2.33 -33.43
C GLN C 2092 -81.52 2.48 -31.92
N TYR C 2093 -80.41 2.28 -31.24
CA TYR C 2093 -80.44 2.34 -29.77
C TYR C 2093 -80.21 3.72 -29.22
N ASP C 2094 -80.01 4.72 -30.06
CA ASP C 2094 -79.89 6.09 -29.59
C ASP C 2094 -80.79 6.95 -30.45
N GLY C 2095 -82.07 6.98 -30.12
CA GLY C 2095 -83.00 7.75 -30.92
C GLY C 2095 -83.00 9.18 -30.47
N ILE C 2096 -82.87 9.36 -29.16
CA ILE C 2096 -82.90 10.68 -28.58
C ILE C 2096 -81.62 11.43 -28.92
N GLY C 2097 -80.51 10.71 -29.09
CA GLY C 2097 -79.31 11.35 -29.58
C GLY C 2097 -79.43 11.85 -31.00
N GLY C 2098 -80.12 11.08 -31.85
CA GLY C 2098 -80.42 11.57 -33.19
C GLY C 2098 -81.33 12.77 -33.18
N LEU C 2099 -82.30 12.80 -32.27
CA LEU C 2099 -83.13 13.98 -32.15
C LEU C 2099 -82.39 15.14 -31.50
N VAL C 2100 -81.33 14.86 -30.74
CA VAL C 2100 -80.45 15.92 -30.27
C VAL C 2100 -79.75 16.56 -31.45
N ARG C 2101 -79.11 15.76 -32.29
CA ARG C 2101 -78.31 16.32 -33.37
C ARG C 2101 -79.13 16.72 -34.59
N ALA C 2102 -80.44 16.93 -34.42
CA ALA C 2102 -81.29 17.48 -35.46
C ALA C 2102 -82.03 18.74 -35.03
N LEU C 2103 -82.16 18.98 -33.73
CA LEU C 2103 -82.89 20.15 -33.26
C LEU C 2103 -82.15 21.48 -33.40
N PRO C 2104 -80.81 21.58 -33.29
CA PRO C 2104 -80.18 22.84 -33.69
C PRO C 2104 -79.92 22.93 -35.18
N LYS C 2105 -80.90 22.53 -35.98
CA LYS C 2105 -80.96 22.89 -37.38
C LYS C 2105 -82.35 23.31 -37.81
N THR C 2106 -83.39 22.94 -37.08
CA THR C 2106 -84.74 23.27 -37.47
C THR C 2106 -85.04 24.73 -37.23
N TYR C 2107 -86.14 25.18 -37.84
CA TYR C 2107 -86.56 26.57 -37.87
C TYR C 2107 -87.95 26.62 -38.46
N THR C 2108 -88.75 27.56 -37.99
CA THR C 2108 -90.10 27.72 -38.49
C THR C 2108 -90.26 29.12 -39.07
N ILE C 2109 -90.97 29.22 -40.17
CA ILE C 2109 -91.19 30.49 -40.83
C ILE C 2109 -92.67 30.67 -41.12
N ASN C 2110 -93.10 31.91 -41.08
CA ASN C 2110 -94.47 32.29 -41.37
C ASN C 2110 -94.73 32.13 -42.86
N GLY C 2111 -96.01 31.97 -43.20
CA GLY C 2111 -96.39 31.57 -44.55
C GLY C 2111 -96.09 32.62 -45.61
N VAL C 2112 -96.18 33.90 -45.25
CA VAL C 2112 -95.94 34.96 -46.22
C VAL C 2112 -94.48 35.03 -46.66
N SER C 2113 -93.58 34.34 -45.96
CA SER C 2113 -92.19 34.22 -46.36
C SER C 2113 -91.85 32.81 -46.84
N VAL C 2114 -92.81 32.05 -47.36
CA VAL C 2114 -92.45 30.77 -47.94
C VAL C 2114 -91.75 30.96 -49.28
N GLU C 2115 -92.28 31.87 -50.11
CA GLU C 2115 -91.93 31.89 -51.52
C GLU C 2115 -90.52 32.41 -51.76
N ASP C 2116 -89.99 33.23 -50.86
CA ASP C 2116 -88.69 33.82 -51.09
C ASP C 2116 -87.55 32.98 -50.54
N THR C 2117 -87.77 32.28 -49.43
CA THR C 2117 -86.68 31.49 -48.86
C THR C 2117 -86.35 30.28 -49.72
N ILE C 2118 -87.32 29.78 -50.50
CA ILE C 2118 -87.01 28.79 -51.52
C ILE C 2118 -86.05 29.39 -52.52
N ASN C 2119 -86.32 30.61 -52.95
CA ASN C 2119 -85.39 31.33 -53.81
C ASN C 2119 -84.11 31.69 -53.08
N LEU C 2120 -84.11 31.63 -51.75
CA LEU C 2120 -82.84 31.64 -51.04
C LEU C 2120 -82.19 30.28 -51.09
N LEU C 2121 -82.96 29.23 -50.76
CA LEU C 2121 -82.43 27.88 -50.66
C LEU C 2121 -81.92 27.39 -52.00
N ALA C 2122 -82.68 27.65 -53.07
CA ALA C 2122 -82.24 27.29 -54.41
C ALA C 2122 -81.08 28.16 -54.85
N SER C 2123 -80.95 29.36 -54.29
CA SER C 2123 -79.75 30.10 -54.60
C SER C 2123 -78.66 29.85 -53.58
N LEU C 2124 -78.91 29.01 -52.59
CA LEU C 2124 -77.84 28.65 -51.68
C LEU C 2124 -77.09 27.44 -52.20
N GLY C 2125 -77.82 26.45 -52.73
CA GLY C 2125 -77.19 25.24 -53.21
C GLY C 2125 -76.27 25.48 -54.39
N GLN C 2126 -76.57 26.50 -55.20
CA GLN C 2126 -75.68 26.89 -56.29
C GLN C 2126 -74.34 27.35 -55.75
N ILE C 2127 -74.32 27.93 -54.55
CA ILE C 2127 -73.05 28.14 -53.87
C ILE C 2127 -72.42 26.81 -53.53
N ARG C 2128 -73.18 25.94 -52.84
CA ARG C 2128 -72.61 24.73 -52.28
C ARG C 2128 -72.17 23.75 -53.36
N SER C 2129 -72.96 23.63 -54.41
CA SER C 2129 -72.56 22.81 -55.54
C SER C 2129 -71.39 23.39 -56.32
N LEU C 2130 -71.14 24.69 -56.18
CA LEU C 2130 -69.92 25.26 -56.76
C LEU C 2130 -68.72 25.09 -55.87
N LEU C 2131 -68.83 24.30 -54.80
CA LEU C 2131 -67.72 24.11 -53.90
C LEU C 2131 -66.59 23.31 -54.51
N SER C 2132 -66.87 22.53 -55.55
CA SER C 2132 -65.91 21.59 -56.13
C SER C 2132 -65.76 21.85 -57.62
N VAL C 2133 -64.78 22.68 -57.98
CA VAL C 2133 -64.34 22.88 -59.36
C VAL C 2133 -62.81 22.98 -59.42
N GLU C 2138 -61.98 31.46 -64.07
CA GLU C 2138 -63.19 31.83 -64.79
C GLU C 2138 -64.38 31.12 -64.16
N GLU C 2139 -64.08 30.22 -63.24
CA GLU C 2139 -65.10 29.45 -62.55
C GLU C 2139 -65.83 30.26 -61.48
N GLU C 2140 -65.54 31.55 -61.35
CA GLU C 2140 -65.96 32.33 -60.22
C GLU C 2140 -67.11 33.27 -60.51
N LYS C 2141 -67.48 33.48 -61.78
CA LYS C 2141 -68.57 34.40 -62.08
C LYS C 2141 -69.91 33.88 -61.60
N LEU C 2142 -70.05 32.57 -61.45
CA LEU C 2142 -71.27 32.04 -60.87
C LEU C 2142 -71.38 32.39 -59.40
N MET C 2143 -70.26 32.31 -58.67
CA MET C 2143 -70.27 32.53 -57.24
C MET C 2143 -70.56 33.98 -56.90
N ILE C 2144 -70.03 34.90 -57.71
CA ILE C 2144 -70.21 36.32 -57.42
C ILE C 2144 -71.66 36.73 -57.64
N ARG C 2145 -72.29 36.21 -58.69
CA ARG C 2145 -73.71 36.45 -58.88
C ARG C 2145 -74.55 35.75 -57.81
N GLY C 2146 -74.10 34.58 -57.35
CA GLY C 2146 -74.85 33.89 -56.30
C GLY C 2146 -74.83 34.65 -54.98
N LEU C 2147 -73.65 35.13 -54.59
CA LEU C 2147 -73.55 35.94 -53.39
C LEU C 2147 -74.27 37.27 -53.55
N GLY C 2148 -74.31 37.82 -54.77
CA GLY C 2148 -75.10 39.00 -55.00
C GLY C 2148 -76.59 38.74 -54.86
N ASP C 2149 -77.06 37.57 -55.26
CA ASP C 2149 -78.46 37.25 -55.09
C ASP C 2149 -78.80 36.90 -53.65
N ILE C 2150 -77.82 36.44 -52.89
CA ILE C 2150 -78.09 36.12 -51.49
C ILE C 2150 -78.09 37.38 -50.64
N MET C 2151 -77.13 38.28 -50.87
CA MET C 2151 -77.00 39.48 -50.05
C MET C 2151 -78.19 40.41 -50.21
N ASN C 2152 -78.74 40.50 -51.40
CA ASN C 2152 -79.86 41.39 -51.66
C ASN C 2152 -81.19 40.75 -51.34
N ASN C 2153 -81.20 39.62 -50.66
CA ASN C 2153 -82.45 38.93 -50.44
C ASN C 2153 -83.22 39.58 -49.30
N LYS C 2154 -84.54 39.39 -49.33
CA LYS C 2154 -85.40 39.93 -48.29
C LYS C 2154 -85.12 39.26 -46.96
N VAL C 2155 -85.22 37.94 -46.90
CA VAL C 2155 -84.88 37.21 -45.67
C VAL C 2155 -83.41 36.86 -45.78
N PHE C 2156 -82.59 37.86 -45.55
CA PHE C 2156 -81.23 37.67 -45.07
C PHE C 2156 -80.91 38.59 -43.92
N TYR C 2157 -81.55 39.74 -43.84
CA TYR C 2157 -81.54 40.51 -42.60
C TYR C 2157 -82.41 39.85 -41.56
N GLN C 2158 -83.58 39.36 -41.99
CA GLN C 2158 -84.70 39.15 -41.08
C GLN C 2158 -84.51 38.03 -40.07
N HIS C 2159 -83.80 36.97 -40.40
CA HIS C 2159 -83.58 35.89 -39.44
C HIS C 2159 -82.15 35.39 -39.52
N PRO C 2160 -81.19 36.09 -38.91
CA PRO C 2160 -79.79 35.67 -38.99
C PRO C 2160 -79.46 34.41 -38.20
N ASN C 2161 -80.39 33.93 -37.38
CA ASN C 2161 -80.20 32.61 -36.80
C ASN C 2161 -80.24 31.52 -37.87
N LEU C 2162 -81.06 31.71 -38.90
CA LEU C 2162 -81.10 30.77 -40.01
C LEU C 2162 -79.77 30.67 -40.72
N MET C 2163 -79.22 31.81 -41.11
CA MET C 2163 -77.97 31.80 -41.82
C MET C 2163 -76.80 31.45 -40.91
N ARG C 2164 -76.94 31.62 -39.61
CA ARG C 2164 -75.95 31.08 -38.71
C ARG C 2164 -76.04 29.58 -38.59
N ALA C 2165 -77.23 29.02 -38.78
CA ALA C 2165 -77.43 27.59 -38.59
C ALA C 2165 -77.25 26.78 -39.87
N LEU C 2166 -77.38 27.40 -41.04
CA LEU C 2166 -77.15 26.66 -42.27
C LEU C 2166 -75.68 26.55 -42.60
N GLY C 2167 -74.80 27.08 -41.76
CA GLY C 2167 -73.39 26.97 -42.00
C GLY C 2167 -72.85 27.90 -43.05
N MET C 2168 -73.65 28.84 -43.54
CA MET C 2168 -73.23 29.59 -44.71
C MET C 2168 -72.24 30.68 -44.40
N HIS C 2169 -71.80 30.82 -43.17
CA HIS C 2169 -70.53 31.51 -42.96
C HIS C 2169 -69.37 30.58 -43.25
N GLU C 2170 -69.48 29.31 -42.88
CA GLU C 2170 -68.39 28.39 -43.14
C GLU C 2170 -68.28 27.99 -44.60
N THR C 2171 -69.39 28.05 -45.34
CA THR C 2171 -69.36 27.75 -46.77
C THR C 2171 -68.46 28.73 -47.52
N VAL C 2172 -68.72 30.02 -47.35
CA VAL C 2172 -67.94 31.05 -48.03
C VAL C 2172 -66.52 31.07 -47.52
N MET C 2173 -66.33 30.78 -46.23
CA MET C 2173 -65.00 30.67 -45.67
C MET C 2173 -64.21 29.56 -46.35
N GLU C 2174 -64.85 28.42 -46.55
CA GLU C 2174 -64.20 27.32 -47.25
C GLU C 2174 -63.90 27.64 -48.70
N VAL C 2175 -64.78 28.38 -49.37
CA VAL C 2175 -64.53 28.77 -50.76
C VAL C 2175 -63.31 29.67 -50.85
N MET C 2176 -63.22 30.65 -49.96
CA MET C 2176 -62.07 31.55 -49.95
C MET C 2176 -60.79 30.83 -49.60
N VAL C 2177 -60.86 29.88 -48.66
CA VAL C 2177 -59.69 29.09 -48.29
C VAL C 2177 -59.23 28.24 -49.46
N ASN C 2178 -60.18 27.74 -50.24
CA ASN C 2178 -59.84 27.02 -51.46
C ASN C 2178 -59.16 27.93 -52.47
N VAL C 2179 -59.53 29.21 -52.48
CA VAL C 2179 -58.88 30.14 -53.40
C VAL C 2179 -57.45 30.44 -52.97
N LEU C 2180 -57.27 30.78 -51.70
CA LEU C 2180 -55.96 31.19 -51.17
C LEU C 2180 -55.12 29.94 -50.97
N GLY C 2181 -54.45 29.52 -52.03
CA GLY C 2181 -53.67 28.29 -52.00
C GLY C 2181 -52.43 28.36 -51.14
N PRO C 2191 -58.34 36.54 -57.99
CA PRO C 2191 -58.06 37.85 -57.39
C PRO C 2191 -59.30 38.65 -57.07
N LYS C 2192 -60.23 38.74 -58.01
CA LYS C 2192 -61.48 39.45 -57.75
C LYS C 2192 -62.50 38.58 -57.05
N MET C 2193 -62.17 37.33 -56.76
CA MET C 2193 -63.05 36.47 -55.99
C MET C 2193 -62.98 36.76 -54.51
N VAL C 2194 -61.77 37.00 -53.99
CA VAL C 2194 -61.59 37.24 -52.56
C VAL C 2194 -62.24 38.55 -52.15
N ALA C 2195 -62.20 39.53 -53.05
CA ALA C 2195 -62.72 40.86 -52.73
C ALA C 2195 -64.23 40.86 -52.67
N ASN C 2196 -64.92 40.14 -53.54
CA ASN C 2196 -66.36 40.06 -53.42
C ASN C 2196 -66.76 38.89 -52.54
N CYS C 2197 -65.80 38.16 -52.02
CA CYS C 2197 -66.07 37.21 -50.95
C CYS C 2197 -66.15 37.91 -49.60
N CYS C 2198 -65.07 38.57 -49.20
CA CYS C 2198 -64.97 39.09 -47.83
C CYS C 2198 -65.93 40.21 -47.56
N ARG C 2199 -66.41 40.89 -48.58
CA ARG C 2199 -67.46 41.88 -48.38
C ARG C 2199 -68.74 41.24 -47.91
N PHE C 2200 -69.00 39.99 -48.30
CA PHE C 2200 -70.16 39.30 -47.77
C PHE C 2200 -69.98 38.97 -46.30
N LEU C 2201 -68.77 38.61 -45.89
CA LEU C 2201 -68.57 38.29 -44.48
C LEU C 2201 -68.59 39.56 -43.63
N CYS C 2202 -68.07 40.68 -44.15
CA CYS C 2202 -68.20 41.94 -43.42
C CYS C 2202 -69.64 42.41 -43.37
N TYR C 2203 -70.45 42.02 -44.35
CA TYR C 2203 -71.88 42.19 -44.21
C TYR C 2203 -72.45 41.22 -43.19
N PHE C 2204 -71.78 40.11 -42.96
CA PHE C 2204 -72.36 39.08 -42.12
C PHE C 2204 -72.20 39.39 -40.65
N CYS C 2205 -71.17 40.11 -40.26
CA CYS C 2205 -71.01 40.41 -38.85
C CYS C 2205 -71.94 41.50 -38.37
N ARG C 2206 -72.19 42.51 -39.17
CA ARG C 2206 -72.89 43.69 -38.72
C ARG C 2206 -74.40 43.54 -38.71
N ILE C 2207 -74.94 42.33 -38.68
CA ILE C 2207 -76.39 42.21 -38.61
C ILE C 2207 -76.84 41.71 -37.26
N SER C 2208 -75.97 41.03 -36.51
CA SER C 2208 -76.34 40.53 -35.21
C SER C 2208 -75.13 40.43 -34.32
N ARG C 2209 -75.38 40.25 -33.02
CA ARG C 2209 -74.32 40.14 -32.05
C ARG C 2209 -73.76 38.73 -31.98
N GLN C 2210 -74.66 37.76 -31.76
CA GLN C 2210 -74.27 36.36 -31.73
C GLN C 2210 -73.73 35.89 -33.06
N ASN C 2211 -74.18 36.50 -34.16
CA ASN C 2211 -73.66 36.17 -35.47
C ASN C 2211 -72.20 36.58 -35.59
N GLN C 2212 -71.88 37.75 -35.06
CA GLN C 2212 -70.50 38.20 -35.01
C GLN C 2212 -69.66 37.29 -34.13
N LYS C 2213 -70.24 36.82 -33.02
CA LYS C 2213 -69.54 35.87 -32.18
C LYS C 2213 -69.25 34.58 -32.92
N ALA C 2214 -70.20 34.15 -33.75
CA ALA C 2214 -69.99 32.95 -34.54
C ALA C 2214 -68.92 33.16 -35.59
N MET C 2215 -68.86 34.37 -36.16
CA MET C 2215 -67.85 34.67 -37.17
C MET C 2215 -66.47 34.77 -36.57
N PHE C 2216 -66.37 35.07 -35.28
CA PHE C 2216 -65.11 35.37 -34.62
C PHE C 2216 -64.09 34.24 -34.71
N ASP C 2217 -64.55 33.00 -34.73
CA ASP C 2217 -63.72 31.90 -34.27
C ASP C 2217 -62.65 31.45 -35.26
N HIS C 2218 -62.59 32.03 -36.45
CA HIS C 2218 -61.55 31.67 -37.40
C HIS C 2218 -60.45 32.72 -37.47
N LEU C 2219 -60.39 33.61 -36.48
CA LEU C 2219 -59.50 34.78 -36.55
C LEU C 2219 -58.04 34.37 -36.56
N SER C 2220 -57.70 33.27 -35.88
CA SER C 2220 -56.32 32.84 -35.75
C SER C 2220 -55.71 32.47 -37.08
N TYR C 2221 -56.46 31.77 -37.91
CA TYR C 2221 -56.00 31.58 -39.28
C TYR C 2221 -56.18 32.85 -40.09
N LEU C 2222 -57.30 33.55 -39.86
CA LEU C 2222 -57.74 34.62 -40.74
C LEU C 2222 -56.78 35.79 -40.77
N LEU C 2223 -55.97 35.95 -39.73
CA LEU C 2223 -54.97 37.01 -39.72
C LEU C 2223 -53.80 36.75 -40.65
N GLU C 2224 -53.52 35.49 -40.99
CA GLU C 2224 -52.32 35.17 -41.75
C GLU C 2224 -52.44 35.44 -43.23
N ASN C 2225 -53.48 36.14 -43.68
CA ASN C 2225 -53.74 36.26 -45.10
C ASN C 2225 -53.86 37.71 -45.54
N SER C 2226 -52.90 38.55 -45.15
CA SER C 2226 -52.86 39.92 -45.65
C SER C 2226 -52.46 39.94 -47.11
N SER C 2227 -53.43 40.23 -47.99
CA SER C 2227 -53.16 40.37 -49.41
C SER C 2227 -52.83 41.82 -49.79
N VAL C 2228 -53.75 42.75 -49.57
CA VAL C 2228 -53.45 44.17 -49.79
C VAL C 2228 -53.55 44.97 -48.49
N THR C 2239 -61.71 43.05 -48.72
CA THR C 2239 -60.34 42.79 -48.28
C THR C 2239 -60.34 41.72 -47.22
N PRO C 2240 -59.31 40.87 -47.16
CA PRO C 2240 -59.30 39.75 -46.21
C PRO C 2240 -58.97 40.12 -44.79
N LEU C 2241 -58.50 41.33 -44.53
CA LEU C 2241 -58.26 41.79 -43.17
C LEU C 2241 -59.45 42.50 -42.58
N ASP C 2242 -60.35 43.02 -43.42
CA ASP C 2242 -61.53 43.71 -42.94
C ASP C 2242 -62.44 42.80 -42.14
N VAL C 2243 -62.46 41.52 -42.46
CA VAL C 2243 -63.31 40.61 -41.71
C VAL C 2243 -62.70 40.29 -40.36
N ALA C 2244 -61.38 40.44 -40.24
CA ALA C 2244 -60.79 40.37 -38.92
C ALA C 2244 -61.14 41.60 -38.11
N ALA C 2245 -61.34 42.74 -38.78
CA ALA C 2245 -61.70 43.95 -38.05
C ALA C 2245 -63.14 43.88 -37.59
N ALA C 2246 -64.08 43.72 -38.50
CA ALA C 2246 -65.49 43.77 -38.17
C ALA C 2246 -65.98 42.55 -37.41
N SER C 2247 -65.12 41.58 -37.14
CA SER C 2247 -65.42 40.54 -36.18
C SER C 2247 -65.26 41.01 -34.74
N VAL C 2248 -64.37 41.97 -34.48
CA VAL C 2248 -64.18 42.50 -33.14
C VAL C 2248 -64.53 43.97 -33.05
N MET C 2249 -65.44 44.46 -33.88
CA MET C 2249 -65.60 45.90 -34.04
C MET C 2249 -66.26 46.53 -32.83
N ASP C 2250 -67.32 45.93 -32.35
CA ASP C 2250 -68.18 46.61 -31.40
C ASP C 2250 -68.31 45.93 -30.05
N ASN C 2251 -68.46 44.60 -30.00
CA ASN C 2251 -68.81 43.94 -28.77
C ASN C 2251 -67.63 43.89 -27.81
N ASN C 2252 -67.88 44.31 -26.58
CA ASN C 2252 -66.81 44.39 -25.60
C ASN C 2252 -66.37 43.02 -25.11
N GLU C 2253 -67.28 42.04 -25.07
CA GLU C 2253 -66.91 40.71 -24.62
C GLU C 2253 -65.93 40.07 -25.59
N LEU C 2254 -66.17 40.25 -26.88
CA LEU C 2254 -65.23 39.77 -27.87
C LEU C 2254 -64.00 40.66 -27.93
N ALA C 2255 -64.13 41.92 -27.52
CA ALA C 2255 -62.97 42.77 -27.43
C ALA C 2255 -62.05 42.33 -26.31
N LEU C 2256 -62.61 41.75 -25.26
CA LEU C 2256 -61.81 41.24 -24.15
C LEU C 2256 -61.34 39.82 -24.38
N ALA C 2257 -62.04 39.06 -25.22
CA ALA C 2257 -61.79 37.62 -25.28
C ALA C 2257 -60.51 37.30 -26.02
N LEU C 2258 -60.12 38.09 -27.00
CA LEU C 2258 -58.96 37.71 -27.79
C LEU C 2258 -57.69 37.97 -27.01
N ARG C 2259 -56.66 37.21 -27.34
CA ARG C 2259 -55.46 37.12 -26.52
C ARG C 2259 -54.27 37.73 -27.23
N GLU C 2260 -53.15 37.70 -26.54
CA GLU C 2260 -51.92 38.30 -27.04
C GLU C 2260 -51.22 37.63 -28.24
N PRO C 2261 -51.27 36.31 -28.50
CA PRO C 2261 -50.61 35.82 -29.72
C PRO C 2261 -51.34 36.22 -30.97
N ASP C 2262 -52.65 36.47 -30.88
CA ASP C 2262 -53.38 37.02 -32.03
C ASP C 2262 -52.88 38.40 -32.38
N LEU C 2263 -52.51 39.20 -31.39
CA LEU C 2263 -52.02 40.53 -31.66
C LEU C 2263 -50.54 40.56 -31.97
N GLU C 2264 -49.78 39.56 -31.52
CA GLU C 2264 -48.34 39.59 -31.71
C GLU C 2264 -47.97 39.43 -33.18
N LYS C 2265 -48.72 38.62 -33.91
CA LYS C 2265 -48.40 38.48 -35.32
C LYS C 2265 -48.83 39.69 -36.14
N VAL C 2266 -49.71 40.52 -35.60
CA VAL C 2266 -50.02 41.78 -36.28
C VAL C 2266 -48.83 42.71 -36.22
N VAL C 2267 -48.24 42.90 -35.04
CA VAL C 2267 -47.07 43.76 -34.98
C VAL C 2267 -45.84 43.07 -35.55
N ARG C 2268 -45.87 41.74 -35.71
CA ARG C 2268 -44.87 41.08 -36.53
C ARG C 2268 -44.96 41.54 -37.98
N TYR C 2269 -46.18 41.59 -38.51
CA TYR C 2269 -46.39 42.11 -39.85
C TYR C 2269 -46.00 43.58 -39.94
N LEU C 2270 -46.23 44.33 -38.87
CA LEU C 2270 -45.79 45.72 -38.83
C LEU C 2270 -44.27 45.85 -38.85
N ALA C 2271 -43.58 44.96 -38.13
CA ALA C 2271 -42.13 44.88 -38.23
C ALA C 2271 -41.71 44.51 -39.63
N GLY C 2272 -42.53 43.71 -40.32
CA GLY C 2272 -42.31 43.47 -41.73
C GLY C 2272 -42.40 44.71 -42.59
N CYS C 2273 -43.12 45.75 -42.14
CA CYS C 2273 -43.17 47.02 -42.86
C CYS C 2273 -41.96 47.89 -42.54
N GLY C 2274 -40.76 47.34 -42.73
CA GLY C 2274 -39.54 48.06 -42.43
C GLY C 2274 -38.75 48.38 -43.68
N LEU C 2275 -39.42 48.79 -44.74
CA LEU C 2275 -38.72 49.28 -45.92
C LEU C 2275 -38.37 50.74 -45.72
N PRO C 2293 -43.44 52.64 -45.40
CA PRO C 2293 -44.16 51.99 -46.48
C PRO C 2293 -45.63 52.36 -46.56
N VAL C 2294 -46.41 51.39 -47.02
CA VAL C 2294 -47.80 51.64 -47.39
C VAL C 2294 -48.77 50.69 -46.69
N GLU C 2295 -48.33 49.50 -46.31
CA GLU C 2295 -49.25 48.55 -45.70
C GLU C 2295 -49.51 48.83 -44.23
N GLY C 2296 -48.87 49.84 -43.65
CA GLY C 2296 -49.13 50.17 -42.27
C GLY C 2296 -50.44 50.90 -42.02
N GLU C 2297 -51.03 51.49 -43.05
CA GLU C 2297 -52.27 52.25 -42.88
C GLU C 2297 -53.46 51.35 -42.66
N ARG C 2298 -53.34 50.06 -42.99
CA ARG C 2298 -54.40 49.09 -42.75
C ARG C 2298 -54.20 48.29 -41.48
N TYR C 2299 -52.96 47.86 -41.20
CA TYR C 2299 -52.66 47.04 -40.03
C TYR C 2299 -53.03 47.75 -38.74
N LEU C 2300 -52.63 49.01 -38.64
CA LEU C 2300 -53.02 49.85 -37.52
C LEU C 2300 -54.52 50.05 -37.48
N ASP C 2301 -55.15 50.08 -38.66
CA ASP C 2301 -56.59 50.13 -38.75
C ASP C 2301 -57.23 48.88 -38.17
N PHE C 2302 -56.49 47.77 -38.07
CA PHE C 2302 -57.01 46.67 -37.27
C PHE C 2302 -56.88 46.99 -35.79
N LEU C 2303 -55.71 47.44 -35.34
CA LEU C 2303 -55.41 47.50 -33.91
C LEU C 2303 -56.19 48.56 -33.17
N ARG C 2304 -56.74 49.55 -33.88
CA ARG C 2304 -57.59 50.53 -33.23
C ARG C 2304 -58.88 49.90 -32.73
N PHE C 2305 -59.35 48.88 -33.43
CA PHE C 2305 -60.54 48.18 -32.97
C PHE C 2305 -60.21 47.21 -31.84
N ALA C 2306 -58.94 46.95 -31.60
CA ALA C 2306 -58.56 45.98 -30.58
C ALA C 2306 -58.48 46.59 -29.19
N VAL C 2307 -58.34 47.90 -29.06
CA VAL C 2307 -58.09 48.51 -27.76
C VAL C 2307 -59.15 49.52 -27.36
N PHE C 2308 -60.08 49.92 -28.23
CA PHE C 2308 -61.02 50.97 -27.85
C PHE C 2308 -62.46 50.50 -27.84
N CYS C 2309 -63.02 50.16 -29.00
CA CYS C 2309 -64.22 49.36 -29.20
C CYS C 2309 -65.54 49.90 -28.65
N ASN C 2310 -65.54 50.91 -27.78
CA ASN C 2310 -66.79 51.60 -27.48
C ASN C 2310 -66.66 53.10 -27.26
N GLY C 2311 -65.50 53.60 -26.89
CA GLY C 2311 -65.41 54.94 -26.37
C GLY C 2311 -64.48 54.99 -25.19
N GLU C 2312 -64.10 53.82 -24.66
CA GLU C 2312 -63.20 53.77 -23.53
C GLU C 2312 -62.14 52.71 -23.78
N SER C 2313 -60.90 53.04 -23.46
CA SER C 2313 -59.81 52.15 -23.75
C SER C 2313 -59.77 50.99 -22.78
N VAL C 2314 -59.68 49.79 -23.34
CA VAL C 2314 -59.54 48.54 -22.58
C VAL C 2314 -58.08 48.36 -22.11
N GLU C 2315 -57.89 48.55 -20.81
CA GLU C 2315 -56.59 48.47 -20.15
C GLU C 2315 -55.61 47.39 -20.60
N GLU C 2316 -55.97 46.12 -20.40
CA GLU C 2316 -55.11 44.99 -20.76
C GLU C 2316 -54.56 45.08 -22.18
N ASN C 2317 -55.48 45.14 -23.13
CA ASN C 2317 -55.14 45.24 -24.55
C ASN C 2317 -54.18 46.39 -24.77
N ALA C 2318 -54.55 47.57 -24.26
CA ALA C 2318 -53.72 48.76 -24.36
C ALA C 2318 -52.27 48.46 -23.94
N ASN C 2319 -52.12 48.01 -22.71
CA ASN C 2319 -50.80 47.67 -22.19
C ASN C 2319 -50.00 46.72 -23.08
N VAL C 2320 -50.59 45.58 -23.45
CA VAL C 2320 -49.83 44.64 -24.25
C VAL C 2320 -49.42 45.22 -25.61
N VAL C 2321 -50.36 45.89 -26.28
CA VAL C 2321 -50.01 46.44 -27.59
C VAL C 2321 -48.91 47.49 -27.46
N VAL C 2322 -48.98 48.32 -26.42
CA VAL C 2322 -47.97 49.33 -26.20
C VAL C 2322 -46.60 48.69 -26.07
N ARG C 2323 -46.48 47.67 -25.20
CA ARG C 2323 -45.17 47.02 -25.06
C ARG C 2323 -44.63 46.45 -26.38
N LEU C 2324 -45.55 45.78 -27.10
CA LEU C 2324 -45.19 45.19 -28.38
C LEU C 2324 -44.61 46.26 -29.29
N LEU C 2325 -45.33 47.37 -29.42
CA LEU C 2325 -44.91 48.48 -30.23
C LEU C 2325 -43.54 49.00 -29.83
N ILE C 2326 -43.34 49.20 -28.53
CA ILE C 2326 -42.03 49.72 -28.07
C ILE C 2326 -40.83 48.81 -28.29
N ARG C 2327 -41.02 47.49 -28.44
CA ARG C 2327 -39.83 46.64 -28.73
C ARG C 2327 -39.06 47.13 -30.00
N ARG C 2328 -39.76 47.05 -31.12
CA ARG C 2328 -39.41 47.50 -32.47
C ARG C 2328 -39.01 48.97 -32.47
N PRO C 2329 -38.94 49.55 -33.68
CA PRO C 2329 -38.57 50.96 -33.82
C PRO C 2329 -39.75 51.91 -34.00
N GLU C 2330 -40.61 51.60 -34.96
CA GLU C 2330 -41.71 52.48 -35.34
C GLU C 2330 -42.79 52.59 -34.27
N GLY C 2343 -36.10 62.82 -36.05
CA GLY C 2343 -37.00 63.95 -36.02
C GLY C 2343 -38.39 63.63 -36.53
N LEU C 2344 -39.28 63.26 -35.61
CA LEU C 2344 -40.66 62.93 -35.97
C LEU C 2344 -41.53 64.15 -36.17
N LEU C 2345 -41.03 65.34 -35.85
CA LEU C 2345 -41.70 66.56 -36.31
C LEU C 2345 -41.19 66.96 -37.69
N ALA C 2346 -40.08 66.37 -38.12
CA ALA C 2346 -39.51 66.69 -39.42
C ALA C 2346 -40.13 65.87 -40.54
N ALA C 2347 -40.65 64.68 -40.23
CA ALA C 2347 -41.17 63.81 -41.28
C ALA C 2347 -42.49 64.29 -41.85
N MET C 2348 -43.39 64.78 -41.00
CA MET C 2348 -44.69 65.26 -41.50
C MET C 2348 -44.55 66.58 -42.24
N GLU C 2349 -43.46 67.32 -41.99
CA GLU C 2349 -43.20 68.54 -42.73
C GLU C 2349 -42.45 68.29 -44.02
N GLU C 2350 -41.40 67.47 -43.99
CA GLU C 2350 -40.58 67.20 -45.16
C GLU C 2350 -41.33 66.43 -46.24
N ALA C 2351 -42.27 65.59 -45.85
CA ALA C 2351 -43.06 64.89 -46.84
C ALA C 2351 -44.23 65.71 -47.34
N ILE C 2352 -44.51 66.85 -46.71
CA ILE C 2352 -45.69 67.63 -47.08
C ILE C 2352 -45.52 68.25 -48.44
N LYS C 2353 -44.29 68.57 -48.84
CA LYS C 2353 -44.05 69.07 -50.18
C LYS C 2353 -44.06 67.95 -51.20
N ILE C 2354 -43.50 66.79 -50.86
CA ILE C 2354 -43.47 65.66 -51.76
C ILE C 2354 -44.82 64.95 -51.75
N GLY C 2386 -49.13 59.12 -53.23
CA GLY C 2386 -47.98 59.67 -52.54
C GLY C 2386 -48.35 60.23 -51.18
N ASN C 2387 -49.39 59.66 -50.59
CA ASN C 2387 -49.93 60.10 -49.30
C ASN C 2387 -49.66 59.04 -48.24
N ALA C 2388 -48.50 58.39 -48.31
CA ALA C 2388 -48.24 57.23 -47.48
C ALA C 2388 -47.85 57.61 -46.06
N ILE C 2389 -46.72 58.29 -45.90
CA ILE C 2389 -46.14 58.50 -44.58
C ILE C 2389 -46.92 59.53 -43.77
N MET C 2390 -47.49 60.54 -44.43
CA MET C 2390 -48.32 61.50 -43.72
C MET C 2390 -49.64 60.91 -43.24
N THR C 2391 -50.09 59.80 -43.83
CA THR C 2391 -51.24 59.10 -43.29
C THR C 2391 -50.84 58.03 -42.28
N PHE C 2392 -49.69 57.40 -42.51
CA PHE C 2392 -49.23 56.33 -41.63
C PHE C 2392 -48.89 56.88 -40.25
N TYR C 2393 -48.20 58.03 -40.20
CA TYR C 2393 -47.87 58.62 -38.92
C TYR C 2393 -49.08 59.16 -38.17
N ALA C 2394 -50.06 59.70 -38.88
CA ALA C 2394 -51.31 60.10 -38.24
C ALA C 2394 -52.11 58.91 -37.73
N ALA C 2395 -52.07 57.78 -38.43
CA ALA C 2395 -52.70 56.59 -37.90
C ALA C 2395 -51.96 56.04 -36.69
N LEU C 2396 -50.62 56.16 -36.67
CA LEU C 2396 -49.88 55.75 -35.48
C LEU C 2396 -50.21 56.63 -34.29
N ILE C 2397 -50.40 57.92 -34.55
CA ILE C 2397 -50.81 58.84 -33.49
C ILE C 2397 -52.20 58.48 -32.98
N ASP C 2398 -53.10 58.12 -33.89
CA ASP C 2398 -54.45 57.70 -33.48
C ASP C 2398 -54.42 56.42 -32.66
N LEU C 2399 -53.58 55.46 -33.04
CA LEU C 2399 -53.49 54.22 -32.27
C LEU C 2399 -52.89 54.45 -30.90
N LEU C 2400 -51.76 55.17 -30.85
CA LEU C 2400 -51.12 55.43 -29.57
C LEU C 2400 -51.92 56.36 -28.69
N GLY C 2401 -52.86 57.12 -29.27
CA GLY C 2401 -53.71 57.94 -28.44
C GLY C 2401 -54.96 57.21 -28.00
N ARG C 2402 -55.36 56.19 -28.74
CA ARG C 2402 -56.51 55.41 -28.30
C ARG C 2402 -56.18 54.58 -27.07
N CYS C 2403 -54.95 54.11 -26.95
CA CYS C 2403 -54.56 53.29 -25.80
C CYS C 2403 -54.06 54.15 -24.64
N ALA C 2404 -54.88 55.10 -24.24
CA ALA C 2404 -54.64 55.90 -23.06
C ALA C 2404 -54.84 55.05 -21.82
N PRO C 2405 -54.31 55.45 -20.68
CA PRO C 2405 -54.62 54.74 -19.45
C PRO C 2405 -56.09 54.82 -19.08
N GLU C 2406 -56.62 56.03 -18.98
CA GLU C 2406 -58.01 56.23 -18.58
C GLU C 2406 -58.42 57.63 -18.97
N MET C 2407 -59.54 58.09 -18.44
CA MET C 2407 -60.00 59.45 -18.60
C MET C 2407 -60.42 60.03 -17.26
N HIS C 2408 -60.22 59.28 -16.19
CA HIS C 2408 -60.68 59.69 -14.87
C HIS C 2408 -59.63 59.34 -13.84
N LEU C 2409 -60.00 59.34 -12.56
CA LEU C 2409 -59.07 59.06 -11.47
C LEU C 2409 -58.52 57.63 -11.48
N ILE C 2410 -58.99 56.77 -12.38
CA ILE C 2410 -58.27 55.54 -12.71
C ILE C 2410 -56.89 55.88 -13.25
N HIS C 2411 -56.80 56.94 -14.04
CA HIS C 2411 -55.49 57.43 -14.47
C HIS C 2411 -54.75 58.07 -13.32
N ALA C 2412 -55.48 58.69 -12.39
CA ALA C 2412 -54.83 59.32 -11.26
C ALA C 2412 -54.54 58.32 -10.15
N ALA C 2413 -55.58 57.75 -9.54
CA ALA C 2413 -55.43 57.06 -8.26
C ALA C 2413 -55.28 55.55 -8.48
N LYS C 2414 -54.25 55.20 -9.24
CA LYS C 2414 -53.89 53.80 -9.46
C LYS C 2414 -52.42 53.73 -9.86
N GLY C 2415 -51.90 52.52 -9.94
CA GLY C 2415 -50.50 52.33 -10.27
C GLY C 2415 -50.32 51.63 -11.60
N GLU C 2416 -49.26 52.01 -12.32
CA GLU C 2416 -48.82 51.43 -13.59
C GLU C 2416 -49.83 51.58 -14.72
N ALA C 2417 -50.86 52.39 -14.51
CA ALA C 2417 -51.49 53.09 -15.60
C ALA C 2417 -50.70 54.34 -15.95
N ILE C 2418 -49.83 54.77 -15.04
CA ILE C 2418 -49.00 55.94 -15.28
C ILE C 2418 -47.75 55.59 -16.04
N ARG C 2419 -47.37 54.32 -16.09
CA ARG C 2419 -46.12 53.94 -16.72
C ARG C 2419 -46.19 54.11 -18.23
N ILE C 2420 -47.29 53.66 -18.83
CA ILE C 2420 -47.51 53.88 -20.26
C ILE C 2420 -47.63 55.36 -20.57
N ARG C 2421 -48.24 56.13 -19.66
CA ARG C 2421 -48.38 57.56 -19.84
C ARG C 2421 -47.02 58.23 -19.82
N SER C 2422 -46.10 57.73 -18.99
CA SER C 2422 -44.76 58.26 -18.99
C SER C 2422 -44.00 57.87 -20.24
N ILE C 2423 -44.23 56.65 -20.75
CA ILE C 2423 -43.51 56.19 -21.94
C ILE C 2423 -43.96 56.97 -23.16
N LEU C 2424 -45.25 57.30 -23.23
CA LEU C 2424 -45.80 58.09 -24.33
C LEU C 2424 -45.17 59.47 -24.43
N ARG C 2425 -44.89 60.12 -23.30
CA ARG C 2425 -44.25 61.41 -23.35
C ARG C 2425 -42.73 61.32 -23.30
N SER C 2426 -42.19 60.16 -22.93
CA SER C 2426 -40.74 59.97 -22.84
C SER C 2426 -40.09 59.63 -24.17
N LEU C 2427 -40.70 58.76 -24.96
CA LEU C 2427 -40.11 58.52 -26.27
C LEU C 2427 -40.63 59.53 -27.29
N ILE C 2428 -41.79 60.11 -27.03
CA ILE C 2428 -42.39 61.11 -27.92
C ILE C 2428 -42.70 62.37 -27.14
N PRO C 2429 -41.80 63.35 -27.11
CA PRO C 2429 -42.21 64.72 -26.74
C PRO C 2429 -42.96 65.34 -27.89
N LEU C 2430 -43.73 66.40 -27.60
CA LEU C 2430 -44.81 66.78 -28.49
C LEU C 2430 -44.36 67.27 -29.86
N GLY C 2431 -43.70 68.43 -29.93
CA GLY C 2431 -43.45 69.13 -31.20
C GLY C 2431 -44.66 69.28 -32.09
N ASP C 2432 -45.84 69.47 -31.51
CA ASP C 2432 -47.09 69.19 -32.18
C ASP C 2432 -47.52 70.27 -33.16
N LEU C 2433 -46.78 71.38 -33.26
CA LEU C 2433 -47.12 72.46 -34.18
C LEU C 2433 -47.03 72.03 -35.65
N VAL C 2434 -46.26 70.97 -35.92
CA VAL C 2434 -46.20 70.42 -37.27
C VAL C 2434 -47.51 69.73 -37.62
N GLY C 2435 -48.29 69.36 -36.61
CA GLY C 2435 -49.58 68.74 -36.85
C GLY C 2435 -50.76 69.62 -36.50
N VAL C 2436 -50.63 70.42 -35.43
CA VAL C 2436 -51.80 71.16 -34.97
C VAL C 2436 -51.93 72.47 -35.74
N ILE C 2437 -50.89 72.88 -36.45
CA ILE C 2437 -50.92 74.14 -37.19
C ILE C 2437 -50.79 73.92 -38.70
N SER C 2438 -49.68 73.36 -39.17
CA SER C 2438 -49.27 73.59 -40.55
C SER C 2438 -49.97 72.73 -41.59
N ILE C 2439 -50.93 71.89 -41.21
CA ILE C 2439 -51.47 70.90 -42.15
C ILE C 2439 -52.83 71.31 -42.71
N ALA C 2440 -53.58 72.18 -42.05
CA ALA C 2440 -54.94 72.48 -42.45
C ALA C 2440 -55.12 73.92 -42.90
N PHE C 2441 -54.20 74.45 -43.69
CA PHE C 2441 -54.26 75.86 -44.03
C PHE C 2441 -54.21 76.10 -45.54
N GLN C 2442 -55.07 75.40 -46.28
CA GLN C 2442 -55.19 75.61 -47.72
C GLN C 2442 -56.64 75.84 -48.13
N PHE C 2461 -55.72 64.07 -45.40
CA PHE C 2461 -54.56 64.93 -45.36
C PHE C 2461 -54.75 66.07 -44.40
N CYS C 2462 -55.48 67.10 -44.86
CA CYS C 2462 -55.52 68.36 -44.11
C CYS C 2462 -56.36 68.27 -42.84
N PRO C 2463 -57.66 67.83 -42.85
CA PRO C 2463 -58.39 67.86 -41.57
C PRO C 2463 -58.09 66.72 -40.62
N ASP C 2464 -57.78 65.54 -41.15
CA ASP C 2464 -57.81 64.34 -40.32
C ASP C 2464 -56.51 64.14 -39.55
N HIS C 2465 -55.38 64.52 -40.15
CA HIS C 2465 -54.09 64.33 -39.48
C HIS C 2465 -54.01 65.18 -38.23
N LYS C 2466 -54.55 66.39 -38.27
CA LYS C 2466 -54.64 67.21 -37.07
C LYS C 2466 -55.68 66.65 -36.10
N ALA C 2467 -56.71 65.98 -36.64
CA ALA C 2467 -57.73 65.37 -35.79
C ALA C 2467 -57.18 64.17 -35.02
N ALA C 2468 -56.10 63.56 -35.49
CA ALA C 2468 -55.45 62.53 -34.68
C ALA C 2468 -54.56 63.16 -33.62
N MET C 2469 -53.85 64.23 -33.98
CA MET C 2469 -52.91 64.87 -33.06
C MET C 2469 -53.61 65.53 -31.88
N VAL C 2470 -54.81 66.07 -32.10
CA VAL C 2470 -55.55 66.66 -31.00
C VAL C 2470 -55.98 65.58 -30.00
N LEU C 2471 -56.23 64.37 -30.50
CA LEU C 2471 -56.57 63.29 -29.59
C LEU C 2471 -55.35 62.83 -28.81
N PHE C 2472 -54.19 62.76 -29.46
CA PHE C 2472 -52.99 62.34 -28.75
C PHE C 2472 -52.58 63.35 -27.69
N LEU C 2473 -52.78 64.63 -27.96
CA LEU C 2473 -52.50 65.65 -26.95
C LEU C 2473 -53.57 65.67 -25.87
N ASP C 2474 -54.81 65.34 -26.25
CA ASP C 2474 -55.93 65.39 -25.32
C ASP C 2474 -55.87 64.27 -24.31
N ARG C 2475 -55.55 63.06 -24.73
CA ARG C 2475 -55.59 61.92 -23.82
C ARG C 2475 -54.37 61.91 -22.91
N VAL C 2476 -53.22 62.32 -23.41
CA VAL C 2476 -52.00 62.19 -22.63
C VAL C 2476 -51.64 63.48 -21.90
N TYR C 2477 -51.79 64.64 -22.53
CA TYR C 2477 -51.41 65.88 -21.89
C TYR C 2477 -52.60 66.65 -21.37
N VAL C 2481 -51.15 74.60 -16.32
CA VAL C 2481 -51.72 73.99 -17.52
C VAL C 2481 -52.68 74.98 -18.16
N GLN C 2482 -53.06 76.02 -17.42
CA GLN C 2482 -53.96 77.05 -17.94
C GLN C 2482 -53.26 78.01 -18.90
N ASP C 2483 -51.94 77.97 -18.97
CA ASP C 2483 -51.27 78.74 -20.00
C ASP C 2483 -51.37 78.06 -21.37
N PHE C 2484 -51.44 76.73 -21.39
CA PHE C 2484 -51.42 76.02 -22.67
C PHE C 2484 -52.72 76.15 -23.44
N LEU C 2485 -53.82 76.48 -22.77
CA LEU C 2485 -55.09 76.70 -23.48
C LEU C 2485 -55.01 77.90 -24.40
N LEU C 2486 -54.22 78.90 -24.03
CA LEU C 2486 -54.03 80.06 -24.88
C LEU C 2486 -52.88 79.85 -25.85
N HIS C 2487 -52.10 78.79 -25.66
CA HIS C 2487 -50.90 78.58 -26.47
C HIS C 2487 -51.27 78.15 -27.87
N LEU C 2488 -52.16 77.17 -28.00
CA LEU C 2488 -52.57 76.66 -29.31
C LEU C 2488 -53.81 77.35 -29.83
N LEU C 2489 -54.30 78.37 -29.15
CA LEU C 2489 -55.54 79.01 -29.57
C LEU C 2489 -55.28 79.88 -30.79
N GLU C 2490 -56.32 80.02 -31.63
CA GLU C 2490 -56.30 80.65 -32.95
C GLU C 2490 -55.31 79.99 -33.90
N VAL C 2491 -54.99 78.72 -33.67
CA VAL C 2491 -54.21 77.95 -34.63
C VAL C 2491 -55.20 77.03 -35.34
N GLY C 2492 -55.52 77.36 -36.58
CA GLY C 2492 -56.47 76.62 -37.38
C GLY C 2492 -57.86 77.24 -37.41
N PHE C 2493 -58.35 77.70 -36.27
CA PHE C 2493 -59.66 78.32 -36.20
C PHE C 2493 -59.73 79.65 -36.95
N LEU C 2494 -58.59 80.28 -37.22
CA LEU C 2494 -58.59 81.46 -38.08
C LEU C 2494 -58.95 81.09 -39.51
N PRO C 2495 -58.56 79.94 -40.04
CA PRO C 2495 -58.96 79.55 -41.39
C PRO C 2495 -60.42 79.12 -41.53
N ASP C 2496 -61.10 78.91 -40.40
CA ASP C 2496 -62.44 78.34 -40.42
C ASP C 2496 -63.44 79.30 -41.04
N LEU C 2497 -63.56 80.51 -40.47
CA LEU C 2497 -64.47 81.51 -41.01
C LEU C 2497 -64.04 82.03 -42.36
N ARG C 2498 -62.77 81.91 -42.71
CA ARG C 2498 -62.32 82.27 -44.05
C ARG C 2498 -62.81 81.27 -45.09
N ALA C 2499 -62.47 80.00 -44.93
CA ALA C 2499 -62.83 78.97 -45.89
C ALA C 2499 -64.28 78.52 -45.76
N ALA C 2500 -65.02 79.04 -44.78
CA ALA C 2500 -66.43 78.70 -44.65
C ALA C 2500 -67.29 79.36 -45.72
N ALA C 2501 -66.75 80.32 -46.47
CA ALA C 2501 -67.53 81.13 -47.40
C ALA C 2501 -67.66 80.50 -48.78
N SER C 2502 -67.28 79.24 -48.95
CA SER C 2502 -67.41 78.53 -50.23
C SER C 2502 -67.96 77.13 -50.00
N LEU C 2503 -69.03 77.05 -49.21
CA LEU C 2503 -69.61 75.77 -48.80
C LEU C 2503 -70.28 75.03 -49.97
N THR C 2511 -65.04 73.36 -50.97
CA THR C 2511 -66.03 72.47 -50.39
C THR C 2511 -65.40 71.23 -49.75
N ASP C 2512 -64.50 70.56 -50.47
CA ASP C 2512 -63.95 69.30 -50.00
C ASP C 2512 -63.05 69.49 -48.79
N MET C 2513 -62.20 70.51 -48.81
CA MET C 2513 -61.47 70.89 -47.61
C MET C 2513 -62.30 71.76 -46.69
N ALA C 2514 -63.46 72.22 -47.13
CA ALA C 2514 -64.42 72.86 -46.26
C ALA C 2514 -65.35 71.87 -45.59
N LEU C 2515 -65.09 70.58 -45.73
CA LEU C 2515 -65.67 69.59 -44.83
C LEU C 2515 -64.73 69.27 -43.68
N ALA C 2516 -63.66 70.05 -43.52
CA ALA C 2516 -62.91 70.06 -42.29
C ALA C 2516 -63.74 70.57 -41.13
N LEU C 2517 -64.64 71.53 -41.39
CA LEU C 2517 -65.42 72.12 -40.31
C LEU C 2517 -66.55 71.22 -39.85
N ASN C 2518 -67.20 70.51 -40.78
CA ASN C 2518 -68.21 69.54 -40.38
C ASN C 2518 -67.57 68.36 -39.67
N ARG C 2519 -66.30 68.09 -40.00
CA ARG C 2519 -65.53 67.13 -39.22
C ARG C 2519 -65.19 67.68 -37.84
N TYR C 2520 -64.92 68.96 -37.75
CA TYR C 2520 -64.33 69.54 -36.54
C TYR C 2520 -65.37 70.07 -35.59
N LEU C 2521 -66.65 69.97 -35.97
CA LEU C 2521 -67.80 70.29 -35.13
C LEU C 2521 -67.86 69.52 -33.83
N CYS C 2522 -67.05 68.47 -33.66
CA CYS C 2522 -66.89 67.80 -32.38
C CYS C 2522 -65.50 67.95 -31.77
N THR C 2523 -64.45 67.92 -32.59
CA THR C 2523 -63.11 67.85 -32.02
C THR C 2523 -62.47 69.21 -31.77
N ALA C 2524 -63.10 70.30 -32.22
CA ALA C 2524 -62.70 71.60 -31.67
C ALA C 2524 -63.59 72.02 -30.51
N VAL C 2525 -64.74 71.36 -30.36
CA VAL C 2525 -65.67 71.64 -29.27
C VAL C 2525 -65.26 70.92 -28.00
N LEU C 2526 -64.83 69.67 -28.13
CA LEU C 2526 -64.36 68.89 -26.98
C LEU C 2526 -63.21 69.52 -26.16
N PRO C 2527 -62.40 70.46 -26.69
CA PRO C 2527 -61.57 71.26 -25.77
C PRO C 2527 -62.28 72.38 -25.03
N LEU C 2528 -63.61 72.30 -24.90
CA LEU C 2528 -64.33 73.04 -23.86
C LEU C 2528 -63.73 72.82 -22.48
N LEU C 2529 -63.32 71.59 -22.19
CA LEU C 2529 -62.69 71.25 -20.92
C LEU C 2529 -61.27 71.80 -20.81
N LEU C 2535 -57.28 89.18 -20.27
CA LEU C 2535 -57.58 88.77 -21.64
C LEU C 2535 -56.39 89.05 -22.56
N PHE C 2536 -55.82 87.99 -23.11
CA PHE C 2536 -54.61 88.10 -23.94
C PHE C 2536 -54.90 87.80 -25.41
N ALA C 2537 -55.45 86.64 -25.71
CA ALA C 2537 -55.82 86.28 -27.07
C ALA C 2537 -57.25 85.75 -27.18
N GLY C 2538 -57.92 85.54 -26.05
CA GLY C 2538 -59.27 84.99 -26.04
C GLY C 2538 -60.29 85.86 -26.74
N THR C 2539 -60.09 87.18 -26.72
CA THR C 2539 -60.93 88.10 -27.47
C THR C 2539 -60.87 87.84 -28.97
N GLU C 2540 -59.78 87.27 -29.46
CA GLU C 2540 -59.71 86.83 -30.85
C GLU C 2540 -60.67 85.67 -31.11
N HIS C 2541 -60.75 84.71 -30.18
CA HIS C 2541 -61.49 83.46 -30.44
C HIS C 2541 -62.98 83.72 -30.57
N HIS C 2542 -63.56 84.46 -29.60
CA HIS C 2542 -64.93 84.94 -29.71
C HIS C 2542 -65.11 85.87 -30.90
N ALA C 2543 -64.04 86.51 -31.35
CA ALA C 2543 -64.09 87.17 -32.64
C ALA C 2543 -64.23 86.15 -33.77
N SER C 2544 -63.34 85.15 -33.80
CA SER C 2544 -63.27 84.28 -34.97
C SER C 2544 -64.38 83.23 -34.98
N LEU C 2545 -64.51 82.48 -33.88
CA LEU C 2545 -65.40 81.33 -33.83
C LEU C 2545 -66.88 81.71 -33.93
N ILE C 2546 -67.27 82.82 -33.31
CA ILE C 2546 -68.63 83.33 -33.52
C ILE C 2546 -68.81 83.75 -34.97
N ASP C 2547 -67.77 84.31 -35.58
CA ASP C 2547 -67.79 84.59 -37.01
C ASP C 2547 -67.81 83.31 -37.84
N SER C 2548 -67.42 82.17 -37.25
CA SER C 2548 -67.73 80.90 -37.88
C SER C 2548 -69.15 80.44 -37.55
N LEU C 2549 -69.59 80.66 -36.32
CA LEU C 2549 -70.91 80.19 -35.90
C LEU C 2549 -72.01 80.97 -36.59
N LEU C 2550 -71.79 82.27 -36.80
CA LEU C 2550 -72.71 83.08 -37.57
C LEU C 2550 -72.75 82.68 -39.05
N HIS C 2551 -71.81 81.85 -39.51
CA HIS C 2551 -71.90 81.26 -40.84
C HIS C 2551 -73.08 80.31 -40.97
N THR C 2552 -73.64 79.81 -39.86
CA THR C 2552 -74.82 78.95 -39.91
C THR C 2552 -75.99 79.50 -39.10
N VAL C 2553 -75.83 80.71 -38.55
CA VAL C 2553 -76.89 81.29 -37.72
C VAL C 2553 -78.00 81.84 -38.60
N LYS C 2558 -74.05 68.48 -39.72
CA LYS C 2558 -73.83 69.90 -39.94
C LYS C 2558 -74.98 70.72 -39.39
N GLY C 2559 -76.20 70.38 -39.82
CA GLY C 2559 -77.36 71.16 -39.43
C GLY C 2559 -77.72 70.99 -37.96
N CYS C 2560 -78.03 69.76 -37.55
CA CYS C 2560 -78.23 69.49 -36.13
C CYS C 2560 -76.91 69.37 -35.38
N SER C 2561 -75.80 69.26 -36.10
CA SER C 2561 -74.50 69.27 -35.47
C SER C 2561 -74.02 70.67 -35.11
N LEU C 2562 -74.78 71.70 -35.46
CA LEU C 2562 -74.45 73.06 -35.02
C LEU C 2562 -74.76 73.27 -33.55
N THR C 2563 -75.53 72.38 -32.93
CA THR C 2563 -75.79 72.47 -31.49
C THR C 2563 -74.52 72.24 -30.68
N LYS C 2564 -73.56 71.49 -31.22
CA LYS C 2564 -72.26 71.38 -30.59
C LYS C 2564 -71.48 72.69 -30.60
N ALA C 2565 -71.47 73.39 -31.74
CA ALA C 2565 -70.85 74.70 -31.81
C ALA C 2565 -71.57 75.76 -30.98
N GLN C 2566 -72.87 75.56 -30.73
CA GLN C 2566 -73.60 76.48 -29.85
C GLN C 2566 -73.14 76.39 -28.41
N ARG C 2567 -73.10 75.18 -27.84
CA ARG C 2567 -72.57 74.98 -26.51
C ARG C 2567 -71.06 75.20 -26.45
N ASP C 2568 -70.37 75.14 -27.59
CA ASP C 2568 -68.94 75.47 -27.62
C ASP C 2568 -68.67 76.95 -27.38
N SER C 2569 -69.65 77.82 -27.60
CA SER C 2569 -69.50 79.25 -27.31
C SER C 2569 -70.21 79.67 -26.03
N ILE C 2570 -71.39 79.08 -25.77
CA ILE C 2570 -72.15 79.44 -24.57
C ILE C 2570 -71.42 79.00 -23.31
N GLU C 2571 -70.62 77.94 -23.39
CA GLU C 2571 -69.82 77.53 -22.25
C GLU C 2571 -68.41 78.11 -22.28
N VAL C 2572 -67.94 78.57 -23.45
CA VAL C 2572 -66.65 79.25 -23.48
C VAL C 2572 -66.76 80.65 -22.90
N CYS C 2573 -67.91 81.29 -23.03
CA CYS C 2573 -68.10 82.61 -22.42
C CYS C 2573 -68.27 82.49 -20.90
N LEU C 2574 -68.82 81.36 -20.44
CA LEU C 2574 -69.21 81.20 -19.04
C LEU C 2574 -68.03 81.12 -18.08
N LEU C 2575 -66.82 80.81 -18.56
CA LEU C 2575 -65.64 80.83 -17.71
C LEU C 2575 -64.84 82.10 -17.87
N SER C 2576 -65.51 83.23 -18.08
CA SER C 2576 -64.86 84.52 -18.26
C SER C 2576 -64.12 85.00 -17.02
N PRO C 2583 -61.89 88.77 -18.79
CA PRO C 2583 -63.15 89.10 -18.12
C PRO C 2583 -63.71 90.45 -18.56
N SER C 2584 -62.86 91.29 -19.13
CA SER C 2584 -63.30 92.59 -19.63
C SER C 2584 -63.68 92.50 -21.10
N MET C 2585 -62.83 91.85 -21.91
CA MET C 2585 -63.15 91.60 -23.31
C MET C 2585 -64.35 90.69 -23.46
N MET C 2586 -64.48 89.68 -22.61
CA MET C 2586 -65.69 88.86 -22.60
C MET C 2586 -66.89 89.66 -22.08
N GLN C 2587 -66.65 90.66 -21.22
CA GLN C 2587 -67.75 91.53 -20.81
C GLN C 2587 -68.24 92.38 -21.96
N HIS C 2588 -67.33 92.84 -22.83
CA HIS C 2588 -67.75 93.48 -24.06
C HIS C 2588 -68.37 92.51 -25.05
N LEU C 2589 -67.96 91.24 -24.99
CA LEU C 2589 -68.55 90.18 -25.77
C LEU C 2589 -69.91 89.73 -25.23
N LEU C 2590 -70.29 90.18 -24.04
CA LEU C 2590 -71.61 89.85 -23.50
C LEU C 2590 -72.72 90.62 -24.21
N ARG C 2591 -72.35 91.64 -24.99
CA ARG C 2591 -73.27 92.34 -25.86
C ARG C 2591 -72.85 92.27 -27.32
N ARG C 2592 -72.08 91.26 -27.71
CA ARG C 2592 -71.55 91.17 -29.07
C ARG C 2592 -72.66 90.90 -30.07
N LEU C 2593 -73.55 89.94 -29.78
CA LEU C 2593 -74.63 89.59 -30.67
C LEU C 2593 -75.76 90.61 -30.68
N VAL C 2594 -75.69 91.65 -29.83
CA VAL C 2594 -76.66 92.74 -29.89
C VAL C 2594 -76.48 93.51 -31.19
N PHE C 2595 -75.26 93.57 -31.71
CA PHE C 2595 -75.02 94.07 -33.06
C PHE C 2595 -75.63 93.19 -34.13
N ASP C 2596 -75.92 91.93 -33.81
CA ASP C 2596 -76.66 91.05 -34.71
C ASP C 2596 -78.07 90.74 -34.23
N VAL C 2597 -78.42 91.11 -33.01
CA VAL C 2597 -79.81 90.98 -32.55
C VAL C 2597 -80.60 92.07 -33.26
N PRO C 2598 -79.99 93.24 -33.50
CA PRO C 2598 -80.62 94.20 -34.43
C PRO C 2598 -80.61 93.71 -35.86
N LEU C 2599 -79.70 92.80 -36.21
CA LEU C 2599 -79.62 92.20 -37.53
C LEU C 2599 -80.34 90.86 -37.54
N LEU C 2600 -81.01 90.51 -36.44
CA LEU C 2600 -81.73 89.26 -36.39
C LEU C 2600 -83.05 89.37 -37.16
N ASN C 2601 -83.93 90.26 -36.73
CA ASN C 2601 -85.22 90.44 -37.39
C ASN C 2601 -85.61 91.92 -37.43
N LYS C 2605 -81.11 82.88 -39.18
CA LYS C 2605 -82.49 82.45 -39.02
C LYS C 2605 -82.91 82.51 -37.57
N MET C 2606 -83.69 81.51 -37.12
CA MET C 2606 -84.08 81.38 -35.73
C MET C 2606 -82.85 81.06 -34.89
N PRO C 2607 -81.83 80.43 -35.48
CA PRO C 2607 -80.58 80.23 -34.74
C PRO C 2607 -79.85 81.52 -34.46
N LEU C 2608 -80.06 82.57 -35.26
CA LEU C 2608 -79.48 83.86 -34.94
C LEU C 2608 -80.10 84.45 -33.68
N LYS C 2609 -81.38 84.17 -33.42
CA LYS C 2609 -82.00 84.60 -32.18
C LYS C 2609 -81.65 83.67 -31.03
N LEU C 2610 -81.43 82.38 -31.32
CA LEU C 2610 -80.96 81.47 -30.29
C LEU C 2610 -79.55 81.78 -29.84
N LEU C 2611 -78.71 82.27 -30.74
CA LEU C 2611 -77.37 82.74 -30.37
C LEU C 2611 -77.44 84.01 -29.53
N THR C 2612 -78.52 84.78 -29.67
CA THR C 2612 -78.74 85.89 -28.76
C THR C 2612 -79.22 85.40 -27.40
N ASN C 2613 -80.17 84.48 -27.38
CA ASN C 2613 -80.76 83.98 -26.15
C ASN C 2613 -79.79 83.19 -25.29
N HIS C 2614 -78.89 82.41 -25.89
CA HIS C 2614 -77.97 81.57 -25.13
C HIS C 2614 -76.93 82.41 -24.38
N TYR C 2615 -76.48 83.50 -24.96
CA TYR C 2615 -75.60 84.44 -24.27
C TYR C 2615 -76.36 85.50 -23.51
N GLU C 2616 -77.68 85.59 -23.72
CA GLU C 2616 -78.49 86.59 -23.02
C GLU C 2616 -78.55 86.33 -21.53
N ARG C 2617 -78.75 85.07 -21.14
CA ARG C 2617 -78.80 84.74 -19.72
C ARG C 2617 -77.42 84.89 -19.06
N CYS C 2618 -76.36 84.55 -19.78
CA CYS C 2618 -75.02 84.66 -19.21
C CYS C 2618 -74.42 86.04 -19.38
N TRP C 2619 -75.15 86.98 -20.01
CA TRP C 2619 -74.67 88.34 -20.14
C TRP C 2619 -74.51 89.07 -18.81
N LYS C 2620 -75.38 88.79 -17.83
CA LYS C 2620 -75.37 89.56 -16.60
C LYS C 2620 -74.26 89.15 -15.65
N TYR C 2621 -73.61 88.01 -15.87
CA TYR C 2621 -72.54 87.58 -14.96
C TYR C 2621 -71.32 88.49 -15.06
N TYR C 2622 -71.10 89.08 -16.24
CA TYR C 2622 -69.96 89.96 -16.43
C TYR C 2622 -70.13 91.31 -15.73
N CYS C 2623 -71.29 91.96 -15.88
CA CYS C 2623 -71.55 93.23 -15.23
C CYS C 2623 -72.10 93.07 -13.82
N LEU C 2624 -72.31 91.84 -13.35
CA LEU C 2624 -72.49 91.59 -11.93
C LEU C 2624 -71.13 91.64 -11.22
N PRO C 2625 -70.06 91.17 -11.90
CA PRO C 2625 -68.73 91.24 -11.27
C PRO C 2625 -68.16 92.64 -11.18
N GLY C 2626 -68.20 93.41 -12.27
CA GLY C 2626 -67.70 94.76 -12.25
C GLY C 2626 -68.81 95.78 -12.20
N GLY C 2627 -69.84 95.50 -11.42
CA GLY C 2627 -70.95 96.42 -11.28
C GLY C 2627 -72.14 95.84 -10.54
N ALA C 2634 -70.97 101.79 -20.91
CA ALA C 2634 -70.88 102.47 -22.19
C ALA C 2634 -72.01 102.03 -23.10
N SER C 2635 -72.12 100.72 -23.31
CA SER C 2635 -73.16 100.16 -24.16
C SER C 2635 -74.30 99.54 -23.35
N GLU C 2636 -74.42 99.92 -22.06
CA GLU C 2636 -75.60 99.55 -21.30
C GLU C 2636 -76.83 100.25 -21.84
N GLU C 2637 -76.68 101.48 -22.34
CA GLU C 2637 -77.73 102.13 -23.09
C GLU C 2637 -77.98 101.44 -24.44
N GLU C 2638 -76.95 100.86 -25.05
CA GLU C 2638 -77.16 100.04 -26.24
C GLU C 2638 -77.86 98.74 -25.92
N LEU C 2639 -77.68 98.22 -24.70
CA LEU C 2639 -78.49 97.09 -24.25
C LEU C 2639 -79.96 97.47 -24.14
N HIS C 2640 -80.24 98.69 -23.67
CA HIS C 2640 -81.60 99.22 -23.74
C HIS C 2640 -82.08 99.41 -25.17
N LEU C 2641 -81.16 99.77 -26.08
CA LEU C 2641 -81.52 99.92 -27.49
C LEU C 2641 -81.87 98.58 -28.12
N SER C 2642 -81.17 97.52 -27.72
CA SER C 2642 -81.53 96.18 -28.16
C SER C 2642 -82.78 95.66 -27.47
N ARG C 2643 -83.02 96.06 -26.23
CA ARG C 2643 -84.25 95.70 -25.53
C ARG C 2643 -85.45 96.37 -26.16
N LYS C 2644 -85.28 97.59 -26.65
CA LYS C 2644 -86.36 98.29 -27.35
C LYS C 2644 -86.65 97.66 -28.70
N LEU C 2645 -85.64 97.24 -29.44
CA LEU C 2645 -85.85 96.48 -30.67
C LEU C 2645 -86.44 95.11 -30.38
N PHE C 2646 -86.16 94.55 -29.19
CA PHE C 2646 -86.81 93.32 -28.77
C PHE C 2646 -88.24 93.58 -28.29
N TRP C 2647 -88.49 94.74 -27.69
CA TRP C 2647 -89.85 95.07 -27.26
C TRP C 2647 -90.76 95.35 -28.45
N GLY C 2648 -90.23 96.02 -29.49
CA GLY C 2648 -90.98 96.17 -30.71
C GLY C 2648 -90.99 94.92 -31.56
N ILE C 2649 -89.95 94.08 -31.44
CA ILE C 2649 -89.90 92.80 -32.15
C ILE C 2649 -90.72 91.73 -31.48
N PHE C 2650 -91.06 91.91 -30.19
CA PHE C 2650 -91.99 90.99 -29.54
C PHE C 2650 -93.41 91.16 -30.06
N ASP C 2651 -93.76 92.35 -30.54
CA ASP C 2651 -95.04 92.56 -31.19
C ASP C 2651 -95.08 92.00 -32.61
N ALA C 2652 -93.92 91.76 -33.22
CA ALA C 2652 -93.85 91.18 -34.54
C ALA C 2652 -94.29 89.72 -34.57
N LEU C 2653 -94.04 88.96 -33.52
CA LEU C 2653 -94.41 87.55 -33.47
C LEU C 2653 -95.80 87.37 -32.89
N TYR C 2658 -94.09 78.91 -29.86
CA TYR C 2658 -92.67 78.58 -29.86
C TYR C 2658 -91.87 79.62 -30.63
N GLU C 2659 -92.58 80.63 -31.15
CA GLU C 2659 -91.91 81.72 -31.87
C GLU C 2659 -91.12 82.61 -30.92
N GLN C 2660 -91.61 82.77 -29.69
CA GLN C 2660 -90.88 83.52 -28.68
C GLN C 2660 -90.28 82.63 -27.61
N GLU C 2661 -90.17 81.33 -27.85
CA GLU C 2661 -89.59 80.42 -26.87
C GLU C 2661 -88.09 80.64 -26.73
N LEU C 2662 -87.44 81.13 -27.77
CA LEU C 2662 -86.08 81.64 -27.64
C LEU C 2662 -86.04 83.15 -27.59
N PHE C 2663 -87.11 83.83 -28.02
CA PHE C 2663 -87.12 85.29 -27.97
C PHE C 2663 -87.54 85.80 -26.60
N LYS C 2664 -88.76 85.49 -26.16
CA LYS C 2664 -89.30 86.07 -24.93
C LYS C 2664 -88.66 85.50 -23.67
N LEU C 2665 -87.93 84.40 -23.78
CA LEU C 2665 -87.09 83.95 -22.67
C LEU C 2665 -85.98 84.96 -22.39
N ALA C 2666 -85.48 85.62 -23.43
CA ALA C 2666 -84.46 86.64 -23.23
C ALA C 2666 -85.07 87.99 -22.89
N LEU C 2667 -86.34 88.22 -23.25
CA LEU C 2667 -87.03 89.49 -23.07
C LEU C 2667 -87.23 89.79 -21.60
N PRO C 2668 -87.79 88.85 -20.83
CA PRO C 2668 -87.80 89.02 -19.37
C PRO C 2668 -86.40 88.95 -18.78
N CYS C 2669 -85.47 88.27 -19.45
CA CYS C 2669 -84.08 88.22 -19.02
C CYS C 2669 -83.33 89.51 -19.31
N LEU C 2670 -83.91 90.44 -20.07
CA LEU C 2670 -83.34 91.77 -20.17
C LEU C 2670 -83.48 92.53 -18.85
N SER C 2671 -84.48 92.18 -18.03
CA SER C 2671 -84.48 92.62 -16.64
C SER C 2671 -83.34 92.00 -15.85
N ALA C 2672 -82.88 90.81 -16.26
CA ALA C 2672 -81.60 90.30 -15.78
C ALA C 2672 -80.43 91.11 -16.30
N VAL C 2673 -80.51 91.58 -17.55
CA VAL C 2673 -79.49 92.48 -18.09
C VAL C 2673 -79.60 93.85 -17.42
N ALA C 2674 -80.76 94.18 -16.86
CA ALA C 2674 -80.90 95.34 -15.99
C ALA C 2674 -80.82 94.97 -14.51
N GLY C 2675 -80.35 93.79 -14.17
CA GLY C 2675 -80.37 93.34 -12.79
C GLY C 2675 -79.01 93.17 -12.15
N ALA C 2676 -77.93 93.44 -12.90
CA ALA C 2676 -76.58 93.15 -12.45
C ALA C 2676 -75.65 94.37 -12.49
N LEU C 2677 -75.77 95.20 -13.52
CA LEU C 2677 -74.96 96.40 -13.63
C LEU C 2677 -75.47 97.43 -12.62
N PRO C 2678 -76.78 97.46 -12.35
CA PRO C 2678 -77.57 98.30 -11.43
C PRO C 2678 -78.96 97.70 -11.16
N ASN C 2701 -75.54 89.89 -38.75
CA ASN C 2701 -74.37 90.26 -39.54
C ASN C 2701 -73.82 91.60 -39.06
N PHE C 2702 -72.58 91.89 -39.44
CA PHE C 2702 -72.01 93.21 -39.18
C PHE C 2702 -71.33 93.67 -40.47
N ASN C 2703 -72.12 94.29 -41.34
CA ASN C 2703 -71.59 94.86 -42.56
C ASN C 2703 -70.87 96.16 -42.21
N PRO C 2704 -69.63 96.35 -42.64
CA PRO C 2704 -68.95 97.62 -42.34
C PRO C 2704 -69.58 98.78 -43.08
N GLN C 2705 -69.86 99.86 -42.33
CA GLN C 2705 -70.69 100.97 -42.78
C GLN C 2705 -69.82 102.18 -43.09
N PRO C 2706 -69.46 102.42 -44.34
CA PRO C 2706 -68.51 103.48 -44.66
C PRO C 2706 -69.16 104.86 -44.63
N VAL C 2707 -68.30 105.88 -44.59
CA VAL C 2707 -68.73 107.28 -44.67
C VAL C 2707 -68.08 107.92 -45.88
N ASP C 2708 -68.74 108.96 -46.41
CA ASP C 2708 -68.19 109.73 -47.49
C ASP C 2708 -67.34 110.87 -46.96
N THR C 2709 -66.04 110.81 -47.20
CA THR C 2709 -65.10 111.80 -46.72
C THR C 2709 -64.79 112.84 -47.79
N SER C 2710 -64.42 112.41 -49.00
CA SER C 2710 -63.85 113.27 -50.02
C SER C 2710 -64.88 114.01 -50.87
N ASN C 2711 -66.07 114.26 -50.32
CA ASN C 2711 -67.08 115.05 -51.02
C ASN C 2711 -67.25 116.46 -50.44
N ILE C 2712 -66.62 116.76 -49.30
CA ILE C 2712 -66.72 118.06 -48.64
C ILE C 2712 -65.45 118.86 -48.93
N THR C 2713 -65.60 120.18 -49.06
CA THR C 2713 -64.47 121.06 -49.33
C THR C 2713 -63.78 121.46 -48.01
N ILE C 2714 -62.45 121.58 -48.07
CA ILE C 2714 -61.60 121.94 -46.94
C ILE C 2714 -61.95 123.35 -46.47
N PRO C 2715 -62.18 123.56 -45.18
CA PRO C 2715 -62.48 124.93 -44.70
C PRO C 2715 -61.25 125.82 -44.73
N GLU C 2716 -61.47 127.05 -45.19
CA GLU C 2716 -60.40 128.04 -45.24
C GLU C 2716 -60.16 128.68 -43.87
N LYS C 2717 -61.16 128.61 -42.99
CA LYS C 2717 -60.99 129.11 -41.63
C LYS C 2717 -60.11 128.18 -40.80
N LEU C 2718 -60.04 126.91 -41.17
CA LEU C 2718 -59.18 125.95 -40.48
C LEU C 2718 -57.84 125.75 -41.17
N GLU C 2719 -57.52 126.57 -42.18
CA GLU C 2719 -56.26 126.42 -42.89
C GLU C 2719 -55.05 126.84 -42.05
N TYR C 2720 -55.22 127.82 -41.16
CA TYR C 2720 -54.19 128.07 -40.16
C TYR C 2720 -54.02 126.92 -39.19
N PHE C 2721 -55.09 126.19 -38.88
CA PHE C 2721 -55.00 125.03 -37.99
C PHE C 2721 -54.28 123.85 -38.64
N ILE C 2722 -54.50 123.61 -39.93
CA ILE C 2722 -53.90 122.46 -40.61
C ILE C 2722 -52.38 122.58 -40.69
N ASN C 2723 -51.87 123.74 -41.07
CA ASN C 2723 -50.43 123.98 -41.14
C ASN C 2723 -49.76 123.92 -39.78
N LYS C 2724 -50.35 124.56 -38.76
CA LYS C 2724 -49.79 124.54 -37.42
C LYS C 2724 -49.87 123.16 -36.78
N TYR C 2725 -50.94 122.40 -37.04
CA TYR C 2725 -51.00 121.04 -36.53
C TYR C 2725 -50.04 120.11 -37.25
N ALA C 2726 -49.79 120.33 -38.55
CA ALA C 2726 -48.79 119.51 -39.23
C ALA C 2726 -47.39 119.81 -38.73
N GLU C 2727 -47.12 121.08 -38.43
CA GLU C 2727 -45.86 121.45 -37.78
C GLU C 2727 -45.72 120.81 -36.41
N HIS C 2728 -46.76 120.93 -35.58
CA HIS C 2728 -46.75 120.34 -34.23
C HIS C 2728 -46.75 118.81 -34.26
N SER C 2729 -47.28 118.21 -35.33
CA SER C 2729 -47.20 116.76 -35.49
C SER C 2729 -45.80 116.33 -35.86
N HIS C 2730 -45.10 117.13 -36.68
CA HIS C 2730 -43.66 116.93 -36.86
C HIS C 2730 -42.88 117.10 -35.55
N ASP C 2731 -43.23 118.08 -34.72
CA ASP C 2731 -42.54 118.26 -33.44
C ASP C 2731 -42.80 117.09 -32.49
N LYS C 2732 -44.05 116.61 -32.42
CA LYS C 2732 -44.38 115.45 -31.60
C LYS C 2732 -43.71 114.18 -32.09
N TRP C 2733 -43.85 113.88 -33.37
CA TRP C 2733 -43.26 112.71 -34.01
C TRP C 2733 -41.75 112.66 -33.90
N SER C 2734 -41.07 113.80 -34.03
CA SER C 2734 -39.62 113.83 -33.83
C SER C 2734 -39.22 113.91 -32.36
N MET C 2735 -40.12 114.33 -31.46
CA MET C 2735 -39.83 114.28 -30.04
C MET C 2735 -39.98 112.85 -29.51
N ASP C 2736 -40.66 111.99 -30.26
CA ASP C 2736 -40.55 110.56 -30.05
C ASP C 2736 -39.26 109.98 -30.64
N LYS C 2737 -38.53 110.78 -31.43
CA LYS C 2737 -37.25 110.39 -31.98
C LYS C 2737 -36.09 111.24 -31.47
N LEU C 2738 -36.34 112.22 -30.59
CA LEU C 2738 -35.26 113.04 -30.07
C LEU C 2738 -34.75 112.58 -28.71
N ALA C 2739 -35.37 111.57 -28.12
CA ALA C 2739 -34.74 110.87 -27.00
C ALA C 2739 -33.69 109.90 -27.50
N ASN C 2740 -33.64 109.65 -28.81
CA ASN C 2740 -32.73 108.72 -29.45
C ASN C 2740 -31.83 109.40 -30.47
N GLY C 2741 -32.35 110.36 -31.23
CA GLY C 2741 -31.56 111.13 -32.18
C GLY C 2741 -31.59 110.66 -33.62
N TRP C 2742 -32.80 110.54 -34.19
CA TRP C 2742 -32.91 110.14 -35.59
C TRP C 2742 -32.76 111.36 -36.53
N ILE C 2743 -31.92 111.20 -37.54
CA ILE C 2743 -31.53 112.30 -38.42
C ILE C 2743 -31.77 111.87 -39.87
N TYR C 2744 -31.94 112.87 -40.74
CA TYR C 2744 -32.10 112.65 -42.16
C TYR C 2744 -30.81 112.12 -42.79
N GLY C 2745 -30.97 111.21 -43.75
CA GLY C 2745 -29.81 110.68 -44.44
C GLY C 2745 -30.01 110.48 -45.92
N GLU C 2746 -28.92 110.23 -46.64
CA GLU C 2746 -28.94 110.06 -48.09
C GLU C 2746 -29.11 108.61 -48.51
N ILE C 2747 -28.43 107.68 -47.84
CA ILE C 2747 -28.59 106.26 -48.10
C ILE C 2747 -29.54 105.69 -47.06
N TYR C 2748 -30.60 105.03 -47.53
CA TYR C 2748 -31.62 104.49 -46.64
C TYR C 2748 -31.26 103.11 -46.13
N SER C 2749 -30.21 103.02 -45.32
CA SER C 2749 -29.79 101.76 -44.70
C SER C 2749 -30.04 101.91 -43.21
N ASP C 2750 -31.13 101.30 -42.73
CA ASP C 2750 -31.64 101.55 -41.39
C ASP C 2750 -30.82 100.86 -40.31
N SER C 2751 -29.85 100.01 -40.66
CA SER C 2751 -29.02 99.37 -39.65
C SER C 2751 -28.05 100.35 -39.00
N SER C 2752 -27.80 101.48 -39.64
CA SER C 2752 -26.99 102.56 -39.07
C SER C 2752 -27.85 103.58 -38.33
N LYS C 2753 -29.15 103.29 -38.14
CA LYS C 2753 -30.11 104.12 -37.39
C LYS C 2753 -30.21 105.53 -37.97
N VAL C 2754 -30.37 105.60 -39.29
CA VAL C 2754 -30.56 106.87 -40.00
C VAL C 2754 -31.81 106.71 -40.86
N GLN C 2755 -32.60 107.76 -40.99
CA GLN C 2755 -33.84 107.57 -41.72
C GLN C 2755 -33.97 108.57 -42.86
N PRO C 2756 -34.62 108.18 -43.97
CA PRO C 2756 -34.87 109.13 -45.05
C PRO C 2756 -36.14 109.96 -44.88
N LEU C 2757 -36.69 110.04 -43.67
CA LEU C 2757 -37.91 110.79 -43.44
C LEU C 2757 -37.72 111.98 -42.50
N MET C 2758 -36.56 112.12 -41.86
CA MET C 2758 -36.36 113.14 -40.82
C MET C 2758 -36.11 114.53 -41.39
N LYS C 2759 -37.00 114.98 -42.27
CA LYS C 2759 -36.97 116.28 -42.93
C LYS C 2759 -37.66 117.33 -42.07
N PRO C 2760 -37.01 118.49 -41.88
CA PRO C 2760 -37.63 119.57 -41.08
C PRO C 2760 -38.90 120.12 -41.69
N TYR C 2761 -39.77 120.72 -40.87
CA TYR C 2761 -41.03 121.23 -41.39
C TYR C 2761 -40.87 122.54 -42.13
N LYS C 2762 -39.87 123.35 -41.79
CA LYS C 2762 -39.69 124.66 -42.40
C LYS C 2762 -39.12 124.60 -43.83
N LEU C 2763 -38.82 123.42 -44.35
CA LEU C 2763 -38.25 123.24 -45.67
C LEU C 2763 -39.07 122.24 -46.48
N LEU C 2764 -40.39 122.36 -46.46
CA LEU C 2764 -41.23 121.48 -47.26
C LEU C 2764 -41.55 122.12 -48.61
N SER C 2765 -41.54 121.29 -49.64
CA SER C 2765 -42.02 121.63 -50.96
C SER C 2765 -43.52 121.38 -51.03
N GLU C 2766 -44.10 121.52 -52.22
CA GLU C 2766 -45.51 121.19 -52.37
C GLU C 2766 -45.74 119.71 -52.66
N LYS C 2767 -44.70 118.88 -52.57
CA LYS C 2767 -44.83 117.44 -52.78
C LYS C 2767 -44.49 116.61 -51.56
N GLU C 2768 -43.52 117.04 -50.74
CA GLU C 2768 -43.20 116.37 -49.51
C GLU C 2768 -44.12 116.76 -48.35
N LYS C 2769 -45.14 117.58 -48.61
CA LYS C 2769 -46.15 117.86 -47.60
C LYS C 2769 -47.22 116.77 -47.57
N GLU C 2770 -47.19 115.84 -48.54
CA GLU C 2770 -48.13 114.73 -48.60
C GLU C 2770 -48.02 113.80 -47.40
N ILE C 2771 -46.83 113.68 -46.80
CA ILE C 2771 -46.69 112.94 -45.56
C ILE C 2771 -47.42 113.66 -44.43
N TYR C 2772 -47.39 115.00 -44.44
CA TYR C 2772 -47.97 115.83 -43.40
C TYR C 2772 -49.42 116.24 -43.67
N ARG C 2773 -49.87 116.20 -44.93
CA ARG C 2773 -51.21 116.68 -45.24
C ARG C 2773 -52.25 115.57 -45.20
N TRP C 2774 -52.03 114.50 -45.95
CA TRP C 2774 -52.99 113.44 -46.22
C TRP C 2774 -53.49 112.65 -45.00
N PRO C 2775 -52.71 112.43 -43.93
CA PRO C 2775 -53.35 111.93 -42.69
C PRO C 2775 -54.24 112.95 -42.00
N ILE C 2776 -53.96 114.24 -42.12
CA ILE C 2776 -54.60 115.23 -41.26
C ILE C 2776 -55.87 115.77 -41.90
N LYS C 2777 -55.91 115.88 -43.24
CA LYS C 2777 -57.10 116.38 -43.93
C LYS C 2777 -58.26 115.39 -43.85
N GLU C 2778 -57.99 114.11 -43.59
CA GLU C 2778 -59.06 113.15 -43.31
C GLU C 2778 -59.62 113.31 -41.91
N SER C 2779 -58.95 114.06 -41.04
CA SER C 2779 -59.43 114.39 -39.71
C SER C 2779 -60.55 115.42 -39.71
N LEU C 2780 -60.82 116.07 -40.84
CA LEU C 2780 -61.88 117.07 -40.88
C LEU C 2780 -63.02 116.66 -41.80
N LYS C 2781 -62.73 115.82 -42.81
CA LYS C 2781 -63.74 115.46 -43.81
C LYS C 2781 -64.80 114.53 -43.25
N THR C 2782 -64.48 113.79 -42.18
CA THR C 2782 -65.46 112.98 -41.45
C THR C 2782 -65.85 113.59 -40.11
N MET C 2783 -65.12 114.62 -39.66
CA MET C 2783 -65.45 115.28 -38.40
C MET C 2783 -66.74 116.09 -38.53
N LEU C 2784 -66.89 116.83 -39.63
CA LEU C 2784 -68.09 117.62 -39.90
C LEU C 2784 -69.16 116.83 -40.64
N ALA C 2785 -69.06 115.51 -40.69
CA ALA C 2785 -70.00 114.69 -41.44
C ALA C 2785 -71.33 114.52 -40.74
N TRP C 2786 -71.35 114.53 -39.40
CA TRP C 2786 -72.57 114.34 -38.63
C TRP C 2786 -73.27 115.66 -38.33
N GLY C 2787 -72.85 116.74 -38.98
CA GLY C 2787 -73.42 118.05 -38.76
C GLY C 2787 -72.82 118.83 -37.61
N TRP C 2788 -72.01 118.19 -36.78
CA TRP C 2788 -71.39 118.86 -35.63
C TRP C 2788 -70.28 119.78 -36.11
N ARG C 2789 -70.44 121.07 -35.85
CA ARG C 2789 -69.51 122.10 -36.29
C ARG C 2789 -68.49 122.39 -35.20
N ILE C 2790 -67.54 123.27 -35.54
CA ILE C 2790 -66.45 123.66 -34.65
C ILE C 2790 -66.57 125.16 -34.41
N GLU C 2791 -66.66 125.55 -33.15
CA GLU C 2791 -66.86 126.95 -32.78
C GLU C 2791 -65.58 127.49 -32.14
N ARG C 2792 -65.66 128.70 -31.58
CA ARG C 2792 -64.49 129.37 -31.04
C ARG C 2792 -64.61 129.59 -29.54
N THR C 2793 -63.46 129.63 -28.88
CA THR C 2793 -63.37 129.86 -27.43
C THR C 2793 -62.48 131.07 -27.17
N ARG C 2794 -62.11 131.25 -25.90
CA ARG C 2794 -61.08 132.20 -25.53
C ARG C 2794 -59.71 131.73 -26.00
N GLU C 2795 -58.72 132.61 -25.88
CA GLU C 2795 -57.42 132.38 -26.48
C GLU C 2795 -56.62 131.32 -25.73
N GLY C 2796 -55.82 130.57 -26.48
CA GLY C 2796 -54.95 129.57 -25.90
C GLY C 2796 -53.76 129.30 -26.79
N ASP C 2797 -52.60 129.16 -26.17
CA ASP C 2797 -51.34 129.01 -26.90
C ASP C 2797 -51.15 127.60 -27.43
N ALA C 2818 -27.25 116.10 -23.70
CA ALA C 2818 -28.03 117.00 -24.55
C ALA C 2818 -27.44 117.08 -25.95
N ALA C 2819 -28.32 117.04 -26.95
CA ALA C 2819 -27.91 117.02 -28.35
C ALA C 2819 -28.62 118.16 -29.07
N HIS C 2820 -28.43 118.23 -30.39
CA HIS C 2820 -29.01 119.29 -31.21
C HIS C 2820 -29.76 118.66 -32.36
N GLY C 2821 -30.14 119.51 -33.33
CA GLY C 2821 -30.91 119.09 -34.48
C GLY C 2821 -32.06 120.05 -34.75
N TYR C 2822 -33.24 119.52 -35.05
CA TYR C 2822 -34.47 120.32 -35.07
C TYR C 2822 -35.15 120.15 -33.72
N SER C 2823 -34.75 121.00 -32.78
CA SER C 2823 -35.17 120.91 -31.38
C SER C 2823 -36.42 121.75 -31.17
N PRO C 2824 -37.56 121.16 -30.88
CA PRO C 2824 -38.78 121.96 -30.70
C PRO C 2824 -38.98 122.43 -29.27
N ARG C 2825 -39.57 123.62 -29.16
CA ARG C 2825 -40.09 124.12 -27.90
C ARG C 2825 -41.58 123.80 -27.79
N ALA C 2826 -41.88 122.52 -27.93
CA ALA C 2826 -43.24 122.00 -28.00
C ALA C 2826 -43.43 120.85 -27.02
N ILE C 2827 -44.66 120.33 -26.99
CA ILE C 2827 -45.04 119.25 -26.09
C ILE C 2827 -45.53 118.07 -26.90
N ASP C 2828 -45.87 117.00 -26.20
CA ASP C 2828 -46.44 115.79 -26.79
C ASP C 2828 -47.97 115.86 -26.74
N MET C 2829 -48.60 114.70 -26.99
CA MET C 2829 -50.05 114.59 -27.00
C MET C 2829 -50.54 113.52 -26.03
N SER C 2830 -49.98 113.50 -24.82
CA SER C 2830 -50.41 112.56 -23.79
C SER C 2830 -50.47 113.21 -22.41
N ASN C 2831 -50.23 114.53 -22.32
CA ASN C 2831 -50.16 115.20 -21.03
C ASN C 2831 -51.31 116.18 -20.78
N VAL C 2832 -52.38 116.14 -21.58
CA VAL C 2832 -53.59 116.95 -21.34
C VAL C 2832 -54.77 115.98 -21.24
N THR C 2833 -55.83 116.39 -20.54
CA THR C 2833 -57.03 115.57 -20.38
C THR C 2833 -58.12 116.02 -21.36
N LEU C 2834 -59.06 115.11 -21.64
CA LEU C 2834 -60.12 115.35 -22.60
C LEU C 2834 -61.34 115.98 -21.89
N SER C 2835 -62.27 116.52 -22.68
CA SER C 2835 -63.39 117.28 -22.16
C SER C 2835 -64.72 116.54 -22.38
N ARG C 2836 -65.78 117.08 -21.77
CA ARG C 2836 -67.02 116.31 -21.66
C ARG C 2836 -67.90 116.44 -22.90
N ASP C 2837 -67.71 117.49 -23.70
CA ASP C 2837 -68.42 117.54 -24.97
C ASP C 2837 -67.59 116.89 -26.08
N LEU C 2838 -66.42 116.37 -25.72
CA LEU C 2838 -65.46 115.84 -26.69
C LEU C 2838 -65.46 114.32 -26.78
N HIS C 2839 -65.75 113.61 -25.69
CA HIS C 2839 -65.44 112.18 -25.63
C HIS C 2839 -66.37 111.34 -26.49
N ALA C 2840 -67.63 111.74 -26.61
CA ALA C 2840 -68.55 110.99 -27.45
C ALA C 2840 -68.22 111.17 -28.92
N MET C 2841 -67.82 112.37 -29.32
CA MET C 2841 -67.23 112.58 -30.63
C MET C 2841 -65.96 111.76 -30.84
N ALA C 2842 -65.13 111.65 -29.78
CA ALA C 2842 -63.86 110.94 -29.90
C ALA C 2842 -64.08 109.46 -30.14
N GLU C 2843 -64.99 108.84 -29.39
CA GLU C 2843 -65.23 107.42 -29.58
C GLU C 2843 -66.11 107.14 -30.80
N MET C 2844 -66.96 108.09 -31.20
CA MET C 2844 -67.69 107.95 -32.46
C MET C 2844 -66.73 108.04 -33.65
N MET C 2845 -65.74 108.92 -33.58
CA MET C 2845 -64.72 108.99 -34.64
C MET C 2845 -63.80 107.78 -34.60
N ALA C 2846 -63.58 107.19 -33.43
CA ALA C 2846 -62.80 105.96 -33.35
C ALA C 2846 -63.54 104.79 -34.00
N GLU C 2847 -64.85 104.65 -33.74
CA GLU C 2847 -65.64 103.65 -34.43
C GLU C 2847 -65.70 103.93 -35.93
N ASN C 2848 -65.75 105.21 -36.31
CA ASN C 2848 -65.76 105.60 -37.73
C ASN C 2848 -64.45 105.24 -38.42
N TYR C 2849 -63.32 105.41 -37.72
CA TYR C 2849 -62.04 104.97 -38.26
C TYR C 2849 -61.95 103.46 -38.36
N HIS C 2850 -62.50 102.73 -37.39
CA HIS C 2850 -62.62 101.28 -37.47
C HIS C 2850 -63.48 100.82 -38.65
N ASN C 2851 -64.48 101.63 -39.04
CA ASN C 2851 -65.37 101.28 -40.14
C ASN C 2851 -64.93 101.81 -41.50
N ILE C 2852 -63.99 102.75 -41.56
CA ILE C 2852 -63.41 103.16 -42.84
C ILE C 2852 -62.15 102.35 -43.16
N TRP C 2853 -61.38 101.94 -42.14
CA TRP C 2853 -60.26 101.05 -42.39
C TRP C 2853 -60.72 99.64 -42.68
N ALA C 2854 -61.95 99.28 -42.28
CA ALA C 2854 -62.54 98.02 -42.68
C ALA C 2854 -62.88 98.01 -44.17
N LYS C 2855 -63.15 99.18 -44.76
CA LYS C 2855 -63.30 99.24 -46.20
C LYS C 2855 -61.95 99.44 -46.88
N LYS C 2856 -60.97 99.98 -46.14
CA LYS C 2856 -59.61 100.03 -46.67
C LYS C 2856 -58.98 98.65 -46.71
N LYS C 2857 -59.32 97.78 -45.76
CA LYS C 2857 -58.83 96.41 -45.84
C LYS C 2857 -59.60 95.59 -46.87
N LYS C 2858 -60.78 96.07 -47.28
CA LYS C 2858 -61.47 95.51 -48.44
C LYS C 2858 -60.97 96.10 -49.75
N LEU C 2859 -59.94 96.95 -49.69
CA LEU C 2859 -59.41 97.62 -50.88
C LEU C 2859 -58.04 97.08 -51.29
N GLU C 2860 -57.28 96.51 -50.37
CA GLU C 2860 -55.89 96.16 -50.64
C GLU C 2860 -55.69 94.71 -51.05
N LEU C 2861 -56.16 93.74 -50.26
CA LEU C 2861 -55.83 92.34 -50.50
C LEU C 2861 -57.08 91.46 -50.50
N GLU C 2862 -58.12 91.86 -51.24
CA GLU C 2862 -59.22 90.96 -51.54
C GLU C 2862 -59.66 91.03 -52.99
N SER C 2863 -59.14 91.99 -53.76
CA SER C 2863 -59.42 92.09 -55.19
C SER C 2863 -58.24 91.70 -56.06
N LYS C 2864 -57.11 91.32 -55.46
CA LYS C 2864 -55.92 90.96 -56.21
C LYS C 2864 -55.80 89.47 -56.45
N GLY C 2865 -56.41 88.63 -55.61
CA GLY C 2865 -56.28 87.20 -55.77
C GLY C 2865 -56.17 86.42 -54.47
N GLY C 2866 -56.22 87.12 -53.34
CA GLY C 2866 -56.12 86.48 -52.05
C GLY C 2866 -57.39 85.76 -51.63
N GLY C 2867 -57.54 85.63 -50.31
CA GLY C 2867 -58.73 85.01 -49.77
C GLY C 2867 -59.57 85.98 -48.94
N ASN C 2868 -60.52 85.45 -48.17
CA ASN C 2868 -61.29 86.31 -47.28
C ASN C 2868 -60.45 86.66 -46.06
N HIS C 2869 -60.87 87.71 -45.37
CA HIS C 2869 -60.15 88.13 -44.19
C HIS C 2869 -61.10 88.18 -42.99
N PRO C 2870 -60.71 87.60 -41.85
CA PRO C 2870 -61.68 87.36 -40.77
C PRO C 2870 -62.01 88.58 -39.90
N LEU C 2871 -61.76 89.79 -40.36
CA LEU C 2871 -62.04 91.00 -39.59
C LEU C 2871 -63.46 91.52 -39.81
N LEU C 2872 -64.38 90.63 -40.20
CA LEU C 2872 -65.78 90.97 -40.44
C LEU C 2872 -66.64 90.72 -39.21
N VAL C 2873 -66.06 90.83 -38.02
CA VAL C 2873 -66.69 90.52 -36.74
C VAL C 2873 -67.51 91.75 -36.35
N PRO C 2874 -68.56 91.62 -35.53
CA PRO C 2874 -69.10 92.79 -34.83
C PRO C 2874 -68.05 93.52 -34.00
N TYR C 2875 -68.37 94.79 -33.73
CA TYR C 2875 -67.39 95.80 -33.32
C TYR C 2875 -66.81 95.54 -31.93
N ASP C 2876 -67.63 95.04 -31.00
CA ASP C 2876 -67.29 95.06 -29.59
C ASP C 2876 -66.51 93.84 -29.13
N THR C 2877 -65.77 93.19 -30.02
CA THR C 2877 -65.03 91.98 -29.69
C THR C 2877 -63.63 91.95 -30.27
N LEU C 2878 -63.34 92.74 -31.30
CA LEU C 2878 -62.07 92.66 -32.00
C LEU C 2878 -60.96 93.31 -31.17
N THR C 2879 -59.76 92.72 -31.24
CA THR C 2879 -58.63 93.14 -30.43
C THR C 2879 -58.11 94.50 -30.88
N ALA C 2880 -57.40 95.17 -29.96
CA ALA C 2880 -57.06 96.57 -30.12
C ALA C 2880 -55.61 96.82 -30.54
N LYS C 2881 -54.81 95.77 -30.77
CA LYS C 2881 -53.45 96.00 -31.24
C LYS C 2881 -53.44 96.41 -32.71
N GLU C 2882 -54.49 96.08 -33.45
CA GLU C 2882 -54.68 96.64 -34.78
C GLU C 2882 -55.38 97.99 -34.76
N LYS C 2883 -55.87 98.42 -33.59
CA LYS C 2883 -56.52 99.71 -33.42
C LYS C 2883 -55.60 100.77 -32.83
N ALA C 2884 -54.30 100.47 -32.75
CA ALA C 2884 -53.35 101.40 -32.13
C ALA C 2884 -53.14 102.66 -32.95
N LYS C 2885 -53.07 102.55 -34.28
CA LYS C 2885 -53.01 103.74 -35.13
C LYS C 2885 -54.38 104.32 -35.42
N ASP C 2886 -55.44 103.72 -34.89
CA ASP C 2886 -56.81 104.13 -35.18
C ASP C 2886 -57.48 104.89 -34.05
N ARG C 2887 -57.30 104.46 -32.80
CA ARG C 2887 -57.95 105.17 -31.70
C ARG C 2887 -57.03 106.22 -31.09
N GLU C 2888 -55.72 106.07 -31.25
CA GLU C 2888 -54.78 107.07 -30.75
C GLU C 2888 -54.50 108.16 -31.77
N LYS C 2889 -55.14 108.11 -32.94
CA LYS C 2889 -55.25 109.25 -33.82
C LYS C 2889 -56.55 110.01 -33.61
N ALA C 2890 -57.53 109.41 -32.93
CA ALA C 2890 -58.83 110.01 -32.71
C ALA C 2890 -58.88 110.90 -31.48
N GLN C 2891 -57.80 110.94 -30.68
CA GLN C 2891 -57.77 111.75 -29.47
C GLN C 2891 -56.89 112.99 -29.58
N ASP C 2892 -55.83 112.95 -30.40
CA ASP C 2892 -54.98 114.13 -30.54
C ASP C 2892 -55.55 115.14 -31.53
N ILE C 2893 -56.35 114.70 -32.50
CA ILE C 2893 -56.91 115.59 -33.50
C ILE C 2893 -57.93 116.54 -32.88
N LEU C 2894 -58.56 116.14 -31.78
CA LEU C 2894 -59.38 117.05 -30.99
C LEU C 2894 -58.61 117.66 -29.83
N LYS C 2895 -57.40 117.16 -29.55
CA LYS C 2895 -56.56 117.78 -28.53
C LYS C 2895 -55.92 119.06 -29.04
N PHE C 2896 -55.48 119.08 -30.30
CA PHE C 2896 -54.92 120.31 -30.84
C PHE C 2896 -55.99 121.37 -31.08
N LEU C 2897 -57.27 120.97 -31.18
CA LEU C 2897 -58.36 121.94 -31.12
C LEU C 2897 -58.46 122.59 -29.75
N GLN C 2898 -58.04 121.92 -28.67
CA GLN C 2898 -58.05 122.55 -27.36
C GLN C 2898 -56.77 123.35 -27.10
N ILE C 2899 -55.65 122.93 -27.68
CA ILE C 2899 -54.41 123.70 -27.55
C ILE C 2899 -54.50 124.99 -28.37
N ASN C 2900 -55.09 124.91 -29.57
CA ASN C 2900 -55.37 126.12 -30.33
C ASN C 2900 -56.64 126.83 -29.86
N GLY C 2901 -57.50 126.15 -29.09
CA GLY C 2901 -58.68 126.80 -28.56
C GLY C 2901 -59.87 126.80 -29.50
N TYR C 2902 -60.28 125.62 -29.95
CA TYR C 2902 -61.47 125.44 -30.77
C TYR C 2902 -62.54 124.72 -29.95
N ALA C 2903 -63.76 125.26 -29.97
CA ALA C 2903 -64.89 124.68 -29.25
C ALA C 2903 -65.42 123.46 -30.00
N VAL C 2904 -65.48 122.35 -29.27
CA VAL C 2904 -66.16 121.16 -29.75
C VAL C 2904 -67.55 121.10 -29.11
N SER C 2905 -68.57 120.80 -29.91
CA SER C 2905 -69.95 120.82 -29.43
C SER C 2905 -70.80 119.83 -30.22
N ARG C 2906 -71.53 118.98 -29.50
CA ARG C 2906 -72.46 118.04 -30.10
C ARG C 2906 -73.83 118.65 -30.39
N GLY C 2907 -74.02 119.93 -30.08
CA GLY C 2907 -75.27 120.62 -30.35
C GLY C 2907 -75.13 122.12 -30.34
N TYR C 2982 -82.19 102.74 -18.12
CA TYR C 2982 -81.57 103.69 -17.19
C TYR C 2982 -82.36 104.99 -17.15
N PHE C 2983 -81.74 106.09 -17.61
CA PHE C 2983 -82.42 107.36 -17.68
C PHE C 2983 -83.48 107.35 -18.78
N LEU C 2984 -83.17 106.71 -19.91
CA LEU C 2984 -84.16 106.52 -20.96
C LEU C 2984 -85.28 105.60 -20.53
N SER C 2985 -85.04 104.72 -19.56
CA SER C 2985 -86.13 103.98 -18.95
C SER C 2985 -87.03 104.90 -18.13
N ALA C 2986 -86.47 105.91 -17.47
CA ALA C 2986 -87.29 106.86 -16.72
C ALA C 2986 -88.06 107.79 -17.65
N ALA C 2987 -87.52 108.06 -18.84
CA ALA C 2987 -88.24 108.89 -19.81
C ALA C 2987 -89.23 108.07 -20.63
N SER C 2988 -89.06 106.75 -20.69
CA SER C 2988 -89.94 105.89 -21.47
C SER C 2988 -90.86 105.04 -20.61
N ARG C 2989 -90.82 105.19 -19.28
CA ARG C 2989 -91.72 104.49 -18.38
C ARG C 2989 -93.16 104.92 -18.63
N PRO C 2990 -93.41 106.20 -18.90
CA PRO C 2990 -94.74 106.60 -19.35
C PRO C 2990 -95.07 106.07 -20.75
N LEU C 2991 -94.08 105.98 -21.64
CA LEU C 2991 -94.30 105.34 -22.93
C LEU C 2991 -94.54 103.84 -22.80
N CYS C 2992 -93.88 103.18 -21.84
CA CYS C 2992 -94.15 101.77 -21.60
C CYS C 2992 -95.54 101.57 -21.01
N SER C 2993 -95.95 102.46 -20.10
CA SER C 2993 -97.30 102.40 -19.56
C SER C 2993 -98.35 102.68 -20.63
N GLY C 2994 -98.06 103.60 -21.56
CA GLY C 2994 -98.95 103.85 -22.67
C GLY C 2994 -98.99 102.76 -23.72
N GLY C 2995 -97.89 102.03 -23.90
CA GLY C 2995 -97.89 100.88 -24.76
C GLY C 2995 -98.69 99.74 -24.18
N HIS C 2996 -98.55 99.54 -22.86
CA HIS C 2996 -99.35 98.53 -22.17
C HIS C 2996 -100.82 98.91 -22.15
N ALA C 2997 -101.13 100.19 -22.03
CA ALA C 2997 -102.52 100.64 -22.07
C ALA C 2997 -103.13 100.48 -23.45
N SER C 2998 -102.36 100.73 -24.49
CA SER C 2998 -102.90 100.65 -25.84
C SER C 2998 -103.03 99.20 -26.31
N ASN C 2999 -102.09 98.34 -25.96
CA ASN C 2999 -102.14 96.95 -26.41
C ASN C 2999 -102.80 96.01 -25.41
N LYS C 3000 -103.19 96.50 -24.23
CA LYS C 3000 -103.83 95.65 -23.23
C LYS C 3000 -105.35 95.63 -23.35
N GLU C 3001 -105.93 96.47 -24.22
CA GLU C 3001 -107.37 96.40 -24.44
C GLU C 3001 -107.73 95.31 -25.45
N LYS C 3002 -106.84 95.05 -26.41
CA LYS C 3002 -107.05 94.01 -27.42
C LYS C 3002 -106.34 92.71 -27.07
N GLU C 3003 -106.06 92.47 -25.79
CA GLU C 3003 -105.49 91.19 -25.37
C GLU C 3003 -106.51 90.07 -25.43
N MET C 3004 -107.81 90.40 -25.36
CA MET C 3004 -108.86 89.41 -25.48
C MET C 3004 -108.92 88.81 -26.88
N VAL C 3005 -108.52 89.58 -27.90
CA VAL C 3005 -108.47 89.10 -29.26
C VAL C 3005 -107.02 89.01 -29.73
N PHE C 3009 -102.06 87.69 -30.80
CA PHE C 3009 -102.11 87.03 -29.50
C PHE C 3009 -101.13 87.69 -28.53
N CYS C 3010 -101.47 88.88 -28.08
CA CYS C 3010 -100.61 89.66 -27.20
C CYS C 3010 -101.01 89.57 -25.74
N LYS C 3011 -101.91 88.64 -25.39
CA LYS C 3011 -102.33 88.50 -23.99
C LYS C 3011 -101.19 87.96 -23.13
N LEU C 3012 -100.32 87.13 -23.71
CA LEU C 3012 -99.14 86.68 -22.99
C LEU C 3012 -98.08 87.77 -22.92
N GLY C 3013 -98.06 88.68 -23.90
CA GLY C 3013 -97.15 89.80 -23.86
C GLY C 3013 -97.43 90.78 -22.74
N VAL C 3014 -98.69 90.89 -22.33
CA VAL C 3014 -99.03 91.74 -21.18
C VAL C 3014 -98.47 91.15 -19.89
N LEU C 3015 -98.60 89.83 -19.72
CA LEU C 3015 -97.99 89.16 -18.58
C LEU C 3015 -96.47 89.17 -18.65
N VAL C 3016 -95.90 89.15 -19.85
CA VAL C 3016 -94.45 89.28 -20.01
C VAL C 3016 -93.98 90.68 -19.61
N ARG C 3017 -94.74 91.72 -19.97
CA ARG C 3017 -94.39 93.08 -19.58
C ARG C 3017 -94.63 93.34 -18.10
N HIS C 3018 -95.59 92.65 -17.48
CA HIS C 3018 -95.77 92.77 -16.03
C HIS C 3018 -94.68 92.02 -15.28
N ARG C 3019 -94.26 90.87 -15.80
CA ARG C 3019 -93.21 90.08 -15.15
C ARG C 3019 -91.82 90.65 -15.38
N ILE C 3020 -91.56 91.25 -16.54
CA ILE C 3020 -90.27 91.90 -16.77
C ILE C 3020 -90.16 93.18 -15.96
N SER C 3021 -91.30 93.80 -15.63
CA SER C 3021 -91.30 94.95 -14.75
C SER C 3021 -91.34 94.56 -13.27
N LEU C 3022 -91.51 93.27 -12.95
CA LEU C 3022 -91.60 92.85 -11.56
C LEU C 3022 -90.27 93.04 -10.84
N PHE C 3023 -89.17 92.65 -11.48
CA PHE C 3023 -87.85 93.03 -10.97
C PHE C 3023 -87.39 94.36 -11.55
N GLY C 3024 -88.06 94.86 -12.60
CA GLY C 3024 -87.68 96.12 -13.20
C GLY C 3024 -87.99 97.31 -12.32
N ASN C 3025 -89.18 97.34 -11.71
CA ASN C 3025 -89.51 98.38 -10.74
C ASN C 3025 -88.96 98.06 -9.36
N ASP C 3026 -88.47 96.84 -9.14
CA ASP C 3026 -87.86 96.45 -7.89
C ASP C 3026 -86.43 96.98 -7.77
N ALA C 3027 -85.87 97.54 -8.83
CA ALA C 3027 -84.63 98.29 -8.77
C ALA C 3027 -84.81 99.75 -9.16
N THR C 3028 -86.05 100.24 -9.21
CA THR C 3028 -86.30 101.63 -9.55
C THR C 3028 -87.48 102.18 -8.75
N LEU C 3034 -94.14 107.63 -8.22
CA LEU C 3034 -95.43 107.00 -8.48
C LEU C 3034 -96.07 107.55 -9.75
N HIS C 3035 -95.36 108.48 -10.39
CA HIS C 3035 -95.85 109.07 -11.64
C HIS C 3035 -95.88 108.04 -12.76
N ILE C 3036 -94.93 107.10 -12.74
CA ILE C 3036 -94.99 105.98 -13.68
C ILE C 3036 -95.87 104.86 -13.16
N LEU C 3037 -96.07 104.77 -11.85
CA LEU C 3037 -96.92 103.73 -11.29
C LEU C 3037 -98.40 104.09 -11.37
N GLY C 3038 -98.69 105.40 -11.38
CA GLY C 3038 -100.07 105.86 -11.43
C GLY C 3038 -100.78 105.57 -12.74
N GLN C 3039 -100.07 105.65 -13.86
CA GLN C 3039 -100.68 105.30 -15.14
C GLN C 3039 -100.79 103.79 -15.32
N THR C 3040 -99.78 103.05 -14.84
CA THR C 3040 -99.78 101.59 -14.99
C THR C 3040 -100.76 100.92 -14.05
N LEU C 3041 -101.11 101.56 -12.94
CA LEU C 3041 -102.12 101.00 -12.05
C LEU C 3041 -103.52 101.12 -12.64
N ASP C 3042 -103.71 102.01 -13.61
CA ASP C 3042 -105.01 102.17 -14.26
C ASP C 3042 -105.07 101.51 -15.63
N ALA C 3043 -103.93 101.31 -16.29
CA ALA C 3043 -103.93 100.62 -17.59
C ALA C 3043 -104.39 99.18 -17.45
N ARG C 3044 -103.91 98.48 -16.42
CA ARG C 3044 -104.36 97.11 -16.14
C ARG C 3044 -105.83 97.06 -15.72
N THR C 3045 -106.34 98.10 -15.08
CA THR C 3045 -107.76 98.17 -14.79
C THR C 3045 -108.57 98.36 -16.07
N VAL C 3046 -108.04 99.11 -17.03
CA VAL C 3046 -108.70 99.23 -18.32
C VAL C 3046 -108.70 97.89 -19.06
N MET C 3047 -107.61 97.14 -18.94
CA MET C 3047 -107.53 95.79 -19.50
C MET C 3047 -108.53 94.84 -18.85
N LYS C 3048 -108.65 94.91 -17.52
CA LYS C 3048 -109.62 94.09 -16.80
C LYS C 3048 -111.06 94.53 -17.07
N THR C 3049 -111.26 95.77 -17.51
CA THR C 3049 -112.58 96.28 -17.86
C THR C 3049 -112.97 96.01 -19.31
N GLY C 3050 -112.00 95.79 -20.21
CA GLY C 3050 -112.31 95.64 -21.61
C GLY C 3050 -113.08 94.38 -21.99
N LEU C 3051 -112.82 93.27 -21.32
CA LEU C 3051 -113.51 92.01 -21.59
C LEU C 3051 -113.90 91.32 -20.28
N GLU C 3052 -114.51 92.08 -19.37
CA GLU C 3052 -114.76 91.62 -18.00
C GLU C 3052 -115.86 90.58 -17.88
N SER C 3053 -116.54 90.21 -18.97
CA SER C 3053 -117.56 89.18 -18.92
C SER C 3053 -117.02 87.80 -18.62
N VAL C 3054 -115.82 87.48 -19.11
CA VAL C 3054 -115.12 86.24 -18.77
C VAL C 3054 -114.00 86.50 -17.78
N LYS C 3055 -113.63 87.75 -17.56
CA LYS C 3055 -112.64 88.12 -16.56
C LYS C 3055 -113.35 88.52 -15.28
N PHE C 3061 -107.21 85.10 -25.33
CA PHE C 3061 -108.23 85.14 -24.29
C PHE C 3061 -108.00 84.05 -23.26
N LEU C 3062 -106.79 83.48 -23.27
CA LEU C 3062 -106.40 82.47 -22.29
C LEU C 3062 -105.24 82.96 -21.42
N ASP C 3063 -104.34 83.75 -21.98
CA ASP C 3063 -103.22 84.29 -21.24
C ASP C 3063 -103.53 85.62 -20.57
N ASN C 3064 -104.68 86.22 -20.87
CA ASN C 3064 -105.13 87.41 -20.18
C ASN C 3064 -106.01 87.11 -18.96
N ALA C 3065 -106.28 85.84 -18.69
CA ALA C 3065 -107.16 85.47 -17.59
C ALA C 3065 -106.45 84.79 -16.44
N ALA C 3066 -105.55 83.84 -16.73
CA ALA C 3066 -104.82 83.12 -15.70
C ALA C 3066 -103.60 83.89 -15.22
N GLU C 3067 -103.29 85.03 -15.83
CA GLU C 3067 -102.18 85.88 -15.43
C GLU C 3067 -102.60 86.95 -14.43
N ASP C 3068 -103.75 86.78 -13.78
CA ASP C 3068 -104.24 87.78 -12.85
C ASP C 3068 -103.43 87.78 -11.56
N LEU C 3069 -103.04 86.59 -11.09
CA LEU C 3069 -102.17 86.49 -9.93
C LEU C 3069 -100.76 86.97 -10.22
N GLU C 3070 -100.35 87.01 -11.48
CA GLU C 3070 -99.12 87.67 -11.88
C GLU C 3070 -99.27 89.18 -11.91
N LYS C 3071 -100.42 89.67 -12.38
CA LYS C 3071 -100.67 91.12 -12.45
C LYS C 3071 -100.78 91.73 -11.06
N THR C 3072 -101.45 91.06 -10.13
CA THR C 3072 -101.57 91.59 -8.77
C THR C 3072 -100.26 91.53 -8.00
N MET C 3073 -99.49 90.45 -8.15
CA MET C 3073 -98.19 90.40 -7.50
C MET C 3073 -97.22 91.42 -8.07
N GLU C 3074 -97.27 91.65 -9.39
CA GLU C 3074 -96.45 92.71 -9.96
C GLU C 3074 -96.95 94.09 -9.55
N ASN C 3075 -98.25 94.25 -9.31
CA ASN C 3075 -98.78 95.48 -8.76
C ASN C 3075 -98.36 95.70 -7.32
N LEU C 3076 -98.21 94.62 -6.54
CA LEU C 3076 -97.69 94.76 -5.19
C LEU C 3076 -96.20 95.07 -5.19
N LYS C 3077 -95.46 94.47 -6.12
CA LYS C 3077 -94.03 94.76 -6.25
C LYS C 3077 -93.78 96.17 -6.75
N GLN C 3078 -94.68 96.70 -7.58
CA GLN C 3078 -94.62 98.11 -7.96
C GLN C 3078 -95.20 99.01 -6.88
N GLY C 3079 -96.00 98.46 -5.97
CA GLY C 3079 -96.56 99.27 -4.90
C GLY C 3079 -95.65 99.42 -3.70
N GLN C 3080 -94.93 98.36 -3.33
CA GLN C 3080 -94.02 98.42 -2.20
C GLN C 3080 -92.64 98.98 -2.57
N PHE C 3081 -92.33 99.08 -3.86
CA PHE C 3081 -91.08 99.66 -4.32
C PHE C 3081 -91.32 100.99 -5.03
N THR C 3082 -92.43 101.65 -4.70
CA THR C 3082 -92.74 102.95 -5.30
C THR C 3082 -92.18 104.09 -4.45
N THR C 3098 -102.35 112.18 -5.07
CA THR C 3098 -103.24 113.07 -4.33
C THR C 3098 -104.31 113.64 -5.24
N THR C 3099 -104.00 113.70 -6.54
CA THR C 3099 -104.96 114.09 -7.55
C THR C 3099 -105.24 112.99 -8.57
N VAL C 3100 -104.20 112.29 -9.04
CA VAL C 3100 -104.38 111.15 -9.94
C VAL C 3100 -104.38 109.82 -9.21
N ALA C 3101 -104.56 109.82 -7.88
CA ALA C 3101 -104.35 108.61 -7.11
C ALA C 3101 -105.48 108.26 -6.14
N LEU C 3102 -106.52 109.09 -6.02
CA LEU C 3102 -107.52 108.82 -5.01
C LEU C 3102 -108.56 107.81 -5.51
N LEU C 3103 -109.34 108.18 -6.52
CA LEU C 3103 -110.45 107.37 -7.01
C LEU C 3103 -109.94 106.21 -7.86
N PRO C 3104 -108.86 106.42 -8.62
CA PRO C 3104 -108.37 105.36 -9.50
C PRO C 3104 -107.72 104.18 -8.79
N MET C 3105 -107.35 104.33 -7.52
CA MET C 3105 -106.62 103.29 -6.80
C MET C 3105 -107.51 102.12 -6.38
N LEU C 3106 -108.83 102.30 -6.39
CA LEU C 3106 -109.76 101.24 -6.00
C LEU C 3106 -110.35 100.49 -7.19
N SER C 3107 -110.26 101.05 -8.40
CA SER C 3107 -110.95 100.48 -9.55
C SER C 3107 -110.24 99.23 -10.07
N SER C 3108 -108.93 99.13 -9.88
CA SER C 3108 -108.21 97.92 -10.28
C SER C 3108 -108.52 96.76 -9.36
N LEU C 3109 -108.56 97.02 -8.05
CA LEU C 3109 -108.92 95.99 -7.09
C LEU C 3109 -110.38 95.58 -7.22
N PHE C 3110 -111.25 96.54 -7.59
CA PHE C 3110 -112.66 96.19 -7.82
C PHE C 3110 -112.83 95.40 -9.12
N GLU C 3111 -112.06 95.74 -10.16
CA GLU C 3111 -112.11 94.96 -11.40
C GLU C 3111 -111.57 93.55 -11.20
N HIS C 3112 -110.63 93.38 -10.27
CA HIS C 3112 -110.29 92.04 -9.82
C HIS C 3112 -111.47 91.41 -9.09
N ILE C 3113 -112.00 92.09 -8.06
CA ILE C 3113 -112.98 91.51 -7.13
C ILE C 3113 -114.34 91.21 -7.74
N GLY C 3114 -114.61 91.70 -8.95
CA GLY C 3114 -115.85 91.44 -9.64
C GLY C 3114 -116.19 89.98 -9.93
N GLN C 3115 -115.21 89.09 -9.98
CA GLN C 3115 -115.44 87.68 -10.19
C GLN C 3115 -114.62 86.83 -9.22
N HIS C 3116 -114.67 87.18 -7.94
CA HIS C 3116 -113.97 86.43 -6.90
C HIS C 3116 -114.76 85.21 -6.41
N GLN C 3117 -116.05 85.14 -6.69
CA GLN C 3117 -116.90 84.01 -6.31
C GLN C 3117 -117.81 83.62 -7.45
N PHE C 3118 -117.26 83.57 -8.67
CA PHE C 3118 -118.05 83.24 -9.86
C PHE C 3118 -117.42 82.09 -10.64
N LEU C 3124 -112.08 81.00 -9.98
CA LEU C 3124 -112.94 82.04 -9.45
C LEU C 3124 -112.27 82.77 -8.29
N GLU C 3125 -111.74 82.01 -7.33
CA GLU C 3125 -111.14 82.63 -6.15
C GLU C 3125 -109.75 83.20 -6.40
N ASP C 3126 -109.20 82.99 -7.61
CA ASP C 3126 -107.94 83.62 -8.00
C ASP C 3126 -108.05 85.14 -8.03
N VAL C 3127 -109.23 85.65 -8.36
CA VAL C 3127 -109.49 87.09 -8.24
C VAL C 3127 -109.45 87.53 -6.78
N GLN C 3128 -109.89 86.69 -5.85
CA GLN C 3128 -109.80 87.01 -4.43
C GLN C 3128 -108.37 86.96 -3.92
N VAL C 3129 -107.57 86.01 -4.43
CA VAL C 3129 -106.15 86.00 -4.08
C VAL C 3129 -105.44 87.22 -4.65
N SER C 3130 -105.86 87.68 -5.83
CA SER C 3130 -105.35 88.93 -6.40
C SER C 3130 -105.71 90.13 -5.53
N CYS C 3131 -106.96 90.19 -5.06
CA CYS C 3131 -107.38 91.29 -4.20
C CYS C 3131 -106.68 91.27 -2.85
N TYR C 3132 -106.44 90.07 -2.29
CA TYR C 3132 -105.72 89.97 -1.03
C TYR C 3132 -104.26 90.39 -1.19
N ARG C 3133 -103.59 89.96 -2.26
CA ARG C 3133 -102.20 90.34 -2.47
C ARG C 3133 -102.05 91.80 -2.87
N ILE C 3134 -103.09 92.43 -3.41
CA ILE C 3134 -103.03 93.86 -3.68
C ILE C 3134 -103.43 94.71 -2.47
N LEU C 3135 -104.17 94.13 -1.52
CA LEU C 3135 -104.62 94.92 -0.36
C LEU C 3135 -103.51 95.10 0.67
N THR C 3136 -102.65 94.09 0.84
CA THR C 3136 -101.53 94.20 1.77
C THR C 3136 -100.43 95.13 1.25
N SER C 3137 -100.34 95.32 -0.06
CA SER C 3137 -99.43 96.31 -0.62
C SER C 3137 -99.84 97.72 -0.26
N LEU C 3138 -101.14 97.97 -0.12
CA LEU C 3138 -101.62 99.25 0.39
C LEU C 3138 -101.21 99.51 1.82
N TYR C 3139 -101.28 98.49 2.70
CA TYR C 3139 -100.84 98.65 4.08
C TYR C 3139 -99.33 98.82 4.17
N ALA C 3140 -98.59 98.13 3.31
CA ALA C 3140 -97.13 98.30 3.29
C ALA C 3140 -96.73 99.66 2.74
N LEU C 3141 -97.46 100.17 1.75
CA LEU C 3141 -97.17 101.50 1.20
C LEU C 3141 -97.56 102.59 2.19
N GLY C 3142 -98.67 102.41 2.91
CA GLY C 3142 -99.02 103.34 3.97
C GLY C 3142 -98.10 103.25 5.17
N THR C 3143 -97.42 102.10 5.35
CA THR C 3143 -96.40 102.00 6.38
C THR C 3143 -95.17 102.83 6.03
N SER C 3144 -94.80 102.88 4.75
CA SER C 3144 -93.64 103.65 4.31
C SER C 3144 -93.79 104.08 2.86
N VAL C 3149 -110.58 106.09 1.33
CA VAL C 3149 -111.49 105.01 1.63
C VAL C 3149 -112.91 105.54 1.77
N GLU C 3150 -113.48 106.00 0.66
CA GLU C 3150 -114.85 106.49 0.69
C GLU C 3150 -115.83 105.43 0.20
N ARG C 3151 -115.66 104.92 -1.01
CA ARG C 3151 -116.55 103.92 -1.56
C ARG C 3151 -115.98 102.50 -1.51
N GLN C 3152 -114.74 102.33 -1.04
CA GLN C 3152 -114.06 101.04 -1.15
C GLN C 3152 -114.41 100.09 -0.01
N ARG C 3153 -114.64 100.60 1.18
CA ARG C 3153 -114.74 99.77 2.38
C ARG C 3153 -116.04 98.99 2.49
N SER C 3154 -117.18 99.65 2.26
CA SER C 3154 -118.47 99.01 2.40
C SER C 3154 -118.73 97.94 1.34
N ALA C 3155 -118.21 98.12 0.13
CA ALA C 3155 -118.35 97.12 -0.91
C ALA C 3155 -117.62 95.83 -0.55
N LEU C 3156 -116.41 95.96 0.02
CA LEU C 3156 -115.68 94.79 0.47
C LEU C 3156 -116.33 94.15 1.68
N GLY C 3157 -116.87 94.95 2.60
CA GLY C 3157 -117.58 94.39 3.74
C GLY C 3157 -118.84 93.64 3.34
N GLU C 3158 -119.58 94.16 2.37
CA GLU C 3158 -120.76 93.46 1.86
C GLU C 3158 -120.41 92.21 1.07
N CYS C 3159 -119.35 92.27 0.25
CA CYS C 3159 -118.94 91.10 -0.51
C CYS C 3159 -118.30 90.02 0.37
N LEU C 3160 -117.83 90.40 1.56
CA LEU C 3160 -117.39 89.39 2.52
C LEU C 3160 -118.56 88.87 3.35
N ALA C 3161 -119.58 89.69 3.61
CA ALA C 3161 -120.70 89.26 4.43
C ALA C 3161 -121.67 88.36 3.67
N ALA C 3162 -121.93 88.64 2.39
CA ALA C 3162 -122.90 87.85 1.64
C ALA C 3162 -122.35 86.52 1.16
N PHE C 3163 -121.04 86.30 1.25
CA PHE C 3163 -120.40 85.09 0.75
C PHE C 3163 -119.30 84.61 1.69
N ALA C 3164 -119.53 84.69 3.00
CA ALA C 3164 -118.54 84.17 3.95
C ALA C 3164 -118.57 82.65 3.99
N GLY C 3165 -119.64 82.04 3.49
CA GLY C 3165 -119.76 80.60 3.42
C GLY C 3165 -120.15 80.14 2.03
N ALA C 3166 -119.60 80.79 1.02
CA ALA C 3166 -119.96 80.56 -0.39
C ALA C 3166 -119.63 79.16 -0.90
N ALA C 3170 -115.13 76.77 -0.61
CA ALA C 3170 -114.62 77.41 0.59
C ALA C 3170 -114.11 78.81 0.28
N PHE C 3171 -114.86 79.82 0.69
CA PHE C 3171 -114.53 81.21 0.43
C PHE C 3171 -113.91 81.93 1.64
N LEU C 3172 -113.09 81.23 2.43
CA LEU C 3172 -112.33 81.90 3.48
C LEU C 3172 -111.19 82.71 2.89
N GLU C 3173 -110.76 82.38 1.68
CA GLU C 3173 -109.77 83.17 0.96
C GLU C 3173 -110.32 84.55 0.61
N THR C 3174 -111.51 84.60 0.02
CA THR C 3174 -112.20 85.86 -0.22
C THR C 3174 -112.57 86.57 1.07
N HIS C 3175 -112.82 85.82 2.15
CA HIS C 3175 -113.05 86.41 3.46
C HIS C 3175 -111.83 87.16 3.99
N LEU C 3176 -110.65 86.54 3.95
CA LEU C 3176 -109.43 87.24 4.34
C LEU C 3176 -109.02 88.32 3.35
N ASP C 3177 -109.48 88.21 2.10
CA ASP C 3177 -109.19 89.22 1.10
C ASP C 3177 -110.04 90.47 1.26
N LYS C 3178 -111.30 90.32 1.65
CA LYS C 3178 -112.21 91.44 1.77
C LYS C 3178 -112.35 91.96 3.19
N HIS C 3179 -111.88 91.22 4.21
CA HIS C 3179 -111.80 91.76 5.55
C HIS C 3179 -110.60 92.68 5.75
N ASN C 3180 -109.54 92.48 4.97
CA ASN C 3180 -108.38 93.37 4.94
C ASN C 3180 -108.53 94.52 3.95
N ILE C 3181 -109.77 94.84 3.55
CA ILE C 3181 -110.04 95.98 2.70
C ILE C 3181 -111.03 96.91 3.42
N TYR C 3182 -111.38 96.55 4.66
CA TYR C 3182 -112.26 97.34 5.50
C TYR C 3182 -111.54 97.91 6.73
N SER C 3183 -110.28 98.31 6.58
CA SER C 3183 -109.52 98.85 7.70
C SER C 3183 -108.86 100.17 7.32
N PRO C 3608 -91.99 42.92 -22.37
CA PRO C 3608 -92.57 42.07 -23.42
C PRO C 3608 -92.09 40.64 -23.29
N LEU C 3609 -93.00 39.68 -23.38
CA LEU C 3609 -92.63 38.26 -23.30
C LEU C 3609 -93.41 37.49 -24.36
N TYR C 3610 -92.82 37.42 -25.56
CA TYR C 3610 -93.21 36.60 -26.72
C TYR C 3610 -94.72 36.52 -26.99
N ASN C 3611 -95.41 37.62 -26.74
CA ASN C 3611 -96.76 37.76 -27.25
C ASN C 3611 -96.74 38.54 -28.57
N LEU C 3612 -95.74 39.40 -28.72
CA LEU C 3612 -95.69 40.26 -29.91
C LEU C 3612 -95.20 39.50 -31.15
N PRO C 3613 -94.08 38.73 -31.14
CA PRO C 3613 -93.77 37.95 -32.35
C PRO C 3613 -94.32 36.54 -32.30
N ARG C 3614 -94.58 35.94 -33.46
CA ARG C 3614 -95.23 34.63 -33.48
C ARG C 3614 -94.27 33.50 -33.78
N HIS C 3615 -93.54 33.58 -34.90
CA HIS C 3615 -92.64 32.49 -35.26
C HIS C 3615 -91.42 32.46 -34.34
N ARG C 3616 -91.04 33.61 -33.78
CA ARG C 3616 -89.92 33.62 -32.87
C ARG C 3616 -90.27 32.98 -31.55
N ALA C 3617 -91.54 32.98 -31.18
CA ALA C 3617 -91.97 32.29 -29.97
C ALA C 3617 -91.77 30.80 -30.08
N VAL C 3618 -92.28 30.20 -31.15
CA VAL C 3618 -92.16 28.76 -31.32
C VAL C 3618 -90.71 28.38 -31.60
N ASN C 3619 -89.95 29.26 -32.25
CA ASN C 3619 -88.52 29.04 -32.44
C ASN C 3619 -87.77 28.99 -31.12
N LEU C 3620 -88.05 29.95 -30.22
CA LEU C 3620 -87.36 29.97 -28.94
C LEU C 3620 -87.85 28.84 -28.04
N PHE C 3621 -89.09 28.41 -28.25
CA PHE C 3621 -89.56 27.24 -27.51
C PHE C 3621 -88.82 25.99 -27.93
N LEU C 3622 -88.50 25.87 -29.22
CA LEU C 3622 -87.69 24.76 -29.69
C LEU C 3622 -86.30 24.80 -29.07
N GLN C 3623 -85.72 26.00 -29.03
CA GLN C 3623 -84.39 26.14 -28.43
C GLN C 3623 -84.39 25.95 -26.93
N GLY C 3624 -85.53 26.09 -26.28
CA GLY C 3624 -85.59 25.75 -24.88
C GLY C 3624 -85.83 24.28 -24.67
N TYR C 3625 -86.69 23.70 -25.51
CA TYR C 3625 -87.09 22.31 -25.37
C TYR C 3625 -85.93 21.38 -25.63
N GLU C 3626 -85.01 21.77 -26.51
CA GLU C 3626 -83.82 20.94 -26.67
C GLU C 3626 -82.92 21.01 -25.44
N LYS C 3627 -82.89 22.15 -24.75
CA LYS C 3627 -81.95 22.31 -23.65
C LYS C 3627 -82.43 21.67 -22.37
N SER C 3628 -83.72 21.73 -22.06
CA SER C 3628 -84.15 21.25 -20.76
C SER C 3628 -84.68 19.83 -20.83
N TRP C 3629 -85.59 19.59 -21.76
CA TRP C 3629 -86.47 18.44 -21.69
C TRP C 3629 -85.90 17.18 -22.31
N ILE C 3630 -85.00 17.32 -23.28
CA ILE C 3630 -84.56 16.21 -24.10
C ILE C 3630 -83.54 15.33 -23.37
N GLU C 3631 -82.66 15.95 -22.60
CA GLU C 3631 -81.63 15.20 -21.89
C GLU C 3631 -82.24 14.38 -20.76
N THR C 3632 -82.58 13.14 -21.08
CA THR C 3632 -83.22 12.19 -20.18
C THR C 3632 -82.30 11.00 -19.99
N GLU C 3633 -82.85 9.96 -19.35
CA GLU C 3633 -82.08 8.79 -18.98
C GLU C 3633 -82.89 7.51 -19.24
N GLU C 3634 -83.36 7.35 -20.47
CA GLU C 3634 -83.73 6.02 -20.93
C GLU C 3634 -82.52 5.15 -21.19
N HIS C 3635 -81.35 5.76 -21.30
CA HIS C 3635 -80.14 5.11 -21.75
C HIS C 3635 -79.57 4.21 -20.68
N TYR C 3636 -80.17 3.04 -20.52
CA TYR C 3636 -79.58 1.99 -19.71
C TYR C 3636 -79.38 0.72 -20.50
N PHE C 3637 -79.37 0.84 -21.82
CA PHE C 3637 -79.09 -0.22 -22.78
C PHE C 3637 -77.63 -0.64 -22.80
N GLU C 3638 -76.76 0.06 -22.06
CA GLU C 3638 -75.34 0.00 -22.33
C GLU C 3638 -74.67 -1.30 -21.91
N ASP C 3639 -75.38 -2.19 -21.25
CA ASP C 3639 -74.85 -3.54 -21.11
C ASP C 3639 -75.67 -4.57 -21.89
N LYS C 3640 -76.95 -4.30 -22.10
CA LYS C 3640 -77.77 -5.11 -22.99
C LYS C 3640 -77.15 -5.20 -24.38
N LEU C 3641 -76.68 -4.07 -24.89
CA LEU C 3641 -76.11 -4.05 -26.24
C LEU C 3641 -74.77 -4.78 -26.28
N ILE C 3642 -73.90 -4.56 -25.30
CA ILE C 3642 -72.60 -5.20 -25.34
C ILE C 3642 -72.72 -6.69 -25.06
N GLU C 3643 -73.73 -7.10 -24.31
CA GLU C 3643 -73.92 -8.53 -24.17
C GLU C 3643 -74.49 -9.14 -25.44
N ASP C 3644 -75.37 -8.41 -26.12
CA ASP C 3644 -75.88 -8.86 -27.41
C ASP C 3644 -74.79 -9.01 -28.45
N LEU C 3645 -73.80 -8.13 -28.46
CA LEU C 3645 -72.77 -8.22 -29.47
C LEU C 3645 -71.81 -9.37 -29.21
N ALA C 3646 -71.68 -9.83 -27.98
CA ALA C 3646 -70.77 -10.96 -27.77
C ALA C 3646 -71.51 -12.29 -27.76
N LYS C 3647 -72.33 -12.54 -28.78
CA LYS C 3647 -73.16 -13.74 -28.85
C LYS C 3647 -72.82 -14.53 -30.11
N PRO C 3648 -71.95 -15.53 -30.02
CA PRO C 3648 -71.56 -16.32 -31.18
C PRO C 3648 -72.70 -17.18 -31.72
N ARG C 3661 -65.45 -18.89 -36.36
CA ARG C 3661 -65.99 -17.57 -36.70
C ARG C 3661 -65.38 -16.48 -35.85
N VAL C 3662 -66.02 -15.32 -35.86
CA VAL C 3662 -65.57 -14.13 -35.14
C VAL C 3662 -66.79 -13.44 -34.58
N ASP C 3663 -66.73 -13.07 -33.29
CA ASP C 3663 -67.83 -12.41 -32.59
C ASP C 3663 -68.19 -11.09 -33.27
N PRO C 3664 -69.45 -10.68 -33.17
CA PRO C 3664 -69.83 -9.35 -33.68
C PRO C 3664 -69.09 -8.22 -33.01
N LEU C 3665 -68.86 -8.32 -31.71
CA LEU C 3665 -68.02 -7.34 -31.06
C LEU C 3665 -66.58 -7.47 -31.49
N HIS C 3666 -66.14 -8.67 -31.86
CA HIS C 3666 -64.71 -8.88 -32.08
C HIS C 3666 -64.20 -8.20 -33.32
N GLN C 3667 -65.02 -8.08 -34.34
CA GLN C 3667 -64.57 -7.40 -35.54
C GLN C 3667 -64.85 -5.92 -35.47
N LEU C 3668 -65.63 -5.48 -34.49
CA LEU C 3668 -65.77 -4.04 -34.28
C LEU C 3668 -64.48 -3.46 -33.74
N ILE C 3669 -63.76 -4.21 -32.92
CA ILE C 3669 -62.47 -3.73 -32.46
C ILE C 3669 -61.43 -3.99 -33.52
N LEU C 3670 -61.66 -4.98 -34.39
CA LEU C 3670 -60.77 -5.17 -35.52
C LEU C 3670 -60.95 -4.07 -36.56
N LEU C 3671 -62.04 -3.32 -36.51
CA LEU C 3671 -62.12 -2.14 -37.36
C LEU C 3671 -61.30 -1.00 -36.79
N PHE C 3672 -61.44 -0.74 -35.49
CA PHE C 3672 -60.75 0.39 -34.89
C PHE C 3672 -59.26 0.18 -34.77
N SER C 3673 -58.80 -1.06 -34.68
CA SER C 3673 -57.37 -1.30 -34.58
C SER C 3673 -56.70 -1.14 -35.94
N ARG C 3674 -57.45 -1.34 -37.01
CA ARG C 3674 -56.90 -1.08 -38.34
C ARG C 3674 -56.85 0.42 -38.61
N THR C 3675 -57.95 1.11 -38.31
CA THR C 3675 -58.06 2.53 -38.60
C THR C 3675 -57.08 3.35 -37.77
N ALA C 3676 -56.74 2.89 -36.59
CA ALA C 3676 -55.69 3.55 -35.83
C ALA C 3676 -54.31 3.28 -36.38
N LEU C 3677 -54.16 2.31 -37.27
CA LEU C 3677 -52.83 1.90 -37.70
C LEU C 3677 -52.42 2.49 -39.04
N THR C 3678 -53.36 2.81 -39.92
CA THR C 3678 -53.00 3.44 -41.18
C THR C 3678 -52.57 4.87 -40.92
N GLU C 3679 -51.31 5.18 -41.18
CA GLU C 3679 -50.76 6.46 -40.79
C GLU C 3679 -51.33 7.59 -41.66
N LYS C 3680 -51.89 8.60 -41.00
CA LYS C 3680 -52.50 9.73 -41.68
C LYS C 3680 -52.03 11.05 -41.10
N CYS C 3681 -50.95 11.01 -40.31
CA CYS C 3681 -50.19 12.10 -39.68
C CYS C 3681 -50.99 12.95 -38.69
N LYS C 3682 -52.29 12.71 -38.55
CA LYS C 3682 -53.13 13.34 -37.53
C LYS C 3682 -54.38 12.49 -37.41
N LEU C 3683 -55.25 12.84 -36.47
CA LEU C 3683 -56.47 12.09 -36.24
C LEU C 3683 -57.68 12.98 -36.45
N GLU C 3684 -58.75 12.38 -36.92
CA GLU C 3684 -59.99 13.07 -37.23
C GLU C 3684 -60.95 12.96 -36.06
N GLU C 3685 -62.20 13.36 -36.28
CA GLU C 3685 -63.21 13.17 -35.24
C GLU C 3685 -63.75 11.75 -35.22
N ASP C 3686 -64.31 11.28 -36.34
CA ASP C 3686 -64.76 9.90 -36.55
C ASP C 3686 -65.84 9.53 -35.53
N PHE C 3687 -66.99 10.17 -35.66
CA PHE C 3687 -68.01 10.09 -34.63
C PHE C 3687 -68.70 8.74 -34.54
N LEU C 3688 -68.24 7.70 -35.24
CA LEU C 3688 -68.53 6.36 -34.79
C LEU C 3688 -67.79 6.06 -33.50
N TYR C 3689 -66.51 6.43 -33.43
CA TYR C 3689 -65.63 6.07 -32.33
C TYR C 3689 -66.11 6.66 -31.01
N MET C 3690 -66.61 7.88 -31.04
CA MET C 3690 -67.13 8.49 -29.83
C MET C 3690 -68.54 8.01 -29.48
N ALA C 3691 -69.04 6.96 -30.11
CA ALA C 3691 -70.21 6.29 -29.64
C ALA C 3691 -70.00 4.82 -29.38
N TYR C 3692 -68.82 4.30 -29.69
CA TYR C 3692 -68.50 2.94 -29.33
C TYR C 3692 -67.24 2.83 -28.50
N ALA C 3693 -66.56 3.93 -28.22
CA ALA C 3693 -65.63 3.97 -27.12
C ALA C 3693 -66.22 4.73 -25.96
N ASP C 3694 -67.53 4.88 -25.96
CA ASP C 3694 -68.28 5.36 -24.82
C ASP C 3694 -69.36 4.40 -24.40
N ILE C 3695 -70.06 3.78 -25.35
CA ILE C 3695 -70.99 2.71 -25.00
C ILE C 3695 -70.24 1.52 -24.45
N MET C 3696 -69.00 1.31 -24.89
CA MET C 3696 -68.14 0.33 -24.24
C MET C 3696 -67.81 0.68 -22.81
N ALA C 3697 -67.51 1.93 -22.50
CA ALA C 3697 -67.13 2.28 -21.14
C ALA C 3697 -68.31 2.71 -20.28
N LYS C 3698 -69.53 2.52 -20.74
CA LYS C 3698 -70.67 2.60 -19.84
C LYS C 3698 -71.07 1.23 -19.35
N SER C 3699 -70.30 0.20 -19.68
CA SER C 3699 -70.58 -1.15 -19.24
C SER C 3699 -69.54 -1.67 -18.26
N CYS C 3700 -69.07 -0.82 -17.34
CA CYS C 3700 -68.11 -1.22 -16.34
C CYS C 3700 -68.35 -0.49 -15.03
N SER C 3714 -71.85 -7.56 4.02
CA SER C 3714 -71.07 -6.68 3.17
C SER C 3714 -69.66 -7.20 3.00
N PHE C 3715 -69.54 -8.51 2.98
CA PHE C 3715 -68.35 -9.13 2.42
C PHE C 3715 -68.69 -10.08 1.29
N GLU C 3716 -69.89 -10.67 1.32
CA GLU C 3716 -70.36 -11.39 0.16
C GLU C 3716 -70.60 -10.43 -1.00
N GLU C 3717 -71.22 -9.29 -0.73
CA GLU C 3717 -71.52 -8.36 -1.82
C GLU C 3717 -70.36 -7.44 -2.11
N LYS C 3718 -69.33 -7.43 -1.28
CA LYS C 3718 -68.10 -6.74 -1.65
C LYS C 3718 -67.10 -7.65 -2.31
N GLU C 3719 -67.52 -8.86 -2.69
CA GLU C 3719 -66.75 -9.74 -3.53
C GLU C 3719 -67.59 -10.40 -4.60
N MET C 3720 -68.90 -10.29 -4.52
CA MET C 3720 -69.69 -10.70 -5.66
C MET C 3720 -69.59 -9.67 -6.77
N GLU C 3721 -69.52 -8.39 -6.42
CA GLU C 3721 -69.41 -7.39 -7.46
C GLU C 3721 -68.00 -7.25 -7.98
N LYS C 3722 -67.00 -7.65 -7.19
CA LYS C 3722 -65.64 -7.65 -7.70
C LYS C 3722 -65.47 -8.68 -8.79
N GLN C 3723 -66.13 -9.82 -8.66
CA GLN C 3723 -66.11 -10.77 -9.75
C GLN C 3723 -67.04 -10.35 -10.87
N LYS C 3724 -68.04 -9.52 -10.58
CA LYS C 3724 -68.83 -9.00 -11.67
C LYS C 3724 -68.08 -7.95 -12.47
N LEU C 3725 -67.21 -7.20 -11.83
CA LEU C 3725 -66.45 -6.21 -12.57
C LEU C 3725 -65.33 -6.86 -13.37
N LEU C 3726 -64.67 -7.86 -12.80
CA LEU C 3726 -63.63 -8.57 -13.53
C LEU C 3726 -64.18 -9.44 -14.64
N TYR C 3727 -65.49 -9.66 -14.68
CA TYR C 3727 -66.08 -10.29 -15.83
C TYR C 3727 -66.46 -9.27 -16.88
N GLN C 3728 -66.79 -8.06 -16.46
CA GLN C 3728 -67.13 -7.03 -17.45
C GLN C 3728 -65.90 -6.35 -18.02
N GLN C 3729 -64.70 -6.82 -17.70
CA GLN C 3729 -63.54 -6.40 -18.44
C GLN C 3729 -62.87 -7.57 -19.14
N ALA C 3730 -63.25 -8.79 -18.82
CA ALA C 3730 -62.85 -9.90 -19.66
C ALA C 3730 -63.75 -10.00 -20.88
N ARG C 3731 -64.88 -9.32 -20.87
CA ARG C 3731 -65.70 -9.22 -22.05
C ARG C 3731 -65.02 -8.38 -23.11
N LEU C 3732 -64.16 -7.44 -22.71
CA LEU C 3732 -63.49 -6.58 -23.66
C LEU C 3732 -62.03 -6.94 -23.85
N HIS C 3733 -61.29 -7.17 -22.77
CA HIS C 3733 -59.85 -7.34 -22.98
C HIS C 3733 -59.47 -8.72 -23.49
N ASP C 3734 -60.43 -9.61 -23.72
CA ASP C 3734 -60.21 -10.76 -24.58
C ASP C 3734 -60.16 -10.37 -26.04
N ARG C 3735 -60.88 -9.32 -26.42
CA ARG C 3735 -61.18 -9.01 -27.81
C ARG C 3735 -60.25 -7.95 -28.33
N GLY C 3736 -59.02 -7.93 -27.82
CA GLY C 3736 -58.04 -6.96 -28.27
C GLY C 3736 -58.32 -5.53 -27.88
N ALA C 3737 -59.30 -5.29 -26.99
CA ALA C 3737 -59.66 -3.92 -26.63
C ALA C 3737 -58.65 -3.24 -25.73
N ALA C 3738 -57.57 -3.92 -25.36
CA ALA C 3738 -56.43 -3.27 -24.78
C ALA C 3738 -55.46 -2.79 -25.83
N GLU C 3739 -55.84 -2.84 -27.10
CA GLU C 3739 -55.00 -2.28 -28.14
C GLU C 3739 -55.58 -1.04 -28.78
N MET C 3740 -56.89 -1.02 -29.02
CA MET C 3740 -57.49 0.19 -29.54
C MET C 3740 -57.56 1.32 -28.54
N VAL C 3741 -57.19 1.06 -27.28
CA VAL C 3741 -56.90 2.14 -26.34
C VAL C 3741 -55.44 2.49 -26.39
N LEU C 3742 -54.58 1.52 -26.59
CA LEU C 3742 -53.17 1.79 -26.59
C LEU C 3742 -52.65 2.18 -27.97
N GLN C 3743 -53.45 2.02 -29.01
CA GLN C 3743 -52.99 2.51 -30.30
C GLN C 3743 -53.48 3.92 -30.59
N THR C 3744 -54.75 4.23 -30.32
CA THR C 3744 -55.26 5.56 -30.65
C THR C 3744 -54.74 6.66 -29.76
N ILE C 3745 -53.91 6.33 -28.77
CA ILE C 3745 -53.11 7.36 -28.14
C ILE C 3745 -51.81 7.52 -28.89
N SER C 3746 -51.28 6.43 -29.44
CA SER C 3746 -49.98 6.52 -30.09
C SER C 3746 -50.08 7.07 -31.48
N ALA C 3747 -51.28 7.18 -32.03
CA ALA C 3747 -51.42 7.70 -33.38
C ALA C 3747 -51.55 9.22 -33.38
N SER C 3748 -52.53 9.75 -32.66
CA SER C 3748 -52.61 11.20 -32.51
C SER C 3748 -51.55 11.63 -31.51
N LYS C 3749 -50.62 12.46 -31.95
CA LYS C 3749 -49.42 12.71 -31.16
C LYS C 3749 -49.71 13.58 -29.95
N GLY C 3750 -50.11 14.82 -30.18
CA GLY C 3750 -50.24 15.71 -29.05
C GLY C 3750 -51.58 16.40 -29.07
N GLU C 3751 -52.43 15.97 -29.98
CA GLU C 3751 -53.70 16.65 -30.18
C GLU C 3751 -54.64 16.29 -29.05
N THR C 3752 -55.23 17.30 -28.44
CA THR C 3752 -56.09 17.10 -27.29
C THR C 3752 -57.54 17.07 -27.67
N GLY C 3753 -57.88 16.50 -28.81
CA GLY C 3753 -59.22 16.54 -29.30
C GLY C 3753 -60.13 15.63 -28.52
N PRO C 3754 -61.42 15.66 -28.86
CA PRO C 3754 -62.35 14.71 -28.26
C PRO C 3754 -62.27 13.33 -28.85
N MET C 3755 -61.31 13.06 -29.74
CA MET C 3755 -61.00 11.69 -30.08
C MET C 3755 -60.25 11.02 -28.95
N VAL C 3756 -59.17 11.65 -28.46
CA VAL C 3756 -58.44 11.14 -27.31
C VAL C 3756 -59.27 11.19 -26.04
N ALA C 3757 -60.05 12.24 -25.84
CA ALA C 3757 -60.81 12.37 -24.61
C ALA C 3757 -62.01 11.43 -24.52
N ALA C 3758 -62.15 10.46 -25.42
CA ALA C 3758 -63.08 9.37 -25.21
C ALA C 3758 -62.43 8.01 -25.32
N THR C 3759 -61.11 7.93 -25.41
CA THR C 3759 -60.44 6.68 -25.13
C THR C 3759 -59.94 6.61 -23.71
N LEU C 3760 -59.60 7.75 -23.13
CA LEU C 3760 -59.21 7.74 -21.74
C LEU C 3760 -60.37 7.38 -20.83
N LYS C 3761 -61.59 7.72 -21.20
CA LYS C 3761 -62.72 7.15 -20.48
C LYS C 3761 -62.89 5.67 -20.73
N LEU C 3762 -62.34 5.14 -21.81
CA LEU C 3762 -62.32 3.70 -21.97
C LEU C 3762 -61.12 3.08 -21.28
N GLY C 3763 -59.95 3.70 -21.37
CA GLY C 3763 -58.78 3.15 -20.74
C GLY C 3763 -58.85 3.15 -19.23
N ILE C 3764 -59.66 4.04 -18.66
CA ILE C 3764 -59.90 4.04 -17.23
C ILE C 3764 -60.94 3.01 -16.85
N ALA C 3765 -62.01 2.90 -17.62
CA ALA C 3765 -63.07 1.97 -17.26
C ALA C 3765 -62.71 0.53 -17.55
N ILE C 3766 -61.54 0.24 -18.11
CA ILE C 3766 -61.05 -1.11 -18.20
C ILE C 3766 -60.09 -1.41 -17.07
N LEU C 3767 -59.20 -0.50 -16.73
CA LEU C 3767 -58.26 -0.75 -15.65
C LEU C 3767 -58.83 -0.47 -14.26
N ASN C 3768 -60.16 -0.38 -14.13
CA ASN C 3768 -60.76 0.34 -13.01
C ASN C 3768 -60.53 -0.36 -11.68
N GLY C 3769 -60.23 -1.65 -11.71
CA GLY C 3769 -59.99 -2.32 -10.46
C GLY C 3769 -58.53 -2.27 -10.10
N GLY C 3770 -57.72 -1.64 -10.92
CA GLY C 3770 -56.31 -1.86 -10.82
C GLY C 3770 -56.06 -3.28 -11.29
N ASN C 3771 -56.43 -3.55 -12.53
CA ASN C 3771 -56.44 -4.90 -13.05
C ASN C 3771 -55.02 -5.39 -13.25
N SER C 3772 -54.87 -6.70 -13.44
CA SER C 3772 -53.54 -7.27 -13.55
C SER C 3772 -53.31 -8.11 -14.78
N THR C 3773 -54.35 -8.60 -15.45
CA THR C 3773 -54.11 -9.16 -16.77
C THR C 3773 -53.93 -8.05 -17.78
N VAL C 3774 -54.77 -7.01 -17.68
CA VAL C 3774 -54.77 -5.97 -18.69
C VAL C 3774 -53.52 -5.13 -18.57
N GLN C 3775 -52.99 -4.97 -17.36
CA GLN C 3775 -51.70 -4.29 -17.22
C GLN C 3775 -50.55 -5.11 -17.78
N GLN C 3776 -50.74 -6.40 -17.95
CA GLN C 3776 -49.70 -7.22 -18.53
C GLN C 3776 -49.78 -7.26 -20.05
N LYS C 3777 -50.99 -7.20 -20.60
CA LYS C 3777 -51.11 -7.14 -22.06
C LYS C 3777 -50.57 -5.84 -22.61
N MET C 3778 -50.73 -4.73 -21.88
CA MET C 3778 -50.22 -3.46 -22.38
C MET C 3778 -48.70 -3.41 -22.31
N LEU C 3779 -48.11 -4.07 -21.33
CA LEU C 3779 -46.66 -4.04 -21.27
C LEU C 3779 -46.04 -4.98 -22.30
N GLU C 3780 -46.64 -6.14 -22.51
CA GLU C 3780 -46.04 -7.06 -23.47
C GLU C 3780 -46.24 -6.56 -24.89
N TYR C 3781 -47.31 -5.79 -25.12
CA TYR C 3781 -47.50 -5.19 -26.43
C TYR C 3781 -46.50 -4.08 -26.69
N LEU C 3782 -46.06 -3.39 -25.66
CA LEU C 3782 -45.09 -2.33 -25.84
C LEU C 3782 -43.66 -2.82 -25.78
N LYS C 3783 -43.42 -4.11 -26.01
CA LYS C 3783 -42.07 -4.62 -26.07
C LYS C 3783 -41.82 -5.52 -27.26
N GLU C 3784 -42.84 -6.17 -27.81
CA GLU C 3784 -42.66 -6.93 -29.03
C GLU C 3784 -43.16 -6.18 -30.26
N LYS C 3785 -43.90 -5.10 -30.08
CA LYS C 3785 -44.39 -4.28 -31.18
C LYS C 3785 -43.99 -2.84 -30.90
N LYS C 3786 -42.71 -2.65 -30.63
CA LYS C 3786 -42.10 -1.50 -29.97
C LYS C 3786 -42.54 -0.14 -30.47
N ASP C 3787 -43.16 0.63 -29.58
CA ASP C 3787 -43.68 1.96 -29.90
C ASP C 3787 -42.87 3.00 -29.16
N VAL C 3788 -42.21 3.87 -29.92
CA VAL C 3788 -41.76 5.12 -29.33
C VAL C 3788 -42.92 6.10 -29.36
N GLY C 3789 -43.80 5.93 -30.33
CA GLY C 3789 -44.87 6.90 -30.58
C GLY C 3789 -45.93 6.96 -29.52
N PHE C 3790 -45.97 5.99 -28.60
CA PHE C 3790 -46.85 6.11 -27.46
C PHE C 3790 -46.27 7.07 -26.44
N PHE C 3791 -45.03 6.82 -26.02
CA PHE C 3791 -44.44 7.64 -24.98
C PHE C 3791 -44.05 9.02 -25.48
N GLN C 3792 -43.87 9.17 -26.78
CA GLN C 3792 -43.80 10.52 -27.32
C GLN C 3792 -45.14 11.20 -27.21
N SER C 3793 -46.22 10.43 -27.34
CA SER C 3793 -47.53 11.05 -27.28
C SER C 3793 -47.92 11.37 -25.85
N LEU C 3794 -47.48 10.57 -24.89
CA LEU C 3794 -47.89 10.81 -23.52
C LEU C 3794 -47.23 12.06 -22.94
N ALA C 3795 -45.96 12.28 -23.27
CA ALA C 3795 -45.37 13.56 -22.93
C ALA C 3795 -46.04 14.67 -23.73
N GLY C 3796 -46.40 14.38 -24.98
CA GLY C 3796 -47.08 15.37 -25.78
C GLY C 3796 -48.49 15.62 -25.32
N LEU C 3797 -49.16 14.60 -24.79
CA LEU C 3797 -50.44 14.84 -24.16
C LEU C 3797 -50.28 15.68 -22.92
N MET C 3798 -49.30 15.33 -22.08
CA MET C 3798 -49.10 16.01 -20.80
C MET C 3798 -48.53 17.40 -20.94
N GLN C 3799 -48.25 17.85 -22.16
CA GLN C 3799 -47.49 19.08 -22.34
C GLN C 3799 -48.30 20.30 -21.95
N SER C 3800 -49.47 20.47 -22.56
CA SER C 3800 -50.22 21.66 -22.20
C SER C 3800 -51.31 21.39 -21.17
N CYS C 3801 -52.40 20.78 -21.62
CA CYS C 3801 -53.57 20.26 -20.93
C CYS C 3801 -54.39 21.28 -20.16
N SER C 3802 -53.72 22.27 -19.55
CA SER C 3802 -54.26 23.01 -18.43
C SER C 3802 -53.23 23.92 -17.79
N VAL C 3803 -53.72 24.94 -17.08
CA VAL C 3803 -53.28 25.48 -15.80
C VAL C 3803 -54.41 26.46 -15.50
N LEU C 3804 -54.90 26.52 -14.28
CA LEU C 3804 -55.85 27.56 -13.96
C LEU C 3804 -55.13 28.90 -13.90
N ASP C 3805 -55.34 29.75 -14.90
CA ASP C 3805 -54.66 31.04 -15.00
C ASP C 3805 -55.67 32.16 -14.79
N LEU C 3806 -55.37 33.06 -13.87
CA LEU C 3806 -56.35 34.06 -13.47
C LEU C 3806 -56.42 35.24 -14.43
N ASN C 3807 -55.53 35.32 -15.41
CA ASN C 3807 -55.63 36.38 -16.41
C ASN C 3807 -56.91 36.25 -17.20
N ALA C 3808 -57.26 35.01 -17.57
CA ALA C 3808 -58.56 34.77 -18.17
C ALA C 3808 -59.69 34.93 -17.18
N PHE C 3809 -59.41 34.78 -15.89
CA PHE C 3809 -60.45 34.97 -14.89
C PHE C 3809 -60.78 36.45 -14.71
N GLU C 3810 -59.78 37.31 -14.81
CA GLU C 3810 -60.03 38.72 -14.56
C GLU C 3810 -60.81 39.35 -15.69
N ARG C 3811 -60.61 38.89 -16.92
CA ARG C 3811 -61.49 39.32 -18.00
C ARG C 3811 -62.88 38.75 -17.81
N GLN C 3812 -62.96 37.51 -17.36
CA GLN C 3812 -64.26 36.93 -16.98
C GLN C 3812 -64.82 37.62 -15.76
N ASN C 3813 -63.97 38.18 -14.91
CA ASN C 3813 -64.46 38.96 -13.79
C ASN C 3813 -65.10 40.26 -14.26
N LYS C 3814 -64.45 40.93 -15.22
CA LYS C 3814 -64.87 42.28 -15.56
C LYS C 3814 -66.06 42.31 -16.49
N ALA C 3815 -66.11 41.41 -17.47
CA ALA C 3815 -67.20 41.41 -18.45
C ALA C 3815 -68.50 40.96 -17.80
N GLU C 3816 -68.43 39.97 -16.92
CA GLU C 3816 -69.63 39.50 -16.23
C GLU C 3816 -70.11 40.48 -15.16
N GLY C 3817 -69.33 41.52 -14.87
CA GLY C 3817 -69.84 42.60 -14.03
C GLY C 3817 -70.96 43.38 -14.69
N LEU C 3818 -70.97 43.45 -16.02
CA LEU C 3818 -72.04 44.13 -16.73
C LEU C 3818 -72.63 43.28 -17.85
N GLY C 3819 -72.16 42.06 -18.03
CA GLY C 3819 -72.66 41.20 -19.08
C GLY C 3819 -72.38 39.74 -18.83
N GLY C 3827 -67.82 29.66 -17.60
CA GLY C 3827 -67.32 28.36 -17.18
C GLY C 3827 -66.22 27.84 -18.08
N GLU C 3828 -65.86 28.66 -19.06
CA GLU C 3828 -64.82 28.34 -20.03
C GLU C 3828 -63.46 28.84 -19.61
N LYS C 3829 -63.25 29.08 -18.32
CA LYS C 3829 -61.93 29.42 -17.83
C LYS C 3829 -61.25 28.23 -17.20
N VAL C 3830 -62.01 27.35 -16.55
CA VAL C 3830 -61.49 26.51 -15.48
C VAL C 3830 -60.54 25.46 -16.03
N LEU C 3831 -59.26 25.81 -15.96
CA LEU C 3831 -58.13 24.99 -16.35
C LEU C 3831 -58.18 24.53 -17.82
N GLN C 3832 -59.04 25.15 -18.64
CA GLN C 3832 -59.31 24.72 -20.02
C GLN C 3832 -59.68 23.23 -20.08
N ASP C 3833 -60.88 22.92 -19.58
CA ASP C 3833 -61.44 21.57 -19.54
C ASP C 3833 -60.58 20.65 -18.67
N ASP C 3834 -60.70 20.89 -17.37
CA ASP C 3834 -60.07 20.07 -16.33
C ASP C 3834 -60.40 18.59 -16.43
N GLU C 3835 -61.62 18.27 -16.88
CA GLU C 3835 -62.12 16.91 -16.90
C GLU C 3835 -61.31 16.01 -17.81
N PHE C 3836 -60.61 16.57 -18.79
CA PHE C 3836 -59.64 15.79 -19.52
C PHE C 3836 -58.38 15.57 -18.69
N THR C 3837 -58.05 16.48 -17.78
CA THR C 3837 -56.76 16.36 -17.13
C THR C 3837 -56.80 15.40 -15.95
N CYS C 3838 -57.93 15.36 -15.24
CA CYS C 3838 -58.13 14.32 -14.26
C CYS C 3838 -58.09 12.96 -14.92
N ASP C 3839 -58.75 12.83 -16.06
CA ASP C 3839 -58.86 11.52 -16.67
C ASP C 3839 -57.63 11.14 -17.45
N LEU C 3840 -56.61 11.99 -17.47
CA LEU C 3840 -55.35 11.49 -17.98
C LEU C 3840 -54.52 10.86 -16.88
N PHE C 3841 -54.33 11.58 -15.77
CA PHE C 3841 -53.46 11.06 -14.73
C PHE C 3841 -54.09 9.91 -13.99
N ARG C 3842 -55.40 9.89 -13.90
CA ARG C 3842 -56.08 8.73 -13.36
C ARG C 3842 -55.92 7.54 -14.29
N PHE C 3843 -55.78 7.77 -15.60
CA PHE C 3843 -55.35 6.66 -16.45
C PHE C 3843 -53.89 6.31 -16.21
N LEU C 3844 -53.05 7.28 -15.90
CA LEU C 3844 -51.66 6.95 -15.70
C LEU C 3844 -51.41 6.25 -14.38
N GLN C 3845 -52.26 6.50 -13.39
CA GLN C 3845 -52.13 5.80 -12.13
C GLN C 3845 -52.54 4.36 -12.28
N LEU C 3846 -53.65 4.10 -12.98
CA LEU C 3846 -54.19 2.76 -13.10
C LEU C 3846 -53.35 1.84 -13.96
N LEU C 3847 -52.26 2.31 -14.51
CA LEU C 3847 -51.28 1.45 -15.09
C LEU C 3847 -50.33 0.87 -14.07
N CYS C 3848 -50.35 1.35 -12.84
CA CYS C 3848 -49.37 0.91 -11.86
C CYS C 3848 -50.00 0.45 -10.55
N GLU C 3849 -51.33 0.37 -10.47
CA GLU C 3849 -51.95 -0.11 -9.25
C GLU C 3849 -51.75 -1.59 -9.11
N GLY C 3850 -51.57 -2.05 -7.89
CA GLY C 3850 -51.11 -3.39 -7.66
C GLY C 3850 -49.62 -3.53 -7.68
N HIS C 3851 -48.89 -2.41 -7.82
CA HIS C 3851 -47.43 -2.34 -7.76
C HIS C 3851 -46.77 -3.26 -8.79
N ASN C 3852 -47.01 -2.94 -10.05
CA ASN C 3852 -46.27 -3.58 -11.12
C ASN C 3852 -44.84 -3.08 -11.13
N SER C 3853 -43.93 -3.83 -10.51
CA SER C 3853 -42.57 -3.35 -10.35
C SER C 3853 -41.78 -3.35 -11.63
N ASP C 3854 -42.34 -3.90 -12.71
CA ASP C 3854 -41.79 -3.68 -14.03
C ASP C 3854 -42.36 -2.43 -14.67
N PHE C 3855 -43.66 -2.19 -14.52
CA PHE C 3855 -44.30 -1.17 -15.32
C PHE C 3855 -44.10 0.23 -14.74
N GLN C 3856 -43.67 0.34 -13.49
CA GLN C 3856 -43.16 1.61 -13.03
C GLN C 3856 -41.72 1.81 -13.45
N ASN C 3857 -41.03 0.74 -13.80
CA ASN C 3857 -39.69 0.84 -14.33
C ASN C 3857 -39.66 0.77 -15.84
N TYR C 3858 -40.81 0.75 -16.48
CA TYR C 3858 -40.85 0.96 -17.91
C TYR C 3858 -41.14 2.40 -18.25
N LEU C 3859 -41.66 3.17 -17.30
CA LEU C 3859 -41.94 4.57 -17.58
C LEU C 3859 -40.76 5.46 -17.27
N ARG C 3860 -39.65 4.92 -16.79
CA ARG C 3860 -38.52 5.77 -16.45
C ARG C 3860 -37.39 5.63 -17.46
N THR C 3861 -36.92 4.40 -17.67
CA THR C 3861 -35.82 4.18 -18.59
C THR C 3861 -36.29 3.76 -19.96
N GLN C 3862 -37.31 2.92 -20.02
CA GLN C 3862 -38.00 2.52 -21.26
C GLN C 3862 -37.02 1.82 -22.20
N THR C 3863 -36.51 0.68 -21.72
CA THR C 3863 -35.21 0.20 -22.16
C THR C 3863 -35.23 -0.46 -23.53
N GLY C 3864 -36.39 -0.75 -24.09
CA GLY C 3864 -36.40 -1.42 -25.36
C GLY C 3864 -36.09 -0.48 -26.51
N ASN C 3865 -36.71 0.69 -26.49
CA ASN C 3865 -36.72 1.58 -27.64
C ASN C 3865 -35.37 2.28 -27.81
N ASN C 3866 -35.30 3.10 -28.87
CA ASN C 3866 -34.09 3.86 -29.15
C ASN C 3866 -34.03 5.11 -28.28
N THR C 3867 -35.00 5.98 -28.41
CA THR C 3867 -35.10 7.17 -27.58
C THR C 3867 -36.02 6.89 -26.41
N THR C 3868 -35.80 7.61 -25.32
CA THR C 3868 -36.48 7.36 -24.05
C THR C 3868 -37.22 8.62 -23.61
N VAL C 3869 -38.46 8.44 -23.18
CA VAL C 3869 -39.23 9.51 -22.56
C VAL C 3869 -39.28 9.20 -21.07
N ASN C 3870 -39.05 10.20 -20.24
CA ASN C 3870 -39.08 10.01 -18.80
C ASN C 3870 -40.33 10.66 -18.25
N ILE C 3871 -41.39 9.86 -18.10
CA ILE C 3871 -42.68 10.41 -17.72
C ILE C 3871 -42.68 10.82 -16.26
N ILE C 3872 -41.93 10.10 -15.41
CA ILE C 3872 -41.89 10.38 -13.98
C ILE C 3872 -41.34 11.76 -13.70
N ILE C 3873 -40.24 12.13 -14.36
CA ILE C 3873 -39.78 13.50 -14.20
C ILE C 3873 -40.73 14.44 -14.91
N SER C 3874 -41.36 13.98 -15.98
CA SER C 3874 -42.21 14.90 -16.72
C SER C 3874 -43.57 15.03 -16.06
N THR C 3875 -43.97 14.06 -15.25
CA THR C 3875 -45.22 14.28 -14.52
C THR C 3875 -45.03 15.09 -13.26
N VAL C 3876 -43.80 15.27 -12.78
CA VAL C 3876 -43.57 16.26 -11.75
C VAL C 3876 -43.81 17.64 -12.31
N ASP C 3877 -43.38 17.87 -13.55
CA ASP C 3877 -43.43 19.21 -14.12
C ASP C 3877 -44.83 19.66 -14.43
N TYR C 3878 -45.80 18.76 -14.56
CA TYR C 3878 -47.16 19.24 -14.64
C TYR C 3878 -47.64 19.70 -13.28
N LEU C 3879 -47.26 19.00 -12.23
CA LEU C 3879 -47.66 19.38 -10.88
C LEU C 3879 -47.13 20.75 -10.52
N LEU C 3880 -45.86 20.99 -10.82
CA LEU C 3880 -45.22 22.25 -10.52
C LEU C 3880 -45.89 23.42 -11.22
N ARG C 3881 -46.43 23.20 -12.41
CA ARG C 3881 -47.23 24.23 -13.05
C ARG C 3881 -48.59 24.41 -12.40
N VAL C 3882 -49.15 23.40 -11.77
CA VAL C 3882 -50.40 23.60 -11.06
C VAL C 3882 -50.12 24.23 -9.70
N GLN C 3883 -48.88 24.11 -9.21
CA GLN C 3883 -48.51 24.74 -7.94
C GLN C 3883 -48.59 26.25 -8.03
N GLU C 3884 -47.96 26.82 -9.06
CA GLU C 3884 -47.96 28.27 -9.25
C GLU C 3884 -49.35 28.80 -9.52
N SER C 3885 -50.23 27.98 -10.09
CA SER C 3885 -51.58 28.44 -10.39
C SER C 3885 -52.35 28.69 -9.11
N ILE C 3886 -52.56 27.63 -8.32
CA ILE C 3886 -53.39 27.76 -7.12
C ILE C 3886 -52.72 28.55 -6.03
N SER C 3887 -51.41 28.77 -6.10
CA SER C 3887 -50.81 29.78 -5.26
C SER C 3887 -51.29 31.16 -5.67
N ASP C 3888 -51.14 31.50 -6.94
CA ASP C 3888 -51.46 32.84 -7.42
C ASP C 3888 -52.93 33.14 -7.37
N PHE C 3889 -53.79 32.14 -7.50
CA PHE C 3889 -55.21 32.41 -7.39
C PHE C 3889 -55.60 32.65 -5.95
N TYR C 3890 -54.79 32.19 -5.01
CA TYR C 3890 -54.99 32.64 -3.63
C TYR C 3890 -54.55 34.09 -3.47
N TRP C 3891 -53.45 34.48 -4.12
CA TRP C 3891 -52.86 35.81 -3.91
C TRP C 3891 -53.79 36.90 -4.39
N TYR C 3892 -54.61 36.59 -5.39
CA TYR C 3892 -55.67 37.50 -5.81
C TYR C 3892 -56.66 37.73 -4.68
N TYR C 3893 -56.85 36.75 -3.81
CA TYR C 3893 -57.82 36.84 -2.74
C TYR C 3893 -57.23 37.24 -1.42
N SER C 3894 -56.06 37.86 -1.40
CA SER C 3894 -55.38 38.17 -0.15
C SER C 3894 -56.07 39.25 0.66
N GLY C 3895 -56.88 40.10 0.04
CA GLY C 3895 -57.46 41.20 0.78
C GLY C 3895 -58.98 41.22 0.76
N LYS C 3896 -59.58 40.71 -0.31
CA LYS C 3896 -61.03 40.78 -0.42
C LYS C 3896 -61.69 39.83 0.57
N ASP C 3897 -61.19 38.60 0.65
CA ASP C 3897 -61.38 37.64 1.71
C ASP C 3897 -62.80 37.11 1.85
N VAL C 3898 -63.75 37.61 1.07
CA VAL C 3898 -65.07 37.00 0.93
C VAL C 3898 -65.05 36.29 -0.41
N ILE C 3899 -64.88 34.97 -0.38
CA ILE C 3899 -64.78 34.19 -1.59
C ILE C 3899 -66.13 34.13 -2.27
N ASP C 3900 -66.21 34.67 -3.47
CA ASP C 3900 -67.44 34.70 -4.23
C ASP C 3900 -67.80 33.31 -4.72
N GLU C 3901 -69.03 33.16 -5.20
CA GLU C 3901 -69.50 31.85 -5.65
C GLU C 3901 -68.80 31.43 -6.93
N GLN C 3902 -68.50 32.38 -7.81
CA GLN C 3902 -67.74 32.07 -9.01
C GLN C 3902 -66.29 31.73 -8.71
N GLY C 3903 -65.81 32.04 -7.51
CA GLY C 3903 -64.48 31.61 -7.13
C GLY C 3903 -64.46 30.23 -6.51
N GLN C 3904 -65.48 29.91 -5.71
CA GLN C 3904 -65.54 28.59 -5.07
C GLN C 3904 -65.70 27.50 -6.10
N ARG C 3905 -66.56 27.72 -7.09
CA ARG C 3905 -66.76 26.74 -8.14
C ARG C 3905 -65.54 26.65 -9.04
N ASN C 3906 -64.71 27.69 -9.06
CA ASN C 3906 -63.50 27.61 -9.86
C ASN C 3906 -62.29 27.22 -9.05
N PHE C 3907 -62.36 27.30 -7.72
CA PHE C 3907 -61.23 26.84 -6.94
C PHE C 3907 -61.27 25.36 -6.68
N SER C 3908 -62.47 24.79 -6.57
CA SER C 3908 -62.59 23.38 -6.23
C SER C 3908 -62.11 22.50 -7.35
N LYS C 3909 -62.43 22.85 -8.60
CA LYS C 3909 -61.93 22.08 -9.72
C LYS C 3909 -60.43 22.25 -9.91
N ALA C 3910 -59.86 23.33 -9.37
CA ALA C 3910 -58.42 23.44 -9.36
C ALA C 3910 -57.79 22.58 -8.30
N ILE C 3911 -58.59 22.09 -7.35
CA ILE C 3911 -58.03 21.23 -6.31
C ILE C 3911 -58.13 19.77 -6.74
N GLN C 3912 -59.23 19.38 -7.36
CA GLN C 3912 -59.44 17.99 -7.71
C GLN C 3912 -58.51 17.53 -8.81
N VAL C 3913 -57.85 18.45 -9.51
CA VAL C 3913 -56.73 18.07 -10.35
C VAL C 3913 -55.49 17.92 -9.50
N ALA C 3914 -55.30 18.80 -8.52
CA ALA C 3914 -54.12 18.72 -7.68
C ALA C 3914 -54.17 17.50 -6.78
N LYS C 3915 -55.36 17.11 -6.32
CA LYS C 3915 -55.47 15.89 -5.55
C LYS C 3915 -55.23 14.67 -6.42
N GLN C 3916 -55.72 14.71 -7.65
CA GLN C 3916 -55.60 13.58 -8.55
C GLN C 3916 -54.18 13.38 -9.02
N VAL C 3917 -53.45 14.47 -9.25
CA VAL C 3917 -52.06 14.31 -9.67
C VAL C 3917 -51.19 13.82 -8.53
N PHE C 3918 -51.58 14.03 -7.28
CA PHE C 3918 -50.77 13.47 -6.21
C PHE C 3918 -50.96 11.98 -6.07
N ASN C 3919 -52.16 11.49 -6.36
CA ASN C 3919 -52.38 10.05 -6.31
C ASN C 3919 -51.55 9.34 -7.37
N THR C 3920 -51.46 9.90 -8.56
CA THR C 3920 -50.55 9.24 -9.50
C THR C 3920 -49.11 9.60 -9.29
N LEU C 3921 -48.78 10.43 -8.32
CA LEU C 3921 -47.40 10.47 -7.88
C LEU C 3921 -47.11 9.43 -6.83
N THR C 3922 -48.13 8.99 -6.10
CA THR C 3922 -47.91 7.93 -5.13
C THR C 3922 -47.51 6.65 -5.85
N GLU C 3923 -48.34 6.19 -6.79
CA GLU C 3923 -48.20 4.84 -7.31
C GLU C 3923 -46.97 4.62 -8.15
N TYR C 3924 -46.20 5.66 -8.45
CA TYR C 3924 -44.88 5.42 -8.98
C TYR C 3924 -43.88 5.10 -7.90
N ILE C 3925 -44.21 5.34 -6.64
CA ILE C 3925 -43.26 5.22 -5.56
C ILE C 3925 -43.62 4.08 -4.62
N GLN C 3926 -44.92 3.83 -4.39
CA GLN C 3926 -45.42 3.11 -3.22
C GLN C 3926 -44.86 1.72 -3.12
N GLY C 3927 -45.05 0.89 -4.13
CA GLY C 3927 -44.26 -0.31 -4.25
C GLY C 3927 -42.83 0.16 -4.36
N PRO C 3928 -42.03 -0.08 -3.32
CA PRO C 3928 -40.84 0.75 -3.10
C PRO C 3928 -39.73 0.49 -4.10
N CYS C 3929 -39.96 0.88 -5.35
CA CYS C 3929 -38.97 0.73 -6.41
C CYS C 3929 -38.00 1.87 -6.30
N THR C 3930 -36.79 1.57 -5.83
CA THR C 3930 -35.89 2.62 -5.39
C THR C 3930 -35.32 3.42 -6.54
N GLY C 3931 -35.29 2.86 -7.75
CA GLY C 3931 -34.85 3.64 -8.89
C GLY C 3931 -35.83 4.74 -9.24
N ASN C 3932 -37.10 4.50 -9.01
CA ASN C 3932 -38.11 5.50 -9.28
C ASN C 3932 -38.08 6.62 -8.27
N GLN C 3933 -37.66 6.34 -7.04
CA GLN C 3933 -37.63 7.41 -6.06
C GLN C 3933 -36.25 8.03 -5.92
N GLN C 3934 -35.27 7.52 -6.66
CA GLN C 3934 -34.04 8.28 -6.80
C GLN C 3934 -34.26 9.50 -7.68
N SER C 3935 -34.77 9.26 -8.90
CA SER C 3935 -34.92 10.32 -9.89
C SER C 3935 -35.96 11.33 -9.47
N LEU C 3936 -36.99 10.91 -8.77
CA LEU C 3936 -37.99 11.87 -8.33
C LEU C 3936 -37.49 12.68 -7.14
N ALA C 3937 -36.44 12.22 -6.47
CA ALA C 3937 -35.88 12.99 -5.38
C ALA C 3937 -35.03 14.16 -5.87
N HIS C 3938 -34.31 13.98 -6.96
CA HIS C 3938 -33.47 15.03 -7.52
C HIS C 3938 -34.24 16.08 -8.28
N SER C 3939 -35.49 15.82 -8.62
CA SER C 3939 -36.30 16.73 -9.41
C SER C 3939 -36.76 17.91 -8.57
N ARG C 3940 -37.65 18.73 -9.12
CA ARG C 3940 -38.11 19.91 -8.43
C ARG C 3940 -39.40 19.67 -7.68
N LEU C 3941 -39.57 18.46 -7.15
CA LEU C 3941 -40.73 18.19 -6.30
C LEU C 3941 -40.70 19.02 -5.04
N TRP C 3942 -39.49 19.22 -4.49
CA TRP C 3942 -39.35 19.91 -3.23
C TRP C 3942 -39.75 21.37 -3.34
N ASP C 3943 -39.52 21.98 -4.48
CA ASP C 3943 -40.00 23.34 -4.66
C ASP C 3943 -41.50 23.36 -4.90
N ALA C 3944 -42.07 22.24 -5.34
CA ALA C 3944 -43.53 22.23 -5.49
C ALA C 3944 -44.20 22.13 -4.14
N VAL C 3945 -43.73 21.21 -3.29
CA VAL C 3945 -44.38 20.96 -2.01
C VAL C 3945 -44.19 22.11 -1.04
N VAL C 3946 -43.20 22.98 -1.25
CA VAL C 3946 -43.04 24.15 -0.41
C VAL C 3946 -44.22 25.10 -0.61
N GLY C 3947 -44.54 25.39 -1.86
CA GLY C 3947 -45.62 26.32 -2.13
C GLY C 3947 -46.98 25.75 -1.83
N PHE C 3948 -47.10 24.43 -1.85
CA PHE C 3948 -48.36 23.83 -1.42
C PHE C 3948 -48.58 24.04 0.06
N LEU C 3949 -47.51 24.01 0.85
CA LEU C 3949 -47.63 24.38 2.25
C LEU C 3949 -47.98 25.85 2.40
N HIS C 3950 -47.52 26.66 1.45
CA HIS C 3950 -47.73 28.09 1.55
C HIS C 3950 -49.19 28.46 1.35
N VAL C 3951 -49.96 27.62 0.69
CA VAL C 3951 -51.39 27.83 0.63
C VAL C 3951 -52.01 27.45 1.97
N PHE C 3952 -51.53 26.35 2.55
CA PHE C 3952 -52.21 25.76 3.69
C PHE C 3952 -52.01 26.56 4.96
N ALA C 3953 -50.94 27.32 5.03
CA ALA C 3953 -50.68 28.12 6.21
C ALA C 3953 -51.72 29.22 6.37
N HIS C 3954 -52.21 29.75 5.25
CA HIS C 3954 -53.12 30.88 5.36
C HIS C 3954 -54.55 30.51 4.98
N MET C 3955 -54.72 29.63 4.01
CA MET C 3955 -56.07 29.32 3.53
C MET C 3955 -56.84 28.52 4.55
N GLN C 3956 -56.15 27.77 5.41
CA GLN C 3956 -56.85 27.09 6.48
C GLN C 3956 -57.33 28.08 7.53
N MET C 3957 -56.63 29.20 7.67
CA MET C 3957 -57.05 30.22 8.61
C MET C 3957 -58.27 30.97 8.10
N LYS C 3958 -58.13 31.66 6.97
CA LYS C 3958 -59.11 32.66 6.59
C LYS C 3958 -60.38 32.04 6.04
N LEU C 3959 -60.33 30.81 5.58
CA LEU C 3959 -61.56 30.16 5.16
C LEU C 3959 -62.30 29.55 6.33
N SER C 3960 -61.69 29.48 7.49
CA SER C 3960 -62.37 29.00 8.69
C SER C 3960 -62.98 30.16 9.45
N GLN C 3961 -63.72 31.02 8.74
CA GLN C 3961 -64.23 32.23 9.36
C GLN C 3961 -65.73 32.36 9.13
N ASP C 3962 -66.24 31.78 8.04
CA ASP C 3962 -67.66 31.84 7.75
C ASP C 3962 -68.19 30.46 7.46
N SER C 3963 -69.52 30.35 7.46
CA SER C 3963 -70.20 29.12 7.10
C SER C 3963 -70.20 28.86 5.61
N SER C 3964 -69.81 29.83 4.80
CA SER C 3964 -69.85 29.67 3.36
C SER C 3964 -68.64 28.95 2.80
N GLN C 3965 -67.69 28.57 3.63
CA GLN C 3965 -66.49 27.89 3.13
C GLN C 3965 -66.33 26.48 3.67
N ILE C 3966 -67.25 26.00 4.52
CA ILE C 3966 -67.10 24.67 5.08
C ILE C 3966 -67.28 23.61 4.02
N GLU C 3967 -68.04 23.88 2.98
CA GLU C 3967 -68.08 22.96 1.86
C GLU C 3967 -66.78 23.01 1.08
N LEU C 3968 -66.06 24.13 1.13
CA LEU C 3968 -64.77 24.18 0.48
C LEU C 3968 -63.68 23.61 1.37
N LEU C 3969 -63.79 23.84 2.68
CA LEU C 3969 -62.67 23.57 3.57
C LEU C 3969 -62.41 22.08 3.73
N LYS C 3970 -63.43 21.26 3.48
CA LYS C 3970 -63.22 19.83 3.52
C LYS C 3970 -62.32 19.37 2.38
N GLU C 3971 -62.52 19.90 1.17
CA GLU C 3971 -61.63 19.51 0.07
C GLU C 3971 -60.26 20.12 0.22
N LEU C 3972 -60.17 21.28 0.88
CA LEU C 3972 -58.87 21.87 1.10
C LEU C 3972 -58.03 21.02 2.02
N MET C 3973 -58.66 20.40 3.02
CA MET C 3973 -57.93 19.49 3.89
C MET C 3973 -57.59 18.20 3.17
N ASP C 3974 -58.45 17.77 2.25
CA ASP C 3974 -58.24 16.48 1.60
C ASP C 3974 -57.06 16.53 0.65
N LEU C 3975 -56.71 17.71 0.16
CA LEU C 3975 -55.46 17.81 -0.56
C LEU C 3975 -54.29 17.71 0.41
N GLN C 3976 -54.42 18.33 1.58
CA GLN C 3976 -53.36 18.29 2.58
C GLN C 3976 -53.13 16.88 3.06
N LYS C 3977 -54.20 16.09 3.17
CA LYS C 3977 -54.06 14.69 3.56
C LYS C 3977 -53.35 13.90 2.48
N ASP C 3978 -53.63 14.20 1.22
CA ASP C 3978 -53.04 13.44 0.14
C ASP C 3978 -51.64 13.89 -0.21
N MET C 3979 -51.22 15.05 0.29
CA MET C 3979 -49.86 15.46 0.03
C MET C 3979 -48.88 14.69 0.88
N VAL C 3980 -49.17 14.56 2.18
CA VAL C 3980 -48.25 13.88 3.06
C VAL C 3980 -48.20 12.39 2.80
N VAL C 3981 -49.26 11.84 2.21
CA VAL C 3981 -49.32 10.41 1.93
C VAL C 3981 -48.27 10.02 0.91
N MET C 3982 -48.02 10.88 -0.09
CA MET C 3982 -46.97 10.53 -1.04
C MET C 3982 -45.59 10.74 -0.44
N LEU C 3983 -45.41 11.81 0.34
CA LEU C 3983 -44.06 11.97 0.87
C LEU C 3983 -43.78 11.04 2.03
N LEU C 3984 -44.82 10.49 2.64
CA LEU C 3984 -44.61 9.32 3.48
C LEU C 3984 -44.10 8.17 2.65
N SER C 3985 -44.58 8.01 1.43
CA SER C 3985 -44.12 6.94 0.60
C SER C 3985 -42.74 7.19 0.03
N MET C 3986 -42.24 8.41 0.14
CA MET C 3986 -40.83 8.62 -0.12
C MET C 3986 -39.96 7.99 0.95
N LEU C 3987 -40.45 7.93 2.19
CA LEU C 3987 -39.61 7.57 3.31
C LEU C 3987 -39.57 6.08 3.60
N GLU C 3988 -40.11 5.23 2.74
CA GLU C 3988 -40.07 3.81 3.05
C GLU C 3988 -38.89 3.11 2.44
N GLY C 3989 -37.74 3.77 2.41
CA GLY C 3989 -36.51 3.13 2.05
C GLY C 3989 -35.33 3.73 2.79
N ASN C 3990 -35.60 4.48 3.85
CA ASN C 3990 -34.56 5.11 4.65
C ASN C 3990 -33.68 4.06 5.33
N VAL C 3991 -32.57 4.51 5.90
CA VAL C 3991 -31.85 3.57 6.73
C VAL C 3991 -31.84 4.04 8.18
N VAL C 3992 -31.01 5.00 8.53
CA VAL C 3992 -31.18 5.79 9.74
C VAL C 3992 -30.87 7.23 9.37
N ASN C 3993 -29.68 7.48 8.83
CA ASN C 3993 -29.34 8.72 8.18
C ASN C 3993 -29.39 8.50 6.67
N GLY C 3994 -30.59 8.23 6.18
CA GLY C 3994 -30.79 8.14 4.75
C GLY C 3994 -30.76 9.51 4.11
N THR C 3995 -30.44 9.54 2.82
CA THR C 3995 -30.35 10.81 2.13
C THR C 3995 -31.73 11.43 1.94
N ILE C 3996 -32.73 10.59 1.69
CA ILE C 3996 -34.06 11.07 1.31
C ILE C 3996 -34.78 11.74 2.45
N GLY C 3997 -34.66 11.23 3.66
CA GLY C 3997 -35.34 11.86 4.77
C GLY C 3997 -34.68 13.16 5.16
N LYS C 3998 -33.37 13.24 4.92
CA LYS C 3998 -32.60 14.42 5.26
C LYS C 3998 -33.07 15.63 4.47
N GLN C 3999 -33.42 15.42 3.20
CA GLN C 3999 -34.00 16.49 2.42
C GLN C 3999 -35.40 16.82 2.89
N MET C 4000 -36.10 15.86 3.50
CA MET C 4000 -37.42 16.18 4.02
C MET C 4000 -37.33 16.95 5.32
N VAL C 4001 -36.21 16.88 6.02
CA VAL C 4001 -35.96 17.87 7.07
C VAL C 4001 -35.76 19.23 6.44
N ASP C 4002 -35.06 19.26 5.30
CA ASP C 4002 -34.63 20.52 4.70
C ASP C 4002 -35.81 21.33 4.21
N MET C 4003 -36.73 20.71 3.47
CA MET C 4003 -37.91 21.46 3.09
C MET C 4003 -38.82 21.78 4.26
N LEU C 4004 -38.69 21.06 5.36
CA LEU C 4004 -39.33 21.47 6.59
C LEU C 4004 -38.50 22.46 7.36
N VAL C 4005 -37.23 22.63 6.99
CA VAL C 4005 -36.45 23.75 7.49
C VAL C 4005 -36.60 24.95 6.57
N GLU C 4006 -36.48 24.73 5.26
CA GLU C 4006 -36.55 25.83 4.29
C GLU C 4006 -37.95 26.39 4.14
N SER C 4007 -38.95 25.78 4.76
CA SER C 4007 -40.25 26.42 4.87
C SER C 4007 -40.73 26.34 6.30
N SER C 4008 -39.84 26.68 7.25
CA SER C 4008 -40.12 26.51 8.68
C SER C 4008 -41.34 27.32 9.10
N ASN C 4009 -41.38 28.59 8.72
CA ASN C 4009 -42.34 29.51 9.29
C ASN C 4009 -43.77 29.25 8.85
N ASN C 4010 -43.98 28.37 7.87
CA ASN C 4010 -45.32 28.03 7.42
C ASN C 4010 -45.82 26.71 7.96
N VAL C 4011 -45.02 26.00 8.75
CA VAL C 4011 -45.52 24.76 9.33
C VAL C 4011 -46.16 25.04 10.68
N GLU C 4012 -45.78 26.14 11.32
CA GLU C 4012 -46.32 26.31 12.65
C GLU C 4012 -47.72 26.85 12.66
N MET C 4013 -48.21 27.41 11.55
CA MET C 4013 -49.61 27.76 11.52
C MET C 4013 -50.49 26.53 11.45
N ILE C 4014 -50.08 25.53 10.66
CA ILE C 4014 -50.90 24.35 10.53
C ILE C 4014 -50.76 23.44 11.73
N LEU C 4015 -49.63 23.48 12.42
CA LEU C 4015 -49.54 22.75 13.67
C LEU C 4015 -50.39 23.41 14.74
N LYS C 4016 -50.37 24.73 14.80
CA LYS C 4016 -51.17 25.40 15.81
C LYS C 4016 -52.64 25.41 15.45
N PHE C 4017 -52.98 25.26 14.18
CA PHE C 4017 -54.39 25.26 13.82
C PHE C 4017 -55.07 23.97 14.29
N PHE C 4018 -54.33 22.88 14.35
CA PHE C 4018 -54.92 21.66 14.87
C PHE C 4018 -55.11 21.74 16.37
N ASP C 4019 -54.23 22.47 17.07
CA ASP C 4019 -54.36 22.59 18.51
C ASP C 4019 -55.57 23.43 18.89
N MET C 4020 -56.06 24.25 17.97
CA MET C 4020 -57.31 24.95 18.24
C MET C 4020 -58.48 23.97 18.30
N PHE C 4021 -58.45 22.95 17.45
CA PHE C 4021 -59.59 22.05 17.33
C PHE C 4021 -59.35 20.70 17.97
N LEU C 4022 -58.16 20.45 18.52
CA LEU C 4022 -57.92 19.19 19.22
C LEU C 4022 -58.08 19.31 20.72
N LYS C 4023 -57.76 20.46 21.29
CA LYS C 4023 -58.13 20.74 22.68
C LYS C 4023 -59.63 20.92 22.82
N LEU C 4024 -60.34 21.14 21.71
CA LEU C 4024 -61.76 21.41 21.71
C LEU C 4024 -62.58 20.25 22.22
N LYS C 4025 -62.12 19.01 22.05
CA LYS C 4025 -62.99 17.87 22.30
C LYS C 4025 -63.16 17.63 23.79
N ASP C 4026 -62.11 17.82 24.58
CA ASP C 4026 -62.23 17.54 26.01
C ASP C 4026 -62.55 18.78 26.82
N LEU C 4027 -62.16 19.96 26.35
CA LEU C 4027 -62.51 21.18 27.07
C LEU C 4027 -64.00 21.50 26.90
N THR C 4028 -64.64 20.92 25.89
CA THR C 4028 -66.10 20.90 25.91
C THR C 4028 -66.64 19.69 26.65
N SER C 4029 -65.81 18.70 26.96
CA SER C 4029 -66.28 17.52 27.67
C SER C 4029 -66.00 17.58 29.17
N SER C 4030 -65.22 18.55 29.63
CA SER C 4030 -64.83 18.64 31.02
C SER C 4030 -66.02 19.03 31.88
N ASP C 4031 -66.06 18.50 33.10
CA ASP C 4031 -67.17 18.76 34.01
C ASP C 4031 -67.22 20.21 34.47
N THR C 4032 -66.10 20.93 34.37
CA THR C 4032 -66.12 22.37 34.60
C THR C 4032 -66.95 23.11 33.56
N PHE C 4033 -66.99 22.62 32.32
CA PHE C 4033 -67.72 23.29 31.24
C PHE C 4033 -69.07 22.67 30.94
N LYS C 4034 -69.25 21.37 31.22
CA LYS C 4034 -70.55 20.75 30.98
C LYS C 4034 -71.61 21.28 31.92
N GLU C 4035 -71.23 21.57 33.16
CA GLU C 4035 -72.10 22.23 34.12
C GLU C 4035 -71.51 23.57 34.54
N TYR C 4036 -70.93 24.27 33.56
CA TYR C 4036 -70.43 25.62 33.81
C TYR C 4036 -71.58 26.54 34.14
N ASP C 4037 -72.35 26.88 33.13
CA ASP C 4037 -73.73 27.31 33.33
C ASP C 4037 -74.72 26.14 33.43
N PRO C 4038 -74.85 25.25 32.40
CA PRO C 4038 -76.15 24.56 32.24
C PRO C 4038 -76.28 23.26 33.00
N ASP C 4039 -77.46 22.67 32.94
CA ASP C 4039 -77.60 21.26 33.29
C ASP C 4039 -77.15 20.39 32.12
N GLY C 4040 -77.83 20.52 30.99
CA GLY C 4040 -77.32 20.19 29.68
C GLY C 4040 -78.40 20.52 28.68
N LYS C 4041 -78.10 21.33 27.67
CA LYS C 4041 -79.05 21.59 26.59
C LYS C 4041 -78.42 21.59 25.21
N GLY C 4042 -77.14 21.90 25.07
CA GLY C 4042 -76.52 22.12 23.78
C GLY C 4042 -76.17 23.56 23.47
N VAL C 4043 -76.42 24.49 24.38
CA VAL C 4043 -76.10 25.90 24.19
C VAL C 4043 -75.87 26.52 25.55
N ILE C 4044 -74.82 27.34 25.71
CA ILE C 4044 -74.56 27.90 27.02
C ILE C 4044 -74.61 29.43 26.99
N SER C 4045 -73.67 30.07 26.31
CA SER C 4045 -73.60 31.52 26.06
C SER C 4045 -72.34 31.74 25.26
N LYS C 4046 -72.14 33.00 24.86
CA LYS C 4046 -70.89 33.46 24.31
C LYS C 4046 -69.95 33.99 25.38
N ARG C 4047 -70.51 34.59 26.43
CA ARG C 4047 -69.69 35.17 27.49
C ARG C 4047 -69.25 34.14 28.51
N ASP C 4048 -70.15 33.23 28.92
CA ASP C 4048 -69.71 32.10 29.74
C ASP C 4048 -68.86 31.14 28.95
N PHE C 4049 -68.92 31.20 27.62
CA PHE C 4049 -67.87 30.57 26.83
C PHE C 4049 -66.56 31.32 26.98
N HIS C 4050 -66.61 32.66 27.07
CA HIS C 4050 -65.41 33.47 26.90
C HIS C 4050 -64.45 33.33 28.07
N LYS C 4051 -64.96 33.39 29.30
CA LYS C 4051 -64.07 33.20 30.43
C LYS C 4051 -63.79 31.73 30.68
N ALA C 4052 -64.56 30.82 30.06
CA ALA C 4052 -64.31 29.39 30.24
C ALA C 4052 -62.96 28.99 29.68
N MET C 4053 -62.62 29.44 28.48
CA MET C 4053 -61.26 29.22 27.99
C MET C 4053 -60.25 30.09 28.71
N GLU C 4054 -60.70 31.13 29.38
CA GLU C 4054 -59.80 31.91 30.22
C GLU C 4054 -59.66 31.29 31.60
N SER C 4055 -60.65 30.53 32.06
CA SER C 4055 -60.52 29.81 33.32
C SER C 4055 -59.97 28.40 33.16
N HIS C 4056 -60.20 27.75 32.02
CA HIS C 4056 -59.60 26.44 31.80
C HIS C 4056 -58.11 26.53 31.49
N LYS C 4057 -57.65 27.69 31.01
CA LYS C 4057 -56.24 28.08 30.96
C LYS C 4057 -55.45 27.15 30.03
N HIS C 4058 -56.06 26.82 28.90
CA HIS C 4058 -55.35 26.07 27.88
C HIS C 4058 -54.99 26.91 26.67
N TYR C 4059 -55.90 27.75 26.21
CA TYR C 4059 -55.63 28.65 25.10
C TYR C 4059 -55.17 30.00 25.65
N THR C 4060 -54.32 30.67 24.91
CA THR C 4060 -54.04 32.06 25.25
C THR C 4060 -55.15 32.95 24.71
N GLN C 4061 -55.10 34.22 25.11
CA GLN C 4061 -56.17 35.16 24.78
C GLN C 4061 -56.27 35.45 23.30
N SER C 4062 -55.15 35.44 22.57
CA SER C 4062 -55.17 35.76 21.15
C SER C 4062 -55.78 34.64 20.34
N GLU C 4063 -55.72 33.41 20.84
CA GLU C 4063 -56.26 32.28 20.12
C GLU C 4063 -57.66 31.91 20.56
N THR C 4064 -58.12 32.42 21.70
CA THR C 4064 -59.52 32.28 22.03
C THR C 4064 -60.42 33.02 21.06
N GLU C 4065 -59.96 34.14 20.51
CA GLU C 4065 -60.78 34.88 19.56
C GLU C 4065 -60.78 34.19 18.20
N PHE C 4066 -59.77 33.37 17.91
CA PHE C 4066 -59.85 32.58 16.70
C PHE C 4066 -60.87 31.46 16.86
N LEU C 4067 -61.00 30.92 18.06
CA LEU C 4067 -62.16 30.09 18.35
C LEU C 4067 -63.44 30.90 18.29
N LEU C 4068 -63.36 32.18 18.64
CA LEU C 4068 -64.53 33.06 18.71
C LEU C 4068 -64.70 33.86 17.43
N SER C 4069 -64.42 33.25 16.28
CA SER C 4069 -64.71 33.89 15.00
C SER C 4069 -66.20 34.12 14.87
N CYS C 4070 -66.95 33.04 14.69
CA CYS C 4070 -68.38 33.03 14.99
C CYS C 4070 -68.65 31.77 15.79
N ALA C 4071 -67.91 30.72 15.44
CA ALA C 4071 -68.03 29.37 15.96
C ALA C 4071 -69.46 28.86 15.85
N THR C 4078 -74.14 33.39 21.71
CA THR C 4078 -74.08 31.99 22.13
C THR C 4078 -73.57 31.10 21.00
N LEU C 4079 -73.27 29.84 21.34
CA LEU C 4079 -72.70 28.86 20.41
C LEU C 4079 -73.56 27.61 20.36
N ASP C 4080 -73.02 26.54 19.77
CA ASP C 4080 -73.70 25.25 19.71
C ASP C 4080 -72.77 24.19 20.27
N TYR C 4081 -73.05 23.77 21.51
CA TYR C 4081 -72.20 22.88 22.29
C TYR C 4081 -71.95 21.52 21.66
N GLU C 4082 -72.87 21.02 20.82
CA GLU C 4082 -72.74 19.70 20.26
C GLU C 4082 -72.57 19.70 18.75
N GLU C 4083 -72.84 20.82 18.08
CA GLU C 4083 -72.62 20.92 16.64
C GLU C 4083 -71.26 21.47 16.30
N PHE C 4084 -70.79 22.45 17.07
CA PHE C 4084 -69.50 23.07 16.79
C PHE C 4084 -68.36 22.09 17.03
N VAL C 4085 -68.54 21.13 17.94
CA VAL C 4085 -67.57 20.06 18.07
C VAL C 4085 -67.67 19.10 16.88
N LYS C 4086 -68.89 18.87 16.39
CA LYS C 4086 -69.10 17.92 15.31
C LYS C 4086 -68.65 18.54 13.99
N ARG C 4087 -68.75 19.86 13.90
CA ARG C 4087 -68.27 20.55 12.71
C ARG C 4087 -66.76 20.60 12.67
N PHE C 4088 -66.13 21.00 13.77
CA PHE C 4088 -64.74 21.44 13.71
C PHE C 4088 -63.76 20.31 13.99
N HIS C 4089 -64.10 19.41 14.92
CA HIS C 4089 -63.11 18.47 15.42
C HIS C 4089 -62.86 17.32 14.45
N GLU C 4090 -63.91 16.88 13.77
CA GLU C 4090 -63.82 15.70 12.91
C GLU C 4090 -62.88 15.85 11.72
N PRO C 4091 -62.89 16.94 10.94
CA PRO C 4091 -61.84 17.05 9.91
C PRO C 4091 -60.54 17.59 10.44
N ALA C 4092 -60.41 17.74 11.75
CA ALA C 4092 -59.14 18.19 12.31
C ALA C 4092 -58.25 17.00 12.63
N LYS C 4093 -58.84 15.86 13.00
CA LYS C 4093 -58.03 14.79 13.55
C LYS C 4093 -57.43 13.91 12.46
N ASP C 4094 -58.27 13.36 11.59
CA ASP C 4094 -57.80 12.37 10.64
C ASP C 4094 -56.96 13.01 9.54
N ILE C 4095 -57.17 14.30 9.30
CA ILE C 4095 -56.22 15.02 8.47
C ILE C 4095 -54.96 15.28 9.27
N GLY C 4096 -55.10 15.60 10.56
CA GLY C 4096 -53.93 15.82 11.39
C GLY C 4096 -53.22 14.57 11.81
N PHE C 4097 -53.78 13.40 11.50
CA PHE C 4097 -53.15 12.13 11.82
C PHE C 4097 -51.81 12.00 11.15
N ASN C 4098 -51.81 12.07 9.82
CA ASN C 4098 -50.62 11.78 9.06
C ASN C 4098 -49.55 12.83 9.25
N VAL C 4099 -49.93 14.01 9.73
CA VAL C 4099 -48.94 14.99 10.16
C VAL C 4099 -48.17 14.46 11.35
N ALA C 4100 -48.86 13.82 12.29
CA ALA C 4100 -48.21 13.30 13.48
C ALA C 4100 -47.34 12.10 13.15
N VAL C 4101 -47.76 11.28 12.19
CA VAL C 4101 -46.95 10.14 11.80
C VAL C 4101 -45.70 10.61 11.08
N LEU C 4102 -45.84 11.66 10.28
CA LEU C 4102 -44.70 12.17 9.53
C LEU C 4102 -43.67 12.82 10.44
N LEU C 4103 -44.13 13.57 11.43
CA LEU C 4103 -43.20 14.11 12.42
C LEU C 4103 -42.58 13.00 13.24
N THR C 4104 -43.32 11.93 13.49
CA THR C 4104 -42.73 10.79 14.18
C THR C 4104 -41.71 10.10 13.31
N ASN C 4105 -42.05 9.87 12.04
CA ASN C 4105 -41.27 8.99 11.17
C ASN C 4105 -39.90 9.53 10.85
N LEU C 4106 -39.64 10.79 11.14
CA LEU C 4106 -38.28 11.30 11.02
C LEU C 4106 -37.55 11.27 12.35
N SER C 4107 -38.29 11.46 13.44
CA SER C 4107 -37.67 11.40 14.76
C SER C 4107 -37.19 10.00 15.07
N GLU C 4108 -37.96 8.99 14.66
CA GLU C 4108 -37.54 7.61 14.84
C GLU C 4108 -36.43 7.27 13.86
N HIS C 4109 -36.57 7.71 12.61
CA HIS C 4109 -35.59 7.32 11.61
C HIS C 4109 -34.31 8.11 11.74
N MET C 4110 -34.40 9.44 11.77
CA MET C 4110 -33.17 10.22 11.83
C MET C 4110 -33.04 10.94 13.17
N PRO C 4111 -32.19 10.46 14.07
CA PRO C 4111 -31.84 11.25 15.24
C PRO C 4111 -30.66 12.15 14.94
N ASN C 4112 -30.12 12.83 15.97
CA ASN C 4112 -28.96 13.74 15.87
C ASN C 4112 -29.24 14.90 14.93
N ASP C 4113 -30.43 15.46 15.03
CA ASP C 4113 -30.84 16.57 14.19
C ASP C 4113 -31.44 17.65 15.07
N THR C 4114 -30.66 18.69 15.33
CA THR C 4114 -31.12 19.74 16.24
C THR C 4114 -32.20 20.59 15.60
N ARG C 4115 -32.28 20.59 14.27
CA ARG C 4115 -33.33 21.35 13.58
C ARG C 4115 -34.69 20.75 13.83
N LEU C 4116 -34.76 19.45 14.00
CA LEU C 4116 -36.04 18.79 14.12
C LEU C 4116 -36.59 18.89 15.54
N GLN C 4117 -35.71 19.09 16.52
CA GLN C 4117 -36.14 19.01 17.92
C GLN C 4117 -37.02 20.18 18.31
N THR C 4118 -36.57 21.40 18.04
CA THR C 4118 -37.43 22.58 18.21
C THR C 4118 -38.60 22.56 17.26
N PHE C 4119 -38.46 21.86 16.15
CA PHE C 4119 -39.58 21.67 15.25
C PHE C 4119 -40.58 20.71 15.84
N LEU C 4120 -40.10 19.68 16.51
CA LEU C 4120 -40.98 18.68 17.10
C LEU C 4120 -41.69 19.22 18.32
N GLU C 4121 -40.98 19.99 19.14
CA GLU C 4121 -41.45 20.33 20.47
C GLU C 4121 -42.62 21.30 20.48
N LEU C 4122 -42.92 21.96 19.38
CA LEU C 4122 -44.06 22.85 19.41
C LEU C 4122 -45.34 22.14 19.02
N ALA C 4123 -45.26 20.87 18.64
CA ALA C 4123 -46.41 20.08 18.26
C ALA C 4123 -46.86 19.15 19.38
N GLU C 4124 -46.59 19.51 20.63
CA GLU C 4124 -46.74 18.56 21.72
C GLU C 4124 -48.19 18.36 22.14
N SER C 4125 -49.11 19.20 21.71
CA SER C 4125 -50.50 18.86 21.94
C SER C 4125 -51.04 17.91 20.90
N VAL C 4126 -50.30 17.68 19.82
CA VAL C 4126 -50.72 16.76 18.78
C VAL C 4126 -50.12 15.38 19.00
N LEU C 4127 -48.81 15.28 19.13
CA LEU C 4127 -48.16 14.00 19.37
C LEU C 4127 -48.60 13.37 20.68
N ASN C 4128 -48.91 14.17 21.68
CA ASN C 4128 -49.50 13.63 22.89
C ASN C 4128 -51.01 13.70 22.87
N TYR C 4129 -51.61 13.86 21.71
CA TYR C 4129 -53.00 13.48 21.53
C TYR C 4129 -53.13 12.15 20.82
N PHE C 4130 -52.21 11.84 19.92
CA PHE C 4130 -52.38 10.69 19.06
C PHE C 4130 -51.62 9.46 19.53
N GLN C 4131 -50.81 9.57 20.56
CA GLN C 4131 -50.14 8.38 21.07
C GLN C 4131 -51.06 7.30 21.63
N PRO C 4132 -52.30 7.58 22.05
CA PRO C 4132 -53.28 6.49 22.11
C PRO C 4132 -53.52 5.78 20.79
N PHE C 4133 -53.31 6.42 19.64
CA PHE C 4133 -53.75 5.86 18.37
C PHE C 4133 -52.62 5.39 17.47
N LEU C 4134 -51.37 5.56 17.84
CA LEU C 4134 -50.27 5.43 16.89
C LEU C 4134 -49.58 4.08 17.10
N GLY C 4135 -50.12 3.03 16.52
CA GLY C 4135 -49.59 1.71 16.73
C GLY C 4135 -48.38 1.44 15.83
N ARG C 4136 -47.29 1.02 16.45
CA ARG C 4136 -46.03 0.79 15.76
C ARG C 4136 -45.70 -0.68 15.87
N ILE C 4137 -45.32 -1.32 14.77
CA ILE C 4137 -44.79 -2.67 14.82
C ILE C 4137 -43.42 -2.64 14.17
N GLU C 4138 -42.79 -3.79 14.01
CA GLU C 4138 -41.58 -3.91 13.21
C GLU C 4138 -41.64 -5.19 12.42
N ILE C 4139 -41.26 -5.14 11.13
CA ILE C 4139 -41.30 -6.31 10.27
C ILE C 4139 -40.02 -6.37 9.47
N MET C 4140 -39.79 -7.53 8.85
CA MET C 4140 -38.62 -7.70 7.99
C MET C 4140 -39.06 -7.49 6.55
N GLY C 4141 -39.05 -6.24 6.13
CA GLY C 4141 -39.73 -5.83 4.92
C GLY C 4141 -39.02 -6.00 3.60
N SER C 4142 -38.95 -7.23 3.09
CA SER C 4142 -38.67 -7.56 1.69
C SER C 4142 -37.30 -7.16 1.18
N ALA C 4143 -36.46 -6.59 2.02
CA ALA C 4143 -35.14 -6.15 1.59
C ALA C 4143 -34.05 -6.79 2.44
N LYS C 4144 -34.42 -7.82 3.20
CA LYS C 4144 -33.55 -8.50 4.17
C LYS C 4144 -32.99 -7.53 5.20
N ARG C 4145 -33.84 -6.58 5.61
CA ARG C 4145 -33.47 -5.61 6.63
C ARG C 4145 -34.75 -5.03 7.19
N ILE C 4146 -34.75 -4.76 8.49
CA ILE C 4146 -35.98 -4.60 9.26
C ILE C 4146 -36.32 -3.12 9.39
N GLU C 4147 -37.56 -2.77 9.12
CA GLU C 4147 -38.01 -1.40 9.10
C GLU C 4147 -39.29 -1.25 9.92
N ARG C 4148 -39.49 -0.08 10.50
CA ARG C 4148 -40.71 0.18 11.23
C ARG C 4148 -41.91 0.27 10.28
N VAL C 4149 -43.10 0.23 10.88
CA VAL C 4149 -44.39 0.34 10.21
C VAL C 4149 -45.29 1.12 11.15
N TYR C 4150 -46.06 2.06 10.63
CA TYR C 4150 -46.91 2.88 11.49
C TYR C 4150 -48.32 2.82 10.92
N PHE C 4151 -49.32 2.81 11.79
CA PHE C 4151 -50.67 2.73 11.29
C PHE C 4151 -51.62 3.40 12.25
N GLU C 4152 -52.90 3.10 12.10
CA GLU C 4152 -53.98 3.74 12.82
C GLU C 4152 -54.74 2.71 13.64
N ILE C 4153 -54.78 2.92 14.94
CA ILE C 4153 -55.53 2.06 15.85
C ILE C 4153 -56.85 2.74 16.14
N SER C 4154 -57.95 2.08 15.83
CA SER C 4154 -59.25 2.69 16.02
C SER C 4154 -59.57 2.72 17.51
N GLU C 4155 -60.59 3.48 17.89
CA GLU C 4155 -60.92 3.60 19.30
C GLU C 4155 -62.02 2.65 19.71
N SER C 4156 -62.83 2.19 18.79
CA SER C 4156 -63.75 1.10 19.09
C SER C 4156 -63.04 -0.23 19.21
N SER C 4157 -61.75 -0.30 18.90
CA SER C 4157 -61.01 -1.54 19.07
C SER C 4157 -59.92 -1.44 20.12
N ARG C 4158 -59.65 -0.26 20.64
CA ARG C 4158 -58.78 -0.17 21.81
C ARG C 4158 -59.55 -0.48 23.07
N THR C 4159 -60.84 -0.17 23.08
CA THR C 4159 -61.69 -0.51 24.20
C THR C 4159 -62.42 -1.81 24.01
N GLN C 4160 -61.92 -2.70 23.15
CA GLN C 4160 -62.36 -4.08 23.19
C GLN C 4160 -61.19 -5.03 23.21
N TRP C 4161 -60.05 -4.59 23.70
CA TRP C 4161 -59.04 -5.46 24.22
C TRP C 4161 -59.03 -5.42 25.74
N GLU C 4162 -60.01 -4.72 26.30
CA GLU C 4162 -60.61 -4.93 27.61
C GLU C 4162 -61.74 -5.92 27.41
N LYS C 4163 -62.77 -5.89 28.28
CA LYS C 4163 -63.99 -6.69 28.16
C LYS C 4163 -63.67 -8.17 28.29
N PRO C 4164 -63.58 -8.67 29.50
CA PRO C 4164 -62.75 -9.84 29.82
C PRO C 4164 -63.08 -11.17 29.16
N GLN C 4165 -64.01 -11.23 28.22
CA GLN C 4165 -64.06 -12.36 27.32
C GLN C 4165 -62.76 -12.50 26.56
N VAL C 4166 -62.17 -11.38 26.18
CA VAL C 4166 -60.91 -11.39 25.45
C VAL C 4166 -59.72 -11.62 26.36
N LYS C 4167 -59.66 -10.95 27.51
CA LYS C 4167 -58.54 -11.11 28.42
C LYS C 4167 -58.50 -12.50 29.04
N GLU C 4168 -59.63 -13.20 29.06
CA GLU C 4168 -59.57 -14.61 29.42
C GLU C 4168 -58.97 -15.41 28.29
N SER C 4169 -59.24 -15.02 27.04
CA SER C 4169 -58.69 -15.77 25.93
C SER C 4169 -57.22 -15.47 25.71
N LYS C 4170 -56.75 -14.31 26.16
CA LYS C 4170 -55.33 -14.03 26.06
C LYS C 4170 -54.53 -14.91 27.02
N ARG C 4171 -54.94 -14.93 28.29
CA ARG C 4171 -54.17 -15.61 29.30
C ARG C 4171 -54.24 -17.12 29.17
N GLN C 4172 -55.26 -17.65 28.50
CA GLN C 4172 -55.19 -19.06 28.14
C GLN C 4172 -54.25 -19.28 26.99
N PHE C 4173 -54.20 -18.37 26.01
CA PHE C 4173 -53.32 -18.61 24.89
C PHE C 4173 -51.86 -18.41 25.25
N ILE C 4174 -51.55 -17.37 26.02
CA ILE C 4174 -50.17 -17.09 26.40
C ILE C 4174 -49.59 -18.24 27.20
N PHE C 4175 -50.39 -18.84 28.07
CA PHE C 4175 -49.92 -19.99 28.80
C PHE C 4175 -49.88 -21.23 27.91
N ASP C 4176 -50.62 -21.22 26.82
CA ASP C 4176 -50.65 -22.41 25.97
C ASP C 4176 -49.35 -22.54 25.17
N VAL C 4177 -48.96 -21.51 24.45
CA VAL C 4177 -47.89 -21.65 23.47
C VAL C 4177 -46.52 -21.69 24.12
N VAL C 4178 -46.26 -20.84 25.11
CA VAL C 4178 -44.91 -20.71 25.65
C VAL C 4178 -44.57 -21.86 26.58
N ASN C 4179 -45.57 -22.65 26.96
CA ASN C 4179 -45.33 -23.86 27.73
C ASN C 4179 -44.86 -24.99 26.83
N GLU C 4180 -45.69 -25.37 25.88
CA GLU C 4180 -45.39 -26.45 24.95
C GLU C 4180 -45.77 -26.02 23.54
N GLY C 4181 -45.02 -26.50 22.56
CA GLY C 4181 -45.17 -26.07 21.19
C GLY C 4181 -43.90 -25.43 20.67
N GLY C 4182 -43.20 -26.13 19.78
CA GLY C 4182 -41.87 -25.75 19.37
C GLY C 4182 -41.86 -24.55 18.46
N GLU C 4183 -40.65 -24.15 18.05
CA GLU C 4183 -40.48 -22.94 17.28
C GLU C 4183 -41.06 -23.04 15.88
N LYS C 4184 -41.09 -24.24 15.28
CA LYS C 4184 -41.57 -24.39 13.91
C LYS C 4184 -43.06 -24.06 13.77
N GLU C 4185 -43.82 -24.08 14.86
CA GLU C 4185 -45.14 -23.48 14.82
C GLU C 4185 -45.37 -22.51 15.97
N LYS C 4186 -44.37 -21.72 16.34
CA LYS C 4186 -44.64 -20.71 17.35
C LYS C 4186 -45.46 -19.58 16.78
N MET C 4187 -44.98 -18.95 15.72
CA MET C 4187 -45.69 -17.80 15.14
C MET C 4187 -46.94 -18.25 14.41
N GLU C 4188 -46.95 -19.47 13.89
CA GLU C 4188 -48.15 -19.98 13.24
C GLU C 4188 -49.25 -20.19 14.25
N LEU C 4189 -48.90 -20.41 15.51
CA LEU C 4189 -49.88 -20.35 16.58
C LEU C 4189 -50.18 -18.93 17.02
N PHE C 4190 -49.37 -17.95 16.62
CA PHE C 4190 -49.74 -16.59 16.97
C PHE C 4190 -50.82 -16.08 16.04
N VAL C 4191 -50.65 -16.25 14.73
CA VAL C 4191 -51.63 -15.72 13.79
C VAL C 4191 -52.92 -16.52 13.88
N ASN C 4192 -52.83 -17.78 14.27
CA ASN C 4192 -54.03 -18.54 14.55
C ASN C 4192 -54.71 -18.09 15.83
N PHE C 4193 -54.03 -17.30 16.67
CA PHE C 4193 -54.73 -16.66 17.77
C PHE C 4193 -55.29 -15.31 17.36
N CYS C 4194 -54.58 -14.57 16.52
CA CYS C 4194 -55.10 -13.27 16.12
C CYS C 4194 -56.29 -13.38 15.19
N GLU C 4195 -56.40 -14.49 14.46
CA GLU C 4195 -57.56 -14.67 13.60
C GLU C 4195 -58.83 -14.85 14.42
N ASP C 4196 -58.74 -15.54 15.55
CA ASP C 4196 -59.93 -15.76 16.35
C ASP C 4196 -60.26 -14.54 17.18
N THR C 4197 -59.25 -13.83 17.65
CA THR C 4197 -59.50 -12.73 18.58
C THR C 4197 -60.11 -11.54 17.87
N ILE C 4198 -60.00 -11.50 16.55
CA ILE C 4198 -60.78 -10.52 15.81
C ILE C 4198 -62.24 -10.91 15.81
N PHE C 4199 -62.56 -12.20 15.73
CA PHE C 4199 -63.94 -12.62 15.78
C PHE C 4199 -64.55 -12.36 17.15
N GLU C 4200 -63.74 -12.38 18.21
CA GLU C 4200 -64.29 -11.99 19.50
C GLU C 4200 -64.55 -10.50 19.56
N MET C 4201 -63.68 -9.69 18.98
CA MET C 4201 -63.88 -8.27 19.05
C MET C 4201 -64.97 -7.78 18.12
N GLN C 4202 -65.43 -8.63 17.20
CA GLN C 4202 -66.69 -8.31 16.53
C GLN C 4202 -67.87 -8.79 17.33
N LEU C 4203 -67.69 -9.89 18.05
CA LEU C 4203 -68.78 -10.38 18.88
C LEU C 4203 -68.98 -9.48 20.07
N ALA C 4204 -67.94 -8.81 20.53
CA ALA C 4204 -68.09 -7.90 21.64
C ALA C 4204 -68.76 -6.59 21.25
N ALA C 4205 -68.82 -6.27 19.96
CA ALA C 4205 -69.48 -5.04 19.59
C ALA C 4205 -70.98 -5.18 19.63
N GLN C 4206 -71.50 -6.32 19.20
CA GLN C 4206 -72.94 -6.53 19.22
C GLN C 4206 -73.44 -7.03 20.55
N ILE C 4207 -72.72 -6.77 21.63
CA ILE C 4207 -73.10 -7.19 22.96
C ILE C 4207 -73.09 -5.96 23.87
N ALA C 4487 -87.08 -10.40 18.09
CA ALA C 4487 -87.53 -9.02 18.23
C ALA C 4487 -86.97 -8.38 19.49
N TYR C 4488 -87.76 -8.41 20.56
CA TYR C 4488 -87.26 -8.05 21.88
C TYR C 4488 -86.42 -9.17 22.47
N GLN C 4489 -86.58 -10.38 21.92
CA GLN C 4489 -85.82 -11.55 22.34
C GLN C 4489 -84.32 -11.37 22.11
N GLN C 4490 -83.96 -10.66 21.04
CA GLN C 4490 -82.55 -10.42 20.77
C GLN C 4490 -81.96 -9.44 21.76
N LYS C 4491 -82.78 -8.55 22.30
CA LYS C 4491 -82.31 -7.64 23.32
C LYS C 4491 -82.03 -8.37 24.61
N LEU C 4492 -82.88 -9.35 24.93
CA LEU C 4492 -82.71 -10.13 26.15
C LEU C 4492 -81.48 -11.01 26.06
N LEU C 4493 -81.30 -11.67 24.93
CA LEU C 4493 -80.24 -12.64 24.74
C LEU C 4493 -78.86 -12.03 24.81
N ASN C 4494 -78.75 -10.73 24.55
CA ASN C 4494 -77.48 -10.04 24.74
C ASN C 4494 -77.32 -9.52 26.16
N TYR C 4495 -78.35 -9.58 26.99
CA TYR C 4495 -78.13 -9.29 28.38
C TYR C 4495 -77.48 -10.46 29.09
N PHE C 4496 -77.76 -11.67 28.62
CA PHE C 4496 -77.25 -12.85 29.31
C PHE C 4496 -75.83 -13.17 28.90
N ALA C 4497 -75.48 -13.00 27.62
CA ALA C 4497 -74.12 -13.26 27.22
C ALA C 4497 -73.18 -12.17 27.71
N ARG C 4498 -73.71 -10.98 27.95
CA ARG C 4498 -72.90 -9.94 28.57
C ARG C 4498 -72.62 -10.29 30.01
N ASN C 4499 -73.67 -10.50 30.79
CA ASN C 4499 -73.52 -10.86 32.19
C ASN C 4499 -73.48 -12.38 32.29
N PHE C 4500 -72.30 -12.92 32.03
CA PHE C 4500 -72.05 -14.33 32.29
C PHE C 4500 -71.14 -14.51 33.47
N TYR C 4501 -69.97 -13.88 33.44
CA TYR C 4501 -69.03 -13.98 34.54
C TYR C 4501 -69.58 -13.27 35.77
N ASN C 4502 -70.46 -12.30 35.59
CA ASN C 4502 -71.14 -11.66 36.70
C ASN C 4502 -72.43 -12.36 37.06
N MET C 4503 -72.70 -13.52 36.48
CA MET C 4503 -73.86 -14.31 36.86
C MET C 4503 -73.49 -15.69 37.34
N ARG C 4504 -72.42 -16.27 36.83
CA ARG C 4504 -71.91 -17.49 37.42
C ARG C 4504 -71.33 -17.27 38.80
N MET C 4505 -70.83 -16.07 39.08
CA MET C 4505 -70.49 -15.73 40.45
C MET C 4505 -71.71 -15.71 41.36
N LEU C 4506 -72.85 -15.26 40.85
CA LEU C 4506 -74.06 -15.30 41.65
C LEU C 4506 -74.61 -16.70 41.83
N ALA C 4507 -74.30 -17.60 40.90
CA ALA C 4507 -74.77 -18.96 41.07
C ALA C 4507 -73.96 -19.73 42.09
N LEU C 4508 -72.90 -19.15 42.61
CA LEU C 4508 -72.15 -19.75 43.70
C LEU C 4508 -72.62 -19.25 45.06
N PHE C 4509 -72.85 -17.94 45.18
CA PHE C 4509 -73.26 -17.35 46.45
C PHE C 4509 -74.62 -17.83 46.89
N VAL C 4510 -75.47 -18.23 45.95
CA VAL C 4510 -76.70 -18.91 46.35
C VAL C 4510 -76.38 -20.29 46.89
N ALA C 4511 -75.44 -21.00 46.26
CA ALA C 4511 -75.13 -22.36 46.68
C ALA C 4511 -74.42 -22.43 48.02
N PHE C 4512 -73.86 -21.33 48.51
CA PHE C 4512 -73.52 -21.33 49.93
C PHE C 4512 -74.76 -21.22 50.79
N ALA C 4513 -75.69 -20.36 50.41
CA ALA C 4513 -76.85 -20.13 51.26
C ALA C 4513 -77.81 -21.30 51.27
N ILE C 4514 -77.74 -22.20 50.30
CA ILE C 4514 -78.42 -23.47 50.50
C ILE C 4514 -77.66 -24.32 51.48
N ASN C 4515 -76.37 -24.52 51.23
CA ASN C 4515 -75.57 -25.39 52.07
C ASN C 4515 -75.12 -24.76 53.37
N PHE C 4516 -75.62 -23.58 53.69
CA PHE C 4516 -75.55 -23.13 55.07
C PHE C 4516 -76.84 -23.42 55.79
N ILE C 4517 -77.97 -23.22 55.12
CA ILE C 4517 -79.27 -23.54 55.72
C ILE C 4517 -79.41 -25.03 55.88
N LEU C 4518 -78.92 -25.81 54.93
CA LEU C 4518 -79.01 -27.26 54.96
C LEU C 4518 -78.19 -27.88 56.07
N LEU C 4519 -77.32 -27.12 56.73
CA LEU C 4519 -76.53 -27.65 57.82
C LEU C 4519 -77.36 -27.92 59.08
N PHE C 4520 -78.61 -27.43 59.13
CA PHE C 4520 -79.43 -27.45 60.34
C PHE C 4520 -80.39 -28.62 60.42
N TYR C 4521 -80.22 -29.65 59.60
CA TYR C 4521 -81.16 -30.76 59.59
C TYR C 4521 -80.97 -31.65 60.82
N LYS C 4522 -81.97 -32.48 61.08
CA LYS C 4522 -81.95 -33.38 62.22
C LYS C 4522 -82.93 -34.51 61.93
N VAL C 4523 -82.65 -35.70 62.42
CA VAL C 4523 -83.54 -36.82 62.21
C VAL C 4523 -84.43 -37.01 63.43
N VAL C 4558 -87.90 -39.53 60.19
CA VAL C 4558 -87.57 -38.98 58.88
C VAL C 4558 -86.99 -37.59 59.03
N HIS C 4559 -86.36 -37.09 57.97
CA HIS C 4559 -85.55 -35.87 58.06
C HIS C 4559 -86.46 -34.66 58.02
N TYR C 4560 -86.68 -34.03 59.17
CA TYR C 4560 -87.37 -32.76 59.22
C TYR C 4560 -86.40 -31.69 59.67
N VAL C 4561 -86.54 -30.51 59.11
CA VAL C 4561 -85.70 -29.39 59.49
C VAL C 4561 -86.17 -28.90 60.84
N LEU C 4562 -85.28 -28.28 61.59
CA LEU C 4562 -85.69 -27.52 62.75
C LEU C 4562 -85.45 -26.05 62.47
N GLU C 4563 -85.66 -25.22 63.46
CA GLU C 4563 -85.31 -23.81 63.38
C GLU C 4563 -84.43 -23.46 64.58
N GLU C 4564 -83.60 -22.45 64.39
CA GLU C 4564 -82.90 -21.83 65.50
C GLU C 4564 -83.06 -20.32 65.53
N SER C 4565 -83.20 -19.68 64.37
CA SER C 4565 -83.35 -18.22 64.37
C SER C 4565 -84.81 -17.82 64.52
N SER C 4566 -85.66 -18.24 63.60
CA SER C 4566 -87.05 -17.79 63.58
C SER C 4566 -87.90 -18.82 62.85
N GLY C 4567 -89.20 -18.53 62.75
CA GLY C 4567 -90.10 -19.44 62.06
C GLY C 4567 -89.90 -19.48 60.57
N TYR C 4568 -89.38 -18.40 59.99
CA TYR C 4568 -89.33 -18.26 58.54
C TYR C 4568 -87.97 -18.72 58.00
N MET C 4569 -87.67 -20.00 58.23
CA MET C 4569 -86.40 -20.55 57.78
C MET C 4569 -86.56 -21.54 56.63
N GLU C 4570 -87.33 -22.59 56.82
CA GLU C 4570 -87.57 -23.53 55.73
C GLU C 4570 -88.32 -22.99 54.50
N PRO C 4571 -89.14 -21.92 54.55
CA PRO C 4571 -89.59 -21.40 53.25
C PRO C 4571 -88.49 -20.70 52.48
N THR C 4572 -87.57 -20.02 53.18
CA THR C 4572 -86.44 -19.36 52.54
C THR C 4572 -85.48 -20.34 51.88
N LEU C 4573 -85.43 -21.58 52.33
CA LEU C 4573 -84.77 -22.60 51.53
C LEU C 4573 -85.54 -22.92 50.28
N ARG C 4574 -86.87 -23.02 50.37
CA ARG C 4574 -87.68 -23.35 49.21
C ARG C 4574 -87.69 -22.20 48.20
N ILE C 4575 -87.48 -20.97 48.67
CA ILE C 4575 -87.33 -19.85 47.74
C ILE C 4575 -85.97 -19.90 47.06
N LEU C 4576 -84.92 -20.04 47.85
CA LEU C 4576 -83.56 -20.02 47.30
C LEU C 4576 -83.21 -21.28 46.53
N ALA C 4577 -84.00 -22.33 46.62
CA ALA C 4577 -83.74 -23.49 45.79
C ALA C 4577 -84.31 -23.33 44.40
N ILE C 4578 -85.55 -22.88 44.29
CA ILE C 4578 -86.12 -22.68 42.97
C ILE C 4578 -85.48 -21.48 42.28
N LEU C 4579 -84.88 -20.56 43.03
CA LEU C 4579 -84.10 -19.50 42.41
C LEU C 4579 -82.81 -20.02 41.81
N HIS C 4580 -82.23 -21.07 42.38
CA HIS C 4580 -80.94 -21.55 41.91
C HIS C 4580 -81.06 -22.30 40.59
N THR C 4581 -82.19 -22.95 40.36
CA THR C 4581 -82.39 -23.55 39.06
C THR C 4581 -82.58 -22.48 37.99
N VAL C 4582 -83.15 -21.34 38.37
CA VAL C 4582 -83.35 -20.25 37.43
C VAL C 4582 -82.00 -19.65 37.02
N ILE C 4583 -81.13 -19.37 37.99
CA ILE C 4583 -79.84 -18.79 37.66
C ILE C 4583 -78.97 -19.78 36.92
N SER C 4584 -78.98 -21.04 37.32
CA SER C 4584 -78.20 -22.03 36.60
C SER C 4584 -78.81 -22.37 35.25
N PHE C 4585 -80.03 -21.97 34.97
CA PHE C 4585 -80.49 -22.02 33.61
C PHE C 4585 -80.13 -20.76 32.86
N PHE C 4586 -79.89 -19.67 33.57
CA PHE C 4586 -79.43 -18.47 32.89
C PHE C 4586 -77.92 -18.38 32.81
N CYS C 4587 -77.23 -19.50 32.95
CA CYS C 4587 -75.80 -19.53 32.75
C CYS C 4587 -75.39 -20.60 31.78
N ILE C 4588 -76.33 -21.31 31.18
CA ILE C 4588 -76.07 -22.01 29.93
C ILE C 4588 -76.81 -21.39 28.77
N ILE C 4589 -77.76 -20.50 29.03
CA ILE C 4589 -78.21 -19.62 27.97
C ILE C 4589 -77.16 -18.58 27.69
N GLY C 4590 -76.65 -17.93 28.73
CA GLY C 4590 -75.64 -16.91 28.55
C GLY C 4590 -74.32 -17.46 28.08
N TYR C 4591 -74.05 -18.72 28.34
CA TYR C 4591 -72.88 -19.33 27.75
C TYR C 4591 -73.11 -19.65 26.29
N TYR C 4592 -74.35 -19.83 25.88
CA TYR C 4592 -74.61 -20.24 24.51
C TYR C 4592 -74.39 -19.13 23.51
N CYS C 4593 -74.31 -17.88 23.96
CA CYS C 4593 -74.14 -16.77 23.04
C CYS C 4593 -72.89 -15.97 23.35
N LEU C 4594 -71.94 -16.53 24.07
CA LEU C 4594 -70.72 -15.84 24.40
C LEU C 4594 -69.49 -16.63 24.02
N LYS C 4595 -69.53 -17.94 24.20
CA LYS C 4595 -68.37 -18.75 23.90
C LYS C 4595 -68.65 -19.81 22.84
N VAL C 4596 -69.89 -20.22 22.68
CA VAL C 4596 -70.23 -21.24 21.69
C VAL C 4596 -70.09 -20.70 20.27
N PRO C 4597 -70.40 -19.44 19.95
CA PRO C 4597 -70.00 -18.95 18.63
C PRO C 4597 -68.51 -18.93 18.38
N LEU C 4598 -67.67 -18.90 19.41
CA LEU C 4598 -66.24 -18.95 19.14
C LEU C 4598 -65.78 -20.36 18.84
N VAL C 4599 -66.22 -21.34 19.63
CA VAL C 4599 -65.76 -22.71 19.41
C VAL C 4599 -66.40 -23.30 18.16
N ILE C 4600 -67.47 -22.69 17.67
CA ILE C 4600 -67.93 -22.99 16.32
C ILE C 4600 -66.91 -22.51 15.30
N PHE C 4601 -66.37 -21.31 15.50
CA PHE C 4601 -65.47 -20.70 14.54
C PHE C 4601 -64.15 -21.45 14.43
N LYS C 4602 -63.60 -21.89 15.55
CA LYS C 4602 -62.34 -22.62 15.48
C LYS C 4602 -62.55 -24.02 14.94
N ARG C 4603 -63.79 -24.50 14.90
CA ARG C 4603 -64.09 -25.77 14.26
C ARG C 4603 -64.28 -25.61 12.77
N GLU C 4604 -65.00 -24.57 12.35
CA GLU C 4604 -65.24 -24.36 10.93
C GLU C 4604 -63.98 -23.93 10.19
N LYS C 4605 -63.07 -23.23 10.84
CA LYS C 4605 -61.81 -22.92 10.18
C LYS C 4605 -61.00 -24.18 9.97
N GLU C 4606 -61.01 -25.07 10.95
CA GLU C 4606 -60.15 -26.23 10.85
C GLU C 4606 -60.70 -27.26 9.88
N VAL C 4607 -61.95 -27.14 9.46
CA VAL C 4607 -62.41 -27.99 8.37
C VAL C 4607 -62.25 -27.27 7.04
N ALA C 4608 -62.44 -25.95 7.02
CA ALA C 4608 -62.37 -25.25 5.76
C ALA C 4608 -60.92 -25.08 5.32
N ARG C 4609 -60.01 -25.01 6.25
CA ARG C 4609 -58.61 -24.97 5.88
C ARG C 4609 -58.00 -26.36 5.78
N LYS C 4610 -58.81 -27.40 5.80
CA LYS C 4610 -58.27 -28.74 5.62
C LYS C 4610 -58.70 -29.35 4.30
N LEU C 4611 -59.96 -29.15 3.92
CA LEU C 4611 -60.35 -29.68 2.62
C LEU C 4611 -59.89 -28.80 1.48
N GLU C 4612 -59.48 -27.57 1.76
CA GLU C 4612 -59.10 -26.67 0.69
C GLU C 4612 -57.61 -26.67 0.43
N PHE C 4613 -56.80 -26.27 1.42
CA PHE C 4613 -55.37 -26.20 1.19
C PHE C 4613 -54.74 -27.58 1.19
N ASP C 4614 -55.40 -28.57 1.77
CA ASP C 4614 -54.87 -29.92 1.80
C ASP C 4614 -55.79 -30.95 1.15
N GLY C 4615 -57.07 -30.92 1.47
CA GLY C 4615 -57.98 -31.88 0.90
C GLY C 4615 -58.01 -33.12 1.73
N LEU C 4616 -59.15 -33.48 2.29
CA LEU C 4616 -59.26 -34.78 2.92
C LEU C 4616 -60.54 -35.48 2.49
N TYR C 4617 -61.58 -34.71 2.20
CA TYR C 4617 -62.81 -35.32 1.73
C TYR C 4617 -62.78 -35.59 0.23
N ILE C 4618 -61.66 -35.32 -0.43
CA ILE C 4618 -61.47 -35.63 -1.83
C ILE C 4618 -60.38 -36.67 -2.01
N THR C 4619 -59.35 -36.62 -1.17
CA THR C 4619 -58.14 -37.40 -1.37
C THR C 4619 -57.78 -38.29 -0.19
N GLU C 4620 -57.94 -37.82 1.04
CA GLU C 4620 -57.43 -38.59 2.18
C GLU C 4620 -58.45 -39.57 2.74
N GLN C 4621 -59.71 -39.12 2.94
CA GLN C 4621 -60.80 -39.89 3.53
C GLN C 4621 -60.42 -40.45 4.89
N PRO C 4622 -60.47 -39.66 5.96
CA PRO C 4622 -59.87 -40.05 7.23
C PRO C 4622 -60.54 -41.26 7.87
N SER C 4623 -59.75 -41.99 8.65
CA SER C 4623 -60.05 -43.38 9.00
C SER C 4623 -61.09 -43.45 10.13
N GLU C 4624 -61.24 -44.64 10.71
CA GLU C 4624 -62.12 -44.81 11.86
C GLU C 4624 -61.53 -44.18 13.11
N ASP C 4625 -60.22 -44.08 13.21
CA ASP C 4625 -59.61 -43.21 14.19
C ASP C 4625 -59.81 -41.76 13.73
N ASP C 4626 -59.60 -40.81 14.66
CA ASP C 4626 -59.95 -39.40 14.51
C ASP C 4626 -61.45 -39.27 14.22
N ILE C 4627 -62.22 -39.59 15.27
CA ILE C 4627 -63.69 -39.52 15.24
C ILE C 4627 -64.18 -38.15 14.83
N LYS C 4628 -63.56 -37.09 15.34
CA LYS C 4628 -64.04 -35.75 15.03
C LYS C 4628 -63.75 -35.36 13.60
N GLY C 4629 -62.88 -36.10 12.92
CA GLY C 4629 -62.80 -35.99 11.48
C GLY C 4629 -64.07 -36.52 10.87
N GLN C 4630 -64.54 -37.65 11.37
CA GLN C 4630 -65.68 -38.33 10.73
C GLN C 4630 -66.98 -37.61 10.99
N TRP C 4631 -67.08 -36.88 12.09
CA TRP C 4631 -68.32 -36.16 12.35
C TRP C 4631 -68.43 -34.93 11.47
N ASP C 4632 -67.30 -34.39 11.01
CA ASP C 4632 -67.30 -33.21 10.18
C ASP C 4632 -67.81 -33.47 8.77
N ARG C 4633 -67.96 -34.74 8.39
CA ARG C 4633 -68.46 -35.10 7.07
C ARG C 4633 -69.91 -34.69 6.86
N LEU C 4634 -70.63 -34.37 7.92
CA LEU C 4634 -72.04 -34.07 7.79
C LEU C 4634 -72.32 -32.60 7.54
N VAL C 4635 -71.30 -31.75 7.49
CA VAL C 4635 -71.56 -30.31 7.43
C VAL C 4635 -71.28 -29.77 6.05
N ILE C 4636 -70.47 -30.48 5.25
CA ILE C 4636 -70.09 -29.93 3.95
C ILE C 4636 -71.21 -30.01 2.93
N ASN C 4637 -72.18 -30.89 3.13
CA ASN C 4637 -73.33 -30.93 2.24
C ASN C 4637 -74.33 -29.83 2.53
N THR C 4638 -74.21 -29.14 3.65
CA THR C 4638 -75.20 -28.15 4.00
C THR C 4638 -75.00 -26.89 3.18
N GLN C 4639 -76.04 -26.06 3.16
CA GLN C 4639 -76.00 -24.86 2.34
C GLN C 4639 -75.19 -23.78 3.02
N SER C 4640 -75.62 -23.33 4.19
CA SER C 4640 -74.94 -22.26 4.90
C SER C 4640 -73.82 -22.85 5.73
N PHE C 4641 -72.77 -23.32 5.05
CA PHE C 4641 -71.69 -23.97 5.77
C PHE C 4641 -70.78 -22.98 6.49
N PRO C 4642 -70.10 -22.04 5.83
CA PRO C 4642 -69.22 -21.22 6.65
C PRO C 4642 -70.03 -20.07 7.22
N ASN C 4643 -70.72 -20.34 8.33
CA ASN C 4643 -71.60 -19.32 8.89
C ASN C 4643 -70.84 -18.33 9.77
N ASN C 4644 -69.67 -18.71 10.27
CA ASN C 4644 -68.90 -17.79 11.10
C ASN C 4644 -67.50 -17.53 10.56
N TYR C 4645 -67.08 -18.26 9.53
CA TYR C 4645 -65.70 -18.23 9.07
C TYR C 4645 -65.45 -17.11 8.05
N TRP C 4646 -66.37 -16.14 7.90
CA TRP C 4646 -66.25 -14.94 7.06
C TRP C 4646 -65.82 -15.14 5.61
N ASP C 4647 -65.83 -16.37 5.10
CA ASP C 4647 -65.12 -16.73 3.88
C ASP C 4647 -66.03 -17.52 2.97
N LYS C 4648 -67.18 -16.95 2.67
CA LYS C 4648 -68.32 -17.61 2.08
C LYS C 4648 -68.09 -18.19 0.68
N PHE C 4649 -66.89 -18.11 0.11
CA PHE C 4649 -66.58 -18.70 -1.19
C PHE C 4649 -65.62 -19.87 -1.07
N VAL C 4650 -65.67 -20.60 0.05
CA VAL C 4650 -64.78 -21.74 0.16
C VAL C 4650 -65.33 -22.93 -0.60
N LYS C 4651 -66.61 -22.92 -0.95
CA LYS C 4651 -67.13 -24.00 -1.76
C LYS C 4651 -66.61 -23.95 -3.19
N ARG C 4652 -66.55 -22.75 -3.77
CA ARG C 4652 -66.11 -22.62 -5.16
C ARG C 4652 -64.62 -22.77 -5.30
N LYS C 4653 -63.85 -22.50 -4.24
CA LYS C 4653 -62.40 -22.58 -4.33
C LYS C 4653 -61.91 -24.00 -4.48
N VAL C 4654 -62.66 -24.97 -3.98
CA VAL C 4654 -62.22 -26.36 -4.11
C VAL C 4654 -62.55 -26.89 -5.50
N MET C 4655 -63.71 -26.50 -6.04
CA MET C 4655 -64.09 -26.86 -7.40
C MET C 4655 -63.09 -26.36 -8.43
N ASP C 4656 -62.60 -25.14 -8.27
CA ASP C 4656 -61.59 -24.64 -9.17
C ASP C 4656 -60.23 -25.25 -8.89
N LYS C 4657 -60.09 -25.94 -7.76
CA LYS C 4657 -58.81 -26.54 -7.47
C LYS C 4657 -58.79 -28.04 -7.76
N TYR C 4658 -59.93 -28.72 -7.60
CA TYR C 4658 -59.96 -30.17 -7.74
C TYR C 4658 -61.03 -30.68 -8.69
N GLY C 4659 -61.64 -29.80 -9.47
CA GLY C 4659 -62.69 -30.19 -10.38
C GLY C 4659 -62.23 -30.69 -11.73
N GLU C 4660 -60.94 -30.94 -11.92
CA GLU C 4660 -60.38 -31.41 -13.18
C GLU C 4660 -59.66 -32.74 -13.04
N PHE C 4661 -59.00 -32.98 -11.90
CA PHE C 4661 -58.52 -34.32 -11.60
C PHE C 4661 -59.68 -35.26 -11.35
N TYR C 4662 -60.76 -34.74 -10.80
CA TYR C 4662 -61.96 -35.49 -10.51
C TYR C 4662 -63.12 -34.72 -11.09
N GLY C 4663 -64.32 -35.29 -10.96
CA GLY C 4663 -65.47 -34.78 -11.68
C GLY C 4663 -65.96 -33.46 -11.14
N ARG C 4664 -66.35 -32.57 -12.05
CA ARG C 4664 -67.10 -31.39 -11.66
C ARG C 4664 -68.53 -31.72 -11.28
N ASP C 4665 -68.99 -32.95 -11.52
CA ASP C 4665 -70.30 -33.31 -11.01
C ASP C 4665 -70.25 -34.01 -9.67
N ARG C 4666 -69.18 -34.75 -9.36
CA ARG C 4666 -69.09 -35.40 -8.05
C ARG C 4666 -68.88 -34.37 -6.93
N ILE C 4667 -68.18 -33.27 -7.23
CA ILE C 4667 -67.99 -32.25 -6.22
C ILE C 4667 -69.29 -31.48 -5.97
N SER C 4668 -70.03 -31.19 -7.03
CA SER C 4668 -71.29 -30.48 -6.88
C SER C 4668 -72.37 -31.35 -6.24
N GLU C 4669 -72.20 -32.68 -6.26
CA GLU C 4669 -73.04 -33.53 -5.43
C GLU C 4669 -72.55 -33.52 -3.99
N LEU C 4670 -71.24 -33.50 -3.80
CA LEU C 4670 -70.68 -33.52 -2.46
C LEU C 4670 -70.90 -32.20 -1.74
N LEU C 4671 -70.64 -31.09 -2.41
CA LEU C 4671 -70.73 -29.80 -1.75
C LEU C 4671 -72.10 -29.15 -1.98
N GLY C 4672 -72.43 -28.87 -3.23
CA GLY C 4672 -73.69 -28.22 -3.55
C GLY C 4672 -73.54 -26.92 -4.32
N ASN C 4700 -88.91 -18.79 9.84
CA ASN C 4700 -89.95 -19.74 9.49
C ASN C 4700 -89.33 -21.10 9.14
N SER C 4701 -88.37 -21.09 8.23
CA SER C 4701 -87.70 -22.30 7.76
C SER C 4701 -86.22 -22.18 8.06
N ILE C 4702 -85.62 -23.27 8.54
CA ILE C 4702 -84.22 -23.28 8.96
C ILE C 4702 -83.50 -24.47 8.36
N ASP C 4703 -82.16 -24.42 8.35
CA ASP C 4703 -81.35 -25.54 7.90
C ASP C 4703 -81.31 -26.56 9.03
N VAL C 4704 -81.61 -27.82 8.69
CA VAL C 4704 -81.71 -28.83 9.73
C VAL C 4704 -80.42 -29.64 9.85
N LYS C 4705 -79.68 -29.80 8.75
CA LYS C 4705 -78.46 -30.59 8.83
C LYS C 4705 -77.35 -29.83 9.52
N TYR C 4706 -77.39 -28.51 9.45
CA TYR C 4706 -76.40 -27.73 10.18
C TYR C 4706 -76.73 -27.71 11.66
N GLN C 4707 -78.01 -27.58 12.00
CA GLN C 4707 -78.38 -27.50 13.40
C GLN C 4707 -78.19 -28.82 14.11
N MET C 4708 -78.29 -29.93 13.40
CA MET C 4708 -77.92 -31.20 14.00
C MET C 4708 -76.42 -31.29 14.17
N TRP C 4709 -75.66 -30.57 13.35
CA TRP C 4709 -74.22 -30.62 13.49
C TRP C 4709 -73.73 -29.62 14.51
N LYS C 4710 -74.46 -28.52 14.70
CA LYS C 4710 -74.02 -27.53 15.67
C LYS C 4710 -74.12 -28.07 17.08
N LEU C 4711 -75.22 -28.75 17.41
CA LEU C 4711 -75.32 -29.40 18.71
C LEU C 4711 -74.37 -30.57 18.86
N GLY C 4712 -73.92 -31.16 17.75
CA GLY C 4712 -73.00 -32.27 17.86
C GLY C 4712 -71.61 -31.86 18.25
N VAL C 4713 -71.28 -30.57 18.12
CA VAL C 4713 -69.97 -30.10 18.51
C VAL C 4713 -70.02 -29.36 19.83
N VAL C 4714 -71.19 -28.97 20.30
CA VAL C 4714 -71.28 -28.38 21.62
C VAL C 4714 -71.12 -29.44 22.69
N PHE C 4715 -71.79 -30.57 22.53
CA PHE C 4715 -71.87 -31.54 23.61
C PHE C 4715 -70.57 -32.28 23.83
N THR C 4716 -69.69 -32.32 22.85
CA THR C 4716 -68.38 -32.87 23.11
C THR C 4716 -67.40 -31.81 23.57
N ASP C 4717 -67.74 -30.53 23.49
CA ASP C 4717 -66.89 -29.49 24.01
C ASP C 4717 -66.87 -29.56 25.53
N ASN C 4718 -65.66 -29.57 26.08
CA ASN C 4718 -65.46 -30.00 27.46
C ASN C 4718 -66.01 -29.02 28.46
N SER C 4719 -65.87 -27.72 28.19
CA SER C 4719 -66.34 -26.76 29.16
C SER C 4719 -67.84 -26.62 29.18
N PHE C 4720 -68.53 -27.09 28.17
CA PHE C 4720 -69.99 -26.98 28.19
C PHE C 4720 -70.61 -28.03 29.08
N LEU C 4721 -70.03 -29.21 29.14
CA LEU C 4721 -70.63 -30.30 29.87
C LEU C 4721 -70.68 -30.03 31.36
N TYR C 4722 -69.64 -29.39 31.89
CA TYR C 4722 -69.67 -29.00 33.29
C TYR C 4722 -70.75 -27.98 33.55
N LEU C 4723 -71.06 -27.12 32.58
CA LEU C 4723 -72.19 -26.24 32.76
C LEU C 4723 -73.51 -26.97 32.61
N ALA C 4724 -73.51 -28.15 32.01
CA ALA C 4724 -74.74 -28.92 32.01
C ALA C 4724 -74.92 -29.68 33.30
N TRP C 4725 -73.86 -30.34 33.76
CA TRP C 4725 -73.93 -31.10 35.00
C TRP C 4725 -74.15 -30.21 36.20
N TYR C 4726 -73.69 -28.97 36.14
CA TYR C 4726 -74.01 -28.02 37.18
C TYR C 4726 -75.46 -27.62 37.13
N MET C 4727 -76.12 -27.78 35.99
CA MET C 4727 -77.55 -27.51 35.92
C MET C 4727 -78.38 -28.74 36.20
N THR C 4728 -77.95 -29.91 35.74
CA THR C 4728 -78.79 -31.08 35.91
C THR C 4728 -78.84 -31.59 37.34
N MET C 4729 -77.98 -31.09 38.22
CA MET C 4729 -78.21 -31.37 39.63
C MET C 4729 -79.25 -30.45 40.21
N SER C 4730 -79.41 -29.25 39.64
CA SER C 4730 -80.42 -28.32 40.15
C SER C 4730 -81.83 -28.82 39.91
N VAL C 4731 -82.07 -29.48 38.78
CA VAL C 4731 -83.35 -30.15 38.59
C VAL C 4731 -83.49 -31.30 39.57
N LEU C 4732 -82.42 -32.04 39.79
CA LEU C 4732 -82.45 -33.09 40.80
C LEU C 4732 -82.37 -32.53 42.21
N GLY C 4733 -82.15 -31.24 42.37
CA GLY C 4733 -82.10 -30.66 43.70
C GLY C 4733 -83.44 -30.47 44.37
N HIS C 4734 -84.53 -30.61 43.64
CA HIS C 4734 -85.84 -30.56 44.25
C HIS C 4734 -86.39 -31.92 44.59
N TYR C 4735 -85.91 -32.97 43.94
CA TYR C 4735 -86.27 -34.32 44.36
C TYR C 4735 -85.62 -34.67 45.69
N ASN C 4736 -84.49 -34.03 46.02
CA ASN C 4736 -83.89 -34.12 47.34
C ASN C 4736 -83.04 -32.89 47.58
N ASN C 4737 -83.16 -32.30 48.76
CA ASN C 4737 -82.47 -31.06 49.04
C ASN C 4737 -80.97 -31.21 49.14
N PHE C 4738 -80.48 -32.40 49.44
CA PHE C 4738 -79.05 -32.59 49.62
C PHE C 4738 -78.26 -32.47 48.33
N PHE C 4739 -78.90 -32.50 47.17
CA PHE C 4739 -78.15 -32.39 45.93
C PHE C 4739 -77.66 -31.00 45.65
N PHE C 4740 -78.00 -30.01 46.44
CA PHE C 4740 -77.32 -28.73 46.33
C PHE C 4740 -76.02 -28.70 47.10
N ALA C 4741 -75.58 -29.85 47.63
CA ALA C 4741 -74.27 -29.97 48.23
C ALA C 4741 -73.27 -30.58 47.28
N ALA C 4742 -73.66 -30.87 46.06
CA ALA C 4742 -72.72 -31.19 45.02
C ALA C 4742 -72.40 -29.97 44.18
N HIS C 4743 -73.01 -28.84 44.48
CA HIS C 4743 -72.68 -27.60 43.81
C HIS C 4743 -71.57 -26.87 44.49
N LEU C 4744 -71.04 -27.40 45.57
CA LEU C 4744 -69.91 -26.75 46.20
C LEU C 4744 -68.62 -27.03 45.47
N LEU C 4745 -68.61 -27.97 44.55
CA LEU C 4745 -67.43 -28.23 43.76
C LEU C 4745 -67.22 -27.22 42.66
N ASP C 4746 -68.01 -26.15 42.61
CA ASP C 4746 -67.65 -25.01 41.78
C ASP C 4746 -66.57 -24.16 42.45
N ILE C 4747 -66.22 -24.47 43.69
CA ILE C 4747 -64.99 -23.96 44.23
C ILE C 4747 -63.79 -24.53 43.49
N ALA C 4748 -63.89 -25.78 43.04
CA ALA C 4748 -62.76 -26.40 42.37
C ALA C 4748 -62.54 -25.83 40.98
N MET C 4749 -63.56 -25.85 40.13
CA MET C 4749 -63.43 -25.29 38.79
C MET C 4749 -63.31 -23.78 38.80
N GLY C 4750 -63.61 -23.13 39.91
CA GLY C 4750 -63.74 -21.68 39.92
C GLY C 4750 -62.56 -20.88 40.42
N PHE C 4751 -61.52 -21.51 40.94
CA PHE C 4751 -60.38 -20.77 41.42
C PHE C 4751 -59.14 -21.17 40.65
N LYS C 4752 -57.99 -20.73 41.12
CA LYS C 4752 -56.76 -21.08 40.44
C LYS C 4752 -55.93 -22.08 41.21
N THR C 4753 -55.58 -21.80 42.45
CA THR C 4753 -54.78 -22.73 43.23
C THR C 4753 -55.61 -23.86 43.82
N LEU C 4754 -56.88 -23.98 43.45
CA LEU C 4754 -57.64 -25.19 43.68
C LEU C 4754 -57.98 -25.91 42.39
N ARG C 4755 -57.91 -25.22 41.25
CA ARG C 4755 -57.98 -25.92 39.98
C ARG C 4755 -56.71 -26.75 39.78
N THR C 4756 -55.59 -26.31 40.35
CA THR C 4756 -54.34 -27.02 40.19
C THR C 4756 -54.33 -28.30 41.00
N ILE C 4757 -54.98 -28.32 42.17
CA ILE C 4757 -55.06 -29.53 42.98
C ILE C 4757 -55.83 -30.60 42.24
N LEU C 4758 -57.02 -30.25 41.74
CA LEU C 4758 -57.87 -31.14 40.98
C LEU C 4758 -57.20 -31.69 39.73
N SER C 4759 -56.36 -30.90 39.09
CA SER C 4759 -55.67 -31.36 37.91
C SER C 4759 -54.43 -32.17 38.23
N SER C 4760 -53.95 -32.10 39.46
CA SER C 4760 -52.71 -32.80 39.77
C SER C 4760 -52.94 -34.28 39.98
N VAL C 4761 -54.18 -34.69 40.23
CA VAL C 4761 -54.45 -36.10 40.38
C VAL C 4761 -54.28 -36.84 39.07
N THR C 4762 -54.75 -36.27 37.96
CA THR C 4762 -54.64 -36.94 36.68
C THR C 4762 -53.54 -36.40 35.80
N HIS C 4763 -52.74 -35.44 36.25
CA HIS C 4763 -51.61 -34.97 35.45
C HIS C 4763 -50.55 -36.05 35.33
N ASN C 4764 -50.23 -36.69 36.44
CA ASN C 4764 -49.28 -37.78 36.45
C ASN C 4764 -50.00 -39.10 36.51
N GLY C 4765 -51.27 -39.11 36.12
CA GLY C 4765 -52.19 -40.19 36.44
C GLY C 4765 -51.86 -41.53 35.83
N LYS C 4766 -51.06 -41.57 34.77
CA LYS C 4766 -50.81 -42.85 34.13
C LYS C 4766 -49.89 -43.70 34.97
N GLN C 4767 -48.96 -43.09 35.68
CA GLN C 4767 -48.17 -43.87 36.62
C GLN C 4767 -48.93 -44.15 37.91
N LEU C 4768 -50.10 -43.56 38.08
CA LEU C 4768 -50.83 -43.79 39.31
C LEU C 4768 -51.62 -45.08 39.28
N VAL C 4769 -52.25 -45.41 38.16
CA VAL C 4769 -52.99 -46.66 38.09
C VAL C 4769 -52.05 -47.83 38.07
N LEU C 4770 -50.89 -47.68 37.44
CA LEU C 4770 -49.94 -48.78 37.39
C LEU C 4770 -49.43 -49.13 38.77
N THR C 4771 -49.13 -48.14 39.62
CA THR C 4771 -48.83 -48.40 41.01
C THR C 4771 -49.84 -48.92 42.01
N VAL C 4772 -51.05 -48.36 42.00
CA VAL C 4772 -52.16 -48.98 42.71
C VAL C 4772 -52.42 -50.36 42.15
N GLY C 4773 -52.20 -50.55 40.85
CA GLY C 4773 -52.15 -51.87 40.28
C GLY C 4773 -51.03 -52.74 40.80
N LEU C 4774 -50.00 -52.17 41.40
CA LEU C 4774 -49.03 -53.00 42.09
C LEU C 4774 -49.37 -53.17 43.56
N LEU C 4775 -49.99 -52.16 44.17
CA LEU C 4775 -50.36 -52.27 45.57
C LEU C 4775 -51.48 -53.27 45.76
N ALA C 4776 -52.39 -53.35 44.81
CA ALA C 4776 -53.47 -54.33 44.94
C ALA C 4776 -53.01 -55.74 44.64
N VAL C 4777 -51.80 -55.94 44.14
CA VAL C 4777 -51.30 -57.28 43.89
C VAL C 4777 -50.40 -57.76 45.02
N VAL C 4778 -49.60 -56.87 45.61
CA VAL C 4778 -48.75 -57.24 46.74
C VAL C 4778 -49.60 -57.59 47.96
N VAL C 4779 -50.66 -56.82 48.20
CA VAL C 4779 -51.56 -57.16 49.28
C VAL C 4779 -52.30 -58.45 48.98
N TYR C 4780 -52.60 -58.72 47.71
CA TYR C 4780 -53.15 -60.02 47.36
C TYR C 4780 -52.12 -61.12 47.57
N LEU C 4781 -50.88 -60.87 47.20
CA LEU C 4781 -49.84 -61.87 47.38
C LEU C 4781 -49.55 -62.12 48.85
N TYR C 4782 -49.82 -61.16 49.72
CA TYR C 4782 -49.78 -61.43 51.14
C TYR C 4782 -51.09 -61.96 51.68
N THR C 4783 -52.07 -62.22 50.83
CA THR C 4783 -53.27 -62.87 51.32
C THR C 4783 -53.20 -64.36 51.06
N VAL C 4784 -52.54 -64.76 49.99
CA VAL C 4784 -52.37 -66.18 49.69
C VAL C 4784 -51.49 -66.84 50.75
N VAL C 4785 -50.46 -66.14 51.20
CA VAL C 4785 -49.60 -66.69 52.24
C VAL C 4785 -50.35 -66.75 53.57
N ALA C 4786 -51.08 -65.69 53.90
CA ALA C 4786 -51.80 -65.69 55.17
C ALA C 4786 -52.96 -66.68 55.17
N PHE C 4787 -53.55 -66.94 54.02
CA PHE C 4787 -54.61 -67.92 53.99
C PHE C 4787 -54.06 -69.33 54.05
N ASN C 4788 -52.90 -69.57 53.49
CA ASN C 4788 -52.42 -70.93 53.39
C ASN C 4788 -51.54 -71.35 54.55
N PHE C 4789 -51.31 -70.46 55.51
CA PHE C 4789 -50.52 -70.79 56.68
C PHE C 4789 -51.16 -70.35 57.99
N PHE C 4790 -51.88 -69.22 58.01
CA PHE C 4790 -52.17 -68.53 59.25
C PHE C 4790 -53.64 -68.22 59.49
N ARG C 4791 -54.55 -69.20 59.35
CA ARG C 4791 -55.95 -68.90 59.64
C ARG C 4791 -56.18 -68.64 61.11
N LYS C 4792 -55.39 -69.28 61.99
CA LYS C 4792 -55.69 -69.40 63.40
C LYS C 4792 -55.46 -68.11 64.18
N PHE C 4793 -54.90 -67.09 63.56
CA PHE C 4793 -54.68 -65.82 64.24
C PHE C 4793 -55.77 -64.80 63.99
N TYR C 4794 -56.66 -65.04 63.04
CA TYR C 4794 -57.49 -63.99 62.50
C TYR C 4794 -58.85 -64.01 63.19
N ASN C 4795 -58.85 -63.55 64.43
CA ASN C 4795 -60.05 -63.53 65.26
C ASN C 4795 -60.46 -62.10 65.53
N LYS C 4796 -61.54 -61.66 64.89
CA LYS C 4796 -62.15 -60.38 65.18
C LYS C 4796 -63.23 -60.49 66.24
N SER C 4797 -63.09 -61.45 67.14
CA SER C 4797 -64.13 -61.89 68.04
C SER C 4797 -63.90 -61.32 69.43
N GLU C 4798 -64.66 -61.83 70.39
CA GLU C 4798 -64.51 -61.45 71.79
C GLU C 4798 -64.32 -62.71 72.63
N ASP C 4799 -63.05 -63.11 72.79
CA ASP C 4799 -62.55 -64.01 73.83
C ASP C 4799 -63.12 -65.42 73.73
N GLY C 4800 -63.47 -65.90 72.55
CA GLY C 4800 -63.74 -67.30 72.33
C GLY C 4800 -65.11 -67.80 72.73
N ASP C 4801 -65.70 -67.28 73.81
CA ASP C 4801 -67.06 -67.69 74.16
C ASP C 4801 -68.06 -67.14 73.15
N THR C 4802 -67.73 -66.00 72.55
CA THR C 4802 -68.42 -65.52 71.39
C THR C 4802 -68.24 -66.52 70.26
N PRO C 4803 -69.28 -66.75 69.44
CA PRO C 4803 -69.15 -67.70 68.33
C PRO C 4803 -68.23 -67.15 67.27
N ASP C 4804 -66.95 -67.41 67.47
CA ASP C 4804 -65.84 -66.58 67.02
C ASP C 4804 -65.87 -66.24 65.53
N MET C 4805 -65.50 -65.00 65.23
CA MET C 4805 -65.43 -64.52 63.87
C MET C 4805 -64.06 -64.86 63.28
N LYS C 4806 -64.05 -65.36 62.07
CA LYS C 4806 -62.81 -65.74 61.43
C LYS C 4806 -62.58 -64.91 60.18
N CYS C 4807 -61.48 -65.17 59.52
CA CYS C 4807 -61.17 -64.63 58.21
C CYS C 4807 -60.56 -65.72 57.33
N ASP C 4808 -61.10 -66.92 57.43
CA ASP C 4808 -60.67 -68.04 56.57
C ASP C 4808 -61.60 -68.20 55.38
N ASP C 4809 -61.80 -67.12 54.64
CA ASP C 4809 -62.49 -67.19 53.36
C ASP C 4809 -61.81 -66.17 52.46
N MET C 4810 -61.41 -66.63 51.26
CA MET C 4810 -60.35 -65.98 50.49
C MET C 4810 -60.69 -64.54 50.16
N LEU C 4811 -61.87 -64.33 49.58
CA LEU C 4811 -62.31 -62.97 49.29
C LEU C 4811 -62.52 -62.16 50.56
N THR C 4812 -62.99 -62.78 51.62
CA THR C 4812 -63.14 -62.05 52.86
C THR C 4812 -61.84 -61.86 53.59
N CYS C 4813 -60.86 -62.73 53.38
CA CYS C 4813 -59.54 -62.44 53.93
C CYS C 4813 -58.85 -61.36 53.12
N TYR C 4814 -59.20 -61.27 51.83
CA TYR C 4814 -58.64 -60.24 50.97
C TYR C 4814 -59.12 -58.87 51.38
N MET C 4815 -60.42 -58.69 51.51
CA MET C 4815 -60.94 -57.41 51.96
C MET C 4815 -60.66 -57.15 53.43
N PHE C 4816 -60.17 -58.14 54.17
CA PHE C 4816 -59.67 -57.79 55.49
C PHE C 4816 -58.36 -57.06 55.41
N HIS C 4817 -57.46 -57.46 54.52
CA HIS C 4817 -56.19 -56.76 54.41
C HIS C 4817 -56.32 -55.40 53.76
N MET C 4818 -57.13 -55.26 52.74
CA MET C 4818 -57.26 -53.99 52.05
C MET C 4818 -57.97 -52.94 52.90
N TYR C 4819 -58.78 -53.36 53.85
CA TYR C 4819 -59.53 -52.39 54.63
C TYR C 4819 -58.86 -52.08 55.94
N VAL C 4820 -58.10 -53.03 56.49
CA VAL C 4820 -57.50 -52.87 57.80
C VAL C 4820 -55.98 -52.83 57.71
N GLY C 4821 -55.38 -53.62 56.83
CA GLY C 4821 -53.94 -53.67 56.81
C GLY C 4821 -53.27 -52.47 56.17
N VAL C 4822 -53.86 -51.92 55.12
CA VAL C 4822 -53.29 -50.75 54.48
C VAL C 4822 -53.54 -49.50 55.31
N ARG C 4823 -54.80 -49.22 55.60
CA ARG C 4823 -55.16 -48.01 56.34
C ARG C 4823 -54.68 -47.86 57.78
N ALA C 4824 -53.99 -48.87 58.31
CA ALA C 4824 -53.52 -48.76 59.68
C ALA C 4824 -52.23 -47.98 59.68
N GLY C 4825 -51.59 -47.94 60.83
CA GLY C 4825 -50.33 -47.22 60.95
C GLY C 4825 -49.18 -48.15 61.15
N GLY C 4826 -49.48 -49.41 61.44
CA GLY C 4826 -48.42 -50.35 61.72
C GLY C 4826 -48.52 -51.58 60.86
N GLY C 4827 -49.31 -51.52 59.80
CA GLY C 4827 -49.39 -52.66 58.93
C GLY C 4827 -50.47 -53.63 59.30
N ILE C 4828 -50.10 -54.85 59.63
CA ILE C 4828 -51.07 -55.89 59.94
C ILE C 4828 -50.88 -56.44 61.34
N GLY C 4829 -49.85 -56.04 62.05
CA GLY C 4829 -49.72 -56.46 63.43
C GLY C 4829 -50.69 -55.83 64.40
N ASP C 4830 -51.65 -55.04 63.94
CA ASP C 4830 -52.64 -54.50 64.84
C ASP C 4830 -53.84 -55.43 65.01
N GLU C 4831 -54.54 -55.73 63.92
CA GLU C 4831 -55.69 -56.63 63.99
C GLU C 4831 -55.27 -58.07 63.68
N ILE C 4832 -54.31 -58.53 64.45
CA ILE C 4832 -53.86 -59.92 64.48
C ILE C 4832 -53.46 -60.21 65.91
N GLU C 4833 -53.86 -61.37 66.42
CA GLU C 4833 -53.54 -61.76 67.79
C GLU C 4833 -52.03 -61.85 67.98
N ASP C 4834 -51.58 -61.50 69.18
CA ASP C 4834 -50.16 -61.37 69.45
C ASP C 4834 -49.47 -62.73 69.45
N PRO C 4835 -48.59 -62.98 68.52
CA PRO C 4835 -47.92 -64.28 68.46
C PRO C 4835 -46.75 -64.40 69.41
N ALA C 4836 -46.91 -65.13 70.52
CA ALA C 4836 -45.80 -65.29 71.43
C ALA C 4836 -45.40 -66.76 71.58
N GLY C 4837 -46.31 -67.61 72.02
CA GLY C 4837 -45.96 -68.99 72.28
C GLY C 4837 -46.36 -69.90 71.15
N ASP C 4838 -45.74 -69.73 69.98
CA ASP C 4838 -46.21 -70.47 68.84
C ASP C 4838 -45.02 -71.07 68.09
N GLU C 4839 -45.33 -72.12 67.34
CA GLU C 4839 -44.31 -72.78 66.52
C GLU C 4839 -43.89 -71.90 65.35
N TYR C 4840 -44.78 -71.04 64.89
CA TYR C 4840 -44.49 -70.16 63.78
C TYR C 4840 -44.15 -68.75 64.24
N GLU C 4841 -43.40 -68.60 65.33
CA GLU C 4841 -43.15 -67.27 65.86
C GLU C 4841 -42.28 -66.46 64.92
N ILE C 4842 -41.07 -66.96 64.63
CA ILE C 4842 -40.15 -66.21 63.78
C ILE C 4842 -40.64 -66.19 62.34
N TYR C 4843 -41.36 -67.23 61.93
CA TYR C 4843 -41.98 -67.20 60.61
C TYR C 4843 -43.17 -66.26 60.52
N ARG C 4844 -43.55 -65.61 61.61
CA ARG C 4844 -44.64 -64.66 61.50
C ARG C 4844 -44.21 -63.25 61.84
N ILE C 4845 -43.08 -63.07 62.51
CA ILE C 4845 -42.51 -61.74 62.60
C ILE C 4845 -42.10 -61.26 61.23
N ILE C 4846 -41.49 -62.14 60.44
CA ILE C 4846 -41.10 -61.85 59.06
C ILE C 4846 -42.32 -61.54 58.21
N PHE C 4847 -43.46 -62.14 58.51
CA PHE C 4847 -44.65 -61.83 57.74
C PHE C 4847 -45.18 -60.45 58.08
N ASP C 4848 -44.92 -59.95 59.27
CA ASP C 4848 -45.41 -58.61 59.55
C ASP C 4848 -44.39 -57.55 59.20
N ILE C 4849 -43.13 -57.77 59.54
CA ILE C 4849 -42.16 -56.71 59.41
C ILE C 4849 -41.80 -56.46 57.96
N THR C 4850 -42.11 -57.36 57.04
CA THR C 4850 -42.01 -56.96 55.65
C THR C 4850 -43.24 -56.16 55.26
N PHE C 4851 -44.44 -56.58 55.68
CA PHE C 4851 -45.69 -55.88 55.33
C PHE C 4851 -45.64 -54.41 55.69
N PHE C 4852 -45.03 -54.09 56.83
CA PHE C 4852 -44.87 -52.70 57.15
C PHE C 4852 -43.78 -52.06 56.31
N PHE C 4853 -42.76 -52.82 55.96
CA PHE C 4853 -41.60 -52.29 55.26
C PHE C 4853 -41.68 -52.57 53.76
N PHE C 4854 -42.86 -52.86 53.24
CA PHE C 4854 -42.96 -53.06 51.81
C PHE C 4854 -44.22 -52.47 51.25
N VAL C 4855 -45.18 -52.10 52.09
CA VAL C 4855 -46.46 -51.63 51.60
C VAL C 4855 -46.76 -50.26 52.19
N ILE C 4856 -46.55 -50.10 53.49
CA ILE C 4856 -46.88 -48.81 54.10
C ILE C 4856 -45.72 -47.85 54.00
N VAL C 4857 -44.50 -48.32 54.21
CA VAL C 4857 -43.35 -47.44 54.14
C VAL C 4857 -43.04 -47.09 52.69
N ILE C 4858 -42.87 -48.09 51.83
CA ILE C 4858 -42.49 -47.80 50.44
C ILE C 4858 -43.71 -47.45 49.60
N LEU C 4859 -44.62 -48.42 49.42
CA LEU C 4859 -45.63 -48.31 48.38
C LEU C 4859 -46.70 -47.29 48.69
N LEU C 4860 -46.83 -46.90 49.95
CA LEU C 4860 -47.76 -45.82 50.21
C LEU C 4860 -46.98 -44.54 50.50
N ALA C 4861 -45.72 -44.49 50.09
CA ALA C 4861 -45.07 -43.20 49.96
C ALA C 4861 -45.08 -42.76 48.52
N ILE C 4862 -44.77 -43.68 47.59
CA ILE C 4862 -44.73 -43.28 46.21
C ILE C 4862 -46.11 -43.36 45.57
N ILE C 4863 -47.17 -43.54 46.35
CA ILE C 4863 -48.49 -43.18 45.90
C ILE C 4863 -48.80 -41.74 46.26
N GLN C 4864 -48.51 -41.32 47.47
CA GLN C 4864 -48.59 -39.92 47.85
C GLN C 4864 -47.54 -39.11 47.10
N GLY C 4865 -46.42 -39.73 46.76
CA GLY C 4865 -45.35 -39.05 46.04
C GLY C 4865 -45.71 -38.65 44.63
N LEU C 4866 -46.53 -39.45 43.96
CA LEU C 4866 -46.89 -39.13 42.58
C LEU C 4866 -48.00 -38.10 42.53
N ILE C 4867 -48.59 -37.76 43.67
CA ILE C 4867 -49.59 -36.73 43.68
C ILE C 4867 -48.99 -35.40 44.11
N ILE C 4868 -48.12 -35.43 45.12
CA ILE C 4868 -47.52 -34.19 45.59
C ILE C 4868 -46.47 -33.69 44.62
N ASP C 4869 -45.70 -34.57 44.00
CA ASP C 4869 -44.76 -34.09 43.01
C ASP C 4869 -45.45 -33.75 41.70
N ALA C 4870 -46.70 -34.16 41.53
CA ALA C 4870 -47.46 -33.60 40.43
C ALA C 4870 -47.84 -32.18 40.72
N PHE C 4871 -48.33 -31.93 41.93
CA PHE C 4871 -48.66 -30.57 42.32
C PHE C 4871 -47.40 -29.74 42.54
N GLY C 4872 -46.29 -30.39 42.85
CA GLY C 4872 -45.06 -29.64 43.03
C GLY C 4872 -44.42 -29.26 41.71
N GLU C 4873 -44.85 -29.91 40.63
CA GLU C 4873 -44.33 -29.60 39.31
C GLU C 4873 -45.27 -28.70 38.54
N LEU C 4874 -46.57 -28.93 38.70
CA LEU C 4874 -47.55 -28.18 37.93
C LEU C 4874 -47.69 -26.76 38.45
N ARG C 4875 -47.31 -26.54 39.70
CA ARG C 4875 -47.32 -25.18 40.22
C ARG C 4875 -46.02 -24.47 39.85
N ASP C 4876 -45.13 -25.17 39.17
CA ASP C 4876 -43.89 -24.55 38.74
C ASP C 4876 -43.96 -24.11 37.28
N GLN C 4877 -44.66 -24.90 36.46
CA GLN C 4877 -44.85 -24.56 35.06
C GLN C 4877 -45.67 -23.28 34.92
N GLN C 4878 -46.56 -23.03 35.88
CA GLN C 4878 -47.30 -21.78 35.88
C GLN C 4878 -46.51 -20.68 36.55
N GLU C 4879 -45.31 -21.00 37.03
CA GLU C 4879 -44.44 -19.95 37.51
C GLU C 4879 -43.36 -19.65 36.49
N GLN C 4880 -43.04 -20.62 35.65
CA GLN C 4880 -42.03 -20.35 34.63
C GLN C 4880 -42.59 -19.44 33.54
N VAL C 4881 -43.85 -19.65 33.18
CA VAL C 4881 -44.52 -18.79 32.20
C VAL C 4881 -44.63 -17.37 32.73
N LYS C 4882 -44.82 -17.22 34.04
CA LYS C 4882 -44.75 -15.90 34.66
C LYS C 4882 -43.37 -15.30 34.59
N GLU C 4883 -42.34 -16.13 34.43
CA GLU C 4883 -40.98 -15.65 34.33
C GLU C 4883 -40.47 -15.61 32.91
N ASP C 4884 -40.80 -16.63 32.10
CA ASP C 4884 -40.31 -16.71 30.72
C ASP C 4884 -40.90 -15.63 29.84
N MET C 4885 -41.95 -14.98 30.27
CA MET C 4885 -42.42 -13.83 29.54
C MET C 4885 -41.90 -12.53 30.13
N GLU C 4886 -41.26 -12.55 31.29
CA GLU C 4886 -40.77 -11.30 31.84
C GLU C 4886 -39.26 -11.19 31.82
N THR C 4887 -38.59 -12.16 31.22
CA THR C 4887 -37.17 -12.05 30.95
C THR C 4887 -36.87 -12.42 29.52
N LYS C 4888 -37.86 -12.37 28.67
CA LYS C 4888 -37.65 -12.58 27.24
C LYS C 4888 -38.67 -11.74 26.52
N CYS C 4889 -38.34 -11.35 25.30
CA CYS C 4889 -39.31 -10.74 24.43
C CYS C 4889 -40.08 -11.86 23.77
N PHE C 4890 -41.36 -11.64 23.55
CA PHE C 4890 -42.16 -12.73 23.01
C PHE C 4890 -41.83 -12.97 21.55
N ILE C 4891 -41.78 -11.93 20.73
CA ILE C 4891 -41.70 -12.09 19.28
C ILE C 4891 -40.27 -12.02 18.78
N CYS C 4892 -39.43 -11.19 19.41
CA CYS C 4892 -38.01 -11.24 19.11
C CYS C 4892 -37.36 -12.46 19.72
N GLY C 4893 -37.59 -12.69 21.02
CA GLY C 4893 -36.89 -13.73 21.73
C GLY C 4893 -35.47 -13.31 22.01
N ILE C 4894 -35.30 -12.17 22.69
CA ILE C 4894 -33.99 -11.55 22.83
C ILE C 4894 -33.48 -11.66 24.26
N GLY C 4895 -34.26 -11.19 25.22
CA GLY C 4895 -33.76 -11.25 26.57
C GLY C 4895 -33.82 -9.91 27.26
N ASN C 4896 -33.80 -9.94 28.58
CA ASN C 4896 -33.83 -8.73 29.38
C ASN C 4896 -32.47 -8.10 29.49
N ASP C 4897 -31.40 -8.86 29.29
CA ASP C 4897 -30.06 -8.34 29.46
C ASP C 4897 -29.67 -7.37 28.35
N TYR C 4898 -29.86 -7.77 27.10
CA TYR C 4898 -29.49 -6.91 25.98
C TYR C 4898 -30.36 -5.67 25.89
N PHE C 4899 -31.65 -5.82 26.11
CA PHE C 4899 -32.56 -4.70 25.99
C PHE C 4899 -32.59 -3.83 27.23
N ASP C 4900 -31.87 -4.17 28.28
CA ASP C 4900 -31.99 -3.23 29.37
C ASP C 4900 -31.04 -2.07 29.13
N THR C 4901 -29.74 -2.21 29.43
CA THR C 4901 -28.60 -1.43 28.95
C THR C 4901 -28.74 0.09 28.79
N VAL C 4902 -29.88 0.65 29.22
CA VAL C 4902 -30.26 2.04 29.23
C VAL C 4902 -31.16 2.08 30.45
N PRO C 4903 -31.45 3.24 31.02
CA PRO C 4903 -32.48 3.29 32.05
C PRO C 4903 -33.83 2.94 31.47
N HIS C 4904 -34.53 2.02 32.14
CA HIS C 4904 -35.94 1.70 31.90
C HIS C 4904 -36.14 1.12 30.50
N GLY C 4905 -35.42 0.04 30.23
CA GLY C 4905 -35.14 -0.41 28.89
C GLY C 4905 -35.95 -1.54 28.30
N PHE C 4906 -36.31 -2.55 29.10
CA PHE C 4906 -37.17 -3.59 28.54
C PHE C 4906 -38.60 -3.12 28.43
N GLU C 4907 -38.99 -2.17 29.27
CA GLU C 4907 -40.38 -1.73 29.30
C GLU C 4907 -40.78 -1.06 27.99
N THR C 4908 -39.90 -0.25 27.41
CA THR C 4908 -40.28 0.43 26.19
C THR C 4908 -40.17 -0.48 24.98
N HIS C 4909 -39.35 -1.52 25.06
CA HIS C 4909 -39.29 -2.42 23.92
C HIS C 4909 -40.57 -3.21 23.78
N THR C 4910 -41.26 -3.46 24.87
CA THR C 4910 -42.51 -4.19 24.78
C THR C 4910 -43.73 -3.30 24.91
N LEU C 4911 -43.56 -2.00 25.05
CA LEU C 4911 -44.72 -1.12 25.04
C LEU C 4911 -44.76 -0.22 23.83
N GLN C 4912 -43.68 -0.16 23.07
CA GLN C 4912 -43.73 0.49 21.78
C GLN C 4912 -43.33 -0.40 20.63
N GLU C 4913 -42.21 -1.07 20.73
CA GLU C 4913 -41.61 -1.63 19.53
C GLU C 4913 -42.26 -2.93 19.10
N HIS C 4914 -42.70 -3.78 20.03
CA HIS C 4914 -43.47 -4.93 19.58
C HIS C 4914 -44.89 -4.94 20.13
N ASN C 4915 -45.07 -5.08 21.45
CA ASN C 4915 -46.35 -5.01 22.14
C ASN C 4915 -47.44 -5.82 21.45
N LEU C 4916 -47.40 -7.15 21.52
CA LEU C 4916 -48.12 -8.07 20.64
C LEU C 4916 -49.60 -7.79 20.41
N ALA C 4917 -50.22 -6.95 21.23
CA ALA C 4917 -51.52 -6.38 20.88
C ALA C 4917 -51.47 -5.63 19.56
N ASN C 4918 -50.40 -4.87 19.32
CA ASN C 4918 -50.29 -4.07 18.10
C ASN C 4918 -50.23 -4.94 16.86
N TYR C 4919 -49.59 -6.10 16.95
CA TYR C 4919 -49.59 -7.03 15.84
C TYR C 4919 -50.95 -7.64 15.61
N LEU C 4920 -51.88 -7.51 16.55
CA LEU C 4920 -53.24 -7.90 16.29
C LEU C 4920 -54.05 -6.74 15.78
N PHE C 4921 -53.77 -5.52 16.25
CA PHE C 4921 -54.45 -4.37 15.69
C PHE C 4921 -54.04 -4.13 14.25
N PHE C 4922 -52.78 -4.39 13.92
CA PHE C 4922 -52.29 -4.25 12.56
C PHE C 4922 -53.02 -5.18 11.63
N LEU C 4923 -53.29 -6.39 12.07
CA LEU C 4923 -53.98 -7.29 11.17
C LEU C 4923 -55.48 -7.05 11.24
N MET C 4924 -55.94 -6.27 12.22
CA MET C 4924 -57.30 -5.76 12.14
C MET C 4924 -57.39 -4.58 11.21
N TYR C 4925 -56.29 -3.86 11.01
CA TYR C 4925 -56.32 -2.65 10.23
C TYR C 4925 -56.24 -2.95 8.74
N LEU C 4926 -55.56 -4.04 8.39
CA LEU C 4926 -55.50 -4.46 7.00
C LEU C 4926 -56.86 -4.83 6.44
N ILE C 4927 -57.78 -5.29 7.28
CA ILE C 4927 -59.06 -5.74 6.75
C ILE C 4927 -59.92 -4.57 6.32
N ASN C 4928 -59.91 -3.49 7.06
CA ASN C 4928 -60.73 -2.35 6.71
C ASN C 4928 -60.14 -1.49 5.61
N LYS C 4929 -58.88 -1.66 5.29
CA LYS C 4929 -58.29 -0.98 4.15
C LYS C 4929 -58.78 -1.63 2.87
N ASP C 4930 -59.06 -0.81 1.86
CA ASP C 4930 -59.35 -1.36 0.55
C ASP C 4930 -58.08 -1.91 -0.07
N GLU C 4931 -58.25 -2.87 -0.97
CA GLU C 4931 -57.10 -3.51 -1.59
C GLU C 4931 -56.32 -2.61 -2.53
N THR C 4932 -56.94 -1.54 -3.01
CA THR C 4932 -56.22 -0.57 -3.81
C THR C 4932 -55.42 0.39 -2.94
N GLU C 4933 -55.78 0.48 -1.67
CA GLU C 4933 -55.27 1.49 -0.76
C GLU C 4933 -54.02 1.04 -0.03
N HIS C 4934 -53.52 -0.15 -0.28
CA HIS C 4934 -52.44 -0.70 0.50
C HIS C 4934 -51.14 -0.03 0.12
N THR C 4935 -50.39 0.42 1.10
CA THR C 4935 -49.13 1.08 0.84
C THR C 4935 -48.02 0.08 0.57
N GLY C 4936 -46.78 0.51 0.73
CA GLY C 4936 -45.66 -0.33 0.37
C GLY C 4936 -45.53 -1.55 1.25
N GLN C 4937 -45.53 -1.35 2.56
CA GLN C 4937 -45.47 -2.48 3.48
C GLN C 4937 -46.77 -3.26 3.47
N GLU C 4938 -47.88 -2.57 3.54
CA GLU C 4938 -49.17 -3.16 3.82
C GLU C 4938 -49.75 -3.94 2.65
N SER C 4939 -48.96 -4.20 1.62
CA SER C 4939 -49.27 -5.18 0.62
C SER C 4939 -48.11 -6.07 0.32
N TYR C 4940 -47.03 -5.95 1.06
CA TYR C 4940 -46.06 -7.02 1.12
C TYR C 4940 -46.36 -7.94 2.29
N VAL C 4941 -46.89 -7.37 3.36
CA VAL C 4941 -47.40 -8.18 4.47
C VAL C 4941 -48.63 -8.93 4.03
N TRP C 4942 -49.65 -8.22 3.56
CA TRP C 4942 -50.94 -8.81 3.28
C TRP C 4942 -50.88 -9.83 2.17
N LYS C 4943 -49.93 -9.70 1.26
CA LYS C 4943 -49.74 -10.78 0.31
C LYS C 4943 -49.10 -11.98 1.00
N MET C 4944 -48.16 -11.76 1.91
CA MET C 4944 -47.53 -12.87 2.60
C MET C 4944 -48.48 -13.55 3.55
N TYR C 4945 -49.50 -12.85 4.00
CA TYR C 4945 -50.47 -13.45 4.90
C TYR C 4945 -51.35 -14.43 4.15
N GLN C 4946 -51.53 -14.23 2.86
CA GLN C 4946 -52.36 -15.19 2.14
C GLN C 4946 -51.59 -16.47 1.87
N GLU C 4947 -50.36 -16.36 1.40
CA GLU C 4947 -49.55 -17.55 1.18
C GLU C 4947 -49.09 -18.19 2.47
N ARG C 4948 -49.14 -17.47 3.59
CA ARG C 4948 -48.84 -17.96 4.93
C ARG C 4948 -47.41 -18.48 5.02
N CYS C 4949 -46.45 -17.56 4.90
CA CYS C 4949 -45.07 -17.93 5.12
C CYS C 4949 -44.55 -17.53 6.50
N TRP C 4950 -45.02 -16.41 7.06
CA TRP C 4950 -44.60 -15.86 8.36
C TRP C 4950 -43.11 -15.66 8.47
N GLU C 4951 -42.45 -15.29 7.40
CA GLU C 4951 -41.06 -14.92 7.53
C GLU C 4951 -40.91 -13.46 7.90
N PHE C 4952 -42.00 -12.72 8.01
CA PHE C 4952 -41.92 -11.30 8.22
C PHE C 4952 -41.98 -10.89 9.67
N PHE C 4953 -42.32 -11.78 10.58
CA PHE C 4953 -42.12 -11.50 11.99
C PHE C 4953 -40.62 -11.43 12.26
N PRO C 4954 -40.18 -10.48 13.04
CA PRO C 4954 -38.74 -10.30 13.22
C PRO C 4954 -38.13 -11.44 14.01
N ALA C 4955 -37.39 -12.31 13.34
CA ALA C 4955 -36.90 -13.52 13.99
C ALA C 4955 -35.83 -13.24 15.03
N GLY C 4956 -34.67 -12.74 14.61
CA GLY C 4956 -33.59 -12.59 15.56
C GLY C 4956 -33.33 -11.18 16.03
N ASP C 4957 -33.21 -10.24 15.12
CA ASP C 4957 -32.85 -8.87 15.48
C ASP C 4957 -34.09 -7.99 15.42
N CYS C 4958 -34.00 -6.84 16.09
CA CYS C 4958 -35.19 -5.99 16.15
C CYS C 4958 -35.02 -4.66 15.44
N PHE C 4959 -34.38 -3.69 16.05
CA PHE C 4959 -34.08 -2.46 15.36
C PHE C 4959 -32.72 -1.99 15.82
N ARG C 4960 -32.52 -2.08 17.13
CA ARG C 4960 -31.28 -1.66 17.72
C ARG C 4960 -30.20 -2.71 17.57
N LYS C 4961 -30.57 -3.92 17.21
CA LYS C 4961 -29.58 -4.95 16.93
C LYS C 4961 -29.08 -4.89 15.49
N GLN C 4962 -29.37 -3.82 14.77
CA GLN C 4962 -28.67 -3.56 13.52
C GLN C 4962 -28.25 -2.11 13.35
N TYR C 4963 -28.76 -1.19 14.15
CA TYR C 4963 -28.40 0.22 14.05
C TYR C 4963 -27.71 0.68 15.33
N GLU C 4964 -27.48 1.98 15.42
CA GLU C 4964 -26.81 2.58 16.57
C GLU C 4964 -26.50 4.05 16.31
N GLY D 2 -84.95 27.37 -101.30
CA GLY D 2 -83.51 27.47 -101.11
C GLY D 2 -82.96 26.27 -100.37
N VAL D 3 -83.85 25.42 -99.88
CA VAL D 3 -83.46 24.21 -99.16
C VAL D 3 -84.18 23.03 -99.82
N GLU D 4 -83.54 21.87 -99.74
CA GLU D 4 -84.02 20.70 -100.47
C GLU D 4 -85.18 20.06 -99.73
N ILE D 5 -86.37 20.14 -100.33
CA ILE D 5 -87.61 19.65 -99.75
C ILE D 5 -88.08 18.47 -100.58
N GLU D 6 -87.92 17.29 -100.03
CA GLU D 6 -88.37 16.05 -100.65
C GLU D 6 -89.67 15.67 -99.98
N THR D 7 -90.77 15.63 -100.73
CA THR D 7 -92.00 15.15 -100.14
C THR D 7 -91.94 13.64 -100.00
N ILE D 8 -92.39 13.13 -98.85
CA ILE D 8 -92.33 11.70 -98.63
C ILE D 8 -93.75 11.18 -98.72
N SER D 9 -94.58 11.61 -97.80
CA SER D 9 -96.00 11.36 -97.84
C SER D 9 -96.74 12.63 -98.23
N PRO D 10 -97.84 12.54 -98.97
CA PRO D 10 -98.61 13.74 -99.28
C PRO D 10 -99.56 14.12 -98.16
N GLY D 11 -99.62 15.42 -97.90
CA GLY D 11 -100.54 15.91 -96.90
C GLY D 11 -101.84 16.33 -97.53
N ASP D 12 -102.13 17.63 -97.55
CA ASP D 12 -103.22 18.17 -98.33
C ASP D 12 -102.78 19.18 -99.37
N GLY D 13 -101.56 19.69 -99.28
CA GLY D 13 -101.00 20.55 -100.31
C GLY D 13 -101.39 22.01 -100.23
N ARG D 14 -102.64 22.28 -99.87
CA ARG D 14 -103.21 23.62 -99.94
C ARG D 14 -102.96 24.47 -98.72
N THR D 15 -102.96 23.87 -97.53
CA THR D 15 -102.91 24.63 -96.28
C THR D 15 -101.47 24.65 -95.78
N PHE D 16 -100.71 25.62 -96.24
CA PHE D 16 -99.42 25.81 -95.63
C PHE D 16 -99.50 26.85 -94.52
N PRO D 17 -98.79 26.64 -93.41
CA PRO D 17 -99.05 27.43 -92.19
C PRO D 17 -98.59 28.87 -92.33
N LYS D 18 -99.28 29.77 -91.66
CA LYS D 18 -98.97 31.18 -91.68
C LYS D 18 -98.09 31.55 -90.49
N LYS D 19 -97.33 32.62 -90.65
CA LYS D 19 -96.50 33.13 -89.57
C LYS D 19 -97.39 33.70 -88.47
N GLY D 20 -96.96 33.51 -87.23
CA GLY D 20 -97.80 33.81 -86.09
C GLY D 20 -98.58 32.63 -85.56
N GLN D 21 -98.32 31.42 -86.06
CA GLN D 21 -98.93 30.22 -85.55
C GLN D 21 -97.84 29.31 -84.99
N THR D 22 -98.13 28.65 -83.88
CA THR D 22 -97.22 27.64 -83.37
C THR D 22 -97.45 26.38 -84.18
N CYS D 23 -96.36 25.67 -84.48
CA CYS D 23 -96.42 24.48 -85.32
C CYS D 23 -95.96 23.29 -84.51
N VAL D 24 -96.72 22.20 -84.59
CA VAL D 24 -96.38 20.95 -83.92
C VAL D 24 -95.73 20.04 -84.96
N VAL D 25 -94.56 19.50 -84.66
CA VAL D 25 -93.86 18.66 -85.61
C VAL D 25 -93.17 17.50 -84.89
N HIS D 26 -93.25 16.30 -85.45
CA HIS D 26 -92.36 15.23 -85.06
C HIS D 26 -91.22 15.17 -86.05
N TYR D 27 -90.00 15.26 -85.55
CA TYR D 27 -88.86 15.35 -86.44
C TYR D 27 -87.76 14.42 -85.97
N THR D 28 -87.15 13.73 -86.92
CA THR D 28 -86.03 12.84 -86.66
C THR D 28 -84.89 13.26 -87.55
N GLY D 29 -83.80 13.74 -86.95
CA GLY D 29 -82.70 14.21 -87.75
C GLY D 29 -81.47 13.34 -87.68
N MET D 30 -80.81 13.15 -88.81
CA MET D 30 -79.56 12.43 -88.90
C MET D 30 -78.54 13.27 -89.65
N LEU D 31 -77.32 12.76 -89.70
CA LEU D 31 -76.24 13.44 -90.41
C LEU D 31 -76.24 13.02 -91.87
N GLN D 32 -75.22 13.46 -92.62
CA GLN D 32 -75.06 13.03 -94.00
C GLN D 32 -74.65 11.58 -94.10
N ASN D 33 -73.94 11.08 -93.09
CA ASN D 33 -73.48 9.70 -93.11
C ASN D 33 -74.57 8.70 -92.82
N GLY D 34 -75.74 9.15 -92.37
CA GLY D 34 -76.79 8.25 -91.95
C GLY D 34 -76.83 8.01 -90.46
N LYS D 35 -75.95 8.64 -89.69
CA LYS D 35 -75.95 8.46 -88.25
C LYS D 35 -76.96 9.39 -87.60
N LYS D 36 -77.86 8.82 -86.83
CA LYS D 36 -79.00 9.53 -86.28
C LYS D 36 -78.59 10.27 -85.03
N PHE D 37 -78.65 11.60 -85.07
CA PHE D 37 -78.22 12.41 -83.95
C PHE D 37 -79.36 12.98 -83.13
N ASP D 38 -80.57 13.05 -83.66
CA ASP D 38 -81.65 13.59 -82.86
C ASP D 38 -82.96 12.95 -83.27
N SER D 39 -83.87 12.81 -82.32
CA SER D 39 -85.21 12.35 -82.62
C SER D 39 -86.21 13.20 -81.86
N SER D 40 -87.47 13.05 -82.24
CA SER D 40 -88.58 13.47 -81.41
C SER D 40 -89.49 12.31 -81.06
N ARG D 41 -89.38 11.21 -81.80
CA ARG D 41 -90.10 10.01 -81.40
C ARG D 41 -89.45 9.34 -80.21
N ASP D 42 -88.19 9.70 -79.91
CA ASP D 42 -87.44 8.99 -78.89
C ASP D 42 -88.03 9.24 -77.50
N ARG D 43 -88.53 10.45 -77.28
CA ARG D 43 -89.00 10.85 -75.98
C ARG D 43 -90.51 10.95 -75.93
N ASN D 44 -91.19 10.61 -77.03
CA ASN D 44 -92.65 10.63 -77.16
C ASN D 44 -93.21 12.02 -76.91
N LYS D 45 -92.46 13.03 -77.34
CA LYS D 45 -92.87 14.41 -77.16
C LYS D 45 -92.89 15.10 -78.52
N PRO D 46 -94.04 15.59 -78.96
CA PRO D 46 -94.08 16.37 -80.19
C PRO D 46 -93.44 17.73 -79.96
N PHE D 47 -92.57 18.11 -80.87
CA PHE D 47 -91.92 19.41 -80.78
C PHE D 47 -92.90 20.52 -81.08
N LYS D 48 -92.65 21.70 -80.52
CA LYS D 48 -93.45 22.88 -80.79
C LYS D 48 -92.54 24.06 -81.05
N PHE D 49 -92.91 24.91 -82.01
CA PHE D 49 -92.13 26.11 -82.30
C PHE D 49 -93.00 27.12 -83.01
N ARG D 50 -92.54 28.38 -82.94
CA ARG D 50 -93.25 29.53 -83.51
C ARG D 50 -92.43 30.11 -84.65
N ILE D 51 -93.10 30.44 -85.75
CA ILE D 51 -92.44 30.89 -86.96
C ILE D 51 -91.92 32.30 -86.77
N GLY D 52 -90.67 32.54 -87.20
CA GLY D 52 -90.14 33.89 -87.28
C GLY D 52 -89.57 34.44 -85.99
N LYS D 53 -89.79 33.76 -84.87
CA LYS D 53 -89.36 34.28 -83.58
C LYS D 53 -87.88 34.00 -83.31
N GLN D 54 -87.20 33.36 -84.27
CA GLN D 54 -85.74 33.17 -84.28
C GLN D 54 -85.27 32.33 -83.10
N GLU D 55 -85.88 31.16 -82.95
CA GLU D 55 -85.38 30.14 -82.04
C GLU D 55 -84.81 28.94 -82.76
N VAL D 56 -85.38 28.56 -83.89
CA VAL D 56 -84.96 27.37 -84.61
C VAL D 56 -83.97 27.80 -85.68
N ILE D 57 -83.18 26.84 -86.18
CA ILE D 57 -82.29 27.13 -87.29
C ILE D 57 -83.11 27.43 -88.55
N LYS D 58 -82.48 28.16 -89.47
CA LYS D 58 -83.23 28.82 -90.52
C LYS D 58 -83.74 27.84 -91.57
N GLY D 59 -82.97 26.80 -91.85
CA GLY D 59 -83.39 25.83 -92.84
C GLY D 59 -84.57 25.02 -92.38
N PHE D 60 -84.64 24.77 -91.07
CA PHE D 60 -85.78 24.06 -90.49
C PHE D 60 -87.07 24.86 -90.63
N GLU D 61 -87.01 26.15 -90.30
CA GLU D 61 -88.19 27.00 -90.41
C GLU D 61 -88.60 27.20 -91.85
N GLU D 62 -87.61 27.37 -92.74
CA GLU D 62 -87.91 27.54 -94.16
C GLU D 62 -88.56 26.29 -94.74
N GLY D 63 -87.99 25.12 -94.46
CA GLY D 63 -88.58 23.88 -94.94
C GLY D 63 -89.89 23.52 -94.30
N ALA D 64 -90.14 24.00 -93.09
CA ALA D 64 -91.46 23.81 -92.50
C ALA D 64 -92.48 24.79 -93.04
N ALA D 65 -92.03 25.94 -93.55
CA ALA D 65 -92.96 26.93 -94.07
C ALA D 65 -93.56 26.51 -95.41
N GLN D 66 -92.90 25.60 -96.13
CA GLN D 66 -93.46 25.13 -97.38
C GLN D 66 -94.35 23.91 -97.21
N MET D 67 -94.38 23.32 -96.03
CA MET D 67 -95.07 22.05 -95.82
C MET D 67 -96.56 22.29 -95.60
N SER D 68 -97.29 21.23 -95.26
CA SER D 68 -98.73 21.35 -95.05
C SER D 68 -99.17 20.29 -94.05
N LEU D 69 -100.46 20.25 -93.78
CA LEU D 69 -101.03 19.35 -92.79
C LEU D 69 -101.07 17.92 -93.32
N GLY D 70 -100.44 17.00 -92.60
CA GLY D 70 -100.23 15.65 -93.05
C GLY D 70 -98.94 15.44 -93.82
N GLN D 71 -98.35 16.50 -94.36
CA GLN D 71 -97.20 16.37 -95.25
C GLN D 71 -95.92 16.18 -94.46
N ARG D 72 -95.17 15.14 -94.81
CA ARG D 72 -93.87 14.89 -94.20
C ARG D 72 -92.77 15.02 -95.26
N ALA D 73 -91.60 15.45 -94.81
CA ALA D 73 -90.58 15.86 -95.77
C ALA D 73 -89.19 15.53 -95.27
N LYS D 74 -88.31 15.31 -96.24
CA LYS D 74 -86.90 15.05 -96.01
C LYS D 74 -86.15 16.35 -96.28
N LEU D 75 -86.05 17.18 -95.27
CA LEU D 75 -85.36 18.46 -95.39
C LEU D 75 -83.87 18.19 -95.42
N THR D 76 -83.18 18.68 -96.45
CA THR D 76 -81.73 18.48 -96.50
C THR D 76 -81.04 19.84 -96.44
N CYS D 77 -80.60 20.21 -95.24
CA CYS D 77 -80.10 21.56 -95.03
C CYS D 77 -78.61 21.65 -95.36
N THR D 78 -78.27 22.65 -96.17
CA THR D 78 -76.90 22.97 -96.54
C THR D 78 -76.19 23.61 -95.36
N PRO D 79 -74.92 23.27 -95.10
CA PRO D 79 -74.27 23.66 -93.83
C PRO D 79 -74.12 25.16 -93.62
N ASP D 80 -74.28 25.99 -94.64
CA ASP D 80 -74.28 27.42 -94.40
C ASP D 80 -75.54 27.88 -93.70
N VAL D 81 -76.65 27.16 -93.89
CA VAL D 81 -77.88 27.51 -93.20
C VAL D 81 -77.97 26.71 -91.89
N ALA D 82 -77.15 25.68 -91.76
CA ALA D 82 -77.01 24.90 -90.53
C ALA D 82 -76.09 25.60 -89.54
N TYR D 83 -75.55 24.83 -88.60
CA TYR D 83 -74.67 25.37 -87.57
C TYR D 83 -73.38 25.97 -88.10
N GLY D 84 -73.01 25.67 -89.35
CA GLY D 84 -71.99 26.45 -90.00
C GLY D 84 -70.58 26.00 -89.70
N ALA D 85 -69.68 26.98 -89.75
CA ALA D 85 -68.26 26.70 -89.60
C ALA D 85 -67.91 26.33 -88.16
N THR D 86 -68.66 26.84 -87.19
CA THR D 86 -68.44 26.44 -85.81
C THR D 86 -69.04 25.08 -85.51
N GLY D 87 -70.10 24.71 -86.22
CA GLY D 87 -70.83 23.51 -85.86
C GLY D 87 -71.55 23.71 -84.55
N HIS D 88 -71.80 22.61 -83.85
CA HIS D 88 -72.31 22.67 -82.50
C HIS D 88 -71.27 22.02 -81.61
N PRO D 89 -71.04 22.53 -80.43
CA PRO D 89 -70.00 21.95 -79.57
C PRO D 89 -70.37 20.59 -79.01
N GLY D 90 -70.18 19.54 -79.79
CA GLY D 90 -70.29 18.21 -79.25
C GLY D 90 -71.13 17.24 -80.04
N VAL D 91 -72.20 17.71 -80.65
CA VAL D 91 -73.17 16.85 -81.31
C VAL D 91 -73.05 16.91 -82.82
N ILE D 92 -72.59 18.03 -83.36
CA ILE D 92 -72.48 18.24 -84.80
C ILE D 92 -71.04 18.55 -85.14
N PRO D 93 -70.40 17.77 -86.01
CA PRO D 93 -69.06 18.12 -86.47
C PRO D 93 -69.12 19.35 -87.35
N PRO D 94 -68.01 20.08 -87.51
CA PRO D 94 -68.04 21.32 -88.29
C PRO D 94 -68.29 21.06 -89.76
N ASN D 95 -69.21 21.85 -90.33
CA ASN D 95 -69.50 21.89 -91.78
C ASN D 95 -70.00 20.54 -92.29
N ALA D 96 -71.20 20.15 -91.86
CA ALA D 96 -71.85 18.96 -92.37
C ALA D 96 -73.31 19.24 -92.66
N THR D 97 -73.82 18.61 -93.71
CA THR D 97 -75.23 18.73 -94.04
C THR D 97 -76.08 17.91 -93.08
N LEU D 98 -77.29 18.39 -92.81
CA LEU D 98 -78.20 17.73 -91.90
C LEU D 98 -79.39 17.23 -92.68
N ILE D 99 -79.88 16.04 -92.33
CA ILE D 99 -80.95 15.38 -93.06
C ILE D 99 -82.08 15.13 -92.07
N PHE D 100 -83.15 15.91 -92.15
CA PHE D 100 -84.26 15.73 -91.25
C PHE D 100 -85.40 15.03 -91.96
N ASP D 101 -86.09 14.15 -91.24
CA ASP D 101 -87.37 13.63 -91.64
C ASP D 101 -88.32 14.31 -90.69
N VAL D 102 -88.94 15.38 -91.14
CA VAL D 102 -89.91 16.08 -90.32
C VAL D 102 -91.30 15.66 -90.76
N GLU D 103 -92.27 15.87 -89.89
CA GLU D 103 -93.65 15.53 -90.18
C GLU D 103 -94.52 16.45 -89.34
N LEU D 104 -95.26 17.33 -89.99
CA LEU D 104 -96.06 18.31 -89.25
C LEU D 104 -97.39 17.70 -88.86
N LEU D 105 -97.88 18.07 -87.69
CA LEU D 105 -99.12 17.55 -87.18
C LEU D 105 -100.23 18.56 -87.03
N ASN D 106 -100.00 19.62 -86.25
CA ASN D 106 -101.07 20.52 -85.86
C ASN D 106 -100.54 21.94 -85.84
N LEU D 107 -101.46 22.89 -85.91
CA LEU D 107 -101.10 24.29 -86.12
C LEU D 107 -101.80 25.15 -85.08
N GLU D 108 -101.77 26.45 -85.31
CA GLU D 108 -102.52 27.40 -84.49
C GLU D 108 -103.21 28.45 -85.35
N GLN E 12 28.02 -21.88 -0.76
CA GLN E 12 28.55 -21.70 0.59
C GLN E 12 29.71 -22.67 0.87
N PHE E 13 29.42 -23.97 0.92
CA PHE E 13 30.44 -24.98 1.14
C PHE E 13 30.57 -25.87 -0.09
N LEU E 14 31.50 -26.82 -0.01
CA LEU E 14 31.75 -27.77 -1.08
C LEU E 14 31.51 -29.19 -0.57
N ARG E 15 30.82 -29.98 -1.37
CA ARG E 15 30.44 -31.33 -0.99
C ARG E 15 31.00 -32.32 -1.98
N THR E 16 30.83 -33.60 -1.68
CA THR E 16 31.15 -34.61 -2.66
C THR E 16 30.09 -34.62 -3.74
N ASP E 17 30.46 -35.19 -4.89
CA ASP E 17 29.65 -35.22 -6.12
C ASP E 17 29.24 -33.82 -6.55
N ASP E 18 30.12 -32.87 -6.36
CA ASP E 18 29.94 -31.51 -6.84
C ASP E 18 30.77 -31.32 -8.09
N GLU E 19 30.60 -30.18 -8.74
CA GLU E 19 31.40 -29.84 -9.91
C GLU E 19 32.18 -28.57 -9.60
N VAL E 20 33.50 -28.67 -9.65
CA VAL E 20 34.38 -27.55 -9.35
C VAL E 20 35.39 -27.41 -10.46
N VAL E 21 36.16 -26.33 -10.40
CA VAL E 21 37.32 -26.13 -11.26
C VAL E 21 38.51 -25.85 -10.37
N LEU E 22 39.69 -26.05 -10.94
CA LEU E 22 40.92 -25.68 -10.26
C LEU E 22 41.61 -24.60 -11.06
N GLN E 23 41.98 -23.52 -10.38
CA GLN E 23 42.34 -22.32 -11.10
C GLN E 23 43.41 -21.57 -10.31
N CYS E 24 44.57 -21.39 -10.91
CA CYS E 24 45.64 -20.62 -10.31
C CYS E 24 45.90 -19.37 -11.14
N THR E 25 46.05 -18.25 -10.45
CA THR E 25 46.25 -16.97 -11.12
C THR E 25 47.71 -16.60 -10.99
N ALA E 26 48.41 -16.59 -12.12
CA ALA E 26 49.79 -16.13 -12.18
C ALA E 26 49.83 -14.72 -12.75
N THR E 27 51.01 -14.11 -12.70
CA THR E 27 51.21 -12.78 -13.26
C THR E 27 52.43 -12.84 -14.18
N ILE E 28 52.16 -12.64 -15.47
CA ILE E 28 53.26 -12.52 -16.43
C ILE E 28 53.37 -11.08 -16.92
N HIS E 29 54.28 -10.32 -16.30
CA HIS E 29 54.62 -8.94 -16.65
C HIS E 29 53.40 -8.03 -16.54
N LYS E 30 52.89 -7.97 -15.30
CA LYS E 30 51.75 -7.13 -14.91
C LYS E 30 50.52 -7.47 -15.74
N GLU E 31 50.28 -8.77 -15.94
CA GLU E 31 49.10 -9.24 -16.62
C GLU E 31 48.54 -10.40 -15.80
N GLN E 32 47.43 -10.15 -15.12
CA GLN E 32 46.84 -11.13 -14.20
C GLN E 32 46.20 -12.23 -15.04
N GLN E 33 46.96 -13.30 -15.24
CA GLN E 33 46.52 -14.44 -16.03
C GLN E 33 45.91 -15.47 -15.09
N LYS E 34 44.60 -15.71 -15.23
CA LYS E 34 43.91 -16.70 -14.41
C LYS E 34 43.89 -18.03 -15.15
N LEU E 35 44.99 -18.76 -15.02
CA LEU E 35 45.08 -20.05 -15.69
C LEU E 35 44.22 -21.07 -14.96
N CYS E 36 43.72 -22.04 -15.71
CA CYS E 36 42.92 -23.11 -15.15
C CYS E 36 43.53 -24.45 -15.53
N LEU E 37 43.29 -25.46 -14.71
CA LEU E 37 43.88 -26.77 -14.96
C LEU E 37 43.04 -27.55 -15.96
N ALA E 38 43.69 -28.11 -16.98
CA ALA E 38 42.93 -28.80 -18.02
C ALA E 38 43.68 -30.06 -18.44
N ALA E 39 43.08 -31.21 -18.20
CA ALA E 39 43.58 -32.46 -18.74
C ALA E 39 42.77 -32.85 -19.96
N GLU E 40 43.39 -33.63 -20.83
CA GLU E 40 42.74 -33.98 -22.09
C GLU E 40 42.13 -35.37 -22.09
N GLY E 41 42.95 -36.41 -21.88
CA GLY E 41 42.47 -37.76 -21.99
C GLY E 41 42.27 -38.22 -23.42
N PHE E 42 42.05 -39.53 -23.59
CA PHE E 42 41.88 -40.20 -24.89
C PHE E 42 43.05 -39.90 -25.83
N GLY E 43 44.26 -40.02 -25.29
CA GLY E 43 45.45 -39.83 -26.08
C GLY E 43 46.45 -38.89 -25.44
N ASN E 44 46.18 -38.48 -24.21
CA ASN E 44 47.05 -37.51 -23.57
C ASN E 44 47.02 -37.71 -22.06
N ARG E 45 48.13 -38.20 -21.52
CA ARG E 45 48.26 -38.51 -20.11
C ARG E 45 48.86 -37.35 -19.34
N LEU E 46 48.87 -36.15 -19.90
CA LEU E 46 49.48 -35.00 -19.24
C LEU E 46 48.53 -33.82 -19.26
N CYS E 47 48.60 -33.01 -18.21
CA CYS E 47 47.72 -31.87 -18.04
C CYS E 47 48.40 -30.63 -18.58
N PHE E 48 47.62 -29.57 -18.77
CA PHE E 48 48.18 -28.31 -19.20
C PHE E 48 47.32 -27.18 -18.65
N LEU E 49 47.52 -25.98 -19.19
CA LEU E 49 46.88 -24.78 -18.72
C LEU E 49 45.88 -24.27 -19.75
N GLU E 50 44.81 -23.69 -19.23
CA GLU E 50 43.75 -23.14 -20.05
C GLU E 50 43.58 -21.68 -19.70
N SER E 51 43.57 -20.83 -20.71
CA SER E 51 43.45 -19.39 -20.50
C SER E 51 42.00 -19.04 -20.21
N THR E 52 41.79 -18.20 -19.20
CA THR E 52 40.46 -17.75 -18.80
C THR E 52 40.41 -16.23 -18.68
N SER E 53 41.58 -15.57 -18.71
CA SER E 53 41.66 -14.12 -18.61
C SER E 53 41.13 -13.43 -19.85
N ASN E 54 41.59 -13.85 -21.03
CA ASN E 54 41.16 -13.27 -22.30
C ASN E 54 39.90 -13.94 -22.84
N SER E 55 38.85 -13.98 -22.01
CA SER E 55 37.63 -14.67 -22.39
C SER E 55 36.72 -13.82 -23.27
N LYS E 56 37.12 -12.60 -23.63
CA LYS E 56 36.23 -11.73 -24.39
C LYS E 56 36.40 -11.88 -25.89
N ASN E 57 37.51 -12.47 -26.34
CA ASN E 57 37.73 -12.73 -27.74
C ASN E 57 38.07 -14.18 -28.04
N VAL E 58 38.73 -14.88 -27.13
CA VAL E 58 38.93 -16.31 -27.26
C VAL E 58 38.30 -17.01 -26.06
N PRO E 59 37.15 -17.64 -26.24
CA PRO E 59 36.49 -18.35 -25.15
C PRO E 59 37.28 -19.56 -24.73
N PRO E 60 37.27 -19.89 -23.43
CA PRO E 60 37.99 -21.07 -22.98
C PRO E 60 37.22 -22.33 -23.33
N ASP E 61 37.94 -23.45 -23.34
CA ASP E 61 37.25 -24.72 -23.38
C ASP E 61 36.83 -25.10 -21.97
N LEU E 62 35.57 -25.44 -21.80
CA LEU E 62 35.09 -25.72 -20.46
C LEU E 62 34.98 -27.20 -20.16
N SER E 63 34.83 -28.05 -21.18
CA SER E 63 34.61 -29.46 -20.95
C SER E 63 35.86 -30.19 -20.49
N ILE E 64 37.03 -29.57 -20.58
CA ILE E 64 38.26 -30.24 -20.22
C ILE E 64 38.85 -29.70 -18.93
N CYS E 65 38.14 -28.84 -18.23
CA CYS E 65 38.68 -28.27 -17.01
C CYS E 65 37.76 -28.40 -15.79
N THR E 66 36.57 -28.94 -15.95
CA THR E 66 35.71 -29.17 -14.81
C THR E 66 35.99 -30.53 -14.21
N PHE E 67 35.88 -30.63 -12.89
CA PHE E 67 36.15 -31.86 -12.19
C PHE E 67 34.96 -32.25 -11.32
N VAL E 68 35.06 -33.44 -10.72
CA VAL E 68 34.05 -33.96 -9.81
C VAL E 68 34.79 -34.55 -8.62
N LEU E 69 34.34 -34.22 -7.41
CA LEU E 69 34.89 -34.82 -6.20
C LEU E 69 34.12 -36.10 -5.96
N GLU E 70 34.83 -37.23 -5.84
CA GLU E 70 34.15 -38.50 -5.70
C GLU E 70 33.98 -38.88 -4.23
N GLN E 71 35.08 -39.04 -3.50
CA GLN E 71 35.03 -39.41 -2.11
C GLN E 71 35.96 -38.51 -1.32
N SER E 72 35.82 -38.57 0.00
CA SER E 72 36.64 -37.75 0.88
C SER E 72 36.72 -38.46 2.23
N LEU E 73 37.81 -39.16 2.46
CA LEU E 73 38.02 -39.87 3.70
C LEU E 73 39.01 -39.12 4.57
N SER E 74 39.09 -39.51 5.83
CA SER E 74 40.25 -39.14 6.60
C SER E 74 41.36 -40.14 6.36
N VAL E 75 42.54 -39.84 6.88
CA VAL E 75 43.71 -40.66 6.61
C VAL E 75 43.60 -42.02 7.27
N ARG E 76 42.80 -42.11 8.32
CA ARG E 76 42.59 -43.37 9.02
C ARG E 76 41.82 -44.35 8.12
N ALA E 77 40.76 -43.87 7.49
CA ALA E 77 39.94 -44.72 6.63
C ALA E 77 40.64 -45.02 5.31
N LEU E 78 41.46 -44.09 4.83
CA LEU E 78 42.20 -44.36 3.60
C LEU E 78 43.27 -45.41 3.84
N GLN E 79 44.02 -45.29 4.94
CA GLN E 79 45.03 -46.29 5.26
C GLN E 79 44.40 -47.63 5.61
N GLU E 80 43.13 -47.64 6.04
CA GLU E 80 42.41 -48.89 6.19
C GLU E 80 42.05 -49.47 4.83
N MET E 81 41.35 -48.69 4.00
CA MET E 81 40.76 -49.20 2.77
C MET E 81 41.82 -49.57 1.75
N LEU E 82 42.96 -48.88 1.79
CA LEU E 82 44.12 -49.27 1.01
C LEU E 82 44.72 -50.57 1.51
N ALA E 83 44.56 -50.90 2.79
CA ALA E 83 45.16 -52.10 3.36
C ALA E 83 44.36 -53.36 3.08
N ASN E 84 43.34 -53.29 2.23
CA ASN E 84 42.58 -54.48 1.86
C ASN E 84 43.41 -55.41 0.98
N GLY E 109 25.05 -40.49 0.62
CA GLY E 109 24.70 -39.10 0.68
C GLY E 109 25.80 -38.17 0.22
N HIS E 110 25.69 -36.90 0.61
CA HIS E 110 26.61 -35.86 0.15
C HIS E 110 27.32 -35.29 1.37
N ARG E 111 28.43 -35.91 1.76
CA ARG E 111 29.24 -35.42 2.86
C ARG E 111 29.88 -34.08 2.51
N THR E 112 30.43 -33.43 3.51
CA THR E 112 31.07 -32.15 3.31
C THR E 112 32.56 -32.28 3.62
N LEU E 113 33.37 -31.41 3.03
CA LEU E 113 34.82 -31.57 3.06
C LEU E 113 35.45 -30.78 4.20
N LEU E 114 36.50 -31.33 4.77
CA LEU E 114 37.24 -30.73 5.86
C LEU E 114 38.72 -30.75 5.53
N TYR E 115 39.40 -29.69 5.94
CA TYR E 115 40.79 -29.46 5.55
C TYR E 115 41.71 -30.49 6.19
N GLY E 116 42.01 -31.56 5.48
CA GLY E 116 42.76 -32.64 6.05
C GLY E 116 42.25 -33.95 5.50
N HIS E 117 41.18 -33.88 4.73
CA HIS E 117 40.68 -35.06 4.04
C HIS E 117 41.43 -35.29 2.74
N ALA E 118 41.70 -36.56 2.46
CA ALA E 118 42.32 -36.97 1.22
C ALA E 118 41.23 -37.26 0.20
N ILE E 119 41.11 -36.37 -0.78
CA ILE E 119 39.98 -36.39 -1.69
C ILE E 119 40.38 -37.10 -2.97
N LEU E 120 39.38 -37.43 -3.77
CA LEU E 120 39.58 -38.06 -5.07
C LEU E 120 38.93 -37.18 -6.11
N LEU E 121 39.73 -36.41 -6.82
CA LEU E 121 39.22 -35.66 -7.96
C LEU E 121 39.02 -36.62 -9.11
N ARG E 122 38.17 -36.24 -10.05
CA ARG E 122 38.08 -36.96 -11.31
C ARG E 122 37.68 -36.01 -12.41
N HIS E 123 38.05 -36.38 -13.63
CA HIS E 123 37.73 -35.56 -14.78
C HIS E 123 36.26 -35.73 -15.12
N SER E 124 35.54 -34.62 -15.09
CA SER E 124 34.08 -34.63 -15.18
C SER E 124 33.59 -35.07 -16.54
N TYR E 125 34.42 -34.99 -17.57
CA TYR E 125 34.03 -35.50 -18.87
C TYR E 125 34.60 -36.89 -19.12
N SER E 126 35.92 -37.02 -19.05
CA SER E 126 36.60 -38.22 -19.53
C SER E 126 36.35 -39.42 -18.65
N GLY E 127 36.14 -39.21 -17.35
CA GLY E 127 35.90 -40.32 -16.46
C GLY E 127 37.13 -40.92 -15.84
N MET E 128 38.28 -40.27 -15.95
CA MET E 128 39.49 -40.78 -15.34
C MET E 128 39.77 -40.04 -14.04
N TYR E 129 40.63 -40.61 -13.21
CA TYR E 129 40.97 -40.00 -11.94
C TYR E 129 42.33 -39.32 -12.02
N LEU E 130 42.38 -38.09 -11.53
CA LEU E 130 43.60 -37.28 -11.59
C LEU E 130 44.61 -37.77 -10.58
N CYS E 131 45.89 -37.79 -10.95
CA CYS E 131 46.91 -38.33 -10.07
C CYS E 131 48.27 -37.81 -10.46
N CYS E 132 49.27 -38.21 -9.69
CA CYS E 132 50.66 -37.94 -9.96
C CYS E 132 51.31 -39.15 -10.61
N LEU E 133 52.24 -38.89 -11.51
CA LEU E 133 52.89 -39.91 -12.32
C LEU E 133 54.38 -39.91 -12.03
N SER E 134 55.05 -41.00 -12.38
CA SER E 134 56.47 -41.12 -12.13
C SER E 134 57.33 -40.75 -13.34
N THR E 135 56.78 -39.97 -14.27
CA THR E 135 57.54 -39.53 -15.43
C THR E 135 58.27 -38.24 -15.09
N SER E 136 58.88 -37.61 -16.11
CA SER E 136 59.67 -36.42 -15.88
C SER E 136 59.60 -35.52 -17.10
N ARG E 137 59.87 -34.25 -16.89
CA ARG E 137 60.14 -33.30 -17.96
C ARG E 137 61.32 -32.40 -17.59
N LYS E 142 65.33 -30.91 -12.82
CA LYS E 142 64.57 -30.65 -11.62
C LYS E 142 64.20 -31.95 -10.92
N LEU E 143 63.65 -31.83 -9.72
CA LEU E 143 63.24 -33.01 -8.95
C LEU E 143 61.72 -33.03 -8.74
N ALA E 144 60.99 -32.75 -9.81
CA ALA E 144 59.54 -32.75 -9.77
C ALA E 144 58.98 -34.01 -10.39
N PHE E 145 57.66 -34.15 -10.31
CA PHE E 145 56.93 -35.22 -10.97
C PHE E 145 55.79 -34.63 -11.78
N ASP E 146 55.41 -35.33 -12.83
CA ASP E 146 54.37 -34.85 -13.73
C ASP E 146 53.00 -35.32 -13.25
N VAL E 147 51.96 -34.70 -13.78
CA VAL E 147 50.62 -34.90 -13.27
C VAL E 147 49.67 -35.21 -14.44
N GLY E 148 48.89 -36.27 -14.29
CA GLY E 148 48.00 -36.64 -15.38
C GLY E 148 46.89 -37.55 -14.90
N LEU E 149 46.15 -38.09 -15.85
CA LEU E 149 45.04 -38.93 -15.47
C LEU E 149 45.45 -40.40 -15.47
N GLN E 150 44.69 -41.20 -14.74
CA GLN E 150 44.83 -42.64 -14.81
C GLN E 150 43.47 -43.24 -14.52
N GLU E 151 43.27 -44.47 -14.97
CA GLU E 151 41.95 -45.08 -14.89
C GLU E 151 41.72 -45.76 -13.55
N ASP E 152 42.74 -46.43 -13.05
CA ASP E 152 42.64 -47.18 -11.80
C ASP E 152 42.61 -46.22 -10.61
N THR E 153 41.89 -46.63 -9.57
CA THR E 153 41.75 -45.82 -8.38
C THR E 153 42.52 -46.33 -7.18
N THR E 154 43.16 -47.49 -7.29
CA THR E 154 43.89 -48.01 -6.15
C THR E 154 45.25 -47.32 -6.04
N GLY E 155 45.96 -47.65 -4.97
CA GLY E 155 47.21 -46.99 -4.68
C GLY E 155 47.02 -45.58 -4.15
N GLU E 156 48.12 -44.99 -3.71
CA GLU E 156 48.07 -43.64 -3.18
C GLU E 156 48.14 -42.58 -4.26
N ALA E 157 48.09 -42.96 -5.53
CA ALA E 157 48.41 -42.04 -6.60
C ALA E 157 47.34 -40.98 -6.80
N CYS E 158 46.07 -41.37 -6.78
CA CYS E 158 44.98 -40.46 -7.10
C CYS E 158 44.33 -39.86 -5.86
N TRP E 159 45.08 -39.64 -4.80
CA TRP E 159 44.54 -39.10 -3.56
C TRP E 159 45.27 -37.84 -3.18
N TRP E 160 44.52 -36.82 -2.78
CA TRP E 160 45.09 -35.51 -2.49
C TRP E 160 44.46 -34.99 -1.21
N THR E 161 45.30 -34.64 -0.24
CA THR E 161 44.82 -34.00 0.97
C THR E 161 44.83 -32.50 0.78
N ILE E 162 43.74 -31.86 1.15
CA ILE E 162 43.67 -30.42 1.07
C ILE E 162 44.44 -29.82 2.23
N HIS E 163 45.03 -28.66 2.02
CA HIS E 163 45.69 -27.93 3.07
C HIS E 163 45.18 -26.51 3.00
N PRO E 164 44.83 -25.90 4.13
CA PRO E 164 44.48 -24.49 4.15
C PRO E 164 45.71 -23.62 3.96
N ALA E 165 45.49 -22.46 3.35
CA ALA E 165 46.57 -21.54 3.07
C ALA E 165 46.31 -20.22 3.76
N SER E 166 45.91 -20.29 5.02
CA SER E 166 45.69 -19.09 5.80
C SER E 166 45.83 -19.44 7.27
N LYS E 167 46.11 -18.42 8.08
CA LYS E 167 45.80 -18.55 9.49
C LYS E 167 44.34 -18.22 9.76
N GLN E 168 43.65 -17.62 8.79
CA GLN E 168 42.25 -17.24 8.92
C GLN E 168 41.31 -18.44 8.98
N ARG E 169 41.71 -19.58 8.42
CA ARG E 169 41.01 -20.83 8.62
C ARG E 169 42.05 -21.89 8.88
N SER E 170 41.65 -22.94 9.58
CA SER E 170 42.67 -23.85 10.10
C SER E 170 42.18 -25.29 9.93
N GLU E 171 42.86 -26.22 10.59
CA GLU E 171 42.64 -27.64 10.40
C GLU E 171 41.26 -28.06 10.89
N GLY E 172 40.70 -29.05 10.21
CA GLY E 172 39.52 -29.74 10.68
C GLY E 172 38.22 -29.07 10.33
N GLU E 173 38.23 -27.76 10.11
CA GLU E 173 36.99 -27.04 9.96
C GLU E 173 36.46 -27.17 8.52
N LYS E 174 35.35 -26.49 8.26
CA LYS E 174 34.60 -26.72 7.03
C LYS E 174 35.16 -25.90 5.88
N VAL E 175 35.10 -26.47 4.69
CA VAL E 175 35.54 -25.79 3.48
C VAL E 175 34.52 -24.72 3.12
N ARG E 176 34.96 -23.69 2.41
CA ARG E 176 34.03 -22.70 1.90
C ARG E 176 34.42 -22.32 0.48
N VAL E 177 33.50 -21.63 -0.17
CA VAL E 177 33.65 -21.28 -1.58
C VAL E 177 34.73 -20.21 -1.73
N GLY E 178 35.67 -20.46 -2.63
CA GLY E 178 36.65 -19.46 -2.97
C GLY E 178 37.85 -19.40 -2.06
N ASP E 179 38.02 -20.38 -1.19
CA ASP E 179 39.17 -20.39 -0.30
C ASP E 179 40.41 -20.81 -1.07
N ASP E 180 41.40 -19.92 -1.12
CA ASP E 180 42.66 -20.25 -1.76
C ASP E 180 43.41 -21.26 -0.91
N LEU E 181 43.65 -22.44 -1.49
CA LEU E 181 44.11 -23.59 -0.72
C LEU E 181 45.32 -24.20 -1.41
N ILE E 182 45.85 -25.26 -0.80
CA ILE E 182 46.98 -26.02 -1.32
C ILE E 182 46.49 -27.46 -1.44
N LEU E 183 47.02 -28.19 -2.41
CA LEU E 183 46.78 -29.63 -2.50
C LEU E 183 48.07 -30.36 -2.23
N VAL E 184 47.97 -31.54 -1.63
CA VAL E 184 49.14 -32.33 -1.29
C VAL E 184 48.93 -33.74 -1.78
N SER E 185 49.90 -34.25 -2.53
CA SER E 185 49.88 -35.63 -2.97
C SER E 185 50.03 -36.56 -1.77
N VAL E 186 49.22 -37.60 -1.77
CA VAL E 186 49.37 -38.65 -0.78
C VAL E 186 50.56 -39.54 -1.12
N SER E 187 50.71 -39.87 -2.40
CA SER E 187 51.80 -40.74 -2.82
C SER E 187 53.12 -40.01 -2.83
N SER E 188 53.23 -38.98 -3.67
CA SER E 188 54.52 -38.35 -3.92
C SER E 188 54.95 -37.42 -2.81
N GLU E 189 54.04 -37.11 -1.87
CA GLU E 189 54.26 -36.18 -0.78
C GLU E 189 54.70 -34.81 -1.27
N ARG E 190 54.13 -34.37 -2.39
CA ARG E 190 54.55 -33.14 -3.04
C ARG E 190 53.33 -32.26 -3.28
N TYR E 191 53.59 -31.03 -3.68
CA TYR E 191 52.57 -30.00 -3.83
C TYR E 191 52.27 -29.82 -5.30
N LEU E 192 51.02 -29.51 -5.60
CA LEU E 192 50.58 -29.43 -6.99
C LEU E 192 50.98 -28.06 -7.52
N HIS E 193 52.21 -27.96 -8.00
CA HIS E 193 52.86 -26.69 -8.27
C HIS E 193 52.69 -26.26 -9.73
N LEU E 194 52.56 -24.96 -9.92
CA LEU E 194 52.61 -24.32 -11.22
C LEU E 194 54.02 -23.79 -11.44
N SER E 195 54.70 -24.29 -12.47
CA SER E 195 56.06 -23.86 -12.74
C SER E 195 56.12 -23.18 -14.11
N TYR E 196 57.22 -22.50 -14.35
CA TYR E 196 57.44 -21.76 -15.59
C TYR E 196 58.37 -22.53 -16.52
N LEU E 201 55.27 -24.15 -19.79
CA LEU E 201 54.52 -23.79 -18.60
C LEU E 201 53.99 -25.03 -17.91
N HIS E 202 54.89 -25.74 -17.23
CA HIS E 202 54.58 -27.02 -16.61
C HIS E 202 53.64 -26.81 -15.44
N VAL E 203 52.63 -27.66 -15.34
CA VAL E 203 51.97 -27.95 -14.08
C VAL E 203 52.54 -29.29 -13.65
N ASP E 204 53.11 -29.36 -12.45
CA ASP E 204 53.83 -30.56 -12.05
C ASP E 204 53.90 -30.64 -10.53
N ALA E 205 54.25 -31.82 -10.04
CA ALA E 205 54.25 -32.08 -8.60
C ALA E 205 55.63 -31.76 -8.06
N ALA E 206 55.75 -30.68 -7.31
CA ALA E 206 57.05 -30.19 -6.91
C ALA E 206 57.14 -30.09 -5.39
N PHE E 207 58.31 -29.69 -4.92
CA PHE E 207 58.54 -29.52 -3.49
C PHE E 207 58.09 -28.12 -3.05
N GLN E 208 57.77 -27.26 -4.01
CA GLN E 208 57.33 -25.92 -3.69
C GLN E 208 55.82 -25.84 -3.85
N GLN E 209 55.21 -24.85 -3.24
CA GLN E 209 53.75 -24.77 -3.16
C GLN E 209 53.22 -23.59 -3.98
N THR E 210 51.96 -23.70 -4.37
CA THR E 210 51.29 -22.62 -5.06
C THR E 210 49.81 -22.71 -4.77
N LEU E 211 49.08 -21.65 -5.05
CA LEU E 211 47.69 -21.56 -4.64
C LEU E 211 46.79 -22.20 -5.68
N TRP E 212 45.60 -22.60 -5.24
CA TRP E 212 44.63 -23.20 -6.14
C TRP E 212 43.24 -22.73 -5.71
N SER E 213 42.76 -21.67 -6.32
CA SER E 213 41.40 -21.23 -6.07
C SER E 213 40.42 -22.16 -6.76
N VAL E 214 39.34 -22.49 -6.07
CA VAL E 214 38.29 -23.31 -6.66
C VAL E 214 37.08 -22.42 -6.91
N ALA E 215 36.13 -22.95 -7.63
CA ALA E 215 34.89 -22.25 -7.90
C ALA E 215 33.80 -23.28 -8.13
N PRO E 216 32.59 -23.07 -7.63
CA PRO E 216 31.52 -24.04 -7.84
C PRO E 216 31.05 -23.96 -9.28
N ILE E 217 30.57 -25.10 -9.78
CA ILE E 217 29.97 -25.17 -11.10
C ILE E 217 28.52 -25.61 -11.03
N SER E 218 28.26 -26.77 -10.45
CA SER E 218 26.92 -27.34 -10.49
C SER E 218 26.58 -27.95 -9.15
N SER E 219 25.54 -28.78 -9.14
CA SER E 219 25.15 -29.56 -7.98
C SER E 219 24.29 -30.75 -8.42
N ALA E 224 18.18 -30.59 -10.54
CA ALA E 224 16.79 -30.38 -10.94
C ALA E 224 16.54 -31.05 -12.29
N GLN E 225 15.70 -32.08 -12.27
CA GLN E 225 15.51 -32.92 -13.44
C GLN E 225 14.57 -32.24 -14.44
N GLY E 226 14.96 -32.28 -15.71
CA GLY E 226 14.11 -31.82 -16.78
C GLY E 226 14.30 -30.38 -17.19
N TYR E 227 15.35 -29.72 -16.71
CA TYR E 227 15.53 -28.32 -17.00
C TYR E 227 16.92 -28.07 -17.59
N LEU E 228 17.14 -26.84 -18.02
CA LEU E 228 18.38 -26.50 -18.72
C LEU E 228 19.48 -26.11 -17.75
N ILE E 229 20.66 -26.69 -17.97
CA ILE E 229 21.84 -26.41 -17.17
C ILE E 229 22.95 -26.03 -18.14
N GLY E 230 23.65 -24.94 -17.84
CA GLY E 230 24.74 -24.45 -18.66
C GLY E 230 25.88 -25.45 -18.79
N GLY E 231 26.00 -26.03 -19.97
CA GLY E 231 26.94 -27.10 -20.23
C GLY E 231 26.35 -28.27 -20.97
N ASP E 232 25.08 -28.18 -21.37
CA ASP E 232 24.40 -29.30 -21.99
C ASP E 232 24.86 -29.52 -23.42
N VAL E 233 24.40 -30.62 -23.97
CA VAL E 233 24.54 -30.95 -25.38
C VAL E 233 23.16 -31.30 -25.89
N LEU E 234 22.66 -30.52 -26.85
CA LEU E 234 21.27 -30.63 -27.24
C LEU E 234 21.11 -30.37 -28.73
N ARG E 235 20.02 -30.89 -29.26
CA ARG E 235 19.55 -30.60 -30.61
C ARG E 235 18.56 -29.44 -30.54
N LEU E 236 18.22 -28.89 -31.70
CA LEU E 236 17.33 -27.73 -31.76
C LEU E 236 16.16 -28.09 -32.66
N LEU E 237 15.11 -28.64 -32.04
CA LEU E 237 13.98 -29.21 -32.77
C LEU E 237 13.09 -28.13 -33.39
N HIS E 238 12.53 -28.44 -34.55
CA HIS E 238 11.66 -27.53 -35.30
C HIS E 238 10.23 -28.03 -35.44
N GLY E 239 10.04 -29.31 -35.76
CA GLY E 239 8.71 -29.86 -35.89
C GLY E 239 8.70 -31.37 -35.90
N GLU E 243 12.96 -32.89 -37.63
CA GLU E 243 13.23 -31.59 -38.21
C GLU E 243 14.01 -30.73 -37.21
N CYS E 244 15.28 -30.45 -37.50
CA CYS E 244 16.15 -29.81 -36.52
C CYS E 244 17.26 -29.06 -37.23
N LEU E 245 18.00 -28.28 -36.44
CA LEU E 245 19.09 -27.48 -36.97
C LEU E 245 20.26 -28.37 -37.32
N THR E 246 20.94 -28.06 -38.42
CA THR E 246 21.92 -28.98 -38.98
C THR E 246 23.04 -28.18 -39.63
N VAL E 247 24.19 -28.81 -39.75
CA VAL E 247 25.34 -28.35 -40.51
C VAL E 247 25.65 -29.52 -41.44
N PRO E 248 25.98 -29.33 -42.71
CA PRO E 248 25.92 -30.45 -43.66
C PRO E 248 27.08 -31.43 -43.50
N SER E 249 27.10 -32.40 -44.41
CA SER E 249 28.04 -33.51 -44.32
C SER E 249 29.44 -33.06 -44.73
N GLY E 250 30.41 -33.94 -44.57
CA GLY E 250 31.80 -33.58 -44.75
C GLY E 250 32.26 -33.54 -46.19
N GLU E 251 33.53 -33.90 -46.38
CA GLU E 251 34.21 -33.96 -47.68
C GLU E 251 34.17 -32.62 -48.41
N HIS E 252 34.73 -31.61 -47.76
CA HIS E 252 34.89 -30.28 -48.37
C HIS E 252 36.28 -29.73 -48.11
N GLU E 255 33.65 -25.92 -48.52
CA GLU E 255 32.88 -25.08 -47.61
C GLU E 255 33.55 -24.98 -46.25
N GLN E 256 34.13 -26.11 -45.84
CA GLN E 256 34.37 -26.47 -44.44
C GLN E 256 33.08 -26.41 -43.62
N ARG E 257 31.96 -26.77 -44.25
CA ARG E 257 30.63 -26.92 -43.67
C ARG E 257 30.12 -25.67 -42.97
N ARG E 258 30.58 -24.48 -43.35
CA ARG E 258 30.31 -23.29 -42.55
C ARG E 258 28.91 -22.73 -42.74
N THR E 259 28.08 -23.36 -43.56
CA THR E 259 26.68 -22.99 -43.71
C THR E 259 25.84 -23.68 -42.64
N VAL E 260 24.61 -23.18 -42.47
CA VAL E 260 23.70 -23.66 -41.43
C VAL E 260 22.34 -23.89 -42.07
N HIS E 261 21.76 -25.07 -41.85
CA HIS E 261 20.48 -25.42 -42.45
C HIS E 261 19.50 -25.86 -41.39
N TYR E 262 18.25 -26.02 -41.82
CA TYR E 262 17.24 -26.77 -41.07
C TYR E 262 16.92 -28.00 -41.90
N GLU E 263 16.77 -29.15 -41.25
CA GLU E 263 16.61 -30.36 -42.03
C GLU E 263 15.62 -31.28 -41.33
N GLY E 264 15.40 -32.45 -41.92
CA GLY E 264 14.62 -33.49 -41.32
C GLY E 264 15.20 -34.86 -41.61
N GLY E 265 14.63 -35.87 -40.97
CA GLY E 265 15.02 -37.25 -41.21
C GLY E 265 16.01 -37.82 -40.22
N ALA E 266 16.86 -38.72 -40.69
CA ALA E 266 17.79 -39.44 -39.83
C ALA E 266 18.96 -38.58 -39.37
N VAL E 267 19.14 -37.39 -39.95
CA VAL E 267 20.20 -36.50 -39.48
C VAL E 267 19.84 -35.85 -38.15
N SER E 268 18.60 -36.04 -37.70
CA SER E 268 18.25 -35.74 -36.32
C SER E 268 19.06 -36.55 -35.34
N VAL E 269 19.28 -37.84 -35.64
CA VAL E 269 19.92 -38.73 -34.67
C VAL E 269 21.44 -38.63 -34.76
N HIS E 270 21.97 -38.31 -35.93
CA HIS E 270 23.39 -38.45 -36.20
C HIS E 270 24.20 -37.38 -35.48
N ALA E 271 25.52 -37.47 -35.61
CA ALA E 271 26.44 -36.72 -34.78
C ALA E 271 26.67 -35.30 -35.26
N ARG E 272 26.01 -34.86 -36.32
CA ARG E 272 26.24 -33.50 -36.80
C ARG E 272 25.50 -32.47 -35.96
N SER E 273 24.29 -32.78 -35.53
CA SER E 273 23.39 -31.77 -34.97
C SER E 273 23.58 -31.61 -33.47
N LEU E 274 24.81 -31.40 -33.03
CA LEU E 274 25.09 -31.34 -31.60
C LEU E 274 25.68 -30.00 -31.22
N TRP E 275 25.11 -29.36 -30.20
CA TRP E 275 25.41 -27.99 -29.84
C TRP E 275 25.63 -27.89 -28.35
N ARG E 276 26.73 -27.26 -27.95
CA ARG E 276 27.09 -27.11 -26.55
C ARG E 276 26.99 -25.64 -26.17
N LEU E 277 26.32 -25.35 -25.06
CA LEU E 277 26.16 -23.98 -24.59
C LEU E 277 27.33 -23.64 -23.68
N GLU E 278 27.86 -22.44 -23.81
CA GLU E 278 28.92 -21.97 -22.93
C GLU E 278 28.58 -20.56 -22.49
N THR E 279 28.22 -20.40 -21.22
CA THR E 279 27.79 -19.12 -20.70
C THR E 279 29.01 -18.24 -20.46
N LEU E 280 28.78 -16.93 -20.37
CA LEU E 280 29.88 -15.97 -20.29
C LEU E 280 30.55 -15.96 -18.92
N ARG E 281 29.93 -16.54 -17.90
CA ARG E 281 30.51 -16.53 -16.56
C ARG E 281 31.54 -17.64 -16.43
N VAL E 282 32.52 -17.42 -15.56
CA VAL E 282 33.48 -18.48 -15.25
C VAL E 282 32.97 -19.35 -14.12
N ALA E 283 32.81 -18.77 -12.94
CA ALA E 283 32.22 -19.48 -11.83
C ALA E 283 30.72 -19.59 -12.03
N TRP E 284 30.14 -20.69 -11.54
CA TRP E 284 28.72 -21.03 -11.69
C TRP E 284 28.30 -21.08 -13.16
N SER E 285 29.19 -21.58 -14.01
CA SER E 285 28.84 -21.74 -15.41
C SER E 285 27.95 -22.96 -15.62
N GLY E 286 27.83 -23.82 -14.62
CA GLY E 286 26.90 -24.93 -14.69
C GLY E 286 25.67 -24.68 -13.85
N SER E 287 25.18 -23.45 -13.86
CA SER E 287 23.94 -23.13 -13.16
C SER E 287 22.76 -23.47 -14.07
N HIS E 288 21.56 -23.08 -13.63
CA HIS E 288 20.41 -23.15 -14.51
C HIS E 288 20.54 -22.11 -15.61
N ILE E 289 19.71 -22.25 -16.64
CA ILE E 289 19.72 -21.30 -17.74
C ILE E 289 18.38 -20.57 -17.74
N ARG E 290 18.42 -19.27 -17.49
CA ARG E 290 17.24 -18.42 -17.49
C ARG E 290 17.39 -17.37 -18.58
N TRP E 291 16.27 -16.72 -18.90
CA TRP E 291 16.24 -15.79 -20.02
C TRP E 291 17.04 -14.55 -19.73
N GLY E 292 17.73 -14.06 -20.76
CA GLY E 292 18.48 -12.84 -20.65
C GLY E 292 19.97 -13.00 -20.44
N GLN E 293 20.41 -14.18 -20.03
CA GLN E 293 21.86 -14.26 -19.96
C GLN E 293 22.43 -14.76 -21.28
N PRO E 294 23.54 -14.21 -21.74
CA PRO E 294 24.07 -14.61 -23.04
C PRO E 294 24.92 -15.86 -22.93
N PHE E 295 25.11 -16.51 -24.08
CA PHE E 295 25.84 -17.76 -24.15
C PHE E 295 26.34 -17.99 -25.57
N ARG E 296 27.57 -18.48 -25.68
CA ARG E 296 28.04 -18.96 -26.97
C ARG E 296 27.46 -20.33 -27.25
N LEU E 297 27.25 -20.60 -28.54
CA LEU E 297 26.89 -21.95 -29.00
C LEU E 297 28.08 -22.51 -29.76
N ARG E 298 28.53 -23.68 -29.36
CA ARG E 298 29.64 -24.35 -30.00
C ARG E 298 29.12 -25.55 -30.77
N HIS E 299 29.57 -25.68 -32.01
CA HIS E 299 29.33 -26.92 -32.73
C HIS E 299 30.28 -27.97 -32.20
N VAL E 300 29.73 -29.10 -31.77
CA VAL E 300 30.51 -30.07 -31.02
C VAL E 300 31.35 -30.94 -31.94
N THR E 301 30.76 -31.38 -33.04
CA THR E 301 31.43 -32.28 -33.98
C THR E 301 32.58 -31.58 -34.71
N THR E 302 32.49 -30.26 -34.88
CA THR E 302 33.50 -29.53 -35.61
C THR E 302 34.38 -28.64 -34.75
N GLY E 303 33.87 -28.15 -33.64
CA GLY E 303 34.67 -27.27 -32.81
C GLY E 303 34.74 -25.85 -33.28
N LYS E 304 33.80 -25.40 -34.10
CA LYS E 304 33.75 -24.01 -34.53
C LYS E 304 32.51 -23.33 -33.97
N TYR E 305 32.64 -22.04 -33.71
CA TYR E 305 31.62 -21.27 -32.99
C TYR E 305 30.60 -20.70 -33.96
N LEU E 306 29.33 -20.78 -33.58
CA LEU E 306 28.21 -20.30 -34.38
C LEU E 306 28.14 -18.78 -34.26
N SER E 307 28.67 -18.08 -35.25
CA SER E 307 28.87 -16.64 -35.20
C SER E 307 27.98 -15.95 -36.23
N LEU E 308 27.34 -14.87 -35.80
CA LEU E 308 26.59 -14.01 -36.70
C LEU E 308 27.42 -12.77 -37.01
N MET E 309 27.62 -12.49 -38.29
CA MET E 309 28.03 -11.18 -38.76
C MET E 309 26.86 -10.74 -39.63
N GLU E 310 26.08 -9.76 -39.15
CA GLU E 310 24.81 -9.40 -39.78
C GLU E 310 24.99 -8.81 -41.17
N ASP E 311 26.15 -8.22 -41.45
CA ASP E 311 26.45 -7.80 -42.80
C ASP E 311 26.83 -9.00 -43.66
N LYS E 312 27.74 -9.84 -43.17
CA LYS E 312 28.37 -10.83 -44.04
C LYS E 312 27.53 -12.09 -44.15
N SER E 313 27.40 -12.84 -43.04
CA SER E 313 26.58 -14.06 -42.97
C SER E 313 26.49 -14.64 -41.56
N LEU E 314 25.73 -15.72 -41.43
CA LEU E 314 25.74 -16.56 -40.24
C LEU E 314 26.64 -17.76 -40.50
N LEU E 315 27.83 -17.75 -39.92
CA LEU E 315 28.85 -18.73 -40.23
C LEU E 315 29.38 -19.39 -38.97
N LEU E 316 30.47 -20.12 -39.14
CA LEU E 316 31.15 -20.81 -38.06
C LEU E 316 32.60 -20.34 -38.08
N MET E 317 33.00 -19.60 -37.06
CA MET E 317 34.39 -19.19 -36.99
C MET E 317 35.01 -19.62 -35.66
N ASP E 318 36.34 -19.56 -35.62
CA ASP E 318 37.12 -20.28 -34.63
C ASP E 318 37.08 -19.62 -33.27
N LYS E 319 37.86 -20.16 -32.32
CA LYS E 319 37.91 -19.62 -30.96
C LYS E 319 38.47 -18.21 -30.96
N GLU E 320 39.50 -17.98 -31.76
CA GLU E 320 40.21 -16.70 -31.77
C GLU E 320 39.48 -15.63 -32.56
N LYS E 321 38.27 -15.93 -33.06
CA LYS E 321 37.41 -14.96 -33.72
C LYS E 321 36.05 -14.84 -33.07
N ALA E 322 35.84 -15.46 -31.91
CA ALA E 322 34.52 -15.49 -31.28
C ALA E 322 34.40 -14.30 -30.33
N ASP E 323 33.79 -13.23 -30.82
CA ASP E 323 33.66 -11.99 -30.06
C ASP E 323 32.38 -12.04 -29.24
N VAL E 324 32.36 -11.32 -28.12
CA VAL E 324 31.27 -11.43 -27.15
C VAL E 324 30.01 -10.76 -27.68
N LYS E 325 30.15 -9.77 -28.56
CA LYS E 325 28.98 -9.17 -29.19
C LYS E 325 28.66 -9.80 -30.54
N SER E 326 29.52 -10.69 -31.02
CA SER E 326 29.31 -11.23 -32.36
C SER E 326 28.37 -12.42 -32.35
N THR E 327 28.45 -13.26 -31.32
CA THR E 327 27.79 -14.54 -31.34
C THR E 327 27.03 -14.89 -30.07
N ALA E 328 27.14 -14.11 -29.00
CA ALA E 328 26.44 -14.44 -27.77
C ALA E 328 24.97 -14.11 -27.94
N PHE E 329 24.19 -15.10 -28.36
CA PHE E 329 22.76 -14.95 -28.56
C PHE E 329 22.03 -15.23 -27.26
N THR E 330 20.74 -14.92 -27.25
CA THR E 330 19.87 -15.27 -26.13
C THR E 330 18.50 -15.61 -26.70
N PHE E 331 17.79 -16.49 -26.01
CA PHE E 331 16.43 -16.85 -26.38
C PHE E 331 15.50 -15.95 -25.59
N ARG E 332 14.33 -15.69 -26.14
CA ARG E 332 13.27 -15.00 -25.43
C ARG E 332 11.97 -15.78 -25.58
N SER E 333 11.15 -15.75 -24.52
CA SER E 333 9.86 -16.41 -24.55
C SER E 333 8.93 -15.75 -25.57
N SER E 334 8.88 -14.43 -25.57
CA SER E 334 8.17 -13.70 -26.60
C SER E 334 9.13 -13.45 -27.77
N LYS E 335 8.63 -12.85 -28.83
CA LYS E 335 9.46 -12.50 -29.99
C LYS E 335 9.61 -10.99 -30.12
N GLU E 336 9.63 -10.29 -29.00
CA GLU E 336 9.88 -8.86 -29.02
C GLU E 336 11.35 -8.61 -28.71
N ARG E 343 16.73 -11.02 -15.18
CA ARG E 343 17.89 -10.88 -14.31
C ARG E 343 19.17 -10.91 -15.12
N LYS E 344 20.30 -10.70 -14.45
CA LYS E 344 21.61 -10.65 -15.08
C LYS E 344 22.57 -11.69 -14.53
N GLU E 345 22.68 -11.80 -13.21
CA GLU E 345 23.58 -12.77 -12.60
C GLU E 345 23.10 -13.09 -11.20
N VAL E 346 22.90 -14.38 -10.93
CA VAL E 346 22.57 -14.87 -9.59
C VAL E 346 23.63 -15.88 -9.20
N ASP E 347 24.22 -15.69 -8.02
CA ASP E 347 25.30 -16.57 -7.55
C ASP E 347 24.69 -17.81 -6.89
N GLY E 348 24.42 -18.79 -7.73
CA GLY E 348 23.88 -20.05 -7.27
C GLY E 348 23.62 -20.91 -8.48
N MET E 349 22.96 -22.05 -8.27
CA MET E 349 22.55 -22.84 -9.42
C MET E 349 21.16 -22.45 -9.90
N GLY E 350 20.56 -21.42 -9.28
CA GLY E 350 19.34 -20.83 -9.78
C GLY E 350 18.12 -21.69 -9.54
N THR E 351 17.05 -21.37 -10.26
CA THR E 351 15.85 -22.19 -10.25
C THR E 351 15.48 -22.65 -11.64
N SER E 352 14.46 -23.49 -11.69
CA SER E 352 14.06 -24.21 -12.90
C SER E 352 13.33 -23.27 -13.85
N GLU E 353 13.93 -22.99 -15.01
CA GLU E 353 13.32 -22.09 -15.97
C GLU E 353 12.67 -22.81 -17.13
N ILE E 354 13.43 -23.58 -17.91
CA ILE E 354 13.01 -24.07 -19.21
C ILE E 354 12.92 -25.58 -19.18
N LYS E 355 11.71 -26.11 -19.28
CA LYS E 355 11.57 -27.53 -19.51
C LYS E 355 11.78 -27.80 -21.00
N TYR E 356 12.00 -29.05 -21.37
CA TYR E 356 12.60 -29.38 -22.68
C TYR E 356 11.57 -29.44 -23.80
N GLY E 357 10.51 -30.23 -23.63
CA GLY E 357 9.52 -30.37 -24.68
C GLY E 357 8.53 -29.22 -24.77
N ASP E 358 8.28 -28.54 -23.67
CA ASP E 358 7.33 -27.42 -23.62
C ASP E 358 8.11 -26.10 -23.58
N SER E 359 8.55 -25.67 -24.75
CA SER E 359 9.40 -24.49 -24.85
C SER E 359 9.30 -23.94 -26.26
N VAL E 360 9.30 -22.61 -26.36
CA VAL E 360 9.41 -21.92 -27.64
C VAL E 360 10.53 -20.90 -27.49
N CYS E 361 11.74 -21.31 -27.85
CA CYS E 361 12.93 -20.50 -27.68
C CYS E 361 13.15 -19.72 -28.97
N PHE E 362 12.96 -18.41 -28.90
CA PHE E 362 13.15 -17.52 -30.03
C PHE E 362 14.53 -16.90 -29.93
N ILE E 363 15.36 -17.13 -30.93
CA ILE E 363 16.76 -16.74 -30.86
C ILE E 363 16.91 -15.29 -31.28
N GLN E 364 17.74 -14.55 -30.55
CA GLN E 364 17.88 -13.12 -30.77
C GLN E 364 19.27 -12.69 -30.34
N HIS E 365 19.91 -11.88 -31.16
CA HIS E 365 21.26 -11.44 -30.86
C HIS E 365 21.25 -10.33 -29.82
N ILE E 366 22.44 -10.02 -29.29
CA ILE E 366 22.64 -8.87 -28.42
C ILE E 366 22.95 -7.61 -29.24
N GLY E 367 23.92 -7.68 -30.14
CA GLY E 367 24.33 -6.50 -30.89
C GLY E 367 23.34 -6.04 -31.94
N THR E 368 22.62 -6.96 -32.57
CA THR E 368 21.65 -6.60 -33.60
C THR E 368 20.21 -6.79 -33.14
N GLY E 369 19.91 -7.84 -32.40
CA GLY E 369 18.56 -8.06 -31.97
C GLY E 369 17.64 -8.65 -33.01
N LEU E 370 18.18 -9.27 -34.05
CA LEU E 370 17.38 -9.85 -35.12
C LEU E 370 16.76 -11.17 -34.66
N TRP E 371 16.19 -11.90 -35.61
CA TRP E 371 15.51 -13.16 -35.33
C TRP E 371 15.87 -14.17 -36.41
N LEU E 372 16.58 -15.23 -36.02
CA LEU E 372 17.01 -16.27 -36.95
C LEU E 372 15.81 -17.04 -37.46
N THR E 373 15.38 -16.77 -38.68
CA THR E 373 14.33 -17.57 -39.28
C THR E 373 14.85 -18.27 -40.50
N TYR E 374 14.14 -19.33 -40.88
CA TYR E 374 14.50 -20.09 -42.06
C TYR E 374 14.14 -19.31 -43.31
N GLN E 375 14.99 -19.46 -44.32
CA GLN E 375 14.71 -18.91 -45.64
C GLN E 375 13.82 -19.86 -46.42
N SER E 376 13.71 -19.62 -47.72
CA SER E 376 12.85 -20.42 -48.56
C SER E 376 13.64 -21.00 -49.73
N SER E 386 17.80 -32.23 -50.92
CA SER E 386 17.90 -31.84 -49.53
C SER E 386 16.80 -30.88 -49.12
N ILE E 387 16.65 -30.67 -47.83
CA ILE E 387 15.77 -29.64 -47.28
C ILE E 387 16.68 -28.51 -46.81
N GLN E 388 16.66 -27.39 -47.52
CA GLN E 388 17.67 -26.36 -47.36
C GLN E 388 17.06 -25.02 -46.93
N ARG E 389 16.19 -25.05 -45.93
CA ARG E 389 15.64 -23.82 -45.35
C ARG E 389 16.75 -23.17 -44.52
N LYS E 390 17.59 -22.41 -45.20
CA LYS E 390 18.80 -21.87 -44.60
C LYS E 390 18.44 -20.76 -43.61
N ALA E 391 19.04 -20.82 -42.42
CA ALA E 391 18.76 -19.84 -41.39
C ALA E 391 19.42 -18.51 -41.69
N ILE E 392 18.64 -17.44 -41.63
CA ILE E 392 19.12 -16.07 -41.82
C ILE E 392 18.40 -15.20 -40.80
N MET E 393 19.16 -14.31 -40.16
CA MET E 393 18.60 -13.36 -39.20
C MET E 393 17.75 -12.32 -39.93
N HIS E 394 16.43 -12.43 -39.77
CA HIS E 394 15.44 -11.51 -40.32
C HIS E 394 15.07 -10.51 -39.23
N HIS E 395 14.33 -9.46 -39.60
CA HIS E 395 13.94 -8.46 -38.60
C HIS E 395 12.65 -8.83 -37.88
N GLU E 396 11.79 -9.63 -38.50
CA GLU E 396 10.57 -10.09 -37.83
C GLU E 396 10.54 -11.61 -37.67
N GLY E 397 10.76 -12.36 -38.74
CA GLY E 397 10.59 -13.80 -38.71
C GLY E 397 9.13 -14.19 -38.72
N HIS E 398 8.91 -15.48 -38.95
CA HIS E 398 7.59 -16.06 -39.00
C HIS E 398 7.26 -16.64 -37.64
N MET E 399 6.17 -17.40 -37.55
CA MET E 399 5.74 -18.00 -36.30
C MET E 399 6.34 -19.38 -36.06
N ASP E 400 7.50 -19.68 -36.61
CA ASP E 400 8.14 -20.97 -36.43
C ASP E 400 9.54 -20.84 -35.84
N ASP E 401 9.88 -19.68 -35.30
CA ASP E 401 11.17 -19.50 -34.64
C ASP E 401 11.13 -19.88 -33.17
N GLY E 402 10.04 -20.44 -32.69
CA GLY E 402 9.99 -21.03 -31.38
C GLY E 402 10.52 -22.44 -31.42
N LEU E 403 11.82 -22.59 -31.60
CA LEU E 403 12.43 -23.90 -31.72
C LEU E 403 12.41 -24.62 -30.40
N ASN E 404 11.84 -25.82 -30.41
CA ASN E 404 11.81 -26.63 -29.20
C ASN E 404 13.18 -27.26 -28.97
N LEU E 405 13.35 -27.87 -27.81
CA LEU E 405 14.66 -28.37 -27.42
C LEU E 405 14.61 -29.86 -27.07
N SER E 406 15.78 -30.48 -27.16
CA SER E 406 15.96 -31.89 -26.84
C SER E 406 17.40 -32.10 -26.42
N ARG E 407 17.62 -32.29 -25.12
CA ARG E 407 18.95 -32.58 -24.60
C ARG E 407 19.35 -33.98 -25.02
N SER E 408 20.66 -34.22 -25.08
CA SER E 408 21.16 -35.53 -25.44
C SER E 408 21.62 -36.26 -24.18
N GLN E 409 22.10 -37.47 -24.37
CA GLN E 409 22.58 -38.29 -23.27
C GLN E 409 24.10 -38.26 -23.24
N HIS E 410 24.67 -38.82 -22.17
CA HIS E 410 26.09 -38.66 -21.90
C HIS E 410 26.96 -39.41 -22.89
N GLU E 411 26.50 -40.58 -23.33
CA GLU E 411 27.31 -41.37 -24.26
C GLU E 411 27.38 -40.74 -25.64
N GLU E 412 26.33 -40.04 -26.07
CA GLU E 412 26.37 -39.38 -27.37
C GLU E 412 27.37 -38.24 -27.36
N SER E 413 27.35 -37.43 -26.30
CA SER E 413 28.32 -36.35 -26.19
C SER E 413 29.74 -36.88 -26.00
N ARG E 414 29.87 -38.03 -25.34
CA ARG E 414 31.18 -38.65 -25.17
C ARG E 414 31.75 -39.10 -26.52
N THR E 415 30.91 -39.70 -27.36
CA THR E 415 31.33 -39.99 -28.73
C THR E 415 31.63 -38.73 -29.50
N ALA E 416 30.83 -37.69 -29.26
CA ALA E 416 30.89 -36.48 -30.07
C ALA E 416 32.20 -35.76 -29.87
N ARG E 417 32.65 -35.64 -28.62
CA ARG E 417 33.91 -34.96 -28.38
C ARG E 417 35.09 -35.77 -28.88
N VAL E 418 35.04 -37.09 -28.72
CA VAL E 418 36.18 -37.90 -29.13
C VAL E 418 36.28 -38.03 -30.63
N ILE E 419 35.18 -37.83 -31.36
CA ILE E 419 35.22 -37.79 -32.82
C ILE E 419 36.13 -36.66 -33.29
N ARG E 420 35.87 -35.45 -32.79
CA ARG E 420 36.64 -34.31 -33.22
C ARG E 420 38.05 -34.36 -32.67
N SER E 421 38.21 -34.92 -31.47
CA SER E 421 39.55 -35.05 -30.90
C SER E 421 40.41 -35.99 -31.71
N THR E 422 39.83 -37.02 -32.30
CA THR E 422 40.62 -37.88 -33.17
C THR E 422 40.77 -37.31 -34.57
N VAL E 423 39.78 -36.55 -35.04
CA VAL E 423 39.86 -35.93 -36.36
C VAL E 423 41.00 -34.94 -36.42
N PHE E 424 41.13 -34.12 -35.38
CA PHE E 424 42.18 -33.11 -35.40
C PHE E 424 43.56 -33.69 -35.19
N LEU E 425 43.66 -34.94 -34.75
CA LEU E 425 44.97 -35.56 -34.70
C LEU E 425 45.28 -36.33 -35.97
N PHE E 426 44.26 -36.94 -36.56
CA PHE E 426 44.47 -37.64 -37.83
C PHE E 426 44.83 -36.68 -38.94
N ASN E 427 44.26 -35.48 -38.92
CA ASN E 427 44.59 -34.53 -39.98
C ASN E 427 46.01 -34.00 -39.80
N ARG E 428 46.46 -33.84 -38.56
CA ARG E 428 47.86 -33.49 -38.30
C ARG E 428 48.79 -34.59 -38.76
N PHE E 429 48.43 -35.85 -38.53
CA PHE E 429 49.16 -36.99 -39.06
C PHE E 429 49.22 -37.00 -40.57
N ILE E 430 48.10 -36.70 -41.23
CA ILE E 430 48.05 -36.72 -42.69
C ILE E 430 48.93 -35.62 -43.27
N ARG E 431 48.88 -34.42 -42.70
CA ARG E 431 49.66 -33.32 -43.26
C ARG E 431 51.15 -33.47 -42.91
N GLY E 432 51.46 -34.09 -41.78
CA GLY E 432 52.84 -34.36 -41.47
C GLY E 432 53.41 -35.48 -42.32
N LEU E 433 52.55 -36.37 -42.79
CA LEU E 433 53.01 -37.39 -43.70
C LEU E 433 53.13 -36.88 -45.13
N ASP E 434 52.27 -35.96 -45.54
CA ASP E 434 52.37 -35.39 -46.87
C ASP E 434 53.47 -34.35 -46.97
N ALA E 435 53.88 -33.77 -45.84
CA ALA E 435 55.01 -32.83 -45.87
C ALA E 435 56.30 -33.55 -46.22
N LEU E 436 56.49 -34.75 -45.69
CA LEU E 436 57.65 -35.58 -46.02
C LEU E 436 57.48 -36.32 -47.34
N SER E 437 56.36 -36.11 -48.04
CA SER E 437 56.21 -36.65 -49.38
C SER E 437 56.89 -35.78 -50.42
N LYS E 438 57.52 -34.68 -50.01
CA LYS E 438 58.32 -33.85 -50.89
C LYS E 438 59.70 -34.48 -51.09
N LYS E 439 60.63 -33.70 -51.66
CA LYS E 439 61.99 -34.19 -51.83
C LYS E 439 62.67 -34.33 -50.48
N ALA E 440 62.81 -33.21 -49.75
CA ALA E 440 63.44 -33.24 -48.44
C ALA E 440 62.91 -32.07 -47.63
N LYS E 441 61.95 -32.33 -46.74
CA LYS E 441 61.56 -31.35 -45.74
C LYS E 441 62.53 -31.35 -44.56
N ALA E 442 62.70 -32.51 -43.92
CA ALA E 442 63.78 -32.87 -43.01
C ALA E 442 63.82 -32.03 -41.73
N SER E 443 62.86 -31.15 -41.52
CA SER E 443 62.79 -30.32 -40.33
C SER E 443 61.37 -30.15 -39.81
N THR E 444 60.37 -30.78 -40.45
CA THR E 444 58.98 -30.56 -40.10
C THR E 444 58.70 -31.20 -38.75
N VAL E 445 58.29 -30.35 -37.80
CA VAL E 445 58.03 -30.80 -36.43
C VAL E 445 56.59 -31.28 -36.28
N ASP E 446 55.69 -30.89 -37.20
CA ASP E 446 54.29 -31.29 -37.14
C ASP E 446 54.14 -32.76 -37.56
N LEU E 447 54.62 -33.64 -36.68
CA LEU E 447 54.53 -35.08 -36.90
C LEU E 447 54.47 -35.74 -35.53
N PRO E 448 53.27 -35.87 -34.96
CA PRO E 448 53.16 -36.55 -33.66
C PRO E 448 53.16 -38.06 -33.85
N ILE E 449 53.83 -38.74 -32.94
CA ILE E 449 53.90 -40.19 -33.02
C ILE E 449 53.38 -40.79 -31.72
N GLU E 450 53.99 -40.40 -30.61
CA GLU E 450 53.57 -40.93 -29.32
C GLU E 450 52.21 -40.41 -28.89
N SER E 451 51.75 -39.33 -29.50
CA SER E 451 50.38 -38.89 -29.24
C SER E 451 49.39 -39.59 -30.15
N VAL E 452 49.83 -40.20 -31.24
CA VAL E 452 48.94 -40.91 -32.13
C VAL E 452 48.93 -42.40 -31.84
N SER E 453 50.12 -42.99 -31.66
CA SER E 453 50.22 -44.39 -31.32
C SER E 453 49.62 -44.71 -29.97
N LEU E 454 49.52 -43.73 -29.08
CA LEU E 454 48.74 -43.91 -27.87
C LEU E 454 47.26 -43.89 -28.19
N SER E 455 46.82 -42.98 -29.05
CA SER E 455 45.41 -42.77 -29.30
C SER E 455 44.76 -43.95 -30.01
N LEU E 456 45.52 -44.71 -30.78
CA LEU E 456 44.95 -45.87 -31.44
C LEU E 456 44.55 -46.95 -30.45
N GLN E 457 45.33 -47.14 -29.41
CA GLN E 457 44.93 -48.12 -28.41
C GLN E 457 43.74 -47.64 -27.61
N ASP E 458 43.60 -46.32 -27.44
CA ASP E 458 42.42 -45.82 -26.76
C ASP E 458 41.18 -46.00 -27.61
N LEU E 459 41.29 -45.85 -28.93
CA LEU E 459 40.13 -46.11 -29.77
C LEU E 459 39.81 -47.59 -29.90
N ILE E 460 40.83 -48.45 -29.92
CA ILE E 460 40.60 -49.88 -29.91
C ILE E 460 39.87 -50.29 -28.64
N GLY E 461 40.35 -49.81 -27.49
CA GLY E 461 39.68 -50.08 -26.24
C GLY E 461 38.32 -49.43 -26.13
N TYR E 462 38.09 -48.34 -26.86
CA TYR E 462 36.77 -47.74 -26.86
C TYR E 462 35.78 -48.55 -27.67
N PHE E 463 36.21 -49.15 -28.76
CA PHE E 463 35.30 -49.91 -29.61
C PHE E 463 35.36 -51.40 -29.29
N HIS E 464 35.66 -51.74 -28.07
CA HIS E 464 35.93 -53.13 -27.74
C HIS E 464 34.63 -53.89 -27.59
N PRO E 465 34.53 -55.11 -28.13
CA PRO E 465 33.31 -55.88 -27.95
C PRO E 465 33.23 -56.42 -26.53
N PRO E 466 32.03 -56.59 -25.99
CA PRO E 466 31.93 -57.14 -24.64
C PRO E 466 32.23 -58.62 -24.64
N ASP E 467 32.65 -59.11 -23.48
CA ASP E 467 33.14 -60.47 -23.39
C ASP E 467 31.98 -61.46 -23.30
N GLU E 468 32.31 -62.70 -22.93
CA GLU E 468 31.25 -63.66 -22.66
C GLU E 468 30.83 -63.62 -21.20
N HIS E 469 31.80 -63.49 -20.30
CA HIS E 469 31.51 -63.64 -18.88
C HIS E 469 30.80 -62.40 -18.35
N LEU E 470 29.52 -62.29 -18.66
CA LEU E 470 28.78 -61.09 -18.34
C LEU E 470 27.31 -61.45 -18.24
N GLU E 471 26.60 -60.70 -17.41
CA GLU E 471 25.18 -60.92 -17.20
C GLU E 471 24.38 -60.44 -18.40
N HIS E 472 23.26 -61.09 -18.65
CA HIS E 472 22.52 -60.82 -19.87
C HIS E 472 21.64 -59.59 -19.78
N GLU E 473 21.64 -58.88 -18.67
CA GLU E 473 20.95 -57.60 -18.63
C GLU E 473 21.89 -56.45 -18.93
N ASP E 474 23.20 -56.66 -18.86
CA ASP E 474 24.15 -55.61 -19.20
C ASP E 474 24.92 -55.92 -20.46
N LYS E 475 24.96 -57.19 -20.87
CA LYS E 475 25.56 -57.53 -22.15
C LYS E 475 24.81 -56.89 -23.29
N GLN E 476 23.47 -56.86 -23.20
CA GLN E 476 22.68 -56.13 -24.19
C GLN E 476 22.93 -54.64 -24.15
N ASN E 477 23.14 -54.08 -22.97
CA ASN E 477 23.44 -52.65 -22.88
C ASN E 477 24.76 -52.31 -23.52
N ARG E 478 25.80 -53.10 -23.24
CA ARG E 478 27.09 -52.81 -23.82
C ARG E 478 27.10 -53.09 -25.32
N LEU E 479 26.36 -54.09 -25.78
CA LEU E 479 26.25 -54.35 -27.21
C LEU E 479 25.56 -53.21 -27.94
N ARG E 480 24.47 -52.71 -27.36
CA ARG E 480 23.74 -51.59 -27.94
C ARG E 480 24.58 -50.32 -27.96
N ALA E 481 25.33 -50.07 -26.89
CA ALA E 481 26.21 -48.92 -26.86
C ALA E 481 27.33 -49.04 -27.87
N LEU E 482 27.87 -50.24 -28.08
CA LEU E 482 28.90 -50.43 -29.10
C LEU E 482 28.36 -50.17 -30.49
N LYS E 483 27.15 -50.65 -30.79
CA LYS E 483 26.57 -50.37 -32.10
C LYS E 483 26.27 -48.90 -32.30
N ASN E 484 25.85 -48.21 -31.24
CA ASN E 484 25.64 -46.77 -31.35
C ASN E 484 26.94 -46.04 -31.65
N ARG E 485 28.04 -46.44 -30.99
CA ARG E 485 29.32 -45.81 -31.26
C ARG E 485 29.80 -46.08 -32.68
N GLN E 486 29.58 -47.31 -33.17
CA GLN E 486 29.94 -47.63 -34.55
C GLN E 486 29.16 -46.82 -35.57
N ASN E 487 27.86 -46.61 -35.34
CA ASN E 487 27.09 -45.82 -36.28
C ASN E 487 27.45 -44.34 -36.26
N LEU E 488 27.66 -43.78 -35.08
CA LEU E 488 28.09 -42.39 -35.02
C LEU E 488 29.48 -42.18 -35.56
N PHE E 489 30.35 -43.18 -35.52
CA PHE E 489 31.62 -43.05 -36.23
C PHE E 489 31.46 -43.28 -37.73
N GLN E 490 30.43 -44.02 -38.14
CA GLN E 490 30.20 -44.21 -39.56
C GLN E 490 29.76 -42.93 -40.23
N GLU E 491 28.85 -42.20 -39.58
CA GLU E 491 28.17 -41.10 -40.25
C GLU E 491 29.11 -39.93 -40.53
N GLU E 492 30.20 -39.82 -39.80
CA GLU E 492 31.14 -38.77 -40.13
C GLU E 492 32.26 -39.24 -41.02
N GLY E 493 32.27 -40.51 -41.39
CA GLY E 493 33.21 -40.98 -42.38
C GLY E 493 34.59 -41.25 -41.87
N MET E 494 34.71 -41.66 -40.59
CA MET E 494 36.02 -41.96 -40.02
C MET E 494 36.65 -43.19 -40.64
N ILE E 495 35.82 -44.07 -41.23
CA ILE E 495 36.33 -45.16 -42.03
C ILE E 495 37.20 -44.64 -43.15
N ASN E 496 36.72 -43.63 -43.87
CA ASN E 496 37.51 -43.01 -44.92
C ASN E 496 38.71 -42.27 -44.35
N LEU E 497 38.54 -41.71 -43.14
CA LEU E 497 39.62 -40.95 -42.53
C LEU E 497 40.76 -41.84 -42.06
N VAL E 498 40.50 -43.15 -41.87
CA VAL E 498 41.61 -44.04 -41.59
C VAL E 498 42.06 -44.73 -42.87
N LEU E 499 41.17 -44.83 -43.87
CA LEU E 499 41.55 -45.37 -45.17
C LEU E 499 42.57 -44.50 -45.84
N GLU E 500 42.48 -43.18 -45.62
CA GLU E 500 43.48 -42.28 -46.19
C GLU E 500 44.85 -42.48 -45.56
N CYS E 501 44.90 -42.73 -44.24
CA CYS E 501 46.19 -43.01 -43.62
C CYS E 501 46.75 -44.34 -44.08
N ILE E 502 45.88 -45.30 -44.37
CA ILE E 502 46.37 -46.55 -44.95
C ILE E 502 46.89 -46.31 -46.36
N ASP E 503 46.24 -45.44 -47.14
CA ASP E 503 46.74 -45.05 -48.44
C ASP E 503 48.12 -44.42 -48.34
N ARG E 504 48.30 -43.54 -47.36
CA ARG E 504 49.56 -42.83 -47.27
C ARG E 504 50.69 -43.71 -46.77
N LEU E 505 50.44 -44.53 -45.76
CA LEU E 505 51.54 -45.18 -45.07
C LEU E 505 52.11 -46.36 -45.81
N HIS E 506 51.43 -46.88 -46.83
CA HIS E 506 51.91 -48.06 -47.53
C HIS E 506 52.81 -47.66 -48.70
N VAL E 507 53.88 -46.95 -48.36
CA VAL E 507 54.89 -46.54 -49.32
C VAL E 507 56.16 -47.37 -49.18
N TYR E 508 56.69 -47.47 -47.97
CA TYR E 508 58.01 -48.02 -47.76
C TYR E 508 57.90 -49.49 -47.38
N SER E 509 59.04 -50.06 -46.98
CA SER E 509 59.03 -51.34 -46.30
C SER E 509 60.09 -51.41 -45.22
N SER E 510 60.70 -50.27 -44.89
CA SER E 510 61.87 -50.15 -44.00
C SER E 510 63.00 -51.17 -44.22
N VAL E 517 62.18 -44.48 -45.12
CA VAL E 517 60.91 -43.89 -44.73
C VAL E 517 61.11 -42.38 -44.59
N ALA E 518 61.68 -42.01 -43.46
CA ALA E 518 61.81 -40.63 -43.03
C ALA E 518 63.05 -40.59 -42.14
N GLY E 519 63.08 -39.61 -41.24
CA GLY E 519 63.98 -39.69 -40.11
C GLY E 519 63.67 -40.98 -39.38
N ARG E 520 64.58 -41.94 -39.53
CA ARG E 520 64.33 -43.35 -39.26
C ARG E 520 64.67 -43.74 -37.84
N GLU E 521 64.50 -42.82 -36.88
CA GLU E 521 64.54 -43.22 -35.48
C GLU E 521 63.22 -42.91 -34.78
N ALA E 522 62.63 -41.75 -35.06
CA ALA E 522 61.32 -41.43 -34.54
C ALA E 522 60.24 -42.31 -35.18
N GLY E 523 60.32 -42.51 -36.49
CA GLY E 523 59.46 -43.44 -37.20
C GLY E 523 60.01 -44.85 -37.22
N GLU E 524 60.44 -45.33 -36.05
CA GLU E 524 60.85 -46.71 -35.90
C GLU E 524 59.66 -47.63 -35.71
N SER E 525 58.55 -47.11 -35.17
CA SER E 525 57.39 -47.92 -34.82
C SER E 525 56.36 -47.99 -35.93
N TRP E 526 56.78 -47.74 -37.17
CA TRP E 526 55.85 -47.60 -38.28
C TRP E 526 55.09 -48.87 -38.57
N LYS E 527 55.75 -50.03 -38.43
CA LYS E 527 55.02 -51.28 -38.54
C LYS E 527 54.01 -51.42 -37.42
N SER E 528 54.43 -51.11 -36.19
CA SER E 528 53.55 -51.32 -35.05
C SER E 528 52.44 -50.29 -35.00
N ILE E 529 52.60 -49.17 -35.70
CA ILE E 529 51.46 -48.30 -35.93
C ILE E 529 50.53 -48.94 -36.95
N LEU E 530 51.10 -49.41 -38.06
CA LEU E 530 50.30 -49.84 -39.20
C LEU E 530 49.50 -51.08 -38.89
N ASN E 531 50.12 -52.05 -38.23
CA ASN E 531 49.41 -53.22 -37.75
C ASN E 531 48.35 -52.84 -36.74
N SER E 532 48.58 -51.80 -35.95
CA SER E 532 47.55 -51.34 -35.04
C SER E 532 46.51 -50.51 -35.77
N LEU E 533 46.81 -50.04 -36.98
CA LEU E 533 45.84 -49.26 -37.73
C LEU E 533 44.74 -50.13 -38.30
N TYR E 534 45.13 -51.20 -38.99
CA TYR E 534 44.19 -52.14 -39.59
C TYR E 534 43.26 -52.73 -38.56
N GLU E 535 43.78 -52.96 -37.35
CA GLU E 535 43.00 -53.44 -36.23
C GLU E 535 41.83 -52.53 -35.91
N LEU E 536 42.05 -51.21 -35.96
CA LEU E 536 40.96 -50.26 -35.76
C LEU E 536 39.92 -50.42 -36.85
N LEU E 537 40.36 -50.66 -38.08
CA LEU E 537 39.44 -50.89 -39.17
C LEU E 537 38.63 -52.16 -38.96
N ALA E 538 39.18 -53.13 -38.23
CA ALA E 538 38.39 -54.31 -37.96
C ALA E 538 37.35 -54.06 -36.90
N ALA E 539 37.51 -53.03 -36.08
CA ALA E 539 36.55 -52.84 -35.01
C ALA E 539 35.37 -52.00 -35.45
N LEU E 540 35.55 -51.14 -36.44
CA LEU E 540 34.44 -50.30 -36.85
C LEU E 540 33.41 -51.01 -37.69
N ILE E 541 33.73 -52.18 -38.23
CA ILE E 541 32.84 -52.78 -39.22
C ILE E 541 32.31 -54.10 -38.68
N ARG E 542 32.67 -54.45 -37.45
CA ARG E 542 32.44 -55.81 -36.98
C ARG E 542 30.97 -56.12 -36.77
N GLY E 543 30.22 -55.21 -36.16
CA GLY E 543 28.83 -55.49 -35.91
C GLY E 543 27.90 -55.05 -37.01
N ASN E 544 28.02 -53.80 -37.42
CA ASN E 544 27.01 -53.15 -38.27
C ASN E 544 27.08 -53.64 -39.70
N ARG E 545 26.00 -54.26 -40.14
CA ARG E 545 25.78 -54.53 -41.55
C ARG E 545 25.62 -53.23 -42.33
N LYS E 546 25.10 -52.20 -41.66
CA LYS E 546 25.04 -50.86 -42.24
C LYS E 546 26.44 -50.32 -42.51
N ASN E 547 27.38 -50.59 -41.60
CA ASN E 547 28.78 -50.27 -41.90
C ASN E 547 29.31 -51.08 -43.06
N CYS E 548 28.93 -52.35 -43.14
CA CYS E 548 29.52 -53.22 -44.14
C CYS E 548 29.05 -52.86 -45.53
N ALA E 549 27.83 -52.33 -45.66
CA ALA E 549 27.35 -51.92 -46.96
C ALA E 549 28.11 -50.71 -47.49
N GLN E 550 28.55 -49.82 -46.62
CA GLN E 550 29.33 -48.66 -47.04
C GLN E 550 30.77 -49.00 -47.32
N PHE E 551 31.20 -50.19 -46.93
CA PHE E 551 32.55 -50.65 -47.22
C PHE E 551 32.53 -51.64 -48.39
N SER E 552 31.50 -51.55 -49.22
CA SER E 552 31.39 -52.45 -50.36
C SER E 552 32.43 -52.13 -51.42
N GLY E 553 32.50 -50.86 -51.82
CA GLY E 553 33.23 -50.49 -53.02
C GLY E 553 34.73 -50.59 -52.92
N SER E 554 35.29 -50.45 -51.72
CA SER E 554 36.74 -50.36 -51.65
C SER E 554 37.41 -51.69 -51.36
N LEU E 555 36.71 -52.81 -51.55
CA LEU E 555 37.31 -54.11 -51.25
C LEU E 555 38.40 -54.47 -52.26
N ASP E 556 38.23 -54.03 -53.51
CA ASP E 556 39.20 -54.34 -54.56
C ASP E 556 40.56 -53.74 -54.27
N TRP E 557 40.58 -52.54 -53.70
CA TRP E 557 41.84 -51.94 -53.30
C TRP E 557 42.46 -52.67 -52.12
N LEU E 558 41.63 -53.24 -51.24
CA LEU E 558 42.16 -54.00 -50.12
C LEU E 558 42.83 -55.28 -50.61
N ILE E 559 42.19 -56.00 -51.53
CA ILE E 559 42.85 -57.18 -52.06
C ILE E 559 44.00 -56.80 -52.99
N SER E 560 44.04 -55.57 -53.47
CA SER E 560 45.26 -55.09 -54.13
C SER E 560 46.39 -54.97 -53.13
N ARG E 561 46.11 -54.41 -51.96
CA ARG E 561 47.12 -54.32 -50.91
C ARG E 561 47.39 -55.64 -50.22
N LEU E 562 46.62 -56.70 -50.54
CA LEU E 562 46.82 -58.00 -49.92
C LEU E 562 48.17 -58.62 -50.27
N GLU E 563 48.80 -58.18 -51.35
CA GLU E 563 50.13 -58.65 -51.69
C GLU E 563 51.23 -57.84 -51.03
N ARG E 564 50.92 -57.02 -50.03
CA ARG E 564 51.97 -56.26 -49.38
C ARG E 564 52.78 -57.14 -48.45
N LEU E 565 52.11 -58.13 -47.84
CA LEU E 565 52.72 -59.23 -47.09
C LEU E 565 53.54 -58.78 -45.89
N GLU E 566 53.30 -57.59 -45.41
CA GLU E 566 53.89 -57.07 -44.19
C GLU E 566 52.82 -56.75 -43.16
N ALA E 567 51.63 -56.39 -43.62
CA ALA E 567 50.47 -56.19 -42.76
C ALA E 567 49.28 -56.99 -43.30
N SER E 568 49.55 -58.19 -43.83
CA SER E 568 48.50 -59.03 -44.37
C SER E 568 47.60 -59.60 -43.29
N SER E 569 48.08 -59.69 -42.05
CA SER E 569 47.25 -60.13 -40.95
C SER E 569 46.10 -59.18 -40.69
N GLY E 570 46.31 -57.89 -40.88
CA GLY E 570 45.23 -56.96 -40.69
C GLY E 570 44.25 -57.03 -41.84
N ILE E 571 44.77 -57.21 -43.05
CA ILE E 571 43.91 -57.21 -44.23
C ILE E 571 43.03 -58.44 -44.25
N LEU E 572 43.58 -59.59 -43.84
CA LEU E 572 42.80 -60.81 -43.86
C LEU E 572 41.72 -60.77 -42.80
N GLU E 573 42.04 -60.20 -41.64
CA GLU E 573 41.04 -60.02 -40.59
C GLU E 573 39.94 -59.07 -41.01
N VAL E 574 40.29 -57.96 -41.67
CA VAL E 574 39.27 -57.00 -42.10
C VAL E 574 38.36 -57.61 -43.14
N LEU E 575 38.94 -58.35 -44.09
CA LEU E 575 38.14 -58.97 -45.13
C LEU E 575 37.25 -60.07 -44.57
N HIS E 576 37.76 -60.87 -43.64
CA HIS E 576 36.94 -61.91 -43.04
C HIS E 576 35.86 -61.32 -42.16
N CYS E 577 36.10 -60.16 -41.58
CA CYS E 577 35.14 -59.49 -40.74
C CYS E 577 34.20 -58.62 -41.56
N VAL E 578 34.42 -58.55 -42.86
CA VAL E 578 33.46 -57.97 -43.79
C VAL E 578 32.56 -59.03 -44.42
N LEU E 579 33.12 -60.14 -44.87
CA LEU E 579 32.38 -61.06 -45.73
C LEU E 579 31.24 -61.77 -45.02
N VAL E 580 31.27 -61.87 -43.69
CA VAL E 580 30.20 -62.60 -43.00
C VAL E 580 29.03 -61.69 -42.67
N GLU E 581 29.22 -60.38 -42.79
CA GLU E 581 28.30 -59.42 -42.20
C GLU E 581 27.39 -58.75 -43.21
N SER E 582 27.79 -58.67 -44.48
CA SER E 582 26.87 -58.21 -45.50
C SER E 582 26.82 -59.20 -46.66
N PRO E 583 25.63 -59.51 -47.18
CA PRO E 583 25.54 -60.27 -48.42
C PRO E 583 25.80 -59.42 -49.65
N GLU E 584 25.62 -58.11 -49.54
CA GLU E 584 25.87 -57.23 -50.68
C GLU E 584 27.35 -57.19 -51.01
N ALA E 585 28.21 -57.26 -49.99
CA ALA E 585 29.64 -57.28 -50.21
C ALA E 585 30.14 -58.59 -50.76
N LEU E 586 29.27 -59.59 -50.91
CA LEU E 586 29.69 -60.82 -51.55
C LEU E 586 29.49 -60.76 -53.06
N ASN E 587 28.73 -59.77 -53.54
CA ASN E 587 28.45 -59.70 -54.96
C ASN E 587 29.54 -59.02 -55.76
N ILE E 588 30.30 -58.11 -55.13
CA ILE E 588 31.36 -57.41 -55.84
C ILE E 588 32.48 -58.37 -56.22
N ILE E 589 32.79 -59.32 -55.34
CA ILE E 589 34.08 -59.99 -55.39
C ILE E 589 34.11 -61.01 -56.52
N LYS E 590 35.11 -60.89 -57.38
CA LYS E 590 35.21 -61.62 -58.63
C LYS E 590 36.39 -62.57 -58.63
N GLU E 591 36.59 -63.20 -59.79
CA GLU E 591 37.52 -64.30 -59.94
C GLU E 591 38.97 -63.85 -59.73
N GLY E 592 39.30 -62.63 -60.16
CA GLY E 592 40.61 -62.09 -59.93
C GLY E 592 40.95 -61.87 -58.47
N HIS E 593 39.94 -61.65 -57.63
CA HIS E 593 40.20 -61.56 -56.21
C HIS E 593 40.41 -62.93 -55.59
N ILE E 594 39.59 -63.91 -55.98
CA ILE E 594 39.68 -65.24 -55.41
C ILE E 594 41.02 -65.88 -55.77
N LYS E 595 41.51 -65.62 -56.98
CA LYS E 595 42.81 -66.16 -57.33
C LYS E 595 43.94 -65.49 -56.58
N SER E 596 43.80 -64.23 -56.18
CA SER E 596 44.82 -63.62 -55.33
C SER E 596 44.78 -64.18 -53.93
N ILE E 597 43.58 -64.42 -53.41
CA ILE E 597 43.43 -65.06 -52.11
C ILE E 597 44.03 -66.46 -52.13
N ILE E 598 43.85 -67.16 -53.25
CA ILE E 598 44.46 -68.48 -53.44
C ILE E 598 45.98 -68.37 -53.45
N SER E 599 46.51 -67.40 -54.20
CA SER E 599 47.97 -67.26 -54.32
C SER E 599 48.64 -66.87 -53.02
N LEU E 600 47.92 -66.18 -52.13
CA LEU E 600 48.45 -65.96 -50.79
C LEU E 600 48.67 -67.27 -50.06
N LEU E 601 47.85 -68.27 -50.33
CA LEU E 601 47.97 -69.53 -49.61
C LEU E 601 49.14 -70.35 -50.08
N ASP E 602 49.64 -70.11 -51.30
CA ASP E 602 50.88 -70.80 -51.67
C ASP E 602 52.09 -69.98 -51.27
N LYS E 603 51.97 -68.66 -51.25
CA LYS E 603 53.11 -67.86 -50.82
C LYS E 603 53.34 -67.97 -49.32
N HIS E 604 52.31 -68.30 -48.55
CA HIS E 604 52.41 -68.15 -47.10
C HIS E 604 52.16 -69.42 -46.30
N GLY E 605 52.36 -70.59 -46.89
CA GLY E 605 52.36 -71.81 -46.10
C GLY E 605 51.01 -72.30 -45.67
N ARG E 606 50.76 -72.28 -44.37
CA ARG E 606 49.57 -72.87 -43.77
C ARG E 606 48.94 -71.81 -42.88
N ASN E 607 48.01 -71.06 -43.43
CA ASN E 607 47.31 -70.04 -42.67
C ASN E 607 45.83 -70.38 -42.66
N HIS E 608 45.35 -70.88 -41.53
CA HIS E 608 43.98 -71.34 -41.43
C HIS E 608 42.96 -70.22 -41.54
N LYS E 609 43.36 -68.96 -41.34
CA LYS E 609 42.41 -67.87 -41.53
C LYS E 609 42.08 -67.68 -43.00
N VAL E 610 42.95 -68.10 -43.90
CA VAL E 610 42.58 -68.11 -45.30
C VAL E 610 41.45 -69.09 -45.55
N LEU E 611 41.49 -70.24 -44.92
CA LEU E 611 40.36 -71.15 -45.07
C LEU E 611 39.15 -70.72 -44.27
N ASP E 612 39.33 -69.92 -43.23
CA ASP E 612 38.15 -69.34 -42.59
C ASP E 612 37.53 -68.26 -43.48
N VAL E 613 38.32 -67.61 -44.32
CA VAL E 613 37.75 -66.73 -45.33
C VAL E 613 37.00 -67.54 -46.37
N LEU E 614 37.67 -68.53 -46.96
CA LEU E 614 37.08 -69.26 -48.07
C LEU E 614 35.91 -70.13 -47.65
N CYS E 615 35.83 -70.51 -46.38
CA CYS E 615 34.65 -71.21 -45.90
C CYS E 615 33.45 -70.28 -45.83
N SER E 616 33.68 -68.99 -45.75
CA SER E 616 32.60 -68.01 -45.73
C SER E 616 32.39 -67.36 -47.07
N LEU E 617 33.31 -67.52 -47.99
CA LEU E 617 33.14 -66.99 -49.34
C LEU E 617 32.16 -67.81 -50.15
N CYS E 618 31.96 -69.06 -49.78
CA CYS E 618 31.11 -69.94 -50.57
C CYS E 618 29.77 -70.22 -49.92
N VAL E 619 29.54 -69.74 -48.69
CA VAL E 619 28.23 -69.78 -48.06
C VAL E 619 28.07 -68.48 -47.29
N CYS E 620 27.01 -67.74 -47.59
CA CYS E 620 26.68 -66.49 -46.92
C CYS E 620 25.97 -66.77 -45.61
N HIS E 621 25.16 -65.83 -45.14
CA HIS E 621 24.27 -66.07 -44.02
C HIS E 621 23.45 -67.34 -44.19
N GLY E 622 22.64 -67.40 -45.23
CA GLY E 622 21.90 -68.63 -45.41
C GLY E 622 22.10 -69.25 -46.77
N VAL E 623 22.48 -68.43 -47.74
CA VAL E 623 22.40 -68.82 -49.12
C VAL E 623 23.76 -69.28 -49.60
N ALA E 624 23.78 -69.89 -50.77
CA ALA E 624 24.96 -70.55 -51.32
C ALA E 624 25.30 -69.91 -52.65
N VAL E 625 26.42 -69.20 -52.71
CA VAL E 625 26.79 -68.48 -53.93
C VAL E 625 27.50 -69.39 -54.90
N ARG E 626 26.74 -70.10 -55.72
CA ARG E 626 27.28 -71.22 -56.49
C ARG E 626 28.11 -70.80 -57.68
N SER E 627 28.40 -69.52 -57.86
CA SER E 627 29.46 -69.15 -58.79
C SER E 627 30.81 -69.19 -58.11
N ASN E 628 30.83 -69.04 -56.79
CA ASN E 628 32.10 -69.13 -56.08
C ASN E 628 32.46 -70.58 -55.79
N GLN E 629 31.46 -71.45 -55.69
CA GLN E 629 31.76 -72.83 -55.36
C GLN E 629 32.37 -73.58 -56.51
N HIS E 630 31.94 -73.30 -57.74
CA HIS E 630 32.64 -73.87 -58.88
C HIS E 630 34.04 -73.32 -59.00
N LEU E 631 34.22 -72.06 -58.62
CA LEU E 631 35.51 -71.40 -58.77
C LEU E 631 36.55 -71.94 -57.80
N ILE E 632 36.16 -72.12 -56.54
CA ILE E 632 37.05 -72.67 -55.53
C ILE E 632 37.41 -74.11 -55.89
N CYS E 633 36.44 -74.89 -56.32
CA CYS E 633 36.71 -76.25 -56.75
C CYS E 633 37.57 -76.30 -57.99
N ASP E 634 37.52 -75.27 -58.83
CA ASP E 634 38.36 -75.28 -60.01
C ASP E 634 39.81 -74.93 -59.70
N ASN E 635 40.06 -73.98 -58.80
CA ASN E 635 41.42 -73.53 -58.58
C ASN E 635 42.16 -74.34 -57.52
N LEU E 636 41.66 -74.35 -56.29
CA LEU E 636 42.41 -74.89 -55.16
C LEU E 636 42.51 -76.41 -55.19
N LEU E 637 41.50 -77.11 -55.67
CA LEU E 637 41.51 -78.56 -55.65
C LEU E 637 42.57 -79.26 -56.50
N PRO E 638 42.56 -79.18 -57.84
CA PRO E 638 43.22 -80.22 -58.62
C PRO E 638 44.73 -80.15 -58.64
N GLY E 639 45.34 -79.15 -58.01
CA GLY E 639 46.79 -79.07 -57.99
C GLY E 639 47.42 -80.05 -57.04
N ARG E 640 46.67 -80.46 -56.00
CA ARG E 640 47.16 -81.29 -54.89
C ARG E 640 48.43 -80.72 -54.25
N ASP E 641 48.53 -79.40 -54.17
CA ASP E 641 49.78 -78.79 -53.75
C ASP E 641 49.65 -77.92 -52.52
N LEU E 642 48.58 -77.16 -52.41
CA LEU E 642 48.40 -76.31 -51.25
C LEU E 642 47.81 -77.07 -50.09
N LEU E 643 47.29 -78.27 -50.33
CA LEU E 643 46.48 -78.97 -49.35
C LEU E 643 47.08 -80.31 -48.99
N LEU E 644 46.73 -80.78 -47.80
CA LEU E 644 47.32 -82.01 -47.29
C LEU E 644 46.59 -83.21 -47.86
N GLN E 645 47.13 -83.78 -48.92
CA GLN E 645 46.51 -84.92 -49.55
C GLN E 645 46.67 -86.18 -48.69
N THR E 646 45.61 -86.99 -48.66
CA THR E 646 45.53 -88.15 -47.80
C THR E 646 45.14 -89.39 -48.60
N ARG E 647 45.40 -90.56 -48.01
CA ARG E 647 45.26 -91.85 -48.67
C ARG E 647 45.28 -92.93 -47.60
N LEU E 648 45.04 -94.18 -47.97
CA LEU E 648 45.29 -95.27 -47.04
C LEU E 648 46.12 -96.33 -47.75
N VAL E 649 47.11 -96.87 -47.05
CA VAL E 649 48.00 -97.89 -47.59
C VAL E 649 47.99 -99.09 -46.67
N ASN E 650 48.54 -100.20 -47.13
CA ASN E 650 48.60 -101.40 -46.31
C ASN E 650 49.77 -101.31 -45.34
N HIS E 651 49.65 -101.99 -44.20
CA HIS E 651 50.80 -102.12 -43.32
C HIS E 651 51.87 -102.98 -43.95
N VAL E 652 53.07 -102.44 -44.02
CA VAL E 652 54.21 -103.14 -44.60
C VAL E 652 54.98 -103.82 -43.47
N SER E 653 55.54 -104.99 -43.78
CA SER E 653 56.44 -105.66 -42.86
C SER E 653 57.35 -106.59 -43.63
N SER E 654 58.56 -106.77 -43.10
CA SER E 654 59.63 -107.51 -43.73
C SER E 654 60.20 -108.50 -42.71
N MET E 655 60.91 -109.51 -43.18
CA MET E 655 61.40 -110.54 -42.28
C MET E 655 62.85 -110.88 -42.57
N ARG E 656 63.61 -111.12 -41.51
CA ARG E 656 65.02 -111.45 -41.63
C ARG E 656 65.27 -112.82 -41.00
N PRO E 657 66.01 -113.69 -41.67
CA PRO E 657 66.36 -114.98 -41.08
C PRO E 657 67.70 -114.99 -40.34
N ASN E 658 67.97 -113.92 -39.58
CA ASN E 658 69.06 -113.81 -38.62
C ASN E 658 70.47 -114.03 -39.16
N ILE E 659 70.65 -114.09 -40.48
CA ILE E 659 71.94 -114.40 -41.07
C ILE E 659 72.62 -113.09 -41.43
N PHE E 660 73.93 -113.02 -41.23
CA PHE E 660 74.70 -111.82 -41.49
C PHE E 660 75.80 -112.15 -42.50
N LEU E 661 76.04 -111.23 -43.43
CA LEU E 661 77.01 -111.48 -44.50
C LEU E 661 77.59 -110.17 -44.99
N GLY E 662 78.89 -109.99 -44.82
CA GLY E 662 79.57 -108.80 -45.30
C GLY E 662 80.45 -109.07 -46.51
N LYS E 671 81.56 -117.80 -52.88
CA LYS E 671 81.51 -116.35 -52.80
C LYS E 671 80.17 -115.81 -53.31
N LYS E 672 79.70 -116.33 -54.44
CA LYS E 672 78.50 -115.79 -55.07
C LYS E 672 77.27 -116.24 -54.29
N TRP E 673 76.87 -115.44 -53.29
CA TRP E 673 75.78 -115.82 -52.40
C TRP E 673 74.44 -115.79 -53.12
N TYR E 674 73.57 -116.73 -52.74
CA TYR E 674 72.49 -117.14 -53.62
C TYR E 674 71.43 -117.87 -52.79
N TYR E 675 70.23 -117.32 -52.73
CA TYR E 675 69.13 -117.94 -52.00
C TYR E 675 67.84 -117.82 -52.77
N GLU E 676 66.92 -118.73 -52.49
CA GLU E 676 65.73 -118.92 -53.30
C GLU E 676 64.47 -118.63 -52.51
N LEU E 677 63.35 -118.59 -53.24
CA LEU E 677 62.04 -118.48 -52.63
C LEU E 677 61.07 -119.37 -53.37
N MET E 678 59.90 -119.55 -52.77
CA MET E 678 58.80 -120.20 -53.44
C MET E 678 57.52 -119.52 -52.97
N VAL E 679 56.80 -118.91 -53.90
CA VAL E 679 55.57 -118.22 -53.57
C VAL E 679 54.40 -119.13 -53.90
N ASP E 680 53.48 -119.28 -52.95
CA ASP E 680 52.44 -120.28 -53.08
C ASP E 680 51.02 -119.74 -52.90
N HIS E 681 50.84 -118.49 -52.46
CA HIS E 681 49.51 -117.94 -52.35
C HIS E 681 49.59 -116.44 -52.56
N THR E 682 48.71 -115.92 -53.42
CA THR E 682 48.98 -114.63 -54.05
C THR E 682 48.11 -113.49 -53.55
N GLU E 683 46.77 -113.63 -53.64
CA GLU E 683 45.77 -112.60 -53.36
C GLU E 683 46.12 -111.29 -54.05
N PRO E 684 45.86 -111.14 -55.35
CA PRO E 684 46.18 -109.86 -56.01
C PRO E 684 45.40 -108.68 -55.47
N PHE E 685 44.21 -108.91 -54.94
CA PHE E 685 43.37 -107.83 -54.39
C PHE E 685 42.63 -108.37 -53.17
N VAL E 686 43.19 -108.17 -51.98
CA VAL E 686 42.32 -108.25 -50.81
C VAL E 686 42.50 -106.94 -50.01
N THR E 687 41.86 -105.89 -50.54
CA THR E 687 41.77 -104.51 -50.09
C THR E 687 40.95 -103.82 -51.16
N ALA E 688 40.80 -102.50 -51.05
CA ALA E 688 40.45 -101.75 -52.25
C ALA E 688 41.70 -101.23 -52.96
N GLU E 689 42.69 -102.11 -53.13
CA GLU E 689 43.98 -101.78 -53.71
C GLU E 689 44.77 -103.06 -53.87
N ALA E 690 45.85 -102.98 -54.65
CA ALA E 690 46.69 -104.14 -54.92
C ALA E 690 47.75 -104.30 -53.84
N THR E 691 48.15 -105.53 -53.63
CA THR E 691 49.06 -105.90 -52.57
C THR E 691 50.49 -105.89 -53.07
N HIS E 692 51.45 -106.01 -52.14
CA HIS E 692 52.85 -106.00 -52.51
C HIS E 692 53.55 -107.22 -51.95
N LEU E 693 54.63 -107.61 -52.66
CA LEU E 693 55.44 -108.77 -52.29
C LEU E 693 56.80 -108.58 -52.96
N ARG E 694 57.79 -108.16 -52.18
CA ARG E 694 59.09 -107.80 -52.72
C ARG E 694 60.19 -108.59 -52.02
N VAL E 695 61.13 -109.12 -52.80
CA VAL E 695 62.27 -109.88 -52.30
C VAL E 695 63.52 -109.04 -52.53
N GLY E 696 64.58 -109.30 -51.77
CA GLY E 696 65.83 -108.61 -52.01
C GLY E 696 66.78 -108.74 -50.83
N TRP E 697 67.70 -107.78 -50.73
CA TRP E 697 68.72 -107.71 -49.70
C TRP E 697 68.76 -106.33 -49.08
N ALA E 698 69.36 -106.25 -47.89
CA ALA E 698 69.56 -104.95 -47.26
C ALA E 698 70.79 -104.97 -46.37
N SER E 699 71.26 -103.78 -46.03
CA SER E 699 72.42 -103.59 -45.17
C SER E 699 71.99 -103.22 -43.75
N THR E 700 72.97 -103.22 -42.85
CA THR E 700 72.67 -103.05 -41.43
C THR E 700 73.08 -101.69 -40.86
N GLU E 701 74.10 -101.04 -41.41
CA GLU E 701 74.58 -99.78 -40.87
C GLU E 701 73.78 -98.66 -41.51
N GLY E 702 72.65 -98.31 -40.90
CA GLY E 702 71.77 -97.27 -41.39
C GLY E 702 70.35 -97.72 -41.62
N TYR E 703 69.41 -96.77 -41.55
CA TYR E 703 68.00 -96.94 -41.93
C TYR E 703 67.32 -98.05 -41.11
N SER E 704 67.00 -97.69 -39.86
CA SER E 704 66.08 -98.49 -39.07
C SER E 704 64.75 -98.65 -39.79
N PRO E 705 64.23 -99.87 -39.95
CA PRO E 705 63.10 -100.10 -40.86
C PRO E 705 61.72 -99.85 -40.25
N TYR E 706 61.30 -98.59 -40.20
CA TYR E 706 60.05 -98.25 -39.54
C TYR E 706 58.89 -98.40 -40.51
N PRO E 707 57.73 -98.88 -40.07
CA PRO E 707 56.61 -99.10 -40.99
C PRO E 707 55.81 -97.85 -41.30
N GLY E 708 55.99 -97.29 -42.50
CA GLY E 708 55.13 -96.26 -43.04
C GLY E 708 55.34 -94.85 -42.55
N GLY E 709 55.77 -94.65 -41.31
CA GLY E 709 55.77 -93.32 -40.73
C GLY E 709 56.90 -92.41 -41.16
N GLY E 710 57.89 -92.98 -41.84
CA GLY E 710 59.07 -92.25 -42.24
C GLY E 710 59.04 -91.85 -43.70
N GLU E 711 59.68 -92.66 -44.52
CA GLU E 711 59.64 -92.52 -45.97
C GLU E 711 58.26 -92.94 -46.51
N GLU E 712 58.09 -92.89 -47.83
CA GLU E 712 56.79 -93.18 -48.46
C GLU E 712 56.51 -94.68 -48.36
N TRP E 713 55.46 -95.01 -47.60
CA TRP E 713 54.75 -96.29 -47.56
C TRP E 713 55.53 -97.48 -46.99
N GLY E 714 56.82 -97.31 -46.70
CA GLY E 714 57.61 -98.41 -46.17
C GLY E 714 57.82 -99.51 -47.20
N GLY E 715 58.16 -100.69 -46.69
CA GLY E 715 58.27 -101.85 -47.56
C GLY E 715 59.68 -102.32 -47.79
N ASN E 716 60.13 -102.30 -49.04
CA ASN E 716 61.45 -102.78 -49.40
C ASN E 716 61.83 -102.20 -50.76
N GLY E 717 63.13 -102.04 -50.98
CA GLY E 717 63.58 -101.29 -52.14
C GLY E 717 63.39 -99.80 -52.00
N VAL E 718 63.19 -99.31 -50.78
CA VAL E 718 62.77 -97.94 -50.57
C VAL E 718 63.91 -97.00 -50.19
N GLY E 719 64.94 -97.50 -49.49
CA GLY E 719 66.10 -96.72 -49.16
C GLY E 719 67.22 -97.04 -50.13
N ASP E 720 68.31 -96.30 -49.99
CA ASP E 720 69.47 -96.61 -50.80
C ASP E 720 70.19 -97.85 -50.29
N ASP E 721 70.04 -98.17 -49.01
CA ASP E 721 70.69 -99.35 -48.45
C ASP E 721 69.95 -100.65 -48.74
N LEU E 722 68.84 -100.59 -49.47
CA LEU E 722 68.01 -101.75 -49.74
C LEU E 722 67.94 -101.97 -51.24
N PHE E 723 68.03 -103.22 -51.67
CA PHE E 723 67.95 -103.54 -53.09
C PHE E 723 66.96 -104.67 -53.26
N SER E 724 65.85 -104.38 -53.94
CA SER E 724 64.72 -105.29 -53.97
C SER E 724 64.16 -105.36 -55.38
N TYR E 725 63.26 -106.32 -55.55
CA TYR E 725 62.85 -106.79 -56.86
C TYR E 725 61.65 -107.71 -56.65
N GLY E 726 60.80 -107.79 -57.66
CA GLY E 726 59.72 -108.74 -57.62
C GLY E 726 58.36 -108.08 -57.61
N PHE E 727 57.55 -108.41 -58.59
CA PHE E 727 56.26 -107.77 -58.83
C PHE E 727 55.50 -108.70 -59.78
N ASP E 728 54.24 -108.40 -60.03
CA ASP E 728 53.58 -108.90 -61.22
C ASP E 728 54.15 -108.13 -62.40
N GLY E 729 54.97 -108.79 -63.23
CA GLY E 729 55.81 -107.99 -64.08
C GLY E 729 56.95 -107.41 -63.27
N LEU E 730 57.96 -108.22 -62.99
CA LEU E 730 58.69 -108.24 -61.72
C LEU E 730 59.57 -107.03 -61.40
N HIS E 731 59.42 -105.92 -62.14
CA HIS E 731 60.42 -104.86 -62.21
C HIS E 731 60.76 -104.25 -60.85
N LEU E 732 62.01 -103.81 -60.73
CA LEU E 732 62.73 -103.73 -59.46
C LEU E 732 62.35 -102.51 -58.63
N TRP E 733 63.05 -102.33 -57.51
CA TRP E 733 62.95 -101.13 -56.69
C TRP E 733 64.29 -100.84 -56.05
N SER E 734 64.62 -99.55 -56.00
CA SER E 734 65.84 -99.06 -55.37
C SER E 734 65.63 -97.59 -55.08
N GLY E 735 65.65 -97.21 -53.82
CA GLY E 735 65.42 -95.82 -53.46
C GLY E 735 64.01 -95.37 -53.72
N CYS E 736 63.04 -96.25 -53.50
CA CYS E 736 61.59 -96.09 -53.68
C CYS E 736 61.19 -95.46 -55.02
N ILE E 737 61.99 -95.66 -56.06
CA ILE E 737 61.57 -95.33 -57.42
C ILE E 737 61.79 -96.57 -58.26
N ALA E 738 60.71 -97.08 -58.84
CA ALA E 738 60.75 -98.31 -59.60
C ALA E 738 61.25 -98.02 -61.01
N ARG E 739 62.20 -98.82 -61.48
CA ARG E 739 62.55 -98.82 -62.88
C ARG E 739 61.96 -100.07 -63.53
N THR E 740 62.10 -100.15 -64.85
CA THR E 740 61.17 -100.97 -65.64
C THR E 740 61.91 -102.10 -66.35
N VAL E 741 62.69 -102.88 -65.60
CA VAL E 741 63.38 -104.03 -66.18
C VAL E 741 62.34 -105.09 -66.57
N SER E 742 62.70 -105.91 -67.56
CA SER E 742 61.77 -106.88 -68.14
C SER E 742 62.34 -108.30 -68.11
N SER E 743 61.52 -109.23 -68.59
CA SER E 743 61.73 -110.67 -68.53
C SER E 743 60.85 -111.29 -69.60
N PRO E 744 61.21 -112.44 -70.19
CA PRO E 744 60.41 -112.93 -71.30
C PRO E 744 59.20 -113.77 -70.89
N ASN E 745 58.51 -113.39 -69.82
CA ASN E 745 57.16 -113.86 -69.57
C ASN E 745 56.23 -112.78 -69.02
N GLN E 746 56.80 -111.75 -68.35
CA GLN E 746 56.05 -110.70 -67.68
C GLN E 746 55.01 -111.28 -66.71
N HIS E 747 55.52 -111.96 -65.69
CA HIS E 747 54.71 -112.82 -64.85
C HIS E 747 54.45 -112.18 -63.49
N LEU E 748 53.60 -112.84 -62.72
CA LEU E 748 53.37 -112.50 -61.33
C LEU E 748 54.35 -113.25 -60.45
N LEU E 749 54.56 -112.78 -59.23
CA LEU E 749 55.00 -113.65 -58.15
C LEU E 749 53.80 -114.54 -57.81
N ARG E 750 53.65 -115.60 -58.61
CA ARG E 750 52.40 -116.34 -58.65
C ARG E 750 52.49 -117.49 -57.65
N THR E 751 51.56 -118.44 -57.74
CA THR E 751 51.54 -119.57 -56.83
C THR E 751 52.48 -120.69 -57.23
N ASP E 752 53.24 -120.53 -58.31
CA ASP E 752 53.99 -121.63 -58.90
C ASP E 752 55.37 -121.20 -59.36
N ASP E 753 56.05 -120.35 -58.60
CA ASP E 753 57.28 -119.76 -59.10
C ASP E 753 58.42 -119.88 -58.10
N VAL E 754 59.64 -119.85 -58.62
CA VAL E 754 60.86 -119.90 -57.82
C VAL E 754 61.76 -118.74 -58.22
N ILE E 755 62.07 -117.89 -57.26
CA ILE E 755 62.87 -116.70 -57.48
C ILE E 755 64.31 -117.02 -57.11
N SER E 756 65.24 -116.67 -57.98
CA SER E 756 66.67 -116.87 -57.70
C SER E 756 67.29 -115.49 -57.52
N CYS E 757 67.60 -115.16 -56.27
CA CYS E 757 68.33 -113.94 -55.97
C CYS E 757 69.83 -114.26 -55.99
N CYS E 758 70.64 -113.27 -56.34
CA CYS E 758 72.09 -113.48 -56.31
C CYS E 758 72.77 -112.25 -55.76
N LEU E 759 73.87 -112.47 -55.04
CA LEU E 759 74.69 -111.41 -54.49
C LEU E 759 76.12 -111.91 -54.48
N ASP E 760 77.06 -111.03 -54.81
CA ASP E 760 78.43 -111.44 -55.05
C ASP E 760 79.38 -110.93 -53.96
N LEU E 761 80.18 -111.85 -53.43
CA LEU E 761 81.27 -111.52 -52.54
C LEU E 761 82.47 -111.03 -53.36
N SER E 762 83.12 -109.96 -52.88
CA SER E 762 84.26 -109.31 -53.54
C SER E 762 83.91 -108.83 -54.96
N ALA E 763 82.65 -108.47 -55.17
CA ALA E 763 82.15 -107.97 -56.44
C ALA E 763 80.84 -107.23 -56.19
N PRO E 764 80.69 -106.03 -56.71
CA PRO E 764 79.46 -105.25 -56.44
C PRO E 764 78.35 -105.51 -57.45
N SER E 765 77.93 -106.76 -57.55
CA SER E 765 77.02 -107.16 -58.61
C SER E 765 75.86 -107.96 -58.03
N ILE E 766 74.64 -107.49 -58.31
CA ILE E 766 73.42 -108.17 -57.91
C ILE E 766 72.55 -108.32 -59.15
N SER E 767 72.15 -109.55 -59.45
CA SER E 767 71.29 -109.87 -60.60
C SER E 767 70.33 -110.96 -60.15
N PHE E 768 69.10 -110.93 -60.67
CA PHE E 768 68.12 -111.89 -60.22
C PHE E 768 67.75 -112.87 -61.32
N ARG E 769 66.93 -113.85 -60.96
CA ARG E 769 66.46 -114.87 -61.89
C ARG E 769 65.14 -115.43 -61.40
N ILE E 770 64.23 -115.66 -62.34
CA ILE E 770 62.96 -116.34 -62.06
C ILE E 770 62.94 -117.63 -62.87
N ASN E 771 62.74 -118.75 -62.18
CA ASN E 771 62.71 -120.11 -62.75
C ASN E 771 63.99 -120.45 -63.52
N GLY E 772 65.11 -119.84 -63.14
CA GLY E 772 66.35 -119.96 -63.86
C GLY E 772 66.54 -118.94 -64.97
N GLN E 773 65.51 -118.25 -65.38
CA GLN E 773 65.67 -117.35 -66.52
C GLN E 773 66.30 -116.04 -66.09
N PRO E 774 67.27 -115.53 -66.85
CA PRO E 774 67.91 -114.27 -66.48
C PRO E 774 67.02 -113.08 -66.81
N VAL E 775 66.99 -112.13 -65.89
CA VAL E 775 66.07 -111.00 -65.98
C VAL E 775 66.82 -109.69 -66.15
N GLN E 776 68.14 -109.74 -66.34
CA GLN E 776 69.04 -108.59 -66.47
C GLN E 776 68.97 -107.71 -65.21
N GLY E 777 69.42 -108.29 -64.11
CA GLY E 777 69.60 -107.54 -62.88
C GLY E 777 70.81 -106.63 -62.94
N MET E 778 70.62 -105.37 -62.53
CA MET E 778 71.54 -104.29 -62.88
C MET E 778 72.13 -103.58 -61.68
N PHE E 779 71.91 -104.09 -60.47
CA PHE E 779 72.35 -103.41 -59.26
C PHE E 779 73.86 -103.46 -59.14
N GLU E 780 74.52 -102.35 -59.49
CA GLU E 780 75.96 -102.34 -59.60
C GLU E 780 76.56 -101.19 -58.82
N ASN E 781 77.70 -101.47 -58.17
CA ASN E 781 78.65 -100.48 -57.68
C ASN E 781 78.05 -99.58 -56.60
N PHE E 782 77.29 -100.18 -55.71
CA PHE E 782 76.78 -99.45 -54.57
C PHE E 782 77.77 -99.50 -53.43
N ASN E 783 77.43 -98.92 -52.30
CA ASN E 783 78.35 -98.91 -51.17
C ASN E 783 78.48 -100.27 -50.52
N ILE E 784 79.67 -100.53 -50.03
CA ILE E 784 79.96 -101.73 -49.25
C ILE E 784 80.33 -101.24 -47.86
N ASP E 785 79.32 -101.13 -47.01
CA ASP E 785 79.51 -100.81 -45.60
C ASP E 785 78.61 -101.71 -44.79
N GLY E 786 79.16 -102.30 -43.75
CA GLY E 786 78.37 -103.23 -42.96
C GLY E 786 78.16 -104.51 -43.73
N LEU E 787 77.03 -105.15 -43.48
CA LEU E 787 76.79 -106.49 -43.96
C LEU E 787 75.60 -106.46 -44.91
N PHE E 788 75.14 -107.66 -45.28
CA PHE E 788 73.93 -107.81 -46.07
C PHE E 788 73.13 -108.97 -45.51
N PHE E 789 71.81 -108.92 -45.72
CA PHE E 789 70.94 -109.98 -45.24
C PHE E 789 69.64 -109.94 -46.03
N PRO E 790 68.99 -111.09 -46.24
CA PRO E 790 67.73 -111.13 -46.97
C PRO E 790 66.57 -110.63 -46.13
N VAL E 791 65.58 -110.04 -46.82
CA VAL E 791 64.64 -109.16 -46.14
C VAL E 791 63.18 -109.43 -46.47
N VAL E 792 62.83 -110.35 -47.38
CA VAL E 792 61.66 -110.32 -48.26
C VAL E 792 60.35 -109.83 -47.64
N SER E 793 59.71 -108.87 -48.30
CA SER E 793 58.62 -108.11 -47.73
C SER E 793 57.29 -108.50 -48.34
N PHE E 794 56.21 -108.19 -47.64
CA PHE E 794 54.88 -108.66 -48.02
C PHE E 794 53.83 -107.89 -47.25
N SER E 795 52.67 -107.66 -47.90
CA SER E 795 51.47 -107.21 -47.19
C SER E 795 50.24 -107.71 -47.93
N ALA E 796 49.76 -108.87 -47.52
CA ALA E 796 48.57 -109.52 -48.08
C ALA E 796 48.21 -110.70 -47.20
N GLY E 797 47.38 -111.58 -47.74
CA GLY E 797 47.32 -112.92 -47.20
C GLY E 797 48.32 -113.88 -47.81
N ILE E 798 49.59 -113.53 -47.81
CA ILE E 798 50.61 -114.25 -48.58
C ILE E 798 51.39 -115.15 -47.64
N LYS E 799 51.49 -116.44 -48.01
CA LYS E 799 52.42 -117.38 -47.42
C LYS E 799 53.48 -117.76 -48.44
N VAL E 800 54.75 -117.70 -48.02
CA VAL E 800 55.87 -117.99 -48.90
C VAL E 800 56.89 -118.84 -48.16
N ARG E 801 57.71 -119.54 -48.93
CA ARG E 801 58.65 -120.53 -48.41
C ARG E 801 60.07 -120.09 -48.73
N PHE E 802 60.89 -119.99 -47.69
CA PHE E 802 62.33 -119.87 -47.84
C PHE E 802 62.88 -121.20 -48.31
N LEU E 803 63.84 -121.16 -49.23
CA LEU E 803 64.50 -122.38 -49.70
C LEU E 803 65.96 -122.29 -49.30
N LEU E 804 66.26 -122.78 -48.10
CA LEU E 804 67.63 -122.76 -47.60
C LEU E 804 68.09 -124.04 -46.92
N GLY E 805 67.19 -124.87 -46.42
CA GLY E 805 67.61 -125.97 -45.56
C GLY E 805 67.90 -125.50 -44.15
N GLU E 810 67.12 -128.90 -47.06
CA GLU E 810 65.69 -128.81 -47.38
C GLU E 810 65.44 -127.89 -48.56
N PHE E 811 66.40 -127.79 -49.48
CA PHE E 811 66.19 -127.08 -50.73
C PHE E 811 65.15 -127.82 -51.56
N LYS E 812 64.53 -127.12 -52.51
CA LYS E 812 63.52 -127.74 -53.37
C LYS E 812 63.96 -127.77 -54.82
N PHE E 813 64.33 -126.63 -55.41
CA PHE E 813 64.92 -126.63 -56.74
C PHE E 813 65.90 -125.49 -56.85
N LEU E 814 67.16 -125.81 -57.05
CA LEU E 814 68.12 -124.76 -57.36
C LEU E 814 69.28 -125.33 -58.17
N PRO E 815 69.70 -124.63 -59.22
CA PRO E 815 71.10 -124.63 -59.58
C PRO E 815 71.87 -123.81 -58.56
N PRO E 816 73.19 -123.94 -58.47
CA PRO E 816 73.95 -123.13 -57.51
C PRO E 816 74.61 -121.91 -58.13
N PRO E 817 74.23 -121.48 -59.36
CA PRO E 817 75.22 -121.03 -60.35
C PRO E 817 76.02 -119.81 -59.92
N GLY E 818 77.24 -119.74 -60.44
CA GLY E 818 78.28 -119.05 -59.69
C GLY E 818 78.74 -120.00 -58.60
N TYR E 819 79.10 -119.44 -57.45
CA TYR E 819 79.44 -120.29 -56.30
C TYR E 819 79.25 -119.50 -55.01
N ALA E 820 78.08 -119.68 -54.37
CA ALA E 820 77.88 -119.88 -52.92
C ALA E 820 76.43 -120.20 -52.63
N PRO E 821 76.13 -121.22 -51.84
CA PRO E 821 74.81 -121.34 -51.23
C PRO E 821 74.81 -120.80 -49.81
N CYS E 822 73.64 -120.28 -49.40
CA CYS E 822 73.56 -119.67 -48.09
C CYS E 822 73.36 -120.69 -46.97
N TYR E 823 73.34 -121.98 -47.29
CA TYR E 823 73.42 -123.01 -46.27
C TYR E 823 74.82 -123.17 -45.70
N GLU E 824 75.81 -122.48 -46.26
CA GLU E 824 77.17 -122.55 -45.77
C GLU E 824 77.63 -121.26 -45.10
N ALA E 825 76.86 -120.19 -45.18
CA ALA E 825 77.13 -119.00 -44.38
C ALA E 825 76.72 -119.16 -42.93
N VAL E 826 75.99 -120.24 -42.64
CA VAL E 826 75.42 -120.52 -41.33
C VAL E 826 76.27 -121.65 -40.75
N LEU E 827 77.56 -121.70 -41.18
CA LEU E 827 78.42 -122.83 -40.84
C LEU E 827 78.80 -122.89 -39.36
N PRO E 828 79.46 -121.83 -38.73
CA PRO E 828 80.09 -122.07 -37.42
C PRO E 828 79.20 -122.44 -36.24
N LYS E 829 78.29 -121.56 -35.82
CA LYS E 829 77.45 -121.85 -34.66
C LYS E 829 76.00 -121.45 -34.81
N GLU E 830 75.66 -120.56 -35.74
CA GLU E 830 74.34 -119.97 -35.84
C GLU E 830 73.34 -120.96 -36.45
N LYS E 831 72.06 -120.69 -36.18
CA LYS E 831 70.93 -121.49 -36.66
C LYS E 831 70.01 -120.60 -37.51
N LEU E 832 69.05 -121.25 -38.17
CA LEU E 832 68.21 -120.61 -39.17
C LEU E 832 66.86 -120.28 -38.54
N LYS E 833 66.84 -119.22 -37.73
CA LYS E 833 65.64 -118.72 -37.10
C LYS E 833 65.29 -117.38 -37.73
N VAL E 834 64.01 -117.01 -37.71
CA VAL E 834 63.53 -115.88 -38.49
C VAL E 834 62.96 -114.82 -37.55
N GLU E 835 63.19 -113.56 -37.90
CA GLU E 835 62.72 -112.42 -37.12
C GLU E 835 62.08 -111.39 -38.05
N HIS E 836 61.72 -110.23 -37.51
CA HIS E 836 60.82 -109.27 -38.15
C HIS E 836 61.50 -107.95 -38.44
N SER E 837 62.74 -107.98 -38.97
CA SER E 837 63.51 -106.80 -39.37
C SER E 837 63.73 -105.85 -38.19
N ARG E 838 64.49 -106.36 -37.23
CA ARG E 838 65.15 -105.66 -36.13
C ARG E 838 64.19 -105.18 -35.03
N GLU E 839 62.87 -105.29 -35.25
CA GLU E 839 61.88 -105.54 -34.19
C GLU E 839 61.84 -104.45 -33.12
N TYR E 840 61.44 -103.25 -33.52
CA TYR E 840 61.07 -102.28 -32.49
C TYR E 840 59.75 -102.61 -31.82
N LYS E 841 58.95 -103.47 -32.45
CA LYS E 841 57.74 -104.05 -31.87
C LYS E 841 57.99 -105.50 -31.54
N GLN E 842 57.02 -106.10 -30.85
CA GLN E 842 56.73 -107.54 -30.93
C GLN E 842 55.29 -107.71 -30.46
N GLU E 843 54.41 -108.11 -31.37
CA GLU E 843 52.97 -108.05 -31.08
C GLU E 843 52.57 -109.11 -30.07
N ARG E 844 52.13 -108.66 -28.90
CA ARG E 844 51.69 -109.55 -27.82
C ARG E 844 50.59 -108.88 -27.02
N THR E 845 50.18 -109.56 -25.96
CA THR E 845 49.07 -109.08 -25.17
C THR E 845 49.50 -108.01 -24.16
N TYR E 846 50.33 -108.39 -23.18
CA TYR E 846 50.61 -107.48 -22.06
C TYR E 846 51.60 -106.41 -22.46
N THR E 847 52.83 -106.80 -22.74
CA THR E 847 53.89 -105.84 -22.98
C THR E 847 54.77 -106.31 -24.12
N ARG E 848 54.72 -105.59 -25.23
CA ARG E 848 55.81 -105.62 -26.20
C ARG E 848 57.06 -105.12 -25.49
N ASP E 849 58.03 -105.99 -25.28
CA ASP E 849 59.21 -105.57 -24.53
C ASP E 849 60.09 -104.66 -25.37
N LEU E 850 60.43 -103.53 -24.76
CA LEU E 850 61.20 -102.47 -25.40
C LEU E 850 62.66 -102.87 -25.49
N LEU E 851 63.49 -101.98 -26.03
CA LEU E 851 64.82 -102.43 -26.39
C LEU E 851 65.80 -101.25 -26.36
N GLY E 852 67.09 -101.58 -26.36
CA GLY E 852 68.14 -100.63 -26.65
C GLY E 852 68.62 -100.86 -28.07
N PRO E 853 69.35 -99.88 -28.64
CA PRO E 853 69.56 -99.85 -30.10
C PRO E 853 70.32 -101.01 -30.75
N THR E 854 71.62 -101.13 -30.50
CA THR E 854 72.49 -102.02 -31.26
C THR E 854 73.90 -101.97 -30.67
N VAL E 855 74.68 -103.00 -31.00
CA VAL E 855 76.11 -103.06 -30.65
C VAL E 855 76.83 -103.68 -31.85
N SER E 856 77.51 -102.85 -32.63
CA SER E 856 78.16 -103.32 -33.85
C SER E 856 79.52 -102.66 -34.07
N ALA E 861 81.55 -112.04 -41.59
CA ALA E 861 82.94 -111.60 -41.55
C ALA E 861 83.88 -112.80 -41.52
N PHE E 862 84.81 -112.87 -42.48
CA PHE E 862 85.80 -113.93 -42.52
C PHE E 862 87.23 -113.42 -42.66
N THR E 863 87.48 -112.14 -42.35
CA THR E 863 88.80 -111.56 -42.49
C THR E 863 89.17 -110.81 -41.22
N PRO E 864 89.76 -111.48 -40.24
CA PRO E 864 90.40 -110.77 -39.13
C PRO E 864 91.86 -110.48 -39.46
N ILE E 865 92.55 -109.94 -38.48
CA ILE E 865 93.94 -109.49 -38.63
C ILE E 865 94.81 -110.41 -37.76
N PRO E 866 96.06 -110.68 -38.12
CA PRO E 866 96.96 -111.37 -37.19
C PRO E 866 97.70 -110.39 -36.29
N VAL E 867 98.06 -110.88 -35.11
CA VAL E 867 98.69 -110.05 -34.08
C VAL E 867 100.20 -110.09 -34.24
N ASP E 868 100.80 -108.90 -34.34
CA ASP E 868 102.22 -108.76 -34.67
C ASP E 868 103.01 -108.56 -33.39
N THR E 869 104.28 -108.99 -33.42
CA THR E 869 105.25 -108.68 -32.38
C THR E 869 106.62 -108.35 -32.98
N SER E 870 106.65 -107.95 -34.26
CA SER E 870 107.87 -108.00 -35.05
C SER E 870 108.87 -106.94 -34.65
N GLN E 871 108.42 -105.71 -34.41
CA GLN E 871 109.36 -104.62 -34.11
C GLN E 871 109.60 -104.47 -32.61
N ILE E 872 109.92 -105.60 -31.98
CA ILE E 872 110.51 -105.64 -30.64
C ILE E 872 111.77 -106.46 -30.79
N VAL E 873 112.92 -105.81 -30.68
CA VAL E 873 114.19 -106.47 -30.97
C VAL E 873 114.58 -107.35 -29.79
N LEU E 874 115.11 -108.53 -30.10
CA LEU E 874 115.48 -109.48 -29.06
C LEU E 874 116.91 -109.22 -28.59
N PRO E 875 117.11 -109.07 -27.27
CA PRO E 875 118.47 -108.90 -26.75
C PRO E 875 119.29 -110.16 -26.90
N PRO E 876 120.62 -110.04 -27.04
CA PRO E 876 121.44 -111.22 -27.31
C PRO E 876 121.59 -112.16 -26.12
N HIS E 877 121.62 -111.64 -24.90
CA HIS E 877 121.61 -112.52 -23.74
C HIS E 877 120.26 -113.21 -23.59
N LEU E 878 119.18 -112.53 -23.96
CA LEU E 878 117.89 -113.18 -24.10
C LEU E 878 117.82 -114.05 -25.35
N GLU E 879 118.65 -113.79 -26.36
CA GLU E 879 118.67 -114.64 -27.55
C GLU E 879 119.30 -115.99 -27.25
N ARG E 880 120.36 -116.02 -26.43
CA ARG E 880 120.93 -117.29 -26.02
C ARG E 880 119.98 -118.07 -25.12
N ILE E 881 119.27 -117.36 -24.24
CA ILE E 881 118.21 -117.94 -23.42
C ILE E 881 117.13 -118.56 -24.31
N ARG E 882 116.67 -117.81 -25.32
CA ARG E 882 115.58 -118.26 -26.17
C ARG E 882 116.03 -119.40 -27.07
N GLU E 883 117.31 -119.44 -27.44
CA GLU E 883 117.82 -120.55 -28.23
C GLU E 883 117.99 -121.82 -27.41
N LYS E 884 118.44 -121.71 -26.16
CA LYS E 884 118.45 -122.88 -25.28
C LYS E 884 117.04 -123.39 -25.00
N LEU E 885 116.11 -122.48 -24.71
CA LEU E 885 114.73 -122.86 -24.46
C LEU E 885 114.03 -123.37 -25.71
N ALA E 886 114.39 -122.90 -26.90
CA ALA E 886 113.87 -123.46 -28.14
C ALA E 886 114.48 -124.81 -28.45
N GLU E 887 115.72 -125.06 -28.03
CA GLU E 887 116.26 -126.41 -28.06
C GLU E 887 115.47 -127.35 -27.14
N ASN E 888 115.17 -126.89 -25.93
CA ASN E 888 114.42 -127.72 -24.99
C ASN E 888 112.91 -127.71 -25.25
N ILE E 889 112.45 -126.92 -26.22
CA ILE E 889 111.12 -127.06 -26.79
C ILE E 889 111.13 -128.01 -27.99
N HIS E 890 112.24 -128.04 -28.72
CA HIS E 890 112.31 -128.95 -29.85
C HIS E 890 112.50 -130.40 -29.43
N GLU E 891 113.03 -130.66 -28.25
CA GLU E 891 113.02 -132.02 -27.74
C GLU E 891 111.61 -132.51 -27.45
N LEU E 892 110.72 -131.60 -27.02
CA LEU E 892 109.29 -131.92 -26.96
C LEU E 892 108.68 -132.08 -28.34
N TRP E 893 109.11 -131.27 -29.31
CA TRP E 893 108.59 -131.40 -30.67
C TRP E 893 109.08 -132.68 -31.36
N VAL E 894 110.18 -133.26 -30.87
CA VAL E 894 110.55 -134.62 -31.27
C VAL E 894 109.73 -135.65 -30.49
N MET E 895 109.58 -135.42 -29.18
CA MET E 895 109.04 -136.44 -28.28
C MET E 895 107.55 -136.68 -28.51
N ASN E 896 106.83 -135.66 -28.97
CA ASN E 896 105.42 -135.88 -29.29
C ASN E 896 105.24 -136.52 -30.66
N LYS E 897 106.31 -136.67 -31.44
CA LYS E 897 106.25 -137.39 -32.71
C LYS E 897 106.91 -138.76 -32.64
N ILE E 898 107.72 -139.01 -31.60
CA ILE E 898 108.36 -140.32 -31.41
C ILE E 898 107.49 -141.28 -30.62
N GLU E 899 106.39 -140.80 -30.04
CA GLU E 899 105.47 -141.66 -29.32
C GLU E 899 104.45 -142.33 -30.23
N LEU E 900 104.06 -141.68 -31.31
CA LEU E 900 103.00 -142.16 -32.20
C LEU E 900 103.54 -143.07 -33.29
N GLY E 901 104.85 -143.14 -33.47
CA GLY E 901 105.46 -144.06 -34.41
C GLY E 901 105.86 -143.47 -35.76
N TRP E 902 106.40 -142.25 -35.77
CA TRP E 902 106.91 -141.62 -36.98
C TRP E 902 108.41 -141.37 -36.80
N GLN E 903 109.22 -142.04 -37.60
CA GLN E 903 110.65 -142.17 -37.37
C GLN E 903 111.44 -141.13 -38.16
N TYR E 904 112.75 -141.10 -37.92
CA TYR E 904 113.65 -140.22 -38.65
C TYR E 904 113.99 -140.80 -40.01
N GLY E 905 114.17 -139.92 -40.99
CA GLY E 905 114.62 -140.30 -42.30
C GLY E 905 115.20 -139.12 -43.05
N PRO E 906 115.70 -139.36 -44.26
CA PRO E 906 116.08 -138.23 -45.11
C PRO E 906 114.91 -137.64 -45.86
N VAL E 907 113.94 -138.46 -46.25
CA VAL E 907 112.82 -138.01 -47.08
C VAL E 907 111.72 -137.45 -46.19
N ARG E 908 110.92 -136.55 -46.77
CA ARG E 908 109.85 -135.88 -46.03
C ARG E 908 108.50 -136.50 -46.40
N ASP E 909 108.19 -137.61 -45.72
CA ASP E 909 106.91 -138.29 -45.87
C ASP E 909 106.27 -138.39 -44.49
N ASP E 910 105.52 -137.34 -44.12
CA ASP E 910 104.89 -137.29 -42.81
C ASP E 910 103.76 -138.30 -42.67
N ASN E 911 103.10 -138.65 -43.77
CA ASN E 911 102.12 -139.72 -43.74
C ASN E 911 102.75 -141.11 -43.76
N LYS E 912 104.01 -141.22 -44.19
CA LYS E 912 104.70 -142.49 -44.23
C LYS E 912 105.82 -142.55 -43.21
N ARG E 913 105.64 -141.85 -42.09
CA ARG E 913 106.48 -141.95 -40.88
C ARG E 913 107.93 -141.52 -41.12
N GLN E 914 108.15 -140.70 -42.15
CA GLN E 914 109.47 -140.20 -42.48
C GLN E 914 109.53 -138.72 -42.15
N HIS E 915 110.52 -138.35 -41.34
CA HIS E 915 110.47 -137.02 -40.73
C HIS E 915 111.89 -136.57 -40.38
N PRO E 916 112.50 -135.68 -41.18
CA PRO E 916 113.89 -135.27 -40.91
C PRO E 916 114.03 -134.16 -39.89
N CYS E 917 112.94 -133.83 -39.19
CA CYS E 917 112.93 -132.73 -38.22
C CYS E 917 113.00 -133.28 -36.80
N LEU E 918 113.55 -134.47 -36.64
CA LEU E 918 113.76 -135.05 -35.33
C LEU E 918 115.14 -134.72 -34.76
N VAL E 919 115.98 -134.04 -35.53
CA VAL E 919 117.19 -133.42 -35.01
C VAL E 919 116.78 -132.08 -34.40
N GLU E 920 117.48 -131.65 -33.34
CA GLU E 920 117.00 -130.62 -32.43
C GLU E 920 117.06 -129.22 -33.10
N PHE E 921 116.78 -128.18 -32.31
CA PHE E 921 116.40 -126.86 -32.83
C PHE E 921 117.55 -126.15 -33.52
N SER E 922 118.66 -125.96 -32.82
CA SER E 922 119.79 -125.22 -33.39
C SER E 922 120.53 -126.03 -34.46
N LYS E 923 120.45 -127.36 -34.39
CA LYS E 923 121.25 -128.22 -35.25
C LYS E 923 120.60 -128.41 -36.61
N LEU E 924 119.28 -128.25 -36.70
CA LEU E 924 118.54 -128.26 -37.97
C LEU E 924 118.48 -126.86 -38.55
N PRO E 925 118.65 -126.75 -39.87
CA PRO E 925 118.64 -125.42 -40.50
C PRO E 925 117.24 -124.88 -40.70
N GLU E 926 117.13 -123.71 -41.30
CA GLU E 926 115.82 -123.15 -41.65
C GLU E 926 115.39 -123.53 -43.07
N GLN E 927 115.51 -124.83 -43.34
CA GLN E 927 114.98 -125.44 -44.56
C GLN E 927 114.14 -126.66 -44.20
N GLU E 928 114.40 -127.27 -43.03
CA GLU E 928 113.58 -128.33 -42.50
C GLU E 928 112.74 -127.91 -41.31
N ARG E 929 113.35 -127.39 -40.24
CA ARG E 929 112.67 -127.09 -38.99
C ARG E 929 112.23 -125.63 -38.89
N ASN E 930 112.10 -124.94 -40.03
CA ASN E 930 111.83 -123.50 -40.03
C ASN E 930 110.47 -123.17 -39.42
N TYR E 931 109.50 -124.09 -39.55
CA TYR E 931 108.18 -123.94 -38.97
C TYR E 931 108.19 -123.95 -37.44
N ASN E 932 109.23 -124.50 -36.82
CA ASN E 932 109.36 -124.50 -35.38
C ASN E 932 110.32 -123.45 -34.85
N LEU E 933 111.22 -122.92 -35.68
CA LEU E 933 112.18 -121.91 -35.26
C LEU E 933 111.61 -120.50 -35.43
N GLN E 934 111.01 -120.23 -36.59
CA GLN E 934 110.39 -118.93 -36.83
C GLN E 934 109.11 -118.75 -36.03
N MET E 935 108.49 -119.86 -35.60
CA MET E 935 107.40 -119.78 -34.63
C MET E 935 107.94 -119.43 -33.24
N SER E 936 109.06 -120.04 -32.84
CA SER E 936 109.60 -119.82 -31.52
C SER E 936 110.14 -118.40 -31.35
N LEU E 937 110.70 -117.82 -32.42
CA LEU E 937 111.21 -116.45 -32.34
C LEU E 937 110.09 -115.46 -32.06
N GLU E 938 108.97 -115.56 -32.78
CA GLU E 938 107.85 -114.66 -32.54
C GLU E 938 107.12 -114.97 -31.25
N THR E 939 107.05 -116.25 -30.85
CA THR E 939 106.44 -116.58 -29.58
C THR E 939 107.22 -116.06 -28.39
N LEU E 940 108.55 -116.08 -28.45
CA LEU E 940 109.37 -115.52 -27.40
C LEU E 940 109.49 -114.00 -27.45
N LYS E 941 109.34 -113.41 -28.64
CA LYS E 941 109.07 -111.97 -28.73
C LYS E 941 107.79 -111.62 -27.99
N THR E 942 106.75 -112.46 -28.17
CA THR E 942 105.47 -112.31 -27.51
C THR E 942 105.50 -112.71 -26.04
N LEU E 943 106.57 -113.33 -25.57
CA LEU E 943 106.61 -113.79 -24.19
C LEU E 943 106.78 -112.63 -23.21
N LEU E 944 107.44 -111.55 -23.63
CA LEU E 944 107.64 -110.37 -22.80
C LEU E 944 107.09 -109.11 -23.47
N ALA E 945 106.07 -109.28 -24.31
CA ALA E 945 105.43 -108.15 -24.97
C ALA E 945 104.04 -107.85 -24.47
N LEU E 946 103.33 -108.82 -23.87
CA LEU E 946 101.96 -108.66 -23.43
C LEU E 946 101.86 -108.29 -21.95
N GLY E 947 102.84 -107.58 -21.40
CA GLY E 947 102.84 -107.20 -20.01
C GLY E 947 103.39 -108.24 -19.08
N CYS E 948 103.34 -109.52 -19.47
CA CYS E 948 103.90 -110.63 -18.70
C CYS E 948 105.41 -110.71 -18.87
N HIS E 949 106.11 -109.72 -18.32
CA HIS E 949 107.54 -109.55 -18.58
C HIS E 949 108.36 -110.54 -17.76
N VAL E 950 109.37 -111.12 -18.40
CA VAL E 950 110.39 -111.93 -17.73
C VAL E 950 111.73 -111.65 -18.40
N GLY E 951 112.62 -110.98 -17.67
CA GLY E 951 113.95 -110.71 -18.17
C GLY E 951 114.92 -111.83 -17.83
N ILE E 952 116.15 -111.41 -17.53
CA ILE E 952 117.18 -112.33 -17.07
C ILE E 952 117.13 -112.41 -15.54
N SER E 953 116.40 -113.39 -15.03
CA SER E 953 116.33 -113.64 -13.59
C SER E 953 116.72 -115.05 -13.19
N ASP E 954 117.09 -115.90 -14.15
CA ASP E 954 117.40 -117.30 -13.90
C ASP E 954 118.48 -117.74 -14.88
N GLU E 955 118.65 -119.05 -15.03
CA GLU E 955 119.61 -119.63 -15.96
C GLU E 955 118.90 -120.61 -16.88
N HIS E 956 119.04 -120.42 -18.19
CA HIS E 956 118.48 -121.36 -19.15
C HIS E 956 119.48 -122.48 -19.44
N ALA E 957 118.96 -123.70 -19.54
CA ALA E 957 119.80 -124.87 -19.78
C ALA E 957 119.03 -125.98 -20.47
N TYR E 970 107.88 -140.78 -18.03
CA TYR E 970 108.85 -140.68 -19.12
C TYR E 970 108.80 -141.91 -20.03
N GLN E 971 108.35 -141.70 -21.25
CA GLN E 971 107.97 -142.78 -22.15
C GLN E 971 109.18 -143.47 -22.77
N LEU E 972 108.92 -144.61 -23.39
CA LEU E 972 109.96 -145.34 -24.10
C LEU E 972 110.06 -144.85 -25.55
N THR E 973 111.30 -144.69 -26.00
CA THR E 973 111.61 -144.11 -27.30
C THR E 973 112.33 -145.15 -28.15
N SER E 974 112.85 -144.71 -29.29
CA SER E 974 113.53 -145.60 -30.23
C SER E 974 115.05 -145.58 -30.04
N GLY E 975 115.54 -144.80 -29.08
CA GLY E 975 116.97 -144.69 -28.87
C GLY E 975 117.45 -143.31 -28.48
N TYR E 976 116.67 -142.28 -28.84
CA TYR E 976 116.97 -140.91 -28.47
C TYR E 976 115.87 -140.43 -27.52
N LYS E 977 116.14 -140.52 -26.21
CA LYS E 977 115.23 -139.99 -25.20
C LYS E 977 115.80 -138.69 -24.67
N PRO E 978 115.30 -137.54 -25.11
CA PRO E 978 115.92 -136.26 -24.73
C PRO E 978 115.38 -135.74 -23.40
N ALA E 979 116.30 -135.40 -22.50
CA ALA E 979 115.94 -134.80 -21.22
C ALA E 979 116.97 -133.73 -20.88
N PRO E 980 116.77 -132.50 -21.38
CA PRO E 980 117.62 -131.40 -20.93
C PRO E 980 117.22 -130.86 -19.55
N MET E 981 115.91 -130.80 -19.27
CA MET E 981 115.41 -130.17 -18.05
C MET E 981 114.18 -130.91 -17.54
N ASP E 982 113.49 -130.26 -16.60
CA ASP E 982 112.31 -130.81 -15.93
C ASP E 982 111.06 -130.08 -16.41
N LEU E 983 109.91 -130.71 -16.25
CA LEU E 983 108.64 -130.10 -16.59
C LEU E 983 107.64 -130.10 -15.45
N SER E 984 107.68 -131.11 -14.57
CA SER E 984 106.71 -131.27 -13.50
C SER E 984 107.21 -130.74 -12.16
N PHE E 985 108.03 -129.68 -12.18
CA PHE E 985 108.42 -129.02 -10.93
C PHE E 985 107.56 -127.77 -10.69
N ILE E 986 107.38 -126.96 -11.73
CA ILE E 986 106.61 -125.72 -11.64
C ILE E 986 105.51 -125.77 -12.71
N LYS E 987 104.27 -125.60 -12.29
CA LYS E 987 103.17 -125.35 -13.20
C LYS E 987 102.93 -123.85 -13.30
N LEU E 988 102.20 -123.43 -14.32
CA LEU E 988 102.23 -122.02 -14.70
C LEU E 988 100.99 -121.26 -14.23
N THR E 989 100.97 -119.97 -14.54
CA THR E 989 100.04 -118.98 -14.04
C THR E 989 98.92 -118.76 -15.05
N PRO E 990 97.98 -117.85 -14.76
CA PRO E 990 96.85 -117.65 -15.68
C PRO E 990 97.19 -116.99 -17.00
N SER E 991 98.07 -115.98 -17.02
CA SER E 991 98.28 -115.23 -18.26
C SER E 991 99.25 -115.91 -19.21
N GLN E 992 99.78 -117.09 -18.86
CA GLN E 992 100.55 -117.88 -19.81
C GLN E 992 99.63 -118.77 -20.62
N GLU E 993 98.70 -119.45 -19.94
CA GLU E 993 97.70 -120.24 -20.66
C GLU E 993 96.65 -119.34 -21.31
N ALA E 994 96.56 -118.07 -20.88
CA ALA E 994 95.76 -117.10 -21.60
C ALA E 994 96.47 -116.53 -22.82
N MET E 995 97.79 -116.31 -22.74
CA MET E 995 98.55 -115.85 -23.91
C MET E 995 98.76 -116.98 -24.93
N VAL E 996 98.65 -118.23 -24.49
CA VAL E 996 98.65 -119.35 -25.43
C VAL E 996 97.46 -119.30 -26.38
N ASP E 997 96.33 -118.73 -25.92
CA ASP E 997 95.19 -118.49 -26.79
C ASP E 997 95.49 -117.46 -27.87
N LYS E 998 96.16 -116.37 -27.52
CA LYS E 998 96.59 -115.40 -28.52
C LYS E 998 97.62 -116.00 -29.47
N LEU E 999 98.48 -116.90 -28.97
CA LEU E 999 99.43 -117.56 -29.85
C LEU E 999 98.74 -118.50 -30.82
N ALA E 1000 97.74 -119.23 -30.35
CA ALA E 1000 96.94 -120.08 -31.23
C ALA E 1000 96.16 -119.25 -32.24
N GLU E 1001 95.65 -118.08 -31.82
CA GLU E 1001 94.98 -117.18 -32.75
C GLU E 1001 95.96 -116.61 -33.77
N ASN E 1002 97.18 -116.31 -33.34
CA ASN E 1002 98.21 -115.79 -34.24
C ASN E 1002 98.61 -116.83 -35.28
N ALA E 1003 98.85 -118.07 -34.82
CA ALA E 1003 99.19 -119.15 -35.74
C ALA E 1003 98.05 -119.48 -36.68
N HIS E 1004 96.82 -119.51 -36.16
CA HIS E 1004 95.66 -119.73 -37.01
C HIS E 1004 95.45 -118.58 -37.98
N ASN E 1005 95.82 -117.35 -37.59
CA ASN E 1005 95.58 -116.22 -38.47
C ASN E 1005 96.63 -116.13 -39.56
N VAL E 1006 97.88 -116.49 -39.27
CA VAL E 1006 98.86 -116.51 -40.34
C VAL E 1006 98.65 -117.74 -41.23
N TRP E 1007 98.11 -118.83 -40.68
CA TRP E 1007 97.77 -119.98 -41.50
C TRP E 1007 96.56 -119.70 -42.37
N ALA E 1008 95.59 -118.96 -41.84
CA ALA E 1008 94.45 -118.52 -42.62
C ALA E 1008 94.85 -117.48 -43.67
N ARG E 1009 95.84 -116.64 -43.35
CA ARG E 1009 96.49 -115.82 -44.37
C ARG E 1009 97.10 -116.68 -45.46
N ASP E 1010 97.70 -117.80 -45.10
CA ASP E 1010 98.14 -118.79 -46.07
C ASP E 1010 96.98 -119.59 -46.65
N ARG E 1011 95.78 -119.49 -46.06
CA ARG E 1011 94.61 -120.16 -46.61
C ARG E 1011 93.59 -119.19 -47.19
N ILE E 1012 93.97 -117.92 -47.39
CA ILE E 1012 93.06 -116.94 -47.98
C ILE E 1012 92.72 -117.31 -49.41
N ARG E 1013 93.73 -117.43 -50.27
CA ARG E 1013 93.51 -117.56 -51.70
C ARG E 1013 92.99 -118.94 -52.08
N GLN E 1014 93.60 -120.00 -51.57
CA GLN E 1014 93.12 -121.34 -51.81
C GLN E 1014 91.83 -121.56 -51.03
N ARG E 1027 91.15 -122.15 -54.44
CA ARG E 1027 89.77 -122.22 -53.97
C ARG E 1027 89.54 -123.44 -53.11
N ARG E 1028 88.26 -123.86 -53.04
CA ARG E 1028 87.74 -125.07 -52.38
C ARG E 1028 88.33 -125.32 -50.98
N ASN E 1029 88.54 -124.24 -50.24
CA ASN E 1029 89.02 -124.34 -48.87
C ASN E 1029 87.87 -124.15 -47.89
N PRO E 1030 87.56 -125.15 -47.07
CA PRO E 1030 86.52 -124.96 -46.03
C PRO E 1030 87.01 -124.23 -44.79
N ARG E 1031 88.18 -123.60 -44.83
CA ARG E 1031 88.73 -122.88 -43.68
C ARG E 1031 88.48 -121.38 -43.77
N LEU E 1032 87.42 -120.97 -44.47
CA LEU E 1032 87.16 -119.55 -44.74
C LEU E 1032 86.25 -118.93 -43.68
N VAL E 1033 86.61 -119.14 -42.41
CA VAL E 1033 85.95 -118.50 -41.27
C VAL E 1033 87.00 -118.22 -40.19
N PRO E 1034 86.82 -117.11 -39.42
CA PRO E 1034 87.89 -116.68 -38.49
C PRO E 1034 88.14 -117.60 -37.31
N TYR E 1035 89.07 -117.16 -36.44
CA TYR E 1035 89.47 -117.95 -35.28
C TYR E 1035 88.34 -118.10 -34.28
N ALA E 1036 87.59 -117.03 -34.03
CA ALA E 1036 86.57 -117.03 -33.00
C ALA E 1036 85.30 -117.79 -33.40
N LEU E 1037 85.27 -118.40 -34.57
CA LEU E 1037 84.08 -119.17 -34.95
C LEU E 1037 84.44 -120.53 -35.56
N LEU E 1038 85.65 -120.71 -36.08
CA LEU E 1038 86.07 -122.01 -36.57
C LEU E 1038 86.28 -122.93 -35.37
N ASP E 1039 86.23 -124.25 -35.61
CA ASP E 1039 86.29 -125.27 -34.55
C ASP E 1039 87.62 -125.21 -33.82
N ASP E 1040 87.55 -124.96 -32.51
CA ASP E 1040 88.72 -124.63 -31.69
C ASP E 1040 89.28 -125.83 -30.93
N ARG E 1041 88.94 -127.06 -31.33
CA ARG E 1041 89.44 -128.24 -30.63
C ARG E 1041 90.72 -128.81 -31.24
N THR E 1042 90.88 -128.76 -32.56
CA THR E 1042 92.14 -129.17 -33.17
C THR E 1042 93.23 -128.12 -33.00
N LYS E 1043 92.84 -126.89 -32.65
CA LYS E 1043 93.80 -125.85 -32.29
C LYS E 1043 94.28 -125.98 -30.85
N LYS E 1044 93.72 -126.89 -30.07
CA LYS E 1044 94.16 -127.04 -28.68
C LYS E 1044 95.45 -127.83 -28.56
N SER E 1045 95.85 -128.57 -29.61
CA SER E 1045 97.16 -129.21 -29.60
C SER E 1045 98.27 -128.18 -29.74
N ASN E 1046 98.07 -127.15 -30.58
CA ASN E 1046 98.99 -126.03 -30.65
C ASN E 1046 98.90 -125.14 -29.42
N LYS E 1047 97.81 -125.25 -28.65
CA LYS E 1047 97.76 -124.63 -27.33
C LYS E 1047 98.57 -125.43 -26.32
N ASP E 1048 98.51 -126.76 -26.41
CA ASP E 1048 99.31 -127.63 -25.56
C ASP E 1048 100.80 -127.49 -25.83
N SER E 1049 101.19 -127.31 -27.11
CA SER E 1049 102.60 -127.14 -27.45
C SER E 1049 103.15 -125.81 -26.93
N LEU E 1050 102.38 -124.73 -27.07
CA LEU E 1050 102.76 -123.44 -26.49
C LEU E 1050 102.76 -123.46 -24.96
N ARG E 1051 101.81 -124.17 -24.35
CA ARG E 1051 101.77 -124.25 -22.89
C ARG E 1051 102.90 -125.11 -22.34
N GLU E 1052 103.28 -126.18 -23.05
CA GLU E 1052 104.44 -126.95 -22.62
C GLU E 1052 105.75 -126.25 -22.95
N ALA E 1053 105.75 -125.38 -23.96
CA ALA E 1053 106.89 -124.48 -24.16
C ALA E 1053 107.04 -123.53 -22.99
N VAL E 1054 105.91 -123.02 -22.47
CA VAL E 1054 105.93 -122.20 -21.28
C VAL E 1054 106.32 -123.01 -20.04
N ARG E 1055 105.96 -124.30 -20.00
CA ARG E 1055 106.42 -125.19 -18.94
C ARG E 1055 107.94 -125.35 -18.97
N THR E 1056 108.51 -125.51 -20.16
CA THR E 1056 109.97 -125.47 -20.35
C THR E 1056 110.56 -124.11 -19.96
N LEU E 1057 109.86 -123.02 -20.28
CA LEU E 1057 110.31 -121.67 -19.91
C LEU E 1057 110.42 -121.50 -18.41
N LEU E 1058 109.38 -121.90 -17.67
CA LEU E 1058 109.43 -121.79 -16.22
C LEU E 1058 110.30 -122.88 -15.59
N GLY E 1059 110.60 -123.95 -16.31
CA GLY E 1059 111.69 -124.80 -15.91
C GLY E 1059 113.02 -124.09 -16.00
N TYR E 1060 113.25 -123.38 -17.10
CA TYR E 1060 114.40 -122.49 -17.24
C TYR E 1060 114.30 -121.25 -16.36
N GLY E 1061 113.10 -120.93 -15.85
CA GLY E 1061 112.95 -119.87 -14.88
C GLY E 1061 112.51 -118.55 -15.47
N TYR E 1062 111.47 -118.56 -16.30
CA TYR E 1062 110.93 -117.34 -16.91
C TYR E 1062 109.40 -117.42 -16.85
N ASN E 1063 108.83 -116.95 -15.74
CA ASN E 1063 107.40 -117.01 -15.47
C ASN E 1063 106.65 -115.98 -16.31
N LEU E 1064 105.33 -116.17 -16.40
CA LEU E 1064 104.47 -115.26 -17.13
C LEU E 1064 103.30 -114.84 -16.25
N GLU E 1065 103.21 -113.53 -15.98
CA GLU E 1065 102.12 -112.95 -15.22
C GLU E 1065 101.87 -111.55 -15.77
N ALA E 1066 100.73 -111.36 -16.42
CA ALA E 1066 100.37 -110.05 -16.97
C ALA E 1066 100.04 -109.07 -15.84
N ARG E 1084 71.71 -93.80 -29.28
CA ARG E 1084 72.51 -94.12 -28.11
C ARG E 1084 71.66 -94.71 -27.00
N PHE E 1085 70.84 -93.89 -26.36
CA PHE E 1085 69.98 -94.35 -25.27
C PHE E 1085 68.58 -93.79 -25.49
N ARG E 1086 67.64 -94.66 -25.86
CA ARG E 1086 66.32 -94.28 -26.33
C ARG E 1086 65.39 -93.97 -25.16
N ILE E 1087 64.41 -93.10 -25.40
CA ILE E 1087 63.49 -92.62 -24.38
C ILE E 1087 62.08 -92.97 -24.80
N PHE E 1088 61.27 -93.43 -23.84
CA PHE E 1088 59.98 -94.06 -24.11
C PHE E 1088 58.94 -93.42 -23.21
N ARG E 1089 57.75 -93.16 -23.77
CA ARG E 1089 56.68 -92.57 -22.98
C ARG E 1089 55.33 -92.88 -23.61
N ALA E 1090 54.29 -92.69 -22.82
CA ALA E 1090 52.93 -92.83 -23.29
C ALA E 1090 52.45 -91.49 -23.85
N GLU E 1091 51.14 -91.38 -24.05
CA GLU E 1091 50.58 -90.28 -24.83
C GLU E 1091 50.56 -88.99 -24.03
N LYS E 1092 50.61 -87.87 -24.74
CA LYS E 1092 50.64 -86.55 -24.10
C LYS E 1092 49.30 -86.17 -23.53
N THR E 1093 48.21 -86.67 -24.08
CA THR E 1093 46.90 -86.23 -23.66
C THR E 1093 46.44 -86.86 -22.35
N TYR E 1094 47.16 -87.84 -21.82
CA TYR E 1094 46.76 -88.46 -20.56
C TYR E 1094 47.44 -87.85 -19.37
N ALA E 1095 47.83 -86.58 -19.46
CA ALA E 1095 48.63 -85.93 -18.42
C ALA E 1095 47.79 -85.74 -17.16
N VAL E 1096 47.98 -86.63 -16.20
CA VAL E 1096 47.15 -86.62 -14.99
C VAL E 1096 47.55 -85.44 -14.12
N LYS E 1097 46.55 -84.67 -13.68
CA LYS E 1097 46.81 -83.52 -12.84
C LYS E 1097 46.20 -83.61 -11.45
N ALA E 1098 45.43 -84.64 -11.17
CA ALA E 1098 44.84 -84.82 -9.85
C ALA E 1098 44.71 -86.30 -9.55
N GLY E 1099 44.78 -86.63 -8.27
CA GLY E 1099 44.52 -87.97 -7.82
C GLY E 1099 45.75 -88.65 -7.25
N ARG E 1100 45.65 -89.98 -7.16
CA ARG E 1100 46.65 -90.82 -6.50
C ARG E 1100 46.89 -92.01 -7.42
N TRP E 1101 48.06 -92.07 -8.04
CA TRP E 1101 48.26 -92.97 -9.18
C TRP E 1101 49.53 -93.77 -9.02
N TYR E 1102 49.60 -94.88 -9.77
CA TYR E 1102 50.70 -95.83 -9.68
C TYR E 1102 50.79 -96.60 -10.99
N PHE E 1103 52.03 -96.90 -11.40
CA PHE E 1103 52.25 -97.81 -12.51
C PHE E 1103 53.53 -98.60 -12.25
N GLU E 1104 53.69 -99.73 -12.93
CA GLU E 1104 54.81 -100.61 -12.63
C GLU E 1104 55.66 -100.88 -13.87
N PHE E 1105 56.92 -101.23 -13.59
CA PHE E 1105 57.93 -101.45 -14.61
C PHE E 1105 58.83 -102.58 -14.18
N GLU E 1106 59.27 -103.39 -15.13
CA GLU E 1106 60.18 -104.49 -14.88
C GLU E 1106 61.52 -104.21 -15.55
N ALA E 1107 62.59 -104.29 -14.77
CA ALA E 1107 63.94 -104.15 -15.31
C ALA E 1107 64.55 -105.53 -15.50
N VAL E 1108 65.06 -105.79 -16.70
CA VAL E 1108 65.44 -107.15 -17.06
C VAL E 1108 66.95 -107.29 -17.20
N THR E 1109 67.53 -106.61 -18.17
CA THR E 1109 68.93 -106.83 -18.51
C THR E 1109 69.77 -105.59 -18.19
N ALA E 1110 71.06 -105.68 -18.50
CA ALA E 1110 72.11 -104.94 -17.82
C ALA E 1110 72.16 -103.47 -18.22
N GLY E 1111 72.00 -102.59 -17.24
CA GLY E 1111 72.42 -101.21 -17.40
C GLY E 1111 71.46 -100.16 -16.87
N ASP E 1112 71.44 -99.00 -17.54
CA ASP E 1112 70.61 -97.86 -17.18
C ASP E 1112 69.15 -98.20 -17.42
N MET E 1113 68.37 -98.19 -16.34
CA MET E 1113 66.91 -98.20 -16.39
C MET E 1113 66.47 -96.96 -15.62
N ARG E 1114 66.11 -95.92 -16.35
CA ARG E 1114 65.78 -94.61 -15.76
C ARG E 1114 64.28 -94.40 -15.84
N VAL E 1115 63.58 -94.60 -14.73
CA VAL E 1115 62.12 -94.64 -14.72
C VAL E 1115 61.61 -93.45 -13.94
N GLY E 1116 60.60 -92.78 -14.47
CA GLY E 1116 60.02 -91.68 -13.72
C GLY E 1116 58.78 -91.09 -14.37
N TRP E 1117 58.50 -89.86 -13.97
CA TRP E 1117 57.33 -89.13 -14.42
C TRP E 1117 57.80 -87.83 -15.03
N SER E 1118 57.27 -87.48 -16.20
CA SER E 1118 57.77 -86.29 -16.85
C SER E 1118 56.63 -85.37 -17.24
N ARG E 1119 56.96 -84.09 -17.34
CA ARG E 1119 56.10 -83.14 -17.99
C ARG E 1119 56.00 -83.50 -19.47
N PRO E 1120 54.86 -83.22 -20.12
CA PRO E 1120 54.74 -83.54 -21.55
C PRO E 1120 55.61 -82.67 -22.43
N GLY E 1121 56.09 -81.53 -21.92
CA GLY E 1121 57.05 -80.71 -22.63
C GLY E 1121 58.48 -81.21 -22.56
N CYS E 1122 58.70 -82.44 -22.12
CA CYS E 1122 60.04 -83.01 -22.14
C CYS E 1122 60.47 -83.27 -23.58
N GLN E 1123 61.77 -83.26 -23.81
CA GLN E 1123 62.28 -83.54 -25.13
C GLN E 1123 62.97 -84.89 -25.11
N PRO E 1124 62.53 -85.85 -25.91
CA PRO E 1124 63.37 -87.02 -26.19
C PRO E 1124 64.51 -86.72 -27.13
N ASP E 1125 64.58 -85.50 -27.67
CA ASP E 1125 65.71 -85.06 -28.49
C ASP E 1125 67.02 -85.12 -27.71
N GLN E 1126 66.99 -84.68 -26.45
CA GLN E 1126 68.10 -84.84 -25.52
C GLN E 1126 67.93 -86.16 -24.76
N GLU E 1127 68.66 -86.30 -23.66
CA GLU E 1127 68.48 -87.45 -22.77
C GLU E 1127 68.20 -86.97 -21.35
N LEU E 1128 67.83 -87.92 -20.50
CA LEU E 1128 66.88 -87.67 -19.43
C LEU E 1128 67.57 -87.33 -18.12
N GLY E 1129 66.87 -86.56 -17.30
CA GLY E 1129 67.23 -86.37 -15.91
C GLY E 1129 67.84 -85.01 -15.68
N SER E 1130 68.56 -84.52 -16.68
CA SER E 1130 69.24 -83.24 -16.60
C SER E 1130 68.34 -82.11 -17.10
N ASP E 1131 67.17 -81.99 -16.49
CA ASP E 1131 66.17 -81.02 -16.89
C ASP E 1131 65.19 -80.86 -15.74
N GLU E 1132 64.25 -79.94 -15.91
CA GLU E 1132 63.16 -79.75 -14.97
C GLU E 1132 61.89 -80.47 -15.38
N ARG E 1133 61.81 -80.95 -16.62
CA ARG E 1133 60.60 -81.61 -17.08
C ARG E 1133 60.53 -83.03 -16.57
N ALA E 1134 61.68 -83.69 -16.43
CA ALA E 1134 61.69 -85.07 -15.98
C ALA E 1134 61.94 -85.15 -14.49
N PHE E 1135 61.28 -86.11 -13.84
CA PHE E 1135 61.44 -86.41 -12.42
C PHE E 1135 61.63 -87.92 -12.37
N ALA E 1136 62.86 -88.40 -12.27
CA ALA E 1136 63.05 -89.84 -12.42
C ALA E 1136 64.09 -90.38 -11.44
N PHE E 1137 64.21 -91.70 -11.45
CA PHE E 1137 65.15 -92.42 -10.62
C PHE E 1137 65.82 -93.48 -11.47
N ASP E 1138 67.14 -93.61 -11.32
CA ASP E 1138 67.90 -94.63 -12.01
C ASP E 1138 67.89 -95.88 -11.16
N GLY E 1139 67.26 -96.95 -11.66
CA GLY E 1139 67.32 -98.23 -10.98
C GLY E 1139 68.73 -98.78 -10.88
N PHE E 1140 69.58 -98.43 -11.83
CA PHE E 1140 71.01 -98.66 -11.77
C PHE E 1140 71.66 -97.56 -10.95
N LYS E 1141 72.73 -97.93 -10.23
CA LYS E 1141 73.60 -97.05 -9.45
C LYS E 1141 72.91 -96.37 -8.27
N ALA E 1142 71.62 -96.66 -8.03
CA ALA E 1142 70.86 -96.24 -6.84
C ALA E 1142 70.84 -94.74 -6.61
N GLN E 1143 70.57 -93.96 -7.66
CA GLN E 1143 70.49 -92.52 -7.50
C GLN E 1143 69.30 -91.96 -8.26
N ARG E 1144 68.85 -90.79 -7.84
CA ARG E 1144 67.72 -90.11 -8.45
C ARG E 1144 68.20 -89.02 -9.41
N TRP E 1145 67.25 -88.40 -10.10
CA TRP E 1145 67.56 -87.60 -11.29
C TRP E 1145 66.48 -86.53 -11.47
N HIS E 1146 66.81 -85.29 -11.05
CA HIS E 1146 66.11 -84.10 -11.51
C HIS E 1146 67.04 -82.93 -11.25
N GLN E 1147 67.63 -82.39 -12.32
CA GLN E 1147 68.63 -81.31 -12.30
C GLN E 1147 69.81 -81.64 -11.38
N GLY E 1148 70.20 -82.91 -11.37
CA GLY E 1148 71.30 -83.35 -10.51
C GLY E 1148 71.24 -84.80 -10.08
N ASN E 1149 71.96 -85.13 -9.00
CA ASN E 1149 72.08 -86.50 -8.53
C ASN E 1149 72.19 -86.56 -7.02
N GLU E 1150 71.65 -87.63 -6.45
CA GLU E 1150 71.82 -87.98 -5.04
C GLU E 1150 71.51 -89.45 -4.92
N HIS E 1151 72.27 -90.17 -4.11
CA HIS E 1151 72.07 -91.59 -3.90
C HIS E 1151 70.72 -91.87 -3.26
N TYR E 1152 70.10 -92.96 -3.68
CA TYR E 1152 68.74 -93.27 -3.26
C TYR E 1152 68.51 -94.77 -3.45
N GLY E 1153 68.30 -95.48 -2.35
CA GLY E 1153 67.86 -96.87 -2.46
C GLY E 1153 68.96 -97.81 -2.89
N ARG E 1154 68.56 -98.86 -3.62
CA ARG E 1154 69.47 -99.92 -4.02
C ARG E 1154 69.56 -100.01 -5.53
N SER E 1155 70.26 -101.01 -6.04
CA SER E 1155 70.31 -101.28 -7.46
C SER E 1155 69.10 -102.08 -7.89
N TRP E 1156 68.91 -102.19 -9.21
CA TRP E 1156 67.89 -103.08 -9.71
C TRP E 1156 68.44 -104.52 -9.75
N GLN E 1157 67.52 -105.47 -9.85
CA GLN E 1157 67.87 -106.88 -9.96
C GLN E 1157 67.17 -107.46 -11.17
N ALA E 1158 67.78 -108.48 -11.75
CA ALA E 1158 67.28 -109.06 -13.00
C ALA E 1158 65.99 -109.83 -12.72
N GLY E 1159 64.86 -109.16 -12.91
CA GLY E 1159 63.58 -109.73 -12.58
C GLY E 1159 62.88 -108.95 -11.49
N ASP E 1160 63.19 -107.66 -11.41
CA ASP E 1160 62.51 -106.79 -10.47
C ASP E 1160 61.21 -106.25 -11.06
N VAL E 1161 60.38 -105.69 -10.19
CA VAL E 1161 59.17 -104.95 -10.56
C VAL E 1161 59.23 -103.65 -9.77
N VAL E 1162 59.57 -102.55 -10.44
CA VAL E 1162 59.94 -101.36 -9.70
C VAL E 1162 58.70 -100.61 -9.23
N GLY E 1163 57.91 -100.07 -10.15
CA GLY E 1163 56.72 -99.33 -9.75
C GLY E 1163 56.96 -97.94 -9.22
N CYS E 1164 55.98 -97.05 -9.41
CA CYS E 1164 56.10 -95.62 -9.13
C CYS E 1164 54.72 -95.11 -8.73
N MET E 1165 54.66 -94.33 -7.65
CA MET E 1165 53.41 -93.77 -7.14
C MET E 1165 53.53 -92.25 -7.03
N VAL E 1166 52.44 -91.56 -7.37
CA VAL E 1166 52.40 -90.10 -7.39
C VAL E 1166 51.12 -89.64 -6.70
N ASP E 1167 51.28 -88.78 -5.71
CA ASP E 1167 50.19 -87.94 -5.23
C ASP E 1167 50.21 -86.68 -6.07
N MET E 1168 49.05 -86.19 -6.45
CA MET E 1168 49.00 -84.98 -7.26
C MET E 1168 48.43 -83.79 -6.51
N THR E 1169 47.38 -84.00 -5.72
CA THR E 1169 46.89 -82.96 -4.82
C THR E 1169 47.96 -82.62 -3.79
N GLU E 1170 48.56 -83.66 -3.21
CA GLU E 1170 49.79 -83.48 -2.49
C GLU E 1170 50.95 -83.41 -3.48
N HIS E 1171 51.99 -82.66 -3.14
CA HIS E 1171 53.10 -82.43 -4.04
C HIS E 1171 54.21 -83.46 -3.82
N THR E 1172 53.85 -84.74 -3.81
CA THR E 1172 54.78 -85.80 -3.42
C THR E 1172 54.79 -86.92 -4.46
N MET E 1173 55.85 -87.73 -4.39
CA MET E 1173 56.13 -88.75 -5.40
C MET E 1173 57.07 -89.76 -4.78
N MET E 1174 56.67 -91.03 -4.76
CA MET E 1174 57.43 -92.07 -4.05
C MET E 1174 57.58 -93.29 -4.93
N PHE E 1175 58.78 -93.85 -4.95
CA PHE E 1175 59.09 -94.98 -5.82
C PHE E 1175 59.37 -96.21 -4.97
N THR E 1176 58.91 -97.37 -5.45
CA THR E 1176 59.00 -98.62 -4.71
C THR E 1176 59.91 -99.61 -5.43
N LEU E 1177 60.05 -100.79 -4.82
CA LEU E 1177 60.73 -101.92 -5.45
C LEU E 1177 60.21 -103.20 -4.80
N ASN E 1178 59.41 -103.96 -5.55
CA ASN E 1178 58.87 -105.27 -5.14
C ASN E 1178 58.11 -105.21 -3.82
N GLY E 1179 57.40 -104.10 -3.61
CA GLY E 1179 56.75 -103.83 -2.35
C GLY E 1179 57.60 -103.05 -1.36
N GLU E 1180 58.93 -103.18 -1.45
CA GLU E 1180 59.80 -102.40 -0.59
C GLU E 1180 59.86 -100.99 -1.13
N ILE E 1181 59.32 -100.05 -0.35
CA ILE E 1181 59.38 -98.63 -0.68
C ILE E 1181 60.83 -98.18 -0.57
N LEU E 1182 61.41 -97.76 -1.69
CA LEU E 1182 62.82 -97.42 -1.74
C LEU E 1182 63.10 -96.14 -0.96
N LEU E 1183 64.27 -96.11 -0.32
CA LEU E 1183 64.56 -95.20 0.75
C LEU E 1183 65.76 -94.32 0.42
N ASP E 1184 65.71 -93.08 0.86
CA ASP E 1184 66.83 -92.17 0.75
C ASP E 1184 67.67 -92.22 2.03
N ASP E 1185 68.89 -91.68 1.95
CA ASP E 1185 69.74 -91.62 3.13
C ASP E 1185 69.29 -90.51 4.09
N SER E 1186 68.31 -89.69 3.68
CA SER E 1186 67.69 -88.71 4.55
C SER E 1186 66.57 -89.29 5.41
N GLY E 1187 66.41 -90.61 5.40
CA GLY E 1187 65.36 -91.25 6.17
C GLY E 1187 63.96 -91.00 5.66
N SER E 1188 63.82 -90.73 4.36
CA SER E 1188 62.52 -90.51 3.75
C SER E 1188 62.42 -91.40 2.51
N GLU E 1189 61.31 -92.11 2.39
CA GLU E 1189 61.12 -93.00 1.25
C GLU E 1189 60.48 -92.30 0.07
N LEU E 1190 59.98 -91.09 0.27
CA LEU E 1190 59.38 -90.28 -0.79
C LEU E 1190 60.49 -89.80 -1.71
N ALA E 1191 60.49 -90.35 -2.93
CA ALA E 1191 61.61 -90.13 -3.86
C ALA E 1191 61.69 -88.69 -4.33
N PHE E 1192 60.55 -88.07 -4.61
CA PHE E 1192 60.52 -86.69 -5.04
C PHE E 1192 59.37 -85.96 -4.36
N LYS E 1193 59.63 -84.73 -3.94
CA LYS E 1193 58.67 -83.98 -3.14
C LYS E 1193 58.63 -82.55 -3.61
N ASP E 1194 57.49 -81.91 -3.36
CA ASP E 1194 57.31 -80.46 -3.48
C ASP E 1194 57.49 -79.98 -4.91
N PHE E 1195 57.02 -80.77 -5.87
CA PHE E 1195 57.11 -80.38 -7.27
C PHE E 1195 56.05 -79.34 -7.59
N ASP E 1196 56.04 -78.87 -8.82
CA ASP E 1196 55.05 -77.92 -9.30
C ASP E 1196 53.93 -78.72 -9.97
N VAL E 1197 52.69 -78.39 -9.61
CA VAL E 1197 51.53 -79.05 -10.18
C VAL E 1197 51.15 -78.27 -11.44
N GLY E 1198 51.87 -78.55 -12.52
CA GLY E 1198 51.69 -77.81 -13.74
C GLY E 1198 50.78 -78.50 -14.72
N ASP E 1199 51.33 -78.89 -15.87
CA ASP E 1199 50.55 -79.44 -16.97
C ASP E 1199 50.40 -80.95 -16.87
N GLY E 1200 50.53 -81.51 -15.68
CA GLY E 1200 50.37 -82.95 -15.53
C GLY E 1200 51.65 -83.70 -15.76
N PHE E 1201 51.57 -85.02 -15.60
CA PHE E 1201 52.76 -85.85 -15.66
C PHE E 1201 52.42 -87.19 -16.30
N ILE E 1202 53.31 -87.64 -17.18
CA ILE E 1202 53.11 -88.87 -17.93
C ILE E 1202 54.21 -89.85 -17.54
N PRO E 1203 53.97 -91.16 -17.61
CA PRO E 1203 55.02 -92.13 -17.30
C PRO E 1203 56.07 -92.17 -18.38
N VAL E 1204 57.34 -92.21 -17.97
CA VAL E 1204 58.44 -92.22 -18.93
C VAL E 1204 59.51 -93.20 -18.43
N CYS E 1205 60.13 -93.90 -19.39
CA CYS E 1205 61.25 -94.76 -19.04
C CYS E 1205 62.32 -94.59 -20.11
N SER E 1206 63.57 -94.55 -19.69
CA SER E 1206 64.69 -94.51 -20.62
C SER E 1206 65.40 -95.85 -20.61
N LEU E 1207 65.81 -96.28 -21.79
CA LEU E 1207 66.57 -97.51 -21.91
C LEU E 1207 67.97 -97.18 -22.42
N GLY E 1208 68.89 -98.11 -22.19
CA GLY E 1208 70.28 -97.88 -22.51
C GLY E 1208 70.74 -98.52 -23.80
N VAL E 1209 71.72 -99.44 -23.73
CA VAL E 1209 72.36 -99.97 -24.92
C VAL E 1209 71.83 -101.36 -25.28
N ALA E 1210 71.86 -102.29 -24.32
CA ALA E 1210 71.38 -103.65 -24.56
C ALA E 1210 70.42 -104.04 -23.44
N GLN E 1211 69.57 -103.10 -23.07
CA GLN E 1211 68.60 -103.28 -22.00
C GLN E 1211 67.25 -103.67 -22.59
N VAL E 1212 66.51 -104.47 -21.86
CA VAL E 1212 65.15 -104.82 -22.23
C VAL E 1212 64.21 -104.31 -21.15
N GLY E 1213 63.27 -103.45 -21.54
CA GLY E 1213 62.30 -102.88 -20.62
C GLY E 1213 60.94 -103.55 -20.76
N ARG E 1214 60.12 -103.36 -19.75
CA ARG E 1214 58.78 -103.94 -19.73
C ARG E 1214 57.90 -103.06 -18.87
N MET E 1215 57.05 -102.25 -19.50
CA MET E 1215 56.10 -101.42 -18.77
C MET E 1215 54.74 -102.09 -18.76
N ASN E 1216 53.88 -101.62 -17.87
CA ASN E 1216 52.49 -102.07 -17.83
C ASN E 1216 51.63 -100.91 -17.37
N PHE E 1217 50.82 -100.36 -18.28
CA PHE E 1217 49.99 -99.19 -18.00
C PHE E 1217 48.62 -99.61 -17.47
N GLY E 1218 48.61 -100.36 -16.39
CA GLY E 1218 47.33 -100.83 -15.91
C GLY E 1218 46.78 -101.94 -16.81
N LYS E 1219 45.54 -102.33 -16.50
CA LYS E 1219 44.76 -103.39 -17.14
C LYS E 1219 45.44 -104.75 -17.04
N ASP E 1220 46.37 -104.86 -16.10
CA ASP E 1220 47.15 -106.05 -15.81
C ASP E 1220 47.14 -106.27 -14.31
N VAL E 1221 45.94 -106.22 -13.71
CA VAL E 1221 45.81 -106.31 -12.26
C VAL E 1221 46.19 -107.71 -11.78
N SER E 1222 45.90 -108.73 -12.60
CA SER E 1222 46.43 -110.06 -12.34
C SER E 1222 47.94 -110.10 -12.46
N THR E 1223 48.51 -109.33 -13.40
CA THR E 1223 49.95 -109.23 -13.56
C THR E 1223 50.52 -108.12 -12.67
N LEU E 1224 49.65 -107.35 -12.02
CA LEU E 1224 50.08 -106.41 -10.98
C LEU E 1224 50.51 -107.22 -9.77
N LYS E 1225 51.84 -107.36 -9.61
CA LYS E 1225 52.39 -108.25 -8.61
C LYS E 1225 52.37 -107.66 -7.21
N TYR E 1226 52.79 -106.42 -7.06
CA TYR E 1226 52.93 -105.87 -5.72
C TYR E 1226 51.92 -104.75 -5.50
N PHE E 1227 50.83 -104.73 -6.25
CA PHE E 1227 49.83 -103.69 -6.07
C PHE E 1227 48.97 -103.95 -4.83
N THR E 1228 48.97 -105.18 -4.34
CA THR E 1228 48.26 -105.48 -3.11
C THR E 1228 48.97 -104.89 -1.90
N ILE E 1229 50.21 -105.27 -1.67
CA ILE E 1229 50.94 -104.95 -0.45
C ILE E 1229 51.31 -103.46 -0.39
N CYS E 1230 51.40 -102.81 -1.54
CA CYS E 1230 51.49 -101.35 -1.61
C CYS E 1230 50.67 -100.89 -2.80
N GLY E 1231 49.91 -99.81 -2.63
CA GLY E 1231 48.92 -99.49 -3.65
C GLY E 1231 47.50 -99.29 -3.15
N LEU E 1232 46.64 -100.27 -3.41
CA LEU E 1232 45.18 -100.18 -3.23
C LEU E 1232 44.72 -99.57 -1.90
N GLN E 1233 45.04 -100.24 -0.79
CA GLN E 1233 44.63 -99.74 0.52
C GLN E 1233 45.43 -98.52 0.93
N GLU E 1234 46.53 -98.23 0.25
CA GLU E 1234 47.34 -97.05 0.52
C GLU E 1234 46.84 -95.84 -0.24
N GLY E 1235 45.69 -95.94 -0.89
CA GLY E 1235 45.14 -94.82 -1.62
C GLY E 1235 45.92 -94.54 -2.88
N TYR E 1236 45.83 -95.43 -3.86
CA TYR E 1236 46.44 -95.25 -5.16
C TYR E 1236 45.58 -95.94 -6.22
N GLU E 1237 45.99 -95.78 -7.48
CA GLU E 1237 45.25 -96.33 -8.60
C GLU E 1237 46.19 -96.69 -9.74
N PRO E 1238 45.88 -97.72 -10.51
CA PRO E 1238 46.64 -97.98 -11.73
C PRO E 1238 46.07 -97.16 -12.88
N PHE E 1239 46.53 -97.41 -14.10
CA PHE E 1239 45.90 -96.83 -15.29
C PHE E 1239 44.78 -97.70 -15.84
N ALA E 1240 44.16 -98.54 -15.01
CA ALA E 1240 43.09 -99.44 -15.41
C ALA E 1240 41.72 -98.92 -15.06
N VAL E 1241 41.64 -97.72 -14.49
CA VAL E 1241 40.42 -97.31 -13.82
C VAL E 1241 39.35 -96.90 -14.83
N ASN E 1242 39.75 -96.67 -16.07
CA ASN E 1242 38.79 -96.30 -17.08
C ASN E 1242 38.99 -96.94 -18.44
N THR E 1243 40.21 -97.34 -18.79
CA THR E 1243 40.55 -97.39 -20.20
C THR E 1243 40.15 -98.73 -20.82
N ASN E 1244 39.41 -98.63 -21.92
CA ASN E 1244 39.14 -99.79 -22.76
C ASN E 1244 39.98 -99.81 -24.02
N ARG E 1245 40.74 -98.76 -24.30
CA ARG E 1245 41.72 -98.80 -25.36
C ARG E 1245 43.02 -99.34 -24.80
N ASP E 1246 44.05 -99.32 -25.64
CA ASP E 1246 45.42 -99.41 -25.17
C ASP E 1246 45.97 -98.01 -25.34
N ILE E 1247 46.61 -97.49 -24.31
CA ILE E 1247 47.20 -96.16 -24.41
C ILE E 1247 48.43 -96.24 -25.30
N THR E 1248 48.54 -95.33 -26.26
CA THR E 1248 49.61 -95.37 -27.24
C THR E 1248 50.94 -95.03 -26.60
N MET E 1249 52.01 -95.57 -27.16
CA MET E 1249 53.35 -95.25 -26.68
C MET E 1249 54.13 -94.47 -27.72
N TRP E 1250 54.94 -93.55 -27.23
CA TRP E 1250 55.69 -92.63 -28.07
C TRP E 1250 57.18 -92.74 -27.81
N LEU E 1251 57.82 -93.68 -28.48
CA LEU E 1251 59.25 -93.82 -28.38
C LEU E 1251 59.92 -92.76 -29.24
N SER E 1252 61.18 -92.50 -28.95
CA SER E 1252 61.97 -91.57 -29.74
C SER E 1252 62.55 -92.26 -30.95
N LYS E 1253 62.73 -91.49 -32.02
CA LYS E 1253 63.15 -92.07 -33.29
C LYS E 1253 64.64 -92.34 -33.32
N ARG E 1254 65.02 -93.25 -34.20
CA ARG E 1254 66.41 -93.45 -34.58
C ARG E 1254 66.76 -92.65 -35.82
N LEU E 1255 65.92 -92.67 -36.83
CA LEU E 1255 66.17 -91.93 -38.06
C LEU E 1255 65.89 -90.44 -37.84
N PRO E 1256 66.81 -89.56 -38.20
CA PRO E 1256 66.57 -88.13 -38.03
C PRO E 1256 65.81 -87.54 -39.20
N GLN E 1257 65.13 -86.43 -38.96
CA GLN E 1257 64.33 -85.78 -39.99
C GLN E 1257 64.49 -84.28 -39.84
N PHE E 1258 64.48 -83.58 -40.98
CA PHE E 1258 64.81 -82.17 -40.94
C PHE E 1258 63.62 -81.35 -40.46
N LEU E 1259 63.91 -80.16 -39.99
CA LEU E 1259 62.98 -79.45 -39.13
C LEU E 1259 63.21 -77.96 -39.31
N GLN E 1260 62.24 -77.16 -38.85
CA GLN E 1260 62.35 -75.71 -38.91
C GLN E 1260 63.36 -75.23 -37.88
N VAL E 1261 63.65 -73.93 -37.88
CA VAL E 1261 64.65 -73.42 -36.95
C VAL E 1261 64.05 -72.45 -35.95
N PRO E 1262 63.77 -72.89 -34.73
CA PRO E 1262 63.36 -71.95 -33.68
C PRO E 1262 64.57 -71.27 -33.05
N SER E 1263 64.35 -70.55 -31.95
CA SER E 1263 65.43 -69.95 -31.18
C SER E 1263 66.08 -70.92 -30.20
N SER E 1264 65.91 -72.23 -30.39
CA SER E 1264 66.43 -73.23 -29.46
C SER E 1264 67.81 -73.70 -29.90
N HIS E 1265 68.73 -72.75 -29.89
CA HIS E 1265 70.16 -73.03 -29.88
C HIS E 1265 70.76 -72.03 -28.91
N GLU E 1266 72.03 -72.22 -28.59
CA GLU E 1266 72.78 -71.17 -27.93
C GLU E 1266 72.81 -69.92 -28.80
N HIS E 1267 73.19 -70.09 -30.08
CA HIS E 1267 73.19 -68.98 -31.03
C HIS E 1267 73.11 -69.61 -32.43
N ILE E 1268 71.90 -69.61 -33.00
CA ILE E 1268 71.64 -69.88 -34.41
C ILE E 1268 70.58 -68.88 -34.84
N GLU E 1269 70.83 -68.14 -35.91
CA GLU E 1269 69.90 -67.08 -36.31
C GLU E 1269 69.94 -66.90 -37.82
N VAL E 1270 68.92 -67.42 -38.49
CA VAL E 1270 68.74 -67.10 -39.90
C VAL E 1270 67.95 -65.81 -40.01
N THR E 1271 68.23 -65.02 -41.04
CA THR E 1271 67.61 -63.71 -41.19
C THR E 1271 67.08 -63.55 -42.60
N ARG E 1272 65.79 -63.28 -42.71
CA ARG E 1272 65.18 -62.88 -43.96
C ARG E 1272 65.65 -61.46 -44.26
N ILE E 1273 66.50 -61.30 -45.27
CA ILE E 1273 66.99 -59.97 -45.64
C ILE E 1273 66.78 -59.77 -47.14
N ASP E 1274 67.01 -58.54 -47.57
CA ASP E 1274 66.87 -58.18 -48.97
C ASP E 1274 68.09 -57.42 -49.48
N VAL E 1285 71.79 -61.72 -53.70
CA VAL E 1285 70.75 -60.80 -53.30
C VAL E 1285 69.59 -61.56 -52.66
N THR E 1286 68.86 -60.88 -51.76
CA THR E 1286 67.76 -61.46 -50.96
C THR E 1286 68.24 -62.70 -50.19
N GLN E 1287 69.15 -62.46 -49.24
CA GLN E 1287 70.01 -63.49 -48.71
C GLN E 1287 69.46 -64.08 -47.41
N LYS E 1288 70.28 -64.88 -46.74
CA LYS E 1288 69.90 -65.56 -45.49
C LYS E 1288 71.15 -65.78 -44.64
N SER E 1289 71.37 -64.89 -43.67
CA SER E 1289 72.59 -64.90 -42.87
C SER E 1289 72.50 -65.92 -41.74
N PHE E 1290 73.51 -65.92 -40.87
CA PHE E 1290 73.70 -67.01 -39.93
C PHE E 1290 74.43 -66.51 -38.69
N GLY E 1291 74.79 -67.46 -37.83
CA GLY E 1291 75.73 -67.23 -36.75
C GLY E 1291 75.87 -68.46 -35.87
N SER E 1292 77.10 -68.87 -35.55
CA SER E 1292 77.31 -70.07 -34.74
C SER E 1292 78.53 -69.95 -33.82
N GLN E 1293 78.70 -68.82 -33.13
CA GLN E 1293 79.85 -68.68 -32.22
C GLN E 1293 79.44 -69.17 -30.84
N ASN E 1294 79.74 -70.43 -30.53
CA ASN E 1294 79.20 -71.11 -29.36
C ASN E 1294 80.21 -72.11 -28.84
N SER E 1295 79.71 -73.04 -28.04
CA SER E 1295 80.49 -74.12 -27.44
C SER E 1295 80.52 -75.38 -28.29
N SER E 1296 79.55 -75.57 -29.17
CA SER E 1296 79.44 -76.80 -29.98
C SER E 1296 79.12 -76.38 -31.41
N THR E 1297 80.08 -76.55 -32.30
CA THR E 1297 79.95 -76.20 -33.71
C THR E 1297 80.28 -77.40 -34.58
N ASP E 1298 79.72 -78.56 -34.24
CA ASP E 1298 80.19 -79.80 -34.85
C ASP E 1298 79.67 -79.96 -36.27
N ILE E 1299 78.36 -80.15 -36.42
CA ILE E 1299 77.76 -80.52 -37.70
C ILE E 1299 76.37 -79.87 -37.78
N MET E 1300 76.10 -79.14 -38.86
CA MET E 1300 74.84 -78.46 -39.04
C MET E 1300 74.40 -78.63 -40.49
N PHE E 1301 73.63 -79.68 -40.76
CA PHE E 1301 73.13 -79.94 -42.10
C PHE E 1301 71.99 -78.98 -42.41
N TYR E 1302 72.06 -78.29 -43.54
CA TYR E 1302 71.07 -77.27 -43.89
C TYR E 1302 70.42 -77.57 -45.23
N ARG E 1303 69.15 -77.22 -45.37
CA ARG E 1303 68.46 -77.33 -46.64
C ARG E 1303 67.36 -76.29 -46.72
N LEU E 1304 66.95 -75.99 -47.94
CA LEU E 1304 65.81 -75.11 -48.11
C LEU E 1304 64.51 -75.90 -47.94
N SER E 1305 63.40 -75.18 -47.87
CA SER E 1305 62.13 -75.82 -47.58
C SER E 1305 61.62 -76.60 -48.78
N MET E 1306 61.30 -75.91 -49.85
CA MET E 1306 60.64 -76.69 -50.89
C MET E 1306 61.63 -77.14 -51.95
N PRO E 1307 61.41 -78.29 -52.55
CA PRO E 1307 62.32 -78.76 -53.59
C PRO E 1307 61.87 -78.40 -54.99
N ILE E 1308 62.67 -78.75 -56.00
CA ILE E 1308 62.34 -78.59 -57.41
C ILE E 1308 62.27 -79.97 -58.05
N GLU E 1309 61.28 -80.16 -58.90
CA GLU E 1309 61.03 -81.41 -59.60
C GLU E 1309 61.60 -81.36 -61.01
N CYS E 1310 61.25 -82.36 -61.82
CA CYS E 1310 61.64 -82.39 -63.23
C CYS E 1310 60.44 -82.61 -64.15
N THR E 1425 67.01 -74.57 -65.06
CA THR E 1425 67.02 -73.46 -65.98
C THR E 1425 67.52 -72.24 -65.21
N TYR E 1426 67.42 -72.32 -63.89
CA TYR E 1426 67.84 -71.23 -63.01
C TYR E 1426 68.81 -71.75 -61.97
N TYR E 1427 69.42 -70.81 -61.25
CA TYR E 1427 70.58 -71.10 -60.42
C TYR E 1427 70.37 -70.52 -59.02
N TYR E 1428 71.43 -70.53 -58.21
CA TYR E 1428 71.30 -70.50 -56.75
C TYR E 1428 72.66 -70.20 -56.13
N SER E 1429 72.75 -69.20 -55.26
CA SER E 1429 74.04 -68.68 -54.81
C SER E 1429 74.33 -69.05 -53.37
N VAL E 1430 75.63 -69.08 -53.03
CA VAL E 1430 76.11 -69.16 -51.65
C VAL E 1430 77.44 -68.41 -51.59
N ARG E 1431 77.79 -67.90 -50.40
CA ARG E 1431 78.98 -67.07 -50.25
C ARG E 1431 79.59 -67.28 -48.88
N ILE E 1432 80.62 -68.14 -48.80
CA ILE E 1432 81.19 -68.59 -47.55
C ILE E 1432 82.44 -67.78 -47.27
N PHE E 1433 82.65 -67.42 -45.99
CA PHE E 1433 83.96 -66.86 -45.62
C PHE E 1433 85.05 -67.89 -45.27
N PRO E 1434 84.81 -68.90 -44.40
CA PRO E 1434 85.96 -69.79 -44.23
C PRO E 1434 86.01 -70.93 -45.25
N ASN E 1440 86.08 -77.82 -47.61
CA ASN E 1440 85.87 -77.81 -46.16
C ASN E 1440 84.39 -77.71 -45.77
N VAL E 1441 83.60 -76.95 -46.53
CA VAL E 1441 82.18 -76.72 -46.27
C VAL E 1441 81.42 -76.90 -47.58
N TRP E 1442 80.41 -77.76 -47.59
CA TRP E 1442 79.86 -78.28 -48.83
C TRP E 1442 78.57 -77.57 -49.24
N VAL E 1443 78.16 -77.84 -50.48
CA VAL E 1443 76.85 -77.47 -51.01
C VAL E 1443 76.39 -78.63 -51.88
N GLY E 1444 75.08 -78.74 -52.12
CA GLY E 1444 74.58 -79.73 -53.05
C GLY E 1444 73.06 -79.79 -53.10
N TRP E 1445 72.57 -80.97 -53.51
CA TRP E 1445 71.15 -81.23 -53.70
C TRP E 1445 70.80 -82.53 -52.98
N ILE E 1446 69.86 -82.43 -52.05
CA ILE E 1446 69.39 -83.58 -51.30
C ILE E 1446 68.09 -84.10 -51.92
N THR E 1447 68.10 -85.35 -52.37
CA THR E 1447 66.86 -86.03 -52.64
C THR E 1447 66.29 -86.49 -51.31
N SER E 1448 64.96 -86.34 -51.16
CA SER E 1448 64.27 -86.33 -49.87
C SER E 1448 64.54 -87.55 -49.00
N ASP E 1449 64.81 -88.71 -49.59
CA ASP E 1449 65.26 -89.87 -48.83
C ASP E 1449 66.71 -89.65 -48.45
N PHE E 1450 66.92 -88.99 -47.32
CA PHE E 1450 68.26 -88.79 -46.78
C PHE E 1450 68.15 -88.59 -45.27
N HIS E 1451 68.68 -89.53 -44.51
CA HIS E 1451 68.72 -89.43 -43.05
C HIS E 1451 70.05 -89.95 -42.51
N GLN E 1452 71.09 -89.87 -43.32
CA GLN E 1452 72.41 -90.38 -42.97
C GLN E 1452 73.23 -89.27 -42.35
N TYR E 1453 73.09 -89.08 -41.05
CA TYR E 1453 73.85 -88.09 -40.32
C TYR E 1453 75.27 -88.62 -40.17
N ASP E 1454 76.21 -88.05 -40.91
CA ASP E 1454 77.57 -88.58 -40.98
C ASP E 1454 78.55 -87.42 -41.14
N THR E 1455 79.72 -87.57 -40.54
CA THR E 1455 80.74 -86.51 -40.55
C THR E 1455 81.81 -86.80 -41.61
N ALA E 1456 81.39 -86.96 -42.86
CA ALA E 1456 82.30 -87.44 -43.90
C ALA E 1456 81.73 -87.11 -45.27
N PHE E 1457 82.26 -87.79 -46.28
CA PHE E 1457 81.68 -87.84 -47.63
C PHE E 1457 81.39 -89.31 -47.96
N ASP E 1458 80.13 -89.61 -48.28
CA ASP E 1458 79.67 -90.92 -48.76
C ASP E 1458 78.41 -90.71 -49.60
N LEU E 1459 77.64 -91.79 -49.82
CA LEU E 1459 76.31 -91.67 -50.43
C LEU E 1459 75.36 -90.85 -49.58
N VAL E 1465 71.86 -93.23 -56.46
CA VAL E 1465 71.54 -94.52 -57.05
C VAL E 1465 72.41 -94.79 -58.27
N THR E 1466 72.83 -96.04 -58.42
CA THR E 1466 73.70 -96.49 -59.51
C THR E 1466 73.20 -97.82 -60.08
N VAL E 1467 72.41 -97.73 -61.12
CA VAL E 1467 71.87 -98.88 -61.84
C VAL E 1467 72.28 -98.73 -63.29
N THR E 1468 72.61 -99.85 -63.94
CA THR E 1468 72.97 -99.86 -65.35
C THR E 1468 71.74 -100.10 -66.21
N LEU E 1469 71.87 -99.75 -67.49
CA LEU E 1469 70.83 -99.97 -68.47
C LEU E 1469 70.63 -101.45 -68.75
N GLY E 1470 69.37 -101.85 -68.88
CA GLY E 1470 69.06 -103.20 -69.28
C GLY E 1470 68.26 -103.22 -70.56
N ASP E 1471 68.80 -103.82 -71.62
CA ASP E 1471 68.13 -103.90 -72.91
C ASP E 1471 67.81 -105.34 -73.29
N GLU E 1472 67.55 -106.17 -72.27
CA GLU E 1472 67.02 -107.54 -72.33
C GLU E 1472 68.01 -108.55 -72.93
N LYS E 1473 69.15 -108.07 -73.42
CA LYS E 1473 70.18 -108.93 -73.98
C LYS E 1473 71.51 -108.73 -73.26
N GLY E 1474 71.52 -108.11 -72.08
CA GLY E 1474 72.73 -107.60 -71.50
C GLY E 1474 73.20 -106.44 -72.34
N LYS E 1475 74.47 -106.47 -72.75
CA LYS E 1475 74.98 -105.79 -73.94
C LYS E 1475 75.02 -104.26 -73.86
N VAL E 1476 74.45 -103.64 -72.82
CA VAL E 1476 74.63 -102.20 -72.67
C VAL E 1476 75.39 -101.90 -71.38
N HIS E 1477 74.77 -102.18 -70.23
CA HIS E 1477 75.42 -102.18 -68.91
C HIS E 1477 76.11 -100.86 -68.56
N GLU E 1478 75.59 -99.74 -69.07
CA GLU E 1478 76.33 -98.49 -68.88
C GLU E 1478 75.92 -97.73 -67.62
N SER E 1479 74.69 -97.19 -67.61
CA SER E 1479 74.20 -96.30 -66.56
C SER E 1479 72.74 -95.96 -66.82
N ILE E 1480 72.00 -95.70 -65.75
CA ILE E 1480 70.84 -94.82 -65.82
C ILE E 1480 70.93 -93.71 -64.79
N LYS E 1481 71.77 -93.88 -63.77
CA LYS E 1481 71.62 -93.07 -62.57
C LYS E 1481 72.95 -92.78 -61.89
N ARG E 1482 73.02 -91.60 -61.27
CA ARG E 1482 74.08 -91.21 -60.35
C ARG E 1482 73.55 -90.89 -58.95
N SER E 1483 72.59 -89.97 -58.84
CA SER E 1483 72.35 -89.16 -57.65
C SER E 1483 71.73 -89.97 -56.51
N ASN E 1484 71.83 -89.43 -55.30
CA ASN E 1484 71.22 -90.03 -54.12
C ASN E 1484 70.95 -89.01 -53.03
N TYR E 1486 73.18 -86.74 -52.67
CA TYR E 1486 73.84 -85.60 -52.03
C TYR E 1486 75.11 -85.24 -52.79
N MET E 1487 75.18 -83.99 -53.23
CA MET E 1487 76.26 -83.50 -54.08
C MET E 1487 77.31 -82.79 -53.23
N VAL E 1488 78.55 -82.79 -53.72
CA VAL E 1488 79.71 -82.35 -52.96
C VAL E 1488 80.50 -81.34 -53.78
N CYS E 1489 80.80 -80.20 -53.17
CA CYS E 1489 81.73 -79.21 -53.70
C CYS E 1489 82.65 -78.78 -52.55
N ALA E 1490 83.39 -77.71 -52.75
CA ALA E 1490 84.26 -77.18 -51.70
C ALA E 1490 84.22 -75.67 -51.66
N ASN E 1502 87.66 -64.90 -48.16
CA ASN E 1502 86.78 -63.89 -48.73
C ASN E 1502 85.43 -64.48 -49.14
N ASN E 1503 85.18 -64.52 -50.44
CA ASN E 1503 83.89 -64.90 -51.01
C ASN E 1503 84.07 -66.13 -51.89
N GLY E 1504 83.43 -67.23 -51.51
CA GLY E 1504 83.31 -68.36 -52.40
C GLY E 1504 81.92 -68.40 -53.01
N LEU E 1505 81.80 -68.01 -54.27
CA LEU E 1505 80.48 -67.90 -54.91
C LEU E 1505 80.14 -69.17 -55.68
N GLU E 1506 80.01 -70.27 -54.94
CA GLU E 1506 79.60 -71.54 -55.55
C GLU E 1506 78.13 -71.48 -55.91
N ILE E 1507 77.80 -71.93 -57.12
CA ILE E 1507 76.43 -71.83 -57.60
C ILE E 1507 76.04 -73.14 -58.28
N GLY E 1508 74.97 -73.75 -57.80
CA GLY E 1508 74.39 -74.97 -58.36
C GLY E 1508 73.39 -74.77 -59.48
N CYS E 1509 73.84 -74.57 -60.71
CA CYS E 1509 72.91 -74.47 -61.82
C CYS E 1509 72.31 -75.83 -62.17
N VAL E 1510 70.99 -75.87 -62.39
CA VAL E 1510 70.25 -77.08 -62.73
C VAL E 1510 69.38 -76.81 -63.95
N VAL E 1511 69.16 -77.86 -64.74
CA VAL E 1511 68.18 -77.90 -65.84
C VAL E 1511 68.33 -76.81 -66.89
N GLY E 1516 65.66 -80.96 -67.47
CA GLY E 1516 67.07 -80.85 -67.77
C GLY E 1516 67.94 -81.69 -66.85
N LEU E 1517 69.12 -81.17 -66.49
CA LEU E 1517 70.13 -81.96 -65.77
C LEU E 1517 70.78 -81.08 -64.71
N LEU E 1518 71.92 -81.55 -64.20
CA LEU E 1518 72.60 -80.92 -63.06
C LEU E 1518 74.05 -80.58 -63.37
N THR E 1519 74.43 -79.33 -63.10
CA THR E 1519 75.76 -78.79 -63.31
C THR E 1519 76.24 -78.07 -62.06
N PHE E 1520 77.43 -77.48 -62.15
CA PHE E 1520 78.02 -76.70 -61.06
C PHE E 1520 78.93 -75.62 -61.60
N THR E 1521 79.08 -74.54 -60.84
CA THR E 1521 80.10 -73.52 -61.06
C THR E 1521 80.90 -73.36 -59.78
N ALA E 1522 82.03 -72.65 -59.89
CA ALA E 1522 82.77 -72.21 -58.70
C ALA E 1522 83.45 -70.89 -59.06
N ASN E 1523 82.77 -69.79 -58.73
CA ASN E 1523 83.20 -68.41 -59.00
C ASN E 1523 83.50 -68.17 -60.47
N GLY E 1524 82.67 -68.71 -61.36
CA GLY E 1524 82.86 -68.64 -62.79
C GLY E 1524 83.44 -69.91 -63.38
N LYS E 1525 84.26 -70.62 -62.61
CA LYS E 1525 84.90 -71.84 -63.08
C LYS E 1525 84.01 -73.03 -62.77
N ASP E 1526 83.41 -73.61 -63.79
CA ASP E 1526 82.63 -74.83 -63.61
C ASP E 1526 83.58 -75.98 -63.28
N LEU E 1527 83.32 -76.65 -62.16
CA LEU E 1527 84.11 -77.79 -61.76
C LEU E 1527 83.67 -79.04 -62.52
N SER E 1528 84.13 -80.19 -62.07
CA SER E 1528 83.72 -81.47 -62.65
C SER E 1528 82.51 -82.00 -61.90
N THR E 1529 82.21 -83.29 -62.12
CA THR E 1529 81.10 -84.02 -61.52
C THR E 1529 79.75 -83.42 -61.87
N TYR E 1530 79.43 -83.39 -63.16
CA TYR E 1530 78.11 -82.99 -63.63
C TYR E 1530 77.21 -84.22 -63.61
N TYR E 1531 76.43 -84.38 -62.54
CA TYR E 1531 75.55 -85.54 -62.38
C TYR E 1531 74.30 -85.32 -63.23
N GLN E 1532 74.40 -85.71 -64.48
CA GLN E 1532 73.34 -85.43 -65.45
C GLN E 1532 72.34 -86.59 -65.51
N VAL E 1533 71.86 -86.99 -64.34
CA VAL E 1533 70.92 -88.10 -64.28
C VAL E 1533 69.87 -87.90 -63.19
N GLU E 1534 68.67 -87.50 -63.60
CA GLU E 1534 67.48 -87.54 -62.76
C GLU E 1534 66.27 -87.57 -63.68
N PRO E 1535 65.52 -88.67 -63.74
CA PRO E 1535 64.39 -88.74 -64.67
C PRO E 1535 63.23 -87.81 -64.33
N SER E 1536 62.59 -87.96 -63.17
CA SER E 1536 61.57 -87.01 -62.73
C SER E 1536 61.63 -86.80 -61.22
N THR E 1537 62.83 -86.70 -60.67
CA THR E 1537 63.00 -86.69 -59.23
C THR E 1537 62.80 -85.29 -58.67
N LYS E 1538 62.75 -85.21 -57.34
CA LYS E 1538 62.65 -83.94 -56.66
C LYS E 1538 63.98 -83.60 -55.99
N LEU E 1539 64.37 -82.35 -56.06
CA LEU E 1539 65.72 -81.92 -55.68
C LEU E 1539 65.63 -80.82 -54.64
N PHE E 1540 65.99 -81.15 -53.42
CA PHE E 1540 66.14 -80.14 -52.38
C PHE E 1540 67.43 -79.37 -52.60
N PRO E 1541 67.41 -78.05 -52.63
CA PRO E 1541 68.65 -77.28 -52.49
C PRO E 1541 69.16 -77.35 -51.06
N ALA E 1542 70.44 -77.63 -50.88
CA ALA E 1542 70.89 -77.99 -49.55
C ALA E 1542 72.38 -77.72 -49.36
N VAL E 1543 72.77 -77.69 -48.08
CA VAL E 1543 74.15 -77.37 -47.68
C VAL E 1543 74.51 -78.25 -46.48
N PHE E 1544 75.62 -78.98 -46.60
CA PHE E 1544 76.22 -79.62 -45.44
C PHE E 1544 77.36 -78.73 -44.97
N ALA E 1545 77.55 -78.63 -43.66
CA ALA E 1545 78.52 -77.67 -43.16
C ALA E 1545 79.03 -78.04 -41.78
N GLN E 1546 80.22 -77.51 -41.48
CA GLN E 1546 80.60 -77.09 -40.14
C GLN E 1546 80.73 -75.57 -40.18
N ALA E 1547 80.61 -74.94 -39.03
CA ALA E 1547 80.75 -73.48 -38.94
C ALA E 1547 81.95 -73.17 -38.05
N THR E 1548 82.93 -72.47 -38.62
CA THR E 1548 84.09 -72.01 -37.87
C THR E 1548 83.89 -70.62 -37.31
N SER E 1549 83.72 -69.69 -38.15
CA SER E 1549 83.49 -68.26 -38.03
C SER E 1549 82.01 -67.96 -38.22
N PRO E 1550 81.47 -66.89 -37.65
CA PRO E 1550 80.04 -66.60 -37.86
C PRO E 1550 79.80 -65.97 -39.23
N ASN E 1551 78.51 -65.72 -39.50
CA ASN E 1551 78.01 -65.13 -40.74
C ASN E 1551 78.41 -65.96 -41.95
N VAL E 1552 78.07 -67.24 -41.90
CA VAL E 1552 78.68 -68.23 -42.78
C VAL E 1552 77.99 -68.35 -44.14
N PHE E 1553 76.66 -68.25 -44.22
CA PHE E 1553 75.99 -68.40 -45.51
C PHE E 1553 75.13 -67.20 -45.86
N GLN E 1554 74.92 -67.04 -47.16
CA GLN E 1554 73.94 -66.16 -47.77
C GLN E 1554 73.39 -66.90 -48.98
N PHE E 1555 72.10 -66.72 -49.26
CA PHE E 1555 71.51 -67.38 -50.42
C PHE E 1555 71.03 -66.35 -51.44
N GLU E 1556 70.37 -66.82 -52.49
CA GLU E 1556 69.65 -65.96 -53.41
C GLU E 1556 68.23 -65.74 -52.90
N ALA E 1568 71.08 -64.62 -68.55
CA ALA E 1568 70.45 -65.58 -67.65
C ALA E 1568 69.46 -64.88 -66.71
N GLY E 1569 68.32 -65.53 -66.46
CA GLY E 1569 67.33 -65.01 -65.54
C GLY E 1569 67.61 -65.43 -64.11
N LEU E 1570 66.57 -65.39 -63.27
CA LEU E 1570 66.75 -65.70 -61.86
C LEU E 1570 65.68 -66.66 -61.33
N PHE E 1571 65.81 -67.03 -60.05
CA PHE E 1571 65.59 -68.40 -59.61
C PHE E 1571 64.14 -68.77 -59.33
N LYS E 1572 63.50 -68.07 -58.38
CA LYS E 1572 62.29 -68.50 -57.69
C LYS E 1572 61.08 -68.67 -58.60
N SER E 1573 61.15 -68.16 -59.82
CA SER E 1573 60.11 -68.40 -60.81
C SER E 1573 59.95 -69.88 -61.12
N GLU E 1574 61.04 -70.64 -61.07
CA GLU E 1574 60.99 -72.04 -61.42
C GLU E 1574 60.47 -72.90 -60.26
N HIS E 1575 59.99 -72.27 -59.20
CA HIS E 1575 59.69 -72.93 -57.94
C HIS E 1575 58.21 -72.90 -57.58
N LYS E 1576 57.59 -71.73 -57.56
CA LYS E 1576 56.20 -71.62 -57.19
C LYS E 1576 55.32 -71.70 -58.43
N ASN E 1577 54.05 -71.41 -58.24
CA ASN E 1577 53.10 -71.55 -59.33
C ASN E 1577 53.10 -70.37 -60.31
N PRO E 1578 53.22 -69.09 -59.89
CA PRO E 1578 53.47 -68.05 -60.90
C PRO E 1578 54.87 -68.17 -61.48
N VAL E 1579 54.95 -68.43 -62.80
CA VAL E 1579 56.24 -68.69 -63.42
C VAL E 1579 56.64 -67.79 -64.59
N PRO E 1580 56.26 -66.47 -64.71
CA PRO E 1580 57.20 -65.54 -65.35
C PRO E 1580 58.29 -65.07 -64.40
N GLN E 1581 57.86 -64.36 -63.35
CA GLN E 1581 58.50 -64.07 -62.06
C GLN E 1581 60.02 -63.94 -62.10
N CYS E 1582 60.53 -63.24 -63.10
CA CYS E 1582 61.98 -63.08 -63.30
C CYS E 1582 62.70 -62.34 -62.19
N PRO E 1583 62.15 -61.29 -61.54
CA PRO E 1583 62.76 -60.84 -60.28
C PRO E 1583 62.49 -61.81 -59.17
N PRO E 1584 63.53 -62.37 -58.55
CA PRO E 1584 63.32 -63.30 -57.44
C PRO E 1584 62.84 -62.57 -56.20
N ARG E 1585 62.03 -63.27 -55.40
CA ARG E 1585 61.39 -62.63 -54.27
C ARG E 1585 61.12 -63.64 -53.17
N LEU E 1586 61.66 -63.37 -51.98
CA LEU E 1586 61.45 -64.29 -50.88
C LEU E 1586 60.04 -64.21 -50.32
N HIS E 1587 59.58 -65.34 -49.82
CA HIS E 1587 58.28 -65.44 -49.20
C HIS E 1587 58.46 -66.07 -47.84
N VAL E 1588 57.41 -65.98 -47.02
CA VAL E 1588 57.53 -66.50 -45.67
C VAL E 1588 57.49 -68.04 -45.69
N GLN E 1589 57.01 -68.65 -46.79
CA GLN E 1589 56.99 -70.10 -46.86
C GLN E 1589 58.39 -70.69 -46.99
N PHE E 1590 59.36 -69.90 -47.45
CA PHE E 1590 60.74 -70.37 -47.44
C PHE E 1590 61.25 -70.50 -46.02
N LEU E 1591 61.93 -71.60 -45.76
CA LEU E 1591 62.53 -71.83 -44.47
C LEU E 1591 63.98 -72.20 -44.66
N SER E 1592 64.63 -72.56 -43.56
CA SER E 1592 66.05 -72.87 -43.57
C SER E 1592 66.29 -74.15 -42.81
N HIS E 1593 65.60 -75.23 -43.19
CA HIS E 1593 65.49 -76.44 -42.39
C HIS E 1593 66.84 -77.06 -42.06
N VAL E 1594 66.92 -77.63 -40.86
CA VAL E 1594 68.13 -78.25 -40.34
C VAL E 1594 67.80 -79.69 -39.98
N LEU E 1595 68.67 -80.62 -40.37
CA LEU E 1595 68.44 -82.02 -40.06
C LEU E 1595 68.63 -82.24 -38.57
N TRP E 1596 67.56 -82.59 -37.88
CA TRP E 1596 67.63 -82.77 -36.45
C TRP E 1596 67.18 -84.17 -36.08
N SER E 1597 67.52 -84.55 -34.86
CA SER E 1597 67.73 -85.96 -34.57
C SER E 1597 66.45 -86.68 -34.20
N ARG E 1598 65.75 -86.22 -33.17
CA ARG E 1598 64.75 -87.05 -32.52
C ARG E 1598 63.43 -86.32 -32.37
N MET E 1599 62.36 -86.96 -32.84
CA MET E 1599 60.98 -86.61 -32.62
C MET E 1599 60.22 -87.90 -32.39
N PRO E 1600 59.27 -87.94 -31.47
CA PRO E 1600 58.61 -89.20 -31.13
C PRO E 1600 57.75 -89.76 -32.25
N ASN E 1601 57.45 -91.05 -32.15
CA ASN E 1601 56.66 -91.77 -33.14
C ASN E 1601 55.56 -92.55 -32.46
N GLN E 1602 54.43 -92.70 -33.16
CA GLN E 1602 53.37 -93.51 -32.62
C GLN E 1602 53.73 -94.98 -32.74
N PHE E 1603 53.00 -95.81 -32.02
CA PHE E 1603 53.44 -97.17 -31.83
C PHE E 1603 52.84 -98.16 -32.82
N LEU E 1604 51.92 -97.72 -33.68
CA LEU E 1604 51.27 -98.56 -34.69
C LEU E 1604 50.53 -99.73 -34.01
N LYS E 1605 49.46 -99.34 -33.31
CA LYS E 1605 48.94 -100.03 -32.13
C LYS E 1605 48.61 -101.50 -32.38
N VAL E 1606 48.07 -101.84 -33.53
CA VAL E 1606 47.88 -103.23 -33.91
C VAL E 1606 48.72 -103.47 -35.14
N ASP E 1607 49.63 -104.45 -35.08
CA ASP E 1607 50.63 -104.54 -36.13
C ASP E 1607 50.30 -105.58 -37.19
N VAL E 1608 50.43 -106.87 -36.88
CA VAL E 1608 50.26 -107.94 -37.85
C VAL E 1608 49.97 -109.22 -37.08
N SER E 1609 49.45 -110.22 -37.78
CA SER E 1609 49.30 -111.55 -37.22
C SER E 1609 50.01 -112.55 -38.13
N ARG E 1610 51.24 -112.23 -38.49
CA ARG E 1610 52.14 -113.12 -39.21
C ARG E 1610 52.36 -114.42 -38.43
N ILE E 1611 52.55 -115.52 -39.17
CA ILE E 1611 52.87 -116.82 -38.60
C ILE E 1611 53.95 -117.50 -39.44
N SER E 1612 54.73 -118.38 -38.82
CA SER E 1612 55.93 -118.95 -39.43
C SER E 1612 55.94 -120.48 -39.32
N GLU E 1613 56.87 -121.11 -40.05
CA GLU E 1613 57.10 -122.56 -40.04
C GLU E 1613 58.60 -122.87 -40.14
N ARG E 1614 58.94 -124.16 -40.06
CA ARG E 1614 60.32 -124.62 -40.03
C ARG E 1614 60.73 -125.57 -41.15
N GLN E 1615 59.84 -126.46 -41.62
CA GLN E 1615 60.19 -127.37 -42.72
C GLN E 1615 59.78 -126.76 -44.06
N GLY E 1616 60.69 -125.97 -44.62
CA GLY E 1616 60.39 -125.18 -45.80
C GLY E 1616 60.11 -123.73 -45.49
N TRP E 1617 59.89 -123.39 -44.22
CA TRP E 1617 59.75 -122.02 -43.71
C TRP E 1617 58.59 -121.29 -44.38
N LEU E 1618 57.40 -121.82 -44.13
CA LEU E 1618 56.17 -121.15 -44.53
C LEU E 1618 55.96 -119.97 -43.60
N VAL E 1619 56.30 -118.78 -44.07
CA VAL E 1619 55.94 -117.55 -43.38
C VAL E 1619 54.68 -116.99 -44.03
N GLN E 1620 53.73 -116.58 -43.20
CA GLN E 1620 52.32 -116.59 -43.59
C GLN E 1620 51.57 -115.47 -42.89
N CYS E 1621 50.69 -114.79 -43.61
CA CYS E 1621 49.80 -113.79 -43.03
C CYS E 1621 48.53 -113.70 -43.86
N LEU E 1622 47.40 -113.54 -43.17
CA LEU E 1622 46.11 -113.56 -43.85
C LEU E 1622 45.13 -112.51 -43.40
N GLU E 1623 45.46 -111.69 -42.39
CA GLU E 1623 44.51 -110.74 -41.81
C GLU E 1623 44.97 -109.33 -42.14
N PRO E 1624 44.40 -108.66 -43.15
CA PRO E 1624 44.99 -107.40 -43.63
C PRO E 1624 44.69 -106.25 -42.70
N LEU E 1625 45.67 -105.36 -42.56
CA LEU E 1625 45.52 -104.11 -41.83
C LEU E 1625 45.95 -102.96 -42.73
N GLN E 1626 45.22 -101.85 -42.67
CA GLN E 1626 45.46 -100.72 -43.55
C GLN E 1626 45.72 -99.46 -42.74
N PHE E 1627 46.59 -98.61 -43.29
CA PHE E 1627 46.91 -97.33 -42.71
C PHE E 1627 45.80 -96.31 -42.90
N MET E 1628 46.10 -95.09 -42.52
CA MET E 1628 45.42 -93.89 -43.00
C MET E 1628 46.50 -92.81 -42.95
N SER E 1629 47.15 -92.57 -44.06
CA SER E 1629 48.26 -91.65 -44.09
C SER E 1629 47.88 -90.40 -44.86
N LEU E 1630 48.73 -89.40 -44.72
CA LEU E 1630 48.61 -88.21 -45.53
C LEU E 1630 50.03 -87.74 -45.80
N HIS E 1631 50.32 -87.36 -47.03
CA HIS E 1631 51.67 -86.94 -47.31
C HIS E 1631 51.65 -85.46 -47.63
N ILE E 1632 52.49 -84.73 -46.93
CA ILE E 1632 52.64 -83.30 -47.18
C ILE E 1632 53.26 -83.12 -48.55
N PRO E 1633 52.77 -82.27 -49.40
CA PRO E 1633 53.29 -82.26 -50.78
C PRO E 1633 54.54 -81.41 -50.96
N GLU E 1634 54.69 -80.36 -50.16
CA GLU E 1634 55.78 -79.41 -50.37
C GLU E 1634 56.99 -79.69 -49.50
N GLU E 1635 56.90 -80.63 -48.57
CA GLU E 1635 58.00 -81.06 -47.74
C GLU E 1635 58.03 -82.57 -47.70
N ASN E 1636 58.02 -83.15 -48.90
CA ASN E 1636 57.47 -84.46 -49.25
C ASN E 1636 57.83 -85.57 -48.28
N ARG E 1637 56.82 -86.07 -47.58
CA ARG E 1637 56.90 -87.18 -46.65
C ARG E 1637 55.49 -87.56 -46.24
N SER E 1638 55.32 -88.83 -45.88
CA SER E 1638 54.01 -89.35 -45.51
C SER E 1638 53.95 -89.60 -44.02
N VAL E 1639 53.00 -88.96 -43.35
CA VAL E 1639 52.78 -89.13 -41.92
C VAL E 1639 51.50 -89.93 -41.76
N ASP E 1640 51.50 -90.86 -40.82
CA ASP E 1640 50.24 -91.47 -40.44
C ASP E 1640 49.39 -90.47 -39.68
N ILE E 1641 48.07 -90.57 -39.87
CA ILE E 1641 47.20 -89.46 -39.50
C ILE E 1641 47.01 -89.39 -37.99
N LEU E 1642 47.37 -90.44 -37.28
CA LEU E 1642 47.16 -90.45 -35.85
C LEU E 1642 48.16 -89.53 -35.16
N GLU E 1643 49.33 -89.36 -35.76
CA GLU E 1643 50.36 -88.55 -35.14
C GLU E 1643 50.10 -87.06 -35.24
N LEU E 1644 48.95 -86.66 -35.77
CA LEU E 1644 48.48 -85.30 -35.60
C LEU E 1644 47.99 -85.03 -34.19
N THR E 1645 47.92 -86.05 -33.32
CA THR E 1645 47.37 -85.90 -31.98
C THR E 1645 48.11 -84.85 -31.15
N GLU E 1646 49.42 -84.73 -31.35
CA GLU E 1646 50.22 -83.77 -30.63
C GLU E 1646 50.72 -82.62 -31.48
N GLN E 1647 50.65 -82.74 -32.80
CA GLN E 1647 51.19 -81.73 -33.69
C GLN E 1647 50.05 -80.79 -34.05
N GLU E 1648 50.06 -79.60 -33.46
CA GLU E 1648 48.84 -78.80 -33.42
C GLU E 1648 48.54 -78.08 -34.73
N GLU E 1649 49.56 -77.55 -35.42
CA GLU E 1649 49.29 -76.73 -36.59
C GLU E 1649 48.86 -77.58 -37.76
N LEU E 1650 49.51 -78.72 -37.93
CA LEU E 1650 49.11 -79.67 -38.93
C LEU E 1650 47.81 -80.37 -38.59
N LEU E 1651 47.34 -80.27 -37.35
CA LEU E 1651 45.99 -80.69 -37.01
C LEU E 1651 44.97 -79.65 -37.41
N LYS E 1652 45.19 -78.41 -36.99
CA LYS E 1652 44.18 -77.38 -37.17
C LYS E 1652 43.98 -77.03 -38.63
N PHE E 1653 45.05 -77.03 -39.41
CA PHE E 1653 44.87 -76.73 -40.82
C PHE E 1653 44.16 -77.84 -41.57
N HIS E 1654 44.40 -79.09 -41.24
CA HIS E 1654 43.64 -80.14 -41.89
C HIS E 1654 42.21 -80.19 -41.41
N TYR E 1655 41.94 -79.80 -40.17
CA TYR E 1655 40.55 -79.70 -39.72
C TYR E 1655 39.80 -78.62 -40.48
N HIS E 1656 40.42 -77.46 -40.63
CA HIS E 1656 39.79 -76.40 -41.40
C HIS E 1656 39.65 -76.75 -42.86
N THR E 1657 40.55 -77.56 -43.41
CA THR E 1657 40.35 -78.02 -44.77
C THR E 1657 39.19 -79.00 -44.85
N LEU E 1658 39.00 -79.82 -43.82
CA LEU E 1658 37.84 -80.67 -43.82
C LEU E 1658 36.55 -79.90 -43.67
N ARG E 1659 36.61 -78.72 -43.07
CA ARG E 1659 35.43 -77.87 -43.08
C ARG E 1659 35.14 -77.36 -44.48
N LEU E 1660 36.16 -76.90 -45.19
CA LEU E 1660 35.99 -76.33 -46.52
C LEU E 1660 35.53 -77.36 -47.54
N TYR E 1661 35.96 -78.61 -47.40
CA TYR E 1661 35.43 -79.67 -48.25
C TYR E 1661 33.93 -79.86 -48.06
N SER E 1662 33.39 -79.51 -46.90
CA SER E 1662 31.95 -79.56 -46.73
C SER E 1662 31.27 -78.30 -47.17
N ALA E 1663 31.85 -77.14 -46.85
CA ALA E 1663 31.19 -75.87 -47.14
C ALA E 1663 31.12 -75.60 -48.63
N VAL E 1664 32.11 -76.04 -49.39
CA VAL E 1664 32.06 -75.91 -50.84
C VAL E 1664 30.96 -76.79 -51.41
N CYS E 1665 30.90 -78.04 -50.98
CA CYS E 1665 29.85 -78.93 -51.47
C CYS E 1665 28.69 -78.86 -50.48
N ALA E 1666 27.96 -77.77 -50.54
CA ALA E 1666 26.84 -77.55 -49.64
C ALA E 1666 25.61 -77.18 -50.45
N LEU E 1667 24.45 -77.59 -49.94
CA LEU E 1667 23.13 -77.27 -50.49
C LEU E 1667 22.98 -77.75 -51.93
N GLY E 1668 23.65 -78.84 -52.26
CA GLY E 1668 23.29 -79.62 -53.42
C GLY E 1668 24.09 -79.43 -54.68
N ASN E 1669 25.37 -79.09 -54.59
CA ASN E 1669 26.19 -78.95 -55.80
C ASN E 1669 26.51 -80.34 -56.29
N HIS E 1670 25.69 -80.87 -57.17
CA HIS E 1670 25.87 -82.24 -57.59
C HIS E 1670 26.93 -82.43 -58.65
N ARG E 1671 27.84 -81.48 -58.85
CA ARG E 1671 29.04 -81.81 -59.60
C ARG E 1671 30.28 -81.65 -58.73
N VAL E 1672 30.23 -80.75 -57.75
CA VAL E 1672 31.35 -80.65 -56.83
C VAL E 1672 31.39 -81.86 -55.92
N ALA E 1673 30.24 -82.48 -55.66
CA ALA E 1673 30.23 -83.74 -54.93
C ALA E 1673 30.87 -84.85 -55.73
N HIS E 1674 30.63 -84.89 -57.03
CA HIS E 1674 31.31 -85.88 -57.85
C HIS E 1674 32.78 -85.57 -58.01
N ALA E 1675 33.17 -84.32 -57.82
CA ALA E 1675 34.60 -84.03 -57.77
C ALA E 1675 35.21 -84.53 -56.47
N LEU E 1676 34.56 -84.29 -55.35
CA LEU E 1676 35.16 -84.67 -54.08
C LEU E 1676 35.04 -86.14 -53.77
N CYS E 1677 34.20 -86.88 -54.49
CA CYS E 1677 34.22 -88.32 -54.27
C CYS E 1677 35.47 -88.96 -54.88
N SER E 1678 36.12 -88.27 -55.82
CA SER E 1678 37.41 -88.73 -56.31
C SER E 1678 38.56 -88.26 -55.45
N HIS E 1679 38.28 -87.51 -54.41
CA HIS E 1679 39.32 -86.83 -53.68
C HIS E 1679 39.41 -87.28 -52.24
N VAL E 1680 38.31 -87.78 -51.67
CA VAL E 1680 38.25 -88.23 -50.29
C VAL E 1680 37.99 -89.74 -50.30
N ASP E 1681 37.27 -90.21 -51.32
CA ASP E 1681 37.32 -91.61 -51.76
C ASP E 1681 36.84 -92.63 -50.74
N GLU E 1682 35.55 -92.87 -50.72
CA GLU E 1682 34.68 -93.53 -49.75
C GLU E 1682 35.22 -94.62 -48.82
N PRO E 1683 36.03 -95.62 -49.25
CA PRO E 1683 36.56 -96.57 -48.25
C PRO E 1683 37.51 -95.96 -47.26
N GLN E 1684 38.04 -94.77 -47.54
CA GLN E 1684 38.67 -93.99 -46.50
C GLN E 1684 37.71 -93.57 -45.41
N LEU E 1685 36.52 -93.10 -45.79
CA LEU E 1685 35.56 -92.61 -44.82
C LEU E 1685 35.07 -93.72 -43.90
N LEU E 1686 34.85 -94.92 -44.45
CA LEU E 1686 34.51 -96.06 -43.62
C LEU E 1686 35.62 -96.46 -42.67
N TYR E 1687 36.87 -96.11 -42.98
CA TYR E 1687 37.88 -96.25 -41.96
C TYR E 1687 37.74 -95.16 -40.92
N ALA E 1688 37.50 -93.93 -41.36
CA ALA E 1688 37.54 -92.78 -40.45
C ALA E 1688 36.35 -92.75 -39.52
N ILE E 1689 35.25 -93.37 -39.89
CA ILE E 1689 34.17 -93.61 -38.95
C ILE E 1689 34.63 -94.58 -37.87
N GLU E 1690 35.26 -95.68 -38.29
CA GLU E 1690 35.42 -96.84 -37.44
C GLU E 1690 36.58 -96.72 -36.46
N ASN E 1691 37.68 -96.10 -36.86
CA ASN E 1691 38.90 -96.13 -36.07
C ASN E 1691 38.73 -95.35 -34.78
N LYS E 1692 38.85 -96.06 -33.66
CA LYS E 1692 38.51 -95.52 -32.36
C LYS E 1692 39.67 -94.76 -31.73
N TYR E 1693 40.59 -94.26 -32.54
CA TYR E 1693 41.75 -93.56 -32.03
C TYR E 1693 41.90 -92.16 -32.59
N MET E 1694 41.15 -91.81 -33.64
CA MET E 1694 41.33 -90.56 -34.35
C MET E 1694 41.02 -89.38 -33.43
N PRO E 1695 41.61 -88.21 -33.67
CA PRO E 1695 41.48 -87.12 -32.70
C PRO E 1695 40.08 -86.54 -32.63
N GLY E 1696 39.88 -85.57 -31.75
CA GLY E 1696 38.53 -85.11 -31.47
C GLY E 1696 37.92 -84.32 -32.61
N LEU E 1697 38.67 -83.36 -33.16
CA LEU E 1697 38.15 -82.56 -34.24
C LEU E 1697 38.02 -83.36 -35.52
N LEU E 1698 39.03 -84.17 -35.80
CA LEU E 1698 39.09 -84.90 -37.05
C LEU E 1698 38.07 -86.03 -37.12
N ARG E 1699 37.42 -86.37 -36.02
CA ARG E 1699 36.33 -87.32 -36.15
C ARG E 1699 35.09 -86.63 -36.66
N ALA E 1700 34.75 -85.49 -36.04
CA ALA E 1700 33.59 -84.72 -36.45
C ALA E 1700 33.74 -84.17 -37.85
N GLY E 1701 34.97 -83.85 -38.25
CA GLY E 1701 35.19 -83.42 -39.61
C GLY E 1701 34.83 -84.46 -40.64
N TYR E 1702 35.22 -85.71 -40.40
CA TYR E 1702 34.92 -86.74 -41.38
C TYR E 1702 33.48 -87.18 -41.34
N TYR E 1703 32.83 -87.12 -40.17
CA TYR E 1703 31.39 -87.40 -40.15
C TYR E 1703 30.60 -86.34 -40.89
N ASP E 1704 30.91 -85.07 -40.66
CA ASP E 1704 30.23 -84.00 -41.36
C ASP E 1704 30.54 -84.02 -42.85
N LEU E 1705 31.74 -84.43 -43.23
CA LEU E 1705 32.02 -84.56 -44.66
C LEU E 1705 31.22 -85.69 -45.29
N LEU E 1706 31.06 -86.80 -44.57
CA LEU E 1706 30.24 -87.90 -45.09
C LEU E 1706 28.81 -87.47 -45.30
N ILE E 1707 28.25 -86.77 -44.32
CA ILE E 1707 26.87 -86.33 -44.42
C ILE E 1707 26.72 -85.30 -45.53
N ASP E 1708 27.65 -84.36 -45.64
CA ASP E 1708 27.53 -83.32 -46.63
C ASP E 1708 27.89 -83.76 -48.03
N ILE E 1709 28.53 -84.89 -48.22
CA ILE E 1709 28.72 -85.45 -49.56
C ILE E 1709 27.54 -86.31 -49.95
N HIS E 1710 27.24 -87.35 -49.17
CA HIS E 1710 26.29 -88.33 -49.68
C HIS E 1710 24.88 -88.15 -49.16
N LEU E 1711 24.69 -87.57 -47.97
CA LEU E 1711 23.38 -87.67 -47.33
C LEU E 1711 22.67 -86.34 -47.15
N SER E 1712 23.35 -85.22 -47.18
CA SER E 1712 22.65 -83.96 -46.95
C SER E 1712 22.02 -83.39 -48.19
N SER E 1713 22.00 -84.12 -49.30
CA SER E 1713 21.24 -83.67 -50.44
C SER E 1713 19.81 -84.13 -50.35
N TYR E 1714 19.62 -85.40 -49.98
CA TYR E 1714 18.30 -85.99 -49.94
C TYR E 1714 17.59 -85.71 -48.64
N ALA E 1715 18.33 -85.52 -47.56
CA ALA E 1715 17.71 -85.32 -46.25
C ALA E 1715 16.96 -84.01 -46.17
N THR E 1716 17.50 -82.94 -46.75
CA THR E 1716 16.73 -81.71 -46.83
C THR E 1716 15.55 -81.85 -47.77
N ALA E 1717 15.69 -82.66 -48.81
CA ALA E 1717 14.59 -82.92 -49.72
C ALA E 1717 13.49 -83.74 -49.07
N ARG E 1718 13.77 -84.35 -47.93
CA ARG E 1718 12.71 -85.00 -47.19
C ARG E 1718 12.21 -84.16 -46.04
N LEU E 1719 13.03 -83.28 -45.48
CA LEU E 1719 12.49 -82.32 -44.52
C LEU E 1719 11.85 -81.10 -45.17
N MET E 1720 11.75 -81.05 -46.48
CA MET E 1720 10.81 -80.12 -47.05
C MET E 1720 9.42 -80.71 -47.10
N MET E 1721 9.31 -82.01 -47.36
CA MET E 1721 8.03 -82.68 -47.50
C MET E 1721 7.62 -83.42 -46.24
N ASN E 1722 7.89 -82.85 -45.08
CA ASN E 1722 7.50 -83.50 -43.84
C ASN E 1722 6.17 -83.02 -43.30
N ASN E 1723 5.53 -82.06 -43.96
CA ASN E 1723 4.27 -81.53 -43.46
C ASN E 1723 3.24 -81.41 -44.56
N GLU E 1724 3.23 -82.35 -45.49
CA GLU E 1724 2.30 -82.27 -46.61
C GLU E 1724 1.34 -83.44 -46.66
N PHE E 1725 1.78 -84.64 -46.30
CA PHE E 1725 0.91 -85.69 -45.76
C PHE E 1725 -0.07 -86.26 -46.77
N ILE E 1726 0.10 -86.01 -48.07
CA ILE E 1726 -0.90 -86.50 -49.02
C ILE E 1726 -0.70 -87.99 -49.20
N VAL E 1727 -1.78 -88.68 -49.57
CA VAL E 1727 -1.76 -90.13 -49.55
C VAL E 1727 -2.75 -90.65 -50.58
N PRO E 1728 -2.39 -91.64 -51.39
CA PRO E 1728 -3.35 -92.25 -52.29
C PRO E 1728 -4.42 -93.01 -51.52
N MET E 1729 -5.53 -93.29 -52.22
CA MET E 1729 -6.66 -93.93 -51.57
C MET E 1729 -6.88 -95.36 -52.02
N THR E 1730 -5.85 -96.02 -52.54
CA THR E 1730 -6.05 -97.35 -53.09
C THR E 1730 -6.11 -98.39 -51.97
N GLU E 1731 -6.11 -99.67 -52.35
CA GLU E 1731 -6.56 -100.74 -51.46
C GLU E 1731 -5.59 -101.01 -50.32
N GLU E 1732 -4.28 -100.89 -50.57
CA GLU E 1732 -3.33 -101.07 -49.48
C GLU E 1732 -3.38 -99.91 -48.50
N THR E 1733 -3.83 -98.74 -48.95
CA THR E 1733 -3.95 -97.61 -48.06
C THR E 1733 -5.13 -97.75 -47.11
N LYS E 1734 -6.21 -98.38 -47.57
CA LYS E 1734 -7.35 -98.69 -46.70
C LYS E 1734 -7.03 -99.82 -45.73
N SER E 1735 -5.96 -100.57 -45.96
CA SER E 1735 -5.71 -101.80 -45.25
C SER E 1735 -5.04 -101.60 -43.89
N ILE E 1736 -4.93 -100.37 -43.42
CA ILE E 1736 -4.33 -100.13 -42.13
C ILE E 1736 -5.29 -100.61 -41.04
N THR E 1737 -4.74 -101.30 -40.05
CA THR E 1737 -5.50 -101.72 -38.88
C THR E 1737 -5.66 -100.61 -37.86
N LEU E 1738 -4.88 -99.53 -38.03
CA LEU E 1738 -4.91 -98.23 -37.36
C LEU E 1738 -4.40 -98.26 -35.94
N PHE E 1739 -4.46 -99.42 -35.27
CA PHE E 1739 -4.20 -99.59 -33.84
C PHE E 1739 -4.03 -101.07 -33.52
N PRO E 1740 -2.85 -101.64 -33.72
CA PRO E 1740 -2.66 -103.07 -33.40
C PRO E 1740 -2.71 -103.34 -31.90
N ASP E 1741 -3.77 -104.00 -31.44
CA ASP E 1741 -3.98 -104.25 -30.02
C ASP E 1741 -3.29 -105.53 -29.57
N PRO E 1749 5.74 -96.58 -33.56
CA PRO E 1749 6.90 -95.86 -34.09
C PRO E 1749 7.65 -96.69 -35.13
N GLY E 1750 7.85 -97.98 -34.86
CA GLY E 1750 8.43 -98.88 -35.84
C GLY E 1750 7.39 -99.27 -36.86
N ILE E 1751 7.08 -98.31 -37.73
CA ILE E 1751 5.75 -98.18 -38.32
C ILE E 1751 5.51 -99.24 -39.39
N GLY E 1752 4.31 -99.82 -39.34
CA GLY E 1752 3.96 -100.97 -40.17
C GLY E 1752 3.91 -100.74 -41.66
N LEU E 1753 2.86 -100.10 -42.16
CA LEU E 1753 2.69 -100.07 -43.61
C LEU E 1753 3.16 -98.74 -44.20
N SER E 1754 2.55 -97.63 -43.78
CA SER E 1754 3.00 -96.26 -44.04
C SER E 1754 3.07 -95.94 -45.55
N THR E 1755 1.88 -95.81 -46.15
CA THR E 1755 1.75 -95.66 -47.60
C THR E 1755 1.68 -94.22 -48.06
N SER E 1756 2.38 -93.29 -47.41
CA SER E 1756 2.27 -91.89 -47.81
C SER E 1756 3.09 -91.63 -49.08
N LEU E 1757 3.19 -90.36 -49.47
CA LEU E 1757 3.74 -90.03 -50.78
C LEU E 1757 5.02 -89.20 -50.68
N ARG E 1758 5.93 -89.66 -49.84
CA ARG E 1758 7.23 -89.05 -49.63
C ARG E 1758 8.05 -89.02 -50.93
N PRO E 1759 9.03 -88.09 -51.04
CA PRO E 1759 9.80 -87.99 -52.28
C PRO E 1759 10.70 -89.17 -52.62
N ARG E 1760 11.44 -89.03 -53.71
CA ARG E 1760 12.15 -90.14 -54.32
C ARG E 1760 13.64 -89.85 -54.43
N MET E 1761 14.46 -90.82 -54.03
CA MET E 1761 15.91 -90.67 -54.08
C MET E 1761 16.53 -91.45 -55.23
N GLN E 1762 17.44 -90.79 -55.94
CA GLN E 1762 18.24 -91.43 -56.99
C GLN E 1762 19.70 -91.12 -56.70
N PHE E 1763 20.55 -92.11 -56.87
CA PHE E 1763 21.98 -91.93 -56.67
C PHE E 1763 22.74 -92.31 -57.93
N SER E 1764 23.84 -91.62 -58.18
CA SER E 1764 24.62 -91.81 -59.39
C SER E 1764 26.02 -92.30 -59.05
N SER E 1765 26.56 -93.14 -59.92
CA SER E 1765 27.91 -93.64 -59.75
C SER E 1765 28.91 -92.59 -60.18
N PRO E 1766 29.87 -92.25 -59.36
CA PRO E 1766 30.88 -91.25 -59.73
C PRO E 1766 32.11 -91.84 -60.42
N SER E 1767 31.92 -92.26 -61.66
CA SER E 1767 33.01 -92.79 -62.46
C SER E 1767 33.70 -91.63 -63.18
N PHE E 1768 34.56 -91.96 -64.14
CA PHE E 1768 35.17 -90.93 -64.97
C PHE E 1768 35.14 -91.34 -66.43
N VAL E 1769 34.02 -91.00 -67.06
CA VAL E 1769 33.76 -91.12 -68.48
C VAL E 1769 33.17 -89.81 -68.95
N SER E 1770 32.92 -89.68 -70.26
CA SER E 1770 32.51 -88.40 -70.83
C SER E 1770 31.01 -88.30 -71.05
N ILE E 1771 30.22 -88.99 -70.23
CA ILE E 1771 28.77 -88.89 -70.27
C ILE E 1771 28.35 -88.14 -69.01
N ASN E 1772 29.23 -87.25 -68.55
CA ASN E 1772 29.13 -86.68 -67.21
C ASN E 1772 28.01 -85.67 -67.08
N ASN E 1773 27.51 -85.12 -68.19
CA ASN E 1773 26.44 -84.13 -68.11
C ASN E 1773 25.15 -84.75 -67.60
N GLU E 1774 24.88 -86.00 -67.97
CA GLU E 1774 23.76 -86.73 -67.38
C GLU E 1774 24.11 -87.24 -66.00
N CYS E 1775 25.40 -87.42 -65.73
CA CYS E 1775 25.82 -87.98 -64.45
C CYS E 1775 25.65 -86.97 -63.32
N TYR E 1776 26.29 -85.82 -63.45
CA TYR E 1776 26.37 -84.86 -62.36
C TYR E 1776 25.04 -84.14 -62.14
N GLN E 1777 24.04 -84.87 -61.68
CA GLN E 1777 22.74 -84.27 -61.45
C GLN E 1777 22.06 -84.71 -60.16
N TYR E 1778 22.49 -85.79 -59.50
CA TYR E 1778 21.80 -86.23 -58.29
C TYR E 1778 22.66 -86.19 -57.03
N SER E 1779 23.68 -87.04 -56.92
CA SER E 1779 24.56 -87.23 -55.76
C SER E 1779 25.55 -88.34 -56.10
N PRO E 1780 26.64 -88.49 -55.35
CA PRO E 1780 27.40 -89.72 -55.43
C PRO E 1780 26.78 -90.76 -54.52
N GLU E 1781 27.14 -92.01 -54.75
CA GLU E 1781 26.52 -93.12 -54.06
C GLU E 1781 27.59 -93.89 -53.31
N PHE E 1782 27.25 -94.34 -52.10
CA PHE E 1782 28.13 -95.27 -51.42
C PHE E 1782 27.24 -96.12 -50.54
N PRO E 1783 27.58 -97.40 -50.31
CA PRO E 1783 26.55 -98.40 -49.99
C PRO E 1783 25.96 -98.21 -48.61
N LEU E 1784 24.63 -98.07 -48.58
CA LEU E 1784 23.93 -97.78 -47.34
C LEU E 1784 23.78 -99.03 -46.49
N ASP E 1785 23.74 -100.21 -47.12
CA ASP E 1785 23.47 -101.45 -46.42
C ASP E 1785 24.61 -101.82 -45.47
N ILE E 1786 25.85 -101.50 -45.83
CA ILE E 1786 26.95 -101.71 -44.91
C ILE E 1786 26.87 -100.70 -43.77
N LEU E 1787 26.65 -99.44 -44.11
CA LEU E 1787 26.74 -98.36 -43.15
C LEU E 1787 25.65 -98.45 -42.09
N LYS E 1788 24.48 -98.92 -42.48
CA LYS E 1788 23.37 -98.94 -41.54
C LYS E 1788 23.45 -100.11 -40.58
N ALA E 1789 24.35 -101.07 -40.82
CA ALA E 1789 24.69 -102.00 -39.77
C ALA E 1789 25.90 -101.52 -38.98
N LYS E 1790 26.80 -100.79 -39.66
CA LYS E 1790 27.98 -100.28 -38.99
C LYS E 1790 27.62 -99.30 -37.89
N THR E 1791 26.63 -98.46 -38.13
CA THR E 1791 26.27 -97.48 -37.12
C THR E 1791 25.50 -98.08 -35.96
N ILE E 1792 24.76 -99.16 -36.18
CA ILE E 1792 24.08 -99.81 -35.06
C ILE E 1792 25.11 -100.53 -34.19
N GLN E 1793 26.07 -101.19 -34.83
CA GLN E 1793 27.19 -101.79 -34.12
C GLN E 1793 27.96 -100.75 -33.32
N MET E 1794 28.19 -99.59 -33.95
CA MET E 1794 28.91 -98.52 -33.29
C MET E 1794 28.12 -97.93 -32.13
N LEU E 1795 26.79 -97.84 -32.26
CA LEU E 1795 25.97 -97.32 -31.17
C LEU E 1795 25.92 -98.25 -29.98
N THR E 1796 25.77 -99.56 -30.22
CA THR E 1796 25.78 -100.52 -29.12
C THR E 1796 27.11 -100.52 -28.39
N GLU E 1797 28.21 -100.60 -29.17
CA GLU E 1797 29.55 -100.45 -28.62
C GLU E 1797 29.74 -99.13 -27.90
N ALA E 1798 29.09 -98.08 -28.35
CA ALA E 1798 29.19 -96.78 -27.71
C ALA E 1798 28.52 -96.77 -26.34
N VAL E 1799 27.22 -97.07 -26.31
CA VAL E 1799 26.46 -96.85 -25.08
C VAL E 1799 26.86 -97.87 -24.01
N GLN E 1800 27.04 -99.14 -24.40
CA GLN E 1800 27.28 -100.17 -23.39
C GLN E 1800 28.67 -100.09 -22.81
N GLU E 1801 29.62 -99.50 -23.53
CA GLU E 1801 30.94 -99.29 -22.95
C GLU E 1801 30.98 -97.98 -22.18
N GLY E 1802 30.62 -96.87 -22.82
CA GLY E 1802 30.78 -95.58 -22.20
C GLY E 1802 29.82 -95.28 -21.07
N SER E 1803 28.85 -96.17 -20.83
CA SER E 1803 27.93 -96.05 -19.72
C SER E 1803 28.60 -96.14 -18.36
N LEU E 1804 29.75 -96.80 -18.24
CA LEU E 1804 30.38 -96.99 -16.94
C LEU E 1804 31.38 -95.90 -16.59
N HIS E 1805 31.32 -94.75 -17.27
CA HIS E 1805 32.12 -93.56 -16.98
C HIS E 1805 33.62 -93.83 -17.08
N ALA E 1806 34.05 -94.17 -18.28
CA ALA E 1806 35.46 -94.06 -18.57
C ALA E 1806 35.83 -92.58 -18.68
N ARG E 1807 37.10 -92.30 -18.44
CA ARG E 1807 37.68 -90.99 -18.74
C ARG E 1807 38.34 -91.00 -20.10
N ASP E 1808 38.17 -92.08 -20.85
CA ASP E 1808 38.78 -92.30 -22.16
C ASP E 1808 38.20 -91.52 -23.34
N PRO E 1809 36.88 -91.33 -23.43
CA PRO E 1809 36.14 -91.67 -24.67
C PRO E 1809 36.64 -90.96 -25.93
N VAL E 1810 36.43 -91.65 -27.04
CA VAL E 1810 37.23 -91.68 -28.26
C VAL E 1810 37.81 -90.34 -28.69
N GLY E 1811 36.98 -89.31 -28.73
CA GLY E 1811 37.49 -88.02 -29.09
C GLY E 1811 38.15 -87.24 -27.98
N GLY E 1812 38.48 -87.88 -26.88
CA GLY E 1812 39.01 -87.17 -25.72
C GLY E 1812 37.95 -86.81 -24.71
N THR E 1813 36.94 -86.08 -25.13
CA THR E 1813 35.81 -85.75 -24.29
C THR E 1813 34.57 -86.41 -24.91
N THR E 1814 33.51 -86.57 -24.14
CA THR E 1814 32.37 -87.34 -24.60
C THR E 1814 31.52 -86.61 -25.62
N GLU E 1815 31.81 -85.34 -25.91
CA GLU E 1815 31.12 -84.66 -26.99
C GLU E 1815 31.47 -85.25 -28.34
N PHE E 1816 32.77 -85.40 -28.61
CA PHE E 1816 33.17 -85.97 -29.89
C PHE E 1816 32.92 -87.46 -29.96
N LEU E 1817 32.64 -88.09 -28.83
CA LEU E 1817 32.20 -89.47 -28.86
C LEU E 1817 30.79 -89.57 -29.42
N PHE E 1818 29.87 -88.75 -28.92
CA PHE E 1818 28.46 -88.95 -29.18
C PHE E 1818 27.87 -88.05 -30.26
N VAL E 1819 28.22 -86.77 -30.27
CA VAL E 1819 27.63 -85.75 -31.14
C VAL E 1819 27.73 -86.13 -32.63
N PRO E 1820 28.88 -86.43 -33.22
CA PRO E 1820 28.85 -86.87 -34.61
C PRO E 1820 28.64 -88.35 -34.77
N LEU E 1821 28.13 -89.04 -33.76
CA LEU E 1821 27.55 -90.34 -33.97
C LEU E 1821 26.05 -90.27 -34.01
N ILE E 1822 25.45 -89.54 -33.08
CA ILE E 1822 24.01 -89.34 -33.11
C ILE E 1822 23.61 -88.46 -34.29
N LYS E 1823 24.50 -87.59 -34.77
CA LYS E 1823 24.17 -86.81 -35.96
C LYS E 1823 24.01 -87.69 -37.18
N LEU E 1824 24.93 -88.63 -37.40
CA LEU E 1824 24.76 -89.57 -38.48
C LEU E 1824 23.58 -90.48 -38.24
N PHE E 1825 23.33 -90.83 -36.99
CA PHE E 1825 22.20 -91.71 -36.70
C PHE E 1825 20.88 -91.02 -37.00
N TYR E 1826 20.82 -89.73 -36.72
CA TYR E 1826 19.63 -88.95 -36.99
C TYR E 1826 19.42 -88.79 -38.48
N THR E 1827 20.45 -88.44 -39.21
CA THR E 1827 20.29 -88.23 -40.64
C THR E 1827 20.11 -89.54 -41.38
N LEU E 1828 20.55 -90.66 -40.82
CA LEU E 1828 20.19 -91.91 -41.43
C LEU E 1828 18.80 -92.36 -41.08
N LEU E 1829 18.29 -91.93 -39.93
CA LEU E 1829 16.93 -92.27 -39.55
C LEU E 1829 15.91 -91.60 -40.44
N ILE E 1830 16.18 -90.35 -40.80
CA ILE E 1830 15.26 -89.56 -41.62
C ILE E 1830 15.15 -90.16 -43.01
N MET E 1831 16.25 -90.64 -43.56
CA MET E 1831 16.33 -90.95 -44.97
C MET E 1831 15.62 -92.21 -45.39
N GLY E 1832 14.72 -92.77 -44.58
CA GLY E 1832 13.87 -93.82 -45.08
C GLY E 1832 14.45 -95.20 -45.02
N ILE E 1833 15.52 -95.40 -44.25
CA ILE E 1833 16.02 -96.72 -43.96
C ILE E 1833 15.96 -96.87 -42.45
N PHE E 1834 16.51 -97.98 -41.92
CA PHE E 1834 16.18 -98.54 -40.59
C PHE E 1834 14.70 -98.90 -40.51
N HIS E 1835 14.34 -99.96 -41.23
CA HIS E 1835 12.98 -100.49 -41.19
C HIS E 1835 12.64 -101.19 -39.89
N ASN E 1836 11.48 -101.86 -39.88
CA ASN E 1836 10.91 -102.51 -38.71
C ASN E 1836 11.86 -103.47 -38.01
N GLU E 1837 12.49 -104.35 -38.79
CA GLU E 1837 13.44 -105.34 -38.30
C GLU E 1837 14.66 -104.72 -37.64
N ASP E 1838 15.02 -103.50 -38.02
CA ASP E 1838 16.13 -102.83 -37.37
C ASP E 1838 15.68 -101.78 -36.35
N LEU E 1839 14.52 -101.15 -36.55
CA LEU E 1839 14.01 -100.20 -35.56
C LEU E 1839 13.66 -100.90 -34.26
N LYS E 1840 13.22 -102.15 -34.35
CA LYS E 1840 13.06 -102.96 -33.15
C LYS E 1840 14.38 -103.13 -32.42
N HIS E 1841 15.49 -103.22 -33.15
CA HIS E 1841 16.79 -103.27 -32.51
C HIS E 1841 17.21 -101.91 -32.00
N ILE E 1842 16.75 -100.86 -32.67
CA ILE E 1842 17.17 -99.50 -32.38
C ILE E 1842 16.57 -98.98 -31.09
N LEU E 1843 15.28 -99.23 -30.87
CA LEU E 1843 14.61 -98.71 -29.67
C LEU E 1843 15.16 -99.27 -28.38
N GLN E 1844 15.85 -100.41 -28.42
CA GLN E 1844 16.47 -100.97 -27.23
C GLN E 1844 17.60 -100.10 -26.70
N LEU E 1845 18.25 -99.31 -27.55
CA LEU E 1845 19.33 -98.46 -27.08
C LEU E 1845 18.83 -97.24 -26.32
N ILE E 1846 17.57 -96.89 -26.46
CA ILE E 1846 17.05 -95.68 -25.85
C ILE E 1846 16.04 -96.00 -24.75
N GLU E 1847 15.08 -96.87 -25.05
CA GLU E 1847 13.88 -97.05 -24.23
C GLU E 1847 14.07 -97.76 -22.90
N PRO E 1848 14.96 -98.77 -22.78
CA PRO E 1848 14.49 -100.14 -22.49
C PRO E 1848 13.22 -100.25 -21.66
N SER E 1849 12.20 -100.84 -22.28
CA SER E 1849 10.82 -100.84 -21.81
C SER E 1849 9.99 -101.71 -22.73
N GLY E 1893 20.28 -97.47 -20.80
CA GLY E 1893 19.48 -96.70 -21.74
C GLY E 1893 20.08 -95.33 -22.00
N LEU E 1894 20.16 -94.96 -23.27
CA LEU E 1894 20.87 -93.75 -23.66
C LEU E 1894 20.14 -92.50 -23.22
N LEU E 1895 18.81 -92.57 -23.22
CA LEU E 1895 17.99 -91.46 -22.76
C LEU E 1895 18.09 -91.23 -21.25
N GLN E 1896 18.53 -92.24 -20.51
CA GLN E 1896 18.49 -92.23 -19.06
C GLN E 1896 19.84 -91.93 -18.43
N MET E 1897 20.87 -91.75 -19.24
CA MET E 1897 22.23 -91.63 -18.73
C MET E 1897 22.51 -90.21 -18.27
N LYS E 1898 23.79 -89.92 -18.03
CA LYS E 1898 24.27 -88.60 -17.70
C LYS E 1898 24.98 -88.02 -18.92
N LEU E 1899 24.46 -86.90 -19.44
CA LEU E 1899 24.90 -86.41 -20.74
C LEU E 1899 25.15 -84.91 -20.66
N PRO E 1900 26.10 -84.38 -21.42
CA PRO E 1900 26.25 -82.92 -21.49
C PRO E 1900 25.21 -82.23 -22.35
N GLU E 1901 25.37 -80.93 -22.57
CA GLU E 1901 24.34 -80.17 -23.27
C GLU E 1901 24.26 -80.45 -24.76
N PRO E 1902 25.33 -80.32 -25.55
CA PRO E 1902 25.15 -80.50 -27.00
C PRO E 1902 25.02 -81.94 -27.46
N VAL E 1903 24.81 -82.90 -26.57
CA VAL E 1903 24.44 -84.23 -27.03
C VAL E 1903 22.95 -84.44 -26.80
N LYS E 1904 22.42 -83.90 -25.70
CA LYS E 1904 20.98 -83.97 -25.52
C LYS E 1904 20.24 -82.99 -26.43
N LEU E 1905 20.93 -81.95 -26.92
CA LEU E 1905 20.37 -81.16 -28.02
C LEU E 1905 20.11 -82.03 -29.23
N GLN E 1906 21.05 -82.92 -29.56
CA GLN E 1906 20.84 -83.83 -30.67
C GLN E 1906 19.78 -84.86 -30.34
N MET E 1907 19.68 -85.24 -29.08
CA MET E 1907 18.70 -86.26 -28.75
C MET E 1907 17.29 -85.72 -28.79
N CYS E 1908 17.13 -84.41 -28.59
CA CYS E 1908 15.80 -83.82 -28.74
C CYS E 1908 15.30 -83.93 -30.17
N LEU E 1909 16.17 -83.65 -31.14
CA LEU E 1909 15.81 -83.86 -32.53
C LEU E 1909 15.73 -85.33 -32.89
N LEU E 1910 16.37 -86.20 -32.11
CA LEU E 1910 16.13 -87.62 -32.32
C LEU E 1910 14.73 -88.00 -31.84
N LEU E 1911 14.27 -87.40 -30.75
CA LEU E 1911 12.97 -87.72 -30.21
C LEU E 1911 11.84 -87.10 -31.02
N GLN E 1912 12.09 -85.95 -31.61
CA GLN E 1912 11.04 -85.24 -32.32
C GLN E 1912 10.59 -85.98 -33.56
N TYR E 1913 11.51 -86.62 -34.28
CA TYR E 1913 11.08 -87.43 -35.40
C TYR E 1913 10.32 -88.66 -34.94
N LEU E 1914 10.65 -89.20 -33.78
CA LEU E 1914 9.89 -90.34 -33.28
C LEU E 1914 8.47 -89.93 -32.94
N CYS E 1915 8.31 -88.76 -32.31
CA CYS E 1915 6.97 -88.26 -32.03
C CYS E 1915 6.23 -87.90 -33.31
N ASP E 1916 6.96 -87.40 -34.29
CA ASP E 1916 6.38 -87.01 -35.56
C ASP E 1916 6.04 -88.19 -36.44
N CYS E 1917 6.57 -89.37 -36.15
CA CYS E 1917 6.18 -90.54 -36.92
C CYS E 1917 4.76 -90.98 -36.61
N GLN E 1918 4.31 -90.76 -35.38
CA GLN E 1918 2.94 -91.12 -35.03
C GLN E 1918 1.93 -90.24 -35.72
N VAL E 1919 2.29 -89.00 -36.05
CA VAL E 1919 1.36 -88.13 -36.75
C VAL E 1919 1.16 -88.60 -38.17
N ARG E 1920 2.24 -88.97 -38.86
CA ARG E 1920 2.14 -89.59 -40.17
C ARG E 1920 1.40 -90.91 -40.12
N HIS E 1921 1.52 -91.65 -39.03
CA HIS E 1921 0.70 -92.84 -38.88
C HIS E 1921 -0.77 -92.52 -38.71
N ARG E 1922 -1.08 -91.50 -37.93
CA ARG E 1922 -2.44 -91.24 -37.54
C ARG E 1922 -3.23 -90.60 -38.66
N ILE E 1923 -2.55 -89.83 -39.52
CA ILE E 1923 -3.25 -89.26 -40.66
C ILE E 1923 -3.64 -90.33 -41.66
N GLU E 1924 -2.73 -91.25 -41.95
CA GLU E 1924 -3.04 -92.41 -42.77
C GLU E 1924 -4.08 -93.30 -42.11
N ALA E 1925 -4.13 -93.32 -40.78
CA ALA E 1925 -5.18 -94.01 -40.06
C ALA E 1925 -6.55 -93.41 -40.33
N ILE E 1926 -6.64 -92.07 -40.27
CA ILE E 1926 -7.91 -91.38 -40.52
C ILE E 1926 -8.37 -91.59 -41.95
N VAL E 1927 -7.44 -91.57 -42.90
CA VAL E 1927 -7.85 -91.79 -44.29
C VAL E 1927 -8.28 -93.23 -44.53
N ALA E 1928 -7.59 -94.19 -43.89
CA ALA E 1928 -7.96 -95.59 -44.02
C ALA E 1928 -9.31 -95.88 -43.38
N PHE E 1929 -9.70 -95.10 -42.38
CA PHE E 1929 -11.06 -95.21 -41.87
C PHE E 1929 -12.07 -94.52 -42.79
N SER E 1930 -11.72 -93.34 -43.28
CA SER E 1930 -12.68 -92.49 -43.95
C SER E 1930 -12.85 -92.81 -45.41
N ASP E 1931 -12.16 -93.83 -45.91
CA ASP E 1931 -12.62 -94.30 -47.21
C ASP E 1931 -13.97 -95.00 -47.10
N ASP E 1932 -14.02 -96.11 -46.35
CA ASP E 1932 -15.28 -96.83 -46.24
C ASP E 1932 -16.30 -96.12 -45.36
N PHE E 1933 -15.88 -95.23 -44.45
CA PHE E 1933 -16.88 -94.46 -43.73
C PHE E 1933 -17.62 -93.50 -44.64
N VAL E 1934 -16.94 -92.89 -45.61
CA VAL E 1934 -17.70 -92.07 -46.53
C VAL E 1934 -18.40 -92.94 -47.56
N ALA E 1935 -17.93 -94.18 -47.76
CA ALA E 1935 -18.65 -95.09 -48.64
C ALA E 1935 -20.00 -95.49 -48.10
N LYS E 1936 -20.14 -95.68 -46.78
CA LYS E 1936 -21.44 -95.93 -46.16
C LYS E 1936 -22.23 -94.65 -45.89
N LEU E 1937 -21.88 -93.54 -46.55
CA LEU E 1937 -22.55 -92.26 -46.36
C LEU E 1937 -22.86 -91.54 -47.66
N GLN E 1938 -22.10 -91.76 -48.73
CA GLN E 1938 -22.24 -90.94 -49.93
C GLN E 1938 -23.49 -91.30 -50.72
N ASP E 1939 -23.94 -92.55 -50.62
CA ASP E 1939 -25.10 -93.04 -51.35
C ASP E 1939 -26.32 -93.17 -50.45
N ASN E 1940 -26.08 -93.53 -49.20
CA ASN E 1940 -27.14 -93.90 -48.26
C ASN E 1940 -28.06 -92.73 -47.96
N GLN E 1941 -27.49 -91.58 -47.60
CA GLN E 1941 -28.29 -90.36 -47.47
C GLN E 1941 -28.87 -89.95 -48.81
N ARG E 1942 -28.10 -90.09 -49.89
CA ARG E 1942 -28.63 -89.78 -51.21
C ARG E 1942 -29.71 -90.77 -51.63
N PHE E 1943 -29.69 -91.99 -51.09
CA PHE E 1943 -30.78 -92.92 -51.37
C PHE E 1943 -32.07 -92.46 -50.71
N ARG E 1944 -31.95 -91.89 -49.51
CA ARG E 1944 -33.13 -91.32 -48.84
C ARG E 1944 -33.63 -90.10 -49.59
N TYR E 1945 -32.70 -89.30 -50.13
CA TYR E 1945 -33.07 -88.23 -51.04
C TYR E 1945 -33.86 -88.74 -52.24
N ASN E 1946 -33.37 -89.82 -52.87
CA ASN E 1946 -33.98 -90.28 -54.11
C ASN E 1946 -35.34 -90.92 -53.86
N GLU E 1947 -35.49 -91.60 -52.72
CA GLU E 1947 -36.80 -92.17 -52.41
C GLU E 1947 -37.79 -91.10 -51.96
N VAL E 1948 -37.31 -90.04 -51.31
CA VAL E 1948 -38.23 -89.00 -50.87
C VAL E 1948 -38.52 -88.00 -51.97
N MET E 1949 -37.77 -88.05 -53.08
CA MET E 1949 -38.03 -87.16 -54.21
C MET E 1949 -39.36 -87.44 -54.89
N GLN E 1950 -39.81 -88.69 -54.88
CA GLN E 1950 -41.15 -89.04 -55.35
C GLN E 1950 -42.18 -89.07 -54.24
N ALA E 1951 -41.84 -89.60 -53.06
CA ALA E 1951 -42.80 -89.77 -51.98
C ALA E 1951 -43.21 -88.45 -51.34
N LEU E 1952 -42.45 -87.39 -51.54
CA LEU E 1952 -42.83 -86.07 -51.05
C LEU E 1952 -42.81 -85.04 -52.17
N GLU E 1991 -38.68 -77.31 -48.63
CA GLU E 1991 -37.95 -77.65 -47.42
C GLU E 1991 -37.04 -78.87 -47.62
N GLU E 1992 -37.58 -79.88 -48.30
CA GLU E 1992 -36.87 -81.15 -48.45
C GLU E 1992 -35.65 -80.99 -49.34
N ILE E 1993 -35.87 -80.61 -50.60
CA ILE E 1993 -34.74 -80.34 -51.48
C ILE E 1993 -34.10 -78.99 -51.19
N ARG E 1994 -34.76 -78.14 -50.39
CA ARG E 1994 -34.19 -76.83 -50.06
C ARG E 1994 -32.95 -76.96 -49.17
N ASP E 1995 -32.88 -78.03 -48.39
CA ASP E 1995 -31.70 -78.29 -47.58
C ASP E 1995 -30.71 -79.21 -48.28
N GLN E 1996 -31.18 -80.08 -49.18
CA GLN E 1996 -30.33 -80.97 -49.95
C GLN E 1996 -30.07 -80.44 -51.34
N LEU E 1997 -30.12 -79.11 -51.49
CA LEU E 1997 -29.74 -78.46 -52.73
C LEU E 1997 -28.83 -77.26 -52.45
N LEU E 1998 -28.06 -77.33 -51.37
CA LEU E 1998 -27.16 -76.25 -51.00
C LEU E 1998 -25.79 -76.53 -51.62
N ASP E 1999 -24.77 -75.77 -51.23
CA ASP E 1999 -23.41 -76.03 -51.69
C ASP E 1999 -22.87 -77.28 -51.02
N PHE E 2000 -21.75 -77.79 -51.54
CA PHE E 2000 -21.25 -79.09 -51.12
C PHE E 2000 -20.67 -79.04 -49.71
N HIS E 2001 -19.90 -78.01 -49.40
CA HIS E 2001 -19.20 -77.95 -48.12
C HIS E 2001 -20.17 -77.72 -46.97
N GLU E 2002 -21.17 -76.85 -47.18
CA GLU E 2002 -22.19 -76.61 -46.16
C GLU E 2002 -23.04 -77.84 -45.93
N ASP E 2003 -23.31 -78.61 -46.98
CA ASP E 2003 -24.03 -79.86 -46.84
C ASP E 2003 -23.22 -80.92 -46.09
N LEU E 2004 -21.91 -81.00 -46.36
CA LEU E 2004 -21.05 -81.92 -45.63
C LEU E 2004 -20.96 -81.54 -44.15
N MET E 2005 -20.81 -80.25 -43.86
CA MET E 2005 -20.80 -79.80 -42.48
C MET E 2005 -22.15 -80.00 -41.79
N THR E 2006 -23.27 -79.88 -42.53
CA THR E 2006 -24.57 -80.13 -41.94
C THR E 2006 -24.76 -81.60 -41.62
N HIS E 2007 -24.29 -82.48 -42.52
CA HIS E 2007 -24.40 -83.91 -42.26
C HIS E 2007 -23.47 -84.36 -41.14
N CYS E 2008 -22.33 -83.68 -40.98
CA CYS E 2008 -21.34 -84.10 -40.01
C CYS E 2008 -21.53 -83.51 -38.62
N GLY E 2009 -21.93 -82.24 -38.50
CA GLY E 2009 -22.02 -81.60 -37.21
C GLY E 2009 -23.23 -81.96 -36.39
N ILE E 2010 -24.17 -82.70 -37.00
CA ILE E 2010 -25.33 -83.17 -36.24
C ILE E 2010 -25.06 -84.48 -35.51
N GLU E 2011 -24.00 -85.19 -35.86
CA GLU E 2011 -23.69 -86.47 -35.21
C GLU E 2011 -23.26 -86.30 -33.76
N LEU E 2012 -22.88 -85.09 -33.36
CA LEU E 2012 -22.69 -84.76 -31.95
C LEU E 2012 -23.38 -83.43 -31.72
N ASP E 2013 -24.24 -83.36 -30.71
CA ASP E 2013 -24.94 -82.13 -30.40
C ASP E 2013 -25.16 -82.01 -28.89
N LEU E 2024 -29.35 -91.01 -37.22
CA LEU E 2024 -29.09 -92.12 -38.13
C LEU E 2024 -28.47 -93.28 -37.39
N THR E 2025 -28.05 -94.29 -38.15
CA THR E 2025 -27.30 -95.41 -37.62
C THR E 2025 -25.81 -95.31 -37.93
N ILE E 2026 -25.42 -94.37 -38.78
CA ILE E 2026 -24.03 -94.20 -39.17
C ILE E 2026 -23.32 -93.44 -38.08
N ARG E 2027 -24.07 -92.63 -37.33
CA ARG E 2027 -23.50 -91.80 -36.28
C ARG E 2027 -23.02 -92.59 -35.08
N GLY E 2028 -23.31 -93.89 -35.00
CA GLY E 2028 -22.65 -94.74 -34.04
C GLY E 2028 -21.23 -95.11 -34.41
N ARG E 2029 -20.87 -95.01 -35.69
CA ARG E 2029 -19.51 -95.34 -36.12
C ARG E 2029 -18.52 -94.27 -35.74
N LEU E 2030 -18.86 -92.99 -35.94
CA LEU E 2030 -17.97 -91.90 -35.55
C LEU E 2030 -17.77 -91.84 -34.05
N LEU E 2031 -18.82 -92.11 -33.28
CA LEU E 2031 -18.67 -92.08 -31.84
C LEU E 2031 -17.90 -93.27 -31.32
N SER E 2032 -17.74 -94.31 -32.13
CA SER E 2032 -16.74 -95.32 -31.82
C SER E 2032 -15.37 -94.91 -32.34
N LEU E 2033 -15.34 -94.05 -33.36
CA LEU E 2033 -14.06 -93.64 -33.94
C LEU E 2033 -13.31 -92.68 -33.03
N VAL E 2034 -13.92 -91.55 -32.68
CA VAL E 2034 -13.21 -90.48 -31.98
C VAL E 2034 -12.79 -90.91 -30.58
N GLU E 2035 -13.49 -91.87 -29.99
CA GLU E 2035 -12.98 -92.48 -28.78
C GLU E 2035 -11.75 -93.35 -29.05
N LYS E 2036 -11.61 -93.88 -30.26
CA LYS E 2036 -10.45 -94.71 -30.57
C LYS E 2036 -9.29 -93.91 -31.15
N VAL E 2037 -9.46 -92.61 -31.39
CA VAL E 2037 -8.38 -91.78 -31.92
C VAL E 2037 -7.95 -90.90 -30.77
N THR E 2038 -7.97 -91.46 -29.56
CA THR E 2038 -7.25 -90.82 -28.47
C THR E 2038 -5.76 -90.72 -28.78
N TYR E 2039 -5.08 -91.87 -28.83
CA TYR E 2039 -3.64 -91.88 -29.05
C TYR E 2039 -3.25 -93.11 -29.88
N THR E 2058 3.44 -96.13 -22.76
CA THR E 2058 3.61 -95.38 -24.00
C THR E 2058 4.72 -94.37 -23.87
N LEU E 2059 5.29 -93.97 -25.00
CA LEU E 2059 6.40 -93.02 -25.00
C LEU E 2059 5.97 -91.63 -24.58
N GLN E 2060 4.69 -91.31 -24.70
CA GLN E 2060 4.16 -90.03 -24.21
C GLN E 2060 4.34 -89.87 -22.71
N GLN E 2061 4.43 -90.98 -21.97
CA GLN E 2061 4.89 -90.92 -20.59
C GLN E 2061 6.33 -90.46 -20.51
N LEU E 2062 7.23 -91.18 -21.17
CA LEU E 2062 8.65 -91.05 -20.87
C LEU E 2062 9.25 -89.81 -21.48
N ILE E 2063 8.73 -89.33 -22.61
CA ILE E 2063 9.19 -88.07 -23.16
C ILE E 2063 8.92 -86.94 -22.18
N SER E 2064 7.64 -86.70 -21.87
CA SER E 2064 7.19 -85.72 -20.91
C SER E 2064 7.75 -85.89 -19.51
N GLU E 2065 8.22 -87.08 -19.17
CA GLU E 2065 8.94 -87.22 -17.91
C GLU E 2065 10.38 -86.77 -18.06
N THR E 2066 11.06 -87.19 -19.13
CA THR E 2066 12.48 -86.90 -19.26
C THR E 2066 12.76 -85.44 -19.56
N MET E 2067 11.88 -84.77 -20.28
CA MET E 2067 12.11 -83.35 -20.57
C MET E 2067 12.11 -82.51 -19.31
N VAL E 2068 11.20 -82.78 -18.39
CA VAL E 2068 11.24 -82.03 -17.16
C VAL E 2068 12.33 -82.57 -16.23
N ARG E 2069 12.68 -83.86 -16.35
CA ARG E 2069 13.74 -84.41 -15.52
C ARG E 2069 15.09 -83.79 -15.86
N TRP E 2070 15.28 -83.44 -17.14
CA TRP E 2070 16.51 -82.76 -17.51
C TRP E 2070 16.57 -81.37 -16.92
N ALA E 2071 15.45 -80.65 -16.92
CA ALA E 2071 15.47 -79.29 -16.43
C ALA E 2071 15.49 -79.22 -14.92
N GLN E 2072 15.07 -80.27 -14.22
CA GLN E 2072 14.99 -80.21 -12.77
C GLN E 2072 16.37 -80.19 -12.14
N GLU E 2073 17.33 -80.88 -12.73
CA GLU E 2073 18.56 -81.16 -12.02
C GLU E 2073 19.62 -80.08 -12.18
N SER E 2074 19.63 -79.33 -13.27
CA SER E 2074 20.71 -78.38 -13.48
C SER E 2074 20.21 -77.17 -14.24
N VAL E 2075 20.85 -76.03 -14.01
CA VAL E 2075 20.60 -74.84 -14.82
C VAL E 2075 21.10 -75.13 -16.22
N ILE E 2076 20.31 -74.76 -17.22
CA ILE E 2076 20.58 -75.14 -18.59
C ILE E 2076 20.89 -73.89 -19.39
N GLU E 2077 22.11 -73.80 -19.89
CA GLU E 2077 22.49 -72.77 -20.86
C GLU E 2077 22.29 -73.34 -22.26
N ASP E 2078 22.82 -72.64 -23.27
CA ASP E 2078 22.65 -72.94 -24.70
C ASP E 2078 21.15 -72.95 -24.99
N PRO E 2079 20.52 -71.78 -25.07
CA PRO E 2079 19.05 -71.70 -25.02
C PRO E 2079 18.35 -72.31 -26.21
N GLU E 2080 19.04 -72.83 -27.21
CA GLU E 2080 18.39 -73.72 -28.15
C GLU E 2080 17.97 -75.02 -27.49
N LEU E 2081 18.67 -75.44 -26.45
CA LEU E 2081 18.29 -76.64 -25.72
C LEU E 2081 16.99 -76.44 -24.96
N VAL E 2082 16.83 -75.28 -24.33
CA VAL E 2082 15.61 -75.00 -23.57
C VAL E 2082 14.41 -74.95 -24.49
N ARG E 2083 14.54 -74.28 -25.63
CA ARG E 2083 13.45 -74.17 -26.58
C ARG E 2083 13.11 -75.52 -27.20
N ALA E 2084 14.12 -76.31 -27.58
CA ALA E 2084 13.84 -77.61 -28.12
C ALA E 2084 13.32 -78.57 -27.07
N MET E 2085 13.57 -78.30 -25.79
CA MET E 2085 12.96 -79.10 -24.76
C MET E 2085 11.49 -78.78 -24.62
N PHE E 2086 11.15 -77.51 -24.54
CA PHE E 2086 9.79 -77.16 -24.18
C PHE E 2086 8.83 -77.29 -25.34
N VAL E 2087 9.29 -77.16 -26.58
CA VAL E 2087 8.41 -77.49 -27.71
C VAL E 2087 8.05 -78.96 -27.69
N LEU E 2088 9.04 -79.81 -27.42
CA LEU E 2088 8.80 -81.23 -27.29
C LEU E 2088 7.94 -81.57 -26.09
N LEU E 2089 8.02 -80.80 -25.02
CA LEU E 2089 7.17 -81.03 -23.88
C LEU E 2089 5.73 -80.67 -24.19
N HIS E 2090 5.53 -79.54 -24.86
CA HIS E 2090 4.18 -79.07 -25.15
C HIS E 2090 3.50 -79.93 -26.19
N ARG E 2091 4.25 -80.54 -27.09
CA ARG E 2091 3.60 -81.42 -28.06
C ARG E 2091 3.08 -82.70 -27.42
N GLN E 2092 3.59 -83.08 -26.25
CA GLN E 2092 3.01 -84.24 -25.59
C GLN E 2092 1.65 -83.93 -25.00
N TYR E 2093 1.49 -82.77 -24.39
CA TYR E 2093 0.22 -82.46 -23.75
C TYR E 2093 -0.80 -81.82 -24.67
N ASP E 2094 -0.45 -81.59 -25.92
CA ASP E 2094 -1.41 -81.06 -26.88
C ASP E 2094 -1.32 -81.92 -28.12
N GLY E 2095 -1.99 -83.05 -28.11
CA GLY E 2095 -1.92 -83.94 -29.26
C GLY E 2095 -2.93 -83.53 -30.29
N ILE E 2096 -4.08 -83.08 -29.80
CA ILE E 2096 -5.16 -82.68 -30.69
C ILE E 2096 -4.82 -81.38 -31.38
N GLY E 2097 -4.02 -80.52 -30.73
CA GLY E 2097 -3.53 -79.34 -31.41
C GLY E 2097 -2.56 -79.66 -32.54
N GLY E 2098 -1.72 -80.67 -32.35
CA GLY E 2098 -0.88 -81.15 -33.43
C GLY E 2098 -1.69 -81.74 -34.57
N LEU E 2099 -2.76 -82.45 -34.24
CA LEU E 2099 -3.63 -82.96 -35.29
C LEU E 2099 -4.45 -81.86 -35.93
N VAL E 2100 -4.66 -80.75 -35.22
CA VAL E 2100 -5.26 -79.57 -35.84
C VAL E 2100 -4.33 -79.02 -36.90
N ARG E 2101 -3.08 -78.78 -36.54
CA ARG E 2101 -2.16 -78.13 -37.47
C ARG E 2101 -1.56 -79.08 -38.48
N ALA E 2102 -2.17 -80.25 -38.70
CA ALA E 2102 -1.79 -81.16 -39.76
C ALA E 2102 -2.92 -81.49 -40.73
N LEU E 2103 -4.16 -81.27 -40.32
CA LEU E 2103 -5.29 -81.60 -41.19
C LEU E 2103 -5.52 -80.63 -42.35
N PRO E 2104 -5.27 -79.32 -42.26
CA PRO E 2104 -5.28 -78.54 -43.50
C PRO E 2104 -3.97 -78.59 -44.26
N LYS E 2105 -3.42 -79.79 -44.38
CA LYS E 2105 -2.40 -80.07 -45.37
C LYS E 2105 -2.63 -81.39 -46.08
N THR E 2106 -3.40 -82.30 -45.50
CA THR E 2106 -3.62 -83.60 -46.10
C THR E 2106 -4.55 -83.51 -47.29
N TYR E 2107 -4.56 -84.59 -48.07
CA TYR E 2107 -5.26 -84.68 -49.34
C TYR E 2107 -5.20 -86.13 -49.79
N THR E 2108 -6.24 -86.57 -50.46
CA THR E 2108 -6.30 -87.92 -50.97
C THR E 2108 -6.46 -87.89 -52.48
N ILE E 2109 -5.77 -88.79 -53.17
CA ILE E 2109 -5.83 -88.86 -54.62
C ILE E 2109 -6.11 -90.30 -55.03
N ASN E 2110 -6.81 -90.42 -56.15
CA ASN E 2110 -7.14 -91.70 -56.74
C ASN E 2110 -5.88 -92.31 -57.34
N GLY E 2111 -5.91 -93.64 -57.48
CA GLY E 2111 -4.70 -94.39 -57.82
C GLY E 2111 -4.16 -94.10 -59.21
N VAL E 2112 -5.05 -93.83 -60.16
CA VAL E 2112 -4.62 -93.57 -61.54
C VAL E 2112 -3.84 -92.28 -61.67
N SER E 2113 -3.86 -91.41 -60.65
CA SER E 2113 -3.05 -90.22 -60.60
C SER E 2113 -1.94 -90.30 -59.57
N VAL E 2114 -1.45 -91.50 -59.24
CA VAL E 2114 -0.29 -91.58 -58.37
C VAL E 2114 0.97 -91.17 -59.12
N GLU E 2115 1.12 -91.64 -60.36
CA GLU E 2115 2.42 -91.62 -61.02
C GLU E 2115 2.82 -90.21 -61.46
N ASP E 2116 1.86 -89.34 -61.69
CA ASP E 2116 2.19 -88.02 -62.19
C ASP E 2116 2.42 -87.01 -61.09
N THR E 2117 1.72 -87.11 -59.97
CA THR E 2117 1.91 -86.14 -58.91
C THR E 2117 3.26 -86.28 -58.23
N ILE E 2118 3.85 -87.48 -58.26
CA ILE E 2118 5.24 -87.64 -57.85
C ILE E 2118 6.12 -86.81 -58.77
N ASN E 2119 5.88 -86.89 -60.07
CA ASN E 2119 6.57 -86.04 -61.02
C ASN E 2119 6.18 -84.59 -60.87
N LEU E 2120 5.07 -84.30 -60.18
CA LEU E 2120 4.84 -82.95 -59.72
C LEU E 2120 5.67 -82.64 -58.50
N LEU E 2121 5.62 -83.53 -57.50
CA LEU E 2121 6.28 -83.30 -56.23
C LEU E 2121 7.78 -83.22 -56.40
N ALA E 2122 8.34 -84.12 -57.19
CA ALA E 2122 9.76 -84.08 -57.49
C ALA E 2122 10.12 -82.87 -58.35
N SER E 2123 9.16 -82.37 -59.12
CA SER E 2123 9.46 -81.12 -59.80
C SER E 2123 9.03 -79.92 -59.00
N LEU E 2124 8.47 -80.13 -57.80
CA LEU E 2124 8.18 -79.00 -56.96
C LEU E 2124 9.37 -78.67 -56.09
N GLY E 2125 10.02 -79.69 -55.55
CA GLY E 2125 11.16 -79.48 -54.66
C GLY E 2125 12.33 -78.81 -55.35
N GLN E 2126 12.48 -79.05 -56.65
CA GLN E 2126 13.50 -78.36 -57.43
C GLN E 2126 13.25 -76.86 -57.45
N ILE E 2127 11.99 -76.45 -57.38
CA ILE E 2127 11.70 -75.05 -57.12
C ILE E 2127 12.17 -74.67 -55.73
N ARG E 2128 11.74 -75.43 -54.72
CA ARG E 2128 11.96 -75.03 -53.34
C ARG E 2128 13.42 -75.06 -52.97
N SER E 2129 14.15 -76.08 -53.44
CA SER E 2129 15.58 -76.14 -53.22
C SER E 2129 16.33 -75.06 -53.99
N LEU E 2130 15.74 -74.50 -55.05
CA LEU E 2130 16.34 -73.36 -55.70
C LEU E 2130 16.02 -72.05 -55.01
N LEU E 2131 15.42 -72.10 -53.83
CA LEU E 2131 15.06 -70.88 -53.12
C LEU E 2131 16.27 -70.13 -52.61
N SER E 2132 17.41 -70.80 -52.46
CA SER E 2132 18.59 -70.22 -51.82
C SER E 2132 19.79 -70.35 -52.76
N VAL E 2133 20.03 -69.32 -53.56
CA VAL E 2133 21.25 -69.16 -54.35
C VAL E 2133 21.71 -67.70 -54.33
N GLU E 2138 22.24 -66.05 -63.88
CA GLU E 2138 22.32 -67.27 -64.66
C GLU E 2138 21.75 -68.41 -63.85
N GLU E 2139 21.45 -68.13 -62.60
CA GLU E 2139 20.88 -69.13 -61.68
C GLU E 2139 19.41 -69.40 -61.95
N GLU E 2140 18.83 -68.81 -62.99
CA GLU E 2140 17.40 -68.77 -63.17
C GLU E 2140 16.89 -69.73 -64.24
N LYS E 2141 17.76 -70.32 -65.05
CA LYS E 2141 17.30 -71.22 -66.11
C LYS E 2141 16.71 -72.49 -65.55
N LEU E 2142 17.11 -72.89 -64.35
CA LEU E 2142 16.49 -74.04 -63.72
C LEU E 2142 15.05 -73.74 -63.32
N MET E 2143 14.81 -72.53 -62.81
CA MET E 2143 13.48 -72.17 -62.31
C MET E 2143 12.48 -72.04 -63.44
N ILE E 2144 12.92 -71.53 -64.58
CA ILE E 2144 12.01 -71.32 -65.70
C ILE E 2144 11.59 -72.65 -66.30
N ARG E 2145 12.52 -73.59 -66.40
CA ARG E 2145 12.15 -74.94 -66.83
C ARG E 2145 11.30 -75.65 -65.79
N GLY E 2146 11.53 -75.38 -64.50
CA GLY E 2146 10.72 -76.02 -63.48
C GLY E 2146 9.28 -75.53 -63.51
N LEU E 2147 9.10 -74.22 -63.63
CA LEU E 2147 7.75 -73.68 -63.75
C LEU E 2147 7.09 -74.11 -65.05
N GLY E 2148 7.87 -74.28 -66.11
CA GLY E 2148 7.33 -74.84 -67.33
C GLY E 2148 6.88 -76.27 -67.19
N ASP E 2149 7.59 -77.06 -66.39
CA ASP E 2149 7.15 -78.43 -66.16
C ASP E 2149 5.99 -78.51 -65.20
N ILE E 2150 5.83 -77.51 -64.34
CA ILE E 2150 4.70 -77.54 -63.41
C ILE E 2150 3.43 -77.06 -64.11
N MET E 2151 3.53 -76.01 -64.92
CA MET E 2151 2.35 -75.44 -65.56
C MET E 2151 1.72 -76.39 -66.56
N ASN E 2152 2.53 -77.16 -67.27
CA ASN E 2152 2.02 -78.09 -68.26
C ASN E 2152 1.63 -79.42 -67.67
N ASN E 2153 1.54 -79.53 -66.36
CA ASN E 2153 1.28 -80.83 -65.77
C ASN E 2153 -0.20 -81.15 -65.86
N LYS E 2154 -0.49 -82.45 -65.84
CA LYS E 2154 -1.86 -82.92 -65.89
C LYS E 2154 -2.62 -82.50 -64.64
N VAL E 2155 -2.12 -82.89 -63.47
CA VAL E 2155 -2.75 -82.45 -62.21
C VAL E 2155 -2.06 -81.16 -61.83
N PHE E 2156 -2.44 -80.10 -62.51
CA PHE E 2156 -2.36 -78.76 -61.98
C PHE E 2156 -3.65 -78.00 -62.20
N TYR E 2157 -4.41 -78.33 -63.23
CA TYR E 2157 -5.79 -77.87 -63.32
C TYR E 2157 -6.65 -78.61 -62.32
N GLN E 2158 -6.43 -79.92 -62.19
CA GLN E 2158 -7.44 -80.83 -61.69
C GLN E 2158 -7.76 -80.68 -60.22
N HIS E 2159 -6.80 -80.32 -59.37
CA HIS E 2159 -7.08 -80.13 -57.95
C HIS E 2159 -6.37 -78.91 -57.42
N PRO E 2160 -6.91 -77.71 -57.66
CA PRO E 2160 -6.23 -76.48 -57.20
C PRO E 2160 -6.26 -76.28 -55.70
N ASN E 2161 -7.03 -77.08 -54.96
CA ASN E 2161 -6.89 -77.07 -53.51
C ASN E 2161 -5.52 -77.59 -53.07
N LEU E 2162 -4.97 -78.55 -53.81
CA LEU E 2162 -3.63 -79.05 -53.52
C LEU E 2162 -2.60 -77.95 -53.65
N MET E 2163 -2.59 -77.26 -54.78
CA MET E 2163 -1.60 -76.24 -55.00
C MET E 2163 -1.87 -75.01 -54.15
N ARG E 2164 -3.10 -74.82 -53.69
CA ARG E 2164 -3.33 -73.78 -52.70
C ARG E 2164 -2.80 -74.19 -51.34
N ALA E 2165 -2.76 -75.48 -51.05
CA ALA E 2165 -2.36 -75.95 -49.73
C ALA E 2165 -0.87 -76.23 -49.61
N LEU E 2166 -0.18 -76.49 -50.73
CA LEU E 2166 1.26 -76.70 -50.66
C LEU E 2166 2.03 -75.41 -50.57
N GLY E 2167 1.35 -74.27 -50.56
CA GLY E 2167 2.02 -73.00 -50.45
C GLY E 2167 2.67 -72.52 -51.71
N MET E 2168 2.43 -73.17 -52.84
CA MET E 2168 3.22 -72.87 -54.01
C MET E 2168 2.78 -71.61 -54.73
N HIS E 2169 1.80 -70.89 -54.23
CA HIS E 2169 1.72 -69.50 -54.60
C HIS E 2169 2.71 -68.66 -53.83
N GLU E 2170 2.93 -68.96 -52.56
CA GLU E 2170 3.87 -68.19 -51.78
C GLU E 2170 5.32 -68.50 -52.11
N THR E 2171 5.59 -69.70 -52.63
CA THR E 2171 6.94 -70.06 -53.05
C THR E 2171 7.42 -69.16 -54.17
N VAL E 2172 6.63 -69.08 -55.24
CA VAL E 2172 7.00 -68.26 -56.39
C VAL E 2172 6.99 -66.79 -56.03
N MET E 2173 6.07 -66.39 -55.15
CA MET E 2173 6.04 -65.03 -54.66
C MET E 2173 7.33 -64.67 -53.94
N GLU E 2174 7.82 -65.57 -53.11
CA GLU E 2174 9.07 -65.35 -52.41
C GLU E 2174 10.26 -65.33 -53.36
N VAL E 2175 10.24 -66.15 -54.41
CA VAL E 2175 11.32 -66.12 -55.39
C VAL E 2175 11.38 -64.79 -56.11
N MET E 2176 10.23 -64.29 -56.53
CA MET E 2176 10.17 -63.00 -57.21
C MET E 2176 10.57 -61.86 -56.29
N VAL E 2177 10.16 -61.93 -55.01
CA VAL E 2177 10.54 -60.90 -54.04
C VAL E 2177 12.04 -60.92 -53.82
N ASN E 2178 12.64 -62.12 -53.84
CA ASN E 2178 14.10 -62.21 -53.77
C ASN E 2178 14.75 -61.58 -54.99
N VAL E 2179 14.10 -61.66 -56.15
CA VAL E 2179 14.68 -61.04 -57.34
C VAL E 2179 14.60 -59.53 -57.25
N LEU E 2180 13.44 -58.99 -56.94
CA LEU E 2180 13.20 -57.54 -56.92
C LEU E 2180 13.82 -56.97 -55.65
N GLY E 2181 15.10 -56.68 -55.72
CA GLY E 2181 15.84 -56.20 -54.57
C GLY E 2181 15.45 -54.82 -54.09
N PRO E 2191 15.95 -60.12 -65.07
CA PRO E 2191 14.95 -59.42 -65.89
C PRO E 2191 13.97 -60.37 -66.55
N LYS E 2192 14.45 -61.43 -67.18
CA LYS E 2192 13.55 -62.41 -67.78
C LYS E 2192 13.03 -63.42 -66.78
N MET E 2193 13.42 -63.31 -65.52
CA MET E 2193 12.88 -64.17 -64.48
C MET E 2193 11.51 -63.70 -64.03
N VAL E 2194 11.32 -62.39 -63.86
CA VAL E 2194 10.06 -61.85 -63.37
C VAL E 2194 8.95 -62.08 -64.39
N ALA E 2195 9.30 -62.03 -65.68
CA ALA E 2195 8.31 -62.17 -66.71
C ALA E 2195 7.79 -63.59 -66.84
N ASN E 2196 8.64 -64.58 -66.69
CA ASN E 2196 8.14 -65.95 -66.69
C ASN E 2196 7.78 -66.39 -65.29
N CYS E 2197 7.94 -65.52 -64.31
CA CYS E 2197 7.37 -65.75 -63.00
C CYS E 2197 5.89 -65.38 -62.96
N CYS E 2198 5.58 -64.11 -63.24
CA CYS E 2198 4.23 -63.61 -63.04
C CYS E 2198 3.22 -64.21 -63.98
N ARG E 2199 3.66 -64.74 -65.11
CA ARG E 2199 2.75 -65.48 -65.98
C ARG E 2199 2.24 -66.73 -65.30
N PHE E 2200 3.04 -67.34 -64.43
CA PHE E 2200 2.53 -68.48 -63.67
C PHE E 2200 1.47 -68.05 -62.67
N LEU E 2201 1.65 -66.90 -62.05
CA LEU E 2201 0.65 -66.46 -61.08
C LEU E 2201 -0.63 -66.01 -61.77
N CYS E 2202 -0.52 -65.38 -62.95
CA CYS E 2202 -1.72 -65.07 -63.72
C CYS E 2202 -2.40 -66.32 -64.23
N TYR E 2203 -1.63 -67.39 -64.44
CA TYR E 2203 -2.26 -68.68 -64.65
C TYR E 2203 -2.89 -69.21 -63.38
N PHE E 2204 -2.39 -68.77 -62.23
CA PHE E 2204 -2.83 -69.36 -60.98
C PHE E 2204 -4.17 -68.82 -60.53
N CYS E 2205 -4.50 -67.59 -60.88
CA CYS E 2205 -5.78 -67.06 -60.45
C CYS E 2205 -6.95 -67.60 -61.26
N ARG E 2206 -6.77 -67.78 -62.56
CA ARG E 2206 -7.88 -68.08 -63.43
C ARG E 2206 -8.28 -69.55 -63.44
N ILE E 2207 -7.93 -70.33 -62.41
CA ILE E 2207 -8.38 -71.72 -62.41
C ILE E 2207 -9.44 -71.97 -61.36
N SER E 2208 -9.52 -71.12 -60.34
CA SER E 2208 -10.53 -71.30 -59.31
C SER E 2208 -10.87 -69.97 -58.68
N ARG E 2209 -11.97 -69.97 -57.92
CA ARG E 2209 -12.43 -68.76 -57.28
C ARG E 2209 -11.71 -68.53 -55.95
N GLN E 2210 -11.75 -69.54 -55.08
CA GLN E 2210 -11.05 -69.49 -53.81
C GLN E 2210 -9.55 -69.38 -53.99
N ASN E 2211 -9.02 -69.91 -55.09
CA ASN E 2211 -7.60 -69.77 -55.38
C ASN E 2211 -7.24 -68.33 -55.66
N GLN E 2212 -8.11 -67.64 -56.39
CA GLN E 2212 -7.93 -66.22 -56.63
C GLN E 2212 -8.03 -65.43 -55.35
N LYS E 2213 -8.95 -65.84 -54.46
CA LYS E 2213 -9.04 -65.20 -53.16
C LYS E 2213 -7.77 -65.38 -52.36
N ALA E 2214 -7.15 -66.56 -52.48
CA ALA E 2214 -5.90 -66.80 -51.78
C ALA E 2214 -4.78 -65.96 -52.37
N MET E 2215 -4.80 -65.77 -53.69
CA MET E 2215 -3.78 -64.97 -54.35
C MET E 2215 -3.91 -63.49 -54.02
N PHE E 2216 -5.11 -63.06 -53.65
CA PHE E 2216 -5.42 -61.63 -53.48
C PHE E 2216 -4.55 -60.95 -52.45
N ASP E 2217 -4.13 -61.66 -51.41
CA ASP E 2217 -3.80 -61.01 -50.15
C ASP E 2217 -2.44 -60.32 -50.14
N HIS E 2218 -1.66 -60.38 -51.21
CA HIS E 2218 -0.39 -59.70 -51.26
C HIS E 2218 -0.45 -58.44 -52.10
N LEU E 2219 -1.66 -57.96 -52.41
CA LEU E 2219 -1.85 -56.88 -53.37
C LEU E 2219 -1.22 -55.58 -52.88
N SER E 2220 -1.23 -55.35 -51.58
CA SER E 2220 -0.73 -54.11 -51.00
C SER E 2220 0.75 -53.91 -51.26
N TYR E 2221 1.53 -54.96 -51.11
CA TYR E 2221 2.91 -54.87 -51.56
C TYR E 2221 2.99 -54.94 -53.07
N LEU E 2222 2.16 -55.78 -53.68
CA LEU E 2222 2.31 -56.17 -55.07
C LEU E 2222 2.12 -55.00 -56.03
N LEU E 2223 1.41 -53.96 -55.60
CA LEU E 2223 1.23 -52.78 -56.42
C LEU E 2223 2.48 -51.92 -56.52
N GLU E 2224 3.41 -52.02 -55.57
CA GLU E 2224 4.55 -51.11 -55.54
C GLU E 2224 5.65 -51.50 -56.49
N ASN E 2225 5.42 -52.42 -57.41
CA ASN E 2225 6.50 -52.96 -58.22
C ASN E 2225 6.20 -52.85 -59.71
N SER E 2226 5.80 -51.67 -60.17
CA SER E 2226 5.63 -51.44 -61.60
C SER E 2226 6.99 -51.38 -62.29
N SER E 2227 7.32 -52.42 -63.04
CA SER E 2227 8.55 -52.46 -63.83
C SER E 2227 8.34 -51.90 -65.24
N VAL E 2228 7.48 -52.52 -66.04
CA VAL E 2228 7.13 -51.97 -67.35
C VAL E 2228 5.65 -51.60 -67.43
N THR E 2239 4.24 -59.82 -66.62
CA THR E 2239 4.39 -58.48 -66.06
C THR E 2239 3.95 -58.49 -64.61
N PRO E 2240 4.58 -57.68 -63.76
CA PRO E 2240 4.26 -57.73 -62.33
C PRO E 2240 2.99 -56.99 -61.93
N LEU E 2241 2.39 -56.23 -62.83
CA LEU E 2241 1.11 -55.61 -62.55
C LEU E 2241 -0.07 -56.44 -62.99
N ASP E 2242 0.16 -57.37 -63.93
CA ASP E 2242 -0.90 -58.23 -64.42
C ASP E 2242 -1.46 -59.12 -63.33
N VAL E 2243 -0.64 -59.50 -62.36
CA VAL E 2243 -1.13 -60.34 -61.29
C VAL E 2243 -1.95 -59.53 -60.31
N ALA E 2244 -1.73 -58.22 -60.26
CA ALA E 2244 -2.65 -57.38 -59.50
C ALA E 2244 -3.97 -57.26 -60.23
N ALA E 2245 -3.96 -57.34 -61.55
CA ALA E 2245 -5.20 -57.26 -62.31
C ALA E 2245 -6.01 -58.54 -62.15
N ALA E 2246 -5.44 -59.67 -62.53
CA ALA E 2246 -6.16 -60.92 -62.56
C ALA E 2246 -6.44 -61.49 -61.16
N SER E 2247 -5.98 -60.83 -60.11
CA SER E 2247 -6.44 -61.14 -58.77
C SER E 2247 -7.81 -60.57 -58.47
N VAL E 2248 -8.18 -59.45 -59.10
CA VAL E 2248 -9.49 -58.85 -58.92
C VAL E 2248 -10.32 -58.83 -60.19
N MET E 2249 -10.10 -59.78 -61.10
CA MET E 2249 -10.63 -59.65 -62.45
C MET E 2249 -12.13 -59.86 -62.48
N ASP E 2250 -12.60 -60.90 -61.82
CA ASP E 2250 -13.96 -61.36 -62.03
C ASP E 2250 -14.85 -61.33 -60.81
N ASN E 2251 -14.36 -61.75 -59.65
CA ASN E 2251 -15.22 -61.96 -58.50
C ASN E 2251 -15.66 -60.64 -57.89
N ASN E 2252 -16.97 -60.50 -57.69
CA ASN E 2252 -17.52 -59.27 -57.20
C ASN E 2252 -17.21 -59.04 -55.72
N GLU E 2253 -17.07 -60.11 -54.94
CA GLU E 2253 -16.77 -59.95 -53.53
C GLU E 2253 -15.38 -59.38 -53.34
N LEU E 2254 -14.44 -59.86 -54.14
CA LEU E 2254 -13.10 -59.29 -54.11
C LEU E 2254 -13.07 -57.93 -54.79
N ALA E 2255 -14.01 -57.69 -55.70
CA ALA E 2255 -14.11 -56.38 -56.30
C ALA E 2255 -14.59 -55.36 -55.30
N LEU E 2256 -15.40 -55.79 -54.34
CA LEU E 2256 -15.88 -54.89 -53.29
C LEU E 2256 -14.93 -54.81 -52.11
N ALA E 2257 -14.09 -55.83 -51.92
CA ALA E 2257 -13.34 -55.92 -50.68
C ALA E 2257 -12.20 -54.94 -50.62
N LEU E 2258 -11.58 -54.62 -51.75
CA LEU E 2258 -10.40 -53.78 -51.69
C LEU E 2258 -10.79 -52.34 -51.42
N ARG E 2259 -9.88 -51.60 -50.82
CA ARG E 2259 -10.18 -50.30 -50.24
C ARG E 2259 -9.48 -49.19 -51.01
N GLU E 2260 -9.73 -47.98 -50.55
CA GLU E 2260 -9.19 -46.78 -51.18
C GLU E 2260 -7.67 -46.54 -51.12
N PRO E 2261 -6.89 -46.94 -50.10
CA PRO E 2261 -5.44 -46.69 -50.20
C PRO E 2261 -4.76 -47.57 -51.20
N ASP E 2262 -5.34 -48.74 -51.51
CA ASP E 2262 -4.83 -49.56 -52.59
C ASP E 2262 -4.98 -48.86 -53.93
N LEU E 2263 -6.05 -48.12 -54.11
CA LEU E 2263 -6.27 -47.40 -55.36
C LEU E 2263 -5.57 -46.07 -55.40
N GLU E 2264 -5.29 -45.47 -54.23
CA GLU E 2264 -4.71 -44.14 -54.23
C GLU E 2264 -3.28 -44.14 -54.75
N LYS E 2265 -2.53 -45.20 -54.47
CA LYS E 2265 -1.17 -45.24 -54.98
C LYS E 2265 -1.14 -45.56 -56.47
N VAL E 2266 -2.21 -46.10 -57.03
CA VAL E 2266 -2.27 -46.26 -58.47
C VAL E 2266 -2.38 -44.92 -59.16
N VAL E 2267 -3.28 -44.05 -58.70
CA VAL E 2267 -3.35 -42.72 -59.32
C VAL E 2267 -2.21 -41.84 -58.86
N ARG E 2268 -1.50 -42.20 -57.78
CA ARG E 2268 -0.22 -41.58 -57.50
C ARG E 2268 0.78 -41.88 -58.61
N TYR E 2269 0.85 -43.15 -59.03
CA TYR E 2269 1.70 -43.53 -60.14
C TYR E 2269 1.26 -42.85 -61.43
N LEU E 2270 -0.05 -42.66 -61.59
CA LEU E 2270 -0.55 -41.93 -62.75
C LEU E 2270 -0.14 -40.47 -62.73
N ALA E 2271 -0.16 -39.85 -61.54
CA ALA E 2271 0.39 -38.50 -61.39
C ALA E 2271 1.87 -38.49 -61.69
N GLY E 2272 2.57 -39.60 -61.41
CA GLY E 2272 3.93 -39.77 -61.85
C GLY E 2272 4.09 -39.77 -63.36
N CYS E 2273 3.04 -40.12 -64.11
CA CYS E 2273 3.09 -40.04 -65.57
C CYS E 2273 2.79 -38.63 -66.06
N GLY E 2274 3.56 -37.66 -65.56
CA GLY E 2274 3.36 -36.28 -65.93
C GLY E 2274 4.52 -35.72 -66.74
N LEU E 2275 5.04 -36.51 -67.67
CA LEU E 2275 6.04 -36.00 -68.60
C LEU E 2275 5.35 -35.30 -69.74
N PRO E 2293 2.73 -39.61 -71.72
CA PRO E 2293 3.72 -40.68 -71.74
C PRO E 2293 3.18 -42.01 -72.23
N VAL E 2294 3.76 -43.07 -71.68
CA VAL E 2294 3.54 -44.41 -72.20
C VAL E 2294 3.07 -45.40 -71.13
N GLU E 2295 3.40 -45.17 -69.86
CA GLU E 2295 3.02 -46.11 -68.82
C GLU E 2295 1.57 -45.97 -68.40
N GLY E 2296 0.83 -45.01 -68.94
CA GLY E 2296 -0.57 -44.88 -68.58
C GLY E 2296 -1.48 -45.90 -69.22
N GLU E 2297 -1.05 -46.55 -70.30
CA GLU E 2297 -1.89 -47.52 -70.98
C GLU E 2297 -2.04 -48.82 -70.20
N ARG E 2298 -1.17 -49.05 -69.23
CA ARG E 2298 -1.26 -50.23 -68.37
C ARG E 2298 -1.93 -49.94 -67.03
N TYR E 2299 -1.61 -48.79 -66.41
CA TYR E 2299 -2.17 -48.42 -65.10
C TYR E 2299 -3.68 -48.33 -65.15
N LEU E 2300 -4.20 -47.65 -66.16
CA LEU E 2300 -5.63 -47.59 -66.40
C LEU E 2300 -6.19 -48.96 -66.69
N ASP E 2301 -5.40 -49.81 -67.33
CA ASP E 2301 -5.77 -51.19 -67.56
C ASP E 2301 -5.91 -51.95 -66.25
N PHE E 2302 -5.30 -51.47 -65.16
CA PHE E 2302 -5.66 -52.02 -63.87
C PHE E 2302 -7.01 -51.51 -63.42
N LEU E 2303 -7.24 -50.19 -63.50
CA LEU E 2303 -8.39 -49.58 -62.84
C LEU E 2303 -9.71 -49.92 -63.48
N ARG E 2304 -9.71 -50.38 -64.73
CA ARG E 2304 -10.95 -50.82 -65.36
C ARG E 2304 -11.47 -52.08 -64.69
N PHE E 2305 -10.57 -52.92 -64.18
CA PHE E 2305 -11.02 -54.10 -63.45
C PHE E 2305 -11.46 -53.75 -62.05
N ALA E 2306 -11.16 -52.55 -61.57
CA ALA E 2306 -11.51 -52.18 -60.22
C ALA E 2306 -12.93 -51.66 -60.06
N VAL E 2307 -13.56 -51.19 -61.14
CA VAL E 2307 -14.86 -50.55 -61.02
C VAL E 2307 -15.95 -51.24 -61.81
N PHE E 2308 -15.67 -52.22 -62.66
CA PHE E 2308 -16.74 -52.79 -63.49
C PHE E 2308 -16.95 -54.27 -63.20
N CYS E 2309 -16.00 -55.13 -63.51
CA CYS E 2309 -15.84 -56.49 -63.01
C CYS E 2309 -16.93 -57.51 -63.35
N ASN E 2310 -18.11 -57.09 -63.81
CA ASN E 2310 -19.04 -58.05 -64.39
C ASN E 2310 -19.83 -57.56 -65.58
N GLY E 2311 -20.02 -56.26 -65.73
CA GLY E 2311 -21.02 -55.77 -66.64
C GLY E 2311 -21.77 -54.60 -66.04
N GLU E 2312 -21.60 -54.39 -64.73
CA GLU E 2312 -22.27 -53.29 -64.05
C GLU E 2312 -21.27 -52.59 -63.16
N SER E 2313 -21.32 -51.25 -63.18
CA SER E 2313 -20.35 -50.48 -62.44
C SER E 2313 -20.67 -50.49 -60.95
N VAL E 2314 -19.65 -50.81 -60.17
CA VAL E 2314 -19.72 -50.81 -58.70
C VAL E 2314 -19.62 -49.36 -58.17
N GLU E 2315 -20.74 -48.88 -57.65
CA GLU E 2315 -20.88 -47.52 -57.12
C GLU E 2315 -19.72 -46.93 -56.30
N GLU E 2316 -19.44 -47.51 -55.15
CA GLU E 2316 -18.37 -47.02 -54.26
C GLU E 2316 -17.05 -46.79 -54.98
N ASN E 2317 -16.54 -47.86 -55.60
CA ASN E 2317 -15.29 -47.81 -56.33
C ASN E 2317 -15.33 -46.69 -57.35
N ALA E 2318 -16.40 -46.66 -58.16
CA ALA E 2318 -16.61 -45.63 -59.17
C ALA E 2318 -16.39 -44.24 -58.56
N ASN E 2319 -17.17 -43.94 -57.54
CA ASN E 2319 -17.06 -42.67 -56.85
C ASN E 2319 -15.64 -42.30 -56.42
N VAL E 2320 -15.00 -43.18 -55.65
CA VAL E 2320 -13.66 -42.81 -55.17
C VAL E 2320 -12.68 -42.58 -56.32
N VAL E 2321 -12.74 -43.46 -57.31
CA VAL E 2321 -11.87 -43.37 -58.48
C VAL E 2321 -12.04 -42.00 -59.11
N VAL E 2322 -13.31 -41.65 -59.36
CA VAL E 2322 -13.66 -40.37 -59.92
C VAL E 2322 -13.04 -39.21 -59.15
N ARG E 2323 -13.28 -39.10 -57.83
CA ARG E 2323 -12.69 -37.95 -57.12
C ARG E 2323 -11.16 -37.90 -57.19
N LEU E 2324 -10.55 -39.07 -57.06
CA LEU E 2324 -9.10 -39.19 -57.12
C LEU E 2324 -8.62 -38.60 -58.43
N LEU E 2325 -9.17 -39.07 -59.54
CA LEU E 2325 -8.81 -38.57 -60.86
C LEU E 2325 -9.00 -37.06 -60.92
N ILE E 2326 -10.17 -36.62 -60.48
CA ILE E 2326 -10.55 -35.21 -60.42
C ILE E 2326 -9.48 -34.29 -59.85
N ARG E 2327 -8.82 -34.67 -58.74
CA ARG E 2327 -7.77 -33.77 -58.18
C ARG E 2327 -6.70 -33.28 -59.19
N ARG E 2328 -5.89 -34.23 -59.66
CA ARG E 2328 -4.85 -34.11 -60.68
C ARG E 2328 -5.36 -33.42 -61.94
N PRO E 2329 -4.55 -33.44 -62.99
CA PRO E 2329 -4.92 -32.81 -64.25
C PRO E 2329 -5.54 -33.75 -65.27
N GLU E 2330 -4.85 -34.85 -65.55
CA GLU E 2330 -5.23 -35.79 -66.60
C GLU E 2330 -6.51 -36.55 -66.29
N GLY E 2343 -7.44 -28.32 -75.45
CA GLY E 2343 -8.23 -28.91 -76.50
C GLY E 2343 -8.07 -30.42 -76.60
N LEU E 2344 -8.97 -31.15 -75.92
CA LEU E 2344 -8.92 -32.61 -75.93
C LEU E 2344 -9.54 -33.21 -77.17
N LEU E 2345 -10.19 -32.40 -78.01
CA LEU E 2345 -10.52 -32.86 -79.36
C LEU E 2345 -9.37 -32.60 -80.32
N ALA E 2346 -8.42 -31.77 -79.91
CA ALA E 2346 -7.28 -31.45 -80.76
C ALA E 2346 -6.16 -32.46 -80.64
N ALA E 2347 -6.06 -33.15 -79.51
CA ALA E 2347 -4.95 -34.06 -79.28
C ALA E 2347 -5.07 -35.34 -80.10
N MET E 2348 -6.27 -35.91 -80.21
CA MET E 2348 -6.45 -37.13 -80.98
C MET E 2348 -6.34 -36.87 -82.48
N GLU E 2349 -6.55 -35.62 -82.90
CA GLU E 2349 -6.39 -35.27 -84.30
C GLU E 2349 -4.94 -34.90 -84.63
N GLU E 2350 -4.30 -34.07 -83.79
CA GLU E 2350 -2.94 -33.61 -84.05
C GLU E 2350 -1.92 -34.73 -83.96
N ALA E 2351 -2.17 -35.73 -83.13
CA ALA E 2351 -1.26 -36.85 -83.06
C ALA E 2351 -1.53 -37.90 -84.13
N ILE E 2352 -2.65 -37.78 -84.85
CA ILE E 2352 -3.04 -38.79 -85.82
C ILE E 2352 -2.09 -38.80 -87.00
N LYS E 2353 -1.53 -37.64 -87.35
CA LYS E 2353 -0.53 -37.61 -88.41
C LYS E 2353 0.83 -38.09 -87.92
N ILE E 2354 1.20 -37.74 -86.69
CA ILE E 2354 2.47 -38.16 -86.13
C ILE E 2354 2.36 -39.59 -85.63
N GLY E 2386 4.86 -45.31 -81.65
CA GLY E 2386 4.38 -43.94 -81.69
C GLY E 2386 2.87 -43.87 -81.57
N ASN E 2387 2.30 -44.85 -80.88
CA ASN E 2387 0.86 -44.99 -80.70
C ASN E 2387 0.50 -44.73 -79.24
N ALA E 2388 1.18 -43.79 -78.60
CA ALA E 2388 1.06 -43.62 -77.16
C ALA E 2388 -0.19 -42.85 -76.77
N ILE E 2389 -0.28 -41.59 -77.20
CA ILE E 2389 -1.33 -40.70 -76.69
C ILE E 2389 -2.70 -41.04 -77.27
N MET E 2390 -2.75 -41.49 -78.52
CA MET E 2390 -4.01 -41.91 -79.10
C MET E 2390 -4.55 -43.19 -78.48
N THR E 2391 -3.71 -43.99 -77.83
CA THR E 2391 -4.21 -45.12 -77.06
C THR E 2391 -4.48 -44.76 -75.62
N PHE E 2392 -3.66 -43.86 -75.06
CA PHE E 2392 -3.81 -43.45 -73.67
C PHE E 2392 -5.12 -42.70 -73.46
N TYR E 2393 -5.46 -41.80 -74.37
CA TYR E 2393 -6.71 -41.05 -74.24
C TYR E 2393 -7.94 -41.93 -74.47
N ALA E 2394 -7.86 -42.90 -75.37
CA ALA E 2394 -8.95 -43.85 -75.54
C ALA E 2394 -9.11 -44.76 -74.32
N ALA E 2395 -8.02 -45.13 -73.67
CA ALA E 2395 -8.14 -45.88 -72.43
C ALA E 2395 -8.70 -45.03 -71.30
N LEU E 2396 -8.37 -43.73 -71.27
CA LEU E 2396 -8.98 -42.84 -70.28
C LEU E 2396 -10.47 -42.71 -70.51
N ILE E 2397 -10.88 -42.65 -71.77
CA ILE E 2397 -12.29 -42.61 -72.10
C ILE E 2397 -12.99 -43.89 -71.68
N ASP E 2398 -12.33 -45.04 -71.89
CA ASP E 2398 -12.90 -46.31 -71.44
C ASP E 2398 -13.03 -46.39 -69.94
N LEU E 2399 -12.03 -45.89 -69.20
CA LEU E 2399 -12.12 -45.91 -67.74
C LEU E 2399 -13.21 -44.98 -67.23
N LEU E 2400 -13.23 -43.74 -67.73
CA LEU E 2400 -14.24 -42.79 -67.28
C LEU E 2400 -15.63 -43.15 -67.75
N GLY E 2401 -15.75 -44.00 -68.77
CA GLY E 2401 -17.06 -44.45 -69.17
C GLY E 2401 -17.49 -45.69 -68.44
N ARG E 2402 -16.54 -46.47 -67.94
CA ARG E 2402 -16.92 -47.63 -67.16
C ARG E 2402 -17.50 -47.23 -65.82
N CYS E 2403 -17.04 -46.13 -65.23
CA CYS E 2403 -17.54 -45.70 -63.93
C CYS E 2403 -18.75 -44.78 -64.07
N ALA E 2404 -19.75 -45.26 -64.80
CA ALA E 2404 -21.03 -44.60 -64.90
C ALA E 2404 -21.76 -44.70 -63.58
N PRO E 2405 -22.75 -43.84 -63.35
CA PRO E 2405 -23.59 -44.03 -62.16
C PRO E 2405 -24.37 -45.33 -62.19
N GLU E 2406 -25.15 -45.55 -63.25
CA GLU E 2406 -25.99 -46.72 -63.36
C GLU E 2406 -26.38 -46.89 -64.81
N MET E 2407 -27.36 -47.74 -65.05
CA MET E 2407 -27.96 -47.91 -66.36
C MET E 2407 -29.48 -47.88 -66.28
N HIS E 2408 -30.00 -47.62 -65.08
CA HIS E 2408 -31.44 -47.68 -64.85
C HIS E 2408 -31.84 -46.53 -63.95
N LEU E 2409 -33.04 -46.59 -63.38
CA LEU E 2409 -33.57 -45.53 -62.52
C LEU E 2409 -32.77 -45.33 -61.23
N ILE E 2410 -31.78 -46.17 -60.95
CA ILE E 2410 -30.75 -45.83 -59.97
C ILE E 2410 -30.02 -44.56 -60.40
N HIS E 2411 -29.78 -44.41 -61.70
CA HIS E 2411 -29.24 -43.16 -62.20
C HIS E 2411 -30.28 -42.06 -62.14
N ALA E 2412 -31.55 -42.41 -62.31
CA ALA E 2412 -32.60 -41.40 -62.26
C ALA E 2412 -33.01 -41.10 -60.82
N ALA E 2413 -33.61 -42.08 -60.14
CA ALA E 2413 -34.34 -41.81 -58.90
C ALA E 2413 -33.46 -42.04 -57.68
N LYS E 2414 -32.34 -41.32 -57.64
CA LYS E 2414 -31.44 -41.34 -56.49
C LYS E 2414 -30.63 -40.05 -56.49
N GLY E 2415 -29.88 -39.83 -55.42
CA GLY E 2415 -29.10 -38.63 -55.29
C GLY E 2415 -27.62 -38.90 -55.29
N GLU E 2416 -26.84 -37.97 -55.87
CA GLU E 2416 -25.39 -37.95 -55.93
C GLU E 2416 -24.79 -39.13 -56.70
N ALA E 2417 -25.63 -39.88 -57.40
CA ALA E 2417 -25.20 -40.57 -58.59
C ALA E 2417 -25.20 -39.62 -59.77
N ILE E 2418 -25.91 -38.49 -59.63
CA ILE E 2418 -25.97 -37.51 -60.69
C ILE E 2418 -24.79 -36.55 -60.64
N ARG E 2419 -24.09 -36.49 -59.51
CA ARG E 2419 -23.00 -35.52 -59.37
C ARG E 2419 -21.82 -35.89 -60.25
N ILE E 2420 -21.45 -37.17 -60.25
CA ILE E 2420 -20.40 -37.64 -61.13
C ILE E 2420 -20.81 -37.50 -62.59
N ARG E 2421 -22.10 -37.71 -62.88
CA ARG E 2421 -22.60 -37.55 -64.23
C ARG E 2421 -22.50 -36.11 -64.69
N SER E 2422 -22.72 -35.18 -63.77
CA SER E 2422 -22.55 -33.78 -64.10
C SER E 2422 -21.08 -33.42 -64.29
N ILE E 2423 -20.20 -34.02 -63.49
CA ILE E 2423 -18.77 -33.71 -63.59
C ILE E 2423 -18.20 -34.23 -64.90
N LEU E 2424 -18.67 -35.40 -65.34
CA LEU E 2424 -18.25 -35.98 -66.61
C LEU E 2424 -18.58 -35.11 -67.81
N ARG E 2425 -19.73 -34.45 -67.80
CA ARG E 2425 -20.06 -33.56 -68.89
C ARG E 2425 -19.61 -32.13 -68.64
N SER E 2426 -19.25 -31.79 -67.41
CA SER E 2426 -18.81 -30.44 -67.07
C SER E 2426 -17.35 -30.18 -67.34
N LEU E 2427 -16.48 -31.13 -67.02
CA LEU E 2427 -15.09 -30.91 -67.39
C LEU E 2427 -14.82 -31.41 -68.80
N ILE E 2428 -15.64 -32.33 -69.30
CA ILE E 2428 -15.49 -32.88 -70.65
C ILE E 2428 -16.80 -32.71 -71.40
N PRO E 2429 -16.98 -31.63 -72.16
CA PRO E 2429 -18.01 -31.63 -73.21
C PRO E 2429 -17.52 -32.47 -74.38
N LEU E 2430 -18.46 -32.89 -75.23
CA LEU E 2430 -18.19 -34.04 -76.09
C LEU E 2430 -17.10 -33.81 -77.14
N GLY E 2431 -17.35 -32.94 -78.13
CA GLY E 2431 -16.51 -32.82 -79.31
C GLY E 2431 -16.17 -34.14 -79.99
N ASP E 2432 -17.11 -35.08 -79.98
CA ASP E 2432 -16.78 -36.49 -80.18
C ASP E 2432 -16.55 -36.87 -81.63
N LEU E 2433 -16.73 -35.94 -82.58
CA LEU E 2433 -16.51 -36.24 -83.99
C LEU E 2433 -15.06 -36.56 -84.30
N VAL E 2434 -14.13 -36.13 -83.44
CA VAL E 2434 -12.73 -36.50 -83.61
C VAL E 2434 -12.53 -37.96 -83.29
N GLY E 2435 -13.45 -38.57 -82.55
CA GLY E 2435 -13.37 -39.98 -82.25
C GLY E 2435 -14.41 -40.83 -82.95
N VAL E 2436 -15.61 -40.30 -83.13
CA VAL E 2436 -16.68 -41.13 -83.66
C VAL E 2436 -16.64 -41.14 -85.19
N ILE E 2437 -15.90 -40.21 -85.78
CA ILE E 2437 -15.82 -40.14 -87.25
C ILE E 2437 -14.41 -40.40 -87.76
N SER E 2438 -13.43 -39.57 -87.40
CA SER E 2438 -12.24 -39.42 -88.22
C SER E 2438 -11.19 -40.52 -88.03
N ILE E 2439 -11.44 -41.53 -87.21
CA ILE E 2439 -10.37 -42.46 -86.85
C ILE E 2439 -10.47 -43.80 -87.60
N ALA E 2440 -11.64 -44.16 -88.11
CA ALA E 2440 -11.84 -45.49 -88.69
C ALA E 2440 -12.14 -45.44 -90.18
N PHE E 2441 -11.41 -44.61 -90.94
CA PHE E 2441 -11.76 -44.42 -92.34
C PHE E 2441 -10.57 -44.67 -93.26
N GLN E 2442 -9.89 -45.81 -93.08
CA GLN E 2442 -8.79 -46.20 -93.96
C GLN E 2442 -8.98 -47.60 -94.51
N PHE E 2461 -5.91 -48.75 -82.83
CA PHE E 2461 -5.96 -47.44 -83.46
C PHE E 2461 -7.35 -47.15 -84.01
N CYS E 2462 -7.62 -47.71 -85.19
CA CYS E 2462 -8.81 -47.32 -85.94
C CYS E 2462 -10.10 -47.85 -85.33
N PRO E 2463 -10.30 -49.18 -85.07
CA PRO E 2463 -11.61 -49.59 -84.55
C PRO E 2463 -11.83 -49.35 -83.07
N ASP E 2464 -10.77 -49.44 -82.27
CA ASP E 2464 -10.97 -49.54 -80.83
C ASP E 2464 -11.15 -48.18 -80.17
N HIS E 2465 -10.47 -47.16 -80.68
CA HIS E 2465 -10.57 -45.83 -80.08
C HIS E 2465 -11.98 -45.28 -80.20
N LYS E 2466 -12.63 -45.54 -81.33
CA LYS E 2466 -14.03 -45.18 -81.49
C LYS E 2466 -14.92 -46.07 -80.63
N ALA E 2467 -14.48 -47.31 -80.39
CA ALA E 2467 -15.25 -48.23 -79.55
C ALA E 2467 -15.21 -47.82 -78.09
N ALA E 2468 -14.23 -47.02 -77.68
CA ALA E 2468 -14.27 -46.46 -76.33
C ALA E 2468 -15.18 -45.23 -76.29
N MET E 2469 -15.13 -44.40 -77.33
CA MET E 2469 -15.90 -43.17 -77.36
C MET E 2469 -17.39 -43.42 -77.44
N VAL E 2470 -17.81 -44.50 -78.13
CA VAL E 2470 -19.23 -44.82 -78.18
C VAL E 2470 -19.72 -45.25 -76.81
N LEU E 2471 -18.86 -45.86 -76.00
CA LEU E 2471 -19.26 -46.22 -74.66
C LEU E 2471 -19.37 -44.99 -73.77
N PHE E 2472 -18.43 -44.05 -73.92
CA PHE E 2472 -18.50 -42.84 -73.10
C PHE E 2472 -19.71 -42.00 -73.44
N LEU E 2473 -20.10 -41.97 -74.71
CA LEU E 2473 -21.31 -41.26 -75.08
C LEU E 2473 -22.56 -42.03 -74.68
N ASP E 2474 -22.46 -43.36 -74.69
CA ASP E 2474 -23.61 -44.21 -74.39
C ASP E 2474 -23.98 -44.18 -72.93
N ARG E 2475 -22.99 -44.23 -72.04
CA ARG E 2475 -23.28 -44.33 -70.61
C ARG E 2475 -23.68 -42.96 -70.05
N VAL E 2476 -23.08 -41.89 -70.55
CA VAL E 2476 -23.32 -40.59 -69.94
C VAL E 2476 -24.40 -39.79 -70.70
N TYR E 2477 -24.41 -39.83 -72.02
CA TYR E 2477 -25.39 -39.04 -72.76
C TYR E 2477 -26.52 -39.90 -73.29
N VAL E 2481 -33.82 -35.64 -77.68
CA VAL E 2481 -32.71 -36.58 -77.77
C VAL E 2481 -32.88 -37.41 -79.04
N GLN E 2482 -34.08 -37.38 -79.63
CA GLN E 2482 -34.35 -38.12 -80.85
C GLN E 2482 -33.75 -37.45 -82.09
N ASP E 2483 -33.27 -36.21 -81.97
CA ASP E 2483 -32.53 -35.64 -83.07
C ASP E 2483 -31.10 -36.18 -83.14
N PHE E 2484 -30.52 -36.56 -82.00
CA PHE E 2484 -29.12 -36.98 -81.99
C PHE E 2484 -28.92 -38.35 -82.60
N LEU E 2485 -29.96 -39.18 -82.66
CA LEU E 2485 -29.83 -40.49 -83.30
C LEU E 2485 -29.55 -40.35 -84.79
N LEU E 2486 -30.07 -39.30 -85.41
CA LEU E 2486 -29.78 -39.06 -86.81
C LEU E 2486 -28.52 -38.22 -86.99
N HIS E 2487 -28.00 -37.66 -85.89
CA HIS E 2487 -26.86 -36.76 -85.99
C HIS E 2487 -25.59 -37.52 -86.32
N LEU E 2488 -25.31 -38.60 -85.61
CA LEU E 2488 -24.11 -39.39 -85.82
C LEU E 2488 -24.33 -40.54 -86.79
N LEU E 2489 -25.51 -40.63 -87.40
CA LEU E 2489 -25.80 -41.75 -88.28
C LEU E 2489 -25.05 -41.58 -89.60
N GLU E 2490 -24.72 -42.73 -90.22
CA GLU E 2490 -23.86 -42.87 -91.40
C GLU E 2490 -22.48 -42.27 -91.19
N VAL E 2491 -22.02 -42.20 -89.94
CA VAL E 2491 -20.64 -41.85 -89.65
C VAL E 2491 -19.94 -43.14 -89.27
N GLY E 2492 -19.11 -43.66 -90.19
CA GLY E 2492 -18.41 -44.89 -90.01
C GLY E 2492 -19.06 -46.08 -90.70
N PHE E 2493 -20.38 -46.19 -90.60
CA PHE E 2493 -21.09 -47.29 -91.24
C PHE E 2493 -21.06 -47.22 -92.75
N LEU E 2494 -20.76 -46.06 -93.33
CA LEU E 2494 -20.54 -45.99 -94.77
C LEU E 2494 -19.27 -46.73 -95.17
N PRO E 2495 -18.21 -46.73 -94.39
CA PRO E 2495 -17.01 -47.50 -94.73
C PRO E 2495 -17.15 -49.00 -94.55
N ASP E 2496 -18.21 -49.46 -93.89
CA ASP E 2496 -18.36 -50.86 -93.53
C ASP E 2496 -18.54 -51.73 -94.76
N LEU E 2497 -19.58 -51.44 -95.56
CA LEU E 2497 -19.84 -52.21 -96.76
C LEU E 2497 -18.78 -51.99 -97.83
N ARG E 2498 -18.06 -50.88 -97.77
CA ARG E 2498 -16.94 -50.67 -98.68
C ARG E 2498 -15.78 -51.59 -98.35
N ALA E 2499 -15.25 -51.50 -97.13
CA ALA E 2499 -14.09 -52.29 -96.74
C ALA E 2499 -14.43 -53.74 -96.42
N ALA E 2500 -15.72 -54.11 -96.46
CA ALA E 2500 -16.10 -55.50 -96.24
C ALA E 2500 -15.74 -56.41 -97.41
N ALA E 2501 -15.36 -55.85 -98.55
CA ALA E 2501 -15.15 -56.60 -99.78
C ALA E 2501 -13.75 -57.18 -99.91
N SER E 2502 -12.94 -57.14 -98.84
CA SER E 2502 -11.59 -57.70 -98.85
C SER E 2502 -11.35 -58.48 -97.57
N LEU E 2503 -12.29 -59.35 -97.22
CA LEU E 2503 -12.25 -60.09 -95.95
C LEU E 2503 -11.15 -61.14 -95.93
N THR E 2511 -8.01 -56.75 -94.47
CA THR E 2511 -8.41 -57.78 -93.51
C THR E 2511 -8.23 -57.31 -92.06
N ASP E 2512 -7.04 -56.76 -91.75
CA ASP E 2512 -6.73 -56.41 -90.37
C ASP E 2512 -7.57 -55.25 -89.87
N MET E 2513 -7.75 -54.23 -90.69
CA MET E 2513 -8.72 -53.18 -90.38
C MET E 2513 -10.13 -53.56 -90.78
N ALA E 2514 -10.30 -54.67 -91.49
CA ALA E 2514 -11.61 -55.24 -91.72
C ALA E 2514 -12.03 -56.20 -90.62
N LEU E 2515 -11.26 -56.27 -89.53
CA LEU E 2515 -11.78 -56.83 -88.31
C LEU E 2515 -12.33 -55.77 -87.38
N ALA E 2516 -12.48 -54.54 -87.89
CA ALA E 2516 -13.32 -53.54 -87.23
C ALA E 2516 -14.76 -53.98 -87.20
N LEU E 2517 -15.23 -54.67 -88.24
CA LEU E 2517 -16.64 -55.03 -88.32
C LEU E 2517 -16.98 -56.20 -87.42
N ASN E 2518 -16.08 -57.18 -87.30
CA ASN E 2518 -16.30 -58.27 -86.37
C ASN E 2518 -16.18 -57.77 -84.94
N ARG E 2519 -15.41 -56.71 -84.73
CA ARG E 2519 -15.43 -56.01 -83.45
C ARG E 2519 -16.74 -55.26 -83.24
N TYR E 2520 -17.29 -54.69 -84.29
CA TYR E 2520 -18.39 -53.74 -84.16
C TYR E 2520 -19.74 -54.41 -84.26
N LEU E 2521 -19.76 -55.73 -84.48
CA LEU E 2521 -20.96 -56.57 -84.47
C LEU E 2521 -21.75 -56.49 -83.17
N CYS E 2522 -21.19 -55.93 -82.09
CA CYS E 2522 -21.94 -55.64 -80.89
C CYS E 2522 -22.10 -54.16 -80.61
N THR E 2523 -21.08 -53.34 -80.87
CA THR E 2523 -21.14 -51.96 -80.40
C THR E 2523 -21.75 -51.00 -81.42
N ALA E 2524 -22.04 -51.44 -82.64
CA ALA E 2524 -22.94 -50.67 -83.48
C ALA E 2524 -24.37 -51.16 -83.37
N VAL E 2525 -24.56 -52.36 -82.82
CA VAL E 2525 -25.89 -52.94 -82.65
C VAL E 2525 -26.53 -52.43 -81.36
N LEU E 2526 -25.75 -52.33 -80.29
CA LEU E 2526 -26.25 -51.80 -79.02
C LEU E 2526 -26.86 -50.40 -79.07
N PRO E 2527 -26.59 -49.52 -80.07
CA PRO E 2527 -27.47 -48.35 -80.25
C PRO E 2527 -28.80 -48.61 -80.94
N LEU E 2528 -29.27 -49.87 -80.93
CA LEU E 2528 -30.69 -50.15 -81.15
C LEU E 2528 -31.59 -49.34 -80.23
N LEU E 2529 -31.17 -49.15 -78.98
CA LEU E 2529 -31.92 -48.36 -78.03
C LEU E 2529 -31.82 -46.86 -78.33
N LEU E 2535 -38.63 -39.10 -92.87
CA LEU E 2535 -37.38 -39.77 -93.19
C LEU E 2535 -36.38 -38.78 -93.77
N PHE E 2536 -35.26 -38.59 -93.06
CA PHE E 2536 -34.25 -37.61 -93.43
C PHE E 2536 -32.96 -38.26 -93.90
N ALA E 2537 -32.36 -39.12 -93.08
CA ALA E 2537 -31.16 -39.86 -93.46
C ALA E 2537 -31.27 -41.34 -93.18
N GLY E 2538 -32.33 -41.79 -92.50
CA GLY E 2538 -32.51 -43.18 -92.15
C GLY E 2538 -32.60 -44.12 -93.34
N THR E 2539 -33.12 -43.63 -94.47
CA THR E 2539 -33.14 -44.39 -95.71
C THR E 2539 -31.74 -44.73 -96.19
N GLU E 2540 -30.74 -43.91 -95.83
CA GLU E 2540 -29.35 -44.27 -96.10
C GLU E 2540 -28.91 -45.49 -95.31
N HIS E 2541 -29.31 -45.58 -94.03
CA HIS E 2541 -28.77 -46.62 -93.14
C HIS E 2541 -29.22 -48.00 -93.56
N HIS E 2542 -30.53 -48.17 -93.79
CA HIS E 2542 -31.06 -49.38 -94.39
C HIS E 2542 -30.51 -49.61 -95.79
N ALA E 2543 -30.09 -48.55 -96.48
CA ALA E 2543 -29.29 -48.73 -97.67
C ALA E 2543 -27.93 -49.35 -97.33
N SER E 2544 -27.20 -48.74 -96.39
CA SER E 2544 -25.81 -49.12 -96.19
C SER E 2544 -25.69 -50.40 -95.37
N LEU E 2545 -26.32 -50.46 -94.20
CA LEU E 2545 -26.13 -51.55 -93.26
C LEU E 2545 -26.66 -52.88 -93.78
N ILE E 2546 -27.79 -52.88 -94.49
CA ILE E 2546 -28.24 -54.10 -95.15
C ILE E 2546 -27.24 -54.50 -96.22
N ASP E 2547 -26.65 -53.51 -96.92
CA ASP E 2547 -25.57 -53.80 -97.85
C ASP E 2547 -24.31 -54.29 -97.13
N SER E 2548 -24.19 -54.03 -95.83
CA SER E 2548 -23.19 -54.75 -95.03
C SER E 2548 -23.70 -56.12 -94.62
N LEU E 2549 -24.99 -56.22 -94.24
CA LEU E 2549 -25.54 -57.48 -93.76
C LEU E 2549 -25.61 -58.51 -94.88
N LEU E 2550 -25.93 -58.06 -96.10
CA LEU E 2550 -25.90 -58.93 -97.26
C LEU E 2550 -24.49 -59.38 -97.62
N HIS E 2551 -23.45 -58.77 -97.02
CA HIS E 2551 -22.10 -59.29 -97.15
C HIS E 2551 -21.92 -60.65 -96.49
N THR E 2552 -22.83 -61.05 -95.59
CA THR E 2552 -22.75 -62.36 -94.96
C THR E 2552 -24.03 -63.17 -95.16
N VAL E 2553 -24.97 -62.64 -95.94
CA VAL E 2553 -26.25 -63.32 -96.15
C VAL E 2553 -26.08 -64.45 -97.16
N LYS E 2558 -18.14 -63.91 -85.66
CA LYS E 2558 -18.50 -63.43 -86.98
C LYS E 2558 -19.67 -64.23 -87.55
N GLY E 2559 -19.52 -65.56 -87.57
CA GLY E 2559 -20.54 -66.41 -88.16
C GLY E 2559 -21.82 -66.45 -87.35
N CYS E 2560 -21.73 -66.92 -86.10
CA CYS E 2560 -22.87 -66.86 -85.22
C CYS E 2560 -23.07 -65.48 -84.62
N SER E 2561 -22.09 -64.60 -84.78
CA SER E 2561 -22.23 -63.22 -84.35
C SER E 2561 -23.01 -62.37 -85.36
N LEU E 2562 -23.38 -62.94 -86.50
CA LEU E 2562 -24.24 -62.24 -87.45
C LEU E 2562 -25.68 -62.16 -86.97
N THR E 2563 -26.05 -62.95 -85.95
CA THR E 2563 -27.38 -62.86 -85.37
C THR E 2563 -27.60 -61.53 -84.66
N LYS E 2564 -26.52 -60.90 -84.18
CA LYS E 2564 -26.62 -59.55 -83.65
C LYS E 2564 -26.94 -58.53 -84.73
N ALA E 2565 -26.28 -58.62 -85.88
CA ALA E 2565 -26.60 -57.73 -87.01
C ALA E 2565 -27.98 -58.01 -87.60
N GLN E 2566 -28.49 -59.23 -87.43
CA GLN E 2566 -29.86 -59.53 -87.88
C GLN E 2566 -30.91 -58.79 -87.07
N ARG E 2567 -30.85 -58.89 -85.74
CA ARG E 2567 -31.75 -58.14 -84.87
C ARG E 2567 -31.44 -56.65 -84.89
N ASP E 2568 -30.24 -56.25 -85.32
CA ASP E 2568 -29.93 -54.84 -85.51
C ASP E 2568 -30.70 -54.19 -86.64
N SER E 2569 -31.18 -54.98 -87.60
CA SER E 2569 -31.99 -54.46 -88.70
C SER E 2569 -33.48 -54.76 -88.52
N ILE E 2570 -33.80 -55.95 -87.99
CA ILE E 2570 -35.20 -56.33 -87.80
C ILE E 2570 -35.86 -55.46 -86.74
N GLU E 2571 -35.10 -54.95 -85.78
CA GLU E 2571 -35.65 -54.03 -84.80
C GLU E 2571 -35.45 -52.57 -85.20
N VAL E 2572 -34.52 -52.28 -86.11
CA VAL E 2572 -34.41 -50.91 -86.61
C VAL E 2572 -35.54 -50.56 -87.55
N CYS E 2573 -36.04 -51.55 -88.29
CA CYS E 2573 -37.20 -51.29 -89.15
C CYS E 2573 -38.48 -51.16 -88.34
N LEU E 2574 -38.55 -51.82 -87.19
CA LEU E 2574 -39.79 -51.92 -86.41
C LEU E 2574 -40.22 -50.60 -85.78
N LEU E 2575 -39.32 -49.64 -85.63
CA LEU E 2575 -39.69 -48.32 -85.12
C LEU E 2575 -39.86 -47.31 -86.24
N SER E 2576 -40.38 -47.74 -87.39
CA SER E 2576 -40.58 -46.88 -88.55
C SER E 2576 -41.64 -45.80 -88.30
N PRO E 2583 -41.09 -43.24 -92.23
CA PRO E 2583 -42.19 -44.21 -92.31
C PRO E 2583 -42.57 -44.55 -93.75
N SER E 2584 -42.19 -43.67 -94.68
CA SER E 2584 -42.46 -43.91 -96.09
C SER E 2584 -41.28 -44.62 -96.75
N MET E 2585 -40.06 -44.13 -96.50
CA MET E 2585 -38.86 -44.80 -96.99
C MET E 2585 -38.69 -46.18 -96.37
N MET E 2586 -39.03 -46.33 -95.09
CA MET E 2586 -39.04 -47.66 -94.48
C MET E 2586 -40.18 -48.51 -95.04
N GLN E 2587 -41.27 -47.88 -95.48
CA GLN E 2587 -42.33 -48.63 -96.14
C GLN E 2587 -41.87 -49.16 -97.49
N HIS E 2588 -41.06 -48.40 -98.21
CA HIS E 2588 -40.42 -48.92 -99.42
C HIS E 2588 -39.33 -49.94 -99.09
N LEU E 2589 -38.72 -49.82 -97.91
CA LEU E 2589 -37.77 -50.80 -97.42
C LEU E 2589 -38.43 -52.06 -96.89
N LEU E 2590 -39.76 -52.07 -96.75
CA LEU E 2590 -40.47 -53.27 -96.32
C LEU E 2590 -40.53 -54.30 -97.45
N ARG E 2591 -40.21 -53.89 -98.66
CA ARG E 2591 -40.04 -54.82 -99.78
C ARG E 2591 -38.65 -54.75 -100.38
N ARG E 2592 -37.65 -54.33 -99.61
CA ARG E 2592 -36.29 -54.15 -100.14
C ARG E 2592 -35.65 -55.48 -100.49
N LEU E 2593 -35.75 -56.46 -99.60
CA LEU E 2593 -35.16 -57.77 -99.82
C LEU E 2593 -35.94 -58.62 -100.82
N VAL E 2594 -37.10 -58.15 -101.30
CA VAL E 2594 -37.80 -58.84 -102.37
C VAL E 2594 -36.99 -58.79 -103.66
N PHE E 2595 -36.19 -57.72 -103.84
CA PHE E 2595 -35.21 -57.68 -104.91
C PHE E 2595 -34.09 -58.69 -104.70
N ASP E 2596 -33.90 -59.18 -103.48
CA ASP E 2596 -32.98 -60.27 -103.20
C ASP E 2596 -33.67 -61.57 -102.84
N VAL E 2597 -34.97 -61.56 -102.61
CA VAL E 2597 -35.73 -62.79 -102.41
C VAL E 2597 -35.83 -63.46 -103.77
N PRO E 2598 -35.95 -62.69 -104.85
CA PRO E 2598 -35.77 -63.28 -106.18
C PRO E 2598 -34.34 -63.70 -106.44
N LEU E 2599 -33.38 -63.10 -105.73
CA LEU E 2599 -31.97 -63.46 -105.84
C LEU E 2599 -31.59 -64.45 -104.73
N LEU E 2600 -32.58 -64.90 -103.97
CA LEU E 2600 -32.30 -65.87 -102.92
C LEU E 2600 -32.08 -67.25 -103.51
N ASN E 2601 -33.09 -67.80 -104.16
CA ASN E 2601 -33.01 -69.13 -104.74
C ASN E 2601 -33.72 -69.18 -106.10
N LYS E 2605 -26.97 -67.30 -98.62
CA LYS E 2605 -27.32 -68.67 -98.31
C LYS E 2605 -28.72 -68.74 -97.69
N MET E 2606 -28.88 -69.60 -96.69
CA MET E 2606 -30.13 -69.69 -95.94
C MET E 2606 -30.34 -68.41 -95.14
N PRO E 2607 -29.26 -67.72 -94.78
CA PRO E 2607 -29.42 -66.41 -94.13
C PRO E 2607 -30.01 -65.36 -95.07
N LEU E 2608 -29.85 -65.51 -96.38
CA LEU E 2608 -30.51 -64.60 -97.31
C LEU E 2608 -32.02 -64.78 -97.28
N LYS E 2609 -32.50 -66.00 -97.02
CA LYS E 2609 -33.93 -66.22 -96.86
C LYS E 2609 -34.40 -65.84 -95.46
N LEU E 2610 -33.52 -65.98 -94.46
CA LEU E 2610 -33.86 -65.51 -93.12
C LEU E 2610 -33.96 -64.00 -93.04
N LEU E 2611 -33.15 -63.28 -93.84
CA LEU E 2611 -33.27 -61.83 -93.93
C LEU E 2611 -34.55 -61.44 -94.65
N THR E 2612 -35.10 -62.32 -95.49
CA THR E 2612 -36.42 -62.07 -96.05
C THR E 2612 -37.50 -62.33 -95.02
N ASN E 2613 -37.40 -63.44 -94.29
CA ASN E 2613 -38.41 -63.85 -93.31
C ASN E 2613 -38.51 -62.91 -92.12
N HIS E 2614 -37.39 -62.37 -91.64
CA HIS E 2614 -37.39 -61.49 -90.47
C HIS E 2614 -38.08 -60.17 -90.74
N TYR E 2615 -37.93 -59.63 -91.93
CA TYR E 2615 -38.66 -58.43 -92.33
C TYR E 2615 -39.99 -58.75 -92.97
N GLU E 2616 -40.25 -60.03 -93.27
CA GLU E 2616 -41.52 -60.42 -93.89
C GLU E 2616 -42.70 -60.21 -92.95
N ARG E 2617 -42.54 -60.58 -91.68
CA ARG E 2617 -43.62 -60.39 -90.73
C ARG E 2617 -43.83 -58.91 -90.40
N CYS E 2618 -42.76 -58.13 -90.36
CA CYS E 2618 -42.88 -56.71 -90.05
C CYS E 2618 -43.15 -55.87 -91.30
N TRP E 2619 -43.25 -56.50 -92.47
CA TRP E 2619 -43.59 -55.77 -93.68
C TRP E 2619 -44.99 -55.16 -93.67
N LYS E 2620 -45.95 -55.83 -93.04
CA LYS E 2620 -47.33 -55.37 -93.12
C LYS E 2620 -47.63 -54.20 -92.20
N TYR E 2621 -46.75 -53.89 -91.25
CA TYR E 2621 -47.02 -52.78 -90.34
C TYR E 2621 -46.96 -51.43 -91.07
N TYR E 2622 -46.15 -51.35 -92.13
CA TYR E 2622 -46.03 -50.11 -92.89
C TYR E 2622 -47.26 -49.83 -93.74
N CYS E 2623 -47.76 -50.81 -94.49
CA CYS E 2623 -48.94 -50.63 -95.32
C CYS E 2623 -50.24 -50.88 -94.55
N LEU E 2624 -50.17 -51.25 -93.27
CA LEU E 2624 -51.33 -51.15 -92.38
C LEU E 2624 -51.53 -49.70 -91.96
N PRO E 2625 -50.45 -48.93 -91.78
CA PRO E 2625 -50.61 -47.51 -91.41
C PRO E 2625 -51.11 -46.65 -92.54
N GLY E 2626 -50.54 -46.76 -93.74
CA GLY E 2626 -50.98 -45.97 -94.87
C GLY E 2626 -51.81 -46.78 -95.83
N GLY E 2627 -52.66 -47.66 -95.31
CA GLY E 2627 -53.51 -48.48 -96.15
C GLY E 2627 -54.24 -49.57 -95.40
N ALA E 2634 -47.67 -49.44 -105.45
CA ALA E 2634 -46.84 -49.48 -106.65
C ALA E 2634 -46.22 -50.85 -106.81
N SER E 2635 -45.50 -51.29 -105.78
CA SER E 2635 -44.85 -52.60 -105.78
C SER E 2635 -45.62 -53.63 -104.96
N GLU E 2636 -46.90 -53.38 -104.69
CA GLU E 2636 -47.75 -54.42 -104.11
C GLU E 2636 -47.97 -55.55 -105.10
N GLU E 2637 -48.02 -55.24 -106.39
CA GLU E 2637 -47.98 -56.26 -107.42
C GLU E 2637 -46.62 -56.95 -107.48
N GLU E 2638 -45.53 -56.24 -107.18
CA GLU E 2638 -44.22 -56.88 -107.05
C GLU E 2638 -44.14 -57.76 -105.82
N LEU E 2639 -44.90 -57.44 -104.77
CA LEU E 2639 -45.03 -58.35 -103.65
C LEU E 2639 -45.73 -59.63 -104.05
N HIS E 2640 -46.74 -59.54 -104.92
CA HIS E 2640 -47.32 -60.73 -105.54
C HIS E 2640 -46.33 -61.45 -106.44
N LEU E 2641 -45.45 -60.71 -107.10
CA LEU E 2641 -44.42 -61.32 -107.95
C LEU E 2641 -43.40 -62.09 -107.11
N SER E 2642 -43.08 -61.58 -105.93
CA SER E 2642 -42.23 -62.31 -105.00
C SER E 2642 -42.96 -63.46 -104.33
N ARG E 2643 -44.27 -63.33 -104.11
CA ARG E 2643 -45.07 -64.42 -103.58
C ARG E 2643 -45.18 -65.56 -104.57
N LYS E 2644 -45.25 -65.23 -105.86
CA LYS E 2644 -45.28 -66.24 -106.90
C LYS E 2644 -43.94 -66.97 -107.03
N LEU E 2645 -42.83 -66.26 -106.93
CA LEU E 2645 -41.53 -66.91 -106.87
C LEU E 2645 -41.35 -67.71 -105.58
N PHE E 2646 -42.04 -67.30 -104.51
CA PHE E 2646 -42.05 -68.10 -103.29
C PHE E 2646 -43.00 -69.28 -103.40
N TRP E 2647 -44.09 -69.13 -104.16
CA TRP E 2647 -45.00 -70.26 -104.37
C TRP E 2647 -44.38 -71.32 -105.27
N GLY E 2648 -43.64 -70.91 -106.30
CA GLY E 2648 -42.88 -71.85 -107.09
C GLY E 2648 -41.62 -72.33 -106.41
N ILE E 2649 -41.05 -71.50 -105.52
CA ILE E 2649 -39.88 -71.89 -104.74
C ILE E 2649 -40.23 -72.76 -103.55
N PHE E 2650 -41.50 -72.76 -103.12
CA PHE E 2650 -41.93 -73.70 -102.10
C PHE E 2650 -41.98 -75.13 -102.63
N ASP E 2651 -42.20 -75.30 -103.94
CA ASP E 2651 -42.12 -76.62 -104.55
C ASP E 2651 -40.69 -77.09 -104.73
N ALA E 2652 -39.72 -76.17 -104.71
CA ALA E 2652 -38.31 -76.53 -104.82
C ALA E 2652 -37.79 -77.29 -103.61
N LEU E 2653 -38.29 -76.97 -102.41
CA LEU E 2653 -37.82 -77.63 -101.20
C LEU E 2653 -38.66 -78.86 -100.88
N TYR E 2658 -37.05 -78.45 -91.90
CA TYR E 2658 -36.48 -77.17 -91.47
C TYR E 2658 -36.03 -76.35 -92.69
N GLU E 2659 -36.25 -76.92 -93.88
CA GLU E 2659 -35.90 -76.20 -95.11
C GLU E 2659 -36.86 -75.04 -95.36
N GLN E 2660 -38.12 -75.20 -94.97
CA GLN E 2660 -39.08 -74.12 -95.07
C GLN E 2660 -39.44 -73.50 -93.73
N GLU E 2661 -38.63 -73.75 -92.68
CA GLU E 2661 -38.90 -73.18 -91.36
C GLU E 2661 -38.66 -71.67 -91.35
N LEU E 2662 -37.79 -71.18 -92.22
CA LEU E 2662 -37.72 -69.75 -92.47
C LEU E 2662 -38.40 -69.37 -93.77
N PHE E 2663 -38.66 -70.32 -94.67
CA PHE E 2663 -39.33 -70.00 -95.92
C PHE E 2663 -40.85 -69.97 -95.75
N LYS E 2664 -41.44 -71.11 -95.38
CA LYS E 2664 -42.91 -71.21 -95.35
C LYS E 2664 -43.54 -70.46 -94.19
N LEU E 2665 -42.75 -70.04 -93.21
CA LEU E 2665 -43.25 -69.09 -92.21
C LEU E 2665 -43.59 -67.75 -92.86
N ALA E 2666 -42.84 -67.37 -93.88
CA ALA E 2666 -43.16 -66.12 -94.58
C ALA E 2666 -44.21 -66.33 -95.66
N LEU E 2667 -44.38 -67.56 -96.15
CA LEU E 2667 -45.29 -67.90 -97.23
C LEU E 2667 -46.74 -67.70 -96.81
N PRO E 2668 -47.15 -68.26 -95.67
CA PRO E 2668 -48.47 -67.90 -95.12
C PRO E 2668 -48.52 -66.47 -94.66
N CYS E 2669 -47.38 -65.88 -94.29
CA CYS E 2669 -47.29 -64.48 -93.91
C CYS E 2669 -47.39 -63.54 -95.10
N LEU E 2670 -47.33 -64.06 -96.33
CA LEU E 2670 -47.66 -63.25 -97.50
C LEU E 2670 -49.14 -62.92 -97.53
N SER E 2671 -49.98 -63.76 -96.94
CA SER E 2671 -51.34 -63.35 -96.66
C SER E 2671 -51.41 -62.24 -95.62
N ALA E 2672 -50.40 -62.15 -94.75
CA ALA E 2672 -50.21 -60.95 -93.95
C ALA E 2672 -49.77 -59.77 -94.79
N VAL E 2673 -48.94 -60.02 -95.81
CA VAL E 2673 -48.57 -58.97 -96.76
C VAL E 2673 -49.75 -58.62 -97.65
N ALA E 2674 -50.73 -59.52 -97.78
CA ALA E 2674 -52.01 -59.21 -98.38
C ALA E 2674 -53.09 -58.89 -97.35
N GLY E 2675 -52.72 -58.63 -96.10
CA GLY E 2675 -53.71 -58.43 -95.06
C GLY E 2675 -53.77 -57.04 -94.48
N ALA E 2676 -52.93 -56.14 -94.98
CA ALA E 2676 -52.78 -54.80 -94.38
C ALA E 2676 -52.99 -53.67 -95.37
N LEU E 2677 -52.52 -53.82 -96.60
CA LEU E 2677 -52.71 -52.80 -97.62
C LEU E 2677 -54.16 -52.84 -98.09
N PRO E 2678 -54.80 -54.02 -98.11
CA PRO E 2678 -56.18 -54.39 -98.48
C PRO E 2678 -56.57 -55.77 -97.96
N ASN E 2701 -28.71 -60.37 -104.02
CA ASN E 2701 -27.85 -59.34 -104.61
C ASN E 2701 -28.66 -58.42 -105.51
N PHE E 2702 -28.11 -57.26 -105.83
CA PHE E 2702 -28.73 -56.36 -106.80
C PHE E 2702 -27.63 -55.91 -107.75
N ASN E 2703 -27.40 -56.71 -108.79
CA ASN E 2703 -26.44 -56.35 -109.83
C ASN E 2703 -27.09 -55.31 -110.72
N PRO E 2704 -26.43 -54.18 -110.99
CA PRO E 2704 -27.05 -53.18 -111.88
C PRO E 2704 -27.10 -53.68 -113.31
N GLN E 2705 -28.29 -53.55 -113.91
CA GLN E 2705 -28.64 -54.19 -115.19
C GLN E 2705 -28.64 -53.16 -116.31
N PRO E 2706 -27.57 -53.04 -117.08
CA PRO E 2706 -27.49 -51.97 -118.08
C PRO E 2706 -28.31 -52.28 -119.32
N VAL E 2707 -28.52 -51.23 -120.11
CA VAL E 2707 -29.19 -51.34 -121.41
C VAL E 2707 -28.24 -50.85 -122.49
N ASP E 2708 -28.45 -51.36 -123.70
CA ASP E 2708 -27.69 -50.91 -124.86
C ASP E 2708 -28.39 -49.73 -125.51
N THR E 2709 -27.77 -48.57 -125.45
CA THR E 2709 -28.32 -47.35 -126.01
C THR E 2709 -27.77 -47.06 -127.40
N SER E 2710 -26.45 -47.07 -127.56
CA SER E 2710 -25.78 -46.55 -128.76
C SER E 2710 -25.69 -47.57 -129.90
N ASN E 2711 -26.63 -48.52 -129.96
CA ASN E 2711 -26.67 -49.45 -131.09
C ASN E 2711 -27.83 -49.17 -132.04
N ILE E 2712 -28.74 -48.25 -131.71
CA ILE E 2712 -29.89 -47.93 -132.54
C ILE E 2712 -29.61 -46.61 -133.25
N THR E 2713 -30.13 -46.48 -134.48
CA THR E 2713 -29.94 -45.27 -135.28
C THR E 2713 -31.02 -44.24 -134.94
N ILE E 2714 -30.63 -42.97 -134.95
CA ILE E 2714 -31.50 -41.83 -134.64
C ILE E 2714 -32.61 -41.73 -135.67
N PRO E 2715 -33.87 -41.63 -135.26
CA PRO E 2715 -34.95 -41.50 -136.25
C PRO E 2715 -34.94 -40.14 -136.94
N GLU E 2716 -35.16 -40.18 -138.25
CA GLU E 2716 -35.23 -38.95 -139.04
C GLU E 2716 -36.59 -38.29 -138.92
N LYS E 2717 -37.61 -39.05 -138.54
CA LYS E 2717 -38.93 -38.47 -138.31
C LYS E 2717 -38.97 -37.67 -137.01
N LEU E 2718 -38.08 -37.96 -136.07
CA LEU E 2718 -38.00 -37.22 -134.82
C LEU E 2718 -36.93 -36.14 -134.86
N GLU E 2719 -36.33 -35.86 -136.02
CA GLU E 2719 -35.28 -34.86 -136.11
C GLU E 2719 -35.81 -33.43 -135.97
N TYR E 2720 -37.05 -33.18 -136.41
CA TYR E 2720 -37.70 -31.92 -136.06
C TYR E 2720 -37.97 -31.80 -134.57
N PHE E 2721 -38.23 -32.92 -133.88
CA PHE E 2721 -38.45 -32.89 -132.45
C PHE E 2721 -37.18 -32.62 -131.65
N ILE E 2722 -36.04 -33.16 -132.09
CA ILE E 2722 -34.79 -33.00 -131.35
C ILE E 2722 -34.32 -31.54 -131.34
N ASN E 2723 -34.35 -30.88 -132.50
CA ASN E 2723 -33.96 -29.49 -132.61
C ASN E 2723 -34.89 -28.56 -131.85
N LYS E 2724 -36.20 -28.75 -131.97
CA LYS E 2724 -37.18 -27.93 -131.26
C LYS E 2724 -37.14 -28.16 -129.76
N TYR E 2725 -36.91 -29.40 -129.32
CA TYR E 2725 -36.78 -29.65 -127.89
C TYR E 2725 -35.46 -29.12 -127.33
N ALA E 2726 -34.39 -29.11 -128.12
CA ALA E 2726 -33.15 -28.50 -127.64
C ALA E 2726 -33.29 -26.98 -127.53
N GLU E 2727 -34.02 -26.38 -128.47
CA GLU E 2727 -34.34 -24.96 -128.37
C GLU E 2727 -35.20 -24.66 -127.14
N HIS E 2728 -36.27 -25.44 -126.94
CA HIS E 2728 -37.15 -25.27 -125.78
C HIS E 2728 -36.45 -25.61 -124.47
N SER E 2729 -35.44 -26.49 -124.50
CA SER E 2729 -34.66 -26.77 -123.30
C SER E 2729 -33.74 -25.61 -122.97
N HIS E 2730 -33.19 -24.95 -123.99
CA HIS E 2730 -32.51 -23.66 -123.78
C HIS E 2730 -33.46 -22.61 -123.23
N ASP E 2731 -34.70 -22.53 -123.72
CA ASP E 2731 -35.66 -21.55 -123.18
C ASP E 2731 -36.03 -21.85 -121.73
N LYS E 2732 -36.26 -23.12 -121.41
CA LYS E 2732 -36.56 -23.52 -120.03
C LYS E 2732 -35.38 -23.28 -119.10
N TRP E 2733 -34.20 -23.75 -119.47
CA TRP E 2733 -32.98 -23.61 -118.69
C TRP E 2733 -32.60 -22.15 -118.46
N SER E 2734 -32.77 -21.27 -119.45
CA SER E 2734 -32.53 -19.85 -119.25
C SER E 2734 -33.69 -19.13 -118.58
N MET E 2735 -34.91 -19.70 -118.60
CA MET E 2735 -36.01 -19.11 -117.84
C MET E 2735 -35.89 -19.45 -116.35
N ASP E 2736 -35.08 -20.46 -116.03
CA ASP E 2736 -34.59 -20.63 -114.67
C ASP E 2736 -33.47 -19.65 -114.32
N LYS E 2737 -32.93 -18.96 -115.33
CA LYS E 2737 -31.90 -17.96 -115.14
C LYS E 2737 -32.35 -16.56 -115.53
N LEU E 2738 -33.60 -16.38 -115.98
CA LEU E 2738 -34.07 -15.05 -116.36
C LEU E 2738 -34.88 -14.37 -115.26
N ALA E 2739 -35.13 -15.06 -114.14
CA ALA E 2739 -35.59 -14.36 -112.95
C ALA E 2739 -34.43 -13.68 -112.23
N ASN E 2740 -33.20 -13.99 -112.64
CA ASN E 2740 -31.97 -13.46 -112.05
C ASN E 2740 -31.12 -12.69 -113.05
N GLY E 2741 -31.06 -13.14 -114.30
CA GLY E 2741 -30.35 -12.43 -115.35
C GLY E 2741 -28.93 -12.88 -115.63
N TRP E 2742 -28.75 -14.18 -115.91
CA TRP E 2742 -27.43 -14.68 -116.25
C TRP E 2742 -27.11 -14.48 -117.74
N ILE E 2743 -25.92 -13.95 -118.02
CA ILE E 2743 -25.54 -13.53 -119.36
C ILE E 2743 -24.21 -14.16 -119.71
N TYR E 2744 -23.95 -14.29 -121.01
CA TYR E 2744 -22.69 -14.82 -121.51
C TYR E 2744 -21.54 -13.84 -121.23
N GLY E 2745 -20.38 -14.40 -120.91
CA GLY E 2745 -19.21 -13.58 -120.67
C GLY E 2745 -17.91 -14.15 -121.21
N GLU E 2746 -16.88 -13.32 -121.25
CA GLU E 2746 -15.58 -13.70 -121.79
C GLU E 2746 -14.65 -14.27 -120.74
N ILE E 2747 -14.60 -13.69 -119.55
CA ILE E 2747 -13.82 -14.20 -118.44
C ILE E 2747 -14.74 -15.01 -117.54
N TYR E 2748 -14.37 -16.26 -117.29
CA TYR E 2748 -15.20 -17.16 -116.49
C TYR E 2748 -14.92 -17.01 -115.00
N SER E 2749 -15.26 -15.85 -114.43
CA SER E 2749 -15.11 -15.59 -113.00
C SER E 2749 -16.52 -15.47 -112.44
N ASP E 2750 -16.98 -16.55 -111.79
CA ASP E 2750 -18.39 -16.66 -111.40
C ASP E 2750 -18.76 -15.80 -110.21
N SER E 2751 -17.80 -15.14 -109.55
CA SER E 2751 -18.13 -14.27 -108.42
C SER E 2751 -18.82 -13.00 -108.88
N SER E 2752 -18.69 -12.65 -110.16
CA SER E 2752 -19.40 -11.53 -110.75
C SER E 2752 -20.74 -11.94 -111.36
N LYS E 2753 -21.16 -13.19 -111.13
CA LYS E 2753 -22.44 -13.77 -111.59
C LYS E 2753 -22.59 -13.68 -113.11
N VAL E 2754 -21.55 -14.10 -113.82
CA VAL E 2754 -21.55 -14.16 -115.28
C VAL E 2754 -21.12 -15.57 -115.67
N GLN E 2755 -21.72 -16.11 -116.73
CA GLN E 2755 -21.38 -17.49 -117.02
C GLN E 2755 -20.88 -17.65 -118.45
N PRO E 2756 -19.97 -18.59 -118.71
CA PRO E 2756 -19.53 -18.87 -120.08
C PRO E 2756 -20.42 -19.85 -120.83
N LEU E 2757 -21.65 -20.08 -120.37
CA LEU E 2757 -22.53 -21.03 -121.04
C LEU E 2757 -23.79 -20.38 -121.60
N MET E 2758 -24.05 -19.10 -121.31
CA MET E 2758 -25.32 -18.45 -121.68
C MET E 2758 -25.36 -18.04 -123.16
N LYS E 2759 -25.08 -18.97 -124.05
CA LYS E 2759 -25.06 -18.79 -125.49
C LYS E 2759 -26.46 -19.03 -126.06
N PRO E 2760 -26.94 -18.12 -126.93
CA PRO E 2760 -28.27 -18.28 -127.55
C PRO E 2760 -28.37 -19.51 -128.43
N TYR E 2761 -29.58 -20.03 -128.65
CA TYR E 2761 -29.75 -21.21 -129.46
C TYR E 2761 -29.62 -20.94 -130.95
N LYS E 2762 -29.98 -19.73 -131.39
CA LYS E 2762 -29.97 -19.40 -132.82
C LYS E 2762 -28.57 -19.19 -133.39
N LEU E 2763 -27.52 -19.28 -132.58
CA LEU E 2763 -26.14 -19.09 -133.01
C LEU E 2763 -25.26 -20.26 -132.60
N LEU E 2764 -25.73 -21.48 -132.81
CA LEU E 2764 -24.92 -22.65 -132.50
C LEU E 2764 -24.15 -23.11 -133.73
N SER E 2765 -22.91 -23.51 -133.50
CA SER E 2765 -22.08 -24.19 -134.49
C SER E 2765 -22.36 -25.69 -134.44
N GLU E 2766 -21.59 -26.46 -135.18
CA GLU E 2766 -21.74 -27.91 -135.09
C GLU E 2766 -20.91 -28.52 -133.96
N LYS E 2767 -20.32 -27.70 -133.10
CA LYS E 2767 -19.55 -28.20 -131.95
C LYS E 2767 -20.13 -27.77 -130.61
N GLU E 2768 -20.71 -26.58 -130.52
CA GLU E 2768 -21.38 -26.16 -129.30
C GLU E 2768 -22.81 -26.69 -129.17
N LYS E 2769 -23.25 -27.54 -130.11
CA LYS E 2769 -24.54 -28.21 -129.96
C LYS E 2769 -24.41 -29.45 -129.09
N GLU E 2770 -23.17 -29.84 -128.75
CA GLU E 2770 -22.92 -31.00 -127.89
C GLU E 2770 -23.50 -30.83 -126.50
N ILE E 2771 -23.60 -29.60 -126.00
CA ILE E 2771 -24.29 -29.35 -124.74
C ILE E 2771 -25.78 -29.63 -124.90
N TYR E 2772 -26.35 -29.32 -126.07
CA TYR E 2772 -27.78 -29.45 -126.35
C TYR E 2772 -28.14 -30.79 -126.98
N ARG E 2773 -27.19 -31.51 -127.58
CA ARG E 2773 -27.55 -32.75 -128.27
C ARG E 2773 -27.41 -33.97 -127.39
N TRP E 2774 -26.23 -34.15 -126.78
CA TRP E 2774 -25.83 -35.38 -126.07
C TRP E 2774 -26.68 -35.76 -124.85
N PRO E 2775 -27.27 -34.82 -124.07
CA PRO E 2775 -28.28 -35.26 -123.10
C PRO E 2775 -29.58 -35.74 -123.74
N ILE E 2776 -29.96 -35.21 -124.90
CA ILE E 2776 -31.30 -35.41 -125.42
C ILE E 2776 -31.38 -36.64 -126.31
N LYS E 2777 -30.31 -36.94 -127.05
CA LYS E 2777 -30.29 -38.11 -127.92
C LYS E 2777 -30.28 -39.42 -127.13
N GLU E 2778 -29.86 -39.39 -125.86
CA GLU E 2778 -30.00 -40.55 -125.00
C GLU E 2778 -31.43 -40.75 -124.52
N SER E 2779 -32.28 -39.75 -124.69
CA SER E 2779 -33.70 -39.84 -124.38
C SER E 2779 -34.49 -40.68 -125.38
N LEU E 2780 -33.89 -41.03 -126.51
CA LEU E 2780 -34.60 -41.82 -127.50
C LEU E 2780 -33.99 -43.21 -127.69
N LYS E 2781 -32.68 -43.34 -127.41
CA LYS E 2781 -31.98 -44.60 -127.67
C LYS E 2781 -32.38 -45.69 -126.69
N THR E 2782 -32.87 -45.31 -125.51
CA THR E 2782 -33.42 -46.26 -124.55
C THR E 2782 -34.94 -46.19 -124.48
N MET E 2783 -35.56 -45.18 -125.09
CA MET E 2783 -37.01 -45.08 -125.09
C MET E 2783 -37.64 -46.15 -125.99
N LEU E 2784 -37.07 -46.37 -127.16
CA LEU E 2784 -37.54 -47.38 -128.10
C LEU E 2784 -36.90 -48.74 -127.87
N ALA E 2785 -36.24 -48.95 -126.72
CA ALA E 2785 -35.53 -50.18 -126.46
C ALA E 2785 -36.45 -51.34 -126.09
N TRP E 2786 -37.60 -51.06 -125.46
CA TRP E 2786 -38.53 -52.09 -125.04
C TRP E 2786 -39.57 -52.39 -126.12
N GLY E 2787 -39.36 -51.90 -127.33
CA GLY E 2787 -40.29 -52.11 -128.42
C GLY E 2787 -41.43 -51.10 -128.49
N TRP E 2788 -41.62 -50.29 -127.46
CA TRP E 2788 -42.69 -49.31 -127.44
C TRP E 2788 -42.35 -48.15 -128.37
N ARG E 2789 -43.19 -47.95 -129.38
CA ARG E 2789 -42.97 -46.95 -130.41
C ARG E 2789 -43.72 -45.67 -130.05
N ILE E 2790 -43.53 -44.64 -130.88
CA ILE E 2790 -44.14 -43.33 -130.70
C ILE E 2790 -45.02 -43.06 -131.91
N GLU E 2791 -46.30 -42.78 -131.66
CA GLU E 2791 -47.28 -42.58 -132.71
C GLU E 2791 -47.67 -41.10 -132.77
N ARG E 2792 -48.69 -40.78 -133.56
CA ARG E 2792 -49.09 -39.40 -133.79
C ARG E 2792 -50.50 -39.14 -133.26
N THR E 2793 -50.74 -37.88 -132.88
CA THR E 2793 -52.04 -37.43 -132.37
C THR E 2793 -52.52 -36.27 -133.23
N ARG E 2794 -53.56 -35.59 -132.74
CA ARG E 2794 -53.98 -34.32 -133.30
C ARG E 2794 -52.97 -33.22 -132.98
N GLU E 2795 -53.16 -32.06 -133.60
CA GLU E 2795 -52.16 -31.01 -133.57
C GLU E 2795 -52.10 -30.32 -132.21
N GLY E 2796 -50.89 -29.90 -131.84
CA GLY E 2796 -50.69 -29.17 -130.60
C GLY E 2796 -49.46 -28.29 -130.70
N ASP E 2797 -49.58 -27.08 -130.16
CA ASP E 2797 -48.52 -26.09 -130.27
C ASP E 2797 -47.40 -26.33 -129.26
N ALA E 2818 -38.42 -5.35 -115.24
CA ALA E 2818 -38.32 -6.08 -116.50
C ALA E 2818 -36.98 -5.83 -117.18
N ALA E 2819 -36.39 -6.88 -117.71
CA ALA E 2819 -35.07 -6.81 -118.33
C ALA E 2819 -35.16 -7.39 -119.73
N HIS E 2820 -34.02 -7.48 -120.40
CA HIS E 2820 -33.95 -7.97 -121.77
C HIS E 2820 -32.92 -9.10 -121.85
N GLY E 2821 -32.59 -9.47 -123.09
CA GLY E 2821 -31.66 -10.55 -123.34
C GLY E 2821 -32.19 -11.49 -124.41
N TYR E 2822 -32.05 -12.81 -124.21
CA TYR E 2822 -32.75 -13.79 -125.03
C TYR E 2822 -34.03 -14.18 -124.29
N SER E 2823 -35.08 -13.41 -124.55
CA SER E 2823 -36.35 -13.51 -123.84
C SER E 2823 -37.28 -14.46 -124.59
N PRO E 2824 -37.61 -15.62 -124.04
CA PRO E 2824 -38.47 -16.56 -124.77
C PRO E 2824 -39.95 -16.33 -124.51
N ARG E 2825 -40.73 -16.60 -125.56
CA ARG E 2825 -42.18 -16.70 -125.43
C ARG E 2825 -42.58 -18.17 -125.24
N ALA E 2826 -41.99 -18.77 -124.21
CA ALA E 2826 -42.11 -20.20 -123.93
C ALA E 2826 -42.50 -20.41 -122.47
N ILE E 2827 -42.67 -21.67 -122.11
CA ILE E 2827 -43.09 -22.07 -120.77
C ILE E 2827 -42.02 -22.99 -120.18
N ASP E 2828 -42.26 -23.39 -118.94
CA ASP E 2828 -41.41 -24.33 -118.22
C ASP E 2828 -41.93 -25.76 -118.40
N MET E 2829 -41.41 -26.67 -117.56
CA MET E 2829 -41.78 -28.08 -117.60
C MET E 2829 -42.28 -28.56 -116.26
N SER E 2830 -43.14 -27.77 -115.61
CA SER E 2830 -43.74 -28.16 -114.33
C SER E 2830 -45.21 -27.77 -114.25
N ASN E 2831 -45.79 -27.22 -115.33
CA ASN E 2831 -47.15 -26.73 -115.29
C ASN E 2831 -48.14 -27.55 -116.14
N VAL E 2832 -47.76 -28.75 -116.58
CA VAL E 2832 -48.68 -29.66 -117.28
C VAL E 2832 -48.69 -30.98 -116.50
N THR E 2833 -49.78 -31.74 -116.62
CA THR E 2833 -49.92 -33.02 -115.94
C THR E 2833 -49.61 -34.18 -116.90
N LEU E 2834 -49.26 -35.33 -116.33
CA LEU E 2834 -48.88 -36.51 -117.10
C LEU E 2834 -50.11 -37.36 -117.41
N SER E 2835 -49.95 -38.29 -118.35
CA SER E 2835 -51.06 -39.08 -118.87
C SER E 2835 -50.95 -40.54 -118.45
N ARG E 2836 -52.01 -41.31 -118.73
CA ARG E 2836 -52.16 -42.64 -118.13
C ARG E 2836 -51.42 -43.71 -118.91
N ASP E 2837 -51.13 -43.48 -120.20
CA ASP E 2837 -50.28 -44.42 -120.92
C ASP E 2837 -48.81 -44.02 -120.80
N LEU E 2838 -48.53 -42.94 -120.07
CA LEU E 2838 -47.20 -42.36 -119.97
C LEU E 2838 -46.46 -42.72 -118.70
N HIS E 2839 -47.18 -42.91 -117.57
CA HIS E 2839 -46.51 -42.92 -116.27
C HIS E 2839 -45.69 -44.19 -116.03
N ALA E 2840 -46.14 -45.32 -116.56
CA ALA E 2840 -45.38 -46.55 -116.39
C ALA E 2840 -44.11 -46.52 -117.21
N MET E 2841 -44.17 -45.95 -118.42
CA MET E 2841 -42.96 -45.64 -119.18
C MET E 2841 -42.06 -44.65 -118.44
N ALA E 2842 -42.66 -43.66 -117.77
CA ALA E 2842 -41.88 -42.64 -117.08
C ALA E 2842 -41.09 -43.24 -115.92
N GLU E 2843 -41.73 -44.07 -115.11
CA GLU E 2843 -41.03 -44.66 -113.98
C GLU E 2843 -40.13 -45.82 -114.41
N MET E 2844 -40.46 -46.51 -115.51
CA MET E 2844 -39.54 -47.50 -116.06
C MET E 2844 -38.28 -46.85 -116.61
N MET E 2845 -38.43 -45.68 -117.25
CA MET E 2845 -37.27 -44.94 -117.73
C MET E 2845 -36.48 -44.33 -116.57
N ALA E 2846 -37.17 -43.99 -115.47
CA ALA E 2846 -36.46 -43.51 -114.29
C ALA E 2846 -35.62 -44.61 -113.65
N GLU E 2847 -36.18 -45.82 -113.52
CA GLU E 2847 -35.39 -46.96 -113.05
C GLU E 2847 -34.25 -47.28 -114.03
N ASN E 2848 -34.50 -47.12 -115.34
CA ASN E 2848 -33.47 -47.37 -116.34
C ASN E 2848 -32.33 -46.34 -116.25
N TYR E 2849 -32.66 -45.09 -115.94
CA TYR E 2849 -31.63 -44.08 -115.71
C TYR E 2849 -30.85 -44.36 -114.43
N HIS E 2850 -31.53 -44.82 -113.38
CA HIS E 2850 -30.86 -45.28 -112.17
C HIS E 2850 -29.93 -46.46 -112.40
N ASN E 2851 -30.25 -47.32 -113.38
CA ASN E 2851 -29.43 -48.48 -113.69
C ASN E 2851 -28.37 -48.25 -114.77
N ILE E 2852 -28.44 -47.17 -115.53
CA ILE E 2852 -27.36 -46.81 -116.45
C ILE E 2852 -26.36 -45.85 -115.78
N TRP E 2853 -26.82 -45.00 -114.86
CA TRP E 2853 -25.89 -44.18 -114.10
C TRP E 2853 -25.16 -45.00 -113.04
N ALA E 2854 -25.72 -46.15 -112.66
CA ALA E 2854 -25.01 -47.09 -111.80
C ALA E 2854 -23.84 -47.74 -112.54
N LYS E 2855 -23.93 -47.86 -113.86
CA LYS E 2855 -22.77 -48.30 -114.62
C LYS E 2855 -21.88 -47.13 -114.99
N LYS E 2856 -22.44 -45.93 -115.02
CA LYS E 2856 -21.61 -44.73 -115.20
C LYS E 2856 -20.79 -44.44 -113.95
N LYS E 2857 -21.31 -44.76 -112.77
CA LYS E 2857 -20.51 -44.61 -111.57
C LYS E 2857 -19.51 -45.76 -111.41
N LYS E 2858 -19.72 -46.86 -112.15
CA LYS E 2858 -18.70 -47.89 -112.26
C LYS E 2858 -17.70 -47.57 -113.36
N LEU E 2859 -17.81 -46.39 -113.99
CA LEU E 2859 -16.93 -46.01 -115.09
C LEU E 2859 -15.94 -44.92 -114.69
N GLU E 2860 -16.24 -44.11 -113.68
CA GLU E 2860 -15.44 -42.94 -113.38
C GLU E 2860 -14.40 -43.16 -112.29
N LEU E 2861 -14.79 -43.65 -111.11
CA LEU E 2861 -13.89 -43.70 -109.97
C LEU E 2861 -13.88 -45.08 -109.32
N GLU E 2862 -13.74 -46.15 -110.11
CA GLU E 2862 -13.42 -47.45 -109.56
C GLU E 2862 -12.36 -48.18 -110.37
N SER E 2863 -11.96 -47.64 -111.52
CA SER E 2863 -10.87 -48.20 -112.32
C SER E 2863 -9.61 -47.36 -112.28
N LYS E 2864 -9.61 -46.23 -111.57
CA LYS E 2864 -8.47 -45.35 -111.50
C LYS E 2864 -7.58 -45.62 -110.30
N GLY E 2865 -8.11 -46.21 -109.23
CA GLY E 2865 -7.32 -46.43 -108.04
C GLY E 2865 -8.05 -46.22 -106.73
N GLY E 2866 -9.32 -45.85 -106.80
CA GLY E 2866 -10.12 -45.61 -105.62
C GLY E 2866 -10.54 -46.89 -104.91
N GLY E 2867 -11.64 -46.78 -104.18
CA GLY E 2867 -12.20 -47.93 -103.49
C GLY E 2867 -13.57 -48.32 -104.01
N ASN E 2868 -14.27 -49.16 -103.28
CA ASN E 2868 -15.64 -49.52 -103.66
C ASN E 2868 -16.57 -48.37 -103.31
N HIS E 2869 -17.75 -48.38 -103.93
CA HIS E 2869 -18.72 -47.34 -103.66
C HIS E 2869 -20.04 -47.96 -103.22
N PRO E 2870 -20.64 -47.47 -102.13
CA PRO E 2870 -21.75 -48.21 -101.50
C PRO E 2870 -23.11 -48.06 -102.17
N LEU E 2871 -23.17 -47.65 -103.43
CA LEU E 2871 -24.43 -47.48 -104.15
C LEU E 2871 -24.88 -48.76 -104.83
N LEU E 2872 -24.45 -49.92 -104.34
CA LEU E 2872 -24.82 -51.22 -104.88
C LEU E 2872 -26.01 -51.83 -104.15
N VAL E 2873 -26.90 -50.98 -103.62
CA VAL E 2873 -28.03 -51.38 -102.80
C VAL E 2873 -29.15 -51.78 -103.76
N PRO E 2874 -30.11 -52.63 -103.35
CA PRO E 2874 -31.36 -52.74 -104.08
C PRO E 2874 -32.08 -51.39 -104.22
N TYR E 2875 -32.95 -51.35 -105.24
CA TYR E 2875 -33.44 -50.11 -105.83
C TYR E 2875 -34.34 -49.32 -104.89
N ASP E 2876 -35.15 -49.99 -104.08
CA ASP E 2876 -36.27 -49.34 -103.39
C ASP E 2876 -35.90 -48.77 -102.03
N THR E 2877 -34.63 -48.43 -101.82
CA THR E 2877 -34.16 -47.92 -100.54
C THR E 2877 -33.24 -46.72 -100.66
N LEU E 2878 -32.61 -46.50 -101.82
CA LEU E 2878 -31.61 -45.46 -101.96
C LEU E 2878 -32.28 -44.08 -102.03
N THR E 2879 -31.60 -43.10 -101.44
CA THR E 2879 -32.12 -41.75 -101.32
C THR E 2879 -32.18 -41.05 -102.67
N ALA E 2880 -33.04 -40.03 -102.75
CA ALA E 2880 -33.40 -39.42 -104.03
C ALA E 2880 -32.73 -38.08 -104.30
N LYS E 2881 -31.84 -37.61 -103.42
CA LYS E 2881 -31.13 -36.37 -103.72
C LYS E 2881 -30.05 -36.58 -104.78
N GLU E 2882 -29.60 -37.83 -104.95
CA GLU E 2882 -28.75 -38.17 -106.09
C GLU E 2882 -29.58 -38.53 -107.32
N LYS E 2883 -30.91 -38.64 -107.18
CA LYS E 2883 -31.81 -38.95 -108.29
C LYS E 2883 -32.49 -37.70 -108.84
N ALA E 2884 -32.04 -36.51 -108.42
CA ALA E 2884 -32.68 -35.26 -108.85
C ALA E 2884 -32.48 -34.98 -110.33
N LYS E 2885 -31.28 -35.24 -110.86
CA LYS E 2885 -31.06 -35.09 -112.29
C LYS E 2885 -31.47 -36.33 -113.07
N ASP E 2886 -31.97 -37.36 -112.39
CA ASP E 2886 -32.31 -38.63 -113.02
C ASP E 2886 -33.80 -38.83 -113.21
N ARG E 2887 -34.63 -38.50 -112.20
CA ARG E 2887 -36.07 -38.71 -112.36
C ARG E 2887 -36.77 -37.47 -112.90
N GLU E 2888 -36.17 -36.30 -112.73
CA GLU E 2888 -36.75 -35.07 -113.27
C GLU E 2888 -36.28 -34.78 -114.69
N LYS E 2889 -35.46 -35.66 -115.26
CA LYS E 2889 -35.22 -35.71 -116.70
C LYS E 2889 -36.13 -36.73 -117.37
N ALA E 2890 -36.73 -37.64 -116.62
CA ALA E 2890 -37.58 -38.70 -117.15
C ALA E 2890 -39.02 -38.26 -117.34
N GLN E 2891 -39.40 -37.07 -116.91
CA GLN E 2891 -40.77 -36.59 -117.02
C GLN E 2891 -40.95 -35.50 -118.08
N ASP E 2892 -39.91 -34.69 -118.34
CA ASP E 2892 -40.05 -33.65 -119.36
C ASP E 2892 -39.82 -34.17 -120.77
N ILE E 2893 -39.05 -35.26 -120.92
CA ILE E 2893 -38.75 -35.81 -122.23
C ILE E 2893 -40.00 -36.42 -122.85
N LEU E 2894 -40.94 -36.88 -122.03
CA LEU E 2894 -42.25 -37.28 -122.53
C LEU E 2894 -43.27 -36.15 -122.44
N LYS E 2895 -42.94 -35.05 -121.74
CA LYS E 2895 -43.82 -33.89 -121.73
C LYS E 2895 -43.75 -33.12 -123.03
N PHE E 2896 -42.55 -32.97 -123.61
CA PHE E 2896 -42.46 -32.29 -124.89
C PHE E 2896 -43.04 -33.12 -126.03
N LEU E 2897 -43.16 -34.44 -125.85
CA LEU E 2897 -43.97 -35.24 -126.76
C LEU E 2897 -45.44 -34.89 -126.69
N GLN E 2898 -45.93 -34.41 -125.55
CA GLN E 2898 -47.33 -33.99 -125.46
C GLN E 2898 -47.51 -32.54 -125.92
N ILE E 2899 -46.50 -31.69 -125.73
CA ILE E 2899 -46.58 -30.32 -126.23
C ILE E 2899 -46.47 -30.30 -127.75
N ASN E 2900 -45.59 -31.15 -128.31
CA ASN E 2900 -45.55 -31.32 -129.75
C ASN E 2900 -46.65 -32.24 -130.26
N GLY E 2901 -47.25 -33.04 -129.39
CA GLY E 2901 -48.35 -33.90 -129.80
C GLY E 2901 -47.90 -35.24 -130.37
N TYR E 2902 -47.13 -35.99 -129.60
CA TYR E 2902 -46.72 -37.34 -129.94
C TYR E 2902 -47.42 -38.34 -129.02
N ALA E 2903 -48.00 -39.38 -129.60
CA ALA E 2903 -48.70 -40.43 -128.86
C ALA E 2903 -47.69 -41.36 -128.21
N VAL E 2904 -47.84 -41.51 -126.90
CA VAL E 2904 -47.12 -42.53 -126.14
C VAL E 2904 -48.06 -43.71 -125.92
N SER E 2905 -47.55 -44.93 -126.14
CA SER E 2905 -48.37 -46.13 -126.05
C SER E 2905 -47.53 -47.33 -125.65
N ARG E 2906 -47.99 -48.06 -124.63
CA ARG E 2906 -47.35 -49.28 -124.18
C ARG E 2906 -47.79 -50.51 -124.97
N GLY E 2907 -48.66 -50.34 -125.96
CA GLY E 2907 -49.10 -51.43 -126.80
C GLY E 2907 -49.72 -50.95 -128.11
N TYR E 2982 -53.80 -59.26 -105.98
CA TYR E 2982 -54.82 -58.27 -106.30
C TYR E 2982 -55.65 -58.71 -107.51
N PHE E 2983 -55.55 -57.97 -108.62
CA PHE E 2983 -56.26 -58.36 -109.84
C PHE E 2983 -55.63 -59.61 -110.45
N LEU E 2984 -54.30 -59.71 -110.39
CA LEU E 2984 -53.63 -60.92 -110.82
C LEU E 2984 -53.93 -62.10 -109.92
N SER E 2985 -54.28 -61.85 -108.66
CA SER E 2985 -54.82 -62.91 -107.82
C SER E 2985 -56.18 -63.39 -108.32
N ALA E 2986 -57.02 -62.48 -108.83
CA ALA E 2986 -58.30 -62.88 -109.38
C ALA E 2986 -58.15 -63.61 -110.71
N ALA E 2987 -57.10 -63.31 -111.47
CA ALA E 2987 -56.85 -64.02 -112.72
C ALA E 2987 -56.10 -65.33 -112.48
N SER E 2988 -55.42 -65.46 -111.36
CA SER E 2988 -54.65 -66.66 -111.06
C SER E 2988 -55.28 -67.54 -109.99
N ARG E 2989 -56.46 -67.17 -109.48
CA ARG E 2989 -57.19 -67.98 -108.52
C ARG E 2989 -57.60 -69.31 -109.14
N PRO E 2990 -58.00 -69.32 -110.42
CA PRO E 2990 -58.19 -70.60 -111.11
C PRO E 2990 -56.88 -71.33 -111.33
N LEU E 2991 -55.78 -70.61 -111.59
CA LEU E 2991 -54.47 -71.25 -111.67
C LEU E 2991 -54.00 -71.77 -110.33
N CYS E 2992 -54.33 -71.09 -109.23
CA CYS E 2992 -54.01 -71.61 -107.91
C CYS E 2992 -54.84 -72.84 -107.58
N SER E 2993 -56.12 -72.83 -107.95
CA SER E 2993 -56.96 -74.01 -107.77
C SER E 2993 -56.48 -75.18 -108.62
N GLY E 2994 -56.00 -74.90 -109.85
CA GLY E 2994 -55.43 -75.94 -110.69
C GLY E 2994 -54.09 -76.46 -110.23
N GLY E 2995 -53.29 -75.62 -109.58
CA GLY E 2995 -52.05 -76.05 -108.99
C GLY E 2995 -52.30 -76.94 -107.78
N HIS E 2996 -53.28 -76.56 -106.97
CA HIS E 2996 -53.67 -77.39 -105.84
C HIS E 2996 -54.29 -78.70 -106.29
N ALA E 2997 -55.04 -78.68 -107.39
CA ALA E 2997 -55.63 -79.91 -107.92
C ALA E 2997 -54.56 -80.83 -108.50
N SER E 2998 -53.55 -80.27 -109.15
CA SER E 2998 -52.53 -81.10 -109.78
C SER E 2998 -51.54 -81.65 -108.75
N ASN E 2999 -51.19 -80.88 -107.73
CA ASN E 2999 -50.21 -81.33 -106.74
C ASN E 2999 -50.86 -81.94 -105.50
N LYS E 3000 -52.19 -81.94 -105.40
CA LYS E 3000 -52.86 -82.52 -104.24
C LYS E 3000 -53.20 -83.99 -104.42
N GLU E 3001 -53.01 -84.55 -105.62
CA GLU E 3001 -53.21 -85.98 -105.81
C GLU E 3001 -51.99 -86.78 -105.37
N LYS E 3002 -50.80 -86.22 -105.52
CA LYS E 3002 -49.55 -86.86 -105.11
C LYS E 3002 -49.07 -86.40 -103.74
N GLU E 3003 -49.98 -85.91 -102.89
CA GLU E 3003 -49.61 -85.55 -101.52
C GLU E 3003 -49.37 -86.78 -100.67
N MET E 3004 -49.96 -87.93 -101.05
CA MET E 3004 -49.74 -89.17 -100.33
C MET E 3004 -48.31 -89.67 -100.50
N VAL E 3005 -47.66 -89.34 -101.61
CA VAL E 3005 -46.28 -89.72 -101.84
C VAL E 3005 -45.41 -88.46 -101.86
N PHE E 3009 -42.44 -84.28 -100.75
CA PHE E 3009 -43.28 -84.18 -99.56
C PHE E 3009 -44.09 -82.90 -99.57
N CYS E 3010 -45.09 -82.85 -100.44
CA CYS E 3010 -45.92 -81.67 -100.61
C CYS E 3010 -47.25 -81.75 -99.87
N LYS E 3011 -47.41 -82.73 -98.98
CA LYS E 3011 -48.66 -82.85 -98.22
C LYS E 3011 -48.82 -81.70 -97.24
N LEU E 3012 -47.71 -81.19 -96.70
CA LEU E 3012 -47.77 -80.01 -95.86
C LEU E 3012 -47.98 -78.74 -96.68
N GLY E 3013 -47.54 -78.74 -97.94
CA GLY E 3013 -47.79 -77.61 -98.82
C GLY E 3013 -49.24 -77.41 -99.17
N VAL E 3014 -50.03 -78.50 -99.19
CA VAL E 3014 -51.47 -78.37 -99.40
C VAL E 3014 -52.14 -77.69 -98.22
N LEU E 3015 -51.75 -78.06 -96.99
CA LEU E 3015 -52.24 -77.39 -95.81
C LEU E 3015 -51.74 -75.95 -95.72
N VAL E 3016 -50.54 -75.68 -96.21
CA VAL E 3016 -50.03 -74.31 -96.27
C VAL E 3016 -50.83 -73.47 -97.26
N ARG E 3017 -51.20 -74.03 -98.41
CA ARG E 3017 -52.02 -73.32 -99.38
C ARG E 3017 -53.47 -73.16 -98.93
N HIS E 3018 -53.98 -74.09 -98.11
CA HIS E 3018 -55.32 -73.92 -97.54
C HIS E 3018 -55.31 -72.88 -96.42
N ARG E 3019 -54.23 -72.85 -95.62
CA ARG E 3019 -54.12 -71.88 -94.53
C ARG E 3019 -53.76 -70.49 -95.01
N ILE E 3020 -52.96 -70.36 -96.08
CA ILE E 3020 -52.67 -69.04 -96.62
C ILE E 3020 -53.87 -68.48 -97.33
N SER E 3021 -54.77 -69.35 -97.82
CA SER E 3021 -56.02 -68.90 -98.40
C SER E 3021 -57.11 -68.69 -97.37
N LEU E 3022 -56.87 -69.07 -96.11
CA LEU E 3022 -57.90 -68.94 -95.08
C LEU E 3022 -58.19 -67.48 -94.78
N PHE E 3023 -57.15 -66.66 -94.64
CA PHE E 3023 -57.36 -65.21 -94.61
C PHE E 3023 -57.31 -64.61 -96.00
N GLY E 3024 -56.83 -65.37 -97.00
CA GLY E 3024 -56.75 -64.86 -98.36
C GLY E 3024 -58.11 -64.69 -99.00
N ASN E 3025 -58.99 -65.68 -98.85
CA ASN E 3025 -60.36 -65.54 -99.33
C ASN E 3025 -61.24 -64.78 -98.33
N ASP E 3026 -60.75 -64.56 -97.11
CA ASP E 3026 -61.46 -63.77 -96.12
C ASP E 3026 -61.38 -62.28 -96.39
N ALA E 3027 -60.54 -61.86 -97.33
CA ALA E 3027 -60.55 -60.50 -97.85
C ALA E 3027 -60.89 -60.43 -99.33
N THR E 3028 -61.44 -61.50 -99.89
CA THR E 3028 -61.83 -61.52 -101.29
C THR E 3028 -63.12 -62.34 -101.50
N LEU E 3034 -67.91 -67.33 -106.63
CA LEU E 3034 -67.81 -68.76 -106.30
C LEU E 3034 -67.16 -69.52 -107.46
N HIS E 3035 -66.80 -68.80 -108.51
CA HIS E 3035 -66.15 -69.39 -109.67
C HIS E 3035 -64.75 -69.91 -109.31
N ILE E 3036 -64.07 -69.21 -108.39
CA ILE E 3036 -62.81 -69.70 -107.87
C ILE E 3036 -63.03 -70.68 -106.72
N LEU E 3037 -64.17 -70.61 -106.03
CA LEU E 3037 -64.44 -71.53 -104.93
C LEU E 3037 -64.98 -72.85 -105.43
N GLY E 3038 -65.63 -72.85 -106.60
CA GLY E 3038 -66.19 -74.07 -107.15
C GLY E 3038 -65.17 -75.10 -107.59
N GLN E 3039 -64.04 -74.66 -108.14
CA GLN E 3039 -62.98 -75.60 -108.50
C GLN E 3039 -62.20 -76.07 -107.28
N THR E 3040 -61.99 -75.17 -106.31
CA THR E 3040 -61.22 -75.53 -105.11
C THR E 3040 -62.03 -76.40 -104.16
N LEU E 3041 -63.37 -76.35 -104.23
CA LEU E 3041 -64.17 -77.23 -103.40
C LEU E 3041 -64.14 -78.67 -103.92
N ASP E 3042 -63.76 -78.87 -105.18
CA ASP E 3042 -63.66 -80.20 -105.75
C ASP E 3042 -62.23 -80.71 -105.84
N ALA E 3043 -61.24 -79.82 -105.87
CA ALA E 3043 -59.84 -80.26 -105.89
C ALA E 3043 -59.47 -80.99 -104.61
N ARG E 3044 -59.91 -80.46 -103.46
CA ARG E 3044 -59.68 -81.13 -102.18
C ARG E 3044 -60.45 -82.44 -102.06
N THR E 3045 -61.61 -82.55 -102.71
CA THR E 3045 -62.30 -83.83 -102.76
C THR E 3045 -61.55 -84.84 -103.62
N VAL E 3046 -60.90 -84.38 -104.68
CA VAL E 3046 -60.04 -85.27 -105.47
C VAL E 3046 -58.83 -85.72 -104.66
N MET E 3047 -58.29 -84.83 -103.83
CA MET E 3047 -57.20 -85.18 -102.92
C MET E 3047 -57.64 -86.19 -101.87
N LYS E 3048 -58.83 -86.00 -101.30
CA LYS E 3048 -59.39 -86.94 -100.35
C LYS E 3048 -59.77 -88.27 -100.99
N THR E 3049 -60.00 -88.28 -102.30
CA THR E 3049 -60.32 -89.51 -103.03
C THR E 3049 -59.09 -90.26 -103.53
N GLY E 3050 -57.94 -89.58 -103.67
CA GLY E 3050 -56.77 -90.22 -104.24
C GLY E 3050 -56.13 -91.31 -103.40
N LEU E 3051 -56.14 -91.16 -102.08
CA LEU E 3051 -55.58 -92.16 -101.17
C LEU E 3051 -56.49 -92.38 -99.98
N GLU E 3052 -57.79 -92.60 -100.26
CA GLU E 3052 -58.82 -92.64 -99.23
C GLU E 3052 -58.82 -93.89 -98.36
N SER E 3053 -57.92 -94.85 -98.62
CA SER E 3053 -57.83 -96.04 -97.80
C SER E 3053 -57.32 -95.76 -96.40
N VAL E 3054 -56.40 -94.81 -96.24
CA VAL E 3054 -55.95 -94.34 -94.94
C VAL E 3054 -56.56 -93.00 -94.58
N LYS E 3055 -57.18 -92.32 -95.54
CA LYS E 3055 -57.89 -91.08 -95.29
C LYS E 3055 -59.37 -91.38 -95.10
N PHE E 3061 -47.52 -88.54 -96.35
CA PHE E 3061 -48.72 -89.26 -95.98
C PHE E 3061 -49.05 -89.05 -94.52
N LEU E 3062 -48.43 -88.04 -93.91
CA LEU E 3062 -48.71 -87.68 -92.53
C LEU E 3062 -49.31 -86.28 -92.42
N ASP E 3063 -48.90 -85.37 -93.31
CA ASP E 3063 -49.43 -84.01 -93.31
C ASP E 3063 -50.67 -83.87 -94.19
N ASN E 3064 -51.03 -84.90 -94.95
CA ASN E 3064 -52.27 -84.91 -95.71
C ASN E 3064 -53.43 -85.53 -94.95
N ALA E 3065 -53.19 -86.02 -93.73
CA ALA E 3065 -54.22 -86.70 -92.96
C ALA E 3065 -54.69 -85.91 -91.75
N ALA E 3066 -53.77 -85.34 -90.97
CA ALA E 3066 -54.12 -84.58 -89.79
C ALA E 3066 -54.49 -83.14 -90.11
N GLU E 3067 -54.38 -82.73 -91.38
CA GLU E 3067 -54.75 -81.40 -91.83
C GLU E 3067 -56.19 -81.33 -92.32
N ASP E 3068 -57.02 -82.32 -91.96
CA ASP E 3068 -58.40 -82.36 -92.44
C ASP E 3068 -59.25 -81.31 -91.74
N LEU E 3069 -59.01 -81.09 -90.45
CA LEU E 3069 -59.69 -80.03 -89.72
C LEU E 3069 -59.23 -78.65 -90.15
N GLU E 3070 -58.05 -78.53 -90.75
CA GLU E 3070 -57.64 -77.31 -91.40
C GLU E 3070 -58.30 -77.12 -92.76
N LYS E 3071 -58.46 -78.21 -93.52
CA LYS E 3071 -59.11 -78.14 -94.83
C LYS E 3071 -60.59 -77.80 -94.72
N THR E 3072 -61.29 -78.38 -93.74
CA THR E 3072 -62.71 -78.07 -93.56
C THR E 3072 -62.95 -76.68 -93.02
N MET E 3073 -62.12 -76.21 -92.09
CA MET E 3073 -62.26 -74.85 -91.60
C MET E 3073 -61.93 -73.83 -92.68
N GLU E 3074 -60.92 -74.11 -93.52
CA GLU E 3074 -60.65 -73.23 -94.63
C GLU E 3074 -61.75 -73.30 -95.70
N ASN E 3075 -62.40 -74.46 -95.84
CA ASN E 3075 -63.57 -74.56 -96.70
C ASN E 3075 -64.77 -73.80 -96.16
N LEU E 3076 -64.91 -73.72 -94.84
CA LEU E 3076 -65.97 -72.90 -94.25
C LEU E 3076 -65.66 -71.41 -94.40
N LYS E 3077 -64.38 -71.04 -94.24
CA LYS E 3077 -63.97 -69.66 -94.42
C LYS E 3077 -64.07 -69.21 -95.88
N GLN E 3078 -63.87 -70.14 -96.82
CA GLN E 3078 -64.15 -69.85 -98.22
C GLN E 3078 -65.63 -69.96 -98.55
N GLY E 3079 -66.41 -70.64 -97.71
CA GLY E 3079 -67.83 -70.76 -97.94
C GLY E 3079 -68.65 -69.60 -97.42
N GLN E 3080 -68.29 -69.06 -96.26
CA GLN E 3080 -69.00 -67.93 -95.68
C GLN E 3080 -68.52 -66.59 -96.22
N PHE E 3081 -67.37 -66.55 -96.89
CA PHE E 3081 -66.85 -65.34 -97.51
C PHE E 3081 -66.90 -65.43 -99.04
N THR E 3082 -67.79 -66.26 -99.56
CA THR E 3082 -67.95 -66.40 -101.00
C THR E 3082 -68.99 -65.43 -101.54
N THR E 3098 -75.01 -73.43 -109.85
CA THR E 3098 -76.31 -73.91 -110.35
C THR E 3098 -76.10 -75.01 -111.38
N THR E 3099 -74.93 -74.98 -112.02
CA THR E 3099 -74.52 -76.04 -112.94
C THR E 3099 -73.27 -76.76 -112.50
N VAL E 3100 -72.26 -76.04 -112.00
CA VAL E 3100 -71.05 -76.66 -111.46
C VAL E 3100 -71.09 -76.80 -109.95
N ALA E 3101 -72.27 -76.67 -109.33
CA ALA E 3101 -72.34 -76.57 -107.89
C ALA E 3101 -73.35 -77.50 -107.22
N LEU E 3102 -74.12 -78.28 -107.99
CA LEU E 3102 -75.17 -79.08 -107.35
C LEU E 3102 -74.62 -80.40 -106.80
N LEU E 3103 -74.16 -81.28 -107.69
CA LEU E 3103 -73.72 -82.62 -107.32
C LEU E 3103 -72.34 -82.58 -106.67
N PRO E 3104 -71.46 -81.68 -107.10
CA PRO E 3104 -70.10 -81.64 -106.56
C PRO E 3104 -70.00 -81.13 -105.14
N MET E 3105 -71.04 -80.46 -104.62
CA MET E 3105 -70.97 -79.84 -103.30
C MET E 3105 -71.09 -80.85 -102.17
N LEU E 3106 -71.55 -82.07 -102.44
CA LEU E 3106 -71.70 -83.09 -101.42
C LEU E 3106 -70.55 -84.09 -101.39
N SER E 3107 -69.74 -84.15 -102.46
CA SER E 3107 -68.71 -85.18 -102.57
C SER E 3107 -67.53 -84.90 -101.66
N SER E 3108 -67.25 -83.64 -101.36
CA SER E 3108 -66.16 -83.31 -100.44
C SER E 3108 -66.54 -83.66 -99.00
N LEU E 3109 -67.78 -83.35 -98.60
CA LEU E 3109 -68.25 -83.71 -97.27
C LEU E 3109 -68.40 -85.21 -97.13
N PHE E 3110 -68.76 -85.91 -98.21
CA PHE E 3110 -68.82 -87.37 -98.16
C PHE E 3110 -67.44 -88.00 -98.10
N GLU E 3111 -66.46 -87.42 -98.83
CA GLU E 3111 -65.09 -87.92 -98.74
C GLU E 3111 -64.49 -87.67 -97.36
N HIS E 3112 -64.92 -86.61 -96.69
CA HIS E 3112 -64.63 -86.49 -95.27
C HIS E 3112 -65.33 -87.59 -94.47
N ILE E 3113 -66.65 -87.72 -94.62
CA ILE E 3113 -67.48 -88.57 -93.76
C ILE E 3113 -67.24 -90.05 -93.93
N GLY E 3114 -66.50 -90.47 -94.96
CA GLY E 3114 -66.19 -91.87 -95.17
C GLY E 3114 -65.41 -92.57 -94.08
N GLN E 3115 -64.69 -91.85 -93.23
CA GLN E 3115 -63.95 -92.42 -92.12
C GLN E 3115 -64.16 -91.62 -90.84
N HIS E 3116 -65.42 -91.31 -90.53
CA HIS E 3116 -65.77 -90.58 -89.31
C HIS E 3116 -65.89 -91.49 -88.09
N GLN E 3117 -66.02 -92.80 -88.28
CA GLN E 3117 -66.10 -93.77 -87.19
C GLN E 3117 -65.23 -94.98 -87.49
N PHE E 3118 -64.01 -94.74 -87.96
CA PHE E 3118 -63.09 -95.82 -88.32
C PHE E 3118 -61.74 -95.65 -87.63
N LEU E 3124 -60.23 -90.67 -85.86
CA LEU E 3124 -61.39 -91.14 -86.60
C LEU E 3124 -62.49 -90.09 -86.62
N GLU E 3125 -62.82 -89.53 -85.45
CA GLU E 3125 -63.91 -88.57 -85.37
C GLU E 3125 -63.52 -87.19 -85.87
N ASP E 3126 -62.25 -86.97 -86.20
CA ASP E 3126 -61.82 -85.72 -86.82
C ASP E 3126 -62.47 -85.50 -88.18
N VAL E 3127 -62.78 -86.58 -88.90
CA VAL E 3127 -63.58 -86.48 -90.11
C VAL E 3127 -64.99 -86.01 -89.79
N GLN E 3128 -65.55 -86.43 -88.65
CA GLN E 3128 -66.87 -85.95 -88.25
C GLN E 3128 -66.85 -84.49 -87.83
N VAL E 3129 -65.77 -84.04 -87.17
CA VAL E 3129 -65.64 -82.62 -86.86
C VAL E 3129 -65.46 -81.80 -88.14
N SER E 3130 -64.79 -82.36 -89.14
CA SER E 3130 -64.70 -81.73 -90.45
C SER E 3130 -66.06 -81.61 -91.12
N CYS E 3131 -66.87 -82.69 -91.07
CA CYS E 3131 -68.20 -82.65 -91.66
C CYS E 3131 -69.13 -81.68 -90.92
N TYR E 3132 -69.02 -81.60 -89.59
CA TYR E 3132 -69.82 -80.66 -88.82
C TYR E 3132 -69.44 -79.22 -89.13
N ARG E 3133 -68.14 -78.92 -89.21
CA ARG E 3133 -67.71 -77.56 -89.51
C ARG E 3133 -67.95 -77.18 -90.97
N ILE E 3134 -68.09 -78.15 -91.87
CA ILE E 3134 -68.45 -77.83 -93.25
C ILE E 3134 -69.97 -77.76 -93.44
N LEU E 3135 -70.76 -78.38 -92.56
CA LEU E 3135 -72.21 -78.38 -92.73
C LEU E 3135 -72.83 -77.05 -92.30
N THR E 3136 -72.29 -76.42 -91.25
CA THR E 3136 -72.78 -75.12 -90.79
C THR E 3136 -72.43 -74.00 -91.76
N SER E 3137 -71.36 -74.16 -92.54
CA SER E 3137 -71.03 -73.19 -93.59
C SER E 3137 -72.09 -73.19 -94.68
N LEU E 3138 -72.70 -74.34 -94.97
CA LEU E 3138 -73.83 -74.40 -95.88
C LEU E 3138 -75.05 -73.64 -95.38
N TYR E 3139 -75.36 -73.73 -94.08
CA TYR E 3139 -76.47 -72.98 -93.51
C TYR E 3139 -76.18 -71.48 -93.48
N ALA E 3140 -74.91 -71.11 -93.22
CA ALA E 3140 -74.54 -69.70 -93.23
C ALA E 3140 -74.53 -69.14 -94.65
N LEU E 3141 -74.13 -69.94 -95.64
CA LEU E 3141 -74.17 -69.49 -97.03
C LEU E 3141 -75.60 -69.40 -97.55
N GLY E 3142 -76.47 -70.33 -97.17
CA GLY E 3142 -77.87 -70.22 -97.49
C GLY E 3142 -78.57 -69.10 -96.75
N THR E 3143 -78.02 -68.68 -95.60
CA THR E 3143 -78.55 -67.50 -94.92
C THR E 3143 -78.25 -66.23 -95.70
N SER E 3144 -77.08 -66.15 -96.32
CA SER E 3144 -76.69 -64.98 -97.09
C SER E 3144 -75.68 -65.34 -98.18
N VAL E 3149 -80.28 -81.18 -102.23
CA VAL E 3149 -80.34 -82.23 -101.22
C VAL E 3149 -81.12 -83.42 -101.74
N GLU E 3150 -80.54 -84.10 -102.73
CA GLU E 3150 -81.19 -85.29 -103.28
C GLU E 3150 -80.62 -86.57 -102.67
N ARG E 3151 -79.30 -86.78 -102.80
CA ARG E 3151 -78.66 -87.97 -102.26
C ARG E 3151 -77.92 -87.73 -100.95
N GLN E 3152 -77.89 -86.49 -100.46
CA GLN E 3152 -77.02 -86.17 -99.32
C GLN E 3152 -77.67 -86.45 -97.98
N ARG E 3153 -79.00 -86.29 -97.87
CA ARG E 3153 -79.68 -86.30 -96.58
C ARG E 3153 -79.82 -87.68 -95.98
N SER E 3154 -80.25 -88.66 -96.77
CA SER E 3154 -80.49 -90.02 -96.26
C SER E 3154 -79.20 -90.73 -95.86
N ALA E 3155 -78.09 -90.45 -96.55
CA ALA E 3155 -76.81 -91.06 -96.18
C ALA E 3155 -76.34 -90.56 -94.82
N LEU E 3156 -76.50 -89.26 -94.55
CA LEU E 3156 -76.17 -88.73 -93.24
C LEU E 3156 -77.12 -89.21 -92.15
N GLY E 3157 -78.41 -89.34 -92.47
CA GLY E 3157 -79.35 -89.89 -91.50
C GLY E 3157 -79.06 -91.35 -91.15
N GLU E 3158 -78.68 -92.14 -92.14
CA GLU E 3158 -78.30 -93.53 -91.90
C GLU E 3158 -76.98 -93.65 -91.14
N CYS E 3159 -75.99 -92.81 -91.48
CA CYS E 3159 -74.71 -92.84 -90.80
C CYS E 3159 -74.80 -92.29 -89.38
N LEU E 3160 -75.85 -91.50 -89.09
CA LEU E 3160 -76.09 -91.09 -87.70
C LEU E 3160 -76.91 -92.14 -86.95
N ALA E 3161 -77.79 -92.86 -87.65
CA ALA E 3161 -78.63 -93.85 -86.98
C ALA E 3161 -77.89 -95.13 -86.64
N ALA E 3162 -77.00 -95.60 -87.53
CA ALA E 3162 -76.31 -96.86 -87.28
C ALA E 3162 -75.16 -96.74 -86.30
N PHE E 3163 -74.75 -95.52 -85.96
CA PHE E 3163 -73.61 -95.30 -85.07
C PHE E 3163 -73.87 -94.14 -84.10
N ALA E 3164 -75.09 -94.05 -83.57
CA ALA E 3164 -75.37 -93.03 -82.57
C ALA E 3164 -74.76 -93.38 -81.22
N GLY E 3165 -74.38 -94.64 -81.02
CA GLY E 3165 -73.74 -95.09 -79.81
C GLY E 3165 -72.48 -95.87 -80.10
N ALA E 3166 -71.73 -95.43 -81.12
CA ALA E 3166 -70.55 -96.14 -81.62
C ALA E 3166 -69.41 -96.24 -80.62
N ALA E 3170 -67.25 -92.44 -77.98
CA ALA E 3170 -68.41 -91.55 -77.91
C ALA E 3170 -68.60 -90.82 -79.23
N PHE E 3171 -69.62 -91.22 -79.99
CA PHE E 3171 -69.90 -90.65 -81.30
C PHE E 3171 -71.05 -89.64 -81.28
N LEU E 3172 -71.18 -88.85 -80.22
CA LEU E 3172 -72.13 -87.74 -80.24
C LEU E 3172 -71.64 -86.59 -81.12
N GLU E 3173 -70.33 -86.53 -81.36
CA GLU E 3173 -69.79 -85.58 -82.32
C GLU E 3173 -70.24 -85.87 -83.73
N THR E 3174 -70.11 -87.12 -84.17
CA THR E 3174 -70.67 -87.55 -85.46
C THR E 3174 -72.19 -87.46 -85.49
N HIS E 3175 -72.85 -87.62 -84.34
CA HIS E 3175 -74.29 -87.42 -84.25
C HIS E 3175 -74.70 -85.98 -84.54
N LEU E 3176 -74.04 -85.00 -83.91
CA LEU E 3176 -74.31 -83.60 -84.22
C LEU E 3176 -73.81 -83.20 -85.59
N ASP E 3177 -72.85 -83.93 -86.15
CA ASP E 3177 -72.34 -83.66 -87.48
C ASP E 3177 -73.28 -84.15 -88.57
N LYS E 3178 -73.92 -85.29 -88.36
CA LYS E 3178 -74.79 -85.89 -89.37
C LYS E 3178 -76.26 -85.59 -89.17
N HIS E 3179 -76.66 -85.08 -87.99
CA HIS E 3179 -78.01 -84.58 -87.80
C HIS E 3179 -78.22 -83.20 -88.39
N ASN E 3180 -77.15 -82.40 -88.50
CA ASN E 3180 -77.16 -81.11 -89.19
C ASN E 3180 -76.87 -81.23 -90.67
N ILE E 3181 -77.04 -82.41 -91.26
CA ILE E 3181 -76.90 -82.61 -92.69
C ILE E 3181 -78.20 -83.18 -93.25
N TYR E 3182 -79.21 -83.32 -92.38
CA TYR E 3182 -80.53 -83.79 -92.75
C TYR E 3182 -81.60 -82.72 -92.59
N SER E 3183 -81.28 -81.46 -92.88
CA SER E 3183 -82.24 -80.37 -92.75
C SER E 3183 -82.30 -79.54 -94.03
N PRO E 3608 -27.15 -82.79 -56.71
CA PRO E 3608 -26.08 -83.76 -56.52
C PRO E 3608 -25.42 -83.59 -55.16
N LEU E 3609 -25.19 -84.69 -54.44
CA LEU E 3609 -24.54 -84.64 -53.14
C LEU E 3609 -23.53 -85.78 -53.03
N TYR E 3610 -22.31 -85.50 -53.49
CA TYR E 3610 -21.07 -86.31 -53.37
C TYR E 3610 -21.27 -87.82 -53.57
N ASN E 3611 -22.16 -88.17 -54.48
CA ASN E 3611 -22.19 -89.54 -54.96
C ASN E 3611 -21.41 -89.64 -56.28
N LEU E 3612 -21.35 -88.53 -57.01
CA LEU E 3612 -20.70 -88.56 -58.32
C LEU E 3612 -19.17 -88.53 -58.21
N PRO E 3613 -18.51 -87.63 -57.43
CA PRO E 3613 -17.04 -87.79 -57.30
C PRO E 3613 -16.64 -88.61 -56.09
N ARG E 3614 -15.47 -89.24 -56.15
CA ARG E 3614 -15.08 -90.16 -55.08
C ARG E 3614 -14.05 -89.56 -54.15
N HIS E 3615 -12.92 -89.10 -54.68
CA HIS E 3615 -11.88 -88.57 -53.82
C HIS E 3615 -12.27 -87.22 -53.24
N ARG E 3616 -13.13 -86.48 -53.94
CA ARG E 3616 -13.58 -85.21 -53.41
C ARG E 3616 -14.53 -85.39 -52.25
N ALA E 3617 -15.22 -86.52 -52.20
CA ALA E 3617 -16.09 -86.81 -51.06
C ALA E 3617 -15.27 -86.97 -49.78
N VAL E 3618 -14.25 -87.82 -49.82
CA VAL E 3618 -13.46 -88.07 -48.63
C VAL E 3618 -12.61 -86.84 -48.30
N ASN E 3619 -12.22 -86.07 -49.31
CA ASN E 3619 -11.53 -84.80 -49.09
C ASN E 3619 -12.42 -83.81 -48.34
N LEU E 3620 -13.67 -83.65 -48.77
CA LEU E 3620 -14.56 -82.71 -48.11
C LEU E 3620 -14.99 -83.23 -46.75
N PHE E 3621 -14.99 -84.55 -46.57
CA PHE E 3621 -15.25 -85.10 -45.24
C PHE E 3621 -14.13 -84.75 -44.29
N LEU E 3622 -12.89 -84.77 -44.77
CA LEU E 3622 -11.76 -84.35 -43.95
C LEU E 3622 -11.89 -82.89 -43.56
N GLN E 3623 -12.28 -82.06 -44.54
CA GLN E 3623 -12.44 -80.63 -44.25
C GLN E 3623 -13.63 -80.35 -43.36
N GLY E 3624 -14.60 -81.25 -43.28
CA GLY E 3624 -15.66 -81.08 -42.32
C GLY E 3624 -15.26 -81.58 -40.95
N TYR E 3625 -14.56 -82.71 -40.93
CA TYR E 3625 -14.19 -83.37 -39.68
C TYR E 3625 -13.22 -82.53 -38.89
N GLU E 3626 -12.37 -81.77 -39.56
CA GLU E 3626 -11.52 -80.86 -38.82
C GLU E 3626 -12.32 -79.71 -38.20
N LYS E 3627 -13.39 -79.28 -38.86
CA LYS E 3627 -14.12 -78.10 -38.38
C LYS E 3627 -15.07 -78.42 -37.25
N SER E 3628 -15.74 -79.57 -37.28
CA SER E 3628 -16.77 -79.79 -36.28
C SER E 3628 -16.25 -80.63 -35.12
N TRP E 3629 -15.63 -81.75 -35.44
CA TRP E 3629 -15.46 -82.83 -34.50
C TRP E 3629 -14.21 -82.70 -33.65
N ILE E 3630 -13.17 -82.03 -34.14
CA ILE E 3630 -11.86 -82.03 -33.52
C ILE E 3630 -11.80 -81.11 -32.31
N GLU E 3631 -12.46 -79.96 -32.40
CA GLU E 3631 -12.42 -78.99 -31.31
C GLU E 3631 -13.21 -79.49 -30.11
N THR E 3632 -12.50 -80.17 -29.21
CA THR E 3632 -13.05 -80.79 -28.01
C THR E 3632 -12.41 -80.15 -26.79
N GLU E 3633 -12.67 -80.75 -25.64
CA GLU E 3633 -12.25 -80.20 -24.36
C GLU E 3633 -11.71 -81.31 -23.44
N GLU E 3634 -10.74 -82.07 -23.93
CA GLU E 3634 -9.89 -82.82 -23.03
C GLU E 3634 -8.93 -81.91 -22.27
N HIS E 3635 -8.75 -80.69 -22.76
CA HIS E 3635 -7.72 -79.78 -22.31
C HIS E 3635 -8.07 -79.21 -20.94
N TYR E 3636 -7.87 -80.00 -19.90
CA TYR E 3636 -7.93 -79.49 -18.54
C TYR E 3636 -6.65 -79.76 -17.79
N PHE E 3637 -5.57 -80.02 -18.52
CA PHE E 3637 -4.22 -80.20 -18.03
C PHE E 3637 -3.58 -78.91 -17.55
N GLU E 3638 -4.25 -77.77 -17.72
CA GLU E 3638 -3.56 -76.48 -17.67
C GLU E 3638 -3.17 -76.05 -16.27
N ASP E 3639 -3.55 -76.78 -15.23
CA ASP E 3639 -2.92 -76.54 -13.94
C ASP E 3639 -2.06 -77.71 -13.49
N LYS E 3640 -2.38 -78.92 -13.96
CA LYS E 3640 -1.52 -80.08 -13.75
C LYS E 3640 -0.12 -79.82 -14.28
N LEU E 3641 -0.02 -79.23 -15.47
CA LEU E 3641 1.28 -78.98 -16.07
C LEU E 3641 2.03 -77.88 -15.33
N ILE E 3642 1.35 -76.79 -14.98
CA ILE E 3642 2.07 -75.71 -14.31
C ILE E 3642 2.43 -76.09 -12.90
N GLU E 3643 1.68 -76.97 -12.27
CA GLU E 3643 2.13 -77.44 -10.96
C GLU E 3643 3.29 -78.39 -11.09
N ASP E 3644 3.30 -79.22 -12.15
CA ASP E 3644 4.44 -80.10 -12.41
C ASP E 3644 5.72 -79.33 -12.68
N LEU E 3645 5.63 -78.19 -13.36
CA LEU E 3645 6.84 -77.46 -13.67
C LEU E 3645 7.40 -76.75 -12.45
N ALA E 3646 6.60 -76.44 -11.45
CA ALA E 3646 7.18 -75.78 -10.28
C ALA E 3646 7.52 -76.78 -9.18
N LYS E 3647 8.26 -77.84 -9.53
CA LYS E 3647 8.59 -78.91 -8.59
C LYS E 3647 10.10 -79.04 -8.47
N PRO E 3648 10.72 -78.42 -7.48
CA PRO E 3648 12.17 -78.48 -7.30
C PRO E 3648 12.66 -79.87 -6.91
N ARG E 3661 19.51 -74.39 -6.98
CA ARG E 3661 19.07 -74.69 -8.34
C ARG E 3661 18.05 -73.68 -8.83
N VAL E 3662 17.37 -74.03 -9.92
CA VAL E 3662 16.38 -73.18 -10.55
C VAL E 3662 15.23 -74.06 -11.00
N ASP E 3663 14.00 -73.63 -10.72
CA ASP E 3663 12.79 -74.37 -11.05
C ASP E 3663 12.68 -74.58 -12.56
N PRO E 3664 12.04 -75.67 -12.99
CA PRO E 3664 11.78 -75.84 -14.42
C PRO E 3664 10.94 -74.74 -15.02
N LEU E 3665 9.95 -74.26 -14.29
CA LEU E 3665 9.22 -73.10 -14.75
C LEU E 3665 10.09 -71.85 -14.72
N HIS E 3666 11.05 -71.78 -13.80
CA HIS E 3666 11.75 -70.52 -13.59
C HIS E 3666 12.66 -70.16 -14.73
N GLN E 3667 13.24 -71.14 -15.40
CA GLN E 3667 14.10 -70.83 -16.54
C GLN E 3667 13.31 -70.75 -17.82
N LEU E 3668 12.05 -71.17 -17.81
CA LEU E 3668 11.20 -70.95 -18.97
C LEU E 3668 10.87 -69.47 -19.10
N ILE E 3669 10.71 -68.77 -17.99
CA ILE E 3669 10.51 -67.34 -18.06
C ILE E 3669 11.84 -66.64 -18.25
N LEU E 3670 12.93 -67.27 -17.83
CA LEU E 3670 14.24 -66.72 -18.12
C LEU E 3670 14.60 -66.88 -19.59
N LEU E 3671 13.90 -67.74 -20.32
CA LEU E 3671 14.09 -67.74 -21.77
C LEU E 3671 13.35 -66.58 -22.42
N PHE E 3672 12.10 -66.36 -22.03
CA PHE E 3672 11.30 -65.33 -22.66
C PHE E 3672 11.74 -63.93 -22.29
N SER E 3673 12.33 -63.75 -21.12
CA SER E 3673 12.78 -62.43 -20.73
C SER E 3673 14.06 -62.05 -21.46
N ARG E 3674 14.84 -63.04 -21.86
CA ARG E 3674 16.01 -62.76 -22.68
C ARG E 3674 15.61 -62.44 -24.11
N THR E 3675 14.73 -63.27 -24.67
CA THR E 3675 14.33 -63.12 -26.06
C THR E 3675 13.56 -61.82 -26.29
N ALA E 3676 12.85 -61.33 -25.29
CA ALA E 3676 12.24 -60.03 -25.42
C ALA E 3676 13.24 -58.89 -25.31
N LEU E 3677 14.45 -59.16 -24.87
CA LEU E 3677 15.40 -58.09 -24.60
C LEU E 3677 16.41 -57.87 -25.71
N THR E 3678 16.73 -58.88 -26.51
CA THR E 3678 17.64 -58.68 -27.62
C THR E 3678 16.92 -57.90 -28.71
N GLU E 3679 17.39 -56.69 -28.99
CA GLU E 3679 16.67 -55.79 -29.87
C GLU E 3679 16.74 -56.27 -31.32
N LYS E 3680 15.58 -56.44 -31.94
CA LYS E 3680 15.49 -56.92 -33.31
C LYS E 3680 14.56 -56.05 -34.13
N CYS E 3681 14.23 -54.86 -33.63
CA CYS E 3681 13.44 -53.76 -34.21
C CYS E 3681 12.00 -54.11 -34.55
N LYS E 3682 11.59 -55.37 -34.40
CA LYS E 3682 10.21 -55.79 -34.53
C LYS E 3682 10.10 -57.15 -33.85
N LEU E 3683 8.88 -57.70 -33.79
CA LEU E 3683 8.65 -58.96 -33.14
C LEU E 3683 8.07 -59.95 -34.12
N GLU E 3684 8.41 -61.22 -33.93
CA GLU E 3684 8.01 -62.31 -34.79
C GLU E 3684 6.77 -62.99 -34.22
N GLU E 3685 6.41 -64.13 -34.79
CA GLU E 3685 5.31 -64.90 -34.22
C GLU E 3685 5.75 -65.73 -33.02
N ASP E 3686 6.74 -66.61 -33.21
CA ASP E 3686 7.38 -67.39 -32.15
C ASP E 3686 6.35 -68.27 -31.43
N PHE E 3687 5.85 -69.25 -32.16
CA PHE E 3687 4.69 -70.01 -31.68
C PHE E 3687 5.00 -70.95 -30.52
N LEU E 3688 6.18 -70.89 -29.91
CA LEU E 3688 6.30 -71.37 -28.55
C LEU E 3688 5.55 -70.45 -27.60
N TYR E 3689 5.72 -69.13 -27.79
CA TYR E 3689 5.19 -68.14 -26.86
C TYR E 3689 3.68 -68.17 -26.78
N MET E 3690 3.01 -68.38 -27.91
CA MET E 3690 1.57 -68.47 -27.90
C MET E 3690 1.06 -69.83 -27.45
N ALA E 3691 1.91 -70.68 -26.88
CA ALA E 3691 1.44 -71.84 -26.18
C ALA E 3691 1.93 -71.90 -24.75
N TYR E 3692 2.77 -70.97 -24.33
CA TYR E 3692 3.15 -70.89 -22.94
C TYR E 3692 2.87 -69.53 -22.33
N ALA E 3693 2.36 -68.58 -23.10
CA ALA E 3693 1.68 -67.45 -22.52
C ALA E 3693 0.19 -67.59 -22.68
N ASP E 3694 -0.27 -68.80 -22.94
CA ASP E 3694 -1.67 -69.14 -22.90
C ASP E 3694 -1.93 -70.30 -21.95
N ILE E 3695 -1.06 -71.31 -21.92
CA ILE E 3695 -1.18 -72.35 -20.91
C ILE E 3695 -0.90 -71.77 -19.53
N MET E 3696 -0.06 -70.75 -19.44
CA MET E 3696 0.07 -70.01 -18.20
C MET E 3696 -1.20 -69.29 -17.79
N ALA E 3697 -1.92 -68.66 -18.71
CA ALA E 3697 -3.11 -67.93 -18.33
C ALA E 3697 -4.38 -68.75 -18.39
N LYS E 3698 -4.28 -70.06 -18.56
CA LYS E 3698 -5.42 -70.93 -18.31
C LYS E 3698 -5.35 -71.51 -16.92
N SER E 3699 -4.40 -71.08 -16.10
CA SER E 3699 -4.26 -71.53 -14.74
C SER E 3699 -4.57 -70.45 -13.73
N CYS E 3700 -5.57 -69.62 -13.99
CA CYS E 3700 -5.96 -68.57 -13.06
C CYS E 3700 -7.46 -68.34 -13.09
N SER E 3714 -21.64 -69.03 1.87
CA SER E 3714 -21.05 -68.28 0.77
C SER E 3714 -20.27 -67.09 1.28
N PHE E 3715 -19.64 -67.27 2.42
CA PHE E 3715 -18.54 -66.41 2.81
C PHE E 3715 -17.27 -67.19 3.07
N GLU E 3716 -17.40 -68.44 3.48
CA GLU E 3716 -16.24 -69.32 3.50
C GLU E 3716 -15.74 -69.58 2.09
N GLU E 3717 -16.65 -69.87 1.16
CA GLU E 3717 -16.21 -70.19 -0.19
C GLU E 3717 -16.03 -68.94 -1.03
N LYS E 3718 -16.44 -67.77 -0.55
CA LYS E 3718 -16.06 -66.54 -1.21
C LYS E 3718 -14.79 -65.94 -0.64
N GLU E 3719 -14.08 -66.69 0.19
CA GLU E 3719 -12.75 -66.34 0.63
C GLU E 3719 -11.80 -67.51 0.62
N MET E 3720 -12.30 -68.72 0.44
CA MET E 3720 -11.41 -69.81 0.18
C MET E 3720 -10.87 -69.73 -1.24
N GLU E 3721 -11.70 -69.31 -2.19
CA GLU E 3721 -11.23 -69.21 -3.55
C GLU E 3721 -10.41 -67.95 -3.78
N LYS E 3722 -10.61 -66.92 -2.97
CA LYS E 3722 -9.78 -65.74 -3.09
C LYS E 3722 -8.35 -66.04 -2.69
N GLN E 3723 -8.16 -66.90 -1.69
CA GLN E 3723 -6.82 -67.33 -1.39
C GLN E 3723 -6.33 -68.36 -2.38
N LYS E 3724 -7.23 -69.07 -3.05
CA LYS E 3724 -6.77 -69.96 -4.10
C LYS E 3724 -6.32 -69.18 -5.33
N LEU E 3725 -6.93 -68.04 -5.60
CA LEU E 3725 -6.51 -67.27 -6.74
C LEU E 3725 -5.21 -66.53 -6.46
N LEU E 3726 -5.06 -65.99 -5.25
CA LEU E 3726 -3.82 -65.33 -4.89
C LEU E 3726 -2.67 -66.28 -4.72
N TYR E 3727 -2.93 -67.58 -4.65
CA TYR E 3727 -1.85 -68.54 -4.71
C TYR E 3727 -1.52 -68.90 -6.14
N GLN E 3728 -2.50 -68.86 -7.04
CA GLN E 3728 -2.21 -69.17 -8.43
C GLN E 3728 -1.65 -67.98 -9.19
N GLN E 3729 -1.37 -66.88 -8.52
CA GLN E 3729 -0.56 -65.84 -9.12
C GLN E 3729 0.74 -65.62 -8.38
N ALA E 3730 0.89 -66.18 -7.19
CA ALA E 3730 2.21 -66.25 -6.59
C ALA E 3730 3.01 -67.39 -7.16
N ARG E 3731 2.37 -68.30 -7.86
CA ARG E 3731 3.08 -69.32 -8.59
C ARG E 3731 3.83 -68.72 -9.77
N LEU E 3732 3.33 -67.61 -10.32
CA LEU E 3732 3.97 -67.00 -11.46
C LEU E 3732 4.72 -65.73 -11.10
N HIS E 3733 4.13 -64.84 -10.31
CA HIS E 3733 4.81 -63.56 -10.13
C HIS E 3733 5.96 -63.62 -9.14
N ASP E 3734 6.25 -64.78 -8.57
CA ASP E 3734 7.55 -65.02 -7.95
C ASP E 3734 8.63 -65.20 -8.99
N ARG E 3735 8.29 -65.73 -10.15
CA ARG E 3735 9.24 -66.25 -11.11
C ARG E 3735 9.49 -65.25 -12.20
N GLY E 3736 9.42 -63.96 -11.86
CA GLY E 3736 9.67 -62.92 -12.82
C GLY E 3736 8.63 -62.79 -13.91
N ALA E 3737 7.49 -63.46 -13.80
CA ALA E 3737 6.48 -63.42 -14.86
C ALA E 3737 5.72 -62.11 -14.92
N ALA E 3738 6.03 -61.16 -14.05
CA ALA E 3738 5.59 -59.79 -14.23
C ALA E 3738 6.56 -59.01 -15.07
N GLU E 3739 7.55 -59.65 -15.67
CA GLU E 3739 8.45 -58.97 -16.57
C GLU E 3739 8.28 -59.38 -18.01
N MET E 3740 8.07 -60.67 -18.27
CA MET E 3740 7.82 -61.10 -19.63
C MET E 3740 6.45 -60.68 -20.14
N VAL E 3741 5.61 -60.12 -19.28
CA VAL E 3741 4.43 -59.40 -19.75
C VAL E 3741 4.75 -57.93 -19.95
N LEU E 3742 5.61 -57.38 -19.11
CA LEU E 3742 5.91 -55.98 -19.22
C LEU E 3742 7.07 -55.71 -20.17
N GLN E 3743 7.79 -56.73 -20.60
CA GLN E 3743 8.80 -56.47 -21.60
C GLN E 3743 8.29 -56.68 -23.02
N THR E 3744 7.55 -57.76 -23.28
CA THR E 3744 7.10 -58.03 -24.65
C THR E 3744 6.02 -57.09 -25.13
N ILE E 3745 5.57 -56.16 -24.30
CA ILE E 3745 4.83 -55.04 -24.81
C ILE E 3745 5.79 -53.93 -25.19
N SER E 3746 6.88 -53.78 -24.46
CA SER E 3746 7.78 -52.67 -24.72
C SER E 3746 8.70 -52.96 -25.89
N ALA E 3747 8.76 -54.20 -26.35
CA ALA E 3747 9.63 -54.50 -27.47
C ALA E 3747 8.94 -54.30 -28.80
N SER E 3748 7.80 -54.95 -29.01
CA SER E 3748 7.02 -54.67 -30.21
C SER E 3748 6.30 -53.35 -30.01
N LYS E 3749 6.59 -52.37 -30.86
CA LYS E 3749 6.18 -51.01 -30.59
C LYS E 3749 4.69 -50.82 -30.80
N GLY E 3750 4.22 -50.98 -32.02
CA GLY E 3750 2.83 -50.66 -32.28
C GLY E 3750 2.14 -51.77 -33.00
N GLU E 3751 2.85 -52.88 -33.15
CA GLU E 3751 2.35 -53.98 -33.96
C GLU E 3751 1.26 -54.70 -33.18
N THR E 3752 0.13 -54.91 -33.83
CA THR E 3752 -1.02 -55.51 -33.18
C THR E 3752 -1.12 -56.98 -33.48
N GLY E 3753 0.00 -57.68 -33.56
CA GLY E 3753 0.00 -59.05 -33.95
C GLY E 3753 -0.55 -59.95 -32.86
N PRO E 3754 -0.66 -61.24 -33.18
CA PRO E 3754 -1.03 -62.20 -32.14
C PRO E 3754 0.10 -62.56 -31.21
N MET E 3755 1.25 -61.91 -31.32
CA MET E 3755 2.23 -61.99 -30.25
C MET E 3755 1.79 -61.18 -29.05
N VAL E 3756 1.42 -59.91 -29.27
CA VAL E 3756 0.88 -59.07 -28.21
C VAL E 3756 -0.46 -59.56 -27.73
N ALA E 3757 -1.32 -60.03 -28.62
CA ALA E 3757 -2.65 -60.45 -28.21
C ALA E 3757 -2.68 -61.78 -27.46
N ALA E 3758 -1.54 -62.33 -27.06
CA ALA E 3758 -1.52 -63.41 -26.09
C ALA E 3758 -0.64 -63.11 -24.89
N THR E 3759 -0.15 -61.89 -24.75
CA THR E 3759 0.38 -61.47 -23.46
C THR E 3759 -0.66 -60.71 -22.67
N LEU E 3760 -1.55 -60.00 -23.36
CA LEU E 3760 -2.60 -59.32 -22.65
C LEU E 3760 -3.57 -60.30 -22.01
N LYS E 3761 -3.76 -61.47 -22.59
CA LYS E 3761 -4.47 -62.51 -21.86
C LYS E 3761 -3.67 -63.06 -20.70
N LEU E 3762 -2.35 -62.89 -20.70
CA LEU E 3762 -1.58 -63.22 -19.52
C LEU E 3762 -1.54 -62.07 -18.54
N GLY E 3763 -1.38 -60.84 -19.02
CA GLY E 3763 -1.33 -59.71 -18.12
C GLY E 3763 -2.64 -59.45 -17.41
N ILE E 3764 -3.75 -59.89 -17.98
CA ILE E 3764 -5.03 -59.80 -17.32
C ILE E 3764 -5.22 -60.94 -16.34
N ALA E 3765 -4.83 -62.14 -16.71
CA ALA E 3765 -5.06 -63.28 -15.82
C ALA E 3765 -4.08 -63.32 -14.67
N ILE E 3766 -3.13 -62.40 -14.59
CA ILE E 3766 -2.32 -62.25 -13.40
C ILE E 3766 -2.86 -61.15 -12.50
N LEU E 3767 -3.29 -60.03 -13.06
CA LEU E 3767 -3.80 -58.96 -12.23
C LEU E 3767 -5.27 -59.13 -11.86
N ASN E 3768 -5.83 -60.34 -12.00
CA ASN E 3768 -7.28 -60.51 -12.15
C ASN E 3768 -8.03 -60.15 -10.88
N GLY E 3769 -7.36 -60.16 -9.75
CA GLY E 3769 -8.05 -59.80 -8.53
C GLY E 3769 -7.95 -58.32 -8.27
N GLY E 3770 -7.28 -57.60 -9.14
CA GLY E 3770 -6.84 -56.28 -8.77
C GLY E 3770 -5.75 -56.47 -7.73
N ASN E 3771 -4.70 -57.16 -8.13
CA ASN E 3771 -3.67 -57.57 -7.19
C ASN E 3771 -2.86 -56.38 -6.73
N SER E 3772 -2.08 -56.58 -5.67
CA SER E 3772 -1.34 -55.46 -5.10
C SER E 3772 0.14 -55.69 -4.94
N THR E 3773 0.60 -56.94 -4.92
CA THR E 3773 2.03 -57.14 -5.04
C THR E 3773 2.47 -56.94 -6.48
N VAL E 3774 1.68 -57.48 -7.41
CA VAL E 3774 2.09 -57.47 -8.80
C VAL E 3774 1.99 -56.07 -9.38
N GLN E 3775 1.05 -55.26 -8.89
CA GLN E 3775 1.03 -53.86 -9.28
C GLN E 3775 2.19 -53.08 -8.74
N GLN E 3776 2.85 -53.58 -7.70
CA GLN E 3776 4.01 -52.90 -7.18
C GLN E 3776 5.29 -53.33 -7.88
N LYS E 3777 5.38 -54.58 -8.29
CA LYS E 3777 6.55 -55.00 -9.06
C LYS E 3777 6.61 -54.33 -10.41
N MET E 3778 5.47 -54.06 -11.05
CA MET E 3778 5.50 -53.41 -12.35
C MET E 3778 5.86 -51.94 -12.21
N LEU E 3779 5.50 -51.31 -11.11
CA LEU E 3779 5.87 -49.91 -10.97
C LEU E 3779 7.33 -49.77 -10.60
N GLU E 3780 7.84 -50.64 -9.73
CA GLU E 3780 9.23 -50.49 -9.34
C GLU E 3780 10.16 -50.88 -10.47
N TYR E 3781 9.71 -51.77 -11.36
CA TYR E 3781 10.50 -52.11 -12.52
C TYR E 3781 10.54 -50.97 -13.52
N LEU E 3782 9.50 -50.18 -13.59
CA LEU E 3782 9.48 -49.05 -14.51
C LEU E 3782 10.07 -47.79 -13.92
N LYS E 3783 10.89 -47.90 -12.89
CA LYS E 3783 11.57 -46.75 -12.35
C LYS E 3783 13.05 -46.97 -12.10
N GLU E 3784 13.50 -48.20 -11.90
CA GLU E 3784 14.92 -48.48 -11.80
C GLU E 3784 15.49 -49.05 -13.09
N LYS E 3785 14.64 -49.48 -14.02
CA LYS E 3785 15.07 -50.00 -15.30
C LYS E 3785 14.33 -49.25 -16.39
N LYS E 3786 14.40 -47.93 -16.30
CA LYS E 3786 13.53 -46.95 -16.93
C LYS E 3786 13.22 -47.17 -18.41
N ASP E 3787 11.95 -47.39 -18.73
CA ASP E 3787 11.49 -47.67 -20.06
C ASP E 3787 10.65 -46.50 -20.56
N VAL E 3788 11.12 -45.85 -21.61
CA VAL E 3788 10.21 -45.01 -22.37
C VAL E 3788 9.46 -45.90 -23.35
N GLY E 3789 10.08 -47.00 -23.76
CA GLY E 3789 9.57 -47.85 -24.82
C GLY E 3789 8.32 -48.61 -24.46
N PHE E 3790 7.96 -48.65 -23.19
CA PHE E 3790 6.66 -49.21 -22.82
C PHE E 3790 5.55 -48.22 -23.11
N PHE E 3791 5.67 -47.01 -22.58
CA PHE E 3791 4.61 -46.04 -22.75
C PHE E 3791 4.56 -45.48 -24.15
N GLN E 3792 5.65 -45.55 -24.90
CA GLN E 3792 5.54 -45.31 -26.32
C GLN E 3792 4.75 -46.41 -26.98
N SER E 3793 4.87 -47.63 -26.48
CA SER E 3793 4.16 -48.72 -27.10
C SER E 3793 2.70 -48.71 -26.75
N LEU E 3794 2.35 -48.25 -25.54
CA LEU E 3794 0.95 -48.28 -25.14
C LEU E 3794 0.13 -47.25 -25.88
N ALA E 3795 0.69 -46.07 -26.12
CA ALA E 3795 0.02 -45.16 -27.03
C ALA E 3795 0.02 -45.71 -28.43
N GLY E 3796 1.09 -46.39 -28.81
CA GLY E 3796 1.15 -47.00 -30.12
C GLY E 3796 0.22 -48.19 -30.25
N LEU E 3797 0.02 -48.93 -29.17
CA LEU E 3797 -1.00 -49.96 -29.20
C LEU E 3797 -2.38 -49.34 -29.32
N MET E 3798 -2.65 -48.31 -28.52
CA MET E 3798 -3.97 -47.68 -28.48
C MET E 3798 -4.28 -46.86 -29.71
N GLN E 3799 -3.36 -46.75 -30.66
CA GLN E 3799 -3.51 -45.81 -31.75
C GLN E 3799 -4.61 -46.23 -32.70
N SER E 3800 -4.52 -47.42 -33.25
CA SER E 3800 -5.56 -47.80 -34.19
C SER E 3800 -6.65 -48.66 -33.56
N CYS E 3801 -6.32 -49.93 -33.35
CA CYS E 3801 -7.04 -51.01 -32.68
C CYS E 3801 -8.38 -51.40 -33.27
N SER E 3802 -9.12 -50.40 -33.78
CA SER E 3802 -10.57 -50.50 -33.94
C SER E 3802 -11.19 -49.18 -34.33
N VAL E 3803 -12.38 -49.26 -34.92
CA VAL E 3803 -13.58 -48.45 -34.75
C VAL E 3803 -14.59 -49.23 -35.56
N LEU E 3804 -15.81 -49.41 -35.07
CA LEU E 3804 -16.82 -50.01 -35.92
C LEU E 3804 -17.22 -49.02 -36.99
N ASP E 3805 -16.81 -49.26 -38.23
CA ASP E 3805 -17.08 -48.34 -39.34
C ASP E 3805 -18.05 -49.01 -40.31
N LEU E 3806 -19.13 -48.32 -40.64
CA LEU E 3806 -20.20 -48.94 -41.40
C LEU E 3806 -19.93 -48.96 -42.90
N ASN E 3807 -18.85 -48.30 -43.36
CA ASN E 3807 -18.50 -48.39 -44.77
C ASN E 3807 -18.14 -49.81 -45.15
N ALA E 3808 -17.41 -50.50 -44.29
CA ALA E 3808 -17.18 -51.92 -44.48
C ALA E 3808 -18.43 -52.74 -44.25
N PHE E 3809 -19.38 -52.22 -43.48
CA PHE E 3809 -20.62 -52.95 -43.26
C PHE E 3809 -21.51 -52.89 -44.49
N GLU E 3810 -21.50 -51.77 -45.19
CA GLU E 3810 -22.40 -51.64 -46.34
C GLU E 3810 -21.95 -52.49 -47.50
N ARG E 3811 -20.64 -52.67 -47.66
CA ARG E 3811 -20.17 -53.65 -48.64
C ARG E 3811 -20.51 -55.06 -48.18
N GLN E 3812 -20.37 -55.31 -46.89
CA GLN E 3812 -20.83 -56.58 -46.32
C GLN E 3812 -22.34 -56.70 -46.40
N ASN E 3813 -23.04 -55.58 -46.40
CA ASN E 3813 -24.49 -55.62 -46.59
C ASN E 3813 -24.84 -56.05 -48.00
N LYS E 3814 -24.13 -55.50 -48.99
CA LYS E 3814 -24.54 -55.66 -50.37
C LYS E 3814 -24.13 -57.00 -50.95
N ALA E 3815 -22.92 -57.46 -50.64
CA ALA E 3815 -22.41 -58.71 -51.20
C ALA E 3815 -23.16 -59.90 -50.63
N GLU E 3816 -23.46 -59.86 -49.33
CA GLU E 3816 -24.19 -60.95 -48.70
C GLU E 3816 -25.67 -60.95 -49.09
N GLY E 3817 -26.14 -59.92 -49.79
CA GLY E 3817 -27.47 -59.98 -50.37
C GLY E 3817 -27.58 -61.01 -51.47
N LEU E 3818 -26.49 -61.30 -52.17
CA LEU E 3818 -26.50 -62.32 -53.21
C LEU E 3818 -25.36 -63.32 -53.05
N GLY E 3819 -24.53 -63.18 -52.03
CA GLY E 3819 -23.41 -64.09 -51.83
C GLY E 3819 -22.91 -64.09 -50.40
N GLY E 3827 -18.22 -61.72 -40.60
CA GLY E 3827 -17.86 -61.44 -39.22
C GLY E 3827 -16.54 -60.71 -39.09
N GLU E 3828 -15.95 -60.40 -40.25
CA GLU E 3828 -14.68 -59.70 -40.33
C GLU E 3828 -14.84 -58.20 -40.44
N LYS E 3829 -15.98 -57.67 -40.01
CA LYS E 3829 -16.16 -56.23 -39.96
C LYS E 3829 -15.96 -55.70 -38.55
N VAL E 3830 -16.37 -56.50 -37.55
CA VAL E 3830 -16.76 -55.94 -36.25
C VAL E 3830 -15.55 -55.39 -35.51
N LEU E 3831 -15.38 -54.08 -35.66
CA LEU E 3831 -14.34 -53.28 -35.03
C LEU E 3831 -12.92 -53.75 -35.34
N GLN E 3832 -12.74 -54.61 -36.34
CA GLN E 3832 -11.47 -55.27 -36.66
C GLN E 3832 -10.89 -55.96 -35.42
N ASP E 3833 -11.52 -57.06 -35.03
CA ASP E 3833 -11.13 -57.89 -33.88
C ASP E 3833 -11.23 -57.08 -32.58
N ASP E 3834 -12.48 -56.86 -32.18
CA ASP E 3834 -12.82 -56.21 -30.90
C ASP E 3834 -12.18 -56.88 -29.70
N GLU E 3835 -12.02 -58.20 -29.73
CA GLU E 3835 -11.57 -58.98 -28.60
C GLU E 3835 -10.16 -58.61 -28.18
N PHE E 3836 -9.37 -58.04 -29.08
CA PHE E 3836 -8.11 -57.45 -28.65
C PHE E 3836 -8.34 -56.13 -27.94
N THR E 3837 -9.41 -55.41 -28.27
CA THR E 3837 -9.53 -54.06 -27.74
C THR E 3837 -10.14 -54.06 -26.35
N CYS E 3838 -11.05 -54.99 -26.08
CA CYS E 3838 -11.49 -55.18 -24.71
C CYS E 3838 -10.33 -55.59 -23.83
N ASP E 3839 -9.50 -56.50 -24.33
CA ASP E 3839 -8.45 -57.03 -23.48
C ASP E 3839 -7.25 -56.12 -23.42
N LEU E 3840 -7.29 -54.97 -24.07
CA LEU E 3840 -6.27 -54.00 -23.77
C LEU E 3840 -6.69 -53.10 -22.62
N PHE E 3841 -7.88 -52.52 -22.69
CA PHE E 3841 -8.28 -51.58 -21.66
C PHE E 3841 -8.60 -52.27 -20.36
N ARG E 3842 -9.06 -53.50 -20.41
CA ARG E 3842 -9.22 -54.28 -19.21
C ARG E 3842 -7.86 -54.60 -18.60
N PHE E 3843 -6.81 -54.70 -19.41
CA PHE E 3843 -5.48 -54.73 -18.81
C PHE E 3843 -5.09 -53.36 -18.26
N LEU E 3844 -5.53 -52.29 -18.89
CA LEU E 3844 -5.12 -50.99 -18.37
C LEU E 3844 -5.88 -50.62 -17.11
N GLN E 3845 -7.08 -51.15 -16.93
CA GLN E 3845 -7.81 -50.90 -15.70
C GLN E 3845 -7.17 -51.65 -14.55
N LEU E 3846 -6.80 -52.91 -14.77
CA LEU E 3846 -6.28 -53.75 -13.70
C LEU E 3846 -4.90 -53.35 -13.23
N LEU E 3847 -4.32 -52.33 -13.81
CA LEU E 3847 -3.15 -51.72 -13.23
C LEU E 3847 -3.48 -50.72 -12.15
N CYS E 3848 -4.74 -50.35 -11.99
CA CYS E 3848 -5.09 -49.31 -11.04
C CYS E 3848 -6.18 -49.72 -10.07
N GLU E 3849 -6.62 -50.99 -10.09
CA GLU E 3849 -7.64 -51.41 -9.15
C GLU E 3849 -7.05 -51.51 -7.76
N GLY E 3850 -7.84 -51.17 -6.77
CA GLY E 3850 -7.31 -50.99 -5.44
C GLY E 3850 -6.79 -49.60 -5.19
N HIS E 3851 -6.93 -48.70 -6.16
CA HIS E 3851 -6.58 -47.28 -6.06
C HIS E 3851 -5.11 -47.09 -5.70
N ASN E 3852 -4.24 -47.52 -6.60
CA ASN E 3852 -2.83 -47.21 -6.49
C ASN E 3852 -2.63 -45.73 -6.80
N SER E 3853 -2.55 -44.90 -5.75
CA SER E 3853 -2.50 -43.47 -5.97
C SER E 3853 -1.15 -42.99 -6.51
N ASP E 3854 -0.18 -43.89 -6.59
CA ASP E 3854 1.02 -43.62 -7.37
C ASP E 3854 0.85 -44.02 -8.83
N PHE E 3855 0.23 -45.17 -9.08
CA PHE E 3855 0.27 -45.72 -10.42
C PHE E 3855 -0.77 -45.10 -11.34
N GLN E 3856 -1.74 -44.38 -10.80
CA GLN E 3856 -2.54 -43.51 -11.64
C GLN E 3856 -1.83 -42.20 -11.89
N ASN E 3857 -0.87 -41.85 -11.05
CA ASN E 3857 -0.07 -40.68 -11.26
C ASN E 3857 1.25 -41.00 -11.93
N TYR E 3858 1.47 -42.24 -12.32
CA TYR E 3858 2.58 -42.54 -13.20
C TYR E 3858 2.16 -42.58 -14.64
N LEU E 3859 0.86 -42.68 -14.91
CA LEU E 3859 0.41 -42.70 -16.29
C LEU E 3859 0.11 -41.32 -16.81
N ARG E 3860 0.28 -40.28 -16.00
CA ARG E 3860 -0.05 -38.95 -16.47
C ARG E 3860 1.20 -38.13 -16.73
N THR E 3861 2.05 -37.99 -15.73
CA THR E 3861 3.27 -37.21 -15.87
C THR E 3861 4.47 -38.05 -16.21
N GLN E 3862 4.58 -39.22 -15.59
CA GLN E 3862 5.60 -40.23 -15.89
C GLN E 3862 7.00 -39.66 -15.65
N THR E 3863 7.24 -39.33 -14.37
CA THR E 3863 8.22 -38.31 -14.05
C THR E 3863 9.66 -38.76 -14.13
N GLY E 3864 9.91 -40.06 -14.25
CA GLY E 3864 11.28 -40.50 -14.27
C GLY E 3864 11.94 -40.25 -15.61
N ASN E 3865 11.23 -40.57 -16.69
CA ASN E 3865 11.82 -40.63 -18.01
C ASN E 3865 12.06 -39.24 -18.58
N ASN E 3866 12.62 -39.23 -19.79
CA ASN E 3866 12.90 -37.97 -20.48
C ASN E 3866 11.63 -37.44 -21.15
N THR E 3867 11.08 -38.20 -22.06
CA THR E 3867 9.82 -37.84 -22.71
C THR E 3867 8.68 -38.53 -22.00
N THR E 3868 7.50 -37.90 -22.07
CA THR E 3868 6.32 -38.33 -21.33
C THR E 3868 5.19 -38.66 -22.28
N VAL E 3869 4.52 -39.77 -22.03
CA VAL E 3869 3.31 -40.14 -22.73
C VAL E 3869 2.16 -39.93 -21.76
N ASN E 3870 1.08 -39.31 -22.22
CA ASN E 3870 -0.06 -39.05 -21.36
C ASN E 3870 -1.18 -39.98 -21.78
N ILE E 3871 -1.28 -41.13 -21.11
CA ILE E 3871 -2.23 -42.14 -21.53
C ILE E 3871 -3.66 -41.73 -21.19
N ILE E 3872 -3.83 -40.99 -20.08
CA ILE E 3872 -5.15 -40.57 -19.63
C ILE E 3872 -5.83 -39.68 -20.66
N ILE E 3873 -5.10 -38.70 -21.19
CA ILE E 3873 -5.70 -37.93 -22.27
C ILE E 3873 -5.78 -38.77 -23.51
N SER E 3874 -4.87 -39.71 -23.69
CA SER E 3874 -4.89 -40.48 -24.91
C SER E 3874 -5.91 -41.60 -24.85
N THR E 3875 -6.31 -42.02 -23.65
CA THR E 3875 -7.39 -42.99 -23.61
C THR E 3875 -8.76 -42.36 -23.70
N VAL E 3876 -8.87 -41.04 -23.51
CA VAL E 3876 -10.10 -40.37 -23.86
C VAL E 3876 -10.30 -40.42 -25.35
N ASP E 3877 -9.23 -40.23 -26.10
CA ASP E 3877 -9.33 -40.11 -27.55
C ASP E 3877 -9.69 -41.41 -28.22
N TYR E 3878 -9.47 -42.55 -27.59
CA TYR E 3878 -10.02 -43.76 -28.17
C TYR E 3878 -11.52 -43.82 -27.98
N LEU E 3879 -12.00 -43.37 -26.82
CA LEU E 3879 -13.43 -43.38 -26.54
C LEU E 3879 -14.17 -42.49 -27.51
N LEU E 3880 -13.64 -41.29 -27.75
CA LEU E 3880 -14.25 -40.33 -28.65
C LEU E 3880 -14.37 -40.88 -30.06
N ARG E 3881 -13.41 -41.70 -30.50
CA ARG E 3881 -13.56 -42.37 -31.78
C ARG E 3881 -14.60 -43.47 -31.75
N VAL E 3882 -14.87 -44.09 -30.61
CA VAL E 3882 -15.93 -45.07 -30.56
C VAL E 3882 -17.27 -44.37 -30.43
N GLN E 3883 -17.27 -43.11 -29.99
CA GLN E 3883 -18.51 -42.34 -29.90
C GLN E 3883 -19.11 -42.10 -31.26
N GLU E 3884 -18.29 -41.60 -32.19
CA GLU E 3884 -18.76 -41.32 -33.55
C GLU E 3884 -19.18 -42.58 -34.27
N SER E 3885 -18.60 -43.72 -33.91
CA SER E 3885 -18.95 -44.97 -34.58
C SER E 3885 -20.38 -45.37 -34.25
N ILE E 3886 -20.66 -45.63 -32.97
CA ILE E 3886 -21.97 -46.12 -32.59
C ILE E 3886 -23.06 -45.07 -32.69
N SER E 3887 -22.68 -43.80 -32.80
CA SER E 3887 -23.66 -42.81 -33.23
C SER E 3887 -24.06 -43.05 -34.67
N ASP E 3888 -23.08 -43.11 -35.56
CA ASP E 3888 -23.35 -43.23 -36.99
C ASP E 3888 -23.97 -44.55 -37.37
N PHE E 3889 -23.67 -45.61 -36.64
CA PHE E 3889 -24.31 -46.88 -36.95
C PHE E 3889 -25.75 -46.88 -36.50
N TYR E 3890 -26.11 -46.00 -35.57
CA TYR E 3890 -27.53 -45.78 -35.33
C TYR E 3890 -28.17 -45.02 -36.48
N TRP E 3891 -27.46 -44.01 -37.02
CA TRP E 3891 -28.03 -43.12 -38.03
C TRP E 3891 -28.39 -43.87 -39.30
N TYR E 3892 -27.65 -44.93 -39.59
CA TYR E 3892 -28.01 -45.84 -40.68
C TYR E 3892 -29.36 -46.48 -40.44
N TYR E 3893 -29.73 -46.67 -39.17
CA TYR E 3893 -30.97 -47.35 -38.84
C TYR E 3893 -32.08 -46.40 -38.49
N SER E 3894 -32.01 -45.15 -38.91
CA SER E 3894 -33.01 -44.16 -38.53
C SER E 3894 -34.38 -44.39 -39.14
N GLY E 3895 -34.46 -45.11 -40.26
CA GLY E 3895 -35.74 -45.26 -40.91
C GLY E 3895 -36.20 -46.70 -41.09
N LYS E 3896 -35.24 -47.62 -41.21
CA LYS E 3896 -35.61 -49.01 -41.45
C LYS E 3896 -36.24 -49.62 -40.21
N ASP E 3897 -35.62 -49.41 -39.06
CA ASP E 3897 -36.16 -49.56 -37.72
C ASP E 3897 -36.47 -51.00 -37.33
N VAL E 3898 -36.31 -51.97 -38.22
CA VAL E 3898 -36.32 -53.38 -37.88
C VAL E 3898 -34.87 -53.82 -37.90
N ILE E 3899 -34.27 -53.94 -36.71
CA ILE E 3899 -32.87 -54.28 -36.61
C ILE E 3899 -32.69 -55.73 -37.01
N ASP E 3900 -31.91 -55.96 -38.06
CA ASP E 3900 -31.66 -57.28 -38.57
C ASP E 3900 -30.74 -58.04 -37.62
N GLU E 3901 -30.64 -59.35 -37.83
CA GLU E 3901 -29.83 -60.19 -36.95
C GLU E 3901 -28.35 -59.91 -37.13
N GLN E 3902 -27.92 -59.60 -38.35
CA GLN E 3902 -26.54 -59.21 -38.58
C GLN E 3902 -26.22 -57.84 -38.01
N GLY E 3903 -27.22 -57.05 -37.66
CA GLY E 3903 -26.96 -55.80 -36.98
C GLY E 3903 -26.88 -55.95 -35.48
N GLN E 3904 -27.73 -56.81 -34.90
CA GLN E 3904 -27.72 -57.02 -33.46
C GLN E 3904 -26.41 -57.65 -33.01
N ARG E 3905 -25.93 -58.63 -33.76
CA ARG E 3905 -24.66 -59.28 -33.43
C ARG E 3905 -23.49 -58.33 -33.66
N ASN E 3906 -23.68 -57.32 -34.50
CA ASN E 3906 -22.62 -56.36 -34.71
C ASN E 3906 -22.76 -55.11 -33.86
N PHE E 3907 -23.95 -54.87 -33.30
CA PHE E 3907 -24.08 -53.73 -32.43
C PHE E 3907 -23.66 -54.04 -31.01
N SER E 3908 -23.87 -55.28 -30.57
CA SER E 3908 -23.59 -55.64 -29.19
C SER E 3908 -22.10 -55.62 -28.91
N LYS E 3909 -21.29 -56.12 -29.84
CA LYS E 3909 -19.85 -56.06 -29.67
C LYS E 3909 -19.33 -54.64 -29.77
N ALA E 3910 -20.07 -53.75 -30.40
CA ALA E 3910 -19.70 -52.35 -30.35
C ALA E 3910 -20.04 -51.71 -29.04
N ILE E 3911 -20.87 -52.36 -28.22
CA ILE E 3911 -21.21 -51.80 -26.93
C ILE E 3911 -20.25 -52.30 -25.87
N GLN E 3912 -19.89 -53.58 -25.93
CA GLN E 3912 -19.03 -54.17 -24.90
C GLN E 3912 -17.63 -53.62 -24.94
N VAL E 3913 -17.24 -52.95 -26.02
CA VAL E 3913 -16.02 -52.15 -25.98
C VAL E 3913 -16.31 -50.82 -25.33
N ALA E 3914 -17.47 -50.23 -25.61
CA ALA E 3914 -17.79 -48.94 -25.03
C ALA E 3914 -18.04 -49.06 -23.53
N LYS E 3915 -18.63 -50.18 -23.10
CA LYS E 3915 -18.78 -50.39 -21.67
C LYS E 3915 -17.44 -50.62 -21.00
N GLN E 3916 -16.57 -51.35 -21.67
CA GLN E 3916 -15.27 -51.69 -21.10
C GLN E 3916 -14.35 -50.49 -21.03
N VAL E 3917 -14.41 -49.59 -22.01
CA VAL E 3917 -13.58 -48.41 -21.95
C VAL E 3917 -14.07 -47.44 -20.89
N PHE E 3918 -15.34 -47.48 -20.51
CA PHE E 3918 -15.76 -46.60 -19.44
C PHE E 3918 -15.29 -47.09 -18.09
N ASN E 3919 -15.19 -48.39 -17.90
CA ASN E 3919 -14.67 -48.91 -16.65
C ASN E 3919 -13.22 -48.51 -16.45
N THR E 3920 -12.41 -48.57 -17.50
CA THR E 3920 -11.07 -48.06 -17.30
C THR E 3920 -10.97 -46.57 -17.37
N LEU E 3921 -12.05 -45.85 -17.61
CA LEU E 3921 -12.02 -44.43 -17.30
C LEU E 3921 -12.38 -44.16 -15.86
N THR E 3922 -13.12 -45.07 -15.22
CA THR E 3922 -13.41 -44.88 -13.82
C THR E 3922 -12.14 -44.94 -13.01
N GLU E 3923 -11.38 -46.04 -13.13
CA GLU E 3923 -10.31 -46.32 -12.19
C GLU E 3923 -9.13 -45.38 -12.29
N TYR E 3924 -9.10 -44.49 -13.27
CA TYR E 3924 -8.15 -43.41 -13.18
C TYR E 3924 -8.63 -42.29 -12.29
N ILE E 3925 -9.91 -42.27 -11.95
CA ILE E 3925 -10.49 -41.16 -11.23
C ILE E 3925 -10.89 -41.54 -9.81
N GLN E 3926 -11.37 -42.79 -9.61
CA GLN E 3926 -12.20 -43.16 -8.46
C GLN E 3926 -11.52 -42.91 -7.14
N GLY E 3927 -10.35 -43.50 -6.93
CA GLY E 3927 -9.50 -43.04 -5.87
C GLY E 3927 -9.18 -41.61 -6.19
N PRO E 3928 -9.72 -40.67 -5.42
CA PRO E 3928 -9.90 -39.31 -5.92
C PRO E 3928 -8.61 -38.53 -6.06
N CYS E 3929 -7.78 -38.95 -7.03
CA CYS E 3929 -6.52 -38.27 -7.31
C CYS E 3929 -6.82 -37.07 -8.17
N THR E 3930 -6.73 -35.89 -7.57
CA THR E 3930 -7.29 -34.70 -8.19
C THR E 3930 -6.49 -34.24 -9.39
N GLY E 3931 -5.21 -34.59 -9.48
CA GLY E 3931 -4.46 -34.26 -10.67
C GLY E 3931 -4.92 -35.02 -11.88
N ASN E 3932 -5.40 -36.24 -11.67
CA ASN E 3932 -5.90 -37.02 -12.77
C ASN E 3932 -7.24 -36.52 -13.26
N GLN E 3933 -8.03 -35.92 -12.39
CA GLN E 3933 -9.32 -35.43 -12.86
C GLN E 3933 -9.30 -33.96 -13.20
N GLN E 3934 -8.16 -33.30 -13.02
CA GLN E 3934 -7.99 -31.99 -13.63
C GLN E 3934 -7.84 -32.14 -15.14
N SER E 3935 -6.86 -32.94 -15.56
CA SER E 3935 -6.52 -33.06 -16.97
C SER E 3935 -7.63 -33.73 -17.76
N LEU E 3936 -8.35 -34.65 -17.15
CA LEU E 3936 -9.44 -35.29 -17.87
C LEU E 3936 -10.65 -34.38 -17.96
N ALA E 3937 -10.71 -33.33 -17.14
CA ALA E 3937 -11.80 -32.38 -17.24
C ALA E 3937 -11.64 -31.43 -18.42
N HIS E 3938 -10.42 -31.01 -18.72
CA HIS E 3938 -10.15 -30.11 -19.82
C HIS E 3938 -10.19 -30.78 -21.18
N SER E 3939 -10.17 -32.11 -21.22
CA SER E 3939 -10.12 -32.85 -22.47
C SER E 3939 -11.49 -32.83 -23.14
N ARG E 3940 -11.64 -33.62 -24.20
CA ARG E 3940 -12.88 -33.64 -24.95
C ARG E 3940 -13.80 -34.76 -24.49
N LEU E 3941 -13.79 -35.07 -23.21
CA LEU E 3941 -14.72 -36.04 -22.67
C LEU E 3941 -16.15 -35.54 -22.79
N TRP E 3942 -16.34 -34.24 -22.59
CA TRP E 3942 -17.68 -33.68 -22.57
C TRP E 3942 -18.33 -33.75 -23.93
N ASP E 3943 -17.55 -33.65 -25.00
CA ASP E 3943 -18.15 -33.85 -26.31
C ASP E 3943 -18.39 -35.32 -26.58
N ALA E 3944 -17.71 -36.21 -25.88
CA ALA E 3944 -18.00 -37.62 -26.06
C ALA E 3944 -19.32 -37.98 -25.40
N VAL E 3945 -19.50 -37.55 -24.14
CA VAL E 3945 -20.66 -37.94 -23.37
C VAL E 3945 -21.94 -37.30 -23.89
N VAL E 3946 -21.84 -36.21 -24.65
CA VAL E 3946 -23.01 -35.61 -25.27
C VAL E 3946 -23.61 -36.56 -26.30
N GLY E 3947 -22.77 -37.08 -27.19
CA GLY E 3947 -23.26 -37.96 -28.23
C GLY E 3947 -23.67 -39.31 -27.71
N PHE E 3948 -23.12 -39.72 -26.57
CA PHE E 3948 -23.60 -40.95 -25.97
C PHE E 3948 -25.02 -40.79 -25.46
N LEU E 3949 -25.36 -39.61 -24.95
CA LEU E 3949 -26.74 -39.33 -24.61
C LEU E 3949 -27.61 -39.30 -25.86
N HIS E 3950 -27.03 -38.90 -26.98
CA HIS E 3950 -27.79 -38.76 -28.21
C HIS E 3950 -28.23 -40.11 -28.76
N VAL E 3951 -27.52 -41.17 -28.42
CA VAL E 3951 -28.00 -42.49 -28.75
C VAL E 3951 -29.15 -42.86 -27.84
N PHE E 3952 -29.03 -42.53 -26.56
CA PHE E 3952 -29.94 -43.05 -25.55
C PHE E 3952 -31.30 -42.41 -25.63
N ALA E 3953 -31.37 -41.20 -26.16
CA ALA E 3953 -32.65 -40.51 -26.28
C ALA E 3953 -33.57 -41.22 -27.25
N HIS E 3954 -33.01 -41.82 -28.30
CA HIS E 3954 -33.85 -42.41 -29.31
C HIS E 3954 -33.80 -43.93 -29.31
N MET E 3955 -32.64 -44.51 -29.01
CA MET E 3955 -32.51 -45.96 -29.11
C MET E 3955 -33.25 -46.65 -27.98
N GLN E 3956 -33.45 -45.97 -26.85
CA GLN E 3956 -34.27 -46.55 -25.81
C GLN E 3956 -35.74 -46.55 -26.22
N MET E 3957 -36.14 -45.60 -27.06
CA MET E 3957 -37.51 -45.57 -27.55
C MET E 3957 -37.76 -46.68 -28.56
N LYS E 3958 -37.06 -46.64 -29.68
CA LYS E 3958 -37.46 -47.44 -30.83
C LYS E 3958 -37.10 -48.89 -30.67
N LEU E 3959 -36.16 -49.24 -29.82
CA LEU E 3959 -35.90 -50.63 -29.56
C LEU E 3959 -36.85 -51.21 -28.54
N SER E 3960 -37.62 -50.38 -27.86
CA SER E 3960 -38.63 -50.88 -26.94
C SER E 3960 -39.97 -51.04 -27.65
N GLN E 3961 -39.96 -51.69 -28.80
CA GLN E 3961 -41.16 -51.79 -29.61
C GLN E 3961 -41.47 -53.23 -29.97
N ASP E 3962 -40.45 -54.07 -30.03
CA ASP E 3962 -40.65 -55.47 -30.35
C ASP E 3962 -39.97 -56.35 -29.33
N SER E 3963 -40.31 -57.64 -29.37
CA SER E 3963 -39.68 -58.64 -28.52
C SER E 3963 -38.29 -59.04 -29.01
N SER E 3964 -37.91 -58.62 -30.20
CA SER E 3964 -36.64 -59.01 -30.77
C SER E 3964 -35.49 -58.15 -30.29
N GLN E 3965 -35.74 -57.14 -29.47
CA GLN E 3965 -34.67 -56.27 -29.01
C GLN E 3965 -34.47 -56.31 -27.49
N ILE E 3966 -35.25 -57.10 -26.76
CA ILE E 3966 -35.10 -57.13 -25.32
C ILE E 3966 -33.80 -57.77 -24.91
N GLU E 3967 -33.26 -58.66 -25.73
CA GLU E 3967 -31.92 -59.15 -25.46
C GLU E 3967 -30.89 -58.07 -25.75
N LEU E 3968 -31.20 -57.13 -26.64
CA LEU E 3968 -30.28 -56.04 -26.88
C LEU E 3968 -30.47 -54.94 -25.86
N LEU E 3969 -31.71 -54.70 -25.43
CA LEU E 3969 -32.01 -53.50 -24.67
C LEU E 3969 -31.43 -53.55 -23.28
N LYS E 3970 -31.16 -54.75 -22.77
CA LYS E 3970 -30.52 -54.86 -21.48
C LYS E 3970 -29.08 -54.36 -21.55
N GLU E 3971 -28.34 -54.70 -22.60
CA GLU E 3971 -26.98 -54.19 -22.70
C GLU E 3971 -26.95 -52.72 -23.04
N LEU E 3972 -27.99 -52.23 -23.73
CA LEU E 3972 -28.04 -50.81 -24.02
C LEU E 3972 -28.20 -50.00 -22.75
N MET E 3973 -28.98 -50.51 -21.80
CA MET E 3973 -29.10 -49.83 -20.52
C MET E 3973 -27.82 -49.96 -19.71
N ASP E 3974 -27.11 -51.07 -19.85
CA ASP E 3974 -25.93 -51.30 -19.02
C ASP E 3974 -24.80 -50.38 -19.40
N LEU E 3975 -24.78 -49.91 -20.64
CA LEU E 3975 -23.86 -48.84 -20.96
C LEU E 3975 -24.28 -47.54 -20.29
N GLN E 3976 -25.58 -47.27 -20.28
CA GLN E 3976 -26.10 -46.05 -19.68
C GLN E 3976 -25.83 -46.04 -18.18
N LYS E 3977 -25.89 -47.20 -17.55
CA LYS E 3977 -25.58 -47.29 -16.14
C LYS E 3977 -24.10 -47.03 -15.89
N ASP E 3978 -23.25 -47.52 -16.79
CA ASP E 3978 -21.82 -47.36 -16.57
C ASP E 3978 -21.30 -46.01 -17.01
N MET E 3979 -22.10 -45.24 -17.74
CA MET E 3979 -21.66 -43.91 -18.11
C MET E 3979 -21.75 -42.97 -16.93
N VAL E 3980 -22.88 -42.99 -16.22
CA VAL E 3980 -23.06 -42.06 -15.12
C VAL E 3980 -22.18 -42.41 -13.94
N VAL E 3981 -21.75 -43.67 -13.84
CA VAL E 3981 -20.91 -44.10 -12.73
C VAL E 3981 -19.55 -43.42 -12.78
N MET E 3982 -19.01 -43.21 -13.99
CA MET E 3982 -17.75 -42.50 -14.05
C MET E 3982 -17.94 -41.02 -13.81
N LEU E 3983 -19.00 -40.43 -14.35
CA LEU E 3983 -19.11 -39.00 -14.12
C LEU E 3983 -19.61 -38.69 -12.73
N LEU E 3984 -20.21 -39.66 -12.04
CA LEU E 3984 -20.35 -39.53 -10.60
C LEU E 3984 -18.99 -39.48 -9.94
N SER E 3985 -18.04 -40.26 -10.44
CA SER E 3985 -16.71 -40.23 -9.86
C SER E 3985 -15.94 -38.99 -10.22
N MET E 3986 -16.40 -38.22 -11.19
CA MET E 3986 -15.86 -36.89 -11.36
C MET E 3986 -16.23 -35.97 -10.21
N LEU E 3987 -17.39 -36.18 -9.62
CA LEU E 3987 -17.95 -35.21 -8.70
C LEU E 3987 -17.53 -35.43 -7.25
N GLU E 3988 -16.59 -36.33 -6.97
CA GLU E 3988 -16.23 -36.54 -5.58
C GLU E 3988 -15.05 -35.70 -5.15
N GLY E 3989 -14.97 -34.48 -5.63
CA GLY E 3989 -14.02 -33.52 -5.13
C GLY E 3989 -14.55 -32.11 -5.20
N ASN E 3990 -15.86 -31.96 -5.37
CA ASN E 3990 -16.50 -30.66 -5.44
C ASN E 3990 -16.36 -29.91 -4.12
N VAL E 3991 -16.71 -28.62 -4.13
CA VAL E 3991 -16.80 -27.97 -2.83
C VAL E 3991 -18.23 -27.53 -2.55
N VAL E 3992 -18.69 -26.45 -3.16
CA VAL E 3992 -20.11 -26.17 -3.29
C VAL E 3992 -20.33 -25.64 -4.69
N ASN E 3993 -19.63 -24.58 -5.04
CA ASN E 3993 -19.51 -24.12 -6.42
C ASN E 3993 -18.14 -24.55 -6.96
N GLY E 3994 -17.98 -25.86 -7.07
CA GLY E 3994 -16.78 -26.38 -7.68
C GLY E 3994 -16.82 -26.19 -9.18
N THR E 3995 -15.64 -26.17 -9.80
CA THR E 3995 -15.58 -25.96 -11.23
C THR E 3995 -16.09 -27.17 -11.99
N ILE E 3996 -15.82 -28.36 -11.46
CA ILE E 3996 -16.10 -29.60 -12.19
C ILE E 3996 -17.59 -29.89 -12.30
N GLY E 3997 -18.35 -29.62 -11.26
CA GLY E 3997 -19.78 -29.88 -11.34
C GLY E 3997 -20.46 -28.89 -12.23
N LYS E 3998 -19.91 -27.68 -12.30
CA LYS E 3998 -20.49 -26.60 -13.10
C LYS E 3998 -20.47 -26.95 -14.58
N GLN E 3999 -19.41 -27.61 -15.03
CA GLN E 3999 -19.38 -28.09 -16.39
C GLN E 3999 -20.34 -29.25 -16.58
N MET E 4000 -20.65 -29.99 -15.52
CA MET E 4000 -21.63 -31.06 -15.67
C MET E 4000 -23.05 -30.52 -15.72
N VAL E 4001 -23.27 -29.31 -15.21
CA VAL E 4001 -24.51 -28.62 -15.55
C VAL E 4001 -24.51 -28.27 -17.02
N ASP E 4002 -23.36 -27.85 -17.53
CA ASP E 4002 -23.27 -27.30 -18.88
C ASP E 4002 -23.55 -28.34 -19.93
N MET E 4003 -22.93 -29.52 -19.82
CA MET E 4003 -23.28 -30.56 -20.78
C MET E 4003 -24.69 -31.09 -20.57
N LEU E 4004 -25.27 -30.88 -19.40
CA LEU E 4004 -26.69 -31.14 -19.22
C LEU E 4004 -27.52 -29.95 -19.65
N VAL E 4005 -26.90 -28.79 -19.86
CA VAL E 4005 -27.58 -27.69 -20.52
C VAL E 4005 -27.37 -27.78 -22.03
N GLU E 4006 -26.12 -27.99 -22.46
CA GLU E 4006 -25.79 -28.04 -23.88
C GLU E 4006 -26.33 -29.27 -24.58
N SER E 4007 -26.89 -30.22 -23.84
CA SER E 4007 -27.65 -31.29 -24.45
C SER E 4007 -28.97 -31.44 -23.75
N SER E 4008 -29.66 -30.32 -23.51
CA SER E 4008 -30.88 -30.30 -22.71
C SER E 4008 -31.96 -31.18 -23.32
N ASN E 4009 -32.20 -31.03 -24.61
CA ASN E 4009 -33.38 -31.62 -25.24
C ASN E 4009 -33.31 -33.12 -25.35
N ASN E 4010 -32.16 -33.73 -25.07
CA ASN E 4010 -32.03 -35.18 -25.12
C ASN E 4010 -32.07 -35.83 -23.76
N VAL E 4011 -32.18 -35.05 -22.68
CA VAL E 4011 -32.29 -35.67 -21.36
C VAL E 4011 -33.75 -35.92 -21.03
N GLU E 4012 -34.66 -35.17 -21.64
CA GLU E 4012 -36.03 -35.35 -21.20
C GLU E 4012 -36.69 -36.56 -21.81
N MET E 4013 -36.13 -37.15 -22.86
CA MET E 4013 -36.69 -38.41 -23.33
C MET E 4013 -36.35 -39.53 -22.36
N ILE E 4014 -35.13 -39.54 -21.83
CA ILE E 4014 -34.74 -40.62 -20.93
C ILE E 4014 -35.33 -40.42 -19.54
N LEU E 4015 -35.60 -39.18 -19.14
CA LEU E 4015 -36.32 -38.98 -17.90
C LEU E 4015 -37.76 -39.40 -18.04
N LYS E 4016 -38.38 -39.08 -19.18
CA LYS E 4016 -39.77 -39.46 -19.36
C LYS E 4016 -39.91 -40.94 -19.66
N PHE E 4017 -38.86 -41.58 -20.18
CA PHE E 4017 -38.99 -43.00 -20.46
C PHE E 4017 -39.02 -43.82 -19.19
N PHE E 4018 -38.38 -43.35 -18.14
CA PHE E 4018 -38.46 -44.07 -16.87
C PHE E 4018 -39.83 -43.89 -16.24
N ASP E 4019 -40.48 -42.74 -16.46
CA ASP E 4019 -41.80 -42.53 -15.90
C ASP E 4019 -42.85 -43.39 -16.56
N MET E 4020 -42.58 -43.89 -17.76
CA MET E 4020 -43.48 -44.86 -18.35
C MET E 4020 -43.45 -46.18 -17.58
N PHE E 4021 -42.27 -46.55 -17.10
CA PHE E 4021 -42.13 -47.87 -16.48
C PHE E 4021 -42.02 -47.80 -14.95
N LEU E 4022 -42.01 -46.61 -14.37
CA LEU E 4022 -41.99 -46.49 -12.92
C LEU E 4022 -43.37 -46.29 -12.32
N LYS E 4023 -44.26 -45.60 -13.02
CA LYS E 4023 -45.66 -45.60 -12.64
C LYS E 4023 -46.30 -46.95 -12.87
N LEU E 4024 -45.67 -47.81 -13.65
CA LEU E 4024 -46.23 -49.10 -14.02
C LEU E 4024 -46.40 -50.03 -12.84
N LYS E 4025 -45.57 -49.90 -11.79
CA LYS E 4025 -45.56 -50.92 -10.76
C LYS E 4025 -46.77 -50.81 -9.85
N ASP E 4026 -47.21 -49.59 -9.54
CA ASP E 4026 -48.32 -49.46 -8.63
C ASP E 4026 -49.66 -49.31 -9.35
N LEU E 4027 -49.65 -48.78 -10.57
CA LEU E 4027 -50.90 -48.69 -11.32
C LEU E 4027 -51.34 -50.06 -11.82
N THR E 4028 -50.42 -51.02 -11.85
CA THR E 4028 -50.86 -52.40 -11.96
C THR E 4028 -51.13 -53.03 -10.61
N SER E 4029 -50.72 -52.39 -9.51
CA SER E 4029 -50.96 -52.94 -8.18
C SER E 4029 -52.16 -52.34 -7.49
N SER E 4030 -52.74 -51.27 -8.04
CA SER E 4030 -53.85 -50.58 -7.43
C SER E 4030 -55.10 -51.44 -7.47
N ASP E 4031 -55.92 -51.31 -6.42
CA ASP E 4031 -57.14 -52.10 -6.31
C ASP E 4031 -58.18 -51.73 -7.37
N THR E 4032 -58.06 -50.53 -7.94
CA THR E 4032 -58.89 -50.18 -9.09
C THR E 4032 -58.58 -51.03 -10.30
N PHE E 4033 -57.32 -51.45 -10.48
CA PHE E 4033 -56.91 -52.24 -11.65
C PHE E 4033 -56.80 -53.72 -11.37
N LYS E 4034 -56.53 -54.12 -10.12
CA LYS E 4034 -56.44 -55.55 -9.81
C LYS E 4034 -57.79 -56.23 -9.93
N GLU E 4035 -58.86 -55.53 -9.56
CA GLU E 4035 -60.22 -56.00 -9.75
C GLU E 4035 -60.97 -55.05 -10.67
N TYR E 4036 -60.28 -54.55 -11.70
CA TYR E 4036 -60.92 -53.72 -12.70
C TYR E 4036 -61.95 -54.55 -13.46
N ASP E 4037 -61.46 -55.42 -14.31
CA ASP E 4037 -62.23 -56.59 -14.71
C ASP E 4037 -62.11 -57.77 -13.74
N PRO E 4038 -60.88 -58.33 -13.46
CA PRO E 4038 -60.84 -59.73 -13.06
C PRO E 4038 -60.95 -59.98 -11.57
N ASP E 4039 -61.01 -61.24 -11.19
CA ASP E 4039 -60.74 -61.62 -9.80
C ASP E 4039 -59.23 -61.64 -9.56
N GLY E 4040 -58.53 -62.50 -10.29
CA GLY E 4040 -57.12 -62.39 -10.58
C GLY E 4040 -56.73 -63.57 -11.44
N LYS E 4041 -56.14 -63.31 -12.60
CA LYS E 4041 -55.62 -64.39 -13.44
C LYS E 4041 -54.26 -64.10 -14.04
N GLY E 4042 -53.89 -62.85 -14.26
CA GLY E 4042 -52.71 -62.51 -15.01
C GLY E 4042 -52.96 -61.93 -16.39
N VAL E 4043 -54.22 -61.74 -16.78
CA VAL E 4043 -54.56 -61.18 -18.08
C VAL E 4043 -55.94 -60.52 -17.94
N ILE E 4044 -56.09 -59.31 -18.49
CA ILE E 4044 -57.38 -58.64 -18.32
C ILE E 4044 -58.04 -58.36 -19.67
N SER E 4045 -57.45 -57.48 -20.48
CA SER E 4045 -57.85 -57.14 -21.85
C SER E 4045 -56.89 -56.08 -22.32
N LYS E 4046 -57.04 -55.71 -23.58
CA LYS E 4046 -56.39 -54.52 -24.13
C LYS E 4046 -57.26 -53.28 -23.99
N ARG E 4047 -58.58 -53.44 -24.07
CA ARG E 4047 -59.49 -52.31 -24.01
C ARG E 4047 -59.77 -51.88 -22.57
N ASP E 4048 -59.99 -52.85 -21.66
CA ASP E 4048 -60.07 -52.50 -20.25
C ASP E 4048 -58.72 -52.08 -19.70
N PHE E 4049 -57.63 -52.42 -20.39
CA PHE E 4049 -56.38 -51.74 -20.13
C PHE E 4049 -56.43 -50.29 -20.59
N HIS E 4050 -57.11 -50.03 -21.72
CA HIS E 4050 -56.96 -48.75 -22.40
C HIS E 4050 -57.61 -47.61 -21.62
N LYS E 4051 -58.83 -47.81 -21.14
CA LYS E 4051 -59.44 -46.76 -20.35
C LYS E 4051 -58.93 -46.75 -18.92
N ALA E 4052 -58.25 -47.83 -18.48
CA ALA E 4052 -57.70 -47.87 -17.14
C ALA E 4052 -56.64 -46.80 -16.92
N MET E 4053 -55.71 -46.63 -17.87
CA MET E 4053 -54.79 -45.50 -17.78
C MET E 4053 -55.48 -44.19 -18.10
N GLU E 4054 -56.65 -44.24 -18.74
CA GLU E 4054 -57.42 -43.03 -18.92
C GLU E 4054 -58.30 -42.73 -17.72
N SER E 4055 -58.64 -43.75 -16.92
CA SER E 4055 -59.37 -43.50 -15.67
C SER E 4055 -58.44 -43.31 -14.47
N HIS E 4056 -57.26 -43.93 -14.47
CA HIS E 4056 -56.33 -43.70 -13.38
C HIS E 4056 -55.66 -42.34 -13.47
N LYS E 4057 -55.61 -41.75 -14.67
CA LYS E 4057 -55.32 -40.33 -14.90
C LYS E 4057 -53.89 -40.00 -14.46
N HIS E 4058 -52.97 -40.90 -14.77
CA HIS E 4058 -51.57 -40.61 -14.53
C HIS E 4058 -50.80 -40.35 -15.82
N TYR E 4059 -51.04 -41.14 -16.86
CA TYR E 4059 -50.41 -40.93 -18.16
C TYR E 4059 -51.34 -40.07 -19.01
N THR E 4060 -50.74 -39.27 -19.89
CA THR E 4060 -51.54 -38.62 -20.90
C THR E 4060 -51.81 -39.60 -22.05
N GLN E 4061 -52.68 -39.19 -22.97
CA GLN E 4061 -53.13 -40.06 -24.04
C GLN E 4061 -52.01 -40.43 -25.01
N SER E 4062 -51.07 -39.52 -25.25
CA SER E 4062 -50.01 -39.78 -26.21
C SER E 4062 -49.00 -40.80 -25.67
N GLU E 4063 -48.89 -40.89 -24.36
CA GLU E 4063 -47.94 -41.81 -23.76
C GLU E 4063 -48.57 -43.13 -23.35
N THR E 4064 -49.90 -43.20 -23.29
CA THR E 4064 -50.56 -44.50 -23.14
C THR E 4064 -50.30 -45.40 -24.34
N GLU E 4065 -50.19 -44.83 -25.54
CA GLU E 4065 -49.95 -45.66 -26.71
C GLU E 4065 -48.49 -46.12 -26.76
N PHE E 4066 -47.59 -45.40 -26.10
CA PHE E 4066 -46.23 -45.92 -25.99
C PHE E 4066 -46.19 -47.10 -25.03
N LEU E 4067 -47.02 -47.08 -23.99
CA LEU E 4067 -47.25 -48.30 -23.23
C LEU E 4067 -47.93 -49.34 -24.09
N LEU E 4068 -48.77 -48.92 -25.04
CA LEU E 4068 -49.55 -49.82 -25.88
C LEU E 4068 -48.86 -50.08 -27.21
N SER E 4069 -47.54 -50.20 -27.20
CA SER E 4069 -46.81 -50.61 -28.39
C SER E 4069 -47.26 -52.01 -28.80
N CYS E 4070 -46.86 -53.00 -28.01
CA CYS E 4070 -47.54 -54.30 -28.00
C CYS E 4070 -47.76 -54.65 -26.54
N ALA E 4071 -46.77 -54.26 -25.72
CA ALA E 4071 -46.66 -54.56 -24.30
C ALA E 4071 -46.77 -56.06 -24.04
N THR E 4078 -55.13 -58.21 -25.62
CA THR E 4078 -54.86 -58.36 -24.20
C THR E 4078 -53.36 -58.32 -23.91
N LEU E 4079 -53.01 -58.24 -22.62
CA LEU E 4079 -51.63 -58.14 -22.16
C LEU E 4079 -51.29 -59.23 -21.17
N ASP E 4080 -50.16 -59.08 -20.47
CA ASP E 4080 -49.77 -60.03 -19.44
C ASP E 4080 -49.50 -59.26 -18.14
N TYR E 4081 -50.45 -59.36 -17.22
CA TYR E 4081 -50.48 -58.56 -15.99
C TYR E 4081 -49.28 -58.78 -15.09
N GLU E 4082 -48.63 -59.94 -15.14
CA GLU E 4082 -47.53 -60.23 -14.24
C GLU E 4082 -46.19 -60.40 -14.94
N GLU E 4083 -46.19 -60.56 -16.26
CA GLU E 4083 -44.95 -60.64 -17.01
C GLU E 4083 -44.49 -59.30 -17.54
N PHE E 4084 -45.44 -58.47 -17.98
CA PHE E 4084 -45.07 -57.18 -18.54
C PHE E 4084 -44.51 -56.25 -17.46
N VAL E 4085 -44.92 -56.44 -16.21
CA VAL E 4085 -44.27 -55.73 -15.12
C VAL E 4085 -42.88 -56.30 -14.86
N LYS E 4086 -42.73 -57.61 -15.00
CA LYS E 4086 -41.46 -58.26 -14.71
C LYS E 4086 -40.47 -58.00 -15.84
N ARG E 4087 -41.00 -57.81 -17.05
CA ARG E 4087 -40.15 -57.47 -18.18
C ARG E 4087 -39.68 -56.02 -18.10
N PHE E 4088 -40.60 -55.10 -17.86
CA PHE E 4088 -40.32 -53.69 -18.14
C PHE E 4088 -39.77 -52.95 -16.93
N HIS E 4089 -40.29 -53.27 -15.75
CA HIS E 4089 -40.01 -52.43 -14.59
C HIS E 4089 -38.61 -52.66 -14.03
N GLU E 4090 -38.15 -53.91 -14.06
CA GLU E 4090 -36.88 -54.29 -13.44
C GLU E 4090 -35.65 -53.61 -14.05
N PRO E 4091 -35.46 -53.55 -15.38
CA PRO E 4091 -34.32 -52.76 -15.86
C PRO E 4091 -34.62 -51.28 -15.97
N ALA E 4092 -35.77 -50.84 -15.46
CA ALA E 4092 -36.05 -49.40 -15.46
C ALA E 4092 -35.53 -48.76 -14.19
N LYS E 4093 -35.54 -49.49 -13.08
CA LYS E 4093 -35.29 -48.83 -11.80
C LYS E 4093 -33.81 -48.70 -11.51
N ASP E 4094 -33.08 -49.82 -11.51
CA ASP E 4094 -31.69 -49.80 -11.06
C ASP E 4094 -30.79 -49.10 -12.06
N ILE E 4095 -31.21 -49.07 -13.32
CA ILE E 4095 -30.54 -48.19 -14.27
C ILE E 4095 -30.95 -46.75 -13.99
N GLY E 4096 -32.23 -46.54 -13.67
CA GLY E 4096 -32.68 -45.20 -13.36
C GLY E 4096 -32.28 -44.70 -11.99
N PHE E 4097 -31.68 -45.57 -11.18
CA PHE E 4097 -31.21 -45.17 -9.85
C PHE E 4097 -30.18 -44.08 -9.94
N ASN E 4098 -29.08 -44.35 -10.64
CA ASN E 4098 -27.95 -43.45 -10.63
C ASN E 4098 -28.25 -42.17 -11.37
N VAL E 4099 -29.28 -42.16 -12.20
CA VAL E 4099 -29.78 -40.91 -12.76
C VAL E 4099 -30.32 -40.03 -11.65
N ALA E 4100 -31.06 -40.63 -10.70
CA ALA E 4100 -31.64 -39.85 -9.62
C ALA E 4100 -30.58 -39.36 -8.65
N VAL E 4101 -29.55 -40.16 -8.42
CA VAL E 4101 -28.47 -39.73 -7.55
C VAL E 4101 -27.70 -38.60 -8.19
N LEU E 4102 -27.51 -38.67 -9.50
CA LEU E 4102 -26.74 -37.66 -10.21
C LEU E 4102 -27.50 -36.34 -10.24
N LEU E 4103 -28.81 -36.38 -10.46
CA LEU E 4103 -29.60 -35.15 -10.37
C LEU E 4103 -29.63 -34.63 -8.95
N THR E 4104 -29.59 -35.51 -7.97
CA THR E 4104 -29.51 -35.05 -6.59
C THR E 4104 -28.17 -34.43 -6.31
N ASN E 4105 -27.10 -35.09 -6.76
CA ASN E 4105 -25.75 -34.74 -6.32
C ASN E 4105 -25.30 -33.38 -6.82
N LEU E 4106 -26.01 -32.79 -7.77
CA LEU E 4106 -25.72 -31.41 -8.14
C LEU E 4106 -26.61 -30.44 -7.40
N SER E 4107 -27.86 -30.85 -7.12
CA SER E 4107 -28.75 -29.99 -6.38
C SER E 4107 -28.27 -29.78 -4.95
N GLU E 4108 -27.71 -30.82 -4.35
CA GLU E 4108 -27.14 -30.68 -3.02
C GLU E 4108 -25.83 -29.94 -3.08
N HIS E 4109 -25.00 -30.23 -4.09
CA HIS E 4109 -23.68 -29.61 -4.13
C HIS E 4109 -23.76 -28.19 -4.64
N MET E 4110 -24.38 -27.97 -5.79
CA MET E 4110 -24.41 -26.62 -6.34
C MET E 4110 -25.81 -26.04 -6.30
N PRO E 4111 -26.12 -25.14 -5.37
CA PRO E 4111 -27.36 -24.37 -5.48
C PRO E 4111 -27.14 -23.12 -6.30
N ASN E 4112 -28.14 -22.23 -6.35
CA ASN E 4112 -28.11 -20.95 -7.07
C ASN E 4112 -27.90 -21.17 -8.57
N ASP E 4113 -28.59 -22.15 -9.12
CA ASP E 4113 -28.47 -22.48 -10.53
C ASP E 4113 -29.87 -22.61 -11.10
N THR E 4114 -30.31 -21.59 -11.83
CA THR E 4114 -31.67 -21.59 -12.34
C THR E 4114 -31.83 -22.56 -13.49
N ARG E 4115 -30.72 -22.93 -14.14
CA ARG E 4115 -30.77 -23.91 -15.22
C ARG E 4115 -31.14 -25.29 -14.70
N LEU E 4116 -30.73 -25.60 -13.49
CA LEU E 4116 -30.95 -26.94 -12.99
C LEU E 4116 -32.35 -27.13 -12.44
N GLN E 4117 -33.01 -26.03 -12.06
CA GLN E 4117 -34.28 -26.14 -11.36
C GLN E 4117 -35.39 -26.64 -12.28
N THR E 4118 -35.56 -26.00 -13.44
CA THR E 4118 -36.47 -26.51 -14.45
C THR E 4118 -36.01 -27.85 -15.00
N PHE E 4119 -34.71 -28.12 -14.91
CA PHE E 4119 -34.20 -29.41 -15.28
C PHE E 4119 -34.59 -30.45 -14.25
N LEU E 4120 -34.57 -30.07 -12.98
CA LEU E 4120 -34.90 -30.99 -11.91
C LEU E 4120 -36.39 -31.28 -11.87
N GLU E 4121 -37.20 -30.25 -12.09
CA GLU E 4121 -38.62 -30.33 -11.79
C GLU E 4121 -39.40 -31.22 -12.74
N LEU E 4122 -38.83 -31.60 -13.87
CA LEU E 4122 -39.59 -32.48 -14.74
C LEU E 4122 -39.34 -33.94 -14.43
N ALA E 4123 -38.44 -34.22 -13.49
CA ALA E 4123 -38.12 -35.58 -13.08
C ALA E 4123 -38.80 -35.96 -11.78
N GLU E 4124 -39.93 -35.35 -11.47
CA GLU E 4124 -40.49 -35.48 -10.13
C GLU E 4124 -41.20 -36.79 -9.89
N SER E 4125 -41.47 -37.57 -10.92
CA SER E 4125 -41.93 -38.92 -10.64
C SER E 4125 -40.80 -39.88 -10.37
N VAL E 4126 -39.57 -39.47 -10.61
CA VAL E 4126 -38.40 -40.29 -10.34
C VAL E 4126 -37.82 -40.00 -8.97
N LEU E 4127 -37.48 -38.73 -8.71
CA LEU E 4127 -36.94 -38.34 -7.41
C LEU E 4127 -37.91 -38.61 -6.28
N ASN E 4128 -39.20 -38.51 -6.52
CA ASN E 4128 -40.17 -38.92 -5.53
C ASN E 4128 -40.63 -40.34 -5.73
N TYR E 4129 -39.89 -41.15 -6.49
CA TYR E 4129 -40.00 -42.58 -6.37
C TYR E 4129 -38.86 -43.15 -5.56
N PHE E 4130 -37.69 -42.55 -5.63
CA PHE E 4130 -36.50 -43.15 -5.06
C PHE E 4130 -36.14 -42.60 -3.69
N GLN E 4131 -36.82 -41.59 -3.22
CA GLN E 4131 -36.53 -41.10 -1.87
C GLN E 4131 -36.82 -42.09 -0.74
N PRO E 4132 -37.66 -43.12 -0.91
CA PRO E 4132 -37.54 -44.26 -0.02
C PRO E 4132 -36.18 -44.95 -0.05
N PHE E 4133 -35.42 -44.86 -1.13
CA PHE E 4133 -34.24 -45.68 -1.30
C PHE E 4133 -32.93 -44.93 -1.23
N LEU E 4134 -32.94 -43.62 -1.07
CA LEU E 4134 -31.75 -42.81 -1.30
C LEU E 4134 -31.14 -42.40 0.03
N GLY E 4135 -30.34 -43.28 0.62
CA GLY E 4135 -29.79 -43.01 1.92
C GLY E 4135 -28.56 -42.13 1.85
N ARG E 4136 -28.57 -41.05 2.60
CA ARG E 4136 -27.50 -40.06 2.60
C ARG E 4136 -26.85 -40.04 3.96
N ILE E 4137 -25.53 -40.08 4.02
CA ILE E 4137 -24.83 -39.86 5.27
C ILE E 4137 -23.88 -38.69 5.06
N GLU E 4138 -23.06 -38.38 6.06
CA GLU E 4138 -21.97 -37.43 5.88
C GLU E 4138 -20.75 -37.96 6.61
N ILE E 4139 -19.58 -37.87 6.00
CA ILE E 4139 -18.34 -38.35 6.60
C ILE E 4139 -17.24 -37.33 6.39
N MET E 4140 -16.15 -37.50 7.12
CA MET E 4140 -15.00 -36.62 6.98
C MET E 4140 -14.00 -37.31 6.06
N GLY E 4141 -14.18 -37.12 4.76
CA GLY E 4141 -13.54 -37.94 3.77
C GLY E 4141 -12.13 -37.59 3.35
N SER E 4142 -11.14 -37.92 4.19
CA SER E 4142 -9.72 -38.04 3.83
C SER E 4142 -9.04 -36.76 3.36
N ALA E 4143 -9.76 -35.64 3.35
CA ALA E 4143 -9.20 -34.39 2.88
C ALA E 4143 -9.31 -33.31 3.94
N LYS E 4144 -9.62 -33.72 5.18
CA LYS E 4144 -9.88 -32.83 6.31
C LYS E 4144 -11.01 -31.86 6.00
N ARG E 4145 -12.03 -32.35 5.30
CA ARG E 4145 -13.20 -31.57 4.98
C ARG E 4145 -14.33 -32.54 4.61
N ILE E 4146 -15.54 -32.19 5.00
CA ILE E 4146 -16.63 -33.14 5.11
C ILE E 4146 -17.48 -33.11 3.86
N GLU E 4147 -17.79 -34.28 3.31
CA GLU E 4147 -18.49 -34.41 2.06
C GLU E 4147 -19.63 -35.40 2.20
N ARG E 4148 -20.70 -35.20 1.43
CA ARG E 4148 -21.80 -36.14 1.44
C ARG E 4148 -21.40 -37.47 0.81
N VAL E 4149 -22.23 -38.48 1.01
CA VAL E 4149 -22.09 -39.83 0.47
C VAL E 4149 -23.50 -40.30 0.17
N TYR E 4150 -23.71 -40.94 -0.98
CA TYR E 4150 -25.04 -41.37 -1.36
C TYR E 4150 -24.95 -42.85 -1.70
N PHE E 4151 -25.99 -43.61 -1.38
CA PHE E 4151 -25.93 -45.03 -1.68
C PHE E 4151 -27.34 -45.56 -1.89
N GLU E 4152 -27.45 -46.88 -1.80
CA GLU E 4152 -28.66 -47.60 -2.12
C GLU E 4152 -29.14 -48.37 -0.91
N ILE E 4153 -30.35 -48.07 -0.46
CA ILE E 4153 -30.97 -48.78 0.65
C ILE E 4153 -31.91 -49.81 0.07
N SER E 4154 -31.69 -51.07 0.39
CA SER E 4154 -32.50 -52.14 -0.16
C SER E 4154 -33.88 -52.11 0.49
N GLU E 4155 -34.83 -52.82 -0.09
CA GLU E 4155 -36.19 -52.80 0.46
C GLU E 4155 -36.46 -53.96 1.39
N SER E 4156 -35.71 -55.04 1.26
CA SER E 4156 -35.77 -56.08 2.27
C SER E 4156 -35.08 -55.67 3.57
N SER E 4157 -34.40 -54.54 3.60
CA SER E 4157 -33.79 -54.07 4.83
C SER E 4157 -34.40 -52.79 5.35
N ARG E 4158 -35.28 -52.14 4.59
CA ARG E 4158 -36.03 -51.04 5.14
C ARG E 4158 -37.20 -51.56 5.95
N THR E 4159 -37.74 -52.71 5.57
CA THR E 4159 -38.80 -53.35 6.31
C THR E 4159 -38.28 -54.38 7.29
N GLN E 4160 -37.02 -54.28 7.71
CA GLN E 4160 -36.59 -55.01 8.89
C GLN E 4160 -35.84 -54.10 9.84
N TRP E 4161 -36.12 -52.81 9.79
CA TRP E 4161 -35.87 -51.92 10.90
C TRP E 4161 -37.18 -51.58 11.58
N GLU E 4162 -38.25 -52.23 11.16
CA GLU E 4162 -39.44 -52.55 11.91
C GLU E 4162 -39.19 -53.89 12.58
N LYS E 4163 -40.25 -54.66 12.87
CA LYS E 4163 -40.17 -56.02 13.40
C LYS E 4163 -39.54 -56.02 14.78
N PRO E 4164 -40.32 -55.78 15.81
CA PRO E 4164 -39.85 -55.18 17.06
C PRO E 4164 -38.79 -55.93 17.87
N GLN E 4165 -38.26 -57.05 17.38
CA GLN E 4165 -37.01 -57.54 17.95
C GLN E 4165 -35.91 -56.51 17.82
N VAL E 4166 -35.90 -55.78 16.71
CA VAL E 4166 -34.90 -54.75 16.50
C VAL E 4166 -35.22 -53.47 17.24
N LYS E 4167 -36.47 -53.02 17.20
CA LYS E 4167 -36.83 -51.78 17.89
C LYS E 4167 -36.75 -51.92 19.39
N GLU E 4168 -36.79 -53.14 19.91
CA GLU E 4168 -36.47 -53.32 21.31
C GLU E 4168 -34.98 -53.17 21.54
N SER E 4169 -34.18 -53.62 20.58
CA SER E 4169 -32.74 -53.50 20.74
C SER E 4169 -32.24 -52.10 20.52
N LYS E 4170 -32.99 -51.29 19.77
CA LYS E 4170 -32.60 -49.89 19.61
C LYS E 4170 -32.80 -49.13 20.90
N ARG E 4171 -33.99 -49.23 21.49
CA ARG E 4171 -34.32 -48.42 22.65
C ARG E 4171 -33.58 -48.86 23.89
N GLN E 4172 -33.09 -50.10 23.94
CA GLN E 4172 -32.15 -50.43 24.99
C GLN E 4172 -30.79 -49.83 24.73
N PHE E 4173 -30.34 -49.80 23.48
CA PHE E 4173 -29.02 -49.26 23.22
C PHE E 4173 -28.98 -47.75 23.37
N ILE E 4174 -29.99 -47.06 22.84
CA ILE E 4174 -30.03 -45.60 22.91
C ILE E 4174 -30.02 -45.13 24.36
N PHE E 4175 -30.75 -45.82 25.21
CA PHE E 4175 -30.73 -45.47 26.63
C PHE E 4175 -29.42 -45.92 27.29
N ASP E 4176 -28.71 -46.86 26.67
CA ASP E 4176 -27.49 -47.33 27.30
C ASP E 4176 -26.36 -46.32 27.17
N VAL E 4177 -26.08 -45.86 25.95
CA VAL E 4177 -24.86 -45.10 25.70
C VAL E 4177 -24.99 -43.67 26.17
N VAL E 4178 -26.12 -43.01 25.93
CA VAL E 4178 -26.23 -41.58 26.20
C VAL E 4178 -26.43 -41.31 27.69
N ASN E 4179 -26.71 -42.35 28.46
CA ASN E 4179 -26.77 -42.22 29.91
C ASN E 4179 -25.37 -42.22 30.51
N GLU E 4180 -24.63 -43.30 30.31
CA GLU E 4180 -23.28 -43.47 30.83
C GLU E 4180 -22.40 -44.05 29.75
N GLY E 4181 -21.13 -43.64 29.77
CA GLY E 4181 -20.19 -44.00 28.73
C GLY E 4181 -19.65 -42.76 28.03
N GLY E 4182 -18.38 -42.45 28.29
CA GLY E 4182 -17.81 -41.20 27.88
C GLY E 4182 -17.55 -41.13 26.38
N GLU E 4183 -17.01 -39.98 25.97
CA GLU E 4183 -16.83 -39.71 24.54
C GLU E 4183 -15.77 -40.60 23.92
N LYS E 4184 -14.76 -41.03 24.68
CA LYS E 4184 -13.67 -41.83 24.10
C LYS E 4184 -14.13 -43.19 23.60
N GLU E 4185 -15.27 -43.69 24.08
CA GLU E 4185 -15.91 -44.81 23.42
C GLU E 4185 -17.37 -44.55 23.11
N LYS E 4186 -17.73 -43.34 22.67
CA LYS E 4186 -19.11 -43.16 22.26
C LYS E 4186 -19.36 -43.82 20.91
N MET E 4187 -18.59 -43.44 19.89
CA MET E 4187 -18.80 -44.00 18.57
C MET E 4187 -18.36 -45.44 18.48
N GLU E 4188 -17.39 -45.84 19.30
CA GLU E 4188 -16.98 -47.23 19.33
C GLU E 4188 -18.08 -48.11 19.89
N LEU E 4189 -18.95 -47.54 20.71
CA LEU E 4189 -20.17 -48.22 21.08
C LEU E 4189 -21.25 -48.09 20.03
N PHE E 4190 -21.10 -47.20 19.05
CA PHE E 4190 -22.10 -47.17 18.00
C PHE E 4190 -21.85 -48.29 17.02
N VAL E 4191 -20.62 -48.45 16.54
CA VAL E 4191 -20.34 -49.48 15.55
C VAL E 4191 -20.45 -50.86 16.16
N ASN E 4192 -20.21 -50.97 17.47
CA ASN E 4192 -20.48 -52.22 18.15
C ASN E 4192 -21.96 -52.47 18.31
N PHE E 4193 -22.81 -51.47 18.08
CA PHE E 4193 -24.23 -51.75 17.99
C PHE E 4193 -24.65 -52.07 16.57
N CYS E 4194 -24.03 -51.42 15.57
CA CYS E 4194 -24.41 -51.70 14.20
C CYS E 4194 -23.93 -53.06 13.74
N GLU E 4195 -22.86 -53.59 14.34
CA GLU E 4195 -22.41 -54.92 13.99
C GLU E 4195 -23.40 -55.97 14.42
N ASP E 4196 -24.03 -55.79 15.57
CA ASP E 4196 -24.99 -56.79 16.04
C ASP E 4196 -26.32 -56.66 15.33
N THR E 4197 -26.73 -55.44 15.05
CA THR E 4197 -28.05 -55.23 14.50
C THR E 4197 -28.16 -55.69 13.06
N ILE E 4198 -27.02 -55.88 12.40
CA ILE E 4198 -27.05 -56.56 11.12
C ILE E 4198 -27.32 -58.05 11.33
N PHE E 4199 -26.79 -58.63 12.39
CA PHE E 4199 -27.06 -60.04 12.65
C PHE E 4199 -28.52 -60.25 13.04
N GLU E 4200 -29.17 -59.26 13.62
CA GLU E 4200 -30.60 -59.40 13.85
C GLU E 4200 -31.38 -59.30 12.55
N MET E 4201 -30.97 -58.43 11.65
CA MET E 4201 -31.71 -58.29 10.42
C MET E 4201 -31.45 -59.42 9.45
N GLN E 4202 -30.45 -60.25 9.71
CA GLN E 4202 -30.38 -61.52 9.00
C GLN E 4202 -31.21 -62.57 9.69
N LEU E 4203 -31.30 -62.49 11.01
CA LEU E 4203 -32.11 -63.45 11.74
C LEU E 4203 -33.58 -63.19 11.50
N ALA E 4204 -33.94 -61.94 11.23
CA ALA E 4204 -35.33 -61.63 10.95
C ALA E 4204 -35.77 -62.06 9.57
N ALA E 4205 -34.83 -62.33 8.66
CA ALA E 4205 -35.25 -62.77 7.34
C ALA E 4205 -35.66 -64.22 7.35
N GLN E 4206 -34.97 -65.06 8.09
CA GLN E 4206 -35.32 -66.46 8.15
C GLN E 4206 -36.38 -66.76 9.18
N ILE E 4207 -37.20 -65.78 9.54
CA ILE E 4207 -38.26 -65.94 10.50
C ILE E 4207 -39.56 -65.47 9.87
N ALA E 4487 -36.91 -81.01 9.68
CA ALA E 4487 -37.77 -81.11 8.50
C ALA E 4487 -38.94 -80.15 8.60
N TYR E 4488 -40.07 -80.67 9.07
CA TYR E 4488 -41.21 -79.82 9.42
C TYR E 4488 -40.97 -79.15 10.76
N GLN E 4489 -40.02 -79.68 11.54
CA GLN E 4489 -39.65 -79.12 12.84
C GLN E 4489 -39.07 -77.72 12.70
N GLN E 4490 -38.37 -77.45 11.61
CA GLN E 4490 -37.82 -76.13 11.40
C GLN E 4490 -38.91 -75.11 11.08
N LYS E 4491 -40.00 -75.59 10.47
CA LYS E 4491 -41.13 -74.71 10.21
C LYS E 4491 -41.83 -74.32 11.51
N LEU E 4492 -41.93 -75.27 12.43
CA LEU E 4492 -42.57 -75.01 13.71
C LEU E 4492 -41.74 -74.06 14.54
N LEU E 4493 -40.43 -74.29 14.60
CA LEU E 4493 -39.55 -73.53 15.47
C LEU E 4493 -39.46 -72.07 15.07
N ASN E 4494 -39.76 -71.74 13.83
CA ASN E 4494 -39.85 -70.34 13.44
C ASN E 4494 -41.23 -69.77 13.68
N TYR E 4495 -42.21 -70.58 14.03
CA TYR E 4495 -43.47 -69.98 14.46
C TYR E 4495 -43.35 -69.48 15.89
N PHE E 4496 -42.51 -70.11 16.70
CA PHE E 4496 -42.43 -69.74 18.10
C PHE E 4496 -41.52 -68.55 18.31
N ALA E 4497 -40.42 -68.47 17.59
CA ALA E 4497 -39.54 -67.31 17.75
C ALA E 4497 -40.15 -66.08 17.12
N ARG E 4498 -41.03 -66.26 16.14
CA ARG E 4498 -41.77 -65.13 15.60
C ARG E 4498 -42.76 -64.61 16.63
N ASN E 4499 -43.64 -65.48 17.09
CA ASN E 4499 -44.63 -65.12 18.09
C ASN E 4499 -44.04 -65.39 19.46
N PHE E 4500 -43.23 -64.45 19.92
CA PHE E 4500 -42.77 -64.48 21.30
C PHE E 4500 -43.43 -63.38 22.10
N TYR E 4501 -43.32 -62.14 21.65
CA TYR E 4501 -43.94 -61.02 22.35
C TYR E 4501 -45.45 -61.11 22.28
N ASN E 4502 -45.97 -61.77 21.25
CA ASN E 4502 -47.39 -62.03 21.17
C ASN E 4502 -47.79 -63.33 21.83
N MET E 4503 -46.87 -63.98 22.54
CA MET E 4503 -47.21 -65.17 23.30
C MET E 4503 -46.90 -65.02 24.77
N ARG E 4504 -45.90 -64.24 25.13
CA ARG E 4504 -45.72 -63.90 26.53
C ARG E 4504 -46.81 -62.99 27.04
N MET E 4505 -47.42 -62.20 26.18
CA MET E 4505 -48.63 -61.49 26.57
C MET E 4505 -49.77 -62.44 26.87
N LEU E 4506 -49.88 -63.54 26.14
CA LEU E 4506 -50.91 -64.52 26.44
C LEU E 4506 -50.61 -65.31 27.70
N ALA E 4507 -49.35 -65.42 28.06
CA ALA E 4507 -49.03 -66.13 29.30
C ALA E 4507 -49.32 -65.32 30.53
N LEU E 4508 -49.71 -64.06 30.37
CA LEU E 4508 -50.15 -63.25 31.48
C LEU E 4508 -51.66 -63.28 31.65
N PHE E 4509 -52.40 -63.18 30.54
CA PHE E 4509 -53.85 -63.16 30.60
C PHE E 4509 -54.42 -64.46 31.11
N VAL E 4510 -53.71 -65.56 30.93
CA VAL E 4510 -54.11 -66.79 31.60
C VAL E 4510 -53.87 -66.67 33.09
N ALA E 4511 -52.77 -66.07 33.50
CA ALA E 4511 -52.44 -65.99 34.91
C ALA E 4511 -53.33 -65.04 35.67
N PHE E 4512 -54.06 -64.15 35.01
CA PHE E 4512 -55.16 -63.52 35.71
C PHE E 4512 -56.30 -64.48 35.93
N ALA E 4513 -56.65 -65.26 34.91
CA ALA E 4513 -57.80 -66.12 35.00
C ALA E 4513 -57.59 -67.29 35.94
N ILE E 4514 -56.36 -67.64 36.27
CA ILE E 4514 -56.18 -68.52 37.40
C ILE E 4514 -56.42 -67.77 38.69
N ASN E 4515 -55.74 -66.64 38.88
CA ASN E 4515 -55.82 -65.89 40.10
C ASN E 4515 -57.07 -65.04 40.20
N PHE E 4516 -58.01 -65.17 39.28
CA PHE E 4516 -59.35 -64.70 39.57
C PHE E 4516 -60.23 -65.84 40.05
N ILE E 4517 -60.09 -67.02 39.45
CA ILE E 4517 -60.83 -68.18 39.89
C ILE E 4517 -60.38 -68.62 41.26
N LEU E 4518 -59.08 -68.54 41.52
CA LEU E 4518 -58.50 -68.94 42.79
C LEU E 4518 -58.93 -68.04 43.96
N LEU E 4519 -59.56 -66.91 43.68
CA LEU E 4519 -60.03 -66.04 44.74
C LEU E 4519 -61.22 -66.61 45.49
N PHE E 4520 -61.85 -67.68 44.99
CA PHE E 4520 -63.11 -68.18 45.49
C PHE E 4520 -62.97 -69.34 46.47
N TYR E 4521 -61.76 -69.59 46.99
CA TYR E 4521 -61.56 -70.72 47.87
C TYR E 4521 -62.15 -70.47 49.25
N LYS E 4522 -62.31 -71.54 50.01
CA LYS E 4522 -62.89 -71.48 51.35
C LYS E 4522 -62.45 -72.73 52.10
N VAL E 4523 -62.27 -72.61 53.40
CA VAL E 4523 -61.87 -73.75 54.19
C VAL E 4523 -63.09 -74.37 54.86
N VAL E 4558 -60.28 -78.95 55.19
CA VAL E 4558 -59.31 -78.80 54.13
C VAL E 4558 -59.86 -77.90 53.03
N HIS E 4559 -59.00 -77.42 52.14
CA HIS E 4559 -59.35 -76.36 51.20
C HIS E 4559 -60.12 -76.98 50.03
N TYR E 4560 -61.43 -76.79 50.02
CA TYR E 4560 -62.23 -77.15 48.87
C TYR E 4560 -62.79 -75.89 48.23
N VAL E 4561 -62.86 -75.89 46.93
CA VAL E 4561 -63.42 -74.76 46.21
C VAL E 4561 -64.93 -74.80 46.38
N LEU E 4562 -65.57 -73.64 46.28
CA LEU E 4562 -67.01 -73.61 46.13
C LEU E 4562 -67.33 -73.12 44.74
N GLU E 4563 -68.61 -72.91 44.46
CA GLU E 4563 -69.04 -72.28 43.24
C GLU E 4563 -69.94 -71.11 43.59
N GLU E 4564 -69.97 -70.13 42.69
CA GLU E 4564 -70.99 -69.10 42.75
C GLU E 4564 -71.71 -68.91 41.43
N SER E 4565 -71.04 -69.15 40.29
CA SER E 4565 -71.72 -68.97 39.02
C SER E 4565 -72.45 -70.23 38.59
N SER E 4566 -71.74 -71.34 38.45
CA SER E 4566 -72.34 -72.56 37.92
C SER E 4566 -71.53 -73.76 38.40
N GLY E 4567 -71.95 -74.95 37.96
CA GLY E 4567 -71.25 -76.15 38.35
C GLY E 4567 -69.90 -76.31 37.69
N TYR E 4568 -69.72 -75.70 36.51
CA TYR E 4568 -68.53 -75.94 35.70
C TYR E 4568 -67.47 -74.87 35.97
N MET E 4569 -67.02 -74.83 37.22
CA MET E 4569 -66.02 -73.84 37.60
C MET E 4569 -64.67 -74.46 37.90
N GLU E 4570 -64.60 -75.38 38.84
CA GLU E 4570 -63.34 -76.07 39.11
C GLU E 4570 -62.76 -76.93 38.00
N PRO E 4571 -63.50 -77.46 37.00
CA PRO E 4571 -62.76 -78.05 35.87
C PRO E 4571 -62.08 -77.02 35.01
N THR E 4572 -62.68 -75.85 34.84
CA THR E 4572 -62.09 -74.77 34.06
C THR E 4572 -60.82 -74.21 34.69
N LEU E 4573 -60.65 -74.36 36.00
CA LEU E 4573 -59.34 -74.12 36.56
C LEU E 4573 -58.36 -75.21 36.17
N ARG E 4574 -58.79 -76.47 36.17
CA ARG E 4574 -57.90 -77.57 35.83
C ARG E 4574 -57.56 -77.54 34.34
N ILE E 4575 -58.42 -76.97 33.51
CA ILE E 4575 -58.07 -76.78 32.11
C ILE E 4575 -57.08 -75.67 31.95
N LEU E 4576 -57.36 -74.50 32.54
CA LEU E 4576 -56.50 -73.35 32.38
C LEU E 4576 -55.20 -73.46 33.14
N ALA E 4577 -55.05 -74.42 34.04
CA ALA E 4577 -53.77 -74.61 34.68
C ALA E 4577 -52.82 -75.43 33.83
N ILE E 4578 -53.29 -76.53 33.25
CA ILE E 4578 -52.44 -77.33 32.39
C ILE E 4578 -52.18 -76.60 31.08
N LEU E 4579 -53.03 -75.66 30.69
CA LEU E 4579 -52.73 -74.82 29.54
C LEU E 4579 -51.60 -73.85 29.83
N HIS E 4580 -51.46 -73.40 31.08
CA HIS E 4580 -50.47 -72.40 31.39
C HIS E 4580 -49.07 -72.96 31.41
N THR E 4581 -48.91 -74.23 31.75
CA THR E 4581 -47.61 -74.84 31.62
C THR E 4581 -47.24 -75.01 30.17
N VAL E 4582 -48.21 -75.22 29.30
CA VAL E 4582 -47.95 -75.37 27.87
C VAL E 4582 -47.46 -74.06 27.28
N ILE E 4583 -48.14 -72.95 27.58
CA ILE E 4583 -47.73 -71.66 27.03
C ILE E 4583 -46.40 -71.22 27.63
N SER E 4584 -46.22 -71.42 28.93
CA SER E 4584 -44.93 -71.07 29.51
C SER E 4584 -43.81 -72.02 29.11
N PHE E 4585 -44.13 -73.16 28.52
CA PHE E 4585 -43.08 -73.90 27.86
C PHE E 4585 -42.88 -73.44 26.43
N PHE E 4586 -43.89 -72.81 25.85
CA PHE E 4586 -43.69 -72.26 24.52
C PHE E 4586 -43.21 -70.83 24.55
N CYS E 4587 -42.64 -70.38 25.66
CA CYS E 4587 -42.03 -69.07 25.71
C CYS E 4587 -40.61 -69.14 26.22
N ILE E 4588 -40.07 -70.33 26.47
CA ILE E 4588 -38.63 -70.51 26.50
C ILE E 4588 -38.14 -71.33 25.34
N ILE E 4589 -39.03 -71.99 24.60
CA ILE E 4589 -38.65 -72.45 23.28
C ILE E 4589 -38.55 -71.28 22.33
N GLY E 4590 -39.57 -70.42 22.31
CA GLY E 4590 -39.55 -69.28 21.42
C GLY E 4590 -38.52 -68.24 21.80
N TYR E 4591 -38.10 -68.22 23.06
CA TYR E 4591 -36.99 -67.37 23.42
C TYR E 4591 -35.68 -67.98 22.98
N TYR E 4592 -35.63 -69.29 22.82
CA TYR E 4592 -34.37 -69.93 22.49
C TYR E 4592 -33.93 -69.69 21.07
N CYS E 4593 -34.82 -69.25 20.20
CA CYS E 4593 -34.48 -69.03 18.80
C CYS E 4593 -34.72 -67.60 18.37
N LEU E 4594 -34.80 -66.67 19.30
CA LEU E 4594 -35.02 -65.28 18.96
C LEU E 4594 -33.97 -64.38 19.59
N LYS E 4595 -33.57 -64.66 20.81
CA LYS E 4595 -32.61 -63.81 21.48
C LYS E 4595 -31.35 -64.54 21.88
N VAL E 4596 -31.40 -65.85 22.05
CA VAL E 4596 -30.23 -66.62 22.42
C VAL E 4596 -29.20 -66.68 21.29
N PRO E 4597 -29.57 -66.77 20.00
CA PRO E 4597 -28.55 -66.57 18.98
C PRO E 4597 -27.90 -65.20 18.98
N LEU E 4598 -28.53 -64.17 19.53
CA LEU E 4598 -27.85 -62.89 19.56
C LEU E 4598 -26.85 -62.82 20.70
N VAL E 4599 -27.22 -63.28 21.90
CA VAL E 4599 -26.31 -63.20 23.03
C VAL E 4599 -25.18 -64.21 22.89
N ILE E 4600 -25.34 -65.21 22.02
CA ILE E 4600 -24.21 -66.00 21.60
C ILE E 4600 -23.24 -65.15 20.78
N PHE E 4601 -23.78 -64.33 19.89
CA PHE E 4601 -22.95 -63.56 18.96
C PHE E 4601 -22.14 -62.50 19.69
N LYS E 4602 -22.74 -61.82 20.66
CA LYS E 4602 -21.98 -60.81 21.38
C LYS E 4602 -20.98 -61.43 22.34
N ARG E 4603 -21.11 -62.72 22.61
CA ARG E 4603 -20.11 -63.43 23.39
C ARG E 4603 -18.96 -63.92 22.51
N GLU E 4604 -19.27 -64.46 21.34
CA GLU E 4604 -18.23 -64.94 20.46
C GLU E 4604 -17.41 -63.82 19.85
N LYS E 4605 -17.99 -62.65 19.63
CA LYS E 4605 -17.19 -61.53 19.16
C LYS E 4605 -16.22 -61.09 20.24
N GLU E 4606 -16.67 -61.08 21.48
CA GLU E 4606 -15.83 -60.55 22.52
C GLU E 4606 -14.71 -61.52 22.92
N VAL E 4607 -14.78 -62.77 22.49
CA VAL E 4607 -13.63 -63.63 22.67
C VAL E 4607 -12.76 -63.62 21.42
N ALA E 4608 -13.38 -63.51 20.24
CA ALA E 4608 -12.59 -63.56 19.02
C ALA E 4608 -11.85 -62.26 18.80
N ARG E 4609 -12.40 -61.15 19.27
CA ARG E 4609 -11.68 -59.90 19.19
C ARG E 4609 -10.82 -59.65 20.40
N LYS E 4610 -10.62 -60.66 21.25
CA LYS E 4610 -9.73 -60.47 22.39
C LYS E 4610 -8.48 -61.31 22.25
N LEU E 4611 -8.61 -62.54 21.78
CA LEU E 4611 -7.40 -63.32 21.58
C LEU E 4611 -6.67 -62.94 20.31
N GLU E 4612 -7.32 -62.21 19.41
CA GLU E 4612 -6.69 -61.90 18.13
C GLU E 4612 -6.02 -60.53 18.15
N PHE E 4613 -6.79 -59.47 18.35
CA PHE E 4613 -6.19 -58.14 18.32
C PHE E 4613 -5.41 -57.85 19.58
N ASP E 4614 -5.67 -58.57 20.66
CA ASP E 4614 -4.95 -58.35 21.90
C ASP E 4614 -4.23 -59.59 22.40
N GLY E 4615 -4.90 -60.73 22.42
CA GLY E 4615 -4.27 -61.94 22.89
C GLY E 4615 -4.44 -62.06 24.38
N LEU E 4616 -5.11 -63.11 24.84
CA LEU E 4616 -5.11 -63.35 26.28
C LEU E 4616 -4.82 -64.82 26.56
N TYR E 4617 -5.22 -65.70 25.66
CA TYR E 4617 -4.92 -67.12 25.84
C TYR E 4617 -3.52 -67.48 25.37
N ILE E 4618 -2.75 -66.50 24.93
CA ILE E 4618 -1.36 -66.70 24.54
C ILE E 4618 -0.43 -65.92 25.47
N THR E 4619 -0.86 -64.75 25.92
CA THR E 4619 -0.01 -63.82 26.61
C THR E 4619 -0.50 -63.42 27.98
N GLU E 4620 -1.81 -63.19 28.16
CA GLU E 4620 -2.27 -62.63 29.42
C GLU E 4620 -2.64 -63.68 30.44
N GLN E 4621 -3.37 -64.73 30.03
CA GLN E 4621 -3.87 -65.81 30.88
C GLN E 4621 -4.67 -65.27 32.07
N PRO E 4622 -5.93 -64.91 31.88
CA PRO E 4622 -6.67 -64.14 32.89
C PRO E 4622 -6.88 -64.92 34.19
N SER E 4623 -6.99 -64.15 35.27
CA SER E 4623 -6.78 -64.67 36.62
C SER E 4623 -8.02 -65.42 37.12
N GLU E 4624 -8.03 -65.70 38.43
CA GLU E 4624 -9.20 -66.32 39.05
C GLU E 4624 -10.37 -65.34 39.14
N ASP E 4625 -10.10 -64.05 39.22
CA ASP E 4625 -11.14 -63.06 38.99
C ASP E 4625 -11.44 -63.03 37.49
N ASP E 4626 -12.57 -62.42 37.13
CA ASP E 4626 -13.16 -62.47 35.79
C ASP E 4626 -13.41 -63.93 35.40
N ILE E 4627 -14.40 -64.50 36.11
CA ILE E 4627 -14.84 -65.88 35.91
C ILE E 4627 -15.23 -66.14 34.47
N LYS E 4628 -15.94 -65.20 33.84
CA LYS E 4628 -16.42 -65.42 32.47
C LYS E 4628 -15.27 -65.39 31.48
N GLY E 4629 -14.12 -64.88 31.88
CA GLY E 4629 -12.92 -65.09 31.10
C GLY E 4629 -12.55 -66.56 31.15
N GLN E 4630 -12.62 -67.15 32.35
CA GLN E 4630 -12.13 -68.51 32.53
C GLN E 4630 -13.05 -69.53 31.90
N TRP E 4631 -14.34 -69.23 31.77
CA TRP E 4631 -15.24 -70.17 31.15
C TRP E 4631 -15.06 -70.20 29.65
N ASP E 4632 -14.55 -69.12 29.07
CA ASP E 4632 -14.36 -69.04 27.64
C ASP E 4632 -13.21 -69.89 27.14
N ARG E 4633 -12.38 -70.40 28.04
CA ARG E 4633 -11.25 -71.25 27.69
C ARG E 4633 -11.69 -72.58 27.09
N LEU E 4634 -12.94 -72.95 27.26
CA LEU E 4634 -13.39 -74.26 26.80
C LEU E 4634 -13.89 -74.25 25.37
N VAL E 4635 -13.92 -73.10 24.70
CA VAL E 4635 -14.57 -73.05 23.39
C VAL E 4635 -13.54 -72.97 22.28
N ILE E 4636 -12.31 -72.54 22.59
CA ILE E 4636 -11.33 -72.33 21.54
C ILE E 4636 -10.77 -73.64 21.01
N ASN E 4637 -10.84 -74.72 21.78
CA ASN E 4637 -10.42 -76.01 21.28
C ASN E 4637 -11.44 -76.65 20.37
N THR E 4638 -12.65 -76.13 20.32
CA THR E 4638 -13.69 -76.78 19.53
C THR E 4638 -13.47 -76.49 18.06
N GLN E 4639 -14.12 -77.30 17.22
CA GLN E 4639 -13.93 -77.18 15.79
C GLN E 4639 -14.74 -76.02 15.24
N SER E 4640 -16.06 -76.07 15.38
CA SER E 4640 -16.93 -75.03 14.83
C SER E 4640 -17.03 -73.91 15.86
N PHE E 4641 -15.93 -73.18 16.04
CA PHE E 4641 -15.94 -72.13 17.06
C PHE E 4641 -16.72 -70.88 16.62
N PRO E 4642 -16.35 -70.18 15.54
CA PRO E 4642 -17.15 -68.98 15.30
C PRO E 4642 -18.38 -69.36 14.49
N ASN E 4643 -19.40 -69.84 15.20
CA ASN E 4643 -20.58 -70.32 14.50
C ASN E 4643 -21.53 -69.19 14.13
N ASN E 4644 -21.45 -68.05 14.81
CA ASN E 4644 -22.32 -66.93 14.47
C ASN E 4644 -21.55 -65.67 14.11
N TYR E 4645 -20.24 -65.66 14.29
CA TYR E 4645 -19.46 -64.44 14.18
C TYR E 4645 -18.99 -64.17 12.73
N TRP E 4646 -19.56 -64.87 11.74
CA TRP E 4646 -19.33 -64.68 10.29
C TRP E 4646 -17.89 -64.62 9.81
N ASP E 4647 -16.92 -65.02 10.64
CA ASP E 4647 -15.52 -64.70 10.44
C ASP E 4647 -14.67 -65.94 10.61
N LYS E 4648 -15.01 -66.97 9.86
CA LYS E 4648 -14.56 -68.34 10.05
C LYS E 4648 -13.05 -68.56 9.91
N PHE E 4649 -12.24 -67.52 9.68
CA PHE E 4649 -10.79 -67.65 9.60
C PHE E 4649 -10.10 -66.97 10.76
N VAL E 4650 -10.75 -66.93 11.92
CA VAL E 4650 -10.08 -66.31 13.06
C VAL E 4650 -9.08 -67.27 13.68
N LYS E 4651 -9.17 -68.56 13.39
CA LYS E 4651 -8.16 -69.48 13.90
C LYS E 4651 -6.83 -69.27 13.21
N ARG E 4652 -6.82 -69.09 11.89
CA ARG E 4652 -5.59 -68.95 11.16
C ARG E 4652 -4.95 -67.59 11.37
N LYS E 4653 -5.73 -66.57 11.70
CA LYS E 4653 -5.18 -65.23 11.86
C LYS E 4653 -4.29 -65.12 13.07
N VAL E 4654 -4.52 -65.93 14.10
CA VAL E 4654 -3.68 -65.85 15.29
C VAL E 4654 -2.37 -66.59 15.06
N MET E 4655 -2.42 -67.72 14.34
CA MET E 4655 -1.22 -68.47 13.97
C MET E 4655 -0.27 -67.63 13.14
N ASP E 4656 -0.80 -66.86 12.19
CA ASP E 4656 0.07 -65.99 11.42
C ASP E 4656 0.49 -64.78 12.22
N LYS E 4657 -0.12 -64.54 13.37
CA LYS E 4657 0.27 -63.40 14.16
C LYS E 4657 1.18 -63.78 15.31
N TYR E 4658 1.00 -64.98 15.88
CA TYR E 4658 1.73 -65.35 17.09
C TYR E 4658 2.45 -66.69 16.97
N GLY E 4659 2.54 -67.24 15.77
CA GLY E 4659 3.17 -68.53 15.58
C GLY E 4659 4.67 -68.52 15.41
N GLU E 4660 5.32 -67.38 15.66
CA GLU E 4660 6.77 -67.24 15.52
C GLU E 4660 7.44 -66.81 16.82
N PHE E 4661 6.79 -65.98 17.63
CA PHE E 4661 7.26 -65.76 18.99
C PHE E 4661 7.10 -67.01 19.83
N TYR E 4662 6.08 -67.80 19.54
CA TYR E 4662 5.80 -69.04 20.22
C TYR E 4662 5.62 -70.11 19.16
N GLY E 4663 5.40 -71.34 19.61
CA GLY E 4663 5.44 -72.49 18.72
C GLY E 4663 4.26 -72.53 17.77
N ARG E 4664 4.53 -72.91 16.52
CA ARG E 4664 3.46 -73.27 15.61
C ARG E 4664 2.85 -74.62 15.95
N ASP E 4665 3.45 -75.37 16.87
CA ASP E 4665 2.80 -76.59 17.30
C ASP E 4665 1.95 -76.40 18.56
N ARG E 4666 2.34 -75.48 19.46
CA ARG E 4666 1.54 -75.25 20.66
C ARG E 4666 0.21 -74.57 20.31
N ILE E 4667 0.18 -73.74 19.28
CA ILE E 4667 -1.06 -73.10 18.88
C ILE E 4667 -1.99 -74.11 18.21
N SER E 4668 -1.43 -74.99 17.38
CA SER E 4668 -2.25 -75.99 16.72
C SER E 4668 -2.75 -77.06 17.68
N GLU E 4669 -2.10 -77.21 18.84
CA GLU E 4669 -2.69 -78.00 19.91
C GLU E 4669 -3.76 -77.23 20.64
N LEU E 4670 -3.55 -75.93 20.83
CA LEU E 4670 -4.50 -75.10 21.55
C LEU E 4670 -5.75 -74.87 20.72
N LEU E 4671 -5.59 -74.52 19.45
CA LEU E 4671 -6.74 -74.18 18.63
C LEU E 4671 -7.23 -75.38 17.83
N GLY E 4672 -6.39 -75.92 16.96
CA GLY E 4672 -6.77 -77.04 16.11
C GLY E 4672 -6.64 -76.77 14.63
N ASN E 4700 -26.81 -86.43 12.89
CA ASN E 4700 -26.41 -87.70 13.45
C ASN E 4700 -25.33 -87.50 14.52
N SER E 4701 -24.27 -86.78 14.18
CA SER E 4701 -23.15 -86.53 15.07
C SER E 4701 -23.01 -85.02 15.24
N ILE E 4702 -22.77 -84.59 16.48
CA ILE E 4702 -22.71 -83.17 16.82
C ILE E 4702 -21.46 -82.88 17.64
N ASP E 4703 -21.08 -81.61 17.71
CA ASP E 4703 -19.96 -81.18 18.55
C ASP E 4703 -20.47 -81.12 19.98
N VAL E 4704 -19.73 -81.76 20.89
CA VAL E 4704 -20.21 -81.84 22.26
C VAL E 4704 -19.57 -80.78 23.14
N LYS E 4705 -18.34 -80.35 22.82
CA LYS E 4705 -17.70 -79.36 23.67
C LYS E 4705 -18.28 -77.97 23.43
N TYR E 4706 -18.80 -77.73 22.25
CA TYR E 4706 -19.46 -76.47 22.01
C TYR E 4706 -20.83 -76.44 22.67
N GLN E 4707 -21.55 -77.55 22.60
CA GLN E 4707 -22.89 -77.58 23.16
C GLN E 4707 -22.88 -77.53 24.67
N MET E 4708 -21.82 -78.04 25.29
CA MET E 4708 -21.66 -77.84 26.73
C MET E 4708 -21.32 -76.39 27.03
N TRP E 4709 -20.71 -75.69 26.08
CA TRP E 4709 -20.37 -74.30 26.32
C TRP E 4709 -21.53 -73.39 25.97
N LYS E 4710 -22.38 -73.80 25.04
CA LYS E 4710 -23.50 -72.94 24.69
C LYS E 4710 -24.50 -72.85 25.83
N LEU E 4711 -24.81 -73.97 26.48
CA LEU E 4711 -25.68 -73.91 27.65
C LEU E 4711 -25.01 -73.24 28.83
N GLY E 4712 -23.68 -73.19 28.86
CA GLY E 4712 -23.00 -72.55 29.96
C GLY E 4712 -23.10 -71.05 29.92
N VAL E 4713 -23.45 -70.48 28.76
CA VAL E 4713 -23.59 -69.04 28.66
C VAL E 4713 -25.04 -68.63 28.64
N VAL E 4714 -25.97 -69.56 28.42
CA VAL E 4714 -27.38 -69.21 28.52
C VAL E 4714 -27.77 -69.06 29.99
N PHE E 4715 -27.34 -69.98 30.83
CA PHE E 4715 -27.87 -70.03 32.19
C PHE E 4715 -27.36 -68.91 33.05
N THR E 4716 -26.23 -68.31 32.70
CA THR E 4716 -25.82 -67.13 33.43
C THR E 4716 -26.38 -65.85 32.82
N ASP E 4717 -26.97 -65.93 31.63
CA ASP E 4717 -27.62 -64.76 31.06
C ASP E 4717 -28.86 -64.43 31.85
N ASN E 4718 -28.96 -63.16 32.23
CA ASN E 4718 -29.88 -62.76 33.28
C ASN E 4718 -31.34 -62.83 32.84
N SER E 4719 -31.62 -62.48 31.60
CA SER E 4719 -33.01 -62.49 31.18
C SER E 4719 -33.54 -63.88 30.94
N PHE E 4720 -32.67 -64.87 30.79
CA PHE E 4720 -33.18 -66.21 30.57
C PHE E 4720 -33.67 -66.85 31.85
N LEU E 4721 -33.03 -66.54 32.97
CA LEU E 4721 -33.36 -67.20 34.23
C LEU E 4721 -34.75 -66.85 34.69
N TYR E 4722 -35.17 -65.60 34.49
CA TYR E 4722 -36.54 -65.24 34.81
C TYR E 4722 -37.53 -65.99 33.93
N LEU E 4723 -37.17 -66.29 32.70
CA LEU E 4723 -38.04 -67.14 31.91
C LEU E 4723 -37.99 -68.59 32.35
N ALA E 4724 -36.97 -68.98 33.09
CA ALA E 4724 -37.00 -70.33 33.65
C ALA E 4724 -37.82 -70.38 34.92
N TRP E 4725 -37.61 -69.41 35.82
CA TRP E 4725 -38.35 -69.38 37.07
C TRP E 4725 -39.83 -69.12 36.84
N TYR E 4726 -40.17 -68.42 35.77
CA TYR E 4726 -41.57 -68.28 35.41
C TYR E 4726 -42.13 -69.59 34.90
N MET E 4727 -41.29 -70.50 34.44
CA MET E 4727 -41.77 -71.81 34.03
C MET E 4727 -41.73 -72.81 35.16
N THR E 4728 -40.71 -72.77 36.01
CA THR E 4728 -40.60 -73.79 37.04
C THR E 4728 -41.59 -73.63 38.15
N MET E 4729 -42.31 -72.52 38.22
CA MET E 4729 -43.45 -72.48 39.12
C MET E 4729 -44.66 -73.13 38.49
N SER E 4730 -44.75 -73.14 37.16
CA SER E 4730 -45.88 -73.78 36.50
C SER E 4730 -45.88 -75.29 36.70
N VAL E 4731 -44.71 -75.91 36.72
CA VAL E 4731 -44.63 -77.32 37.09
C VAL E 4731 -45.01 -77.49 38.54
N LEU E 4732 -44.55 -76.59 39.40
CA LEU E 4732 -44.96 -76.62 40.79
C LEU E 4732 -46.38 -76.11 40.99
N GLY E 4733 -47.02 -75.59 39.94
CA GLY E 4733 -48.37 -75.11 40.09
C GLY E 4733 -49.43 -76.19 40.13
N HIS E 4734 -49.08 -77.43 39.79
CA HIS E 4734 -50.02 -78.52 39.91
C HIS E 4734 -49.87 -79.27 41.22
N TYR E 4735 -48.73 -79.18 41.87
CA TYR E 4735 -48.60 -79.73 43.21
C TYR E 4735 -49.39 -78.90 44.21
N ASN E 4736 -49.60 -77.62 43.92
CA ASN E 4736 -50.51 -76.78 44.69
C ASN E 4736 -50.98 -75.64 43.81
N ASN E 4737 -52.28 -75.37 43.85
CA ASN E 4737 -52.86 -74.37 42.96
C ASN E 4737 -52.42 -72.96 43.28
N PHE E 4738 -52.01 -72.69 44.51
CA PHE E 4738 -51.66 -71.34 44.89
C PHE E 4738 -50.38 -70.84 44.24
N PHE E 4739 -49.58 -71.72 43.66
CA PHE E 4739 -48.34 -71.26 43.04
C PHE E 4739 -48.55 -70.54 41.73
N PHE E 4740 -49.77 -70.46 41.21
CA PHE E 4740 -50.02 -69.57 40.11
C PHE E 4740 -50.30 -68.15 40.58
N ALA E 4741 -50.13 -67.87 41.86
CA ALA E 4741 -50.19 -66.52 42.38
C ALA E 4741 -48.82 -65.91 42.54
N ALA E 4742 -47.78 -66.63 42.18
CA ALA E 4742 -46.46 -66.03 42.05
C ALA E 4742 -46.18 -65.64 40.61
N HIS E 4743 -47.12 -65.90 39.71
CA HIS E 4743 -46.98 -65.47 38.34
C HIS E 4743 -47.55 -64.10 38.12
N LEU E 4744 -48.08 -63.47 39.16
CA LEU E 4744 -48.55 -62.12 39.00
C LEU E 4744 -47.43 -61.12 39.00
N LEU E 4745 -46.24 -61.52 39.40
CA LEU E 4745 -45.10 -60.62 39.35
C LEU E 4745 -44.53 -60.45 37.96
N ASP E 4746 -45.19 -60.96 36.94
CA ASP E 4746 -44.88 -60.55 35.58
C ASP E 4746 -45.50 -59.21 35.25
N ILE E 4747 -46.30 -58.66 36.15
CA ILE E 4747 -46.62 -57.25 36.08
C ILE E 4747 -45.39 -56.40 36.33
N ALA E 4748 -44.49 -56.88 37.19
CA ALA E 4748 -43.31 -56.10 37.52
C ALA E 4748 -42.32 -56.06 36.37
N MET E 4749 -41.88 -57.22 35.90
CA MET E 4749 -40.94 -57.28 34.78
C MET E 4749 -41.59 -56.83 33.46
N GLY E 4750 -42.91 -56.71 33.41
CA GLY E 4750 -43.57 -56.51 32.14
C GLY E 4750 -43.99 -55.11 31.79
N PHE E 4751 -43.86 -54.15 32.68
CA PHE E 4751 -44.25 -52.79 32.37
C PHE E 4751 -43.03 -51.88 32.47
N LYS E 4752 -43.29 -50.59 32.43
CA LYS E 4752 -42.18 -49.64 32.51
C LYS E 4752 -42.15 -48.90 33.83
N THR E 4753 -43.24 -48.24 34.21
CA THR E 4753 -43.26 -47.52 35.47
C THR E 4753 -43.50 -48.42 36.66
N LEU E 4754 -43.52 -49.74 36.48
CA LEU E 4754 -43.41 -50.68 37.57
C LEU E 4754 -42.11 -51.44 37.54
N ARG E 4755 -41.43 -51.47 36.42
CA ARG E 4755 -40.06 -51.97 36.41
C ARG E 4755 -39.16 -51.01 37.15
N THR E 4756 -39.49 -49.72 37.14
CA THR E 4756 -38.68 -48.71 37.79
C THR E 4756 -38.80 -48.80 39.31
N ILE E 4757 -39.98 -49.16 39.82
CA ILE E 4757 -40.17 -49.35 41.25
C ILE E 4757 -39.32 -50.48 41.77
N LEU E 4758 -39.39 -51.63 41.11
CA LEU E 4758 -38.61 -52.81 41.44
C LEU E 4758 -37.12 -52.57 41.39
N SER E 4759 -36.66 -51.74 40.47
CA SER E 4759 -35.24 -51.45 40.37
C SER E 4759 -34.79 -50.39 41.35
N SER E 4760 -35.72 -49.64 41.93
CA SER E 4760 -35.32 -48.54 42.79
C SER E 4760 -34.92 -49.05 44.17
N VAL E 4761 -35.33 -50.26 44.52
CA VAL E 4761 -34.92 -50.80 45.81
C VAL E 4761 -33.43 -51.09 45.84
N THR E 4762 -32.89 -51.65 44.78
CA THR E 4762 -31.48 -51.98 44.74
C THR E 4762 -30.62 -51.01 43.96
N HIS E 4763 -31.19 -49.93 43.42
CA HIS E 4763 -30.37 -48.94 42.73
C HIS E 4763 -29.49 -48.20 43.70
N ASN E 4764 -30.06 -47.80 44.82
CA ASN E 4764 -29.31 -47.13 45.87
C ASN E 4764 -29.00 -48.09 47.00
N GLY E 4765 -29.04 -49.39 46.69
CA GLY E 4765 -29.12 -50.43 47.70
C GLY E 4765 -27.93 -50.55 48.61
N LYS E 4766 -26.77 -50.03 48.22
CA LYS E 4766 -25.59 -50.22 49.04
C LYS E 4766 -25.66 -49.35 50.28
N GLN E 4767 -26.26 -48.17 50.18
CA GLN E 4767 -26.48 -47.39 51.37
C GLN E 4767 -27.67 -47.89 52.16
N LEU E 4768 -28.43 -48.83 51.63
CA LEU E 4768 -29.59 -49.30 52.35
C LEU E 4768 -29.25 -50.34 53.38
N VAL E 4769 -28.33 -51.26 53.07
CA VAL E 4769 -27.96 -52.25 54.06
C VAL E 4769 -27.15 -51.62 55.17
N LEU E 4770 -26.33 -50.64 54.83
CA LEU E 4770 -25.53 -49.99 55.86
C LEU E 4770 -26.40 -49.27 56.87
N THR E 4771 -27.45 -48.59 56.44
CA THR E 4771 -28.43 -48.04 57.37
C THR E 4771 -29.37 -48.90 58.20
N VAL E 4772 -29.97 -49.93 57.60
CA VAL E 4772 -30.63 -50.96 58.39
C VAL E 4772 -29.62 -51.65 59.30
N GLY E 4773 -28.39 -51.76 58.86
CA GLY E 4773 -27.31 -52.14 59.74
C GLY E 4773 -27.03 -51.14 60.86
N LEU E 4774 -27.48 -49.90 60.74
CA LEU E 4774 -27.42 -49.02 61.89
C LEU E 4774 -28.70 -49.07 62.70
N LEU E 4775 -29.84 -49.28 62.05
CA LEU E 4775 -31.09 -49.35 62.78
C LEU E 4775 -31.15 -50.60 63.65
N ALA E 4776 -30.58 -51.70 63.18
CA ALA E 4776 -30.59 -52.89 63.99
C ALA E 4776 -29.59 -52.85 65.12
N VAL E 4777 -28.72 -51.85 65.18
CA VAL E 4777 -27.77 -51.72 66.27
C VAL E 4777 -28.25 -50.73 67.31
N VAL E 4778 -28.89 -49.64 66.89
CA VAL E 4778 -29.45 -48.68 67.84
C VAL E 4778 -30.58 -49.28 68.64
N VAL E 4779 -31.43 -50.06 67.99
CA VAL E 4779 -32.49 -50.75 68.73
C VAL E 4779 -31.89 -51.82 69.64
N TYR E 4780 -30.78 -52.43 69.23
CA TYR E 4780 -30.07 -53.32 70.15
C TYR E 4780 -29.47 -52.55 71.31
N LEU E 4781 -28.89 -51.38 71.03
CA LEU E 4781 -28.30 -50.59 72.10
C LEU E 4781 -29.36 -50.03 73.04
N TYR E 4782 -30.59 -49.89 72.58
CA TYR E 4782 -31.67 -49.60 73.51
C TYR E 4782 -32.28 -50.85 74.10
N THR E 4783 -31.74 -52.02 73.84
CA THR E 4783 -32.24 -53.20 74.53
C THR E 4783 -31.36 -53.52 75.72
N VAL E 4784 -30.07 -53.22 75.61
CA VAL E 4784 -29.15 -53.43 76.71
C VAL E 4784 -29.50 -52.52 77.88
N VAL E 4785 -29.88 -51.28 77.58
CA VAL E 4785 -30.28 -50.36 78.64
C VAL E 4785 -31.59 -50.79 79.26
N ALA E 4786 -32.56 -51.17 78.44
CA ALA E 4786 -33.85 -51.58 78.96
C ALA E 4786 -33.77 -52.88 79.72
N PHE E 4787 -32.85 -53.76 79.35
CA PHE E 4787 -32.71 -55.00 80.09
C PHE E 4787 -32.00 -54.78 81.40
N ASN E 4788 -31.06 -53.85 81.45
CA ASN E 4788 -30.25 -53.73 82.64
C ASN E 4788 -30.80 -52.73 83.64
N PHE E 4789 -31.92 -52.09 83.33
CA PHE E 4789 -32.55 -51.15 84.26
C PHE E 4789 -34.04 -51.39 84.45
N PHE E 4790 -34.75 -51.81 83.41
CA PHE E 4790 -36.20 -51.66 83.36
C PHE E 4790 -36.98 -52.93 83.08
N ARG E 4791 -36.70 -54.04 83.77
CA ARG E 4791 -37.49 -55.24 83.53
C ARG E 4791 -38.94 -55.07 83.99
N LYS E 4792 -39.16 -54.27 85.02
CA LYS E 4792 -40.40 -54.28 85.79
C LYS E 4792 -41.55 -53.60 85.06
N PHE E 4793 -41.30 -52.98 83.92
CA PHE E 4793 -42.35 -52.34 83.16
C PHE E 4793 -42.92 -53.19 82.05
N TYR E 4794 -42.27 -54.30 81.72
CA TYR E 4794 -42.52 -54.98 80.46
C TYR E 4794 -43.51 -56.13 80.70
N ASN E 4795 -44.76 -55.75 80.89
CA ASN E 4795 -45.83 -56.70 81.14
C ASN E 4795 -46.81 -56.72 79.99
N LYS E 4796 -46.77 -57.78 79.21
CA LYS E 4796 -47.76 -58.01 78.16
C LYS E 4796 -48.93 -58.83 78.67
N SER E 4797 -49.24 -58.71 79.95
CA SER E 4797 -50.13 -59.60 80.67
C SER E 4797 -51.48 -58.94 80.86
N GLU E 4798 -52.30 -59.56 81.70
CA GLU E 4798 -53.62 -59.04 82.05
C GLU E 4798 -53.72 -58.94 83.56
N ASP E 4799 -53.31 -57.80 84.10
CA ASP E 4799 -53.65 -57.29 85.43
C ASP E 4799 -53.13 -58.16 86.57
N GLY E 4800 -52.02 -58.86 86.38
CA GLY E 4800 -51.30 -59.47 87.49
C GLY E 4800 -51.83 -60.80 87.99
N ASP E 4801 -53.15 -61.00 88.00
CA ASP E 4801 -53.68 -62.31 88.39
C ASP E 4801 -53.37 -63.36 87.34
N THR E 4802 -53.26 -62.93 86.09
CA THR E 4802 -52.69 -63.74 85.05
C THR E 4802 -51.22 -64.04 85.40
N PRO E 4803 -50.76 -65.26 85.11
CA PRO E 4803 -49.35 -65.59 85.43
C PRO E 4803 -48.42 -64.83 84.50
N ASP E 4804 -48.08 -63.62 84.96
CA ASP E 4804 -47.73 -62.48 84.12
C ASP E 4804 -46.63 -62.77 83.11
N MET E 4805 -46.79 -62.21 81.92
CA MET E 4805 -45.83 -62.33 80.84
C MET E 4805 -44.77 -61.25 80.99
N LYS E 4806 -43.52 -61.61 80.84
CA LYS E 4806 -42.44 -60.66 80.98
C LYS E 4806 -41.68 -60.53 79.68
N CYS E 4807 -40.66 -59.68 79.70
CA CYS E 4807 -39.69 -59.57 78.63
C CYS E 4807 -38.30 -59.43 79.21
N ASP E 4808 -38.01 -60.18 80.26
CA ASP E 4808 -36.68 -60.22 80.87
C ASP E 4808 -35.88 -61.40 80.35
N ASP E 4809 -35.77 -61.51 79.04
CA ASP E 4809 -34.86 -62.46 78.42
C ASP E 4809 -34.33 -61.79 77.17
N MET E 4810 -33.00 -61.78 77.02
CA MET E 4810 -32.31 -60.79 76.19
C MET E 4810 -32.75 -60.87 74.75
N LEU E 4811 -32.72 -62.06 74.17
CA LEU E 4811 -33.18 -62.25 72.81
C LEU E 4811 -34.67 -61.99 72.68
N THR E 4812 -35.45 -62.35 73.70
CA THR E 4812 -36.87 -62.05 73.63
C THR E 4812 -37.17 -60.61 73.94
N CYS E 4813 -36.32 -59.91 74.69
CA CYS E 4813 -36.53 -58.48 74.81
C CYS E 4813 -36.09 -57.76 73.55
N TYR E 4814 -35.16 -58.37 72.82
CA TYR E 4814 -34.70 -57.79 71.57
C TYR E 4814 -35.78 -57.85 70.52
N MET E 4815 -36.37 -59.02 70.30
CA MET E 4815 -37.46 -59.14 69.35
C MET E 4815 -38.72 -58.48 69.85
N PHE E 4816 -38.78 -58.07 71.11
CA PHE E 4816 -39.90 -57.23 71.50
C PHE E 4816 -39.76 -55.83 70.94
N HIS E 4817 -38.56 -55.27 70.95
CA HIS E 4817 -38.40 -53.93 70.41
C HIS E 4817 -38.47 -53.88 68.89
N MET E 4818 -37.90 -54.86 68.20
CA MET E 4818 -37.92 -54.85 66.75
C MET E 4818 -39.30 -55.11 66.17
N TYR E 4819 -40.17 -55.77 66.93
CA TYR E 4819 -41.47 -56.08 66.38
C TYR E 4819 -42.53 -55.08 66.81
N VAL E 4820 -42.36 -54.46 67.96
CA VAL E 4820 -43.36 -53.56 68.52
C VAL E 4820 -42.85 -52.12 68.58
N GLY E 4821 -41.56 -51.93 68.89
CA GLY E 4821 -41.09 -50.57 69.06
C GLY E 4821 -40.88 -49.83 67.77
N VAL E 4822 -40.41 -50.50 66.73
CA VAL E 4822 -40.20 -49.83 65.45
C VAL E 4822 -41.52 -49.61 64.74
N ARG E 4823 -42.26 -50.68 64.54
CA ARG E 4823 -43.54 -50.65 63.81
C ARG E 4823 -44.69 -49.83 64.42
N ALA E 4824 -44.48 -49.23 65.58
CA ALA E 4824 -45.54 -48.46 66.19
C ALA E 4824 -45.50 -47.06 65.62
N GLY E 4825 -46.30 -46.18 66.20
CA GLY E 4825 -46.35 -44.81 65.75
C GLY E 4825 -45.76 -43.86 66.77
N GLY E 4826 -45.56 -44.36 67.97
CA GLY E 4826 -45.06 -43.52 69.03
C GLY E 4826 -43.82 -44.07 69.68
N GLY E 4827 -43.20 -45.05 69.05
CA GLY E 4827 -41.97 -45.56 69.61
C GLY E 4827 -42.20 -46.72 70.53
N ILE E 4828 -41.83 -46.58 71.80
CA ILE E 4828 -41.94 -47.65 72.76
C ILE E 4828 -42.83 -47.29 73.94
N GLY E 4829 -43.30 -46.06 74.02
CA GLY E 4829 -44.26 -45.73 75.05
C GLY E 4829 -45.64 -46.29 74.88
N ASP E 4830 -45.88 -47.13 73.88
CA ASP E 4830 -47.18 -47.76 73.75
C ASP E 4830 -47.27 -49.06 74.53
N GLU E 4831 -46.43 -50.03 74.21
CA GLU E 4831 -46.44 -51.31 74.92
C GLU E 4831 -45.44 -51.30 76.06
N ILE E 4832 -45.59 -50.30 76.93
CA ILE E 4832 -44.88 -50.20 78.20
C ILE E 4832 -45.86 -49.57 79.17
N GLU E 4833 -45.89 -50.08 80.40
CA GLU E 4833 -46.80 -49.56 81.42
C GLU E 4833 -46.47 -48.11 81.73
N ASP E 4834 -47.50 -47.34 82.04
CA ASP E 4834 -47.37 -45.91 82.18
C ASP E 4834 -46.58 -45.55 83.43
N PRO E 4835 -45.40 -44.97 83.29
CA PRO E 4835 -44.59 -44.65 84.46
C PRO E 4835 -44.99 -43.34 85.13
N ALA E 4836 -45.67 -43.41 86.27
CA ALA E 4836 -46.04 -42.19 86.97
C ALA E 4836 -45.41 -42.10 88.34
N GLY E 4837 -45.69 -43.06 89.22
CA GLY E 4837 -45.21 -42.98 90.58
C GLY E 4837 -43.97 -43.81 90.80
N ASP E 4838 -42.87 -43.44 90.16
CA ASP E 4838 -41.70 -44.30 90.20
C ASP E 4838 -40.46 -43.48 90.47
N GLU E 4839 -39.45 -44.15 91.01
CA GLU E 4839 -38.18 -43.53 91.28
C GLU E 4839 -37.44 -43.19 90.00
N TYR E 4840 -37.68 -43.95 88.94
CA TYR E 4840 -37.03 -43.72 87.66
C TYR E 4840 -37.93 -42.98 86.70
N GLU E 4841 -38.70 -42.00 87.16
CA GLU E 4841 -39.65 -41.35 86.27
C GLU E 4841 -38.95 -40.54 85.20
N ILE E 4842 -38.12 -39.58 85.60
CA ILE E 4842 -37.45 -38.72 84.63
C ILE E 4842 -36.38 -39.50 83.88
N TYR E 4843 -35.80 -40.51 84.52
CA TYR E 4843 -34.87 -41.38 83.80
C TYR E 4843 -35.56 -42.32 82.84
N ARG E 4844 -36.89 -42.31 82.75
CA ARG E 4844 -37.54 -43.15 81.76
C ARG E 4844 -38.31 -42.36 80.73
N ILE E 4845 -38.61 -41.09 81.00
CA ILE E 4845 -39.10 -40.24 79.94
C ILE E 4845 -38.02 -40.04 78.89
N ILE E 4846 -36.79 -39.83 79.34
CA ILE E 4846 -35.62 -39.70 78.47
C ILE E 4846 -35.39 -40.98 77.68
N PHE E 4847 -35.73 -42.13 78.24
CA PHE E 4847 -35.58 -43.37 77.49
C PHE E 4847 -36.62 -43.48 76.40
N ASP E 4848 -37.77 -42.85 76.57
CA ASP E 4848 -38.72 -42.96 75.48
C ASP E 4848 -38.59 -41.85 74.47
N ILE E 4849 -38.41 -40.62 74.95
CA ILE E 4849 -38.47 -39.48 74.05
C ILE E 4849 -37.23 -39.41 73.16
N THR E 4850 -36.15 -40.12 73.49
CA THR E 4850 -35.12 -40.24 72.48
C THR E 4850 -35.50 -41.31 71.48
N PHE E 4851 -36.02 -42.45 71.93
CA PHE E 4851 -36.42 -43.55 71.06
C PHE E 4851 -37.34 -43.11 69.95
N PHE E 4852 -38.26 -42.21 70.27
CA PHE E 4852 -39.11 -41.67 69.21
C PHE E 4852 -38.34 -40.69 68.35
N PHE E 4853 -37.41 -39.95 68.95
CA PHE E 4853 -36.68 -38.90 68.25
C PHE E 4853 -35.31 -39.37 67.77
N PHE E 4854 -35.11 -40.67 67.67
CA PHE E 4854 -33.84 -41.12 67.15
C PHE E 4854 -33.99 -42.30 66.25
N VAL E 4855 -35.14 -42.96 66.24
CA VAL E 4855 -35.32 -44.17 65.48
C VAL E 4855 -36.50 -44.03 64.54
N ILE E 4856 -37.62 -43.50 65.03
CA ILE E 4856 -38.79 -43.40 64.18
C ILE E 4856 -38.79 -42.10 63.39
N VAL E 4857 -38.39 -41.01 64.02
CA VAL E 4857 -38.37 -39.73 63.32
C VAL E 4857 -37.20 -39.68 62.35
N ILE E 4858 -35.98 -39.93 62.82
CA ILE E 4858 -34.82 -39.81 61.95
C ILE E 4858 -34.62 -41.08 61.13
N LEU E 4859 -34.33 -42.19 61.80
CA LEU E 4859 -33.78 -43.37 61.12
C LEU E 4859 -34.81 -44.08 60.28
N LEU E 4860 -36.08 -43.85 60.52
CA LEU E 4860 -37.06 -44.42 59.61
C LEU E 4860 -37.62 -43.34 58.71
N ALA E 4861 -36.92 -42.23 58.59
CA ALA E 4861 -37.17 -41.35 57.46
C ALA E 4861 -36.14 -41.58 56.38
N ILE E 4862 -34.87 -41.69 56.77
CA ILE E 4862 -33.84 -41.87 55.77
C ILE E 4862 -33.69 -43.34 55.40
N ILE E 4863 -34.59 -44.21 55.84
CA ILE E 4863 -34.76 -45.49 55.18
C ILE E 4863 -35.77 -45.38 54.06
N GLN E 4864 -36.90 -44.74 54.32
CA GLN E 4864 -37.85 -44.42 53.27
C GLN E 4864 -37.26 -43.42 52.29
N GLY E 4865 -36.37 -42.55 52.77
CA GLY E 4865 -35.73 -41.56 51.95
C GLY E 4865 -34.81 -42.13 50.88
N LEU E 4866 -34.13 -43.23 51.18
CA LEU E 4866 -33.22 -43.80 50.21
C LEU E 4866 -33.95 -44.64 49.19
N ILE E 4867 -35.24 -44.87 49.39
CA ILE E 4867 -36.01 -45.60 48.38
C ILE E 4867 -36.76 -44.62 47.49
N ILE E 4868 -37.34 -43.59 48.08
CA ILE E 4868 -38.10 -42.64 47.28
C ILE E 4868 -37.18 -41.75 46.46
N ASP E 4869 -36.04 -41.35 47.02
CA ASP E 4869 -35.12 -40.56 46.21
C ASP E 4869 -34.36 -41.44 45.22
N ALA E 4870 -34.42 -42.75 45.38
CA ALA E 4870 -33.95 -43.60 44.30
C ALA E 4870 -34.94 -43.57 43.15
N PHE E 4871 -36.22 -43.72 43.47
CA PHE E 4871 -37.25 -43.64 42.44
C PHE E 4871 -37.41 -42.22 41.94
N GLY E 4872 -37.05 -41.24 42.75
CA GLY E 4872 -37.17 -39.86 42.31
C GLY E 4872 -36.02 -39.46 41.41
N GLU E 4873 -34.94 -40.25 41.42
CA GLU E 4873 -33.80 -39.97 40.56
C GLU E 4873 -33.83 -40.85 39.32
N LEU E 4874 -34.25 -42.09 39.47
CA LEU E 4874 -34.21 -43.02 38.36
C LEU E 4874 -35.31 -42.73 37.36
N ARG E 4875 -36.36 -42.04 37.79
CA ARG E 4875 -37.39 -41.63 36.85
C ARG E 4875 -37.00 -40.34 36.18
N ASP E 4876 -35.85 -39.78 36.55
CA ASP E 4876 -35.39 -38.56 35.91
C ASP E 4876 -34.37 -38.86 34.83
N GLN E 4877 -33.52 -39.87 35.06
CA GLN E 4877 -32.54 -40.30 34.07
C GLN E 4877 -33.23 -40.82 32.81
N GLN E 4878 -34.40 -41.40 32.97
CA GLN E 4878 -35.18 -41.83 31.81
C GLN E 4878 -36.00 -40.68 31.25
N GLU E 4879 -35.90 -39.50 31.86
CA GLU E 4879 -36.50 -38.33 31.26
C GLU E 4879 -35.45 -37.47 30.61
N GLN E 4880 -34.21 -37.56 31.08
CA GLN E 4880 -33.15 -36.78 30.46
C GLN E 4880 -32.80 -37.34 29.09
N VAL E 4881 -32.78 -38.67 28.97
CA VAL E 4881 -32.53 -39.33 27.70
C VAL E 4881 -33.62 -39.00 26.69
N LYS E 4882 -34.85 -38.86 27.18
CA LYS E 4882 -35.94 -38.38 26.33
C LYS E 4882 -35.72 -36.93 25.91
N GLU E 4883 -34.93 -36.18 26.64
CA GLU E 4883 -34.64 -34.80 26.30
C GLU E 4883 -33.28 -34.63 25.64
N ASP E 4884 -32.26 -35.34 26.10
CA ASP E 4884 -30.91 -35.20 25.57
C ASP E 4884 -30.80 -35.71 24.15
N MET E 4885 -31.76 -36.48 23.68
CA MET E 4885 -31.78 -36.82 22.29
C MET E 4885 -32.69 -35.92 21.48
N GLU E 4886 -33.48 -35.05 22.11
CA GLU E 4886 -34.35 -34.19 21.33
C GLU E 4886 -33.91 -32.73 21.37
N THR E 4887 -32.79 -32.45 21.98
CA THR E 4887 -32.19 -31.13 21.89
C THR E 4887 -30.71 -31.24 21.56
N LYS E 4888 -30.31 -32.37 21.01
CA LYS E 4888 -28.95 -32.52 20.54
C LYS E 4888 -29.01 -33.46 19.36
N CYS E 4889 -28.04 -33.34 18.47
CA CYS E 4889 -27.85 -34.32 17.42
C CYS E 4889 -27.05 -35.44 18.02
N PHE E 4890 -27.33 -36.67 17.60
CA PHE E 4890 -26.63 -37.78 18.23
C PHE E 4890 -25.18 -37.84 17.77
N ILE E 4891 -24.93 -37.75 16.46
CA ILE E 4891 -23.61 -38.02 15.91
C ILE E 4891 -22.78 -36.75 15.76
N CYS E 4892 -23.42 -35.65 15.41
CA CYS E 4892 -22.73 -34.37 15.44
C CYS E 4892 -22.52 -33.88 16.86
N GLY E 4893 -23.58 -33.87 17.66
CA GLY E 4893 -23.54 -33.27 18.97
C GLY E 4893 -23.54 -31.77 18.86
N ILE E 4894 -24.56 -31.22 18.22
CA ILE E 4894 -24.55 -29.79 17.87
C ILE E 4894 -25.56 -29.02 18.69
N GLY E 4895 -26.81 -29.45 18.67
CA GLY E 4895 -27.80 -28.69 19.42
C GLY E 4895 -28.97 -28.29 18.58
N ASN E 4896 -30.08 -27.99 19.23
CA ASN E 4896 -31.28 -27.58 18.55
C ASN E 4896 -31.26 -26.11 18.18
N ASP E 4897 -30.43 -25.32 18.85
CA ASP E 4897 -30.40 -23.89 18.60
C ASP E 4897 -29.76 -23.54 17.26
N TYR E 4898 -28.58 -24.09 16.99
CA TYR E 4898 -27.89 -23.79 15.74
C TYR E 4898 -28.62 -24.37 14.54
N PHE E 4899 -29.12 -25.58 14.66
CA PHE E 4899 -29.78 -26.22 13.53
C PHE E 4899 -31.21 -25.79 13.36
N ASP E 4900 -31.74 -24.94 14.23
CA ASP E 4900 -33.12 -24.61 13.91
C ASP E 4900 -33.14 -23.50 12.87
N THR E 4901 -32.95 -22.23 13.27
CA THR E 4901 -32.52 -21.07 12.46
C THR E 4901 -33.09 -20.91 11.05
N VAL E 4902 -34.04 -21.77 10.66
CA VAL E 4902 -34.77 -21.83 9.40
C VAL E 4902 -36.10 -22.40 9.88
N PRO E 4903 -37.17 -22.28 9.11
CA PRO E 4903 -38.38 -23.03 9.47
C PRO E 4903 -38.13 -24.53 9.35
N HIS E 4904 -38.50 -25.23 10.43
CA HIS E 4904 -38.59 -26.70 10.46
C HIS E 4904 -37.21 -27.33 10.28
N GLY E 4905 -36.29 -26.95 11.16
CA GLY E 4905 -34.87 -27.07 10.93
C GLY E 4905 -34.13 -28.23 11.57
N PHE E 4906 -34.47 -28.62 12.79
CA PHE E 4906 -33.81 -29.78 13.36
C PHE E 4906 -34.35 -31.06 12.76
N GLU E 4907 -35.59 -31.05 12.29
CA GLU E 4907 -36.22 -32.25 11.80
C GLU E 4907 -35.53 -32.78 10.55
N THR E 4908 -35.11 -31.88 9.65
CA THR E 4908 -34.49 -32.36 8.43
C THR E 4908 -33.03 -32.72 8.66
N HIS E 4909 -32.40 -32.17 9.68
CA HIS E 4909 -31.02 -32.56 9.93
C HIS E 4909 -30.94 -33.98 10.43
N THR E 4910 -31.97 -34.46 11.11
CA THR E 4910 -31.96 -35.83 11.58
C THR E 4910 -32.81 -36.76 10.75
N LEU E 4911 -33.45 -36.28 9.70
CA LEU E 4911 -34.17 -37.19 8.82
C LEU E 4911 -33.53 -37.29 7.45
N GLN E 4912 -32.60 -36.43 7.14
CA GLN E 4912 -31.81 -36.60 5.94
C GLN E 4912 -30.32 -36.68 6.21
N GLU E 4913 -29.77 -35.73 6.95
CA GLU E 4913 -28.33 -35.56 6.92
C GLU E 4913 -27.59 -36.56 7.79
N HIS E 4914 -28.14 -36.97 8.93
CA HIS E 4914 -27.50 -38.06 9.66
C HIS E 4914 -28.39 -39.27 9.79
N ASN E 4915 -29.50 -39.19 10.53
CA ASN E 4915 -30.50 -40.25 10.68
C ASN E 4915 -29.90 -41.61 10.95
N LEU E 4916 -29.36 -41.84 12.15
CA LEU E 4916 -28.43 -42.93 12.48
C LEU E 4916 -28.79 -44.33 11.97
N ALA E 4917 -30.05 -44.54 11.57
CA ALA E 4917 -30.38 -45.72 10.79
C ALA E 4917 -29.57 -45.80 9.51
N ASN E 4918 -29.38 -44.68 8.83
CA ASN E 4918 -28.65 -44.67 7.56
C ASN E 4918 -27.22 -45.08 7.73
N TYR E 4919 -26.59 -44.70 8.85
CA TYR E 4919 -25.25 -45.16 9.13
C TYR E 4919 -25.19 -46.63 9.43
N LEU E 4920 -26.32 -47.27 9.67
CA LEU E 4920 -26.34 -48.72 9.78
C LEU E 4920 -26.66 -49.35 8.43
N PHE E 4921 -27.50 -48.70 7.63
CA PHE E 4921 -27.72 -49.21 6.29
C PHE E 4921 -26.48 -49.09 5.43
N PHE E 4922 -25.71 -48.02 5.61
CA PHE E 4922 -24.47 -47.84 4.88
C PHE E 4922 -23.49 -48.93 5.19
N LEU E 4923 -23.41 -49.36 6.42
CA LEU E 4923 -22.49 -50.42 6.71
C LEU E 4923 -23.10 -51.78 6.40
N MET E 4924 -24.39 -51.82 6.15
CA MET E 4924 -24.96 -53.01 5.54
C MET E 4924 -24.71 -53.04 4.05
N TYR E 4925 -24.53 -51.88 3.44
CA TYR E 4925 -24.39 -51.81 1.99
C TYR E 4925 -22.97 -52.13 1.55
N LEU E 4926 -21.99 -51.81 2.40
CA LEU E 4926 -20.62 -52.15 2.10
C LEU E 4926 -20.39 -53.65 2.04
N ILE E 4927 -21.17 -54.44 2.75
CA ILE E 4927 -20.92 -55.88 2.78
C ILE E 4927 -21.31 -56.52 1.46
N ASN E 4928 -22.41 -56.10 0.88
CA ASN E 4928 -22.85 -56.72 -0.35
C ASN E 4928 -22.10 -56.22 -1.59
N LYS E 4929 -21.39 -55.11 -1.47
CA LYS E 4929 -20.54 -54.66 -2.55
C LYS E 4929 -19.32 -55.55 -2.66
N ASP E 4930 -18.90 -55.86 -3.87
CA ASP E 4930 -17.63 -56.55 -4.04
C ASP E 4930 -16.48 -55.60 -3.74
N GLU E 4931 -15.35 -56.18 -3.36
CA GLU E 4931 -14.21 -55.35 -2.98
C GLU E 4931 -13.57 -54.64 -4.16
N THR E 4932 -13.80 -55.09 -5.37
CA THR E 4932 -13.33 -54.36 -6.53
C THR E 4932 -14.25 -53.20 -6.88
N GLU E 4933 -15.48 -53.24 -6.38
CA GLU E 4933 -16.54 -52.33 -6.77
C GLU E 4933 -16.59 -51.08 -5.93
N HIS E 4934 -15.70 -50.94 -4.97
CA HIS E 4934 -15.80 -49.86 -4.01
C HIS E 4934 -15.40 -48.55 -4.66
N THR E 4935 -16.20 -47.52 -4.51
CA THR E 4935 -15.88 -46.24 -5.10
C THR E 4935 -14.88 -45.47 -4.25
N GLY E 4936 -14.84 -44.15 -4.44
CA GLY E 4936 -13.83 -43.36 -3.76
C GLY E 4936 -14.01 -43.31 -2.26
N GLN E 4937 -15.22 -42.97 -1.81
CA GLN E 4937 -15.49 -42.97 -0.38
C GLN E 4937 -15.53 -44.38 0.17
N GLU E 4938 -16.23 -45.27 -0.50
CA GLU E 4938 -16.58 -46.57 0.03
C GLU E 4938 -15.42 -47.53 0.10
N SER E 4939 -14.20 -47.07 -0.09
CA SER E 4939 -13.02 -47.81 0.25
C SER E 4939 -12.03 -46.97 1.00
N TYR E 4940 -12.39 -45.75 1.34
CA TYR E 4940 -11.68 -45.06 2.40
C TYR E 4940 -12.36 -45.28 3.73
N VAL E 4941 -13.68 -45.43 3.71
CA VAL E 4941 -14.42 -45.84 4.89
C VAL E 4941 -14.10 -47.28 5.23
N TRP E 4942 -14.30 -48.19 4.28
CA TRP E 4942 -14.21 -49.61 4.55
C TRP E 4942 -12.80 -50.02 4.91
N LYS E 4943 -11.79 -49.29 4.45
CA LYS E 4943 -10.46 -49.56 4.96
C LYS E 4943 -10.34 -49.07 6.40
N MET E 4944 -10.93 -47.92 6.72
CA MET E 4944 -10.83 -47.43 8.08
C MET E 4944 -11.64 -48.26 9.05
N TYR E 4945 -12.63 -48.98 8.56
CA TYR E 4945 -13.42 -49.83 9.43
C TYR E 4945 -12.62 -51.05 9.83
N GLN E 4946 -11.67 -51.47 9.03
CA GLN E 4946 -10.88 -52.62 9.43
C GLN E 4946 -9.86 -52.25 10.49
N GLU E 4947 -9.15 -51.15 10.29
CA GLU E 4947 -8.21 -50.69 11.30
C GLU E 4947 -8.88 -50.11 12.52
N ARG E 4948 -10.16 -49.75 12.42
CA ARG E 4948 -11.00 -49.28 13.52
C ARG E 4948 -10.42 -48.01 14.15
N CYS E 4949 -10.44 -46.94 13.37
CA CYS E 4949 -10.05 -45.65 13.93
C CYS E 4949 -11.23 -44.76 14.29
N TRP E 4950 -12.33 -44.84 13.54
CA TRP E 4950 -13.56 -44.03 13.73
C TRP E 4950 -13.29 -42.54 13.74
N GLU E 4951 -12.34 -42.07 12.96
CA GLU E 4951 -12.20 -40.64 12.82
C GLU E 4951 -13.10 -40.09 11.74
N PHE E 4952 -13.85 -40.94 11.06
CA PHE E 4952 -14.62 -40.50 9.92
C PHE E 4952 -16.04 -40.14 10.25
N PHE E 4953 -16.54 -40.47 11.44
CA PHE E 4953 -17.80 -39.91 11.88
C PHE E 4953 -17.60 -38.41 12.09
N PRO E 4954 -18.55 -37.60 11.67
CA PRO E 4954 -18.34 -36.16 11.74
C PRO E 4954 -18.34 -35.66 13.16
N ALA E 4955 -17.16 -35.30 13.67
CA ALA E 4955 -17.05 -34.95 15.08
C ALA E 4955 -17.74 -33.64 15.44
N GLY E 4956 -17.25 -32.53 14.91
CA GLY E 4956 -17.81 -31.26 15.33
C GLY E 4956 -18.73 -30.60 14.36
N ASP E 4957 -18.33 -30.47 13.10
CA ASP E 4957 -19.12 -29.75 12.11
C ASP E 4957 -19.83 -30.73 11.21
N CYS E 4958 -20.86 -30.25 10.53
CA CYS E 4958 -21.64 -31.18 9.71
C CYS E 4958 -21.57 -30.88 8.22
N PHE E 4959 -22.32 -29.92 7.72
CA PHE E 4959 -22.18 -29.52 6.33
C PHE E 4959 -22.37 -28.03 6.28
N ARG E 4960 -23.37 -27.56 7.00
CA ARG E 4960 -23.68 -26.16 7.04
C ARG E 4960 -22.78 -25.40 7.98
N LYS E 4961 -22.06 -26.10 8.84
CA LYS E 4961 -21.07 -25.45 9.68
C LYS E 4961 -19.74 -25.28 9.00
N GLN E 4962 -19.67 -25.47 7.69
CA GLN E 4962 -18.52 -25.03 6.93
C GLN E 4962 -18.88 -24.35 5.62
N TYR E 4963 -20.12 -24.45 5.15
CA TYR E 4963 -20.52 -23.82 3.90
C TYR E 4963 -21.61 -22.78 4.19
N GLU E 4964 -22.18 -22.25 3.11
CA GLU E 4964 -23.22 -21.23 3.20
C GLU E 4964 -23.55 -20.67 1.82
N GLY F 2 48.75 -97.00 -80.25
CA GLY F 2 49.00 -95.58 -80.12
C GLY F 2 49.04 -95.15 -78.66
N VAL F 3 48.74 -96.08 -77.77
CA VAL F 3 48.77 -95.82 -76.34
C VAL F 3 49.63 -96.90 -75.69
N GLU F 4 50.26 -96.55 -74.58
CA GLU F 4 51.23 -97.42 -73.95
C GLU F 4 50.54 -98.50 -73.15
N ILE F 5 50.66 -99.74 -73.62
CA ILE F 5 50.01 -100.91 -73.03
C ILE F 5 51.08 -101.80 -72.43
N GLU F 6 51.18 -101.78 -71.12
CA GLU F 6 52.11 -102.63 -70.38
C GLU F 6 51.31 -103.79 -69.84
N THR F 7 51.63 -105.00 -70.27
CA THR F 7 50.97 -106.15 -69.68
C THR F 7 51.53 -106.40 -68.29
N ILE F 8 50.65 -106.69 -67.34
CA ILE F 8 51.10 -106.90 -65.99
C ILE F 8 50.98 -108.38 -65.71
N SER F 9 49.75 -108.88 -65.71
CA SER F 9 49.48 -110.29 -65.65
C SER F 9 49.03 -110.79 -67.01
N PRO F 10 49.37 -112.02 -67.39
CA PRO F 10 48.88 -112.56 -68.66
C PRO F 10 47.48 -113.13 -68.54
N GLY F 11 46.67 -112.84 -69.54
CA GLY F 11 45.34 -113.38 -69.59
C GLY F 11 45.30 -114.66 -70.38
N ASP F 12 44.66 -114.64 -71.55
CA ASP F 12 44.77 -115.75 -72.49
C ASP F 12 45.35 -115.33 -73.83
N GLY F 13 45.41 -114.03 -74.13
CA GLY F 13 46.09 -113.54 -75.31
C GLY F 13 45.27 -113.57 -76.59
N ARG F 14 44.46 -114.61 -76.76
CA ARG F 14 43.78 -114.88 -78.02
C ARG F 14 42.44 -114.19 -78.16
N THR F 15 41.69 -114.05 -77.06
CA THR F 15 40.32 -113.55 -77.12
C THR F 15 40.31 -112.07 -76.77
N PHE F 16 40.51 -111.25 -77.77
CA PHE F 16 40.29 -109.83 -77.52
C PHE F 16 38.87 -109.45 -77.90
N PRO F 17 38.24 -108.57 -77.12
CA PRO F 17 36.78 -108.37 -77.25
C PRO F 17 36.41 -107.63 -78.53
N LYS F 18 35.25 -107.96 -79.07
CA LYS F 18 34.75 -107.34 -80.28
C LYS F 18 33.83 -106.16 -79.95
N LYS F 19 33.73 -105.24 -80.89
CA LYS F 19 32.84 -104.10 -80.75
C LYS F 19 31.40 -104.58 -80.79
N GLY F 20 30.55 -103.93 -80.00
CA GLY F 20 29.21 -104.41 -79.78
C GLY F 20 29.03 -105.30 -78.58
N GLN F 21 30.05 -105.43 -77.74
CA GLN F 21 29.96 -106.16 -76.49
C GLN F 21 30.20 -105.21 -75.33
N THR F 22 29.47 -105.39 -74.26
CA THR F 22 29.74 -104.63 -73.05
C THR F 22 30.92 -105.31 -72.35
N CYS F 23 31.80 -104.49 -71.78
CA CYS F 23 33.01 -105.01 -71.15
C CYS F 23 32.98 -104.66 -69.67
N VAL F 24 33.29 -105.64 -68.83
CA VAL F 24 33.37 -105.44 -67.39
C VAL F 24 34.84 -105.26 -67.03
N VAL F 25 35.16 -104.19 -66.31
CA VAL F 25 36.54 -103.92 -65.96
C VAL F 25 36.65 -103.37 -64.55
N HIS F 26 37.62 -103.84 -63.78
CA HIS F 26 38.02 -103.15 -62.57
C HIS F 26 39.23 -102.29 -62.89
N TYR F 27 39.13 -101.00 -62.62
CA TYR F 27 40.19 -100.10 -63.02
C TYR F 27 40.53 -99.16 -61.88
N THR F 28 41.82 -98.95 -61.67
CA THR F 28 42.31 -98.02 -60.66
C THR F 28 43.23 -97.04 -61.35
N GLY F 29 42.84 -95.77 -61.38
CA GLY F 29 43.64 -94.79 -62.08
C GLY F 29 44.33 -93.79 -61.16
N MET F 30 45.57 -93.47 -61.49
CA MET F 30 46.33 -92.45 -60.77
C MET F 30 46.90 -91.47 -61.78
N LEU F 31 47.54 -90.43 -61.25
CA LEU F 31 48.18 -89.42 -62.08
C LEU F 31 49.60 -89.84 -62.41
N GLN F 32 50.34 -88.94 -63.05
CA GLN F 32 51.75 -89.19 -63.33
C GLN F 32 52.58 -89.14 -62.06
N ASN F 33 52.17 -88.35 -61.09
CA ASN F 33 52.92 -88.21 -59.85
C ASN F 33 52.78 -89.42 -58.95
N GLY F 34 51.85 -90.33 -59.22
CA GLY F 34 51.56 -91.42 -58.34
C GLY F 34 50.39 -91.19 -57.41
N LYS F 35 49.73 -90.05 -57.52
CA LYS F 35 48.58 -89.76 -56.67
C LYS F 35 47.33 -90.38 -57.27
N LYS F 36 46.64 -91.19 -56.47
CA LYS F 36 45.53 -91.99 -56.94
C LYS F 36 44.26 -91.15 -56.95
N PHE F 37 43.71 -90.92 -58.14
CA PHE F 37 42.54 -90.10 -58.26
C PHE F 37 41.25 -90.87 -58.47
N ASP F 38 41.31 -92.12 -58.91
CA ASP F 38 40.06 -92.85 -59.08
C ASP F 38 40.30 -94.33 -58.85
N SER F 39 39.28 -95.01 -58.35
CA SER F 39 39.34 -96.45 -58.23
C SER F 39 38.03 -97.05 -58.69
N SER F 40 38.04 -98.36 -58.87
CA SER F 40 36.81 -99.13 -58.93
C SER F 40 36.75 -100.17 -57.84
N ARG F 41 37.88 -100.49 -57.22
CA ARG F 41 37.86 -101.35 -56.06
C ARG F 41 37.32 -100.61 -54.84
N ASP F 42 37.29 -99.28 -54.88
CA ASP F 42 36.95 -98.49 -53.70
C ASP F 42 35.50 -98.69 -53.32
N ARG F 43 34.64 -98.85 -54.31
CA ARG F 43 33.21 -98.92 -54.08
C ARG F 43 32.68 -100.32 -54.29
N ASN F 44 33.55 -101.28 -54.58
CA ASN F 44 33.23 -102.69 -54.80
C ASN F 44 32.24 -102.86 -55.95
N LYS F 45 32.39 -102.02 -56.97
CA LYS F 45 31.51 -102.06 -58.12
C LYS F 45 32.36 -102.24 -59.36
N PRO F 46 32.18 -103.31 -60.12
CA PRO F 46 32.88 -103.45 -61.39
C PRO F 46 32.28 -102.49 -62.40
N PHE F 47 33.15 -101.78 -63.10
CA PHE F 47 32.71 -100.85 -64.13
C PHE F 47 32.18 -101.61 -65.33
N LYS F 48 31.27 -100.98 -66.07
CA LYS F 48 30.74 -101.54 -67.30
C LYS F 48 30.73 -100.46 -68.38
N PHE F 49 31.06 -100.85 -69.61
CA PHE F 49 31.03 -99.91 -70.73
C PHE F 49 30.93 -100.65 -72.03
N ARG F 50 30.46 -99.93 -73.06
CA ARG F 50 30.23 -100.47 -74.39
C ARG F 50 31.19 -99.81 -75.37
N ILE F 51 31.78 -100.62 -76.25
CA ILE F 51 32.82 -100.16 -77.16
C ILE F 51 32.20 -99.32 -78.26
N GLY F 52 32.83 -98.18 -78.56
CA GLY F 52 32.47 -97.38 -79.71
C GLY F 52 31.31 -96.43 -79.53
N LYS F 53 30.58 -96.56 -78.42
CA LYS F 53 29.39 -95.75 -78.21
C LYS F 53 29.73 -94.34 -77.70
N GLN F 54 31.02 -94.04 -77.54
CA GLN F 54 31.55 -92.71 -77.25
C GLN F 54 31.05 -92.17 -75.91
N GLU F 55 31.25 -92.98 -74.87
CA GLU F 55 31.07 -92.54 -73.50
C GLU F 55 32.38 -92.42 -72.74
N VAL F 56 33.33 -93.30 -73.00
CA VAL F 56 34.58 -93.32 -72.27
C VAL F 56 35.60 -92.53 -73.07
N ILE F 57 36.68 -92.10 -72.40
CA ILE F 57 37.77 -91.44 -73.10
C ILE F 57 38.46 -92.42 -74.03
N LYS F 58 39.11 -91.88 -75.06
CA LYS F 58 39.50 -92.67 -76.21
C LYS F 58 40.65 -93.61 -75.90
N GLY F 59 41.57 -93.16 -75.05
CA GLY F 59 42.72 -93.99 -74.73
C GLY F 59 42.31 -95.19 -73.90
N PHE F 60 41.29 -95.03 -73.06
CA PHE F 60 40.78 -96.14 -72.27
C PHE F 60 40.17 -97.22 -73.16
N GLU F 61 39.33 -96.81 -74.12
CA GLU F 61 38.70 -97.76 -75.02
C GLU F 61 39.72 -98.42 -75.93
N GLU F 62 40.70 -97.65 -76.41
CA GLU F 62 41.74 -98.20 -77.26
C GLU F 62 42.58 -99.21 -76.51
N GLY F 63 43.03 -98.88 -75.29
CA GLY F 63 43.79 -99.81 -74.50
C GLY F 63 43.01 -101.00 -74.00
N ALA F 64 41.70 -100.87 -73.87
CA ALA F 64 40.88 -102.02 -73.53
C ALA F 64 40.61 -102.89 -74.75
N ALA F 65 40.69 -102.33 -75.95
CA ALA F 65 40.42 -103.11 -77.15
C ALA F 65 41.56 -104.07 -77.48
N GLN F 66 42.76 -103.81 -76.97
CA GLN F 66 43.87 -104.72 -77.22
C GLN F 66 43.98 -105.79 -76.15
N MET F 67 43.22 -105.69 -75.06
CA MET F 67 43.39 -106.57 -73.93
C MET F 67 42.65 -107.90 -74.17
N SER F 68 42.60 -108.74 -73.15
CA SER F 68 41.95 -110.04 -73.28
C SER F 68 41.42 -110.47 -71.92
N LEU F 69 40.82 -111.66 -71.88
CA LEU F 69 40.20 -112.17 -70.66
C LEU F 69 41.27 -112.65 -69.68
N GLY F 70 41.24 -112.08 -68.47
CA GLY F 70 42.27 -112.29 -67.49
C GLY F 70 43.41 -111.28 -67.55
N GLN F 71 43.58 -110.61 -68.68
CA GLN F 71 44.73 -109.75 -68.90
C GLN F 71 44.53 -108.40 -68.23
N ARG F 72 45.51 -107.99 -67.42
CA ARG F 72 45.49 -106.68 -66.79
C ARG F 72 46.66 -105.84 -67.30
N ALA F 73 46.43 -104.53 -67.35
CA ALA F 73 47.37 -103.68 -68.08
C ALA F 73 47.52 -102.32 -67.42
N LYS F 74 48.70 -101.75 -67.61
CA LYS F 74 49.03 -100.42 -67.14
C LYS F 74 48.93 -99.49 -68.35
N LEU F 75 47.73 -98.97 -68.57
CA LEU F 75 47.49 -98.06 -69.69
C LEU F 75 48.08 -96.71 -69.33
N THR F 76 48.95 -96.18 -70.18
CA THR F 76 49.51 -94.85 -69.90
C THR F 76 49.07 -93.89 -70.99
N CYS F 77 48.02 -93.12 -70.70
CA CYS F 77 47.41 -92.30 -71.74
C CYS F 77 48.10 -90.95 -71.83
N THR F 78 48.46 -90.58 -73.06
CA THR F 78 49.05 -89.29 -73.40
C THR F 78 47.97 -88.20 -73.32
N PRO F 79 48.28 -87.02 -72.78
CA PRO F 79 47.23 -86.04 -72.46
C PRO F 79 46.44 -85.51 -73.65
N ASP F 80 46.91 -85.71 -74.88
CA ASP F 80 46.08 -85.33 -76.01
C ASP F 80 44.91 -86.28 -76.20
N VAL F 81 45.05 -87.53 -75.76
CA VAL F 81 43.94 -88.48 -75.84
C VAL F 81 43.14 -88.45 -74.54
N ALA F 82 43.73 -87.87 -73.49
CA ALA F 82 43.07 -87.63 -72.21
C ALA F 82 42.20 -86.39 -72.26
N TYR F 83 41.89 -85.84 -71.09
CA TYR F 83 41.04 -84.66 -70.98
C TYR F 83 41.64 -83.41 -71.64
N GLY F 84 42.93 -83.41 -71.95
CA GLY F 84 43.45 -82.40 -72.85
C GLY F 84 43.81 -81.10 -72.18
N ALA F 85 43.70 -80.04 -72.98
CA ALA F 85 44.10 -78.71 -72.52
C ALA F 85 43.16 -78.15 -71.49
N THR F 86 41.88 -78.55 -71.54
CA THR F 86 40.95 -78.10 -70.51
C THR F 86 41.11 -78.92 -69.23
N GLY F 87 41.56 -80.16 -69.34
CA GLY F 87 41.55 -81.04 -68.19
C GLY F 87 40.13 -81.38 -67.80
N HIS F 88 39.94 -81.70 -66.53
CA HIS F 88 38.61 -81.89 -65.98
C HIS F 88 38.45 -80.85 -64.89
N PRO F 89 37.30 -80.25 -64.75
CA PRO F 89 37.13 -79.21 -63.74
C PRO F 89 37.13 -79.74 -62.31
N GLY F 90 38.31 -79.96 -61.76
CA GLY F 90 38.40 -80.23 -60.35
C GLY F 90 39.24 -81.43 -59.96
N VAL F 91 39.24 -82.48 -60.75
CA VAL F 91 39.88 -83.74 -60.41
C VAL F 91 41.17 -83.93 -61.18
N ILE F 92 41.28 -83.36 -62.37
CA ILE F 92 42.44 -83.54 -63.23
C ILE F 92 43.03 -82.17 -63.54
N PRO F 93 44.30 -81.92 -63.21
CA PRO F 93 44.94 -80.68 -63.61
C PRO F 93 45.13 -80.66 -65.12
N PRO F 94 45.28 -79.49 -65.71
CA PRO F 94 45.40 -79.41 -67.18
C PRO F 94 46.69 -80.04 -67.69
N ASN F 95 46.56 -80.85 -68.74
CA ASN F 95 47.68 -81.45 -69.48
C ASN F 95 48.56 -82.33 -68.60
N ALA F 96 47.99 -83.45 -68.16
CA ALA F 96 48.76 -84.45 -67.43
C ALA F 96 48.44 -85.84 -67.94
N THR F 97 49.45 -86.71 -67.94
CA THR F 97 49.26 -88.09 -68.34
C THR F 97 48.55 -88.86 -67.24
N LEU F 98 47.75 -89.84 -67.65
CA LEU F 98 46.98 -90.65 -66.72
C LEU F 98 47.51 -92.08 -66.76
N ILE F 99 47.58 -92.71 -65.61
CA ILE F 99 48.17 -94.05 -65.48
C ILE F 99 47.10 -94.95 -64.89
N PHE F 100 46.51 -95.80 -65.71
CA PHE F 100 45.49 -96.71 -65.22
C PHE F 100 46.06 -98.11 -65.06
N ASP F 101 45.62 -98.79 -64.00
CA ASP F 101 45.81 -100.22 -63.86
C ASP F 101 44.41 -100.76 -64.09
N VAL F 102 44.15 -101.21 -65.29
CA VAL F 102 42.86 -101.79 -65.60
C VAL F 102 43.00 -103.30 -65.58
N GLU F 103 41.88 -103.99 -65.43
CA GLU F 103 41.86 -105.44 -65.41
C GLU F 103 40.48 -105.86 -65.89
N LEU F 104 40.43 -106.53 -67.03
CA LEU F 104 39.14 -106.89 -67.61
C LEU F 104 38.67 -108.21 -67.01
N LEU F 105 37.37 -108.34 -66.82
CA LEU F 105 36.80 -109.52 -66.23
C LEU F 105 35.88 -110.31 -67.16
N ASN F 106 34.84 -109.69 -67.68
CA ASN F 106 33.80 -110.42 -68.38
C ASN F 106 33.33 -109.59 -69.56
N LEU F 107 32.69 -110.27 -70.51
CA LEU F 107 32.38 -109.67 -71.79
C LEU F 107 30.91 -109.91 -72.11
N GLU F 108 30.54 -109.65 -73.36
CA GLU F 108 29.21 -109.96 -73.86
C GLU F 108 29.28 -110.58 -75.25
N GLN G 12 18.53 21.58 21.33
CA GLN G 12 17.47 22.43 21.87
C GLN G 12 17.99 23.37 22.96
N PHE G 13 18.43 22.82 24.09
CA PHE G 13 18.98 23.61 25.17
C PHE G 13 20.45 23.27 25.38
N LEU G 14 21.08 23.96 26.33
CA LEU G 14 22.47 23.74 26.67
C LEU G 14 22.59 23.32 28.13
N ARG G 15 23.40 22.32 28.37
CA ARG G 15 23.54 21.73 29.70
C ARG G 15 24.99 21.82 30.14
N THR G 16 25.23 21.45 31.39
CA THR G 16 26.60 21.31 31.83
C THR G 16 27.21 20.06 31.23
N ASP G 17 28.54 20.03 31.20
CA ASP G 17 29.36 18.99 30.56
C ASP G 17 29.00 18.81 29.10
N ASP G 18 28.68 19.90 28.44
CA ASP G 18 28.45 19.92 27.01
C ASP G 18 29.68 20.48 26.33
N GLU G 19 29.68 20.42 25.00
CA GLU G 19 30.77 21.01 24.22
C GLU G 19 30.19 22.10 23.34
N VAL G 20 30.67 23.32 23.52
CA VAL G 20 30.19 24.47 22.77
C VAL G 20 31.38 25.21 22.20
N VAL G 21 31.09 26.20 21.36
CA VAL G 21 32.07 27.15 20.87
C VAL G 21 31.56 28.54 21.17
N LEU G 22 32.48 29.50 21.19
CA LEU G 22 32.12 30.89 21.31
C LEU G 22 32.53 31.61 20.03
N GLN G 23 31.59 32.34 19.45
CA GLN G 23 31.79 32.80 18.09
C GLN G 23 31.11 34.15 17.92
N CYS G 24 31.90 35.17 17.57
CA CYS G 24 31.37 36.48 17.29
C CYS G 24 31.61 36.82 15.83
N THR G 25 30.58 37.36 15.19
CA THR G 25 30.66 37.69 13.78
C THR G 25 30.82 39.19 13.65
N ALA G 26 31.98 39.61 13.16
CA ALA G 26 32.25 41.01 12.86
C ALA G 26 32.13 41.23 11.36
N THR G 27 32.18 42.50 10.96
CA THR G 27 32.14 42.86 9.55
C THR G 27 33.31 43.80 9.27
N ILE G 28 34.25 43.31 8.46
CA ILE G 28 35.33 44.17 8.00
C ILE G 28 35.16 44.48 6.51
N HIS G 29 34.58 45.66 6.23
CA HIS G 29 34.37 46.20 4.90
C HIS G 29 33.52 45.27 4.04
N LYS G 30 32.28 45.09 4.52
CA LYS G 30 31.25 44.26 3.88
C LYS G 30 31.73 42.83 3.66
N GLU G 31 32.39 42.28 4.68
CA GLU G 31 32.83 40.90 4.66
C GLU G 31 32.47 40.29 6.00
N GLN G 32 31.45 39.44 6.02
CA GLN G 32 30.91 38.86 7.25
C GLN G 32 31.92 37.84 7.76
N GLN G 33 32.77 38.28 8.67
CA GLN G 33 33.81 37.42 9.24
C GLN G 33 33.29 36.83 10.53
N LYS G 34 33.10 35.51 10.55
CA LYS G 34 32.63 34.80 11.74
C LYS G 34 33.83 34.33 12.56
N LEU G 35 34.38 35.24 13.35
CA LEU G 35 35.53 34.89 14.16
C LEU G 35 35.09 34.01 15.33
N CYS G 36 36.00 33.16 15.77
CA CYS G 36 35.74 32.27 16.89
C CYS G 36 36.83 32.48 17.93
N LEU G 37 36.51 32.20 19.19
CA LEU G 37 37.46 32.42 20.27
C LEU G 37 38.40 31.23 20.41
N ALA G 38 39.70 31.49 20.46
CA ALA G 38 40.66 30.39 20.49
C ALA G 38 41.79 30.73 21.46
N ALA G 39 41.90 29.95 22.53
CA ALA G 39 43.05 30.05 23.41
C ALA G 39 44.01 28.92 23.08
N GLU G 40 45.28 29.13 23.41
CA GLU G 40 46.31 28.15 23.05
C GLU G 40 46.72 27.27 24.22
N GLY G 41 47.25 27.86 25.28
CA GLY G 41 47.78 27.08 26.37
C GLY G 41 49.14 26.48 26.07
N PHE G 42 49.79 25.95 27.12
CA PHE G 42 51.13 25.35 27.06
C PHE G 42 52.15 26.31 26.47
N GLY G 43 52.11 27.55 26.94
CA GLY G 43 53.06 28.55 26.50
C GLY G 43 52.40 29.85 26.08
N ASN G 44 51.10 29.96 26.29
CA ASN G 44 50.38 31.14 25.82
C ASN G 44 49.18 31.40 26.71
N ARG G 45 49.27 32.46 27.50
CA ARG G 45 48.24 32.83 28.46
C ARG G 45 47.27 33.83 27.88
N LEU G 46 47.22 33.98 26.55
CA LEU G 46 46.35 34.97 25.94
C LEU G 46 45.57 34.31 24.81
N CYS G 47 44.35 34.80 24.61
CA CYS G 47 43.45 34.25 23.61
C CYS G 47 43.57 35.06 22.33
N PHE G 48 43.04 34.50 21.25
CA PHE G 48 43.02 35.22 19.98
C PHE G 48 41.81 34.78 19.19
N LEU G 49 41.81 35.12 17.90
CA LEU G 49 40.69 34.88 17.02
C LEU G 49 41.04 33.81 15.99
N GLU G 50 40.03 33.03 15.62
CA GLU G 50 40.18 31.97 14.66
C GLU G 50 39.19 32.22 13.54
N SER G 51 39.67 32.17 12.30
CA SER G 51 38.84 32.42 11.14
C SER G 51 38.00 31.18 10.84
N THR G 52 36.72 31.39 10.56
CA THR G 52 35.77 30.33 10.24
C THR G 52 35.01 30.65 8.96
N SER G 53 35.10 31.89 8.49
CA SER G 53 34.41 32.31 7.27
C SER G 53 35.01 31.68 6.03
N ASN G 54 36.33 31.77 5.88
CA ASN G 54 37.03 31.21 4.72
C ASN G 54 37.39 29.75 4.94
N SER G 55 36.40 28.92 5.27
CA SER G 55 36.64 27.52 5.57
C SER G 55 36.76 26.65 4.33
N LYS G 56 36.66 27.22 3.13
CA LYS G 56 36.65 26.41 1.92
C LYS G 56 38.05 26.21 1.35
N ASN G 57 39.00 27.03 1.75
CA ASN G 57 40.39 26.87 1.33
C ASN G 57 41.36 26.80 2.48
N VAL G 58 41.10 27.47 3.59
CA VAL G 58 41.90 27.32 4.80
C VAL G 58 40.99 26.83 5.93
N PRO G 59 41.07 25.55 6.28
CA PRO G 59 40.24 25.02 7.36
C PRO G 59 40.66 25.59 8.70
N PRO G 60 39.70 25.80 9.60
CA PRO G 60 40.04 26.32 10.92
C PRO G 60 40.66 25.23 11.78
N ASP G 61 41.36 25.65 12.81
CA ASP G 61 41.74 24.71 13.84
C ASP G 61 40.58 24.55 14.81
N LEU G 62 40.21 23.31 15.08
CA LEU G 62 39.05 23.08 15.91
C LEU G 62 39.41 22.72 17.34
N SER G 63 40.59 22.16 17.57
CA SER G 63 40.94 21.69 18.90
C SER G 63 41.24 22.82 19.87
N ILE G 64 41.40 24.05 19.40
CA ILE G 64 41.76 25.16 20.27
C ILE G 64 40.60 26.11 20.47
N CYS G 65 39.42 25.78 19.98
CA CYS G 65 38.30 26.69 20.12
C CYS G 65 37.05 26.06 20.73
N THR G 66 37.05 24.78 21.02
CA THR G 66 35.92 24.16 21.69
C THR G 66 36.10 24.26 23.19
N PHE G 67 34.99 24.41 23.89
CA PHE G 67 35.00 24.56 25.35
C PHE G 67 34.09 23.54 25.98
N VAL G 68 34.11 23.50 27.31
CA VAL G 68 33.26 22.64 28.11
C VAL G 68 32.73 23.46 29.26
N LEU G 69 31.42 23.38 29.50
CA LEU G 69 30.82 24.02 30.66
C LEU G 69 30.94 23.08 31.84
N GLU G 70 31.54 23.53 32.93
CA GLU G 70 31.77 22.63 34.05
C GLU G 70 30.64 22.70 35.07
N GLN G 71 30.42 23.87 35.65
CA GLN G 71 29.38 24.05 36.64
C GLN G 71 28.60 25.31 36.32
N SER G 72 27.47 25.45 36.99
CA SER G 72 26.60 26.61 36.78
C SER G 72 25.79 26.82 38.04
N LEU G 73 26.22 27.77 38.87
CA LEU G 73 25.54 28.08 40.10
C LEU G 73 24.77 29.37 39.95
N SER G 74 23.89 29.63 40.90
CA SER G 74 23.42 31.00 41.05
C SER G 74 24.40 31.77 41.92
N VAL G 75 24.18 33.08 42.01
CA VAL G 75 25.12 33.94 42.71
C VAL G 75 25.11 33.69 44.21
N ARG G 76 24.02 33.13 44.71
CA ARG G 76 23.91 32.81 46.13
C ARG G 76 24.86 31.68 46.48
N ALA G 77 24.88 30.62 45.66
CA ALA G 77 25.73 29.48 45.92
C ALA G 77 27.19 29.77 45.61
N LEU G 78 27.44 30.65 44.64
CA LEU G 78 28.82 31.02 44.37
C LEU G 78 29.40 31.87 45.49
N GLN G 79 28.63 32.85 45.98
CA GLN G 79 29.10 33.65 47.10
C GLN G 79 29.19 32.83 48.38
N GLU G 80 28.45 31.73 48.48
CA GLU G 80 28.65 30.80 49.57
C GLU G 80 29.95 30.01 49.40
N MET G 81 30.10 29.34 48.25
CA MET G 81 31.20 28.39 48.06
C MET G 81 32.54 29.11 47.99
N LEU G 82 32.55 30.34 47.51
CA LEU G 82 33.73 31.18 47.59
C LEU G 82 34.06 31.59 49.02
N ALA G 83 33.05 31.64 49.90
CA ALA G 83 33.27 32.07 51.27
C ALA G 83 33.82 30.97 52.17
N ASN G 84 34.21 29.83 51.62
CA ASN G 84 34.81 28.75 52.39
C ASN G 84 36.21 29.14 52.86
N GLY G 109 24.55 14.95 37.98
CA GLY G 109 23.78 14.92 36.75
C GLY G 109 24.09 16.08 35.82
N HIS G 110 23.18 16.34 34.89
CA HIS G 110 23.39 17.35 33.85
C HIS G 110 22.32 18.41 34.00
N ARG G 111 22.59 19.42 34.83
CA ARG G 111 21.69 20.53 35.00
C ARG G 111 21.60 21.37 33.72
N THR G 112 20.63 22.25 33.68
CA THR G 112 20.44 23.11 32.53
C THR G 112 20.69 24.56 32.93
N LEU G 113 21.05 25.39 31.96
CA LEU G 113 21.53 26.73 32.26
C LEU G 113 20.40 27.76 32.16
N LEU G 114 20.48 28.76 33.02
CA LEU G 114 19.50 29.83 33.08
C LEU G 114 20.23 31.16 33.08
N TYR G 115 19.62 32.15 32.41
CA TYR G 115 20.28 33.43 32.16
C TYR G 115 20.46 34.22 33.44
N GLY G 116 21.62 34.10 34.06
CA GLY G 116 21.82 34.70 35.36
C GLY G 116 22.72 33.81 36.19
N HIS G 117 23.02 32.64 35.65
CA HIS G 117 23.95 31.75 36.31
C HIS G 117 25.39 32.12 35.96
N ALA G 118 26.25 32.03 36.96
CA ALA G 118 27.67 32.24 36.79
C ALA G 118 28.34 30.93 36.44
N ILE G 119 28.75 30.79 35.19
CA ILE G 119 29.20 29.51 34.66
C ILE G 119 30.71 29.45 34.71
N LEU G 120 31.23 28.25 34.52
CA LEU G 120 32.67 28.02 34.47
C LEU G 120 32.98 27.36 33.14
N LEU G 121 33.49 28.14 32.20
CA LEU G 121 33.98 27.58 30.96
C LEU G 121 35.31 26.91 31.23
N ARG G 122 35.70 25.98 30.36
CA ARG G 122 37.04 25.46 30.38
C ARG G 122 37.45 25.04 28.99
N HIS G 123 38.76 25.05 28.76
CA HIS G 123 39.29 24.67 27.46
C HIS G 123 39.20 23.16 27.31
N SER G 124 38.48 22.72 26.29
CA SER G 124 38.13 21.32 26.12
C SER G 124 39.33 20.45 25.81
N TYR G 125 40.42 21.04 25.34
CA TYR G 125 41.63 20.26 25.11
C TYR G 125 42.61 20.44 26.26
N SER G 126 43.00 21.68 26.53
CA SER G 126 44.13 21.95 27.41
C SER G 126 43.83 21.66 28.87
N GLY G 127 42.58 21.77 29.27
CA GLY G 127 42.23 21.50 30.64
C GLY G 127 42.33 22.68 31.58
N MET G 128 42.49 23.88 31.07
CA MET G 128 42.55 25.06 31.92
C MET G 128 41.21 25.77 31.92
N TYR G 129 41.01 26.65 32.89
CA TYR G 129 39.76 27.39 33.01
C TYR G 129 39.95 28.81 32.50
N LEU G 130 39.01 29.24 31.66
CA LEU G 130 39.08 30.56 31.04
C LEU G 130 38.73 31.64 32.04
N CYS G 131 39.44 32.77 32.00
CA CYS G 131 39.24 33.81 33.00
C CYS G 131 39.75 35.13 32.47
N CYS G 132 39.56 36.16 33.28
CA CYS G 132 40.09 37.48 33.04
C CYS G 132 41.36 37.68 33.85
N LEU G 133 42.30 38.43 33.28
CA LEU G 133 43.61 38.65 33.84
C LEU G 133 43.82 40.13 34.11
N SER G 134 44.79 40.44 34.96
CA SER G 134 45.06 41.81 35.33
C SER G 134 46.17 42.44 34.50
N THR G 135 46.47 41.89 33.32
CA THR G 135 47.48 42.45 32.45
C THR G 135 46.86 43.51 31.55
N SER G 136 47.63 44.01 30.59
CA SER G 136 47.16 45.07 29.71
C SER G 136 47.80 44.93 28.35
N ARG G 137 47.13 45.52 27.36
CA ARG G 137 47.71 45.75 26.03
C ARG G 137 47.36 47.15 25.54
N LYS G 142 43.87 52.36 26.88
CA LYS G 142 42.50 51.94 27.17
C LYS G 142 42.35 51.46 28.60
N LEU G 143 41.12 51.22 29.02
CA LEU G 143 40.85 50.75 30.37
C LEU G 143 40.24 49.36 30.36
N ALA G 144 40.81 48.48 29.54
CA ALA G 144 40.33 47.11 29.42
C ALA G 144 41.24 46.16 30.17
N PHE G 145 40.85 44.90 30.22
CA PHE G 145 41.65 43.82 30.77
C PHE G 145 41.74 42.69 29.77
N ASP G 146 42.82 41.94 29.83
CA ASP G 146 43.06 40.87 28.89
C ASP G 146 42.46 39.57 29.41
N VAL G 147 42.32 38.59 28.50
CA VAL G 147 41.57 37.38 28.80
C VAL G 147 42.41 36.17 28.43
N GLY G 148 42.52 35.21 29.35
CA GLY G 148 43.34 34.04 29.08
C GLY G 148 42.99 32.91 29.99
N LEU G 149 43.81 31.86 29.94
CA LEU G 149 43.52 30.70 30.76
C LEU G 149 44.28 30.77 32.07
N GLN G 150 43.77 30.04 33.05
CA GLN G 150 44.51 29.83 34.28
C GLN G 150 44.11 28.47 34.82
N GLU G 151 44.97 27.91 35.66
CA GLU G 151 44.77 26.54 36.11
C GLU G 151 43.86 26.47 37.32
N ASP G 152 44.04 27.40 38.25
CA ASP G 152 43.27 27.41 39.49
C ASP G 152 41.84 27.86 39.22
N THR G 153 40.92 27.32 40.01
CA THR G 153 39.51 27.62 39.85
C THR G 153 38.94 28.51 40.95
N THR G 154 39.72 28.83 41.97
CA THR G 154 39.19 29.67 43.04
C THR G 154 39.21 31.13 42.61
N GLY G 155 38.66 31.98 43.47
CA GLY G 155 38.50 33.37 43.16
C GLY G 155 37.38 33.62 42.16
N GLU G 156 37.07 34.89 41.96
CA GLU G 156 36.02 35.26 41.03
C GLU G 156 36.50 35.32 39.60
N ALA G 157 37.74 34.92 39.32
CA ALA G 157 38.34 35.19 38.03
C ALA G 157 37.74 34.36 36.91
N CYS G 158 37.51 33.07 37.14
CA CYS G 158 37.05 32.17 36.09
C CYS G 158 35.56 31.95 36.11
N TRP G 159 34.78 32.95 36.49
CA TRP G 159 33.33 32.82 36.56
C TRP G 159 32.68 33.89 35.70
N TRP G 160 31.68 33.49 34.94
CA TRP G 160 31.02 34.39 33.99
C TRP G 160 29.53 34.19 34.08
N THR G 161 28.80 35.28 34.33
CA THR G 161 27.35 35.23 34.30
C THR G 161 26.86 35.53 32.89
N ILE G 162 25.95 34.72 32.42
CA ILE G 162 25.36 34.95 31.11
C ILE G 162 24.35 36.08 31.22
N HIS G 163 24.20 36.85 30.16
CA HIS G 163 23.18 37.86 30.09
C HIS G 163 22.47 37.69 28.76
N PRO G 164 21.15 37.75 28.75
CA PRO G 164 20.42 37.72 27.48
C PRO G 164 20.57 39.04 26.75
N ALA G 165 20.52 38.95 25.43
CA ALA G 165 20.68 40.12 24.58
C ALA G 165 19.45 40.32 23.74
N SER G 166 18.28 40.21 24.36
CA SER G 166 17.02 40.44 23.67
C SER G 166 15.97 40.81 24.70
N LYS G 167 14.94 41.49 24.23
CA LYS G 167 13.70 41.48 24.97
C LYS G 167 12.88 40.22 24.69
N GLN G 168 13.25 39.48 23.64
CA GLN G 168 12.54 38.26 23.23
C GLN G 168 12.73 37.13 24.22
N ARG G 169 13.82 37.13 24.99
CA ARG G 169 13.98 36.23 26.11
C ARG G 169 14.54 37.04 27.26
N SER G 170 14.29 36.58 28.48
CA SER G 170 14.54 37.46 29.61
C SER G 170 15.16 36.64 30.73
N GLU G 171 15.21 37.22 31.92
CA GLU G 171 15.92 36.67 33.06
C GLU G 171 15.28 35.37 33.53
N GLY G 172 16.12 34.46 34.02
CA GLY G 172 15.65 33.30 34.74
C GLY G 172 15.28 32.12 33.86
N GLU G 173 14.91 32.39 32.60
CA GLU G 173 14.35 31.33 31.79
C GLU G 173 15.45 30.48 31.17
N LYS G 174 15.06 29.52 30.36
CA LYS G 174 15.97 28.49 29.90
C LYS G 174 16.76 28.94 28.68
N VAL G 175 18.02 28.50 28.61
CA VAL G 175 18.87 28.80 27.47
C VAL G 175 18.40 27.98 26.27
N ARG G 176 18.69 28.47 25.07
CA ARG G 176 18.42 27.70 23.87
C ARG G 176 19.58 27.83 22.91
N VAL G 177 19.56 26.98 21.89
CA VAL G 177 20.64 26.89 20.94
C VAL G 177 20.63 28.11 20.03
N GLY G 178 21.79 28.75 19.90
CA GLY G 178 21.93 29.83 18.96
C GLY G 178 21.49 31.18 19.46
N ASP G 179 21.24 31.32 20.75
CA ASP G 179 20.82 32.60 21.29
C ASP G 179 22.03 33.53 21.39
N ASP G 180 21.99 34.65 20.68
CA ASP G 180 23.05 35.63 20.79
C ASP G 180 22.99 36.30 22.15
N LEU G 181 24.06 36.15 22.92
CA LEU G 181 24.05 36.49 24.33
C LEU G 181 25.26 37.36 24.65
N ILE G 182 25.37 37.75 25.91
CA ILE G 182 26.48 38.54 26.44
C ILE G 182 27.06 37.74 27.59
N LEU G 183 28.36 37.87 27.81
CA LEU G 183 28.98 37.29 28.99
C LEU G 183 29.45 38.43 29.89
N VAL G 184 29.44 38.19 31.20
CA VAL G 184 29.83 39.21 32.16
C VAL G 184 30.80 38.58 33.13
N SER G 185 31.95 39.22 33.31
CA SER G 185 32.91 38.80 34.30
C SER G 185 32.36 39.00 35.70
N VAL G 186 32.55 38.01 36.54
CA VAL G 186 32.22 38.14 37.95
C VAL G 186 33.24 38.99 38.67
N SER G 187 34.52 38.77 38.36
CA SER G 187 35.58 39.52 39.01
C SER G 187 35.68 40.94 38.49
N SER G 188 35.97 41.08 37.20
CA SER G 188 36.29 42.40 36.66
C SER G 188 35.07 43.25 36.41
N GLU G 189 33.88 42.67 36.51
CA GLU G 189 32.60 43.33 36.24
C GLU G 189 32.56 43.93 34.84
N ARG G 190 33.16 43.25 33.88
CA ARG G 190 33.30 43.77 32.53
C ARG G 190 32.75 42.76 31.53
N TYR G 191 32.63 43.19 30.29
CA TYR G 191 32.02 42.42 29.23
C TYR G 191 33.09 41.84 28.33
N LEU G 192 32.84 40.66 27.81
CA LEU G 192 33.85 39.95 27.03
C LEU G 192 33.82 40.52 25.61
N HIS G 193 34.56 41.61 25.42
CA HIS G 193 34.44 42.44 24.24
C HIS G 193 35.44 42.06 23.15
N LEU G 194 34.99 42.17 21.90
CA LEU G 194 35.83 42.08 20.73
C LEU G 194 36.21 43.49 20.30
N SER G 195 37.50 43.80 20.30
CA SER G 195 37.96 45.12 19.92
C SER G 195 38.84 45.02 18.67
N TYR G 196 39.08 46.18 18.07
CA TYR G 196 39.88 46.26 16.86
C TYR G 196 41.28 46.78 17.17
N LEU G 201 43.84 42.75 16.72
CA LEU G 201 42.45 42.38 16.91
C LEU G 201 42.24 41.75 18.28
N HIS G 202 42.24 42.60 19.30
CA HIS G 202 42.18 42.17 20.70
C HIS G 202 40.81 41.56 20.98
N VAL G 203 40.79 40.45 21.68
CA VAL G 203 39.65 40.05 22.48
C VAL G 203 40.04 40.37 23.91
N ASP G 204 39.22 41.17 24.60
CA ASP G 204 39.62 41.67 25.90
C ASP G 204 38.39 42.05 26.71
N ALA G 205 38.58 42.23 27.99
CA ALA G 205 37.47 42.50 28.92
C ALA G 205 37.29 44.00 29.03
N ALA G 206 36.22 44.51 28.43
CA ALA G 206 36.05 45.95 28.34
C ALA G 206 34.74 46.39 28.98
N PHE G 207 34.52 47.70 28.97
CA PHE G 207 33.30 48.27 29.51
C PHE G 207 32.19 48.25 28.47
N GLN G 208 32.53 47.92 27.23
CA GLN G 208 31.55 47.87 26.17
C GLN G 208 31.20 46.42 25.89
N GLN G 209 30.05 46.20 25.26
CA GLN G 209 29.53 44.86 25.09
C GLN G 209 29.55 44.43 23.63
N THR G 210 29.55 43.11 23.41
CA THR G 210 29.47 42.56 22.07
C THR G 210 28.81 41.20 22.16
N LEU G 211 28.37 40.69 21.02
CA LEU G 211 27.57 39.48 21.01
C LEU G 211 28.47 38.25 21.00
N TRP G 212 27.91 37.12 21.44
CA TRP G 212 28.64 35.87 21.45
C TRP G 212 27.66 34.76 21.12
N SER G 213 27.57 34.40 19.85
CA SER G 213 26.76 33.26 19.46
C SER G 213 27.45 31.97 19.86
N VAL G 214 26.69 31.02 20.37
CA VAL G 214 27.23 29.72 20.70
C VAL G 214 26.70 28.72 19.70
N ALA G 215 27.26 27.52 19.74
CA ALA G 215 26.80 26.44 18.87
C ALA G 215 27.13 25.13 19.56
N PRO G 216 26.24 24.15 19.51
CA PRO G 216 26.53 22.86 20.15
C PRO G 216 27.58 22.11 19.36
N ILE G 217 28.35 21.29 20.06
CA ILE G 217 29.32 20.41 19.43
C ILE G 217 29.02 18.95 19.72
N SER G 218 28.95 18.58 20.99
CA SER G 218 28.83 17.17 21.33
C SER G 218 27.86 17.02 22.49
N SER G 219 27.89 15.84 23.11
CA SER G 219 27.13 15.55 24.32
C SER G 219 27.77 14.38 25.07
N ALA G 224 27.67 8.14 23.34
CA ALA G 224 27.50 6.79 22.85
C ALA G 224 28.86 6.09 22.76
N GLN G 225 29.05 5.07 23.59
CA GLN G 225 30.35 4.44 23.74
C GLN G 225 30.63 3.49 22.58
N GLY G 226 31.83 3.56 22.05
CA GLY G 226 32.29 2.62 21.05
C GLY G 226 32.06 3.04 19.62
N TYR G 227 31.69 4.28 19.37
CA TYR G 227 31.38 4.70 18.03
C TYR G 227 32.18 5.94 17.65
N LEU G 228 32.08 6.33 16.39
CA LEU G 228 32.90 7.43 15.88
C LEU G 228 32.24 8.78 16.10
N ILE G 229 33.03 9.72 16.62
CA ILE G 229 32.59 11.08 16.85
C ILE G 229 33.58 12.01 16.17
N GLY G 230 33.06 12.99 15.42
CA GLY G 230 33.88 13.94 14.71
C GLY G 230 34.75 14.76 15.62
N GLY G 231 36.05 14.49 15.57
CA GLY G 231 37.01 15.10 16.48
C GLY G 231 37.97 14.11 17.08
N ASP G 232 37.89 12.85 16.71
CA ASP G 232 38.70 11.81 17.32
C ASP G 232 40.15 11.87 16.86
N VAL G 233 40.96 11.07 17.52
CA VAL G 233 42.34 10.82 17.14
C VAL G 233 42.51 9.32 17.08
N LEU G 234 42.84 8.81 15.89
CA LEU G 234 42.80 7.38 15.67
C LEU G 234 43.90 6.96 14.72
N ARG G 235 44.26 5.68 14.82
CA ARG G 235 45.13 5.01 13.88
C ARG G 235 44.28 4.34 12.82
N LEU G 236 44.91 3.88 11.74
CA LEU G 236 44.20 3.27 10.62
C LEU G 236 44.78 1.88 10.40
N LEU G 237 44.17 0.90 11.07
CA LEU G 237 44.70 -0.46 11.11
C LEU G 237 44.48 -1.19 9.79
N HIS G 238 45.44 -2.06 9.44
CA HIS G 238 45.43 -2.85 8.22
C HIS G 238 45.33 -4.35 8.46
N GLY G 239 46.10 -4.88 9.40
CA GLY G 239 46.05 -6.30 9.70
C GLY G 239 46.72 -6.65 11.01
N GLU G 243 50.12 -3.31 11.91
CA GLU G 243 50.13 -2.89 10.51
C GLU G 243 49.14 -1.75 10.31
N CYS G 244 49.64 -0.55 10.06
CA CYS G 244 48.80 0.64 10.05
C CYS G 244 49.41 1.70 9.15
N LEU G 245 48.62 2.75 8.91
CA LEU G 245 49.05 3.85 8.06
C LEU G 245 50.08 4.69 8.78
N THR G 246 51.09 5.16 8.05
CA THR G 246 52.25 5.77 8.68
C THR G 246 52.80 6.85 7.77
N VAL G 247 53.53 7.78 8.37
CA VAL G 247 54.31 8.81 7.71
C VAL G 247 55.69 8.63 8.32
N PRO G 248 56.79 8.71 7.57
CA PRO G 248 58.07 8.20 8.08
C PRO G 248 58.70 9.11 9.12
N SER G 249 59.90 8.71 9.55
CA SER G 249 60.60 9.38 10.64
C SER G 249 61.16 10.72 10.17
N GLY G 250 61.71 11.48 11.11
CA GLY G 250 62.11 12.85 10.84
C GLY G 250 63.45 12.98 10.15
N GLU G 251 64.16 14.06 10.50
CA GLU G 251 65.49 14.41 10.00
C GLU G 251 65.51 14.49 8.47
N HIS G 252 64.70 15.40 7.95
CA HIS G 252 64.69 15.71 6.52
C HIS G 252 64.64 17.20 6.28
N GLU G 255 62.54 15.46 2.53
CA GLU G 255 61.17 15.13 2.14
C GLU G 255 60.18 16.08 2.77
N GLN G 256 60.50 16.47 4.02
CA GLN G 256 59.53 16.93 5.02
C GLN G 256 58.42 15.90 5.24
N ARG G 257 58.79 14.62 5.16
CA ARG G 257 57.95 13.44 5.44
C ARG G 257 56.66 13.40 4.63
N ARG G 258 56.60 14.01 3.45
CA ARG G 258 55.33 14.20 2.77
C ARG G 258 54.83 12.95 2.06
N THR G 259 55.56 11.84 2.14
CA THR G 259 55.10 10.57 1.63
C THR G 259 54.24 9.85 2.65
N VAL G 260 53.51 8.83 2.19
CA VAL G 260 52.56 8.09 3.01
C VAL G 260 52.80 6.61 2.79
N HIS G 261 52.95 5.84 3.87
CA HIS G 261 53.23 4.42 3.77
C HIS G 261 52.22 3.61 4.57
N TYR G 262 52.28 2.30 4.39
CA TYR G 262 51.68 1.35 5.32
C TYR G 262 52.82 0.58 5.95
N GLU G 263 52.72 0.33 7.26
CA GLU G 263 53.86 -0.26 7.92
C GLU G 263 53.37 -1.25 8.98
N GLY G 264 54.31 -1.84 9.69
CA GLY G 264 54.01 -2.69 10.82
C GLY G 264 55.03 -2.50 11.92
N GLY G 265 54.74 -3.14 13.07
CA GLY G 265 55.67 -3.13 14.18
C GLY G 265 55.37 -2.08 15.25
N ALA G 266 56.42 -1.59 15.90
CA ALA G 266 56.28 -0.67 17.02
C ALA G 266 55.87 0.73 16.60
N VAL G 267 55.90 1.05 15.30
CA VAL G 267 55.43 2.35 14.83
C VAL G 267 53.92 2.44 14.88
N SER G 268 53.24 1.32 15.14
CA SER G 268 51.83 1.36 15.50
C SER G 268 51.59 2.17 16.78
N VAL G 269 52.47 2.02 17.76
CA VAL G 269 52.23 2.65 19.06
C VAL G 269 52.71 4.09 19.08
N HIS G 270 53.73 4.40 18.28
CA HIS G 270 54.44 5.67 18.41
C HIS G 270 53.60 6.83 17.90
N ALA G 271 54.16 8.03 18.03
CA ALA G 271 53.40 9.26 17.86
C ALA G 271 53.26 9.69 16.41
N ARG G 272 53.77 8.93 15.45
CA ARG G 272 53.66 9.35 14.06
C ARG G 272 52.28 9.05 13.51
N SER G 273 51.68 7.94 13.87
CA SER G 273 50.51 7.42 13.17
C SER G 273 49.21 7.97 13.77
N LEU G 274 49.11 9.28 13.90
CA LEU G 274 47.96 9.88 14.57
C LEU G 274 47.23 10.82 13.63
N TRP G 275 45.92 10.64 13.50
CA TRP G 275 45.11 11.32 12.52
C TRP G 275 43.86 11.89 13.16
N ARG G 276 43.58 13.14 12.90
CA ARG G 276 42.44 13.84 13.47
C ARG G 276 41.44 14.15 12.35
N LEU G 277 40.17 13.83 12.58
CA LEU G 277 39.13 14.08 11.59
C LEU G 277 38.56 15.47 11.84
N GLU G 278 38.31 16.21 10.78
CA GLU G 278 37.67 17.51 10.88
C GLU G 278 36.58 17.60 9.83
N THR G 279 35.33 17.57 10.27
CA THR G 279 34.20 17.56 9.36
C THR G 279 33.98 18.97 8.81
N LEU G 280 33.27 19.07 7.69
CA LEU G 280 33.11 20.35 7.01
C LEU G 280 32.14 21.29 7.71
N ARG G 281 31.34 20.80 8.64
CA ARG G 281 30.38 21.64 9.33
C ARG G 281 31.06 22.41 10.46
N VAL G 282 30.52 23.57 10.78
CA VAL G 282 31.00 24.32 11.94
C VAL G 282 30.26 23.89 13.19
N ALA G 283 28.96 24.13 13.24
CA ALA G 283 28.15 23.65 14.34
C ALA G 283 27.92 22.15 14.19
N TRP G 284 27.80 21.47 15.33
CA TRP G 284 27.66 20.02 15.42
C TRP G 284 28.80 19.28 14.73
N SER G 285 30.00 19.83 14.83
CA SER G 285 31.17 19.15 14.28
C SER G 285 31.61 17.99 15.16
N GLY G 286 31.09 17.91 16.38
CA GLY G 286 31.34 16.77 17.22
C GLY G 286 30.16 15.83 17.29
N SER G 287 29.48 15.65 16.17
CA SER G 287 28.38 14.69 16.11
C SER G 287 28.94 13.30 15.86
N HIS G 288 28.05 12.33 15.63
CA HIS G 288 28.48 11.03 15.16
C HIS G 288 29.00 11.14 13.73
N ILE G 289 29.69 10.10 13.28
CA ILE G 289 30.22 10.07 11.93
C ILE G 289 29.50 8.96 11.17
N ARG G 290 28.73 9.34 10.16
CA ARG G 290 28.01 8.41 9.31
C ARG G 290 28.53 8.54 7.88
N TRP G 291 28.18 7.56 7.06
CA TRP G 291 28.73 7.48 5.71
C TRP G 291 28.18 8.59 4.83
N GLY G 292 29.04 9.13 3.98
CA GLY G 292 28.64 10.13 3.03
C GLY G 292 28.98 11.55 3.42
N GLN G 293 29.27 11.80 4.68
CA GLN G 293 29.68 13.19 4.91
C GLN G 293 31.19 13.31 4.78
N PRO G 294 31.68 14.39 4.18
CA PRO G 294 33.12 14.52 3.96
C PRO G 294 33.83 15.07 5.18
N PHE G 295 35.13 14.86 5.22
CA PHE G 295 35.97 15.26 6.35
C PHE G 295 37.41 15.36 5.90
N ARG G 296 38.09 16.39 6.39
CA ARG G 296 39.53 16.45 6.24
C ARG G 296 40.19 15.53 7.25
N LEU G 297 41.34 14.98 6.86
CA LEU G 297 42.21 14.25 7.77
C LEU G 297 43.45 15.08 8.00
N ARG G 298 43.77 15.34 9.26
CA ARG G 298 44.93 16.10 9.64
C ARG G 298 45.95 15.18 10.28
N HIS G 299 47.18 15.29 9.84
CA HIS G 299 48.26 14.64 10.55
C HIS G 299 48.55 15.43 11.82
N VAL G 300 48.52 14.74 12.95
CA VAL G 300 48.54 15.43 14.23
C VAL G 300 49.95 15.84 14.62
N THR G 301 50.90 14.94 14.43
CA THR G 301 52.28 15.16 14.82
C THR G 301 52.94 16.25 13.97
N THR G 302 52.49 16.42 12.73
CA THR G 302 53.10 17.38 11.84
C THR G 302 52.25 18.60 11.56
N GLY G 303 50.93 18.47 11.60
CA GLY G 303 50.09 19.61 11.31
C GLY G 303 49.89 19.89 9.85
N LYS G 304 50.10 18.91 8.98
CA LYS G 304 49.86 19.08 7.56
C LYS G 304 48.72 18.17 7.12
N TYR G 305 47.97 18.64 6.12
CA TYR G 305 46.73 18.01 5.70
C TYR G 305 47.00 16.95 4.65
N LEU G 306 46.33 15.81 4.79
CA LEU G 306 46.46 14.68 3.87
C LEU G 306 45.67 14.97 2.60
N SER G 307 46.38 15.42 1.57
CA SER G 307 45.77 15.93 0.36
C SER G 307 46.08 15.03 -0.81
N LEU G 308 45.06 14.74 -1.62
CA LEU G 308 45.21 14.02 -2.87
C LEU G 308 45.18 15.01 -4.03
N MET G 309 46.21 14.99 -4.87
CA MET G 309 46.17 15.56 -6.20
C MET G 309 46.37 14.36 -7.12
N GLU G 310 45.30 13.94 -7.80
CA GLU G 310 45.30 12.67 -8.53
C GLU G 310 46.29 12.67 -9.70
N ASP G 311 46.60 13.83 -10.24
CA ASP G 311 47.68 13.92 -11.23
C ASP G 311 49.03 13.82 -10.56
N LYS G 312 49.25 14.61 -9.50
CA LYS G 312 50.60 14.79 -9.00
C LYS G 312 51.00 13.69 -8.02
N SER G 313 50.34 13.65 -6.85
CA SER G 313 50.57 12.62 -5.83
C SER G 313 49.59 12.71 -4.66
N LEU G 314 49.72 11.78 -3.73
CA LEU G 314 49.07 11.86 -2.42
C LEU G 314 50.08 12.39 -1.42
N LEU G 315 49.94 13.66 -1.03
CA LEU G 315 50.94 14.34 -0.24
C LEU G 315 50.32 14.97 1.00
N LEU G 316 51.11 15.80 1.66
CA LEU G 316 50.69 16.54 2.84
C LEU G 316 50.94 18.01 2.55
N MET G 317 49.87 18.79 2.42
CA MET G 317 50.05 20.22 2.23
C MET G 317 49.30 21.00 3.30
N ASP G 318 49.63 22.28 3.39
CA ASP G 318 49.33 23.09 4.56
C ASP G 318 47.87 23.49 4.63
N LYS G 319 47.54 24.32 5.63
CA LYS G 319 46.17 24.79 5.82
C LYS G 319 45.72 25.64 4.64
N GLU G 320 46.61 26.50 4.15
CA GLU G 320 46.28 27.45 3.10
C GLU G 320 46.26 26.81 1.71
N LYS G 321 46.45 25.50 1.63
CA LYS G 321 46.34 24.75 0.39
C LYS G 321 45.32 23.63 0.47
N ALA G 322 44.54 23.54 1.54
CA ALA G 322 43.62 22.42 1.75
C ALA G 322 42.27 22.78 1.15
N ASP G 323 42.04 22.33 -0.07
CA ASP G 323 40.82 22.65 -0.80
C ASP G 323 39.76 21.61 -0.48
N VAL G 324 38.50 22.00 -0.58
CA VAL G 324 37.39 21.15 -0.12
C VAL G 324 37.16 19.98 -1.08
N LYS G 325 37.54 20.15 -2.35
CA LYS G 325 37.45 19.02 -3.28
C LYS G 325 38.77 18.28 -3.41
N SER G 326 39.84 18.80 -2.79
CA SER G 326 41.14 18.18 -2.96
C SER G 326 41.37 17.03 -2.02
N THR G 327 40.88 17.14 -0.79
CA THR G 327 41.26 16.23 0.27
C THR G 327 40.10 15.71 1.11
N ALA G 328 38.88 16.24 0.94
CA ALA G 328 37.77 15.76 1.76
C ALA G 328 37.33 14.39 1.26
N PHE G 329 37.88 13.34 1.85
CA PHE G 329 37.56 11.97 1.49
C PHE G 329 36.36 11.51 2.29
N THR G 330 35.83 10.35 1.90
CA THR G 330 34.78 9.70 2.67
C THR G 330 34.98 8.20 2.56
N PHE G 331 34.58 7.48 3.60
CA PHE G 331 34.64 6.04 3.60
C PHE G 331 33.30 5.52 3.12
N ARG G 332 33.31 4.35 2.50
CA ARG G 332 32.08 3.64 2.15
C ARG G 332 32.16 2.21 2.64
N SER G 333 31.01 1.67 3.04
CA SER G 333 30.94 0.28 3.50
C SER G 333 31.23 -0.67 2.35
N SER G 334 30.64 -0.43 1.18
CA SER G 334 30.98 -1.17 -0.01
C SER G 334 32.15 -0.46 -0.70
N LYS G 335 32.66 -1.03 -1.79
CA LYS G 335 33.74 -0.43 -2.56
C LYS G 335 33.23 0.02 -3.93
N GLU G 336 31.99 0.45 -4.00
CA GLU G 336 31.45 0.99 -5.24
C GLU G 336 31.52 2.51 -5.19
N ARG G 343 22.67 10.08 3.91
CA ARG G 343 22.23 11.40 4.31
C ARG G 343 23.32 12.44 4.07
N LYS G 344 22.99 13.70 4.31
CA LYS G 344 23.89 14.82 4.08
C LYS G 344 24.17 15.62 5.34
N GLU G 345 23.13 16.00 6.08
CA GLU G 345 23.30 16.78 7.30
C GLU G 345 22.10 16.55 8.21
N VAL G 346 22.38 16.13 9.44
CA VAL G 346 21.36 16.01 10.48
C VAL G 346 21.77 16.88 11.65
N ASP G 347 20.87 17.75 12.11
CA ASP G 347 21.17 18.68 13.20
C ASP G 347 20.97 17.98 14.53
N GLY G 348 22.03 17.31 14.97
CA GLY G 348 22.03 16.63 16.24
C GLY G 348 23.34 15.92 16.39
N MET G 349 23.46 15.09 17.42
CA MET G 349 24.66 14.26 17.51
C MET G 349 24.48 12.92 16.82
N GLY G 350 23.34 12.72 16.17
CA GLY G 350 23.13 11.58 15.29
C GLY G 350 22.94 10.28 16.05
N THR G 351 23.09 9.18 15.32
CA THR G 351 23.07 7.87 15.94
C THR G 351 24.35 7.09 15.64
N SER G 352 24.45 5.92 16.25
CA SER G 352 25.67 5.13 16.26
C SER G 352 25.85 4.43 14.92
N GLU G 353 26.89 4.80 14.18
CA GLU G 353 27.13 4.22 12.88
C GLU G 353 28.24 3.17 12.89
N ILE G 354 29.46 3.57 13.26
CA ILE G 354 30.66 2.76 13.03
C ILE G 354 31.27 2.35 14.35
N LYS G 355 31.22 1.06 14.65
CA LYS G 355 31.98 0.56 15.77
C LYS G 355 33.43 0.37 15.31
N TYR G 356 34.36 0.22 16.25
CA TYR G 356 35.78 0.42 15.96
C TYR G 356 36.45 -0.81 15.38
N GLY G 357 36.34 -1.96 16.05
CA GLY G 357 36.99 -3.16 15.58
C GLY G 357 36.29 -3.87 14.45
N ASP G 358 34.97 -3.71 14.36
CA ASP G 358 34.16 -4.35 13.31
C ASP G 358 33.78 -3.31 12.26
N SER G 359 34.73 -3.06 11.36
CA SER G 359 34.55 -2.01 10.36
C SER G 359 35.48 -2.29 9.19
N VAL G 360 34.99 -2.02 7.99
CA VAL G 360 35.81 -2.05 6.79
C VAL G 360 35.58 -0.72 6.06
N CYS G 361 36.42 0.25 6.36
CA CYS G 361 36.28 1.60 5.84
C CYS G 361 37.10 1.71 4.58
N PHE G 362 36.41 1.83 3.45
CA PHE G 362 37.06 1.96 2.15
C PHE G 362 37.11 3.43 1.77
N ILE G 363 38.31 3.94 1.57
CA ILE G 363 38.51 5.37 1.40
C ILE G 363 38.27 5.74 -0.06
N GLN G 364 37.57 6.86 -0.28
CA GLN G 364 37.18 7.26 -1.62
C GLN G 364 37.06 8.77 -1.65
N HIS G 365 37.60 9.38 -2.70
CA HIS G 365 37.55 10.82 -2.81
C HIS G 365 36.17 11.30 -3.28
N ILE G 366 35.95 12.61 -3.19
CA ILE G 366 34.76 13.24 -3.76
C ILE G 366 35.01 13.64 -5.22
N GLY G 367 36.10 14.34 -5.51
CA GLY G 367 36.34 14.82 -6.86
C GLY G 367 36.73 13.75 -7.86
N THR G 368 37.46 12.73 -7.41
CA THR G 368 37.88 11.66 -8.31
C THR G 368 37.16 10.36 -8.07
N GLY G 369 36.88 10.00 -6.82
CA GLY G 369 36.21 8.76 -6.54
C GLY G 369 37.08 7.52 -6.62
N LEU G 370 38.40 7.67 -6.52
CA LEU G 370 39.30 6.56 -6.60
C LEU G 370 39.31 5.77 -5.30
N TRP G 371 40.26 4.86 -5.15
CA TRP G 371 40.38 4.00 -3.98
C TRP G 371 41.84 3.87 -3.59
N LEU G 372 42.18 4.39 -2.41
CA LEU G 372 43.54 4.36 -1.91
C LEU G 372 43.96 2.95 -1.58
N THR G 373 44.74 2.32 -2.46
CA THR G 373 45.28 1.02 -2.14
C THR G 373 46.79 1.08 -2.05
N TYR G 374 47.35 0.10 -1.38
CA TYR G 374 48.79 0.01 -1.25
C TYR G 374 49.42 -0.44 -2.56
N GLN G 375 50.59 0.11 -2.84
CA GLN G 375 51.38 -0.32 -3.98
C GLN G 375 52.19 -1.56 -3.60
N SER G 376 53.16 -1.89 -4.45
CA SER G 376 53.97 -3.07 -4.22
C SER G 376 55.45 -2.72 -4.20
N SER G 386 62.58 -1.52 5.41
CA SER G 386 61.25 -1.03 5.76
C SER G 386 60.16 -1.78 5.00
N ILE G 387 58.92 -1.57 5.43
CA ILE G 387 57.76 -2.06 4.71
C ILE G 387 57.13 -0.85 4.04
N GLN G 388 57.25 -0.77 2.71
CA GLN G 388 56.96 0.45 1.98
C GLN G 388 55.84 0.27 0.96
N ARG G 389 54.74 -0.35 1.38
CA ARG G 389 53.55 -0.47 0.54
C ARG G 389 52.89 0.91 0.47
N LYS G 390 53.40 1.73 -0.44
CA LYS G 390 53.01 3.13 -0.51
C LYS G 390 51.58 3.26 -1.03
N ALA G 391 50.78 4.08 -0.36
CA ALA G 391 49.39 4.25 -0.75
C ALA G 391 49.26 5.12 -1.99
N ILE G 392 48.52 4.62 -2.97
CA ILE G 392 48.23 5.33 -4.21
C ILE G 392 46.76 5.07 -4.55
N MET G 393 46.07 6.14 -4.95
CA MET G 393 44.67 6.03 -5.38
C MET G 393 44.58 5.29 -6.72
N HIS G 394 44.10 4.05 -6.67
CA HIS G 394 43.86 3.18 -7.82
C HIS G 394 42.39 3.30 -8.21
N HIS G 395 42.03 2.75 -9.37
CA HIS G 395 40.64 2.82 -9.80
C HIS G 395 39.79 1.67 -9.25
N GLU G 396 40.42 0.54 -8.92
CA GLU G 396 39.68 -0.56 -8.31
C GLU G 396 40.19 -0.90 -6.92
N GLY G 397 41.50 -1.09 -6.75
CA GLY G 397 42.04 -1.57 -5.51
C GLY G 397 41.79 -3.05 -5.30
N HIS G 398 42.47 -3.59 -4.30
CA HIS G 398 42.37 -4.99 -3.95
C HIS G 398 41.36 -5.12 -2.81
N MET G 399 41.30 -6.32 -2.21
CA MET G 399 40.37 -6.58 -1.13
C MET G 399 40.93 -6.25 0.24
N ASP G 400 41.89 -5.34 0.35
CA ASP G 400 42.48 -4.99 1.62
C ASP G 400 42.35 -3.49 1.93
N ASP G 401 41.49 -2.79 1.20
CA ASP G 401 41.24 -1.39 1.47
C ASP G 401 40.15 -1.18 2.51
N GLY G 402 39.64 -2.24 3.13
CA GLY G 402 38.76 -2.12 4.27
C GLY G 402 39.58 -1.95 5.53
N LEU G 403 40.18 -0.77 5.69
CA LEU G 403 41.04 -0.52 6.82
C LEU G 403 40.22 -0.40 8.10
N ASN G 404 40.57 -1.21 9.09
CA ASN G 404 39.90 -1.16 10.37
C ASN G 404 40.38 0.05 11.16
N LEU G 405 39.72 0.33 12.27
CA LEU G 405 40.00 1.55 13.01
C LEU G 405 40.33 1.25 14.46
N SER G 406 41.02 2.21 15.07
CA SER G 406 41.41 2.14 16.47
C SER G 406 41.58 3.56 16.99
N ARG G 407 40.62 4.01 17.80
CA ARG G 407 40.71 5.32 18.42
C ARG G 407 41.79 5.30 19.49
N SER G 408 42.34 6.47 19.78
CA SER G 408 43.36 6.58 20.80
C SER G 408 42.75 7.13 22.08
N GLN G 409 43.57 7.28 23.11
CA GLN G 409 43.15 7.80 24.40
C GLN G 409 43.57 9.25 24.51
N HIS G 410 43.07 9.90 25.57
CA HIS G 410 43.19 11.34 25.69
C HIS G 410 44.61 11.79 25.96
N GLU G 411 45.37 11.00 26.71
CA GLU G 411 46.74 11.39 27.03
C GLU G 411 47.66 11.29 25.83
N GLU G 412 47.41 10.34 24.93
CA GLU G 412 48.23 10.24 23.72
C GLU G 412 48.03 11.44 22.83
N SER G 413 46.78 11.85 22.62
CA SER G 413 46.50 13.03 21.83
C SER G 413 47.00 14.30 22.50
N ARG G 414 46.97 14.32 23.84
CA ARG G 414 47.49 15.46 24.57
C ARG G 414 49.00 15.61 24.38
N THR G 415 49.73 14.49 24.43
CA THR G 415 51.15 14.52 24.07
C THR G 415 51.34 14.91 22.62
N ALA G 416 50.43 14.44 21.76
CA ALA G 416 50.62 14.59 20.32
C ALA G 416 50.53 16.04 19.90
N ARG G 417 49.56 16.76 20.44
CA ARG G 417 49.43 18.16 20.07
C ARG G 417 50.57 18.99 20.65
N VAL G 418 50.99 18.68 21.88
CA VAL G 418 52.03 19.51 22.50
C VAL G 418 53.39 19.24 21.90
N ILE G 419 53.59 18.07 21.27
CA ILE G 419 54.84 17.81 20.55
C ILE G 419 55.01 18.81 19.42
N ARG G 420 53.98 18.94 18.58
CA ARG G 420 54.08 19.83 17.44
C ARG G 420 54.06 21.29 17.88
N SER G 421 53.33 21.58 18.96
CA SER G 421 53.30 22.94 19.46
C SER G 421 54.66 23.38 19.99
N THR G 422 55.43 22.45 20.55
CA THR G 422 56.78 22.82 20.96
C THR G 422 57.77 22.79 19.80
N VAL G 423 57.54 21.91 18.82
CA VAL G 423 58.41 21.82 17.65
C VAL G 423 58.38 23.13 16.88
N PHE G 424 57.18 23.66 16.66
CA PHE G 424 57.07 24.87 15.87
C PHE G 424 57.57 26.10 16.60
N LEU G 425 57.76 26.02 17.92
CA LEU G 425 58.37 27.14 18.60
C LEU G 425 59.88 26.99 18.69
N PHE G 426 60.35 25.74 18.85
CA PHE G 426 61.78 25.50 18.88
C PHE G 426 62.43 25.81 17.54
N ASN G 427 61.72 25.54 16.44
CA ASN G 427 62.30 25.84 15.14
C ASN G 427 62.34 27.34 14.89
N ARG G 428 61.35 28.08 15.38
CA ARG G 428 61.40 29.53 15.34
C ARG G 428 62.55 30.08 16.16
N PHE G 429 62.79 29.52 17.34
CA PHE G 429 63.95 29.83 18.15
C PHE G 429 65.27 29.56 17.45
N ILE G 430 65.36 28.41 16.76
CA ILE G 430 66.59 28.03 16.07
C ILE G 430 66.88 28.99 14.92
N ARG G 431 65.85 29.33 14.14
CA ARG G 431 66.08 30.20 12.99
C ARG G 431 66.29 31.64 13.42
N GLY G 432 65.69 32.05 14.52
CA GLY G 432 65.97 33.38 15.04
C GLY G 432 67.34 33.48 15.66
N LEU G 433 67.87 32.36 16.14
CA LEU G 433 69.22 32.37 16.63
C LEU G 433 70.26 32.29 15.52
N ASP G 434 69.95 31.57 14.44
CA ASP G 434 70.87 31.51 13.32
C ASP G 434 70.82 32.76 12.46
N ALA G 435 69.73 33.53 12.53
CA ALA G 435 69.69 34.80 11.81
C ALA G 435 70.69 35.79 12.38
N LEU G 436 70.81 35.84 13.71
CA LEU G 436 71.80 36.67 14.37
C LEU G 436 73.18 36.04 14.37
N SER G 437 73.35 34.87 13.75
CA SER G 437 74.69 34.32 13.56
C SER G 437 75.40 34.93 12.37
N LYS G 438 74.76 35.85 11.67
CA LYS G 438 75.39 36.61 10.58
C LYS G 438 76.24 37.73 11.17
N LYS G 439 76.67 38.66 10.32
CA LYS G 439 77.44 39.81 10.78
C LYS G 439 76.55 40.74 11.61
N ALA G 440 75.49 41.27 11.00
CA ALA G 440 74.58 42.16 11.71
C ALA G 440 73.22 42.09 11.02
N LYS G 441 72.29 41.32 11.58
CA LYS G 441 70.89 41.38 11.17
C LYS G 441 70.19 42.56 11.84
N ALA G 442 70.20 42.61 13.17
CA ALA G 442 69.89 43.77 14.01
C ALA G 442 68.46 44.26 13.90
N SER G 443 67.61 43.59 13.13
CA SER G 443 66.22 43.97 12.99
C SER G 443 65.28 42.77 12.95
N THR G 444 65.80 41.55 13.10
CA THR G 444 65.00 40.35 12.95
C THR G 444 64.03 40.24 14.12
N VAL G 445 62.74 40.25 13.81
CA VAL G 445 61.70 40.21 14.82
C VAL G 445 61.34 38.77 15.18
N ASP G 446 61.68 37.81 14.32
CA ASP G 446 61.39 36.40 14.57
C ASP G 446 62.33 35.84 15.63
N LEU G 447 62.11 36.29 16.86
CA LEU G 447 62.89 35.83 18.01
C LEU G 447 62.01 35.93 19.24
N PRO G 448 61.22 34.89 19.51
CA PRO G 448 60.38 34.92 20.72
C PRO G 448 61.19 34.55 21.94
N ILE G 449 60.91 35.24 23.04
CA ILE G 449 61.64 34.96 24.28
C ILE G 449 60.64 34.62 25.37
N GLU G 450 59.70 35.53 25.62
CA GLU G 450 58.71 35.31 26.67
C GLU G 450 57.72 34.22 26.29
N SER G 451 57.62 33.88 25.01
CA SER G 451 56.81 32.74 24.62
C SER G 451 57.58 31.43 24.71
N VAL G 452 58.90 31.49 24.76
CA VAL G 452 59.71 30.29 24.87
C VAL G 452 60.10 30.01 26.30
N SER G 453 60.56 31.04 27.01
CA SER G 453 60.92 30.91 28.41
C SER G 453 59.72 30.56 29.28
N LEU G 454 58.52 30.89 28.84
CA LEU G 454 57.33 30.37 29.51
C LEU G 454 57.14 28.89 29.22
N SER G 455 57.35 28.50 27.95
CA SER G 455 57.05 27.15 27.52
C SER G 455 57.97 26.11 28.14
N LEU G 456 59.18 26.49 28.51
CA LEU G 456 60.07 25.55 29.16
C LEU G 456 59.58 25.15 30.53
N GLN G 457 59.01 26.09 31.28
CA GLN G 457 58.47 25.70 32.57
C GLN G 457 57.23 24.85 32.42
N ASP G 458 56.48 25.05 31.35
CA ASP G 458 55.32 24.19 31.12
C ASP G 458 55.75 22.78 30.76
N LEU G 459 56.84 22.64 30.01
CA LEU G 459 57.31 21.30 29.73
C LEU G 459 57.97 20.63 30.92
N ILE G 460 58.66 21.40 31.76
CA ILE G 460 59.22 20.86 32.99
C ILE G 460 58.10 20.36 33.89
N GLY G 461 57.05 21.18 34.07
CA GLY G 461 55.91 20.75 34.84
C GLY G 461 55.12 19.63 34.20
N TYR G 462 55.21 19.50 32.88
CA TYR G 462 54.54 18.38 32.23
C TYR G 462 55.29 17.08 32.45
N PHE G 463 56.61 17.12 32.50
CA PHE G 463 57.38 15.90 32.68
C PHE G 463 57.78 15.69 34.13
N HIS G 464 56.98 16.18 35.04
CA HIS G 464 57.39 16.19 36.43
C HIS G 464 57.21 14.82 37.06
N PRO G 465 58.16 14.33 37.85
CA PRO G 465 57.98 13.04 38.49
C PRO G 465 56.99 13.17 39.64
N PRO G 466 56.23 12.12 39.93
CA PRO G 466 55.29 12.19 41.05
C PRO G 466 56.02 12.15 42.36
N ASP G 467 55.38 12.69 43.39
CA ASP G 467 56.03 12.87 44.67
C ASP G 467 56.05 11.57 45.48
N GLU G 468 56.36 11.69 46.76
CA GLU G 468 56.24 10.53 47.62
C GLU G 468 54.86 10.47 48.25
N HIS G 469 54.32 11.61 48.66
CA HIS G 469 53.09 11.63 49.44
C HIS G 469 51.89 11.34 48.55
N LEU G 470 51.72 10.09 48.18
CA LEU G 470 50.71 9.72 47.22
C LEU G 470 50.34 8.26 47.45
N GLU G 471 49.10 7.94 47.14
CA GLU G 471 48.59 6.59 47.29
C GLU G 471 49.16 5.67 46.22
N HIS G 472 49.32 4.40 46.57
CA HIS G 472 50.03 3.49 45.68
C HIS G 472 49.15 2.95 44.56
N GLU G 473 47.89 3.36 44.48
CA GLU G 473 47.10 3.00 43.31
C GLU G 473 47.13 4.08 42.25
N ASP G 474 47.56 5.28 42.59
CA ASP G 474 47.68 6.34 41.60
C ASP G 474 49.11 6.73 41.33
N LYS G 475 50.02 6.39 42.25
CA LYS G 475 51.43 6.60 42.00
C LYS G 475 51.91 5.78 40.81
N GLN G 476 51.41 4.54 40.71
CA GLN G 476 51.69 3.73 39.54
C GLN G 476 51.10 4.32 38.27
N ASN G 477 49.91 4.89 38.36
CA ASN G 477 49.30 5.51 37.19
C ASN G 477 50.10 6.70 36.70
N ARG G 478 50.51 7.57 37.62
CA ARG G 478 51.28 8.74 37.22
C ARG G 478 52.66 8.36 36.74
N LEU G 479 53.27 7.33 37.33
CA LEU G 479 54.56 6.86 36.86
C LEU G 479 54.48 6.28 35.46
N ARG G 480 53.45 5.49 35.19
CA ARG G 480 53.24 4.92 33.87
C ARG G 480 52.96 5.99 32.83
N ALA G 481 52.16 6.99 33.19
CA ALA G 481 51.90 8.09 32.28
C ALA G 481 53.14 8.91 32.00
N LEU G 482 54.00 9.10 33.00
CA LEU G 482 55.26 9.81 32.79
C LEU G 482 56.17 9.06 31.83
N LYS G 483 56.27 7.73 31.99
CA LYS G 483 57.08 6.95 31.08
C LYS G 483 56.53 6.94 29.67
N ASN G 484 55.20 6.94 29.53
CA ASN G 484 54.62 7.04 28.21
C ASN G 484 54.94 8.36 27.55
N ARG G 485 54.88 9.46 28.31
CA ARG G 485 55.22 10.76 27.75
C ARG G 485 56.68 10.84 27.35
N GLN G 486 57.57 10.25 28.16
CA GLN G 486 58.99 10.22 27.81
C GLN G 486 59.26 9.43 26.56
N ASN G 487 58.58 8.30 26.36
CA ASN G 487 58.82 7.53 25.15
C ASN G 487 58.28 8.20 23.90
N LEU G 488 57.08 8.79 23.99
CA LEU G 488 56.55 9.52 22.85
C LEU G 488 57.35 10.77 22.54
N PHE G 489 58.00 11.39 23.51
CA PHE G 489 58.93 12.45 23.16
C PHE G 489 60.25 11.92 22.64
N GLN G 490 60.62 10.69 22.99
CA GLN G 490 61.84 10.11 22.46
C GLN G 490 61.72 9.83 20.98
N GLU G 491 60.57 9.28 20.57
CA GLU G 491 60.46 8.73 19.22
C GLU G 491 60.48 9.82 18.16
N GLU G 492 60.14 11.04 18.52
CA GLU G 492 60.23 12.08 17.52
C GLU G 492 61.54 12.85 17.62
N GLY G 493 62.40 12.49 18.55
CA GLY G 493 63.74 13.06 18.57
C GLY G 493 63.83 14.42 19.19
N MET G 494 62.97 14.73 20.16
CA MET G 494 62.99 16.03 20.82
C MET G 494 64.24 16.22 21.65
N ILE G 495 64.87 15.12 22.06
CA ILE G 495 66.18 15.17 22.68
C ILE G 495 67.17 15.87 21.76
N ASN G 496 67.20 15.48 20.49
CA ASN G 496 68.07 16.14 19.53
C ASN G 496 67.60 17.56 19.26
N LEU G 497 66.30 17.80 19.33
CA LEU G 497 65.77 19.13 19.06
C LEU G 497 66.10 20.11 20.18
N VAL G 498 66.41 19.63 21.38
CA VAL G 498 66.91 20.54 22.39
C VAL G 498 68.44 20.53 22.42
N LEU G 499 69.04 19.43 21.95
CA LEU G 499 70.50 19.39 21.85
C LEU G 499 71.00 20.41 20.84
N GLU G 500 70.23 20.67 19.80
CA GLU G 500 70.62 21.69 18.83
C GLU G 500 70.56 23.08 19.44
N CYS G 501 69.58 23.37 20.29
CA CYS G 501 69.56 24.67 20.95
C CYS G 501 70.70 24.80 21.94
N ILE G 502 71.09 23.70 22.56
CA ILE G 502 72.27 23.75 23.42
C ILE G 502 73.53 24.00 22.59
N ASP G 503 73.61 23.39 21.40
CA ASP G 503 74.71 23.67 20.48
C ASP G 503 74.76 25.14 20.10
N ARG G 504 73.60 25.73 19.81
CA ARG G 504 73.59 27.10 19.35
C ARG G 504 73.89 28.09 20.47
N LEU G 505 73.30 27.89 21.64
CA LEU G 505 73.33 28.95 22.64
C LEU G 505 74.65 29.06 23.37
N HIS G 506 75.53 28.07 23.27
CA HIS G 506 76.78 28.11 24.01
C HIS G 506 77.87 28.80 23.20
N VAL G 507 77.59 30.05 22.83
CA VAL G 507 78.53 30.88 22.11
C VAL G 507 79.15 31.93 23.01
N TYR G 508 78.34 32.68 23.73
CA TYR G 508 78.79 33.86 24.44
C TYR G 508 79.06 33.52 25.90
N SER G 509 79.31 34.56 26.68
CA SER G 509 79.30 34.42 28.13
C SER G 509 78.72 35.65 28.80
N SER G 510 78.14 36.55 28.02
CA SER G 510 77.67 37.89 28.45
C SER G 510 78.64 38.68 29.33
N VAL G 517 76.25 39.19 22.99
CA VAL G 517 75.29 38.20 22.55
C VAL G 517 74.56 38.76 21.32
N ALA G 518 73.61 39.63 21.59
CA ALA G 518 72.70 40.17 20.60
C ALA G 518 72.29 41.54 21.11
N GLY G 519 71.11 41.99 20.69
CA GLY G 519 70.46 43.07 21.38
C GLY G 519 70.30 42.67 22.82
N ARG G 520 71.12 43.27 23.67
CA ARG G 520 71.43 42.78 25.01
C ARG G 520 70.49 43.34 26.07
N GLU G 521 69.23 43.58 25.71
CA GLU G 521 68.23 43.84 26.73
C GLU G 521 67.10 42.83 26.68
N ALA G 522 66.67 42.45 25.47
CA ALA G 522 65.68 41.39 25.32
C ALA G 522 66.29 40.03 25.68
N GLY G 523 67.52 39.78 25.23
CA GLY G 523 68.25 38.59 25.62
C GLY G 523 69.05 38.81 26.90
N GLU G 524 68.39 39.37 27.91
CA GLU G 524 69.00 39.47 29.23
C GLU G 524 68.87 38.18 30.01
N SER G 525 67.86 37.37 29.72
CA SER G 525 67.56 36.17 30.48
C SER G 525 68.22 34.93 29.91
N TRP G 526 69.30 35.10 29.15
CA TRP G 526 69.90 34.00 28.40
C TRP G 526 70.47 32.93 29.31
N LYS G 527 71.06 33.34 30.44
CA LYS G 527 71.48 32.34 31.42
C LYS G 527 70.28 31.60 31.99
N SER G 528 69.22 32.33 32.34
CA SER G 528 68.08 31.70 32.98
C SER G 528 67.26 30.89 32.00
N ILE G 529 67.41 31.14 30.71
CA ILE G 529 66.89 30.19 29.74
C ILE G 529 67.77 28.95 29.72
N LEU G 530 69.08 29.14 29.65
CA LEU G 530 70.00 28.04 29.40
C LEU G 530 70.02 27.06 30.57
N ASN G 531 70.07 27.59 31.79
CA ASN G 531 69.96 26.76 32.97
C ASN G 531 68.61 26.05 33.02
N SER G 532 67.57 26.69 32.52
CA SER G 532 66.29 26.01 32.44
C SER G 532 66.23 25.04 31.28
N LEU G 533 67.15 25.16 30.33
CA LEU G 533 67.15 24.25 29.20
C LEU G 533 67.68 22.88 29.58
N TYR G 534 68.86 22.87 30.21
CA TYR G 534 69.49 21.63 30.67
C TYR G 534 68.59 20.84 31.59
N GLU G 535 67.83 21.56 32.41
CA GLU G 535 66.85 20.96 33.30
C GLU G 535 65.83 20.12 32.54
N LEU G 536 65.37 20.62 31.40
CA LEU G 536 64.47 19.83 30.56
C LEU G 536 65.13 18.57 30.08
N LEU G 537 66.42 18.67 29.75
CA LEU G 537 67.18 17.49 29.33
C LEU G 537 67.30 16.50 30.47
N ALA G 538 67.27 16.96 31.71
CA ALA G 538 67.32 16.01 32.80
C ALA G 538 66.00 15.31 33.00
N ALA G 539 64.90 15.87 32.50
CA ALA G 539 63.62 15.24 32.76
C ALA G 539 63.27 14.21 31.71
N LEU G 540 63.80 14.34 30.50
CA LEU G 540 63.45 13.40 29.46
C LEU G 540 64.16 12.07 29.59
N ILE G 541 65.23 11.99 30.38
CA ILE G 541 66.06 10.80 30.35
C ILE G 541 66.01 10.12 31.71
N ARG G 542 65.23 10.66 32.64
CA ARG G 542 65.36 10.24 34.02
C ARG G 542 64.86 8.82 34.27
N GLY G 543 63.74 8.45 33.69
CA GLY G 543 63.22 7.11 33.94
C GLY G 543 63.68 6.08 32.93
N ASN G 544 63.53 6.39 31.65
CA ASN G 544 63.67 5.40 30.59
C ASN G 544 65.12 5.04 30.34
N ARG G 545 65.44 3.77 30.58
CA ARG G 545 66.69 3.18 30.11
C ARG G 545 66.74 3.16 28.59
N LYS G 546 65.57 3.03 27.96
CA LYS G 546 65.47 3.15 26.51
C LYS G 546 65.87 4.53 26.03
N ASN G 547 65.51 5.57 26.79
CA ASN G 547 66.03 6.90 26.50
C ASN G 547 67.53 6.97 26.69
N CYS G 548 68.03 6.32 27.73
CA CYS G 548 69.43 6.46 28.07
C CYS G 548 70.33 5.78 27.04
N ALA G 549 69.84 4.71 26.42
CA ALA G 549 70.62 4.06 25.38
C ALA G 549 70.78 4.93 24.15
N GLN G 550 69.77 5.75 23.83
CA GLN G 550 69.87 6.64 22.68
C GLN G 550 70.67 7.87 22.98
N PHE G 551 71.00 8.12 24.25
CA PHE G 551 71.85 9.22 24.63
C PHE G 551 73.26 8.72 24.94
N SER G 552 73.62 7.58 24.36
CA SER G 552 74.95 7.03 24.59
C SER G 552 76.02 7.85 23.90
N GLY G 553 75.84 8.12 22.61
CA GLY G 553 76.91 8.62 21.79
C GLY G 553 77.31 10.05 22.05
N SER G 554 76.41 10.87 22.55
CA SER G 554 76.73 12.29 22.66
C SER G 554 77.27 12.69 24.02
N LEU G 555 77.71 11.73 24.84
CA LEU G 555 78.20 12.09 26.16
C LEU G 555 79.53 12.82 26.09
N ASP G 556 80.36 12.47 25.11
CA ASP G 556 81.67 13.09 24.95
C ASP G 556 81.57 14.58 24.70
N TRP G 557 80.58 15.00 23.92
CA TRP G 557 80.35 16.41 23.70
C TRP G 557 79.85 17.10 24.98
N LEU G 558 79.10 16.38 25.80
CA LEU G 558 78.65 16.96 27.07
C LEU G 558 79.82 17.21 28.00
N ILE G 559 80.72 16.24 28.13
CA ILE G 559 81.87 16.48 28.97
C ILE G 559 82.85 17.45 28.31
N SER G 560 82.74 17.65 27.00
CA SER G 560 83.44 18.77 26.38
C SER G 560 82.89 20.10 26.86
N ARG G 561 81.57 20.22 26.90
CA ARG G 561 80.94 21.43 27.43
C ARG G 561 81.00 21.54 28.94
N LEU G 562 81.50 20.51 29.63
CA LEU G 562 81.60 20.54 31.09
C LEU G 562 82.57 21.60 31.59
N GLU G 563 83.48 22.06 30.74
CA GLU G 563 84.38 23.15 31.10
C GLU G 563 83.80 24.53 30.82
N ARG G 564 82.50 24.63 30.55
CA ARG G 564 81.94 25.94 30.29
C ARG G 564 81.76 26.71 31.59
N LEU G 565 81.48 26.00 32.68
CA LEU G 565 81.51 26.50 34.05
C LEU G 565 80.53 27.65 34.30
N GLU G 566 79.54 27.79 33.47
CA GLU G 566 78.45 28.73 33.67
C GLU G 566 77.12 28.02 33.78
N ALA G 567 76.98 26.86 33.14
CA ALA G 567 75.83 25.99 33.27
C ALA G 567 76.27 24.57 33.59
N SER G 568 77.32 24.44 34.41
CA SER G 568 77.83 23.13 34.79
C SER G 568 76.90 22.40 35.72
N SER G 569 76.03 23.11 36.43
CA SER G 569 75.04 22.46 37.27
C SER G 569 74.06 21.64 36.46
N GLY G 570 73.71 22.08 35.27
CA GLY G 570 72.83 21.30 34.44
C GLY G 570 73.55 20.10 33.87
N ILE G 571 74.81 20.29 33.50
CA ILE G 571 75.56 19.22 32.85
C ILE G 571 75.85 18.11 33.83
N LEU G 572 76.15 18.46 35.07
CA LEU G 572 76.46 17.44 36.06
C LEU G 572 75.22 16.66 36.44
N GLU G 573 74.09 17.34 36.53
CA GLU G 573 72.83 16.67 36.77
C GLU G 573 72.43 15.74 35.63
N VAL G 574 72.61 16.17 34.39
CA VAL G 574 72.26 15.34 33.24
C VAL G 574 73.15 14.09 33.20
N LEU G 575 74.44 14.28 33.45
CA LEU G 575 75.36 13.14 33.42
C LEU G 575 75.09 12.18 34.56
N HIS G 576 74.81 12.69 35.75
CA HIS G 576 74.49 11.81 36.87
C HIS G 576 73.16 11.11 36.67
N CYS G 577 72.24 11.74 35.97
CA CYS G 577 70.95 11.15 35.70
C CYS G 577 70.99 10.27 34.47
N VAL G 578 72.13 10.21 33.79
CA VAL G 578 72.39 9.22 32.75
C VAL G 578 73.10 8.00 33.29
N LEU G 579 74.15 8.18 34.10
CA LEU G 579 75.04 7.07 34.42
C LEU G 579 74.41 5.99 35.29
N VAL G 580 73.34 6.29 36.01
CA VAL G 580 72.74 5.28 36.87
C VAL G 580 71.71 4.44 36.13
N GLU G 581 71.31 4.88 34.94
CA GLU G 581 70.11 4.35 34.29
C GLU G 581 70.41 3.41 33.14
N SER G 582 71.58 3.52 32.52
CA SER G 582 71.97 2.53 31.53
C SER G 582 73.37 2.00 31.83
N PRO G 583 73.58 0.70 31.76
CA PRO G 583 74.94 0.16 31.81
C PRO G 583 75.70 0.33 30.51
N GLU G 584 74.99 0.47 29.40
CA GLU G 584 75.64 0.65 28.11
C GLU G 584 76.35 1.99 28.04
N ALA G 585 75.77 3.01 28.68
CA ALA G 585 76.39 4.32 28.72
C ALA G 585 77.58 4.39 29.66
N LEU G 586 77.88 3.31 30.37
CA LEU G 586 79.08 3.29 31.17
C LEU G 586 80.27 2.77 30.38
N ASN G 587 80.03 2.18 29.21
CA ASN G 587 81.12 1.60 28.45
C ASN G 587 81.83 2.61 27.57
N ILE G 588 81.13 3.67 27.15
CA ILE G 588 81.75 4.69 26.31
C ILE G 588 82.82 5.44 27.06
N ILE G 589 82.58 5.73 28.34
CA ILE G 589 83.30 6.80 29.02
C ILE G 589 84.71 6.35 29.38
N LYS G 590 85.69 7.13 28.95
CA LYS G 590 87.10 6.78 29.01
C LYS G 590 87.87 7.69 29.95
N GLU G 591 89.18 7.49 29.95
CA GLU G 591 90.07 8.10 30.92
C GLU G 591 90.12 9.62 30.77
N GLY G 592 90.06 10.10 29.53
CA GLY G 592 90.03 11.53 29.28
C GLY G 592 88.80 12.22 29.82
N HIS G 593 87.69 11.50 29.93
CA HIS G 593 86.51 12.07 30.56
C HIS G 593 86.63 12.11 32.08
N ILE G 594 87.15 11.02 32.67
CA ILE G 594 87.28 10.94 34.12
C ILE G 594 88.25 11.99 34.62
N LYS G 595 89.32 12.25 33.86
CA LYS G 595 90.25 13.29 34.28
C LYS G 595 89.64 14.68 34.17
N SER G 596 88.72 14.91 33.24
CA SER G 596 88.05 16.20 33.21
C SER G 596 87.09 16.35 34.37
N ILE G 597 86.39 15.26 34.72
CA ILE G 597 85.51 15.27 35.88
C ILE G 597 86.32 15.53 37.15
N ILE G 598 87.52 14.95 37.21
CA ILE G 598 88.43 15.20 38.32
C ILE G 598 88.84 16.66 38.36
N SER G 599 89.22 17.22 37.22
CA SER G 599 89.70 18.60 37.16
C SER G 599 88.63 19.62 37.50
N LEU G 600 87.36 19.28 37.27
CA LEU G 600 86.29 20.13 37.76
C LEU G 600 86.30 20.21 39.28
N LEU G 601 86.72 19.15 39.95
CA LEU G 601 86.68 19.14 41.40
C LEU G 601 87.81 19.97 42.00
N ASP G 602 88.88 20.23 41.26
CA ASP G 602 89.86 21.16 41.79
C ASP G 602 89.53 22.59 41.37
N LYS G 603 88.90 22.77 40.22
CA LYS G 603 88.54 24.13 39.84
C LYS G 603 87.37 24.66 40.67
N HIS G 604 86.54 23.78 41.24
CA HIS G 604 85.29 24.22 41.82
C HIS G 604 85.09 23.88 43.27
N GLY G 605 86.15 23.68 44.04
CA GLY G 605 86.01 23.59 45.47
C GLY G 605 85.45 22.28 45.99
N ARG G 606 84.26 22.35 46.58
CA ARG G 606 83.65 21.21 47.26
C ARG G 606 82.25 21.05 46.71
N ASN G 607 82.11 20.22 45.69
CA ASN G 607 80.80 19.94 45.11
C ASN G 607 80.50 18.47 45.27
N HIS G 608 79.62 18.14 46.20
CA HIS G 608 79.33 16.77 46.52
C HIS G 608 78.63 16.01 45.40
N LYS G 609 78.03 16.71 44.44
CA LYS G 609 77.44 16.02 43.31
C LYS G 609 78.50 15.42 42.40
N VAL G 610 79.71 15.95 42.42
CA VAL G 610 80.81 15.31 41.73
C VAL G 610 81.10 13.95 42.35
N LEU G 611 81.08 13.87 43.67
CA LEU G 611 81.25 12.57 44.28
C LEU G 611 80.02 11.69 44.18
N ASP G 612 78.85 12.27 43.99
CA ASP G 612 77.71 11.42 43.68
C ASP G 612 77.80 10.86 42.26
N VAL G 613 78.47 11.58 41.36
CA VAL G 613 78.77 11.00 40.06
C VAL G 613 79.79 9.88 40.21
N LEU G 614 80.91 10.17 40.84
CA LEU G 614 82.00 9.20 40.90
C LEU G 614 81.67 8.00 41.75
N CYS G 615 80.73 8.12 42.68
CA CYS G 615 80.26 6.95 43.41
C CYS G 615 79.45 6.03 42.53
N SER G 616 78.89 6.55 41.45
CA SER G 616 78.13 5.75 40.52
C SER G 616 78.92 5.39 39.29
N LEU G 617 80.06 6.03 39.06
CA LEU G 617 80.91 5.68 37.94
C LEU G 617 81.66 4.39 38.18
N CYS G 618 81.84 4.01 39.43
CA CYS G 618 82.63 2.84 39.75
C CYS G 618 81.80 1.64 40.17
N VAL G 619 80.49 1.80 40.32
CA VAL G 619 79.56 0.69 40.54
C VAL G 619 78.30 0.99 39.74
N CYS G 620 77.92 0.09 38.86
CA CYS G 620 76.71 0.19 38.07
C CYS G 620 75.51 -0.25 38.88
N HIS G 621 74.46 -0.71 38.20
CA HIS G 621 73.34 -1.36 38.87
C HIS G 621 73.79 -2.46 39.81
N GLY G 622 74.46 -3.47 39.31
CA GLY G 622 74.93 -4.49 40.21
C GLY G 622 76.41 -4.74 40.12
N VAL G 623 76.99 -4.41 38.99
CA VAL G 623 78.31 -4.87 38.65
C VAL G 623 79.32 -3.79 38.96
N ALA G 624 80.59 -4.17 38.92
CA ALA G 624 81.69 -3.30 39.34
C ALA G 624 82.65 -3.13 38.18
N VAL G 625 82.72 -1.93 37.64
CA VAL G 625 83.56 -1.69 36.46
C VAL G 625 85.00 -1.42 36.85
N ARG G 626 85.77 -2.50 37.02
CA ARG G 626 87.07 -2.41 37.67
C ARG G 626 88.16 -1.78 36.82
N SER G 627 87.83 -1.27 35.64
CA SER G 627 88.77 -0.38 34.96
C SER G 627 88.62 1.04 35.44
N ASN G 628 87.44 1.39 35.95
CA ASN G 628 87.26 2.73 36.49
C ASN G 628 87.74 2.81 37.92
N GLN G 629 87.75 1.70 38.63
CA GLN G 629 88.15 1.74 40.03
C GLN G 629 89.64 1.90 40.18
N HIS G 630 90.44 1.29 39.31
CA HIS G 630 91.87 1.57 39.33
C HIS G 630 92.13 3.00 38.92
N LEU G 631 91.33 3.54 38.02
CA LEU G 631 91.55 4.87 37.49
C LEU G 631 91.27 5.95 38.53
N ILE G 632 90.16 5.82 39.25
CA ILE G 632 89.82 6.77 40.31
C ILE G 632 90.85 6.71 41.42
N CYS G 633 91.27 5.52 41.80
CA CYS G 633 92.31 5.38 42.82
C CYS G 633 93.64 5.91 42.34
N ASP G 634 93.89 5.92 41.04
CA ASP G 634 95.15 6.45 40.55
C ASP G 634 95.16 7.96 40.53
N ASN G 635 94.06 8.61 40.15
CA ASN G 635 94.10 10.06 39.99
C ASN G 635 93.76 10.81 41.28
N LEU G 636 92.57 10.60 41.83
CA LEU G 636 92.07 11.44 42.90
C LEU G 636 92.79 11.20 44.23
N LEU G 637 93.19 9.98 44.51
CA LEU G 637 93.81 9.67 45.80
C LEU G 637 95.15 10.34 46.10
N PRO G 638 96.24 10.05 45.38
CA PRO G 638 97.57 10.27 45.97
C PRO G 638 98.00 11.72 46.06
N GLY G 639 97.22 12.65 45.54
CA GLY G 639 97.60 14.05 45.61
C GLY G 639 97.40 14.64 46.98
N ARG G 640 96.47 14.09 47.76
CA ARG G 640 96.04 14.60 49.07
C ARG G 640 95.64 16.07 49.00
N ASP G 641 95.02 16.47 47.89
CA ASP G 641 94.78 17.89 47.67
C ASP G 641 93.30 18.24 47.49
N LEU G 642 92.57 17.41 46.78
CA LEU G 642 91.16 17.69 46.58
C LEU G 642 90.32 17.21 47.74
N LEU G 643 90.90 16.42 48.63
CA LEU G 643 90.12 15.69 49.63
C LEU G 643 90.57 16.04 51.02
N LEU G 644 89.67 15.87 51.98
CA LEU G 644 89.94 16.27 53.34
C LEU G 644 90.72 15.19 54.05
N GLN G 645 92.03 15.33 54.09
CA GLN G 645 92.89 14.35 54.74
C GLN G 645 92.74 14.41 56.25
N THR G 646 92.75 13.24 56.88
CA THR G 646 92.51 13.09 58.30
C THR G 646 93.61 12.28 58.97
N ARG G 647 93.69 12.39 60.29
CA ARG G 647 94.77 11.82 61.09
C ARG G 647 94.32 11.84 62.55
N LEU G 648 95.12 11.25 63.44
CA LEU G 648 94.89 11.45 64.86
C LEU G 648 96.19 11.85 65.52
N VAL G 649 96.12 12.83 66.42
CA VAL G 649 97.29 13.33 67.13
C VAL G 649 97.03 13.25 68.62
N ASN G 650 98.07 13.43 69.42
CA ASN G 650 97.90 13.41 70.86
C ASN G 650 97.39 14.75 71.36
N HIS G 651 96.70 14.74 72.49
CA HIS G 651 96.33 15.99 73.13
C HIS G 651 97.56 16.69 73.68
N VAL G 652 97.76 17.93 73.28
CA VAL G 652 98.88 18.73 73.73
C VAL G 652 98.46 19.55 74.92
N SER G 653 99.39 19.75 75.85
CA SER G 653 99.17 20.66 76.96
C SER G 653 100.50 21.16 77.49
N SER G 654 100.49 22.38 78.01
CA SER G 654 101.67 23.09 78.46
C SER G 654 101.41 23.63 79.86
N MET G 655 102.46 23.99 80.59
CA MET G 655 102.29 24.42 81.96
C MET G 655 103.12 25.66 82.26
N ARG G 656 102.54 26.57 83.04
CA ARG G 656 103.21 27.80 83.40
C ARG G 656 103.34 27.88 84.92
N PRO G 657 104.51 28.23 85.43
CA PRO G 657 104.68 28.41 86.87
C PRO G 657 104.45 29.85 87.35
N ASN G 658 103.42 30.50 86.81
CA ASN G 658 102.88 31.79 87.27
C ASN G 658 103.87 32.95 87.34
N ILE G 659 105.06 32.81 86.78
CA ILE G 659 106.09 33.83 86.88
C ILE G 659 106.03 34.70 85.62
N PHE G 660 106.22 36.01 85.79
CA PHE G 660 106.16 36.94 84.68
C PHE G 660 107.48 37.69 84.60
N LEU G 661 107.95 37.92 83.37
CA LEU G 661 109.25 38.54 83.16
C LEU G 661 109.27 39.27 81.84
N GLY G 662 109.44 40.59 81.87
CA GLY G 662 109.54 41.39 80.68
C GLY G 662 110.95 41.90 80.42
N LYS G 671 120.48 39.61 85.09
CA LYS G 671 119.76 39.90 83.86
C LYS G 671 119.56 38.64 83.01
N LYS G 672 120.61 37.82 82.88
CA LYS G 672 120.54 36.66 81.99
C LYS G 672 119.71 35.57 82.66
N TRP G 673 118.40 35.59 82.40
CA TRP G 673 117.47 34.67 83.05
C TRP G 673 117.68 33.25 82.56
N TYR G 674 117.49 32.29 83.48
CA TYR G 674 118.10 30.98 83.32
C TYR G 674 117.41 30.00 84.26
N TYR G 675 116.75 28.98 83.69
CA TYR G 675 116.08 27.98 84.49
C TYR G 675 116.29 26.59 83.88
N GLU G 676 116.16 25.58 84.73
CA GLU G 676 116.59 24.23 84.39
C GLU G 676 115.41 23.27 84.42
N LEU G 677 115.68 22.07 83.92
CA LEU G 677 114.72 20.97 83.99
C LEU G 677 115.44 19.69 84.33
N MET G 678 114.65 18.68 84.66
CA MET G 678 115.19 17.34 84.80
C MET G 678 114.11 16.37 84.33
N VAL G 679 114.42 15.62 83.28
CA VAL G 679 113.46 14.68 82.72
C VAL G 679 113.79 13.30 83.25
N ASP G 680 112.77 12.60 83.74
CA ASP G 680 113.00 11.36 84.46
C ASP G 680 112.19 10.18 83.95
N HIS G 681 111.22 10.38 83.06
CA HIS G 681 110.50 9.25 82.51
C HIS G 681 110.05 9.62 81.10
N THR G 682 110.28 8.72 80.15
CA THR G 682 110.35 9.12 78.75
C THR G 682 109.16 8.65 77.91
N GLU G 683 108.89 7.32 77.87
CA GLU G 683 107.91 6.67 77.01
C GLU G 683 108.04 7.14 75.56
N PRO G 684 109.00 6.64 74.79
CA PRO G 684 109.09 7.09 73.39
C PRO G 684 107.89 6.71 72.54
N PHE G 685 107.18 5.65 72.88
CA PHE G 685 106.01 5.22 72.13
C PHE G 685 104.98 4.67 73.11
N VAL G 686 104.04 5.51 73.56
CA VAL G 686 102.82 4.93 74.11
C VAL G 686 101.63 5.56 73.37
N THR G 687 101.43 5.08 72.15
CA THR G 687 100.42 5.39 71.14
C THR G 687 100.79 4.54 69.94
N ALA G 688 100.09 4.70 68.84
CA ALA G 688 100.66 4.27 67.57
C ALA G 688 101.42 5.41 66.90
N GLU G 689 102.24 6.12 67.67
CA GLU G 689 102.97 7.30 67.23
C GLU G 689 103.91 7.74 68.35
N ALA G 690 104.86 8.60 68.00
CA ALA G 690 105.84 9.07 68.95
C ALA G 690 105.31 10.28 69.70
N THR G 691 105.79 10.44 70.93
CA THR G 691 105.31 11.46 71.85
C THR G 691 106.17 12.70 71.73
N HIS G 692 105.71 13.79 72.36
CA HIS G 692 106.45 15.05 72.30
C HIS G 692 106.71 15.57 73.70
N LEU G 693 107.80 16.34 73.81
CA LEU G 693 108.24 16.93 75.06
C LEU G 693 109.13 18.12 74.71
N ARG G 694 108.58 19.33 74.80
CA ARG G 694 109.27 20.53 74.35
C ARG G 694 109.35 21.55 75.47
N VAL G 695 110.53 22.15 75.66
CA VAL G 695 110.78 23.18 76.67
C VAL G 695 110.98 24.51 75.94
N GLY G 696 110.76 25.62 76.63
CA GLY G 696 111.03 26.91 76.03
C GLY G 696 110.37 28.04 76.79
N TRP G 697 110.15 29.14 76.08
CA TRP G 697 109.56 30.36 76.62
C TRP G 697 108.43 30.84 75.71
N ALA G 698 107.57 31.69 76.26
CA ALA G 698 106.53 32.31 75.44
C ALA G 698 106.15 33.66 76.00
N SER G 699 105.48 34.46 75.17
CA SER G 699 105.02 35.79 75.53
C SER G 699 103.53 35.77 75.84
N THR G 700 103.05 36.90 76.36
CA THR G 700 101.68 36.98 76.86
C THR G 700 100.74 37.79 76.00
N GLU G 701 101.23 38.78 75.26
CA GLU G 701 100.35 39.64 74.46
C GLU G 701 100.18 38.98 73.09
N GLY G 702 99.18 38.13 72.99
CA GLY G 702 98.88 37.41 71.76
C GLY G 702 98.84 35.91 71.91
N TYR G 703 98.08 35.24 71.03
CA TYR G 703 98.07 33.79 70.86
C TYR G 703 97.64 33.07 72.16
N SER G 704 96.33 33.12 72.42
CA SER G 704 95.73 32.25 73.41
C SER G 704 96.01 30.78 73.07
N PRO G 705 96.52 29.98 74.02
CA PRO G 705 97.05 28.66 73.68
C PRO G 705 96.01 27.55 73.62
N TYR G 706 95.29 27.43 72.51
CA TYR G 706 94.21 26.47 72.42
C TYR G 706 94.75 25.12 71.97
N PRO G 707 94.24 24.01 72.49
CA PRO G 707 94.78 22.69 72.14
C PRO G 707 94.27 22.14 70.83
N GLY G 708 95.11 22.19 69.79
CA GLY G 708 94.86 21.46 68.55
C GLY G 708 93.89 22.08 67.56
N GLY G 709 92.88 22.81 68.03
CA GLY G 709 91.80 23.23 67.15
C GLY G 709 92.12 24.41 66.25
N GLY G 710 93.23 25.07 66.51
CA GLY G 710 93.61 26.27 65.79
C GLY G 710 94.67 26.02 64.75
N GLU G 711 95.92 26.26 65.11
CA GLU G 711 97.08 25.93 64.30
C GLU G 711 97.29 24.42 64.28
N GLU G 712 98.34 23.96 63.58
CA GLU G 712 98.62 22.54 63.42
C GLU G 712 99.10 21.95 64.74
N TRP G 713 98.28 21.05 65.30
CA TRP G 713 98.59 20.10 66.37
C TRP G 713 98.86 20.70 67.75
N GLY G 714 98.92 22.03 67.87
CA GLY G 714 99.19 22.65 69.15
C GLY G 714 100.61 22.38 69.65
N GLY G 715 100.79 22.55 70.95
CA GLY G 715 102.05 22.21 71.55
C GLY G 715 102.88 23.39 71.99
N ASN G 716 104.07 23.54 71.41
CA ASN G 716 104.98 24.61 71.77
C ASN G 716 106.00 24.80 70.66
N GLY G 717 106.50 26.02 70.52
CA GLY G 717 107.30 26.36 69.36
C GLY G 717 106.48 26.54 68.11
N VAL G 718 105.17 26.73 68.25
CA VAL G 718 104.27 26.68 67.11
C VAL G 718 103.88 28.06 66.59
N GLY G 719 103.80 29.07 67.45
CA GLY G 719 103.54 30.43 67.02
C GLY G 719 104.83 31.20 66.95
N ASP G 720 104.72 32.43 66.48
CA ASP G 720 105.90 33.29 66.47
C ASP G 720 106.22 33.81 67.86
N ASP G 721 105.23 33.88 68.74
CA ASP G 721 105.45 34.36 70.10
C ASP G 721 106.05 33.31 71.02
N LEU G 722 106.30 32.10 70.51
CA LEU G 722 106.78 30.99 71.32
C LEU G 722 108.14 30.55 70.79
N PHE G 723 109.07 30.26 71.68
CA PHE G 723 110.39 29.80 71.27
C PHE G 723 110.73 28.57 72.09
N SER G 724 110.85 27.43 71.41
CA SER G 724 110.94 26.16 72.09
C SER G 724 112.00 25.29 71.43
N TYR G 725 112.28 24.18 72.09
CA TYR G 725 113.47 23.40 71.84
C TYR G 725 113.35 22.11 72.64
N GLY G 726 113.99 21.06 72.14
CA GLY G 726 114.04 19.83 72.89
C GLY G 726 113.33 18.69 72.19
N PHE G 727 114.07 17.62 71.94
CA PHE G 727 113.60 16.49 71.14
C PHE G 727 114.59 15.35 71.42
N ASP G 728 114.29 14.17 70.93
CA ASP G 728 115.33 13.17 70.73
C ASP G 728 116.17 13.62 69.55
N GLY G 729 117.40 14.07 69.81
CA GLY G 729 118.04 14.86 68.78
C GLY G 729 117.42 16.25 68.76
N LEU G 730 117.85 17.08 69.70
CA LEU G 730 116.99 18.05 70.39
C LEU G 730 116.46 19.23 69.57
N HIS G 731 116.56 19.17 68.23
CA HIS G 731 116.46 20.34 67.36
C HIS G 731 115.14 21.10 67.52
N LEU G 732 115.21 22.41 67.31
CA LEU G 732 114.32 23.39 67.91
C LEU G 732 112.97 23.48 67.21
N TRP G 733 112.16 24.44 67.65
CA TRP G 733 110.91 24.79 66.98
C TRP G 733 110.64 26.27 67.16
N SER G 734 110.14 26.88 66.09
CA SER G 734 109.76 28.28 66.08
C SER G 734 108.81 28.48 64.92
N GLY G 735 107.57 28.86 65.19
CA GLY G 735 106.60 29.04 64.13
C GLY G 735 106.20 27.73 63.46
N CYS G 736 106.10 26.67 64.26
CA CYS G 736 105.76 25.29 63.91
C CYS G 736 106.50 24.76 62.68
N ILE G 737 107.71 25.23 62.43
CA ILE G 737 108.60 24.61 61.45
C ILE G 737 109.91 24.35 62.14
N ALA G 738 110.30 23.09 62.21
CA ALA G 738 111.50 22.68 62.93
C ALA G 738 112.71 22.91 62.05
N ARG G 739 113.75 23.54 62.61
CA ARG G 739 115.05 23.55 61.98
C ARG G 739 115.96 22.57 62.69
N THR G 740 117.16 22.39 62.14
CA THR G 740 117.90 21.17 62.40
C THR G 740 119.22 21.45 63.11
N VAL G 741 119.16 22.19 64.22
CA VAL G 741 120.35 22.45 65.01
C VAL G 741 120.84 21.15 65.66
N SER G 742 122.14 21.08 65.93
CA SER G 742 122.79 19.86 66.42
C SER G 742 123.54 20.10 67.73
N SER G 743 124.10 19.01 68.23
CA SER G 743 124.74 18.90 69.53
C SER G 743 125.66 17.69 69.48
N PRO G 744 126.76 17.65 70.24
CA PRO G 744 127.69 16.53 70.07
C PRO G 744 127.34 15.28 70.88
N ASN G 745 126.06 14.95 71.00
CA ASN G 745 125.64 13.61 71.40
C ASN G 745 124.43 13.11 70.64
N GLN G 746 123.59 14.01 70.11
CA GLN G 746 122.32 13.70 69.44
C GLN G 746 121.45 12.79 70.32
N HIS G 747 121.03 13.34 71.44
CA HIS G 747 120.45 12.56 72.52
C HIS G 747 118.94 12.77 72.60
N LEU G 748 118.32 11.99 73.47
CA LEU G 748 116.91 12.15 73.80
C LEU G 748 116.79 13.11 74.97
N LEU G 749 115.60 13.67 75.17
CA LEU G 749 115.20 14.14 76.48
C LEU G 749 114.95 12.88 77.32
N ARG G 750 116.03 12.33 77.84
CA ARG G 750 116.01 10.97 78.35
C ARG G 750 115.70 11.01 79.85
N THR G 751 115.90 9.91 80.55
CA THR G 751 115.61 9.83 81.97
C THR G 751 116.73 10.39 82.84
N ASP G 752 117.80 10.92 82.26
CA ASP G 752 119.00 11.24 83.00
C ASP G 752 119.62 12.55 82.52
N ASP G 753 118.81 13.56 82.22
CA ASP G 753 119.35 14.75 81.58
C ASP G 753 118.89 16.01 82.28
N VAL G 754 119.69 17.06 82.11
CA VAL G 754 119.39 18.39 82.65
C VAL G 754 119.50 19.42 81.53
N ILE G 755 118.39 20.12 81.27
CA ILE G 755 118.31 21.10 80.20
C ILE G 755 118.57 22.46 80.80
N SER G 756 119.43 23.24 80.15
CA SER G 756 119.71 24.60 80.58
C SER G 756 119.14 25.55 79.54
N CYS G 757 118.03 26.18 79.87
CA CYS G 757 117.47 27.23 79.02
C CYS G 757 118.06 28.57 79.42
N CYS G 758 118.18 29.49 78.47
CA CYS G 758 118.68 30.81 78.80
C CYS G 758 117.87 31.85 78.05
N LEU G 759 117.70 33.00 78.70
CA LEU G 759 117.01 34.15 78.11
C LEU G 759 117.65 35.40 78.68
N ASP G 760 117.83 36.41 77.83
CA ASP G 760 118.62 37.58 78.21
C ASP G 760 117.76 38.82 78.37
N LEU G 761 117.95 39.50 79.50
CA LEU G 761 117.37 40.81 79.74
C LEU G 761 118.22 41.86 79.04
N SER G 762 117.54 42.83 78.40
CA SER G 762 118.16 43.91 77.60
C SER G 762 119.06 43.38 76.49
N ALA G 763 118.71 42.21 75.95
CA ALA G 763 119.42 41.56 74.86
C ALA G 763 118.50 40.54 74.21
N PRO G 764 118.36 40.54 72.89
CA PRO G 764 117.42 39.62 72.23
C PRO G 764 118.07 38.28 71.87
N SER G 765 118.57 37.57 72.89
CA SER G 765 119.37 36.38 72.64
C SER G 765 118.88 35.24 73.51
N ILE G 766 118.55 34.12 72.84
CA ILE G 766 118.13 32.90 73.51
C ILE G 766 118.99 31.76 72.98
N SER G 767 119.66 31.05 73.87
CA SER G 767 120.51 29.92 73.52
C SER G 767 120.33 28.85 74.60
N PHE G 768 120.39 27.58 74.21
CA PHE G 768 120.12 26.53 75.18
C PHE G 768 121.37 25.72 75.46
N ARG G 769 121.25 24.80 76.42
CA ARG G 769 122.34 23.93 76.81
C ARG G 769 121.78 22.66 77.43
N ILE G 770 122.40 21.53 77.10
CA ILE G 770 122.08 20.24 77.69
C ILE G 770 123.32 19.75 78.43
N ASN G 771 123.15 19.46 79.73
CA ASN G 771 124.22 19.01 80.63
C ASN G 771 125.41 19.98 80.68
N GLY G 772 125.15 21.27 80.43
CA GLY G 772 126.20 22.25 80.31
C GLY G 772 126.75 22.43 78.92
N GLN G 773 126.48 21.51 78.01
CA GLN G 773 127.12 21.60 76.71
C GLN G 773 126.36 22.58 75.81
N PRO G 774 127.08 23.45 75.10
CA PRO G 774 126.41 24.42 74.23
C PRO G 774 125.91 23.77 72.95
N VAL G 775 124.70 24.15 72.56
CA VAL G 775 124.02 23.51 71.45
C VAL G 775 123.82 24.48 70.29
N GLN G 776 124.40 25.67 70.37
CA GLN G 776 124.27 26.75 69.38
C GLN G 776 122.80 27.16 69.21
N GLY G 777 122.25 27.71 70.29
CA GLY G 777 120.94 28.31 70.24
C GLY G 777 120.95 29.66 69.52
N MET G 778 120.01 29.85 68.61
CA MET G 778 120.12 30.87 67.58
C MET G 778 118.96 31.86 67.59
N PHE G 779 118.09 31.81 68.60
CA PHE G 779 116.89 32.64 68.62
C PHE G 779 117.27 34.09 68.85
N GLU G 780 117.28 34.88 67.78
CA GLU G 780 117.80 36.24 67.86
C GLU G 780 116.81 37.23 67.28
N ASN G 781 116.73 38.39 67.94
CA ASN G 781 116.17 39.62 67.40
C ASN G 781 114.68 39.49 67.07
N PHE G 782 113.95 38.84 67.96
CA PHE G 782 112.51 38.76 67.81
C PHE G 782 111.87 39.96 68.50
N ASN G 783 110.55 40.00 68.50
CA ASN G 783 109.86 41.13 69.11
C ASN G 783 109.94 41.09 70.63
N ILE G 784 110.00 42.28 71.21
CA ILE G 784 109.94 42.46 72.65
C ILE G 784 108.66 43.23 72.91
N ASP G 785 107.58 42.48 73.14
CA ASP G 785 106.30 43.04 73.54
C ASP G 785 105.74 42.16 74.64
N GLY G 786 105.27 42.79 75.70
CA GLY G 786 104.77 42.01 76.82
C GLY G 786 105.92 41.35 77.55
N LEU G 787 105.64 40.20 78.12
CA LEU G 787 106.57 39.56 79.04
C LEU G 787 107.01 38.23 78.46
N PHE G 788 107.69 37.45 79.27
CA PHE G 788 108.07 36.09 78.93
C PHE G 788 107.85 35.20 80.12
N PHE G 789 107.62 33.91 79.86
CA PHE G 789 107.41 32.94 80.93
C PHE G 789 107.68 31.54 80.40
N PRO G 790 108.16 30.64 81.25
CA PRO G 790 108.42 29.26 80.81
C PRO G 790 107.14 28.46 80.67
N VAL G 791 107.17 27.51 79.74
CA VAL G 791 105.93 26.95 79.20
C VAL G 791 105.89 25.43 79.15
N VAL G 792 106.96 24.71 79.49
CA VAL G 792 107.35 23.39 78.93
C VAL G 792 106.21 22.40 78.67
N SER G 793 106.17 21.85 77.46
CA SER G 793 105.02 21.11 76.97
C SER G 793 105.32 19.63 76.90
N PHE G 794 104.27 18.83 76.85
CA PHE G 794 104.40 17.38 76.97
C PHE G 794 103.08 16.71 76.56
N SER G 795 103.19 15.54 75.95
CA SER G 795 102.03 14.65 75.79
C SER G 795 102.51 13.20 75.75
N ALA G 796 102.53 12.57 76.91
CA ALA G 796 102.92 11.18 77.10
C ALA G 796 102.59 10.77 78.52
N GLY G 797 103.18 9.67 78.95
CA GLY G 797 103.28 9.44 80.37
C GLY G 797 104.51 10.03 81.02
N ILE G 798 104.74 11.33 80.82
CA ILE G 798 106.02 11.95 81.18
C ILE G 798 105.85 12.70 82.50
N LYS G 799 106.74 12.43 83.45
CA LYS G 799 106.92 13.25 84.65
C LYS G 799 108.28 13.95 84.58
N VAL G 800 108.28 15.24 84.84
CA VAL G 800 109.48 16.06 84.78
C VAL G 800 109.53 17.00 85.97
N ARG G 801 110.74 17.44 86.29
CA ARG G 801 111.00 18.24 87.49
C ARG G 801 111.50 19.61 87.08
N PHE G 802 110.82 20.64 87.58
CA PHE G 802 111.33 22.00 87.53
C PHE G 802 112.48 22.13 88.51
N LEU G 803 113.53 22.84 88.13
CA LEU G 803 114.65 23.09 89.03
C LEU G 803 114.71 24.59 89.28
N LEU G 804 114.00 25.04 90.31
CA LEU G 804 113.96 26.46 90.65
C LEU G 804 114.09 26.76 92.14
N GLY G 805 113.74 25.83 93.03
CA GLY G 805 113.63 26.17 94.43
C GLY G 805 112.32 26.86 94.73
N GLU G 810 116.03 24.72 96.22
CA GLU G 810 115.83 23.32 95.87
C GLU G 810 116.36 23.02 94.47
N PHE G 811 117.38 23.75 94.04
CA PHE G 811 118.07 23.42 92.81
C PHE G 811 118.80 22.09 92.95
N LYS G 812 119.11 21.45 91.82
CA LYS G 812 119.80 20.17 91.86
C LYS G 812 121.19 20.25 91.23
N PHE G 813 121.30 20.72 90.00
CA PHE G 813 122.62 20.99 89.41
C PHE G 813 122.49 22.16 88.45
N LEU G 814 123.20 23.24 88.75
CA LEU G 814 123.29 24.31 87.78
C LEU G 814 124.57 25.11 87.99
N PRO G 815 125.28 25.43 86.92
CA PRO G 815 126.01 26.69 86.88
C PRO G 815 125.02 27.82 86.72
N PRO G 816 125.39 29.05 87.01
CA PRO G 816 124.45 30.17 86.82
C PRO G 816 124.65 30.94 85.52
N PRO G 817 125.38 30.40 84.53
CA PRO G 817 126.32 31.22 83.75
C PRO G 817 125.68 32.35 82.96
N GLY G 818 126.45 33.41 82.77
CA GLY G 818 125.83 34.71 82.62
C GLY G 818 125.45 35.18 84.01
N TYR G 819 124.33 35.89 84.11
CA TYR G 819 123.84 36.29 85.43
C TYR G 819 122.33 36.57 85.35
N ALA G 820 121.51 35.55 85.70
CA ALA G 820 120.33 35.64 86.55
C ALA G 820 119.76 34.25 86.83
N PRO G 821 119.46 33.92 88.08
CA PRO G 821 118.59 32.77 88.35
C PRO G 821 117.15 33.21 88.55
N CYS G 822 116.23 32.31 88.18
CA CYS G 822 114.82 32.66 88.27
C CYS G 822 114.25 32.49 89.67
N TYR G 823 115.08 32.12 90.66
CA TYR G 823 114.68 32.18 92.05
C TYR G 823 114.69 33.61 92.59
N GLU G 824 115.16 34.58 91.81
CA GLU G 824 115.18 35.97 92.24
C GLU G 824 114.20 36.83 91.47
N ALA G 825 113.56 36.32 90.42
CA ALA G 825 112.45 37.02 89.79
C ALA G 825 111.17 36.91 90.59
N VAL G 826 111.16 36.04 91.60
CA VAL G 826 110.01 35.73 92.42
C VAL G 826 110.27 36.42 93.77
N LEU G 827 111.04 37.52 93.72
CA LEU G 827 111.48 38.17 94.96
C LEU G 827 110.37 38.86 95.75
N PRO G 828 109.57 39.85 95.18
CA PRO G 828 108.75 40.70 96.08
C PRO G 828 107.64 40.03 96.89
N LYS G 829 106.64 39.44 96.23
CA LYS G 829 105.53 38.84 96.97
C LYS G 829 105.05 37.51 96.41
N GLU G 830 105.35 37.20 95.16
CA GLU G 830 104.77 36.04 94.48
C GLU G 830 105.42 34.74 94.95
N LYS G 831 104.69 33.64 94.73
CA LYS G 831 105.12 32.29 95.08
C LYS G 831 105.18 31.42 93.83
N LEU G 832 105.74 30.23 93.98
CA LEU G 832 106.06 29.34 92.87
C LEU G 832 104.97 28.27 92.75
N LYS G 833 103.82 28.67 92.21
CA LYS G 833 102.70 27.78 91.97
C LYS G 833 102.56 27.60 90.47
N VAL G 834 102.00 26.48 90.04
CA VAL G 834 102.01 26.10 88.64
C VAL G 834 100.59 26.00 88.10
N GLU G 835 100.40 26.41 86.85
CA GLU G 835 99.11 26.39 86.19
C GLU G 835 99.26 25.81 84.78
N HIS G 836 98.18 25.86 84.00
CA HIS G 836 98.05 25.07 82.78
C HIS G 836 97.93 25.94 81.54
N SER G 837 98.76 26.99 81.43
CA SER G 837 98.82 27.90 80.28
C SER G 837 97.47 28.58 80.03
N ARG G 838 97.10 29.40 81.01
CA ARG G 838 96.06 30.42 80.98
C ARG G 838 94.63 29.87 81.01
N GLU G 839 94.47 28.55 80.88
CA GLU G 839 93.39 27.77 81.50
C GLU G 839 91.99 28.23 81.07
N TYR G 840 91.68 28.01 79.79
CA TYR G 840 90.28 28.11 79.40
C TYR G 840 89.46 26.92 79.89
N LYS G 841 90.13 25.83 80.27
CA LYS G 841 89.53 24.68 80.93
C LYS G 841 89.94 24.68 82.39
N GLN G 842 89.34 23.77 83.16
CA GLN G 842 89.93 23.17 84.34
C GLN G 842 89.19 21.86 84.58
N GLU G 843 89.86 20.73 84.41
CA GLU G 843 89.17 19.45 84.36
C GLU G 843 88.64 19.05 85.74
N ARG G 844 87.32 19.00 85.87
CA ARG G 844 86.66 18.62 87.11
C ARG G 844 85.37 17.90 86.81
N THR G 845 84.63 17.60 87.88
CA THR G 845 83.42 16.82 87.73
C THR G 845 82.23 17.69 87.32
N TYR G 846 81.81 18.61 88.20
CA TYR G 846 80.55 19.32 87.98
C TYR G 846 80.71 20.42 86.93
N THR G 847 81.50 21.43 87.25
CA THR G 847 81.59 22.61 86.40
C THR G 847 83.04 23.08 86.35
N ARG G 848 83.66 22.95 85.18
CA ARG G 848 84.81 23.76 84.84
C ARG G 848 84.36 25.21 84.86
N ASP G 849 84.85 26.00 85.81
CA ASP G 849 84.39 27.36 85.91
C ASP G 849 84.97 28.22 84.80
N LEU G 850 84.07 28.93 84.12
CA LEU G 850 84.38 29.75 82.97
C LEU G 850 85.06 31.04 83.42
N LEU G 851 85.38 31.91 82.46
CA LEU G 851 86.28 32.99 82.80
C LEU G 851 86.05 34.18 81.87
N GLY G 852 86.57 35.34 82.28
CA GLY G 852 86.73 36.48 81.42
C GLY G 852 88.17 36.57 80.97
N PRO G 853 88.44 37.36 79.92
CA PRO G 853 89.74 37.24 79.21
C PRO G 853 91.02 37.56 79.98
N THR G 854 91.25 38.82 80.33
CA THR G 854 92.55 39.29 80.82
C THR G 854 92.44 40.76 81.18
N VAL G 855 93.40 41.21 82.01
CA VAL G 855 93.57 42.62 82.35
C VAL G 855 95.07 42.90 82.39
N SER G 856 95.57 43.57 81.36
CA SER G 856 97.01 43.81 81.25
C SER G 856 97.31 45.19 80.68
N ALA G 861 108.39 43.38 85.45
CA ALA G 861 108.57 44.80 85.22
C ALA G 861 109.35 45.43 86.37
N PHE G 862 110.47 46.09 86.06
CA PHE G 862 111.27 46.79 87.07
C PHE G 862 111.59 48.22 86.67
N THR G 863 110.84 48.82 85.73
CA THR G 863 111.10 50.18 85.28
C THR G 863 109.81 50.97 85.27
N PRO G 864 109.45 51.60 86.38
CA PRO G 864 108.39 52.61 86.36
C PRO G 864 108.98 53.98 86.07
N ILE G 865 108.12 54.99 86.13
CA ILE G 865 108.46 56.37 85.80
C ILE G 865 108.39 57.17 87.09
N PRO G 866 109.19 58.22 87.27
CA PRO G 866 108.96 59.13 88.41
C PRO G 866 107.99 60.24 88.05
N VAL G 867 107.31 60.75 89.08
CA VAL G 867 106.27 61.75 88.90
C VAL G 867 106.88 63.14 89.00
N ASP G 868 106.62 63.96 87.98
CA ASP G 868 107.26 65.25 87.83
C ASP G 868 106.33 66.35 88.35
N THR G 869 106.92 67.44 88.81
CA THR G 869 106.19 68.67 89.13
C THR G 869 106.98 69.91 88.68
N SER G 870 107.89 69.73 87.72
CA SER G 870 108.95 70.71 87.50
C SER G 870 108.45 71.99 86.85
N GLN G 871 107.59 71.89 85.85
CA GLN G 871 107.14 73.09 85.14
C GLN G 871 105.87 73.68 85.75
N ILE G 872 105.92 73.88 87.07
CA ILE G 872 104.97 74.71 87.79
C ILE G 872 105.84 75.71 88.56
N VAL G 873 105.80 76.97 88.15
CA VAL G 873 106.72 77.96 88.70
C VAL G 873 106.21 78.40 90.07
N LEU G 874 107.14 78.58 91.01
CA LEU G 874 106.77 78.95 92.36
C LEU G 874 106.69 80.46 92.51
N PRO G 875 105.58 80.98 93.01
CA PRO G 875 105.46 82.42 93.23
C PRO G 875 106.39 82.88 94.34
N PRO G 876 106.85 84.14 94.29
CA PRO G 876 107.84 84.60 95.28
C PRO G 876 107.29 84.79 96.68
N HIS G 877 106.03 85.20 96.81
CA HIS G 877 105.41 85.27 98.13
C HIS G 877 105.19 83.86 98.67
N LEU G 878 104.88 82.90 97.80
CA LEU G 878 104.90 81.50 98.20
C LEU G 878 106.31 80.96 98.34
N GLU G 879 107.31 81.58 97.70
CA GLU G 879 108.69 81.15 97.88
C GLU G 879 109.21 81.51 99.27
N ARG G 880 108.85 82.69 99.78
CA ARG G 880 109.23 83.05 101.15
C ARG G 880 108.51 82.18 102.17
N ILE G 881 107.24 81.86 101.90
CA ILE G 881 106.49 80.90 102.70
C ILE G 881 107.19 79.54 102.72
N ARG G 882 107.56 79.05 101.54
CA ARG G 882 108.17 77.73 101.42
C ARG G 882 109.57 77.70 102.03
N GLU G 883 110.28 78.83 102.00
CA GLU G 883 111.58 78.88 102.64
C GLU G 883 111.48 78.94 104.16
N LYS G 884 110.52 79.67 104.70
CA LYS G 884 110.28 79.62 106.14
C LYS G 884 109.84 78.23 106.59
N LEU G 885 108.92 77.61 105.85
CA LEU G 885 108.46 76.27 106.18
C LEU G 885 109.54 75.22 105.97
N ALA G 886 110.45 75.41 105.02
CA ALA G 886 111.58 74.51 104.86
C ALA G 886 112.63 74.72 105.95
N GLU G 887 112.74 75.94 106.48
CA GLU G 887 113.52 76.14 107.71
C GLU G 887 112.90 75.39 108.88
N ASN G 888 111.59 75.46 109.05
CA ASN G 888 110.93 74.78 110.14
C ASN G 888 110.69 73.29 109.86
N ILE G 889 111.03 72.82 108.67
CA ILE G 889 111.18 71.40 108.40
C ILE G 889 112.61 70.94 108.66
N HIS G 890 113.59 71.81 108.43
CA HIS G 890 114.96 71.42 108.69
C HIS G 890 115.28 71.38 110.17
N GLU G 891 114.55 72.10 111.02
CA GLU G 891 114.71 71.89 112.45
C GLU G 891 114.25 70.50 112.88
N LEU G 892 113.23 69.96 112.22
CA LEU G 892 112.88 68.55 112.38
C LEU G 892 113.94 67.62 111.81
N TRP G 893 114.55 67.99 110.68
CA TRP G 893 115.62 67.18 110.10
C TRP G 893 116.89 67.21 110.93
N VAL G 894 117.06 68.22 111.78
CA VAL G 894 118.10 68.19 112.80
C VAL G 894 117.63 67.36 113.99
N MET G 895 116.38 67.55 114.41
CA MET G 895 115.89 67.02 115.68
C MET G 895 115.74 65.50 115.64
N ASN G 896 115.47 64.93 114.47
CA ASN G 896 115.43 63.48 114.37
C ASN G 896 116.81 62.85 114.26
N LYS G 897 117.86 63.67 114.11
CA LYS G 897 119.23 63.18 114.14
C LYS G 897 119.96 63.50 115.43
N ILE G 898 119.44 64.46 116.22
CA ILE G 898 120.04 64.81 117.50
C ILE G 898 119.52 63.95 118.63
N GLU G 899 118.48 63.15 118.40
CA GLU G 899 117.97 62.24 119.41
C GLU G 899 118.73 60.93 119.47
N LEU G 900 119.25 60.45 118.34
CA LEU G 900 119.90 59.15 118.24
C LEU G 900 121.39 59.20 118.56
N GLY G 901 121.97 60.40 118.66
CA GLY G 901 123.34 60.57 119.07
C GLY G 901 124.34 60.77 117.95
N TRP G 902 123.98 61.56 116.92
CA TRP G 902 124.91 61.91 115.84
C TRP G 902 125.07 63.42 115.85
N GLN G 903 126.29 63.88 116.12
CA GLN G 903 126.58 65.25 116.48
C GLN G 903 127.04 66.06 115.27
N TYR G 904 127.22 67.36 115.49
CA TYR G 904 127.72 68.26 114.44
C TYR G 904 129.23 68.15 114.32
N GLY G 905 129.74 68.29 113.11
CA GLY G 905 131.15 68.35 112.87
C GLY G 905 131.45 68.99 111.53
N PRO G 906 132.73 69.16 111.20
CA PRO G 906 133.09 69.58 109.84
C PRO G 906 133.11 68.43 108.85
N VAL G 907 133.50 67.23 109.29
CA VAL G 907 133.68 66.09 108.41
C VAL G 907 132.35 65.37 108.23
N ARG G 908 132.21 64.68 107.11
CA ARG G 908 130.99 63.98 106.77
C ARG G 908 131.15 62.48 107.02
N ASP G 909 130.97 62.09 108.28
CA ASP G 909 131.01 60.68 108.69
C ASP G 909 129.68 60.36 109.36
N ASP G 910 128.70 59.96 108.55
CA ASP G 910 127.36 59.66 109.07
C ASP G 910 127.35 58.41 109.92
N ASN G 911 128.24 57.45 109.64
CA ASN G 911 128.39 56.29 110.50
C ASN G 911 129.19 56.58 111.76
N LYS G 912 129.97 57.66 111.77
CA LYS G 912 130.79 58.01 112.93
C LYS G 912 130.27 59.30 113.57
N ARG G 913 128.95 59.53 113.48
CA ARG G 913 128.22 60.56 114.22
C ARG G 913 128.67 61.99 113.86
N GLN G 914 129.25 62.14 112.67
CA GLN G 914 129.72 63.44 112.21
C GLN G 914 128.82 63.91 111.08
N HIS G 915 128.27 65.10 111.22
CA HIS G 915 127.16 65.49 110.36
C HIS G 915 127.08 67.01 110.27
N PRO G 916 127.56 67.61 109.16
CA PRO G 916 127.57 69.08 109.07
C PRO G 916 126.26 69.68 108.59
N CYS G 917 125.20 68.88 108.54
CA CYS G 917 123.91 69.33 108.05
C CYS G 917 122.95 69.59 109.20
N LEU G 918 123.50 69.88 110.38
CA LEU G 918 122.69 70.25 111.53
C LEU G 918 122.48 71.75 111.64
N VAL G 919 123.10 72.53 110.76
CA VAL G 919 122.75 73.93 110.57
C VAL G 919 121.52 73.98 109.66
N GLU G 920 120.64 74.97 109.87
CA GLU G 920 119.28 74.94 109.34
C GLU G 920 119.26 75.17 107.81
N PHE G 921 118.05 75.30 107.25
CA PHE G 921 117.80 75.11 105.82
C PHE G 921 118.44 76.21 104.97
N SER G 922 118.08 77.47 105.25
CA SER G 922 118.59 78.58 104.43
C SER G 922 120.06 78.87 104.69
N LYS G 923 120.55 78.52 105.88
CA LYS G 923 121.90 78.89 106.29
C LYS G 923 122.95 77.92 105.76
N LEU G 924 122.55 76.69 105.44
CA LEU G 924 123.42 75.71 104.79
C LEU G 924 123.29 75.82 103.27
N PRO G 925 124.41 75.72 102.55
CA PRO G 925 124.36 75.87 101.10
C PRO G 925 123.88 74.61 100.40
N GLU G 926 123.86 74.63 99.08
CA GLU G 926 123.52 73.44 98.29
C GLU G 926 124.75 72.64 97.92
N GLN G 927 125.59 72.40 98.93
CA GLN G 927 126.73 71.49 98.83
C GLN G 927 126.70 70.50 99.98
N GLU G 928 126.05 70.87 101.10
CA GLU G 928 125.81 69.98 102.21
C GLU G 928 124.37 69.53 102.34
N ARG G 929 123.42 70.47 102.46
CA ARG G 929 122.02 70.15 102.72
C ARG G 929 121.17 70.09 101.46
N ASN G 930 121.80 69.87 100.29
CA ASN G 930 121.10 69.93 99.01
C ASN G 930 120.03 68.85 98.89
N TYR G 931 120.24 67.70 99.54
CA TYR G 931 119.28 66.61 99.56
C TYR G 931 118.01 66.95 100.31
N ASN G 932 118.03 67.96 101.19
CA ASN G 932 116.84 68.39 101.89
C ASN G 932 116.21 69.66 101.31
N LEU G 933 116.97 70.44 100.53
CA LEU G 933 116.46 71.67 99.93
C LEU G 933 115.82 71.40 98.57
N GLN G 934 116.51 70.63 97.73
CA GLN G 934 115.97 70.29 96.42
C GLN G 934 114.83 69.28 96.53
N MET G 935 114.75 68.55 97.65
CA MET G 935 113.57 67.75 97.94
C MET G 935 112.40 68.64 98.35
N SER G 936 112.67 69.66 99.18
CA SER G 936 111.59 70.52 99.67
C SER G 936 111.01 71.38 98.57
N LEU G 937 111.82 71.80 97.59
CA LEU G 937 111.31 72.62 96.48
C LEU G 937 110.31 71.83 95.64
N GLU G 938 110.64 70.58 95.29
CA GLU G 938 109.70 69.78 94.51
C GLU G 938 108.52 69.30 95.33
N THR G 939 108.72 69.04 96.63
CA THR G 939 107.61 68.66 97.48
C THR G 939 106.60 69.78 97.66
N LEU G 940 107.06 71.03 97.78
CA LEU G 940 106.16 72.17 97.87
C LEU G 940 105.59 72.60 96.53
N LYS G 941 106.29 72.33 95.42
CA LYS G 941 105.66 72.38 94.10
C LYS G 941 104.50 71.39 94.04
N THR G 942 104.70 70.19 94.58
CA THR G 942 103.70 69.14 94.64
C THR G 942 102.63 69.40 95.70
N LEU G 943 102.83 70.40 96.57
CA LEU G 943 101.86 70.64 97.63
C LEU G 943 100.59 71.28 97.11
N LEU G 944 100.67 72.04 96.03
CA LEU G 944 99.50 72.68 95.41
C LEU G 944 99.35 72.29 93.94
N ALA G 945 99.84 71.10 93.59
CA ALA G 945 99.72 70.59 92.23
C ALA G 945 98.75 69.44 92.08
N LEU G 946 98.44 68.70 93.15
CA LEU G 946 97.59 67.52 93.09
C LEU G 946 96.15 67.83 93.46
N GLY G 947 95.67 69.04 93.20
CA GLY G 947 94.33 69.44 93.52
C GLY G 947 94.14 69.94 94.94
N CYS G 948 95.01 69.52 95.87
CA CYS G 948 95.02 69.98 97.25
C CYS G 948 95.65 71.36 97.39
N HIS G 949 94.97 72.37 96.85
CA HIS G 949 95.54 73.70 96.70
C HIS G 949 95.51 74.44 98.03
N VAL G 950 96.61 75.13 98.33
CA VAL G 950 96.69 76.06 99.45
C VAL G 950 97.54 77.25 99.01
N GLY G 951 96.90 78.40 98.85
CA GLY G 951 97.61 79.62 98.50
C GLY G 951 98.09 80.36 99.73
N ILE G 952 98.03 81.69 99.63
CA ILE G 952 98.35 82.57 100.75
C ILE G 952 97.07 82.85 101.55
N SER G 953 96.83 82.04 102.58
CA SER G 953 95.70 82.24 103.48
C SER G 953 96.09 82.40 104.94
N ASP G 954 97.38 82.35 105.25
CA ASP G 954 97.88 82.38 106.63
C ASP G 954 99.22 83.09 106.64
N GLU G 955 99.97 82.92 107.73
CA GLU G 955 101.30 83.50 107.87
C GLU G 955 102.29 82.41 108.23
N HIS G 956 103.36 82.29 107.45
CA HIS G 956 104.42 81.34 107.75
C HIS G 956 105.45 81.98 108.68
N ALA G 957 105.91 81.19 109.66
CA ALA G 957 106.87 81.68 110.64
C ALA G 957 107.71 80.55 111.20
N TYR G 970 108.73 67.21 124.26
CA TYR G 970 109.89 67.91 123.75
C TYR G 970 111.19 67.40 124.38
N GLN G 971 112.00 66.74 123.57
CA GLN G 971 113.11 65.94 124.06
C GLN G 971 114.31 66.80 124.46
N LEU G 972 115.26 66.17 125.15
CA LEU G 972 116.49 66.83 125.55
C LEU G 972 117.53 66.71 124.44
N THR G 973 118.21 67.83 124.19
CA THR G 973 119.16 67.97 123.10
C THR G 973 120.55 68.24 123.66
N SER G 974 121.48 68.57 122.77
CA SER G 974 122.87 68.81 123.15
C SER G 974 123.16 70.29 123.37
N GLY G 975 122.16 71.15 123.20
CA GLY G 975 122.35 72.58 123.34
C GLY G 975 121.56 73.43 122.35
N TYR G 976 121.19 72.83 121.22
CA TYR G 976 120.36 73.51 120.23
C TYR G 976 119.02 72.79 120.17
N LYS G 977 118.03 73.31 120.88
CA LYS G 977 116.67 72.78 120.83
C LYS G 977 115.83 73.74 119.99
N PRO G 978 115.56 73.41 118.74
CA PRO G 978 114.86 74.36 117.87
C PRO G 978 113.35 74.27 117.99
N ALA G 979 112.71 75.41 118.21
CA ALA G 979 111.25 75.50 118.26
C ALA G 979 110.80 76.78 117.59
N PRO G 980 110.64 76.75 116.26
CA PRO G 980 110.03 77.90 115.59
C PRO G 980 108.51 77.94 115.74
N MET G 981 107.84 76.78 115.70
CA MET G 981 106.39 76.72 115.69
C MET G 981 105.91 75.49 116.47
N ASP G 982 104.63 75.20 116.29
CA ASP G 982 103.94 74.10 116.98
C ASP G 982 103.66 72.97 115.99
N LEU G 983 103.46 71.77 116.52
CA LEU G 983 103.09 70.62 115.69
C LEU G 983 101.82 69.92 116.16
N SER G 984 101.53 69.93 117.46
CA SER G 984 100.40 69.22 118.03
C SER G 984 99.17 70.11 118.24
N PHE G 985 98.98 71.12 117.39
CA PHE G 985 97.75 71.90 117.45
C PHE G 985 96.75 71.43 116.40
N ILE G 986 97.22 71.20 115.17
CA ILE G 986 96.38 70.76 114.07
C ILE G 986 96.98 69.48 113.49
N LYS G 987 96.17 68.42 113.43
CA LYS G 987 96.51 67.23 112.66
C LYS G 987 95.86 67.32 111.30
N LEU G 988 96.34 66.50 110.36
CA LEU G 988 96.06 66.75 108.96
C LEU G 988 94.96 65.85 108.41
N THR G 989 94.65 66.05 107.14
CA THR G 989 93.52 65.48 106.42
C THR G 989 93.95 64.25 105.65
N PRO G 990 93.03 63.64 104.89
CA PRO G 990 93.38 62.39 104.17
C PRO G 990 94.32 62.57 103.00
N SER G 991 94.16 63.62 102.19
CA SER G 991 94.96 63.72 100.96
C SER G 991 96.34 64.29 101.19
N GLN G 992 96.72 64.60 102.43
CA GLN G 992 98.10 64.94 102.74
C GLN G 992 98.90 63.69 103.05
N GLU G 993 98.35 62.80 103.89
CA GLU G 993 98.99 61.52 104.13
C GLU G 993 98.83 60.59 102.94
N ALA G 994 97.91 60.87 102.04
CA ALA G 994 97.85 60.17 100.76
C ALA G 994 98.85 60.70 99.75
N MET G 995 99.09 62.02 99.72
CA MET G 995 100.11 62.59 98.83
C MET G 995 101.52 62.31 99.34
N VAL G 996 101.67 62.02 100.63
CA VAL G 996 102.95 61.58 101.17
C VAL G 996 103.36 60.25 100.55
N ASP G 997 102.40 59.40 100.18
CA ASP G 997 102.69 58.17 99.44
C ASP G 997 103.26 58.45 98.06
N LYS G 998 102.69 59.40 97.33
CA LYS G 998 103.24 59.80 96.04
C LYS G 998 104.62 60.44 96.21
N LEU G 999 104.84 61.16 97.31
CA LEU G 999 106.15 61.74 97.57
C LEU G 999 107.18 60.66 97.85
N ALA G 1000 106.80 59.63 98.61
CA ALA G 1000 107.68 58.50 98.86
C ALA G 1000 107.94 57.72 97.58
N GLU G 1001 106.93 57.58 96.72
CA GLU G 1001 107.12 56.94 95.42
C GLU G 1001 108.03 57.78 94.53
N ASN G 1002 107.91 59.10 94.59
CA ASN G 1002 108.75 59.99 93.79
C ASN G 1002 110.20 59.90 94.25
N ALA G 1003 110.43 59.96 95.56
CA ALA G 1003 111.77 59.85 96.10
C ALA G 1003 112.38 58.48 95.83
N HIS G 1004 111.59 57.42 95.99
CA HIS G 1004 112.05 56.08 95.67
C HIS G 1004 112.32 55.92 94.18
N ASN G 1005 111.57 56.63 93.34
CA ASN G 1005 111.74 56.47 91.90
C ASN G 1005 112.96 57.24 91.41
N VAL G 1006 113.23 58.41 91.97
CA VAL G 1006 114.45 59.09 91.56
C VAL G 1006 115.67 58.43 92.19
N TRP G 1007 115.51 57.80 93.36
CA TRP G 1007 116.61 57.04 93.94
C TRP G 1007 116.86 55.75 93.16
N ALA G 1008 115.80 55.11 92.69
CA ALA G 1008 115.93 53.96 91.81
C ALA G 1008 116.49 54.34 90.46
N ARG G 1009 116.16 55.54 89.96
CA ARG G 1009 116.86 56.12 88.81
C ARG G 1009 118.34 56.25 89.10
N ASP G 1010 118.69 56.67 90.31
CA ASP G 1010 120.08 56.63 90.74
C ASP G 1010 120.58 55.23 91.07
N ARG G 1011 119.68 54.25 91.15
CA ARG G 1011 120.08 52.86 91.36
C ARG G 1011 119.85 51.98 90.14
N ILE G 1012 119.59 52.58 88.97
CA ILE G 1012 119.38 51.81 87.74
C ILE G 1012 120.65 51.08 87.35
N ARG G 1013 121.74 51.83 87.14
CA ARG G 1013 122.95 51.28 86.55
C ARG G 1013 123.72 50.39 87.52
N GLN G 1014 123.93 50.85 88.75
CA GLN G 1014 124.57 50.04 89.77
C GLN G 1014 123.62 48.94 90.21
N ARG G 1027 126.56 47.40 89.02
CA ARG G 1027 125.78 46.18 89.18
C ARG G 1027 125.52 45.88 90.64
N ARG G 1028 125.25 44.59 90.91
CA ARG G 1028 125.07 43.97 92.25
C ARG G 1028 124.16 44.79 93.19
N ASN G 1029 123.12 45.39 92.61
CA ASN G 1029 122.15 46.13 93.41
C ASN G 1029 120.89 45.29 93.61
N PRO G 1030 120.52 44.95 94.85
CA PRO G 1030 119.25 44.25 95.07
C PRO G 1030 118.03 45.15 95.07
N ARG G 1031 118.13 46.39 94.62
CA ARG G 1031 117.02 47.33 94.59
C ARG G 1031 116.36 47.40 93.21
N LEU G 1032 116.47 46.33 92.42
CA LEU G 1032 115.99 46.34 91.04
C LEU G 1032 114.56 45.85 90.91
N VAL G 1033 113.67 46.42 91.73
CA VAL G 1033 112.23 46.19 91.66
C VAL G 1033 111.51 47.49 92.03
N PRO G 1034 110.31 47.74 91.42
CA PRO G 1034 109.66 49.04 91.58
C PRO G 1034 109.13 49.34 92.97
N TYR G 1035 108.49 50.52 93.10
CA TYR G 1035 107.96 50.98 94.38
C TYR G 1035 106.83 50.10 94.88
N ALA G 1036 105.93 49.68 94.00
CA ALA G 1036 104.76 48.93 94.40
C ALA G 1036 105.04 47.48 94.74
N LEU G 1037 106.30 47.04 94.72
CA LEU G 1037 106.59 45.68 95.11
C LEU G 1037 107.82 45.57 96.03
N LEU G 1038 108.69 46.57 96.04
CA LEU G 1038 109.80 46.57 96.99
C LEU G 1038 109.23 46.82 98.39
N ASP G 1039 110.00 46.45 99.43
CA ASP G 1039 109.57 46.50 100.83
C ASP G 1039 109.30 47.94 101.25
N ASP G 1040 108.07 48.22 101.66
CA ASP G 1040 107.59 49.58 101.86
C ASP G 1040 107.62 50.01 103.32
N ARG G 1041 108.39 49.33 104.17
CA ARG G 1041 108.46 49.71 105.58
C ARG G 1041 109.60 50.65 105.92
N THR G 1042 110.76 50.53 105.25
CA THR G 1042 111.83 51.50 105.43
C THR G 1042 111.55 52.80 104.70
N LYS G 1043 110.62 52.78 103.75
CA LYS G 1043 110.14 54.00 103.10
C LYS G 1043 109.12 54.74 103.94
N LYS G 1044 108.68 54.18 105.06
CA LYS G 1044 107.70 54.87 105.90
C LYS G 1044 108.34 55.95 106.77
N SER G 1045 109.66 55.93 106.94
CA SER G 1045 110.32 57.04 107.63
C SER G 1045 110.33 58.30 106.77
N ASN G 1046 110.54 58.14 105.46
CA ASN G 1046 110.38 59.25 104.52
C ASN G 1046 108.91 59.64 104.34
N LYS G 1047 107.99 58.75 104.69
CA LYS G 1047 106.58 59.13 104.78
C LYS G 1047 106.32 59.94 106.04
N ASP G 1048 106.96 59.57 107.15
CA ASP G 1048 106.84 60.33 108.39
C ASP G 1048 107.46 61.72 108.27
N SER G 1049 108.58 61.85 107.54
CA SER G 1049 109.22 63.14 107.36
C SER G 1049 108.37 64.07 106.50
N LEU G 1050 107.78 63.55 105.41
CA LEU G 1050 106.86 64.34 104.61
C LEU G 1050 105.56 64.66 105.35
N ARG G 1051 105.06 63.75 106.18
CA ARG G 1051 103.84 64.00 106.94
C ARG G 1051 104.09 65.00 108.06
N GLU G 1052 105.27 64.99 108.70
CA GLU G 1052 105.59 66.01 109.69
C GLU G 1052 105.96 67.33 109.03
N ALA G 1053 106.43 67.31 107.78
CA ALA G 1053 106.56 68.53 107.01
C ALA G 1053 105.20 69.14 106.76
N VAL G 1054 104.20 68.30 106.45
CA VAL G 1054 102.83 68.78 106.31
C VAL G 1054 102.24 69.23 107.65
N ARG G 1055 102.67 68.61 108.76
CA ARG G 1055 102.30 69.09 110.09
C ARG G 1055 102.84 70.48 110.36
N THR G 1056 104.10 70.74 109.98
CA THR G 1056 104.66 72.08 109.99
C THR G 1056 103.94 73.03 109.04
N LEU G 1057 103.51 72.54 107.87
CA LEU G 1057 102.75 73.35 106.90
C LEU G 1057 101.43 73.83 107.48
N LEU G 1058 100.67 72.91 108.09
CA LEU G 1058 99.40 73.30 108.69
C LEU G 1058 99.60 74.02 110.03
N GLY G 1059 100.77 73.91 110.65
CA GLY G 1059 101.13 74.85 111.69
C GLY G 1059 101.29 76.26 111.14
N TYR G 1060 101.98 76.39 110.01
CA TYR G 1060 102.06 77.63 109.28
C TYR G 1060 100.74 78.01 108.61
N GLY G 1061 99.82 77.07 108.47
CA GLY G 1061 98.49 77.36 107.99
C GLY G 1061 98.28 77.12 106.51
N TYR G 1062 98.68 75.93 106.03
CA TYR G 1062 98.50 75.56 104.62
C TYR G 1062 98.03 74.11 104.58
N ASN G 1063 96.72 73.91 104.64
CA ASN G 1063 96.09 72.59 104.70
C ASN G 1063 96.13 71.93 103.33
N LEU G 1064 95.90 70.61 103.32
CA LEU G 1064 95.86 69.84 102.10
C LEU G 1064 94.57 69.02 102.04
N GLU G 1065 93.76 69.28 101.03
CA GLU G 1065 92.53 68.53 100.78
C GLU G 1065 92.31 68.50 99.28
N ALA G 1066 92.44 67.31 98.69
CA ALA G 1066 92.22 67.15 97.25
C ALA G 1066 90.75 67.29 96.90
N ARG G 1084 87.06 40.81 74.52
CA ARG G 1084 86.44 41.76 75.43
C ARG G 1084 85.50 41.06 76.40
N PHE G 1085 84.35 40.60 75.91
CA PHE G 1085 83.37 39.93 76.76
C PHE G 1085 82.90 38.67 76.02
N ARG G 1086 83.31 37.51 76.54
CA ARG G 1086 83.14 36.23 75.86
C ARG G 1086 81.74 35.67 76.05
N ILE G 1087 81.28 34.88 75.09
CA ILE G 1087 79.92 34.35 75.07
C ILE G 1087 80.01 32.83 75.05
N PHE G 1088 79.15 32.17 75.83
CA PHE G 1088 79.27 30.76 76.14
C PHE G 1088 77.93 30.10 75.91
N ARG G 1089 77.92 28.92 75.30
CA ARG G 1089 76.67 28.19 75.07
C ARG G 1089 76.94 26.71 74.91
N ALA G 1090 75.87 25.93 75.03
CA ALA G 1090 75.92 24.51 74.80
C ALA G 1090 75.67 24.22 73.32
N GLU G 1091 75.41 22.96 73.01
CA GLU G 1091 75.42 22.51 71.62
C GLU G 1091 74.18 22.94 70.88
N LYS G 1092 74.31 23.10 69.56
CA LYS G 1092 73.21 23.55 68.72
C LYS G 1092 72.14 22.48 68.54
N THR G 1093 72.52 21.22 68.62
CA THR G 1093 71.56 20.17 68.31
C THR G 1093 70.58 19.89 69.44
N TYR G 1094 70.78 20.46 70.62
CA TYR G 1094 69.86 20.23 71.72
C TYR G 1094 68.78 21.27 71.82
N ALA G 1095 68.43 21.90 70.70
CA ALA G 1095 67.50 23.03 70.72
C ALA G 1095 66.10 22.55 71.06
N VAL G 1096 65.72 22.76 72.33
CA VAL G 1096 64.45 22.23 72.81
C VAL G 1096 63.31 23.07 72.24
N LYS G 1097 62.31 22.40 71.68
CA LYS G 1097 61.17 23.08 71.10
C LYS G 1097 59.85 22.79 71.79
N ALA G 1098 59.82 21.88 72.76
CA ALA G 1098 58.60 21.57 73.49
C ALA G 1098 58.95 21.19 74.92
N GLY G 1099 58.03 21.48 75.82
CA GLY G 1099 58.16 21.03 77.18
C GLY G 1099 58.33 22.16 78.17
N ARG G 1100 58.79 21.80 79.37
CA ARG G 1100 58.91 22.70 80.49
C ARG G 1100 60.27 22.47 81.13
N TRP G 1101 61.18 23.44 80.98
CA TRP G 1101 62.59 23.17 81.25
C TRP G 1101 63.20 24.23 82.14
N TYR G 1102 64.33 23.88 82.76
CA TYR G 1102 64.99 24.74 83.73
C TYR G 1102 66.47 24.38 83.78
N PHE G 1103 67.32 25.38 83.96
CA PHE G 1103 68.73 25.14 84.25
C PHE G 1103 69.23 26.24 85.18
N GLU G 1104 70.34 25.99 85.86
CA GLU G 1104 70.81 26.92 86.88
C GLU G 1104 72.23 27.41 86.60
N PHE G 1105 72.53 28.57 87.15
CA PHE G 1105 73.79 29.26 86.94
C PHE G 1105 74.19 29.97 88.23
N GLU G 1106 75.48 29.99 88.51
CA GLU G 1106 76.01 30.66 89.68
C GLU G 1106 76.86 31.85 89.23
N ALA G 1107 76.56 33.03 89.77
CA ALA G 1107 77.35 34.23 89.52
C ALA G 1107 78.29 34.46 90.70
N VAL G 1108 79.58 34.61 90.39
CA VAL G 1108 80.59 34.59 91.44
C VAL G 1108 81.22 35.96 91.64
N THR G 1109 81.93 36.45 90.63
CA THR G 1109 82.73 37.65 90.80
C THR G 1109 82.17 38.80 89.94
N ALA G 1110 82.86 39.93 89.99
CA ALA G 1110 82.28 41.25 89.78
C ALA G 1110 82.00 41.53 88.30
N GLY G 1111 80.73 41.80 87.98
CA GLY G 1111 80.39 42.46 86.74
C GLY G 1111 79.20 41.89 85.99
N ASP G 1112 79.26 41.98 84.65
CA ASP G 1112 78.22 41.53 83.75
C ASP G 1112 78.12 40.01 83.80
N MET G 1113 76.97 39.52 84.23
CA MET G 1113 76.58 38.12 84.09
C MET G 1113 75.25 38.15 83.33
N ARG G 1114 75.31 37.88 82.04
CA ARG G 1114 74.15 37.99 81.14
C ARG G 1114 73.67 36.58 80.79
N VAL G 1115 72.60 36.13 81.43
CA VAL G 1115 72.17 34.73 81.34
C VAL G 1115 70.84 34.68 80.62
N GLY G 1116 70.70 33.75 79.69
CA GLY G 1116 69.42 33.62 79.03
C GLY G 1116 69.34 32.43 78.10
N TRP G 1117 68.38 32.51 77.19
CA TRP G 1117 68.10 31.47 76.23
C TRP G 1117 68.19 32.07 74.84
N SER G 1118 68.87 31.38 73.93
CA SER G 1118 69.06 31.98 72.62
C SER G 1118 68.65 31.01 71.52
N ARG G 1119 68.27 31.59 70.39
CA ARG G 1119 68.17 30.84 69.16
C ARG G 1119 69.55 30.34 68.76
N PRO G 1120 69.63 29.18 68.12
CA PRO G 1120 70.95 28.68 67.69
C PRO G 1120 71.58 29.51 66.58
N GLY G 1121 70.80 30.31 65.88
CA GLY G 1121 71.33 31.25 64.92
C GLY G 1121 71.91 32.52 65.52
N CYS G 1122 72.16 32.56 66.82
CA CYS G 1122 72.82 33.70 67.43
C CYS G 1122 74.28 33.72 67.02
N GLN G 1123 74.85 34.91 67.02
CA GLN G 1123 76.25 35.05 66.67
C GLN G 1123 77.03 35.41 67.92
N PRO G 1124 78.00 34.59 68.34
CA PRO G 1124 78.99 35.07 69.31
C PRO G 1124 80.00 36.02 68.70
N ASP G 1125 79.95 36.23 67.38
CA ASP G 1125 80.80 37.22 66.71
C ASP G 1125 80.54 38.63 67.27
N GLN G 1126 79.28 38.98 67.48
CA GLN G 1126 78.88 40.20 68.17
C GLN G 1126 78.76 39.92 69.66
N GLU G 1127 78.12 40.81 70.39
CA GLU G 1127 77.81 40.59 71.78
C GLU G 1127 76.31 40.74 72.02
N LEU G 1128 75.89 40.36 73.23
CA LEU G 1128 74.58 39.76 73.44
C LEU G 1128 73.53 40.78 73.83
N GLY G 1129 72.29 40.46 73.49
CA GLY G 1129 71.13 41.15 74.01
C GLY G 1129 70.53 42.09 73.01
N SER G 1130 71.38 42.65 72.15
CA SER G 1130 70.96 43.60 71.14
C SER G 1130 70.63 42.88 69.84
N ASP G 1131 69.71 41.94 69.92
CA ASP G 1131 69.33 41.12 68.78
C ASP G 1131 67.99 40.47 69.10
N GLU G 1132 67.46 39.75 68.12
CA GLU G 1132 66.24 38.98 68.31
C GLU G 1132 66.53 37.51 68.62
N ARG G 1133 67.76 37.06 68.44
CA ARG G 1133 68.07 35.66 68.68
C ARG G 1133 68.23 35.39 70.17
N ALA G 1134 68.74 36.36 70.92
CA ALA G 1134 68.96 36.17 72.33
C ALA G 1134 67.81 36.73 73.14
N PHE G 1135 67.47 36.03 74.24
CA PHE G 1135 66.44 36.42 75.20
C PHE G 1135 67.12 36.27 76.54
N ALA G 1136 67.61 37.36 77.13
CA ALA G 1136 68.41 37.19 78.33
C ALA G 1136 68.14 38.27 79.37
N PHE G 1137 68.75 38.09 80.53
CA PHE G 1137 68.64 39.01 81.64
C PHE G 1137 70.03 39.23 82.22
N ASP G 1138 70.35 40.49 82.52
CA ASP G 1138 71.61 40.83 83.16
C ASP G 1138 71.43 40.72 84.67
N GLY G 1139 72.12 39.78 85.30
CA GLY G 1139 72.12 39.70 86.74
C GLY G 1139 72.69 40.93 87.40
N PHE G 1140 73.61 41.61 86.72
CA PHE G 1140 74.09 42.94 87.08
C PHE G 1140 73.10 43.99 86.58
N LYS G 1141 72.97 45.07 87.34
CA LYS G 1141 72.19 46.27 87.02
C LYS G 1141 70.68 46.02 86.93
N ALA G 1142 70.22 44.78 87.17
CA ALA G 1142 68.81 44.42 87.32
C ALA G 1142 67.96 44.79 86.11
N GLN G 1143 68.41 44.47 84.91
CA GLN G 1143 67.64 44.75 83.70
C GLN G 1143 67.68 43.57 82.75
N ARG G 1144 66.67 43.50 81.89
CA ARG G 1144 66.56 42.43 80.90
C ARG G 1144 67.05 42.93 79.54
N TRP G 1145 67.08 42.00 78.57
CA TRP G 1145 67.83 42.22 77.33
C TRP G 1145 67.21 41.39 76.21
N HIS G 1146 66.41 42.06 75.36
CA HIS G 1146 66.08 41.57 74.03
C HIS G 1146 65.62 42.78 73.22
N GLN G 1147 66.48 43.22 72.29
CA GLN G 1147 66.28 44.41 71.46
C GLN G 1147 66.00 45.65 72.30
N GLY G 1148 66.67 45.75 73.45
CA GLY G 1148 66.45 46.88 74.34
C GLY G 1148 66.70 46.61 75.82
N ASN G 1149 66.13 47.45 76.68
CA ASN G 1149 66.38 47.37 78.11
C ASN G 1149 65.14 47.80 78.89
N GLU G 1150 64.96 47.17 80.06
CA GLU G 1150 63.98 47.56 81.05
C GLU G 1150 64.41 46.96 82.37
N HIS G 1151 64.27 47.72 83.45
CA HIS G 1151 64.64 47.25 84.77
C HIS G 1151 63.81 46.05 85.21
N TYR G 1152 64.46 45.13 85.90
CA TYR G 1152 63.83 43.85 86.24
C TYR G 1152 64.57 43.27 87.44
N GLY G 1153 63.88 43.16 88.57
CA GLY G 1153 64.45 42.39 89.68
C GLY G 1153 65.56 43.14 90.40
N ARG G 1154 66.51 42.36 90.92
CA ARG G 1154 67.59 42.90 91.74
C ARG G 1154 68.94 42.64 91.10
N SER G 1155 70.01 42.97 91.81
CA SER G 1155 71.35 42.65 91.35
C SER G 1155 71.70 41.22 91.74
N TRP G 1156 72.81 40.73 91.20
CA TRP G 1156 73.32 39.45 91.64
C TRP G 1156 74.13 39.65 92.92
N GLN G 1157 74.37 38.53 93.62
CA GLN G 1157 75.17 38.53 94.83
C GLN G 1157 76.24 37.46 94.69
N ALA G 1158 77.36 37.68 95.37
CA ALA G 1158 78.52 36.82 95.23
C ALA G 1158 78.24 35.48 95.91
N GLY G 1159 77.76 34.52 95.13
CA GLY G 1159 77.35 33.24 95.67
C GLY G 1159 75.87 32.99 95.45
N ASP G 1160 75.34 33.58 94.39
CA ASP G 1160 73.96 33.35 94.02
C ASP G 1160 73.84 32.10 93.14
N VAL G 1161 72.60 31.63 92.99
CA VAL G 1161 72.24 30.57 92.06
C VAL G 1161 71.03 31.08 91.30
N VAL G 1162 71.22 31.50 90.06
CA VAL G 1162 70.18 32.27 89.40
C VAL G 1162 69.08 31.37 88.86
N GLY G 1163 69.39 30.54 87.87
CA GLY G 1163 68.38 29.66 87.31
C GLY G 1163 67.40 30.32 86.36
N CYS G 1164 66.87 29.53 85.42
CA CYS G 1164 66.05 30.04 84.32
C CYS G 1164 65.08 28.93 83.92
N MET G 1165 63.81 29.29 83.75
CA MET G 1165 62.76 28.33 83.40
C MET G 1165 62.04 28.80 82.14
N VAL G 1166 61.70 27.85 81.27
CA VAL G 1166 61.07 28.12 79.98
C VAL G 1166 59.91 27.17 79.79
N ASP G 1167 58.73 27.73 79.53
CA ASP G 1167 57.64 27.00 78.92
C ASP G 1167 57.81 27.11 77.42
N MET G 1168 57.57 26.02 76.71
CA MET G 1168 57.72 26.07 75.25
C MET G 1168 56.39 25.95 74.52
N THR G 1169 55.50 25.08 74.99
CA THR G 1169 54.14 25.06 74.47
C THR G 1169 53.43 26.36 74.76
N GLU G 1170 53.58 26.84 76.00
CA GLU G 1170 53.25 28.22 76.30
C GLU G 1170 54.41 29.10 75.87
N HIS G 1171 54.10 30.33 75.48
CA HIS G 1171 55.10 31.25 74.95
C HIS G 1171 55.71 32.11 76.05
N THR G 1172 56.13 31.49 77.15
CA THR G 1172 56.55 32.23 78.34
C THR G 1172 57.91 31.77 78.82
N MET G 1173 58.53 32.60 79.66
CA MET G 1173 59.91 32.40 80.10
C MET G 1173 60.11 33.22 81.36
N MET G 1174 60.51 32.57 82.45
CA MET G 1174 60.58 33.20 83.76
C MET G 1174 61.92 32.88 84.42
N PHE G 1175 62.54 33.91 85.01
CA PHE G 1175 63.85 33.75 85.61
C PHE G 1175 63.75 33.92 87.12
N THR G 1176 64.54 33.13 87.85
CA THR G 1176 64.47 33.10 89.31
C THR G 1176 65.78 33.58 89.92
N LEU G 1177 65.81 33.59 91.25
CA LEU G 1177 67.05 33.85 92.00
C LEU G 1177 66.90 33.22 93.38
N ASN G 1178 67.62 32.11 93.61
CA ASN G 1178 67.69 31.40 94.90
C ASN G 1178 66.31 30.99 95.40
N GLY G 1179 65.44 30.61 94.47
CA GLY G 1179 64.05 30.33 94.78
C GLY G 1179 63.13 31.53 94.65
N GLU G 1180 63.66 32.73 94.85
CA GLU G 1180 62.85 33.93 94.66
C GLU G 1180 62.71 34.19 93.17
N ILE G 1181 61.49 34.04 92.68
CA ILE G 1181 61.17 34.35 91.30
C ILE G 1181 61.31 35.84 91.08
N LEU G 1182 62.26 36.24 90.24
CA LEU G 1182 62.57 37.66 90.04
C LEU G 1182 61.44 38.38 89.32
N LEU G 1183 61.23 39.62 89.71
CA LEU G 1183 60.00 40.35 89.46
C LEU G 1183 60.27 41.61 88.65
N ASP G 1184 59.33 41.93 87.76
CA ASP G 1184 59.37 43.18 87.02
C ASP G 1184 58.57 44.24 87.75
N ASP G 1185 58.76 45.50 87.36
CA ASP G 1185 57.98 46.59 87.94
C ASP G 1185 56.56 46.62 87.39
N SER G 1186 56.25 45.79 86.40
CA SER G 1186 54.91 45.60 85.89
C SER G 1186 54.10 44.60 86.71
N GLY G 1187 54.62 44.15 87.84
CA GLY G 1187 53.92 43.19 88.68
C GLY G 1187 53.84 41.80 88.08
N SER G 1188 54.77 41.44 87.21
CA SER G 1188 54.82 40.11 86.60
C SER G 1188 56.22 39.55 86.78
N GLU G 1189 56.30 38.30 87.24
CA GLU G 1189 57.60 37.69 87.46
C GLU G 1189 58.11 36.97 86.21
N LEU G 1190 57.26 36.81 85.21
CA LEU G 1190 57.63 36.18 83.94
C LEU G 1190 58.54 37.13 83.18
N ALA G 1191 59.82 36.75 83.07
CA ALA G 1191 60.83 37.65 82.55
C ALA G 1191 60.64 37.94 81.07
N PHE G 1192 60.26 36.94 80.30
CA PHE G 1192 60.02 37.11 78.88
C PHE G 1192 58.79 36.33 78.46
N LYS G 1193 57.97 36.95 77.61
CA LYS G 1193 56.69 36.39 77.26
C LYS G 1193 56.45 36.56 75.77
N ASP G 1194 55.62 35.67 75.23
CA ASP G 1194 55.04 35.79 73.89
C ASP G 1194 56.10 35.77 72.80
N PHE G 1195 57.11 34.92 72.98
CA PHE G 1195 58.16 34.79 71.98
C PHE G 1195 57.66 33.94 70.82
N ASP G 1196 58.50 33.76 69.82
CA ASP G 1196 58.21 32.92 68.68
C ASP G 1196 58.78 31.54 68.95
N VAL G 1197 57.95 30.52 68.73
CA VAL G 1197 58.39 29.14 68.91
C VAL G 1197 59.00 28.68 67.59
N GLY G 1198 60.26 29.05 67.39
CA GLY G 1198 60.92 28.78 66.13
C GLY G 1198 61.78 27.56 66.19
N ASP G 1199 63.09 27.73 66.03
CA ASP G 1199 64.03 26.62 65.92
C ASP G 1199 64.56 26.16 67.26
N GLY G 1200 63.83 26.42 68.33
CA GLY G 1200 64.27 26.00 69.65
C GLY G 1200 65.18 27.00 70.31
N PHE G 1201 65.59 26.66 71.53
CA PHE G 1201 66.36 27.58 72.35
C PHE G 1201 67.39 26.83 73.17
N ILE G 1202 68.59 27.37 73.23
CA ILE G 1202 69.70 26.74 73.93
C ILE G 1202 70.13 27.65 75.07
N PRO G 1203 70.69 27.12 76.16
CA PRO G 1203 71.15 27.98 77.26
C PRO G 1203 72.41 28.73 76.88
N VAL G 1204 72.46 30.01 77.22
CA VAL G 1204 73.60 30.85 76.87
C VAL G 1204 73.93 31.74 78.06
N CYS G 1205 75.22 31.97 78.27
CA CYS G 1205 75.65 32.92 79.28
C CYS G 1205 76.79 33.75 78.73
N SER G 1206 76.80 35.03 79.01
CA SER G 1206 77.90 35.90 78.63
C SER G 1206 78.70 36.27 79.87
N LEU G 1207 80.01 36.31 79.73
CA LEU G 1207 80.87 36.73 80.80
C LEU G 1207 81.57 38.01 80.41
N GLY G 1208 82.06 38.73 81.41
CA GLY G 1208 82.65 40.04 81.18
C GLY G 1208 84.16 40.04 81.18
N VAL G 1209 84.79 40.78 82.09
CA VAL G 1209 86.24 41.01 82.06
C VAL G 1209 86.97 40.13 83.05
N ALA G 1210 86.59 40.16 84.32
CA ALA G 1210 87.23 39.35 85.34
C ALA G 1210 86.16 38.60 86.13
N GLN G 1211 85.18 38.08 85.42
CA GLN G 1211 84.05 37.35 86.00
C GLN G 1211 84.32 35.87 85.92
N VAL G 1212 83.82 35.13 86.90
CA VAL G 1212 83.89 33.68 86.91
C VAL G 1212 82.47 33.15 86.89
N GLY G 1213 82.15 32.35 85.87
CA GLY G 1213 80.83 31.76 85.73
C GLY G 1213 80.84 30.30 86.11
N ARG G 1214 79.64 29.78 86.36
CA ARG G 1214 79.48 28.39 86.75
C ARG G 1214 78.10 27.93 86.31
N MET G 1215 78.03 27.17 85.22
CA MET G 1215 76.76 26.62 84.76
C MET G 1215 76.64 25.18 85.22
N ASN G 1216 75.42 24.66 85.17
CA ASN G 1216 75.17 23.25 85.44
C ASN G 1216 74.00 22.79 84.57
N PHE G 1217 74.30 21.95 83.58
CA PHE G 1217 73.31 21.48 82.62
C PHE G 1217 72.64 20.20 83.10
N GLY G 1218 72.03 20.27 84.29
CA GLY G 1218 71.46 19.04 84.80
C GLY G 1218 72.53 18.09 85.29
N LYS G 1219 72.07 16.89 85.67
CA LYS G 1219 72.84 15.77 86.21
C LYS G 1219 73.55 16.14 87.51
N ASP G 1220 73.07 17.21 88.14
CA ASP G 1220 73.58 17.74 89.39
C ASP G 1220 72.39 18.02 90.30
N VAL G 1221 71.49 17.02 90.42
CA VAL G 1221 70.27 17.20 91.19
C VAL G 1221 70.60 17.35 92.67
N SER G 1222 71.64 16.66 93.15
CA SER G 1222 72.16 16.93 94.49
C SER G 1222 72.73 18.34 94.60
N THR G 1223 73.36 18.83 93.54
CA THR G 1223 73.88 20.19 93.50
C THR G 1223 72.81 21.18 93.01
N LEU G 1224 71.66 20.67 92.56
CA LEU G 1224 70.51 21.52 92.29
C LEU G 1224 69.96 22.02 93.62
N LYS G 1225 70.29 23.27 93.94
CA LYS G 1225 69.98 23.83 95.24
C LYS G 1225 68.54 24.24 95.40
N TYR G 1226 67.99 24.96 94.43
CA TYR G 1226 66.66 25.50 94.59
C TYR G 1226 65.68 24.85 93.62
N PHE G 1227 65.98 23.65 93.14
CA PHE G 1227 65.08 22.96 92.24
C PHE G 1227 63.89 22.36 92.97
N THR G 1228 64.01 22.20 94.28
CA THR G 1228 62.88 21.73 95.08
C THR G 1228 61.80 22.81 95.20
N ILE G 1229 62.15 23.96 95.76
CA ILE G 1229 61.17 24.99 96.13
C ILE G 1229 60.60 25.68 94.90
N CYS G 1230 61.32 25.66 93.78
CA CYS G 1230 60.77 26.04 92.49
C CYS G 1230 61.34 25.10 91.43
N GLY G 1231 60.50 24.66 90.50
CA GLY G 1231 60.92 23.57 89.66
C GLY G 1231 59.99 22.39 89.57
N LEU G 1232 60.38 21.28 90.23
CA LEU G 1232 59.74 19.95 90.10
C LEU G 1232 58.22 19.95 90.17
N GLN G 1233 57.66 20.34 91.31
CA GLN G 1233 56.22 20.36 91.46
C GLN G 1233 55.57 21.49 90.67
N GLU G 1234 56.35 22.45 90.19
CA GLU G 1234 55.85 23.53 89.36
C GLU G 1234 55.82 23.16 87.90
N GLY G 1235 56.07 21.90 87.57
CA GLY G 1235 56.04 21.47 86.19
C GLY G 1235 57.23 22.00 85.41
N TYR G 1236 58.42 21.48 85.72
CA TYR G 1236 59.63 21.82 84.99
C TYR G 1236 60.58 20.62 85.01
N GLU G 1237 61.69 20.76 84.30
CA GLU G 1237 62.67 19.69 84.17
C GLU G 1237 64.08 20.26 84.03
N PRO G 1238 65.08 19.57 84.54
CA PRO G 1238 66.45 19.94 84.25
C PRO G 1238 66.90 19.35 82.93
N PHE G 1239 68.19 19.45 82.61
CA PHE G 1239 68.75 18.72 81.48
C PHE G 1239 69.27 17.33 81.87
N ALA G 1240 68.74 16.74 82.94
CA ALA G 1240 69.16 15.45 83.43
C ALA G 1240 68.22 14.33 83.03
N VAL G 1241 67.19 14.65 82.24
CA VAL G 1241 66.07 13.73 82.07
C VAL G 1241 66.44 12.59 81.15
N ASN G 1242 67.52 12.74 80.39
CA ASN G 1242 67.92 11.68 79.49
C ASN G 1242 69.41 11.44 79.42
N THR G 1243 70.25 12.42 79.71
CA THR G 1243 71.57 12.42 79.12
C THR G 1243 72.56 11.61 79.95
N ASN G 1244 73.23 10.68 79.27
CA ASN G 1244 74.37 9.98 79.85
C ASN G 1244 75.71 10.50 79.34
N ARG G 1245 75.71 11.39 78.37
CA ARG G 1245 76.92 12.08 77.97
C ARG G 1245 77.07 13.31 78.85
N ASP G 1246 78.08 14.11 78.53
CA ASP G 1246 78.13 15.50 78.95
C ASP G 1246 77.83 16.30 77.70
N ILE G 1247 76.92 17.26 77.80
CA ILE G 1247 76.61 18.08 76.64
C ILE G 1247 77.77 19.04 76.41
N THR G 1248 78.21 19.12 75.15
CA THR G 1248 79.39 19.92 74.82
C THR G 1248 79.09 21.39 74.95
N MET G 1249 80.13 22.17 75.26
CA MET G 1249 79.98 23.62 75.33
C MET G 1249 80.75 24.31 74.23
N TRP G 1250 80.19 25.39 73.72
CA TRP G 1250 80.72 26.11 72.59
C TRP G 1250 81.00 27.57 72.96
N LEU G 1251 82.17 27.82 73.52
CA LEU G 1251 82.58 29.17 73.81
C LEU G 1251 83.04 29.84 72.54
N SER G 1252 83.05 31.17 72.57
CA SER G 1252 83.56 31.95 71.45
C SER G 1252 85.08 32.08 71.53
N LYS G 1253 85.70 32.19 70.36
CA LYS G 1253 87.15 32.17 70.31
C LYS G 1253 87.74 33.52 70.65
N ARG G 1254 89.00 33.49 71.07
CA ARG G 1254 89.82 34.67 71.18
C ARG G 1254 90.63 34.92 69.93
N LEU G 1255 91.25 33.88 69.38
CA LEU G 1255 92.04 34.01 68.17
C LEU G 1255 91.14 34.12 66.95
N PRO G 1256 91.34 35.12 66.10
CA PRO G 1256 90.49 35.24 64.91
C PRO G 1256 91.01 34.40 63.76
N GLN G 1257 90.11 34.05 62.84
CA GLN G 1257 90.47 33.21 61.71
C GLN G 1257 89.75 33.72 60.48
N PHE G 1258 90.40 33.62 59.33
CA PHE G 1258 89.85 34.26 58.15
C PHE G 1258 88.73 33.40 57.56
N LEU G 1259 87.90 34.05 56.76
CA LEU G 1259 86.58 33.51 56.46
C LEU G 1259 86.15 34.02 55.10
N GLN G 1260 85.14 33.39 54.53
CA GLN G 1260 84.58 33.79 53.25
C GLN G 1260 83.80 35.10 53.41
N VAL G 1261 83.33 35.65 52.30
CA VAL G 1261 82.61 36.92 52.41
C VAL G 1261 81.16 36.78 51.97
N PRO G 1262 80.23 36.71 52.91
CA PRO G 1262 78.82 36.75 52.56
C PRO G 1262 78.34 38.18 52.38
N SER G 1263 77.03 38.38 52.27
CA SER G 1263 76.44 39.72 52.21
C SER G 1263 76.23 40.33 53.58
N SER G 1264 76.91 39.84 54.62
CA SER G 1264 76.69 40.31 55.99
C SER G 1264 77.69 41.42 56.32
N HIS G 1265 77.54 42.52 55.57
CA HIS G 1265 78.09 43.81 55.95
C HIS G 1265 77.02 44.81 55.59
N GLU G 1266 77.20 46.05 56.05
CA GLU G 1266 76.41 47.14 55.50
C GLU G 1266 76.61 47.25 54.00
N HIS G 1267 77.88 47.29 53.57
CA HIS G 1267 78.22 47.33 52.15
C HIS G 1267 79.65 46.80 52.02
N ILE G 1268 79.77 45.53 51.63
CA ILE G 1268 81.02 44.91 51.16
C ILE G 1268 80.62 44.03 49.99
N GLU G 1269 81.28 44.20 48.85
CA GLU G 1269 80.89 43.46 47.66
C GLU G 1269 82.11 43.20 46.79
N VAL G 1270 82.59 41.97 46.82
CA VAL G 1270 83.61 41.56 45.86
C VAL G 1270 82.90 41.07 44.60
N THR G 1271 83.51 41.29 43.44
CA THR G 1271 82.89 40.95 42.16
C THR G 1271 83.87 40.17 41.30
N ARG G 1272 83.44 38.99 40.89
CA ARG G 1272 84.16 38.22 39.89
C ARG G 1272 83.93 38.90 38.54
N ILE G 1273 84.97 39.53 38.00
CA ILE G 1273 84.86 40.20 36.72
C ILE G 1273 85.98 39.73 35.81
N ASP G 1274 85.88 40.12 34.54
CA ASP G 1274 86.88 39.76 33.54
C ASP G 1274 87.35 40.97 32.75
N VAL G 1285 93.91 42.60 34.84
CA VAL G 1285 92.85 41.90 34.11
C VAL G 1285 92.30 40.77 34.98
N THR G 1286 91.02 40.42 34.76
CA THR G 1286 90.26 39.44 35.54
C THR G 1286 90.28 39.78 37.04
N GLN G 1287 89.65 40.91 37.35
CA GLN G 1287 89.89 41.62 38.60
C GLN G 1287 88.88 41.25 39.69
N LYS G 1288 88.91 42.01 40.79
CA LYS G 1288 88.03 41.76 41.93
C LYS G 1288 87.78 43.09 42.64
N SER G 1289 86.64 43.71 42.36
CA SER G 1289 86.33 45.05 42.85
C SER G 1289 85.78 44.98 44.28
N PHE G 1290 85.34 46.13 44.79
CA PHE G 1290 85.08 46.28 46.22
C PHE G 1290 84.02 47.35 46.44
N GLY G 1291 83.81 47.69 47.72
CA GLY G 1291 83.08 48.87 48.12
C GLY G 1291 82.91 48.92 49.62
N SER G 1292 83.18 50.06 50.25
CA SER G 1292 83.07 50.18 51.70
C SER G 1292 82.61 51.57 52.14
N GLN G 1293 81.59 52.14 51.51
CA GLN G 1293 81.09 53.45 51.94
C GLN G 1293 80.00 53.26 52.98
N ASN G 1294 80.38 53.35 54.26
CA ASN G 1294 79.53 52.93 55.36
C ASN G 1294 79.82 53.78 56.59
N SER G 1295 79.39 53.27 57.74
CA SER G 1295 79.58 53.91 59.03
C SER G 1295 80.85 53.48 59.73
N SER G 1296 81.40 52.31 59.38
CA SER G 1296 82.58 51.76 60.05
C SER G 1296 83.52 51.23 58.97
N THR G 1297 84.64 51.91 58.79
CA THR G 1297 85.65 51.55 57.80
C THR G 1297 87.01 51.41 58.45
N ASP G 1298 87.06 50.69 59.57
CA ASP G 1298 88.25 50.73 60.41
C ASP G 1298 89.38 49.88 59.82
N ILE G 1299 89.19 48.57 59.80
CA ILE G 1299 90.26 47.62 59.45
C ILE G 1299 89.62 46.45 58.73
N MET G 1300 90.15 46.11 57.55
CA MET G 1300 89.63 45.02 56.73
C MET G 1300 90.80 44.24 56.16
N PHE G 1301 91.25 43.22 56.88
CA PHE G 1301 92.37 42.39 56.41
C PHE G 1301 91.86 41.45 55.32
N TYR G 1302 92.54 41.41 54.18
CA TYR G 1302 92.10 40.63 53.04
C TYR G 1302 93.18 39.66 52.59
N ARG G 1303 92.77 38.49 52.11
CA ARG G 1303 93.69 37.53 51.52
C ARG G 1303 92.97 36.70 50.48
N LEU G 1304 93.75 36.10 49.60
CA LEU G 1304 93.18 35.18 48.65
C LEU G 1304 92.99 33.81 49.29
N SER G 1305 92.28 32.93 48.59
CA SER G 1305 91.93 31.64 49.17
C SER G 1305 93.15 30.72 49.23
N MET G 1306 93.66 30.34 48.09
CA MET G 1306 94.68 29.32 48.21
C MET G 1306 96.07 29.91 48.18
N PRO G 1307 97.02 29.32 48.90
CA PRO G 1307 98.38 29.84 48.88
C PRO G 1307 99.27 29.18 47.85
N ILE G 1308 100.52 29.65 47.76
CA ILE G 1308 101.55 29.06 46.91
C ILE G 1308 102.67 28.55 47.80
N GLU G 1309 103.19 27.37 47.47
CA GLU G 1309 104.24 26.70 48.20
C GLU G 1309 105.60 26.95 47.53
N CYS G 1310 106.61 26.21 47.99
CA CYS G 1310 107.93 26.25 47.37
C CYS G 1310 108.45 24.87 47.01
N THR G 1425 107.70 32.69 40.17
CA THR G 1425 108.01 32.74 38.76
C THR G 1425 106.97 33.66 38.11
N TYR G 1426 105.85 33.84 38.80
CA TYR G 1426 104.76 34.67 38.31
C TYR G 1426 104.39 35.71 39.35
N TYR G 1427 103.56 36.65 38.93
CA TYR G 1427 103.32 37.88 39.68
C TYR G 1427 101.82 38.12 39.84
N TYR G 1428 101.45 39.30 40.34
CA TYR G 1428 100.17 39.51 40.98
C TYR G 1428 99.91 41.00 41.14
N SER G 1429 98.76 41.50 40.69
CA SER G 1429 98.55 42.93 40.59
C SER G 1429 97.57 43.45 41.62
N VAL G 1430 97.67 44.75 41.92
CA VAL G 1430 96.69 45.50 42.70
C VAL G 1430 96.70 46.94 42.20
N ARG G 1431 95.59 47.65 42.35
CA ARG G 1431 95.44 49.00 41.81
C ARG G 1431 94.56 49.83 42.72
N ILE G 1432 95.17 50.63 43.59
CA ILE G 1432 94.48 51.36 44.65
C ILE G 1432 94.26 52.78 44.19
N PHE G 1433 93.09 53.35 44.50
CA PHE G 1433 92.91 54.80 44.31
C PHE G 1433 93.39 55.68 45.47
N PRO G 1434 93.03 55.42 46.75
CA PRO G 1434 93.61 56.36 47.72
C PRO G 1434 94.98 55.94 48.22
N ASN G 1440 100.00 53.93 53.12
CA ASN G 1440 98.71 54.07 53.78
C ASN G 1440 97.88 52.77 53.75
N VAL G 1441 97.97 52.02 52.64
CA VAL G 1441 97.22 50.78 52.45
C VAL G 1441 98.17 49.73 51.90
N TRP G 1442 98.25 48.58 52.55
CA TRP G 1442 99.37 47.66 52.36
C TRP G 1442 99.03 46.50 51.43
N VAL G 1443 100.07 45.77 51.02
CA VAL G 1443 99.97 44.50 50.32
C VAL G 1443 101.07 43.61 50.89
N GLY G 1444 100.93 42.29 50.75
CA GLY G 1444 102.00 41.39 51.12
C GLY G 1444 101.62 39.92 51.01
N TRP G 1445 102.34 39.12 51.79
CA TRP G 1445 102.19 37.66 51.80
C TRP G 1445 102.03 37.19 53.24
N ILE G 1446 100.92 36.53 53.52
CA ILE G 1446 100.65 35.99 54.85
C ILE G 1446 101.00 34.52 54.88
N THR G 1447 101.92 34.15 55.75
CA THR G 1447 102.08 32.75 56.10
C THR G 1447 100.98 32.40 57.09
N SER G 1448 100.40 31.20 56.91
CA SER G 1448 99.08 30.84 57.46
C SER G 1448 98.96 31.01 58.97
N ASP G 1449 100.05 30.89 59.71
CA ASP G 1449 100.03 31.22 61.13
C ASP G 1449 100.04 32.73 61.26
N PHE G 1450 98.86 33.33 61.24
CA PHE G 1450 98.72 34.77 61.45
C PHE G 1450 97.32 35.04 61.98
N HIS G 1451 97.23 35.51 63.22
CA HIS G 1451 95.97 35.89 63.84
C HIS G 1451 96.13 37.15 64.67
N GLN G 1452 97.09 37.99 64.31
CA GLN G 1452 97.41 39.19 65.05
C GLN G 1452 96.65 40.36 64.44
N TYR G 1453 95.42 40.55 64.89
CA TYR G 1453 94.60 41.66 64.44
C TYR G 1453 95.12 42.93 65.12
N ASP G 1454 95.80 43.78 64.35
CA ASP G 1454 96.47 44.95 64.90
C ASP G 1454 96.41 46.08 63.90
N THR G 1455 96.31 47.31 64.43
CA THR G 1455 96.18 48.50 63.60
C THR G 1455 97.52 49.22 63.44
N ALA G 1456 98.53 48.51 62.95
CA ALA G 1456 99.89 49.03 62.94
C ALA G 1456 100.74 48.26 61.94
N PHE G 1457 102.05 48.39 62.10
CA PHE G 1457 103.04 47.54 61.45
C PHE G 1457 103.88 46.86 62.55
N ASP G 1458 103.91 45.53 62.55
CA ASP G 1458 104.75 44.69 63.42
C ASP G 1458 104.99 43.35 62.71
N LEU G 1459 105.42 42.34 63.48
CA LEU G 1459 105.48 40.96 62.96
C LEU G 1459 104.11 40.44 62.57
N VAL G 1465 109.96 35.06 61.02
CA VAL G 1465 110.91 34.34 61.84
C VAL G 1465 112.32 34.83 61.57
N THR G 1466 113.13 34.92 62.63
CA THR G 1466 114.51 35.41 62.58
C THR G 1466 115.42 34.51 63.43
N VAL G 1467 116.03 33.55 62.77
CA VAL G 1467 116.97 32.62 63.38
C VAL G 1467 118.27 32.72 62.60
N THR G 1468 119.40 32.64 63.30
CA THR G 1468 120.70 32.68 62.66
C THR G 1468 121.18 31.26 62.35
N LEU G 1469 122.15 31.19 61.44
CA LEU G 1469 122.76 29.92 61.06
C LEU G 1469 123.59 29.35 62.20
N GLY G 1470 123.49 28.04 62.37
CA GLY G 1470 124.33 27.35 63.33
C GLY G 1470 125.19 26.30 62.65
N ASP G 1471 126.51 26.44 62.73
CA ASP G 1471 127.44 25.50 62.12
C ASP G 1471 128.29 24.80 63.16
N GLU G 1472 127.71 24.59 64.35
CA GLU G 1472 128.20 23.78 65.47
C GLU G 1472 129.43 24.36 66.16
N LYS G 1473 129.99 25.44 65.61
CA LYS G 1473 131.15 26.10 66.20
C LYS G 1473 130.85 27.57 66.48
N GLY G 1474 129.57 27.97 66.51
CA GLY G 1474 129.22 29.37 66.47
C GLY G 1474 129.57 29.89 65.08
N LYS G 1475 130.32 30.99 65.03
CA LYS G 1475 131.18 31.36 63.91
C LYS G 1475 130.47 31.77 62.62
N VAL G 1476 129.15 31.59 62.53
CA VAL G 1476 128.45 32.11 61.36
C VAL G 1476 127.45 33.18 61.77
N HIS G 1477 126.40 32.79 62.52
CA HIS G 1477 125.48 33.69 63.21
C HIS G 1477 124.81 34.72 62.28
N GLU G 1478 124.60 34.36 61.02
CA GLU G 1478 124.13 35.39 60.09
C GLU G 1478 122.60 35.44 59.98
N SER G 1479 121.99 34.40 59.42
CA SER G 1479 120.57 34.36 59.09
C SER G 1479 120.21 32.99 58.53
N ILE G 1480 118.95 32.59 58.74
CA ILE G 1480 118.28 31.66 57.84
C ILE G 1480 116.95 32.22 57.37
N LYS G 1481 116.42 33.21 58.08
CA LYS G 1481 115.00 33.52 57.94
C LYS G 1481 114.70 34.99 58.14
N ARG G 1482 113.68 35.46 57.40
CA ARG G 1482 113.04 36.75 57.60
C ARG G 1482 111.55 36.64 57.94
N SER G 1483 110.77 35.95 57.10
CA SER G 1483 109.33 36.17 56.95
C SER G 1483 108.53 35.64 58.14
N ASN G 1484 107.30 36.13 58.26
CA ASN G 1484 106.38 35.68 59.30
C ASN G 1484 104.92 35.89 58.90
N TYR G 1486 104.30 38.59 57.29
CA TYR G 1486 103.48 39.61 56.67
C TYR G 1486 104.34 40.73 56.11
N MET G 1487 104.19 40.97 54.81
CA MET G 1487 105.02 41.92 54.08
C MET G 1487 104.30 43.26 53.96
N VAL G 1488 105.10 44.33 53.85
CA VAL G 1488 104.60 45.70 53.93
C VAL G 1488 105.10 46.49 52.73
N CYS G 1489 104.17 47.16 52.05
CA CYS G 1489 104.48 48.16 51.03
C CYS G 1489 103.59 49.37 51.28
N ALA G 1490 103.51 50.27 50.32
CA ALA G 1490 102.66 51.45 50.44
C ALA G 1490 101.94 51.75 49.13
N ASN G 1502 95.32 58.18 41.72
CA ASN G 1502 95.11 57.45 40.48
C ASN G 1502 95.31 55.94 40.68
N ASN G 1503 96.36 55.41 40.07
CA ASN G 1503 96.61 53.97 40.01
C ASN G 1503 97.96 53.68 40.69
N GLY G 1504 97.92 52.91 41.77
CA GLY G 1504 99.14 52.35 42.31
C GLY G 1504 99.26 50.89 41.92
N LEU G 1505 100.12 50.57 40.97
CA LEU G 1505 100.22 49.20 40.45
C LEU G 1505 101.32 48.43 41.16
N GLU G 1506 101.13 48.23 42.46
CA GLU G 1506 102.08 47.43 43.23
C GLU G 1506 101.92 45.95 42.88
N ILE G 1507 103.04 45.27 42.67
CA ILE G 1507 103.00 43.89 42.22
C ILE G 1507 104.04 43.08 42.99
N GLY G 1508 103.57 42.03 43.67
CA GLY G 1508 104.40 41.09 44.41
C GLY G 1508 104.96 39.94 43.60
N CYS G 1509 106.06 40.14 42.89
CA CYS G 1509 106.68 39.03 42.18
C CYS G 1509 107.38 38.08 43.15
N VAL G 1510 107.18 36.77 42.94
CA VAL G 1510 107.78 35.73 43.78
C VAL G 1510 108.45 34.69 42.88
N VAL G 1511 109.51 34.07 43.40
CA VAL G 1511 110.16 32.89 42.82
C VAL G 1511 110.63 33.05 41.36
N GLY G 1516 112.13 29.45 44.47
CA GLY G 1516 112.75 30.75 44.37
C GLY G 1516 112.60 31.60 45.62
N LEU G 1517 112.42 32.91 45.44
CA LEU G 1517 112.45 33.85 46.56
C LEU G 1517 111.37 34.90 46.37
N LEU G 1518 111.47 36.00 47.11
CA LEU G 1518 110.44 37.03 47.18
C LEU G 1518 110.99 38.41 46.88
N THR G 1519 110.32 39.11 45.95
CA THR G 1519 110.67 40.45 45.51
C THR G 1519 109.44 41.35 45.52
N PHE G 1520 109.62 42.59 45.07
CA PHE G 1520 108.53 43.56 44.96
C PHE G 1520 108.80 44.54 43.83
N THR G 1521 107.72 45.09 43.28
CA THR G 1521 107.77 46.23 42.38
C THR G 1521 106.84 47.32 42.92
N ALA G 1522 106.97 48.52 42.35
CA ALA G 1522 106.00 49.59 42.61
C ALA G 1522 105.93 50.44 41.35
N ASN G 1523 104.97 50.11 40.48
CA ASN G 1523 104.73 50.77 39.19
C ASN G 1523 105.97 50.79 38.30
N GLY G 1524 106.70 49.68 38.28
CA GLY G 1524 107.95 49.55 37.54
C GLY G 1524 109.17 49.70 38.41
N LYS G 1525 109.08 50.49 39.48
CA LYS G 1525 110.20 50.72 40.38
C LYS G 1525 110.17 49.68 41.49
N ASP G 1526 111.12 48.75 41.45
CA ASP G 1526 111.27 47.79 42.53
C ASP G 1526 111.76 48.50 43.78
N LEU G 1527 111.03 48.35 44.88
CA LEU G 1527 111.42 48.95 46.15
C LEU G 1527 112.47 48.08 46.83
N SER G 1528 112.73 48.36 48.10
CA SER G 1528 113.65 47.56 48.88
C SER G 1528 112.88 46.45 49.59
N THR G 1529 113.55 45.84 50.58
CA THR G 1529 113.03 44.75 51.42
C THR G 1529 112.65 43.53 50.60
N TYR G 1530 113.64 42.95 49.92
CA TYR G 1530 113.46 41.68 49.23
C TYR G 1530 113.71 40.55 50.22
N TYR G 1531 112.64 40.01 50.81
CA TYR G 1531 112.75 38.96 51.82
C TYR G 1531 112.99 37.64 51.11
N GLN G 1532 114.26 37.36 50.86
CA GLN G 1532 114.65 36.21 50.05
C GLN G 1532 114.90 34.98 50.94
N VAL G 1533 113.93 34.69 51.80
CA VAL G 1533 114.09 33.57 52.72
C VAL G 1533 112.77 32.86 52.97
N GLU G 1534 112.57 31.72 52.31
CA GLU G 1534 111.53 30.77 52.64
C GLU G 1534 111.95 29.40 52.10
N PRO G 1535 112.26 28.44 52.98
CA PRO G 1535 112.73 27.14 52.48
C PRO G 1535 111.70 26.32 51.72
N SER G 1536 110.59 25.94 52.36
CA SER G 1536 109.51 25.29 51.63
C SER G 1536 108.15 25.71 52.19
N THR G 1537 107.98 26.99 52.47
CA THR G 1537 106.81 27.49 53.17
C THR G 1537 105.67 27.73 52.20
N LYS G 1538 104.49 27.99 52.76
CA LYS G 1538 103.32 28.33 51.96
C LYS G 1538 103.01 29.81 52.12
N LEU G 1539 102.64 30.45 51.02
CA LEU G 1539 102.53 31.90 50.96
C LEU G 1539 101.15 32.29 50.49
N PHE G 1540 100.36 32.85 51.39
CA PHE G 1540 99.09 33.43 51.02
C PHE G 1540 99.33 34.78 50.36
N PRO G 1541 98.77 35.05 49.18
CA PRO G 1541 98.70 36.43 48.71
C PRO G 1541 97.66 37.21 49.50
N ALA G 1542 98.01 38.42 49.94
CA ALA G 1542 97.18 39.04 50.94
C ALA G 1542 97.34 40.56 50.93
N VAL G 1543 96.36 41.24 51.55
CA VAL G 1543 96.28 42.69 51.59
C VAL G 1543 95.77 43.11 52.96
N PHE G 1544 96.50 43.97 53.65
CA PHE G 1544 95.99 44.66 54.83
C PHE G 1544 95.55 46.04 54.38
N ALA G 1545 94.44 46.53 54.93
CA ALA G 1545 93.90 47.78 54.41
C ALA G 1545 93.03 48.49 55.45
N GLN G 1546 92.90 49.80 55.24
CA GLN G 1546 91.70 50.55 55.55
C GLN G 1546 91.11 51.00 54.23
N ALA G 1547 89.81 51.28 54.20
CA ALA G 1547 89.16 51.76 53.00
C ALA G 1547 88.62 53.17 53.25
N THR G 1548 89.10 54.12 52.47
CA THR G 1548 88.61 55.50 52.54
C THR G 1548 87.47 55.73 51.56
N SER G 1549 87.73 55.61 50.33
CA SER G 1549 86.94 55.72 49.11
C SER G 1549 86.53 54.34 48.63
N PRO G 1550 85.42 54.19 47.92
CA PRO G 1550 85.05 52.86 47.43
C PRO G 1550 85.86 52.46 46.21
N ASN G 1551 85.59 51.24 45.75
CA ASN G 1551 86.24 50.62 44.58
C ASN G 1551 87.76 50.54 44.76
N VAL G 1552 88.16 49.95 45.88
CA VAL G 1552 89.51 50.11 46.37
C VAL G 1552 90.51 49.12 45.76
N PHE G 1553 90.15 47.86 45.52
CA PHE G 1553 91.12 46.92 44.97
C PHE G 1553 90.62 46.29 43.67
N GLN G 1554 91.60 45.83 42.90
CA GLN G 1554 91.43 44.96 41.74
C GLN G 1554 92.61 44.01 41.75
N PHE G 1555 92.40 42.77 41.34
CA PHE G 1555 93.48 41.80 41.31
C PHE G 1555 93.76 41.36 39.87
N GLU G 1556 94.67 40.39 39.73
CA GLU G 1556 94.85 39.68 38.47
C GLU G 1556 93.91 38.50 38.39
N ALA G 1568 107.57 37.98 30.19
CA ALA G 1568 107.03 37.38 31.39
C ALA G 1568 105.64 36.80 31.15
N GLY G 1569 105.36 35.63 31.73
CA GLY G 1569 104.06 35.00 31.62
C GLY G 1569 103.11 35.50 32.69
N LEU G 1570 102.06 34.71 32.96
CA LEU G 1570 101.06 35.12 33.93
C LEU G 1570 100.70 34.02 34.92
N PHE G 1571 99.82 34.33 35.86
CA PHE G 1571 99.97 33.92 37.27
C PHE G 1571 99.45 32.52 37.58
N LYS G 1572 98.16 32.28 37.37
CA LYS G 1572 97.40 31.18 37.96
C LYS G 1572 97.88 29.80 37.56
N SER G 1573 98.71 29.70 36.53
CA SER G 1573 99.35 28.44 36.18
C SER G 1573 100.20 27.91 37.31
N GLU G 1574 100.82 28.77 38.09
CA GLU G 1574 101.71 28.34 39.15
C GLU G 1574 100.94 27.91 40.40
N HIS G 1575 99.61 27.84 40.31
CA HIS G 1575 98.75 27.68 41.47
C HIS G 1575 97.99 26.36 41.48
N LYS G 1576 97.28 26.04 40.40
CA LYS G 1576 96.50 24.82 40.35
C LYS G 1576 97.32 23.69 39.75
N ASN G 1577 96.66 22.59 39.46
CA ASN G 1577 97.36 21.42 38.99
C ASN G 1577 97.67 21.47 37.48
N PRO G 1578 96.81 21.95 36.59
CA PRO G 1578 97.29 22.20 35.20
C PRO G 1578 98.26 23.38 35.17
N VAL G 1579 99.50 23.10 34.77
CA VAL G 1579 100.53 24.13 34.81
C VAL G 1579 101.27 24.46 33.51
N PRO G 1580 100.67 24.36 32.28
CA PRO G 1580 101.10 25.31 31.24
C PRO G 1580 100.42 26.67 31.38
N GLN G 1581 99.08 26.65 31.22
CA GLN G 1581 98.06 27.60 31.66
C GLN G 1581 98.48 29.06 31.66
N CYS G 1582 99.18 29.49 30.62
CA CYS G 1582 99.72 30.85 30.52
C CYS G 1582 98.65 31.95 30.46
N PRO G 1583 97.49 31.80 29.82
CA PRO G 1583 96.41 32.76 30.06
C PRO G 1583 95.81 32.53 31.44
N PRO G 1584 95.82 33.53 32.31
CA PRO G 1584 95.23 33.37 33.63
C PRO G 1584 93.71 33.36 33.54
N ARG G 1585 93.11 32.61 34.46
CA ARG G 1585 91.67 32.39 34.38
C ARG G 1585 91.10 32.17 35.78
N LEU G 1586 90.12 32.98 36.15
CA LEU G 1586 89.52 32.84 37.47
C LEU G 1586 88.61 31.63 37.53
N HIS G 1587 88.52 31.05 38.71
CA HIS G 1587 87.65 29.93 38.98
C HIS G 1587 86.83 30.26 40.21
N VAL G 1588 85.77 29.47 40.41
CA VAL G 1588 84.89 29.77 41.53
C VAL G 1588 85.56 29.38 42.85
N GLN G 1589 86.61 28.56 42.82
CA GLN G 1589 87.30 28.19 44.04
C GLN G 1589 88.08 29.36 44.63
N PHE G 1590 88.42 30.36 43.81
CA PHE G 1590 89.03 31.56 44.35
C PHE G 1590 88.04 32.34 45.18
N LEU G 1591 88.49 32.79 46.34
CA LEU G 1591 87.67 33.59 47.22
C LEU G 1591 88.44 34.86 47.58
N SER G 1592 87.86 35.63 48.49
CA SER G 1592 88.42 36.90 48.88
C SER G 1592 88.40 37.03 50.39
N HIS G 1593 88.99 36.05 51.09
CA HIS G 1593 88.79 35.84 52.51
C HIS G 1593 89.19 37.07 53.33
N VAL G 1594 88.45 37.28 54.41
CA VAL G 1594 88.63 38.41 55.32
C VAL G 1594 88.86 37.85 56.72
N LEU G 1595 89.85 38.39 57.42
CA LEU G 1595 90.13 37.93 58.78
C LEU G 1595 89.01 38.38 59.69
N TRP G 1596 88.26 37.44 60.22
CA TRP G 1596 87.14 37.79 61.07
C TRP G 1596 87.30 37.12 62.44
N SER G 1597 86.53 37.64 63.39
CA SER G 1597 86.96 37.59 64.77
C SER G 1597 86.57 36.29 65.46
N ARG G 1598 85.29 35.96 65.49
CA ARG G 1598 84.79 34.97 66.44
C ARG G 1598 83.95 33.91 65.74
N MET G 1599 84.32 32.65 65.98
CA MET G 1599 83.56 31.47 65.65
C MET G 1599 83.71 30.50 66.82
N PRO G 1600 82.65 29.80 67.20
CA PRO G 1600 82.71 28.98 68.41
C PRO G 1600 83.64 27.78 68.28
N ASN G 1601 84.03 27.24 69.42
CA ASN G 1601 84.94 26.11 69.51
C ASN G 1601 84.38 25.03 70.41
N GLN G 1602 84.71 23.78 70.09
CA GLN G 1602 84.28 22.71 70.97
C GLN G 1602 85.12 22.70 72.23
N PHE G 1603 84.65 21.98 73.23
CA PHE G 1603 85.22 22.14 74.55
C PHE G 1603 86.30 21.14 74.88
N LEU G 1604 86.57 20.16 74.00
CA LEU G 1604 87.60 19.13 74.20
C LEU G 1604 87.31 18.33 75.47
N LYS G 1605 86.23 17.55 75.36
CA LYS G 1605 85.37 17.17 76.49
C LYS G 1605 86.12 16.48 77.62
N VAL G 1606 87.09 15.63 77.32
CA VAL G 1606 87.95 15.05 78.33
C VAL G 1606 89.36 15.52 78.04
N ASP G 1607 90.00 16.19 79.00
CA ASP G 1607 91.22 16.89 78.67
C ASP G 1607 92.48 16.11 79.03
N VAL G 1608 92.82 16.01 80.32
CA VAL G 1608 94.06 15.39 80.78
C VAL G 1608 93.87 15.01 82.23
N SER G 1609 94.75 14.14 82.73
CA SER G 1609 94.80 13.82 84.14
C SER G 1609 96.22 14.07 84.65
N ARG G 1610 96.75 15.24 84.31
CA ARG G 1610 98.02 15.74 84.83
C ARG G 1610 98.00 15.82 86.35
N ILE G 1611 99.15 15.59 86.97
CA ILE G 1611 99.33 15.74 88.42
C ILE G 1611 100.66 16.43 88.70
N SER G 1612 100.75 17.11 89.84
CA SER G 1612 101.87 18.00 90.16
C SER G 1612 102.45 17.68 91.55
N GLU G 1613 103.62 18.27 91.83
CA GLU G 1613 104.31 18.16 93.13
C GLU G 1613 104.98 19.50 93.48
N ARG G 1614 105.57 19.55 94.68
CA ARG G 1614 106.16 20.77 95.23
C ARG G 1614 107.64 20.69 95.56
N GLN G 1615 108.17 19.55 96.02
CA GLN G 1615 109.60 19.43 96.33
C GLN G 1615 110.35 18.89 95.12
N GLY G 1616 110.75 19.80 94.25
CA GLY G 1616 111.33 19.44 92.97
C GLY G 1616 110.35 19.56 91.82
N TRP G 1617 109.05 19.71 92.11
CA TRP G 1617 107.98 19.99 91.15
C TRP G 1617 107.89 18.90 90.07
N LEU G 1618 107.56 17.71 90.55
CA LEU G 1618 107.23 16.60 89.66
C LEU G 1618 105.86 16.87 89.05
N VAL G 1619 105.86 17.35 87.82
CA VAL G 1619 104.62 17.43 87.04
C VAL G 1619 104.56 16.22 86.13
N GLN G 1620 103.39 15.59 86.08
CA GLN G 1620 103.31 14.17 85.77
C GLN G 1620 102.00 13.87 85.06
N CYS G 1621 102.05 13.02 84.04
CA CYS G 1621 100.86 12.52 83.36
C CYS G 1621 101.14 11.16 82.76
N LEU G 1622 100.16 10.26 82.86
CA LEU G 1622 100.36 8.88 82.43
C LEU G 1622 99.21 8.28 81.63
N GLU G 1623 98.10 9.00 81.43
CA GLU G 1623 96.92 8.44 80.79
C GLU G 1623 96.72 9.12 79.45
N PRO G 1624 97.11 8.50 78.34
CA PRO G 1624 97.16 9.24 77.06
C PRO G 1624 95.78 9.41 76.46
N LEU G 1625 95.56 10.58 75.84
CA LEU G 1625 94.35 10.87 75.09
C LEU G 1625 94.76 11.33 73.69
N GLN G 1626 94.00 10.90 72.69
CA GLN G 1626 94.32 11.18 71.30
C GLN G 1626 93.17 11.88 70.61
N PHE G 1627 93.53 12.77 69.69
CA PHE G 1627 92.57 13.50 68.88
C PHE G 1627 91.97 12.62 67.80
N MET G 1628 91.20 13.27 66.93
CA MET G 1628 90.88 12.78 65.59
C MET G 1628 90.68 14.07 64.78
N SER G 1629 91.73 14.48 64.10
CA SER G 1629 91.69 15.73 63.38
C SER G 1629 91.69 15.49 61.89
N LEU G 1630 91.39 16.53 61.16
CA LEU G 1630 91.52 16.51 59.72
C LEU G 1630 91.97 17.90 59.31
N HIS G 1631 92.94 17.99 58.42
CA HIS G 1631 93.41 19.31 58.04
C HIS G 1631 93.02 19.54 56.60
N ILE G 1632 92.36 20.66 56.37
CA ILE G 1632 92.00 21.06 55.01
C ILE G 1632 93.28 21.40 54.26
N PRO G 1633 93.49 20.92 53.06
CA PRO G 1633 94.80 21.12 52.45
C PRO G 1633 94.96 22.45 51.74
N GLU G 1634 93.87 23.01 51.23
CA GLU G 1634 93.97 24.20 50.39
C GLU G 1634 93.70 25.48 51.16
N GLU G 1635 93.30 25.39 52.42
CA GLU G 1635 93.11 26.54 53.29
C GLU G 1635 93.73 26.22 54.63
N ASN G 1636 95.00 25.82 54.56
CA ASN G 1636 95.70 24.93 55.49
C ASN G 1636 95.48 25.25 56.96
N ARG G 1637 94.79 24.34 57.63
CA ARG G 1637 94.50 24.36 59.06
C ARG G 1637 93.91 23.04 59.45
N SER G 1638 94.09 22.66 60.71
CA SER G 1638 93.62 21.38 61.23
C SER G 1638 92.44 21.61 62.15
N VAL G 1639 91.31 21.01 61.82
CA VAL G 1639 90.11 21.07 62.63
C VAL G 1639 89.93 19.72 63.30
N ASP G 1640 89.53 19.71 64.56
CA ASP G 1640 89.09 18.47 65.16
C ASP G 1640 87.77 18.04 64.57
N ILE G 1641 87.57 16.72 64.45
CA ILE G 1641 86.51 16.22 63.57
C ILE G 1641 85.15 16.40 64.20
N LEU G 1642 85.10 16.67 65.51
CA LEU G 1642 83.83 16.78 66.18
C LEU G 1642 83.14 18.08 65.80
N GLU G 1643 83.93 19.10 65.47
CA GLU G 1643 83.36 20.40 65.15
C GLU G 1643 82.73 20.46 63.79
N LEU G 1644 82.66 19.35 63.08
CA LEU G 1644 81.79 19.23 61.93
C LEU G 1644 80.33 19.14 62.31
N THR G 1645 80.00 19.04 63.62
CA THR G 1645 78.63 18.84 64.07
C THR G 1645 77.70 19.96 63.63
N GLU G 1646 78.21 21.19 63.55
CA GLU G 1646 77.41 22.33 63.13
C GLU G 1646 77.79 22.86 61.77
N GLN G 1647 78.94 22.48 61.23
CA GLN G 1647 79.42 23.01 59.97
C GLN G 1647 78.98 22.06 58.87
N GLU G 1648 77.97 22.47 58.11
CA GLU G 1648 77.23 21.50 57.32
C GLU G 1648 77.94 21.09 56.04
N GLU G 1649 78.58 22.02 55.34
CA GLU G 1649 79.15 21.68 54.04
C GLU G 1649 80.38 20.82 54.19
N LEU G 1650 81.21 21.15 55.16
CA LEU G 1650 82.36 20.34 55.47
C LEU G 1650 81.98 19.02 56.12
N LEU G 1651 80.74 18.88 56.58
CA LEU G 1651 80.23 17.57 56.99
C LEU G 1651 79.82 16.74 55.80
N LYS G 1652 78.99 17.32 54.94
CA LYS G 1652 78.39 16.56 53.86
C LYS G 1652 79.42 16.12 52.85
N PHE G 1653 80.41 16.96 52.55
CA PHE G 1653 81.42 16.55 51.60
C PHE G 1653 82.32 15.46 52.15
N HIS G 1654 82.65 15.49 53.43
CA HIS G 1654 83.43 14.40 53.96
C HIS G 1654 82.63 13.12 54.09
N TYR G 1655 81.31 13.23 54.33
CA TYR G 1655 80.47 12.03 54.33
C TYR G 1655 80.43 11.39 52.95
N HIS G 1656 80.24 12.20 51.92
CA HIS G 1656 80.24 11.66 50.58
C HIS G 1656 81.60 11.14 50.15
N THR G 1657 82.68 11.69 50.69
CA THR G 1657 83.99 11.10 50.44
C THR G 1657 84.13 9.76 51.13
N LEU G 1658 83.55 9.63 52.32
CA LEU G 1658 83.58 8.33 52.97
C LEU G 1658 82.73 7.32 52.23
N ARG G 1659 81.72 7.76 51.51
CA ARG G 1659 81.01 6.83 50.65
C ARG G 1659 81.88 6.36 49.50
N LEU G 1660 82.59 7.28 48.86
CA LEU G 1660 83.42 6.94 47.71
C LEU G 1660 84.60 6.05 48.08
N TYR G 1661 85.15 6.22 49.27
CA TYR G 1661 86.18 5.29 49.73
C TYR G 1661 85.65 3.87 49.87
N SER G 1662 84.35 3.69 50.06
CA SER G 1662 83.80 2.35 50.06
C SER G 1662 83.42 1.88 48.67
N ALA G 1663 82.83 2.77 47.87
CA ALA G 1663 82.32 2.35 46.57
C ALA G 1663 83.44 2.01 45.61
N VAL G 1664 84.59 2.69 45.73
CA VAL G 1664 85.73 2.35 44.91
C VAL G 1664 86.28 0.99 45.30
N CYS G 1665 86.43 0.74 46.59
CA CYS G 1665 86.92 -0.56 47.03
C CYS G 1665 85.71 -1.43 47.35
N ALA G 1666 85.06 -1.90 46.30
CA ALA G 1666 83.87 -2.72 46.43
C ALA G 1666 84.03 -3.97 45.60
N LEU G 1667 83.43 -5.06 46.10
CA LEU G 1667 83.36 -6.35 45.43
C LEU G 1667 84.74 -6.93 45.15
N GLY G 1668 85.70 -6.60 46.00
CA GLY G 1668 86.91 -7.37 46.10
C GLY G 1668 88.15 -6.85 45.41
N ASN G 1669 88.30 -5.54 45.27
CA ASN G 1669 89.51 -5.01 44.65
C ASN G 1669 90.64 -5.11 45.66
N HIS G 1670 91.37 -6.20 45.61
CA HIS G 1670 92.36 -6.42 46.64
C HIS G 1670 93.67 -5.70 46.39
N ARG G 1671 93.70 -4.67 45.55
CA ARG G 1671 94.84 -3.77 45.59
C ARG G 1671 94.40 -2.36 45.98
N VAL G 1672 93.17 -1.99 45.65
CA VAL G 1672 92.67 -0.71 46.12
C VAL G 1672 92.44 -0.74 47.62
N ALA G 1673 92.14 -1.91 48.17
CA ALA G 1673 92.06 -2.03 49.62
C ALA G 1673 93.42 -1.85 50.27
N HIS G 1674 94.47 -2.38 49.66
CA HIS G 1674 95.79 -2.13 50.19
C HIS G 1674 96.24 -0.70 49.97
N ALA G 1675 95.66 0.00 49.02
CA ALA G 1675 95.91 1.42 48.91
C ALA G 1675 95.21 2.18 50.03
N LEU G 1676 93.96 1.87 50.29
CA LEU G 1676 93.22 2.63 51.29
C LEU G 1676 93.56 2.26 52.71
N CYS G 1677 94.24 1.15 52.94
CA CYS G 1677 94.69 0.89 54.30
C CYS G 1677 95.85 1.79 54.68
N SER G 1678 96.56 2.35 53.70
CA SER G 1678 97.55 3.37 53.98
C SER G 1678 96.96 4.76 54.09
N HIS G 1679 95.67 4.89 53.90
CA HIS G 1679 95.06 6.19 53.76
C HIS G 1679 94.06 6.50 54.85
N VAL G 1680 93.47 5.47 55.46
CA VAL G 1680 92.47 5.61 56.50
C VAL G 1680 93.06 5.03 57.79
N ASP G 1681 93.92 4.02 57.64
CA ASP G 1681 94.91 3.66 58.65
C ASP G 1681 94.34 3.21 60.00
N GLU G 1682 94.05 1.92 60.10
CA GLU G 1682 93.25 1.16 61.06
C GLU G 1682 93.09 1.64 62.51
N PRO G 1683 94.13 2.11 63.25
CA PRO G 1683 93.86 2.61 64.60
C PRO G 1683 93.02 3.87 64.63
N GLN G 1684 92.91 4.57 63.51
CA GLN G 1684 91.89 5.58 63.38
C GLN G 1684 90.49 4.99 63.45
N LEU G 1685 90.24 3.90 62.75
CA LEU G 1685 88.91 3.30 62.70
C LEU G 1685 88.47 2.79 64.07
N LEU G 1686 89.39 2.20 64.83
CA LEU G 1686 89.08 1.81 66.19
C LEU G 1686 88.78 2.99 67.09
N TYR G 1687 89.27 4.18 66.75
CA TYR G 1687 88.76 5.33 67.46
C TYR G 1687 87.36 5.67 67.00
N ALA G 1688 87.13 5.62 65.68
CA ALA G 1688 85.88 6.10 65.12
C ALA G 1688 84.71 5.19 65.43
N ILE G 1689 84.97 3.92 65.69
CA ILE G 1689 83.95 3.06 66.26
C ILE G 1689 83.60 3.51 67.66
N GLU G 1690 84.62 3.78 68.47
CA GLU G 1690 84.44 3.85 69.91
C GLU G 1690 83.91 5.20 70.38
N ASN G 1691 84.31 6.29 69.75
CA ASN G 1691 84.02 7.63 70.27
C ASN G 1691 82.54 7.92 70.20
N LYS G 1692 81.93 8.13 71.34
CA LYS G 1692 80.49 8.22 71.46
C LYS G 1692 79.97 9.62 71.21
N TYR G 1693 80.71 10.43 70.49
CA TYR G 1693 80.32 11.80 70.22
C TYR G 1693 80.23 12.13 68.75
N MET G 1694 80.74 11.26 67.87
CA MET G 1694 80.86 11.56 66.46
C MET G 1694 79.48 11.71 65.83
N PRO G 1695 79.35 12.48 64.75
CA PRO G 1695 78.02 12.82 64.26
C PRO G 1695 77.28 11.63 63.65
N GLY G 1696 76.05 11.86 63.21
CA GLY G 1696 75.21 10.74 62.82
C GLY G 1696 75.66 10.08 61.52
N LEU G 1697 75.92 10.89 60.50
CA LEU G 1697 76.34 10.32 59.23
C LEU G 1697 77.74 9.75 59.31
N LEU G 1698 78.63 10.47 59.97
CA LEU G 1698 80.03 10.08 60.01
C LEU G 1698 80.27 8.86 60.86
N ARG G 1699 79.30 8.40 61.63
CA ARG G 1699 79.49 7.13 62.31
C ARG G 1699 79.25 5.99 61.34
N ALA G 1700 78.13 6.05 60.61
CA ALA G 1700 77.80 5.04 59.63
C ALA G 1700 78.80 4.98 58.50
N GLY G 1701 79.36 6.13 58.14
CA GLY G 1701 80.40 6.14 57.12
C GLY G 1701 81.63 5.34 57.52
N TYR G 1702 82.07 5.48 58.76
CA TYR G 1702 83.26 4.76 59.17
C TYR G 1702 82.99 3.30 59.43
N TYR G 1703 81.79 2.96 59.88
CA TYR G 1703 81.45 1.54 60.01
C TYR G 1703 81.38 0.85 58.64
N ASP G 1704 80.72 1.48 57.67
CA ASP G 1704 80.66 0.91 56.34
C ASP G 1704 82.01 0.88 55.68
N LEU G 1705 82.89 1.84 55.97
CA LEU G 1705 84.23 1.77 55.42
C LEU G 1705 85.01 0.62 56.02
N LEU G 1706 84.83 0.37 57.33
CA LEU G 1706 85.51 -0.76 57.97
C LEU G 1706 85.07 -2.08 57.36
N ILE G 1707 83.78 -2.24 57.16
CA ILE G 1707 83.25 -3.47 56.60
C ILE G 1707 83.71 -3.63 55.15
N ASP G 1708 83.67 -2.56 54.37
CA ASP G 1708 84.02 -2.67 52.97
C ASP G 1708 85.51 -2.73 52.72
N ILE G 1709 86.36 -2.42 53.69
CA ILE G 1709 87.79 -2.66 53.55
C ILE G 1709 88.15 -4.05 54.00
N HIS G 1710 87.85 -4.40 55.25
CA HIS G 1710 88.41 -5.62 55.78
C HIS G 1710 87.47 -6.81 55.74
N LEU G 1711 86.17 -6.60 55.78
CA LEU G 1711 85.28 -7.72 56.05
C LEU G 1711 84.33 -8.07 54.92
N SER G 1712 84.07 -7.17 53.98
CA SER G 1712 83.11 -7.51 52.94
C SER G 1712 83.74 -8.26 51.77
N SER G 1713 84.98 -8.69 51.89
CA SER G 1713 85.54 -9.56 50.87
C SER G 1713 85.22 -11.01 51.19
N TYR G 1714 85.40 -11.37 52.45
CA TYR G 1714 85.24 -12.75 52.87
C TYR G 1714 83.79 -13.09 53.19
N ALA G 1715 83.01 -12.10 53.60
CA ALA G 1715 81.63 -12.34 53.99
C ALA G 1715 80.77 -12.76 52.83
N THR G 1716 80.95 -12.13 51.66
CA THR G 1716 80.25 -12.61 50.48
C THR G 1716 80.76 -13.96 50.04
N ALA G 1717 82.05 -14.25 50.26
CA ALA G 1717 82.60 -15.56 49.96
C ALA G 1717 82.07 -16.63 50.87
N ARG G 1718 81.46 -16.26 51.98
CA ARG G 1718 80.79 -17.24 52.80
C ARG G 1718 79.29 -17.26 52.58
N LEU G 1719 78.69 -16.18 52.15
CA LEU G 1719 77.29 -16.25 51.72
C LEU G 1719 77.13 -16.74 50.30
N MET G 1720 78.19 -17.12 49.61
CA MET G 1720 77.98 -17.93 48.43
C MET G 1720 77.86 -19.40 48.80
N MET G 1721 78.61 -19.83 49.80
CA MET G 1721 78.64 -21.24 50.20
C MET G 1721 77.78 -21.50 51.41
N ASN G 1722 76.62 -20.87 51.49
CA ASN G 1722 75.73 -21.11 52.62
C ASN G 1722 74.67 -22.15 52.33
N ASN G 1723 74.62 -22.70 51.12
CA ASN G 1723 73.58 -23.65 50.78
C ASN G 1723 74.17 -24.85 50.05
N GLU G 1724 75.36 -25.27 50.44
CA GLU G 1724 75.99 -26.39 49.74
C GLU G 1724 76.26 -27.58 50.64
N PHE G 1725 76.60 -27.34 51.90
CA PHE G 1725 76.34 -28.28 52.99
C PHE G 1725 77.16 -29.57 52.92
N ILE G 1726 78.20 -29.64 52.10
CA ILE G 1726 78.92 -30.90 51.98
C ILE G 1726 79.78 -31.08 53.22
N VAL G 1727 80.06 -32.34 53.54
CA VAL G 1727 80.69 -32.65 54.82
C VAL G 1727 81.49 -33.93 54.68
N PRO G 1728 82.71 -33.97 55.20
CA PRO G 1728 83.46 -35.23 55.21
C PRO G 1728 82.82 -36.24 56.14
N MET G 1729 83.20 -37.50 55.95
CA MET G 1729 82.58 -38.57 56.72
C MET G 1729 83.52 -39.20 57.73
N THR G 1730 84.56 -38.49 58.15
CA THR G 1730 85.55 -39.09 59.03
C THR G 1730 85.03 -39.14 60.47
N GLU G 1731 85.91 -39.51 61.40
CA GLU G 1731 85.49 -39.97 62.72
C GLU G 1731 84.91 -38.86 63.58
N GLU G 1732 85.47 -37.65 63.49
CA GLU G 1732 84.91 -36.55 64.26
C GLU G 1732 83.56 -36.12 63.71
N THR G 1733 83.29 -36.37 62.43
CA THR G 1733 82.01 -36.05 61.86
C THR G 1733 80.92 -36.99 62.33
N LYS G 1734 81.25 -38.26 62.56
CA LYS G 1734 80.31 -39.20 63.14
C LYS G 1734 80.07 -38.95 64.61
N SER G 1735 80.91 -38.14 65.25
CA SER G 1735 80.92 -38.03 66.70
C SER G 1735 79.89 -37.05 67.23
N ILE G 1736 78.98 -36.57 66.39
CA ILE G 1736 77.95 -35.65 66.87
C ILE G 1736 76.96 -36.42 67.71
N THR G 1737 76.57 -35.84 68.84
CA THR G 1737 75.54 -36.40 69.70
C THR G 1737 74.14 -36.07 69.20
N LEU G 1738 74.05 -35.14 68.25
CA LEU G 1738 72.91 -34.74 67.43
C LEU G 1738 71.85 -33.94 68.18
N PHE G 1739 71.78 -34.10 69.52
CA PHE G 1739 70.72 -33.58 70.37
C PHE G 1739 71.15 -33.68 71.83
N PRO G 1740 71.91 -32.73 72.35
CA PRO G 1740 72.31 -32.80 73.76
C PRO G 1740 71.14 -32.57 74.70
N ASP G 1741 70.73 -33.62 75.41
CA ASP G 1741 69.57 -33.56 76.29
C ASP G 1741 69.94 -33.09 77.68
N PRO G 1749 72.15 -23.41 68.79
CA PRO G 1749 72.64 -22.27 68.02
C PRO G 1749 74.10 -21.96 68.32
N GLY G 1750 74.49 -22.01 69.59
CA GLY G 1750 75.90 -21.86 69.96
C GLY G 1750 76.62 -23.17 69.71
N ILE G 1751 76.85 -23.45 68.43
CA ILE G 1751 76.88 -24.81 67.91
C ILE G 1751 78.18 -25.50 68.31
N GLY G 1752 78.05 -26.77 68.73
CA GLY G 1752 79.13 -27.53 69.30
C GLY G 1752 80.29 -27.86 68.38
N LEU G 1753 80.12 -28.83 67.49
CA LEU G 1753 81.29 -29.30 66.75
C LEU G 1753 81.36 -28.70 65.35
N SER G 1754 80.33 -28.93 64.53
CA SER G 1754 80.10 -28.26 63.24
C SER G 1754 81.25 -28.46 62.25
N THR G 1755 81.35 -29.68 61.74
CA THR G 1755 82.48 -30.09 60.91
C THR G 1755 82.23 -29.95 59.42
N SER G 1756 81.48 -28.94 58.98
CA SER G 1756 81.18 -28.81 57.56
C SER G 1756 82.39 -28.25 56.80
N LEU G 1757 82.20 -27.97 55.51
CA LEU G 1757 83.34 -27.67 54.65
C LEU G 1757 83.28 -26.25 54.09
N ARG G 1758 83.03 -25.29 54.98
CA ARG G 1758 82.98 -23.87 54.67
C ARG G 1758 84.32 -23.38 54.09
N PRO G 1759 84.30 -22.28 53.32
CA PRO G 1759 85.55 -21.79 52.70
C PRO G 1759 86.61 -21.27 53.66
N ARG G 1760 87.70 -20.78 53.09
CA ARG G 1760 88.92 -20.49 53.82
C ARG G 1760 89.33 -19.03 53.65
N MET G 1761 89.65 -18.38 54.77
CA MET G 1761 90.05 -16.97 54.75
C MET G 1761 91.56 -16.82 54.94
N GLN G 1762 92.16 -15.96 54.12
CA GLN G 1762 93.56 -15.57 54.24
C GLN G 1762 93.62 -14.06 54.25
N PHE G 1763 94.44 -13.50 55.11
CA PHE G 1763 94.63 -12.07 55.18
C PHE G 1763 96.09 -11.72 54.97
N SER G 1764 96.34 -10.57 54.36
CA SER G 1764 97.68 -10.13 54.01
C SER G 1764 98.02 -8.84 54.73
N SER G 1765 99.29 -8.71 55.09
CA SER G 1765 99.76 -7.50 55.74
C SER G 1765 99.97 -6.41 54.71
N PRO G 1766 99.42 -5.24 54.90
CA PRO G 1766 99.59 -4.14 53.94
C PRO G 1766 100.81 -3.26 54.24
N SER G 1767 101.99 -3.80 54.00
CA SER G 1767 103.22 -3.07 54.17
C SER G 1767 103.54 -2.31 52.88
N PHE G 1768 104.75 -1.78 52.79
CA PHE G 1768 105.19 -1.16 51.55
C PHE G 1768 106.61 -1.60 51.21
N VAL G 1769 106.66 -2.73 50.50
CA VAL G 1769 107.85 -3.32 49.91
C VAL G 1769 107.49 -3.69 48.48
N SER G 1770 108.47 -4.19 47.71
CA SER G 1770 108.29 -4.41 46.29
C SER G 1770 107.98 -5.86 45.96
N ILE G 1771 107.34 -6.59 46.88
CA ILE G 1771 106.89 -7.95 46.64
C ILE G 1771 105.37 -7.90 46.55
N ASN G 1772 104.86 -6.78 46.08
CA ASN G 1772 103.45 -6.45 46.21
C ASN G 1772 102.56 -7.26 45.28
N ASN G 1773 103.12 -7.86 44.22
CA ASN G 1773 102.30 -8.64 43.30
C ASN G 1773 101.75 -9.89 43.97
N GLU G 1774 102.53 -10.50 44.86
CA GLU G 1774 102.00 -11.59 45.67
C GLU G 1774 101.16 -11.07 46.81
N CYS G 1775 101.39 -9.82 47.21
CA CYS G 1775 100.68 -9.26 48.36
C CYS G 1775 99.23 -8.96 48.00
N TYR G 1776 99.03 -8.12 46.99
CA TYR G 1776 97.71 -7.59 46.69
C TYR G 1776 96.82 -8.64 46.04
N GLN G 1777 96.43 -9.66 46.80
CA GLN G 1777 95.58 -10.70 46.27
C GLN G 1777 94.47 -11.16 47.21
N TYR G 1778 94.52 -10.85 48.50
CA TYR G 1778 93.48 -11.34 49.40
C TYR G 1778 92.65 -10.23 50.05
N SER G 1779 93.23 -9.43 50.94
CA SER G 1779 92.60 -8.37 51.74
C SER G 1779 93.65 -7.76 52.64
N PRO G 1780 93.42 -6.59 53.23
CA PRO G 1780 94.24 -6.16 54.35
C PRO G 1780 93.73 -6.77 55.63
N GLU G 1781 94.58 -6.76 56.65
CA GLU G 1781 94.29 -7.44 57.89
C GLU G 1781 94.30 -6.43 59.02
N PHE G 1782 93.37 -6.58 59.94
CA PHE G 1782 93.45 -5.81 61.17
C PHE G 1782 92.81 -6.64 62.26
N PRO G 1783 93.28 -6.56 63.51
CA PRO G 1783 93.13 -7.68 64.45
C PRO G 1783 91.70 -7.91 64.89
N LEU G 1784 91.21 -9.13 64.66
CA LEU G 1784 89.83 -9.44 64.94
C LEU G 1784 89.60 -9.68 66.42
N ASP G 1785 90.64 -10.11 67.13
CA ASP G 1785 90.49 -10.49 68.53
C ASP G 1785 90.19 -9.29 69.41
N ILE G 1786 90.73 -8.12 69.07
CA ILE G 1786 90.36 -6.91 69.80
C ILE G 1786 88.94 -6.52 69.47
N LEU G 1787 88.61 -6.52 68.17
CA LEU G 1787 87.35 -5.98 67.71
C LEU G 1787 86.17 -6.80 68.18
N LYS G 1788 86.36 -8.11 68.30
CA LYS G 1788 85.23 -8.96 68.66
C LYS G 1788 84.96 -8.92 70.15
N ALA G 1789 85.84 -8.33 70.95
CA ALA G 1789 85.45 -7.98 72.31
C ALA G 1789 84.93 -6.56 72.38
N LYS G 1790 85.46 -5.69 71.51
CA LYS G 1790 85.03 -4.30 71.48
C LYS G 1790 83.56 -4.19 71.12
N THR G 1791 83.10 -5.01 70.18
CA THR G 1791 81.71 -4.90 69.77
C THR G 1791 80.76 -5.52 70.79
N ILE G 1792 81.19 -6.50 71.56
CA ILE G 1792 80.32 -7.03 72.60
C ILE G 1792 80.20 -6.04 73.73
N GLN G 1793 81.32 -5.41 74.09
CA GLN G 1793 81.31 -4.32 75.07
C GLN G 1793 80.41 -3.18 74.60
N MET G 1794 80.51 -2.84 73.32
CA MET G 1794 79.69 -1.77 72.76
C MET G 1794 78.22 -2.14 72.72
N LEU G 1795 77.89 -3.40 72.47
CA LEU G 1795 76.50 -3.83 72.45
C LEU G 1795 75.87 -3.83 73.84
N THR G 1796 76.61 -4.31 74.84
CA THR G 1796 76.08 -4.26 76.21
C THR G 1796 75.87 -2.85 76.68
N GLU G 1797 76.88 -1.99 76.48
CA GLU G 1797 76.76 -0.56 76.75
C GLU G 1797 75.63 0.08 75.96
N ALA G 1798 75.36 -0.41 74.76
CA ALA G 1798 74.29 0.11 73.94
C ALA G 1798 72.92 -0.22 74.52
N VAL G 1799 72.63 -1.51 74.68
CA VAL G 1799 71.27 -1.91 75.01
C VAL G 1799 70.92 -1.52 76.45
N GLN G 1800 71.85 -1.72 77.39
CA GLN G 1800 71.51 -1.50 78.78
C GLN G 1800 71.42 -0.03 79.13
N GLU G 1801 72.05 0.85 78.36
CA GLU G 1801 71.86 2.27 78.57
C GLU G 1801 70.64 2.77 77.80
N GLY G 1802 70.60 2.53 76.49
CA GLY G 1802 69.56 3.10 75.67
C GLY G 1802 68.17 2.51 75.86
N SER G 1803 68.08 1.44 76.67
CA SER G 1803 66.80 0.85 77.01
C SER G 1803 65.88 1.76 77.81
N LEU G 1804 66.42 2.73 78.53
CA LEU G 1804 65.58 3.57 79.39
C LEU G 1804 65.11 4.84 78.70
N HIS G 1805 65.17 4.89 77.36
CA HIS G 1805 64.65 5.98 76.53
C HIS G 1805 65.30 7.31 76.86
N ALA G 1806 66.60 7.38 76.62
CA ALA G 1806 67.21 8.69 76.52
C ALA G 1806 66.78 9.34 75.21
N ARG G 1807 66.84 10.67 75.19
CA ARG G 1807 66.70 11.43 73.96
C ARG G 1807 68.06 11.76 73.37
N ASP G 1808 69.11 11.21 73.94
CA ASP G 1808 70.50 11.44 73.57
C ASP G 1808 71.00 10.79 72.28
N PRO G 1809 70.59 9.57 71.93
CA PRO G 1809 71.56 8.52 71.57
C PRO G 1809 72.47 8.88 70.40
N VAL G 1810 73.66 8.27 70.45
CA VAL G 1810 74.95 8.77 69.96
C VAL G 1810 74.90 9.50 68.64
N GLY G 1811 74.24 8.94 67.66
CA GLY G 1811 74.15 9.64 66.40
C GLY G 1811 73.06 10.68 66.31
N GLY G 1812 72.49 11.09 67.43
CA GLY G 1812 71.36 12.01 67.41
C GLY G 1812 70.03 11.31 67.48
N THR G 1813 69.77 10.41 66.55
CA THR G 1813 68.58 9.59 66.57
C THR G 1813 69.02 8.15 66.72
N THR G 1814 68.11 7.28 67.13
CA THR G 1814 68.50 5.91 67.48
C THR G 1814 68.80 5.04 66.27
N GLU G 1815 68.57 5.53 65.06
CA GLU G 1815 68.99 4.79 63.88
C GLU G 1815 70.50 4.70 63.79
N PHE G 1816 71.19 5.83 63.89
CA PHE G 1816 72.63 5.82 63.82
C PHE G 1816 73.26 5.23 65.07
N LEU G 1817 72.50 5.06 66.14
CA LEU G 1817 73.00 4.33 67.29
C LEU G 1817 73.09 2.85 66.97
N PHE G 1818 72.03 2.28 66.42
CA PHE G 1818 71.91 0.82 66.33
C PHE G 1818 72.27 0.23 64.98
N VAL G 1819 71.83 0.84 63.88
CA VAL G 1819 71.95 0.32 62.53
C VAL G 1819 73.40 0.00 62.16
N PRO G 1820 74.38 0.90 62.25
CA PRO G 1820 75.74 0.47 61.95
C PRO G 1820 76.47 -0.11 63.15
N LEU G 1821 75.75 -0.51 64.18
CA LEU G 1821 76.32 -1.39 65.17
C LEU G 1821 75.87 -2.83 64.95
N ILE G 1822 74.59 -3.02 64.70
CA ILE G 1822 74.09 -4.36 64.38
C ILE G 1822 74.59 -4.80 63.01
N LYS G 1823 74.89 -3.87 62.10
CA LYS G 1823 75.46 -4.27 60.83
C LYS G 1823 76.83 -4.89 61.00
N LEU G 1824 77.70 -4.26 61.79
CA LEU G 1824 78.99 -4.88 62.07
C LEU G 1824 78.82 -6.15 62.88
N PHE G 1825 77.84 -6.19 63.76
CA PHE G 1825 77.64 -7.39 64.57
C PHE G 1825 77.20 -8.56 63.69
N TYR G 1826 76.37 -8.27 62.70
CA TYR G 1826 75.91 -9.29 61.77
C TYR G 1826 77.04 -9.79 60.91
N THR G 1827 77.83 -8.88 60.35
CA THR G 1827 78.89 -9.30 59.46
C THR G 1827 80.04 -9.92 60.24
N LEU G 1828 80.18 -9.64 61.51
CA LEU G 1828 81.14 -10.39 62.29
C LEU G 1828 80.61 -11.74 62.72
N LEU G 1829 79.29 -11.86 62.85
CA LEU G 1829 78.72 -13.15 63.21
C LEU G 1829 78.88 -14.17 62.09
N ILE G 1830 78.72 -13.72 60.85
CA ILE G 1830 78.80 -14.59 59.69
C ILE G 1830 80.21 -15.14 59.53
N MET G 1831 81.21 -14.33 59.80
CA MET G 1831 82.57 -14.62 59.39
C MET G 1831 83.27 -15.68 60.24
N GLY G 1832 82.55 -16.47 61.02
CA GLY G 1832 83.18 -17.63 61.62
C GLY G 1832 83.90 -17.37 62.91
N ILE G 1833 83.65 -16.22 63.55
CA ILE G 1833 84.12 -15.97 64.90
C ILE G 1833 82.88 -15.73 65.74
N PHE G 1834 83.08 -15.34 67.02
CA PHE G 1834 82.10 -15.48 68.10
C PHE G 1834 81.74 -16.95 68.33
N HIS G 1835 82.71 -17.69 68.86
CA HIS G 1835 82.50 -19.09 69.22
C HIS G 1835 81.59 -19.28 70.43
N ASN G 1836 81.53 -20.53 70.92
CA ASN G 1836 80.64 -20.95 71.99
C ASN G 1836 80.76 -20.11 73.24
N GLU G 1837 81.99 -19.87 73.69
CA GLU G 1837 82.29 -19.10 74.89
C GLU G 1837 81.82 -17.65 74.78
N ASP G 1838 81.71 -17.11 73.56
CA ASP G 1838 81.20 -15.77 73.39
C ASP G 1838 79.76 -15.74 72.92
N LEU G 1839 79.31 -16.75 72.16
CA LEU G 1839 77.89 -16.80 71.76
C LEU G 1839 76.98 -17.01 72.95
N LYS G 1840 77.48 -17.71 73.98
CA LYS G 1840 76.77 -17.79 75.24
C LYS G 1840 76.61 -16.40 75.86
N HIS G 1841 77.60 -15.54 75.69
CA HIS G 1841 77.47 -14.17 76.17
C HIS G 1841 76.57 -13.35 75.26
N ILE G 1842 76.55 -13.70 73.98
CA ILE G 1842 75.84 -12.93 72.96
C ILE G 1842 74.33 -13.11 73.07
N LEU G 1843 73.87 -14.35 73.28
CA LEU G 1843 72.43 -14.60 73.33
C LEU G 1843 71.73 -13.91 74.50
N GLN G 1844 72.47 -13.51 75.54
CA GLN G 1844 71.89 -12.78 76.65
C GLN G 1844 71.40 -11.41 76.25
N LEU G 1845 71.98 -10.81 75.21
CA LEU G 1845 71.53 -9.49 74.80
C LEU G 1845 70.21 -9.51 74.04
N ILE G 1846 69.79 -10.68 73.56
CA ILE G 1846 68.59 -10.76 72.75
C ILE G 1846 67.50 -11.54 73.45
N GLU G 1847 67.84 -12.71 73.99
CA GLU G 1847 66.87 -13.72 74.42
C GLU G 1847 66.09 -13.40 75.70
N PRO G 1848 66.71 -12.76 76.72
CA PRO G 1848 66.91 -13.44 78.01
C PRO G 1848 65.87 -14.48 78.39
N SER G 1849 66.35 -15.72 78.52
CA SER G 1849 65.53 -16.93 78.60
C SER G 1849 66.45 -18.12 78.84
N GLY G 1893 66.05 -6.97 77.02
CA GLY G 1893 66.27 -7.76 75.82
C GLY G 1893 66.07 -6.96 74.57
N LEU G 1894 67.03 -7.08 73.63
CA LEU G 1894 67.04 -6.21 72.46
C LEU G 1894 65.90 -6.55 71.52
N LEU G 1895 65.53 -7.82 71.45
CA LEU G 1895 64.42 -8.24 70.62
C LEU G 1895 63.08 -7.77 71.15
N GLN G 1896 63.01 -7.41 72.43
CA GLN G 1896 61.76 -7.13 73.12
C GLN G 1896 61.49 -5.64 73.27
N MET G 1897 62.41 -4.80 72.82
CA MET G 1897 62.34 -3.37 73.10
C MET G 1897 61.41 -2.68 72.10
N LYS G 1898 61.46 -1.36 72.09
CA LYS G 1898 60.76 -0.52 71.13
C LYS G 1898 61.76 0.00 70.10
N LEU G 1899 61.56 -0.36 68.84
CA LEU G 1899 62.57 -0.11 67.83
C LEU G 1899 61.93 0.47 66.58
N PRO G 1900 62.63 1.31 65.84
CA PRO G 1900 62.10 1.77 64.55
C PRO G 1900 62.23 0.74 63.44
N GLU G 1901 61.89 1.15 62.21
CA GLU G 1901 61.84 0.17 61.12
C GLU G 1901 63.21 -0.29 60.64
N PRO G 1902 64.16 0.57 60.24
CA PRO G 1902 65.41 0.03 59.69
C PRO G 1902 66.38 -0.50 60.72
N VAL G 1903 65.99 -0.72 61.97
CA VAL G 1903 66.84 -1.46 62.87
C VAL G 1903 66.29 -2.87 63.02
N LYS G 1904 64.96 -3.02 63.01
CA LYS G 1904 64.41 -4.36 63.04
C LYS G 1904 64.54 -5.04 61.68
N LEU G 1905 64.71 -4.27 60.60
CA LEU G 1905 65.13 -4.87 59.34
C LEU G 1905 66.46 -5.57 59.48
N GLN G 1906 67.40 -4.96 60.19
CA GLN G 1906 68.68 -5.60 60.44
C GLN G 1906 68.54 -6.76 61.40
N MET G 1907 67.59 -6.67 62.33
CA MET G 1907 67.46 -7.74 63.29
C MET G 1907 66.84 -8.98 62.67
N CYS G 1908 66.05 -8.80 61.60
CA CYS G 1908 65.52 -9.96 60.90
C CYS G 1908 66.64 -10.76 60.25
N LEU G 1909 67.60 -10.10 59.63
CA LEU G 1909 68.76 -10.80 59.12
C LEU G 1909 69.68 -11.27 60.22
N LEU G 1910 69.61 -10.69 61.41
CA LEU G 1910 70.32 -11.29 62.53
C LEU G 1910 69.66 -12.59 62.96
N LEU G 1911 68.33 -12.65 62.91
CA LEU G 1911 67.62 -13.84 63.34
C LEU G 1911 67.70 -14.95 62.30
N GLN G 1912 67.78 -14.59 61.03
CA GLN G 1912 67.76 -15.59 59.98
C GLN G 1912 68.99 -16.45 59.99
N TYR G 1913 70.17 -15.88 60.28
CA TYR G 1913 71.35 -16.72 60.41
C TYR G 1913 71.26 -17.61 61.64
N LEU G 1914 70.60 -17.15 62.71
CA LEU G 1914 70.44 -18.02 63.87
C LEU G 1914 69.54 -19.20 63.54
N CYS G 1915 68.47 -18.96 62.81
CA CYS G 1915 67.60 -20.05 62.38
C CYS G 1915 68.31 -20.95 61.38
N ASP G 1916 69.15 -20.38 60.55
CA ASP G 1916 69.89 -21.12 59.54
C ASP G 1916 71.04 -21.91 60.12
N CYS G 1917 71.48 -21.59 61.33
CA CYS G 1917 72.52 -22.40 61.95
C CYS G 1917 72.02 -23.77 62.35
N GLN G 1918 70.73 -23.88 62.71
CA GLN G 1918 70.19 -25.18 63.07
C GLN G 1918 70.09 -26.10 61.88
N VAL G 1919 69.94 -25.56 60.67
CA VAL G 1919 69.88 -26.41 59.49
C VAL G 1919 71.24 -27.01 59.19
N ARG G 1920 72.29 -26.21 59.29
CA ARG G 1920 73.65 -26.73 59.20
C ARG G 1920 73.96 -27.73 60.30
N HIS G 1921 73.39 -27.53 61.49
CA HIS G 1921 73.54 -28.54 62.52
C HIS G 1921 72.82 -29.84 62.18
N ARG G 1922 71.61 -29.71 61.64
CA ARG G 1922 70.76 -30.87 61.47
C ARG G 1922 71.21 -31.72 60.29
N ILE G 1923 71.81 -31.11 59.28
CA ILE G 1923 72.31 -31.89 58.16
C ILE G 1923 73.51 -32.73 58.59
N GLU G 1924 74.44 -32.11 59.34
CA GLU G 1924 75.53 -32.86 59.93
C GLU G 1924 75.05 -33.90 60.93
N ALA G 1925 73.92 -33.65 61.57
CA ALA G 1925 73.29 -34.65 62.43
C ALA G 1925 72.84 -35.88 61.65
N ILE G 1926 72.19 -35.65 60.50
CA ILE G 1926 71.72 -36.76 59.67
C ILE G 1926 72.89 -37.56 59.12
N VAL G 1927 73.97 -36.88 58.73
CA VAL G 1927 75.12 -37.63 58.21
C VAL G 1927 75.82 -38.40 59.32
N ALA G 1928 75.91 -37.82 60.52
CA ALA G 1928 76.50 -38.52 61.66
C ALA G 1928 75.68 -39.72 62.08
N PHE G 1929 74.38 -39.70 61.85
CA PHE G 1929 73.58 -40.90 62.06
C PHE G 1929 73.76 -41.90 60.93
N SER G 1930 73.76 -41.43 59.69
CA SER G 1930 73.68 -42.30 58.55
C SER G 1930 75.02 -42.85 58.11
N ASP G 1931 76.09 -42.54 58.83
CA ASP G 1931 77.26 -43.37 58.57
C ASP G 1931 77.06 -44.77 59.12
N ASP G 1932 76.90 -44.90 60.43
CA ASP G 1932 76.74 -46.23 61.00
C ASP G 1932 75.37 -46.85 60.70
N PHE G 1933 74.35 -46.04 60.40
CA PHE G 1933 73.10 -46.68 59.99
C PHE G 1933 73.23 -47.37 58.64
N VAL G 1934 74.00 -46.80 57.71
CA VAL G 1934 74.19 -47.54 56.48
C VAL G 1934 75.24 -48.61 56.68
N ALA G 1935 76.08 -48.49 57.72
CA ALA G 1935 77.02 -49.57 58.02
C ALA G 1935 76.32 -50.84 58.50
N LYS G 1936 75.24 -50.70 59.27
CA LYS G 1936 74.44 -51.86 59.67
C LYS G 1936 73.41 -52.26 58.62
N LEU G 1937 73.59 -51.83 57.37
CA LEU G 1937 72.68 -52.15 56.28
C LEU G 1937 73.37 -52.57 55.00
N GLN G 1938 74.61 -52.14 54.75
CA GLN G 1938 75.23 -52.35 53.45
C GLN G 1938 75.69 -53.80 53.27
N ASP G 1939 76.01 -54.47 54.37
CA ASP G 1939 76.50 -55.85 54.32
C ASP G 1939 75.43 -56.83 54.76
N ASN G 1940 74.58 -56.41 55.71
CA ASN G 1940 73.64 -57.29 56.37
C ASN G 1940 72.59 -57.84 55.42
N GLN G 1941 71.96 -56.96 54.63
CA GLN G 1941 71.08 -57.42 53.56
C GLN G 1941 71.86 -58.19 52.50
N ARG G 1942 73.07 -57.71 52.18
CA ARG G 1942 73.91 -58.44 51.23
C ARG G 1942 74.36 -59.78 51.79
N PHE G 1943 74.45 -59.91 53.11
CA PHE G 1943 74.76 -61.22 53.69
C PHE G 1943 73.61 -62.19 53.50
N ARG G 1944 72.38 -61.69 53.58
CA ARG G 1944 71.22 -62.53 53.29
C ARG G 1944 71.17 -62.90 51.82
N TYR G 1945 71.56 -61.97 50.95
CA TYR G 1945 71.76 -62.28 49.55
C TYR G 1945 72.76 -63.40 49.35
N ASN G 1946 73.91 -63.33 50.03
CA ASN G 1946 74.98 -64.28 49.78
C ASN G 1946 74.64 -65.65 50.34
N GLU G 1947 73.91 -65.70 51.45
CA GLU G 1947 73.51 -66.99 51.99
C GLU G 1947 72.37 -67.60 51.17
N VAL G 1948 71.50 -66.77 50.59
CA VAL G 1948 70.39 -67.32 49.82
C VAL G 1948 70.82 -67.62 48.39
N MET G 1949 72.01 -67.15 47.98
CA MET G 1949 72.49 -67.46 46.63
C MET G 1949 72.80 -68.93 46.43
N GLN G 1950 73.20 -69.63 47.49
CA GLN G 1950 73.36 -71.08 47.44
C GLN G 1950 72.10 -71.82 47.90
N ALA G 1951 71.44 -71.35 48.96
CA ALA G 1951 70.31 -72.07 49.54
C ALA G 1951 69.07 -72.02 48.66
N LEU G 1952 69.01 -71.10 47.70
CA LEU G 1952 67.90 -71.07 46.75
C LEU G 1952 68.42 -71.07 45.32
N GLU G 1991 63.29 -64.65 40.65
CA GLU G 1991 62.63 -63.77 41.59
C GLU G 1991 63.60 -63.22 42.63
N GLU G 1992 64.45 -64.11 43.15
CA GLU G 1992 65.34 -63.74 44.26
C GLU G 1992 66.40 -62.74 43.81
N ILE G 1993 67.23 -63.14 42.84
CA ILE G 1993 68.20 -62.21 42.29
C ILE G 1993 67.57 -61.23 41.31
N ARG G 1994 66.32 -61.49 40.89
CA ARG G 1994 65.64 -60.59 39.96
C ARG G 1994 65.32 -59.25 40.61
N ASP G 1995 65.13 -59.26 41.93
CA ASP G 1995 64.92 -58.01 42.65
C ASP G 1995 66.21 -57.43 43.21
N GLN G 1996 67.19 -58.27 43.50
CA GLN G 1996 68.50 -57.82 43.99
C GLN G 1996 69.52 -57.77 42.87
N LEU G 1997 69.06 -57.56 41.64
CA LEU G 1997 69.94 -57.31 40.51
C LEU G 1997 69.46 -56.14 39.69
N LEU G 1998 68.80 -55.18 40.34
CA LEU G 1998 68.29 -54.00 39.65
C LEU G 1998 69.36 -52.89 39.72
N ASP G 1999 68.99 -51.67 39.35
CA ASP G 1999 69.90 -50.54 39.48
C ASP G 1999 70.03 -50.15 40.95
N PHE G 2000 71.04 -49.31 41.23
CA PHE G 2000 71.39 -49.04 42.62
C PHE G 2000 70.36 -48.18 43.32
N HIS G 2001 69.87 -47.13 42.63
CA HIS G 2001 68.96 -46.18 43.25
C HIS G 2001 67.60 -46.79 43.51
N GLU G 2002 67.09 -47.60 42.56
CA GLU G 2002 65.82 -48.28 42.75
C GLU G 2002 65.91 -49.32 43.85
N ASP G 2003 67.06 -49.98 43.99
CA ASP G 2003 67.26 -50.91 45.09
C ASP G 2003 67.32 -50.20 46.44
N LEU G 2004 67.99 -49.04 46.50
CA LEU G 2004 68.01 -48.27 47.73
C LEU G 2004 66.63 -47.77 48.12
N MET G 2005 65.86 -47.28 47.15
CA MET G 2005 64.50 -46.87 47.42
C MET G 2005 63.60 -48.04 47.79
N THR G 2006 63.84 -49.22 47.24
CA THR G 2006 63.05 -50.39 47.62
C THR G 2006 63.37 -50.84 49.03
N HIS G 2007 64.64 -50.79 49.42
CA HIS G 2007 65.01 -51.15 50.78
C HIS G 2007 64.55 -50.11 51.79
N CYS G 2008 64.45 -48.85 51.38
CA CYS G 2008 64.10 -47.78 52.31
C CYS G 2008 62.60 -47.53 52.44
N GLY G 2009 61.84 -47.60 51.34
CA GLY G 2009 60.44 -47.25 51.40
C GLY G 2009 59.54 -48.30 51.99
N ILE G 2010 60.09 -49.49 52.27
CA ILE G 2010 59.31 -50.52 52.93
C ILE G 2010 59.33 -50.41 54.44
N GLU G 2011 60.26 -49.63 55.01
CA GLU G 2011 60.35 -49.47 56.46
C GLU G 2011 59.18 -48.71 57.04
N LEU G 2012 58.42 -48.00 56.21
CA LEU G 2012 57.14 -47.43 56.61
C LEU G 2012 56.17 -47.73 55.49
N ASP G 2013 55.02 -48.31 55.84
CA ASP G 2013 54.01 -48.64 54.85
C ASP G 2013 52.61 -48.49 55.46
N LEU G 2024 62.33 -56.31 58.93
CA LEU G 2024 63.65 -56.50 59.49
C LEU G 2024 63.73 -56.01 60.92
N THR G 2025 64.94 -56.01 61.47
CA THR G 2025 65.20 -55.42 62.78
C THR G 2025 65.86 -54.06 62.67
N ILE G 2026 66.30 -53.66 61.48
CA ILE G 2026 66.98 -52.39 61.27
C ILE G 2026 65.92 -51.30 61.21
N ARG G 2027 64.71 -51.67 60.79
CA ARG G 2027 63.64 -50.72 60.61
C ARG G 2027 63.10 -50.16 61.92
N GLY G 2028 63.51 -50.72 63.07
CA GLY G 2028 63.26 -50.07 64.34
C GLY G 2028 64.16 -48.88 64.61
N ARG G 2029 65.32 -48.81 63.93
CA ARG G 2029 66.22 -47.69 64.15
C ARG G 2029 65.74 -46.40 63.49
N LEU G 2030 65.24 -46.50 62.24
CA LEU G 2030 64.72 -45.33 61.56
C LEU G 2030 63.46 -44.80 62.25
N LEU G 2031 62.62 -45.67 62.76
CA LEU G 2031 61.42 -45.21 63.42
C LEU G 2031 61.72 -44.62 64.79
N SER G 2032 62.92 -44.89 65.32
CA SER G 2032 63.39 -44.09 66.45
C SER G 2032 64.06 -42.81 65.97
N LEU G 2033 64.57 -42.82 64.73
CA LEU G 2033 65.26 -41.64 64.21
C LEU G 2033 64.30 -40.52 63.88
N VAL G 2034 63.33 -40.77 63.01
CA VAL G 2034 62.48 -39.70 62.47
C VAL G 2034 61.61 -39.09 63.56
N GLU G 2035 61.31 -39.84 64.61
CA GLU G 2035 60.70 -39.21 65.78
C GLU G 2035 61.68 -38.30 66.51
N LYS G 2036 62.98 -38.55 66.42
CA LYS G 2036 63.95 -37.71 67.10
C LYS G 2036 64.45 -36.55 66.23
N VAL G 2037 64.03 -36.48 64.96
CA VAL G 2037 64.45 -35.39 64.08
C VAL G 2037 63.20 -34.53 63.90
N THR G 2038 62.42 -34.40 64.98
CA THR G 2038 61.44 -33.33 65.00
C THR G 2038 62.11 -31.98 64.90
N TYR G 2039 62.84 -31.59 65.95
CA TYR G 2039 63.47 -30.27 65.98
C TYR G 2039 64.82 -30.36 66.68
N THR G 2058 62.09 -23.09 73.36
CA THR G 2058 62.87 -23.05 72.12
C THR G 2058 62.65 -21.73 71.41
N LEU G 2059 63.62 -21.35 70.57
CA LEU G 2059 63.53 -20.10 69.85
C LEU G 2059 62.44 -20.10 68.79
N GLN G 2060 62.01 -21.27 68.34
CA GLN G 2060 60.90 -21.39 67.41
C GLN G 2060 59.60 -20.86 68.01
N GLN G 2061 59.47 -20.84 69.33
CA GLN G 2061 58.41 -20.10 69.98
C GLN G 2061 58.58 -18.60 69.76
N LEU G 2062 59.73 -18.06 70.15
CA LEU G 2062 59.84 -16.61 70.31
C LEU G 2062 60.00 -15.90 68.98
N ILE G 2063 60.60 -16.53 67.98
CA ILE G 2063 60.66 -15.94 66.65
C ILE G 2063 59.25 -15.72 66.12
N SER G 2064 58.50 -16.82 65.94
CA SER G 2064 57.11 -16.82 65.49
C SER G 2064 56.18 -16.02 66.37
N GLU G 2065 56.54 -15.76 67.62
CA GLU G 2065 55.75 -14.83 68.41
C GLU G 2065 56.11 -13.39 68.08
N THR G 2066 57.40 -13.07 67.99
CA THR G 2066 57.81 -11.70 67.81
C THR G 2066 57.52 -11.16 66.42
N MET G 2067 57.57 -12.02 65.40
CA MET G 2067 57.28 -11.55 64.05
C MET G 2067 55.85 -11.09 63.91
N VAL G 2068 54.91 -11.80 64.51
CA VAL G 2068 53.54 -11.32 64.45
C VAL G 2068 53.32 -10.22 65.47
N ARG G 2069 54.09 -10.19 66.56
CA ARG G 2069 53.93 -9.11 67.54
C ARG G 2069 54.37 -7.78 66.96
N TRP G 2070 55.35 -7.80 66.07
CA TRP G 2070 55.74 -6.56 65.41
C TRP G 2070 54.65 -6.07 64.49
N ALA G 2071 54.01 -6.97 63.76
CA ALA G 2071 53.00 -6.53 62.81
C ALA G 2071 51.69 -6.17 63.47
N GLN G 2072 51.43 -6.65 64.68
CA GLN G 2072 50.15 -6.39 65.31
C GLN G 2072 50.01 -4.94 65.72
N GLU G 2073 51.11 -4.31 66.13
CA GLU G 2073 51.00 -3.04 66.83
C GLU G 2073 50.97 -1.83 65.91
N SER G 2074 51.58 -1.89 64.73
CA SER G 2074 51.67 -0.70 63.89
C SER G 2074 51.65 -1.09 62.43
N VAL G 2075 51.14 -0.18 61.61
CA VAL G 2075 51.24 -0.33 60.16
C VAL G 2075 52.69 -0.22 59.78
N ILE G 2076 53.16 -1.11 58.91
CA ILE G 2076 54.57 -1.25 58.61
C ILE G 2076 54.80 -0.84 57.17
N GLU G 2077 55.55 0.23 56.96
CA GLU G 2077 56.04 0.59 55.64
C GLU G 2077 57.41 -0.03 55.45
N ASP G 2078 58.13 0.39 54.40
CA ASP G 2078 59.42 -0.15 53.96
C ASP G 2078 59.23 -1.62 53.69
N PRO G 2079 58.59 -1.99 52.58
CA PRO G 2079 58.09 -3.35 52.39
C PRO G 2079 59.14 -4.43 52.29
N GLU G 2080 60.43 -4.11 52.33
CA GLU G 2080 61.42 -5.13 52.60
C GLU G 2080 61.29 -5.67 54.01
N LEU G 2081 60.79 -4.86 54.94
CA LEU G 2081 60.59 -5.33 56.30
C LEU G 2081 59.47 -6.34 56.37
N VAL G 2082 58.38 -6.12 55.64
CA VAL G 2082 57.24 -7.03 55.65
C VAL G 2082 57.65 -8.38 55.05
N ARG G 2083 58.36 -8.34 53.94
CA ARG G 2083 58.81 -9.57 53.28
C ARG G 2083 59.81 -10.33 54.13
N ALA G 2084 60.78 -9.63 54.73
CA ALA G 2084 61.72 -10.31 55.59
C ALA G 2084 61.08 -10.77 56.88
N MET G 2085 59.96 -10.19 57.27
CA MET G 2085 59.25 -10.73 58.42
C MET G 2085 58.55 -12.02 58.07
N PHE G 2086 57.82 -12.04 56.97
CA PHE G 2086 56.97 -13.17 56.70
C PHE G 2086 57.71 -14.38 56.18
N VAL G 2087 58.85 -14.19 55.51
CA VAL G 2087 59.69 -15.33 55.17
C VAL G 2087 60.21 -16.01 56.44
N LEU G 2088 60.64 -15.20 57.40
CA LEU G 2088 61.08 -15.72 58.68
C LEU G 2088 59.95 -16.35 59.47
N LEU G 2089 58.73 -15.85 59.31
CA LEU G 2089 57.59 -16.46 59.99
C LEU G 2089 57.28 -17.82 59.39
N HIS G 2090 57.30 -17.91 58.06
CA HIS G 2090 56.93 -19.14 57.40
C HIS G 2090 57.98 -20.22 57.58
N ARG G 2091 59.25 -19.83 57.75
CA ARG G 2091 60.25 -20.85 57.99
C ARG G 2091 60.11 -21.50 59.37
N GLN G 2092 59.44 -20.84 60.30
CA GLN G 2092 59.19 -21.49 61.59
C GLN G 2092 58.16 -22.59 61.48
N TYR G 2093 57.08 -22.36 60.73
CA TYR G 2093 56.02 -23.34 60.65
C TYR G 2093 56.23 -24.36 59.55
N ASP G 2094 57.30 -24.27 58.79
CA ASP G 2094 57.60 -25.27 57.78
C ASP G 2094 59.06 -25.65 57.94
N GLY G 2095 59.33 -26.54 58.88
CA GLY G 2095 60.71 -26.92 59.12
C GLY G 2095 61.11 -28.02 58.16
N ILE G 2096 60.15 -28.90 57.89
CA ILE G 2096 60.41 -30.04 57.03
C ILE G 2096 60.53 -29.57 55.59
N GLY G 2097 59.85 -28.49 55.23
CA GLY G 2097 60.07 -27.91 53.91
C GLY G 2097 61.45 -27.32 53.74
N GLY G 2098 61.98 -26.69 54.80
CA GLY G 2098 63.36 -26.25 54.77
C GLY G 2098 64.34 -27.39 54.67
N LEU G 2099 64.04 -28.50 55.34
CA LEU G 2099 64.90 -29.67 55.20
C LEU G 2099 64.71 -30.35 53.86
N VAL G 2100 63.58 -30.14 53.21
CA VAL G 2100 63.41 -30.59 51.83
C VAL G 2100 64.35 -29.82 50.93
N ARG G 2101 64.32 -28.49 51.00
CA ARG G 2101 65.10 -27.69 50.08
C ARG G 2101 66.56 -27.54 50.48
N ALA G 2102 67.06 -28.44 51.34
CA ALA G 2102 68.48 -28.51 51.66
C ALA G 2102 69.09 -29.87 51.40
N LEU G 2103 68.29 -30.91 51.28
CA LEU G 2103 68.83 -32.25 51.04
C LEU G 2103 69.32 -32.51 49.62
N PRO G 2104 68.75 -31.95 48.54
CA PRO G 2104 69.47 -32.07 47.26
C PRO G 2104 70.53 -31.01 47.07
N LYS G 2105 71.32 -30.77 48.11
CA LYS G 2105 72.59 -30.09 47.97
C LYS G 2105 73.68 -30.76 48.77
N THR G 2106 73.36 -31.57 49.77
CA THR G 2106 74.37 -32.18 50.60
C THR G 2106 75.06 -33.31 49.86
N TYR G 2107 76.19 -33.73 50.43
CA TYR G 2107 77.10 -34.70 49.83
C TYR G 2107 78.12 -35.07 50.89
N THR G 2108 78.58 -36.31 50.86
CA THR G 2108 79.58 -36.77 51.78
C THR G 2108 80.80 -37.25 51.04
N ILE G 2109 81.98 -36.95 51.55
CA ILE G 2109 83.22 -37.34 50.91
C ILE G 2109 84.12 -38.01 51.94
N ASN G 2110 84.91 -38.95 51.44
CA ASN G 2110 85.87 -39.69 52.25
C ASN G 2110 87.03 -38.76 52.61
N GLY G 2111 87.72 -39.11 53.70
CA GLY G 2111 88.69 -38.20 54.30
C GLY G 2111 89.90 -37.93 53.44
N VAL G 2112 90.33 -38.94 52.67
CA VAL G 2112 91.51 -38.77 51.82
C VAL G 2112 91.29 -37.76 50.70
N SER G 2113 90.05 -37.38 50.43
CA SER G 2113 89.73 -36.32 49.49
C SER G 2113 89.23 -35.06 50.16
N VAL G 2114 89.62 -34.79 51.40
CA VAL G 2114 89.25 -33.50 51.99
C VAL G 2114 90.09 -32.39 51.40
N GLU G 2115 91.40 -32.63 51.23
CA GLU G 2115 92.33 -31.54 51.01
C GLU G 2115 92.22 -30.94 49.62
N ASP G 2116 91.75 -31.71 48.65
CA ASP G 2116 91.70 -31.22 47.29
C ASP G 2116 90.40 -30.52 46.95
N THR G 2117 89.28 -30.97 47.52
CA THR G 2117 88.01 -30.34 47.19
C THR G 2117 87.91 -28.94 47.76
N ILE G 2118 88.62 -28.65 48.85
CA ILE G 2118 88.76 -27.28 49.31
C ILE G 2118 89.44 -26.46 48.23
N ASN G 2119 90.51 -27.00 47.66
CA ASN G 2119 91.16 -26.36 46.52
C ASN G 2119 90.28 -26.38 45.29
N LEU G 2120 89.23 -27.21 45.27
CA LEU G 2120 88.19 -27.03 44.28
C LEU G 2120 87.26 -25.89 44.68
N LEU G 2121 86.79 -25.93 45.93
CA LEU G 2121 85.80 -24.96 46.40
C LEU G 2121 86.36 -23.55 46.39
N ALA G 2122 87.60 -23.40 46.85
CA ALA G 2122 88.27 -22.11 46.80
C ALA G 2122 88.58 -21.70 45.37
N SER G 2123 88.72 -22.66 44.47
CA SER G 2123 88.85 -22.26 43.08
C SER G 2123 87.51 -22.21 42.38
N LEU G 2124 86.43 -22.53 43.09
CA LEU G 2124 85.13 -22.37 42.47
C LEU G 2124 84.60 -20.97 42.71
N GLY G 2125 84.78 -20.45 43.93
CA GLY G 2125 84.28 -19.14 44.26
C GLY G 2125 84.92 -18.03 43.46
N GLN G 2126 86.18 -18.23 43.06
CA GLN G 2126 86.84 -17.27 42.18
C GLN G 2126 86.15 -17.18 40.84
N ILE G 2127 85.53 -18.28 40.40
CA ILE G 2127 84.60 -18.19 39.27
C ILE G 2127 83.41 -17.35 39.65
N ARG G 2128 82.74 -17.69 40.75
CA ARG G 2128 81.47 -17.10 41.09
C ARG G 2128 81.60 -15.63 41.43
N SER G 2129 82.65 -15.27 42.15
CA SER G 2129 82.92 -13.87 42.44
C SER G 2129 83.35 -13.10 41.21
N LEU G 2130 83.81 -13.78 40.16
CA LEU G 2130 84.05 -13.09 38.89
C LEU G 2130 82.80 -12.95 38.06
N LEU G 2131 81.64 -13.26 38.62
CA LEU G 2131 80.41 -13.19 37.87
C LEU G 2131 80.01 -11.74 37.55
N SER G 2132 80.51 -10.78 38.32
CA SER G 2132 80.07 -9.39 38.22
C SER G 2132 81.27 -8.49 38.01
N VAL G 2133 81.58 -8.21 36.73
CA VAL G 2133 82.55 -7.20 36.34
C VAL G 2133 82.04 -6.42 35.11
N GLU G 2138 89.60 -7.68 29.15
CA GLU G 2138 90.82 -8.04 29.86
C GLU G 2138 90.45 -8.66 31.19
N GLU G 2139 89.17 -8.61 31.51
CA GLU G 2139 88.66 -9.16 32.75
C GLU G 2139 88.56 -10.68 32.74
N GLU G 2140 89.01 -11.33 31.67
CA GLU G 2140 88.73 -12.72 31.43
C GLU G 2140 89.89 -13.65 31.70
N LYS G 2141 91.10 -13.13 31.91
CA LYS G 2141 92.25 -14.00 32.14
C LYS G 2141 92.16 -14.72 33.47
N LEU G 2142 91.43 -14.17 34.42
CA LEU G 2142 91.20 -14.88 35.67
C LEU G 2142 90.30 -16.08 35.47
N MET G 2143 89.27 -15.93 34.64
CA MET G 2143 88.30 -17.00 34.43
C MET G 2143 88.91 -18.17 33.70
N ILE G 2144 89.78 -17.89 32.73
CA ILE G 2144 90.37 -18.96 31.93
C ILE G 2144 91.33 -19.79 32.77
N ARG G 2145 92.11 -19.14 33.63
CA ARG G 2145 92.94 -19.88 34.56
C ARG G 2145 92.11 -20.61 35.60
N GLY G 2146 90.97 -20.05 36.01
CA GLY G 2146 90.13 -20.73 36.98
C GLY G 2146 89.52 -22.00 36.41
N LEU G 2147 89.00 -21.92 35.19
CA LEU G 2147 88.47 -23.09 34.53
C LEU G 2147 89.56 -24.10 34.23
N GLY G 2148 90.78 -23.63 33.94
CA GLY G 2148 91.88 -24.55 33.79
C GLY G 2148 92.25 -25.26 35.08
N ASP G 2149 92.12 -24.58 36.21
CA ASP G 2149 92.40 -25.25 37.47
C ASP G 2149 91.26 -26.16 37.89
N ILE G 2150 90.05 -25.91 37.43
CA ILE G 2150 88.94 -26.77 37.78
C ILE G 2150 88.95 -28.03 36.92
N MET G 2151 89.19 -27.89 35.62
CA MET G 2151 89.14 -29.02 34.70
C MET G 2151 90.22 -30.05 35.00
N ASN G 2152 91.40 -29.61 35.41
CA ASN G 2152 92.49 -30.51 35.69
C ASN G 2152 92.46 -31.06 37.11
N ASN G 2153 91.36 -30.87 37.82
CA ASN G 2153 91.34 -31.28 39.21
C ASN G 2153 91.12 -32.78 39.31
N LYS G 2154 91.58 -33.33 40.43
CA LYS G 2154 91.41 -34.75 40.69
C LYS G 2154 89.94 -35.10 40.85
N VAL G 2155 89.26 -34.46 41.80
CA VAL G 2155 87.82 -34.67 41.96
C VAL G 2155 87.13 -33.65 41.08
N PHE G 2156 87.15 -33.93 39.80
CA PHE G 2156 86.14 -33.44 38.88
C PHE G 2156 85.60 -34.53 37.99
N TYR G 2157 86.40 -35.56 37.71
CA TYR G 2157 85.85 -36.78 37.15
C TYR G 2157 85.07 -37.55 38.19
N GLN G 2158 85.60 -37.60 39.42
CA GLN G 2158 85.27 -38.66 40.36
C GLN G 2158 83.85 -38.59 40.90
N HIS G 2159 83.27 -37.41 41.08
CA HIS G 2159 81.89 -37.33 41.57
C HIS G 2159 81.13 -36.27 40.82
N PRO G 2160 80.65 -36.56 39.61
CA PRO G 2160 79.93 -35.55 38.83
C PRO G 2160 78.56 -35.19 39.37
N ASN G 2161 78.04 -35.94 40.35
CA ASN G 2161 76.84 -35.48 41.04
C ASN G 2161 77.12 -34.21 41.83
N LEU G 2162 78.33 -34.06 42.36
CA LEU G 2162 78.69 -32.83 43.07
C LEU G 2162 78.65 -31.63 42.14
N MET G 2163 79.31 -31.73 41.01
CA MET G 2163 79.34 -30.61 40.09
C MET G 2163 78.01 -30.41 39.39
N ARG G 2164 77.16 -31.43 39.34
CA ARG G 2164 75.80 -31.20 38.90
C ARG G 2164 74.97 -30.48 39.94
N ALA G 2165 75.30 -30.67 41.22
CA ALA G 2165 74.50 -30.09 42.30
C ALA G 2165 74.98 -28.72 42.74
N LEU G 2166 76.24 -28.37 42.49
CA LEU G 2166 76.70 -27.03 42.84
C LEU G 2166 76.31 -26.00 41.81
N GLY G 2167 75.59 -26.39 40.77
CA GLY G 2167 75.15 -25.45 39.78
C GLY G 2167 76.20 -25.00 38.81
N MET G 2168 77.37 -25.62 38.82
CA MET G 2168 78.48 -25.07 38.07
C MET G 2168 78.41 -25.35 36.59
N HIS G 2169 77.37 -26.02 36.11
CA HIS G 2169 77.07 -25.86 34.71
C HIS G 2169 76.34 -24.57 34.43
N GLU G 2170 75.45 -24.16 35.33
CA GLU G 2170 74.74 -22.91 35.12
C GLU G 2170 75.59 -21.69 35.36
N THR G 2171 76.63 -21.80 36.19
CA THR G 2171 77.55 -20.69 36.42
C THR G 2171 78.26 -20.29 35.14
N VAL G 2172 78.90 -21.25 34.48
CA VAL G 2172 79.62 -20.97 33.26
C VAL G 2172 78.68 -20.59 32.14
N MET G 2173 77.48 -21.17 32.13
CA MET G 2173 76.46 -20.79 31.17
C MET G 2173 76.09 -19.33 31.33
N GLU G 2174 75.91 -18.88 32.56
CA GLU G 2174 75.61 -17.48 32.82
C GLU G 2174 76.76 -16.56 32.44
N VAL G 2175 78.00 -16.98 32.66
CA VAL G 2175 79.16 -16.17 32.27
C VAL G 2175 79.20 -15.98 30.76
N MET G 2176 78.99 -17.07 30.02
CA MET G 2176 78.99 -16.98 28.56
C MET G 2176 77.83 -16.15 28.05
N VAL G 2177 76.66 -16.27 28.67
CA VAL G 2177 75.51 -15.46 28.29
C VAL G 2177 75.77 -14.00 28.55
N ASN G 2178 76.49 -13.69 29.63
CA ASN G 2178 76.90 -12.32 29.89
C ASN G 2178 77.86 -11.82 28.82
N VAL G 2179 78.68 -12.72 28.27
CA VAL G 2179 79.60 -12.30 27.21
C VAL G 2179 78.85 -12.01 25.92
N LEU G 2180 77.99 -12.93 25.50
CA LEU G 2180 77.28 -12.83 24.22
C LEU G 2180 76.15 -11.83 24.39
N GLY G 2181 76.46 -10.56 24.21
CA GLY G 2181 75.49 -9.50 24.42
C GLY G 2181 74.38 -9.45 23.40
N PRO G 2191 86.15 -12.60 22.82
CA PRO G 2191 86.25 -13.57 21.73
C PRO G 2191 86.92 -14.87 22.15
N LYS G 2192 88.07 -14.78 22.83
CA LYS G 2192 88.73 -15.98 23.30
C LYS G 2192 88.16 -16.49 24.61
N MET G 2193 87.16 -15.81 25.15
CA MET G 2193 86.49 -16.28 26.35
C MET G 2193 85.49 -17.38 26.04
N VAL G 2194 84.73 -17.22 24.96
CA VAL G 2194 83.71 -18.19 24.60
C VAL G 2194 84.33 -19.52 24.22
N ALA G 2195 85.51 -19.47 23.60
CA ALA G 2195 86.15 -20.67 23.11
C ALA G 2195 86.71 -21.51 24.24
N ASN G 2196 87.28 -20.89 25.27
CA ASN G 2196 87.71 -21.65 26.41
C ASN G 2196 86.62 -21.79 27.44
N CYS G 2197 85.46 -21.22 27.17
CA CYS G 2197 84.28 -21.54 27.94
C CYS G 2197 83.63 -22.84 27.49
N CYS G 2198 83.23 -22.91 26.23
CA CYS G 2198 82.43 -24.04 25.75
C CYS G 2198 83.19 -25.35 25.74
N ARG G 2199 84.51 -25.30 25.69
CA ARG G 2199 85.29 -26.52 25.84
C ARG G 2199 85.11 -27.14 27.22
N PHE G 2200 84.87 -26.32 28.24
CA PHE G 2200 84.58 -26.89 29.54
C PHE G 2200 83.23 -27.57 29.56
N LEU G 2201 82.24 -27.01 28.86
CA LEU G 2201 80.93 -27.64 28.85
C LEU G 2201 80.94 -28.92 28.01
N CYS G 2202 81.69 -28.93 26.91
CA CYS G 2202 81.86 -30.17 26.15
C CYS G 2202 82.63 -31.20 26.94
N TYR G 2203 83.51 -30.77 27.84
CA TYR G 2203 84.07 -31.69 28.81
C TYR G 2203 83.03 -32.11 29.83
N PHE G 2204 82.00 -31.30 30.04
CA PHE G 2204 81.07 -31.58 31.11
C PHE G 2204 80.04 -32.62 30.74
N CYS G 2205 79.71 -32.75 29.46
CA CYS G 2205 78.73 -33.75 29.09
C CYS G 2205 79.31 -35.16 29.05
N ARG G 2206 80.55 -35.31 28.62
CA ARG G 2206 81.08 -36.63 28.36
C ARG G 2206 81.61 -37.33 29.60
N ILE G 2207 81.17 -36.96 30.80
CA ILE G 2207 81.65 -37.69 31.97
C ILE G 2207 80.54 -38.52 32.59
N SER G 2208 79.28 -38.18 32.34
CA SER G 2208 78.18 -38.95 32.89
C SER G 2208 76.96 -38.83 32.00
N ARG G 2209 76.00 -39.71 32.25
CA ARG G 2209 74.78 -39.74 31.47
C ARG G 2209 73.77 -38.72 31.98
N GLN G 2210 73.46 -38.78 33.26
CA GLN G 2210 72.56 -37.82 33.90
C GLN G 2210 73.12 -36.41 33.85
N ASN G 2211 74.44 -36.27 33.84
CA ASN G 2211 75.05 -34.95 33.71
C ASN G 2211 74.77 -34.36 32.35
N GLN G 2212 74.85 -35.19 31.31
CA GLN G 2212 74.48 -34.75 29.98
C GLN G 2212 73.01 -34.39 29.89
N LYS G 2213 72.17 -35.16 30.59
CA LYS G 2213 70.76 -34.82 30.64
C LYS G 2213 70.53 -33.46 31.30
N ALA G 2214 71.33 -33.18 32.33
CA ALA G 2214 71.22 -31.88 32.99
C ALA G 2214 71.70 -30.76 32.08
N MET G 2215 72.72 -31.04 31.29
CA MET G 2215 73.24 -30.03 30.36
C MET G 2215 72.27 -29.75 29.22
N PHE G 2216 71.42 -30.72 28.90
CA PHE G 2216 70.57 -30.66 27.72
C PHE G 2216 69.65 -29.45 27.69
N ASP G 2217 69.20 -28.99 28.85
CA ASP G 2217 67.96 -28.25 28.91
C ASP G 2217 68.05 -26.80 28.44
N HIS G 2218 69.23 -26.32 28.06
CA HIS G 2218 69.34 -24.96 27.55
C HIS G 2218 69.49 -24.93 26.04
N LEU G 2219 69.18 -26.04 25.37
CA LEU G 2219 69.46 -26.18 23.95
C LEU G 2219 68.69 -25.20 23.10
N SER G 2220 67.47 -24.86 23.53
CA SER G 2220 66.60 -23.99 22.76
C SER G 2220 67.16 -22.60 22.60
N TYR G 2221 67.73 -22.05 23.66
CA TYR G 2221 68.49 -20.82 23.49
C TYR G 2221 69.82 -21.10 22.84
N LEU G 2222 70.46 -22.21 23.21
CA LEU G 2222 71.86 -22.46 22.89
C LEU G 2222 72.10 -22.59 21.40
N LEU G 2223 71.08 -22.95 20.64
CA LEU G 2223 71.21 -23.03 19.19
C LEU G 2223 71.31 -21.67 18.51
N GLU G 2224 70.81 -20.60 19.13
CA GLU G 2224 70.73 -19.30 18.47
C GLU G 2224 72.04 -18.55 18.45
N ASN G 2225 73.16 -19.19 18.80
CA ASN G 2225 74.40 -18.46 18.97
C ASN G 2225 75.53 -19.05 18.14
N SER G 2226 75.29 -19.27 16.85
CA SER G 2226 76.35 -19.69 15.95
C SER G 2226 77.31 -18.54 15.69
N SER G 2227 78.51 -18.63 16.27
CA SER G 2227 79.56 -17.64 16.04
C SER G 2227 80.45 -18.03 14.86
N VAL G 2228 81.14 -19.17 14.94
CA VAL G 2228 81.92 -19.66 13.80
C VAL G 2228 81.37 -21.01 13.30
N THR G 2239 83.84 -23.99 20.74
CA THR G 2239 82.82 -23.43 19.86
C THR G 2239 81.46 -23.52 20.52
N PRO G 2240 80.57 -22.56 20.27
CA PRO G 2240 79.27 -22.55 20.97
C PRO G 2240 78.25 -23.51 20.41
N LEU G 2241 78.50 -24.12 19.25
CA LEU G 2241 77.60 -25.13 18.72
C LEU G 2241 78.00 -26.53 19.13
N ASP G 2242 79.26 -26.73 19.50
CA ASP G 2242 79.73 -28.04 19.93
C ASP G 2242 79.02 -28.52 21.17
N VAL G 2243 78.61 -27.61 22.03
CA VAL G 2243 77.92 -28.03 23.24
C VAL G 2243 76.49 -28.41 22.93
N ALA G 2244 75.94 -27.90 21.83
CA ALA G 2244 74.67 -28.42 21.37
C ALA G 2244 74.83 -29.81 20.80
N ALA G 2245 76.00 -30.11 20.24
CA ALA G 2245 76.23 -31.43 19.70
C ALA G 2245 76.41 -32.44 20.80
N ALA G 2246 77.39 -32.23 21.67
CA ALA G 2246 77.74 -33.21 22.69
C ALA G 2246 76.73 -33.29 23.82
N SER G 2247 75.69 -32.48 23.79
CA SER G 2247 74.54 -32.68 24.65
C SER G 2247 73.63 -33.80 24.17
N VAL G 2248 73.56 -34.05 22.86
CA VAL G 2248 72.75 -35.12 22.30
C VAL G 2248 73.58 -36.17 21.61
N MET G 2249 74.83 -36.37 22.01
CA MET G 2249 75.77 -37.15 21.21
C MET G 2249 75.43 -38.63 21.24
N ASP G 2250 75.18 -39.16 22.42
CA ASP G 2250 75.16 -40.60 22.59
C ASP G 2250 73.84 -41.16 23.07
N ASN G 2251 73.17 -40.54 24.04
CA ASN G 2251 72.03 -41.16 24.69
C ASN G 2251 70.82 -41.14 23.78
N ASN G 2252 70.20 -42.29 23.65
CA ASN G 2252 69.07 -42.44 22.75
C ASN G 2252 67.82 -41.77 23.28
N GLU G 2253 67.65 -41.72 24.60
CA GLU G 2253 66.47 -41.08 25.17
C GLU G 2253 66.48 -39.59 24.90
N LEU G 2254 67.65 -38.97 25.01
CA LEU G 2254 67.78 -37.57 24.65
C LEU G 2254 67.78 -37.40 23.15
N ALA G 2255 68.17 -38.44 22.42
CA ALA G 2255 68.08 -38.37 20.97
C ALA G 2255 66.64 -38.38 20.52
N LEU G 2256 65.77 -39.03 21.27
CA LEU G 2256 64.35 -39.05 20.96
C LEU G 2256 63.60 -37.87 21.53
N ALA G 2257 64.11 -37.27 22.60
CA ALA G 2257 63.34 -36.30 23.35
C ALA G 2257 63.20 -34.96 22.62
N LEU G 2258 64.21 -34.57 21.85
CA LEU G 2258 64.14 -33.25 21.25
C LEU G 2258 63.17 -33.24 20.08
N ARG G 2259 62.61 -32.07 19.82
CA ARG G 2259 61.48 -31.95 18.93
C ARG G 2259 61.84 -31.20 17.66
N GLU G 2260 60.86 -31.07 16.80
CA GLU G 2260 61.04 -30.42 15.50
C GLU G 2260 61.33 -28.92 15.46
N PRO G 2261 60.87 -28.05 16.38
CA PRO G 2261 61.28 -26.64 16.24
C PRO G 2261 62.73 -26.41 16.59
N ASP G 2262 63.31 -27.29 17.41
CA ASP G 2262 64.75 -27.23 17.66
C ASP G 2262 65.53 -27.50 16.39
N LEU G 2263 65.04 -28.41 15.55
CA LEU G 2263 65.73 -28.72 14.32
C LEU G 2263 65.39 -27.77 13.19
N GLU G 2264 64.23 -27.12 13.25
CA GLU G 2264 63.82 -26.27 12.15
C GLU G 2264 64.69 -25.03 12.04
N LYS G 2265 65.13 -24.49 13.17
CA LYS G 2265 66.00 -23.32 13.07
C LYS G 2265 67.41 -23.69 12.64
N VAL G 2266 67.79 -24.96 12.75
CA VAL G 2266 69.07 -25.36 12.20
C VAL G 2266 69.04 -25.31 10.68
N VAL G 2267 68.00 -25.88 10.05
CA VAL G 2267 67.93 -25.79 8.60
C VAL G 2267 67.51 -24.41 8.15
N ARG G 2268 66.95 -23.58 9.05
CA ARG G 2268 66.84 -22.16 8.76
C ARG G 2268 68.20 -21.51 8.60
N TYR G 2269 69.13 -21.83 9.49
CA TYR G 2269 70.49 -21.36 9.38
C TYR G 2269 71.16 -21.91 8.13
N LEU G 2270 70.83 -23.14 7.76
CA LEU G 2270 71.34 -23.71 6.52
C LEU G 2270 70.81 -23.00 5.30
N ALA G 2271 69.53 -22.61 5.32
CA ALA G 2271 68.98 -21.76 4.28
C ALA G 2271 69.68 -20.41 4.26
N GLY G 2272 70.13 -19.95 5.42
CA GLY G 2272 70.99 -18.78 5.48
C GLY G 2272 72.31 -18.96 4.77
N CYS G 2273 72.79 -20.19 4.63
CA CYS G 2273 74.01 -20.46 3.86
C CYS G 2273 73.73 -20.54 2.36
N GLY G 2274 73.11 -19.49 1.82
CA GLY G 2274 72.77 -19.45 0.42
C GLY G 2274 73.56 -18.40 -0.34
N LEU G 2275 74.85 -18.29 -0.05
CA LEU G 2275 75.72 -17.43 -0.84
C LEU G 2275 76.17 -18.19 -2.07
N PRO G 2293 78.93 -22.08 0.52
CA PRO G 2293 79.71 -21.38 1.52
C PRO G 2293 80.54 -22.30 2.41
N VAL G 2294 80.72 -21.86 3.65
CA VAL G 2294 81.68 -22.47 4.55
C VAL G 2294 81.05 -22.90 5.88
N GLU G 2295 79.98 -22.25 6.31
CA GLU G 2295 79.39 -22.59 7.60
C GLU G 2295 78.52 -23.85 7.54
N GLY G 2296 78.35 -24.46 6.37
CA GLY G 2296 77.58 -25.68 6.30
C GLY G 2296 78.28 -26.91 6.81
N GLU G 2297 79.61 -26.88 6.90
CA GLU G 2297 80.37 -28.04 7.34
C GLU G 2297 80.22 -28.31 8.82
N ARG G 2298 79.76 -27.32 9.59
CA ARG G 2298 79.51 -27.47 11.01
C ARG G 2298 78.04 -27.74 11.33
N TYR G 2299 77.12 -27.06 10.66
CA TYR G 2299 75.68 -27.21 10.93
C TYR G 2299 75.23 -28.63 10.68
N LEU G 2300 75.63 -29.20 9.55
CA LEU G 2300 75.37 -30.60 9.26
C LEU G 2300 76.05 -31.50 10.25
N ASP G 2301 77.21 -31.08 10.76
CA ASP G 2301 77.88 -31.80 11.83
C ASP G 2301 77.06 -31.80 13.11
N PHE G 2302 76.12 -30.87 13.26
CA PHE G 2302 75.15 -31.05 14.33
C PHE G 2302 74.14 -32.13 13.97
N LEU G 2303 73.56 -32.07 12.77
CA LEU G 2303 72.38 -32.87 12.44
C LEU G 2303 72.69 -34.35 12.31
N ARG G 2304 73.96 -34.72 12.11
CA ARG G 2304 74.31 -36.13 12.09
C ARG G 2304 74.13 -36.76 13.45
N PHE G 2305 74.33 -35.98 14.51
CA PHE G 2305 74.08 -36.50 15.84
C PHE G 2305 72.60 -36.53 16.18
N ALA G 2306 71.77 -35.89 15.38
CA ALA G 2306 70.35 -35.83 15.67
C ALA G 2306 69.58 -37.03 15.15
N VAL G 2307 70.10 -37.77 14.18
CA VAL G 2307 69.34 -38.83 13.55
C VAL G 2307 69.98 -40.20 13.67
N PHE G 2308 71.22 -40.34 14.16
CA PHE G 2308 71.84 -41.65 14.16
C PHE G 2308 72.17 -42.12 15.57
N CYS G 2309 73.10 -41.48 16.26
CA CYS G 2309 73.31 -41.53 17.71
C CYS G 2309 73.72 -42.86 18.32
N ASN G 2310 73.57 -43.99 17.63
CA ASN G 2310 74.20 -45.22 18.11
C ASN G 2310 74.76 -46.11 17.03
N GLY G 2311 74.26 -46.04 15.81
CA GLY G 2311 74.53 -47.08 14.84
C GLY G 2311 73.28 -47.40 14.06
N GLU G 2312 72.13 -46.89 14.51
CA GLU G 2312 70.89 -47.15 13.81
C GLU G 2312 70.11 -45.84 13.71
N SER G 2313 69.54 -45.60 12.54
CA SER G 2313 68.86 -44.34 12.31
C SER G 2313 67.50 -44.32 13.00
N VAL G 2314 67.32 -43.31 13.85
CA VAL G 2314 66.05 -43.12 14.55
C VAL G 2314 65.00 -42.63 13.56
N GLU G 2315 64.05 -43.50 13.25
CA GLU G 2315 62.97 -43.25 12.30
C GLU G 2315 62.35 -41.85 12.30
N GLU G 2316 61.69 -41.48 13.40
CA GLU G 2316 61.02 -40.19 13.51
C GLU G 2316 61.90 -39.01 13.12
N ASN G 2317 63.03 -38.88 13.82
CA ASN G 2317 63.98 -37.82 13.56
C ASN G 2317 64.39 -37.80 12.10
N ALA G 2318 64.76 -38.97 11.58
CA ALA G 2318 65.16 -39.13 10.18
C ALA G 2318 64.11 -38.51 9.27
N ASN G 2319 62.88 -38.99 9.38
CA ASN G 2319 61.79 -38.48 8.56
C ASN G 2319 61.64 -36.96 8.63
N VAL G 2320 61.55 -36.43 9.85
CA VAL G 2320 61.34 -34.99 9.94
C VAL G 2320 62.50 -34.19 9.34
N VAL G 2321 63.74 -34.60 9.62
CA VAL G 2321 64.86 -33.84 9.08
C VAL G 2321 64.92 -33.95 7.56
N VAL G 2322 64.57 -35.11 7.02
CA VAL G 2322 64.57 -35.29 5.59
C VAL G 2322 63.57 -34.33 4.97
N ARG G 2323 62.38 -34.25 5.54
CA ARG G 2323 61.37 -33.34 4.99
C ARG G 2323 61.84 -31.87 5.07
N LEU G 2324 62.47 -31.54 6.19
CA LEU G 2324 62.97 -30.18 6.39
C LEU G 2324 64.00 -29.85 5.31
N LEU G 2325 64.89 -30.79 5.04
CA LEU G 2325 65.93 -30.63 4.04
C LEU G 2325 65.30 -30.45 2.67
N ILE G 2326 64.27 -31.24 2.40
CA ILE G 2326 63.53 -31.16 1.14
C ILE G 2326 63.08 -29.72 0.94
N ARG G 2327 62.41 -29.15 1.95
CA ARG G 2327 62.02 -27.75 1.79
C ARG G 2327 63.29 -26.90 1.77
N ARG G 2328 63.86 -26.67 0.59
CA ARG G 2328 65.11 -25.94 0.50
C ARG G 2328 65.86 -26.50 -0.69
N PRO G 2329 66.66 -25.68 -1.37
CA PRO G 2329 67.35 -26.17 -2.57
C PRO G 2329 68.45 -27.20 -2.29
N GLU G 2330 69.36 -26.84 -1.39
CA GLU G 2330 70.55 -27.64 -1.12
C GLU G 2330 70.22 -28.96 -0.42
N GLY G 2343 74.16 -30.04 -12.07
CA GLY G 2343 75.09 -31.16 -12.13
C GLY G 2343 75.87 -31.37 -10.85
N LEU G 2344 75.34 -32.22 -9.97
CA LEU G 2344 75.98 -32.51 -8.70
C LEU G 2344 77.11 -33.51 -8.83
N LEU G 2345 77.30 -34.12 -9.99
CA LEU G 2345 78.54 -34.84 -10.27
C LEU G 2345 79.58 -33.90 -10.85
N ALA G 2346 79.16 -32.72 -11.30
CA ALA G 2346 80.08 -31.76 -11.88
C ALA G 2346 80.76 -30.90 -10.82
N ALA G 2347 80.12 -30.71 -9.67
CA ALA G 2347 80.66 -29.81 -8.66
C ALA G 2347 81.88 -30.38 -7.95
N MET G 2348 81.85 -31.67 -7.62
CA MET G 2348 82.99 -32.28 -6.94
C MET G 2348 84.18 -32.46 -7.87
N GLU G 2349 83.93 -32.47 -9.18
CA GLU G 2349 85.02 -32.54 -10.14
C GLU G 2349 85.56 -31.16 -10.50
N GLU G 2350 84.69 -30.18 -10.75
CA GLU G 2350 85.12 -28.85 -11.16
C GLU G 2350 85.83 -28.11 -10.04
N ALA G 2351 85.49 -28.38 -8.80
CA ALA G 2351 86.18 -27.75 -7.69
C ALA G 2351 87.47 -28.48 -7.33
N ILE G 2352 87.68 -29.68 -7.88
CA ILE G 2352 88.84 -30.49 -7.48
C ILE G 2352 90.13 -29.85 -7.95
N LYS G 2353 90.09 -29.14 -9.08
CA LYS G 2353 91.27 -28.41 -9.53
C LYS G 2353 91.48 -27.13 -8.74
N ILE G 2354 90.39 -26.42 -8.43
CA ILE G 2354 90.49 -25.18 -7.68
C ILE G 2354 90.65 -25.49 -6.20
N GLY G 2386 90.49 -23.51 0.93
CA GLY G 2386 89.79 -23.67 -0.32
C GLY G 2386 89.20 -25.06 -0.47
N ASN G 2387 88.87 -25.66 0.66
CA ASN G 2387 88.34 -27.03 0.73
C ASN G 2387 86.88 -26.99 1.17
N ALA G 2388 86.14 -25.99 0.72
CA ALA G 2388 84.80 -25.75 1.25
C ALA G 2388 83.77 -26.68 0.65
N ILE G 2389 83.55 -26.58 -0.67
CA ILE G 2389 82.41 -27.27 -1.29
C ILE G 2389 82.65 -28.77 -1.41
N MET G 2390 83.90 -29.19 -1.60
CA MET G 2390 84.19 -30.62 -1.63
C MET G 2390 84.06 -31.27 -0.28
N THR G 2391 84.11 -30.51 0.81
CA THR G 2391 83.80 -31.06 2.12
C THR G 2391 82.33 -30.92 2.47
N PHE G 2392 81.71 -29.83 2.03
CA PHE G 2392 80.31 -29.57 2.33
C PHE G 2392 79.41 -30.60 1.66
N TYR G 2393 79.68 -30.92 0.39
CA TYR G 2393 78.89 -31.91 -0.31
C TYR G 2393 79.09 -33.32 0.23
N ALA G 2394 80.29 -33.67 0.65
CA ALA G 2394 80.52 -34.95 1.30
C ALA G 2394 79.84 -35.03 2.66
N ALA G 2395 79.77 -33.93 3.40
CA ALA G 2395 79.01 -33.94 4.63
C ALA G 2395 77.51 -34.03 4.38
N LEU G 2396 77.02 -33.43 3.30
CA LEU G 2396 75.61 -33.59 2.94
C LEU G 2396 75.31 -35.02 2.56
N ILE G 2397 76.23 -35.68 1.88
CA ILE G 2397 76.07 -37.08 1.55
C ILE G 2397 76.05 -37.92 2.81
N ASP G 2398 76.92 -37.61 3.78
CA ASP G 2398 76.94 -38.33 5.04
C ASP G 2398 75.64 -38.14 5.83
N LEU G 2399 75.10 -36.93 5.83
CA LEU G 2399 73.86 -36.69 6.54
C LEU G 2399 72.69 -37.40 5.87
N LEU G 2400 72.56 -37.25 4.55
CA LEU G 2400 71.47 -37.90 3.83
C LEU G 2400 71.61 -39.41 3.80
N GLY G 2401 72.81 -39.94 4.04
CA GLY G 2401 72.96 -41.37 4.12
C GLY G 2401 72.74 -41.90 5.52
N ARG G 2402 72.94 -41.06 6.53
CA ARG G 2402 72.66 -41.51 7.88
C ARG G 2402 71.18 -41.67 8.11
N CYS G 2403 70.35 -40.85 7.48
CA CYS G 2403 68.90 -40.94 7.67
C CYS G 2403 68.25 -41.92 6.70
N ALA G 2404 68.78 -43.13 6.67
CA ALA G 2404 68.20 -44.23 5.92
C ALA G 2404 66.90 -44.65 6.58
N PRO G 2405 66.03 -45.35 5.86
CA PRO G 2405 64.86 -45.92 6.51
C PRO G 2405 65.22 -46.97 7.56
N GLU G 2406 65.97 -47.97 7.16
CA GLU G 2406 66.33 -49.05 8.07
C GLU G 2406 67.51 -49.80 7.48
N MET G 2407 67.79 -50.97 8.02
CA MET G 2407 68.80 -51.87 7.47
C MET G 2407 68.26 -53.29 7.36
N HIS G 2408 66.98 -53.46 7.65
CA HIS G 2408 66.38 -54.79 7.69
C HIS G 2408 65.00 -54.71 7.06
N LEU G 2409 64.17 -55.74 7.29
CA LEU G 2409 62.83 -55.82 6.72
C LEU G 2409 61.88 -54.73 7.23
N ILE G 2410 62.31 -53.91 8.19
CA ILE G 2410 61.63 -52.65 8.47
C ILE G 2410 61.66 -51.77 7.22
N HIS G 2411 62.78 -51.79 6.49
CA HIS G 2411 62.82 -51.11 5.20
C HIS G 2411 61.98 -51.84 4.17
N ALA G 2412 61.90 -53.16 4.28
CA ALA G 2412 61.10 -53.92 3.33
C ALA G 2412 59.63 -53.93 3.71
N ALA G 2413 59.29 -54.55 4.85
CA ALA G 2413 57.91 -54.92 5.13
C ALA G 2413 57.24 -53.86 6.01
N LYS G 2414 57.22 -52.63 5.50
CA LYS G 2414 56.52 -51.54 6.15
C LYS G 2414 56.20 -50.48 5.10
N GLY G 2415 55.42 -49.49 5.49
CA GLY G 2415 55.02 -48.44 4.57
C GLY G 2415 55.59 -47.09 4.94
N GLU G 2416 55.91 -46.28 3.92
CA GLU G 2416 56.39 -44.90 4.02
C GLU G 2416 57.73 -44.78 4.73
N ALA G 2417 58.39 -45.90 4.98
CA ALA G 2417 59.84 -45.90 5.05
C ALA G 2417 60.43 -45.96 3.65
N ILE G 2418 59.62 -46.34 2.67
CA ILE G 2418 60.06 -46.41 1.30
C ILE G 2418 59.97 -45.07 0.60
N ARG G 2419 59.18 -44.14 1.15
CA ARG G 2419 58.97 -42.87 0.47
C ARG G 2419 60.22 -42.02 0.48
N ILE G 2420 60.89 -41.95 1.63
CA ILE G 2420 62.17 -41.25 1.71
C ILE G 2420 63.22 -41.93 0.86
N ARG G 2421 63.17 -43.27 0.78
CA ARG G 2421 64.10 -44.01 -0.04
C ARG G 2421 63.89 -43.70 -1.51
N SER G 2422 62.64 -43.49 -1.91
CA SER G 2422 62.37 -43.09 -3.28
C SER G 2422 62.80 -41.67 -3.54
N ILE G 2423 62.66 -40.78 -2.56
CA ILE G 2423 63.03 -39.38 -2.74
C ILE G 2423 64.54 -39.23 -2.86
N LEU G 2424 65.29 -40.05 -2.10
CA LEU G 2424 66.75 -40.05 -2.15
C LEU G 2424 67.28 -40.44 -3.52
N ARG G 2425 66.65 -41.38 -4.19
CA ARG G 2425 67.09 -41.74 -5.53
C ARG G 2425 66.39 -40.94 -6.62
N SER G 2426 65.30 -40.25 -6.29
CA SER G 2426 64.55 -39.46 -7.27
C SER G 2426 65.12 -38.08 -7.48
N LEU G 2427 65.52 -37.38 -6.42
CA LEU G 2427 66.15 -36.10 -6.66
C LEU G 2427 67.65 -36.27 -6.88
N ILE G 2428 68.22 -37.36 -6.38
CA ILE G 2428 69.65 -37.64 -6.55
C ILE G 2428 69.83 -39.01 -7.17
N PRO G 2429 69.96 -39.11 -8.49
CA PRO G 2429 70.54 -40.31 -9.09
C PRO G 2429 72.03 -40.30 -8.87
N LEU G 2430 72.67 -41.47 -9.00
CA LEU G 2430 73.97 -41.67 -8.38
C LEU G 2430 75.09 -40.81 -8.99
N GLY G 2431 75.47 -41.08 -10.24
CA GLY G 2431 76.69 -40.51 -10.83
C GLY G 2431 77.93 -40.64 -9.98
N ASP G 2432 78.05 -41.74 -9.23
CA ASP G 2432 78.93 -41.78 -8.07
C ASP G 2432 80.40 -41.97 -8.41
N LEU G 2433 80.75 -42.13 -9.69
CA LEU G 2433 82.14 -42.31 -10.08
C LEU G 2433 82.98 -41.07 -9.82
N VAL G 2434 82.34 -39.90 -9.70
CA VAL G 2434 83.07 -38.69 -9.33
C VAL G 2434 83.48 -38.75 -7.87
N GLY G 2435 82.85 -39.60 -7.09
CA GLY G 2435 83.23 -39.77 -5.70
C GLY G 2435 83.89 -41.10 -5.39
N VAL G 2436 83.45 -42.17 -6.05
CA VAL G 2436 83.94 -43.48 -5.67
C VAL G 2436 85.25 -43.78 -6.39
N ILE G 2437 85.58 -43.01 -7.42
CA ILE G 2437 86.80 -43.23 -8.18
C ILE G 2437 87.78 -42.07 -8.07
N SER G 2438 87.41 -40.88 -8.53
CA SER G 2438 88.40 -39.89 -8.94
C SER G 2438 89.03 -39.10 -7.80
N ILE G 2439 88.69 -39.38 -6.53
CA ILE G 2439 89.12 -38.49 -5.45
C ILE G 2439 90.30 -39.05 -4.67
N ALA G 2440 90.54 -40.36 -4.69
CA ALA G 2440 91.55 -40.96 -3.84
C ALA G 2440 92.71 -41.56 -4.62
N PHE G 2441 93.20 -40.86 -5.63
CA PHE G 2441 94.21 -41.46 -6.49
C PHE G 2441 95.46 -40.59 -6.61
N GLN G 2442 96.00 -40.15 -5.47
CA GLN G 2442 97.25 -39.39 -5.46
C GLN G 2442 98.26 -40.01 -4.50
N PHE G 2461 89.76 -34.76 2.37
CA PHE G 2461 89.71 -34.66 0.92
C PHE G 2461 89.64 -36.03 0.28
N CYS G 2462 90.81 -36.67 0.18
CA CYS G 2462 90.91 -37.89 -0.63
C CYS G 2462 90.24 -39.10 0.00
N PRO G 2463 90.54 -39.51 1.28
CA PRO G 2463 89.88 -40.74 1.75
C PRO G 2463 88.45 -40.56 2.23
N ASP G 2464 88.12 -39.41 2.79
CA ASP G 2464 86.89 -39.30 3.56
C ASP G 2464 85.68 -39.03 2.67
N HIS G 2465 85.88 -38.25 1.59
CA HIS G 2465 84.76 -37.93 0.70
C HIS G 2465 84.21 -39.17 0.04
N LYS G 2466 85.08 -40.09 -0.33
CA LYS G 2466 84.64 -41.38 -0.86
C LYS G 2466 84.03 -42.23 0.25
N ALA G 2467 84.51 -42.04 1.49
CA ALA G 2467 83.96 -42.78 2.62
C ALA G 2467 82.54 -42.33 2.96
N ALA G 2468 82.15 -41.13 2.56
CA ALA G 2468 80.74 -40.75 2.70
C ALA G 2468 79.90 -41.34 1.58
N MET G 2469 80.44 -41.33 0.35
CA MET G 2469 79.69 -41.80 -0.81
C MET G 2469 79.43 -43.29 -0.76
N VAL G 2470 80.35 -44.07 -0.19
CA VAL G 2470 80.12 -45.51 -0.06
C VAL G 2470 78.99 -45.77 0.92
N LEU G 2471 78.84 -44.91 1.92
CA LEU G 2471 77.72 -45.08 2.85
C LEU G 2471 76.41 -44.70 2.18
N PHE G 2472 76.40 -43.64 1.38
CA PHE G 2472 75.16 -43.24 0.71
C PHE G 2472 74.71 -44.29 -0.30
N LEU G 2473 75.66 -44.93 -0.96
CA LEU G 2473 75.31 -46.01 -1.89
C LEU G 2473 74.93 -47.28 -1.13
N ASP G 2474 75.54 -47.49 0.03
CA ASP G 2474 75.32 -48.69 0.80
C ASP G 2474 73.95 -48.71 1.45
N ARG G 2475 73.52 -47.59 2.01
CA ARG G 2475 72.26 -47.56 2.75
C ARG G 2475 71.07 -47.53 1.80
N VAL G 2476 71.20 -46.83 0.67
CA VAL G 2476 70.05 -46.64 -0.19
C VAL G 2476 70.03 -47.65 -1.35
N TYR G 2477 71.16 -47.96 -1.95
CA TYR G 2477 71.16 -48.87 -3.09
C TYR G 2477 71.65 -50.25 -2.71
N VAL G 2481 71.33 -57.22 -9.20
CA VAL G 2481 72.15 -56.40 -8.31
C VAL G 2481 73.54 -57.02 -8.21
N GLN G 2482 73.67 -58.28 -8.64
CA GLN G 2482 74.95 -58.97 -8.60
C GLN G 2482 75.89 -58.52 -9.71
N ASP G 2483 75.40 -57.78 -10.69
CA ASP G 2483 76.31 -57.18 -11.66
C ASP G 2483 77.03 -55.97 -11.07
N PHE G 2484 76.40 -55.24 -10.15
CA PHE G 2484 76.99 -54.01 -9.65
C PHE G 2484 78.16 -54.25 -8.72
N LEU G 2485 78.25 -55.44 -8.12
CA LEU G 2485 79.42 -55.75 -7.28
C LEU G 2485 80.70 -55.78 -8.08
N LEU G 2486 80.62 -56.17 -9.35
CA LEU G 2486 81.79 -56.16 -10.21
C LEU G 2486 81.95 -54.82 -10.91
N HIS G 2487 80.94 -53.96 -10.81
CA HIS G 2487 80.96 -52.69 -11.54
C HIS G 2487 81.97 -51.72 -10.92
N LEU G 2488 81.91 -51.55 -9.61
CA LEU G 2488 82.80 -50.63 -8.91
C LEU G 2488 84.05 -51.31 -8.40
N LEU G 2489 84.25 -52.58 -8.73
CA LEU G 2489 85.40 -53.30 -8.18
C LEU G 2489 86.67 -52.85 -8.90
N GLU G 2490 87.79 -52.92 -8.16
CA GLU G 2490 89.11 -52.40 -8.53
C GLU G 2490 89.09 -50.90 -8.81
N VAL G 2491 88.14 -50.18 -8.25
CA VAL G 2491 88.14 -48.72 -8.28
C VAL G 2491 88.61 -48.26 -6.91
N GLY G 2492 89.85 -47.80 -6.83
CA GLY G 2492 90.45 -47.35 -5.59
C GLY G 2492 91.35 -48.38 -4.94
N PHE G 2493 90.93 -49.65 -4.93
CA PHE G 2493 91.73 -50.72 -4.33
C PHE G 2493 93.00 -51.01 -5.11
N LEU G 2494 93.07 -50.58 -6.38
CA LEU G 2494 94.33 -50.69 -7.10
C LEU G 2494 95.37 -49.73 -6.54
N PRO G 2495 95.02 -48.55 -6.06
CA PRO G 2495 96.02 -47.65 -5.44
C PRO G 2495 96.47 -48.08 -4.06
N ASP G 2496 95.78 -49.05 -3.44
CA ASP G 2496 96.03 -49.42 -2.06
C ASP G 2496 97.40 -50.06 -1.90
N LEU G 2497 97.65 -51.15 -2.62
CA LEU G 2497 98.93 -51.84 -2.56
C LEU G 2497 100.06 -51.02 -3.18
N ARG G 2498 99.74 -50.06 -4.04
CA ARG G 2498 100.77 -49.17 -4.56
C ARG G 2498 101.24 -48.19 -3.50
N ALA G 2499 100.31 -47.41 -2.93
CA ALA G 2499 100.66 -46.39 -1.95
C ALA G 2499 100.92 -46.97 -0.56
N ALA G 2500 100.73 -48.28 -0.37
CA ALA G 2500 101.03 -48.91 0.91
C ALA G 2500 102.52 -49.02 1.18
N ALA G 2501 103.37 -48.79 0.16
CA ALA G 2501 104.80 -49.02 0.27
C ALA G 2501 105.59 -47.85 0.84
N SER G 2502 104.91 -46.84 1.38
CA SER G 2502 105.55 -45.69 1.99
C SER G 2502 104.88 -45.34 3.31
N LEU G 2503 104.68 -46.36 4.16
CA LEU G 2503 103.94 -46.20 5.40
C LEU G 2503 104.71 -45.38 6.43
N THR G 2511 102.50 -41.10 3.60
CA THR G 2511 102.01 -41.49 4.91
C THR G 2511 100.64 -40.90 5.21
N ASP G 2512 100.47 -39.59 4.99
CA ASP G 2512 99.24 -38.91 5.38
C ASP G 2512 98.06 -39.34 4.53
N MET G 2513 98.26 -39.46 3.21
CA MET G 2513 97.26 -40.08 2.37
C MET G 2513 97.34 -41.59 2.38
N ALA G 2514 98.37 -42.15 2.99
CA ALA G 2514 98.44 -43.58 3.26
C ALA G 2514 97.79 -43.94 4.57
N LEU G 2515 97.12 -43.00 5.22
CA LEU G 2515 96.16 -43.34 6.27
C LEU G 2515 94.75 -43.42 5.72
N ALA G 2516 94.60 -43.41 4.40
CA ALA G 2516 93.36 -43.82 3.77
C ALA G 2516 93.09 -45.30 4.02
N LEU G 2517 94.13 -46.12 4.09
CA LEU G 2517 93.95 -47.55 4.24
C LEU G 2517 93.59 -47.94 5.67
N ASN G 2518 94.18 -47.27 6.65
CA ASN G 2518 93.79 -47.51 8.04
C ASN G 2518 92.39 -46.99 8.29
N ARG G 2519 91.98 -45.97 7.53
CA ARG G 2519 90.60 -45.55 7.53
C ARG G 2519 89.69 -46.58 6.86
N TYR G 2520 90.18 -47.21 5.81
CA TYR G 2520 89.32 -48.02 4.95
C TYR G 2520 89.29 -49.47 5.35
N LEU G 2521 90.06 -49.82 6.40
CA LEU G 2521 90.05 -51.14 7.02
C LEU G 2521 88.67 -51.60 7.51
N CYS G 2522 87.68 -50.70 7.58
CA CYS G 2522 86.31 -51.08 7.84
C CYS G 2522 85.37 -50.84 6.66
N THR G 2523 85.55 -49.75 5.92
CA THR G 2523 84.53 -49.40 4.93
C THR G 2523 84.80 -49.99 3.55
N ALA G 2524 85.94 -50.63 3.33
CA ALA G 2524 86.04 -51.51 2.16
C ALA G 2524 85.74 -52.95 2.51
N VAL G 2525 85.75 -53.27 3.80
CA VAL G 2525 85.44 -54.61 4.27
C VAL G 2525 83.94 -54.83 4.38
N LEU G 2526 83.22 -53.82 4.88
CA LEU G 2526 81.76 -53.90 4.98
C LEU G 2526 81.01 -54.19 3.66
N PRO G 2527 81.56 -53.96 2.46
CA PRO G 2527 80.94 -54.57 1.27
C PRO G 2527 81.25 -56.05 1.04
N LEU G 2528 81.65 -56.77 2.10
CA LEU G 2528 81.53 -58.23 2.12
C LEU G 2528 80.12 -58.69 1.76
N LEU G 2529 79.10 -57.99 2.23
CA LEU G 2529 77.72 -58.30 1.92
C LEU G 2529 77.35 -57.95 0.48
N LEU G 2535 84.30 -65.91 -13.89
CA LEU G 2535 85.25 -64.94 -13.34
C LEU G 2535 85.60 -63.90 -14.38
N PHE G 2536 85.26 -62.64 -14.11
CA PHE G 2536 85.45 -61.55 -15.06
C PHE G 2536 86.52 -60.57 -14.59
N ALA G 2537 86.37 -60.01 -13.40
CA ALA G 2537 87.36 -59.12 -12.82
C ALA G 2537 87.75 -59.49 -11.39
N GLY G 2538 87.04 -60.45 -10.78
CA GLY G 2538 87.30 -60.85 -9.40
C GLY G 2538 88.69 -61.41 -9.17
N THR G 2539 89.27 -62.04 -10.19
CA THR G 2539 90.66 -62.50 -10.13
C THR G 2539 91.64 -61.35 -9.93
N GLU G 2540 91.27 -60.15 -10.37
CA GLU G 2540 92.07 -58.97 -10.07
C GLU G 2540 92.06 -58.64 -8.58
N HIS G 2541 90.89 -58.76 -7.92
CA HIS G 2541 90.75 -58.27 -6.55
C HIS G 2541 91.56 -59.11 -5.57
N HIS G 2542 91.45 -60.44 -5.67
CA HIS G 2542 92.33 -61.34 -4.94
C HIS G 2542 93.79 -61.18 -5.35
N ALA G 2543 94.03 -60.69 -6.57
CA ALA G 2543 95.36 -60.23 -6.90
C ALA G 2543 95.74 -59.02 -6.08
N SER G 2544 94.90 -57.98 -6.10
CA SER G 2544 95.30 -56.69 -5.54
C SER G 2544 95.22 -56.68 -4.02
N LEU G 2545 94.05 -57.04 -3.47
CA LEU G 2545 93.78 -56.89 -2.05
C LEU G 2545 94.65 -57.80 -1.18
N ILE G 2546 94.91 -59.03 -1.62
CA ILE G 2546 95.87 -59.88 -0.92
C ILE G 2546 97.25 -59.25 -1.00
N ASP G 2547 97.59 -58.63 -2.13
CA ASP G 2547 98.82 -57.86 -2.23
C ASP G 2547 98.80 -56.63 -1.34
N SER G 2548 97.63 -56.17 -0.92
CA SER G 2548 97.55 -55.21 0.17
C SER G 2548 97.65 -55.91 1.52
N LEU G 2549 97.00 -57.06 1.67
CA LEU G 2549 96.97 -57.76 2.95
C LEU G 2549 98.33 -58.30 3.31
N LEU G 2550 99.08 -58.78 2.30
CA LEU G 2550 100.46 -59.19 2.50
C LEU G 2550 101.38 -58.03 2.85
N HIS G 2551 100.92 -56.78 2.70
CA HIS G 2551 101.66 -55.64 3.21
C HIS G 2551 101.74 -55.63 4.74
N THR G 2552 100.87 -56.36 5.43
CA THR G 2552 100.94 -56.46 6.90
C THR G 2552 101.07 -57.90 7.38
N VAL G 2553 101.22 -58.85 6.46
CA VAL G 2553 101.32 -60.24 6.84
C VAL G 2553 102.71 -60.56 7.36
N LYS G 2558 95.09 -50.37 13.13
CA LYS G 2558 95.90 -50.90 12.04
C LYS G 2558 96.37 -52.30 12.36
N GLY G 2559 97.01 -52.46 13.52
CA GLY G 2559 97.58 -53.75 13.87
C GLY G 2559 96.53 -54.80 14.19
N CYS G 2560 95.70 -54.54 15.21
CA CYS G 2560 94.58 -55.42 15.48
C CYS G 2560 93.42 -55.16 14.53
N SER G 2561 93.44 -54.06 13.79
CA SER G 2561 92.46 -53.80 12.76
C SER G 2561 92.70 -54.57 11.48
N LEU G 2562 93.82 -55.31 11.40
CA LEU G 2562 94.05 -56.18 10.26
C LEU G 2562 93.17 -57.42 10.27
N THR G 2563 92.54 -57.72 11.41
CA THR G 2563 91.61 -58.84 11.49
C THR G 2563 90.37 -58.59 10.64
N LYS G 2564 90.01 -57.33 10.43
CA LYS G 2564 88.95 -57.00 9.49
C LYS G 2564 89.33 -57.32 8.06
N ALA G 2565 90.54 -56.97 7.63
CA ALA G 2565 91.02 -57.33 6.31
C ALA G 2565 91.22 -58.82 6.13
N GLN G 2566 91.45 -59.55 7.23
CA GLN G 2566 91.56 -61.01 7.15
C GLN G 2566 90.23 -61.66 6.80
N ARG G 2567 89.16 -61.33 7.53
CA ARG G 2567 87.83 -61.82 7.21
C ARG G 2567 87.30 -61.22 5.92
N ASP G 2568 87.86 -60.08 5.47
CA ASP G 2568 87.48 -59.51 4.19
C ASP G 2568 87.95 -60.35 3.01
N SER G 2569 88.96 -61.20 3.19
CA SER G 2569 89.41 -62.10 2.14
C SER G 2569 88.94 -63.54 2.35
N ILE G 2570 88.91 -63.98 3.61
CA ILE G 2570 88.51 -65.35 3.90
C ILE G 2570 87.03 -65.56 3.58
N GLU G 2571 86.22 -64.51 3.68
CA GLU G 2571 84.83 -64.61 3.28
C GLU G 2571 84.59 -64.18 1.85
N VAL G 2572 85.51 -63.44 1.23
CA VAL G 2572 85.38 -63.13 -0.19
C VAL G 2572 85.70 -64.34 -1.04
N CYS G 2573 86.59 -65.20 -0.59
CA CYS G 2573 86.88 -66.43 -1.33
C CYS G 2573 85.75 -67.44 -1.18
N LEU G 2574 85.03 -67.40 -0.06
CA LEU G 2574 84.04 -68.42 0.29
C LEU G 2574 82.80 -68.40 -0.59
N LEU G 2575 82.52 -67.29 -1.29
CA LEU G 2575 81.41 -67.25 -2.22
C LEU G 2575 81.87 -67.43 -3.66
N SER G 2576 82.87 -68.28 -3.87
CA SER G 2576 83.42 -68.54 -5.21
C SER G 2576 82.43 -69.23 -6.13
N PRO G 2583 84.83 -69.02 -10.19
CA PRO G 2583 84.99 -70.30 -9.49
C PRO G 2583 86.23 -71.06 -9.91
N SER G 2584 86.76 -70.71 -11.10
CA SER G 2584 87.99 -71.33 -11.59
C SER G 2584 89.21 -70.51 -11.18
N MET G 2585 89.14 -69.19 -11.36
CA MET G 2585 90.20 -68.30 -10.90
C MET G 2585 90.33 -68.31 -9.38
N MET G 2586 89.21 -68.39 -8.66
CA MET G 2586 89.28 -68.56 -7.22
C MET G 2586 89.78 -69.95 -6.85
N GLN G 2587 89.54 -70.95 -7.72
CA GLN G 2587 90.12 -72.27 -7.48
C GLN G 2587 91.63 -72.25 -7.61
N HIS G 2588 92.16 -71.46 -8.56
CA HIS G 2588 93.59 -71.23 -8.61
C HIS G 2588 94.08 -70.36 -7.47
N LEU G 2589 93.22 -69.49 -6.95
CA LEU G 2589 93.51 -68.70 -5.76
C LEU G 2589 93.41 -69.49 -4.48
N LEU G 2590 92.89 -70.72 -4.53
CA LEU G 2590 92.84 -71.56 -3.34
C LEU G 2590 94.22 -72.09 -2.97
N ARG G 2591 95.18 -71.97 -3.88
CA ARG G 2591 96.58 -72.27 -3.61
C ARG G 2591 97.48 -71.06 -3.83
N ARG G 2592 96.94 -69.85 -3.72
CA ARG G 2592 97.72 -68.64 -4.00
C ARG G 2592 98.79 -68.40 -2.95
N LEU G 2593 98.42 -68.52 -1.67
CA LEU G 2593 99.36 -68.30 -0.58
C LEU G 2593 100.34 -69.45 -0.40
N VAL G 2594 100.20 -70.55 -1.15
CA VAL G 2594 101.20 -71.61 -1.13
C VAL G 2594 102.50 -71.11 -1.71
N PHE G 2595 102.43 -70.16 -2.65
CA PHE G 2595 103.62 -69.45 -3.10
C PHE G 2595 104.22 -68.57 -2.02
N ASP G 2596 103.45 -68.22 -0.99
CA ASP G 2596 103.98 -67.53 0.17
C ASP G 2596 104.02 -68.39 1.43
N VAL G 2597 103.42 -69.58 1.40
CA VAL G 2597 103.57 -70.52 2.51
C VAL G 2597 104.99 -71.08 2.43
N PRO G 2598 105.52 -71.26 1.23
CA PRO G 2598 106.96 -71.50 1.12
C PRO G 2598 107.79 -70.30 1.49
N LEU G 2599 107.23 -69.10 1.40
CA LEU G 2599 107.89 -67.86 1.80
C LEU G 2599 107.50 -67.48 3.21
N LEU G 2600 106.75 -68.34 3.89
CA LEU G 2600 106.35 -68.06 5.26
C LEU G 2600 107.53 -68.28 6.21
N ASN G 2601 108.01 -69.52 6.28
CA ASN G 2601 109.12 -69.86 7.17
C ASN G 2601 110.08 -70.85 6.51
N LYS G 2605 104.94 -62.37 9.05
CA LYS G 2605 105.15 -62.94 10.39
C LYS G 2605 104.24 -64.14 10.60
N MET G 2606 103.70 -64.26 11.82
CA MET G 2606 102.74 -65.30 12.14
C MET G 2606 101.44 -65.05 11.39
N PRO G 2607 101.15 -63.78 11.05
CA PRO G 2607 99.99 -63.51 10.20
C PRO G 2607 100.15 -64.04 8.79
N LEU G 2608 101.38 -64.21 8.30
CA LEU G 2608 101.57 -64.84 7.00
C LEU G 2608 101.17 -66.30 7.03
N LYS G 2609 101.34 -66.97 8.18
CA LYS G 2609 100.87 -68.35 8.32
C LYS G 2609 99.37 -68.40 8.62
N LEU G 2610 98.86 -67.38 9.29
CA LEU G 2610 97.41 -67.30 9.49
C LEU G 2610 96.66 -67.04 8.21
N LEU G 2611 97.27 -66.29 7.28
CA LEU G 2611 96.68 -66.11 5.95
C LEU G 2611 96.73 -67.39 5.14
N THR G 2612 97.66 -68.29 5.46
CA THR G 2612 97.65 -69.61 4.86
C THR G 2612 96.55 -70.47 5.48
N ASN G 2613 96.44 -70.46 6.80
CA ASN G 2613 95.49 -71.29 7.52
C ASN G 2613 94.03 -70.91 7.28
N HIS G 2614 93.73 -69.63 7.13
CA HIS G 2614 92.36 -69.18 6.94
C HIS G 2614 91.80 -69.60 5.58
N TYR G 2615 92.63 -69.59 4.54
CA TYR G 2615 92.23 -70.10 3.24
C TYR G 2615 92.52 -71.59 3.09
N GLU G 2616 93.24 -72.19 4.05
CA GLU G 2616 93.56 -73.61 3.97
C GLU G 2616 92.32 -74.48 4.13
N ARG G 2617 91.45 -74.13 5.07
CA ARG G 2617 90.23 -74.90 5.27
C ARG G 2617 89.25 -74.70 4.11
N CYS G 2618 89.20 -73.49 3.55
CA CYS G 2618 88.29 -73.23 2.44
C CYS G 2618 88.89 -73.58 1.09
N TRP G 2619 90.14 -74.08 1.06
CA TRP G 2619 90.76 -74.50 -0.18
C TRP G 2619 90.06 -75.68 -0.83
N LYS G 2620 89.52 -76.61 -0.05
CA LYS G 2620 88.97 -77.84 -0.60
C LYS G 2620 87.60 -77.66 -1.22
N TYR G 2621 86.91 -76.55 -0.95
CA TYR G 2621 85.58 -76.35 -1.51
C TYR G 2621 85.64 -76.17 -3.03
N TYR G 2622 86.74 -75.61 -3.53
CA TYR G 2622 86.88 -75.39 -4.97
C TYR G 2622 87.12 -76.67 -5.73
N CYS G 2623 88.03 -77.54 -5.28
CA CYS G 2623 88.30 -78.81 -5.94
C CYS G 2623 87.37 -79.92 -5.48
N LEU G 2624 86.46 -79.65 -4.54
CA LEU G 2624 85.32 -80.53 -4.31
C LEU G 2624 84.27 -80.31 -5.39
N PRO G 2625 84.11 -79.07 -5.87
CA PRO G 2625 83.13 -78.82 -6.94
C PRO G 2625 83.57 -79.37 -8.30
N GLY G 2626 84.80 -79.11 -8.72
CA GLY G 2626 85.28 -79.61 -9.98
C GLY G 2626 86.21 -80.79 -9.81
N GLY G 2627 85.90 -81.67 -8.88
CA GLY G 2627 86.71 -82.86 -8.64
C GLY G 2627 86.33 -83.61 -7.39
N ALA G 2634 96.78 -79.58 -11.71
CA ALA G 2634 98.06 -79.07 -12.17
C ALA G 2634 98.98 -78.81 -11.00
N SER G 2635 98.51 -77.99 -10.05
CA SER G 2635 99.27 -77.67 -8.86
C SER G 2635 98.80 -78.45 -7.63
N GLU G 2636 98.07 -79.56 -7.84
CA GLU G 2636 97.78 -80.46 -6.74
C GLU G 2636 99.03 -81.13 -6.23
N GLU G 2637 99.99 -81.40 -7.14
CA GLU G 2637 101.32 -81.81 -6.72
C GLU G 2637 102.08 -80.68 -6.04
N GLU G 2638 101.84 -79.43 -6.41
CA GLU G 2638 102.40 -78.31 -5.67
C GLU G 2638 101.76 -78.15 -4.30
N LEU G 2639 100.50 -78.57 -4.15
CA LEU G 2639 99.90 -78.65 -2.83
C LEU G 2639 100.60 -79.69 -1.96
N HIS G 2640 100.99 -80.82 -2.56
CA HIS G 2640 101.86 -81.77 -1.88
C HIS G 2640 103.23 -81.18 -1.58
N LEU G 2641 103.74 -80.33 -2.47
CA LEU G 2641 105.03 -79.68 -2.23
C LEU G 2641 104.96 -78.70 -1.07
N SER G 2642 103.84 -78.01 -0.92
CA SER G 2642 103.61 -77.16 0.25
C SER G 2642 103.33 -77.97 1.50
N ARG G 2643 102.68 -79.13 1.37
CA ARG G 2643 102.46 -80.01 2.50
C ARG G 2643 103.77 -80.60 3.01
N LYS G 2644 104.70 -80.87 2.10
CA LYS G 2644 106.02 -81.35 2.48
C LYS G 2644 106.85 -80.28 3.17
N LEU G 2645 106.78 -79.04 2.71
CA LEU G 2645 107.40 -77.92 3.42
C LEU G 2645 106.71 -77.66 4.76
N PHE G 2646 105.41 -77.97 4.85
CA PHE G 2646 104.72 -77.90 6.13
C PHE G 2646 105.05 -79.09 7.03
N TRP G 2647 105.31 -80.26 6.43
CA TRP G 2647 105.70 -81.41 7.23
C TRP G 2647 107.11 -81.27 7.78
N GLY G 2648 108.01 -80.69 6.99
CA GLY G 2648 109.33 -80.36 7.51
C GLY G 2648 109.33 -79.11 8.37
N ILE G 2649 108.40 -78.20 8.13
CA ILE G 2649 108.26 -77.00 8.95
C ILE G 2649 107.51 -77.27 10.24
N PHE G 2650 106.77 -78.38 10.33
CA PHE G 2650 106.18 -78.77 11.60
C PHE G 2650 107.23 -79.25 12.59
N ASP G 2651 108.35 -79.78 12.10
CA ASP G 2651 109.47 -80.14 12.95
C ASP G 2651 110.26 -78.92 13.42
N ALA G 2652 110.13 -77.80 12.72
CA ALA G 2652 110.80 -76.57 13.10
C ALA G 2652 110.25 -75.97 14.39
N LEU G 2653 108.96 -76.11 14.65
CA LEU G 2653 108.36 -75.54 15.84
C LEU G 2653 108.37 -76.54 17.00
N TYR G 2658 101.03 -72.93 21.08
CA TYR G 2658 100.29 -72.01 20.22
C TYR G 2658 101.10 -71.67 18.97
N GLU G 2659 102.29 -72.27 18.87
CA GLU G 2659 103.13 -72.05 17.68
C GLU G 2659 102.56 -72.76 16.47
N GLN G 2660 101.91 -73.90 16.67
CA GLN G 2660 101.24 -74.61 15.59
C GLN G 2660 99.72 -74.50 15.67
N GLU G 2661 99.19 -73.56 16.46
CA GLU G 2661 97.74 -73.39 16.56
C GLU G 2661 97.14 -72.83 15.29
N LEU G 2662 97.93 -72.09 14.51
CA LEU G 2662 97.55 -71.75 13.14
C LEU G 2662 98.28 -72.61 12.12
N PHE G 2663 99.37 -73.26 12.51
CA PHE G 2663 100.10 -74.11 11.56
C PHE G 2663 99.49 -75.51 11.48
N LYS G 2664 99.49 -76.25 12.60
CA LYS G 2664 99.07 -77.65 12.57
C LYS G 2664 97.57 -77.82 12.41
N LEU G 2665 96.78 -76.76 12.58
CA LEU G 2665 95.39 -76.81 12.20
C LEU G 2665 95.25 -76.98 10.69
N ALA G 2666 96.18 -76.41 9.91
CA ALA G 2666 96.14 -76.59 8.48
C ALA G 2666 96.83 -77.87 8.03
N LEU G 2667 97.73 -78.41 8.87
CA LEU G 2667 98.52 -79.60 8.55
C LEU G 2667 97.63 -80.83 8.45
N PRO G 2668 96.79 -81.10 9.45
CA PRO G 2668 95.78 -82.14 9.28
C PRO G 2668 94.74 -81.77 8.24
N CYS G 2669 94.52 -80.47 8.00
CA CYS G 2669 93.61 -80.01 6.97
C CYS G 2669 94.20 -80.15 5.57
N LEU G 2670 95.48 -80.48 5.45
CA LEU G 2670 96.02 -80.86 4.14
C LEU G 2670 95.46 -82.21 3.71
N SER G 2671 95.06 -83.05 4.65
CA SER G 2671 94.24 -84.21 4.30
C SER G 2671 92.86 -83.80 3.82
N ALA G 2672 92.38 -82.63 4.25
CA ALA G 2672 91.24 -81.99 3.61
C ALA G 2672 91.58 -81.50 2.20
N VAL G 2673 92.80 -80.99 2.02
CA VAL G 2673 93.27 -80.62 0.69
C VAL G 2673 93.51 -81.87 -0.16
N ALA G 2674 93.72 -83.01 0.48
CA ALA G 2674 93.71 -84.30 -0.20
C ALA G 2674 92.37 -85.03 -0.09
N GLY G 2675 91.31 -84.34 0.32
CA GLY G 2675 90.05 -85.01 0.56
C GLY G 2675 88.92 -84.63 -0.39
N ALA G 2676 89.20 -83.74 -1.34
CA ALA G 2676 88.18 -83.17 -2.20
C ALA G 2676 88.45 -83.33 -3.69
N LEU G 2677 89.70 -83.19 -4.10
CA LEU G 2677 90.08 -83.38 -5.49
C LEU G 2677 90.06 -84.87 -5.83
N PRO G 2678 90.40 -85.74 -4.87
CA PRO G 2678 90.45 -87.21 -4.85
C PRO G 2678 90.50 -87.77 -3.42
N ASN G 2701 105.99 -63.68 0.25
CA ASN G 2701 106.30 -62.77 -0.84
C ASN G 2701 106.42 -63.54 -2.15
N PHE G 2702 106.35 -62.82 -3.26
CA PHE G 2702 106.60 -63.42 -4.56
C PHE G 2702 107.54 -62.49 -5.31
N ASN G 2703 108.84 -62.67 -5.09
CA ASN G 2703 109.85 -61.92 -5.82
C ASN G 2703 109.96 -62.51 -7.21
N PRO G 2704 109.89 -61.69 -8.27
CA PRO G 2704 110.03 -62.24 -9.61
C PRO G 2704 111.46 -62.72 -9.88
N GLN G 2705 111.55 -63.95 -10.39
CA GLN G 2705 112.80 -64.71 -10.47
C GLN G 2705 113.31 -64.73 -11.90
N PRO G 2706 114.24 -63.86 -12.28
CA PRO G 2706 114.64 -63.76 -13.68
C PRO G 2706 115.59 -64.89 -14.08
N VAL G 2707 115.75 -65.03 -15.39
CA VAL G 2707 116.69 -65.98 -15.99
C VAL G 2707 117.69 -65.21 -16.84
N ASP G 2708 118.88 -65.79 -16.99
CA ASP G 2708 119.88 -65.22 -17.88
C ASP G 2708 119.72 -65.77 -19.28
N THR G 2709 119.35 -64.91 -20.21
CA THR G 2709 119.13 -65.29 -21.60
C THR G 2709 120.35 -65.01 -22.46
N SER G 2710 120.89 -63.79 -22.41
CA SER G 2710 121.88 -63.31 -23.37
C SER G 2710 123.31 -63.70 -23.02
N ASN G 2711 123.51 -64.81 -22.31
CA ASN G 2711 124.85 -65.31 -22.04
C ASN G 2711 125.20 -66.56 -22.84
N ILE G 2712 124.25 -67.15 -23.57
CA ILE G 2712 124.46 -68.35 -24.37
C ILE G 2712 124.57 -67.95 -25.83
N THR G 2713 125.41 -68.68 -26.57
CA THR G 2713 125.62 -68.41 -27.99
C THR G 2713 124.56 -69.13 -28.82
N ILE G 2714 124.14 -68.48 -29.91
CA ILE G 2714 123.11 -68.98 -30.83
C ILE G 2714 123.62 -70.25 -31.52
N PRO G 2715 122.84 -71.33 -31.54
CA PRO G 2715 123.31 -72.55 -32.22
C PRO G 2715 123.30 -72.39 -33.73
N GLU G 2716 124.37 -72.90 -34.35
CA GLU G 2716 124.49 -72.86 -35.80
C GLU G 2716 123.69 -73.98 -36.46
N LYS G 2717 123.39 -75.04 -35.69
CA LYS G 2717 122.55 -76.11 -36.20
C LYS G 2717 121.09 -75.69 -36.29
N LEU G 2718 120.68 -74.70 -35.51
CA LEU G 2718 119.33 -74.17 -35.55
C LEU G 2718 119.20 -72.93 -36.41
N GLU G 2719 120.25 -72.56 -37.15
CA GLU G 2719 120.21 -71.35 -37.98
C GLU G 2719 119.31 -71.51 -39.21
N TYR G 2720 119.20 -72.72 -39.75
CA TYR G 2720 118.17 -72.99 -40.74
C TYR G 2720 116.77 -72.89 -40.16
N PHE G 2721 116.58 -73.24 -38.88
CA PHE G 2721 115.29 -73.12 -38.23
C PHE G 2721 114.88 -71.68 -37.98
N ILE G 2722 115.82 -70.82 -37.60
CA ILE G 2722 115.51 -69.42 -37.28
C ILE G 2722 115.00 -68.66 -38.50
N ASN G 2723 115.70 -68.79 -39.63
CA ASN G 2723 115.30 -68.13 -40.87
C ASN G 2723 113.97 -68.64 -41.40
N LYS G 2724 113.76 -69.97 -41.41
CA LYS G 2724 112.51 -70.55 -41.88
C LYS G 2724 111.34 -70.24 -40.95
N TYR G 2725 111.58 -70.19 -39.64
CA TYR G 2725 110.51 -69.81 -38.73
C TYR G 2725 110.20 -68.31 -38.81
N ALA G 2726 111.20 -67.46 -39.09
CA ALA G 2726 110.89 -66.05 -39.29
C ALA G 2726 110.10 -65.82 -40.56
N GLU G 2727 110.41 -66.59 -41.61
CA GLU G 2727 109.61 -66.56 -42.84
C GLU G 2727 108.19 -67.03 -42.58
N HIS G 2728 108.03 -68.18 -41.89
CA HIS G 2728 106.71 -68.72 -41.58
C HIS G 2728 105.95 -67.84 -40.58
N SER G 2729 106.66 -67.08 -39.75
CA SER G 2729 106.00 -66.14 -38.85
C SER G 2729 105.49 -64.93 -39.62
N HIS G 2730 106.24 -64.49 -40.64
CA HIS G 2730 105.70 -63.52 -41.59
C HIS G 2730 104.48 -64.06 -42.33
N ASP G 2731 104.50 -65.33 -42.75
CA ASP G 2731 103.34 -65.90 -43.45
C ASP G 2731 102.12 -66.00 -42.53
N LYS G 2732 102.33 -66.43 -41.27
CA LYS G 2732 101.25 -66.49 -40.30
C LYS G 2732 100.69 -65.12 -39.96
N TRP G 2733 101.57 -64.18 -39.60
CA TRP G 2733 101.21 -62.82 -39.26
C TRP G 2733 100.50 -62.09 -40.38
N SER G 2734 100.91 -62.28 -41.63
CA SER G 2734 100.19 -61.69 -42.75
C SER G 2734 98.96 -62.48 -43.18
N MET G 2735 98.87 -63.76 -42.80
CA MET G 2735 97.62 -64.50 -43.04
C MET G 2735 96.55 -64.14 -42.03
N ASP G 2736 96.95 -63.51 -40.92
CA ASP G 2736 96.01 -62.81 -40.07
C ASP G 2736 95.64 -61.44 -40.65
N LYS G 2737 96.35 -61.00 -41.69
CA LYS G 2737 96.06 -59.76 -42.39
C LYS G 2737 95.66 -59.96 -43.83
N LEU G 2738 95.59 -61.20 -44.33
CA LEU G 2738 95.19 -61.45 -45.70
C LEU G 2738 93.72 -61.81 -45.84
N ALA G 2739 92.99 -61.96 -44.73
CA ALA G 2739 91.54 -61.97 -44.82
C ALA G 2739 90.99 -60.56 -44.96
N ASN G 2740 91.83 -59.55 -44.76
CA ASN G 2740 91.47 -58.15 -44.83
C ASN G 2740 92.23 -57.39 -45.91
N GLY G 2741 93.51 -57.70 -46.11
CA GLY G 2741 94.31 -57.11 -47.16
C GLY G 2741 95.17 -55.92 -46.77
N TRP G 2742 96.03 -56.09 -45.76
CA TRP G 2742 96.93 -55.03 -45.36
C TRP G 2742 98.20 -55.02 -46.22
N ILE G 2743 98.56 -53.83 -46.72
CA ILE G 2743 99.63 -53.67 -47.69
C ILE G 2743 100.61 -52.62 -47.17
N TYR G 2744 101.84 -52.69 -47.65
CA TYR G 2744 102.87 -51.71 -47.33
C TYR G 2744 102.55 -50.36 -47.93
N GLY G 2745 102.87 -49.30 -47.18
CA GLY G 2745 102.66 -47.96 -47.68
C GLY G 2745 103.76 -46.97 -47.32
N GLU G 2746 103.75 -45.81 -47.96
CA GLU G 2746 104.75 -44.79 -47.77
C GLU G 2746 104.39 -43.79 -46.69
N ILE G 2747 103.14 -43.36 -46.63
CA ILE G 2747 102.66 -42.48 -45.57
C ILE G 2747 101.97 -43.33 -44.52
N TYR G 2748 102.41 -43.21 -43.26
CA TYR G 2748 101.86 -44.02 -42.18
C TYR G 2748 100.62 -43.39 -41.58
N SER G 2749 99.53 -43.33 -42.34
CA SER G 2749 98.25 -42.81 -41.87
C SER G 2749 97.29 -44.00 -41.83
N ASP G 2750 97.07 -44.54 -40.64
CA ASP G 2750 96.38 -45.81 -40.48
C ASP G 2750 94.87 -45.71 -40.68
N SER G 2751 94.32 -44.51 -40.86
CA SER G 2751 92.88 -44.37 -41.11
C SER G 2751 92.51 -44.85 -42.51
N SER G 2752 93.48 -44.93 -43.41
CA SER G 2752 93.27 -45.49 -44.74
C SER G 2752 93.58 -46.99 -44.79
N LYS G 2753 93.81 -47.61 -43.63
CA LYS G 2753 94.07 -49.05 -43.47
C LYS G 2753 95.27 -49.51 -44.30
N VAL G 2754 96.37 -48.78 -44.17
CA VAL G 2754 97.64 -49.12 -44.81
C VAL G 2754 98.71 -49.11 -43.72
N GLN G 2755 99.66 -50.03 -43.81
CA GLN G 2755 100.62 -50.08 -42.72
C GLN G 2755 102.05 -49.95 -43.22
N PRO G 2756 102.94 -49.36 -42.43
CA PRO G 2756 104.36 -49.30 -42.82
C PRO G 2756 105.16 -50.53 -42.40
N LEU G 2757 104.50 -51.65 -42.08
CA LEU G 2757 105.22 -52.84 -41.65
C LEU G 2757 105.03 -54.02 -42.62
N MET G 2758 104.15 -53.92 -43.61
CA MET G 2758 103.81 -55.06 -44.47
C MET G 2758 104.87 -55.33 -45.55
N LYS G 2759 106.12 -55.47 -45.13
CA LYS G 2759 107.27 -55.73 -45.97
C LYS G 2759 107.44 -57.24 -46.17
N PRO G 2760 107.64 -57.69 -47.43
CA PRO G 2760 107.83 -59.13 -47.70
C PRO G 2760 109.09 -59.69 -47.06
N TYR G 2761 109.13 -61.00 -46.82
CA TYR G 2761 110.29 -61.61 -46.19
C TYR G 2761 111.47 -61.76 -47.14
N LYS G 2762 111.22 -61.92 -48.43
CA LYS G 2762 112.29 -62.16 -49.40
C LYS G 2762 113.10 -60.90 -49.73
N LEU G 2763 112.77 -59.75 -49.16
CA LEU G 2763 113.47 -58.49 -49.42
C LEU G 2763 113.88 -57.83 -48.12
N LEU G 2764 114.46 -58.59 -47.20
CA LEU G 2764 114.94 -58.01 -45.95
C LEU G 2764 116.42 -57.65 -46.07
N SER G 2765 116.77 -56.52 -45.49
CA SER G 2765 118.15 -56.09 -45.29
C SER G 2765 118.66 -56.69 -43.99
N GLU G 2766 119.87 -56.28 -43.60
CA GLU G 2766 120.38 -56.72 -42.31
C GLU G 2766 119.94 -55.83 -41.15
N LYS G 2767 119.02 -54.90 -41.40
CA LYS G 2767 118.50 -54.01 -40.35
C LYS G 2767 117.00 -54.18 -40.13
N GLU G 2768 116.22 -54.45 -41.18
CA GLU G 2768 114.79 -54.72 -41.03
C GLU G 2768 114.50 -56.16 -40.64
N LYS G 2769 115.53 -56.98 -40.38
CA LYS G 2769 115.31 -58.32 -39.85
C LYS G 2769 115.16 -58.28 -38.33
N GLU G 2770 115.40 -57.11 -37.71
CA GLU G 2770 115.25 -56.94 -36.27
C GLU G 2770 113.82 -57.15 -35.80
N ILE G 2771 112.83 -56.86 -36.65
CA ILE G 2771 111.45 -57.19 -36.32
C ILE G 2771 111.25 -58.70 -36.29
N TYR G 2772 111.95 -59.42 -37.18
CA TYR G 2772 111.81 -60.87 -37.32
C TYR G 2772 112.82 -61.66 -36.49
N ARG G 2773 113.92 -61.05 -36.07
CA ARG G 2773 114.95 -61.81 -35.35
C ARG G 2773 114.76 -61.76 -33.85
N TRP G 2774 114.68 -60.54 -33.29
CA TRP G 2774 114.73 -60.28 -31.86
C TRP G 2774 113.61 -60.90 -31.01
N PRO G 2775 112.36 -61.07 -31.51
CA PRO G 2775 111.43 -61.93 -30.75
C PRO G 2775 111.78 -63.41 -30.75
N ILE G 2776 112.43 -63.90 -31.81
CA ILE G 2776 112.55 -65.34 -32.01
C ILE G 2776 113.83 -65.88 -31.37
N LYS G 2777 114.90 -65.09 -31.36
CA LYS G 2777 116.15 -65.53 -30.75
C LYS G 2777 116.06 -65.63 -29.23
N GLU G 2778 115.10 -64.94 -28.61
CA GLU G 2778 114.82 -65.14 -27.19
C GLU G 2778 114.07 -66.44 -26.92
N SER G 2779 113.52 -67.07 -27.97
CA SER G 2779 112.88 -68.37 -27.86
C SER G 2779 113.85 -69.52 -27.68
N LEU G 2780 115.15 -69.28 -27.86
CA LEU G 2780 116.12 -70.35 -27.71
C LEU G 2780 117.06 -70.11 -26.54
N LYS G 2781 117.28 -68.84 -26.17
CA LYS G 2781 118.25 -68.52 -25.13
C LYS G 2781 117.78 -68.92 -23.74
N THR G 2782 116.46 -69.04 -23.55
CA THR G 2782 115.89 -69.57 -22.32
C THR G 2782 115.35 -70.97 -22.48
N MET G 2783 115.24 -71.47 -23.71
CA MET G 2783 114.76 -72.83 -23.95
C MET G 2783 115.79 -73.86 -23.50
N LEU G 2784 117.07 -73.62 -23.81
CA LEU G 2784 118.16 -74.51 -23.41
C LEU G 2784 118.74 -74.15 -22.05
N ALA G 2785 118.06 -73.32 -21.28
CA ALA G 2785 118.59 -72.86 -20.00
C ALA G 2785 118.49 -73.91 -18.90
N TRP G 2786 117.50 -74.79 -18.95
CA TRP G 2786 117.31 -75.82 -17.93
C TRP G 2786 118.04 -77.11 -18.28
N GLY G 2787 118.92 -77.07 -19.28
CA GLY G 2787 119.65 -78.25 -19.70
C GLY G 2787 118.94 -79.12 -20.71
N TRP G 2788 117.66 -78.89 -20.95
CA TRP G 2788 116.89 -79.68 -21.90
C TRP G 2788 117.28 -79.30 -23.32
N ARG G 2789 117.81 -80.28 -24.05
CA ARG G 2789 118.31 -80.08 -25.40
C ARG G 2789 117.22 -80.43 -26.42
N ILE G 2790 117.54 -80.21 -27.69
CA ILE G 2790 116.63 -80.44 -28.80
C ILE G 2790 117.27 -81.49 -29.70
N GLU G 2791 116.56 -82.59 -29.95
CA GLU G 2791 117.09 -83.70 -30.72
C GLU G 2791 116.36 -83.77 -32.07
N ARG G 2792 116.60 -84.84 -32.82
CA ARG G 2792 116.07 -84.95 -34.17
C ARG G 2792 115.09 -86.13 -34.28
N THR G 2793 114.15 -86.00 -35.21
CA THR G 2793 113.14 -87.01 -35.49
C THR G 2793 113.20 -87.40 -36.96
N ARG G 2794 112.19 -88.13 -37.42
CA ARG G 2794 111.98 -88.38 -38.84
C ARG G 2794 111.54 -87.10 -39.54
N GLU G 2795 111.51 -87.16 -40.87
CA GLU G 2795 111.33 -85.97 -41.69
C GLU G 2795 109.89 -85.46 -41.62
N GLY G 2796 109.75 -84.14 -41.72
CA GLY G 2796 108.44 -83.51 -41.74
C GLY G 2796 108.51 -82.16 -42.44
N ASP G 2797 107.49 -81.90 -43.24
CA ASP G 2797 107.47 -80.69 -44.06
C ASP G 2797 107.06 -79.46 -43.27
N ALA G 2818 88.73 -63.17 -54.04
CA ALA G 2818 90.14 -63.53 -53.99
C ALA G 2818 91.01 -62.35 -54.42
N ALA G 2819 92.10 -62.12 -53.70
CA ALA G 2819 92.99 -61.00 -53.93
C ALA G 2819 94.41 -61.52 -54.11
N HIS G 2820 95.36 -60.60 -54.24
CA HIS G 2820 96.76 -60.96 -54.46
C HIS G 2820 97.62 -60.24 -53.43
N GLY G 2821 98.93 -60.29 -53.65
CA GLY G 2821 99.90 -59.69 -52.75
C GLY G 2821 101.05 -60.65 -52.49
N TYR G 2822 101.48 -60.76 -51.24
CA TYR G 2822 102.40 -61.83 -50.84
C TYR G 2822 101.57 -62.96 -50.26
N SER G 2823 101.13 -63.85 -51.17
CA SER G 2823 100.20 -64.92 -50.85
C SER G 2823 100.97 -66.17 -50.46
N PRO G 2824 100.90 -66.63 -49.22
CA PRO G 2824 101.67 -67.82 -48.82
C PRO G 2824 100.91 -69.11 -49.04
N ARG G 2825 101.68 -70.15 -49.37
CA ARG G 2825 101.18 -71.52 -49.35
C ARG G 2825 101.54 -72.18 -48.03
N ALA G 2826 101.11 -71.53 -46.95
CA ALA G 2826 101.44 -71.89 -45.59
C ALA G 2826 100.18 -71.99 -44.73
N ILE G 2827 100.38 -72.35 -43.47
CA ILE G 2827 99.30 -72.54 -42.52
C ILE G 2827 99.50 -71.61 -41.34
N ASP G 2828 98.55 -71.64 -40.41
CA ASP G 2828 98.60 -70.88 -39.17
C ASP G 2828 99.22 -71.73 -38.06
N MET G 2829 99.06 -71.26 -36.82
CA MET G 2829 99.59 -71.93 -35.64
C MET G 2829 98.51 -72.22 -34.62
N SER G 2830 97.35 -72.70 -35.08
CA SER G 2830 96.26 -73.08 -34.19
C SER G 2830 95.59 -74.37 -34.62
N ASN G 2831 96.09 -75.03 -35.67
CA ASN G 2831 95.44 -76.22 -36.21
C ASN G 2831 96.21 -77.53 -35.98
N VAL G 2832 97.23 -77.53 -35.13
CA VAL G 2832 97.94 -78.76 -34.75
C VAL G 2832 97.85 -78.89 -33.22
N THR G 2833 97.96 -80.12 -32.71
CA THR G 2833 97.89 -80.39 -31.29
C THR G 2833 99.30 -80.56 -30.71
N LEU G 2834 99.42 -80.35 -29.39
CA LEU G 2834 100.69 -80.42 -28.70
C LEU G 2834 100.97 -81.86 -28.22
N SER G 2835 102.22 -82.11 -27.84
CA SER G 2835 102.67 -83.46 -27.50
C SER G 2835 102.98 -83.60 -26.01
N ARG G 2836 103.23 -84.84 -25.57
CA ARG G 2836 103.25 -85.12 -24.14
C ARG G 2836 104.61 -84.84 -23.50
N ASP G 2837 105.68 -84.79 -24.29
CA ASP G 2837 106.96 -84.36 -23.74
C ASP G 2837 107.12 -82.86 -23.90
N LEU G 2838 106.12 -82.19 -24.46
CA LEU G 2838 106.18 -80.77 -24.80
C LEU G 2838 105.47 -79.87 -23.81
N HIS G 2839 104.39 -80.34 -23.17
CA HIS G 2839 103.49 -79.42 -22.48
C HIS G 2839 104.08 -78.87 -21.19
N ALA G 2840 104.88 -79.67 -20.49
CA ALA G 2840 105.50 -79.18 -19.26
C ALA G 2840 106.56 -78.14 -19.56
N MET G 2841 107.33 -78.35 -20.64
CA MET G 2841 108.19 -77.30 -21.17
C MET G 2841 107.42 -76.06 -21.59
N ALA G 2842 106.24 -76.26 -22.19
CA ALA G 2842 105.44 -75.14 -22.68
C ALA G 2842 104.95 -74.27 -21.54
N GLU G 2843 104.42 -74.88 -20.48
CA GLU G 2843 103.93 -74.09 -19.36
C GLU G 2843 105.08 -73.58 -18.47
N MET G 2844 106.20 -74.31 -18.42
CA MET G 2844 107.38 -73.77 -17.73
C MET G 2844 107.94 -72.56 -18.46
N MET G 2845 107.95 -72.58 -19.79
CA MET G 2845 108.37 -71.41 -20.56
C MET G 2845 107.36 -70.28 -20.47
N ALA G 2846 106.07 -70.60 -20.30
CA ALA G 2846 105.06 -69.57 -20.09
C ALA G 2846 105.25 -68.87 -18.74
N GLU G 2847 105.51 -69.64 -17.68
CA GLU G 2847 105.84 -69.03 -16.38
C GLU G 2847 107.15 -68.25 -16.47
N ASN G 2848 108.12 -68.74 -17.25
CA ASN G 2848 109.38 -68.03 -17.43
C ASN G 2848 109.20 -66.71 -18.16
N TYR G 2849 108.31 -66.68 -19.15
CA TYR G 2849 107.97 -65.42 -19.82
C TYR G 2849 107.23 -64.46 -18.90
N HIS G 2850 106.34 -64.98 -18.04
CA HIS G 2850 105.70 -64.17 -17.01
C HIS G 2850 106.71 -63.60 -16.01
N ASN G 2851 107.81 -64.32 -15.76
CA ASN G 2851 108.83 -63.86 -14.81
C ASN G 2851 109.95 -63.05 -15.43
N ILE G 2852 110.11 -63.04 -16.75
CA ILE G 2852 111.06 -62.13 -17.40
C ILE G 2852 110.38 -60.83 -17.82
N TRP G 2853 109.08 -60.87 -18.17
CA TRP G 2853 108.36 -59.63 -18.43
C TRP G 2853 108.04 -58.89 -17.15
N ALA G 2854 108.05 -59.60 -16.01
CA ALA G 2854 107.94 -58.93 -14.71
C ALA G 2854 109.19 -58.13 -14.39
N LYS G 2855 110.35 -58.54 -14.92
CA LYS G 2855 111.54 -57.70 -14.79
C LYS G 2855 111.60 -56.68 -15.91
N LYS G 2856 110.94 -56.96 -17.04
CA LYS G 2856 110.82 -55.94 -18.08
C LYS G 2856 109.88 -54.83 -17.66
N LYS G 2857 108.86 -55.13 -16.87
CA LYS G 2857 108.01 -54.07 -16.35
C LYS G 2857 108.67 -53.34 -15.18
N LYS G 2858 109.71 -53.95 -14.59
CA LYS G 2858 110.57 -53.23 -13.64
C LYS G 2858 111.67 -52.45 -14.36
N LEU G 2859 111.65 -52.42 -15.69
CA LEU G 2859 112.67 -51.76 -16.48
C LEU G 2859 112.17 -50.49 -17.14
N GLU G 2860 110.87 -50.37 -17.40
CA GLU G 2860 110.34 -49.28 -18.21
C GLU G 2860 109.82 -48.10 -17.39
N LEU G 2861 108.91 -48.32 -16.44
CA LEU G 2861 108.24 -47.22 -15.76
C LEU G 2861 108.29 -47.37 -14.24
N GLU G 2862 109.46 -47.66 -13.68
CA GLU G 2862 109.66 -47.52 -12.25
C GLU G 2862 110.99 -46.84 -11.91
N SER G 2863 111.85 -46.60 -12.90
CA SER G 2863 113.09 -45.88 -12.68
C SER G 2863 113.08 -44.48 -13.29
N LYS G 2864 111.98 -44.08 -13.93
CA LYS G 2864 111.89 -42.78 -14.56
C LYS G 2864 111.24 -41.73 -13.66
N GLY G 2865 110.43 -42.13 -12.70
CA GLY G 2865 109.76 -41.16 -11.85
C GLY G 2865 108.33 -41.51 -11.48
N GLY G 2866 107.85 -42.66 -11.95
CA GLY G 2866 106.50 -43.10 -11.67
C GLY G 2866 106.33 -43.63 -10.25
N GLY G 2867 105.33 -44.49 -10.10
CA GLY G 2867 105.08 -45.12 -8.82
C GLY G 2867 105.28 -46.62 -8.86
N ASN G 2868 104.81 -47.32 -7.83
CA ASN G 2868 104.87 -48.77 -7.84
C ASN G 2868 103.80 -49.33 -8.75
N HIS G 2869 103.98 -50.59 -9.15
CA HIS G 2869 103.02 -51.22 -10.02
C HIS G 2869 102.52 -52.52 -9.39
N PRO G 2870 101.19 -52.74 -9.35
CA PRO G 2870 100.64 -53.81 -8.50
C PRO G 2870 100.75 -55.22 -9.07
N LEU G 2871 101.63 -55.47 -10.05
CA LEU G 2871 101.79 -56.79 -10.65
C LEU G 2871 102.78 -57.65 -9.90
N LEU G 2872 102.99 -57.39 -8.62
CA LEU G 2872 103.91 -58.14 -7.77
C LEU G 2872 103.19 -59.25 -7.01
N VAL G 2873 102.11 -59.78 -7.57
CA VAL G 2873 101.24 -60.77 -6.94
C VAL G 2873 101.90 -62.13 -7.14
N PRO G 2874 101.64 -63.13 -6.30
CA PRO G 2874 101.93 -64.52 -6.68
C PRO G 2874 101.25 -64.93 -7.98
N TYR G 2875 101.84 -65.97 -8.58
CA TYR G 2875 101.66 -66.30 -9.99
C TYR G 2875 100.24 -66.76 -10.32
N ASP G 2876 99.60 -67.51 -9.42
CA ASP G 2876 98.40 -68.27 -9.76
C ASP G 2876 97.11 -67.49 -9.57
N THR G 2877 97.16 -66.16 -9.66
CA THR G 2877 95.99 -65.32 -9.45
C THR G 2877 95.84 -64.20 -10.47
N LEU G 2878 96.92 -63.82 -11.15
CA LEU G 2878 96.90 -62.67 -12.03
C LEU G 2878 96.15 -63.01 -13.33
N THR G 2879 95.44 -62.01 -13.85
CA THR G 2879 94.58 -62.19 -15.02
C THR G 2879 95.41 -62.39 -16.28
N ALA G 2880 94.77 -63.00 -17.29
CA ALA G 2880 95.48 -63.49 -18.46
C ALA G 2880 95.35 -62.61 -19.70
N LYS G 2881 94.65 -61.47 -19.61
CA LYS G 2881 94.59 -60.58 -20.77
C LYS G 2881 95.90 -59.85 -20.98
N GLU G 2882 96.73 -59.72 -19.94
CA GLU G 2882 98.10 -59.26 -20.10
C GLU G 2882 99.05 -60.39 -20.46
N LYS G 2883 98.58 -61.64 -20.42
CA LYS G 2883 99.38 -62.82 -20.77
C LYS G 2883 99.11 -63.30 -22.19
N ALA G 2884 98.37 -62.52 -22.98
CA ALA G 2884 98.00 -62.94 -24.33
C ALA G 2884 99.19 -63.02 -25.27
N LYS G 2885 100.11 -62.05 -25.20
CA LYS G 2885 101.34 -62.13 -25.98
C LYS G 2885 102.41 -62.97 -25.32
N ASP G 2886 102.13 -63.52 -24.14
CA ASP G 2886 103.11 -64.26 -23.36
C ASP G 2886 102.91 -65.77 -23.40
N ARG G 2887 101.68 -66.26 -23.30
CA ARG G 2887 101.46 -67.71 -23.31
C ARG G 2887 101.18 -68.22 -24.72
N GLU G 2888 100.69 -67.35 -25.61
CA GLU G 2888 100.45 -67.74 -27.00
C GLU G 2888 101.67 -67.55 -27.88
N LYS G 2889 102.79 -67.09 -27.31
CA LYS G 2889 104.09 -67.20 -27.94
C LYS G 2889 104.85 -68.42 -27.46
N ALA G 2890 104.41 -69.04 -26.36
CA ALA G 2890 105.07 -70.20 -25.77
C ALA G 2890 104.62 -71.51 -26.37
N GLN G 2891 103.61 -71.50 -27.24
CA GLN G 2891 103.10 -72.73 -27.83
C GLN G 2891 103.46 -72.89 -29.31
N ASP G 2892 103.65 -71.79 -30.04
CA ASP G 2892 104.02 -71.90 -31.45
C ASP G 2892 105.51 -72.13 -31.65
N ILE G 2893 106.34 -71.66 -30.71
CA ILE G 2893 107.78 -71.79 -30.82
C ILE G 2893 108.22 -73.25 -30.70
N LEU G 2894 107.42 -74.07 -30.00
CA LEU G 2894 107.62 -75.51 -30.01
C LEU G 2894 106.75 -76.21 -31.05
N LYS G 2895 105.79 -75.49 -31.64
CA LYS G 2895 105.00 -76.07 -32.73
C LYS G 2895 105.80 -76.12 -34.02
N PHE G 2896 106.59 -75.07 -34.32
CA PHE G 2896 107.41 -75.12 -35.53
C PHE G 2896 108.56 -76.10 -35.39
N LEU G 2897 108.94 -76.48 -34.16
CA LEU G 2897 109.83 -77.62 -33.98
C LEU G 2897 109.18 -78.93 -34.38
N GLN G 2898 107.85 -79.04 -34.30
CA GLN G 2898 107.17 -80.24 -34.76
C GLN G 2898 106.88 -80.21 -36.25
N ILE G 2899 106.65 -79.02 -36.81
CA ILE G 2899 106.45 -78.89 -38.26
C ILE G 2899 107.78 -79.12 -38.99
N ASN G 2900 108.88 -78.60 -38.45
CA ASN G 2900 110.19 -78.92 -38.99
C ASN G 2900 110.70 -80.28 -38.51
N GLY G 2901 110.13 -80.84 -37.45
CA GLY G 2901 110.53 -82.15 -37.01
C GLY G 2901 111.72 -82.16 -36.07
N TYR G 2902 111.62 -81.42 -34.96
CA TYR G 2902 112.62 -81.41 -33.91
C TYR G 2902 112.06 -82.09 -32.67
N ALA G 2903 112.84 -83.00 -32.09
CA ALA G 2903 112.45 -83.74 -30.89
C ALA G 2903 112.61 -82.83 -29.67
N VAL G 2904 111.50 -82.73 -28.92
CA VAL G 2904 111.51 -82.10 -27.61
C VAL G 2904 111.57 -83.21 -26.55
N SER G 2905 112.43 -83.04 -25.55
CA SER G 2905 112.63 -84.07 -24.53
C SER G 2905 113.07 -83.44 -23.21
N ARG G 2906 112.37 -83.82 -22.14
CA ARG G 2906 112.72 -83.38 -20.79
C ARG G 2906 113.80 -84.24 -20.15
N GLY G 2907 114.30 -85.25 -20.85
CA GLY G 2907 115.35 -86.11 -20.33
C GLY G 2907 116.07 -86.87 -21.43
N TYR G 2982 99.65 -87.69 -3.96
CA TYR G 2982 99.20 -88.51 -5.08
C TYR G 2982 100.16 -89.67 -5.34
N PHE G 2983 100.81 -89.65 -6.51
CA PHE G 2983 101.80 -90.68 -6.81
C PHE G 2983 103.06 -90.50 -5.96
N LEU G 2984 103.44 -89.25 -5.73
CA LEU G 2984 104.55 -88.96 -4.82
C LEU G 2984 104.19 -89.32 -3.38
N SER G 2985 102.91 -89.32 -3.03
CA SER G 2985 102.51 -89.88 -1.75
C SER G 2985 102.72 -91.39 -1.70
N ALA G 2986 102.51 -92.10 -2.81
CA ALA G 2986 102.77 -93.53 -2.85
C ALA G 2986 104.26 -93.84 -2.83
N ALA G 2987 105.08 -92.93 -3.37
CA ALA G 2987 106.53 -93.14 -3.32
C ALA G 2987 107.12 -92.67 -1.99
N SER G 2988 106.42 -91.79 -1.27
CA SER G 2988 106.93 -91.26 -0.01
C SER G 2988 106.21 -91.83 1.21
N ARG G 2989 105.27 -92.75 1.02
CA ARG G 2989 104.58 -93.41 2.12
C ARG G 2989 105.57 -94.23 2.95
N PRO G 2990 106.53 -94.90 2.31
CA PRO G 2990 107.62 -95.51 3.08
C PRO G 2990 108.52 -94.48 3.73
N LEU G 2991 108.76 -93.34 3.08
CA LEU G 2991 109.49 -92.26 3.72
C LEU G 2991 108.72 -91.62 4.87
N CYS G 2992 107.39 -91.55 4.76
CA CYS G 2992 106.59 -91.06 5.87
C CYS G 2992 106.60 -92.04 7.03
N SER G 2993 106.52 -93.34 6.73
CA SER G 2993 106.63 -94.36 7.77
C SER G 2993 108.01 -94.34 8.42
N GLY G 2994 109.07 -94.10 7.64
CA GLY G 2994 110.40 -93.99 8.20
C GLY G 2994 110.64 -92.72 8.99
N GLY G 2995 109.96 -91.63 8.64
CA GLY G 2995 110.02 -90.42 9.42
C GLY G 2995 109.31 -90.59 10.75
N HIS G 2996 108.16 -91.26 10.71
CA HIS G 2996 107.44 -91.56 11.95
C HIS G 2996 108.21 -92.54 12.83
N ALA G 2997 108.91 -93.50 12.21
CA ALA G 2997 109.72 -94.44 12.97
C ALA G 2997 110.93 -93.76 13.59
N SER G 2998 111.54 -92.81 12.89
CA SER G 2998 112.74 -92.17 13.41
C SER G 2998 112.41 -91.13 14.48
N ASN G 2999 111.31 -90.40 14.31
CA ASN G 2999 110.95 -89.36 15.27
C ASN G 2999 109.97 -89.82 16.34
N LYS G 3000 109.49 -91.07 16.27
CA LYS G 3000 108.56 -91.58 17.26
C LYS G 3000 109.25 -92.27 18.43
N GLU G 3001 110.56 -92.47 18.37
CA GLU G 3001 111.28 -93.03 19.50
C GLU G 3001 111.63 -91.95 20.52
N LYS G 3002 111.86 -90.72 20.07
CA LYS G 3002 112.17 -89.59 20.94
C LYS G 3002 110.96 -88.73 21.25
N GLU G 3003 109.74 -89.29 21.13
CA GLU G 3003 108.54 -88.56 21.52
C GLU G 3003 108.41 -88.42 23.02
N MET G 3004 109.05 -89.31 23.78
CA MET G 3004 109.07 -89.23 25.24
C MET G 3004 109.84 -88.02 25.72
N VAL G 3005 110.84 -87.57 24.97
CA VAL G 3005 111.61 -86.39 25.30
C VAL G 3005 111.34 -85.30 24.28
N PHE G 3009 109.48 -81.30 21.44
CA PHE G 3009 108.17 -81.81 21.84
C PHE G 3009 107.38 -82.30 20.64
N CYS G 3010 107.79 -83.43 20.09
CA CYS G 3010 107.18 -84.00 18.90
C CYS G 3010 106.18 -85.11 19.20
N LYS G 3011 105.81 -85.29 20.47
CA LYS G 3011 104.84 -86.33 20.82
C LYS G 3011 103.45 -86.01 20.28
N LEU G 3012 103.11 -84.72 20.19
CA LEU G 3012 101.86 -84.32 19.56
C LEU G 3012 101.95 -84.43 18.03
N GLY G 3013 103.15 -84.30 17.47
CA GLY G 3013 103.33 -84.46 16.04
C GLY G 3013 103.11 -85.89 15.56
N VAL G 3014 103.36 -86.87 16.43
CA VAL G 3014 103.07 -88.26 16.10
C VAL G 3014 101.56 -88.49 15.99
N LEU G 3015 100.80 -87.93 16.94
CA LEU G 3015 99.34 -87.98 16.88
C LEU G 3015 98.80 -87.17 15.72
N VAL G 3016 99.46 -86.08 15.35
CA VAL G 3016 99.07 -85.31 14.18
C VAL G 3016 99.29 -86.09 12.90
N ARG G 3017 100.41 -86.83 12.80
CA ARG G 3017 100.68 -87.66 11.64
C ARG G 3017 99.79 -88.90 11.58
N HIS G 3018 99.35 -89.42 12.73
CA HIS G 3018 98.39 -90.52 12.73
C HIS G 3018 96.99 -90.03 12.37
N ARG G 3019 96.62 -88.83 12.82
CA ARG G 3019 95.31 -88.27 12.52
C ARG G 3019 95.22 -87.72 11.09
N ILE G 3020 96.30 -87.17 10.55
CA ILE G 3020 96.28 -86.71 9.17
C ILE G 3020 96.29 -87.90 8.21
N SER G 3021 96.81 -89.05 8.66
CA SER G 3021 96.74 -90.26 7.88
C SER G 3021 95.45 -91.03 8.10
N LEU G 3022 94.60 -90.61 9.05
CA LEU G 3022 93.37 -91.33 9.33
C LEU G 3022 92.38 -91.21 8.17
N PHE G 3023 92.22 -90.01 7.62
CA PHE G 3023 91.52 -89.88 6.35
C PHE G 3023 92.45 -90.01 5.16
N GLY G 3024 93.76 -89.93 5.39
CA GLY G 3024 94.72 -90.05 4.30
C GLY G 3024 94.79 -91.45 3.72
N ASN G 3025 94.83 -92.47 4.57
CA ASN G 3025 94.76 -93.84 4.10
C ASN G 3025 93.33 -94.28 3.84
N ASP G 3026 92.34 -93.49 4.27
CA ASP G 3026 90.94 -93.78 3.99
C ASP G 3026 90.55 -93.43 2.56
N ALA G 3027 91.42 -92.76 1.82
CA ALA G 3027 91.26 -92.57 0.39
C ALA G 3027 92.39 -93.22 -0.40
N THR G 3028 93.17 -94.10 0.21
CA THR G 3028 94.25 -94.79 -0.49
C THR G 3028 94.40 -96.22 0.00
N LEU G 3034 99.48 -103.02 1.47
CA LEU G 3034 99.86 -103.18 2.87
C LEU G 3034 101.36 -102.99 3.06
N HIS G 3035 102.05 -102.71 1.94
CA HIS G 3035 103.49 -102.48 1.98
C HIS G 3035 103.82 -101.19 2.73
N ILE G 3036 102.95 -100.19 2.62
CA ILE G 3036 103.10 -98.99 3.42
C ILE G 3036 102.48 -99.15 4.81
N LEU G 3037 101.53 -100.07 4.96
CA LEU G 3037 100.90 -100.28 6.27
C LEU G 3037 101.75 -101.20 7.14
N GLY G 3038 102.55 -102.08 6.52
CA GLY G 3038 103.37 -103.01 7.26
C GLY G 3038 104.50 -102.36 8.05
N GLN G 3039 105.11 -101.30 7.50
CA GLN G 3039 106.14 -100.60 8.25
C GLN G 3039 105.54 -99.69 9.31
N THR G 3040 104.39 -99.07 9.02
CA THR G 3040 103.76 -98.17 9.97
C THR G 3040 103.09 -98.91 11.12
N LEU G 3041 102.72 -100.18 10.91
CA LEU G 3041 102.16 -100.96 12.01
C LEU G 3041 103.23 -101.37 13.01
N ASP G 3042 104.50 -101.32 12.62
CA ASP G 3042 105.60 -101.65 13.52
C ASP G 3042 106.32 -100.43 14.06
N ALA G 3043 106.26 -99.29 13.35
CA ALA G 3043 106.89 -98.07 13.85
C ALA G 3043 106.22 -97.60 15.14
N ARG G 3044 104.89 -97.63 15.20
CA ARG G 3044 104.16 -97.28 16.41
C ARG G 3044 104.39 -98.28 17.54
N THR G 3045 104.65 -99.55 17.22
CA THR G 3045 105.04 -100.51 18.24
C THR G 3045 106.43 -100.20 18.79
N VAL G 3046 107.33 -99.72 17.93
CA VAL G 3046 108.64 -99.27 18.41
C VAL G 3046 108.51 -98.06 19.31
N MET G 3047 107.58 -97.14 18.97
CA MET G 3047 107.29 -96.00 19.82
C MET G 3047 106.71 -96.41 21.16
N LYS G 3048 105.78 -97.37 21.16
CA LYS G 3048 105.21 -97.89 22.39
C LYS G 3048 106.22 -98.70 23.21
N THR G 3049 107.27 -99.20 22.57
CA THR G 3049 108.33 -99.93 23.25
C THR G 3049 109.44 -99.05 23.79
N GLY G 3050 109.61 -97.84 23.23
CA GLY G 3050 110.73 -97.00 23.62
C GLY G 3050 110.68 -96.45 25.04
N LEU G 3051 109.49 -96.13 25.55
CA LEU G 3051 109.32 -95.61 26.90
C LEU G 3051 108.13 -96.28 27.58
N GLU G 3052 108.07 -97.60 27.53
CA GLU G 3052 106.91 -98.38 27.94
C GLU G 3052 106.71 -98.46 29.45
N SER G 3053 107.62 -97.88 30.25
CA SER G 3053 107.46 -97.88 31.70
C SER G 3053 106.30 -97.01 32.17
N VAL G 3054 106.03 -95.90 31.49
CA VAL G 3054 104.86 -95.07 31.75
C VAL G 3054 103.79 -95.27 30.69
N LYS G 3055 104.12 -95.93 29.58
CA LYS G 3055 103.15 -96.27 28.56
C LYS G 3055 102.69 -97.70 28.78
N PHE G 3061 106.07 -86.08 26.80
CA PHE G 3061 105.71 -87.31 27.48
C PHE G 3061 104.27 -87.26 27.98
N LEU G 3062 103.50 -86.31 27.43
CA LEU G 3062 102.08 -86.19 27.76
C LEU G 3062 101.20 -86.43 26.53
N ASP G 3063 101.69 -86.03 25.35
CA ASP G 3063 100.94 -86.24 24.12
C ASP G 3063 101.25 -87.58 23.45
N ASN G 3064 102.24 -88.31 23.96
CA ASN G 3064 102.52 -89.65 23.49
C ASN G 3064 101.79 -90.72 24.29
N ALA G 3065 101.04 -90.34 25.32
CA ALA G 3065 100.38 -91.31 26.19
C ALA G 3065 98.87 -91.31 26.04
N ALA G 3066 98.24 -90.13 26.00
CA ALA G 3066 96.78 -90.03 25.86
C ALA G 3066 96.33 -90.13 24.41
N GLU G 3067 97.26 -90.22 23.46
CA GLU G 3067 96.96 -90.38 22.05
C GLU G 3067 96.92 -91.84 21.63
N ASP G 3068 96.79 -92.76 22.59
CA ASP G 3068 96.80 -94.18 22.26
C ASP G 3068 95.50 -94.61 21.60
N LEU G 3069 94.39 -94.05 22.06
CA LEU G 3069 93.10 -94.30 21.41
C LEU G 3069 92.99 -93.65 20.04
N GLU G 3070 93.81 -92.63 19.76
CA GLU G 3070 93.96 -92.12 18.42
C GLU G 3070 94.82 -93.01 17.54
N LYS G 3071 95.90 -93.57 18.11
CA LYS G 3071 96.79 -94.46 17.37
C LYS G 3071 96.10 -95.75 16.99
N THR G 3072 95.31 -96.34 17.89
CA THR G 3072 94.61 -97.58 17.58
C THR G 3072 93.46 -97.38 16.60
N MET G 3073 92.72 -96.28 16.72
CA MET G 3073 91.67 -95.99 15.75
C MET G 3073 92.24 -95.69 14.37
N GLU G 3074 93.38 -94.99 14.30
CA GLU G 3074 94.03 -94.78 13.02
C GLU G 3074 94.63 -96.08 12.49
N ASN G 3075 95.06 -96.99 13.37
CA ASN G 3075 95.48 -98.32 12.94
C ASN G 3075 94.33 -99.16 12.42
N LEU G 3076 93.14 -98.99 12.97
CA LEU G 3076 91.97 -99.68 12.43
C LEU G 3076 91.53 -99.08 11.10
N LYS G 3077 91.63 -97.76 10.96
CA LYS G 3077 91.30 -97.10 9.70
C LYS G 3077 92.32 -97.43 8.61
N GLN G 3078 93.58 -97.65 8.99
CA GLN G 3078 94.56 -98.15 8.04
C GLN G 3078 94.44 -99.66 7.84
N GLY G 3079 93.78 -100.36 8.77
CA GLY G 3079 93.62 -101.80 8.63
C GLY G 3079 92.43 -102.19 7.78
N GLN G 3080 91.31 -101.47 7.91
CA GLN G 3080 90.12 -101.77 7.13
C GLN G 3080 90.13 -101.13 5.75
N PHE G 3081 91.03 -100.19 5.50
CA PHE G 3081 91.19 -99.55 4.19
C PHE G 3081 92.51 -99.97 3.54
N THR G 3082 93.04 -101.12 3.93
CA THR G 3082 94.28 -101.61 3.35
C THR G 3082 94.01 -102.51 2.15
N THR G 3098 102.74 -111.84 4.60
CA THR G 3098 102.98 -113.28 4.66
C THR G 3098 104.41 -113.56 5.13
N THR G 3099 105.29 -112.59 4.92
CA THR G 3099 106.65 -112.64 5.44
C THR G 3099 106.96 -111.51 6.40
N VAL G 3100 106.53 -110.28 6.10
CA VAL G 3100 106.71 -109.15 7.02
C VAL G 3100 105.46 -108.89 7.85
N ALA G 3101 104.54 -109.84 7.93
CA ALA G 3101 103.23 -109.55 8.52
C ALA G 3101 102.78 -110.58 9.56
N LEU G 3102 103.53 -111.66 9.80
CA LEU G 3102 103.04 -112.68 10.71
C LEU G 3102 103.30 -112.34 12.17
N LEU G 3103 104.57 -112.29 12.56
CA LEU G 3103 104.97 -112.09 13.95
C LEU G 3103 104.80 -110.62 14.36
N PRO G 3104 105.05 -109.68 13.44
CA PRO G 3104 104.98 -108.26 13.79
C PRO G 3104 103.58 -107.74 14.03
N MET G 3105 102.54 -108.47 13.60
CA MET G 3105 101.17 -107.98 13.70
C MET G 3105 100.61 -108.06 15.11
N LEU G 3106 101.23 -108.83 16.00
CA LEU G 3106 100.77 -108.97 17.37
C LEU G 3106 101.52 -108.09 18.36
N SER G 3107 102.69 -107.57 17.98
CA SER G 3107 103.55 -106.85 18.92
C SER G 3107 103.01 -105.46 19.23
N SER G 3108 102.28 -104.85 18.29
CA SER G 3108 101.68 -103.54 18.54
C SER G 3108 100.50 -103.66 19.51
N LEU G 3109 99.66 -104.68 19.30
CA LEU G 3109 98.54 -104.91 20.21
C LEU G 3109 99.03 -105.36 21.58
N PHE G 3110 100.14 -106.10 21.64
CA PHE G 3110 100.71 -106.47 22.94
C PHE G 3110 101.35 -105.28 23.64
N GLU G 3111 102.00 -104.38 22.89
CA GLU G 3111 102.56 -103.17 23.48
C GLU G 3111 101.47 -102.25 23.98
N HIS G 3112 100.30 -102.27 23.33
CA HIS G 3112 99.13 -101.65 23.94
C HIS G 3112 98.72 -102.38 25.22
N ILE G 3113 98.51 -103.70 25.13
CA ILE G 3113 97.89 -104.48 26.21
C ILE G 3113 98.76 -104.62 27.45
N GLY G 3114 100.04 -104.24 27.39
CA GLY G 3114 100.92 -104.29 28.53
C GLY G 3114 100.52 -103.47 29.75
N GLN G 3115 99.71 -102.44 29.58
CA GLN G 3115 99.23 -101.61 30.69
C GLN G 3115 97.73 -101.36 30.58
N HIS G 3116 96.96 -102.41 30.35
CA HIS G 3116 95.51 -102.32 30.26
C HIS G 3116 94.82 -102.36 31.62
N GLN G 3117 95.51 -102.82 32.67
CA GLN G 3117 94.99 -102.88 34.03
C GLN G 3117 96.02 -102.38 35.02
N PHE G 3118 96.70 -101.28 34.70
CA PHE G 3118 97.73 -100.72 35.56
C PHE G 3118 97.48 -99.25 35.86
N LEU G 3124 94.27 -96.31 32.50
CA LEU G 3124 94.76 -97.69 32.45
C LEU G 3124 93.99 -98.50 31.41
N GLU G 3125 92.66 -98.44 31.46
CA GLU G 3125 91.83 -99.24 30.57
C GLU G 3125 91.78 -98.67 29.14
N ASP G 3126 92.35 -97.49 28.92
CA ASP G 3126 92.47 -96.94 27.56
C ASP G 3126 93.32 -97.82 26.67
N VAL G 3127 94.31 -98.50 27.23
CA VAL G 3127 95.06 -99.51 26.50
C VAL G 3127 94.17 -100.68 26.11
N GLN G 3128 93.20 -101.04 26.97
CA GLN G 3128 92.26 -102.11 26.62
C GLN G 3128 91.28 -101.67 25.55
N VAL G 3129 90.85 -100.40 25.57
CA VAL G 3129 90.00 -99.89 24.50
C VAL G 3129 90.79 -99.83 23.18
N SER G 3130 92.09 -99.53 23.25
CA SER G 3130 92.95 -99.60 22.09
C SER G 3130 93.07 -101.01 21.54
N CYS G 3131 93.24 -102.00 22.42
CA CYS G 3131 93.32 -103.39 21.98
C CYS G 3131 92.00 -103.89 21.40
N TYR G 3132 90.87 -103.47 21.98
CA TYR G 3132 89.57 -103.86 21.45
C TYR G 3132 89.32 -103.25 20.08
N ARG G 3133 89.66 -101.96 19.91
CA ARG G 3133 89.44 -101.32 18.61
C ARG G 3133 90.44 -101.79 17.56
N ILE G 3134 91.59 -102.32 17.96
CA ILE G 3134 92.51 -102.91 16.99
C ILE G 3134 92.18 -104.37 16.70
N LEU G 3135 91.47 -105.06 17.59
CA LEU G 3135 91.18 -106.48 17.37
C LEU G 3135 90.05 -106.68 16.36
N THR G 3136 89.05 -105.80 16.37
CA THR G 3136 87.96 -105.88 15.39
C THR G 3136 88.38 -105.50 13.99
N SER G 3137 89.45 -104.70 13.85
CA SER G 3137 90.01 -104.41 12.54
C SER G 3137 90.63 -105.65 11.91
N LEU G 3138 91.18 -106.55 12.73
CA LEU G 3138 91.65 -107.84 12.24
C LEU G 3138 90.52 -108.71 11.70
N TYR G 3139 89.37 -108.74 12.38
CA TYR G 3139 88.23 -109.51 11.89
C TYR G 3139 87.64 -108.88 10.62
N ALA G 3140 87.63 -107.55 10.55
CA ALA G 3140 87.15 -106.89 9.34
C ALA G 3140 88.11 -107.07 8.17
N LEU G 3141 89.42 -107.09 8.43
CA LEU G 3141 90.39 -107.33 7.37
C LEU G 3141 90.37 -108.78 6.91
N GLY G 3142 90.18 -109.72 7.83
CA GLY G 3142 89.99 -111.10 7.45
C GLY G 3142 88.67 -111.36 6.76
N THR G 3143 87.67 -110.49 6.99
CA THR G 3143 86.42 -110.58 6.24
C THR G 3143 86.63 -110.17 4.78
N SER G 3144 87.47 -109.19 4.52
CA SER G 3144 87.73 -108.73 3.17
C SER G 3144 89.11 -108.09 3.06
N VAL G 3149 98.06 -116.87 14.52
CA VAL G 3149 97.62 -116.94 15.91
C VAL G 3149 98.36 -118.06 16.63
N GLU G 3150 99.67 -117.88 16.81
CA GLU G 3150 100.45 -118.87 17.52
C GLU G 3150 100.67 -118.49 18.98
N ARG G 3151 101.26 -117.31 19.23
CA ARG G 3151 101.52 -116.85 20.58
C ARG G 3151 100.52 -115.80 21.07
N GLN G 3152 99.57 -115.38 20.23
CA GLN G 3152 98.73 -114.24 20.56
C GLN G 3152 97.52 -114.63 21.40
N ARG G 3153 96.96 -115.83 21.19
CA ARG G 3153 95.66 -116.19 21.75
C ARG G 3153 95.70 -116.49 23.24
N SER G 3154 96.67 -117.30 23.67
CA SER G 3154 96.75 -117.70 25.08
C SER G 3154 97.11 -116.55 26.01
N ALA G 3155 97.91 -115.59 25.54
CA ALA G 3155 98.24 -114.43 26.36
C ALA G 3155 97.01 -113.57 26.62
N LEU G 3156 96.17 -113.39 25.61
CA LEU G 3156 94.92 -112.66 25.79
C LEU G 3156 93.93 -113.43 26.65
N GLY G 3157 93.87 -114.75 26.50
CA GLY G 3157 93.00 -115.55 27.35
C GLY G 3157 93.41 -115.51 28.81
N GLU G 3158 94.73 -115.56 29.07
CA GLU G 3158 95.23 -115.45 30.44
C GLU G 3158 95.04 -114.05 31.02
N CYS G 3159 95.26 -113.01 30.22
CA CYS G 3159 95.07 -111.63 30.70
C CYS G 3159 93.60 -111.29 30.88
N LEU G 3160 92.69 -112.04 30.23
CA LEU G 3160 91.27 -111.88 30.52
C LEU G 3160 90.84 -112.72 31.72
N ALA G 3161 91.48 -113.87 31.93
CA ALA G 3161 91.09 -114.75 33.04
C ALA G 3161 91.58 -114.25 34.39
N ALA G 3162 92.80 -113.70 34.45
CA ALA G 3162 93.35 -113.27 35.74
C ALA G 3162 92.80 -111.93 36.20
N PHE G 3163 92.11 -111.20 35.34
CA PHE G 3163 91.60 -109.88 35.68
C PHE G 3163 90.20 -109.65 35.11
N ALA G 3164 89.34 -110.67 35.18
CA ALA G 3164 87.96 -110.48 34.74
C ALA G 3164 87.15 -109.69 35.75
N GLY G 3165 87.64 -109.56 36.97
CA GLY G 3165 87.00 -108.79 38.00
C GLY G 3165 87.97 -107.83 38.66
N ALA G 3166 88.86 -107.24 37.86
CA ALA G 3166 89.95 -106.39 38.34
C ALA G 3166 89.49 -105.10 39.03
N ALA G 3170 86.23 -101.64 37.16
CA ALA G 3170 85.44 -102.52 36.31
C ALA G 3170 86.19 -102.83 35.02
N PHE G 3171 86.71 -104.06 34.92
CA PHE G 3171 87.49 -104.48 33.77
C PHE G 3171 86.69 -105.35 32.79
N LEU G 3172 85.41 -105.06 32.59
CA LEU G 3172 84.66 -105.73 31.53
C LEU G 3172 85.06 -105.20 30.15
N GLU G 3173 85.63 -103.99 30.10
CA GLU G 3173 86.19 -103.47 28.86
C GLU G 3173 87.38 -104.29 28.40
N THR G 3174 88.34 -104.54 29.29
CA THR G 3174 89.44 -105.44 29.00
C THR G 3174 88.98 -106.88 28.77
N HIS G 3175 87.87 -107.28 29.40
CA HIS G 3175 87.28 -108.60 29.13
C HIS G 3175 86.78 -108.73 27.70
N LEU G 3176 86.02 -107.74 27.20
CA LEU G 3176 85.59 -107.76 25.81
C LEU G 3176 86.73 -107.51 24.84
N ASP G 3177 87.81 -106.86 25.31
CA ASP G 3177 88.97 -106.62 24.48
C ASP G 3177 89.84 -107.86 24.30
N LYS G 3178 89.96 -108.68 25.34
CA LYS G 3178 90.82 -109.85 25.29
C LYS G 3178 90.07 -111.14 25.00
N HIS G 3179 88.73 -111.15 25.08
CA HIS G 3179 87.95 -112.29 24.61
C HIS G 3179 87.79 -112.30 23.10
N ASN G 3180 87.86 -111.14 22.45
CA ASN G 3180 87.87 -111.01 21.00
C ASN G 3180 89.28 -111.09 20.42
N ILE G 3181 90.24 -111.65 21.15
CA ILE G 3181 91.58 -111.87 20.65
C ILE G 3181 91.91 -113.35 20.76
N TYR G 3182 90.93 -114.14 21.21
CA TYR G 3182 91.05 -115.59 21.32
C TYR G 3182 90.14 -116.34 20.36
N SER G 3183 89.94 -115.82 19.15
CA SER G 3183 89.06 -116.45 18.18
C SER G 3183 89.77 -116.60 16.83
N PRO G 3608 75.98 -56.71 42.64
CA PRO G 3608 76.56 -55.85 43.67
C PRO G 3608 75.53 -54.89 44.23
N LEU G 3609 75.48 -54.77 45.55
CA LEU G 3609 74.53 -53.84 46.20
C LEU G 3609 75.24 -53.12 47.33
N TYR G 3610 75.88 -52.00 46.99
CA TYR G 3610 76.49 -50.98 47.86
C TYR G 3610 77.26 -51.54 49.06
N ASN G 3611 77.92 -52.67 48.86
CA ASN G 3611 78.92 -53.11 49.81
C ASN G 3611 80.31 -52.68 49.35
N LEU G 3612 80.47 -52.54 48.03
CA LEU G 3612 81.79 -52.22 47.49
C LEU G 3612 82.14 -50.74 47.67
N PRO G 3613 81.28 -49.72 47.32
CA PRO G 3613 81.68 -48.35 47.64
C PRO G 3613 81.13 -47.88 48.99
N ARG G 3614 81.80 -46.92 49.61
CA ARG G 3614 81.42 -46.52 50.96
C ARG G 3614 80.67 -45.20 50.98
N HIS G 3615 81.27 -44.14 50.43
CA HIS G 3615 80.61 -42.83 50.47
C HIS G 3615 79.41 -42.79 49.53
N ARG G 3616 79.44 -43.60 48.47
CA ARG G 3616 78.29 -43.62 47.58
C ARG G 3616 77.10 -44.31 48.20
N ALA G 3617 77.34 -45.21 49.15
CA ALA G 3617 76.24 -45.83 49.87
C ALA G 3617 75.48 -44.82 50.69
N VAL G 3618 76.18 -44.05 51.51
CA VAL G 3618 75.51 -43.08 52.37
C VAL G 3618 74.95 -41.94 51.54
N ASN G 3619 75.59 -41.62 50.42
CA ASN G 3619 75.06 -40.63 49.48
C ASN G 3619 73.72 -41.08 48.89
N LEU G 3620 73.65 -42.34 48.43
CA LEU G 3620 72.41 -42.82 47.85
C LEU G 3620 71.35 -43.04 48.91
N PHE G 3621 71.77 -43.30 50.15
CA PHE G 3621 70.81 -43.38 51.23
C PHE G 3621 70.17 -42.02 51.49
N LEU G 3622 70.97 -40.95 51.39
CA LEU G 3622 70.42 -39.61 51.53
C LEU G 3622 69.43 -39.32 50.41
N GLN G 3623 69.78 -39.72 49.19
CA GLN G 3623 68.87 -39.50 48.07
C GLN G 3623 67.62 -40.37 48.13
N GLY G 3624 67.67 -41.47 48.87
CA GLY G 3624 66.45 -42.23 49.09
C GLY G 3624 65.62 -41.67 50.22
N TYR G 3625 66.31 -41.23 51.28
CA TYR G 3625 65.65 -40.76 52.48
C TYR G 3625 64.90 -39.47 52.23
N GLU G 3626 65.40 -38.64 51.31
CA GLU G 3626 64.62 -37.47 50.95
C GLU G 3626 63.36 -37.85 50.18
N LYS G 3627 63.42 -38.91 49.38
CA LYS G 3627 62.29 -39.23 48.51
C LYS G 3627 61.17 -39.96 49.25
N SER G 3628 61.50 -40.85 50.17
CA SER G 3628 60.43 -41.66 50.76
C SER G 3628 59.97 -41.09 52.08
N TRP G 3629 60.91 -40.82 52.97
CA TRP G 3629 60.63 -40.69 54.38
C TRP G 3629 60.22 -39.29 54.79
N ILE G 3630 60.66 -38.27 54.07
CA ILE G 3630 60.53 -36.89 54.49
C ILE G 3630 59.12 -36.36 54.27
N GLU G 3631 58.49 -36.74 53.16
CA GLU G 3631 57.16 -36.25 52.83
C GLU G 3631 56.13 -36.85 53.78
N THR G 3632 55.87 -36.14 54.87
CA THR G 3632 54.96 -36.52 55.92
C THR G 3632 53.82 -35.50 56.01
N GLU G 3633 53.03 -35.63 57.06
CA GLU G 3633 51.84 -34.82 57.23
C GLU G 3633 51.70 -34.35 58.69
N GLU G 3634 52.73 -33.71 59.20
CA GLU G 3634 52.54 -32.86 60.38
C GLU G 3634 51.80 -31.58 60.03
N HIS G 3635 51.74 -31.25 58.75
CA HIS G 3635 51.26 -29.97 58.27
C HIS G 3635 49.75 -29.87 58.40
N TYR G 3636 49.27 -29.63 59.60
CA TYR G 3636 47.88 -29.27 59.80
C TYR G 3636 47.74 -27.94 60.51
N PHE G 3637 48.80 -27.15 60.49
CA PHE G 3637 48.87 -25.80 61.00
C PHE G 3637 48.08 -24.79 60.16
N GLU G 3638 47.54 -25.21 59.03
CA GLU G 3638 47.14 -24.27 58.00
C GLU G 3638 45.88 -23.49 58.33
N ASP G 3639 45.20 -23.78 59.42
CA ASP G 3639 44.18 -22.84 59.90
C ASP G 3639 44.58 -22.19 61.20
N LYS G 3640 45.39 -22.87 62.01
CA LYS G 3640 45.98 -22.25 63.19
C LYS G 3640 46.74 -20.98 62.85
N LEU G 3641 47.52 -21.03 61.77
CA LEU G 3641 48.32 -19.87 61.39
C LEU G 3641 47.43 -18.74 60.86
N ILE G 3642 46.45 -19.07 60.01
CA ILE G 3642 45.64 -18.00 59.44
C ILE G 3642 44.70 -17.42 60.49
N GLU G 3643 44.32 -18.20 61.49
CA GLU G 3643 43.56 -17.59 62.56
C GLU G 3643 44.44 -16.73 63.44
N ASP G 3644 45.69 -17.15 63.66
CA ASP G 3644 46.63 -16.31 64.40
C ASP G 3644 46.91 -14.99 63.73
N LEU G 3645 46.97 -14.97 62.40
CA LEU G 3645 47.28 -13.72 61.72
C LEU G 3645 46.10 -12.76 61.73
N ALA G 3646 44.88 -13.23 61.87
CA ALA G 3646 43.77 -12.28 61.92
C ALA G 3646 43.38 -11.92 63.34
N LYS G 3647 44.35 -11.54 64.17
CA LYS G 3647 44.11 -11.25 65.58
C LYS G 3647 44.52 -9.83 65.90
N PRO G 3648 43.60 -8.88 65.89
CA PRO G 3648 43.91 -7.48 66.15
C PRO G 3648 44.32 -7.24 67.59
N ARG G 3661 44.06 0.48 63.42
CA ARG G 3661 45.21 -0.31 62.98
C ARG G 3661 44.88 -1.16 61.77
N VAL G 3662 45.75 -2.13 61.51
CA VAL G 3662 45.63 -3.02 60.36
C VAL G 3662 46.05 -4.41 60.81
N ASP G 3663 45.25 -5.42 60.46
CA ASP G 3663 45.50 -6.81 60.84
C ASP G 3663 46.83 -7.28 60.28
N PRO G 3664 47.48 -8.23 60.96
CA PRO G 3664 48.70 -8.84 60.40
C PRO G 3664 48.47 -9.53 59.09
N LEU G 3665 47.35 -10.19 58.92
CA LEU G 3665 47.02 -10.73 57.61
C LEU G 3665 46.71 -9.63 56.62
N HIS G 3666 46.19 -8.49 57.09
CA HIS G 3666 45.67 -7.50 56.16
C HIS G 3666 46.76 -6.81 55.38
N GLN G 3667 47.92 -6.63 55.97
CA GLN G 3667 49.00 -5.99 55.24
C GLN G 3667 49.83 -7.01 54.47
N LEU G 3668 49.63 -8.30 54.74
CA LEU G 3668 50.25 -9.30 53.91
C LEU G 3668 49.63 -9.32 52.52
N ILE G 3669 48.33 -9.07 52.44
CA ILE G 3669 47.72 -8.96 51.13
C ILE G 3669 47.97 -7.59 50.54
N LEU G 3670 48.21 -6.60 51.41
CA LEU G 3670 48.62 -5.29 50.90
C LEU G 3670 50.04 -5.30 50.36
N LEU G 3671 50.83 -6.33 50.70
CA LEU G 3671 52.11 -6.48 50.03
C LEU G 3671 51.93 -7.06 48.64
N PHE G 3672 51.14 -8.11 48.51
CA PHE G 3672 50.99 -8.78 47.23
C PHE G 3672 50.19 -7.98 46.24
N SER G 3673 49.30 -7.11 46.69
CA SER G 3673 48.54 -6.30 45.76
C SER G 3673 49.37 -5.16 45.21
N ARG G 3674 50.38 -4.73 45.95
CA ARG G 3674 51.30 -3.73 45.42
C ARG G 3674 52.26 -4.37 44.42
N THR G 3675 52.84 -5.51 44.79
CA THR G 3675 53.83 -6.17 43.96
C THR G 3675 53.23 -6.66 42.64
N ALA G 3676 51.96 -7.00 42.65
CA ALA G 3676 51.30 -7.32 41.39
C ALA G 3676 51.02 -6.11 40.54
N LEU G 3677 51.14 -4.90 41.09
CA LEU G 3677 50.72 -3.71 40.37
C LEU G 3677 51.87 -2.95 39.73
N THR G 3678 53.08 -3.04 40.28
CA THR G 3678 54.22 -2.38 39.64
C THR G 3678 54.59 -3.14 38.38
N GLU G 3679 54.44 -2.49 37.23
CA GLU G 3679 54.59 -3.17 35.96
C GLU G 3679 56.04 -3.52 35.69
N LYS G 3680 56.30 -4.80 35.43
CA LYS G 3680 57.63 -5.29 35.19
C LYS G 3680 57.69 -6.16 33.95
N CYS G 3681 56.64 -6.11 33.11
CA CYS G 3681 56.42 -6.74 31.81
C CYS G 3681 56.43 -8.26 31.81
N LYS G 3682 56.72 -8.88 32.95
CA LYS G 3682 56.61 -10.32 33.14
C LYS G 3682 56.59 -10.59 34.63
N LEU G 3683 56.41 -11.84 35.02
CA LEU G 3683 56.33 -12.20 36.42
C LEU G 3683 57.43 -13.19 36.76
N GLU G 3684 57.91 -13.10 37.99
CA GLU G 3684 59.00 -13.92 38.49
C GLU G 3684 58.44 -15.12 39.24
N GLU G 3685 59.31 -15.84 39.93
CA GLU G 3685 58.83 -16.92 40.78
C GLU G 3685 58.30 -16.43 42.11
N ASP G 3686 59.14 -15.73 42.89
CA ASP G 3686 58.77 -15.06 44.14
C ASP G 3686 58.23 -16.07 45.15
N PHE G 3687 59.13 -16.94 45.61
CA PHE G 3687 58.71 -18.10 46.40
C PHE G 3687 58.21 -17.76 47.80
N LEU G 3688 58.03 -16.49 48.15
CA LEU G 3688 57.11 -16.17 49.24
C LEU G 3688 55.68 -16.47 48.82
N TYR G 3689 55.32 -16.07 47.59
CA TYR G 3689 53.94 -16.13 47.12
C TYR G 3689 53.45 -17.56 47.04
N MET G 3690 54.29 -18.48 46.62
CA MET G 3690 53.89 -19.88 46.58
C MET G 3690 53.95 -20.56 47.93
N ALA G 3691 54.09 -19.81 49.02
CA ALA G 3691 53.85 -20.37 50.33
C ALA G 3691 52.81 -19.59 51.11
N TYR G 3692 52.31 -18.51 50.57
CA TYR G 3692 51.20 -17.81 51.21
C TYR G 3692 50.01 -17.64 50.28
N ALA G 3693 50.10 -18.09 49.04
CA ALA G 3693 48.91 -18.36 48.26
C ALA G 3693 48.65 -19.84 48.18
N ASP G 3694 49.27 -20.60 49.06
CA ASP G 3694 48.96 -21.99 49.26
C ASP G 3694 48.58 -22.29 50.70
N ILE G 3695 49.25 -21.69 51.67
CA ILE G 3695 48.81 -21.80 53.05
C ILE G 3695 47.47 -21.10 53.24
N MET G 3696 47.21 -20.06 52.46
CA MET G 3696 45.87 -19.50 52.42
C MET G 3696 44.83 -20.46 51.87
N ALA G 3697 45.13 -21.20 50.82
CA ALA G 3697 44.12 -22.09 50.25
C ALA G 3697 44.15 -23.49 50.83
N LYS G 3698 44.90 -23.72 51.89
CA LYS G 3698 44.71 -24.93 52.67
C LYS G 3698 43.80 -24.70 53.84
N SER G 3699 43.21 -23.52 53.94
CA SER G 3699 42.29 -23.18 55.01
C SER G 3699 40.87 -23.01 54.52
N CYS G 3700 40.43 -23.84 53.59
CA CYS G 3700 39.07 -23.77 53.07
C CYS G 3700 38.55 -25.15 52.72
N SER G 3714 21.89 -35.45 59.17
CA SER G 3714 22.67 -34.98 58.03
C SER G 3714 21.96 -33.85 57.32
N PHE G 3715 21.26 -33.04 58.08
CA PHE G 3715 20.88 -31.73 57.61
C PHE G 3715 21.38 -30.64 58.53
N GLU G 3716 21.54 -30.95 59.82
CA GLU G 3716 22.24 -30.04 60.70
C GLU G 3716 23.70 -29.92 60.31
N GLU G 3717 24.34 -31.05 60.02
CA GLU G 3717 25.76 -31.02 59.69
C GLU G 3717 25.99 -30.74 58.22
N LYS G 3718 24.96 -30.77 57.39
CA LYS G 3718 25.10 -30.28 56.03
C LYS G 3718 24.73 -28.83 55.90
N GLU G 3719 24.57 -28.12 57.02
CA GLU G 3719 24.43 -26.68 57.04
C GLU G 3719 25.23 -26.04 58.15
N MET G 3720 25.77 -26.84 59.07
CA MET G 3720 26.73 -26.28 59.99
C MET G 3720 28.06 -26.07 59.29
N GLU G 3721 28.44 -26.98 58.39
CA GLU G 3721 29.69 -26.80 57.70
C GLU G 3721 29.59 -25.81 56.56
N LYS G 3722 28.39 -25.59 56.03
CA LYS G 3722 28.22 -24.56 55.02
C LYS G 3722 28.44 -23.18 55.60
N GLN G 3723 28.02 -22.97 56.84
CA GLN G 3723 28.36 -21.73 57.50
C GLN G 3723 29.79 -21.71 57.97
N LYS G 3724 30.40 -22.86 58.18
CA LYS G 3724 31.82 -22.86 58.49
C LYS G 3724 32.65 -22.54 57.27
N LEU G 3725 32.21 -22.92 56.09
CA LEU G 3725 32.98 -22.60 54.90
C LEU G 3725 32.79 -21.15 54.52
N LEU G 3726 31.58 -20.61 54.64
CA LEU G 3726 31.36 -19.20 54.35
C LEU G 3726 31.97 -18.28 55.38
N TYR G 3727 32.40 -18.81 56.50
CA TYR G 3727 33.19 -18.00 57.42
C TYR G 3727 34.66 -18.09 57.08
N GLN G 3728 35.11 -19.21 56.53
CA GLN G 3728 36.52 -19.32 56.16
C GLN G 3728 36.81 -18.68 54.80
N GLN G 3729 35.85 -18.02 54.19
CA GLN G 3729 36.16 -17.16 53.07
C GLN G 3729 35.82 -15.71 53.35
N ALA G 3730 35.10 -15.44 54.43
CA ALA G 3730 35.01 -14.07 54.88
C ALA G 3730 36.23 -13.68 55.68
N ARG G 3731 37.03 -14.65 56.09
CA ARG G 3731 38.31 -14.36 56.70
C ARG G 3731 39.26 -13.78 55.69
N LEU G 3732 39.10 -14.13 54.41
CA LEU G 3732 40.00 -13.64 53.38
C LEU G 3732 39.37 -12.56 52.51
N HIS G 3733 38.13 -12.75 52.06
CA HIS G 3733 37.63 -11.79 51.09
C HIS G 3733 37.15 -10.49 51.72
N ASP G 3734 37.26 -10.34 53.03
CA ASP G 3734 37.23 -9.02 53.66
C ASP G 3734 38.51 -8.26 53.42
N ARG G 3735 39.63 -8.97 53.30
CA ARG G 3735 40.96 -8.39 53.38
C ARG G 3735 41.52 -8.16 52.01
N GLY G 3736 40.65 -7.88 51.05
CA GLY G 3736 41.10 -7.62 49.69
C GLY G 3736 41.65 -8.82 48.96
N ALA G 3737 41.50 -10.03 49.49
CA ALA G 3737 42.08 -11.20 48.87
C ALA G 3737 41.34 -11.65 47.62
N ALA G 3738 40.28 -10.97 47.24
CA ALA G 3738 39.71 -11.12 45.92
C ALA G 3738 40.38 -10.20 44.91
N GLU G 3739 41.46 -9.54 45.28
CA GLU G 3739 42.20 -8.73 44.33
C GLU G 3739 43.55 -9.30 44.00
N MET G 3740 44.27 -9.84 44.98
CA MET G 3740 45.54 -10.48 44.67
C MET G 3740 45.38 -11.79 43.94
N VAL G 3741 44.15 -12.29 43.78
CA VAL G 3741 43.89 -13.34 42.82
C VAL G 3741 43.51 -12.75 41.48
N LEU G 3742 42.81 -11.64 41.48
CA LEU G 3742 42.39 -11.06 40.22
C LEU G 3742 43.43 -10.12 39.64
N GLN G 3743 44.44 -9.75 40.40
CA GLN G 3743 45.50 -8.96 39.78
C GLN G 3743 46.63 -9.79 39.24
N THR G 3744 47.11 -10.80 39.98
CA THR G 3744 48.25 -11.58 39.53
C THR G 3744 47.93 -12.52 38.38
N ILE G 3745 46.68 -12.55 37.92
CA ILE G 3745 46.41 -13.12 36.62
C ILE G 3745 46.54 -12.05 35.56
N SER G 3746 46.17 -10.81 35.90
CA SER G 3746 46.19 -9.78 34.88
C SER G 3746 47.58 -9.22 34.65
N ALA G 3747 48.53 -9.54 35.52
CA ALA G 3747 49.87 -9.02 35.33
C ALA G 3747 50.71 -9.93 34.45
N SER G 3748 50.83 -11.21 34.81
CA SER G 3748 51.49 -12.15 33.93
C SER G 3748 50.53 -12.49 32.80
N LYS G 3749 50.93 -12.19 31.56
CA LYS G 3749 49.98 -12.22 30.46
C LYS G 3749 49.62 -13.65 30.07
N GLY G 3750 50.59 -14.40 29.58
CA GLY G 3750 50.26 -15.69 29.04
C GLY G 3750 51.16 -16.76 29.61
N GLU G 3751 51.97 -16.36 30.56
CA GLU G 3751 52.97 -17.26 31.09
C GLU G 3751 52.31 -18.29 31.99
N THR G 3752 52.61 -19.55 31.76
CA THR G 3752 51.98 -20.63 32.49
C THR G 3752 52.84 -21.12 33.63
N GLY G 3753 53.55 -20.22 34.30
CA GLY G 3753 54.48 -20.62 35.31
C GLY G 3753 53.78 -21.10 36.56
N PRO G 3754 54.56 -21.55 37.53
CA PRO G 3754 54.00 -21.90 38.83
C PRO G 3754 53.70 -20.70 39.70
N MET G 3755 53.85 -19.48 39.18
CA MET G 3755 53.27 -18.33 39.85
C MET G 3755 51.77 -18.31 39.68
N VAL G 3756 51.29 -18.43 38.43
CA VAL G 3756 49.87 -18.51 38.15
C VAL G 3756 49.27 -19.79 38.69
N ALA G 3757 49.97 -20.90 38.59
CA ALA G 3757 49.41 -22.18 39.03
C ALA G 3757 49.35 -22.33 40.55
N ALA G 3758 49.58 -21.27 41.33
CA ALA G 3758 49.23 -21.29 42.73
C ALA G 3758 48.35 -20.13 43.13
N THR G 3759 47.85 -19.35 42.18
CA THR G 3759 46.72 -18.48 42.48
C THR G 3759 45.41 -19.11 42.09
N LEU G 3760 45.42 -19.95 41.06
CA LEU G 3760 44.20 -20.65 40.72
C LEU G 3760 43.80 -21.65 41.79
N LYS G 3761 44.74 -22.22 42.51
CA LYS G 3761 44.36 -22.96 43.70
C LYS G 3761 43.85 -22.05 44.81
N LEU G 3762 44.18 -20.78 44.79
CA LEU G 3762 43.54 -19.86 45.71
C LEU G 3762 42.23 -19.34 45.18
N GLY G 3763 42.15 -19.02 43.89
CA GLY G 3763 40.91 -18.52 43.34
C GLY G 3763 39.80 -19.55 43.33
N ILE G 3764 40.15 -20.83 43.34
CA ILE G 3764 39.16 -21.88 43.46
C ILE G 3764 38.76 -22.09 44.91
N ALA G 3765 39.72 -22.08 45.81
CA ALA G 3765 39.39 -22.34 47.21
C ALA G 3765 38.72 -21.17 47.89
N ILE G 3766 38.53 -20.05 47.21
CA ILE G 3766 37.71 -18.98 47.72
C ILE G 3766 36.30 -19.05 47.15
N LEU G 3767 36.16 -19.33 45.87
CA LEU G 3767 34.84 -19.40 45.27
C LEU G 3767 34.16 -20.76 45.46
N ASN G 3768 34.64 -21.59 46.40
CA ASN G 3768 34.40 -23.03 46.34
C ASN G 3768 32.95 -23.38 46.57
N GLY G 3769 32.18 -22.49 47.18
CA GLY G 3769 30.79 -22.81 47.38
C GLY G 3769 29.96 -22.32 46.23
N GLY G 3770 30.58 -21.71 45.24
CA GLY G 3770 29.83 -20.93 44.31
C GLY G 3770 29.36 -19.71 45.07
N ASN G 3771 30.30 -18.94 45.59
CA ASN G 3771 30.00 -17.85 46.49
C ASN G 3771 29.32 -16.72 45.74
N SER G 3772 28.74 -15.79 46.49
CA SER G 3772 28.00 -14.71 45.86
C SER G 3772 28.40 -13.32 46.28
N THR G 3773 29.07 -13.15 47.42
CA THR G 3773 29.68 -11.86 47.67
C THR G 3773 30.95 -11.74 46.85
N VAL G 3774 31.74 -12.79 46.80
CA VAL G 3774 33.04 -12.72 46.15
C VAL G 3774 32.89 -12.63 44.66
N GLN G 3775 31.85 -13.23 44.10
CA GLN G 3775 31.56 -13.03 42.69
C GLN G 3775 31.11 -11.62 42.37
N GLN G 3776 30.65 -10.89 43.36
CA GLN G 3776 30.26 -9.52 43.13
C GLN G 3776 31.41 -8.55 43.28
N LYS G 3777 32.34 -8.84 44.18
CA LYS G 3777 33.53 -7.99 44.29
C LYS G 3777 34.40 -8.08 43.06
N MET G 3778 34.48 -9.24 42.43
CA MET G 3778 35.31 -9.36 41.24
C MET G 3778 34.68 -8.66 40.05
N LEU G 3779 33.35 -8.63 39.99
CA LEU G 3779 32.74 -7.92 38.87
C LEU G 3779 32.78 -6.42 39.05
N GLU G 3780 32.59 -5.95 40.28
CA GLU G 3780 32.61 -4.50 40.46
C GLU G 3780 34.02 -3.96 40.36
N TYR G 3781 35.02 -4.79 40.66
CA TYR G 3781 36.40 -4.37 40.48
C TYR G 3781 36.76 -4.28 39.01
N LEU G 3782 36.16 -5.12 38.18
CA LEU G 3782 36.45 -5.09 36.76
C LEU G 3782 35.58 -4.12 36.00
N LYS G 3783 35.00 -3.14 36.66
CA LYS G 3783 34.24 -2.11 35.98
C LYS G 3783 34.57 -0.71 36.42
N GLU G 3784 35.07 -0.52 37.65
CA GLU G 3784 35.53 0.79 38.06
C GLU G 3784 37.04 0.93 38.00
N LYS G 3785 37.76 -0.17 37.85
CA LYS G 3785 39.21 -0.17 37.73
C LYS G 3785 39.58 -0.95 36.49
N LYS G 3786 38.96 -0.56 35.38
CA LYS G 3786 38.81 -1.32 34.14
C LYS G 3786 40.07 -1.98 33.60
N ASP G 3787 40.04 -3.31 33.53
CA ASP G 3787 41.17 -4.11 33.08
C ASP G 3787 40.83 -4.75 31.75
N VAL G 3788 41.58 -4.40 30.72
CA VAL G 3788 41.60 -5.25 29.54
C VAL G 3788 42.58 -6.37 29.78
N GLY G 3789 43.60 -6.11 30.59
CA GLY G 3789 44.72 -7.02 30.78
C GLY G 3789 44.37 -8.30 31.50
N PHE G 3790 43.19 -8.38 32.12
CA PHE G 3790 42.74 -9.65 32.66
C PHE G 3790 42.23 -10.54 31.56
N PHE G 3791 41.28 -10.04 30.76
CA PHE G 3791 40.69 -10.87 29.74
C PHE G 3791 41.62 -11.11 28.57
N GLN G 3792 42.61 -10.25 28.38
CA GLN G 3792 43.68 -10.62 27.47
C GLN G 3792 44.49 -11.76 28.04
N SER G 3793 44.62 -11.80 29.36
CA SER G 3793 45.42 -12.86 29.95
C SER G 3793 44.67 -14.17 29.98
N LEU G 3794 43.34 -14.13 30.11
CA LEU G 3794 42.59 -15.37 30.21
C LEU G 3794 42.53 -16.08 28.88
N ALA G 3795 42.40 -15.35 27.78
CA ALA G 3795 42.56 -15.98 26.49
C ALA G 3795 44.00 -16.42 26.30
N GLY G 3796 44.94 -15.63 26.82
CA GLY G 3796 46.33 -16.01 26.73
C GLY G 3796 46.68 -17.18 27.62
N LEU G 3797 46.01 -17.30 28.77
CA LEU G 3797 46.18 -18.51 29.56
C LEU G 3797 45.61 -19.70 28.83
N MET G 3798 44.40 -19.55 28.28
CA MET G 3798 43.70 -20.66 27.63
C MET G 3798 44.29 -21.04 26.31
N GLN G 3799 45.34 -20.35 25.84
CA GLN G 3799 45.80 -20.52 24.48
C GLN G 3799 46.46 -21.88 24.29
N SER G 3800 47.48 -22.17 25.08
CA SER G 3800 48.12 -23.46 24.87
C SER G 3800 47.64 -24.55 25.81
N CYS G 3801 48.10 -24.46 27.05
CA CYS G 3801 47.78 -25.24 28.25
C CYS G 3801 48.05 -26.73 28.18
N SER G 3802 47.84 -27.33 27.00
CA SER G 3802 47.59 -28.76 26.88
C SER G 3802 47.16 -29.14 25.47
N VAL G 3803 47.34 -30.41 25.15
CA VAL G 3803 46.48 -31.33 24.41
C VAL G 3803 47.21 -32.65 24.61
N LEU G 3804 46.51 -33.73 24.89
CA LEU G 3804 47.18 -35.02 24.92
C LEU G 3804 47.54 -35.42 23.50
N ASP G 3805 48.82 -35.35 23.15
CA ASP G 3805 49.28 -35.66 21.80
C ASP G 3805 50.12 -36.94 21.83
N LEU G 3806 49.76 -37.89 20.97
CA LEU G 3806 50.37 -39.20 21.04
C LEU G 3806 51.72 -39.28 20.37
N ASN G 3807 52.16 -38.22 19.68
CA ASN G 3807 53.50 -38.21 19.11
C ASN G 3807 54.54 -38.28 20.19
N ALA G 3808 54.33 -37.53 21.28
CA ALA G 3808 55.18 -37.67 22.45
C ALA G 3808 54.96 -38.99 23.16
N PHE G 3809 53.79 -39.61 23.00
CA PHE G 3809 53.56 -40.90 23.61
C PHE G 3809 54.31 -42.00 22.90
N GLU G 3810 54.43 -41.91 21.58
CA GLU G 3810 55.07 -42.98 20.83
C GLU G 3810 56.56 -43.00 21.07
N ARG G 3811 57.17 -41.83 21.27
CA ARG G 3811 58.56 -41.82 21.70
C ARG G 3811 58.69 -42.35 23.11
N GLN G 3812 57.74 -42.00 23.97
CA GLN G 3812 57.68 -42.58 25.31
C GLN G 3812 57.33 -44.06 25.24
N ASN G 3813 56.63 -44.49 24.19
CA ASN G 3813 56.39 -45.90 24.00
C ASN G 3813 57.67 -46.64 23.66
N LYS G 3814 58.48 -46.07 22.77
CA LYS G 3814 59.60 -46.81 22.22
C LYS G 3814 60.80 -46.83 23.16
N ALA G 3815 61.09 -45.71 23.81
CA ALA G 3815 62.27 -45.64 24.68
C ALA G 3815 62.08 -46.49 25.92
N GLU G 3816 60.87 -46.48 26.49
CA GLU G 3816 60.58 -47.28 27.67
C GLU G 3816 60.48 -48.76 27.36
N GLY G 3817 60.48 -49.14 26.06
CA GLY G 3817 60.60 -50.55 25.72
C GLY G 3817 61.95 -51.13 26.09
N LEU G 3818 63.00 -50.31 26.09
CA LEU G 3818 64.32 -50.77 26.50
C LEU G 3818 64.97 -49.88 27.55
N GLY G 3819 64.28 -48.83 27.99
CA GLY G 3819 64.84 -47.93 28.99
C GLY G 3819 63.78 -47.12 29.71
N GLY G 3827 55.83 -39.97 32.77
CA GLY G 3827 54.64 -39.27 33.22
C GLY G 3827 54.61 -37.83 32.76
N GLU G 3828 55.63 -37.47 32.00
CA GLU G 3828 55.79 -36.12 31.46
C GLU G 3828 55.18 -35.96 30.09
N LYS G 3829 54.24 -36.83 29.72
CA LYS G 3829 53.52 -36.67 28.48
C LYS G 3829 52.15 -36.06 28.71
N VAL G 3830 51.52 -36.38 29.84
CA VAL G 3830 50.06 -36.34 29.94
C VAL G 3830 49.55 -34.91 29.94
N LEU G 3831 49.15 -34.49 28.72
CA LEU G 3831 48.59 -33.20 28.42
C LEU G 3831 49.48 -32.02 28.82
N GLN G 3832 50.77 -32.26 29.11
CA GLN G 3832 51.70 -31.27 29.65
C GLN G 3832 51.12 -30.59 30.90
N ASP G 3833 51.07 -31.36 31.99
CA ASP G 3833 50.57 -30.92 33.30
C ASP G 3833 49.08 -30.54 33.21
N ASP G 3834 48.27 -31.58 33.09
CA ASP G 3834 46.81 -31.48 33.10
C ASP G 3834 46.27 -30.76 34.32
N GLU G 3835 46.93 -30.91 35.47
CA GLU G 3835 46.44 -30.40 36.73
C GLU G 3835 46.34 -28.88 36.75
N PHE G 3836 47.09 -28.21 35.90
CA PHE G 3836 46.84 -26.79 35.70
C PHE G 3836 45.60 -26.56 34.86
N THR G 3837 45.25 -27.49 33.97
CA THR G 3837 44.18 -27.19 33.04
C THR G 3837 42.81 -27.45 33.65
N CYS G 3838 42.71 -28.46 34.51
CA CYS G 3838 41.50 -28.63 35.29
C CYS G 3838 41.28 -27.42 36.17
N ASP G 3839 42.34 -26.94 36.81
CA ASP G 3839 42.18 -25.88 37.78
C ASP G 3839 42.08 -24.52 37.12
N LEU G 3840 42.12 -24.45 35.80
CA LEU G 3840 41.75 -23.19 35.19
C LEU G 3840 40.25 -23.14 34.92
N PHE G 3841 39.71 -24.16 34.26
CA PHE G 3841 38.31 -24.10 33.90
C PHE G 3841 37.40 -24.26 35.10
N ARG G 3842 37.85 -25.00 36.11
CA ARG G 3842 37.12 -25.04 37.35
C ARG G 3842 37.14 -23.70 38.04
N PHE G 3843 38.19 -22.90 37.84
CA PHE G 3843 38.10 -21.51 38.27
C PHE G 3843 37.16 -20.72 37.39
N LEU G 3844 37.08 -21.03 36.10
CA LEU G 3844 36.19 -20.24 35.26
C LEU G 3844 34.74 -20.60 35.47
N GLN G 3845 34.46 -21.82 35.91
CA GLN G 3845 33.09 -22.19 36.21
C GLN G 3845 32.63 -21.50 37.47
N LEU G 3846 33.47 -21.46 38.50
CA LEU G 3846 33.09 -20.92 39.80
C LEU G 3846 32.92 -19.43 39.80
N LEU G 3847 33.15 -18.76 38.69
CA LEU G 3847 32.74 -17.39 38.53
C LEU G 3847 31.30 -17.25 38.15
N CYS G 3848 30.61 -18.33 37.80
CA CYS G 3848 29.25 -18.21 37.30
C CYS G 3848 28.28 -19.14 38.03
N GLU G 3849 28.72 -19.84 39.08
CA GLU G 3849 27.80 -20.69 39.81
C GLU G 3849 26.84 -19.84 40.61
N GLY G 3850 25.61 -20.29 40.72
CA GLY G 3850 24.57 -19.46 41.24
C GLY G 3850 23.90 -18.60 40.20
N HIS G 3851 24.29 -18.75 38.93
CA HIS G 3851 23.70 -18.08 37.77
C HIS G 3851 23.74 -16.56 37.92
N ASN G 3852 24.95 -16.04 37.94
CA ASN G 3852 25.14 -14.60 37.85
C ASN G 3852 24.83 -14.14 36.44
N SER G 3853 23.61 -13.67 36.22
CA SER G 3853 23.19 -13.33 34.86
C SER G 3853 23.84 -12.08 34.32
N ASP G 3854 24.59 -11.36 35.15
CA ASP G 3854 25.50 -10.35 34.65
C ASP G 3854 26.86 -10.91 34.28
N PHE G 3855 27.38 -11.82 35.11
CA PHE G 3855 28.77 -12.19 34.96
C PHE G 3855 28.97 -13.25 33.88
N GLN G 3856 27.91 -13.90 33.43
CA GLN G 3856 28.01 -14.64 32.18
C GLN G 3856 27.86 -13.74 30.99
N ASN G 3857 27.29 -12.56 31.18
CA ASN G 3857 27.21 -11.59 30.12
C ASN G 3857 28.30 -10.54 30.20
N TYR G 3858 29.24 -10.71 31.12
CA TYR G 3858 30.44 -9.91 31.07
C TYR G 3858 31.56 -10.64 30.37
N LEU G 3859 31.44 -11.95 30.21
CA LEU G 3859 32.49 -12.69 29.52
C LEU G 3859 32.25 -12.79 28.04
N ARG G 3860 31.16 -12.22 27.53
CA ARG G 3860 30.88 -12.34 26.12
C ARG G 3860 31.12 -11.03 25.40
N THR G 3861 30.46 -9.96 25.84
CA THR G 3861 30.61 -8.67 25.19
C THR G 3861 31.62 -7.78 25.87
N GLN G 3862 31.65 -7.80 27.21
CA GLN G 3862 32.63 -7.12 28.05
C GLN G 3862 32.60 -5.61 27.79
N THR G 3863 31.45 -5.03 28.13
CA THR G 3863 31.01 -3.81 27.47
C THR G 3863 31.72 -2.56 27.97
N GLY G 3864 32.46 -2.63 29.07
CA GLY G 3864 33.08 -1.44 29.57
C GLY G 3864 34.30 -1.05 28.78
N ASN G 3865 35.14 -2.03 28.47
CA ASN G 3865 36.47 -1.77 27.95
C ASN G 3865 36.43 -1.37 26.49
N ASN G 3866 37.61 -1.09 25.95
CA ASN G 3866 37.74 -0.71 24.54
C ASN G 3866 37.69 -1.95 23.65
N THR G 3867 38.63 -2.85 23.82
CA THR G 3867 38.65 -4.09 23.08
C THR G 3867 38.01 -5.18 23.91
N THR G 3868 37.45 -6.18 23.23
CA THR G 3868 36.64 -7.22 23.85
C THR G 3868 37.26 -8.57 23.58
N VAL G 3869 37.34 -9.40 24.61
CA VAL G 3869 37.72 -10.80 24.47
C VAL G 3869 36.46 -11.63 24.64
N ASN G 3870 36.26 -12.60 23.79
CA ASN G 3870 35.07 -13.44 23.87
C ASN G 3870 35.49 -14.80 24.37
N ILE G 3871 35.40 -15.01 25.69
CA ILE G 3871 35.91 -16.24 26.29
C ILE G 3871 35.02 -17.42 25.96
N ILE G 3872 33.70 -17.18 25.82
CA ILE G 3872 32.74 -18.24 25.55
C ILE G 3872 33.03 -18.92 24.22
N ILE G 3873 33.27 -18.13 23.17
CA ILE G 3873 33.67 -18.75 21.93
C ILE G 3873 35.07 -19.30 22.06
N SER G 3874 35.90 -18.68 22.88
CA SER G 3874 37.28 -19.14 22.97
C SER G 3874 37.39 -20.35 23.88
N THR G 3875 36.44 -20.54 24.78
CA THR G 3875 36.50 -21.78 25.55
C THR G 3875 35.89 -22.96 24.83
N VAL G 3876 35.12 -22.73 23.76
CA VAL G 3876 34.76 -23.84 22.89
C VAL G 3876 35.99 -24.37 22.20
N ASP G 3877 36.87 -23.47 21.78
CA ASP G 3877 38.02 -23.86 20.97
C ASP G 3877 39.05 -24.64 21.75
N TYR G 3878 39.06 -24.55 23.08
CA TYR G 3878 39.92 -25.47 23.80
C TYR G 3878 39.33 -26.85 23.80
N LEU G 3879 38.01 -26.95 23.92
CA LEU G 3879 37.35 -28.25 23.93
C LEU G 3879 37.57 -28.97 22.62
N LEU G 3880 37.42 -28.26 21.50
CA LEU G 3880 37.58 -28.82 20.18
C LEU G 3880 38.98 -29.37 19.97
N ARG G 3881 39.99 -28.74 20.57
CA ARG G 3881 41.32 -29.30 20.53
C ARG G 3881 41.47 -30.54 21.41
N VAL G 3882 40.68 -30.67 22.47
CA VAL G 3882 40.76 -31.89 23.25
C VAL G 3882 39.94 -32.98 22.57
N GLN G 3883 39.01 -32.60 21.69
CA GLN G 3883 38.23 -33.58 20.95
C GLN G 3883 39.11 -34.41 20.03
N GLU G 3884 39.92 -33.73 19.22
CA GLU G 3884 40.81 -34.41 18.29
C GLU G 3884 41.85 -35.24 19.00
N SER G 3885 42.22 -34.87 20.22
CA SER G 3885 43.22 -35.63 20.96
C SER G 3885 42.69 -37.00 21.34
N ILE G 3886 41.63 -37.03 22.14
CA ILE G 3886 41.13 -38.32 22.64
C ILE G 3886 40.43 -39.12 21.58
N SER G 3887 40.08 -38.51 20.44
CA SER G 3887 39.72 -39.33 19.29
C SER G 3887 40.93 -40.07 18.77
N ASP G 3888 42.02 -39.35 18.49
CA ASP G 3888 43.19 -39.95 17.88
C ASP G 3888 43.90 -40.91 18.80
N PHE G 3889 43.83 -40.71 20.10
CA PHE G 3889 44.46 -41.66 21.00
C PHE G 3889 43.64 -42.94 21.07
N TYR G 3890 42.36 -42.88 20.72
CA TYR G 3890 41.64 -44.13 20.52
C TYR G 3890 42.09 -44.81 19.24
N TRP G 3891 42.34 -44.03 18.17
CA TRP G 3891 42.63 -44.60 16.86
C TRP G 3891 43.92 -45.39 16.87
N TYR G 3892 44.85 -44.99 17.73
CA TYR G 3892 46.06 -45.76 17.96
C TYR G 3892 45.73 -47.14 18.51
N TYR G 3893 44.64 -47.26 19.25
CA TYR G 3893 44.27 -48.50 19.89
C TYR G 3893 43.23 -49.29 19.13
N SER G 3894 43.07 -49.03 17.83
CA SER G 3894 42.01 -49.68 17.06
C SER G 3894 42.23 -51.16 16.84
N GLY G 3895 43.46 -51.64 16.93
CA GLY G 3895 43.70 -53.04 16.64
C GLY G 3895 44.34 -53.82 17.76
N LYS G 3896 45.13 -53.15 18.59
CA LYS G 3896 45.83 -53.86 19.65
C LYS G 3896 44.85 -54.32 20.73
N ASP G 3897 43.96 -53.43 21.15
CA ASP G 3897 42.72 -53.68 21.88
C ASP G 3897 42.92 -54.21 23.29
N VAL G 3898 44.16 -54.46 23.72
CA VAL G 3898 44.48 -54.72 25.12
C VAL G 3898 45.12 -53.45 25.62
N ILE G 3899 44.34 -52.64 26.35
CA ILE G 3899 44.82 -51.36 26.83
C ILE G 3899 45.84 -51.60 27.93
N ASP G 3900 47.06 -51.15 27.69
CA ASP G 3900 48.14 -51.31 28.63
C ASP G 3900 47.94 -50.39 29.83
N GLU G 3901 48.73 -50.64 30.88
CA GLU G 3901 48.58 -49.86 32.11
C GLU G 3901 49.06 -48.43 31.91
N GLN G 3902 50.09 -48.23 31.10
CA GLN G 3902 50.52 -46.88 30.78
C GLN G 3902 49.55 -46.14 29.88
N GLY G 3903 48.60 -46.84 29.28
CA GLY G 3903 47.56 -46.16 28.54
C GLY G 3903 46.37 -45.79 29.38
N GLN G 3904 46.00 -46.66 30.34
CA GLN G 3904 44.87 -46.38 31.21
C GLN G 3904 45.15 -45.17 32.09
N ARG G 3905 46.36 -45.11 32.63
CA ARG G 3905 46.74 -43.98 33.47
C ARG G 3905 46.88 -42.71 32.64
N ASN G 3906 47.10 -42.85 31.34
CA ASN G 3906 47.18 -41.66 30.50
C ASN G 3906 45.87 -41.35 29.81
N PHE G 3907 44.94 -42.28 29.76
CA PHE G 3907 43.66 -41.96 29.16
C PHE G 3907 42.72 -41.33 30.16
N SER G 3908 42.81 -41.70 31.43
CA SER G 3908 41.88 -41.20 32.42
C SER G 3908 42.08 -39.73 32.69
N LYS G 3909 43.34 -39.28 32.74
CA LYS G 3909 43.59 -37.85 32.92
C LYS G 3909 43.22 -37.06 31.67
N ALA G 3910 43.14 -37.72 30.52
CA ALA G 3910 42.61 -37.04 29.36
C ALA G 3910 41.11 -36.94 29.40
N ILE G 3911 40.46 -37.69 30.28
CA ILE G 3911 39.01 -37.60 30.38
C ILE G 3911 38.61 -36.56 31.41
N GLN G 3912 39.33 -36.51 32.53
CA GLN G 3912 38.95 -35.61 33.62
C GLN G 3912 39.18 -34.15 33.25
N VAL G 3913 39.93 -33.88 32.19
CA VAL G 3913 39.91 -32.54 31.62
C VAL G 3913 38.69 -32.36 30.74
N ALA G 3914 38.33 -33.40 29.99
CA ALA G 3914 37.18 -33.28 29.11
C ALA G 3914 35.89 -33.23 29.90
N LYS G 3915 35.81 -33.93 31.03
CA LYS G 3915 34.65 -33.81 31.88
C LYS G 3915 34.58 -32.44 32.53
N GLN G 3916 35.73 -31.92 32.93
CA GLN G 3916 35.78 -30.64 33.62
C GLN G 3916 35.48 -29.48 32.69
N VAL G 3917 35.90 -29.57 31.44
CA VAL G 3917 35.58 -28.49 30.52
C VAL G 3917 34.12 -28.51 30.12
N PHE G 3918 33.44 -29.64 30.22
CA PHE G 3918 32.01 -29.61 29.93
C PHE G 3918 31.22 -28.96 31.04
N ASN G 3919 31.66 -29.13 32.29
CA ASN G 3919 30.98 -28.47 33.38
C ASN G 3919 31.08 -26.96 33.26
N THR G 3920 32.23 -26.44 32.88
CA THR G 3920 32.24 -25.00 32.66
C THR G 3920 31.68 -24.60 31.33
N LEU G 3921 31.25 -25.52 30.49
CA LEU G 3921 30.38 -25.11 29.41
C LEU G 3921 28.94 -25.07 29.82
N THR G 3922 28.56 -25.83 30.85
CA THR G 3922 27.19 -25.75 31.33
C THR G 3922 26.92 -24.37 31.89
N GLU G 3923 27.72 -23.93 32.86
CA GLU G 3923 27.37 -22.77 33.66
C GLU G 3923 27.40 -21.46 32.90
N TYR G 3924 27.85 -21.46 31.65
CA TYR G 3924 27.61 -20.29 30.84
C TYR G 3924 26.22 -20.31 30.25
N ILE G 3925 25.53 -21.43 30.28
CA ILE G 3925 24.26 -21.58 29.60
C ILE G 3925 23.10 -21.72 30.57
N GLN G 3926 23.33 -22.42 31.71
CA GLN G 3926 22.26 -23.04 32.50
C GLN G 3926 21.25 -22.04 32.98
N GLY G 3927 21.67 -21.02 33.71
CA GLY G 3927 20.82 -19.86 33.89
C GLY G 3927 20.56 -19.31 32.52
N PRO G 3928 19.33 -19.46 32.01
CA PRO G 3928 19.11 -19.44 30.57
C PRO G 3928 19.30 -18.07 29.94
N CYS G 3929 20.54 -17.59 29.92
CA CYS G 3929 20.86 -16.31 29.31
C CYS G 3929 20.99 -16.52 27.82
N THR G 3930 19.99 -16.04 27.09
CA THR G 3930 19.83 -16.44 25.70
C THR G 3930 20.88 -15.85 24.80
N GLY G 3931 21.50 -14.73 25.19
CA GLY G 3931 22.60 -14.19 24.39
C GLY G 3931 23.81 -15.07 24.44
N ASN G 3932 24.02 -15.74 25.56
CA ASN G 3932 25.15 -16.64 25.67
C ASN G 3932 24.95 -17.91 24.87
N GLN G 3933 23.71 -18.34 24.69
CA GLN G 3933 23.51 -19.57 23.92
C GLN G 3933 23.17 -19.28 22.47
N GLN G 3934 23.06 -18.02 22.10
CA GLN G 3934 23.07 -17.71 20.67
C GLN G 3934 24.46 -17.93 20.09
N SER G 3935 25.46 -17.27 20.67
CA SER G 3935 26.82 -17.29 20.14
C SER G 3935 27.44 -18.66 20.25
N LEU G 3936 27.10 -19.42 21.28
CA LEU G 3936 27.67 -20.75 21.39
C LEU G 3936 26.98 -21.72 20.44
N ALA G 3937 25.82 -21.36 19.90
CA ALA G 3937 25.17 -22.21 18.93
C ALA G 3937 25.80 -22.10 17.55
N HIS G 3938 26.25 -20.92 17.16
CA HIS G 3938 26.87 -20.70 15.87
C HIS G 3938 28.30 -21.19 15.80
N SER G 3939 28.92 -21.47 16.93
CA SER G 3939 30.32 -21.87 16.99
C SER G 3939 30.47 -23.32 16.53
N ARG G 3940 31.66 -23.86 16.69
CA ARG G 3940 31.94 -25.22 16.24
C ARG G 3940 31.76 -26.24 17.35
N LEU G 3941 30.80 -26.00 18.24
CA LEU G 3941 30.49 -27.00 19.26
C LEU G 3941 29.95 -28.27 18.63
N TRP G 3942 29.16 -28.11 17.57
CA TRP G 3942 28.50 -29.26 16.97
C TRP G 3942 29.49 -30.20 16.32
N ASP G 3943 30.58 -29.66 15.79
CA ASP G 3943 31.60 -30.56 15.28
C ASP G 3943 32.40 -31.19 16.41
N ALA G 3944 32.39 -30.58 17.60
CA ALA G 3944 33.07 -31.22 18.71
C ALA G 3944 32.27 -32.39 19.23
N VAL G 3945 30.97 -32.19 19.42
CA VAL G 3945 30.13 -33.21 20.03
C VAL G 3945 29.91 -34.41 19.10
N VAL G 3946 30.11 -34.23 17.79
CA VAL G 3946 30.04 -35.35 16.87
C VAL G 3946 31.14 -36.35 17.15
N GLY G 3947 32.37 -35.87 17.26
CA GLY G 3947 33.49 -36.76 17.48
C GLY G 3947 33.51 -37.34 18.88
N PHE G 3948 32.89 -36.66 19.83
CA PHE G 3948 32.76 -37.25 21.14
C PHE G 3948 31.84 -38.44 21.12
N LEU G 3949 30.79 -38.39 20.29
CA LEU G 3949 29.97 -39.57 20.08
C LEU G 3949 30.75 -40.66 19.38
N HIS G 3950 31.71 -40.27 18.54
CA HIS G 3950 32.46 -41.24 17.77
C HIS G 3950 33.38 -42.06 18.64
N VAL G 3951 33.76 -41.55 19.80
CA VAL G 3951 34.48 -42.38 20.75
C VAL G 3951 33.53 -43.36 21.40
N PHE G 3952 32.33 -42.88 21.74
CA PHE G 3952 31.43 -43.64 22.59
C PHE G 3952 30.81 -44.81 21.86
N ALA G 3953 30.72 -44.73 20.55
CA ALA G 3953 30.12 -45.81 19.78
C ALA G 3953 30.99 -47.06 19.85
N HIS G 3954 32.31 -46.88 19.92
CA HIS G 3954 33.17 -48.04 19.87
C HIS G 3954 33.84 -48.33 21.20
N MET G 3955 34.19 -47.29 21.96
CA MET G 3955 34.93 -47.51 23.20
C MET G 3955 34.06 -48.13 24.26
N GLN G 3956 32.74 -47.91 24.19
CA GLN G 3956 31.86 -48.60 25.12
C GLN G 3956 31.77 -50.07 24.79
N MET G 3957 31.96 -50.43 23.52
CA MET G 3957 31.94 -51.83 23.14
C MET G 3957 33.21 -52.54 23.60
N LYS G 3958 34.36 -52.10 23.09
CA LYS G 3958 35.55 -52.93 23.20
C LYS G 3958 36.17 -52.87 24.58
N LEU G 3959 35.86 -51.86 25.37
CA LEU G 3959 36.34 -51.86 26.74
C LEU G 3959 35.44 -52.67 27.65
N SER G 3960 34.27 -53.07 27.18
CA SER G 3960 33.40 -53.94 27.95
C SER G 3960 33.67 -55.39 27.63
N GLN G 3961 34.94 -55.78 27.66
CA GLN G 3961 35.30 -57.14 27.23
C GLN G 3961 36.13 -57.83 28.30
N ASP G 3962 36.86 -57.06 29.11
CA ASP G 3962 37.69 -57.63 30.15
C ASP G 3962 37.40 -56.95 31.48
N SER G 3963 37.89 -57.56 32.54
CA SER G 3963 37.79 -57.00 33.88
C SER G 3963 38.80 -55.88 34.12
N SER G 3964 39.75 -55.70 33.22
CA SER G 3964 40.78 -54.70 33.41
C SER G 3964 40.35 -53.31 32.99
N GLN G 3965 39.14 -53.13 32.48
CA GLN G 3965 38.68 -51.82 32.04
C GLN G 3965 37.48 -51.31 32.81
N ILE G 3966 36.97 -52.07 33.78
CA ILE G 3966 35.79 -51.62 34.51
C ILE G 3966 36.12 -50.42 35.39
N GLU G 3967 37.36 -50.29 35.83
CA GLU G 3967 37.74 -49.07 36.51
C GLU G 3967 37.83 -47.91 35.52
N LEU G 3968 38.09 -48.21 34.25
CA LEU G 3968 38.09 -47.14 33.26
C LEU G 3968 36.69 -46.85 32.77
N LEU G 3969 35.85 -47.89 32.66
CA LEU G 3969 34.60 -47.73 31.94
C LEU G 3969 33.60 -46.88 32.71
N LYS G 3970 33.78 -46.78 34.03
CA LYS G 3970 32.92 -45.90 34.80
C LYS G 3970 33.18 -44.44 34.46
N GLU G 3971 34.45 -44.05 34.33
CA GLU G 3971 34.73 -42.67 33.95
C GLU G 3971 34.37 -42.39 32.51
N LEU G 3972 34.45 -43.41 31.66
CA LEU G 3972 34.06 -43.21 30.28
C LEU G 3972 32.58 -42.92 30.16
N MET G 3973 31.76 -43.55 30.99
CA MET G 3973 30.34 -43.23 31.00
C MET G 3973 30.09 -41.87 31.62
N ASP G 3974 30.91 -41.48 32.59
CA ASP G 3974 30.66 -40.22 33.29
C ASP G 3974 30.92 -39.03 32.41
N LEU G 3975 31.77 -39.18 31.40
CA LEU G 3975 31.86 -38.13 30.41
C LEU G 3975 30.60 -38.10 29.55
N GLN G 3976 30.08 -39.27 29.20
CA GLN G 3976 28.88 -39.36 28.39
C GLN G 3976 27.69 -38.76 29.11
N LYS G 3977 27.64 -38.94 30.42
CA LYS G 3977 26.57 -38.35 31.21
C LYS G 3977 26.70 -36.85 31.23
N ASP G 3978 27.92 -36.34 31.31
CA ASP G 3978 28.09 -34.90 31.40
C ASP G 3978 28.04 -34.21 30.06
N MET G 3979 28.09 -34.96 28.96
CA MET G 3979 27.95 -34.32 27.67
C MET G 3979 26.52 -33.94 27.40
N VAL G 3980 25.58 -34.86 27.65
CA VAL G 3980 24.19 -34.57 27.36
C VAL G 3980 23.61 -33.56 28.31
N VAL G 3981 24.19 -33.40 29.49
CA VAL G 3981 23.69 -32.46 30.48
C VAL G 3981 23.84 -31.04 29.98
N MET G 3982 24.94 -30.73 29.28
CA MET G 3982 25.06 -29.39 28.74
C MET G 3982 24.16 -29.19 27.55
N LEU G 3983 24.04 -30.19 26.68
CA LEU G 3983 23.20 -29.93 25.53
C LEU G 3983 21.72 -30.02 25.87
N LEU G 3984 21.39 -30.66 27.00
CA LEU G 3984 20.07 -30.44 27.56
C LEU G 3984 19.89 -29.00 27.95
N SER G 3985 20.93 -28.37 28.49
CA SER G 3985 20.83 -26.99 28.87
C SER G 3985 20.83 -26.05 27.68
N MET G 3986 21.18 -26.54 26.50
CA MET G 3986 20.92 -25.76 25.30
C MET G 3986 19.43 -25.65 25.01
N LEU G 3987 18.66 -26.68 25.37
CA LEU G 3987 17.29 -26.79 24.93
C LEU G 3987 16.28 -26.12 25.85
N GLU G 3988 16.72 -25.37 26.85
CA GLU G 3988 15.74 -24.76 27.73
C GLU G 3988 15.36 -23.36 27.32
N GLY G 3989 15.26 -23.12 26.03
CA GLY G 3989 14.71 -21.89 25.52
C GLY G 3989 13.99 -22.09 24.20
N ASN G 3990 13.68 -23.34 23.87
CA ASN G 3990 12.98 -23.68 22.64
C ASN G 3990 11.58 -23.09 22.63
N VAL G 3991 10.93 -23.14 21.47
CA VAL G 3991 9.51 -22.79 21.51
C VAL G 3991 8.66 -23.99 21.14
N VAL G 3992 8.56 -24.32 19.86
CA VAL G 3992 8.12 -25.64 19.42
C VAL G 3992 9.02 -26.04 18.26
N ASN G 3993 9.07 -25.21 17.23
CA ASN G 3993 10.07 -25.30 16.19
C ASN G 3993 11.13 -24.22 16.43
N GLY G 3994 11.84 -24.37 17.54
CA GLY G 3994 12.95 -23.49 17.80
C GLY G 3994 14.13 -23.82 16.92
N THR G 3995 14.99 -22.83 16.72
CA THR G 3995 16.14 -23.04 15.85
C THR G 3995 17.15 -23.96 16.50
N ILE G 3996 17.31 -23.86 17.82
CA ILE G 3996 18.38 -24.56 18.52
C ILE G 3996 18.15 -26.05 18.58
N GLY G 3997 16.93 -26.50 18.77
CA GLY G 3997 16.68 -27.92 18.84
C GLY G 3997 16.79 -28.55 17.47
N LYS G 3998 16.49 -27.76 16.43
CA LYS G 3998 16.53 -28.25 15.07
C LYS G 3998 17.95 -28.65 14.66
N GLN G 3999 18.93 -27.88 15.12
CA GLN G 3999 20.31 -28.27 14.89
C GLN G 3999 20.69 -29.48 15.72
N MET G 4000 20.01 -29.70 16.85
CA MET G 4000 20.31 -30.90 17.61
C MET G 4000 19.69 -32.13 16.99
N VAL G 4001 18.67 -31.98 16.16
CA VAL G 4001 18.29 -33.07 15.28
C VAL G 4001 19.39 -33.32 14.28
N ASP G 4002 19.98 -32.24 13.77
CA ASP G 4002 20.91 -32.32 12.65
C ASP G 4002 22.17 -33.06 13.03
N MET G 4003 22.78 -32.71 14.17
CA MET G 4003 23.94 -33.49 14.59
C MET G 4003 23.57 -34.89 15.02
N LEU G 4004 22.32 -35.14 15.34
CA LEU G 4004 21.85 -36.51 15.52
C LEU G 4004 21.45 -37.13 14.20
N VAL G 4005 21.31 -36.33 13.15
CA VAL G 4005 21.19 -36.88 11.81
C VAL G 4005 22.58 -37.03 11.17
N GLU G 4006 23.41 -35.99 11.28
CA GLU G 4006 24.73 -36.00 10.67
C GLU G 4006 25.70 -36.94 11.36
N SER G 4007 25.31 -37.51 12.49
CA SER G 4007 26.07 -38.61 13.06
C SER G 4007 25.15 -39.75 13.40
N SER G 4008 24.25 -40.10 12.47
CA SER G 4008 23.19 -41.08 12.73
C SER G 4008 23.77 -42.42 13.11
N ASN G 4009 24.74 -42.91 12.33
CA ASN G 4009 25.17 -44.30 12.45
C ASN G 4009 25.94 -44.60 13.71
N ASN G 4010 26.31 -43.58 14.48
CA ASN G 4010 27.02 -43.78 15.74
C ASN G 4010 26.13 -43.66 16.95
N VAL G 4011 24.84 -43.36 16.77
CA VAL G 4011 23.96 -43.31 17.93
C VAL G 4011 23.34 -44.67 18.18
N GLU G 4012 23.27 -45.50 17.15
CA GLU G 4012 22.56 -46.74 17.39
C GLU G 4012 23.41 -47.78 18.09
N MET G 4013 24.73 -47.62 18.15
CA MET G 4013 25.50 -48.52 18.98
C MET G 4013 25.27 -48.24 20.45
N ILE G 4014 25.18 -46.96 20.82
CA ILE G 4014 25.00 -46.64 22.23
C ILE G 4014 23.57 -46.85 22.67
N LEU G 4015 22.61 -46.73 21.76
CA LEU G 4015 21.24 -47.09 22.11
C LEU G 4015 21.12 -48.59 22.28
N LYS G 4016 21.76 -49.37 21.40
CA LYS G 4016 21.66 -50.80 21.52
C LYS G 4016 22.52 -51.34 22.64
N PHE G 4017 23.55 -50.60 23.05
CA PHE G 4017 24.38 -51.10 24.14
C PHE G 4017 23.63 -51.03 25.47
N PHE G 4018 22.73 -50.07 25.62
CA PHE G 4018 21.94 -50.04 26.84
C PHE G 4018 20.92 -51.16 26.87
N ASP G 4019 20.42 -51.57 25.70
CA ASP G 4019 19.44 -52.64 25.65
C ASP G 4019 20.07 -53.98 26.00
N MET G 4020 21.38 -54.10 25.89
CA MET G 4020 22.04 -55.30 26.37
C MET G 4020 21.96 -55.39 27.89
N PHE G 4021 22.07 -54.26 28.55
CA PHE G 4021 22.16 -54.28 30.01
C PHE G 4021 20.87 -53.82 30.69
N LEU G 4022 19.85 -53.41 29.93
CA LEU G 4022 18.57 -53.04 30.53
C LEU G 4022 17.57 -54.18 30.51
N LYS G 4023 17.60 -55.03 29.49
CA LYS G 4023 16.85 -56.28 29.54
C LYS G 4023 17.44 -57.24 30.55
N LEU G 4024 18.68 -57.01 30.99
CA LEU G 4024 19.38 -57.89 31.89
C LEU G 4024 18.73 -58.00 33.25
N LYS G 4025 18.03 -56.96 33.71
CA LYS G 4025 17.60 -56.94 35.10
C LYS G 4025 16.42 -57.87 35.33
N ASP G 4026 15.49 -57.94 34.37
CA ASP G 4026 14.31 -58.79 34.58
C ASP G 4026 14.47 -60.16 33.99
N LEU G 4027 15.28 -60.32 32.94
CA LEU G 4027 15.50 -61.64 32.38
C LEU G 4027 16.40 -62.48 33.30
N THR G 4028 17.11 -61.82 34.22
CA THR G 4028 17.68 -62.58 35.33
C THR G 4028 16.71 -62.67 36.50
N SER G 4029 15.63 -61.90 36.50
CA SER G 4029 14.67 -61.94 37.60
C SER G 4029 13.45 -62.80 37.28
N SER G 4030 13.30 -63.24 36.04
CA SER G 4030 12.13 -64.00 35.62
C SER G 4030 12.16 -65.39 36.24
N ASP G 4031 10.98 -65.92 36.56
CA ASP G 4031 10.87 -67.22 37.19
C ASP G 4031 11.29 -68.35 36.26
N THR G 4032 11.29 -68.11 34.95
CA THR G 4032 11.87 -69.07 34.02
C THR G 4032 13.36 -69.23 34.21
N PHE G 4033 14.07 -68.17 34.61
CA PHE G 4033 15.52 -68.21 34.77
C PHE G 4033 15.97 -68.37 36.22
N LYS G 4034 15.16 -67.94 37.19
CA LYS G 4034 15.54 -68.09 38.58
C LYS G 4034 15.53 -69.56 39.01
N GLU G 4035 14.59 -70.33 38.47
CA GLU G 4035 14.56 -71.77 38.66
C GLU G 4035 14.69 -72.47 37.32
N TYR G 4036 15.56 -71.94 36.46
CA TYR G 4036 15.87 -72.58 35.19
C TYR G 4036 16.55 -73.91 35.45
N ASP G 4037 17.80 -73.84 35.86
CA ASP G 4037 18.42 -74.91 36.61
C ASP G 4037 18.15 -74.84 38.12
N PRO G 4038 18.52 -73.74 38.84
CA PRO G 4038 18.81 -73.92 40.28
C PRO G 4038 17.61 -73.76 41.19
N ASP G 4039 17.82 -74.01 42.48
CA ASP G 4039 16.88 -73.52 43.49
C ASP G 4039 17.14 -72.04 43.77
N GLY G 4040 18.34 -71.72 44.24
CA GLY G 4040 18.96 -70.43 44.12
C GLY G 4040 20.32 -70.51 44.77
N LYS G 4041 21.38 -70.14 44.06
CA LYS G 4041 22.71 -70.08 44.65
C LYS G 4041 23.51 -68.86 44.23
N GLY G 4042 23.25 -68.27 43.07
CA GLY G 4042 24.10 -67.25 42.52
C GLY G 4042 24.94 -67.66 41.32
N VAL G 4043 24.82 -68.90 40.86
CA VAL G 4043 25.57 -69.40 39.71
C VAL G 4043 24.76 -70.52 39.08
N ILE G 4044 24.65 -70.53 37.74
CA ILE G 4044 23.84 -71.56 37.12
C ILE G 4044 24.67 -72.42 36.17
N SER G 4045 25.14 -71.84 35.06
CA SER G 4045 26.04 -72.46 34.09
C SER G 4045 26.27 -71.40 33.02
N LYS G 4046 27.13 -71.75 32.07
CA LYS G 4046 27.28 -70.98 30.84
C LYS G 4046 26.36 -71.50 29.74
N ARG G 4047 26.11 -72.81 29.72
CA ARG G 4047 25.28 -73.41 28.68
C ARG G 4047 23.80 -73.27 28.97
N ASP G 4048 23.38 -73.49 30.22
CA ASP G 4048 22.00 -73.18 30.60
C ASP G 4048 21.76 -71.68 30.61
N PHE G 4049 22.81 -70.87 30.68
CA PHE G 4049 22.68 -69.47 30.33
C PHE G 4049 22.42 -69.30 28.84
N HIS G 4050 23.06 -70.14 28.01
CA HIS G 4050 23.13 -69.86 26.57
C HIS G 4050 21.78 -70.06 25.89
N LYS G 4051 21.10 -71.15 26.18
CA LYS G 4051 19.78 -71.32 25.59
C LYS G 4051 18.72 -70.52 26.32
N ALA G 4052 19.02 -70.01 27.53
CA ALA G 4052 18.06 -69.20 28.26
C ALA G 4052 17.73 -67.92 27.53
N MET G 4053 18.74 -67.21 27.01
CA MET G 4053 18.45 -66.06 26.15
C MET G 4053 17.94 -66.49 24.79
N GLU G 4054 18.16 -67.75 24.42
CA GLU G 4054 17.56 -68.27 23.20
C GLU G 4054 16.14 -68.76 23.44
N SER G 4055 15.79 -69.13 24.68
CA SER G 4055 14.41 -69.49 24.99
C SER G 4055 13.59 -68.32 25.49
N HIS G 4056 14.21 -67.32 26.13
CA HIS G 4056 13.47 -66.15 26.54
C HIS G 4056 13.15 -65.24 25.37
N LYS G 4057 13.92 -65.33 24.29
CA LYS G 4057 13.59 -64.79 22.98
C LYS G 4057 13.50 -63.25 23.01
N HIS G 4058 14.44 -62.65 23.74
CA HIS G 4058 14.54 -61.20 23.74
C HIS G 4058 15.74 -60.70 22.97
N TYR G 4059 16.89 -61.33 23.13
CA TYR G 4059 18.08 -60.97 22.39
C TYR G 4059 18.17 -61.84 21.14
N THR G 4060 18.75 -61.29 20.08
CA THR G 4060 19.09 -62.14 18.95
C THR G 4060 20.40 -62.86 19.24
N GLN G 4061 20.74 -63.80 18.35
CA GLN G 4061 21.90 -64.66 18.56
C GLN G 4061 23.21 -63.90 18.51
N SER G 4062 23.30 -62.85 17.70
CA SER G 4062 24.56 -62.12 17.57
C SER G 4062 24.83 -61.27 18.79
N GLU G 4063 23.80 -60.88 19.53
CA GLU G 4063 23.97 -60.06 20.71
C GLU G 4063 24.01 -60.86 21.99
N THR G 4064 23.60 -62.13 21.96
CA THR G 4064 23.83 -63.00 23.10
C THR G 4064 25.32 -63.22 23.34
N GLU G 4065 26.13 -63.27 22.28
CA GLU G 4065 27.55 -63.47 22.47
C GLU G 4065 28.23 -62.21 22.97
N PHE G 4066 27.62 -61.04 22.74
CA PHE G 4066 28.16 -59.84 23.38
C PHE G 4066 27.87 -59.85 24.87
N LEU G 4067 26.74 -60.41 25.27
CA LEU G 4067 26.55 -60.73 26.68
C LEU G 4067 27.54 -61.80 27.12
N LEU G 4068 27.89 -62.71 26.22
CA LEU G 4068 28.76 -63.83 26.52
C LEU G 4068 30.22 -63.53 26.18
N SER G 4069 30.66 -62.31 26.42
CA SER G 4069 32.07 -61.98 26.28
C SER G 4069 32.89 -62.79 27.26
N CYS G 4070 32.77 -62.47 28.54
CA CYS G 4070 33.12 -63.39 29.61
C CYS G 4070 31.97 -63.35 30.60
N ALA G 4071 31.40 -62.15 30.74
CA ALA G 4071 30.35 -61.81 31.70
C ALA G 4071 30.75 -62.18 33.11
N THR G 4078 30.52 -70.93 33.47
CA THR G 4078 29.46 -70.40 34.30
C THR G 4078 29.64 -68.90 34.55
N LEU G 4079 28.62 -68.27 35.13
CA LEU G 4079 28.59 -66.83 35.37
C LEU G 4079 28.33 -66.53 36.84
N ASP G 4080 28.01 -65.28 37.15
CA ASP G 4080 27.67 -64.88 38.51
C ASP G 4080 26.32 -64.18 38.48
N TYR G 4081 25.28 -64.88 38.91
CA TYR G 4081 23.88 -64.47 38.81
C TYR G 4081 23.57 -63.17 39.54
N GLU G 4082 24.31 -62.83 40.59
CA GLU G 4082 24.00 -61.65 41.38
C GLU G 4082 25.08 -60.58 41.31
N GLU G 4083 26.27 -60.91 40.82
CA GLU G 4083 27.31 -59.92 40.66
C GLU G 4083 27.32 -59.30 39.27
N PHE G 4084 27.05 -60.10 38.24
CA PHE G 4084 27.06 -59.58 36.88
C PHE G 4084 25.92 -58.62 36.64
N VAL G 4085 24.81 -58.77 37.36
CA VAL G 4085 23.78 -57.75 37.32
C VAL G 4085 24.22 -56.50 38.07
N LYS G 4086 24.96 -56.68 39.17
CA LYS G 4086 25.37 -55.56 39.99
C LYS G 4086 26.50 -54.81 39.31
N ARG G 4087 27.29 -55.53 38.52
CA ARG G 4087 28.36 -54.91 37.77
C ARG G 4087 27.81 -54.11 36.59
N PHE G 4088 26.93 -54.73 35.80
CA PHE G 4088 26.65 -54.22 34.47
C PHE G 4088 25.46 -53.27 34.45
N HIS G 4089 24.43 -53.56 35.25
CA HIS G 4089 23.17 -52.85 35.09
C HIS G 4089 23.20 -51.46 35.71
N GLU G 4090 23.92 -51.30 36.81
CA GLU G 4090 23.92 -50.04 37.56
C GLU G 4090 24.53 -48.86 36.79
N PRO G 4091 25.69 -48.97 36.11
CA PRO G 4091 26.09 -47.81 35.30
C PRO G 4091 25.46 -47.79 33.93
N ALA G 4092 24.49 -48.67 33.68
CA ALA G 4092 23.78 -48.62 32.41
C ALA G 4092 22.57 -47.70 32.49
N LYS G 4093 21.94 -47.62 33.66
CA LYS G 4093 20.65 -46.96 33.72
C LYS G 4093 20.78 -45.46 33.89
N ASP G 4094 21.49 -45.02 34.92
CA ASP G 4094 21.51 -43.59 35.25
C ASP G 4094 22.34 -42.81 34.25
N ILE G 4095 23.27 -43.47 33.58
CA ILE G 4095 23.88 -42.85 32.42
C ILE G 4095 22.91 -42.87 31.26
N GLY G 4096 22.15 -43.95 31.11
CA GLY G 4096 21.17 -44.02 30.04
C GLY G 4096 19.92 -43.23 30.30
N PHE G 4097 19.78 -42.67 31.50
CA PHE G 4097 18.63 -41.85 31.84
C PHE G 4097 18.54 -40.65 30.94
N ASN G 4098 19.58 -39.82 30.95
CA ASN G 4098 19.52 -38.54 30.27
C ASN G 4098 19.49 -38.71 28.76
N VAL G 4099 19.90 -39.87 28.26
CA VAL G 4099 19.68 -40.18 26.86
C VAL G 4099 18.18 -40.26 26.57
N ALA G 4100 17.43 -40.88 27.47
CA ALA G 4100 15.99 -41.02 27.26
C ALA G 4100 15.28 -39.69 27.40
N VAL G 4101 15.74 -38.84 28.30
CA VAL G 4101 15.13 -37.53 28.45
C VAL G 4101 15.42 -36.68 27.22
N LEU G 4102 16.62 -36.81 26.68
CA LEU G 4102 17.00 -36.02 25.51
C LEU G 4102 16.22 -36.44 24.28
N LEU G 4103 16.05 -37.74 24.09
CA LEU G 4103 15.20 -38.21 22.99
C LEU G 4103 13.76 -37.81 23.21
N THR G 4104 13.31 -37.74 24.46
CA THR G 4104 11.97 -37.26 24.72
C THR G 4104 11.87 -35.79 24.44
N ASN G 4105 12.85 -35.01 24.90
CA ASN G 4105 12.73 -33.56 24.92
C ASN G 4105 12.70 -32.94 23.55
N LEU G 4106 13.04 -33.69 22.51
CA LEU G 4106 12.85 -33.20 21.15
C LEU G 4106 11.52 -33.67 20.57
N SER G 4107 11.09 -34.87 20.96
CA SER G 4107 9.81 -35.38 20.47
C SER G 4107 8.66 -34.55 21.01
N GLU G 4108 8.77 -34.12 22.26
CA GLU G 4108 7.75 -33.25 22.83
C GLU G 4108 7.88 -31.85 22.26
N HIS G 4109 9.10 -31.35 22.13
CA HIS G 4109 9.26 -29.98 21.69
C HIS G 4109 9.06 -29.85 20.20
N MET G 4110 9.75 -30.65 19.39
CA MET G 4110 9.62 -30.49 17.95
C MET G 4110 8.92 -31.69 17.33
N PRO G 4111 7.66 -31.58 16.96
CA PRO G 4111 7.04 -32.60 16.13
C PRO G 4111 7.25 -32.29 14.67
N ASN G 4112 6.61 -33.07 13.77
CA ASN G 4112 6.68 -32.92 12.31
C ASN G 4112 8.10 -33.08 11.80
N ASP G 4113 8.79 -34.07 12.34
CA ASP G 4113 10.17 -34.35 11.95
C ASP G 4113 10.29 -35.83 11.66
N THR G 4114 10.33 -36.19 10.39
CA THR G 4114 10.37 -37.60 10.01
C THR G 4114 11.72 -38.22 10.30
N ARG G 4115 12.76 -37.39 10.42
CA ARG G 4115 14.09 -37.90 10.75
C ARG G 4115 14.14 -38.44 12.16
N LEU G 4116 13.37 -37.86 13.05
CA LEU G 4116 13.46 -38.23 14.44
C LEU G 4116 12.65 -39.49 14.74
N GLN G 4117 11.66 -39.80 13.90
CA GLN G 4117 10.73 -40.87 14.21
C GLN G 4117 11.39 -42.24 14.11
N THR G 4118 12.05 -42.51 12.98
CA THR G 4118 12.86 -43.71 12.86
C THR G 4118 14.05 -43.69 13.79
N PHE G 4119 14.47 -42.50 14.19
CA PHE G 4119 15.51 -42.39 15.20
C PHE G 4119 14.96 -42.76 16.56
N LEU G 4120 13.73 -42.38 16.85
CA LEU G 4120 13.12 -42.66 18.13
C LEU G 4120 12.76 -44.12 18.26
N GLU G 4121 12.26 -44.72 17.19
CA GLU G 4121 11.61 -46.01 17.27
C GLU G 4121 12.57 -47.16 17.52
N LEU G 4122 13.87 -46.96 17.37
CA LEU G 4122 14.77 -48.07 17.64
C LEU G 4122 15.21 -48.08 19.09
N ALA G 4123 14.80 -47.08 19.87
CA ALA G 4123 15.14 -46.98 21.29
C ALA G 4123 13.99 -47.42 22.18
N GLU G 4124 13.12 -48.30 21.69
CA GLU G 4124 11.88 -48.56 22.37
C GLU G 4124 12.04 -49.48 23.58
N SER G 4125 13.16 -50.13 23.75
CA SER G 4125 13.37 -50.82 25.01
C SER G 4125 13.89 -49.89 26.09
N VAL G 4126 14.29 -48.68 25.73
CA VAL G 4126 14.77 -47.70 26.68
C VAL G 4126 13.65 -46.77 27.13
N LEU G 4127 12.98 -46.12 26.18
CA LEU G 4127 11.87 -45.23 26.52
C LEU G 4127 10.73 -45.95 27.21
N ASN G 4128 10.51 -47.22 26.88
CA ASN G 4128 9.56 -48.01 27.62
C ASN G 4128 10.21 -48.81 28.72
N TYR G 4129 11.42 -48.46 29.12
CA TYR G 4129 11.91 -48.84 30.43
C TYR G 4129 11.81 -47.71 31.43
N PHE G 4130 11.97 -46.48 30.97
CA PHE G 4130 12.10 -45.36 31.88
C PHE G 4130 10.81 -44.59 32.09
N GLN G 4131 9.75 -44.91 31.36
CA GLN G 4131 8.49 -44.23 31.61
C GLN G 4131 7.87 -44.46 32.99
N PRO G 4132 8.20 -45.53 33.72
CA PRO G 4132 7.99 -45.48 35.17
C PRO G 4132 8.71 -44.35 35.88
N PHE G 4133 9.83 -43.85 35.35
CA PHE G 4133 10.68 -42.94 36.10
C PHE G 4133 10.67 -41.51 35.59
N LEU G 4134 9.97 -41.20 34.52
CA LEU G 4134 10.18 -39.94 33.81
C LEU G 4134 9.05 -38.97 34.16
N GLY G 4135 9.17 -38.29 35.28
CA GLY G 4135 8.11 -37.40 35.72
C GLY G 4135 8.16 -36.06 35.03
N ARG G 4136 7.04 -35.66 34.44
CA ARG G 4136 6.94 -34.44 33.68
C ARG G 4136 5.97 -33.51 34.38
N ILE G 4137 6.33 -32.25 34.55
CA ILE G 4137 5.38 -31.25 35.03
C ILE G 4137 5.33 -30.14 34.00
N GLU G 4138 4.60 -29.07 34.28
CA GLU G 4138 4.67 -27.86 33.47
C GLU G 4138 4.63 -26.67 34.38
N ILE G 4139 5.46 -25.67 34.12
CA ILE G 4139 5.54 -24.47 34.95
C ILE G 4139 5.61 -23.25 34.06
N MET G 4140 5.39 -22.09 34.66
CA MET G 4140 5.47 -20.82 33.93
C MET G 4140 6.85 -20.23 34.19
N GLY G 4141 7.81 -20.65 33.38
CA GLY G 4141 9.21 -20.44 33.68
C GLY G 4141 9.84 -19.12 33.30
N SER G 4142 9.56 -18.07 34.08
CA SER G 4142 10.34 -16.83 34.15
C SER G 4142 10.38 -16.00 32.87
N ALA G 4143 9.70 -16.44 31.82
CA ALA G 4143 9.72 -15.72 30.55
C ALA G 4143 8.32 -15.36 30.11
N LYS G 4144 7.36 -15.47 31.03
CA LYS G 4144 5.93 -15.28 30.78
C LYS G 4144 5.42 -16.20 29.67
N ARG G 4145 5.93 -17.43 29.68
CA ARG G 4145 5.52 -18.45 28.73
C ARG G 4145 5.91 -19.80 29.28
N ILE G 4146 5.06 -20.79 29.07
CA ILE G 4146 5.05 -22.02 29.85
C ILE G 4146 5.85 -23.09 29.14
N GLU G 4147 6.73 -23.76 29.87
CA GLU G 4147 7.64 -24.75 29.31
C GLU G 4147 7.61 -26.02 30.15
N ARG G 4148 7.86 -27.15 29.51
CA ARG G 4148 7.93 -28.40 30.24
C ARG G 4148 9.17 -28.45 31.12
N VAL G 4149 9.17 -29.43 32.02
CA VAL G 4149 10.25 -29.71 32.96
C VAL G 4149 10.31 -31.23 33.10
N TYR G 4150 11.49 -31.81 33.08
CA TYR G 4150 11.61 -33.26 33.16
C TYR G 4150 12.57 -33.59 34.29
N PHE G 4151 12.31 -34.67 35.01
CA PHE G 4151 13.20 -34.99 36.11
C PHE G 4151 13.19 -36.48 36.35
N GLU G 4152 13.65 -36.88 37.53
CA GLU G 4152 13.88 -38.26 37.90
C GLU G 4152 13.03 -38.61 39.10
N ILE G 4153 12.16 -39.58 38.95
CA ILE G 4153 11.35 -40.09 40.03
C ILE G 4153 12.01 -41.34 40.57
N SER G 4154 12.34 -41.34 41.85
CA SER G 4154 13.03 -42.47 42.44
C SER G 4154 12.05 -43.63 42.59
N GLU G 4155 12.56 -44.82 42.85
CA GLU G 4155 11.68 -45.98 42.97
C GLU G 4155 11.32 -46.29 44.41
N SER G 4156 12.12 -45.85 45.35
CA SER G 4156 11.69 -45.91 46.74
C SER G 4156 10.63 -44.88 47.07
N SER G 4157 10.30 -43.98 46.16
CA SER G 4157 9.25 -43.02 46.40
C SER G 4157 8.06 -43.20 45.46
N ARG G 4158 8.17 -44.05 44.46
CA ARG G 4158 6.98 -44.40 43.69
C ARG G 4158 6.18 -45.45 44.43
N THR G 4159 6.85 -46.30 45.20
CA THR G 4159 6.17 -47.28 46.02
C THR G 4159 5.93 -46.81 47.43
N GLN G 4160 5.92 -45.50 47.66
CA GLN G 4160 5.36 -44.98 48.89
C GLN G 4160 4.38 -43.85 48.63
N TRP G 4161 3.78 -43.85 47.45
CA TRP G 4161 2.53 -43.18 47.24
C TRP G 4161 1.41 -44.19 47.13
N GLU G 4162 1.72 -45.44 47.40
CA GLU G 4162 0.87 -46.49 47.94
C GLU G 4162 0.97 -46.39 49.45
N LYS G 4163 0.73 -47.51 50.17
CA LYS G 4163 0.90 -47.62 51.61
C LYS G 4163 -0.08 -46.71 52.33
N PRO G 4164 -1.30 -47.18 52.54
CA PRO G 4164 -2.48 -46.31 52.67
C PRO G 4164 -2.52 -45.30 53.81
N GLN G 4165 -1.47 -45.14 54.59
CA GLN G 4165 -1.36 -43.95 55.42
C GLN G 4165 -1.37 -42.71 54.54
N VAL G 4166 -0.74 -42.77 53.38
CA VAL G 4166 -0.70 -41.65 52.47
C VAL G 4166 -1.99 -41.50 51.67
N LYS G 4167 -2.53 -42.59 51.15
CA LYS G 4167 -3.76 -42.51 50.36
C LYS G 4167 -4.95 -42.12 51.21
N GLU G 4168 -4.88 -42.33 52.52
CA GLU G 4168 -5.90 -41.75 53.38
C GLU G 4168 -5.70 -40.26 53.50
N SER G 4169 -4.46 -39.80 53.51
CA SER G 4169 -4.22 -38.37 53.62
C SER G 4169 -4.48 -37.65 52.32
N LYS G 4170 -4.41 -38.34 51.20
CA LYS G 4170 -4.77 -37.69 49.94
C LYS G 4170 -6.26 -37.42 49.86
N ARG G 4171 -7.07 -38.45 50.14
CA ARG G 4171 -8.51 -38.32 49.95
C ARG G 4171 -9.15 -37.44 50.99
N GLN G 4172 -8.51 -37.25 52.14
CA GLN G 4172 -8.98 -36.19 53.02
C GLN G 4172 -8.61 -34.82 52.50
N PHE G 4173 -7.43 -34.68 51.91
CA PHE G 4173 -7.04 -33.35 51.45
C PHE G 4173 -7.81 -32.95 50.20
N ILE G 4174 -7.96 -33.87 49.25
CA ILE G 4174 -8.67 -33.56 48.01
C ILE G 4174 -10.10 -33.14 48.29
N PHE G 4175 -10.75 -33.79 49.24
CA PHE G 4175 -12.09 -33.37 49.61
C PHE G 4175 -12.06 -32.09 50.43
N ASP G 4176 -10.93 -31.76 51.03
CA ASP G 4176 -10.90 -30.56 51.85
C ASP G 4176 -10.88 -29.30 51.01
N VAL G 4177 -9.95 -29.20 50.06
CA VAL G 4177 -9.71 -27.93 49.38
C VAL G 4177 -10.78 -27.63 48.34
N VAL G 4178 -11.19 -28.62 47.54
CA VAL G 4178 -12.08 -28.34 46.42
C VAL G 4178 -13.51 -28.14 46.87
N ASN G 4179 -13.80 -28.46 48.12
CA ASN G 4179 -15.10 -28.17 48.70
C ASN G 4179 -15.20 -26.71 49.11
N GLU G 4180 -14.34 -26.29 50.04
CA GLU G 4180 -14.31 -24.93 50.56
C GLU G 4180 -12.88 -24.46 50.63
N GLY G 4181 -12.69 -23.16 50.41
CA GLY G 4181 -11.36 -22.58 50.30
C GLY G 4181 -11.14 -21.95 48.94
N GLY G 4182 -11.12 -20.62 48.91
CA GLY G 4182 -11.14 -19.88 47.66
C GLY G 4182 -9.82 -19.95 46.92
N GLU G 4183 -9.81 -19.28 45.77
CA GLU G 4183 -8.67 -19.36 44.87
C GLU G 4183 -7.42 -18.70 45.44
N LYS G 4184 -7.58 -17.65 46.27
CA LYS G 4184 -6.43 -16.92 46.79
C LYS G 4184 -5.55 -17.78 47.70
N GLU G 4185 -6.08 -18.87 48.25
CA GLU G 4185 -5.21 -19.86 48.86
C GLU G 4185 -5.50 -21.27 48.36
N LYS G 4186 -5.76 -21.43 47.06
CA LYS G 4186 -5.91 -22.79 46.58
C LYS G 4186 -4.56 -23.48 46.47
N MET G 4187 -3.62 -22.89 45.74
CA MET G 4187 -2.31 -23.50 45.56
C MET G 4187 -1.48 -23.44 46.82
N GLU G 4188 -1.71 -22.42 47.65
CA GLU G 4188 -1.01 -22.33 48.92
C GLU G 4188 -1.44 -23.44 49.86
N LEU G 4189 -2.64 -23.96 49.67
CA LEU G 4189 -3.03 -25.20 50.33
C LEU G 4189 -2.51 -26.43 49.61
N PHE G 4190 -2.02 -26.29 48.38
CA PHE G 4190 -1.45 -27.47 47.76
C PHE G 4190 -0.04 -27.70 48.28
N VAL G 4191 0.79 -26.67 48.32
CA VAL G 4191 2.17 -26.86 48.77
C VAL G 4191 2.22 -27.13 50.25
N ASN G 4192 1.23 -26.64 50.99
CA ASN G 4192 1.10 -27.01 52.38
C ASN G 4192 0.63 -28.44 52.54
N PHE G 4193 0.14 -29.08 51.49
CA PHE G 4193 -0.09 -30.51 51.55
C PHE G 4193 1.14 -31.30 51.12
N CYS G 4194 1.88 -30.79 50.13
CA CYS G 4194 3.06 -31.52 49.68
C CYS G 4194 4.19 -31.46 50.70
N GLU G 4195 4.21 -30.43 51.54
CA GLU G 4195 5.24 -30.37 52.57
C GLU G 4195 5.03 -31.45 53.61
N ASP G 4196 3.79 -31.76 53.95
CA ASP G 4196 3.54 -32.78 54.96
C ASP G 4196 3.68 -34.17 54.38
N THR G 4197 3.28 -34.36 53.14
CA THR G 4197 3.24 -35.69 52.56
C THR G 4197 4.64 -36.20 52.28
N ILE G 4198 5.62 -35.32 52.23
CA ILE G 4198 7.00 -35.77 52.21
C ILE G 4198 7.38 -36.32 53.57
N PHE G 4199 6.90 -35.70 54.65
CA PHE G 4199 7.20 -36.22 55.97
C PHE G 4199 6.53 -37.57 56.22
N GLU G 4200 5.41 -37.83 55.56
CA GLU G 4200 4.85 -39.17 55.67
C GLU G 4200 5.68 -40.18 54.89
N MET G 4201 6.18 -39.79 53.73
CA MET G 4201 6.94 -40.75 52.96
C MET G 4201 8.34 -40.96 53.50
N GLN G 4202 8.78 -40.13 54.44
CA GLN G 4202 9.96 -40.51 55.22
C GLN G 4202 9.58 -41.38 56.39
N LEU G 4203 8.40 -41.15 56.94
CA LEU G 4203 7.95 -41.98 58.05
C LEU G 4203 7.60 -43.37 57.57
N ALA G 4204 7.18 -43.49 56.32
CA ALA G 4204 6.86 -44.80 55.79
C ALA G 4204 8.09 -45.62 55.47
N ALA G 4205 9.26 -44.99 55.35
CA ALA G 4205 10.45 -45.77 55.06
C ALA G 4205 10.95 -46.50 56.29
N GLN G 4206 10.89 -45.85 57.44
CA GLN G 4206 11.35 -46.49 58.67
C GLN G 4206 10.28 -47.34 59.33
N ILE G 4207 9.31 -47.81 58.56
CA ILE G 4207 8.24 -48.64 59.06
C ILE G 4207 8.18 -49.91 58.22
N ALA G 4487 15.89 -50.89 71.95
CA ALA G 4487 16.67 -51.98 71.39
C ALA G 4487 15.82 -52.86 70.49
N TYR G 4488 15.31 -53.96 71.06
CA TYR G 4488 14.30 -54.76 70.39
C TYR G 4488 12.93 -54.09 70.47
N GLN G 4489 12.79 -53.14 71.39
CA GLN G 4489 11.57 -52.37 71.56
C GLN G 4489 11.24 -51.55 70.32
N GLN G 4490 12.26 -51.06 69.63
CA GLN G 4490 12.03 -50.29 68.42
C GLN G 4490 11.53 -51.17 67.30
N LYS G 4491 11.92 -52.44 67.31
CA LYS G 4491 11.43 -53.38 66.31
C LYS G 4491 9.96 -53.67 66.53
N LEU G 4492 9.56 -53.77 67.80
CA LEU G 4492 8.15 -54.04 68.12
C LEU G 4492 7.28 -52.86 67.77
N LEU G 4493 7.73 -51.65 68.11
CA LEU G 4493 6.93 -50.45 67.95
C LEU G 4493 6.66 -50.12 66.50
N ASN G 4494 7.48 -50.62 65.58
CA ASN G 4494 7.17 -50.48 64.17
C ASN G 4494 6.31 -51.61 63.65
N TYR G 4495 6.06 -52.65 64.44
CA TYR G 4495 5.07 -53.61 64.01
C TYR G 4495 3.67 -53.08 64.26
N PHE G 4496 3.52 -52.24 65.28
CA PHE G 4496 2.18 -51.76 65.63
C PHE G 4496 1.76 -50.60 64.77
N ALA G 4497 2.67 -49.68 64.47
CA ALA G 4497 2.29 -48.57 63.62
C ALA G 4497 2.11 -49.00 62.17
N ARG G 4498 2.75 -50.09 61.78
CA ARG G 4498 2.50 -50.66 60.47
C ARG G 4498 1.11 -51.26 60.42
N ASN G 4499 0.83 -52.20 61.33
CA ASN G 4499 -0.48 -52.84 61.39
C ASN G 4499 -1.35 -52.03 62.34
N PHE G 4500 -1.91 -50.95 61.82
CA PHE G 4500 -2.93 -50.21 62.53
C PHE G 4500 -4.28 -50.41 61.91
N TYR G 4501 -4.40 -50.13 60.61
CA TYR G 4501 -5.66 -50.32 59.92
C TYR G 4501 -6.01 -51.80 59.82
N ASN G 4502 -5.01 -52.67 59.86
CA ASN G 4502 -5.25 -54.10 59.91
C ASN G 4502 -5.38 -54.61 61.33
N MET G 4503 -5.43 -53.72 62.31
CA MET G 4503 -5.65 -54.14 63.69
C MET G 4503 -6.87 -53.49 64.29
N ARG G 4504 -7.21 -52.28 63.88
CA ARG G 4504 -8.50 -51.72 64.27
C ARG G 4504 -9.66 -52.45 63.61
N MET G 4505 -9.45 -53.05 62.45
CA MET G 4505 -10.46 -53.94 61.91
C MET G 4505 -10.64 -55.18 62.78
N LEU G 4506 -9.57 -55.68 63.38
CA LEU G 4506 -9.70 -56.81 64.28
C LEU G 4506 -10.34 -56.43 65.60
N ALA G 4507 -10.23 -55.17 66.00
CA ALA G 4507 -10.87 -54.75 67.24
C ALA G 4507 -12.36 -54.58 67.08
N LEU G 4508 -12.89 -54.70 65.87
CA LEU G 4508 -14.32 -54.69 65.66
C LEU G 4508 -14.90 -56.09 65.62
N PHE G 4509 -14.22 -57.02 64.93
CA PHE G 4509 -14.72 -58.38 64.81
C PHE G 4509 -14.75 -59.11 66.14
N VAL G 4510 -13.91 -58.71 67.08
CA VAL G 4510 -14.06 -59.21 68.44
C VAL G 4510 -15.31 -58.64 69.07
N ALA G 4511 -15.59 -57.36 68.84
CA ALA G 4511 -16.72 -56.72 69.49
C ALA G 4511 -18.06 -57.18 68.93
N PHE G 4512 -18.09 -57.82 67.77
CA PHE G 4512 -19.30 -58.57 67.45
C PHE G 4512 -19.40 -59.83 68.29
N ALA G 4513 -18.30 -60.55 68.45
CA ALA G 4513 -18.35 -61.83 69.14
C ALA G 4513 -18.59 -61.67 70.63
N ILE G 4514 -18.34 -60.51 71.21
CA ILE G 4514 -18.87 -60.28 72.54
C ILE G 4514 -20.36 -60.06 72.47
N ASN G 4515 -20.79 -59.12 71.64
CA ASN G 4515 -22.20 -58.76 71.56
C ASN G 4515 -23.02 -59.73 70.75
N PHE G 4516 -22.46 -60.86 70.35
CA PHE G 4516 -23.31 -61.97 69.94
C PHE G 4516 -23.49 -62.94 71.09
N ILE G 4517 -22.42 -63.20 71.84
CA ILE G 4517 -22.52 -64.07 73.00
C ILE G 4517 -23.36 -63.43 74.08
N LEU G 4518 -23.23 -62.13 74.25
CA LEU G 4518 -23.96 -61.39 75.26
C LEU G 4518 -25.46 -61.33 75.00
N LEU G 4519 -25.91 -61.75 73.82
CA LEU G 4519 -27.33 -61.77 73.52
C LEU G 4519 -28.08 -62.85 74.27
N PHE G 4520 -27.38 -63.80 74.91
CA PHE G 4520 -27.97 -65.00 75.47
C PHE G 4520 -28.25 -64.90 76.96
N TYR G 4521 -28.22 -63.71 77.54
CA TYR G 4521 -28.42 -63.56 78.97
C TYR G 4521 -29.88 -63.76 79.36
N LYS G 4522 -30.10 -63.98 80.64
CA LYS G 4522 -31.44 -64.23 81.17
C LYS G 4522 -31.41 -63.92 82.66
N VAL G 4523 -32.50 -63.43 83.20
CA VAL G 4523 -32.57 -63.12 84.61
C VAL G 4523 -33.23 -64.27 85.36
N VAL G 4558 -30.68 -62.55 89.77
CA VAL G 4558 -29.55 -61.83 89.23
C VAL G 4558 -29.17 -62.40 87.86
N HIS G 4559 -28.37 -61.67 87.10
CA HIS G 4559 -28.12 -61.98 85.70
C HIS G 4559 -27.10 -63.10 85.60
N TYR G 4560 -27.57 -64.30 85.31
CA TYR G 4560 -26.68 -65.41 85.00
C TYR G 4560 -26.85 -65.80 83.54
N VAL G 4561 -25.76 -66.15 82.91
CA VAL G 4561 -25.81 -66.59 81.53
C VAL G 4561 -26.39 -68.00 81.49
N LEU G 4562 -27.00 -68.37 80.39
CA LEU G 4562 -27.32 -69.76 80.16
C LEU G 4562 -26.44 -70.27 79.03
N GLU G 4563 -26.68 -71.49 78.60
CA GLU G 4563 -26.04 -72.03 77.42
C GLU G 4563 -27.11 -72.56 76.48
N GLU G 4564 -26.79 -72.57 75.19
CA GLU G 4564 -27.59 -73.28 74.22
C GLU G 4564 -26.77 -74.22 73.36
N SER G 4565 -25.50 -73.89 73.09
CA SER G 4565 -24.69 -74.77 72.26
C SER G 4565 -24.00 -75.86 73.09
N SER G 4566 -23.19 -75.46 74.06
CA SER G 4566 -22.38 -76.42 74.81
C SER G 4566 -22.03 -75.80 76.16
N GLY G 4567 -21.27 -76.56 76.95
CA GLY G 4567 -20.87 -76.07 78.26
C GLY G 4567 -19.83 -74.98 78.20
N TYR G 4568 -19.04 -74.93 77.12
CA TYR G 4568 -17.90 -74.03 77.06
C TYR G 4568 -18.27 -72.72 76.35
N MET G 4569 -19.23 -72.01 76.94
CA MET G 4569 -19.67 -70.76 76.36
C MET G 4569 -19.26 -69.55 77.18
N GLU G 4570 -19.63 -69.47 78.44
CA GLU G 4570 -19.19 -68.37 79.28
C GLU G 4570 -17.69 -68.26 79.56
N PRO G 4571 -16.84 -69.30 79.47
CA PRO G 4571 -15.40 -68.98 79.52
C PRO G 4571 -14.90 -68.29 78.27
N THR G 4572 -15.45 -68.66 77.10
CA THR G 4572 -15.08 -68.02 75.84
C THR G 4572 -15.47 -66.56 75.77
N LEU G 4573 -16.46 -66.14 76.54
CA LEU G 4573 -16.67 -64.72 76.73
C LEU G 4573 -15.56 -64.12 77.58
N ARG G 4574 -15.15 -64.80 78.64
CA ARG G 4574 -14.11 -64.27 79.52
C ARG G 4574 -12.76 -64.27 78.83
N ILE G 4575 -12.56 -65.14 77.84
CA ILE G 4575 -11.34 -65.09 77.04
C ILE G 4575 -11.40 -63.92 76.08
N LEU G 4576 -12.49 -63.80 75.33
CA LEU G 4576 -12.61 -62.77 74.32
C LEU G 4576 -12.81 -61.38 74.90
N ALA G 4577 -13.11 -61.26 76.18
CA ALA G 4577 -13.18 -59.94 76.78
C ALA G 4577 -11.82 -59.41 77.17
N ILE G 4578 -11.00 -60.23 77.81
CA ILE G 4578 -9.67 -59.79 78.17
C ILE G 4578 -8.79 -59.67 76.94
N LEU G 4579 -9.13 -60.36 75.85
CA LEU G 4579 -8.42 -60.14 74.59
C LEU G 4579 -8.75 -58.78 73.98
N HIS G 4580 -9.96 -58.28 74.21
CA HIS G 4580 -10.37 -57.05 73.57
C HIS G 4580 -9.71 -55.84 74.20
N THR G 4581 -9.41 -55.89 75.49
CA THR G 4581 -8.65 -54.82 76.08
C THR G 4581 -7.22 -54.82 75.57
N VAL G 4582 -6.69 -56.00 75.24
CA VAL G 4582 -5.33 -56.09 74.72
C VAL G 4582 -5.25 -55.47 73.33
N ILE G 4583 -6.19 -55.80 72.44
CA ILE G 4583 -6.16 -55.25 71.10
C ILE G 4583 -6.47 -53.75 71.12
N SER G 4584 -7.41 -53.33 71.93
CA SER G 4584 -7.69 -51.91 72.02
C SER G 4584 -6.60 -51.14 72.76
N PHE G 4585 -5.70 -51.83 73.44
CA PHE G 4585 -4.50 -51.15 73.88
C PHE G 4585 -3.43 -51.17 72.81
N PHE G 4586 -3.51 -52.11 71.88
CA PHE G 4586 -2.55 -52.10 70.79
C PHE G 4586 -3.06 -51.32 69.59
N CYS G 4587 -4.02 -50.43 69.80
CA CYS G 4587 -4.46 -49.55 68.73
C CYS G 4587 -4.43 -48.10 69.16
N ILE G 4588 -3.96 -47.81 70.37
CA ILE G 4588 -3.49 -46.47 70.67
C ILE G 4588 -1.98 -46.45 70.88
N ILE G 4589 -1.35 -47.60 71.02
CA ILE G 4589 0.09 -47.63 70.82
C ILE G 4589 0.42 -47.48 69.36
N GLY G 4590 -0.24 -48.26 68.51
CA GLY G 4590 0.02 -48.19 67.08
C GLY G 4590 -0.44 -46.90 66.46
N TYR G 4591 -1.40 -46.23 67.07
CA TYR G 4591 -1.73 -44.90 66.61
C TYR G 4591 -0.70 -43.88 67.05
N TYR G 4592 0.01 -44.16 68.13
CA TYR G 4592 0.94 -43.18 68.65
C TYR G 4592 2.19 -43.02 67.80
N CYS G 4593 2.46 -43.96 66.91
CA CYS G 4593 3.66 -43.90 66.09
C CYS G 4593 3.33 -43.91 64.62
N LEU G 4594 2.11 -43.58 64.24
CA LEU G 4594 1.73 -43.54 62.84
C LEU G 4594 1.12 -42.22 62.44
N LYS G 4595 0.33 -41.63 63.31
CA LYS G 4595 -0.33 -40.38 62.98
C LYS G 4595 0.04 -39.25 63.92
N VAL G 4596 0.44 -39.56 65.14
CA VAL G 4596 0.81 -38.53 66.10
C VAL G 4596 2.10 -37.82 65.71
N PRO G 4597 3.13 -38.47 65.13
CA PRO G 4597 4.21 -37.68 64.57
C PRO G 4597 3.81 -36.77 63.43
N LEU G 4598 2.72 -37.02 62.74
CA LEU G 4598 2.32 -36.07 61.69
C LEU G 4598 1.63 -34.85 62.28
N VAL G 4599 0.71 -35.05 63.22
CA VAL G 4599 -0.01 -33.91 63.78
C VAL G 4599 0.89 -33.10 64.69
N ILE G 4600 2.00 -33.66 65.13
CA ILE G 4600 3.05 -32.85 65.73
C ILE G 4600 3.65 -31.93 64.68
N PHE G 4601 3.90 -32.46 63.50
CA PHE G 4601 4.59 -31.70 62.45
C PHE G 4601 3.76 -30.54 61.94
N LYS G 4602 2.47 -30.74 61.77
CA LYS G 4602 1.64 -29.64 61.30
C LYS G 4602 1.41 -28.62 62.39
N ARG G 4603 1.69 -28.96 63.64
CA ARG G 4603 1.63 -27.99 64.71
C ARG G 4603 2.93 -27.21 64.83
N GLU G 4604 4.07 -27.88 64.71
CA GLU G 4604 5.35 -27.20 64.81
C GLU G 4604 5.61 -26.30 63.62
N LYS G 4605 5.12 -26.65 62.43
CA LYS G 4605 5.28 -25.74 61.30
C LYS G 4605 4.46 -24.49 61.53
N GLU G 4606 3.27 -24.63 62.08
CA GLU G 4606 2.39 -23.48 62.19
C GLU G 4606 2.82 -22.56 63.32
N VAL G 4607 3.70 -23.00 64.20
CA VAL G 4607 4.28 -22.05 65.15
C VAL G 4607 5.58 -21.50 64.62
N ALA G 4608 6.36 -22.32 63.90
CA ALA G 4608 7.65 -21.84 63.44
C ALA G 4608 7.49 -20.91 62.26
N ARG G 4609 6.45 -21.09 61.48
CA ARG G 4609 6.19 -20.15 60.41
C ARG G 4609 5.31 -19.00 60.86
N LYS G 4610 5.08 -18.84 62.15
CA LYS G 4610 4.31 -17.71 62.61
C LYS G 4610 5.16 -16.74 63.40
N LEU G 4611 6.07 -17.24 64.24
CA LEU G 4611 6.93 -16.30 64.94
C LEU G 4611 8.07 -15.81 64.06
N GLU G 4612 8.32 -16.46 62.93
CA GLU G 4612 9.44 -16.08 62.11
C GLU G 4612 9.04 -15.13 60.99
N PHE G 4613 8.18 -15.59 60.08
CA PHE G 4613 7.81 -14.73 58.96
C PHE G 4613 6.85 -13.64 59.38
N ASP G 4614 6.16 -13.81 60.50
CA ASP G 4614 5.23 -12.80 60.98
C ASP G 4614 5.56 -12.29 62.36
N GLY G 4615 5.84 -13.17 63.30
CA GLY G 4615 6.15 -12.73 64.64
C GLY G 4615 4.89 -12.59 65.44
N LEU G 4616 4.74 -13.36 66.52
CA LEU G 4616 3.64 -13.09 67.43
C LEU G 4616 4.11 -13.08 68.86
N TYR G 4617 5.15 -13.85 69.17
CA TYR G 4617 5.69 -13.84 70.51
C TYR G 4617 6.67 -12.71 70.73
N ILE G 4618 6.86 -11.86 69.74
CA ILE G 4618 7.68 -10.66 69.85
C ILE G 4618 6.84 -9.40 69.71
N THR G 4619 5.82 -9.46 68.86
CA THR G 4619 5.09 -8.27 68.46
C THR G 4619 3.59 -8.35 68.72
N GLU G 4620 2.96 -9.50 68.49
CA GLU G 4620 1.50 -9.56 68.55
C GLU G 4620 0.98 -9.90 69.94
N GLN G 4621 1.57 -10.93 70.58
CA GLN G 4621 1.15 -11.45 71.88
C GLN G 4621 -0.32 -11.82 71.91
N PRO G 4622 -0.69 -12.99 71.38
CA PRO G 4622 -2.11 -13.30 71.13
C PRO G 4622 -2.94 -13.38 72.40
N SER G 4623 -4.22 -13.08 72.25
CA SER G 4623 -5.08 -12.69 73.37
C SER G 4623 -5.55 -13.91 74.15
N GLU G 4624 -6.55 -13.71 75.02
CA GLU G 4624 -7.16 -14.82 75.75
C GLU G 4624 -8.01 -15.68 74.83
N ASP G 4625 -8.56 -15.12 73.77
CA ASP G 4625 -9.10 -15.94 72.70
C ASP G 4625 -7.92 -16.55 71.93
N ASP G 4626 -8.23 -17.57 71.11
CA ASP G 4626 -7.24 -18.44 70.46
C ASP G 4626 -6.35 -19.10 71.52
N ILE G 4627 -7.00 -20.00 72.27
CA ILE G 4627 -6.36 -20.76 73.34
C ILE G 4627 -5.14 -21.52 72.84
N LYS G 4628 -5.22 -22.13 71.65
CA LYS G 4628 -4.11 -22.92 71.15
C LYS G 4628 -2.94 -22.05 70.75
N GLY G 4629 -3.16 -20.75 70.60
CA GLY G 4629 -2.05 -19.82 70.53
C GLY G 4629 -1.34 -19.79 71.86
N GLN G 4630 -2.13 -19.73 72.94
CA GLN G 4630 -1.54 -19.53 74.27
C GLN G 4630 -0.83 -20.76 74.77
N TRP G 4631 -1.25 -21.94 74.33
CA TRP G 4631 -0.59 -23.15 74.77
C TRP G 4631 0.77 -23.31 74.10
N ASP G 4632 0.93 -22.72 72.92
CA ASP G 4632 2.18 -22.84 72.18
C ASP G 4632 3.31 -22.04 72.79
N ARG G 4633 3.01 -21.17 73.75
CA ARG G 4633 4.02 -20.37 74.42
C ARG G 4633 4.97 -21.21 75.26
N LEU G 4634 4.62 -22.46 75.56
CA LEU G 4634 5.45 -23.26 76.43
C LEU G 4634 6.51 -24.05 75.69
N VAL G 4635 6.58 -23.97 74.37
CA VAL G 4635 7.46 -24.87 73.63
C VAL G 4635 8.68 -24.12 73.12
N ILE G 4636 8.59 -22.79 73.01
CA ILE G 4636 9.69 -22.05 72.42
C ILE G 4636 10.87 -21.92 73.35
N ASN G 4637 10.67 -22.05 74.66
CA ASN G 4637 11.79 -22.05 75.59
C ASN G 4637 12.54 -23.37 75.62
N THR G 4638 11.99 -24.42 75.03
CA THR G 4638 12.63 -25.71 75.12
C THR G 4638 13.82 -25.77 74.20
N GLN G 4639 14.68 -26.76 74.44
CA GLN G 4639 15.90 -26.86 73.66
C GLN G 4639 15.63 -27.50 72.30
N SER G 4640 15.14 -28.73 72.29
CA SER G 4640 14.89 -29.44 71.05
C SER G 4640 13.50 -29.07 70.54
N PHE G 4641 13.36 -27.82 70.10
CA PHE G 4641 12.04 -27.37 69.66
C PHE G 4641 11.64 -27.93 68.30
N PRO G 4642 12.35 -27.67 67.20
CA PRO G 4642 11.80 -28.20 65.97
C PRO G 4642 12.29 -29.64 65.80
N ASN G 4643 11.59 -30.56 66.46
CA ASN G 4643 12.03 -31.95 66.43
C ASN G 4643 11.57 -32.67 65.18
N ASN G 4644 10.53 -32.20 64.52
CA ASN G 4644 10.07 -32.85 63.29
C ASN G 4644 10.05 -31.91 62.10
N TYR G 4645 10.29 -30.63 62.30
CA TYR G 4645 10.09 -29.63 61.25
C TYR G 4645 11.34 -29.47 60.37
N TRP G 4646 12.33 -30.38 60.45
CA TRP G 4646 13.53 -30.44 59.61
C TRP G 4646 14.35 -29.15 59.47
N ASP G 4647 14.11 -28.15 60.30
CA ASP G 4647 14.56 -26.78 60.05
C ASP G 4647 15.21 -26.22 61.29
N LYS G 4648 16.20 -26.94 61.80
CA LYS G 4648 16.76 -26.77 63.13
C LYS G 4648 17.42 -25.42 63.39
N PHE G 4649 17.42 -24.47 62.45
CA PHE G 4649 17.97 -23.14 62.67
C PHE G 4649 16.89 -22.08 62.68
N VAL G 4650 15.70 -22.42 63.16
CA VAL G 4650 14.66 -21.40 63.22
C VAL G 4650 14.84 -20.52 64.44
N LYS G 4651 15.63 -20.96 65.42
CA LYS G 4651 15.90 -20.10 66.55
C LYS G 4651 16.80 -18.93 66.18
N ARG G 4652 17.83 -19.18 65.38
CA ARG G 4652 18.76 -18.13 65.03
C ARG G 4652 18.19 -17.18 63.99
N LYS G 4653 17.22 -17.63 63.20
CA LYS G 4653 16.68 -16.78 62.15
C LYS G 4653 15.87 -15.63 62.72
N VAL G 4654 15.28 -15.80 63.90
CA VAL G 4654 14.49 -14.72 64.47
C VAL G 4654 15.39 -13.69 65.14
N MET G 4655 16.48 -14.15 65.77
CA MET G 4655 17.47 -13.26 66.35
C MET G 4655 18.11 -12.36 65.32
N ASP G 4656 18.42 -12.89 64.15
CA ASP G 4656 18.96 -12.06 63.09
C ASP G 4656 17.88 -11.21 62.45
N LYS G 4657 16.62 -11.48 62.75
CA LYS G 4657 15.57 -10.67 62.16
C LYS G 4657 15.01 -9.65 63.13
N TYR G 4658 14.99 -9.95 64.43
CA TYR G 4658 14.35 -9.07 65.40
C TYR G 4658 15.26 -8.72 66.58
N GLY G 4659 16.54 -9.02 66.50
CA GLY G 4659 17.45 -8.74 67.59
C GLY G 4659 18.04 -7.36 67.63
N GLU G 4660 17.53 -6.43 66.82
CA GLU G 4660 18.01 -5.06 66.76
C GLU G 4660 16.93 -4.04 67.08
N PHE G 4661 15.67 -4.29 66.67
CA PHE G 4661 14.57 -3.50 67.18
C PHE G 4661 14.36 -3.74 68.66
N TYR G 4662 14.64 -4.95 69.11
CA TYR G 4662 14.53 -5.34 70.50
C TYR G 4662 15.83 -5.99 70.90
N GLY G 4663 15.92 -6.37 72.17
CA GLY G 4663 17.18 -6.78 72.75
C GLY G 4663 17.66 -8.12 72.23
N ARG G 4664 18.95 -8.22 71.99
CA ARG G 4664 19.57 -9.52 71.77
C ARG G 4664 19.69 -10.33 73.05
N ASP G 4665 19.42 -9.72 74.20
CA ASP G 4665 19.37 -10.52 75.42
C ASP G 4665 17.98 -10.99 75.77
N ARG G 4666 16.93 -10.22 75.44
CA ARG G 4666 15.57 -10.67 75.73
C ARG G 4666 15.17 -11.85 74.85
N ILE G 4667 15.67 -11.92 73.63
CA ILE G 4667 15.36 -13.06 72.77
C ILE G 4667 16.09 -14.30 73.25
N SER G 4668 17.35 -14.15 73.65
CA SER G 4668 18.10 -15.30 74.15
C SER G 4668 17.60 -15.79 75.50
N GLU G 4669 16.87 -14.96 76.24
CA GLU G 4669 16.14 -15.45 77.39
C GLU G 4669 14.85 -16.15 76.96
N LEU G 4670 14.20 -15.60 75.94
CA LEU G 4670 12.94 -16.18 75.47
C LEU G 4670 13.17 -17.49 74.76
N LEU G 4671 14.14 -17.54 73.86
CA LEU G 4671 14.35 -18.73 73.06
C LEU G 4671 15.40 -19.65 73.68
N GLY G 4672 16.62 -19.16 73.81
CA GLY G 4672 17.71 -19.97 74.35
C GLY G 4672 18.91 -20.11 73.42
N ASN G 4700 18.54 -41.79 79.15
CA ASN G 4700 18.73 -41.56 80.58
C ASN G 4700 18.05 -40.26 81.01
N SER G 4701 18.36 -39.18 80.31
CA SER G 4701 17.82 -37.86 80.62
C SER G 4701 17.06 -37.35 79.40
N ILE G 4702 15.89 -36.75 79.64
CA ILE G 4702 15.01 -36.30 78.57
C ILE G 4702 14.56 -34.86 78.83
N ASP G 4703 14.06 -34.20 77.78
CA ASP G 4703 13.49 -32.86 77.92
C ASP G 4703 12.10 -33.02 78.50
N VAL G 4704 11.83 -32.25 79.56
CA VAL G 4704 10.55 -32.43 80.25
C VAL G 4704 9.54 -31.38 79.80
N LYS G 4705 9.99 -30.19 79.39
CA LYS G 4705 9.03 -29.18 78.97
C LYS G 4705 8.46 -29.48 77.61
N TYR G 4706 9.20 -30.19 76.78
CA TYR G 4706 8.65 -30.58 75.50
C TYR G 4706 7.68 -31.72 75.67
N GLN G 4707 8.00 -32.67 76.54
CA GLN G 4707 7.14 -33.84 76.71
C GLN G 4707 5.83 -33.47 77.39
N MET G 4708 5.84 -32.44 78.23
CA MET G 4708 4.58 -31.93 78.75
C MET G 4708 3.80 -31.21 77.66
N TRP G 4709 4.49 -30.70 76.65
CA TRP G 4709 3.79 -30.01 75.59
C TRP G 4709 3.33 -30.98 74.52
N LYS G 4710 4.05 -32.09 74.35
CA LYS G 4710 3.64 -33.05 73.33
C LYS G 4710 2.33 -33.73 73.70
N LEU G 4711 2.17 -34.11 74.96
CA LEU G 4711 0.90 -34.66 75.40
C LEU G 4711 -0.20 -33.62 75.43
N GLY G 4712 0.15 -32.34 75.54
CA GLY G 4712 -0.86 -31.31 75.55
C GLY G 4712 -1.51 -31.09 74.21
N VAL G 4713 -0.88 -31.55 73.14
CA VAL G 4713 -1.46 -31.38 71.83
C VAL G 4713 -2.05 -32.68 71.31
N VAL G 4714 -1.74 -33.81 71.93
CA VAL G 4714 -2.40 -35.05 71.55
C VAL G 4714 -3.82 -35.07 72.08
N PHE G 4715 -4.01 -34.67 73.33
CA PHE G 4715 -5.29 -34.89 73.98
C PHE G 4715 -6.37 -33.95 73.46
N THR G 4716 -6.00 -32.83 72.87
CA THR G 4716 -7.01 -32.02 72.22
C THR G 4716 -7.20 -32.40 70.77
N ASP G 4717 -6.35 -33.24 70.21
CA ASP G 4717 -6.55 -33.73 68.85
C ASP G 4717 -7.74 -34.67 68.83
N ASN G 4718 -8.65 -34.40 67.89
CA ASN G 4718 -9.99 -34.94 67.96
C ASN G 4718 -10.02 -36.43 67.69
N SER G 4719 -9.20 -36.91 66.75
CA SER G 4719 -9.26 -38.32 66.43
C SER G 4719 -8.60 -39.18 67.49
N PHE G 4720 -7.79 -38.61 68.36
CA PHE G 4720 -7.17 -39.43 69.38
C PHE G 4720 -8.14 -39.76 70.50
N LEU G 4721 -9.03 -38.83 70.82
CA LEU G 4721 -9.90 -39.01 71.98
C LEU G 4721 -10.87 -40.16 71.76
N TYR G 4722 -11.36 -40.33 70.53
CA TYR G 4722 -12.20 -41.48 70.24
C TYR G 4722 -11.44 -42.78 70.39
N LEU G 4723 -10.14 -42.77 70.10
CA LEU G 4723 -9.36 -43.97 70.37
C LEU G 4723 -9.10 -44.14 71.86
N ALA G 4724 -9.25 -43.09 72.66
CA ALA G 4724 -9.15 -43.30 74.09
C ALA G 4724 -10.46 -43.81 74.67
N TRP G 4725 -11.56 -43.20 74.27
CA TRP G 4725 -12.88 -43.61 74.78
C TRP G 4725 -13.23 -45.01 74.30
N TYR G 4726 -12.73 -45.41 73.15
CA TYR G 4726 -12.90 -46.79 72.73
C TYR G 4726 -12.07 -47.73 73.57
N MET G 4727 -11.03 -47.23 74.23
CA MET G 4727 -10.26 -48.08 75.12
C MET G 4727 -10.78 -48.00 76.54
N THR G 4728 -11.21 -46.83 77.01
CA THR G 4728 -11.60 -46.73 78.40
C THR G 4728 -12.92 -47.39 78.70
N MET G 4729 -13.68 -47.82 77.70
CA MET G 4729 -14.80 -48.68 77.99
C MET G 4729 -14.34 -50.12 78.15
N SER G 4730 -13.23 -50.50 77.51
CA SER G 4730 -12.73 -51.86 77.65
C SER G 4730 -12.25 -52.15 79.06
N VAL G 4731 -11.64 -51.18 79.72
CA VAL G 4731 -11.32 -51.33 81.13
C VAL G 4731 -12.60 -51.41 81.94
N LEU G 4732 -13.58 -50.58 81.61
CA LEU G 4732 -14.87 -50.68 82.27
C LEU G 4732 -15.68 -51.86 81.79
N GLY G 4733 -15.22 -52.58 80.77
CA GLY G 4733 -15.95 -53.74 80.30
C GLY G 4733 -15.82 -54.98 81.16
N HIS G 4734 -14.90 -54.99 82.11
CA HIS G 4734 -14.81 -56.09 83.04
C HIS G 4734 -15.55 -55.84 84.33
N TYR G 4735 -15.79 -54.58 84.68
CA TYR G 4735 -16.66 -54.29 85.80
C TYR G 4735 -18.11 -54.62 85.49
N ASN G 4736 -18.48 -54.62 84.20
CA ASN G 4736 -19.77 -55.12 83.76
C ASN G 4736 -19.66 -55.51 82.30
N ASN G 4737 -20.20 -56.68 81.96
CA ASN G 4737 -20.05 -57.20 80.61
C ASN G 4737 -20.81 -56.40 79.57
N PHE G 4738 -21.85 -55.67 79.97
CA PHE G 4738 -22.65 -54.96 78.99
C PHE G 4738 -21.93 -53.77 78.37
N PHE G 4739 -20.81 -53.33 78.93
CA PHE G 4739 -20.12 -52.20 78.35
C PHE G 4739 -19.39 -52.53 77.07
N PHE G 4740 -19.34 -53.78 76.65
CA PHE G 4740 -18.87 -54.06 75.31
C PHE G 4740 -19.96 -53.91 74.28
N ALA G 4741 -21.12 -53.40 74.66
CA ALA G 4741 -22.17 -53.04 73.73
C ALA G 4741 -22.16 -51.57 73.40
N ALA G 4742 -21.24 -50.82 73.95
CA ALA G 4742 -20.98 -49.48 73.48
C ALA G 4742 -19.85 -49.44 72.48
N HIS G 4743 -19.25 -50.58 72.19
CA HIS G 4743 -18.23 -50.66 71.16
C HIS G 4743 -18.82 -50.94 69.81
N LEU G 4744 -20.12 -51.07 69.72
CA LEU G 4744 -20.72 -51.26 68.41
C LEU G 4744 -20.82 -49.97 67.65
N LEU G 4745 -20.62 -48.84 68.29
CA LEU G 4745 -20.63 -47.57 67.60
C LEU G 4745 -19.36 -47.30 66.83
N ASP G 4746 -18.46 -48.27 66.73
CA ASP G 4746 -17.39 -48.18 65.76
C ASP G 4746 -17.89 -48.55 64.36
N ILE G 4747 -19.12 -48.99 64.24
CA ILE G 4747 -19.77 -49.00 62.94
C ILE G 4747 -19.98 -47.57 62.45
N ALA G 4748 -20.24 -46.65 63.35
CA ALA G 4748 -20.51 -45.27 62.93
C ALA G 4748 -19.25 -44.58 62.44
N MET G 4749 -18.21 -44.53 63.27
CA MET G 4749 -16.96 -43.90 62.87
C MET G 4749 -16.23 -44.70 61.79
N GLY G 4750 -16.62 -45.94 61.55
CA GLY G 4750 -15.83 -46.80 60.70
C GLY G 4750 -16.27 -46.98 59.27
N PHE G 4751 -17.40 -46.43 58.87
CA PHE G 4751 -17.85 -46.57 57.50
C PHE G 4751 -17.96 -45.20 56.86
N LYS G 4752 -18.56 -45.16 55.68
CA LYS G 4752 -18.71 -43.88 55.01
C LYS G 4752 -20.15 -43.39 54.99
N THR G 4753 -21.08 -44.20 54.49
CA THR G 4753 -22.48 -43.78 54.47
C THR G 4753 -23.17 -43.94 55.81
N LEU G 4754 -22.44 -44.30 56.86
CA LEU G 4754 -22.93 -44.16 58.22
C LEU G 4754 -22.18 -43.10 58.99
N ARG G 4755 -21.00 -42.70 58.54
CA ARG G 4755 -20.38 -41.52 59.09
C ARG G 4755 -21.16 -40.28 58.70
N THR G 4756 -21.80 -40.31 57.53
CA THR G 4756 -22.55 -39.17 57.05
C THR G 4756 -23.85 -38.98 57.84
N ILE G 4757 -24.47 -40.07 58.29
CA ILE G 4757 -25.67 -39.97 59.12
C ILE G 4757 -25.36 -39.29 60.42
N LEU G 4758 -24.32 -39.76 61.12
CA LEU G 4758 -23.86 -39.21 62.38
C LEU G 4758 -23.46 -37.75 62.28
N SER G 4759 -22.91 -37.34 61.16
CA SER G 4759 -22.53 -35.95 60.98
C SER G 4759 -23.69 -35.07 60.57
N SER G 4760 -24.78 -35.66 60.10
CA SER G 4760 -25.87 -34.84 59.60
C SER G 4760 -26.70 -34.28 60.73
N VAL G 4761 -26.60 -34.85 61.93
CA VAL G 4761 -27.33 -34.30 63.05
C VAL G 4761 -26.79 -32.95 63.46
N THR G 4762 -25.47 -32.78 63.49
CA THR G 4762 -24.89 -31.53 63.89
C THR G 4762 -24.39 -30.68 62.75
N HIS G 4763 -24.56 -31.09 61.50
CA HIS G 4763 -24.17 -30.26 60.37
C HIS G 4763 -25.05 -29.03 60.28
N ASN G 4764 -26.34 -29.23 60.41
CA ASN G 4764 -27.30 -28.15 60.39
C ASN G 4764 -27.75 -27.81 61.80
N GLY G 4765 -26.94 -28.20 62.78
CA GLY G 4765 -27.36 -28.30 64.17
C GLY G 4765 -27.73 -26.98 64.82
N LYS G 4766 -27.27 -25.86 64.28
CA LYS G 4766 -27.54 -24.59 64.96
C LYS G 4766 -28.99 -24.19 64.78
N GLN G 4767 -29.59 -24.51 63.65
CA GLN G 4767 -31.01 -24.29 63.52
C GLN G 4767 -31.82 -25.37 64.22
N LEU G 4768 -31.19 -26.41 64.72
CA LEU G 4768 -31.94 -27.46 65.37
C LEU G 4768 -32.27 -27.13 66.81
N VAL G 4769 -31.33 -26.54 67.54
CA VAL G 4769 -31.63 -26.19 68.92
C VAL G 4769 -32.60 -25.03 68.97
N LEU G 4770 -32.50 -24.11 68.03
CA LEU G 4770 -33.42 -22.98 68.03
C LEU G 4770 -34.85 -23.38 67.75
N THR G 4771 -35.08 -24.41 66.93
CA THR G 4771 -36.41 -24.97 66.78
C THR G 4771 -37.03 -25.86 67.84
N VAL G 4772 -36.25 -26.79 68.40
CA VAL G 4772 -36.66 -27.47 69.61
C VAL G 4772 -36.85 -26.47 70.73
N GLY G 4773 -36.04 -25.41 70.74
CA GLY G 4773 -36.31 -24.28 71.59
C GLY G 4773 -37.61 -23.56 71.29
N LEU G 4774 -38.18 -23.72 70.11
CA LEU G 4774 -39.52 -23.21 69.89
C LEU G 4774 -40.57 -24.26 70.20
N LEU G 4775 -40.28 -25.54 69.97
CA LEU G 4775 -41.24 -26.58 70.27
C LEU G 4775 -41.45 -26.72 71.76
N ALA G 4776 -40.41 -26.54 72.55
CA ALA G 4776 -40.58 -26.63 73.98
C ALA G 4776 -41.26 -25.42 74.58
N VAL G 4777 -41.49 -24.36 73.82
CA VAL G 4777 -42.17 -23.19 74.31
C VAL G 4777 -43.64 -23.19 73.90
N VAL G 4778 -43.94 -23.66 72.68
CA VAL G 4778 -45.33 -23.75 72.24
C VAL G 4778 -46.10 -24.78 73.06
N VAL G 4779 -45.46 -25.91 73.35
CA VAL G 4779 -46.10 -26.90 74.20
C VAL G 4779 -46.23 -26.37 75.62
N TYR G 4780 -45.28 -25.55 76.08
CA TYR G 4780 -45.47 -24.87 77.36
C TYR G 4780 -46.61 -23.87 77.28
N LEU G 4781 -46.70 -23.12 76.20
CA LEU G 4781 -47.78 -22.16 76.06
C LEU G 4781 -49.14 -22.82 75.93
N TYR G 4782 -49.18 -24.06 75.48
CA TYR G 4782 -50.42 -24.81 75.56
C TYR G 4782 -50.57 -25.55 76.88
N THR G 4783 -49.67 -25.35 77.83
CA THR G 4783 -49.90 -25.93 79.14
C THR G 4783 -50.50 -24.90 80.07
N VAL G 4784 -50.15 -23.63 79.87
CA VAL G 4784 -50.72 -22.57 80.68
C VAL G 4784 -52.21 -22.44 80.40
N VAL G 4785 -52.62 -22.58 79.14
CA VAL G 4785 -54.03 -22.52 78.81
C VAL G 4785 -54.77 -23.73 79.37
N ALA G 4786 -54.19 -24.91 79.21
CA ALA G 4786 -54.84 -26.12 79.70
C ALA G 4786 -54.90 -26.17 81.21
N PHE G 4787 -53.93 -25.57 81.88
CA PHE G 4787 -53.98 -25.55 83.33
C PHE G 4787 -54.98 -24.53 83.84
N ASN G 4788 -55.14 -23.43 83.14
CA ASN G 4788 -55.96 -22.35 83.67
C ASN G 4788 -57.40 -22.44 83.22
N PHE G 4789 -57.76 -23.43 82.42
CA PHE G 4789 -59.14 -23.61 81.99
C PHE G 4789 -59.65 -25.04 82.14
N PHE G 4790 -58.79 -26.04 81.95
CA PHE G 4790 -59.25 -27.39 81.66
C PHE G 4790 -58.69 -28.48 82.55
N ARG G 4791 -58.73 -28.31 83.88
CA ARG G 4791 -58.23 -29.38 84.75
C ARG G 4791 -59.12 -30.61 84.68
N LYS G 4792 -60.42 -30.41 84.47
CA LYS G 4792 -61.43 -31.42 84.71
C LYS G 4792 -61.45 -32.53 83.67
N PHE G 4793 -60.68 -32.41 82.60
CA PHE G 4793 -60.63 -33.43 81.58
C PHE G 4793 -59.49 -34.41 81.75
N TYR G 4794 -58.53 -34.11 82.62
CA TYR G 4794 -57.23 -34.78 82.59
C TYR G 4794 -57.23 -35.91 83.61
N ASN G 4795 -57.93 -36.98 83.25
CA ASN G 4795 -58.06 -38.15 84.11
C ASN G 4795 -57.37 -39.34 83.48
N LYS G 4796 -56.22 -39.72 84.04
CA LYS G 4796 -55.54 -40.94 83.64
C LYS G 4796 -55.97 -42.11 84.50
N SER G 4797 -57.19 -42.10 84.97
CA SER G 4797 -57.69 -42.98 86.02
C SER G 4797 -58.54 -44.08 85.41
N GLU G 4798 -59.22 -44.81 86.28
CA GLU G 4798 -60.15 -45.87 85.86
C GLU G 4798 -61.51 -45.61 86.50
N ASP G 4799 -62.34 -44.84 85.79
CA ASP G 4799 -63.79 -44.76 85.95
C ASP G 4799 -64.23 -44.20 87.30
N GLY G 4800 -63.43 -43.35 87.94
CA GLY G 4800 -63.90 -42.56 89.06
C GLY G 4800 -63.90 -43.25 90.41
N ASP G 4801 -64.21 -44.54 90.47
CA ASP G 4801 -64.14 -45.25 91.74
C ASP G 4801 -62.69 -45.41 92.19
N THR G 4802 -61.78 -45.49 91.22
CA THR G 4802 -60.37 -45.36 91.49
C THR G 4802 -60.11 -43.96 92.05
N PRO G 4803 -59.19 -43.85 93.02
CA PRO G 4803 -58.89 -42.52 93.59
C PRO G 4803 -58.17 -41.67 92.58
N ASP G 4804 -58.98 -40.98 91.77
CA ASP G 4804 -58.65 -40.58 90.40
C ASP G 4804 -57.33 -39.82 90.27
N MET G 4805 -56.61 -40.12 89.20
CA MET G 4805 -55.36 -39.47 88.88
C MET G 4805 -55.65 -38.19 88.11
N LYS G 4806 -54.99 -37.11 88.47
CA LYS G 4806 -55.20 -35.85 87.80
C LYS G 4806 -53.91 -35.38 87.14
N CYS G 4807 -54.00 -34.22 86.50
CA CYS G 4807 -52.85 -33.52 85.97
C CYS G 4807 -52.98 -32.03 86.26
N ASP G 4808 -53.46 -31.70 87.45
CA ASP G 4808 -53.56 -30.30 87.90
C ASP G 4808 -52.37 -29.91 88.75
N ASP G 4809 -51.17 -30.13 88.23
CA ASP G 4809 -49.96 -29.62 88.84
C ASP G 4809 -49.03 -29.23 87.71
N MET G 4810 -48.52 -28.01 87.76
CA MET G 4810 -48.03 -27.31 86.56
C MET G 4810 -46.90 -28.08 85.89
N LEU G 4811 -45.88 -28.43 86.66
CA LEU G 4811 -44.78 -29.21 86.13
C LEU G 4811 -45.24 -30.59 85.71
N THR G 4812 -46.17 -31.19 86.43
CA THR G 4812 -46.67 -32.49 86.02
C THR G 4812 -47.65 -32.40 84.87
N CYS G 4813 -48.33 -31.27 84.70
CA CYS G 4813 -49.13 -31.11 83.50
C CYS G 4813 -48.24 -30.82 82.31
N TYR G 4814 -47.07 -30.22 82.56
CA TYR G 4814 -46.12 -29.94 81.50
C TYR G 4814 -45.53 -31.22 80.95
N MET G 4815 -45.01 -32.08 81.83
CA MET G 4815 -44.48 -33.35 81.36
C MET G 4815 -45.57 -34.30 80.92
N PHE G 4816 -46.83 -33.98 81.16
CA PHE G 4816 -47.86 -34.77 80.50
C PHE G 4816 -47.95 -34.45 79.03
N HIS G 4817 -47.84 -33.19 78.65
CA HIS G 4817 -47.90 -32.85 77.24
C HIS G 4817 -46.67 -33.26 76.46
N MET G 4818 -45.49 -33.08 77.04
CA MET G 4818 -44.27 -33.41 76.33
C MET G 4818 -44.08 -34.91 76.16
N TYR G 4819 -44.69 -35.71 77.01
CA TYR G 4819 -44.48 -37.14 76.91
C TYR G 4819 -45.60 -37.83 76.14
N VAL G 4820 -46.80 -37.27 76.16
CA VAL G 4820 -47.95 -37.90 75.54
C VAL G 4820 -48.47 -37.08 74.37
N GLY G 4821 -48.44 -35.76 74.47
CA GLY G 4821 -49.04 -34.97 73.41
C GLY G 4821 -48.20 -34.88 72.16
N VAL G 4822 -46.89 -34.82 72.29
CA VAL G 4822 -46.03 -34.75 71.13
C VAL G 4822 -45.91 -36.11 70.46
N ARG G 4823 -45.48 -37.11 71.21
CA ARG G 4823 -45.27 -38.45 70.67
C ARG G 4823 -46.48 -39.22 70.15
N ALA G 4824 -47.68 -38.65 70.26
CA ALA G 4824 -48.85 -39.35 69.78
C ALA G 4824 -48.96 -39.13 68.29
N GLY G 4825 -50.08 -39.56 67.73
CA GLY G 4825 -50.30 -39.41 66.30
C GLY G 4825 -51.39 -38.42 66.02
N GLY G 4826 -52.14 -38.07 67.06
CA GLY G 4826 -53.26 -37.17 66.87
C GLY G 4826 -53.21 -35.98 67.78
N GLY G 4827 -52.06 -35.74 68.39
CA GLY G 4827 -51.94 -34.57 69.22
C GLY G 4827 -52.29 -34.84 70.66
N ILE G 4828 -53.32 -34.18 71.16
CA ILE G 4828 -53.70 -34.30 72.56
C ILE G 4828 -55.12 -34.82 72.72
N GLY G 4829 -55.87 -34.96 71.64
CA GLY G 4829 -57.18 -35.57 71.75
C GLY G 4829 -57.20 -37.05 72.04
N ASP G 4830 -56.06 -37.68 72.27
CA ASP G 4830 -56.06 -39.08 72.63
C ASP G 4830 -56.19 -39.28 74.14
N GLU G 4831 -55.24 -38.77 74.91
CA GLU G 4831 -55.29 -38.91 76.36
C GLU G 4831 -55.98 -37.70 77.00
N ILE G 4832 -57.19 -37.43 76.53
CA ILE G 4832 -58.09 -36.46 77.11
C ILE G 4832 -59.49 -37.03 76.93
N GLU G 4833 -60.32 -36.91 77.97
CA GLU G 4833 -61.68 -37.43 77.91
C GLU G 4833 -62.48 -36.72 76.82
N ASP G 4834 -63.39 -37.46 76.21
CA ASP G 4834 -64.10 -36.99 75.03
C ASP G 4834 -65.07 -35.87 75.40
N PRO G 4835 -64.85 -34.66 74.93
CA PRO G 4835 -65.74 -33.56 75.28
C PRO G 4835 -67.00 -33.51 74.44
N ALA G 4836 -68.14 -33.92 74.98
CA ALA G 4836 -69.37 -33.84 74.21
C ALA G 4836 -70.40 -32.92 74.85
N GLY G 4837 -70.80 -33.20 76.08
CA GLY G 4837 -71.85 -32.43 76.70
C GLY G 4837 -71.30 -31.39 77.64
N ASP G 4838 -70.58 -30.41 77.11
CA ASP G 4838 -69.90 -29.48 78.00
C ASP G 4838 -70.12 -28.06 77.53
N GLU G 4839 -69.98 -27.13 78.48
CA GLU G 4839 -70.10 -25.71 78.16
C GLU G 4839 -68.94 -25.22 77.33
N TYR G 4840 -67.78 -25.85 77.46
CA TYR G 4840 -66.60 -25.47 76.71
C TYR G 4840 -66.37 -26.37 75.52
N GLU G 4841 -67.42 -26.79 74.81
CA GLU G 4841 -67.23 -27.74 73.73
C GLU G 4841 -66.45 -27.13 72.58
N ILE G 4842 -66.97 -26.04 72.00
CA ILE G 4842 -66.32 -25.43 70.85
C ILE G 4842 -65.01 -24.76 71.27
N TYR G 4843 -64.95 -24.29 72.51
CA TYR G 4843 -63.69 -23.76 73.01
C TYR G 4843 -62.67 -24.84 73.32
N ARG G 4844 -63.00 -26.11 73.13
CA ARG G 4844 -61.98 -27.13 73.34
C ARG G 4844 -61.68 -27.91 72.08
N ILE G 4845 -62.56 -27.85 71.08
CA ILE G 4845 -62.17 -28.37 69.78
C ILE G 4845 -61.04 -27.54 69.21
N ILE G 4846 -61.14 -26.21 69.35
CA ILE G 4846 -60.12 -25.28 68.94
C ILE G 4846 -58.81 -25.52 69.69
N PHE G 4847 -58.90 -25.97 70.93
CA PHE G 4847 -57.67 -26.26 71.66
C PHE G 4847 -57.01 -27.51 71.15
N ASP G 4848 -57.76 -28.44 70.57
CA ASP G 4848 -57.09 -29.61 70.06
C ASP G 4848 -56.67 -29.45 68.61
N ILE G 4849 -57.55 -28.91 67.78
CA ILE G 4849 -57.31 -28.91 66.36
C ILE G 4849 -56.22 -27.92 65.99
N THR G 4850 -55.86 -26.97 66.86
CA THR G 4850 -54.64 -26.24 66.57
C THR G 4850 -53.44 -27.07 67.00
N PHE G 4851 -53.49 -27.72 68.16
CA PHE G 4851 -52.38 -28.52 68.67
C PHE G 4851 -51.91 -29.56 67.66
N PHE G 4852 -52.84 -30.16 66.94
CA PHE G 4852 -52.43 -31.07 65.90
C PHE G 4852 -51.90 -30.31 64.70
N PHE G 4853 -52.45 -29.14 64.42
CA PHE G 4853 -52.10 -28.37 63.24
C PHE G 4853 -51.08 -27.28 63.55
N PHE G 4854 -50.36 -27.39 64.65
CA PHE G 4854 -49.35 -26.40 64.91
C PHE G 4854 -48.10 -27.01 65.51
N VAL G 4855 -48.17 -28.25 65.97
CA VAL G 4855 -47.04 -28.86 66.64
C VAL G 4855 -46.66 -30.16 65.95
N ILE G 4856 -47.65 -30.99 65.63
CA ILE G 4856 -47.31 -32.27 65.02
C ILE G 4856 -47.21 -32.15 63.51
N VAL G 4857 -48.10 -31.39 62.89
CA VAL G 4857 -48.05 -31.24 61.45
C VAL G 4857 -46.90 -30.34 61.05
N ILE G 4858 -46.83 -29.13 61.61
CA ILE G 4858 -45.79 -28.19 61.19
C ILE G 4858 -44.48 -28.46 61.92
N LEU G 4859 -44.47 -28.28 63.25
CA LEU G 4859 -43.23 -28.17 63.99
C LEU G 4859 -42.51 -29.50 64.13
N LEU G 4860 -43.20 -30.60 63.91
CA LEU G 4860 -42.48 -31.86 63.90
C LEU G 4860 -42.34 -32.35 62.47
N ALA G 4861 -42.51 -31.46 61.50
CA ALA G 4861 -42.01 -31.76 60.17
C ALA G 4861 -40.69 -31.08 59.95
N ILE G 4862 -40.59 -29.80 60.34
CA ILE G 4862 -39.35 -29.10 60.13
C ILE G 4862 -38.36 -29.35 61.24
N ILE G 4863 -38.61 -30.30 62.13
CA ILE G 4863 -37.55 -30.89 62.92
C ILE G 4863 -36.96 -32.08 62.20
N GLN G 4864 -37.78 -32.96 61.66
CA GLN G 4864 -37.32 -34.02 60.78
C GLN G 4864 -36.75 -33.44 59.50
N GLY G 4865 -37.27 -32.30 59.05
CA GLY G 4865 -36.80 -31.65 57.85
C GLY G 4865 -35.38 -31.14 57.91
N LEU G 4866 -34.95 -30.68 59.09
CA LEU G 4866 -33.60 -30.15 59.22
C LEU G 4866 -32.58 -31.27 59.38
N ILE G 4867 -33.04 -32.49 59.55
CA ILE G 4867 -32.11 -33.60 59.63
C ILE G 4867 -31.99 -34.30 58.30
N ILE G 4868 -33.12 -34.50 57.62
CA ILE G 4868 -33.07 -35.19 56.33
C ILE G 4868 -32.50 -34.29 55.25
N ASP G 4869 -32.80 -33.00 55.28
CA ASP G 4869 -32.17 -32.14 54.29
C ASP G 4869 -30.73 -31.82 54.65
N ALA G 4870 -30.32 -32.13 55.87
CA ALA G 4870 -28.89 -32.11 56.13
C ALA G 4870 -28.23 -33.30 55.47
N PHE G 4871 -28.82 -34.48 55.63
CA PHE G 4871 -28.27 -35.66 54.98
C PHE G 4871 -28.52 -35.61 53.47
N GLY G 4872 -29.53 -34.88 53.04
CA GLY G 4872 -29.78 -34.77 51.62
C GLY G 4872 -28.84 -33.80 50.94
N GLU G 4873 -28.19 -32.96 51.74
CA GLU G 4873 -27.24 -31.99 51.20
C GLU G 4873 -25.81 -32.49 51.35
N LEU G 4874 -25.53 -33.13 52.48
CA LEU G 4874 -24.17 -33.55 52.77
C LEU G 4874 -23.78 -34.75 51.93
N ARG G 4875 -24.75 -35.50 51.44
CA ARG G 4875 -24.45 -36.59 50.54
C ARG G 4875 -24.32 -36.08 49.11
N ASP G 4876 -24.52 -34.79 48.92
CA ASP G 4876 -24.37 -34.21 47.59
C ASP G 4876 -23.02 -33.55 47.42
N GLN G 4877 -22.53 -32.92 48.49
CA GLN G 4877 -21.21 -32.31 48.48
C GLN G 4877 -20.12 -33.35 48.28
N GLN G 4878 -20.35 -34.57 48.75
CA GLN G 4878 -19.42 -35.65 48.49
C GLN G 4878 -19.68 -36.29 47.15
N GLU G 4879 -20.68 -35.81 46.43
CA GLU G 4879 -20.85 -36.26 45.06
C GLU G 4879 -20.36 -35.20 44.09
N GLN G 4880 -20.36 -33.94 44.52
CA GLN G 4880 -19.85 -32.91 43.62
C GLN G 4880 -18.34 -33.00 43.50
N VAL G 4881 -17.65 -33.30 44.60
CA VAL G 4881 -16.21 -33.49 44.59
C VAL G 4881 -15.83 -34.68 43.73
N LYS G 4882 -16.67 -35.71 43.72
CA LYS G 4882 -16.48 -36.81 42.78
C LYS G 4882 -16.67 -36.38 41.34
N GLU G 4883 -17.40 -35.29 41.11
CA GLU G 4883 -17.62 -34.79 39.77
C GLU G 4883 -16.72 -33.62 39.43
N ASP G 4884 -16.51 -32.70 40.37
CA ASP G 4884 -15.71 -31.50 40.13
C ASP G 4884 -14.25 -31.82 39.89
N MET G 4885 -13.81 -33.02 40.25
CA MET G 4885 -12.48 -33.43 39.88
C MET G 4885 -12.46 -34.26 38.62
N GLU G 4886 -13.61 -34.68 38.09
CA GLU G 4886 -13.58 -35.49 36.89
C GLU G 4886 -14.10 -34.75 35.67
N THR G 4887 -14.43 -33.47 35.83
CA THR G 4887 -14.73 -32.63 34.69
C THR G 4887 -13.96 -31.33 34.76
N LYS G 4888 -12.89 -31.32 35.52
CA LYS G 4888 -12.01 -30.16 35.55
C LYS G 4888 -10.61 -30.69 35.81
N CYS G 4889 -9.63 -29.94 35.35
CA CYS G 4889 -8.26 -30.21 35.73
C CYS G 4889 -8.03 -29.56 37.07
N PHE G 4890 -7.23 -30.19 37.92
CA PHE G 4890 -7.07 -29.65 39.25
C PHE G 4890 -6.22 -28.39 39.22
N ILE G 4891 -5.08 -28.41 38.53
CA ILE G 4891 -4.10 -27.33 38.63
C ILE G 4891 -4.26 -26.31 37.53
N CYS G 4892 -4.64 -26.75 36.33
CA CYS G 4892 -5.02 -25.80 35.29
C CYS G 4892 -6.38 -25.18 35.57
N GLY G 4893 -7.37 -26.01 35.84
CA GLY G 4893 -8.73 -25.53 35.96
C GLY G 4893 -9.30 -25.23 34.59
N ILE G 4894 -9.29 -26.21 33.70
CA ILE G 4894 -9.60 -25.97 32.30
C ILE G 4894 -10.94 -26.58 31.93
N GLY G 4895 -11.12 -27.87 32.17
CA GLY G 4895 -12.37 -28.46 31.77
C GLY G 4895 -12.18 -29.68 30.91
N ASN G 4896 -13.20 -30.52 30.86
CA ASN G 4896 -13.17 -31.73 30.06
C ASN G 4896 -13.48 -31.45 28.61
N ASP G 4897 -14.14 -30.35 28.32
CA ASP G 4897 -14.54 -30.06 26.94
C ASP G 4897 -13.37 -29.66 26.07
N TYR G 4898 -12.54 -28.73 26.53
CA TYR G 4898 -11.40 -28.29 25.73
C TYR G 4898 -10.35 -29.37 25.60
N PHE G 4899 -10.07 -30.09 26.66
CA PHE G 4899 -9.04 -31.10 26.62
C PHE G 4899 -9.51 -32.41 26.02
N ASP G 4900 -10.77 -32.54 25.65
CA ASP G 4900 -11.07 -33.83 25.08
C ASP G 4900 -10.67 -33.83 23.62
N THR G 4901 -11.49 -33.29 22.72
CA THR G 4901 -11.18 -32.81 21.36
C THR G 4901 -10.22 -33.63 20.49
N VAL G 4902 -9.81 -34.79 20.96
CA VAL G 4902 -8.93 -35.78 20.34
C VAL G 4902 -9.48 -37.06 20.95
N PRO G 4903 -9.21 -38.23 20.39
CA PRO G 4903 -9.54 -39.46 21.09
C PRO G 4903 -8.73 -39.58 22.37
N HIS G 4904 -9.44 -39.86 23.47
CA HIS G 4904 -8.85 -40.27 24.75
C HIS G 4904 -8.01 -39.13 25.34
N GLY G 4905 -8.66 -37.97 25.51
CA GLY G 4905 -7.98 -36.71 25.65
C GLY G 4905 -7.80 -36.11 27.03
N PHE G 4906 -8.78 -36.26 27.92
CA PHE G 4906 -8.55 -35.77 29.27
C PHE G 4906 -7.64 -36.69 30.05
N GLU G 4907 -7.64 -37.97 29.70
CA GLU G 4907 -6.87 -38.94 30.46
C GLU G 4907 -5.39 -38.67 30.38
N THR G 4908 -4.88 -38.28 29.22
CA THR G 4908 -3.45 -38.07 29.11
C THR G 4908 -3.05 -36.72 29.66
N HIS G 4909 -3.97 -35.77 29.72
CA HIS G 4909 -3.60 -34.48 30.31
C HIS G 4909 -3.38 -34.62 31.81
N THR G 4910 -4.06 -35.55 32.45
CA THR G 4910 -3.87 -35.74 33.87
C THR G 4910 -3.01 -36.93 34.21
N LEU G 4911 -2.53 -37.67 33.23
CA LEU G 4911 -1.59 -38.75 33.53
C LEU G 4911 -0.19 -38.47 33.02
N GLN G 4912 -0.03 -37.46 32.21
CA GLN G 4912 1.31 -37.01 31.87
C GLN G 4912 1.56 -35.56 32.20
N GLU G 4913 0.69 -34.67 31.78
CA GLU G 4913 1.07 -33.27 31.74
C GLU G 4913 0.98 -32.59 33.10
N HIS G 4914 0.02 -32.95 33.95
CA HIS G 4914 0.07 -32.43 35.30
C HIS G 4914 0.22 -33.51 36.36
N ASN G 4915 -0.78 -34.38 36.53
CA ASN G 4915 -0.74 -35.53 37.43
C ASN G 4915 -0.21 -35.20 38.80
N LEU G 4916 -0.96 -34.48 39.63
CA LEU G 4916 -0.48 -33.77 40.83
C LEU G 4916 0.43 -34.53 41.77
N ALA G 4917 0.50 -35.85 41.66
CA ALA G 4917 1.58 -36.61 42.28
C ALA G 4917 2.94 -36.15 41.81
N ASN G 4918 3.09 -35.86 40.52
CA ASN G 4918 4.38 -35.45 39.97
C ASN G 4918 4.84 -34.14 40.55
N TYR G 4919 3.92 -33.21 40.81
CA TYR G 4919 4.28 -31.97 41.46
C TYR G 4919 4.68 -32.17 42.90
N LEU G 4920 4.42 -33.35 43.47
CA LEU G 4920 4.95 -33.66 44.78
C LEU G 4920 6.26 -34.40 44.66
N PHE G 4921 6.42 -35.23 43.64
CA PHE G 4921 7.72 -35.86 43.41
C PHE G 4921 8.76 -34.85 43.01
N PHE G 4922 8.37 -33.83 42.23
CA PHE G 4922 9.28 -32.78 41.83
C PHE G 4922 9.79 -32.01 43.03
N LEU G 4923 8.95 -31.77 44.00
CA LEU G 4923 9.45 -31.05 45.15
C LEU G 4923 10.11 -32.00 46.14
N MET G 4924 9.96 -33.30 45.93
CA MET G 4924 10.82 -34.23 46.63
C MET G 4924 12.18 -34.34 45.97
N TYR G 4925 12.25 -34.04 44.68
CA TYR G 4925 13.49 -34.22 43.94
C TYR G 4925 14.42 -33.03 44.14
N LEU G 4926 13.86 -31.85 44.35
CA LEU G 4926 14.68 -30.68 44.64
C LEU G 4926 15.44 -30.81 45.94
N ILE G 4927 14.95 -31.58 46.89
CA ILE G 4927 15.62 -31.65 48.18
C ILE G 4927 16.90 -32.45 48.09
N ASN G 4928 16.89 -33.54 47.34
CA ASN G 4928 18.08 -34.37 47.24
C ASN G 4928 19.12 -33.82 46.28
N LYS G 4929 18.76 -32.87 45.44
CA LYS G 4929 19.74 -32.20 44.60
C LYS G 4929 20.58 -31.25 45.45
N ASP G 4930 21.87 -31.20 45.17
CA ASP G 4930 22.70 -30.19 45.81
C ASP G 4930 22.37 -28.82 45.23
N GLU G 4931 22.63 -27.78 46.02
CA GLU G 4931 22.30 -26.44 45.59
C GLU G 4931 23.17 -25.94 44.47
N THR G 4932 24.34 -26.52 44.26
CA THR G 4932 25.15 -26.17 43.10
C THR G 4932 24.66 -26.86 41.84
N GLU G 4933 23.89 -27.92 42.00
CA GLU G 4933 23.51 -28.82 40.92
C GLU G 4933 22.23 -28.41 40.22
N HIS G 4934 21.61 -27.31 40.64
CA HIS G 4934 20.30 -26.97 40.15
C HIS G 4934 20.42 -26.42 38.74
N THR G 4935 19.60 -26.92 37.84
CA THR G 4935 19.64 -26.47 36.46
C THR G 4935 18.89 -25.17 36.29
N GLY G 4936 18.48 -24.87 35.06
CA GLY G 4936 17.87 -23.59 34.78
C GLY G 4936 16.52 -23.42 35.44
N GLN G 4937 15.62 -24.38 35.25
CA GLN G 4937 14.33 -24.32 35.90
C GLN G 4937 14.46 -24.55 37.39
N GLU G 4938 15.20 -25.56 37.79
CA GLU G 4938 15.21 -26.07 39.13
C GLU G 4938 15.93 -25.18 40.13
N SER G 4939 16.25 -23.95 39.74
CA SER G 4939 16.63 -22.92 40.66
C SER G 4939 15.93 -21.63 40.37
N TYR G 4940 15.00 -21.62 39.45
CA TYR G 4940 14.01 -20.56 39.41
C TYR G 4940 12.78 -20.97 40.18
N VAL G 4941 12.46 -22.25 40.17
CA VAL G 4941 11.42 -22.78 41.03
C VAL G 4941 11.85 -22.72 42.49
N TRP G 4942 12.99 -23.33 42.80
CA TRP G 4942 13.41 -23.49 44.18
C TRP G 4942 13.70 -22.16 44.84
N LYS G 4943 14.08 -21.15 44.08
CA LYS G 4943 14.16 -19.83 44.68
C LYS G 4943 12.76 -19.29 44.96
N MET G 4944 11.82 -19.52 44.05
CA MET G 4944 10.47 -19.02 44.28
C MET G 4944 9.77 -19.77 45.40
N TYR G 4945 10.20 -20.98 45.70
CA TYR G 4945 9.60 -21.71 46.79
C TYR G 4945 10.02 -21.14 48.11
N GLN G 4946 11.17 -20.51 48.19
CA GLN G 4946 11.56 -19.92 49.46
C GLN G 4946 10.80 -18.64 49.73
N GLU G 4947 10.71 -17.76 48.74
CA GLU G 4947 9.94 -16.54 48.91
C GLU G 4947 8.45 -16.78 48.93
N ARG G 4948 8.00 -17.95 48.44
CA ARG G 4948 6.60 -18.40 48.48
C ARG G 4948 5.69 -17.43 47.73
N CYS G 4949 5.88 -17.37 46.41
CA CYS G 4949 4.97 -16.59 45.60
C CYS G 4949 3.92 -17.44 44.89
N TRP G 4950 4.26 -18.67 44.49
CA TRP G 4950 3.38 -19.61 43.77
C TRP G 4950 2.81 -19.02 42.50
N GLU G 4951 3.55 -18.19 41.80
CA GLU G 4951 3.09 -17.77 40.49
C GLU G 4951 3.49 -18.74 39.41
N PHE G 4952 4.23 -19.79 39.76
CA PHE G 4952 4.77 -20.68 38.76
C PHE G 4952 3.91 -21.88 38.47
N PHE G 4953 2.89 -22.15 39.28
CA PHE G 4953 1.89 -23.13 38.88
C PHE G 4953 1.12 -22.57 37.69
N PRO G 4954 0.84 -23.38 36.71
CA PRO G 4954 0.23 -22.85 35.49
C PRO G 4954 -1.20 -22.42 35.74
N ALA G 4955 -1.45 -21.11 35.78
CA ALA G 4955 -2.75 -20.62 36.16
C ALA G 4955 -3.83 -20.89 35.12
N GLY G 4956 -3.72 -20.31 33.95
CA GLY G 4956 -4.79 -20.45 32.99
C GLY G 4956 -4.54 -21.41 31.85
N ASP G 4957 -3.40 -21.28 31.18
CA ASP G 4957 -3.11 -22.08 30.01
C ASP G 4957 -2.13 -23.17 30.36
N CYS G 4958 -2.06 -24.20 29.53
CA CYS G 4958 -1.20 -25.33 29.87
C CYS G 4958 -0.04 -25.51 28.90
N PHE G 4959 -0.26 -26.13 27.76
CA PHE G 4959 0.78 -26.20 26.76
C PHE G 4959 0.11 -26.07 25.41
N ARG G 4960 -0.99 -26.77 25.26
CA ARG G 4960 -1.72 -26.74 24.02
C ARG G 4960 -2.58 -25.51 23.89
N LYS G 4961 -2.79 -24.78 24.97
CA LYS G 4961 -3.50 -23.52 24.91
C LYS G 4961 -2.59 -22.37 24.56
N GLN G 4962 -1.37 -22.63 24.10
CA GLN G 4962 -0.58 -21.61 23.46
C GLN G 4962 0.14 -22.09 22.20
N TYR G 4963 0.21 -23.39 21.96
CA TYR G 4963 0.87 -23.92 20.77
C TYR G 4963 -0.14 -24.65 19.89
N GLU G 4964 0.37 -25.31 18.87
CA GLU G 4964 -0.46 -26.04 17.92
C GLU G 4964 0.37 -26.54 16.73
N GLY H 2 124.88 7.02 50.80
CA GLY H 2 124.22 7.59 49.63
C GLY H 2 122.82 8.05 49.96
N VAL H 3 122.37 7.75 51.17
CA VAL H 3 121.06 8.16 51.64
C VAL H 3 121.23 8.87 52.97
N GLU H 4 120.32 9.79 53.25
CA GLU H 4 120.45 10.66 54.41
C GLU H 4 120.02 9.94 55.67
N ILE H 5 121.00 9.69 56.55
CA ILE H 5 120.82 8.94 57.77
C ILE H 5 121.02 9.88 58.93
N GLU H 6 119.94 10.28 59.56
CA GLU H 6 119.94 11.14 60.73
C GLU H 6 119.76 10.24 61.94
N THR H 7 120.75 10.18 62.82
CA THR H 7 120.55 9.43 64.05
C THR H 7 119.64 10.21 64.99
N ILE H 8 118.69 9.52 65.61
CA ILE H 8 117.76 10.21 66.48
C ILE H 8 118.13 9.81 67.89
N SER H 9 117.98 8.54 68.21
CA SER H 9 118.47 7.98 69.45
C SER H 9 119.70 7.14 69.19
N PRO H 10 120.66 7.11 70.12
CA PRO H 10 121.82 6.25 69.93
C PRO H 10 121.54 4.81 70.37
N GLY H 11 122.04 3.90 69.56
CA GLY H 11 121.91 2.50 69.88
C GLY H 11 123.13 2.00 70.62
N ASP H 12 123.92 1.15 69.98
CA ASP H 12 125.23 0.78 70.50
C ASP H 12 126.36 1.14 69.55
N GLY H 13 126.08 1.42 68.29
CA GLY H 13 127.07 1.90 67.35
C GLY H 13 127.92 0.83 66.69
N ARG H 14 128.29 -0.20 67.44
CA ARG H 14 129.26 -1.18 67.01
C ARG H 14 128.67 -2.33 66.21
N THR H 15 127.46 -2.76 66.54
CA THR H 15 126.88 -3.97 65.97
C THR H 15 125.95 -3.58 64.84
N PHE H 16 126.49 -3.42 63.65
CA PHE H 16 125.60 -3.26 62.53
C PHE H 16 125.33 -4.61 61.87
N PRO H 17 124.09 -4.85 61.42
CA PRO H 17 123.68 -6.22 61.04
C PRO H 17 124.35 -6.68 59.76
N LYS H 18 124.58 -7.98 59.68
CA LYS H 18 125.20 -8.59 58.51
C LYS H 18 124.13 -9.12 57.57
N LYS H 19 124.51 -9.22 56.29
CA LYS H 19 123.62 -9.78 55.28
C LYS H 19 123.43 -11.27 55.54
N GLY H 20 122.23 -11.76 55.29
CA GLY H 20 121.86 -13.09 55.68
C GLY H 20 121.16 -13.19 57.01
N GLN H 21 120.81 -12.05 57.63
CA GLN H 21 120.04 -12.03 58.85
C GLN H 21 118.71 -11.33 58.60
N THR H 22 117.65 -11.84 59.20
CA THR H 22 116.38 -11.13 59.15
C THR H 22 116.43 -10.02 60.17
N CYS H 23 115.87 -8.87 59.83
CA CYS H 23 115.91 -7.69 60.68
C CYS H 23 114.49 -7.32 61.08
N VAL H 24 114.30 -7.06 62.37
CA VAL H 24 113.01 -6.62 62.89
C VAL H 24 113.07 -5.11 63.05
N VAL H 25 112.09 -4.41 62.49
CA VAL H 25 112.09 -2.95 62.55
C VAL H 25 110.68 -2.42 62.75
N HIS H 26 110.52 -1.43 63.61
CA HIS H 26 109.31 -0.63 63.62
C HIS H 26 109.57 0.64 62.84
N TYR H 27 108.76 0.89 61.83
CA TYR H 27 109.02 2.01 60.95
C TYR H 27 107.74 2.79 60.70
N THR H 28 107.86 4.10 60.74
CA THR H 28 106.75 5.00 60.47
C THR H 28 107.18 5.94 59.36
N GLY H 29 106.55 5.84 58.21
CA GLY H 29 106.95 6.67 57.09
C GLY H 29 105.95 7.74 56.72
N MET H 30 106.45 8.93 56.39
CA MET H 30 105.64 10.03 55.92
C MET H 30 106.23 10.58 54.64
N LEU H 31 105.52 11.52 54.04
CA LEU H 31 105.97 12.17 52.81
C LEU H 31 106.87 13.35 53.16
N GLN H 32 107.25 14.12 52.13
CA GLN H 32 108.01 15.33 52.35
C GLN H 32 107.16 16.42 52.99
N ASN H 33 105.86 16.41 52.73
CA ASN H 33 104.99 17.43 53.27
C ASN H 33 104.69 17.23 54.74
N GLY H 34 105.05 16.09 55.31
CA GLY H 34 104.69 15.77 56.68
C GLY H 34 103.45 14.91 56.81
N LYS H 35 102.83 14.52 55.69
CA LYS H 35 101.66 13.68 55.75
C LYS H 35 102.06 12.22 55.88
N LYS H 36 101.52 11.57 56.90
CA LYS H 36 101.94 10.23 57.28
C LYS H 36 101.20 9.21 56.43
N PHE H 37 101.95 8.47 55.61
CA PHE H 37 101.33 7.51 54.72
C PHE H 37 101.47 6.07 55.18
N ASP H 38 102.40 5.75 56.06
CA ASP H 38 102.49 4.37 56.50
C ASP H 38 103.01 4.32 57.92
N SER H 39 102.58 3.30 58.66
CA SER H 39 103.12 3.07 59.98
C SER H 39 103.38 1.59 60.17
N SER H 40 104.09 1.27 61.23
CA SER H 40 104.13 -0.08 61.76
C SER H 40 103.63 -0.13 63.18
N ARG H 41 103.57 1.01 63.86
CA ARG H 41 102.95 1.05 65.16
C ARG H 41 101.44 0.98 65.06
N ASP H 42 100.89 1.24 63.87
CA ASP H 42 99.45 1.35 63.71
C ASP H 42 98.76 0.01 63.93
N ARG H 43 99.42 -1.07 63.51
CA ARG H 43 98.82 -2.38 63.56
C ARG H 43 99.46 -3.25 64.63
N ASN H 44 100.37 -2.68 65.42
CA ASN H 44 101.08 -3.36 66.51
C ASN H 44 101.83 -4.59 66.01
N LYS H 45 102.37 -4.48 64.81
CA LYS H 45 103.11 -5.58 64.21
C LYS H 45 104.50 -5.10 63.84
N PRO H 46 105.55 -5.67 64.40
CA PRO H 46 106.90 -5.32 63.97
C PRO H 46 107.17 -5.89 62.60
N PHE H 47 107.71 -5.07 61.72
CA PHE H 47 108.05 -5.51 60.38
C PHE H 47 109.25 -6.45 60.42
N LYS H 48 109.33 -7.33 59.43
CA LYS H 48 110.46 -8.23 59.29
C LYS H 48 110.90 -8.25 57.83
N PHE H 49 112.21 -8.28 57.61
CA PHE H 49 112.74 -8.35 56.25
C PHE H 49 114.15 -8.91 56.27
N ARG H 50 114.56 -9.41 55.10
CA ARG H 50 115.87 -10.04 54.91
C ARG H 50 116.70 -9.20 53.96
N ILE H 51 117.97 -9.01 54.30
CA ILE H 51 118.86 -8.14 53.56
C ILE H 51 119.23 -8.78 52.23
N GLY H 52 119.18 -7.99 51.15
CA GLY H 52 119.72 -8.40 49.88
C GLY H 52 118.80 -9.26 49.04
N LYS H 53 117.69 -9.74 49.59
CA LYS H 53 116.81 -10.64 48.88
C LYS H 53 115.87 -9.89 47.93
N GLN H 54 115.99 -8.57 47.86
CA GLN H 54 115.32 -7.70 46.90
C GLN H 54 113.79 -7.76 47.02
N GLU H 55 113.33 -7.53 48.24
CA GLU H 55 111.92 -7.30 48.50
C GLU H 55 111.61 -5.86 48.87
N VAL H 56 112.49 -5.21 49.61
CA VAL H 56 112.26 -3.86 50.08
C VAL H 56 112.90 -2.89 49.11
N ILE H 57 112.47 -1.63 49.15
CA ILE H 57 113.10 -0.60 48.34
C ILE H 57 114.53 -0.36 48.82
N LYS H 58 115.35 0.14 47.91
CA LYS H 58 116.80 0.08 48.08
C LYS H 58 117.28 1.03 49.16
N GLY H 59 116.64 2.20 49.27
CA GLY H 59 117.07 3.17 50.25
C GLY H 59 116.78 2.70 51.66
N PHE H 60 115.68 1.95 51.82
CA PHE H 60 115.34 1.39 53.12
C PHE H 60 116.37 0.38 53.58
N GLU H 61 116.76 -0.53 52.69
CA GLU H 61 117.76 -1.55 53.03
C GLU H 61 119.12 -0.91 53.26
N GLU H 62 119.48 0.07 52.45
CA GLU H 62 120.77 0.75 52.62
C GLU H 62 120.82 1.49 53.95
N GLY H 63 119.77 2.26 54.27
CA GLY H 63 119.74 2.95 55.54
C GLY H 63 119.60 2.06 56.75
N ALA H 64 119.03 0.87 56.57
CA ALA H 64 119.01 -0.09 57.67
C ALA H 64 120.33 -0.81 57.82
N ALA H 65 121.13 -0.88 56.75
CA ALA H 65 122.41 -1.57 56.84
C ALA H 65 123.44 -0.77 57.63
N GLN H 66 123.25 0.53 57.75
CA GLN H 66 124.18 1.34 58.53
C GLN H 66 123.79 1.43 60.00
N MET H 67 122.60 0.98 60.35
CA MET H 67 122.06 1.19 61.68
C MET H 67 122.61 0.15 62.65
N SER H 68 122.11 0.14 63.88
CA SER H 68 122.58 -0.79 64.88
C SER H 68 121.46 -1.09 65.86
N LEU H 69 121.75 -1.92 66.86
CA LEU H 69 120.76 -2.35 67.84
C LEU H 69 120.45 -1.23 68.81
N GLY H 70 119.18 -0.87 68.91
CA GLY H 70 118.74 0.29 69.65
C GLY H 70 118.69 1.58 68.84
N GLN H 71 119.41 1.64 67.73
CA GLN H 71 119.56 2.88 66.99
C GLN H 71 118.35 3.14 66.11
N ARG H 72 117.78 4.33 66.23
CA ARG H 72 116.67 4.74 65.38
C ARG H 72 117.08 5.92 64.52
N ALA H 73 116.50 6.00 63.33
CA ALA H 73 117.03 6.91 62.33
C ALA H 73 115.93 7.50 61.47
N LYS H 74 116.19 8.70 60.99
CA LYS H 74 115.31 9.43 60.08
C LYS H 74 115.89 9.27 58.67
N LEU H 75 115.51 8.19 58.01
CA LEU H 75 115.99 7.91 56.65
C LEU H 75 115.28 8.85 55.71
N THR H 76 116.03 9.62 54.92
CA THR H 76 115.38 10.50 53.94
C THR H 76 115.75 10.06 52.54
N CYS H 77 114.87 9.29 51.91
CA CYS H 77 115.20 8.67 50.64
C CYS H 77 114.91 9.60 49.46
N THR H 78 115.89 9.74 48.60
CA THR H 78 115.80 10.52 47.36
C THR H 78 114.95 9.75 46.36
N PRO H 79 114.06 10.44 45.62
CA PRO H 79 113.04 9.73 44.81
C PRO H 79 113.59 8.84 43.70
N ASP H 80 114.86 8.95 43.33
CA ASP H 80 115.42 8.00 42.39
C ASP H 80 115.64 6.64 43.02
N VAL H 81 115.84 6.59 44.33
CA VAL H 81 115.99 5.31 45.01
C VAL H 81 114.63 4.85 45.53
N ALA H 82 113.67 5.76 45.60
CA ALA H 82 112.28 5.47 45.93
C ALA H 82 111.52 4.91 44.74
N TYR H 83 110.19 5.01 44.80
CA TYR H 83 109.34 4.48 43.74
C TYR H 83 109.54 5.18 42.39
N GLY H 84 110.18 6.33 42.35
CA GLY H 84 110.66 6.85 41.10
C GLY H 84 109.64 7.63 40.31
N ALA H 85 109.82 7.59 38.99
CA ALA H 85 108.99 8.37 38.10
C ALA H 85 107.57 7.82 38.01
N THR H 86 107.41 6.52 38.21
CA THR H 86 106.07 5.95 38.24
C THR H 86 105.38 6.21 39.57
N GLY H 87 106.15 6.33 40.65
CA GLY H 87 105.55 6.39 41.96
C GLY H 87 104.95 5.05 42.31
N HIS H 88 103.95 5.07 43.19
CA HIS H 88 103.16 3.89 43.49
C HIS H 88 101.73 4.21 43.09
N PRO H 89 101.01 3.28 42.52
CA PRO H 89 99.65 3.57 42.09
C PRO H 89 98.67 3.78 43.23
N GLY H 90 98.65 4.98 43.80
CA GLY H 90 97.59 5.30 44.72
C GLY H 90 98.03 5.93 46.03
N VAL H 91 99.17 5.51 46.56
CA VAL H 91 99.61 5.91 47.89
C VAL H 91 100.74 6.93 47.81
N ILE H 92 101.53 6.90 46.76
CA ILE H 92 102.69 7.77 46.60
C ILE H 92 102.53 8.57 45.31
N PRO H 93 102.53 9.89 45.38
CA PRO H 93 102.52 10.70 44.16
C PRO H 93 103.85 10.56 43.44
N PRO H 94 103.90 10.82 42.13
CA PRO H 94 105.14 10.63 41.38
C PRO H 94 106.23 11.60 41.81
N ASN H 95 107.44 11.06 42.01
CA ASN H 95 108.66 11.82 42.27
C ASN H 95 108.56 12.66 43.55
N ALA H 96 108.51 11.97 44.68
CA ALA H 96 108.54 12.64 45.97
C ALA H 96 109.49 11.92 46.91
N THR H 97 110.16 12.68 47.76
CA THR H 97 111.04 12.11 48.76
C THR H 97 110.24 11.50 49.89
N LEU H 98 110.77 10.43 50.48
CA LEU H 98 110.10 9.74 51.56
C LEU H 98 110.91 9.91 52.83
N ILE H 99 110.23 10.09 53.95
CA ILE H 99 110.88 10.38 55.23
C ILE H 99 110.44 9.30 56.20
N PHE H 100 111.33 8.37 56.51
CA PHE H 100 111.01 7.30 57.43
C PHE H 100 111.64 7.58 58.78
N ASP H 101 110.92 7.23 59.84
CA ASP H 101 111.47 7.13 61.17
C ASP H 101 111.48 5.63 61.40
N VAL H 102 112.61 5.01 61.20
CA VAL H 102 112.74 3.60 61.45
C VAL H 102 113.43 3.40 62.78
N GLU H 103 113.26 2.21 63.35
CA GLU H 103 113.87 1.88 64.62
C GLU H 103 114.05 0.37 64.64
N LEU H 104 115.29 -0.08 64.67
CA LEU H 104 115.56 -1.51 64.60
C LEU H 104 115.48 -2.12 65.98
N LEU H 105 114.99 -3.34 66.06
CA LEU H 105 114.82 -4.02 67.33
C LEU H 105 115.68 -5.25 67.49
N ASN H 106 115.54 -6.23 66.60
CA ASN H 106 116.14 -7.54 66.81
C ASN H 106 116.65 -8.07 65.47
N LEU H 107 117.56 -9.03 65.55
CA LEU H 107 118.29 -9.48 64.38
C LEU H 107 118.23 -11.00 64.31
N GLU H 108 119.06 -11.56 63.44
CA GLU H 108 119.23 -13.00 63.36
C GLU H 108 120.70 -13.39 63.23
#